data_5BP4
#
_entry.id   5BP4
#
_cell.length_a   151.380
_cell.length_b   190.370
_cell.length_c   270.840
_cell.angle_alpha   95.58
_cell.angle_beta   91.92
_cell.angle_gamma   103.65
#
_symmetry.space_group_name_H-M   'P 1'
#
loop_
_entity.id
_entity.type
_entity.pdbx_description
1 polymer 'Mycocerosic acid synthase'
2 non-polymer 'NADP NICOTINAMIDE-ADENINE-DINUCLEOTIDE PHOSPHATE'
#
_entity_poly.entity_id   1
_entity_poly.type   'polypeptide(L)'
_entity_poly.pdbx_seq_one_letter_code
;SMLDRELESSAPGVPSVSVHPLLGSHVVLPQEPEEHLWQGDVGTEAHPWLSDHRVHQVAVLPGAAYCEMALAAVTPVLGD
TGEVHDLKFHDMLLLDDATPVWVSAAVTAPGTAEFGVETHQSGDRTQRATAVLRGDVDAERPAAHSIDALLAAHPNRVDG
DELRAGFGTVGIGHGAAFAGLSEAYVATAAEPTVVAAVALPGPLRSGQRGYTVHPALLDACFQSVIAHPEVQNIASGMLL
PLGVRRLRAYGSTRNVRYCLSRIVKADSFGVEADLELLDADGTVLLSAMGLQLGTGNSDKAEEERLLDERLLTIEWQQRE
LPRPEGSETVDAGSWLVILAGDDDENPRAAGVVSALIGAGMPTTTMAWSHDADHDAQAAALTARLDEQPLAGVAVIVGDS
ETGTDAHDVGADARRGADHVRHLVRIARTLADAVGEPPRLYVVTHRSQHVLDTDEPYLEHSGLRGLIRVVGMEHPRLRAT
QIDVDDSTAHEALVRQLLSGSPEDETAWRDGQWYAARLCPSPLRAAERRTAVADNASEGMRLVVRNPGDLESMELVTFER
GTPGPGQIEVAVKASSINFADVLVAFGRCPSFDGRLPELGSEFGGVVTAVGPGVTTHRVGDRVGGVSANGCWSNFVTCEA
DLATKLPEGISEHEAAAVGLAYGTVWLGLTELARMSAGDKILIHSATGGVGQAAIAVARAAGAEIYATAGSEKRRQLLRD
WGIEHVYDSRTTAFADQIRTDTDGYGVDIVLNSVTGPAQRAGLELLAFGGRFVEIGKRDIYADTRLGLFPFRRNLSFYAV
DLALMTVTHPQKIRDLLATVYRLIADGTLPLPEITHYPLEEAATAIRIMGGAQHTGKLVIDIPDTGQSQVVVPPEQVPVF
RGDGAYVITGGLGGLGLFLAERMAAAGCGRIVVNSRSAPSTRSSEIIELIRATGADIVVECGDIAEPDTALRLVAAATQT
GLPLRGVLHAAAVVEDATLANITDELVEHDWAPKVYGAWNLHQAVQSGGPATSELDWFCAFSSAAALVGSPGQGAYAAAN
SWLDAFMQWRRAQGLPATSIAWGAWGEIGRGTAMAEGDNAIAPDEGAYAFEAILRHDRVYNGYAPVLGASWLTAFAQRSP
FAELFLADTQGASETRKLRQ
;
_entity_poly.pdbx_strand_id   A,B,C,D,E,F,G,H,I,J,K,L,M,N,O,P,Q,R
#
loop_
_chem_comp.id
_chem_comp.type
_chem_comp.name
_chem_comp.formula
NAP non-polymer 'NADP NICOTINAMIDE-ADENINE-DINUCLEOTIDE PHOSPHATE' 'C21 H28 N7 O17 P3'
#
# COMPACT_ATOMS: atom_id res chain seq x y z
N MET A 2 -54.36 3.40 98.03
CA MET A 2 -53.13 2.90 97.46
C MET A 2 -53.43 2.05 96.18
N LEU A 3 -54.23 2.66 95.27
CA LEU A 3 -54.50 2.18 93.92
C LEU A 3 -53.37 2.69 93.10
N ASP A 4 -53.02 3.94 93.37
CA ASP A 4 -51.87 4.60 92.80
C ASP A 4 -50.67 3.67 92.98
N ARG A 5 -50.49 3.15 94.20
CA ARG A 5 -49.41 2.24 94.56
C ARG A 5 -49.38 0.98 93.65
N GLU A 6 -50.53 0.36 93.37
CA GLU A 6 -50.55 -0.86 92.52
C GLU A 6 -50.23 -0.48 91.02
N LEU A 7 -50.74 0.68 90.53
CA LEU A 7 -50.50 1.18 89.15
C LEU A 7 -49.07 1.76 89.01
N GLU A 8 -48.47 2.13 90.15
CA GLU A 8 -47.10 2.62 90.22
C GLU A 8 -46.18 1.44 90.07
N SER A 9 -46.44 0.42 90.89
CA SER A 9 -45.67 -0.83 90.89
C SER A 9 -45.67 -1.49 89.50
N SER A 10 -46.78 -1.43 88.74
CA SER A 10 -46.80 -1.98 87.38
C SER A 10 -46.05 -1.01 86.43
N ALA A 11 -44.71 -0.89 86.63
CA ALA A 11 -43.87 -0.02 85.81
C ALA A 11 -42.34 -0.29 86.05
N PRO A 12 -41.73 -0.07 87.23
CA PRO A 12 -40.27 -0.26 87.38
C PRO A 12 -39.83 -1.70 87.64
N GLY A 13 -38.53 -1.88 87.91
CA GLY A 13 -37.97 -3.19 88.19
C GLY A 13 -36.56 -3.25 88.77
N VAL A 14 -36.46 -3.55 90.09
CA VAL A 14 -35.19 -3.81 90.81
C VAL A 14 -34.87 -5.29 90.52
N PRO A 15 -33.62 -5.75 90.32
CA PRO A 15 -33.43 -7.16 89.96
C PRO A 15 -33.57 -8.09 91.14
N SER A 16 -34.74 -8.74 91.24
CA SER A 16 -35.05 -9.68 92.32
C SER A 16 -35.93 -10.81 91.82
N VAL A 17 -36.06 -11.83 92.66
CA VAL A 17 -36.90 -12.97 92.37
C VAL A 17 -37.56 -13.44 93.66
N SER A 18 -38.82 -13.83 93.55
CA SER A 18 -39.59 -14.30 94.69
C SER A 18 -39.12 -15.67 95.11
N VAL A 19 -39.06 -15.94 96.42
CA VAL A 19 -38.64 -17.25 96.92
C VAL A 19 -39.54 -17.70 98.03
N HIS A 20 -39.57 -19.00 98.29
CA HIS A 20 -40.37 -19.54 99.37
C HIS A 20 -39.67 -19.24 100.67
N PRO A 21 -40.35 -19.09 101.83
CA PRO A 21 -39.63 -18.86 103.08
C PRO A 21 -38.63 -19.97 103.44
N LEU A 22 -39.07 -21.22 103.43
CA LEU A 22 -38.20 -22.32 103.82
C LEU A 22 -37.33 -22.79 102.69
N LEU A 23 -37.91 -23.51 101.69
CA LEU A 23 -37.19 -24.10 100.53
C LEU A 23 -36.03 -23.24 100.10
N GLY A 24 -36.33 -21.97 99.83
CA GLY A 24 -35.33 -20.97 99.51
C GLY A 24 -35.13 -20.73 98.04
N SER A 25 -33.86 -20.50 97.62
CA SER A 25 -33.52 -20.20 96.22
C SER A 25 -33.47 -21.48 95.39
N HIS A 26 -34.23 -21.45 94.32
CA HIS A 26 -34.48 -22.55 93.42
C HIS A 26 -33.65 -22.45 92.19
N VAL A 27 -33.00 -23.53 91.87
CA VAL A 27 -32.30 -23.64 90.63
C VAL A 27 -32.71 -24.99 90.07
N VAL A 28 -32.92 -25.02 88.76
CA VAL A 28 -33.22 -26.21 88.00
C VAL A 28 -31.94 -26.61 87.37
N LEU A 29 -31.66 -27.91 87.37
CA LEU A 29 -30.38 -28.39 86.92
C LEU A 29 -30.35 -28.60 85.45
N PRO A 30 -29.20 -28.27 84.82
CA PRO A 30 -29.05 -28.50 83.38
C PRO A 30 -28.78 -29.97 83.08
N GLN A 31 -29.86 -30.76 83.06
CA GLN A 31 -29.79 -32.19 82.84
C GLN A 31 -31.15 -32.76 82.65
N GLU A 32 -31.27 -33.79 81.79
CA GLU A 32 -32.52 -34.50 81.63
C GLU A 32 -32.49 -35.68 82.62
N PRO A 33 -33.50 -35.84 83.48
CA PRO A 33 -34.78 -35.13 83.58
C PRO A 33 -34.79 -33.91 84.50
N GLU A 34 -35.96 -33.26 84.50
CA GLU A 34 -36.32 -32.08 85.29
C GLU A 34 -35.87 -32.37 86.71
N GLU A 35 -34.69 -31.88 87.07
CA GLU A 35 -34.20 -32.03 88.42
C GLU A 35 -34.09 -30.63 88.99
N HIS A 36 -34.60 -30.49 90.21
CA HIS A 36 -34.68 -29.24 90.93
C HIS A 36 -33.79 -29.28 92.10
N LEU A 37 -33.56 -28.11 92.65
CA LEU A 37 -32.72 -27.95 93.81
C LEU A 37 -32.97 -26.61 94.47
N TRP A 38 -33.42 -26.66 95.72
CA TRP A 38 -33.57 -25.46 96.51
C TRP A 38 -32.50 -25.51 97.55
N GLN A 39 -32.16 -24.37 98.09
CA GLN A 39 -31.20 -24.29 99.19
C GLN A 39 -31.71 -23.18 100.08
N GLY A 40 -32.01 -23.50 101.32
CA GLY A 40 -32.57 -22.51 102.24
C GLY A 40 -32.16 -22.70 103.67
N ASP A 41 -32.20 -21.59 104.41
CA ASP A 41 -31.85 -21.57 105.81
C ASP A 41 -33.10 -21.84 106.58
N VAL A 42 -32.98 -22.70 107.60
CA VAL A 42 -34.03 -23.02 108.55
C VAL A 42 -33.44 -22.67 109.93
N GLY A 43 -32.64 -21.61 109.96
CA GLY A 43 -31.97 -21.16 111.16
C GLY A 43 -32.91 -20.41 112.05
N THR A 44 -32.53 -20.30 113.32
CA THR A 44 -33.30 -19.58 114.32
C THR A 44 -33.09 -18.07 114.18
N GLU A 45 -31.92 -17.60 113.67
CA GLU A 45 -31.72 -16.16 113.44
C GLU A 45 -32.47 -15.75 112.15
N ALA A 46 -32.56 -16.66 111.17
CA ALA A 46 -33.33 -16.44 109.94
C ALA A 46 -34.84 -16.43 110.24
N HIS A 47 -35.36 -17.56 110.81
CA HIS A 47 -36.76 -17.73 111.21
C HIS A 47 -36.89 -17.84 112.73
N PRO A 48 -36.82 -16.73 113.48
CA PRO A 48 -36.97 -16.79 114.93
C PRO A 48 -38.04 -17.77 115.38
N TRP A 49 -39.26 -17.66 114.83
CA TRP A 49 -40.39 -18.53 115.18
C TRP A 49 -40.02 -20.03 115.29
N LEU A 50 -39.01 -20.53 114.53
CA LEU A 50 -38.58 -21.94 114.60
C LEU A 50 -37.94 -22.33 115.95
N SER A 51 -37.49 -21.34 116.75
CA SER A 51 -36.92 -21.59 118.08
C SER A 51 -37.98 -21.94 119.13
N ASP A 52 -39.26 -21.66 118.86
CA ASP A 52 -40.32 -21.92 119.83
C ASP A 52 -40.69 -23.43 119.88
N HIS A 53 -40.39 -24.25 118.85
CA HIS A 53 -40.58 -25.73 118.92
C HIS A 53 -39.25 -26.30 119.36
N ARG A 54 -39.18 -26.93 120.54
CA ARG A 54 -37.90 -27.39 121.06
C ARG A 54 -38.05 -28.67 121.89
N VAL A 55 -37.12 -29.62 121.69
CA VAL A 55 -37.11 -30.91 122.34
C VAL A 55 -35.90 -31.00 123.26
N HIS A 56 -36.13 -31.17 124.57
CA HIS A 56 -35.10 -31.25 125.61
C HIS A 56 -34.30 -29.95 125.64
N GLN A 57 -35.04 -28.82 125.61
CA GLN A 57 -34.50 -27.46 125.63
C GLN A 57 -33.58 -27.16 124.45
N VAL A 58 -33.83 -27.81 123.30
CA VAL A 58 -33.07 -27.61 122.07
C VAL A 58 -34.04 -27.40 120.94
N ALA A 59 -33.86 -26.33 120.16
CA ALA A 59 -34.72 -26.08 119.01
C ALA A 59 -34.42 -27.11 117.92
N VAL A 60 -35.48 -27.74 117.39
CA VAL A 60 -35.38 -28.75 116.34
C VAL A 60 -36.46 -28.45 115.28
N LEU A 61 -36.27 -28.95 114.04
CA LEU A 61 -37.24 -28.72 112.98
C LEU A 61 -38.41 -29.65 113.13
N PRO A 62 -39.66 -29.13 113.23
CA PRO A 62 -40.81 -30.03 113.38
C PRO A 62 -41.14 -30.76 112.08
N GLY A 63 -41.89 -31.87 112.18
CA GLY A 63 -42.29 -32.68 111.02
C GLY A 63 -42.99 -31.83 110.00
N ALA A 64 -43.96 -31.06 110.53
CA ALA A 64 -44.78 -30.07 109.84
C ALA A 64 -43.95 -29.11 108.92
N ALA A 65 -42.67 -28.84 109.28
CA ALA A 65 -41.80 -27.99 108.48
C ALA A 65 -41.48 -28.69 107.20
N TYR A 66 -41.25 -30.01 107.21
CA TYR A 66 -40.97 -30.69 105.94
C TYR A 66 -42.28 -30.99 105.22
N CYS A 67 -43.38 -31.08 105.95
CA CYS A 67 -44.69 -31.30 105.32
C CYS A 67 -44.96 -30.21 104.30
N GLU A 68 -44.73 -28.95 104.72
CA GLU A 68 -44.86 -27.77 103.87
C GLU A 68 -43.89 -27.85 102.71
N MET A 69 -42.56 -27.98 103.01
CA MET A 69 -41.48 -28.13 102.02
C MET A 69 -41.86 -29.06 100.89
N ALA A 70 -42.45 -30.21 101.25
CA ALA A 70 -42.93 -31.15 100.25
C ALA A 70 -44.12 -30.56 99.49
N LEU A 71 -45.17 -30.09 100.20
CA LEU A 71 -46.33 -29.51 99.54
C LEU A 71 -45.95 -28.39 98.60
N ALA A 72 -44.99 -27.54 99.01
CA ALA A 72 -44.51 -26.44 98.18
C ALA A 72 -43.92 -26.94 96.91
N ALA A 73 -42.95 -27.84 97.03
CA ALA A 73 -42.18 -28.47 95.95
C ALA A 73 -43.03 -29.16 94.86
N VAL A 74 -44.35 -29.41 95.03
CA VAL A 74 -45.13 -30.06 93.98
C VAL A 74 -45.42 -29.13 92.79
N THR A 75 -46.03 -27.97 93.06
CA THR A 75 -46.44 -27.01 92.04
C THR A 75 -45.27 -26.51 91.17
N PRO A 76 -44.04 -26.26 91.70
CA PRO A 76 -42.95 -25.85 90.81
C PRO A 76 -42.43 -26.97 89.93
N VAL A 77 -42.49 -28.24 90.40
CA VAL A 77 -41.98 -29.39 89.65
C VAL A 77 -43.02 -29.82 88.61
N LEU A 78 -44.19 -30.22 89.13
CA LEU A 78 -45.36 -30.69 88.37
C LEU A 78 -46.35 -29.53 88.37
N GLY A 79 -46.26 -28.66 87.37
CA GLY A 79 -47.08 -27.45 87.22
C GLY A 79 -48.57 -27.73 87.21
N ASP A 80 -49.09 -28.08 88.39
CA ASP A 80 -50.47 -28.53 88.56
C ASP A 80 -50.80 -28.68 90.06
N THR A 81 -52.00 -29.20 90.28
CA THR A 81 -52.55 -29.58 91.57
C THR A 81 -51.90 -30.90 91.95
N GLY A 82 -51.34 -31.02 93.14
CA GLY A 82 -50.77 -32.30 93.54
C GLY A 82 -50.76 -32.71 94.99
N GLU A 83 -50.56 -34.02 95.16
CA GLU A 83 -50.45 -34.74 96.43
C GLU A 83 -48.99 -34.96 96.74
N VAL A 84 -48.69 -35.15 98.02
CA VAL A 84 -47.39 -35.52 98.52
C VAL A 84 -47.56 -36.89 99.10
N HIS A 85 -46.84 -37.88 98.57
CA HIS A 85 -46.97 -39.26 98.96
C HIS A 85 -45.82 -39.74 99.81
N ASP A 86 -46.13 -40.60 100.79
CA ASP A 86 -45.18 -41.26 101.67
C ASP A 86 -44.13 -40.30 102.20
N LEU A 87 -44.56 -39.27 102.89
CA LEU A 87 -43.61 -38.34 103.47
C LEU A 87 -43.02 -38.95 104.73
N LYS A 88 -41.69 -39.13 104.78
CA LYS A 88 -40.99 -39.70 105.93
C LYS A 88 -39.99 -38.72 106.48
N PHE A 89 -39.86 -38.64 107.81
CA PHE A 89 -38.80 -37.86 108.45
C PHE A 89 -37.87 -38.85 109.11
N HIS A 90 -36.58 -38.52 109.12
CA HIS A 90 -35.57 -39.45 109.63
C HIS A 90 -34.89 -38.84 110.84
N ASP A 91 -33.77 -38.16 110.66
CA ASP A 91 -33.00 -37.63 111.77
C ASP A 91 -33.55 -36.27 112.16
N MET A 92 -33.48 -35.99 113.44
CA MET A 92 -34.02 -34.78 114.02
C MET A 92 -33.07 -33.62 113.78
N LEU A 93 -33.47 -32.67 112.96
CA LEU A 93 -32.61 -31.53 112.66
C LEU A 93 -32.53 -30.60 113.83
N LEU A 94 -31.40 -30.51 114.50
CA LEU A 94 -31.28 -29.54 115.59
C LEU A 94 -30.83 -28.26 114.94
N LEU A 95 -31.45 -27.15 115.37
CA LEU A 95 -31.24 -25.87 114.73
C LEU A 95 -30.23 -25.04 115.48
N ASP A 96 -29.54 -24.18 114.72
CA ASP A 96 -28.54 -23.21 115.16
C ASP A 96 -28.94 -21.87 114.58
N ASP A 97 -28.15 -20.80 114.82
CA ASP A 97 -28.46 -19.49 114.23
C ASP A 97 -28.54 -19.57 112.68
N ALA A 98 -27.82 -20.53 112.14
CA ALA A 98 -27.84 -20.87 110.74
C ALA A 98 -27.86 -22.39 110.58
N THR A 99 -28.83 -22.89 109.82
CA THR A 99 -28.98 -24.31 109.52
C THR A 99 -29.37 -24.40 108.07
N PRO A 100 -28.40 -24.55 107.15
CA PRO A 100 -28.75 -24.62 105.73
C PRO A 100 -29.22 -26.02 105.40
N VAL A 101 -30.23 -26.08 104.52
CA VAL A 101 -30.91 -27.28 104.09
C VAL A 101 -31.14 -27.23 102.59
N TRP A 102 -30.94 -28.37 101.94
CA TRP A 102 -31.13 -28.47 100.51
C TRP A 102 -32.26 -29.37 100.21
N VAL A 103 -33.30 -28.84 99.60
CA VAL A 103 -34.42 -29.64 99.11
C VAL A 103 -34.11 -29.97 97.67
N SER A 104 -34.52 -31.16 97.23
CA SER A 104 -34.20 -31.63 95.89
C SER A 104 -35.24 -32.61 95.42
N ALA A 105 -35.94 -32.23 94.34
CA ALA A 105 -36.98 -33.04 93.74
C ALA A 105 -36.64 -33.31 92.31
N ALA A 106 -36.69 -34.59 91.91
CA ALA A 106 -36.41 -35.00 90.56
C ALA A 106 -37.50 -35.80 90.04
N VAL A 107 -37.81 -35.58 88.77
CA VAL A 107 -38.82 -36.32 88.09
C VAL A 107 -38.25 -37.67 87.81
N THR A 108 -39.06 -38.68 87.97
CA THR A 108 -38.64 -40.04 87.78
C THR A 108 -39.46 -40.66 86.69
N ALA A 109 -40.78 -40.62 86.87
CA ALA A 109 -41.78 -41.09 85.97
C ALA A 109 -42.77 -39.93 85.74
N PRO A 110 -43.63 -39.98 84.71
CA PRO A 110 -44.55 -38.86 84.46
C PRO A 110 -45.55 -38.63 85.59
N GLY A 111 -45.68 -37.35 85.95
CA GLY A 111 -46.55 -36.88 87.01
C GLY A 111 -46.10 -37.41 88.34
N THR A 112 -44.78 -37.71 88.46
CA THR A 112 -44.19 -38.33 89.65
C THR A 112 -42.79 -37.85 89.88
N ALA A 113 -42.44 -37.53 91.14
CA ALA A 113 -41.10 -37.02 91.42
C ALA A 113 -40.56 -37.38 92.79
N GLU A 114 -39.34 -37.94 92.83
CA GLU A 114 -38.64 -38.22 94.08
C GLU A 114 -38.30 -36.92 94.75
N PHE A 115 -38.80 -36.68 95.97
CA PHE A 115 -38.52 -35.46 96.76
C PHE A 115 -37.61 -35.77 97.92
N GLY A 116 -36.62 -34.90 98.19
CA GLY A 116 -35.67 -35.13 99.27
C GLY A 116 -34.97 -33.94 99.92
N VAL A 117 -35.11 -33.84 101.26
CA VAL A 117 -34.46 -32.81 102.09
C VAL A 117 -33.26 -33.37 102.79
N GLU A 118 -32.17 -32.61 102.79
CA GLU A 118 -30.92 -33.07 103.39
C GLU A 118 -30.09 -31.91 103.89
N THR A 119 -29.11 -32.24 104.76
CA THR A 119 -28.24 -31.24 105.36
C THR A 119 -26.77 -31.79 105.45
N HIS A 120 -25.85 -30.96 104.91
CA HIS A 120 -24.43 -31.16 104.76
C HIS A 120 -23.72 -30.20 105.75
N GLN A 121 -23.01 -30.80 106.71
CA GLN A 121 -22.24 -30.11 107.75
C GLN A 121 -20.97 -30.89 107.99
N SER A 122 -19.78 -30.27 107.89
CA SER A 122 -18.52 -30.98 108.18
C SER A 122 -18.20 -32.11 107.18
N GLY A 123 -18.89 -32.14 106.03
CA GLY A 123 -18.71 -33.18 105.04
C GLY A 123 -19.70 -34.32 105.12
N ASP A 124 -20.48 -34.43 106.24
CA ASP A 124 -21.46 -35.50 106.42
C ASP A 124 -22.83 -35.05 105.96
N ARG A 125 -23.32 -35.67 104.87
CA ARG A 125 -24.66 -35.41 104.31
C ARG A 125 -25.61 -36.17 105.20
N THR A 126 -26.76 -35.57 105.50
CA THR A 126 -27.73 -36.19 106.39
C THR A 126 -29.14 -36.00 105.86
N GLN A 127 -29.79 -37.10 105.40
CA GLN A 127 -31.12 -37.05 104.77
C GLN A 127 -32.09 -36.91 105.92
N ARG A 128 -32.73 -35.73 105.99
CA ARG A 128 -33.64 -35.34 107.06
C ARG A 128 -35.08 -35.61 106.70
N ALA A 129 -35.41 -35.73 105.41
CA ALA A 129 -36.79 -36.02 105.03
C ALA A 129 -36.88 -36.44 103.58
N THR A 130 -37.85 -37.33 103.26
CA THR A 130 -38.04 -37.82 101.90
C THR A 130 -39.49 -38.12 101.60
N ALA A 131 -39.85 -38.07 100.29
CA ALA A 131 -41.20 -38.32 99.82
C ALA A 131 -41.22 -38.49 98.30
N VAL A 132 -42.43 -38.69 97.77
CA VAL A 132 -42.72 -38.75 96.34
C VAL A 132 -43.74 -37.74 96.13
N LEU A 133 -43.75 -37.11 94.98
CA LEU A 133 -44.74 -36.10 94.65
C LEU A 133 -45.56 -36.60 93.52
N ARG A 134 -46.87 -36.31 93.52
CA ARG A 134 -47.77 -36.75 92.45
C ARG A 134 -48.68 -35.65 92.02
N GLY A 135 -48.72 -35.38 90.71
CA GLY A 135 -49.58 -34.36 90.10
C GLY A 135 -50.71 -34.92 89.25
N ASP A 136 -50.72 -36.26 89.11
CA ASP A 136 -51.65 -37.02 88.29
C ASP A 136 -52.88 -37.50 89.09
N VAL A 137 -52.90 -37.24 90.40
CA VAL A 137 -54.02 -37.65 91.24
C VAL A 137 -55.23 -36.75 90.98
N ASP A 138 -56.42 -37.33 91.17
CA ASP A 138 -57.71 -36.67 90.93
C ASP A 138 -58.21 -35.93 92.19
N ALA A 139 -58.72 -34.70 91.95
CA ALA A 139 -59.23 -33.78 92.98
C ALA A 139 -60.59 -34.27 93.46
N GLU A 140 -60.58 -35.18 94.45
CA GLU A 140 -61.81 -35.72 95.05
C GLU A 140 -61.96 -35.00 96.40
N ARG A 141 -62.45 -33.74 96.34
CA ARG A 141 -62.51 -32.86 97.51
C ARG A 141 -63.42 -33.44 98.55
N PRO A 142 -62.90 -33.79 99.75
CA PRO A 142 -63.80 -34.36 100.78
C PRO A 142 -64.92 -33.41 101.13
N ALA A 143 -66.07 -33.99 101.47
CA ALA A 143 -67.23 -33.18 101.77
C ALA A 143 -67.02 -32.35 103.02
N ALA A 144 -67.54 -31.13 102.95
CA ALA A 144 -67.49 -30.17 104.02
C ALA A 144 -68.35 -30.62 105.18
N HIS A 145 -67.96 -30.27 106.38
CA HIS A 145 -68.64 -30.65 107.60
C HIS A 145 -69.40 -29.48 108.18
N SER A 146 -70.18 -29.76 109.20
CA SER A 146 -70.98 -28.79 109.89
C SER A 146 -70.24 -28.47 111.15
N ILE A 147 -69.50 -27.37 111.12
CA ILE A 147 -68.63 -26.96 112.23
C ILE A 147 -69.38 -27.01 113.55
N ASP A 148 -70.58 -26.42 113.58
CA ASP A 148 -71.35 -26.34 114.80
C ASP A 148 -71.88 -27.71 115.22
N ALA A 149 -72.34 -28.55 114.27
CA ALA A 149 -72.83 -29.89 114.59
C ALA A 149 -71.69 -30.71 115.18
N LEU A 150 -70.53 -30.66 114.53
CA LEU A 150 -69.34 -31.36 115.01
C LEU A 150 -69.07 -31.03 116.48
N LEU A 151 -69.10 -29.73 116.84
CA LEU A 151 -68.84 -29.30 118.21
C LEU A 151 -69.89 -29.77 119.20
N ALA A 152 -71.11 -30.04 118.71
CA ALA A 152 -72.18 -30.58 119.55
C ALA A 152 -71.89 -32.03 119.94
N ALA A 153 -71.45 -32.82 118.96
CA ALA A 153 -71.10 -34.23 119.18
C ALA A 153 -69.88 -34.40 120.10
N HIS A 154 -69.07 -33.35 120.27
CA HIS A 154 -67.88 -33.39 121.10
C HIS A 154 -68.00 -32.31 122.18
N PRO A 155 -68.60 -32.66 123.33
CA PRO A 155 -68.73 -31.69 124.43
C PRO A 155 -67.51 -31.58 125.35
N ASN A 156 -66.74 -32.68 125.55
CA ASN A 156 -65.57 -32.73 126.45
C ASN A 156 -64.42 -31.79 125.99
N ARG A 157 -64.34 -30.61 126.60
CA ARG A 157 -63.35 -29.59 126.26
C ARG A 157 -61.99 -29.80 126.94
N VAL A 158 -60.93 -29.88 126.13
CA VAL A 158 -59.51 -29.97 126.54
C VAL A 158 -58.90 -28.60 126.27
N ASP A 159 -58.38 -27.88 127.29
CA ASP A 159 -57.75 -26.58 127.03
C ASP A 159 -56.40 -26.80 126.36
N GLY A 160 -56.06 -25.91 125.43
CA GLY A 160 -54.81 -26.00 124.69
C GLY A 160 -53.62 -25.89 125.60
N ASP A 161 -53.61 -24.84 126.44
CA ASP A 161 -52.55 -24.58 127.44
C ASP A 161 -52.32 -25.83 128.29
N GLU A 162 -53.40 -26.31 128.94
CA GLU A 162 -53.44 -27.51 129.79
C GLU A 162 -52.81 -28.74 129.09
N LEU A 163 -53.00 -28.86 127.77
CA LEU A 163 -52.39 -29.94 126.99
C LEU A 163 -50.91 -29.61 126.74
N ARG A 164 -50.60 -28.34 126.42
CA ARG A 164 -49.21 -27.92 126.14
C ARG A 164 -48.33 -27.94 127.42
N ALA A 165 -48.93 -27.88 128.62
CA ALA A 165 -48.16 -28.02 129.85
C ALA A 165 -47.73 -29.47 130.00
N GLY A 166 -48.67 -30.38 129.72
CA GLY A 166 -48.45 -31.81 129.74
C GLY A 166 -47.42 -32.27 128.73
N PHE A 167 -47.30 -31.55 127.59
CA PHE A 167 -46.27 -31.84 126.58
C PHE A 167 -44.84 -31.60 127.15
N GLY A 168 -44.65 -30.51 127.89
CA GLY A 168 -43.38 -30.17 128.49
C GLY A 168 -42.83 -31.18 129.48
N THR A 169 -43.70 -32.06 130.04
CA THR A 169 -43.27 -33.09 131.01
C THR A 169 -42.50 -34.21 130.28
N VAL A 170 -42.87 -34.56 129.02
CA VAL A 170 -42.15 -35.59 128.24
C VAL A 170 -40.89 -35.02 127.54
N GLY A 171 -40.76 -33.69 127.48
CA GLY A 171 -39.59 -33.02 126.89
C GLY A 171 -39.88 -32.19 125.65
N ILE A 172 -41.12 -32.23 125.14
CA ILE A 172 -41.49 -31.46 123.96
C ILE A 172 -42.03 -30.10 124.40
N GLY A 173 -41.34 -29.04 124.02
CA GLY A 173 -41.72 -27.68 124.31
C GLY A 173 -42.30 -27.00 123.08
N HIS A 174 -43.47 -26.38 123.23
CA HIS A 174 -44.14 -25.62 122.18
C HIS A 174 -44.29 -24.20 122.71
N GLY A 175 -43.45 -23.28 122.23
CA GLY A 175 -43.44 -21.90 122.67
C GLY A 175 -44.63 -21.10 122.17
N ALA A 176 -44.48 -19.77 122.17
CA ALA A 176 -45.55 -18.85 121.79
C ALA A 176 -46.07 -19.11 120.38
N ALA A 177 -45.13 -19.35 119.44
CA ALA A 177 -45.42 -19.61 118.03
C ALA A 177 -46.13 -20.95 117.78
N PHE A 178 -45.89 -21.96 118.63
CA PHE A 178 -46.52 -23.27 118.46
C PHE A 178 -47.70 -23.46 119.44
N ALA A 179 -48.30 -22.35 119.88
CA ALA A 179 -49.44 -22.38 120.79
C ALA A 179 -50.77 -22.24 120.05
N GLY A 180 -50.80 -22.54 118.75
CA GLY A 180 -51.99 -22.38 117.92
C GLY A 180 -53.24 -23.08 118.42
N LEU A 181 -53.06 -24.30 118.98
CA LEU A 181 -54.18 -25.10 119.45
C LEU A 181 -54.80 -24.42 120.65
N SER A 182 -55.98 -23.81 120.43
CA SER A 182 -56.75 -23.09 121.44
C SER A 182 -57.37 -24.06 122.41
N GLU A 183 -58.05 -25.06 121.87
CA GLU A 183 -58.73 -26.08 122.64
C GLU A 183 -59.17 -27.20 121.73
N ALA A 184 -59.37 -28.40 122.29
CA ALA A 184 -59.81 -29.55 121.51
C ALA A 184 -60.96 -30.20 122.22
N TYR A 185 -62.01 -30.50 121.47
CA TYR A 185 -63.22 -31.12 122.00
C TYR A 185 -63.21 -32.58 121.64
N VAL A 186 -63.60 -33.44 122.59
CA VAL A 186 -63.63 -34.88 122.41
C VAL A 186 -64.96 -35.43 122.95
N ALA A 187 -65.08 -36.76 123.09
CA ALA A 187 -66.28 -37.37 123.62
C ALA A 187 -65.90 -38.56 124.55
N THR A 188 -65.59 -39.74 123.98
CA THR A 188 -65.21 -40.94 124.74
C THR A 188 -64.16 -41.74 123.98
N ALA A 189 -63.64 -42.83 124.55
CA ALA A 189 -62.65 -43.69 123.85
C ALA A 189 -63.25 -44.41 122.63
N ALA A 190 -64.59 -44.62 122.60
CA ALA A 190 -65.27 -45.25 121.46
C ALA A 190 -65.26 -44.34 120.24
N GLU A 191 -65.59 -43.04 120.44
CA GLU A 191 -65.62 -42.04 119.36
C GLU A 191 -64.19 -41.67 119.01
N PRO A 192 -63.75 -41.98 117.79
CA PRO A 192 -62.34 -41.76 117.43
C PRO A 192 -61.97 -40.39 116.89
N THR A 193 -62.86 -39.40 116.98
CA THR A 193 -62.60 -38.09 116.38
C THR A 193 -62.29 -37.02 117.40
N VAL A 194 -61.63 -35.96 116.90
CA VAL A 194 -61.22 -34.80 117.68
C VAL A 194 -61.50 -33.53 116.89
N VAL A 195 -62.30 -32.61 117.46
CA VAL A 195 -62.57 -31.30 116.85
C VAL A 195 -61.60 -30.41 117.55
N ALA A 196 -60.80 -29.66 116.81
CA ALA A 196 -59.78 -28.80 117.40
C ALA A 196 -59.88 -27.43 116.83
N ALA A 197 -60.01 -26.41 117.67
CA ALA A 197 -60.09 -25.02 117.23
C ALA A 197 -58.69 -24.47 117.17
N VAL A 198 -58.08 -24.56 116.00
CA VAL A 198 -56.71 -24.08 115.78
C VAL A 198 -56.74 -22.75 115.11
N ALA A 199 -55.66 -22.02 115.24
CA ALA A 199 -55.52 -20.73 114.58
C ALA A 199 -54.10 -20.36 114.62
N LEU A 200 -53.65 -19.73 113.57
CA LEU A 200 -52.26 -19.34 113.45
C LEU A 200 -51.97 -18.13 114.35
N PRO A 201 -50.99 -18.16 115.29
CA PRO A 201 -50.76 -17.00 116.16
C PRO A 201 -50.44 -15.70 115.41
N GLY A 202 -50.79 -14.57 116.06
CA GLY A 202 -50.61 -13.20 115.56
C GLY A 202 -49.28 -12.89 114.91
N PRO A 203 -48.17 -13.31 115.55
CA PRO A 203 -46.83 -13.06 114.97
C PRO A 203 -46.63 -13.70 113.59
N LEU A 204 -47.29 -14.83 113.35
CA LEU A 204 -47.17 -15.62 112.14
C LEU A 204 -48.23 -15.29 111.08
N ARG A 205 -49.46 -14.79 111.47
CA ARG A 205 -50.49 -14.35 110.48
C ARG A 205 -49.89 -13.23 109.59
N SER A 206 -49.00 -12.40 110.18
CA SER A 206 -48.26 -11.39 109.44
C SER A 206 -47.17 -12.08 108.51
N GLY A 207 -46.47 -13.09 109.05
CA GLY A 207 -45.48 -13.87 108.31
C GLY A 207 -46.00 -15.13 107.63
N GLN A 208 -47.25 -15.12 107.06
CA GLN A 208 -47.81 -16.27 106.29
C GLN A 208 -47.12 -16.35 104.90
N ARG A 209 -46.73 -15.17 104.36
CA ARG A 209 -45.94 -15.05 103.15
C ARG A 209 -46.46 -15.99 102.03
N GLY A 210 -45.66 -16.97 101.60
CA GLY A 210 -46.01 -17.91 100.53
C GLY A 210 -46.07 -19.35 100.98
N TYR A 211 -46.59 -19.59 102.20
CA TYR A 211 -46.73 -20.94 102.73
C TYR A 211 -48.01 -21.57 102.18
N THR A 212 -47.97 -22.87 101.80
CA THR A 212 -49.18 -23.62 101.42
C THR A 212 -50.07 -23.69 102.66
N VAL A 213 -49.42 -24.17 103.75
CA VAL A 213 -49.93 -24.30 105.11
C VAL A 213 -48.75 -23.97 106.04
N HIS A 214 -48.93 -23.09 107.07
CA HIS A 214 -47.82 -22.74 107.97
C HIS A 214 -47.41 -23.95 108.82
N PRO A 215 -46.10 -24.21 108.99
CA PRO A 215 -45.70 -25.39 109.78
C PRO A 215 -46.18 -25.29 111.23
N ALA A 216 -46.16 -24.06 111.77
CA ALA A 216 -46.62 -23.83 113.12
C ALA A 216 -48.09 -24.30 113.26
N LEU A 217 -48.92 -24.03 112.24
CA LEU A 217 -50.35 -24.39 112.21
C LEU A 217 -50.53 -25.88 112.01
N LEU A 218 -49.90 -26.42 110.99
CA LEU A 218 -50.01 -27.85 110.78
C LEU A 218 -49.57 -28.62 112.05
N ASP A 219 -48.50 -28.17 112.74
CA ASP A 219 -48.03 -28.80 113.99
C ASP A 219 -49.08 -28.66 115.11
N ALA A 220 -49.83 -27.55 115.10
CA ALA A 220 -50.91 -27.30 116.04
C ALA A 220 -52.03 -28.35 115.91
N CYS A 221 -52.24 -28.83 114.69
CA CYS A 221 -53.24 -29.87 114.42
C CYS A 221 -52.69 -31.25 114.84
N PHE A 222 -51.37 -31.46 114.71
CA PHE A 222 -50.76 -32.70 115.14
C PHE A 222 -50.82 -32.78 116.67
N GLN A 223 -50.70 -31.62 117.38
CA GLN A 223 -50.87 -31.60 118.84
C GLN A 223 -52.25 -32.09 119.24
N SER A 224 -53.26 -31.67 118.45
CA SER A 224 -54.67 -32.02 118.63
C SER A 224 -54.92 -33.54 118.63
N VAL A 225 -54.09 -34.32 117.93
CA VAL A 225 -54.26 -35.78 117.89
C VAL A 225 -54.04 -36.40 119.28
N ILE A 226 -53.18 -35.78 120.09
CA ILE A 226 -52.91 -36.29 121.43
C ILE A 226 -54.08 -36.06 122.40
N ALA A 227 -54.87 -35.00 122.18
CA ALA A 227 -56.02 -34.66 123.04
C ALA A 227 -57.01 -35.80 123.22
N HIS A 228 -57.10 -36.70 122.21
CA HIS A 228 -58.00 -37.87 122.21
C HIS A 228 -57.79 -38.74 123.46
N PRO A 229 -58.87 -39.21 124.10
CA PRO A 229 -58.69 -40.01 125.32
C PRO A 229 -57.91 -41.30 125.11
N GLU A 230 -58.20 -42.04 124.02
CA GLU A 230 -57.50 -43.29 123.75
C GLU A 230 -55.99 -43.05 123.57
N VAL A 231 -55.59 -41.88 123.07
CA VAL A 231 -54.18 -41.56 122.89
C VAL A 231 -53.56 -41.24 124.24
N GLN A 232 -54.27 -40.50 125.11
CA GLN A 232 -53.74 -40.17 126.45
C GLN A 232 -53.59 -41.44 127.31
N ASN A 233 -54.57 -42.34 127.22
CA ASN A 233 -54.59 -43.58 128.00
C ASN A 233 -53.49 -44.56 127.58
N ILE A 234 -53.46 -44.91 126.28
CA ILE A 234 -52.51 -45.91 125.77
C ILE A 234 -51.07 -45.34 125.73
N ALA A 235 -50.65 -44.70 124.61
CA ALA A 235 -49.29 -44.18 124.41
C ALA A 235 -49.04 -42.95 125.30
N SER A 236 -48.79 -43.23 126.58
CA SER A 236 -48.54 -42.23 127.64
C SER A 236 -47.00 -42.00 127.79
N GLY A 237 -46.37 -41.61 126.69
CA GLY A 237 -44.94 -41.33 126.62
C GLY A 237 -44.69 -40.20 125.63
N MET A 238 -43.44 -40.09 125.17
CA MET A 238 -43.04 -39.06 124.19
C MET A 238 -43.44 -39.44 122.73
N LEU A 239 -44.52 -38.82 122.20
CA LEU A 239 -44.98 -39.09 120.82
C LEU A 239 -44.49 -38.02 119.83
N LEU A 240 -43.75 -38.47 118.78
CA LEU A 240 -43.20 -37.61 117.74
C LEU A 240 -43.66 -38.06 116.36
N PRO A 241 -43.95 -37.10 115.46
CA PRO A 241 -44.40 -37.47 114.12
C PRO A 241 -43.26 -37.96 113.27
N LEU A 242 -43.50 -39.10 112.61
CA LEU A 242 -42.54 -39.78 111.78
C LEU A 242 -42.82 -39.66 110.29
N GLY A 243 -44.09 -39.49 109.91
CA GLY A 243 -44.40 -39.30 108.51
C GLY A 243 -45.87 -39.14 108.22
N VAL A 244 -46.21 -38.89 106.95
CA VAL A 244 -47.58 -38.75 106.47
C VAL A 244 -47.73 -39.47 105.14
N ARG A 245 -48.68 -40.40 105.02
CA ARG A 245 -48.89 -41.18 103.78
C ARG A 245 -49.39 -40.35 102.60
N ARG A 246 -50.30 -39.38 102.84
CA ARG A 246 -50.89 -38.56 101.79
C ARG A 246 -51.17 -37.17 102.31
N LEU A 247 -50.80 -36.16 101.54
CA LEU A 247 -50.94 -34.75 101.93
C LEU A 247 -51.43 -33.98 100.77
N ARG A 248 -52.64 -33.42 100.83
CA ARG A 248 -53.15 -32.64 99.72
C ARG A 248 -53.76 -31.39 100.25
N ALA A 249 -53.50 -30.30 99.57
CA ALA A 249 -54.05 -28.99 99.91
C ALA A 249 -55.04 -28.66 98.82
N TYR A 250 -56.29 -28.35 99.18
CA TYR A 250 -57.34 -28.02 98.23
C TYR A 250 -57.54 -26.52 98.13
N GLY A 251 -56.68 -25.73 98.76
CA GLY A 251 -56.79 -24.28 98.74
C GLY A 251 -56.05 -23.55 99.85
N SER A 252 -56.41 -22.27 100.03
CA SER A 252 -55.78 -21.39 101.01
C SER A 252 -56.10 -21.80 102.42
N THR A 253 -55.07 -22.08 103.18
CA THR A 253 -55.20 -22.45 104.57
C THR A 253 -54.99 -21.19 105.44
N ARG A 254 -55.26 -19.98 104.88
CA ARG A 254 -55.11 -18.71 105.60
C ARG A 254 -56.19 -18.67 106.64
N ASN A 255 -57.40 -18.89 106.15
CA ASN A 255 -58.63 -18.87 106.92
C ASN A 255 -58.97 -20.30 107.35
N VAL A 256 -58.23 -20.82 108.33
CA VAL A 256 -58.46 -22.17 108.87
C VAL A 256 -58.59 -21.99 110.37
N ARG A 257 -59.77 -22.34 110.88
CA ARG A 257 -60.15 -22.17 112.29
C ARG A 257 -60.32 -23.51 113.00
N TYR A 258 -60.54 -24.64 112.27
CA TYR A 258 -60.70 -25.94 112.91
C TYR A 258 -59.94 -27.03 112.21
N CYS A 259 -59.65 -28.07 112.96
CA CYS A 259 -59.01 -29.26 112.47
C CYS A 259 -59.84 -30.40 112.93
N LEU A 260 -60.09 -31.36 112.04
CA LEU A 260 -60.90 -32.52 112.36
C LEU A 260 -60.03 -33.77 112.27
N SER A 261 -59.54 -34.22 113.43
CA SER A 261 -58.67 -35.41 113.50
C SER A 261 -59.51 -36.67 113.66
N ARG A 262 -58.94 -37.83 113.28
CA ARG A 262 -59.58 -39.16 113.39
C ARG A 262 -58.52 -40.17 113.66
N ILE A 263 -58.73 -41.02 114.64
CA ILE A 263 -57.72 -41.99 114.97
C ILE A 263 -58.02 -43.26 114.25
N VAL A 264 -57.02 -43.75 113.52
CA VAL A 264 -57.08 -44.96 112.74
C VAL A 264 -56.72 -46.15 113.65
N LYS A 265 -55.51 -46.06 114.22
CA LYS A 265 -54.91 -47.05 115.09
C LYS A 265 -54.29 -46.31 116.30
N ALA A 266 -54.39 -46.92 117.50
CA ALA A 266 -53.80 -46.43 118.75
C ALA A 266 -53.13 -47.60 119.45
N ASP A 267 -51.79 -47.56 119.57
CA ASP A 267 -50.99 -48.62 120.17
C ASP A 267 -49.88 -48.05 121.06
N SER A 268 -49.33 -48.92 121.97
CA SER A 268 -48.20 -48.59 122.86
C SER A 268 -47.01 -48.02 122.07
N PHE A 269 -46.82 -48.50 120.82
CA PHE A 269 -45.73 -48.07 119.95
C PHE A 269 -46.02 -46.70 119.35
N GLY A 270 -47.20 -46.56 118.78
CA GLY A 270 -47.59 -45.29 118.18
C GLY A 270 -49.05 -45.18 117.85
N VAL A 271 -49.41 -44.02 117.26
CA VAL A 271 -50.76 -43.64 116.91
C VAL A 271 -50.87 -43.24 115.47
N GLU A 272 -51.64 -43.96 114.65
CA GLU A 272 -51.87 -43.49 113.28
C GLU A 272 -53.13 -42.63 113.32
N ALA A 273 -53.23 -41.59 112.49
CA ALA A 273 -54.40 -40.70 112.48
C ALA A 273 -54.59 -40.06 111.12
N ASP A 274 -55.79 -39.52 110.87
CA ASP A 274 -56.12 -38.81 109.63
C ASP A 274 -56.71 -37.46 110.01
N LEU A 275 -56.26 -36.38 109.38
CA LEU A 275 -56.68 -35.01 109.69
C LEU A 275 -57.34 -34.32 108.53
N GLU A 276 -58.14 -33.30 108.83
CA GLU A 276 -58.85 -32.50 107.83
C GLU A 276 -58.94 -31.08 108.35
N LEU A 277 -58.23 -30.15 107.73
CA LEU A 277 -58.25 -28.76 108.18
C LEU A 277 -59.46 -28.05 107.57
N LEU A 278 -60.37 -27.57 108.42
CA LEU A 278 -61.59 -26.91 107.95
C LEU A 278 -61.56 -25.42 108.21
N ASP A 279 -62.36 -24.66 107.44
CA ASP A 279 -62.54 -23.22 107.63
C ASP A 279 -63.81 -23.06 108.44
N ALA A 280 -64.24 -21.83 108.65
CA ALA A 280 -65.48 -21.56 109.40
C ALA A 280 -66.73 -22.20 108.75
N ASP A 281 -66.78 -22.27 107.40
CA ASP A 281 -67.90 -22.87 106.66
C ASP A 281 -67.93 -24.39 106.83
N GLY A 282 -66.82 -24.96 107.30
CA GLY A 282 -66.66 -26.38 107.49
C GLY A 282 -66.13 -27.06 106.26
N THR A 283 -65.65 -26.29 105.25
CA THR A 283 -65.10 -26.81 104.00
C THR A 283 -63.62 -27.21 104.18
N VAL A 284 -63.23 -28.41 103.68
CA VAL A 284 -61.86 -28.92 103.83
C VAL A 284 -60.87 -28.14 102.95
N LEU A 285 -59.80 -27.62 103.59
CA LEU A 285 -58.73 -26.85 102.96
C LEU A 285 -57.46 -27.70 102.76
N LEU A 286 -57.13 -28.58 103.73
CA LEU A 286 -56.00 -29.50 103.63
C LEU A 286 -56.33 -30.81 104.31
N SER A 287 -56.01 -31.93 103.68
CA SER A 287 -56.24 -33.25 104.26
C SER A 287 -54.92 -33.98 104.37
N ALA A 288 -54.51 -34.23 105.62
CA ALA A 288 -53.30 -34.97 105.95
C ALA A 288 -53.76 -36.32 106.43
N MET A 289 -53.91 -37.27 105.50
CA MET A 289 -54.41 -38.59 105.80
C MET A 289 -53.26 -39.54 105.94
N GLY A 290 -53.23 -40.23 107.08
CA GLY A 290 -52.21 -41.20 107.40
C GLY A 290 -51.02 -40.59 108.06
N LEU A 291 -51.25 -39.82 109.11
CA LEU A 291 -50.20 -39.20 109.91
C LEU A 291 -49.77 -40.21 110.92
N GLN A 292 -48.47 -40.55 110.98
CA GLN A 292 -47.98 -41.53 111.94
C GLN A 292 -47.14 -40.81 113.00
N LEU A 293 -47.46 -41.05 114.28
CA LEU A 293 -46.79 -40.46 115.43
C LEU A 293 -46.39 -41.60 116.32
N GLY A 294 -45.11 -41.89 116.36
CA GLY A 294 -44.57 -43.00 117.15
C GLY A 294 -43.61 -42.51 118.19
N THR A 295 -42.74 -43.39 118.65
CA THR A 295 -41.78 -43.01 119.66
C THR A 295 -40.41 -43.64 119.37
N GLY A 296 -39.46 -42.76 118.98
CA GLY A 296 -38.07 -43.11 118.78
C GLY A 296 -37.44 -43.21 120.15
N ASN A 297 -37.67 -42.17 121.01
CA ASN A 297 -37.27 -42.15 122.41
C ASN A 297 -38.07 -43.25 123.14
N SER A 298 -37.49 -44.46 123.17
CA SER A 298 -38.09 -45.69 123.70
C SER A 298 -38.70 -45.60 125.12
N ASP A 299 -39.53 -46.62 125.43
CA ASP A 299 -40.22 -46.81 126.71
C ASP A 299 -39.23 -47.40 127.77
N LYS A 300 -38.07 -47.93 127.33
CA LYS A 300 -37.03 -48.48 128.21
C LYS A 300 -36.11 -47.36 128.70
N ALA A 301 -35.81 -46.36 127.84
CA ALA A 301 -34.99 -45.19 128.18
C ALA A 301 -35.76 -44.21 129.08
N GLU A 302 -37.11 -44.27 129.06
CA GLU A 302 -37.98 -43.46 129.92
C GLU A 302 -37.90 -43.96 131.36
N GLU A 303 -37.92 -45.30 131.53
CA GLU A 303 -37.79 -45.97 132.83
C GLU A 303 -36.46 -45.62 133.47
N GLU A 304 -35.36 -45.86 132.73
CA GLU A 304 -33.98 -45.53 133.14
C GLU A 304 -33.86 -44.08 133.62
N ARG A 305 -34.51 -43.14 132.90
CA ARG A 305 -34.48 -41.71 133.24
C ARG A 305 -35.32 -41.42 134.49
N LEU A 306 -36.50 -42.06 134.63
CA LEU A 306 -37.36 -41.86 135.81
C LEU A 306 -36.70 -42.37 137.08
N LEU A 307 -36.17 -43.59 137.02
CA LEU A 307 -35.43 -44.25 138.09
C LEU A 307 -34.35 -43.30 138.64
N ASP A 308 -33.61 -42.60 137.75
CA ASP A 308 -32.52 -41.68 138.13
C ASP A 308 -33.02 -40.45 138.93
N GLU A 309 -34.15 -39.88 138.52
CA GLU A 309 -34.74 -38.72 139.20
C GLU A 309 -35.34 -39.11 140.58
N ARG A 310 -35.84 -40.37 140.71
CA ARG A 310 -36.48 -40.92 141.93
C ARG A 310 -35.55 -41.35 143.11
N LEU A 311 -34.25 -41.72 142.86
CA LEU A 311 -33.34 -42.20 143.92
C LEU A 311 -32.70 -41.08 144.74
N LEU A 312 -32.56 -41.28 146.08
CA LEU A 312 -31.92 -40.31 146.99
C LEU A 312 -30.96 -40.97 147.97
N THR A 313 -29.84 -40.28 148.25
CA THR A 313 -28.80 -40.71 149.17
C THR A 313 -28.20 -39.50 149.89
N ILE A 314 -27.79 -39.71 151.14
CA ILE A 314 -27.24 -38.69 152.03
C ILE A 314 -25.75 -38.57 151.73
N GLU A 315 -25.23 -37.34 151.60
CA GLU A 315 -23.82 -37.08 151.31
C GLU A 315 -23.26 -36.09 152.33
N TRP A 316 -21.97 -36.25 152.71
CA TRP A 316 -21.35 -35.43 153.76
C TRP A 316 -20.28 -34.49 153.22
N GLN A 317 -20.43 -33.19 153.51
CA GLN A 317 -19.53 -32.12 153.07
C GLN A 317 -18.64 -31.64 154.22
N GLN A 318 -17.32 -31.48 153.96
CA GLN A 318 -16.39 -30.92 154.94
C GLN A 318 -16.70 -29.43 155.10
N ARG A 319 -17.17 -29.01 156.28
CA ARG A 319 -17.59 -27.63 156.53
C ARG A 319 -16.81 -26.98 157.68
N GLU A 320 -16.91 -25.64 157.77
CA GLU A 320 -16.28 -24.81 158.82
C GLU A 320 -17.37 -24.08 159.61
N LEU A 321 -17.15 -23.92 160.93
CA LEU A 321 -18.12 -23.32 161.84
C LEU A 321 -18.23 -21.82 161.60
N PRO A 322 -19.40 -21.29 161.16
CA PRO A 322 -19.47 -19.85 160.92
C PRO A 322 -20.10 -19.06 162.08
N ARG A 323 -19.64 -17.80 162.27
CA ARG A 323 -20.10 -16.81 163.26
C ARG A 323 -19.98 -17.29 164.74
N PRO A 324 -20.01 -16.38 165.75
CA PRO A 324 -20.14 -14.92 165.67
C PRO A 324 -18.78 -14.23 165.56
N GLY A 333 -26.66 -16.76 177.29
CA GLY A 333 -27.84 -17.55 177.63
C GLY A 333 -27.50 -18.79 178.44
N SER A 334 -28.43 -19.22 179.31
CA SER A 334 -28.23 -20.41 180.13
C SER A 334 -28.38 -21.70 179.31
N TRP A 335 -27.87 -22.83 179.87
CA TRP A 335 -27.86 -24.17 179.26
C TRP A 335 -28.22 -25.29 180.24
N LEU A 336 -28.42 -26.53 179.69
CA LEU A 336 -28.75 -27.74 180.45
C LEU A 336 -28.20 -29.01 179.73
N VAL A 337 -27.10 -29.60 180.26
CA VAL A 337 -26.46 -30.81 179.71
C VAL A 337 -27.09 -32.04 180.37
N ILE A 338 -28.02 -32.72 179.66
CA ILE A 338 -28.71 -33.90 180.20
C ILE A 338 -28.07 -35.18 179.64
N LEU A 339 -28.04 -36.25 180.45
CA LEU A 339 -27.47 -37.55 180.08
C LEU A 339 -28.57 -38.61 179.95
N ALA A 340 -28.23 -39.75 179.32
CA ALA A 340 -29.15 -40.89 179.13
C ALA A 340 -28.67 -42.18 179.87
N GLY A 341 -27.51 -42.12 180.55
CA GLY A 341 -26.96 -43.24 181.30
C GLY A 341 -26.12 -42.73 182.45
N ASP A 342 -26.60 -42.93 183.70
CA ASP A 342 -25.96 -42.43 184.94
C ASP A 342 -24.83 -43.36 185.41
N ASP A 343 -25.06 -44.69 185.40
CA ASP A 343 -24.05 -45.66 185.82
C ASP A 343 -22.81 -45.64 184.87
N ASP A 344 -22.98 -45.15 183.61
CA ASP A 344 -21.88 -44.95 182.66
C ASP A 344 -21.37 -43.50 182.81
N GLU A 345 -20.07 -43.30 183.08
CA GLU A 345 -19.49 -41.96 183.26
C GLU A 345 -19.00 -41.45 181.92
N ASN A 346 -19.69 -40.46 181.33
CA ASN A 346 -19.35 -39.92 180.01
C ASN A 346 -18.26 -38.82 180.10
N PRO A 347 -17.01 -39.04 179.61
CA PRO A 347 -16.03 -37.95 179.62
C PRO A 347 -16.43 -36.83 178.67
N ARG A 348 -17.27 -37.15 177.67
CA ARG A 348 -17.82 -36.17 176.72
C ARG A 348 -18.73 -35.20 177.48
N ALA A 349 -19.65 -35.72 178.31
CA ALA A 349 -20.56 -34.88 179.11
C ALA A 349 -19.77 -34.03 180.13
N ALA A 350 -18.68 -34.59 180.71
CA ALA A 350 -17.83 -33.86 181.66
C ALA A 350 -17.07 -32.73 180.97
N GLY A 351 -16.43 -33.07 179.86
CA GLY A 351 -15.66 -32.12 179.06
C GLY A 351 -16.48 -31.04 178.38
N VAL A 352 -17.77 -31.31 178.10
CA VAL A 352 -18.67 -30.34 177.47
C VAL A 352 -19.19 -29.36 178.56
N VAL A 353 -19.52 -29.84 179.78
CA VAL A 353 -20.00 -28.95 180.84
C VAL A 353 -18.86 -28.01 181.26
N SER A 354 -17.59 -28.49 181.22
CA SER A 354 -16.43 -27.65 181.57
C SER A 354 -16.13 -26.60 180.47
N ALA A 355 -16.31 -26.96 179.19
CA ALA A 355 -16.06 -26.05 178.07
C ALA A 355 -17.15 -24.96 177.94
N LEU A 356 -18.43 -25.23 178.33
CA LEU A 356 -19.51 -24.22 178.32
C LEU A 356 -19.32 -23.21 179.45
N ILE A 357 -18.92 -23.70 180.65
CA ILE A 357 -18.64 -22.84 181.80
C ILE A 357 -17.34 -22.06 181.50
N GLY A 358 -16.39 -22.68 180.77
CA GLY A 358 -15.16 -22.01 180.35
C GLY A 358 -15.40 -20.89 179.36
N ALA A 359 -16.37 -21.06 178.44
CA ALA A 359 -16.75 -20.04 177.47
C ALA A 359 -17.50 -18.88 178.14
N GLY A 360 -18.18 -19.17 179.26
CA GLY A 360 -18.94 -18.20 180.04
C GLY A 360 -20.45 -18.33 179.95
N MET A 361 -20.99 -19.57 179.88
CA MET A 361 -22.44 -19.82 179.84
C MET A 361 -22.85 -20.57 181.10
N PRO A 362 -23.91 -20.13 181.83
CA PRO A 362 -24.31 -20.88 183.04
C PRO A 362 -25.00 -22.19 182.69
N THR A 363 -24.28 -23.31 182.86
CA THR A 363 -24.75 -24.65 182.51
C THR A 363 -25.10 -25.49 183.75
N THR A 364 -26.30 -26.13 183.74
CA THR A 364 -26.79 -27.03 184.79
C THR A 364 -26.62 -28.49 184.30
N THR A 365 -26.95 -29.51 185.14
CA THR A 365 -26.79 -30.92 184.78
C THR A 365 -27.93 -31.79 185.33
N MET A 366 -28.46 -32.70 184.49
CA MET A 366 -29.54 -33.66 184.82
C MET A 366 -29.01 -35.09 184.50
N ALA A 367 -29.30 -36.08 185.37
CA ALA A 367 -28.81 -37.46 185.23
C ALA A 367 -29.97 -38.45 185.02
N TRP A 368 -30.83 -38.18 184.02
CA TRP A 368 -31.97 -39.06 183.70
C TRP A 368 -31.42 -40.36 183.14
N SER A 369 -31.66 -41.49 183.84
CA SER A 369 -31.18 -42.80 183.43
C SER A 369 -32.33 -43.78 183.28
N HIS A 370 -32.03 -44.95 182.69
CA HIS A 370 -33.02 -46.01 182.54
C HIS A 370 -33.22 -46.67 183.89
N ASP A 371 -34.30 -47.44 184.05
CA ASP A 371 -34.61 -48.13 185.31
C ASP A 371 -34.68 -47.08 186.46
N ALA A 372 -35.38 -45.96 186.19
CA ALA A 372 -35.56 -44.84 187.11
C ALA A 372 -37.01 -44.34 187.06
N ASP A 373 -37.43 -43.55 188.06
CA ASP A 373 -38.77 -42.98 188.11
C ASP A 373 -38.85 -41.89 187.04
N HIS A 374 -39.29 -42.30 185.83
CA HIS A 374 -39.38 -41.42 184.66
C HIS A 374 -40.44 -40.31 184.84
N ASP A 375 -41.55 -40.58 185.53
CA ASP A 375 -42.60 -39.58 185.80
C ASP A 375 -42.09 -38.49 186.77
N ALA A 376 -41.27 -38.90 187.76
CA ALA A 376 -40.67 -37.98 188.74
C ALA A 376 -39.54 -37.17 188.12
N GLN A 377 -38.69 -37.82 187.31
CA GLN A 377 -37.59 -37.14 186.62
C GLN A 377 -38.13 -36.17 185.55
N ALA A 378 -39.29 -36.52 184.91
CA ALA A 378 -39.95 -35.67 183.92
C ALA A 378 -40.50 -34.41 184.56
N ALA A 379 -41.03 -34.54 185.79
CA ALA A 379 -41.52 -33.40 186.56
C ALA A 379 -40.36 -32.50 187.00
N ALA A 380 -39.22 -33.12 187.37
CA ALA A 380 -38.01 -32.41 187.76
C ALA A 380 -37.46 -31.59 186.61
N LEU A 381 -37.51 -32.13 185.39
CA LEU A 381 -37.05 -31.44 184.18
C LEU A 381 -37.95 -30.25 183.87
N THR A 382 -39.28 -30.48 183.77
CA THR A 382 -40.28 -29.44 183.49
C THR A 382 -40.17 -28.29 184.53
N ALA A 383 -39.74 -28.59 185.76
CA ALA A 383 -39.53 -27.58 186.80
C ALA A 383 -38.29 -26.72 186.49
N ARG A 384 -37.17 -27.33 186.03
CA ARG A 384 -35.94 -26.60 185.68
C ARG A 384 -36.13 -25.63 184.51
N LEU A 385 -37.04 -25.97 183.59
CA LEU A 385 -37.34 -25.16 182.41
C LEU A 385 -38.16 -23.93 182.80
N ASP A 386 -39.17 -24.13 183.66
CA ASP A 386 -40.03 -23.04 184.14
C ASP A 386 -39.28 -22.14 185.16
N GLU A 387 -38.24 -22.70 185.84
CA GLU A 387 -37.42 -21.98 186.83
C GLU A 387 -36.55 -20.93 186.14
N GLN A 388 -35.75 -21.35 185.15
CA GLN A 388 -34.82 -20.45 184.43
C GLN A 388 -35.02 -20.53 182.92
N PRO A 389 -34.96 -19.39 182.21
CA PRO A 389 -35.05 -19.44 180.74
C PRO A 389 -33.69 -19.82 180.16
N LEU A 390 -33.63 -20.91 179.40
CA LEU A 390 -32.38 -21.38 178.80
C LEU A 390 -32.46 -21.35 177.28
N ALA A 391 -31.30 -21.14 176.65
CA ALA A 391 -31.19 -21.03 175.20
C ALA A 391 -31.29 -22.38 174.51
N GLY A 392 -30.51 -23.34 175.00
CA GLY A 392 -30.48 -24.69 174.43
C GLY A 392 -30.31 -25.80 175.45
N VAL A 393 -30.67 -27.02 175.03
CA VAL A 393 -30.60 -28.25 175.84
C VAL A 393 -29.78 -29.31 175.07
N ALA A 394 -28.67 -29.79 175.67
CA ALA A 394 -27.79 -30.79 175.04
C ALA A 394 -28.01 -32.19 175.64
N VAL A 395 -28.61 -33.11 174.84
CA VAL A 395 -28.90 -34.49 175.27
C VAL A 395 -27.73 -35.42 174.88
N ILE A 396 -26.93 -35.85 175.87
CA ILE A 396 -25.79 -36.76 175.65
C ILE A 396 -26.31 -38.20 175.84
N VAL A 397 -25.90 -39.15 174.97
CA VAL A 397 -26.36 -40.55 175.03
C VAL A 397 -25.22 -41.46 175.50
N GLY A 398 -25.51 -42.34 176.45
CA GLY A 398 -24.54 -43.25 177.04
C GLY A 398 -23.97 -44.29 176.10
N ASP A 399 -22.66 -44.52 176.24
CA ASP A 399 -21.89 -45.46 175.41
C ASP A 399 -21.80 -46.84 176.09
N SER A 400 -21.81 -47.93 175.28
CA SER A 400 -21.66 -49.31 175.79
C SER A 400 -20.27 -49.42 176.43
N GLU A 401 -19.21 -49.19 175.62
CA GLU A 401 -17.81 -49.13 176.05
C GLU A 401 -17.37 -50.43 176.76
N HIS A 407 -18.72 -54.24 170.78
CA HIS A 407 -18.65 -54.76 169.40
C HIS A 407 -19.85 -55.68 169.07
N ASP A 408 -20.56 -56.26 170.07
CA ASP A 408 -21.67 -57.17 169.78
C ASP A 408 -22.89 -56.41 169.24
N VAL A 409 -23.37 -56.81 168.06
CA VAL A 409 -24.50 -56.15 167.43
C VAL A 409 -25.79 -56.62 168.08
N GLY A 410 -25.88 -57.90 168.40
CA GLY A 410 -27.03 -58.49 169.08
C GLY A 410 -27.44 -57.70 170.30
N ALA A 411 -26.45 -57.23 171.07
CA ALA A 411 -26.64 -56.41 172.26
C ALA A 411 -26.96 -54.97 171.90
N ASP A 412 -26.27 -54.40 170.90
CA ASP A 412 -26.53 -53.03 170.45
C ASP A 412 -27.95 -52.91 169.83
N ALA A 413 -28.53 -54.02 169.33
CA ALA A 413 -29.90 -54.04 168.80
C ALA A 413 -30.94 -54.01 169.93
N ARG A 414 -30.66 -54.72 171.06
CA ARG A 414 -31.54 -54.77 172.25
C ARG A 414 -31.48 -53.42 172.98
N ARG A 415 -30.24 -52.88 173.18
CA ARG A 415 -30.00 -51.57 173.82
C ARG A 415 -30.63 -50.44 173.01
N GLY A 416 -30.56 -50.53 171.67
CA GLY A 416 -31.11 -49.54 170.76
C GLY A 416 -32.58 -49.21 170.99
N ALA A 417 -33.38 -50.21 171.39
CA ALA A 417 -34.78 -50.00 171.74
C ALA A 417 -34.85 -49.13 172.99
N ASP A 418 -34.14 -49.56 174.07
CA ASP A 418 -34.08 -48.85 175.36
C ASP A 418 -33.58 -47.41 175.16
N HIS A 419 -32.65 -47.17 174.19
CA HIS A 419 -32.16 -45.83 173.88
C HIS A 419 -33.28 -45.00 173.22
N VAL A 420 -34.02 -45.59 172.26
CA VAL A 420 -35.11 -44.90 171.56
C VAL A 420 -36.23 -44.54 172.54
N ARG A 421 -36.79 -45.55 173.25
CA ARG A 421 -37.85 -45.37 174.26
C ARG A 421 -37.53 -44.21 175.23
N HIS A 422 -36.25 -44.11 175.63
CA HIS A 422 -35.76 -43.07 176.54
C HIS A 422 -35.78 -41.70 175.86
N LEU A 423 -35.45 -41.62 174.54
CA LEU A 423 -35.49 -40.35 173.81
C LEU A 423 -36.94 -39.87 173.57
N VAL A 424 -37.93 -40.80 173.50
CA VAL A 424 -39.35 -40.45 173.33
C VAL A 424 -39.84 -39.77 174.60
N ARG A 425 -39.48 -40.32 175.79
CA ARG A 425 -39.84 -39.76 177.09
C ARG A 425 -39.26 -38.35 177.29
N ILE A 426 -37.99 -38.11 176.86
CA ILE A 426 -37.33 -36.81 176.97
C ILE A 426 -37.96 -35.83 175.98
N ALA A 427 -38.20 -36.28 174.73
CA ALA A 427 -38.77 -35.46 173.68
C ALA A 427 -40.20 -34.95 174.00
N ARG A 428 -41.02 -35.76 174.69
CA ARG A 428 -42.39 -35.38 175.05
C ARG A 428 -42.43 -34.22 176.07
N THR A 429 -41.47 -34.19 177.02
CA THR A 429 -41.40 -33.14 178.05
C THR A 429 -40.94 -31.81 177.45
N LEU A 430 -39.95 -31.81 176.52
CA LEU A 430 -39.46 -30.58 175.89
C LEU A 430 -40.54 -29.95 174.98
N ALA A 431 -41.41 -30.79 174.38
CA ALA A 431 -42.51 -30.34 173.53
C ALA A 431 -43.60 -29.62 174.34
N ASP A 432 -43.93 -30.14 175.54
CA ASP A 432 -44.95 -29.57 176.44
C ASP A 432 -44.34 -28.44 177.33
N ALA A 433 -43.84 -27.35 176.71
CA ALA A 433 -43.19 -26.23 177.39
C ALA A 433 -44.11 -25.01 177.46
N VAL A 434 -44.22 -24.34 178.65
CA VAL A 434 -45.06 -23.15 178.80
C VAL A 434 -44.42 -22.02 177.96
N GLY A 435 -43.16 -21.73 178.24
CA GLY A 435 -42.40 -20.72 177.50
C GLY A 435 -41.97 -21.20 176.13
N GLU A 436 -41.04 -20.45 175.50
CA GLU A 436 -40.50 -20.82 174.19
C GLU A 436 -39.63 -22.07 174.32
N PRO A 437 -39.98 -23.22 173.69
CA PRO A 437 -39.11 -24.41 173.83
C PRO A 437 -37.65 -24.13 173.43
N PRO A 438 -36.64 -24.57 174.22
CA PRO A 438 -35.23 -24.30 173.88
C PRO A 438 -34.72 -25.15 172.71
N ARG A 439 -33.55 -24.81 172.14
CA ARG A 439 -33.00 -25.59 171.01
C ARG A 439 -32.42 -26.93 171.52
N LEU A 440 -32.86 -28.04 170.90
CA LEU A 440 -32.44 -29.41 171.26
C LEU A 440 -31.19 -29.83 170.46
N TYR A 441 -30.12 -30.29 171.15
CA TYR A 441 -28.86 -30.74 170.53
C TYR A 441 -28.57 -32.20 170.95
N VAL A 442 -29.11 -33.20 170.21
CA VAL A 442 -28.90 -34.61 170.55
C VAL A 442 -27.48 -35.01 170.08
N VAL A 443 -26.62 -35.48 171.01
CA VAL A 443 -25.24 -35.87 170.72
C VAL A 443 -25.09 -37.40 170.77
N THR A 444 -24.67 -38.03 169.67
CA THR A 444 -24.51 -39.48 169.55
C THR A 444 -23.06 -39.91 169.28
N HIS A 445 -22.69 -41.14 169.72
CA HIS A 445 -21.34 -41.67 169.55
C HIS A 445 -21.24 -42.55 168.30
N ARG A 446 -20.54 -42.07 167.27
CA ARG A 446 -20.31 -42.75 165.98
C ARG A 446 -21.58 -43.46 165.46
N SER A 447 -22.72 -42.76 165.60
CA SER A 447 -24.06 -43.21 165.20
C SER A 447 -24.16 -43.65 163.74
N GLN A 448 -23.60 -42.88 162.78
CA GLN A 448 -23.72 -43.19 161.36
C GLN A 448 -22.42 -43.02 160.56
N HIS A 449 -22.45 -43.58 159.34
CA HIS A 449 -21.36 -43.59 158.36
C HIS A 449 -21.23 -42.21 157.68
N VAL A 450 -20.05 -41.56 157.83
CA VAL A 450 -19.73 -40.26 157.19
C VAL A 450 -18.47 -40.49 156.35
N LEU A 451 -17.32 -40.81 156.98
CA LEU A 451 -16.09 -41.11 156.24
C LEU A 451 -16.17 -42.57 155.77
N ASP A 452 -15.66 -42.86 154.56
CA ASP A 452 -15.68 -44.19 153.96
C ASP A 452 -15.00 -45.27 154.84
N THR A 453 -14.00 -44.88 155.62
CA THR A 453 -13.26 -45.79 156.50
C THR A 453 -14.06 -46.24 157.73
N ASP A 454 -15.08 -45.46 158.15
CA ASP A 454 -15.85 -45.70 159.38
C ASP A 454 -16.59 -47.04 159.44
N GLU A 455 -16.59 -47.60 160.67
CA GLU A 455 -17.36 -48.78 161.10
C GLU A 455 -18.34 -48.20 162.12
N PRO A 456 -19.65 -48.07 161.80
CA PRO A 456 -20.55 -47.38 162.75
C PRO A 456 -20.79 -48.12 164.05
N TYR A 457 -20.85 -47.35 165.15
CA TYR A 457 -21.17 -47.80 166.49
C TYR A 457 -22.67 -47.69 166.56
N LEU A 458 -23.38 -48.82 166.66
CA LEU A 458 -24.85 -48.84 166.62
C LEU A 458 -25.44 -48.26 167.91
N GLU A 459 -26.51 -48.84 168.51
CA GLU A 459 -27.18 -48.30 169.70
C GLU A 459 -27.93 -46.98 169.35
N HIS A 460 -27.16 -45.96 169.00
CA HIS A 460 -27.62 -44.62 168.65
C HIS A 460 -28.08 -44.54 167.18
N SER A 461 -27.82 -45.58 166.35
CA SER A 461 -28.19 -45.57 164.92
C SER A 461 -29.68 -45.28 164.67
N GLY A 462 -30.54 -45.83 165.53
CA GLY A 462 -31.97 -45.64 165.41
C GLY A 462 -32.48 -44.29 165.86
N LEU A 463 -31.66 -43.51 166.60
CA LEU A 463 -32.08 -42.20 167.10
C LEU A 463 -32.10 -41.13 165.98
N ARG A 464 -31.45 -41.35 164.80
CA ARG A 464 -31.48 -40.34 163.73
C ARG A 464 -32.88 -40.25 163.06
N GLY A 465 -33.69 -41.30 163.15
CA GLY A 465 -35.05 -41.30 162.62
C GLY A 465 -36.02 -40.55 163.50
N LEU A 466 -35.81 -40.64 164.82
CA LEU A 466 -36.64 -39.97 165.81
C LEU A 466 -36.40 -38.47 165.81
N ILE A 467 -35.12 -38.02 165.83
CA ILE A 467 -34.81 -36.57 165.80
C ILE A 467 -35.33 -35.93 164.48
N ARG A 468 -35.38 -36.70 163.38
CA ARG A 468 -35.90 -36.24 162.09
C ARG A 468 -37.43 -36.06 162.19
N VAL A 469 -38.12 -36.99 162.91
CA VAL A 469 -39.56 -36.92 163.15
C VAL A 469 -39.87 -35.78 164.14
N VAL A 470 -39.04 -35.59 165.18
CA VAL A 470 -39.24 -34.55 166.20
C VAL A 470 -39.00 -33.13 165.62
N GLY A 471 -38.08 -32.98 164.66
CA GLY A 471 -37.84 -31.71 163.99
C GLY A 471 -39.01 -31.29 163.11
N MET A 472 -39.82 -32.28 162.65
CA MET A 472 -41.01 -32.07 161.82
C MET A 472 -42.27 -31.85 162.66
N GLU A 473 -42.49 -32.68 163.69
CA GLU A 473 -43.67 -32.54 164.57
C GLU A 473 -43.61 -31.26 165.42
N HIS A 474 -42.43 -30.97 166.00
CA HIS A 474 -42.21 -29.81 166.88
C HIS A 474 -41.01 -28.99 166.38
N PRO A 475 -41.19 -28.19 165.31
CA PRO A 475 -40.07 -27.42 164.77
C PRO A 475 -39.61 -26.20 165.60
N ARG A 476 -40.33 -25.81 166.71
CA ARG A 476 -39.90 -24.70 167.59
C ARG A 476 -38.52 -25.01 168.12
N LEU A 477 -38.38 -26.18 168.75
CA LEU A 477 -37.10 -26.71 169.18
C LEU A 477 -36.47 -27.30 167.93
N ARG A 478 -35.44 -26.64 167.38
CA ARG A 478 -34.83 -27.12 166.14
C ARG A 478 -34.06 -28.39 166.44
N ALA A 479 -34.73 -29.55 166.27
CA ALA A 479 -34.17 -30.87 166.56
C ALA A 479 -32.94 -31.16 165.67
N THR A 480 -31.75 -30.89 166.23
CA THR A 480 -30.45 -31.05 165.58
C THR A 480 -29.77 -32.29 166.14
N GLN A 481 -28.98 -32.95 165.31
CA GLN A 481 -28.19 -34.11 165.69
C GLN A 481 -26.73 -33.79 165.48
N ILE A 482 -25.86 -34.34 166.34
CA ILE A 482 -24.42 -34.15 166.23
C ILE A 482 -23.73 -35.50 166.45
N ASP A 483 -23.16 -36.08 165.38
CA ASP A 483 -22.43 -37.34 165.48
C ASP A 483 -21.00 -37.03 165.90
N VAL A 484 -20.52 -37.69 166.95
CA VAL A 484 -19.21 -37.44 167.54
C VAL A 484 -18.42 -38.75 167.63
N ASP A 485 -17.08 -38.66 167.67
CA ASP A 485 -16.18 -39.81 167.83
C ASP A 485 -15.36 -39.61 169.13
N ASP A 486 -14.44 -40.54 169.43
CA ASP A 486 -13.61 -40.43 170.64
C ASP A 486 -12.56 -39.31 170.48
N SER A 487 -11.76 -39.37 169.38
CA SER A 487 -10.71 -38.38 169.11
C SER A 487 -11.28 -37.13 168.45
N THR A 488 -11.41 -35.99 169.20
CA THR A 488 -11.95 -34.75 168.62
C THR A 488 -11.73 -33.47 169.46
N ALA A 489 -11.78 -33.54 170.80
CA ALA A 489 -11.63 -32.41 171.73
C ALA A 489 -12.99 -31.74 172.00
N HIS A 490 -13.28 -31.45 173.28
CA HIS A 490 -14.54 -30.87 173.73
C HIS A 490 -14.61 -29.37 173.44
N GLU A 491 -13.44 -28.70 173.33
CA GLU A 491 -13.33 -27.26 173.01
C GLU A 491 -13.94 -26.94 171.63
N ALA A 492 -13.81 -27.88 170.68
CA ALA A 492 -14.34 -27.74 169.32
C ALA A 492 -15.83 -28.12 169.26
N LEU A 493 -16.31 -29.02 170.16
CA LEU A 493 -17.72 -29.44 170.20
C LEU A 493 -18.65 -28.31 170.62
N VAL A 494 -18.30 -27.62 171.74
CA VAL A 494 -19.10 -26.50 172.26
C VAL A 494 -19.07 -25.34 171.30
N ARG A 495 -17.99 -25.22 170.51
CA ARG A 495 -17.86 -24.18 169.48
C ARG A 495 -19.08 -24.23 168.53
N GLN A 496 -19.54 -25.44 168.15
CA GLN A 496 -20.72 -25.65 167.29
C GLN A 496 -22.02 -25.25 168.01
N LEU A 497 -22.15 -25.60 169.31
CA LEU A 497 -23.35 -25.30 170.08
C LEU A 497 -23.58 -23.79 170.18
N LEU A 498 -22.52 -23.02 170.50
CA LEU A 498 -22.60 -21.56 170.66
C LEU A 498 -22.58 -20.78 169.33
N SER A 499 -22.18 -21.42 168.18
CA SER A 499 -22.20 -20.74 166.88
C SER A 499 -23.65 -20.61 166.35
N GLY A 500 -24.48 -21.62 166.63
CA GLY A 500 -25.88 -21.64 166.22
C GLY A 500 -26.10 -21.73 164.72
N SER A 501 -25.43 -22.70 164.06
CA SER A 501 -25.59 -22.93 162.62
C SER A 501 -26.93 -23.64 162.37
N PRO A 502 -27.65 -23.41 161.26
CA PRO A 502 -28.96 -24.05 161.09
C PRO A 502 -28.96 -25.53 160.65
N GLU A 503 -27.81 -26.22 160.46
CA GLU A 503 -27.85 -27.63 160.02
C GLU A 503 -28.45 -28.56 161.11
N ASP A 504 -29.51 -29.35 160.74
CA ASP A 504 -30.20 -30.27 161.65
C ASP A 504 -29.58 -31.70 161.69
N GLU A 505 -28.49 -31.94 160.92
CA GLU A 505 -27.79 -33.22 160.91
C GLU A 505 -26.33 -32.94 160.59
N THR A 506 -25.44 -33.14 161.56
CA THR A 506 -24.01 -32.85 161.43
C THR A 506 -23.17 -33.96 162.06
N ALA A 507 -21.84 -33.97 161.77
CA ALA A 507 -20.91 -34.97 162.30
C ALA A 507 -19.50 -34.39 162.55
N TRP A 508 -18.72 -35.05 163.43
CA TRP A 508 -17.36 -34.66 163.81
C TRP A 508 -16.40 -35.83 163.75
N ARG A 509 -15.32 -35.71 162.95
CA ARG A 509 -14.29 -36.75 162.81
C ARG A 509 -12.93 -36.06 162.89
N ASP A 510 -12.19 -36.29 164.01
CA ASP A 510 -10.90 -35.65 164.33
C ASP A 510 -11.21 -34.14 164.57
N GLY A 511 -10.35 -33.23 164.11
CA GLY A 511 -10.60 -31.80 164.27
C GLY A 511 -11.45 -31.18 163.18
N GLN A 512 -11.84 -31.98 162.14
CA GLN A 512 -12.67 -31.51 161.01
C GLN A 512 -14.16 -31.67 161.33
N TRP A 513 -14.99 -30.78 160.77
CA TRP A 513 -16.44 -30.77 160.97
C TRP A 513 -17.16 -31.14 159.66
N TYR A 514 -18.13 -32.08 159.73
CA TYR A 514 -18.89 -32.57 158.57
C TYR A 514 -20.37 -32.22 158.68
N ALA A 515 -21.00 -31.86 157.55
CA ALA A 515 -22.41 -31.46 157.48
C ALA A 515 -23.18 -32.32 156.49
N ALA A 516 -24.40 -32.74 156.88
CA ALA A 516 -25.25 -33.58 156.03
C ALA A 516 -25.99 -32.75 155.01
N ARG A 517 -26.19 -33.33 153.81
CA ARG A 517 -26.93 -32.70 152.72
C ARG A 517 -27.55 -33.79 151.84
N LEU A 518 -28.86 -33.75 151.66
CA LEU A 518 -29.59 -34.74 150.87
C LEU A 518 -29.41 -34.46 149.38
N CYS A 519 -29.33 -35.52 148.52
CA CYS A 519 -29.22 -35.34 147.06
C CYS A 519 -29.43 -36.65 146.24
N PRO A 520 -29.88 -36.55 144.96
CA PRO A 520 -30.00 -37.74 144.10
C PRO A 520 -28.66 -38.04 143.45
N SER A 521 -28.24 -39.30 143.47
CA SER A 521 -26.95 -39.71 142.93
C SER A 521 -27.02 -41.13 142.40
N PRO A 522 -27.62 -41.32 141.21
CA PRO A 522 -27.70 -42.65 140.62
C PRO A 522 -26.50 -42.91 139.69
N LEU A 523 -25.26 -42.78 140.23
CA LEU A 523 -24.04 -43.00 139.45
C LEU A 523 -23.90 -44.49 139.18
N ARG A 524 -22.99 -44.82 138.26
CA ARG A 524 -22.74 -46.19 137.86
C ARG A 524 -21.22 -46.45 137.74
N ALA A 525 -20.37 -45.59 138.30
CA ALA A 525 -18.94 -45.78 138.14
C ALA A 525 -18.42 -46.52 139.33
N ALA A 526 -18.17 -45.84 140.46
CA ALA A 526 -17.73 -46.49 141.70
C ALA A 526 -18.93 -47.14 142.36
N GLU A 527 -20.16 -46.70 141.97
CA GLU A 527 -21.42 -47.21 142.51
C GLU A 527 -21.86 -48.47 141.76
N ARG A 528 -20.92 -49.19 141.11
CA ARG A 528 -21.15 -50.40 140.35
C ARG A 528 -20.50 -51.56 141.05
N ARG A 529 -21.00 -52.77 140.79
CA ARG A 529 -20.44 -53.97 141.38
C ARG A 529 -19.03 -54.20 140.88
N THR A 530 -18.14 -54.60 141.81
CA THR A 530 -16.71 -54.89 141.58
C THR A 530 -16.48 -56.31 142.02
N ALA A 531 -15.42 -56.93 141.49
CA ALA A 531 -15.06 -58.29 141.83
C ALA A 531 -13.63 -58.57 141.44
N VAL A 532 -13.14 -59.74 141.81
CA VAL A 532 -11.81 -60.23 141.45
C VAL A 532 -12.02 -61.56 140.81
N ALA A 533 -11.43 -61.78 139.62
CA ALA A 533 -11.63 -63.02 138.90
C ALA A 533 -10.32 -63.58 138.39
N ASP A 534 -10.28 -64.91 138.22
CA ASP A 534 -9.12 -65.62 137.71
C ASP A 534 -8.94 -65.30 136.22
N ASN A 535 -7.72 -65.42 135.73
CA ASN A 535 -7.43 -65.11 134.33
C ASN A 535 -7.50 -66.36 133.47
N ALA A 536 -7.19 -67.53 134.05
CA ALA A 536 -7.24 -68.80 133.33
C ALA A 536 -8.69 -69.31 133.21
N SER A 537 -9.46 -69.10 134.28
CA SER A 537 -10.87 -69.46 134.38
C SER A 537 -11.66 -68.18 134.51
N GLU A 538 -13.01 -68.24 134.51
CA GLU A 538 -13.93 -67.09 134.70
C GLU A 538 -13.83 -66.03 133.60
N GLY A 539 -14.98 -65.58 133.12
CA GLY A 539 -15.06 -64.64 132.00
C GLY A 539 -14.69 -63.18 132.24
N MET A 540 -13.64 -62.66 131.53
CA MET A 540 -13.21 -61.25 131.61
C MET A 540 -12.92 -60.62 130.23
N ARG A 541 -13.73 -59.61 129.86
CA ARG A 541 -13.65 -58.84 128.60
C ARG A 541 -13.07 -57.44 128.92
N LEU A 542 -12.63 -56.70 127.91
CA LEU A 542 -12.06 -55.36 128.04
C LEU A 542 -12.84 -54.36 127.16
N VAL A 543 -13.39 -53.28 127.74
CA VAL A 543 -14.20 -52.33 126.97
C VAL A 543 -14.27 -50.94 127.60
N VAL A 544 -14.54 -49.88 126.79
CA VAL A 544 -14.68 -48.50 127.29
C VAL A 544 -16.13 -48.22 127.67
N ARG A 545 -16.37 -47.72 128.91
CA ARG A 545 -17.72 -47.42 129.40
C ARG A 545 -18.32 -46.22 128.60
N ASN A 546 -17.48 -45.21 128.28
CA ASN A 546 -17.90 -44.07 127.46
C ASN A 546 -16.74 -43.70 126.49
N PRO A 547 -16.89 -43.95 125.16
CA PRO A 547 -15.78 -43.67 124.23
C PRO A 547 -15.40 -42.19 124.16
N GLY A 548 -14.12 -41.96 123.87
CA GLY A 548 -13.53 -40.64 123.85
C GLY A 548 -12.49 -40.54 124.95
N ASP A 549 -12.80 -41.11 126.15
CA ASP A 549 -11.91 -41.14 127.30
C ASP A 549 -11.25 -42.53 127.39
N LEU A 550 -9.90 -42.61 127.23
CA LEU A 550 -9.19 -43.90 127.33
C LEU A 550 -8.96 -44.29 128.77
N GLU A 551 -9.05 -43.33 129.69
CA GLU A 551 -8.97 -43.63 131.11
C GLU A 551 -10.21 -44.45 131.51
N SER A 552 -11.32 -44.31 130.73
CA SER A 552 -12.56 -45.08 130.91
C SER A 552 -12.45 -46.54 130.41
N MET A 553 -11.26 -46.99 129.98
CA MET A 553 -11.08 -48.36 129.51
C MET A 553 -11.09 -49.26 130.70
N GLU A 554 -12.10 -50.10 130.77
CA GLU A 554 -12.34 -51.00 131.87
C GLU A 554 -12.26 -52.44 131.47
N LEU A 555 -11.95 -53.28 132.46
CA LEU A 555 -12.01 -54.72 132.33
C LEU A 555 -13.33 -55.08 132.95
N VAL A 556 -14.11 -55.89 132.28
CA VAL A 556 -15.46 -56.22 132.70
C VAL A 556 -15.63 -57.70 132.71
N THR A 557 -16.53 -58.21 133.53
CA THR A 557 -16.77 -59.64 133.57
C THR A 557 -18.05 -59.96 132.87
N PHE A 558 -18.08 -61.18 132.30
CA PHE A 558 -19.21 -61.71 131.54
C PHE A 558 -19.50 -63.16 131.94
N GLU A 559 -20.73 -63.61 131.64
CA GLU A 559 -21.12 -64.97 131.92
C GLU A 559 -20.62 -65.87 130.77
N ARG A 560 -19.57 -66.67 131.07
CA ARG A 560 -18.96 -67.66 130.18
C ARG A 560 -19.95 -68.87 130.04
N GLY A 561 -20.72 -68.88 128.95
CA GLY A 561 -21.74 -69.90 128.73
C GLY A 561 -21.39 -71.00 127.76
N THR A 562 -22.25 -72.04 127.72
CA THR A 562 -22.06 -73.15 126.80
C THR A 562 -22.26 -72.67 125.37
N PRO A 563 -21.40 -73.07 124.43
CA PRO A 563 -21.59 -72.62 123.06
C PRO A 563 -22.64 -73.46 122.37
N GLY A 564 -22.91 -73.07 121.15
CA GLY A 564 -23.81 -73.75 120.26
C GLY A 564 -25.10 -73.00 120.07
N PRO A 565 -25.90 -73.40 119.08
CA PRO A 565 -25.65 -74.47 118.09
C PRO A 565 -24.82 -73.91 116.95
N GLY A 566 -23.87 -74.69 116.47
CA GLY A 566 -23.02 -74.23 115.38
C GLY A 566 -22.10 -73.08 115.76
N GLN A 567 -21.59 -73.13 117.01
CA GLN A 567 -20.64 -72.15 117.54
C GLN A 567 -19.60 -72.88 118.37
N ILE A 568 -18.59 -72.11 118.82
CA ILE A 568 -17.45 -72.60 119.57
C ILE A 568 -17.04 -71.55 120.59
N GLU A 569 -16.50 -71.99 121.74
CA GLU A 569 -15.88 -71.11 122.74
C GLU A 569 -14.38 -71.35 122.64
N VAL A 570 -13.64 -70.32 122.26
CA VAL A 570 -12.20 -70.41 122.08
C VAL A 570 -11.55 -69.76 123.26
N ALA A 571 -10.50 -70.37 123.77
CA ALA A 571 -9.70 -69.78 124.84
C ALA A 571 -8.65 -68.96 124.16
N VAL A 572 -8.74 -67.62 124.24
CA VAL A 572 -7.84 -66.71 123.52
C VAL A 572 -6.45 -66.68 124.13
N LYS A 573 -5.42 -66.79 123.27
CA LYS A 573 -4.03 -66.65 123.70
C LYS A 573 -3.51 -65.28 123.25
N ALA A 574 -4.06 -64.73 122.14
CA ALA A 574 -3.66 -63.42 121.67
C ALA A 574 -4.60 -62.84 120.60
N SER A 575 -4.99 -61.56 120.76
CA SER A 575 -5.82 -60.81 119.80
C SER A 575 -5.04 -59.60 119.24
N SER A 576 -5.63 -58.91 118.26
CA SER A 576 -4.99 -57.79 117.61
C SER A 576 -5.63 -56.48 117.98
N ILE A 577 -4.89 -55.40 117.65
CA ILE A 577 -5.29 -54.01 117.79
C ILE A 577 -5.23 -53.43 116.37
N ASN A 578 -6.40 -53.38 115.69
CA ASN A 578 -6.53 -52.84 114.32
C ASN A 578 -6.84 -51.36 114.44
N PHE A 579 -6.81 -50.59 113.34
CA PHE A 579 -7.09 -49.15 113.46
C PHE A 579 -8.59 -48.95 113.76
N ALA A 580 -9.42 -49.94 113.38
CA ALA A 580 -10.83 -49.98 113.73
C ALA A 580 -11.03 -49.83 115.23
N ASP A 581 -10.28 -50.68 115.99
CA ASP A 581 -10.31 -50.79 117.45
C ASP A 581 -9.91 -49.49 118.11
N VAL A 582 -9.12 -48.64 117.43
CA VAL A 582 -8.73 -47.32 117.94
C VAL A 582 -9.91 -46.36 117.87
N LEU A 583 -10.59 -46.30 116.72
CA LEU A 583 -11.71 -45.40 116.53
C LEU A 583 -12.79 -45.66 117.51
N VAL A 584 -13.11 -46.95 117.69
CA VAL A 584 -14.12 -47.42 118.62
C VAL A 584 -13.87 -46.80 119.96
N ALA A 585 -12.60 -46.81 120.42
CA ALA A 585 -12.17 -46.19 121.69
C ALA A 585 -12.56 -44.73 121.75
N PHE A 586 -12.38 -44.02 120.66
CA PHE A 586 -12.71 -42.61 120.55
C PHE A 586 -14.16 -42.33 120.09
N GLY A 587 -15.00 -43.36 119.88
CA GLY A 587 -16.36 -43.16 119.39
C GLY A 587 -16.46 -42.83 117.91
N ARG A 588 -15.31 -42.68 117.23
CA ARG A 588 -15.21 -42.31 115.83
C ARG A 588 -15.47 -43.51 114.85
N CYS A 589 -15.92 -44.68 115.32
CA CYS A 589 -16.01 -45.81 114.41
C CYS A 589 -17.33 -45.85 113.65
N PRO A 590 -17.28 -45.92 112.28
CA PRO A 590 -18.51 -46.13 111.51
C PRO A 590 -18.88 -47.63 111.42
N SER A 591 -20.20 -47.89 111.45
CA SER A 591 -20.78 -49.22 111.38
C SER A 591 -22.17 -49.18 110.70
N PHE A 592 -22.41 -50.16 109.82
CA PHE A 592 -23.66 -50.34 109.03
C PHE A 592 -24.80 -50.69 109.93
N ASP A 593 -24.45 -51.41 110.97
CA ASP A 593 -25.28 -51.82 112.09
C ASP A 593 -25.90 -50.60 112.79
N GLY A 594 -25.06 -49.59 113.02
CA GLY A 594 -25.42 -48.38 113.74
C GLY A 594 -24.85 -48.42 115.13
N ARG A 595 -24.85 -49.62 115.71
CA ARG A 595 -24.36 -49.94 117.04
C ARG A 595 -22.84 -49.94 116.99
N LEU A 596 -22.19 -49.25 117.97
CA LEU A 596 -20.73 -49.12 118.00
C LEU A 596 -20.13 -50.48 118.31
N PRO A 597 -19.29 -51.03 117.41
CA PRO A 597 -18.78 -52.38 117.64
C PRO A 597 -17.95 -52.56 118.90
N GLU A 598 -17.79 -53.83 119.29
CA GLU A 598 -17.05 -54.21 120.50
C GLU A 598 -15.57 -54.48 120.11
N LEU A 599 -14.66 -54.01 121.00
CA LEU A 599 -13.20 -54.00 120.84
C LEU A 599 -12.55 -55.35 120.58
N GLY A 600 -11.74 -55.39 119.52
CA GLY A 600 -10.99 -56.56 119.10
C GLY A 600 -11.78 -57.31 118.06
N SER A 601 -11.21 -57.48 116.86
CA SER A 601 -11.92 -58.17 115.79
C SER A 601 -11.52 -59.63 115.70
N GLU A 602 -10.22 -59.87 115.50
CA GLU A 602 -9.63 -61.22 115.32
C GLU A 602 -8.99 -61.74 116.60
N PHE A 603 -8.68 -63.05 116.60
CA PHE A 603 -8.07 -63.75 117.74
C PHE A 603 -7.19 -64.94 117.29
N GLY A 604 -6.44 -65.45 118.25
CA GLY A 604 -5.60 -66.63 118.12
C GLY A 604 -5.68 -67.38 119.42
N GLY A 605 -6.35 -68.52 119.38
CA GLY A 605 -6.57 -69.31 120.58
C GLY A 605 -6.71 -70.79 120.35
N VAL A 606 -7.37 -71.47 121.30
CA VAL A 606 -7.58 -72.91 121.26
C VAL A 606 -9.00 -73.22 121.64
N VAL A 607 -9.59 -74.24 121.01
CA VAL A 607 -10.98 -74.58 121.26
C VAL A 607 -11.15 -75.15 122.65
N THR A 608 -12.18 -74.68 123.39
CA THR A 608 -12.49 -75.19 124.73
C THR A 608 -13.69 -76.12 124.68
N ALA A 609 -14.78 -75.66 124.06
CA ALA A 609 -16.00 -76.44 123.95
C ALA A 609 -16.64 -76.24 122.60
N VAL A 610 -17.01 -77.33 121.94
CA VAL A 610 -17.65 -77.32 120.64
C VAL A 610 -19.16 -77.48 120.85
N GLY A 611 -19.95 -76.54 120.34
CA GLY A 611 -21.40 -76.54 120.50
C GLY A 611 -22.12 -77.57 119.65
N PRO A 612 -23.26 -78.08 120.14
CA PRO A 612 -24.03 -79.07 119.38
C PRO A 612 -24.65 -78.47 118.10
N GLY A 613 -24.30 -78.94 116.91
CA GLY A 613 -23.37 -80.03 116.65
C GLY A 613 -22.61 -79.75 115.38
N VAL A 614 -21.27 -79.72 115.45
CA VAL A 614 -20.43 -79.41 114.30
C VAL A 614 -19.32 -80.45 114.16
N THR A 615 -19.10 -80.90 112.91
CA THR A 615 -18.12 -81.91 112.52
C THR A 615 -16.74 -81.33 112.24
N THR A 616 -16.68 -80.09 111.76
CA THR A 616 -15.42 -79.42 111.41
C THR A 616 -14.50 -79.19 112.61
N HIS A 617 -14.98 -78.42 113.60
CA HIS A 617 -14.21 -78.09 114.80
C HIS A 617 -14.26 -79.20 115.85
N ARG A 618 -13.15 -79.37 116.55
CA ARG A 618 -12.97 -80.34 117.63
C ARG A 618 -12.32 -79.60 118.81
N VAL A 619 -12.42 -80.15 120.03
CA VAL A 619 -11.84 -79.53 121.22
C VAL A 619 -10.33 -79.75 121.23
N GLY A 620 -9.60 -78.77 121.75
CA GLY A 620 -8.15 -78.81 121.81
C GLY A 620 -7.44 -78.41 120.53
N ASP A 621 -8.19 -78.00 119.48
CA ASP A 621 -7.60 -77.62 118.20
C ASP A 621 -7.15 -76.20 118.29
N ARG A 622 -5.96 -75.91 117.78
CA ARG A 622 -5.42 -74.55 117.71
C ARG A 622 -6.09 -73.86 116.50
N VAL A 623 -6.84 -72.78 116.76
CA VAL A 623 -7.60 -72.06 115.73
C VAL A 623 -7.37 -70.57 115.79
N GLY A 624 -7.75 -69.91 114.71
CA GLY A 624 -7.71 -68.46 114.56
C GLY A 624 -8.99 -68.02 113.89
N GLY A 625 -9.54 -66.92 114.34
CA GLY A 625 -10.81 -66.45 113.79
C GLY A 625 -11.16 -65.01 114.05
N VAL A 626 -12.43 -64.68 113.78
CA VAL A 626 -13.03 -63.38 113.94
C VAL A 626 -14.37 -63.59 114.64
N SER A 627 -14.92 -62.55 115.27
CA SER A 627 -16.21 -62.71 115.96
C SER A 627 -16.98 -61.44 116.24
N ALA A 628 -16.26 -60.39 116.73
CA ALA A 628 -16.78 -59.15 117.30
C ALA A 628 -16.98 -59.54 118.76
N ASN A 629 -18.10 -59.19 119.42
CA ASN A 629 -18.40 -59.64 120.80
C ASN A 629 -17.21 -59.48 121.81
N GLY A 630 -16.22 -58.65 121.47
CA GLY A 630 -15.04 -58.43 122.30
C GLY A 630 -14.09 -59.60 122.30
N CYS A 631 -13.03 -59.49 121.50
CA CYS A 631 -12.01 -60.53 121.43
C CYS A 631 -10.80 -60.21 122.34
N TRP A 632 -10.79 -59.06 123.07
CA TRP A 632 -9.75 -58.72 124.06
C TRP A 632 -10.20 -59.29 125.37
N SER A 633 -10.22 -60.61 125.43
CA SER A 633 -10.71 -61.35 126.58
C SER A 633 -10.01 -62.66 126.68
N ASN A 634 -10.29 -63.40 127.74
CA ASN A 634 -9.71 -64.72 127.91
C ASN A 634 -10.49 -65.74 127.10
N PHE A 635 -11.81 -65.53 126.94
CA PHE A 635 -12.65 -66.48 126.21
C PHE A 635 -13.62 -65.80 125.26
N VAL A 636 -13.67 -66.29 124.02
CA VAL A 636 -14.52 -65.74 122.97
C VAL A 636 -15.35 -66.81 122.35
N THR A 637 -16.65 -66.57 122.26
CA THR A 637 -17.54 -67.44 121.55
C THR A 637 -17.64 -66.88 120.15
N CYS A 638 -17.31 -67.71 119.14
CA CYS A 638 -17.37 -67.37 117.71
C CYS A 638 -18.16 -68.43 117.00
N GLU A 639 -18.62 -68.14 115.80
CA GLU A 639 -19.36 -69.14 115.06
C GLU A 639 -18.39 -70.16 114.46
N ALA A 640 -18.90 -71.32 114.06
CA ALA A 640 -18.12 -72.35 113.37
C ALA A 640 -17.60 -71.82 112.03
N ASP A 641 -18.49 -71.04 111.32
CA ASP A 641 -18.21 -70.34 110.06
C ASP A 641 -16.96 -69.46 110.20
N LEU A 642 -16.78 -68.76 111.35
CA LEU A 642 -15.69 -67.79 111.55
C LEU A 642 -14.39 -68.27 112.20
N ALA A 643 -14.14 -69.54 112.30
CA ALA A 643 -12.86 -69.97 112.83
C ALA A 643 -12.27 -71.00 111.92
N THR A 644 -10.94 -71.09 111.88
CA THR A 644 -10.24 -72.06 111.04
C THR A 644 -8.98 -72.54 111.78
N LYS A 645 -8.69 -73.85 111.67
CA LYS A 645 -7.51 -74.45 112.32
C LYS A 645 -6.25 -73.88 111.69
N LEU A 646 -5.26 -73.60 112.56
CA LEU A 646 -4.00 -73.00 112.15
C LEU A 646 -3.03 -74.04 111.64
N PRO A 647 -2.24 -73.74 110.59
CA PRO A 647 -1.21 -74.70 110.15
C PRO A 647 -0.06 -74.77 111.14
N GLU A 648 0.77 -75.81 111.01
CA GLU A 648 1.92 -76.03 111.89
C GLU A 648 2.88 -74.82 111.87
N GLY A 649 2.96 -74.09 110.75
CA GLY A 649 3.84 -72.94 110.60
C GLY A 649 3.59 -71.71 111.46
N ILE A 650 2.29 -71.41 111.83
CA ILE A 650 1.99 -70.22 112.68
C ILE A 650 1.28 -70.55 113.97
N SER A 651 1.55 -69.66 114.95
CA SER A 651 1.04 -69.68 116.31
C SER A 651 -0.13 -68.80 116.48
N GLU A 652 -0.73 -68.94 117.66
CA GLU A 652 -1.87 -68.15 118.11
C GLU A 652 -1.50 -66.64 118.10
N HIS A 653 -0.30 -66.26 118.57
CA HIS A 653 0.14 -64.86 118.53
C HIS A 653 0.47 -64.41 117.10
N GLU A 654 0.99 -65.29 116.21
CA GLU A 654 1.30 -64.91 114.82
C GLU A 654 0.01 -64.79 113.99
N ALA A 655 -0.98 -65.66 114.22
CA ALA A 655 -2.29 -65.62 113.52
C ALA A 655 -3.16 -64.42 113.95
N ALA A 656 -2.90 -63.88 115.16
CA ALA A 656 -3.65 -62.74 115.69
C ALA A 656 -3.33 -61.51 114.90
N ALA A 657 -2.06 -61.25 114.57
CA ALA A 657 -1.70 -60.05 113.83
C ALA A 657 -2.12 -60.13 112.38
N VAL A 658 -1.71 -61.21 111.72
CA VAL A 658 -1.89 -61.46 110.28
C VAL A 658 -3.37 -61.39 109.74
N GLY A 659 -4.28 -62.15 110.36
CA GLY A 659 -5.68 -62.32 109.95
C GLY A 659 -6.41 -61.28 109.10
N LEU A 660 -6.73 -60.11 109.69
CA LEU A 660 -7.52 -59.07 109.03
C LEU A 660 -6.70 -58.19 108.11
N ALA A 661 -5.46 -57.86 108.50
CA ALA A 661 -4.60 -57.06 107.65
C ALA A 661 -4.35 -57.77 106.34
N TYR A 662 -3.70 -58.94 106.41
CA TYR A 662 -3.40 -59.74 105.22
C TYR A 662 -4.67 -60.14 104.52
N GLY A 663 -5.73 -60.40 105.26
CA GLY A 663 -7.03 -60.69 104.67
C GLY A 663 -7.46 -59.53 103.79
N THR A 664 -7.71 -58.36 104.41
CA THR A 664 -8.14 -57.13 103.73
C THR A 664 -7.29 -56.90 102.47
N VAL A 665 -5.96 -57.14 102.55
CA VAL A 665 -5.00 -56.95 101.45
C VAL A 665 -5.18 -58.05 100.40
N TRP A 666 -5.28 -59.30 100.85
CA TRP A 666 -5.41 -60.41 99.94
C TRP A 666 -6.65 -60.23 99.11
N LEU A 667 -7.74 -60.03 99.79
CA LEU A 667 -8.99 -59.77 99.14
C LEU A 667 -8.81 -58.63 98.17
N GLY A 668 -8.36 -57.50 98.67
CA GLY A 668 -8.20 -56.29 97.87
C GLY A 668 -7.36 -56.39 96.62
N LEU A 669 -6.09 -56.72 96.78
CA LEU A 669 -5.16 -56.65 95.68
C LEU A 669 -5.18 -57.87 94.78
N THR A 670 -5.15 -59.07 95.34
CA THR A 670 -5.09 -60.25 94.48
C THR A 670 -6.43 -60.76 94.08
N GLU A 671 -7.42 -60.62 94.93
CA GLU A 671 -8.72 -61.23 94.68
C GLU A 671 -9.65 -60.31 93.83
N LEU A 672 -9.73 -59.00 94.18
CA LEU A 672 -10.61 -58.02 93.52
C LEU A 672 -9.91 -57.31 92.39
N ALA A 673 -8.76 -56.71 92.72
CA ALA A 673 -8.00 -55.92 91.77
C ALA A 673 -7.15 -56.78 90.90
N ARG A 674 -6.96 -58.07 91.27
CA ARG A 674 -6.16 -59.00 90.49
C ARG A 674 -4.82 -58.36 90.15
N MET A 675 -3.98 -58.26 91.18
CA MET A 675 -2.71 -57.61 91.04
C MET A 675 -1.78 -58.43 90.22
N SER A 676 -1.40 -57.85 89.10
CA SER A 676 -0.47 -58.44 88.16
C SER A 676 0.93 -58.04 88.56
N ALA A 677 1.92 -58.61 87.91
CA ALA A 677 3.30 -58.21 88.13
C ALA A 677 3.59 -56.96 87.34
N GLY A 678 4.55 -56.18 87.82
CA GLY A 678 4.98 -54.95 87.15
C GLY A 678 4.06 -53.75 87.24
N ASP A 679 2.73 -53.96 87.37
CA ASP A 679 1.80 -52.84 87.46
C ASP A 679 2.06 -52.04 88.76
N LYS A 680 1.89 -50.73 88.66
CA LYS A 680 2.25 -49.79 89.72
C LYS A 680 1.15 -49.71 90.76
N ILE A 681 1.48 -49.97 92.05
CA ILE A 681 0.48 -49.91 93.12
C ILE A 681 0.80 -48.80 94.13
N LEU A 682 -0.24 -48.07 94.53
CA LEU A 682 -0.14 -47.03 95.55
C LEU A 682 -0.69 -47.57 96.89
N ILE A 683 0.07 -47.45 97.95
CA ILE A 683 -0.28 -47.96 99.26
C ILE A 683 -0.26 -46.82 100.23
N HIS A 684 -1.40 -46.32 100.63
CA HIS A 684 -1.38 -45.22 101.59
C HIS A 684 -1.03 -45.73 103.01
N SER A 685 -0.18 -44.95 103.76
CA SER A 685 0.29 -45.25 105.12
C SER A 685 0.85 -46.68 105.19
N ALA A 686 1.98 -46.90 104.49
CA ALA A 686 2.53 -48.24 104.36
C ALA A 686 3.44 -48.69 105.54
N THR A 687 3.62 -47.87 106.61
CA THR A 687 4.35 -48.32 107.82
C THR A 687 3.40 -48.94 108.82
N GLY A 688 2.10 -48.91 108.53
CA GLY A 688 1.07 -49.52 109.37
C GLY A 688 0.96 -51.03 109.21
N GLY A 689 -0.12 -51.62 109.71
CA GLY A 689 -0.32 -53.06 109.61
C GLY A 689 -0.67 -53.51 108.22
N VAL A 690 -1.84 -53.06 107.73
CA VAL A 690 -2.35 -53.37 106.39
C VAL A 690 -1.35 -52.91 105.32
N GLY A 691 -0.63 -51.82 105.60
CA GLY A 691 0.39 -51.27 104.73
C GLY A 691 1.58 -52.18 104.56
N GLN A 692 2.08 -52.77 105.66
CA GLN A 692 3.20 -53.72 105.59
C GLN A 692 2.74 -54.94 104.82
N ALA A 693 1.53 -55.45 105.15
CA ALA A 693 0.92 -56.58 104.47
C ALA A 693 0.77 -56.30 102.95
N ALA A 694 0.41 -55.04 102.60
CA ALA A 694 0.28 -54.62 101.21
C ALA A 694 1.60 -54.73 100.53
N ILE A 695 2.65 -54.14 101.13
CA ILE A 695 4.01 -54.18 100.59
C ILE A 695 4.42 -55.63 100.35
N ALA A 696 4.07 -56.55 101.26
CA ALA A 696 4.40 -57.97 101.13
C ALA A 696 3.82 -58.61 99.88
N VAL A 697 2.52 -58.44 99.66
CA VAL A 697 1.88 -59.13 98.53
C VAL A 697 2.25 -58.40 97.24
N ALA A 698 2.35 -57.06 97.29
CA ALA A 698 2.76 -56.27 96.14
C ALA A 698 4.16 -56.65 95.77
N ARG A 699 5.00 -56.98 96.76
CA ARG A 699 6.35 -57.45 96.49
C ARG A 699 6.28 -58.85 95.91
N ALA A 700 5.50 -59.75 96.51
CA ALA A 700 5.40 -61.13 95.98
C ALA A 700 4.99 -61.09 94.54
N ALA A 701 3.96 -60.29 94.30
CA ALA A 701 3.39 -60.06 92.98
C ALA A 701 4.36 -59.37 91.99
N GLY A 702 5.28 -58.57 92.49
CA GLY A 702 6.26 -57.85 91.68
C GLY A 702 5.82 -56.45 91.32
N ALA A 703 4.73 -55.99 91.93
CA ALA A 703 4.19 -54.68 91.63
C ALA A 703 5.12 -53.56 92.13
N GLU A 704 5.23 -52.49 91.31
CA GLU A 704 6.08 -51.33 91.60
C GLU A 704 5.35 -50.48 92.64
N ILE A 705 5.93 -50.40 93.85
CA ILE A 705 5.29 -49.74 94.98
C ILE A 705 5.59 -48.26 95.03
N TYR A 706 4.53 -47.53 95.33
CA TYR A 706 4.49 -46.09 95.54
C TYR A 706 3.81 -45.92 96.86
N ALA A 707 4.50 -45.48 97.92
CA ALA A 707 3.87 -45.45 99.24
C ALA A 707 3.85 -44.08 99.88
N THR A 708 3.02 -43.92 100.92
CA THR A 708 2.93 -42.66 101.67
C THR A 708 3.01 -42.90 103.17
N ALA A 709 3.23 -41.79 103.89
CA ALA A 709 3.28 -41.77 105.34
C ALA A 709 3.23 -40.32 105.76
N GLY A 710 2.70 -40.10 106.95
CA GLY A 710 2.50 -38.77 107.49
C GLY A 710 3.74 -38.22 108.15
N SER A 711 4.42 -39.11 108.90
CA SER A 711 5.62 -38.82 109.68
C SER A 711 6.91 -38.93 108.84
N GLU A 712 7.86 -37.95 108.93
CA GLU A 712 9.12 -38.04 108.16
C GLU A 712 9.97 -39.20 108.64
N LYS A 713 9.88 -39.54 109.91
CA LYS A 713 10.56 -40.72 110.44
C LYS A 713 10.00 -41.96 109.74
N ARG A 714 8.67 -42.04 109.59
CA ARG A 714 7.97 -43.17 108.98
C ARG A 714 8.15 -43.16 107.46
N ARG A 715 8.51 -42.02 106.86
CA ARG A 715 8.78 -41.96 105.42
C ARG A 715 10.18 -42.47 105.17
N GLN A 716 11.17 -42.02 105.99
CA GLN A 716 12.57 -42.48 105.86
C GLN A 716 12.63 -43.96 106.23
N LEU A 717 11.67 -44.44 107.00
CA LEU A 717 11.55 -45.83 107.32
C LEU A 717 11.21 -46.60 106.07
N LEU A 718 10.29 -46.09 105.21
CA LEU A 718 9.97 -46.74 103.93
C LEU A 718 11.17 -46.69 102.95
N ARG A 719 12.01 -45.64 103.01
CA ARG A 719 13.21 -45.56 102.16
C ARG A 719 14.20 -46.64 102.62
N ASP A 720 14.29 -46.86 103.96
CA ASP A 720 15.15 -47.87 104.57
C ASP A 720 14.67 -49.31 104.26
N TRP A 721 13.38 -49.47 103.93
CA TRP A 721 12.81 -50.76 103.51
C TRP A 721 13.02 -51.00 102.02
N GLY A 722 13.85 -50.18 101.36
CA GLY A 722 14.15 -50.35 99.96
C GLY A 722 13.03 -50.02 99.02
N ILE A 723 12.19 -49.04 99.40
CA ILE A 723 11.08 -48.60 98.57
C ILE A 723 11.32 -47.10 98.29
N GLU A 724 11.62 -46.76 97.01
CA GLU A 724 11.69 -45.37 96.55
C GLU A 724 10.28 -45.00 96.17
N HIS A 725 9.98 -43.70 96.03
CA HIS A 725 8.62 -43.23 95.71
C HIS A 725 7.81 -43.21 97.01
N VAL A 726 8.28 -42.42 98.00
CA VAL A 726 7.61 -42.22 99.28
C VAL A 726 7.13 -40.75 99.29
N TYR A 727 5.83 -40.50 99.58
CA TYR A 727 5.22 -39.15 99.60
C TYR A 727 4.44 -38.88 100.91
N ASP A 728 3.94 -37.63 101.12
CA ASP A 728 3.22 -37.30 102.37
C ASP A 728 1.78 -37.76 102.23
N SER A 729 1.23 -38.50 103.22
CA SER A 729 -0.17 -39.01 103.15
C SER A 729 -1.22 -37.94 103.50
N ARG A 730 -0.74 -36.89 104.22
CA ARG A 730 -1.54 -35.76 104.70
C ARG A 730 -1.64 -34.62 103.65
N THR A 731 -1.47 -34.91 102.36
CA THR A 731 -1.55 -33.94 101.28
C THR A 731 -2.21 -34.56 100.05
N THR A 732 -2.34 -33.75 99.01
CA THR A 732 -2.83 -34.14 97.71
C THR A 732 -1.67 -33.91 96.73
N ALA A 733 -0.43 -33.88 97.29
CA ALA A 733 0.78 -33.64 96.54
C ALA A 733 1.19 -34.88 95.90
N PHE A 734 1.10 -36.00 96.64
CA PHE A 734 1.44 -37.32 96.14
C PHE A 734 0.94 -37.55 94.71
N ALA A 735 -0.28 -37.08 94.36
CA ALA A 735 -0.88 -37.23 93.02
C ALA A 735 0.03 -36.71 91.93
N ASP A 736 0.36 -35.42 91.98
CA ASP A 736 1.21 -34.80 90.98
C ASP A 736 2.68 -35.16 91.15
N GLN A 737 3.11 -35.57 92.35
CA GLN A 737 4.48 -36.04 92.55
C GLN A 737 4.62 -37.39 91.84
N ILE A 738 3.67 -38.32 92.06
CA ILE A 738 3.68 -39.64 91.41
C ILE A 738 3.50 -39.50 89.92
N ARG A 739 2.62 -38.58 89.47
CA ARG A 739 2.39 -38.38 88.02
C ARG A 739 3.72 -38.01 87.33
N THR A 740 4.53 -37.14 87.96
CA THR A 740 5.85 -36.77 87.44
C THR A 740 6.82 -37.94 87.55
N ASP A 741 6.82 -38.63 88.70
CA ASP A 741 7.68 -39.79 88.93
C ASP A 741 7.26 -41.04 88.09
N THR A 742 6.19 -40.95 87.25
CA THR A 742 5.76 -42.02 86.33
C THR A 742 5.59 -41.50 84.89
N ASP A 743 6.20 -40.34 84.56
CA ASP A 743 6.10 -39.69 83.25
C ASP A 743 4.62 -39.58 82.77
N GLY A 744 3.79 -39.08 83.66
CA GLY A 744 2.38 -38.83 83.43
C GLY A 744 1.50 -40.03 83.31
N TYR A 745 1.98 -41.23 83.69
CA TYR A 745 1.18 -42.46 83.57
C TYR A 745 0.26 -42.71 84.76
N GLY A 746 0.74 -42.36 85.96
CA GLY A 746 0.00 -42.61 87.20
C GLY A 746 0.17 -44.04 87.64
N VAL A 747 -0.71 -44.50 88.53
CA VAL A 747 -0.60 -45.87 89.03
C VAL A 747 -1.62 -46.72 88.25
N ASP A 748 -1.81 -47.97 88.74
CA ASP A 748 -2.73 -48.98 88.26
C ASP A 748 -3.71 -49.38 89.35
N ILE A 749 -3.22 -49.65 90.58
CA ILE A 749 -4.03 -49.99 91.75
C ILE A 749 -3.80 -48.96 92.82
N VAL A 750 -4.83 -48.66 93.65
CA VAL A 750 -4.72 -47.72 94.77
C VAL A 750 -5.39 -48.36 95.95
N LEU A 751 -4.63 -48.73 96.97
CA LEU A 751 -5.19 -49.23 98.23
C LEU A 751 -5.48 -47.99 99.15
N ASN A 752 -6.71 -47.44 99.05
CA ASN A 752 -7.08 -46.18 99.66
C ASN A 752 -7.61 -46.21 101.06
N SER A 753 -6.70 -46.02 101.99
CA SER A 753 -7.07 -45.84 103.40
C SER A 753 -7.46 -44.33 103.66
N VAL A 754 -6.87 -43.40 102.86
CA VAL A 754 -6.98 -41.96 103.00
C VAL A 754 -8.36 -41.42 102.55
N THR A 755 -8.67 -40.17 102.95
CA THR A 755 -9.99 -39.54 102.78
C THR A 755 -10.09 -38.19 102.03
N GLY A 756 -11.31 -37.95 101.56
CA GLY A 756 -11.71 -36.73 100.89
C GLY A 756 -10.89 -36.32 99.69
N PRO A 757 -10.27 -35.14 99.71
CA PRO A 757 -9.49 -34.71 98.56
C PRO A 757 -8.40 -35.69 98.19
N ALA A 758 -7.86 -36.37 99.19
CA ALA A 758 -6.82 -37.37 98.99
C ALA A 758 -7.43 -38.69 98.47
N GLN A 759 -8.73 -38.89 98.71
CA GLN A 759 -9.44 -40.08 98.20
C GLN A 759 -9.74 -39.80 96.72
N ARG A 760 -10.25 -38.61 96.41
CA ARG A 760 -10.54 -38.24 95.04
C ARG A 760 -9.27 -38.16 94.22
N ALA A 761 -8.21 -37.62 94.80
CA ALA A 761 -6.91 -37.48 94.13
C ALA A 761 -6.32 -38.77 93.68
N GLY A 762 -6.58 -39.86 94.39
CA GLY A 762 -6.08 -41.18 94.02
C GLY A 762 -6.77 -41.65 92.75
N LEU A 763 -8.10 -41.54 92.73
CA LEU A 763 -8.91 -41.91 91.57
C LEU A 763 -8.39 -41.20 90.32
N GLU A 764 -8.14 -39.91 90.46
CA GLU A 764 -7.65 -39.08 89.37
C GLU A 764 -6.28 -39.57 88.88
N LEU A 765 -5.47 -40.13 89.79
CA LEU A 765 -4.12 -40.62 89.51
C LEU A 765 -4.12 -41.85 88.62
N LEU A 766 -4.71 -42.97 89.09
CA LEU A 766 -4.66 -44.28 88.41
C LEU A 766 -5.24 -44.20 86.98
N ALA A 767 -4.66 -45.03 86.05
CA ALA A 767 -4.93 -44.92 84.63
C ALA A 767 -5.22 -46.22 83.86
N PHE A 768 -6.37 -46.21 83.16
CA PHE A 768 -6.85 -47.26 82.25
C PHE A 768 -7.05 -48.55 83.03
N GLY A 769 -5.96 -49.23 83.39
CA GLY A 769 -6.04 -50.39 84.27
C GLY A 769 -6.98 -50.07 85.42
N GLY A 770 -6.78 -48.87 85.96
CA GLY A 770 -7.60 -48.26 86.99
C GLY A 770 -8.38 -49.19 87.88
N ARG A 771 -7.85 -49.50 89.05
CA ARG A 771 -8.51 -50.33 90.04
C ARG A 771 -8.39 -49.64 91.40
N PHE A 772 -9.47 -48.98 91.85
CA PHE A 772 -9.49 -48.28 93.13
C PHE A 772 -10.05 -49.16 94.26
N VAL A 773 -9.22 -49.55 95.23
CA VAL A 773 -9.69 -50.37 96.35
C VAL A 773 -9.90 -49.48 97.57
N GLU A 774 -11.18 -49.08 97.86
CA GLU A 774 -11.46 -48.29 99.03
C GLU A 774 -11.78 -49.18 100.20
N ILE A 775 -10.86 -49.18 101.17
CA ILE A 775 -10.95 -49.84 102.47
C ILE A 775 -11.41 -48.78 103.55
N GLY A 776 -11.09 -47.50 103.31
CA GLY A 776 -11.48 -46.36 104.14
C GLY A 776 -12.98 -46.08 104.16
N LYS A 777 -13.62 -46.31 105.35
CA LYS A 777 -15.07 -46.18 105.56
C LYS A 777 -15.58 -44.74 105.66
N ARG A 778 -14.86 -43.87 106.36
CA ARG A 778 -15.26 -42.47 106.58
C ARG A 778 -16.08 -41.88 105.44
N ASP A 779 -15.56 -41.96 104.21
CA ASP A 779 -16.14 -41.33 103.01
C ASP A 779 -17.45 -41.97 102.51
N ILE A 780 -17.56 -43.27 102.64
CA ILE A 780 -18.79 -43.99 102.26
C ILE A 780 -19.88 -43.69 103.27
N TYR A 781 -19.58 -43.74 104.59
CA TYR A 781 -20.59 -43.48 105.60
C TYR A 781 -20.89 -41.96 105.77
N ALA A 782 -20.27 -41.10 104.95
CA ALA A 782 -20.56 -39.66 104.87
C ALA A 782 -21.29 -39.30 103.54
N ASP A 783 -21.51 -40.31 102.65
CA ASP A 783 -22.14 -40.17 101.33
C ASP A 783 -21.38 -39.15 100.52
N THR A 784 -20.04 -39.23 100.52
CA THR A 784 -19.29 -38.24 99.74
C THR A 784 -19.63 -38.56 98.29
N ARG A 785 -20.23 -37.62 97.56
CA ARG A 785 -20.66 -37.88 96.20
C ARG A 785 -19.44 -37.76 95.31
N LEU A 786 -18.91 -38.91 94.90
CA LEU A 786 -17.72 -39.00 94.09
C LEU A 786 -18.08 -38.74 92.69
N GLY A 787 -17.27 -37.92 92.03
CA GLY A 787 -17.47 -37.60 90.61
C GLY A 787 -17.06 -38.76 89.75
N LEU A 788 -17.99 -39.26 88.94
CA LEU A 788 -17.75 -40.41 88.07
C LEU A 788 -16.90 -40.10 86.86
N PHE A 789 -16.66 -38.85 86.51
CA PHE A 789 -15.93 -38.55 85.30
C PHE A 789 -14.64 -39.35 85.04
N PRO A 790 -13.73 -39.55 86.01
CA PRO A 790 -12.50 -40.31 85.75
C PRO A 790 -12.74 -41.76 85.32
N PHE A 791 -13.89 -42.32 85.69
CA PHE A 791 -14.26 -43.66 85.28
C PHE A 791 -14.36 -43.74 83.75
N ARG A 792 -14.10 -42.63 82.99
CA ARG A 792 -14.10 -42.70 81.53
C ARG A 792 -12.98 -43.65 81.00
N ARG A 793 -11.93 -43.93 81.83
CA ARG A 793 -10.82 -44.82 81.48
C ARG A 793 -11.01 -46.25 81.98
N ASN A 794 -12.23 -46.84 81.95
CA ASN A 794 -12.45 -48.22 82.40
C ASN A 794 -11.84 -48.47 83.84
N LEU A 795 -12.29 -47.70 84.82
CA LEU A 795 -11.86 -47.88 86.21
C LEU A 795 -12.75 -48.89 86.91
N SER A 796 -12.47 -49.16 88.17
CA SER A 796 -13.24 -50.13 88.94
C SER A 796 -13.14 -49.76 90.41
N PHE A 797 -14.23 -49.32 91.04
CA PHE A 797 -14.23 -48.90 92.45
C PHE A 797 -14.57 -50.07 93.29
N TYR A 798 -13.83 -50.37 94.34
CA TYR A 798 -14.17 -51.55 95.14
C TYR A 798 -14.29 -51.19 96.62
N ALA A 799 -15.53 -51.19 97.14
CA ALA A 799 -15.75 -50.95 98.54
C ALA A 799 -15.48 -52.23 99.26
N VAL A 800 -14.85 -52.12 100.42
CA VAL A 800 -14.49 -53.27 101.23
C VAL A 800 -14.98 -52.99 102.64
N ASP A 801 -15.62 -54.02 103.23
CA ASP A 801 -16.07 -54.06 104.60
C ASP A 801 -16.11 -55.51 105.07
N LEU A 802 -14.90 -56.04 105.36
CA LEU A 802 -14.65 -57.38 105.92
C LEU A 802 -15.59 -57.63 107.09
N ALA A 803 -15.59 -56.67 108.00
CA ALA A 803 -16.44 -56.67 109.17
C ALA A 803 -17.90 -57.04 108.87
N LEU A 804 -18.47 -56.44 107.84
CA LEU A 804 -19.84 -56.68 107.37
C LEU A 804 -19.95 -58.00 106.70
N MET A 805 -18.89 -58.37 105.93
CA MET A 805 -18.78 -59.67 105.26
C MET A 805 -18.83 -60.80 106.23
N THR A 806 -18.17 -60.62 107.38
CA THR A 806 -18.21 -61.56 108.52
C THR A 806 -19.66 -61.99 108.81
N VAL A 807 -20.61 -61.10 108.55
CA VAL A 807 -22.01 -61.31 108.75
C VAL A 807 -22.69 -61.74 107.49
N THR A 808 -22.43 -61.11 106.33
CA THR A 808 -23.15 -61.46 105.09
C THR A 808 -22.67 -62.72 104.40
N HIS A 809 -21.35 -62.88 104.26
CA HIS A 809 -20.70 -64.02 103.62
C HIS A 809 -19.53 -64.47 104.47
N PRO A 810 -19.82 -65.11 105.62
CA PRO A 810 -18.73 -65.53 106.52
C PRO A 810 -17.89 -66.66 105.95
N GLN A 811 -18.41 -67.43 104.97
CA GLN A 811 -17.62 -68.51 104.36
C GLN A 811 -16.49 -67.94 103.50
N LYS A 812 -16.62 -66.69 103.02
CA LYS A 812 -15.53 -66.03 102.30
C LYS A 812 -14.43 -65.68 103.31
N ILE A 813 -14.83 -65.03 104.42
CA ILE A 813 -13.93 -64.62 105.50
C ILE A 813 -13.24 -65.86 106.06
N ARG A 814 -13.93 -67.01 106.16
CA ARG A 814 -13.27 -68.22 106.66
C ARG A 814 -12.19 -68.66 105.73
N ASP A 815 -12.49 -68.74 104.43
CA ASP A 815 -11.53 -69.18 103.42
C ASP A 815 -10.42 -68.12 103.22
N LEU A 816 -10.73 -66.84 103.49
CA LEU A 816 -9.76 -65.75 103.43
C LEU A 816 -8.77 -65.86 104.61
N LEU A 817 -9.28 -66.02 105.84
CA LEU A 817 -8.39 -66.20 106.98
C LEU A 817 -7.58 -67.43 106.80
N ALA A 818 -8.17 -68.47 106.22
CA ALA A 818 -7.47 -69.74 106.04
C ALA A 818 -6.34 -69.62 105.03
N THR A 819 -6.57 -69.00 103.87
CA THR A 819 -5.50 -68.88 102.89
C THR A 819 -4.37 -67.96 103.43
N VAL A 820 -4.68 -66.86 104.19
CA VAL A 820 -3.62 -65.99 104.72
C VAL A 820 -2.81 -66.68 105.82
N TYR A 821 -3.43 -67.59 106.60
CA TYR A 821 -2.71 -68.38 107.59
C TYR A 821 -1.81 -69.38 106.86
N ARG A 822 -2.24 -69.91 105.71
CA ARG A 822 -1.45 -70.84 104.93
C ARG A 822 -0.29 -70.12 104.28
N LEU A 823 -0.56 -69.06 103.54
CA LEU A 823 0.48 -68.29 102.83
C LEU A 823 1.64 -67.82 103.75
N ILE A 824 1.32 -67.46 105.01
CA ILE A 824 2.32 -66.97 105.96
C ILE A 824 3.05 -68.16 106.65
N ALA A 825 2.33 -69.23 107.01
CA ALA A 825 2.89 -70.42 107.63
C ALA A 825 3.82 -71.14 106.67
N ASP A 826 3.47 -71.15 105.36
CA ASP A 826 4.30 -71.74 104.30
C ASP A 826 5.57 -70.94 104.19
N GLY A 827 5.39 -69.62 104.28
CA GLY A 827 6.45 -68.64 104.14
C GLY A 827 6.42 -67.99 102.78
N THR A 828 5.28 -68.04 102.10
CA THR A 828 5.10 -67.40 100.81
C THR A 828 5.20 -65.90 101.03
N LEU A 829 4.58 -65.42 102.11
CA LEU A 829 4.61 -64.04 102.54
C LEU A 829 5.31 -63.94 103.88
N PRO A 830 6.15 -62.91 104.05
CA PRO A 830 6.81 -62.72 105.36
C PRO A 830 5.92 -61.91 106.27
N LEU A 831 5.89 -62.24 107.56
CA LEU A 831 5.05 -61.50 108.50
C LEU A 831 5.70 -60.14 108.89
N PRO A 832 4.92 -59.17 109.40
CA PRO A 832 5.44 -57.82 109.61
C PRO A 832 5.87 -57.49 111.05
N GLU A 833 6.12 -56.19 111.34
CA GLU A 833 6.51 -55.73 112.67
C GLU A 833 5.43 -56.03 113.67
N ILE A 834 5.66 -57.05 114.50
CA ILE A 834 4.71 -57.43 115.55
C ILE A 834 5.25 -56.97 116.87
N THR A 835 4.51 -56.08 117.53
CA THR A 835 4.85 -55.55 118.83
C THR A 835 3.84 -56.13 119.82
N HIS A 836 4.30 -57.03 120.69
CA HIS A 836 3.42 -57.64 121.67
C HIS A 836 3.20 -56.67 122.82
N TYR A 837 1.99 -56.69 123.40
CA TYR A 837 1.59 -55.87 124.55
C TYR A 837 0.84 -56.71 125.59
N PRO A 838 0.87 -56.33 126.86
CA PRO A 838 0.02 -57.03 127.84
C PRO A 838 -1.38 -56.48 127.79
N LEU A 839 -2.37 -57.31 128.07
CA LEU A 839 -3.77 -56.87 127.99
C LEU A 839 -4.08 -55.61 128.83
N GLU A 840 -3.35 -55.41 129.92
CA GLU A 840 -3.54 -54.27 130.82
C GLU A 840 -3.21 -52.97 130.09
N GLU A 841 -2.03 -52.94 129.45
CA GLU A 841 -1.54 -51.79 128.70
C GLU A 841 -2.17 -51.72 127.30
N ALA A 842 -3.40 -52.22 127.13
CA ALA A 842 -4.12 -52.09 125.88
C ALA A 842 -4.54 -50.64 125.65
N ALA A 843 -4.61 -49.85 126.74
CA ALA A 843 -4.94 -48.42 126.69
C ALA A 843 -3.84 -47.67 126.02
N THR A 844 -2.60 -48.00 126.39
CA THR A 844 -1.40 -47.37 125.87
C THR A 844 -1.19 -47.69 124.40
N ALA A 845 -1.56 -48.89 123.93
CA ALA A 845 -1.47 -49.19 122.49
C ALA A 845 -2.31 -48.22 121.68
N ILE A 846 -3.50 -47.89 122.19
CA ILE A 846 -4.43 -46.97 121.56
C ILE A 846 -3.87 -45.56 121.58
N ARG A 847 -3.21 -45.15 122.67
CA ARG A 847 -2.60 -43.82 122.76
C ARG A 847 -1.46 -43.67 121.74
N ILE A 848 -0.74 -44.76 121.48
CA ILE A 848 0.39 -44.78 120.55
C ILE A 848 -0.13 -44.86 119.14
N MET A 849 -0.99 -45.84 118.88
CA MET A 849 -1.57 -46.02 117.57
C MET A 849 -2.41 -44.80 117.20
N GLY A 850 -3.12 -44.25 118.17
CA GLY A 850 -3.90 -43.03 118.00
C GLY A 850 -3.00 -41.85 117.65
N GLY A 851 -1.78 -41.85 118.17
CA GLY A 851 -0.79 -40.84 117.86
C GLY A 851 -0.03 -41.07 116.56
N ALA A 852 -0.22 -42.23 115.89
CA ALA A 852 0.50 -42.59 114.67
C ALA A 852 1.99 -42.85 114.94
N GLN A 853 2.39 -43.07 116.21
CA GLN A 853 3.79 -43.30 116.59
C GLN A 853 4.25 -44.71 116.20
N HIS A 854 3.32 -45.67 116.29
CA HIS A 854 3.55 -47.09 116.01
C HIS A 854 3.93 -47.42 114.56
N THR A 855 4.45 -48.65 114.41
CA THR A 855 4.84 -49.25 113.12
C THR A 855 4.42 -50.71 113.11
N GLY A 856 3.68 -51.09 112.09
CA GLY A 856 3.24 -52.46 111.89
C GLY A 856 2.08 -52.83 112.77
N LYS A 857 2.01 -54.13 113.10
CA LYS A 857 0.91 -54.64 113.90
C LYS A 857 1.25 -54.72 115.39
N LEU A 858 0.25 -54.41 116.22
CA LEU A 858 0.33 -54.49 117.66
C LEU A 858 -0.55 -55.65 118.05
N VAL A 859 0.00 -56.53 118.89
CA VAL A 859 -0.67 -57.71 119.36
C VAL A 859 -0.84 -57.57 120.83
N ILE A 860 -1.98 -58.00 121.35
CA ILE A 860 -2.27 -57.97 122.76
C ILE A 860 -2.19 -59.42 123.24
N ASP A 861 -1.26 -59.70 124.14
CA ASP A 861 -1.09 -61.03 124.71
C ASP A 861 -2.10 -61.21 125.84
N ILE A 862 -2.93 -62.26 125.77
CA ILE A 862 -3.96 -62.49 126.77
C ILE A 862 -3.29 -63.13 127.98
N PRO A 863 -3.65 -62.74 129.25
CA PRO A 863 -2.95 -63.29 130.40
C PRO A 863 -3.20 -64.78 130.65
N ASP A 864 -2.14 -65.56 130.40
CA ASP A 864 -2.09 -66.99 130.70
C ASP A 864 -1.86 -67.07 132.20
N THR A 865 -1.93 -68.26 132.77
CA THR A 865 -1.67 -68.48 134.18
C THR A 865 -2.81 -67.96 135.00
N GLY A 866 -3.17 -68.73 136.03
CA GLY A 866 -4.24 -68.40 136.96
C GLY A 866 -3.91 -67.23 137.87
N GLN A 867 -3.62 -66.05 137.26
CA GLN A 867 -3.32 -64.81 137.95
C GLN A 867 -4.63 -64.08 138.12
N SER A 868 -4.78 -63.32 139.20
CA SER A 868 -6.04 -62.61 139.46
C SER A 868 -5.99 -61.20 138.89
N GLN A 869 -7.16 -60.71 138.43
CA GLN A 869 -7.32 -59.36 137.89
C GLN A 869 -8.61 -58.78 138.41
N VAL A 870 -8.62 -57.50 138.86
CA VAL A 870 -9.83 -56.84 139.38
C VAL A 870 -10.72 -56.51 138.19
N VAL A 871 -11.96 -57.05 138.23
CA VAL A 871 -12.96 -56.94 137.18
C VAL A 871 -14.13 -56.12 137.69
N VAL A 872 -15.12 -55.81 136.83
CA VAL A 872 -16.26 -54.97 137.17
C VAL A 872 -17.58 -55.51 136.59
N PRO A 873 -18.35 -56.36 137.27
CA PRO A 873 -19.62 -56.82 136.68
C PRO A 873 -20.65 -55.70 136.63
N PRO A 874 -21.24 -55.37 135.47
CA PRO A 874 -22.25 -54.31 135.44
C PRO A 874 -23.66 -54.87 135.66
N GLU A 875 -24.33 -55.38 134.60
CA GLU A 875 -25.71 -55.92 134.62
C GLU A 875 -25.73 -57.38 134.15
N GLN A 876 -24.58 -58.06 134.36
CA GLN A 876 -24.33 -59.49 134.15
C GLN A 876 -24.44 -60.18 135.51
N VAL A 877 -24.81 -59.41 136.57
CA VAL A 877 -24.95 -59.88 137.96
C VAL A 877 -26.11 -60.89 138.02
N PRO A 878 -25.86 -62.14 138.42
CA PRO A 878 -26.95 -63.12 138.49
C PRO A 878 -27.83 -62.87 139.72
N VAL A 879 -28.82 -61.98 139.56
CA VAL A 879 -29.76 -61.63 140.63
C VAL A 879 -30.72 -62.83 140.77
N PHE A 880 -31.65 -62.95 139.81
CA PHE A 880 -32.63 -64.03 139.77
C PHE A 880 -32.06 -65.19 138.94
N ARG A 881 -31.71 -66.29 139.62
CA ARG A 881 -31.15 -67.47 138.97
C ARG A 881 -31.77 -68.79 139.50
N GLY A 882 -31.93 -69.75 138.60
CA GLY A 882 -32.48 -71.06 138.92
C GLY A 882 -31.57 -71.90 139.79
N ASP A 883 -30.24 -71.84 139.58
CA ASP A 883 -29.28 -72.66 140.38
C ASP A 883 -29.03 -72.14 141.84
N GLY A 884 -29.83 -71.20 142.34
CA GLY A 884 -29.73 -70.65 143.68
C GLY A 884 -31.07 -70.53 144.35
N ALA A 885 -31.08 -70.48 145.68
CA ALA A 885 -32.29 -70.40 146.49
C ALA A 885 -32.48 -69.02 147.11
N TYR A 886 -33.74 -68.61 147.36
CA TYR A 886 -34.05 -67.29 147.92
C TYR A 886 -34.93 -67.35 149.19
N VAL A 887 -34.91 -66.26 149.98
CA VAL A 887 -35.68 -66.09 151.21
C VAL A 887 -36.41 -64.73 151.16
N ILE A 888 -37.68 -64.67 151.57
CA ILE A 888 -38.47 -63.41 151.55
C ILE A 888 -39.28 -63.29 152.84
N THR A 889 -38.78 -62.54 153.84
CA THR A 889 -39.49 -62.35 155.12
C THR A 889 -40.62 -61.34 154.85
N GLY A 890 -41.80 -61.60 155.42
CA GLY A 890 -43.00 -60.83 155.17
C GLY A 890 -43.45 -61.07 153.75
N GLY A 891 -43.33 -62.33 153.31
CA GLY A 891 -43.63 -62.77 151.96
C GLY A 891 -45.04 -63.22 151.71
N LEU A 892 -45.90 -63.32 152.76
CA LEU A 892 -47.32 -63.74 152.61
C LEU A 892 -48.30 -62.52 152.61
N GLY A 893 -47.84 -61.36 152.13
CA GLY A 893 -48.67 -60.17 152.04
C GLY A 893 -47.96 -58.90 151.62
N GLY A 894 -48.74 -58.01 151.02
CA GLY A 894 -48.29 -56.70 150.55
C GLY A 894 -47.20 -56.75 149.50
N LEU A 895 -46.03 -56.19 149.84
CA LEU A 895 -44.88 -56.09 148.95
C LEU A 895 -44.18 -57.42 148.77
N GLY A 896 -43.84 -58.08 149.88
CA GLY A 896 -43.13 -59.35 149.88
C GLY A 896 -43.72 -60.44 149.02
N LEU A 897 -45.07 -60.51 148.92
CA LEU A 897 -45.76 -61.51 148.09
C LEU A 897 -45.71 -61.12 146.60
N PHE A 898 -45.66 -59.80 146.29
CA PHE A 898 -45.59 -59.33 144.90
C PHE A 898 -44.25 -59.71 144.30
N LEU A 899 -43.17 -59.56 145.07
CA LEU A 899 -41.82 -59.90 144.63
C LEU A 899 -41.63 -61.41 144.52
N ALA A 900 -42.38 -62.21 145.32
CA ALA A 900 -42.32 -63.68 145.25
C ALA A 900 -42.90 -64.17 143.93
N GLU A 901 -43.97 -63.51 143.45
CA GLU A 901 -44.59 -63.84 142.16
C GLU A 901 -43.68 -63.39 141.01
N ARG A 902 -43.03 -62.22 141.16
CA ARG A 902 -42.12 -61.68 140.17
C ARG A 902 -40.82 -62.49 140.12
N MET A 903 -40.32 -62.95 141.29
CA MET A 903 -39.07 -63.74 141.38
C MET A 903 -39.24 -65.09 140.70
N ALA A 904 -40.35 -65.78 140.98
CA ALA A 904 -40.64 -67.05 140.32
C ALA A 904 -40.74 -66.83 138.81
N ALA A 905 -41.41 -65.73 138.41
CA ALA A 905 -41.54 -65.33 137.02
C ALA A 905 -40.17 -65.03 136.40
N ALA A 906 -39.26 -64.40 137.16
CA ALA A 906 -37.91 -64.07 136.70
C ALA A 906 -36.94 -65.29 136.55
N GLY A 907 -37.36 -66.50 136.91
CA GLY A 907 -36.55 -67.70 136.77
C GLY A 907 -35.70 -67.99 137.99
N CYS A 908 -36.35 -68.28 139.13
CA CYS A 908 -35.70 -68.59 140.42
C CYS A 908 -36.04 -70.01 140.83
N GLY A 909 -35.09 -70.67 141.48
CA GLY A 909 -35.27 -72.03 141.98
C GLY A 909 -35.33 -72.10 143.49
N ARG A 910 -36.49 -72.46 144.05
CA ARG A 910 -36.73 -72.58 145.48
C ARG A 910 -36.72 -71.20 146.17
N ILE A 911 -37.93 -70.69 146.47
CA ILE A 911 -38.14 -69.43 147.17
C ILE A 911 -38.82 -69.79 148.47
N VAL A 912 -38.21 -69.45 149.62
CA VAL A 912 -38.81 -69.74 150.92
C VAL A 912 -39.44 -68.45 151.44
N VAL A 913 -40.77 -68.31 151.26
CA VAL A 913 -41.54 -67.17 151.74
C VAL A 913 -41.80 -67.40 153.23
N ASN A 914 -42.06 -66.33 153.98
CA ASN A 914 -42.34 -66.46 155.40
C ASN A 914 -43.11 -65.26 155.92
N SER A 915 -43.79 -65.49 157.03
CA SER A 915 -44.52 -64.51 157.80
C SER A 915 -45.04 -65.20 159.03
N ARG A 916 -45.17 -64.47 160.11
CA ARG A 916 -45.65 -65.07 161.34
C ARG A 916 -47.09 -65.57 161.16
N SER A 917 -47.95 -64.78 160.48
CA SER A 917 -49.34 -65.17 160.23
C SER A 917 -49.42 -66.25 159.16
N ALA A 918 -50.44 -67.13 159.25
CA ALA A 918 -50.66 -68.19 158.26
C ALA A 918 -51.09 -67.59 156.92
N PRO A 919 -50.87 -68.28 155.78
CA PRO A 919 -51.25 -67.67 154.48
C PRO A 919 -52.69 -67.18 154.44
N SER A 920 -52.90 -65.91 154.01
CA SER A 920 -54.24 -65.35 153.90
C SER A 920 -54.96 -66.06 152.74
N THR A 921 -56.27 -65.87 152.63
CA THR A 921 -57.10 -66.56 151.64
C THR A 921 -56.81 -66.14 150.18
N ARG A 922 -56.60 -64.84 149.93
CA ARG A 922 -56.23 -64.37 148.58
C ARG A 922 -54.76 -64.73 148.31
N SER A 923 -53.90 -64.82 149.36
CA SER A 923 -52.49 -65.23 149.25
C SER A 923 -52.39 -66.72 148.94
N SER A 924 -53.17 -67.58 149.63
CA SER A 924 -53.22 -69.02 149.38
C SER A 924 -53.59 -69.30 147.90
N GLU A 925 -54.43 -68.45 147.29
CA GLU A 925 -54.82 -68.57 145.89
C GLU A 925 -53.68 -68.16 144.94
N ILE A 926 -52.90 -67.14 145.31
CA ILE A 926 -51.74 -66.67 144.54
C ILE A 926 -50.61 -67.73 144.56
N ILE A 927 -50.44 -68.47 145.68
CA ILE A 927 -49.42 -69.52 145.79
C ILE A 927 -49.83 -70.78 144.96
N GLU A 928 -51.15 -71.07 144.86
CA GLU A 928 -51.66 -72.22 144.09
C GLU A 928 -51.30 -72.05 142.60
N LEU A 929 -51.59 -70.86 142.04
CA LEU A 929 -51.29 -70.57 140.64
C LEU A 929 -49.77 -70.44 140.36
N ILE A 930 -48.92 -70.04 141.35
CA ILE A 930 -47.47 -69.94 141.13
C ILE A 930 -46.83 -71.36 141.18
N ARG A 931 -47.26 -72.23 142.12
CA ARG A 931 -46.73 -73.58 142.27
C ARG A 931 -47.10 -74.47 141.07
N ALA A 932 -48.27 -74.22 140.46
CA ALA A 932 -48.71 -74.91 139.24
C ALA A 932 -47.81 -74.54 138.05
N THR A 933 -47.30 -73.29 138.02
CA THR A 933 -46.46 -72.77 136.96
C THR A 933 -44.96 -73.01 137.26
N GLY A 934 -44.53 -74.25 137.12
CA GLY A 934 -43.15 -74.68 137.27
C GLY A 934 -42.55 -74.54 138.67
N ALA A 935 -41.90 -73.39 138.93
CA ALA A 935 -41.18 -73.07 140.17
C ALA A 935 -41.98 -73.37 141.45
N ASP A 936 -41.26 -73.67 142.57
CA ASP A 936 -41.86 -73.99 143.87
C ASP A 936 -41.73 -72.82 144.86
N ILE A 937 -42.77 -72.60 145.67
CA ILE A 937 -42.86 -71.54 146.68
C ILE A 937 -43.09 -72.21 148.03
N VAL A 938 -42.00 -72.58 148.72
CA VAL A 938 -42.09 -73.19 150.05
C VAL A 938 -42.49 -72.10 151.04
N VAL A 939 -43.52 -72.35 151.85
CA VAL A 939 -43.97 -71.39 152.87
C VAL A 939 -43.57 -71.96 154.23
N GLU A 940 -42.82 -71.16 155.01
CA GLU A 940 -42.34 -71.53 156.33
C GLU A 940 -42.79 -70.47 157.30
N CYS A 941 -43.73 -70.79 158.21
CA CYS A 941 -44.23 -69.81 159.17
C CYS A 941 -43.30 -69.74 160.34
N GLY A 942 -43.40 -68.62 161.04
CA GLY A 942 -42.57 -68.32 162.19
C GLY A 942 -42.33 -66.83 162.32
N ASP A 943 -41.90 -66.42 163.51
CA ASP A 943 -41.61 -65.03 163.82
C ASP A 943 -40.11 -64.84 163.71
N ILE A 944 -39.66 -64.04 162.72
CA ILE A 944 -38.23 -63.69 162.49
C ILE A 944 -37.56 -63.14 163.75
N ALA A 945 -38.33 -62.52 164.68
CA ALA A 945 -37.84 -62.02 165.97
C ALA A 945 -37.25 -63.19 166.79
N GLU A 946 -37.89 -64.39 166.79
CA GLU A 946 -37.31 -65.56 167.44
C GLU A 946 -36.15 -66.03 166.58
N PRO A 947 -35.00 -66.40 167.17
CA PRO A 947 -33.84 -66.78 166.35
C PRO A 947 -34.01 -68.06 165.56
N ASP A 948 -34.63 -69.09 166.15
CA ASP A 948 -34.85 -70.40 165.52
C ASP A 948 -35.57 -70.29 164.17
N THR A 949 -36.42 -69.25 164.00
CA THR A 949 -37.15 -69.02 162.75
C THR A 949 -36.20 -68.73 161.57
N ALA A 950 -35.18 -67.88 161.75
CA ALA A 950 -34.25 -67.56 160.67
C ALA A 950 -33.39 -68.77 160.28
N LEU A 951 -33.08 -69.64 161.24
CA LEU A 951 -32.30 -70.86 160.97
C LEU A 951 -33.13 -71.87 160.18
N ARG A 952 -34.40 -72.02 160.60
CA ARG A 952 -35.39 -72.90 159.98
C ARG A 952 -35.58 -72.50 158.49
N LEU A 953 -35.69 -71.18 158.19
CA LEU A 953 -35.86 -70.63 156.83
C LEU A 953 -34.66 -70.97 155.92
N VAL A 954 -33.44 -70.80 156.43
CA VAL A 954 -32.20 -71.10 155.72
C VAL A 954 -32.11 -72.59 155.42
N ALA A 955 -32.30 -73.41 156.45
CA ALA A 955 -32.21 -74.86 156.29
C ALA A 955 -33.21 -75.40 155.25
N ALA A 956 -34.43 -74.81 155.23
CA ALA A 956 -35.51 -75.15 154.29
C ALA A 956 -35.15 -74.78 152.84
N ALA A 957 -34.55 -73.60 152.62
CA ALA A 957 -34.17 -73.13 151.29
C ALA A 957 -32.99 -73.91 150.70
N THR A 958 -32.10 -74.42 151.56
CA THR A 958 -30.93 -75.20 151.13
C THR A 958 -31.28 -76.65 150.82
N GLN A 959 -32.08 -77.31 151.70
CA GLN A 959 -32.53 -78.72 151.61
C GLN A 959 -32.55 -79.35 150.19
N THR A 960 -33.11 -78.65 149.17
CA THR A 960 -33.22 -79.18 147.80
C THR A 960 -31.91 -78.96 147.00
N GLY A 961 -30.78 -79.33 147.59
CA GLY A 961 -29.45 -79.19 146.97
C GLY A 961 -29.15 -77.89 146.24
N LEU A 962 -29.75 -76.76 146.67
CA LEU A 962 -29.55 -75.45 146.04
C LEU A 962 -28.93 -74.47 147.03
N PRO A 963 -27.81 -73.76 146.74
CA PRO A 963 -27.26 -72.80 147.73
C PRO A 963 -28.08 -71.52 147.84
N LEU A 964 -27.98 -70.80 148.98
CA LEU A 964 -28.68 -69.54 149.19
C LEU A 964 -27.96 -68.43 148.43
N ARG A 965 -28.68 -67.75 147.49
CA ARG A 965 -28.12 -66.69 146.64
C ARG A 965 -28.84 -65.32 146.82
N GLY A 966 -29.56 -65.11 147.93
CA GLY A 966 -30.22 -63.83 148.13
C GLY A 966 -31.26 -63.84 149.22
N VAL A 967 -31.39 -62.73 149.97
CA VAL A 967 -32.39 -62.54 151.06
C VAL A 967 -33.09 -61.17 150.86
N LEU A 968 -34.30 -61.03 151.38
CA LEU A 968 -35.10 -59.81 151.31
C LEU A 968 -35.79 -59.61 152.63
N HIS A 969 -35.81 -58.38 153.16
CA HIS A 969 -36.44 -58.12 154.45
C HIS A 969 -37.62 -57.15 154.32
N ALA A 970 -38.77 -57.71 153.92
CA ALA A 970 -40.03 -56.98 153.80
C ALA A 970 -40.84 -57.08 155.09
N ALA A 971 -40.33 -57.82 156.11
CA ALA A 971 -41.01 -57.96 157.39
C ALA A 971 -41.12 -56.61 158.09
N ALA A 972 -42.33 -56.26 158.56
CA ALA A 972 -42.59 -54.98 159.21
C ALA A 972 -43.92 -54.94 159.94
N VAL A 973 -43.98 -54.06 160.95
CA VAL A 973 -45.16 -53.76 161.77
C VAL A 973 -45.21 -52.23 161.86
N VAL A 974 -46.32 -51.61 161.41
CA VAL A 974 -46.44 -50.15 161.38
C VAL A 974 -47.51 -49.72 162.35
N GLU A 975 -47.10 -49.18 163.51
CA GLU A 975 -47.99 -48.66 164.55
C GLU A 975 -47.62 -47.18 164.75
N ASP A 976 -48.33 -46.29 164.04
CA ASP A 976 -48.04 -44.86 164.03
C ASP A 976 -48.83 -44.12 165.12
N ALA A 977 -48.17 -43.15 165.75
CA ALA A 977 -48.74 -42.33 166.83
C ALA A 977 -47.95 -41.02 166.99
N THR A 978 -48.63 -39.98 167.48
CA THR A 978 -48.00 -38.67 167.72
C THR A 978 -47.06 -38.78 168.93
N LEU A 979 -46.03 -37.92 169.00
CA LEU A 979 -45.05 -37.91 170.10
C LEU A 979 -45.69 -38.00 171.51
N ALA A 980 -46.82 -37.33 171.71
CA ALA A 980 -47.54 -37.32 172.97
C ALA A 980 -48.05 -38.70 173.42
N ASN A 981 -48.40 -39.61 172.47
CA ASN A 981 -48.96 -40.94 172.82
C ASN A 981 -48.12 -42.14 172.31
N ILE A 982 -46.80 -41.99 172.12
CA ILE A 982 -45.96 -43.13 171.72
C ILE A 982 -45.59 -43.90 172.98
N THR A 983 -46.16 -45.11 173.16
CA THR A 983 -45.88 -45.96 174.34
C THR A 983 -44.59 -46.77 174.15
N ASP A 984 -44.03 -47.27 175.26
CA ASP A 984 -42.82 -48.10 175.25
C ASP A 984 -43.09 -49.48 174.63
N GLU A 985 -44.35 -49.94 174.69
CA GLU A 985 -44.79 -51.22 174.12
C GLU A 985 -44.90 -51.09 172.60
N LEU A 986 -45.48 -49.98 172.11
CA LEU A 986 -45.62 -49.67 170.67
C LEU A 986 -44.25 -49.62 169.94
N VAL A 987 -43.20 -49.08 170.62
CA VAL A 987 -41.85 -49.00 170.06
C VAL A 987 -41.30 -50.42 169.84
N GLU A 988 -41.51 -51.35 170.82
CA GLU A 988 -41.07 -52.76 170.73
C GLU A 988 -41.76 -53.49 169.58
N HIS A 989 -43.03 -53.17 169.27
CA HIS A 989 -43.75 -53.83 168.19
C HIS A 989 -43.21 -53.45 166.79
N ASP A 990 -42.79 -52.18 166.59
CA ASP A 990 -42.24 -51.71 165.30
C ASP A 990 -40.76 -52.09 165.14
N TRP A 991 -39.99 -51.98 166.22
CA TRP A 991 -38.56 -52.26 166.27
C TRP A 991 -38.24 -53.75 166.14
N ALA A 992 -38.98 -54.61 166.84
CA ALA A 992 -38.72 -56.06 166.87
C ALA A 992 -38.60 -56.76 165.48
N PRO A 993 -39.58 -56.67 164.56
CA PRO A 993 -39.41 -57.37 163.28
C PRO A 993 -38.35 -56.73 162.39
N LYS A 994 -38.26 -55.39 162.41
CA LYS A 994 -37.35 -54.67 161.56
C LYS A 994 -35.91 -54.94 161.93
N VAL A 995 -35.56 -54.71 163.19
CA VAL A 995 -34.16 -54.86 163.61
C VAL A 995 -33.82 -56.30 164.08
N TYR A 996 -34.61 -56.95 164.97
CA TYR A 996 -34.23 -58.30 165.45
C TYR A 996 -34.25 -59.36 164.33
N GLY A 997 -35.08 -59.17 163.31
CA GLY A 997 -35.11 -60.09 162.19
C GLY A 997 -33.84 -60.00 161.37
N ALA A 998 -33.30 -58.78 161.20
CA ALA A 998 -32.06 -58.53 160.45
C ALA A 998 -30.88 -59.25 161.07
N TRP A 999 -30.70 -59.12 162.39
CA TRP A 999 -29.59 -59.75 163.12
C TRP A 999 -29.73 -61.30 163.12
N ASN A 1000 -30.97 -61.81 163.21
CA ASN A 1000 -31.18 -63.25 163.11
C ASN A 1000 -30.86 -63.70 161.69
N LEU A 1001 -31.45 -63.03 160.67
CA LEU A 1001 -31.17 -63.31 159.24
C LEU A 1001 -29.66 -63.25 158.96
N HIS A 1002 -28.94 -62.26 159.59
CA HIS A 1002 -27.49 -62.09 159.43
C HIS A 1002 -26.78 -63.30 160.02
N GLN A 1003 -27.07 -63.61 161.29
CA GLN A 1003 -26.48 -64.74 162.02
C GLN A 1003 -26.77 -66.09 161.35
N ALA A 1004 -27.99 -66.30 160.80
CA ALA A 1004 -28.33 -67.57 160.14
C ALA A 1004 -27.42 -67.84 158.93
N VAL A 1005 -27.14 -66.78 158.15
CA VAL A 1005 -26.27 -66.86 156.97
C VAL A 1005 -24.82 -67.25 157.37
N GLN A 1006 -24.28 -66.67 158.45
CA GLN A 1006 -22.92 -66.98 158.91
C GLN A 1006 -22.94 -68.37 159.55
N SER A 1007 -23.96 -68.66 160.37
CA SER A 1007 -24.16 -69.94 161.05
C SER A 1007 -24.27 -71.08 160.06
N GLY A 1008 -24.93 -70.82 158.93
CA GLY A 1008 -25.07 -71.82 157.87
C GLY A 1008 -23.75 -72.26 157.28
N GLY A 1009 -23.76 -73.43 156.65
CA GLY A 1009 -22.58 -74.04 156.03
C GLY A 1009 -22.13 -73.37 154.75
N PRO A 1010 -21.65 -74.14 153.75
CA PRO A 1010 -21.21 -73.51 152.49
C PRO A 1010 -22.38 -73.03 151.63
N ALA A 1011 -23.59 -73.57 151.84
CA ALA A 1011 -24.79 -73.19 151.08
C ALA A 1011 -25.13 -71.72 151.18
N THR A 1012 -25.04 -71.16 152.40
CA THR A 1012 -25.33 -69.74 152.63
C THR A 1012 -24.09 -68.85 152.50
N SER A 1013 -22.85 -69.41 152.54
CA SER A 1013 -21.63 -68.62 152.33
C SER A 1013 -21.35 -68.36 150.82
N GLU A 1014 -22.41 -68.20 150.00
CA GLU A 1014 -22.32 -67.93 148.57
C GLU A 1014 -23.34 -66.86 148.11
N LEU A 1015 -24.09 -66.17 149.01
CA LEU A 1015 -25.16 -65.28 148.57
C LEU A 1015 -24.68 -63.99 147.88
N ASP A 1016 -25.45 -63.58 146.85
CA ASP A 1016 -25.21 -62.42 146.00
C ASP A 1016 -25.73 -61.17 146.62
N TRP A 1017 -26.80 -61.25 147.44
CA TRP A 1017 -27.33 -60.04 148.05
C TRP A 1017 -28.13 -60.33 149.32
N PHE A 1018 -28.43 -59.24 150.02
CA PHE A 1018 -29.19 -59.20 151.28
C PHE A 1018 -29.84 -57.82 151.35
N CYS A 1019 -31.12 -57.69 150.93
CA CYS A 1019 -31.78 -56.38 150.87
C CYS A 1019 -32.81 -56.19 151.98
N ALA A 1020 -32.93 -54.95 152.48
CA ALA A 1020 -33.88 -54.61 153.53
C ALA A 1020 -34.79 -53.48 153.10
N PHE A 1021 -36.10 -53.74 153.11
CA PHE A 1021 -37.12 -52.77 152.67
C PHE A 1021 -37.45 -51.79 153.82
N SER A 1022 -36.77 -50.63 153.81
CA SER A 1022 -36.95 -49.58 154.82
C SER A 1022 -38.18 -48.71 154.44
N SER A 1023 -38.17 -47.42 154.81
CA SER A 1023 -39.23 -46.47 154.45
C SER A 1023 -38.66 -45.04 154.42
N ALA A 1024 -39.01 -44.25 153.38
CA ALA A 1024 -38.52 -42.87 153.19
C ALA A 1024 -38.99 -41.93 154.31
N ALA A 1025 -40.04 -42.32 155.07
CA ALA A 1025 -40.50 -41.57 156.24
C ALA A 1025 -39.39 -41.45 157.32
N ALA A 1026 -38.39 -42.35 157.28
CA ALA A 1026 -37.21 -42.31 158.17
C ALA A 1026 -36.26 -41.16 157.75
N LEU A 1027 -36.06 -40.99 156.44
CA LEU A 1027 -35.21 -39.95 155.86
C LEU A 1027 -35.81 -38.55 155.98
N VAL A 1028 -37.11 -38.42 155.68
CA VAL A 1028 -37.86 -37.15 155.67
C VAL A 1028 -38.31 -36.73 157.10
N GLY A 1029 -38.95 -37.65 157.80
CA GLY A 1029 -39.47 -37.45 159.15
C GLY A 1029 -40.97 -37.21 159.16
N SER A 1030 -41.73 -38.11 158.51
CA SER A 1030 -43.21 -37.98 158.43
C SER A 1030 -43.79 -37.89 159.85
N PRO A 1031 -44.50 -36.79 160.19
CA PRO A 1031 -45.04 -36.69 161.56
C PRO A 1031 -46.08 -37.78 161.82
N GLY A 1032 -45.94 -38.47 162.96
CA GLY A 1032 -46.81 -39.57 163.34
C GLY A 1032 -46.14 -40.93 163.25
N GLN A 1033 -45.08 -41.08 162.43
CA GLN A 1033 -44.39 -42.37 162.31
C GLN A 1033 -43.55 -42.60 163.58
N GLY A 1034 -42.52 -41.78 163.80
CA GLY A 1034 -41.67 -41.83 164.99
C GLY A 1034 -41.01 -43.16 165.29
N ALA A 1035 -41.77 -44.09 165.90
CA ALA A 1035 -41.31 -45.45 166.27
C ALA A 1035 -40.92 -46.27 165.06
N TYR A 1036 -41.77 -46.29 164.03
CA TYR A 1036 -41.48 -47.01 162.79
C TYR A 1036 -40.31 -46.35 162.05
N ALA A 1037 -40.18 -45.00 162.15
CA ALA A 1037 -39.07 -44.24 161.55
C ALA A 1037 -37.73 -44.54 162.22
N ALA A 1038 -37.74 -44.72 163.55
CA ALA A 1038 -36.51 -45.03 164.30
C ALA A 1038 -36.05 -46.46 163.99
N ALA A 1039 -36.97 -47.43 163.94
CA ALA A 1039 -36.68 -48.84 163.61
C ALA A 1039 -35.99 -49.00 162.25
N ASN A 1040 -36.32 -48.09 161.31
CA ASN A 1040 -35.73 -48.05 159.97
C ASN A 1040 -34.31 -47.46 159.97
N SER A 1041 -34.09 -46.35 160.69
CA SER A 1041 -32.79 -45.69 160.75
C SER A 1041 -31.69 -46.63 161.24
N TRP A 1042 -32.00 -47.46 162.26
CA TRP A 1042 -31.09 -48.46 162.81
C TRP A 1042 -30.78 -49.51 161.75
N LEU A 1043 -31.83 -49.99 161.06
CA LEU A 1043 -31.71 -50.99 160.00
C LEU A 1043 -30.90 -50.42 158.80
N ASP A 1044 -31.00 -49.09 158.50
CA ASP A 1044 -30.22 -48.45 157.43
C ASP A 1044 -28.73 -48.41 157.79
N ALA A 1045 -28.41 -48.22 159.10
CA ALA A 1045 -27.03 -48.23 159.59
C ALA A 1045 -26.51 -49.67 159.69
N PHE A 1046 -27.34 -50.64 160.18
CA PHE A 1046 -26.96 -52.05 160.28
C PHE A 1046 -26.54 -52.63 158.92
N MET A 1047 -27.27 -52.25 157.88
CA MET A 1047 -26.96 -52.69 156.52
C MET A 1047 -25.59 -52.16 156.11
N GLN A 1048 -25.28 -50.91 156.47
CA GLN A 1048 -23.98 -50.30 156.17
C GLN A 1048 -22.88 -50.97 157.01
N TRP A 1049 -23.20 -51.45 158.23
CA TRP A 1049 -22.25 -52.18 159.07
C TRP A 1049 -21.97 -53.55 158.48
N ARG A 1050 -23.01 -54.21 158.01
CA ARG A 1050 -22.87 -55.54 157.43
C ARG A 1050 -21.91 -55.49 156.21
N ARG A 1051 -22.01 -54.42 155.38
CA ARG A 1051 -21.15 -54.18 154.20
C ARG A 1051 -19.71 -53.93 154.63
N ALA A 1052 -19.51 -53.14 155.71
CA ALA A 1052 -18.19 -52.82 156.26
C ALA A 1052 -17.39 -54.08 156.57
N GLN A 1053 -18.04 -55.04 157.23
CA GLN A 1053 -17.39 -56.30 157.58
C GLN A 1053 -16.96 -57.09 156.33
N GLY A 1054 -17.67 -56.92 155.21
CA GLY A 1054 -17.37 -57.59 153.96
C GLY A 1054 -18.59 -58.27 153.33
N LEU A 1055 -19.61 -58.59 154.14
CA LEU A 1055 -20.83 -59.24 153.65
C LEU A 1055 -21.61 -58.31 152.71
N PRO A 1056 -22.39 -58.86 151.77
CA PRO A 1056 -23.20 -57.99 150.91
C PRO A 1056 -24.42 -57.48 151.65
N ALA A 1057 -24.78 -56.21 151.43
CA ALA A 1057 -25.92 -55.60 152.14
C ALA A 1057 -26.52 -54.43 151.34
N THR A 1058 -27.87 -54.35 151.32
CA THR A 1058 -28.65 -53.33 150.59
C THR A 1058 -29.86 -52.82 151.44
N SER A 1059 -30.20 -51.51 151.34
CA SER A 1059 -31.37 -50.92 152.03
C SER A 1059 -32.09 -49.97 151.06
N ILE A 1060 -33.41 -50.19 150.83
CA ILE A 1060 -34.22 -49.35 149.93
C ILE A 1060 -35.37 -48.70 150.71
N ALA A 1061 -35.27 -47.39 150.95
CA ALA A 1061 -36.30 -46.63 151.65
C ALA A 1061 -37.46 -46.34 150.68
N TRP A 1062 -38.50 -47.22 150.72
CA TRP A 1062 -39.68 -47.14 149.82
C TRP A 1062 -40.73 -46.07 150.19
N GLY A 1063 -41.39 -45.54 149.17
CA GLY A 1063 -42.41 -44.51 149.32
C GLY A 1063 -43.79 -45.05 149.57
N ALA A 1064 -44.80 -44.44 148.91
CA ALA A 1064 -46.21 -44.80 149.03
C ALA A 1064 -46.66 -45.71 147.87
N TRP A 1065 -46.92 -47.01 148.15
CA TRP A 1065 -47.30 -48.02 147.14
C TRP A 1065 -48.84 -48.11 146.84
N GLY A 1066 -49.16 -48.35 145.56
CA GLY A 1066 -50.51 -48.37 145.02
C GLY A 1066 -51.33 -49.61 145.32
N GLU A 1067 -50.85 -50.80 144.96
CA GLU A 1067 -51.59 -52.05 145.22
C GLU A 1067 -50.65 -53.26 145.40
N ASN A 1079 -46.54 -38.50 141.97
CA ASN A 1079 -47.62 -38.75 142.92
C ASN A 1079 -47.85 -40.27 143.11
N ALA A 1080 -47.25 -40.84 144.20
CA ALA A 1080 -47.32 -42.26 144.62
C ALA A 1080 -46.45 -43.21 143.77
N ILE A 1081 -45.86 -44.26 144.39
CA ILE A 1081 -45.03 -45.26 143.68
C ILE A 1081 -45.94 -46.41 143.20
N ALA A 1082 -45.79 -46.82 141.93
CA ALA A 1082 -46.60 -47.86 141.31
C ALA A 1082 -46.05 -49.26 141.56
N PRO A 1083 -46.84 -50.34 141.37
CA PRO A 1083 -46.32 -51.70 141.63
C PRO A 1083 -45.14 -52.10 140.69
N ASP A 1084 -45.34 -52.05 139.36
CA ASP A 1084 -44.33 -52.41 138.35
C ASP A 1084 -43.14 -51.41 138.30
N GLU A 1085 -43.35 -50.20 138.80
CA GLU A 1085 -42.34 -49.13 138.91
C GLU A 1085 -41.24 -49.52 139.92
N GLY A 1086 -41.63 -50.19 141.00
CA GLY A 1086 -40.72 -50.62 142.05
C GLY A 1086 -39.96 -51.90 141.75
N ALA A 1087 -40.60 -52.85 141.03
CA ALA A 1087 -39.98 -54.14 140.66
C ALA A 1087 -38.73 -53.91 139.81
N TYR A 1088 -38.86 -53.08 138.75
CA TYR A 1088 -37.74 -52.71 137.88
C TYR A 1088 -36.68 -51.90 138.68
N ALA A 1089 -37.14 -51.01 139.60
CA ALA A 1089 -36.25 -50.21 140.47
C ALA A 1089 -35.46 -51.10 141.43
N PHE A 1090 -36.11 -52.10 142.00
CA PHE A 1090 -35.49 -53.08 142.90
C PHE A 1090 -34.37 -53.84 142.16
N GLU A 1091 -34.68 -54.50 141.01
CA GLU A 1091 -33.68 -55.22 140.18
C GLU A 1091 -32.48 -54.34 139.78
N ALA A 1092 -32.69 -53.02 139.57
CA ALA A 1092 -31.62 -52.08 139.22
C ALA A 1092 -30.68 -51.87 140.38
N ILE A 1093 -31.27 -51.65 141.55
CA ILE A 1093 -30.54 -51.38 142.79
C ILE A 1093 -29.72 -52.61 143.24
N LEU A 1094 -30.27 -53.84 143.06
CA LEU A 1094 -29.56 -55.08 143.42
C LEU A 1094 -28.29 -55.28 142.57
N ARG A 1095 -28.34 -54.90 141.29
CA ARG A 1095 -27.22 -55.01 140.36
C ARG A 1095 -26.09 -54.01 140.65
N HIS A 1096 -26.36 -52.92 141.39
CA HIS A 1096 -25.35 -51.92 141.78
C HIS A 1096 -24.88 -52.13 143.23
N ASP A 1097 -23.65 -51.64 143.54
CA ASP A 1097 -22.97 -51.79 144.86
C ASP A 1097 -23.32 -50.65 145.88
N ARG A 1098 -24.32 -49.80 145.58
CA ARG A 1098 -24.76 -48.74 146.49
C ARG A 1098 -25.44 -49.38 147.70
N VAL A 1099 -25.05 -49.01 148.92
CA VAL A 1099 -25.60 -49.63 150.12
C VAL A 1099 -26.92 -48.97 150.51
N TYR A 1100 -26.97 -47.62 150.58
CA TYR A 1100 -28.21 -46.93 150.94
C TYR A 1100 -28.86 -46.28 149.73
N ASN A 1101 -30.15 -46.58 149.52
CA ASN A 1101 -30.98 -46.08 148.42
C ASN A 1101 -32.29 -45.54 148.95
N GLY A 1102 -32.85 -44.55 148.27
CA GLY A 1102 -34.12 -43.96 148.67
C GLY A 1102 -35.08 -43.74 147.52
N TYR A 1103 -35.89 -44.77 147.19
CA TYR A 1103 -36.88 -44.66 146.11
C TYR A 1103 -38.16 -44.04 146.66
N ALA A 1104 -38.43 -42.77 146.30
CA ALA A 1104 -39.64 -42.06 146.75
C ALA A 1104 -40.06 -40.99 145.73
N PRO A 1105 -41.38 -40.74 145.56
CA PRO A 1105 -41.82 -39.72 144.58
C PRO A 1105 -41.34 -38.33 144.99
N VAL A 1106 -40.89 -37.51 144.03
CA VAL A 1106 -40.34 -36.22 144.36
C VAL A 1106 -41.06 -35.07 143.63
N LEU A 1107 -41.03 -34.99 142.27
CA LEU A 1107 -41.67 -33.91 141.49
C LEU A 1107 -41.55 -32.55 142.27
N GLY A 1108 -42.68 -31.93 142.66
CA GLY A 1108 -42.69 -30.72 143.48
C GLY A 1108 -43.68 -30.91 144.61
N ALA A 1109 -43.43 -31.93 145.44
CA ALA A 1109 -44.34 -32.32 146.52
C ALA A 1109 -44.43 -31.28 147.63
N SER A 1110 -45.51 -31.40 148.41
CA SER A 1110 -45.79 -30.52 149.52
C SER A 1110 -44.83 -30.75 150.68
N TRP A 1111 -44.61 -32.03 151.04
CA TRP A 1111 -43.71 -32.39 152.16
C TRP A 1111 -42.25 -32.03 151.87
N LEU A 1112 -41.84 -32.02 150.57
CA LEU A 1112 -40.48 -31.69 150.14
C LEU A 1112 -40.23 -30.18 150.13
N THR A 1113 -41.18 -29.41 149.60
CA THR A 1113 -41.10 -27.94 149.57
C THR A 1113 -41.19 -27.37 151.01
N ALA A 1114 -41.94 -28.04 151.90
CA ALA A 1114 -42.06 -27.66 153.32
C ALA A 1114 -40.77 -27.99 154.08
N PHE A 1115 -40.17 -29.15 153.78
CA PHE A 1115 -38.94 -29.59 154.43
C PHE A 1115 -37.71 -28.77 153.97
N ALA A 1116 -37.65 -28.40 152.67
CA ALA A 1116 -36.51 -27.64 152.12
C ALA A 1116 -36.40 -26.23 152.69
N GLN A 1117 -37.54 -25.56 152.90
CA GLN A 1117 -37.55 -24.21 153.47
C GLN A 1117 -37.25 -24.23 154.99
N ARG A 1118 -37.60 -25.31 155.72
CA ARG A 1118 -37.37 -25.39 157.16
C ARG A 1118 -35.90 -25.67 157.52
N SER A 1119 -35.24 -26.61 156.81
CA SER A 1119 -33.84 -26.99 157.13
C SER A 1119 -32.90 -26.94 155.90
N PRO A 1120 -31.56 -26.72 156.11
CA PRO A 1120 -30.62 -26.67 154.98
C PRO A 1120 -30.09 -28.05 154.53
N PHE A 1121 -30.59 -29.16 155.12
CA PHE A 1121 -30.23 -30.52 154.74
C PHE A 1121 -30.73 -30.74 153.30
N ALA A 1122 -31.97 -30.31 153.02
CA ALA A 1122 -32.56 -30.38 151.70
C ALA A 1122 -32.45 -29.01 150.98
N GLU A 1123 -31.22 -28.45 150.95
CA GLU A 1123 -30.92 -27.16 150.31
C GLU A 1123 -30.94 -27.29 148.78
N LEU A 1124 -30.45 -28.42 148.24
CA LEU A 1124 -30.36 -28.67 146.80
C LEU A 1124 -31.75 -28.91 146.17
N PHE A 1125 -32.75 -29.33 146.97
CA PHE A 1125 -34.10 -29.57 146.45
C PHE A 1125 -34.85 -28.27 146.16
N LEU A 1126 -34.60 -27.22 146.95
CA LEU A 1126 -35.29 -25.92 146.77
C LEU A 1126 -34.86 -25.26 145.45
N ALA A 1127 -33.54 -25.13 145.23
CA ALA A 1127 -32.94 -24.53 144.04
C ALA A 1127 -33.43 -23.09 143.78
N MET B 2 -44.07 6.28 100.64
CA MET B 2 -45.28 6.28 101.44
C MET B 2 -44.93 5.78 102.81
N LEU B 3 -44.85 6.66 103.82
CA LEU B 3 -44.49 6.21 105.16
C LEU B 3 -45.58 5.29 105.70
N ASP B 4 -46.85 5.51 105.27
CA ASP B 4 -47.98 4.69 105.70
C ASP B 4 -47.86 3.32 105.10
N ARG B 5 -47.83 3.26 103.77
CA ARG B 5 -47.74 2.01 103.05
C ARG B 5 -46.60 1.12 103.63
N GLU B 6 -45.45 1.72 104.02
CA GLU B 6 -44.31 0.98 104.58
C GLU B 6 -44.66 0.45 105.97
N LEU B 7 -45.42 1.21 106.78
CA LEU B 7 -45.81 0.75 108.13
C LEU B 7 -46.88 -0.32 108.08
N GLU B 8 -47.85 -0.22 107.16
CA GLU B 8 -48.87 -1.26 107.04
C GLU B 8 -48.23 -2.49 106.38
N SER B 9 -47.29 -2.28 105.42
CA SER B 9 -46.55 -3.39 104.80
C SER B 9 -45.51 -3.97 105.80
N SER B 10 -45.24 -3.25 106.93
CA SER B 10 -44.46 -3.79 108.05
C SER B 10 -45.41 -4.75 108.79
N ALA B 11 -45.56 -5.92 108.17
CA ALA B 11 -46.42 -7.04 108.53
C ALA B 11 -46.48 -8.01 107.29
N PRO B 12 -47.38 -7.87 106.27
CA PRO B 12 -47.33 -8.82 105.14
C PRO B 12 -46.27 -8.49 104.10
N GLY B 13 -45.09 -9.05 104.30
CA GLY B 13 -43.97 -8.91 103.36
C GLY B 13 -43.88 -10.12 102.45
N VAL B 14 -43.63 -9.92 101.13
CA VAL B 14 -43.51 -11.02 100.18
C VAL B 14 -42.03 -11.51 100.24
N PRO B 15 -41.80 -12.82 100.29
CA PRO B 15 -40.43 -13.32 100.42
C PRO B 15 -39.69 -13.27 99.10
N SER B 16 -38.74 -12.34 98.97
CA SER B 16 -37.94 -12.22 97.75
C SER B 16 -36.47 -11.96 98.06
N VAL B 17 -35.62 -12.10 97.05
CA VAL B 17 -34.20 -11.96 97.23
C VAL B 17 -33.56 -11.30 96.02
N SER B 18 -32.55 -10.46 96.27
CA SER B 18 -31.82 -9.75 95.24
C SER B 18 -30.93 -10.68 94.46
N VAL B 19 -30.86 -10.54 93.13
CA VAL B 19 -30.01 -11.40 92.27
C VAL B 19 -29.30 -10.59 91.21
N HIS B 20 -28.28 -11.19 90.59
CA HIS B 20 -27.52 -10.55 89.51
C HIS B 20 -28.38 -10.55 88.27
N PRO B 21 -28.34 -9.51 87.41
CA PRO B 21 -29.21 -9.50 86.22
C PRO B 21 -29.00 -10.70 85.30
N LEU B 22 -27.73 -11.02 84.99
CA LEU B 22 -27.43 -12.14 84.10
C LEU B 22 -27.38 -13.44 84.88
N LEU B 23 -26.42 -13.59 85.81
CA LEU B 23 -26.23 -14.82 86.61
C LEU B 23 -27.55 -15.36 87.15
N GLY B 24 -28.30 -14.51 87.80
CA GLY B 24 -29.61 -14.88 88.33
C GLY B 24 -29.53 -15.61 89.65
N SER B 25 -30.41 -16.64 89.82
CA SER B 25 -30.52 -17.40 91.09
C SER B 25 -29.28 -18.23 91.35
N HIS B 26 -28.78 -18.14 92.59
CA HIS B 26 -27.54 -18.74 93.04
C HIS B 26 -27.77 -19.82 94.07
N VAL B 27 -27.11 -20.95 93.87
CA VAL B 27 -27.17 -22.08 94.79
C VAL B 27 -25.77 -22.65 94.92
N VAL B 28 -25.33 -22.88 96.18
CA VAL B 28 -24.07 -23.55 96.50
C VAL B 28 -24.41 -24.99 96.74
N LEU B 29 -23.76 -25.89 96.02
CA LEU B 29 -24.10 -27.30 96.07
C LEU B 29 -23.62 -27.94 97.34
N PRO B 30 -24.40 -28.91 97.86
CA PRO B 30 -24.00 -29.61 99.09
C PRO B 30 -22.97 -30.69 98.81
N GLN B 31 -21.73 -30.24 98.59
CA GLN B 31 -20.60 -31.12 98.28
C GLN B 31 -19.28 -30.40 98.40
N GLU B 32 -18.21 -31.18 98.57
CA GLU B 32 -16.85 -30.68 98.62
C GLU B 32 -16.24 -30.93 97.24
N PRO B 33 -15.59 -29.95 96.63
CA PRO B 33 -15.26 -28.60 97.13
C PRO B 33 -16.38 -27.58 96.98
N GLU B 34 -16.16 -26.36 97.55
CA GLU B 34 -17.11 -25.24 97.48
C GLU B 34 -17.47 -25.09 96.02
N GLU B 35 -18.65 -25.59 95.61
CA GLU B 35 -19.10 -25.49 94.23
C GLU B 35 -20.37 -24.68 94.14
N HIS B 36 -20.34 -23.61 93.34
CA HIS B 36 -21.45 -22.69 93.16
C HIS B 36 -22.13 -22.96 91.86
N LEU B 37 -23.37 -22.45 91.72
CA LEU B 37 -24.16 -22.65 90.52
C LEU B 37 -25.26 -21.62 90.37
N TRP B 38 -25.24 -20.91 89.25
CA TRP B 38 -26.27 -19.93 88.94
C TRP B 38 -27.05 -20.37 87.74
N GLN B 39 -28.31 -19.94 87.66
CA GLN B 39 -29.18 -20.17 86.52
C GLN B 39 -29.85 -18.86 86.18
N GLY B 40 -29.76 -18.44 84.92
CA GLY B 40 -30.33 -17.16 84.52
C GLY B 40 -30.65 -17.02 83.05
N ASP B 41 -31.54 -16.07 82.73
CA ASP B 41 -32.00 -15.80 81.36
C ASP B 41 -31.21 -14.67 80.78
N VAL B 42 -30.80 -14.83 79.51
CA VAL B 42 -30.08 -13.84 78.73
C VAL B 42 -30.85 -13.62 77.42
N GLY B 43 -32.17 -13.81 77.47
CA GLY B 43 -33.04 -13.70 76.32
C GLY B 43 -33.37 -12.26 76.02
N THR B 44 -33.83 -12.00 74.78
CA THR B 44 -34.16 -10.65 74.34
C THR B 44 -35.42 -10.12 75.06
N GLU B 45 -36.33 -10.99 75.54
CA GLU B 45 -37.51 -10.55 76.27
C GLU B 45 -37.10 -10.08 77.65
N ALA B 46 -36.21 -10.84 78.31
CA ALA B 46 -35.67 -10.50 79.63
C ALA B 46 -34.75 -9.27 79.58
N HIS B 47 -33.81 -9.24 78.62
CA HIS B 47 -32.84 -8.16 78.43
C HIS B 47 -32.97 -7.60 77.00
N PRO B 48 -33.91 -6.65 76.79
CA PRO B 48 -34.12 -6.09 75.44
C PRO B 48 -32.88 -5.58 74.77
N TRP B 49 -32.08 -4.82 75.51
CA TRP B 49 -30.83 -4.25 75.02
C TRP B 49 -29.91 -5.27 74.35
N LEU B 50 -29.98 -6.58 74.70
CA LEU B 50 -29.13 -7.61 74.06
C LEU B 50 -29.46 -7.85 72.57
N SER B 51 -30.66 -7.46 72.12
CA SER B 51 -31.03 -7.59 70.70
C SER B 51 -30.23 -6.61 69.83
N ASP B 52 -29.70 -5.52 70.42
CA ASP B 52 -28.91 -4.51 69.71
C ASP B 52 -27.52 -5.04 69.29
N HIS B 53 -27.00 -6.12 69.93
CA HIS B 53 -25.75 -6.74 69.51
C HIS B 53 -26.10 -7.94 68.65
N ARG B 54 -25.78 -7.89 67.35
CA ARG B 54 -26.15 -8.96 66.43
C ARG B 54 -25.10 -9.19 65.35
N VAL B 55 -24.72 -10.47 65.15
CA VAL B 55 -23.73 -10.88 64.16
C VAL B 55 -24.48 -11.53 63.00
N HIS B 56 -24.31 -10.96 61.80
CA HIS B 56 -24.96 -11.42 60.57
C HIS B 56 -26.48 -11.37 60.74
N GLN B 57 -26.98 -10.23 61.25
CA GLN B 57 -28.39 -9.94 61.47
C GLN B 57 -29.10 -10.91 62.46
N VAL B 58 -28.33 -11.63 63.31
CA VAL B 58 -28.88 -12.53 64.31
C VAL B 58 -28.39 -12.08 65.67
N ALA B 59 -29.29 -11.92 66.66
CA ALA B 59 -28.88 -11.50 68.00
C ALA B 59 -28.02 -12.54 68.66
N VAL B 60 -26.83 -12.13 69.16
CA VAL B 60 -25.90 -13.03 69.84
C VAL B 60 -25.40 -12.39 71.12
N LEU B 61 -24.97 -13.24 72.07
CA LEU B 61 -24.45 -12.77 73.33
C LEU B 61 -23.07 -12.25 73.13
N PRO B 62 -22.78 -10.98 73.47
CA PRO B 62 -21.41 -10.45 73.26
C PRO B 62 -20.38 -11.07 74.20
N GLY B 63 -19.09 -10.97 73.81
CA GLY B 63 -18.00 -11.46 74.62
C GLY B 63 -18.03 -10.85 76.01
N ALA B 64 -18.28 -9.53 76.05
CA ALA B 64 -18.41 -8.70 77.24
C ALA B 64 -19.44 -9.25 78.28
N ALA B 65 -20.46 -9.99 77.84
CA ALA B 65 -21.46 -10.55 78.76
C ALA B 65 -20.81 -11.57 79.68
N TYR B 66 -19.97 -12.46 79.11
CA TYR B 66 -19.27 -13.49 79.87
C TYR B 66 -18.24 -12.85 80.81
N CYS B 67 -17.64 -11.72 80.41
CA CYS B 67 -16.68 -10.99 81.25
C CYS B 67 -17.34 -10.60 82.54
N GLU B 68 -18.49 -9.93 82.42
CA GLU B 68 -19.28 -9.49 83.57
C GLU B 68 -19.66 -10.68 84.45
N MET B 69 -20.15 -11.77 83.83
CA MET B 69 -20.52 -12.97 84.56
C MET B 69 -19.35 -13.50 85.38
N ALA B 70 -18.16 -13.52 84.81
CA ALA B 70 -16.96 -13.98 85.51
C ALA B 70 -16.61 -13.07 86.66
N LEU B 71 -16.56 -11.76 86.40
CA LEU B 71 -16.27 -10.75 87.44
C LEU B 71 -17.29 -10.81 88.59
N ALA B 72 -18.56 -11.02 88.23
CA ALA B 72 -19.63 -11.12 89.21
C ALA B 72 -19.46 -12.35 90.11
N ALA B 73 -19.09 -13.49 89.52
CA ALA B 73 -18.90 -14.76 90.22
C ALA B 73 -17.63 -14.81 91.12
N VAL B 74 -16.75 -13.79 91.09
CA VAL B 74 -15.52 -13.81 91.89
C VAL B 74 -15.83 -13.71 93.37
N THR B 75 -16.42 -12.58 93.77
CA THR B 75 -16.71 -12.25 95.17
C THR B 75 -17.50 -13.32 95.92
N PRO B 76 -18.57 -13.90 95.36
CA PRO B 76 -19.30 -14.94 96.12
C PRO B 76 -18.51 -16.23 96.36
N VAL B 77 -17.71 -16.66 95.37
CA VAL B 77 -16.93 -17.89 95.50
C VAL B 77 -15.76 -17.61 96.44
N LEU B 78 -14.91 -16.68 96.00
CA LEU B 78 -13.72 -16.22 96.70
C LEU B 78 -14.07 -14.91 97.41
N GLY B 79 -14.44 -15.01 98.70
CA GLY B 79 -14.87 -13.88 99.52
C GLY B 79 -13.81 -12.83 99.73
N ASP B 80 -13.50 -12.09 98.64
CA ASP B 80 -12.44 -11.10 98.61
C ASP B 80 -12.44 -10.38 97.27
N THR B 81 -11.41 -9.54 97.11
CA THR B 81 -11.05 -8.83 95.89
C THR B 81 -10.40 -9.84 94.96
N GLY B 82 -10.86 -9.95 93.72
CA GLY B 82 -10.25 -10.91 92.81
C GLY B 82 -10.18 -10.52 91.36
N GLU B 83 -9.48 -11.38 90.62
CA GLU B 83 -9.21 -11.28 89.19
C GLU B 83 -9.90 -12.39 88.47
N VAL B 84 -9.96 -12.28 87.16
CA VAL B 84 -10.49 -13.30 86.27
C VAL B 84 -9.40 -13.61 85.29
N HIS B 85 -8.78 -14.76 85.37
CA HIS B 85 -7.70 -15.13 84.47
C HIS B 85 -8.15 -16.05 83.34
N ASP B 86 -7.43 -15.99 82.22
CA ASP B 86 -7.58 -16.85 81.05
C ASP B 86 -9.05 -17.11 80.71
N LEU B 87 -9.82 -16.04 80.53
CA LEU B 87 -11.23 -16.15 80.14
C LEU B 87 -11.30 -16.42 78.65
N LYS B 88 -11.96 -17.52 78.23
CA LYS B 88 -12.08 -17.92 76.83
C LYS B 88 -13.54 -18.00 76.42
N PHE B 89 -13.86 -17.60 75.17
CA PHE B 89 -15.22 -17.68 74.63
C PHE B 89 -15.21 -18.76 73.57
N HIS B 90 -16.07 -19.77 73.73
CA HIS B 90 -16.12 -20.91 72.84
C HIS B 90 -17.15 -20.67 71.74
N ASP B 91 -18.32 -21.35 71.78
CA ASP B 91 -19.34 -21.21 70.74
C ASP B 91 -20.11 -19.92 70.94
N MET B 92 -20.68 -19.43 69.84
CA MET B 92 -21.40 -18.17 69.85
C MET B 92 -22.83 -18.43 70.27
N LEU B 93 -23.28 -17.79 71.37
CA LEU B 93 -24.64 -18.01 71.85
C LEU B 93 -25.60 -17.18 71.08
N LEU B 94 -26.58 -17.82 70.43
CA LEU B 94 -27.60 -17.13 69.66
C LEU B 94 -28.80 -16.98 70.53
N LEU B 95 -29.26 -15.74 70.66
CA LEU B 95 -30.31 -15.41 71.59
C LEU B 95 -31.68 -15.49 70.98
N ASP B 96 -32.62 -15.92 71.81
CA ASP B 96 -34.06 -16.00 71.55
C ASP B 96 -34.76 -15.11 72.57
N ASP B 97 -36.09 -15.17 72.64
CA ASP B 97 -36.87 -14.39 73.61
C ASP B 97 -36.48 -14.83 75.04
N ALA B 98 -36.22 -16.14 75.20
CA ALA B 98 -35.78 -16.74 76.45
C ALA B 98 -34.61 -17.66 76.16
N THR B 99 -33.48 -17.39 76.78
CA THR B 99 -32.23 -18.13 76.61
C THR B 99 -31.67 -18.44 78.00
N PRO B 100 -32.06 -19.57 78.62
CA PRO B 100 -31.53 -19.89 79.96
C PRO B 100 -30.08 -20.32 79.86
N VAL B 101 -29.28 -19.90 80.84
CA VAL B 101 -27.84 -20.12 80.87
C VAL B 101 -27.43 -20.47 82.29
N TRP B 102 -26.47 -21.41 82.41
CA TRP B 102 -25.98 -21.88 83.69
C TRP B 102 -24.51 -21.58 83.93
N VAL B 103 -24.24 -20.71 84.89
CA VAL B 103 -22.88 -20.39 85.30
C VAL B 103 -22.53 -21.32 86.43
N SER B 104 -21.26 -21.66 86.57
CA SER B 104 -20.84 -22.58 87.60
C SER B 104 -19.35 -22.40 87.92
N ALA B 105 -19.06 -22.16 89.20
CA ALA B 105 -17.69 -21.99 89.67
C ALA B 105 -17.40 -23.02 90.75
N ALA B 106 -16.18 -23.55 90.75
CA ALA B 106 -15.79 -24.57 91.71
C ALA B 106 -14.40 -24.33 92.19
N VAL B 107 -14.21 -24.36 93.50
CA VAL B 107 -12.90 -24.12 94.08
C VAL B 107 -12.04 -25.33 93.83
N THR B 108 -10.88 -25.10 93.23
CA THR B 108 -9.90 -26.13 92.91
C THR B 108 -8.83 -26.17 93.99
N ALA B 109 -8.21 -25.02 94.22
CA ALA B 109 -7.18 -24.77 95.21
C ALA B 109 -7.55 -23.51 96.00
N PRO B 110 -6.98 -23.27 97.19
CA PRO B 110 -7.35 -22.06 97.94
C PRO B 110 -7.00 -20.79 97.17
N GLY B 111 -7.98 -19.90 97.07
CA GLY B 111 -7.87 -18.66 96.33
C GLY B 111 -7.87 -18.85 94.83
N THR B 112 -8.42 -19.98 94.35
CA THR B 112 -8.50 -20.32 92.93
C THR B 112 -9.77 -21.06 92.65
N ALA B 113 -10.35 -20.86 91.47
CA ALA B 113 -11.60 -21.55 91.13
C ALA B 113 -11.83 -21.60 89.64
N GLU B 114 -12.34 -22.73 89.16
CA GLU B 114 -12.65 -22.93 87.75
C GLU B 114 -14.04 -22.38 87.50
N PHE B 115 -14.18 -21.54 86.50
CA PHE B 115 -15.45 -20.90 86.11
C PHE B 115 -15.94 -21.44 84.78
N GLY B 116 -17.26 -21.39 84.56
CA GLY B 116 -17.83 -21.93 83.33
C GLY B 116 -19.29 -21.65 83.05
N VAL B 117 -19.55 -20.97 81.92
CA VAL B 117 -20.91 -20.65 81.43
C VAL B 117 -21.29 -21.63 80.34
N GLU B 118 -22.40 -22.36 80.53
CA GLU B 118 -22.89 -23.36 79.61
C GLU B 118 -24.38 -23.20 79.37
N THR B 119 -24.89 -23.83 78.33
CA THR B 119 -26.31 -23.79 78.01
C THR B 119 -26.75 -25.22 77.61
N HIS B 120 -27.91 -25.62 78.10
CA HIS B 120 -28.49 -26.95 77.97
C HIS B 120 -29.69 -26.88 77.04
N GLN B 121 -29.66 -27.68 75.96
CA GLN B 121 -30.72 -27.72 74.95
C GLN B 121 -31.07 -29.15 74.58
N SER B 122 -32.24 -29.63 75.05
CA SER B 122 -32.78 -30.97 74.77
C SER B 122 -31.91 -32.11 75.37
N GLY B 123 -31.19 -31.81 76.45
CA GLY B 123 -30.27 -32.75 77.10
C GLY B 123 -28.82 -32.48 76.79
N ASP B 124 -28.53 -31.84 75.62
CA ASP B 124 -27.17 -31.58 75.12
C ASP B 124 -26.60 -30.27 75.66
N ARG B 125 -25.59 -30.39 76.54
CA ARG B 125 -24.90 -29.24 77.14
C ARG B 125 -23.91 -28.64 76.13
N THR B 126 -23.80 -27.32 76.08
CA THR B 126 -22.90 -26.60 75.16
C THR B 126 -22.12 -25.57 75.94
N GLN B 127 -20.81 -25.75 76.08
CA GLN B 127 -19.98 -24.82 76.85
C GLN B 127 -19.78 -23.57 76.01
N ARG B 128 -20.09 -22.40 76.60
CA ARG B 128 -20.02 -21.10 75.93
C ARG B 128 -18.83 -20.26 76.36
N ALA B 129 -18.34 -20.44 77.61
CA ALA B 129 -17.17 -19.70 78.09
C ALA B 129 -16.60 -20.34 79.34
N THR B 130 -15.28 -20.24 79.53
CA THR B 130 -14.58 -20.79 80.71
C THR B 130 -13.42 -19.89 81.12
N ALA B 131 -13.17 -19.80 82.43
CA ALA B 131 -12.10 -18.97 82.97
C ALA B 131 -11.62 -19.51 84.30
N VAL B 132 -10.71 -18.76 84.96
CA VAL B 132 -10.18 -19.08 86.27
C VAL B 132 -10.35 -17.86 87.13
N LEU B 133 -10.89 -18.03 88.32
CA LEU B 133 -11.10 -16.92 89.26
C LEU B 133 -10.00 -16.97 90.28
N ARG B 134 -9.43 -15.83 90.64
CA ARG B 134 -8.34 -15.79 91.62
C ARG B 134 -8.55 -14.65 92.61
N GLY B 135 -8.44 -14.94 93.90
CA GLY B 135 -8.58 -13.97 94.98
C GLY B 135 -7.29 -13.58 95.67
N ASP B 136 -6.29 -14.48 95.64
CA ASP B 136 -4.95 -14.31 96.21
C ASP B 136 -4.17 -13.10 95.63
N VAL B 137 -4.49 -12.71 94.39
CA VAL B 137 -3.86 -11.60 93.67
C VAL B 137 -3.82 -10.31 94.49
N ASP B 138 -2.71 -9.57 94.33
CA ASP B 138 -2.41 -8.35 95.06
C ASP B 138 -3.15 -7.14 94.49
N ALA B 139 -3.52 -6.22 95.40
CA ALA B 139 -4.23 -4.98 95.07
C ALA B 139 -3.27 -3.97 94.46
N GLU B 140 -3.01 -4.14 93.15
CA GLU B 140 -2.10 -3.30 92.39
C GLU B 140 -2.94 -2.43 91.46
N ARG B 141 -3.57 -1.39 92.04
CA ARG B 141 -4.42 -0.47 91.26
C ARG B 141 -3.56 0.44 90.42
N PRO B 142 -3.68 0.43 89.09
CA PRO B 142 -2.82 1.33 88.30
C PRO B 142 -3.12 2.76 88.61
N ALA B 143 -2.06 3.58 88.66
CA ALA B 143 -2.19 4.99 88.99
C ALA B 143 -3.02 5.72 87.97
N ALA B 144 -3.78 6.71 88.44
CA ALA B 144 -4.65 7.52 87.61
C ALA B 144 -3.87 8.23 86.54
N HIS B 145 -4.55 8.50 85.43
CA HIS B 145 -3.96 9.12 84.26
C HIS B 145 -4.40 10.56 84.15
N SER B 146 -3.68 11.32 83.35
CA SER B 146 -4.00 12.71 83.09
C SER B 146 -4.82 12.74 81.83
N ILE B 147 -6.13 12.89 81.98
CA ILE B 147 -7.05 12.88 80.84
C ILE B 147 -6.70 14.01 79.89
N ASP B 148 -6.30 15.17 80.42
CA ASP B 148 -5.92 16.31 79.58
C ASP B 148 -4.68 15.96 78.72
N ALA B 149 -3.63 15.44 79.35
CA ALA B 149 -2.39 15.06 78.67
C ALA B 149 -2.61 13.92 77.69
N LEU B 150 -3.41 12.94 78.07
CA LEU B 150 -3.72 11.82 77.18
C LEU B 150 -4.36 12.32 75.91
N LEU B 151 -5.41 13.15 76.05
CA LEU B 151 -6.13 13.70 74.90
C LEU B 151 -5.27 14.66 74.08
N ALA B 152 -4.31 15.33 74.72
CA ALA B 152 -3.38 16.19 74.03
C ALA B 152 -2.41 15.37 73.20
N ALA B 153 -1.97 14.22 73.74
CA ALA B 153 -1.05 13.31 73.04
C ALA B 153 -1.72 12.55 71.87
N HIS B 154 -3.07 12.47 71.85
CA HIS B 154 -3.84 11.81 70.79
C HIS B 154 -4.74 12.85 70.12
N PRO B 155 -4.24 13.56 69.11
CA PRO B 155 -5.05 14.61 68.47
C PRO B 155 -6.00 14.11 67.38
N ASN B 156 -5.61 13.08 66.62
CA ASN B 156 -6.42 12.57 65.52
C ASN B 156 -7.71 11.90 66.04
N ARG B 157 -8.87 12.52 65.79
CA ARG B 157 -10.17 12.04 66.25
C ARG B 157 -10.80 11.06 65.22
N VAL B 158 -11.48 10.02 65.73
CA VAL B 158 -12.19 9.00 64.96
C VAL B 158 -13.65 8.98 65.45
N ASP B 159 -14.64 9.24 64.58
CA ASP B 159 -16.05 9.25 65.04
C ASP B 159 -16.52 7.82 65.34
N GLY B 160 -17.37 7.71 66.36
CA GLY B 160 -17.93 6.43 66.80
C GLY B 160 -18.88 5.84 65.79
N ASP B 161 -19.79 6.68 65.26
CA ASP B 161 -20.77 6.25 64.26
C ASP B 161 -20.08 5.76 62.97
N GLU B 162 -19.02 6.48 62.55
CA GLU B 162 -18.20 6.14 61.39
C GLU B 162 -17.55 4.77 61.56
N LEU B 163 -17.07 4.49 62.77
CA LEU B 163 -16.44 3.21 63.10
C LEU B 163 -17.49 2.09 63.20
N ARG B 164 -18.65 2.38 63.85
CA ARG B 164 -19.75 1.41 63.99
C ARG B 164 -20.40 1.10 62.63
N ALA B 165 -20.27 2.01 61.66
CA ALA B 165 -20.73 1.76 60.29
C ALA B 165 -19.78 0.76 59.63
N GLY B 166 -18.47 0.91 59.91
CA GLY B 166 -17.43 0.01 59.44
C GLY B 166 -17.60 -1.40 59.95
N PHE B 167 -18.10 -1.53 61.18
CA PHE B 167 -18.39 -2.85 61.77
C PHE B 167 -19.53 -3.54 61.02
N GLY B 168 -20.53 -2.77 60.60
CA GLY B 168 -21.68 -3.29 59.85
C GLY B 168 -21.33 -3.94 58.52
N THR B 169 -20.20 -3.53 57.90
CA THR B 169 -19.79 -4.10 56.61
C THR B 169 -19.26 -5.53 56.80
N VAL B 170 -18.44 -5.77 57.86
CA VAL B 170 -17.88 -7.10 58.13
C VAL B 170 -18.95 -8.10 58.65
N GLY B 171 -20.09 -7.59 59.15
CA GLY B 171 -21.20 -8.41 59.61
C GLY B 171 -21.66 -8.17 61.04
N ILE B 172 -20.90 -7.38 61.82
CA ILE B 172 -21.20 -7.10 63.22
C ILE B 172 -22.07 -5.85 63.32
N GLY B 173 -23.26 -6.00 63.91
CA GLY B 173 -24.20 -4.91 64.11
C GLY B 173 -24.27 -4.47 65.56
N HIS B 174 -24.07 -3.16 65.80
CA HIS B 174 -24.14 -2.57 67.12
C HIS B 174 -25.27 -1.55 67.15
N GLY B 175 -26.35 -1.88 67.84
CA GLY B 175 -27.52 -1.00 67.96
C GLY B 175 -27.33 0.08 69.00
N ALA B 176 -28.43 0.76 69.35
CA ALA B 176 -28.47 1.88 70.30
C ALA B 176 -27.71 1.61 71.59
N ALA B 177 -27.93 0.44 72.19
CA ALA B 177 -27.31 0.01 73.44
C ALA B 177 -25.78 -0.10 73.35
N PHE B 178 -25.29 -0.61 72.22
CA PHE B 178 -23.88 -0.85 72.01
C PHE B 178 -23.19 0.35 71.31
N ALA B 179 -23.86 1.51 71.26
CA ALA B 179 -23.30 2.72 70.66
C ALA B 179 -22.71 3.66 71.72
N GLY B 180 -22.12 3.09 72.78
CA GLY B 180 -21.54 3.88 73.86
C GLY B 180 -20.32 4.66 73.44
N LEU B 181 -19.54 4.12 72.46
CA LEU B 181 -18.32 4.75 71.96
C LEU B 181 -18.68 6.02 71.18
N SER B 182 -18.43 7.18 71.79
CA SER B 182 -18.73 8.49 71.20
C SER B 182 -17.73 8.84 70.13
N GLU B 183 -16.44 8.75 70.48
CA GLU B 183 -15.33 9.10 69.59
C GLU B 183 -14.01 8.60 70.18
N ALA B 184 -13.09 8.14 69.33
CA ALA B 184 -11.79 7.62 69.74
C ALA B 184 -10.68 8.50 69.23
N TYR B 185 -9.77 8.91 70.11
CA TYR B 185 -8.63 9.76 69.76
C TYR B 185 -7.40 8.90 69.61
N VAL B 186 -6.68 9.05 68.48
CA VAL B 186 -5.46 8.29 68.15
C VAL B 186 -4.36 9.27 67.74
N ALA B 187 -3.23 8.74 67.28
CA ALA B 187 -2.14 9.56 66.78
C ALA B 187 -1.60 8.95 65.48
N THR B 188 -0.71 7.93 65.56
CA THR B 188 -0.12 7.25 64.40
C THR B 188 -0.03 5.76 64.68
N ALA B 189 0.57 4.99 63.77
CA ALA B 189 0.78 3.55 63.99
C ALA B 189 1.91 3.32 65.00
N ALA B 190 2.93 4.20 65.01
CA ALA B 190 4.08 4.16 65.93
C ALA B 190 3.65 4.26 67.38
N GLU B 191 2.64 5.12 67.64
CA GLU B 191 2.04 5.31 68.96
C GLU B 191 1.03 4.20 69.17
N PRO B 192 1.22 3.29 70.16
CA PRO B 192 0.33 2.14 70.26
C PRO B 192 -0.90 2.31 71.17
N THR B 193 -1.35 3.54 71.45
CA THR B 193 -2.48 3.75 72.36
C THR B 193 -3.65 4.47 71.73
N VAL B 194 -4.85 4.27 72.33
CA VAL B 194 -6.13 4.87 71.91
C VAL B 194 -6.85 5.39 73.13
N VAL B 195 -7.18 6.67 73.14
CA VAL B 195 -7.96 7.28 74.20
C VAL B 195 -9.35 7.37 73.65
N ALA B 196 -10.30 6.60 74.21
CA ALA B 196 -11.67 6.58 73.71
C ALA B 196 -12.61 7.24 74.69
N ALA B 197 -13.68 7.85 74.16
CA ALA B 197 -14.68 8.53 74.98
C ALA B 197 -15.94 7.68 75.02
N VAL B 198 -15.94 6.64 75.85
CA VAL B 198 -17.08 5.73 76.01
C VAL B 198 -17.98 6.19 77.14
N ALA B 199 -19.23 5.73 77.13
CA ALA B 199 -20.22 6.05 78.13
C ALA B 199 -21.45 5.22 77.93
N LEU B 200 -21.98 4.64 79.01
CA LEU B 200 -23.18 3.80 78.91
C LEU B 200 -24.38 4.64 78.45
N PRO B 201 -25.05 4.27 77.33
CA PRO B 201 -26.20 5.08 76.88
C PRO B 201 -27.29 5.34 77.94
N GLY B 202 -27.93 6.49 77.83
CA GLY B 202 -28.99 6.96 78.73
C GLY B 202 -30.05 5.97 79.14
N PRO B 203 -30.64 5.20 78.22
CA PRO B 203 -31.66 4.22 78.63
C PRO B 203 -31.14 3.18 79.62
N LEU B 204 -29.91 2.71 79.38
CA LEU B 204 -29.27 1.69 80.20
C LEU B 204 -28.78 2.21 81.55
N ARG B 205 -28.66 3.54 81.74
CA ARG B 205 -28.18 4.09 83.02
C ARG B 205 -29.11 3.70 84.17
N SER B 206 -30.41 3.56 83.90
CA SER B 206 -31.38 3.09 84.90
C SER B 206 -31.07 1.63 85.24
N GLY B 207 -30.78 0.85 84.20
CA GLY B 207 -30.43 -0.55 84.29
C GLY B 207 -28.96 -0.84 84.59
N GLN B 208 -28.27 0.01 85.40
CA GLN B 208 -26.88 -0.23 85.82
C GLN B 208 -26.90 -1.27 86.96
N ARG B 209 -28.07 -1.39 87.62
CA ARG B 209 -28.46 -2.40 88.61
C ARG B 209 -27.25 -2.97 89.40
N GLY B 210 -27.00 -4.29 89.30
CA GLY B 210 -25.95 -4.97 90.03
C GLY B 210 -24.85 -5.49 89.12
N TYR B 211 -24.53 -4.71 88.10
CA TYR B 211 -23.47 -5.04 87.18
C TYR B 211 -22.14 -4.51 87.69
N THR B 212 -21.10 -5.36 87.74
CA THR B 212 -19.72 -4.92 88.06
C THR B 212 -19.33 -3.90 86.98
N VAL B 213 -19.60 -4.28 85.72
CA VAL B 213 -19.45 -3.45 84.53
C VAL B 213 -20.56 -3.85 83.56
N HIS B 214 -21.28 -2.87 82.98
CA HIS B 214 -22.38 -3.21 82.07
C HIS B 214 -21.80 -3.77 80.80
N PRO B 215 -22.26 -4.93 80.29
CA PRO B 215 -21.64 -5.47 79.07
C PRO B 215 -21.74 -4.55 77.83
N ALA B 216 -22.78 -3.71 77.77
CA ALA B 216 -22.95 -2.74 76.67
C ALA B 216 -21.77 -1.77 76.63
N LEU B 217 -21.35 -1.33 77.81
CA LEU B 217 -20.24 -0.40 78.02
C LEU B 217 -18.91 -1.06 77.75
N LEU B 218 -18.68 -2.26 78.31
CA LEU B 218 -17.43 -2.98 78.11
C LEU B 218 -17.24 -3.36 76.64
N ASP B 219 -18.32 -3.66 75.89
CA ASP B 219 -18.18 -3.97 74.46
C ASP B 219 -17.82 -2.71 73.70
N ALA B 220 -18.32 -1.53 74.13
CA ALA B 220 -17.96 -0.25 73.50
C ALA B 220 -16.46 0.08 73.70
N CYS B 221 -15.84 -0.45 74.76
CA CYS B 221 -14.40 -0.30 75.01
C CYS B 221 -13.64 -1.19 74.05
N PHE B 222 -14.16 -2.40 73.79
CA PHE B 222 -13.52 -3.33 72.86
C PHE B 222 -13.57 -2.75 71.45
N GLN B 223 -14.70 -2.10 71.07
CA GLN B 223 -14.83 -1.44 69.76
C GLN B 223 -13.72 -0.40 69.56
N SER B 224 -13.42 0.34 70.65
CA SER B 224 -12.40 1.40 70.68
C SER B 224 -11.01 0.92 70.20
N VAL B 225 -10.67 -0.36 70.42
CA VAL B 225 -9.37 -0.93 70.01
C VAL B 225 -9.22 -0.89 68.47
N ILE B 226 -10.33 -1.07 67.74
CA ILE B 226 -10.35 -1.12 66.28
C ILE B 226 -10.07 0.27 65.69
N ALA B 227 -10.32 1.35 66.44
CA ALA B 227 -10.04 2.73 65.99
C ALA B 227 -8.52 2.99 65.76
N HIS B 228 -7.63 2.16 66.34
CA HIS B 228 -6.19 2.32 66.19
C HIS B 228 -5.78 2.17 64.72
N PRO B 229 -4.89 3.05 64.19
CA PRO B 229 -4.49 2.93 62.77
C PRO B 229 -3.79 1.62 62.41
N GLU B 230 -2.89 1.12 63.28
CA GLU B 230 -2.18 -0.14 63.04
C GLU B 230 -3.17 -1.31 62.90
N VAL B 231 -4.32 -1.27 63.63
CA VAL B 231 -5.36 -2.31 63.56
C VAL B 231 -6.11 -2.19 62.23
N GLN B 232 -6.51 -0.96 61.88
CA GLN B 232 -7.23 -0.69 60.62
C GLN B 232 -6.45 -1.15 59.40
N ASN B 233 -5.14 -0.83 59.39
CA ASN B 233 -4.24 -1.17 58.29
C ASN B 233 -4.00 -2.68 58.20
N ILE B 234 -3.55 -3.30 59.30
CA ILE B 234 -3.22 -4.73 59.30
C ILE B 234 -4.48 -5.60 59.26
N ALA B 235 -5.16 -5.80 60.40
CA ALA B 235 -6.33 -6.67 60.46
C ALA B 235 -7.57 -5.97 59.89
N SER B 236 -7.73 -6.09 58.56
CA SER B 236 -8.86 -5.52 57.83
C SER B 236 -9.89 -6.65 57.53
N GLY B 237 -10.33 -7.32 58.60
CA GLY B 237 -11.30 -8.41 58.54
C GLY B 237 -12.28 -8.33 59.71
N MET B 238 -13.08 -9.39 59.93
CA MET B 238 -14.06 -9.41 61.02
C MET B 238 -13.36 -9.73 62.34
N LEU B 239 -13.27 -8.73 63.25
CA LEU B 239 -12.60 -8.90 64.55
C LEU B 239 -13.62 -9.05 65.67
N LEU B 240 -13.69 -10.26 66.25
CA LEU B 240 -14.57 -10.60 67.36
C LEU B 240 -13.76 -10.91 68.58
N PRO B 241 -14.20 -10.54 69.79
CA PRO B 241 -13.43 -10.88 70.99
C PRO B 241 -13.45 -12.38 71.25
N LEU B 242 -12.28 -12.97 71.45
CA LEU B 242 -12.08 -14.41 71.67
C LEU B 242 -11.78 -14.74 73.13
N GLY B 243 -11.30 -13.76 73.90
CA GLY B 243 -10.98 -13.97 75.31
C GLY B 243 -10.23 -12.82 75.93
N VAL B 244 -9.91 -12.94 77.22
CA VAL B 244 -9.21 -11.92 78.00
C VAL B 244 -8.25 -12.59 78.98
N ARG B 245 -6.92 -12.27 78.93
CA ARG B 245 -5.95 -12.90 79.83
C ARG B 245 -6.18 -12.57 81.29
N ARG B 246 -6.51 -11.31 81.62
CA ARG B 246 -6.67 -10.90 83.02
C ARG B 246 -7.65 -9.75 83.12
N LEU B 247 -8.65 -9.90 83.97
CA LEU B 247 -9.72 -8.94 84.20
C LEU B 247 -9.86 -8.62 85.67
N ARG B 248 -9.78 -7.35 86.05
CA ARG B 248 -9.95 -6.95 87.45
C ARG B 248 -10.74 -5.66 87.51
N ALA B 249 -11.63 -5.56 88.48
CA ALA B 249 -12.42 -4.37 88.71
C ALA B 249 -11.93 -3.74 89.99
N TYR B 250 -11.55 -2.48 89.94
CA TYR B 250 -11.03 -1.75 91.10
C TYR B 250 -12.12 -0.97 91.82
N GLY B 251 -13.15 -0.54 91.09
CA GLY B 251 -14.26 0.22 91.66
C GLY B 251 -15.53 0.12 90.83
N SER B 252 -16.41 1.11 90.99
CA SER B 252 -17.66 1.17 90.26
C SER B 252 -17.42 1.77 88.92
N THR B 253 -17.93 1.13 87.89
CA THR B 253 -17.79 1.62 86.53
C THR B 253 -18.96 2.56 86.13
N ARG B 254 -19.78 3.00 87.10
CA ARG B 254 -20.95 3.84 86.85
C ARG B 254 -20.57 5.16 86.19
N ASN B 255 -19.51 5.79 86.71
CA ASN B 255 -19.05 7.10 86.28
C ASN B 255 -17.86 7.01 85.27
N VAL B 256 -17.68 5.86 84.56
CA VAL B 256 -16.62 5.73 83.56
C VAL B 256 -17.00 6.58 82.33
N ARG B 257 -16.07 7.46 81.90
CA ARG B 257 -16.25 8.35 80.74
C ARG B 257 -15.21 8.09 79.65
N TYR B 258 -14.12 7.36 79.96
CA TYR B 258 -13.04 7.10 78.99
C TYR B 258 -12.54 5.69 79.05
N CYS B 259 -11.87 5.26 77.97
CA CYS B 259 -11.26 3.95 77.87
C CYS B 259 -9.91 4.07 77.19
N LEU B 260 -8.84 3.82 77.94
CA LEU B 260 -7.48 3.88 77.41
C LEU B 260 -7.04 2.49 76.95
N SER B 261 -6.90 2.30 75.63
CA SER B 261 -6.49 1.03 75.04
C SER B 261 -5.03 1.09 74.64
N ARG B 262 -4.39 -0.08 74.52
CA ARG B 262 -2.98 -0.21 74.13
C ARG B 262 -2.79 -1.45 73.28
N ILE B 263 -2.19 -1.33 72.10
CA ILE B 263 -2.01 -2.47 71.21
C ILE B 263 -0.74 -3.22 71.60
N VAL B 264 -0.89 -4.49 71.96
CA VAL B 264 0.22 -5.35 72.33
C VAL B 264 0.77 -5.97 71.07
N LYS B 265 -0.12 -6.57 70.26
CA LYS B 265 0.22 -7.25 69.01
C LYS B 265 -0.87 -6.97 67.97
N ALA B 266 -0.46 -6.69 66.72
CA ALA B 266 -1.33 -6.41 65.58
C ALA B 266 -0.88 -7.25 64.40
N ASP B 267 -1.56 -8.37 64.18
CA ASP B 267 -1.25 -9.34 63.14
C ASP B 267 -2.46 -9.56 62.24
N SER B 268 -2.22 -10.16 61.06
CA SER B 268 -3.25 -10.50 60.09
C SER B 268 -4.31 -11.45 60.68
N PHE B 269 -3.88 -12.36 61.59
CA PHE B 269 -4.76 -13.33 62.22
C PHE B 269 -5.63 -12.70 63.30
N GLY B 270 -5.00 -11.97 64.21
CA GLY B 270 -5.71 -11.32 65.31
C GLY B 270 -5.00 -10.14 65.92
N VAL B 271 -5.63 -9.54 66.94
CA VAL B 271 -5.12 -8.37 67.65
C VAL B 271 -5.20 -8.57 69.15
N GLU B 272 -4.10 -8.32 69.88
CA GLU B 272 -4.08 -8.40 71.34
C GLU B 272 -3.96 -6.98 71.86
N ALA B 273 -4.71 -6.65 72.92
CA ALA B 273 -4.67 -5.30 73.48
C ALA B 273 -4.92 -5.29 74.98
N ASP B 274 -4.42 -4.26 75.66
CA ASP B 274 -4.58 -4.07 77.09
C ASP B 274 -5.43 -2.80 77.33
N LEU B 275 -6.56 -2.94 78.05
CA LEU B 275 -7.52 -1.85 78.29
C LEU B 275 -7.55 -1.38 79.72
N GLU B 276 -8.06 -0.16 79.92
CA GLU B 276 -8.22 0.48 81.22
C GLU B 276 -9.38 1.43 81.14
N LEU B 277 -10.39 1.23 81.97
CA LEU B 277 -11.59 2.07 82.00
C LEU B 277 -11.39 3.17 83.03
N LEU B 278 -11.31 4.41 82.57
CA LEU B 278 -11.03 5.56 83.42
C LEU B 278 -12.24 6.45 83.64
N ASP B 279 -12.38 7.02 84.84
CA ASP B 279 -13.45 7.98 85.12
C ASP B 279 -13.04 9.35 84.56
N ALA B 280 -13.83 10.39 84.80
CA ALA B 280 -13.51 11.73 84.30
C ALA B 280 -12.19 12.28 84.85
N ASP B 281 -11.88 11.97 86.12
CA ASP B 281 -10.64 12.41 86.79
C ASP B 281 -9.39 11.71 86.23
N GLY B 282 -9.59 10.51 85.69
CA GLY B 282 -8.56 9.68 85.12
C GLY B 282 -8.22 8.47 85.97
N THR B 283 -8.93 8.25 87.08
CA THR B 283 -8.70 7.10 87.96
C THR B 283 -9.14 5.82 87.28
N VAL B 284 -8.35 4.74 87.42
CA VAL B 284 -8.68 3.47 86.79
C VAL B 284 -9.75 2.74 87.60
N LEU B 285 -10.83 2.32 86.93
CA LEU B 285 -11.96 1.61 87.53
C LEU B 285 -11.97 0.12 87.19
N LEU B 286 -11.50 -0.24 85.99
CA LEU B 286 -11.40 -1.63 85.56
C LEU B 286 -10.31 -1.77 84.54
N SER B 287 -9.60 -2.90 84.53
CA SER B 287 -8.55 -3.16 83.58
C SER B 287 -8.69 -4.54 82.99
N ALA B 288 -8.51 -4.57 81.68
CA ALA B 288 -8.55 -5.77 80.87
C ALA B 288 -7.23 -5.96 80.18
N MET B 289 -6.40 -6.81 80.70
CA MET B 289 -5.16 -7.10 80.03
C MET B 289 -5.37 -8.29 79.12
N GLY B 290 -4.73 -8.25 77.97
CA GLY B 290 -4.74 -9.36 77.03
C GLY B 290 -6.06 -9.69 76.38
N LEU B 291 -6.81 -8.67 75.98
CA LEU B 291 -8.04 -8.84 75.22
C LEU B 291 -7.66 -9.37 73.88
N GLN B 292 -8.06 -10.60 73.56
CA GLN B 292 -7.73 -11.21 72.28
C GLN B 292 -8.96 -11.07 71.34
N LEU B 293 -8.74 -10.45 70.15
CA LEU B 293 -9.72 -10.29 69.07
C LEU B 293 -9.31 -11.15 67.93
N GLY B 294 -10.23 -11.42 67.02
CA GLY B 294 -9.83 -12.26 65.91
C GLY B 294 -10.90 -12.86 65.04
N THR B 295 -10.40 -13.42 63.94
CA THR B 295 -11.22 -14.03 62.92
C THR B 295 -11.68 -15.33 63.50
N GLY B 296 -12.80 -15.25 64.23
CA GLY B 296 -13.43 -16.37 64.90
C GLY B 296 -12.63 -17.66 64.92
N ASN B 297 -12.94 -18.59 64.00
CA ASN B 297 -12.28 -19.90 63.96
C ASN B 297 -11.46 -20.10 62.66
N SER B 298 -10.49 -21.08 62.76
CA SER B 298 -9.46 -21.62 61.84
C SER B 298 -9.04 -20.76 60.61
N ASP B 299 -7.77 -20.93 60.19
CA ASP B 299 -7.16 -20.21 59.04
C ASP B 299 -7.74 -20.74 57.71
N LYS B 300 -7.97 -22.05 57.69
CA LYS B 300 -8.53 -22.86 56.61
C LYS B 300 -10.05 -22.63 56.54
N ALA B 301 -10.70 -22.43 57.72
CA ALA B 301 -12.12 -22.16 57.82
C ALA B 301 -12.45 -20.74 57.36
N GLU B 302 -11.46 -19.83 57.37
CA GLU B 302 -11.59 -18.44 56.90
C GLU B 302 -11.69 -18.44 55.37
N GLU B 303 -10.82 -19.25 54.71
CA GLU B 303 -10.81 -19.41 53.25
C GLU B 303 -12.15 -19.96 52.78
N GLU B 304 -12.58 -21.09 53.39
CA GLU B 304 -13.86 -21.75 53.10
C GLU B 304 -15.03 -20.78 53.23
N ARG B 305 -15.01 -19.88 54.25
CA ARG B 305 -16.07 -18.90 54.47
C ARG B 305 -15.99 -17.79 53.42
N LEU B 306 -14.78 -17.32 53.04
CA LEU B 306 -14.62 -16.25 52.04
C LEU B 306 -15.10 -16.72 50.66
N LEU B 307 -14.65 -17.90 50.27
CA LEU B 307 -15.03 -18.56 49.02
C LEU B 307 -16.55 -18.61 48.87
N ASP B 308 -17.28 -18.89 49.96
CA ASP B 308 -18.74 -18.99 49.94
C ASP B 308 -19.41 -17.63 49.66
N GLU B 309 -18.91 -16.55 50.28
CA GLU B 309 -19.48 -15.22 50.10
C GLU B 309 -19.20 -14.65 48.71
N ARG B 310 -18.01 -14.92 48.16
CA ARG B 310 -17.57 -14.42 46.84
C ARG B 310 -18.30 -15.10 45.61
N LEU B 311 -18.66 -16.40 45.71
CA LEU B 311 -19.29 -17.13 44.61
C LEU B 311 -20.66 -16.62 44.24
N LEU B 312 -20.98 -16.65 42.94
CA LEU B 312 -22.24 -16.20 42.36
C LEU B 312 -22.71 -17.08 41.19
N THR B 313 -24.03 -17.37 41.14
CA THR B 313 -24.65 -18.18 40.11
C THR B 313 -25.95 -17.57 39.68
N ILE B 314 -26.35 -17.81 38.44
CA ILE B 314 -27.64 -17.36 37.93
C ILE B 314 -28.64 -18.50 38.09
N GLU B 315 -29.82 -18.22 38.64
CA GLU B 315 -30.84 -19.22 38.89
C GLU B 315 -32.14 -18.75 38.30
N TRP B 316 -32.94 -19.68 37.79
CA TRP B 316 -34.19 -19.38 37.11
C TRP B 316 -35.38 -19.79 37.94
N GLN B 317 -36.32 -18.86 38.13
CA GLN B 317 -37.52 -19.09 38.91
C GLN B 317 -38.75 -19.19 38.00
N GLN B 318 -39.61 -20.21 38.23
CA GLN B 318 -40.89 -20.34 37.51
C GLN B 318 -41.79 -19.20 37.97
N ARG B 319 -42.13 -18.26 37.08
CA ARG B 319 -42.93 -17.09 37.45
C ARG B 319 -44.23 -17.03 36.63
N GLU B 320 -45.19 -16.19 37.10
CA GLU B 320 -46.47 -15.96 36.46
C GLU B 320 -46.58 -14.49 36.06
N LEU B 321 -47.20 -14.20 34.91
CA LEU B 321 -47.32 -12.84 34.35
C LEU B 321 -48.27 -12.01 35.17
N PRO B 322 -47.84 -10.94 35.87
CA PRO B 322 -48.77 -10.25 36.76
C PRO B 322 -49.34 -8.95 36.21
N ARG B 323 -50.62 -8.66 36.63
CA ARG B 323 -51.42 -7.45 36.38
C ARG B 323 -51.55 -7.06 34.87
N PRO B 324 -52.55 -6.21 34.51
CA PRO B 324 -53.59 -5.59 35.35
C PRO B 324 -54.84 -6.47 35.49
N GLY B 333 -51.28 1.75 23.00
CA GLY B 333 -49.95 2.15 22.60
C GLY B 333 -49.44 1.43 21.37
N SER B 334 -48.69 2.13 20.50
CA SER B 334 -48.15 1.54 19.26
C SER B 334 -46.92 0.67 19.53
N TRP B 335 -46.58 -0.21 18.57
CA TRP B 335 -45.44 -1.14 18.67
C TRP B 335 -44.67 -1.23 17.34
N LEU B 336 -43.48 -1.85 17.39
CA LEU B 336 -42.61 -2.07 16.22
C LEU B 336 -41.84 -3.38 16.34
N VAL B 337 -42.17 -4.38 15.50
CA VAL B 337 -41.47 -5.66 15.47
C VAL B 337 -40.39 -5.55 14.40
N ILE B 338 -39.13 -5.81 14.76
CA ILE B 338 -37.97 -5.68 13.85
C ILE B 338 -37.22 -7.01 13.80
N LEU B 339 -36.71 -7.39 12.61
CA LEU B 339 -36.00 -8.67 12.41
C LEU B 339 -34.46 -8.51 12.34
N ALA B 340 -33.71 -9.65 12.36
CA ALA B 340 -32.25 -9.69 12.21
C ALA B 340 -31.79 -10.55 11.00
N GLY B 341 -32.72 -11.17 10.26
CA GLY B 341 -32.44 -12.00 9.08
C GLY B 341 -33.63 -11.99 8.13
N ASP B 342 -33.47 -11.36 6.95
CA ASP B 342 -34.55 -11.16 5.96
C ASP B 342 -34.75 -12.40 5.07
N ASP B 343 -33.65 -13.00 4.57
CA ASP B 343 -33.73 -14.19 3.70
C ASP B 343 -34.31 -15.41 4.49
N ASP B 344 -34.23 -15.40 5.85
CA ASP B 344 -34.84 -16.41 6.71
C ASP B 344 -36.24 -15.91 7.10
N GLU B 345 -37.30 -16.70 6.81
CA GLU B 345 -38.68 -16.31 7.13
C GLU B 345 -39.02 -16.80 8.53
N ASN B 346 -39.09 -15.87 9.52
CA ASN B 346 -39.32 -16.20 10.93
C ASN B 346 -40.81 -16.37 11.26
N PRO B 347 -41.30 -17.59 11.58
CA PRO B 347 -42.71 -17.72 12.00
C PRO B 347 -42.95 -17.04 13.36
N ARG B 348 -41.90 -16.94 14.22
CA ARG B 348 -42.00 -16.25 15.51
C ARG B 348 -42.30 -14.78 15.28
N ALA B 349 -41.59 -14.14 14.33
CA ALA B 349 -41.82 -12.73 14.00
C ALA B 349 -43.23 -12.52 13.41
N ALA B 350 -43.66 -13.43 12.54
CA ALA B 350 -44.99 -13.38 11.91
C ALA B 350 -46.10 -13.54 12.94
N GLY B 351 -45.97 -14.56 13.78
CA GLY B 351 -46.93 -14.85 14.84
C GLY B 351 -47.01 -13.79 15.92
N VAL B 352 -45.91 -13.07 16.18
CA VAL B 352 -45.88 -12.00 17.19
C VAL B 352 -46.63 -10.78 16.67
N VAL B 353 -46.41 -10.39 15.40
CA VAL B 353 -47.09 -9.24 14.81
C VAL B 353 -48.61 -9.51 14.75
N SER B 354 -49.01 -10.75 14.40
CA SER B 354 -50.43 -11.12 14.31
C SER B 354 -51.10 -11.08 15.71
N ALA B 355 -50.39 -11.52 16.75
CA ALA B 355 -50.93 -11.55 18.12
C ALA B 355 -51.03 -10.15 18.72
N LEU B 356 -50.10 -9.22 18.39
CA LEU B 356 -50.17 -7.83 18.87
C LEU B 356 -51.34 -7.11 18.24
N ILE B 357 -51.55 -7.32 16.92
CA ILE B 357 -52.68 -6.72 16.21
C ILE B 357 -53.97 -7.39 16.72
N GLY B 358 -53.91 -8.67 17.05
CA GLY B 358 -55.03 -9.40 17.65
C GLY B 358 -55.41 -8.88 19.02
N ALA B 359 -54.42 -8.43 19.81
CA ALA B 359 -54.64 -7.84 21.13
C ALA B 359 -55.25 -6.43 21.02
N GLY B 360 -55.00 -5.77 19.90
CA GLY B 360 -55.53 -4.43 19.61
C GLY B 360 -54.50 -3.31 19.69
N MET B 361 -53.24 -3.59 19.29
CA MET B 361 -52.14 -2.61 19.30
C MET B 361 -51.71 -2.32 17.86
N PRO B 362 -51.57 -1.04 17.44
CA PRO B 362 -51.12 -0.78 16.07
C PRO B 362 -49.63 -1.10 15.92
N THR B 363 -49.35 -2.24 15.28
CA THR B 363 -47.99 -2.76 15.09
C THR B 363 -47.48 -2.48 13.68
N THR B 364 -46.18 -2.14 13.58
CA THR B 364 -45.48 -1.91 12.32
C THR B 364 -44.34 -2.92 12.26
N THR B 365 -43.80 -3.22 11.06
CA THR B 365 -42.74 -4.22 10.95
C THR B 365 -41.56 -3.69 10.12
N MET B 366 -40.32 -3.92 10.62
CA MET B 366 -39.06 -3.51 10.01
C MET B 366 -38.28 -4.78 9.65
N ALA B 367 -37.45 -4.70 8.61
CA ALA B 367 -36.68 -5.85 8.12
C ALA B 367 -35.20 -5.52 7.98
N TRP B 368 -34.52 -5.35 9.12
CA TRP B 368 -33.08 -5.09 9.13
C TRP B 368 -32.39 -6.44 9.05
N SER B 369 -31.51 -6.62 8.06
CA SER B 369 -30.77 -7.85 7.88
C SER B 369 -29.30 -7.57 7.67
N HIS B 370 -28.47 -8.62 7.84
CA HIS B 370 -27.04 -8.53 7.60
C HIS B 370 -26.84 -8.39 6.09
N ASP B 371 -25.67 -7.91 5.68
CA ASP B 371 -25.35 -7.71 4.25
C ASP B 371 -26.41 -6.77 3.60
N ALA B 372 -26.71 -5.65 4.28
CA ALA B 372 -27.66 -4.63 3.83
C ALA B 372 -27.13 -3.24 4.19
N ASP B 373 -27.56 -2.17 3.47
CA ASP B 373 -27.10 -0.80 3.76
C ASP B 373 -27.56 -0.42 5.17
N HIS B 374 -26.65 -0.59 6.13
CA HIS B 374 -26.94 -0.38 7.55
C HIS B 374 -27.14 1.11 7.87
N ASP B 375 -26.39 2.02 7.22
CA ASP B 375 -26.56 3.47 7.46
C ASP B 375 -27.93 3.94 6.97
N ALA B 376 -28.42 3.36 5.86
CA ALA B 376 -29.74 3.69 5.31
C ALA B 376 -30.87 3.07 6.14
N GLN B 377 -30.70 1.83 6.61
CA GLN B 377 -31.70 1.16 7.44
C GLN B 377 -31.76 1.80 8.83
N ALA B 378 -30.60 2.30 9.33
CA ALA B 378 -30.50 3.00 10.61
C ALA B 378 -31.28 4.31 10.56
N ALA B 379 -31.21 5.00 9.42
CA ALA B 379 -31.95 6.24 9.18
C ALA B 379 -33.45 5.98 9.06
N ALA B 380 -33.83 4.85 8.41
CA ALA B 380 -35.22 4.44 8.24
C ALA B 380 -35.86 4.14 9.60
N LEU B 381 -35.10 3.52 10.52
CA LEU B 381 -35.57 3.22 11.86
C LEU B 381 -35.78 4.50 12.67
N THR B 382 -34.75 5.36 12.75
CA THR B 382 -34.80 6.65 13.47
C THR B 382 -35.97 7.51 12.96
N ALA B 383 -36.35 7.37 11.67
CA ALA B 383 -37.49 8.06 11.10
C ALA B 383 -38.83 7.53 11.65
N ARG B 384 -38.97 6.18 11.76
CA ARG B 384 -40.19 5.54 12.29
C ARG B 384 -40.46 5.92 13.75
N LEU B 385 -39.39 6.14 14.53
CA LEU B 385 -39.49 6.51 15.94
C LEU B 385 -39.96 7.95 16.11
N ASP B 386 -39.40 8.87 15.31
CA ASP B 386 -39.78 10.29 15.34
C ASP B 386 -41.16 10.52 14.70
N GLU B 387 -41.59 9.61 13.80
CA GLU B 387 -42.88 9.68 13.11
C GLU B 387 -44.03 9.40 14.09
N GLN B 388 -43.98 8.25 14.80
CA GLN B 388 -45.02 7.84 15.74
C GLN B 388 -44.45 7.51 17.12
N PRO B 389 -45.14 7.90 18.22
CA PRO B 389 -44.65 7.49 19.54
C PRO B 389 -45.09 6.08 19.84
N LEU B 390 -44.14 5.17 20.11
CA LEU B 390 -44.44 3.77 20.39
C LEU B 390 -44.01 3.39 21.80
N ALA B 391 -44.73 2.42 22.37
CA ALA B 391 -44.49 1.94 23.73
C ALA B 391 -43.25 1.06 23.82
N GLY B 392 -43.16 0.09 22.90
CA GLY B 392 -42.04 -0.84 22.87
C GLY B 392 -41.60 -1.27 21.50
N VAL B 393 -40.36 -1.79 21.42
CA VAL B 393 -39.72 -2.29 20.20
C VAL B 393 -39.24 -3.72 20.43
N ALA B 394 -39.79 -4.69 19.68
CA ALA B 394 -39.43 -6.10 19.84
C ALA B 394 -38.46 -6.57 18.74
N VAL B 395 -37.19 -6.84 19.09
CA VAL B 395 -36.16 -7.28 18.15
C VAL B 395 -36.18 -8.82 18.06
N ILE B 396 -36.64 -9.37 16.93
CA ILE B 396 -36.70 -10.81 16.72
C ILE B 396 -35.39 -11.26 16.06
N VAL B 397 -34.60 -12.11 16.72
CA VAL B 397 -33.32 -12.57 16.17
C VAL B 397 -33.55 -13.86 15.39
N GLY B 398 -33.14 -13.88 14.11
CA GLY B 398 -33.31 -15.03 13.23
C GLY B 398 -32.39 -16.20 13.50
N ASP B 399 -32.92 -17.42 13.37
CA ASP B 399 -32.17 -18.66 13.56
C ASP B 399 -31.89 -19.28 12.20
N SER B 400 -30.62 -19.51 11.88
CA SER B 400 -30.23 -20.12 10.61
C SER B 400 -30.73 -21.57 10.52
N GLU B 401 -31.35 -21.93 9.37
CA GLU B 401 -31.91 -23.26 9.08
C GLU B 401 -32.93 -23.65 10.13
N HIS B 407 -26.78 -28.04 13.98
CA HIS B 407 -26.09 -28.64 15.11
C HIS B 407 -24.60 -28.21 15.17
N ASP B 408 -23.98 -27.74 14.06
CA ASP B 408 -22.55 -27.37 14.11
C ASP B 408 -22.30 -26.10 14.92
N VAL B 409 -21.44 -26.20 15.96
CA VAL B 409 -21.09 -25.10 16.87
C VAL B 409 -20.15 -24.16 16.16
N GLY B 410 -19.19 -24.70 15.42
CA GLY B 410 -18.24 -23.92 14.65
C GLY B 410 -18.90 -22.84 13.84
N ALA B 411 -20.04 -23.16 13.21
CA ALA B 411 -20.83 -22.22 12.43
C ALA B 411 -21.56 -21.25 13.32
N ASP B 412 -22.16 -21.74 14.42
CA ASP B 412 -22.89 -20.89 15.37
C ASP B 412 -21.93 -19.89 16.10
N ALA B 413 -20.64 -20.26 16.26
CA ALA B 413 -19.64 -19.38 16.87
C ALA B 413 -19.31 -18.20 15.95
N ARG B 414 -19.19 -18.46 14.64
CA ARG B 414 -18.90 -17.42 13.65
C ARG B 414 -20.15 -16.55 13.47
N ARG B 415 -21.36 -17.17 13.42
CA ARG B 415 -22.65 -16.47 13.31
C ARG B 415 -22.95 -15.62 14.53
N GLY B 416 -22.56 -16.09 15.70
CA GLY B 416 -22.77 -15.37 16.96
C GLY B 416 -22.17 -13.99 16.99
N ALA B 417 -21.01 -13.80 16.32
CA ALA B 417 -20.35 -12.50 16.21
C ALA B 417 -21.21 -11.55 15.40
N ASP B 418 -21.69 -12.02 14.23
CA ASP B 418 -22.51 -11.22 13.31
C ASP B 418 -23.78 -10.74 14.01
N HIS B 419 -24.39 -11.58 14.87
CA HIS B 419 -25.58 -11.17 15.63
C HIS B 419 -25.26 -10.04 16.61
N VAL B 420 -24.11 -10.12 17.30
CA VAL B 420 -23.66 -9.12 18.28
C VAL B 420 -23.41 -7.80 17.55
N ARG B 421 -22.64 -7.83 16.44
CA ARG B 421 -22.35 -6.65 15.60
C ARG B 421 -23.64 -5.97 15.12
N HIS B 422 -24.66 -6.79 14.75
CA HIS B 422 -25.95 -6.32 14.25
C HIS B 422 -26.84 -5.76 15.37
N LEU B 423 -26.85 -6.39 16.55
CA LEU B 423 -27.67 -5.88 17.66
C LEU B 423 -27.07 -4.57 18.19
N VAL B 424 -25.74 -4.36 18.05
CA VAL B 424 -25.10 -3.10 18.43
C VAL B 424 -25.62 -1.99 17.48
N ARG B 425 -25.72 -2.30 16.15
CA ARG B 425 -26.24 -1.34 15.14
C ARG B 425 -27.68 -0.91 15.49
N ILE B 426 -28.55 -1.89 15.87
CA ILE B 426 -29.95 -1.63 16.26
C ILE B 426 -30.01 -0.86 17.59
N ALA B 427 -29.30 -1.33 18.61
CA ALA B 427 -29.30 -0.71 19.94
C ALA B 427 -28.78 0.74 19.91
N ARG B 428 -27.78 1.03 19.07
CA ARG B 428 -27.21 2.37 18.97
C ARG B 428 -28.24 3.39 18.48
N THR B 429 -29.05 3.03 17.47
CA THR B 429 -30.08 3.92 16.91
C THR B 429 -31.27 4.16 17.87
N LEU B 430 -31.60 3.18 18.74
CA LEU B 430 -32.68 3.34 19.74
C LEU B 430 -32.22 4.28 20.86
N ALA B 431 -30.94 4.16 21.26
CA ALA B 431 -30.33 5.02 22.29
C ALA B 431 -30.29 6.47 21.80
N ASP B 432 -29.92 6.67 20.52
CA ASP B 432 -29.89 7.98 19.87
C ASP B 432 -31.31 8.36 19.42
N ALA B 433 -32.19 8.60 20.40
CA ALA B 433 -33.59 8.96 20.20
C ALA B 433 -33.84 10.35 20.73
N VAL B 434 -34.58 11.18 19.97
CA VAL B 434 -34.88 12.55 20.37
C VAL B 434 -35.87 12.49 21.54
N GLY B 435 -37.00 11.82 21.34
CA GLY B 435 -38.02 11.65 22.36
C GLY B 435 -37.65 10.61 23.41
N GLU B 436 -38.62 10.20 24.23
CA GLU B 436 -38.42 9.20 25.29
C GLU B 436 -38.19 7.82 24.65
N PRO B 437 -37.00 7.19 24.82
CA PRO B 437 -36.78 5.89 24.17
C PRO B 437 -37.82 4.83 24.56
N PRO B 438 -38.27 3.99 23.58
CA PRO B 438 -39.24 2.93 23.90
C PRO B 438 -38.56 1.73 24.58
N ARG B 439 -39.36 0.83 25.18
CA ARG B 439 -38.78 -0.34 25.84
C ARG B 439 -38.26 -1.36 24.84
N LEU B 440 -36.96 -1.70 24.93
CA LEU B 440 -36.34 -2.66 24.03
C LEU B 440 -36.57 -4.08 24.55
N TYR B 441 -37.07 -4.97 23.67
CA TYR B 441 -37.31 -6.38 23.97
C TYR B 441 -36.56 -7.22 22.94
N VAL B 442 -35.52 -7.98 23.31
CA VAL B 442 -34.79 -8.84 22.35
C VAL B 442 -35.27 -10.28 22.51
N VAL B 443 -35.78 -10.89 21.42
CA VAL B 443 -36.33 -12.25 21.44
C VAL B 443 -35.33 -13.23 20.81
N THR B 444 -34.69 -14.06 21.65
CA THR B 444 -33.68 -15.03 21.23
C THR B 444 -34.22 -16.47 21.24
N HIS B 445 -33.61 -17.35 20.41
CA HIS B 445 -34.00 -18.76 20.28
C HIS B 445 -33.06 -19.68 21.08
N ARG B 446 -33.57 -20.23 22.20
CA ARG B 446 -32.86 -21.14 23.13
C ARG B 446 -31.39 -20.70 23.40
N SER B 447 -31.20 -19.37 23.52
CA SER B 447 -29.92 -18.68 23.79
C SER B 447 -29.14 -19.31 24.94
N GLN B 448 -29.81 -19.48 26.11
CA GLN B 448 -29.15 -19.97 27.32
C GLN B 448 -29.90 -21.07 28.02
N HIS B 449 -29.20 -21.71 28.94
CA HIS B 449 -29.66 -22.82 29.76
C HIS B 449 -30.51 -22.32 30.92
N VAL B 450 -31.73 -22.89 31.05
CA VAL B 450 -32.67 -22.57 32.14
C VAL B 450 -33.07 -23.92 32.79
N LEU B 451 -33.75 -24.80 32.05
CA LEU B 451 -34.12 -26.13 32.55
C LEU B 451 -32.91 -27.06 32.42
N ASP B 452 -32.72 -27.97 33.38
CA ASP B 452 -31.58 -28.91 33.39
C ASP B 452 -31.48 -29.78 32.14
N THR B 453 -32.63 -30.10 31.53
CA THR B 453 -32.70 -30.92 30.32
C THR B 453 -32.16 -30.22 29.07
N ASP B 454 -32.18 -28.88 29.04
CA ASP B 454 -31.80 -28.07 27.87
C ASP B 454 -30.37 -28.26 27.36
N GLU B 455 -30.26 -28.24 26.02
CA GLU B 455 -29.03 -28.22 25.23
C GLU B 455 -29.08 -26.84 24.56
N PRO B 456 -28.22 -25.87 24.93
CA PRO B 456 -28.39 -24.53 24.36
C PRO B 456 -28.12 -24.42 22.86
N TYR B 457 -28.93 -23.59 22.19
CA TYR B 457 -28.77 -23.24 20.79
C TYR B 457 -27.92 -22.00 20.84
N LEU B 458 -26.72 -22.04 20.25
CA LEU B 458 -25.79 -20.93 20.34
C LEU B 458 -26.20 -19.80 19.35
N GLU B 459 -25.28 -19.03 18.75
CA GLU B 459 -25.62 -17.86 17.91
C GLU B 459 -26.07 -16.69 18.82
N HIS B 460 -27.25 -16.86 19.44
CA HIS B 460 -27.85 -15.87 20.33
C HIS B 460 -27.23 -15.92 21.73
N SER B 461 -26.33 -16.89 21.98
CA SER B 461 -25.63 -17.05 23.25
C SER B 461 -24.87 -15.79 23.66
N GLY B 462 -24.17 -15.18 22.71
CA GLY B 462 -23.41 -13.97 22.98
C GLY B 462 -24.25 -12.74 23.30
N LEU B 463 -25.49 -12.68 22.84
CA LEU B 463 -26.31 -11.49 23.01
C LEU B 463 -26.74 -11.20 24.45
N ARG B 464 -26.77 -12.18 25.36
CA ARG B 464 -27.23 -11.94 26.73
C ARG B 464 -26.28 -11.01 27.53
N GLY B 465 -25.01 -10.95 27.15
CA GLY B 465 -24.02 -10.08 27.76
C GLY B 465 -24.13 -8.66 27.25
N LEU B 466 -24.48 -8.52 25.96
CA LEU B 466 -24.67 -7.23 25.32
C LEU B 466 -25.93 -6.51 25.85
N ILE B 467 -27.10 -7.19 25.85
CA ILE B 467 -28.37 -6.59 26.35
C ILE B 467 -28.22 -6.16 27.82
N ARG B 468 -27.38 -6.86 28.58
CA ARG B 468 -27.13 -6.56 30.00
C ARG B 468 -26.31 -5.24 30.12
N VAL B 469 -25.32 -5.05 29.22
CA VAL B 469 -24.49 -3.83 29.14
C VAL B 469 -25.32 -2.67 28.57
N VAL B 470 -26.15 -2.93 27.55
CA VAL B 470 -27.00 -1.90 26.93
C VAL B 470 -28.00 -1.35 27.97
N GLY B 471 -28.56 -2.23 28.80
CA GLY B 471 -29.47 -1.83 29.87
C GLY B 471 -28.78 -0.96 30.90
N MET B 472 -27.48 -1.18 31.13
CA MET B 472 -26.66 -0.40 32.06
C MET B 472 -26.22 0.92 31.45
N GLU B 473 -25.75 0.90 30.19
CA GLU B 473 -25.31 2.13 29.50
C GLU B 473 -26.49 3.06 29.19
N HIS B 474 -27.64 2.49 28.77
CA HIS B 474 -28.85 3.24 28.41
C HIS B 474 -30.08 2.64 29.12
N PRO B 475 -30.29 2.99 30.40
CA PRO B 475 -31.42 2.41 31.14
C PRO B 475 -32.78 2.98 30.76
N ARG B 476 -32.85 4.11 30.02
CA ARG B 476 -34.13 4.71 29.59
C ARG B 476 -34.94 3.64 28.87
N LEU B 477 -34.35 3.04 27.84
CA LEU B 477 -34.92 1.89 27.16
C LEU B 477 -34.58 0.68 28.05
N ARG B 478 -35.57 0.12 28.76
CA ARG B 478 -35.30 -0.99 29.69
C ARG B 478 -35.01 -2.25 28.89
N ALA B 479 -33.72 -2.52 28.65
CA ALA B 479 -33.25 -3.67 27.86
C ALA B 479 -33.69 -5.01 28.47
N THR B 480 -34.74 -5.62 27.88
CA THR B 480 -35.30 -6.89 28.31
C THR B 480 -34.96 -7.99 27.29
N GLN B 481 -34.64 -9.19 27.78
CA GLN B 481 -34.33 -10.35 26.95
C GLN B 481 -35.41 -11.41 27.15
N ILE B 482 -35.88 -12.03 26.06
CA ILE B 482 -36.89 -13.08 26.12
C ILE B 482 -36.33 -14.32 25.43
N ASP B 483 -35.83 -15.30 26.19
CA ASP B 483 -35.29 -16.54 25.59
C ASP B 483 -36.42 -17.56 25.36
N VAL B 484 -36.82 -17.69 24.10
CA VAL B 484 -37.95 -18.50 23.66
C VAL B 484 -37.49 -19.83 23.08
N ASP B 485 -38.32 -20.88 23.22
CA ASP B 485 -38.07 -22.19 22.60
C ASP B 485 -39.05 -22.37 21.45
N ASP B 486 -38.94 -23.47 20.71
CA ASP B 486 -39.81 -23.69 19.55
C ASP B 486 -41.27 -23.87 19.99
N SER B 487 -41.51 -24.73 20.99
CA SER B 487 -42.85 -24.99 21.53
C SER B 487 -43.22 -24.01 22.64
N THR B 488 -44.08 -23.02 22.37
CA THR B 488 -44.49 -22.05 23.41
C THR B 488 -45.78 -21.27 23.11
N ALA B 489 -46.04 -20.91 21.83
CA ALA B 489 -47.19 -20.15 21.34
C ALA B 489 -46.94 -18.65 21.45
N HIS B 490 -47.38 -17.92 20.42
CA HIS B 490 -47.17 -16.47 20.31
C HIS B 490 -48.16 -15.70 21.20
N GLU B 491 -49.36 -16.26 21.44
CA GLU B 491 -50.41 -15.65 22.28
C GLU B 491 -49.91 -15.39 23.72
N ALA B 492 -49.05 -16.29 24.23
CA ALA B 492 -48.46 -16.18 25.56
C ALA B 492 -47.23 -15.27 25.57
N LEU B 493 -46.51 -15.19 24.44
CA LEU B 493 -45.32 -14.34 24.37
C LEU B 493 -45.69 -12.87 24.39
N VAL B 494 -46.67 -12.45 23.55
CA VAL B 494 -47.11 -11.05 23.52
C VAL B 494 -47.74 -10.64 24.85
N ARG B 495 -48.29 -11.61 25.60
CA ARG B 495 -48.85 -11.40 26.93
C ARG B 495 -47.78 -10.74 27.83
N GLN B 496 -46.49 -11.15 27.68
CA GLN B 496 -45.35 -10.57 28.42
C GLN B 496 -45.05 -9.15 27.97
N LEU B 497 -44.99 -8.93 26.65
CA LEU B 497 -44.71 -7.63 26.05
C LEU B 497 -45.69 -6.56 26.55
N LEU B 498 -46.98 -6.92 26.61
CA LEU B 498 -48.08 -6.04 26.99
C LEU B 498 -48.32 -5.97 28.53
N SER B 499 -47.89 -6.99 29.32
CA SER B 499 -48.06 -6.94 30.80
C SER B 499 -47.16 -5.86 31.43
N GLY B 500 -45.98 -5.63 30.82
CA GLY B 500 -45.03 -4.63 31.28
C GLY B 500 -44.41 -4.94 32.63
N SER B 501 -43.97 -6.20 32.82
CA SER B 501 -43.32 -6.58 34.07
C SER B 501 -41.89 -6.00 34.06
N PRO B 502 -41.32 -5.60 35.21
CA PRO B 502 -39.97 -5.02 35.18
C PRO B 502 -38.82 -6.02 34.98
N GLU B 503 -39.10 -7.33 34.76
CA GLU B 503 -38.06 -8.36 34.59
C GLU B 503 -37.24 -8.12 33.30
N ASP B 504 -35.89 -8.07 33.44
CA ASP B 504 -34.95 -7.81 32.34
C ASP B 504 -34.43 -9.10 31.70
N GLU B 505 -34.26 -10.20 32.49
CA GLU B 505 -33.82 -11.49 31.95
C GLU B 505 -34.94 -12.45 32.16
N THR B 506 -35.56 -12.88 31.06
CA THR B 506 -36.70 -13.77 31.07
C THR B 506 -36.56 -14.87 30.03
N ALA B 507 -37.36 -15.94 30.18
CA ALA B 507 -37.36 -17.10 29.29
C ALA B 507 -38.73 -17.76 29.22
N TRP B 508 -38.93 -18.60 28.19
CA TRP B 508 -40.18 -19.32 27.96
C TRP B 508 -39.91 -20.76 27.57
N ARG B 509 -40.34 -21.72 28.39
CA ARG B 509 -40.19 -23.15 28.11
C ARG B 509 -41.58 -23.76 28.25
N ASP B 510 -42.19 -24.14 27.10
CA ASP B 510 -43.57 -24.64 26.97
C ASP B 510 -44.50 -23.46 27.33
N GLY B 511 -45.58 -23.70 28.07
CA GLY B 511 -46.46 -22.61 28.49
C GLY B 511 -46.04 -21.91 29.77
N GLN B 512 -44.81 -22.19 30.31
CA GLN B 512 -44.34 -21.58 31.55
C GLN B 512 -43.36 -20.45 31.29
N TRP B 513 -43.46 -19.40 32.10
CA TRP B 513 -42.61 -18.21 32.06
C TRP B 513 -41.61 -18.32 33.20
N TYR B 514 -40.32 -18.10 32.91
CA TYR B 514 -39.25 -18.17 33.89
C TYR B 514 -38.62 -16.83 33.98
N ALA B 515 -37.93 -16.58 35.07
CA ALA B 515 -37.24 -15.31 35.26
C ALA B 515 -35.97 -15.54 36.04
N ALA B 516 -34.89 -14.91 35.57
CA ALA B 516 -33.58 -15.12 36.18
C ALA B 516 -33.45 -14.32 37.46
N ARG B 517 -32.50 -14.73 38.31
CA ARG B 517 -32.21 -14.04 39.57
C ARG B 517 -30.78 -14.43 40.02
N LEU B 518 -29.92 -13.41 40.28
CA LEU B 518 -28.52 -13.57 40.68
C LEU B 518 -28.41 -13.91 42.16
N CYS B 519 -27.64 -14.96 42.53
CA CYS B 519 -27.51 -15.37 43.93
C CYS B 519 -26.24 -16.19 44.21
N PRO B 520 -25.71 -16.13 45.45
CA PRO B 520 -24.56 -16.93 45.79
C PRO B 520 -25.01 -18.31 46.16
N SER B 521 -24.37 -19.32 45.63
CA SER B 521 -24.84 -20.68 45.92
C SER B 521 -23.61 -21.57 46.09
N PRO B 522 -22.86 -21.42 47.19
CA PRO B 522 -21.63 -22.24 47.36
C PRO B 522 -21.85 -23.63 47.97
N LEU B 523 -22.93 -24.32 47.53
CA LEU B 523 -23.34 -25.62 48.05
C LEU B 523 -22.32 -26.69 47.73
N ARG B 524 -22.45 -27.80 48.46
CA ARG B 524 -21.57 -28.96 48.31
C ARG B 524 -22.40 -30.24 48.34
N ALA B 525 -23.67 -30.17 47.95
CA ALA B 525 -24.51 -31.35 47.92
C ALA B 525 -24.52 -31.87 46.49
N ALA B 526 -25.45 -31.40 45.65
CA ALA B 526 -25.52 -31.81 44.25
C ALA B 526 -24.38 -31.16 43.47
N GLU B 527 -23.85 -30.02 43.99
CA GLU B 527 -22.77 -29.25 43.37
C GLU B 527 -21.39 -29.87 43.66
N ARG B 528 -21.34 -31.14 44.12
CA ARG B 528 -20.12 -31.90 44.38
C ARG B 528 -20.06 -33.02 43.36
N ARG B 529 -18.81 -33.48 43.07
CA ARG B 529 -18.58 -34.52 42.07
C ARG B 529 -19.28 -35.78 42.49
N THR B 530 -19.62 -36.59 41.49
CA THR B 530 -20.30 -37.86 41.66
C THR B 530 -19.56 -38.88 40.85
N ALA B 531 -19.73 -40.15 41.18
CA ALA B 531 -19.08 -41.23 40.47
C ALA B 531 -19.82 -42.53 40.70
N VAL B 532 -19.40 -43.57 39.99
CA VAL B 532 -19.94 -44.92 40.13
C VAL B 532 -18.76 -45.80 40.43
N ALA B 533 -18.85 -46.62 41.46
CA ALA B 533 -17.74 -47.47 41.82
C ALA B 533 -18.16 -48.90 42.06
N ASP B 534 -17.25 -49.84 41.70
CA ASP B 534 -17.40 -51.27 41.88
C ASP B 534 -17.34 -51.55 43.38
N ASN B 535 -18.00 -52.61 43.84
CA ASN B 535 -18.01 -52.96 45.25
C ASN B 535 -16.92 -54.00 45.55
N ALA B 536 -16.52 -54.83 44.56
CA ALA B 536 -15.45 -55.81 44.75
C ALA B 536 -14.08 -55.12 44.75
N SER B 537 -13.92 -54.14 43.87
CA SER B 537 -12.74 -53.30 43.73
C SER B 537 -13.12 -51.89 44.12
N GLU B 538 -12.18 -50.95 44.16
CA GLU B 538 -12.43 -49.51 44.44
C GLU B 538 -13.05 -49.24 45.84
N GLY B 539 -12.51 -48.27 46.57
CA GLY B 539 -12.99 -48.00 47.91
C GLY B 539 -14.29 -47.22 47.96
N MET B 540 -15.25 -47.65 48.81
CA MET B 540 -16.52 -46.99 49.06
C MET B 540 -16.95 -47.17 50.51
N ARG B 541 -17.19 -46.08 51.22
CA ARG B 541 -17.51 -46.09 52.64
C ARG B 541 -18.78 -45.31 52.92
N LEU B 542 -19.46 -45.63 53.99
CA LEU B 542 -20.72 -44.98 54.37
C LEU B 542 -20.45 -44.03 55.53
N VAL B 543 -20.89 -42.75 55.43
CA VAL B 543 -20.64 -41.71 56.45
C VAL B 543 -21.76 -40.60 56.48
N VAL B 544 -21.88 -39.80 57.59
CA VAL B 544 -22.85 -38.66 57.73
C VAL B 544 -22.12 -37.35 57.56
N ARG B 545 -22.39 -36.60 56.47
CA ARG B 545 -21.64 -35.36 56.25
C ARG B 545 -21.85 -34.39 57.43
N ASN B 546 -23.09 -34.34 57.98
CA ASN B 546 -23.37 -33.53 59.16
C ASN B 546 -24.32 -34.31 60.08
N PRO B 547 -23.83 -34.75 61.25
CA PRO B 547 -24.70 -35.50 62.16
C PRO B 547 -25.94 -34.74 62.60
N GLY B 548 -26.96 -35.49 62.97
CA GLY B 548 -28.27 -34.98 63.37
C GLY B 548 -29.31 -35.36 62.32
N ASP B 549 -28.95 -35.18 61.03
CA ASP B 549 -29.80 -35.47 59.88
C ASP B 549 -29.43 -36.81 59.31
N LEU B 550 -30.39 -37.74 59.24
CA LEU B 550 -30.12 -39.06 58.66
C LEU B 550 -30.19 -39.02 57.15
N GLU B 551 -30.79 -37.99 56.57
CA GLU B 551 -30.81 -37.81 55.12
C GLU B 551 -29.37 -37.45 54.63
N SER B 552 -28.49 -36.92 55.52
CA SER B 552 -27.11 -36.59 55.16
C SER B 552 -26.18 -37.80 55.10
N MET B 553 -26.71 -39.04 55.29
CA MET B 553 -25.92 -40.28 55.25
C MET B 553 -25.57 -40.60 53.81
N GLU B 554 -24.27 -40.51 53.50
CA GLU B 554 -23.72 -40.64 52.16
C GLU B 554 -22.79 -41.81 52.00
N LEU B 555 -22.67 -42.27 50.77
CA LEU B 555 -21.74 -43.30 50.39
C LEU B 555 -20.56 -42.62 49.69
N VAL B 556 -19.49 -42.37 50.43
CA VAL B 556 -18.29 -41.68 49.97
C VAL B 556 -17.26 -42.67 49.44
N THR B 557 -16.27 -42.16 48.71
CA THR B 557 -15.17 -42.97 48.16
C THR B 557 -13.90 -42.74 48.94
N PHE B 558 -13.02 -43.75 48.96
CA PHE B 558 -11.70 -43.63 49.58
C PHE B 558 -10.67 -44.43 48.79
N GLU B 559 -9.40 -43.99 48.82
CA GLU B 559 -8.33 -44.71 48.12
C GLU B 559 -7.82 -45.80 49.03
N ARG B 560 -8.13 -47.06 48.70
CA ARG B 560 -7.69 -48.16 49.56
C ARG B 560 -6.21 -48.45 49.24
N GLY B 561 -5.35 -48.04 50.17
CA GLY B 561 -3.90 -48.16 50.05
C GLY B 561 -3.36 -49.43 50.66
N THR B 562 -2.07 -49.69 50.39
CA THR B 562 -1.39 -50.86 50.93
C THR B 562 -1.31 -50.78 52.45
N PRO B 563 -1.64 -51.85 53.18
CA PRO B 563 -1.55 -51.79 54.64
C PRO B 563 -0.11 -51.96 55.08
N GLY B 564 0.13 -51.69 56.35
CA GLY B 564 1.43 -51.86 56.98
C GLY B 564 1.95 -50.57 57.56
N PRO B 565 2.88 -50.66 58.53
CA PRO B 565 3.45 -51.87 59.12
C PRO B 565 2.59 -52.38 60.27
N GLY B 566 2.41 -53.69 60.32
CA GLY B 566 1.61 -54.31 61.37
C GLY B 566 0.11 -54.06 61.26
N GLN B 567 -0.38 -53.98 60.01
CA GLN B 567 -1.79 -53.74 59.71
C GLN B 567 -2.24 -54.70 58.62
N ILE B 568 -3.54 -54.83 58.46
CA ILE B 568 -4.17 -55.78 57.54
C ILE B 568 -5.30 -55.12 56.82
N GLU B 569 -5.46 -55.40 55.51
CA GLU B 569 -6.63 -54.97 54.78
C GLU B 569 -7.59 -56.12 54.72
N VAL B 570 -8.86 -55.86 55.08
CA VAL B 570 -9.90 -56.87 55.07
C VAL B 570 -10.96 -56.46 54.09
N ALA B 571 -11.54 -57.46 53.44
CA ALA B 571 -12.65 -57.33 52.54
C ALA B 571 -13.84 -57.63 53.37
N VAL B 572 -14.57 -56.61 53.77
CA VAL B 572 -15.70 -56.78 54.66
C VAL B 572 -16.89 -57.38 53.89
N LYS B 573 -17.46 -58.46 54.45
CA LYS B 573 -18.64 -59.15 53.94
C LYS B 573 -19.88 -58.61 54.68
N ALA B 574 -19.67 -58.16 55.95
CA ALA B 574 -20.70 -57.53 56.78
C ALA B 574 -20.12 -56.90 58.05
N SER B 575 -20.87 -55.94 58.60
CA SER B 575 -20.60 -55.25 59.84
C SER B 575 -21.89 -55.07 60.65
N SER B 576 -21.75 -54.78 61.92
CA SER B 576 -22.93 -54.59 62.75
C SER B 576 -23.37 -53.16 62.72
N ILE B 577 -24.50 -52.91 63.38
CA ILE B 577 -25.04 -51.61 63.71
C ILE B 577 -25.24 -51.64 65.19
N ASN B 578 -24.37 -50.97 65.94
CA ASN B 578 -24.46 -50.90 67.40
C ASN B 578 -25.19 -49.65 67.72
N PHE B 579 -25.61 -49.50 68.97
CA PHE B 579 -26.36 -48.30 69.35
C PHE B 579 -25.44 -47.11 69.34
N ALA B 580 -24.18 -47.34 69.62
CA ALA B 580 -23.18 -46.29 69.54
C ALA B 580 -23.18 -45.60 68.15
N ASP B 581 -23.35 -46.40 67.07
CA ASP B 581 -23.38 -45.93 65.68
C ASP B 581 -24.63 -45.05 65.40
N VAL B 582 -25.69 -45.19 66.19
CA VAL B 582 -26.89 -44.35 66.08
C VAL B 582 -26.56 -42.98 66.65
N LEU B 583 -25.94 -42.97 67.82
CA LEU B 583 -25.58 -41.72 68.48
C LEU B 583 -24.63 -40.93 67.63
N VAL B 584 -23.73 -41.62 66.92
CA VAL B 584 -22.81 -40.96 65.99
C VAL B 584 -23.62 -40.27 64.91
N ALA B 585 -24.64 -40.99 64.35
CA ALA B 585 -25.54 -40.46 63.31
C ALA B 585 -26.25 -39.20 63.76
N PHE B 586 -26.70 -39.16 65.02
CA PHE B 586 -27.40 -37.99 65.56
C PHE B 586 -26.45 -36.96 66.21
N GLY B 587 -25.16 -37.27 66.33
CA GLY B 587 -24.17 -36.38 66.92
C GLY B 587 -24.19 -36.35 68.44
N ARG B 588 -24.91 -37.30 69.06
CA ARG B 588 -25.04 -37.40 70.51
C ARG B 588 -23.99 -38.36 71.12
N CYS B 589 -22.99 -38.82 70.35
CA CYS B 589 -22.03 -39.81 70.87
C CYS B 589 -20.92 -39.18 71.69
N PRO B 590 -20.68 -39.64 72.96
CA PRO B 590 -19.55 -39.11 73.74
C PRO B 590 -18.29 -39.95 73.53
N SER B 591 -17.14 -39.26 73.46
CA SER B 591 -15.86 -39.90 73.25
C SER B 591 -14.77 -39.25 74.09
N PHE B 592 -13.85 -40.06 74.62
CA PHE B 592 -12.69 -39.62 75.43
C PHE B 592 -11.72 -38.83 74.58
N ASP B 593 -11.57 -39.28 73.33
CA ASP B 593 -10.74 -38.61 72.32
C ASP B 593 -11.25 -37.18 72.08
N GLY B 594 -12.56 -37.05 72.00
CA GLY B 594 -13.24 -35.78 71.71
C GLY B 594 -13.77 -35.81 70.29
N ARG B 595 -13.03 -36.47 69.39
CA ARG B 595 -13.39 -36.61 67.97
C ARG B 595 -14.55 -37.60 67.84
N LEU B 596 -15.55 -37.26 67.01
CA LEU B 596 -16.73 -38.12 66.82
C LEU B 596 -16.31 -39.31 66.00
N PRO B 597 -16.56 -40.53 66.51
CA PRO B 597 -16.10 -41.71 65.79
C PRO B 597 -16.78 -41.90 64.44
N GLU B 598 -16.23 -42.85 63.67
CA GLU B 598 -16.72 -43.17 62.34
C GLU B 598 -17.70 -44.33 62.47
N LEU B 599 -18.71 -44.35 61.57
CA LEU B 599 -19.78 -45.34 61.53
C LEU B 599 -19.27 -46.76 61.25
N GLY B 600 -19.53 -47.67 62.19
CA GLY B 600 -19.15 -49.08 62.10
C GLY B 600 -17.94 -49.35 62.96
N SER B 601 -18.13 -50.14 64.03
CA SER B 601 -17.03 -50.44 64.96
C SER B 601 -16.43 -51.80 64.65
N GLU B 602 -17.30 -52.80 64.45
CA GLU B 602 -16.90 -54.19 64.20
C GLU B 602 -17.17 -54.64 62.77
N PHE B 603 -16.57 -55.76 62.38
CA PHE B 603 -16.74 -56.27 61.04
C PHE B 603 -16.45 -57.75 60.99
N GLY B 604 -16.81 -58.33 59.87
CA GLY B 604 -16.56 -59.72 59.57
C GLY B 604 -16.21 -59.74 58.10
N GLY B 605 -15.00 -60.18 57.78
CA GLY B 605 -14.54 -60.17 56.40
C GLY B 605 -13.49 -61.20 56.09
N VAL B 606 -12.75 -60.96 55.00
CA VAL B 606 -11.70 -61.86 54.54
C VAL B 606 -10.45 -61.05 54.24
N VAL B 607 -9.29 -61.52 54.68
CA VAL B 607 -8.05 -60.77 54.54
C VAL B 607 -7.68 -60.62 53.05
N THR B 608 -7.42 -59.36 52.67
CA THR B 608 -7.07 -58.92 51.33
C THR B 608 -5.60 -58.80 51.20
N ALA B 609 -5.01 -58.04 52.09
CA ALA B 609 -3.58 -57.79 52.09
C ALA B 609 -3.08 -57.75 53.50
N VAL B 610 -1.89 -58.29 53.74
CA VAL B 610 -1.23 -58.24 55.04
C VAL B 610 -0.04 -57.28 54.91
N GLY B 611 0.01 -56.30 55.80
CA GLY B 611 1.06 -55.29 55.80
C GLY B 611 2.36 -55.81 56.36
N PRO B 612 3.51 -55.34 55.83
CA PRO B 612 4.82 -55.82 56.33
C PRO B 612 5.09 -55.39 57.77
N GLY B 613 5.25 -56.31 58.73
CA GLY B 613 5.20 -57.76 58.54
C GLY B 613 4.60 -58.41 59.76
N VAL B 614 3.60 -59.29 59.56
CA VAL B 614 2.93 -59.99 60.65
C VAL B 614 2.78 -61.46 60.31
N THR B 615 3.26 -62.30 61.23
CA THR B 615 3.24 -63.76 61.14
C THR B 615 1.86 -64.31 61.50
N THR B 616 1.11 -63.58 62.33
CA THR B 616 -0.19 -63.97 62.84
C THR B 616 -1.23 -64.20 61.76
N HIS B 617 -1.52 -63.17 60.94
CA HIS B 617 -2.53 -63.29 59.89
C HIS B 617 -1.93 -63.69 58.55
N ARG B 618 -2.78 -64.28 57.72
CA ARG B 618 -2.45 -64.75 56.37
C ARG B 618 -3.53 -64.26 55.41
N VAL B 619 -3.20 -64.04 54.13
CA VAL B 619 -4.16 -63.57 53.14
C VAL B 619 -5.14 -64.68 52.84
N GLY B 620 -6.41 -64.31 52.72
CA GLY B 620 -7.48 -65.26 52.47
C GLY B 620 -8.09 -65.83 53.73
N ASP B 621 -7.56 -65.44 54.91
CA ASP B 621 -8.12 -65.88 56.19
C ASP B 621 -9.44 -65.19 56.44
N ARG B 622 -10.46 -65.95 56.80
CA ARG B 622 -11.76 -65.37 57.15
C ARG B 622 -11.62 -64.80 58.58
N VAL B 623 -11.74 -63.49 58.75
CA VAL B 623 -11.54 -62.86 60.06
C VAL B 623 -12.66 -61.96 60.45
N GLY B 624 -12.69 -61.68 61.73
CA GLY B 624 -13.61 -60.74 62.34
C GLY B 624 -12.83 -59.94 63.33
N GLY B 625 -13.18 -58.68 63.48
CA GLY B 625 -12.44 -57.82 64.38
C GLY B 625 -13.09 -56.48 64.66
N VAL B 626 -12.24 -55.45 64.87
CA VAL B 626 -12.60 -54.08 65.21
C VAL B 626 -11.68 -53.11 64.53
N SER B 627 -12.10 -51.87 64.29
CA SER B 627 -11.13 -50.93 63.74
C SER B 627 -11.39 -49.44 64.00
N ALA B 628 -12.67 -48.99 63.92
CA ALA B 628 -13.03 -47.57 63.81
C ALA B 628 -12.76 -47.30 62.33
N ASN B 629 -12.32 -46.08 61.93
CA ASN B 629 -11.98 -45.84 60.51
C ASN B 629 -13.12 -46.26 59.51
N GLY B 630 -14.34 -46.44 60.01
CA GLY B 630 -15.48 -46.82 59.20
C GLY B 630 -15.48 -48.26 58.74
N CYS B 631 -16.26 -49.11 59.45
CA CYS B 631 -16.43 -50.51 59.09
C CYS B 631 -17.71 -50.73 58.29
N TRP B 632 -18.32 -49.68 57.71
CA TRP B 632 -19.50 -49.83 56.85
C TRP B 632 -18.98 -49.57 55.44
N SER B 633 -17.99 -50.36 55.05
CA SER B 633 -17.34 -50.22 53.77
C SER B 633 -16.89 -51.58 53.27
N ASN B 634 -16.50 -51.62 52.01
CA ASN B 634 -16.04 -52.84 51.35
C ASN B 634 -14.65 -53.25 51.86
N PHE B 635 -13.74 -52.30 52.04
CA PHE B 635 -12.40 -52.61 52.52
C PHE B 635 -12.07 -51.80 53.75
N VAL B 636 -11.47 -52.47 54.76
CA VAL B 636 -11.12 -51.84 56.02
C VAL B 636 -9.71 -52.19 56.35
N THR B 637 -8.89 -51.21 56.72
CA THR B 637 -7.53 -51.46 57.16
C THR B 637 -7.58 -51.42 58.67
N CYS B 638 -7.26 -52.58 59.30
CA CYS B 638 -7.28 -52.74 60.75
C CYS B 638 -5.97 -53.34 61.23
N GLU B 639 -5.56 -53.01 62.47
CA GLU B 639 -4.31 -53.51 63.04
C GLU B 639 -4.35 -55.01 63.24
N ALA B 640 -3.21 -55.69 63.25
CA ALA B 640 -3.17 -57.13 63.46
C ALA B 640 -3.67 -57.48 64.85
N ASP B 641 -3.48 -56.51 65.83
CA ASP B 641 -3.93 -56.57 67.24
C ASP B 641 -5.45 -56.64 67.38
N LEU B 642 -6.21 -56.23 66.34
CA LEU B 642 -7.68 -56.15 66.38
C LEU B 642 -8.39 -57.13 65.48
N ALA B 643 -7.72 -58.12 64.93
CA ALA B 643 -8.41 -59.08 64.11
C ALA B 643 -8.10 -60.47 64.62
N THR B 644 -9.01 -61.39 64.36
CA THR B 644 -8.86 -62.78 64.76
C THR B 644 -9.51 -63.68 63.71
N LYS B 645 -8.88 -64.84 63.41
CA LYS B 645 -9.47 -65.73 62.45
C LYS B 645 -10.72 -66.29 63.04
N LEU B 646 -11.75 -66.38 62.23
CA LEU B 646 -13.00 -66.92 62.69
C LEU B 646 -12.88 -68.44 62.74
N PRO B 647 -13.47 -69.09 63.74
CA PRO B 647 -13.52 -70.55 63.72
C PRO B 647 -14.51 -70.99 62.63
N GLU B 648 -14.57 -72.29 62.37
CA GLU B 648 -15.43 -72.88 61.33
C GLU B 648 -16.95 -72.71 61.58
N GLY B 649 -17.37 -72.73 62.86
CA GLY B 649 -18.76 -72.64 63.27
C GLY B 649 -19.55 -71.37 62.97
N ILE B 650 -18.84 -70.22 62.71
CA ILE B 650 -19.51 -68.93 62.42
C ILE B 650 -19.04 -68.25 61.15
N SER B 651 -20.01 -67.59 60.50
CA SER B 651 -19.83 -66.82 59.28
C SER B 651 -19.36 -65.44 59.60
N GLU B 652 -19.05 -64.70 58.55
CA GLU B 652 -18.64 -63.31 58.66
C GLU B 652 -19.82 -62.52 59.28
N HIS B 653 -21.05 -62.73 58.77
CA HIS B 653 -22.25 -62.06 59.26
C HIS B 653 -22.62 -62.44 60.68
N GLU B 654 -22.37 -63.70 61.09
CA GLU B 654 -22.66 -64.11 62.47
C GLU B 654 -21.69 -63.38 63.39
N ALA B 655 -20.38 -63.41 63.07
CA ALA B 655 -19.30 -62.76 63.83
C ALA B 655 -19.42 -61.23 63.88
N ALA B 656 -19.89 -60.63 62.78
CA ALA B 656 -20.10 -59.19 62.72
C ALA B 656 -21.18 -58.76 63.74
N ALA B 657 -22.21 -59.57 63.99
CA ALA B 657 -23.27 -59.21 64.93
C ALA B 657 -22.87 -59.41 66.43
N VAL B 658 -22.33 -60.60 66.71
CA VAL B 658 -21.92 -61.06 68.02
C VAL B 658 -20.89 -60.12 68.67
N GLY B 659 -19.71 -60.05 68.06
CA GLY B 659 -18.53 -59.33 68.54
C GLY B 659 -18.61 -58.46 69.78
N LEU B 660 -19.16 -57.24 69.63
CA LEU B 660 -19.23 -56.24 70.69
C LEU B 660 -20.29 -56.54 71.71
N ALA B 661 -21.51 -56.85 71.27
CA ALA B 661 -22.60 -57.15 72.18
C ALA B 661 -22.18 -58.21 73.19
N TYR B 662 -21.74 -59.36 72.68
CA TYR B 662 -21.31 -60.47 73.53
C TYR B 662 -19.99 -60.17 74.22
N GLY B 663 -19.09 -59.44 73.56
CA GLY B 663 -17.82 -59.07 74.16
C GLY B 663 -18.02 -58.24 75.40
N THR B 664 -18.79 -57.15 75.28
CA THR B 664 -19.11 -56.24 76.39
C THR B 664 -19.71 -57.02 77.54
N VAL B 665 -20.69 -57.88 77.25
CA VAL B 665 -21.36 -58.73 78.23
C VAL B 665 -20.38 -59.71 78.89
N TRP B 666 -19.54 -60.37 78.07
CA TRP B 666 -18.56 -61.33 78.57
C TRP B 666 -17.63 -60.65 79.54
N LEU B 667 -17.04 -59.55 79.13
CA LEU B 667 -16.18 -58.75 79.97
C LEU B 667 -16.91 -58.37 81.24
N GLY B 668 -18.05 -57.71 81.10
CA GLY B 668 -18.85 -57.21 82.20
C GLY B 668 -19.37 -58.22 83.22
N LEU B 669 -19.98 -59.31 82.73
CA LEU B 669 -20.58 -60.28 83.64
C LEU B 669 -19.62 -61.38 84.07
N THR B 670 -19.14 -62.19 83.14
CA THR B 670 -18.30 -63.32 83.51
C THR B 670 -16.87 -62.93 83.93
N GLU B 671 -16.36 -61.78 83.48
CA GLU B 671 -14.98 -61.40 83.76
C GLU B 671 -14.85 -60.41 84.93
N LEU B 672 -15.58 -59.29 84.89
CA LEU B 672 -15.49 -58.26 85.92
C LEU B 672 -16.37 -58.58 87.12
N ALA B 673 -17.67 -58.80 86.87
CA ALA B 673 -18.64 -59.09 87.92
C ALA B 673 -18.57 -60.54 88.37
N ARG B 674 -17.83 -61.41 87.65
CA ARG B 674 -17.71 -62.83 87.96
C ARG B 674 -19.10 -63.37 88.32
N MET B 675 -19.96 -63.41 87.30
CA MET B 675 -21.32 -63.85 87.47
C MET B 675 -21.34 -65.29 87.84
N SER B 676 -21.70 -65.56 89.09
CA SER B 676 -21.82 -66.91 89.62
C SER B 676 -23.19 -67.46 89.28
N ALA B 677 -23.42 -68.72 89.60
CA ALA B 677 -24.71 -69.31 89.38
C ALA B 677 -25.62 -68.96 90.54
N GLY B 678 -26.90 -68.82 90.25
CA GLY B 678 -27.91 -68.51 91.23
C GLY B 678 -28.12 -67.05 91.55
N ASP B 679 -27.05 -66.23 91.51
CA ASP B 679 -27.17 -64.81 91.85
C ASP B 679 -28.09 -64.08 90.83
N LYS B 680 -28.81 -63.06 91.34
CA LYS B 680 -29.83 -62.32 90.60
C LYS B 680 -29.20 -61.23 89.79
N ILE B 681 -29.61 -61.07 88.54
CA ILE B 681 -29.05 -60.08 87.63
C ILE B 681 -30.15 -59.20 87.04
N LEU B 682 -29.91 -57.89 86.96
CA LEU B 682 -30.85 -56.93 86.37
C LEU B 682 -30.31 -56.51 85.01
N ILE B 683 -31.01 -56.90 83.94
CA ILE B 683 -30.60 -56.57 82.57
C ILE B 683 -31.49 -55.46 82.02
N HIS B 684 -30.98 -54.22 81.94
CA HIS B 684 -31.79 -53.12 81.39
C HIS B 684 -31.87 -53.20 79.87
N SER B 685 -33.06 -52.93 79.29
CA SER B 685 -33.33 -52.93 77.82
C SER B 685 -32.85 -54.25 77.19
N ALA B 686 -33.39 -55.35 77.74
CA ALA B 686 -33.01 -56.70 77.42
C ALA B 686 -33.41 -57.20 76.01
N THR B 687 -34.23 -56.45 75.25
CA THR B 687 -34.63 -56.82 73.88
C THR B 687 -33.57 -56.46 72.84
N GLY B 688 -32.64 -55.58 73.19
CA GLY B 688 -31.54 -55.17 72.32
C GLY B 688 -30.43 -56.17 72.16
N GLY B 689 -29.37 -55.78 71.45
CA GLY B 689 -28.22 -56.62 71.16
C GLY B 689 -27.45 -57.09 72.37
N VAL B 690 -27.05 -56.14 73.20
CA VAL B 690 -26.30 -56.40 74.44
C VAL B 690 -27.24 -57.09 75.46
N GLY B 691 -28.52 -56.73 75.41
CA GLY B 691 -29.55 -57.32 76.27
C GLY B 691 -29.76 -58.80 76.01
N GLN B 692 -29.90 -59.15 74.73
CA GLN B 692 -30.06 -60.54 74.33
C GLN B 692 -28.78 -61.33 74.65
N ALA B 693 -27.62 -60.71 74.46
CA ALA B 693 -26.35 -61.34 74.79
C ALA B 693 -26.24 -61.59 76.31
N ALA B 694 -26.71 -60.61 77.11
CA ALA B 694 -26.69 -60.70 78.58
C ALA B 694 -27.55 -61.85 79.05
N ILE B 695 -28.76 -61.98 78.47
CA ILE B 695 -29.67 -63.08 78.79
C ILE B 695 -28.96 -64.39 78.54
N ALA B 696 -28.37 -64.54 77.36
CA ALA B 696 -27.68 -65.75 76.93
C ALA B 696 -26.67 -66.25 77.97
N VAL B 697 -25.74 -65.35 78.42
CA VAL B 697 -24.69 -65.75 79.36
C VAL B 697 -25.28 -65.84 80.78
N ALA B 698 -26.34 -65.08 81.10
CA ALA B 698 -27.00 -65.18 82.41
C ALA B 698 -27.71 -66.52 82.53
N ARG B 699 -28.35 -66.96 81.43
CA ARG B 699 -29.01 -68.25 81.37
C ARG B 699 -27.96 -69.34 81.44
N ALA B 700 -26.84 -69.14 80.74
CA ALA B 700 -25.73 -70.10 80.73
C ALA B 700 -25.12 -70.24 82.12
N ALA B 701 -24.90 -69.10 82.78
CA ALA B 701 -24.34 -69.07 84.14
C ALA B 701 -25.30 -69.61 85.19
N GLY B 702 -26.59 -69.58 84.91
CA GLY B 702 -27.64 -70.05 85.80
C GLY B 702 -28.09 -68.98 86.75
N ALA B 703 -28.08 -67.72 86.29
CA ALA B 703 -28.47 -66.56 87.07
C ALA B 703 -29.97 -66.27 86.91
N GLU B 704 -30.61 -65.73 87.97
CA GLU B 704 -32.03 -65.39 87.97
C GLU B 704 -32.17 -64.03 87.27
N ILE B 705 -32.81 -63.97 86.08
CA ILE B 705 -32.91 -62.72 85.32
C ILE B 705 -34.14 -61.87 85.74
N TYR B 706 -33.89 -60.57 85.83
CA TYR B 706 -34.82 -59.49 86.10
C TYR B 706 -34.55 -58.51 84.96
N ALA B 707 -35.50 -58.31 84.03
CA ALA B 707 -35.23 -57.47 82.87
C ALA B 707 -36.14 -56.26 82.78
N THR B 708 -35.75 -55.28 81.95
CA THR B 708 -36.55 -54.07 81.73
C THR B 708 -36.60 -53.77 80.23
N ALA B 709 -37.63 -53.02 79.82
CA ALA B 709 -37.82 -52.61 78.42
C ALA B 709 -38.80 -51.46 78.36
N GLY B 710 -38.67 -50.64 77.32
CA GLY B 710 -39.45 -49.42 77.14
C GLY B 710 -40.89 -49.66 76.76
N SER B 711 -41.11 -50.30 75.61
CA SER B 711 -42.44 -50.57 75.08
C SER B 711 -43.14 -51.72 75.79
N GLU B 712 -44.48 -51.75 75.70
CA GLU B 712 -45.23 -52.84 76.30
C GLU B 712 -45.03 -54.09 75.44
N LYS B 713 -45.05 -53.91 74.10
CA LYS B 713 -44.78 -54.98 73.15
C LYS B 713 -43.42 -55.60 73.43
N ARG B 714 -42.43 -54.77 73.73
CA ARG B 714 -41.06 -55.21 74.01
C ARG B 714 -41.01 -55.93 75.34
N ARG B 715 -41.76 -55.44 76.35
CA ARG B 715 -41.81 -56.10 77.66
C ARG B 715 -42.48 -57.43 77.52
N GLN B 716 -43.60 -57.51 76.77
CA GLN B 716 -44.35 -58.77 76.55
C GLN B 716 -43.49 -59.79 75.82
N LEU B 717 -42.56 -59.37 74.96
CA LEU B 717 -41.65 -60.31 74.33
C LEU B 717 -40.78 -61.01 75.37
N LEU B 718 -40.25 -60.27 76.35
CA LEU B 718 -39.41 -60.84 77.41
C LEU B 718 -40.23 -61.83 78.23
N ARG B 719 -41.48 -61.48 78.56
CA ARG B 719 -42.37 -62.36 79.29
C ARG B 719 -42.59 -63.68 78.48
N ASP B 720 -42.70 -63.56 77.14
CA ASP B 720 -42.89 -64.71 76.25
C ASP B 720 -41.60 -65.52 76.11
N TRP B 721 -40.42 -64.85 76.11
CA TRP B 721 -39.11 -65.52 76.06
C TRP B 721 -38.88 -66.41 77.29
N GLY B 722 -39.75 -66.31 78.29
CA GLY B 722 -39.71 -67.13 79.49
C GLY B 722 -39.02 -66.46 80.63
N ILE B 723 -39.04 -65.13 80.67
CA ILE B 723 -38.40 -64.40 81.75
C ILE B 723 -39.52 -63.77 82.57
N GLU B 724 -39.71 -64.29 83.78
CA GLU B 724 -40.64 -63.74 84.78
C GLU B 724 -39.87 -62.63 85.41
N HIS B 725 -40.54 -61.54 85.83
CA HIS B 725 -39.90 -60.35 86.43
C HIS B 725 -39.40 -59.35 85.34
N VAL B 726 -40.36 -58.76 84.61
CA VAL B 726 -40.12 -57.76 83.57
C VAL B 726 -40.70 -56.43 84.05
N TYR B 727 -39.96 -55.33 83.88
CA TYR B 727 -40.38 -54.00 84.34
C TYR B 727 -40.13 -52.91 83.27
N ASP B 728 -40.50 -51.63 83.57
CA ASP B 728 -40.29 -50.55 82.61
C ASP B 728 -38.93 -49.95 82.85
N SER B 729 -38.14 -49.79 81.76
CA SER B 729 -36.80 -49.22 81.77
C SER B 729 -36.80 -47.70 81.82
N ARG B 730 -37.92 -47.08 81.40
CA ARG B 730 -38.05 -45.61 81.36
C ARG B 730 -38.39 -44.96 82.73
N THR B 731 -38.67 -45.75 83.77
CA THR B 731 -39.01 -45.24 85.10
C THR B 731 -38.09 -45.83 86.16
N THR B 732 -38.24 -45.34 87.42
CA THR B 732 -37.50 -45.85 88.58
C THR B 732 -38.40 -46.83 89.38
N ALA B 733 -39.39 -47.43 88.68
CA ALA B 733 -40.34 -48.35 89.30
C ALA B 733 -39.66 -49.63 89.61
N PHE B 734 -39.00 -50.20 88.59
CA PHE B 734 -38.28 -51.46 88.68
C PHE B 734 -37.59 -51.66 90.05
N ALA B 735 -36.97 -50.60 90.61
CA ALA B 735 -36.26 -50.68 91.89
C ALA B 735 -37.16 -51.22 92.99
N ASP B 736 -38.22 -50.50 93.34
CA ASP B 736 -39.11 -50.92 94.42
C ASP B 736 -39.88 -52.17 94.05
N GLN B 737 -40.20 -52.35 92.75
CA GLN B 737 -40.90 -53.54 92.27
C GLN B 737 -40.03 -54.81 92.42
N ILE B 738 -38.72 -54.70 92.12
CA ILE B 738 -37.79 -55.82 92.28
C ILE B 738 -37.55 -56.06 93.75
N ARG B 739 -37.45 -55.00 94.55
CA ARG B 739 -37.29 -55.15 96.00
C ARG B 739 -38.48 -55.95 96.55
N THR B 740 -39.69 -55.69 96.04
CA THR B 740 -40.89 -56.44 96.45
C THR B 740 -40.87 -57.88 95.92
N ASP B 741 -40.48 -58.06 94.64
CA ASP B 741 -40.43 -59.37 93.99
C ASP B 741 -39.22 -60.23 94.46
N THR B 742 -38.32 -59.70 95.32
CA THR B 742 -37.20 -60.46 95.89
C THR B 742 -37.27 -60.47 97.43
N ASP B 743 -38.41 -60.04 98.02
CA ASP B 743 -38.63 -59.96 99.46
C ASP B 743 -37.52 -59.13 100.13
N GLY B 744 -37.31 -57.95 99.58
CA GLY B 744 -36.35 -56.97 100.06
C GLY B 744 -34.89 -57.22 99.78
N TYR B 745 -34.53 -58.33 99.11
CA TYR B 745 -33.13 -58.62 98.84
C TYR B 745 -32.51 -57.72 97.76
N GLY B 746 -33.23 -57.52 96.68
CA GLY B 746 -32.72 -56.76 95.55
C GLY B 746 -32.00 -57.71 94.63
N VAL B 747 -31.03 -57.20 93.85
CA VAL B 747 -30.26 -58.05 92.94
C VAL B 747 -28.79 -58.10 93.42
N ASP B 748 -27.94 -58.75 92.60
CA ASP B 748 -26.51 -58.87 92.82
C ASP B 748 -25.72 -58.14 91.78
N ILE B 749 -26.06 -58.38 90.52
CA ILE B 749 -25.41 -57.76 89.37
C ILE B 749 -26.40 -56.84 88.70
N VAL B 750 -25.92 -55.74 88.12
CA VAL B 750 -26.77 -54.77 87.41
C VAL B 750 -26.04 -54.34 86.16
N LEU B 751 -26.53 -54.74 84.98
CA LEU B 751 -25.90 -54.33 83.72
C LEU B 751 -26.56 -53.02 83.27
N ASN B 752 -26.08 -51.91 83.84
CA ASN B 752 -26.66 -50.60 83.65
C ASN B 752 -26.33 -49.90 82.33
N SER B 753 -27.31 -49.88 81.46
CA SER B 753 -27.31 -49.12 80.21
C SER B 753 -28.11 -47.81 80.41
N VAL B 754 -28.98 -47.75 81.45
CA VAL B 754 -29.88 -46.62 81.74
C VAL B 754 -29.12 -45.45 82.47
N THR B 755 -29.78 -44.30 82.66
CA THR B 755 -29.14 -43.10 83.19
C THR B 755 -29.98 -42.26 84.17
N GLY B 756 -29.28 -41.39 84.88
CA GLY B 756 -29.83 -40.41 85.79
C GLY B 756 -30.28 -40.99 87.11
N PRO B 757 -31.56 -40.78 87.51
CA PRO B 757 -32.04 -41.38 88.76
C PRO B 757 -32.21 -42.89 88.65
N ALA B 758 -32.30 -43.42 87.42
CA ALA B 758 -32.42 -44.84 87.17
C ALA B 758 -31.07 -45.55 87.41
N GLN B 759 -29.97 -44.82 87.30
CA GLN B 759 -28.65 -45.34 87.60
C GLN B 759 -28.54 -45.44 89.11
N ARG B 760 -28.80 -44.33 89.80
CA ARG B 760 -28.80 -44.22 91.26
C ARG B 760 -29.75 -45.26 91.88
N ALA B 761 -30.95 -45.42 91.31
CA ALA B 761 -31.96 -46.39 91.78
C ALA B 761 -31.50 -47.83 91.63
N GLY B 762 -30.75 -48.10 90.57
CA GLY B 762 -30.17 -49.41 90.28
C GLY B 762 -29.06 -49.76 91.24
N LEU B 763 -28.25 -48.78 91.66
CA LEU B 763 -27.19 -48.99 92.63
C LEU B 763 -27.81 -49.27 94.00
N GLU B 764 -28.82 -48.49 94.35
CA GLU B 764 -29.51 -48.67 95.62
C GLU B 764 -30.16 -50.05 95.72
N LEU B 765 -30.55 -50.61 94.56
CA LEU B 765 -31.18 -51.93 94.47
C LEU B 765 -30.24 -53.10 94.87
N LEU B 766 -29.07 -53.25 94.21
CA LEU B 766 -28.18 -54.41 94.46
C LEU B 766 -27.68 -54.44 95.90
N ALA B 767 -27.56 -55.68 96.44
CA ALA B 767 -27.27 -55.91 97.85
C ALA B 767 -26.12 -56.87 98.13
N PHE B 768 -25.15 -56.38 98.93
CA PHE B 768 -23.99 -57.09 99.47
C PHE B 768 -23.07 -57.57 98.37
N GLY B 769 -23.47 -58.59 97.62
CA GLY B 769 -22.69 -59.01 96.45
C GLY B 769 -22.29 -57.79 95.63
N GLY B 770 -23.27 -56.92 95.41
CA GLY B 770 -23.15 -55.63 94.77
C GLY B 770 -22.11 -55.49 93.69
N ARG B 771 -22.50 -55.69 92.42
CA ARG B 771 -21.61 -55.57 91.28
C ARG B 771 -22.28 -54.75 90.20
N PHE B 772 -22.16 -53.42 90.30
CA PHE B 772 -22.75 -52.49 89.34
C PHE B 772 -21.87 -52.34 88.10
N VAL B 773 -22.32 -52.84 86.94
CA VAL B 773 -21.53 -52.77 85.70
C VAL B 773 -22.06 -51.66 84.80
N GLU B 774 -21.47 -50.43 84.86
CA GLU B 774 -21.95 -49.37 84.01
C GLU B 774 -21.29 -49.40 82.65
N ILE B 775 -22.09 -49.76 81.63
CA ILE B 775 -21.70 -49.75 80.21
C ILE B 775 -22.12 -48.38 79.62
N GLY B 776 -23.20 -47.78 80.13
CA GLY B 776 -23.67 -46.46 79.72
C GLY B 776 -22.70 -45.30 80.02
N LYS B 777 -22.22 -44.63 78.94
CA LYS B 777 -21.24 -43.55 79.04
C LYS B 777 -21.81 -42.16 79.44
N ARG B 778 -23.10 -41.88 79.23
CA ARG B 778 -23.67 -40.53 79.45
C ARG B 778 -23.35 -39.93 80.81
N ASP B 779 -23.60 -40.69 81.88
CA ASP B 779 -23.42 -40.17 83.25
C ASP B 779 -21.95 -40.00 83.64
N ILE B 780 -21.04 -40.80 83.07
CA ILE B 780 -19.61 -40.68 83.32
C ILE B 780 -19.11 -39.40 82.70
N TYR B 781 -19.32 -39.22 81.38
CA TYR B 781 -18.88 -38.01 80.66
C TYR B 781 -19.59 -36.73 81.15
N ALA B 782 -20.69 -36.87 81.89
CA ALA B 782 -21.39 -35.74 82.50
C ALA B 782 -20.81 -35.36 83.91
N ASP B 783 -19.88 -36.17 84.45
CA ASP B 783 -19.24 -36.02 85.77
C ASP B 783 -20.27 -36.02 86.88
N THR B 784 -21.16 -36.99 86.82
CA THR B 784 -22.23 -37.09 87.81
C THR B 784 -21.67 -37.52 89.15
N ARG B 785 -21.92 -36.69 90.16
CA ARG B 785 -21.50 -36.94 91.53
C ARG B 785 -22.36 -38.09 92.07
N LEU B 786 -21.79 -39.29 92.12
CA LEU B 786 -22.51 -40.48 92.55
C LEU B 786 -22.34 -40.68 94.02
N GLY B 787 -23.44 -40.62 94.75
CA GLY B 787 -23.39 -40.77 96.19
C GLY B 787 -22.78 -42.09 96.56
N LEU B 788 -21.72 -42.07 97.41
CA LEU B 788 -21.02 -43.27 97.83
C LEU B 788 -21.69 -44.04 98.97
N PHE B 789 -22.74 -43.54 99.61
CA PHE B 789 -23.36 -44.23 100.75
C PHE B 789 -23.81 -45.68 100.47
N PRO B 790 -24.38 -46.02 99.30
CA PRO B 790 -24.80 -47.42 99.06
C PRO B 790 -23.66 -48.43 99.08
N PHE B 791 -22.42 -47.96 98.84
CA PHE B 791 -21.24 -48.82 98.81
C PHE B 791 -20.92 -49.42 100.19
N ARG B 792 -21.60 -48.98 101.30
CA ARG B 792 -21.35 -49.54 102.63
C ARG B 792 -21.56 -51.06 102.67
N ARG B 793 -22.27 -51.63 101.67
CA ARG B 793 -22.52 -53.06 101.57
C ARG B 793 -21.52 -53.78 100.62
N ASN B 794 -20.22 -53.46 100.66
CA ASN B 794 -19.19 -54.09 99.82
C ASN B 794 -19.51 -54.08 98.28
N LEU B 795 -20.10 -52.97 97.79
CA LEU B 795 -20.43 -52.85 96.37
C LEU B 795 -19.18 -52.62 95.53
N SER B 796 -19.30 -52.85 94.23
CA SER B 796 -18.20 -52.72 93.28
C SER B 796 -18.72 -52.09 92.01
N PHE B 797 -18.19 -50.94 91.64
CA PHE B 797 -18.58 -50.23 90.42
C PHE B 797 -17.59 -50.53 89.30
N TYR B 798 -18.07 -50.87 88.11
CA TYR B 798 -17.18 -51.15 86.99
C TYR B 798 -17.56 -50.31 85.81
N ALA B 799 -16.63 -49.50 85.32
CA ALA B 799 -16.83 -48.70 84.13
C ALA B 799 -16.34 -49.50 82.93
N VAL B 800 -17.09 -49.49 81.84
CA VAL B 800 -16.74 -50.29 80.66
C VAL B 800 -16.79 -49.39 79.44
N ASP B 801 -15.69 -49.36 78.64
CA ASP B 801 -15.55 -48.59 77.39
C ASP B 801 -14.67 -49.36 76.42
N LEU B 802 -15.23 -50.40 75.81
CA LEU B 802 -14.53 -51.25 74.83
C LEU B 802 -13.85 -50.40 73.75
N ALA B 803 -14.49 -49.30 73.36
CA ALA B 803 -13.94 -48.40 72.34
C ALA B 803 -12.56 -47.86 72.71
N LEU B 804 -12.41 -47.43 73.94
CA LEU B 804 -11.16 -46.92 74.50
C LEU B 804 -10.17 -48.04 74.66
N MET B 805 -10.64 -49.20 75.17
CA MET B 805 -9.84 -50.40 75.35
C MET B 805 -9.17 -50.86 74.10
N THR B 806 -9.86 -50.70 72.98
CA THR B 806 -9.32 -51.07 71.67
C THR B 806 -7.97 -50.31 71.42
N VAL B 807 -7.80 -49.12 72.00
CA VAL B 807 -6.59 -48.33 71.87
C VAL B 807 -5.62 -48.60 72.98
N THR B 808 -6.08 -48.59 74.25
CA THR B 808 -5.23 -48.76 75.42
C THR B 808 -4.70 -50.17 75.61
N HIS B 809 -5.55 -51.19 75.43
CA HIS B 809 -5.17 -52.61 75.58
C HIS B 809 -5.82 -53.40 74.47
N PRO B 810 -5.33 -53.28 73.23
CA PRO B 810 -5.96 -54.00 72.11
C PRO B 810 -5.88 -55.50 72.18
N GLN B 811 -4.84 -56.03 72.85
CA GLN B 811 -4.71 -57.47 73.03
C GLN B 811 -5.90 -58.02 73.85
N LYS B 812 -6.36 -57.31 74.90
CA LYS B 812 -7.48 -57.78 75.70
C LYS B 812 -8.75 -57.82 74.86
N ILE B 813 -8.94 -56.87 73.93
CA ILE B 813 -10.09 -56.84 73.03
C ILE B 813 -9.98 -57.99 72.04
N ARG B 814 -8.76 -58.26 71.53
CA ARG B 814 -8.49 -59.37 70.59
C ARG B 814 -8.94 -60.69 71.16
N ASP B 815 -8.59 -60.91 72.42
CA ASP B 815 -8.89 -62.14 73.15
C ASP B 815 -10.37 -62.20 73.52
N LEU B 816 -10.97 -61.06 73.84
CA LEU B 816 -12.38 -60.95 74.17
C LEU B 816 -13.25 -61.25 72.95
N LEU B 817 -12.81 -60.90 71.74
CA LEU B 817 -13.58 -61.20 70.53
C LEU B 817 -13.42 -62.63 70.20
N ALA B 818 -12.18 -63.08 70.30
CA ALA B 818 -11.80 -64.45 70.00
C ALA B 818 -12.50 -65.45 70.89
N THR B 819 -12.67 -65.10 72.18
CA THR B 819 -13.35 -65.99 73.10
C THR B 819 -14.87 -66.00 72.82
N VAL B 820 -15.50 -64.89 72.42
CA VAL B 820 -16.94 -64.92 72.13
C VAL B 820 -17.18 -65.64 70.80
N TYR B 821 -16.30 -65.48 69.80
CA TYR B 821 -16.42 -66.19 68.52
C TYR B 821 -16.27 -67.71 68.72
N ARG B 822 -15.47 -68.10 69.70
CA ARG B 822 -15.30 -69.50 70.01
C ARG B 822 -16.58 -70.02 70.68
N LEU B 823 -17.04 -69.36 71.75
CA LEU B 823 -18.24 -69.78 72.50
C LEU B 823 -19.47 -69.88 71.63
N ILE B 824 -19.66 -68.91 70.73
CA ILE B 824 -20.83 -68.86 69.87
C ILE B 824 -20.74 -69.95 68.76
N ALA B 825 -19.52 -70.22 68.24
CA ALA B 825 -19.28 -71.24 67.21
C ALA B 825 -19.40 -72.64 67.79
N ASP B 826 -18.96 -72.82 69.06
CA ASP B 826 -19.06 -74.09 69.80
C ASP B 826 -20.52 -74.42 70.14
N GLY B 827 -21.35 -73.38 70.23
CA GLY B 827 -22.75 -73.49 70.60
C GLY B 827 -22.96 -73.28 72.08
N THR B 828 -21.87 -72.97 72.81
CA THR B 828 -21.90 -72.69 74.24
C THR B 828 -22.90 -71.57 74.53
N LEU B 829 -22.95 -70.59 73.61
CA LEU B 829 -23.89 -69.48 73.65
C LEU B 829 -24.69 -69.42 72.36
N PRO B 830 -25.99 -69.11 72.44
CA PRO B 830 -26.80 -69.03 71.23
C PRO B 830 -26.79 -67.62 70.72
N LEU B 831 -26.74 -67.45 69.40
CA LEU B 831 -26.73 -66.11 68.80
C LEU B 831 -28.13 -65.45 68.93
N PRO B 832 -28.24 -64.12 68.80
CA PRO B 832 -29.52 -63.45 69.02
C PRO B 832 -30.32 -63.19 67.76
N GLU B 833 -31.43 -62.44 67.89
CA GLU B 833 -32.24 -62.04 66.74
C GLU B 833 -31.41 -61.14 65.84
N ILE B 834 -31.14 -61.57 64.62
CA ILE B 834 -30.35 -60.74 63.73
C ILE B 834 -31.18 -60.40 62.53
N THR B 835 -31.25 -59.12 62.22
CA THR B 835 -32.02 -58.62 61.11
C THR B 835 -31.07 -57.98 60.15
N HIS B 836 -30.94 -58.53 58.97
CA HIS B 836 -30.01 -57.97 58.00
C HIS B 836 -30.56 -56.75 57.33
N TYR B 837 -29.67 -55.88 56.93
CA TYR B 837 -30.01 -54.64 56.24
C TYR B 837 -29.01 -54.42 55.15
N PRO B 838 -29.40 -54.19 53.90
CA PRO B 838 -28.37 -53.87 52.90
C PRO B 838 -27.79 -52.52 53.22
N LEU B 839 -26.59 -52.25 52.69
CA LEU B 839 -25.88 -51.00 52.94
C LEU B 839 -26.71 -49.78 52.60
N GLU B 840 -27.54 -49.88 51.56
CA GLU B 840 -28.40 -48.79 51.08
C GLU B 840 -29.42 -48.36 52.15
N GLU B 841 -30.08 -49.33 52.79
CA GLU B 841 -31.10 -49.09 53.82
C GLU B 841 -30.48 -48.93 55.20
N ALA B 842 -29.29 -48.39 55.30
CA ALA B 842 -28.68 -48.21 56.61
C ALA B 842 -29.43 -47.14 57.42
N ALA B 843 -29.80 -46.03 56.77
CA ALA B 843 -30.53 -44.92 57.40
C ALA B 843 -31.84 -45.37 57.96
N THR B 844 -32.50 -46.31 57.27
CA THR B 844 -33.78 -46.85 57.70
C THR B 844 -33.58 -47.68 58.97
N ALA B 845 -32.51 -48.48 59.03
CA ALA B 845 -32.16 -49.25 60.23
C ALA B 845 -31.88 -48.31 61.42
N ILE B 846 -31.24 -47.16 61.17
CA ILE B 846 -31.00 -46.17 62.20
C ILE B 846 -32.30 -45.59 62.64
N ARG B 847 -33.21 -45.20 61.73
CA ARG B 847 -34.50 -44.63 62.14
C ARG B 847 -35.24 -45.60 63.02
N ILE B 848 -35.12 -46.91 62.72
CA ILE B 848 -35.82 -47.96 63.45
C ILE B 848 -35.16 -48.15 64.79
N MET B 849 -33.86 -48.45 64.80
CA MET B 849 -33.11 -48.64 66.04
C MET B 849 -33.22 -47.39 66.95
N GLY B 850 -33.08 -46.22 66.36
CA GLY B 850 -33.15 -44.94 67.03
C GLY B 850 -34.49 -44.63 67.64
N GLY B 851 -35.52 -45.25 67.11
CA GLY B 851 -36.88 -45.11 67.66
C GLY B 851 -37.30 -46.23 68.61
N ALA B 852 -36.37 -47.14 69.01
CA ALA B 852 -36.66 -48.27 69.89
C ALA B 852 -37.66 -49.24 69.28
N GLN B 853 -37.85 -49.21 67.94
CA GLN B 853 -38.81 -50.10 67.27
C GLN B 853 -38.21 -51.50 67.10
N HIS B 854 -36.89 -51.56 67.02
CA HIS B 854 -36.16 -52.78 66.77
C HIS B 854 -36.10 -53.77 67.94
N THR B 855 -35.63 -54.98 67.58
CA THR B 855 -35.39 -56.10 68.46
C THR B 855 -34.13 -56.83 68.02
N GLY B 856 -33.33 -57.17 69.01
CA GLY B 856 -32.11 -57.90 68.77
C GLY B 856 -31.05 -57.08 68.08
N LYS B 857 -30.30 -57.75 67.22
CA LYS B 857 -29.21 -57.14 66.50
C LYS B 857 -29.66 -56.87 65.07
N LEU B 858 -29.06 -55.79 64.50
CA LEU B 858 -29.23 -55.25 63.14
C LEU B 858 -27.87 -55.31 62.48
N VAL B 859 -27.74 -56.03 61.36
CA VAL B 859 -26.45 -56.21 60.69
C VAL B 859 -26.49 -55.59 59.34
N ILE B 860 -25.47 -54.81 59.01
CA ILE B 860 -25.36 -54.19 57.70
C ILE B 860 -24.65 -55.20 56.78
N ASP B 861 -25.26 -55.55 55.65
CA ASP B 861 -24.68 -56.46 54.67
C ASP B 861 -23.96 -55.66 53.57
N ILE B 862 -22.63 -55.88 53.43
CA ILE B 862 -21.79 -55.20 52.46
C ILE B 862 -21.88 -55.95 51.13
N PRO B 863 -22.11 -55.24 50.01
CA PRO B 863 -22.23 -55.94 48.72
C PRO B 863 -20.94 -56.56 48.16
N ASP B 864 -20.83 -57.90 48.34
CA ASP B 864 -19.78 -58.75 47.75
C ASP B 864 -20.28 -59.12 46.37
N THR B 865 -20.21 -58.18 45.43
CA THR B 865 -20.68 -58.42 44.08
C THR B 865 -19.90 -57.61 43.16
N GLY B 866 -19.98 -57.94 41.88
CA GLY B 866 -19.37 -57.14 40.84
C GLY B 866 -20.27 -55.95 40.51
N GLN B 867 -21.32 -55.70 41.36
CA GLN B 867 -22.29 -54.64 41.14
C GLN B 867 -21.64 -53.30 41.36
N SER B 868 -22.17 -52.32 40.67
CA SER B 868 -21.66 -50.98 40.78
C SER B 868 -22.63 -50.21 41.68
N GLN B 869 -22.11 -49.17 42.36
CA GLN B 869 -22.90 -48.31 43.23
C GLN B 869 -22.45 -46.85 43.09
N VAL B 870 -23.42 -45.90 43.09
CA VAL B 870 -23.14 -44.48 42.89
C VAL B 870 -22.54 -43.92 44.18
N VAL B 871 -21.38 -43.30 44.06
CA VAL B 871 -20.55 -42.82 45.16
C VAL B 871 -20.11 -41.37 44.92
N VAL B 872 -19.75 -40.60 45.98
CA VAL B 872 -19.36 -39.17 45.88
C VAL B 872 -17.89 -38.84 46.27
N PRO B 873 -16.99 -38.40 45.33
CA PRO B 873 -15.65 -37.99 45.75
C PRO B 873 -15.68 -36.56 46.20
N PRO B 874 -15.39 -36.28 47.48
CA PRO B 874 -15.44 -34.88 47.96
C PRO B 874 -14.29 -33.98 47.40
N GLU B 875 -13.07 -34.21 47.91
CA GLU B 875 -11.82 -33.52 47.57
C GLU B 875 -10.70 -34.54 47.38
N GLN B 876 -11.08 -35.73 46.86
CA GLN B 876 -10.20 -36.82 46.44
C GLN B 876 -9.95 -36.62 44.94
N VAL B 877 -10.53 -35.53 44.39
CA VAL B 877 -10.47 -35.18 42.99
C VAL B 877 -9.00 -35.01 42.62
N PRO B 878 -8.56 -35.41 41.41
CA PRO B 878 -7.13 -35.25 41.09
C PRO B 878 -6.73 -33.79 40.95
N VAL B 879 -7.38 -33.13 39.97
CA VAL B 879 -7.08 -31.77 39.58
C VAL B 879 -5.55 -31.76 39.21
N PHE B 880 -4.64 -31.28 40.08
CA PHE B 880 -3.22 -31.20 39.72
C PHE B 880 -2.45 -32.47 40.01
N ARG B 881 -1.84 -33.11 38.97
CA ARG B 881 -1.06 -34.35 39.11
C ARG B 881 0.21 -34.43 38.23
N GLY B 882 1.21 -35.14 38.74
CA GLY B 882 2.48 -35.36 38.05
C GLY B 882 2.40 -36.30 36.86
N ASP B 883 1.41 -37.24 36.88
CA ASP B 883 1.19 -38.21 35.80
C ASP B 883 0.17 -37.68 34.76
N GLY B 884 0.17 -36.37 34.52
CA GLY B 884 -0.74 -35.75 33.57
C GLY B 884 -0.30 -34.38 33.13
N ALA B 885 -0.48 -34.08 31.84
CA ALA B 885 -0.09 -32.81 31.24
C ALA B 885 -1.22 -31.79 31.27
N TYR B 886 -0.87 -30.50 31.16
CA TYR B 886 -1.84 -29.40 31.20
C TYR B 886 -1.57 -28.34 30.16
N VAL B 887 -2.61 -27.65 29.70
CA VAL B 887 -2.50 -26.59 28.68
C VAL B 887 -3.11 -25.30 29.23
N ILE B 888 -2.42 -24.17 29.06
CA ILE B 888 -2.92 -22.88 29.51
C ILE B 888 -2.80 -21.87 28.39
N THR B 889 -3.95 -21.38 27.88
CA THR B 889 -3.97 -20.35 26.84
C THR B 889 -3.94 -19.02 27.56
N GLY B 890 -3.09 -18.11 27.09
CA GLY B 890 -2.88 -16.82 27.76
C GLY B 890 -2.06 -17.05 29.01
N GLY B 891 -1.09 -17.96 28.91
CA GLY B 891 -0.22 -18.37 30.01
C GLY B 891 1.02 -17.52 30.19
N LEU B 892 1.50 -16.83 29.13
CA LEU B 892 2.69 -15.99 29.27
C LEU B 892 2.39 -14.68 29.99
N GLY B 893 1.12 -14.40 30.29
CA GLY B 893 0.77 -13.19 31.02
C GLY B 893 -0.49 -13.28 31.85
N GLY B 894 -0.61 -12.32 32.74
CA GLY B 894 -1.76 -12.18 33.61
C GLY B 894 -1.95 -13.29 34.61
N LEU B 895 -3.17 -13.83 34.63
CA LEU B 895 -3.57 -14.90 35.54
C LEU B 895 -2.86 -16.19 35.18
N GLY B 896 -2.89 -16.52 33.90
CA GLY B 896 -2.27 -17.72 33.37
C GLY B 896 -0.85 -17.98 33.84
N LEU B 897 -0.02 -16.92 33.94
CA LEU B 897 1.37 -17.09 34.41
C LEU B 897 1.41 -17.34 35.93
N PHE B 898 0.50 -16.72 36.70
CA PHE B 898 0.41 -16.93 38.14
C PHE B 898 -0.12 -18.35 38.42
N LEU B 899 -1.16 -18.76 37.69
CA LEU B 899 -1.75 -20.09 37.81
C LEU B 899 -0.72 -21.15 37.42
N ALA B 900 0.02 -20.93 36.32
CA ALA B 900 1.07 -21.86 35.86
C ALA B 900 2.15 -22.06 36.92
N GLU B 901 2.59 -20.95 37.54
CA GLU B 901 3.59 -20.97 38.63
C GLU B 901 3.03 -21.72 39.85
N ARG B 902 1.75 -21.46 40.19
CA ARG B 902 1.07 -22.12 41.30
C ARG B 902 0.87 -23.62 41.00
N MET B 903 0.53 -23.96 39.74
CA MET B 903 0.31 -25.35 39.31
C MET B 903 1.60 -26.15 39.29
N ALA B 904 2.70 -25.54 38.81
CA ALA B 904 4.02 -26.17 38.80
C ALA B 904 4.42 -26.51 40.22
N ALA B 905 4.15 -25.59 41.17
CA ALA B 905 4.40 -25.77 42.60
C ALA B 905 3.44 -26.81 43.22
N ALA B 906 2.17 -26.86 42.75
CA ALA B 906 1.18 -27.83 43.22
C ALA B 906 1.46 -29.28 42.76
N GLY B 907 2.44 -29.48 41.88
CA GLY B 907 2.83 -30.81 41.41
C GLY B 907 2.18 -31.17 40.09
N CYS B 908 2.72 -30.63 39.00
CA CYS B 908 2.21 -30.89 37.66
C CYS B 908 3.34 -31.25 36.76
N GLY B 909 3.14 -32.30 36.00
CA GLY B 909 4.11 -32.77 35.01
C GLY B 909 3.76 -32.21 33.66
N ARG B 910 4.60 -31.28 33.14
CA ARG B 910 4.45 -30.64 31.82
C ARG B 910 3.24 -29.72 31.79
N ILE B 911 3.53 -28.43 31.73
CA ILE B 911 2.51 -27.41 31.63
C ILE B 911 2.81 -26.66 30.38
N VAL B 912 2.02 -26.82 29.31
CA VAL B 912 2.24 -26.07 28.08
C VAL B 912 1.58 -24.71 28.29
N VAL B 913 2.34 -23.64 28.04
CA VAL B 913 1.88 -22.27 28.18
C VAL B 913 1.81 -21.68 26.76
N ASN B 914 0.78 -20.85 26.50
CA ASN B 914 0.56 -20.26 25.18
C ASN B 914 0.14 -18.79 25.27
N SER B 915 0.54 -18.05 24.24
CA SER B 915 0.22 -16.64 24.04
C SER B 915 0.85 -16.25 22.71
N ARG B 916 0.07 -15.64 21.81
CA ARG B 916 0.53 -15.27 20.47
C ARG B 916 1.84 -14.45 20.49
N SER B 917 2.00 -13.54 21.47
CA SER B 917 3.23 -12.74 21.60
C SER B 917 4.32 -13.54 22.27
N ALA B 918 5.59 -13.25 21.96
CA ALA B 918 6.73 -13.95 22.57
C ALA B 918 6.84 -13.62 24.08
N PRO B 919 7.57 -14.42 24.88
CA PRO B 919 7.66 -14.12 26.33
C PRO B 919 8.39 -12.82 26.63
N SER B 920 7.87 -12.05 27.59
CA SER B 920 8.52 -10.80 28.01
C SER B 920 9.77 -11.10 28.84
N THR B 921 10.54 -10.04 29.16
CA THR B 921 11.76 -10.18 29.94
C THR B 921 11.46 -10.66 31.36
N ARG B 922 10.37 -10.16 31.98
CA ARG B 922 9.98 -10.59 33.34
C ARG B 922 9.32 -11.96 33.29
N SER B 923 8.58 -12.27 32.20
CA SER B 923 7.91 -13.56 32.03
C SER B 923 8.93 -14.69 31.87
N SER B 924 9.98 -14.46 31.05
CA SER B 924 11.06 -15.43 30.86
C SER B 924 11.77 -15.75 32.18
N GLU B 925 11.97 -14.74 33.07
CA GLU B 925 12.59 -14.94 34.38
C GLU B 925 11.75 -15.84 35.30
N ILE B 926 10.42 -15.71 35.23
CA ILE B 926 9.50 -16.52 36.03
C ILE B 926 9.53 -17.96 35.53
N ILE B 927 9.59 -18.17 34.21
CA ILE B 927 9.63 -19.52 33.64
C ILE B 927 10.97 -20.20 33.99
N GLU B 928 12.07 -19.45 34.02
CA GLU B 928 13.40 -19.99 34.36
C GLU B 928 13.44 -20.57 35.77
N LEU B 929 12.96 -19.80 36.77
CA LEU B 929 12.96 -20.27 38.17
C LEU B 929 11.98 -21.42 38.39
N ILE B 930 10.90 -21.54 37.60
CA ILE B 930 9.96 -22.66 37.74
C ILE B 930 10.61 -23.93 37.19
N ARG B 931 11.27 -23.83 36.01
CA ARG B 931 11.97 -24.98 35.41
C ARG B 931 13.15 -25.40 36.28
N ALA B 932 13.83 -24.43 36.93
CA ALA B 932 14.93 -24.70 37.85
C ALA B 932 14.46 -25.53 39.04
N THR B 933 13.22 -25.26 39.52
CA THR B 933 12.60 -25.98 40.63
C THR B 933 11.73 -27.14 40.08
N GLY B 934 12.41 -28.12 39.49
CA GLY B 934 11.78 -29.33 38.95
C GLY B 934 10.88 -29.14 37.74
N ALA B 935 9.54 -29.18 37.98
CA ALA B 935 8.44 -29.11 36.99
C ALA B 935 8.79 -28.35 35.72
N ASP B 936 8.69 -29.03 34.55
CA ASP B 936 9.03 -28.42 33.26
C ASP B 936 7.84 -27.62 32.73
N ILE B 937 8.16 -26.49 32.10
CA ILE B 937 7.21 -25.54 31.54
C ILE B 937 7.57 -25.33 30.10
N VAL B 938 6.74 -25.82 29.20
CA VAL B 938 6.95 -25.64 27.77
C VAL B 938 6.18 -24.41 27.33
N VAL B 939 6.73 -23.69 26.35
CA VAL B 939 6.10 -22.49 25.79
C VAL B 939 5.94 -22.70 24.30
N GLU B 940 4.70 -22.77 23.84
CA GLU B 940 4.35 -22.92 22.43
C GLU B 940 3.44 -21.74 22.09
N CYS B 941 3.97 -20.77 21.34
CA CYS B 941 3.20 -19.58 20.98
C CYS B 941 2.31 -19.86 19.79
N GLY B 942 1.26 -19.06 19.68
CA GLY B 942 0.29 -19.15 18.60
C GLY B 942 -1.01 -18.44 18.89
N ASP B 943 -1.75 -18.09 17.85
CA ASP B 943 -3.04 -17.44 17.96
C ASP B 943 -4.10 -18.52 18.04
N ILE B 944 -4.62 -18.82 19.26
CA ILE B 944 -5.69 -19.85 19.49
C ILE B 944 -6.86 -19.73 18.53
N ALA B 945 -7.17 -18.51 18.03
CA ALA B 945 -8.21 -18.30 17.03
C ALA B 945 -7.94 -19.16 15.76
N GLU B 946 -6.65 -19.36 15.41
CA GLU B 946 -6.26 -20.27 14.32
C GLU B 946 -6.38 -21.69 14.85
N PRO B 947 -6.91 -22.62 14.06
CA PRO B 947 -7.11 -23.98 14.58
C PRO B 947 -5.83 -24.76 14.83
N ASP B 948 -4.83 -24.64 13.95
CA ASP B 948 -3.55 -25.35 14.08
C ASP B 948 -2.85 -25.10 15.43
N THR B 949 -3.07 -23.93 16.04
CA THR B 949 -2.48 -23.59 17.33
C THR B 949 -2.99 -24.55 18.40
N ALA B 950 -4.31 -24.72 18.50
CA ALA B 950 -4.90 -25.65 19.48
C ALA B 950 -4.34 -27.08 19.38
N LEU B 951 -4.09 -27.55 18.16
CA LEU B 951 -3.58 -28.90 17.90
C LEU B 951 -2.12 -29.01 18.28
N ARG B 952 -1.33 -27.98 17.93
CA ARG B 952 0.10 -27.88 18.20
C ARG B 952 0.33 -27.93 19.73
N LEU B 953 -0.50 -27.18 20.49
CA LEU B 953 -0.48 -27.13 21.97
C LEU B 953 -0.72 -28.50 22.57
N VAL B 954 -1.79 -29.17 22.13
CA VAL B 954 -2.21 -30.49 22.60
C VAL B 954 -1.12 -31.53 22.31
N ALA B 955 -0.57 -31.52 21.10
CA ALA B 955 0.48 -32.45 20.72
C ALA B 955 1.75 -32.25 21.56
N ALA B 956 2.07 -30.98 21.90
CA ALA B 956 3.24 -30.64 22.71
C ALA B 956 3.10 -31.12 24.15
N ALA B 957 1.93 -30.94 24.74
CA ALA B 957 1.65 -31.36 26.12
C ALA B 957 1.71 -32.89 26.27
N THR B 958 1.22 -33.63 25.26
CA THR B 958 1.20 -35.10 25.26
C THR B 958 2.60 -35.69 25.04
N GLN B 959 3.38 -35.15 24.07
CA GLN B 959 4.73 -35.55 23.67
C GLN B 959 5.57 -36.29 24.74
N THR B 960 5.61 -35.80 25.99
CA THR B 960 6.40 -36.41 27.08
C THR B 960 5.64 -37.57 27.75
N GLY B 961 5.08 -38.48 26.95
CA GLY B 961 4.31 -39.62 27.44
C GLY B 961 3.29 -39.35 28.53
N LEU B 962 2.63 -38.19 28.51
CA LEU B 962 1.67 -37.84 29.53
C LEU B 962 0.34 -37.59 28.95
N PRO B 963 -0.76 -38.14 29.47
CA PRO B 963 -2.06 -37.81 28.91
C PRO B 963 -2.49 -36.45 29.38
N LEU B 964 -3.15 -35.70 28.49
CA LEU B 964 -3.67 -34.38 28.83
C LEU B 964 -4.76 -34.56 29.88
N ARG B 965 -4.59 -33.92 31.07
CA ARG B 965 -5.54 -34.03 32.17
C ARG B 965 -6.31 -32.73 32.43
N GLY B 966 -6.03 -31.67 31.70
CA GLY B 966 -6.76 -30.43 31.92
C GLY B 966 -6.38 -29.28 31.01
N VAL B 967 -7.32 -28.33 30.84
CA VAL B 967 -7.14 -27.14 29.99
C VAL B 967 -7.62 -25.90 30.75
N LEU B 968 -7.05 -24.76 30.40
CA LEU B 968 -7.43 -23.46 30.96
C LEU B 968 -7.49 -22.46 29.84
N HIS B 969 -8.64 -21.77 29.67
CA HIS B 969 -8.80 -20.81 28.58
C HIS B 969 -8.75 -19.36 29.10
N ALA B 970 -7.56 -18.94 29.55
CA ALA B 970 -7.34 -17.58 30.03
C ALA B 970 -7.10 -16.60 28.88
N ALA B 971 -6.80 -17.10 27.66
CA ALA B 971 -6.55 -16.25 26.49
C ALA B 971 -7.67 -15.26 26.29
N ALA B 972 -7.34 -13.94 26.27
CA ALA B 972 -8.35 -12.90 26.16
C ALA B 972 -7.82 -11.58 25.66
N VAL B 973 -8.68 -10.86 24.93
CA VAL B 973 -8.42 -9.52 24.40
C VAL B 973 -9.50 -8.63 24.99
N VAL B 974 -9.12 -7.44 25.47
CA VAL B 974 -10.05 -6.50 26.09
C VAL B 974 -9.95 -5.13 25.42
N GLU B 975 -10.90 -4.84 24.54
CA GLU B 975 -11.02 -3.55 23.87
C GLU B 975 -12.38 -3.02 24.27
N ASP B 976 -12.38 -1.99 25.12
CA ASP B 976 -13.61 -1.42 25.68
C ASP B 976 -14.01 -0.15 24.94
N ALA B 977 -15.32 0.02 24.73
CA ALA B 977 -15.87 1.19 24.06
C ALA B 977 -17.37 1.33 24.39
N THR B 978 -17.86 2.57 24.37
CA THR B 978 -19.28 2.86 24.60
C THR B 978 -20.08 2.38 23.39
N LEU B 979 -21.35 1.99 23.57
CA LEU B 979 -22.21 1.49 22.50
C LEU B 979 -22.13 2.36 21.21
N ALA B 980 -21.99 3.69 21.38
CA ALA B 980 -21.88 4.61 20.25
C ALA B 980 -20.61 4.36 19.41
N ASN B 981 -19.46 4.07 20.06
CA ASN B 981 -18.20 3.85 19.34
C ASN B 981 -17.70 2.39 19.42
N ILE B 982 -18.62 1.40 19.42
CA ILE B 982 -18.24 -0.02 19.36
C ILE B 982 -18.22 -0.36 17.88
N THR B 983 -17.02 -0.49 17.29
CA THR B 983 -16.89 -0.80 15.87
C THR B 983 -17.14 -2.29 15.62
N ASP B 984 -17.42 -2.63 14.36
CA ASP B 984 -17.65 -4.01 13.95
C ASP B 984 -16.34 -4.83 14.03
N GLU B 985 -15.20 -4.16 13.84
CA GLU B 985 -13.87 -4.76 13.90
C GLU B 985 -13.50 -5.08 15.35
N LEU B 986 -13.79 -4.15 16.29
CA LEU B 986 -13.55 -4.30 17.72
C LEU B 986 -14.30 -5.48 18.32
N VAL B 987 -15.47 -5.83 17.77
CA VAL B 987 -16.24 -6.99 18.25
C VAL B 987 -15.42 -8.27 18.00
N GLU B 988 -14.93 -8.44 16.76
CA GLU B 988 -14.14 -9.61 16.39
C GLU B 988 -12.80 -9.68 17.15
N HIS B 989 -12.23 -8.55 17.57
CA HIS B 989 -10.97 -8.56 18.34
C HIS B 989 -11.15 -9.25 19.67
N ASP B 990 -12.25 -8.94 20.40
CA ASP B 990 -12.56 -9.50 21.73
C ASP B 990 -13.18 -10.91 21.63
N TRP B 991 -14.01 -11.12 20.60
CA TRP B 991 -14.72 -12.36 20.33
C TRP B 991 -13.80 -13.52 19.93
N ALA B 992 -12.88 -13.25 19.03
CA ALA B 992 -12.00 -14.27 18.46
C ALA B 992 -11.22 -15.15 19.47
N PRO B 993 -10.43 -14.61 20.41
CA PRO B 993 -9.70 -15.48 21.33
C PRO B 993 -10.61 -16.26 22.29
N LYS B 994 -11.70 -15.64 22.73
CA LYS B 994 -12.60 -16.26 23.70
C LYS B 994 -13.41 -17.38 23.08
N VAL B 995 -14.17 -17.09 22.00
CA VAL B 995 -15.06 -18.09 21.42
C VAL B 995 -14.33 -19.00 20.40
N TYR B 996 -13.55 -18.45 19.45
CA TYR B 996 -12.91 -19.31 18.44
C TYR B 996 -11.83 -20.16 19.08
N GLY B 997 -11.16 -19.65 20.11
CA GLY B 997 -10.17 -20.42 20.83
C GLY B 997 -10.80 -21.57 21.58
N ALA B 998 -11.92 -21.31 22.26
CA ALA B 998 -12.64 -22.33 23.02
C ALA B 998 -13.12 -23.48 22.13
N TRP B 999 -13.61 -23.16 20.94
CA TRP B 999 -14.06 -24.17 20.00
C TRP B 999 -12.88 -24.95 19.42
N ASN B 1000 -11.77 -24.25 19.07
CA ASN B 1000 -10.57 -24.91 18.54
C ASN B 1000 -9.93 -25.80 19.60
N LEU B 1001 -10.02 -25.41 20.88
CA LEU B 1001 -9.52 -26.22 21.97
C LEU B 1001 -10.35 -27.49 22.09
N HIS B 1002 -11.68 -27.31 22.13
CA HIS B 1002 -12.63 -28.41 22.23
C HIS B 1002 -12.35 -29.42 21.11
N GLN B 1003 -12.29 -28.94 19.85
CA GLN B 1003 -12.02 -29.80 18.71
C GLN B 1003 -10.66 -30.49 18.84
N ALA B 1004 -9.59 -29.76 19.23
CA ALA B 1004 -8.24 -30.35 19.38
C ALA B 1004 -8.22 -31.52 20.37
N VAL B 1005 -9.07 -31.44 21.41
CA VAL B 1005 -9.21 -32.47 22.43
C VAL B 1005 -9.93 -33.72 21.82
N GLN B 1006 -11.04 -33.53 21.09
CA GLN B 1006 -11.75 -34.66 20.47
C GLN B 1006 -10.88 -35.28 19.36
N SER B 1007 -10.28 -34.41 18.53
CA SER B 1007 -9.37 -34.78 17.43
C SER B 1007 -8.20 -35.61 17.92
N GLY B 1008 -7.69 -35.26 19.10
CA GLY B 1008 -6.60 -35.99 19.72
C GLY B 1008 -6.98 -37.44 20.01
N GLY B 1009 -5.96 -38.28 20.18
CA GLY B 1009 -6.13 -39.70 20.42
C GLY B 1009 -6.63 -40.06 21.80
N PRO B 1010 -6.18 -41.20 22.36
CA PRO B 1010 -6.64 -41.58 23.70
C PRO B 1010 -5.98 -40.74 24.80
N ALA B 1011 -4.83 -40.10 24.52
CA ALA B 1011 -4.13 -39.24 25.47
C ALA B 1011 -4.98 -38.03 25.91
N THR B 1012 -5.70 -37.44 24.94
CA THR B 1012 -6.59 -36.29 25.20
C THR B 1012 -7.96 -36.70 25.74
N SER B 1013 -8.43 -37.91 25.42
CA SER B 1013 -9.73 -38.42 25.85
C SER B 1013 -9.72 -38.98 27.30
N GLU B 1014 -8.92 -38.39 28.21
CA GLU B 1014 -8.83 -38.77 29.61
C GLU B 1014 -8.81 -37.55 30.54
N LEU B 1015 -9.16 -36.31 30.05
CA LEU B 1015 -9.02 -35.13 30.90
C LEU B 1015 -10.13 -35.00 31.95
N ASP B 1016 -9.72 -34.40 33.08
CA ASP B 1016 -10.51 -34.20 34.30
C ASP B 1016 -11.30 -32.92 34.24
N TRP B 1017 -10.71 -31.86 33.66
CA TRP B 1017 -11.40 -30.58 33.59
C TRP B 1017 -11.07 -29.85 32.28
N PHE B 1018 -11.89 -28.81 32.02
CA PHE B 1018 -11.75 -27.90 30.87
C PHE B 1018 -12.31 -26.60 31.34
N CYS B 1019 -11.45 -25.72 31.79
CA CYS B 1019 -11.89 -24.49 32.40
C CYS B 1019 -11.73 -23.31 31.46
N ALA B 1020 -12.60 -22.31 31.64
CA ALA B 1020 -12.60 -21.09 30.84
C ALA B 1020 -12.82 -19.89 31.70
N PHE B 1021 -11.82 -19.02 31.80
CA PHE B 1021 -11.94 -17.81 32.61
C PHE B 1021 -12.83 -16.79 31.89
N SER B 1022 -13.99 -16.49 32.48
CA SER B 1022 -14.96 -15.53 31.95
C SER B 1022 -14.79 -14.20 32.72
N SER B 1023 -15.81 -13.30 32.70
CA SER B 1023 -15.76 -12.02 33.44
C SER B 1023 -17.08 -11.75 34.14
N ALA B 1024 -17.00 -11.10 35.31
CA ALA B 1024 -18.18 -10.72 36.09
C ALA B 1024 -18.94 -9.57 35.42
N ALA B 1025 -18.26 -8.81 34.52
CA ALA B 1025 -18.87 -7.74 33.73
C ALA B 1025 -19.96 -8.29 32.80
N ALA B 1026 -19.79 -9.53 32.32
CA ALA B 1026 -20.80 -10.18 31.47
C ALA B 1026 -22.09 -10.43 32.26
N LEU B 1027 -21.92 -10.86 33.52
CA LEU B 1027 -23.01 -11.16 34.43
C LEU B 1027 -23.79 -9.91 34.85
N VAL B 1028 -23.10 -8.86 35.34
CA VAL B 1028 -23.74 -7.63 35.84
C VAL B 1028 -24.01 -6.64 34.71
N GLY B 1029 -23.03 -6.43 33.85
CA GLY B 1029 -23.13 -5.50 32.73
C GLY B 1029 -22.31 -4.24 32.93
N SER B 1030 -21.00 -4.38 33.20
CA SER B 1030 -20.13 -3.22 33.39
C SER B 1030 -20.13 -2.37 32.11
N PRO B 1031 -20.60 -1.10 32.15
CA PRO B 1031 -20.66 -0.31 30.92
C PRO B 1031 -19.29 -0.08 30.29
N GLY B 1032 -19.29 -0.02 28.96
CA GLY B 1032 -18.09 0.17 28.18
C GLY B 1032 -17.50 -1.14 27.70
N GLN B 1033 -17.78 -2.26 28.39
CA GLN B 1033 -17.24 -3.57 28.01
C GLN B 1033 -17.94 -4.01 26.72
N GLY B 1034 -19.24 -4.34 26.81
CA GLY B 1034 -20.09 -4.71 25.68
C GLY B 1034 -19.60 -5.85 24.82
N ALA B 1035 -18.62 -5.55 23.96
CA ALA B 1035 -17.97 -6.52 23.06
C ALA B 1035 -17.29 -7.64 23.85
N TYR B 1036 -16.58 -7.28 24.94
CA TYR B 1036 -15.90 -8.25 25.81
C TYR B 1036 -16.96 -9.04 26.61
N ALA B 1037 -18.05 -8.37 27.01
CA ALA B 1037 -19.15 -9.00 27.75
C ALA B 1037 -19.87 -10.04 26.92
N ALA B 1038 -20.14 -9.73 25.65
CA ALA B 1038 -20.83 -10.64 24.74
C ALA B 1038 -20.00 -11.87 24.43
N ALA B 1039 -18.67 -11.72 24.25
CA ALA B 1039 -17.75 -12.83 23.97
C ALA B 1039 -17.74 -13.83 25.11
N ASN B 1040 -17.81 -13.34 26.34
CA ASN B 1040 -17.86 -14.18 27.53
C ASN B 1040 -19.21 -14.90 27.66
N SER B 1041 -20.34 -14.24 27.35
CA SER B 1041 -21.67 -14.86 27.50
C SER B 1041 -21.84 -16.04 26.58
N TRP B 1042 -21.16 -16.02 25.40
CA TRP B 1042 -21.13 -17.14 24.46
C TRP B 1042 -20.30 -18.26 25.07
N LEU B 1043 -19.09 -17.92 25.52
CA LEU B 1043 -18.15 -18.83 26.15
C LEU B 1043 -18.74 -19.51 27.41
N ASP B 1044 -19.57 -18.78 28.17
CA ASP B 1044 -20.24 -19.32 29.36
C ASP B 1044 -21.28 -20.36 28.93
N ALA B 1045 -22.07 -20.05 27.89
CA ALA B 1045 -23.08 -20.95 27.35
C ALA B 1045 -22.44 -22.17 26.69
N PHE B 1046 -21.27 -21.96 26.05
CA PHE B 1046 -20.53 -23.04 25.39
C PHE B 1046 -20.13 -24.12 26.40
N MET B 1047 -19.78 -23.72 27.63
CA MET B 1047 -19.40 -24.66 28.66
C MET B 1047 -20.61 -25.48 29.11
N GLN B 1048 -21.80 -24.87 29.19
CA GLN B 1048 -23.02 -25.59 29.57
C GLN B 1048 -23.39 -26.57 28.45
N TRP B 1049 -23.12 -26.20 27.18
CA TRP B 1049 -23.33 -27.07 26.03
C TRP B 1049 -22.34 -28.23 26.06
N ARG B 1050 -21.07 -27.95 26.37
CA ARG B 1050 -20.03 -28.96 26.45
C ARG B 1050 -20.33 -29.95 27.58
N ARG B 1051 -20.84 -29.47 28.73
CA ARG B 1051 -21.26 -30.32 29.85
C ARG B 1051 -22.43 -31.18 29.42
N ALA B 1052 -23.41 -30.59 28.69
CA ALA B 1052 -24.58 -31.31 28.16
C ALA B 1052 -24.17 -32.48 27.26
N GLN B 1053 -23.12 -32.30 26.44
CA GLN B 1053 -22.65 -33.37 25.57
C GLN B 1053 -22.02 -34.52 26.39
N GLY B 1054 -21.61 -34.25 27.64
CA GLY B 1054 -21.03 -35.22 28.55
C GLY B 1054 -19.61 -34.85 28.94
N LEU B 1055 -18.92 -34.09 28.07
CA LEU B 1055 -17.55 -33.66 28.29
C LEU B 1055 -17.44 -32.80 29.57
N PRO B 1056 -16.29 -32.77 30.25
CA PRO B 1056 -16.17 -31.91 31.43
C PRO B 1056 -16.07 -30.46 31.01
N ALA B 1057 -16.60 -29.54 31.83
CA ALA B 1057 -16.59 -28.13 31.47
C ALA B 1057 -16.81 -27.25 32.67
N THR B 1058 -16.11 -26.09 32.68
CA THR B 1058 -16.17 -25.10 33.76
C THR B 1058 -15.93 -23.69 33.23
N SER B 1059 -16.60 -22.70 33.85
CA SER B 1059 -16.42 -21.27 33.55
C SER B 1059 -16.40 -20.51 34.88
N ILE B 1060 -15.42 -19.61 35.05
CA ILE B 1060 -15.27 -18.83 36.28
C ILE B 1060 -15.30 -17.33 35.93
N ALA B 1061 -16.46 -16.67 36.17
CA ALA B 1061 -16.58 -15.24 35.92
C ALA B 1061 -15.84 -14.48 37.01
N TRP B 1062 -14.60 -14.09 36.73
CA TRP B 1062 -13.73 -13.43 37.70
C TRP B 1062 -14.05 -11.94 37.91
N GLY B 1063 -13.63 -11.44 39.06
CA GLY B 1063 -13.76 -10.04 39.46
C GLY B 1063 -12.49 -9.27 39.17
N ALA B 1064 -12.15 -8.32 40.05
CA ALA B 1064 -10.97 -7.47 39.87
C ALA B 1064 -9.74 -8.00 40.65
N TRP B 1065 -8.69 -8.44 39.93
CA TRP B 1065 -7.49 -8.98 40.58
C TRP B 1065 -6.46 -7.91 40.94
N GLY B 1066 -5.64 -8.21 41.95
CA GLY B 1066 -4.61 -7.29 42.44
C GLY B 1066 -3.35 -7.19 41.60
N GLU B 1067 -2.66 -8.34 41.38
CA GLU B 1067 -1.41 -8.39 40.61
C GLU B 1067 -1.27 -9.73 39.88
N ASN B 1079 -13.49 -5.86 48.48
CA ASN B 1079 -12.79 -4.86 47.68
C ASN B 1079 -11.63 -5.52 46.91
N ALA B 1080 -11.88 -5.87 45.62
CA ALA B 1080 -10.92 -6.49 44.69
C ALA B 1080 -10.36 -7.86 45.17
N ILE B 1081 -10.40 -8.88 44.28
CA ILE B 1081 -9.88 -10.22 44.56
C ILE B 1081 -8.32 -10.17 44.60
N ALA B 1082 -7.73 -10.90 45.56
CA ALA B 1082 -6.28 -11.00 45.75
C ALA B 1082 -5.71 -12.15 44.92
N PRO B 1083 -4.38 -12.21 44.68
CA PRO B 1083 -3.83 -13.31 43.88
C PRO B 1083 -3.98 -14.70 44.52
N ASP B 1084 -3.50 -14.89 45.77
CA ASP B 1084 -3.59 -16.19 46.47
C ASP B 1084 -5.03 -16.56 46.85
N GLU B 1085 -5.94 -15.57 46.88
CA GLU B 1085 -7.37 -15.75 47.17
C GLU B 1085 -8.07 -16.50 46.03
N GLY B 1086 -7.73 -16.13 44.81
CA GLY B 1086 -8.27 -16.75 43.61
C GLY B 1086 -7.68 -18.12 43.30
N ALA B 1087 -6.41 -18.36 43.69
CA ALA B 1087 -5.74 -19.66 43.48
C ALA B 1087 -6.49 -20.78 44.20
N TYR B 1088 -6.93 -20.51 45.44
CA TYR B 1088 -7.69 -21.45 46.26
C TYR B 1088 -9.08 -21.64 45.67
N ALA B 1089 -9.71 -20.54 45.24
CA ALA B 1089 -11.04 -20.57 44.64
C ALA B 1089 -11.05 -21.40 43.38
N PHE B 1090 -10.09 -21.14 42.48
CA PHE B 1090 -9.93 -21.88 41.23
C PHE B 1090 -9.82 -23.38 41.50
N GLU B 1091 -8.84 -23.79 42.32
CA GLU B 1091 -8.62 -25.20 42.73
C GLU B 1091 -9.90 -25.81 43.32
N ALA B 1092 -10.61 -25.05 44.17
CA ALA B 1092 -11.84 -25.50 44.84
C ALA B 1092 -12.98 -25.71 43.88
N ILE B 1093 -13.24 -24.72 43.03
CA ILE B 1093 -14.30 -24.79 42.01
C ILE B 1093 -14.15 -26.06 41.17
N LEU B 1094 -12.88 -26.46 40.88
CA LEU B 1094 -12.55 -27.63 40.08
C LEU B 1094 -12.80 -28.94 40.85
N ARG B 1095 -12.69 -28.92 42.19
CA ARG B 1095 -12.97 -30.09 43.02
C ARG B 1095 -14.50 -30.36 43.01
N HIS B 1096 -15.32 -29.38 42.55
CA HIS B 1096 -16.76 -29.49 42.50
C HIS B 1096 -17.31 -29.53 41.06
N ASP B 1097 -18.47 -30.16 40.91
CA ASP B 1097 -19.17 -30.41 39.63
C ASP B 1097 -20.20 -29.30 39.37
N ARG B 1098 -19.71 -28.05 39.22
CA ARG B 1098 -20.59 -26.95 38.89
C ARG B 1098 -20.00 -26.20 37.74
N VAL B 1099 -20.87 -25.92 36.74
CA VAL B 1099 -20.48 -25.32 35.49
C VAL B 1099 -20.29 -23.86 35.66
N TYR B 1100 -21.32 -23.15 36.14
CA TYR B 1100 -21.13 -21.71 36.24
C TYR B 1100 -20.73 -21.32 37.62
N ASN B 1101 -19.64 -20.57 37.70
CA ASN B 1101 -19.08 -20.07 38.96
C ASN B 1101 -18.76 -18.60 38.76
N GLY B 1102 -19.10 -17.79 39.72
CA GLY B 1102 -18.87 -16.36 39.62
C GLY B 1102 -18.16 -15.82 40.83
N TYR B 1103 -16.84 -15.79 40.81
CA TYR B 1103 -16.08 -15.26 41.94
C TYR B 1103 -15.93 -13.76 41.80
N ALA B 1104 -16.47 -12.99 42.75
CA ALA B 1104 -16.37 -11.54 42.69
C ALA B 1104 -16.57 -10.90 44.06
N PRO B 1105 -15.85 -9.79 44.37
CA PRO B 1105 -16.06 -9.12 45.66
C PRO B 1105 -17.47 -8.52 45.69
N VAL B 1106 -18.32 -8.98 46.62
CA VAL B 1106 -19.72 -8.54 46.67
C VAL B 1106 -19.93 -7.53 47.82
N LEU B 1107 -19.69 -7.93 49.10
CA LEU B 1107 -19.87 -7.07 50.27
C LEU B 1107 -21.10 -6.11 50.05
N GLY B 1108 -20.88 -4.78 50.04
CA GLY B 1108 -21.92 -3.80 49.75
C GLY B 1108 -21.37 -2.79 48.75
N ALA B 1109 -20.93 -3.30 47.59
CA ALA B 1109 -20.31 -2.46 46.55
C ALA B 1109 -21.31 -1.50 45.89
N SER B 1110 -20.76 -0.45 45.26
CA SER B 1110 -21.52 0.60 44.59
C SER B 1110 -22.27 0.10 43.36
N TRP B 1111 -21.58 -0.69 42.53
CA TRP B 1111 -22.16 -1.25 41.30
C TRP B 1111 -23.30 -2.23 41.58
N LEU B 1112 -23.27 -2.94 42.73
CA LEU B 1112 -24.32 -3.91 43.10
C LEU B 1112 -25.54 -3.20 43.68
N THR B 1113 -25.33 -2.22 44.57
CA THR B 1113 -26.43 -1.45 45.16
C THR B 1113 -27.14 -0.63 44.07
N ALA B 1114 -26.40 -0.17 43.04
CA ALA B 1114 -26.95 0.57 41.91
C ALA B 1114 -27.73 -0.36 40.98
N PHE B 1115 -27.20 -1.57 40.76
CA PHE B 1115 -27.84 -2.57 39.90
C PHE B 1115 -29.10 -3.16 40.55
N ALA B 1116 -29.09 -3.41 41.86
CA ALA B 1116 -30.21 -4.02 42.59
C ALA B 1116 -31.45 -3.12 42.60
N GLN B 1117 -31.27 -1.82 42.77
CA GLN B 1117 -32.39 -0.88 42.77
C GLN B 1117 -32.95 -0.64 41.35
N ARG B 1118 -32.13 -0.78 40.29
CA ARG B 1118 -32.59 -0.55 38.91
C ARG B 1118 -33.42 -1.72 38.35
N SER B 1119 -32.98 -2.98 38.51
CA SER B 1119 -33.69 -4.16 37.97
C SER B 1119 -34.01 -5.22 39.04
N PRO B 1120 -35.06 -6.05 38.84
CA PRO B 1120 -35.38 -7.11 39.83
C PRO B 1120 -34.57 -8.41 39.66
N PHE B 1121 -33.55 -8.41 38.76
CA PHE B 1121 -32.67 -9.55 38.57
C PHE B 1121 -31.87 -9.74 39.86
N ALA B 1122 -31.32 -8.64 40.42
CA ALA B 1122 -30.56 -8.70 41.67
C ALA B 1122 -31.44 -8.28 42.86
N GLU B 1123 -32.58 -8.97 43.00
CA GLU B 1123 -33.56 -8.74 44.06
C GLU B 1123 -33.04 -9.22 45.42
N LEU B 1124 -32.34 -10.37 45.41
CA LEU B 1124 -31.82 -10.97 46.63
C LEU B 1124 -30.63 -10.20 47.21
N PHE B 1125 -29.93 -9.43 46.38
CA PHE B 1125 -28.78 -8.64 46.82
C PHE B 1125 -29.20 -7.42 47.65
N LEU B 1126 -30.36 -6.81 47.34
CA LEU B 1126 -30.82 -5.62 48.06
C LEU B 1126 -31.20 -5.97 49.51
N ALA B 1127 -32.08 -6.99 49.67
CA ALA B 1127 -32.56 -7.49 50.96
C ALA B 1127 -33.25 -6.38 51.79
N MET C 2 -88.15 6.61 -3.17
CA MET C 2 -87.81 8.00 -3.47
C MET C 2 -87.22 8.06 -4.86
N LEU C 3 -88.10 8.17 -5.87
CA LEU C 3 -87.74 8.11 -7.30
C LEU C 3 -86.58 9.00 -7.68
N ASP C 4 -86.33 10.09 -6.95
CA ASP C 4 -85.14 10.92 -7.23
C ASP C 4 -83.91 10.10 -6.96
N ARG C 5 -83.90 9.43 -5.82
CA ARG C 5 -82.79 8.61 -5.38
C ARG C 5 -82.67 7.34 -6.28
N GLU C 6 -83.78 6.88 -6.87
CA GLU C 6 -83.77 5.72 -7.78
C GLU C 6 -83.12 6.13 -9.12
N LEU C 7 -83.57 7.25 -9.69
CA LEU C 7 -83.05 7.78 -10.97
C LEU C 7 -81.61 8.34 -10.84
N GLU C 8 -81.22 8.76 -9.62
CA GLU C 8 -79.89 9.28 -9.31
C GLU C 8 -78.91 8.14 -9.16
N SER C 9 -79.38 6.97 -8.69
CA SER C 9 -78.54 5.78 -8.51
C SER C 9 -78.44 4.93 -9.80
N SER C 10 -79.34 5.15 -10.77
CA SER C 10 -79.35 4.37 -12.02
C SER C 10 -78.15 4.71 -12.92
N ALA C 11 -77.84 6.02 -13.07
CA ALA C 11 -76.79 6.52 -13.96
C ALA C 11 -75.32 6.18 -13.53
N PRO C 12 -74.89 6.27 -12.24
CA PRO C 12 -73.48 5.99 -11.88
C PRO C 12 -73.05 4.52 -11.85
N GLY C 13 -71.81 4.26 -11.39
CA GLY C 13 -71.27 2.90 -11.32
C GLY C 13 -69.98 2.65 -10.53
N VAL C 14 -70.12 2.07 -9.32
CA VAL C 14 -69.00 1.64 -8.46
C VAL C 14 -68.91 0.09 -8.60
N PRO C 15 -67.71 -0.53 -8.70
CA PRO C 15 -67.65 -1.97 -8.94
C PRO C 15 -67.91 -2.76 -7.68
N SER C 16 -69.14 -3.27 -7.55
CA SER C 16 -69.53 -4.10 -6.43
C SER C 16 -70.51 -5.18 -6.85
N VAL C 17 -70.72 -6.13 -5.96
CA VAL C 17 -71.65 -7.21 -6.18
C VAL C 17 -72.30 -7.62 -4.86
N SER C 18 -73.59 -7.90 -4.93
CA SER C 18 -74.37 -8.31 -3.77
C SER C 18 -74.03 -9.73 -3.39
N VAL C 19 -73.91 -10.04 -2.08
CA VAL C 19 -73.60 -11.39 -1.63
C VAL C 19 -74.46 -11.82 -0.47
N HIS C 20 -74.51 -13.13 -0.24
CA HIS C 20 -75.27 -13.69 0.88
C HIS C 20 -74.51 -13.42 2.14
N PRO C 21 -75.16 -13.15 3.27
CA PRO C 21 -74.40 -12.86 4.49
C PRO C 21 -73.44 -13.96 4.92
N LEU C 22 -73.92 -15.22 4.94
CA LEU C 22 -73.08 -16.35 5.34
C LEU C 22 -72.26 -16.84 4.17
N LEU C 23 -72.92 -17.40 3.12
CA LEU C 23 -72.26 -17.98 1.95
C LEU C 23 -71.14 -17.08 1.44
N GLY C 24 -71.44 -15.81 1.25
CA GLY C 24 -70.44 -14.84 0.82
C GLY C 24 -70.18 -14.87 -0.66
N SER C 25 -68.89 -14.72 -1.05
CA SER C 25 -68.49 -14.64 -2.46
C SER C 25 -68.70 -15.97 -3.17
N HIS C 26 -69.33 -15.90 -4.34
CA HIS C 26 -69.74 -17.02 -5.14
C HIS C 26 -68.99 -17.10 -6.42
N VAL C 27 -68.49 -18.28 -6.74
CA VAL C 27 -67.79 -18.55 -7.96
C VAL C 27 -68.24 -19.90 -8.51
N VAL C 28 -68.60 -19.92 -9.80
CA VAL C 28 -68.94 -21.14 -10.52
C VAL C 28 -67.68 -21.57 -11.21
N LEU C 29 -67.24 -22.79 -10.98
CA LEU C 29 -65.97 -23.26 -11.49
C LEU C 29 -66.04 -23.53 -12.98
N PRO C 30 -64.94 -23.28 -13.70
CA PRO C 30 -64.91 -23.52 -15.15
C PRO C 30 -64.69 -25.00 -15.45
N GLN C 31 -65.76 -25.78 -15.27
CA GLN C 31 -65.73 -27.23 -15.48
C GLN C 31 -67.13 -27.81 -15.52
N GLU C 32 -67.26 -28.98 -16.15
CA GLU C 32 -68.50 -29.73 -16.20
C GLU C 32 -68.39 -30.83 -15.14
N PRO C 33 -69.42 -31.01 -14.30
CA PRO C 33 -70.74 -30.39 -14.30
C PRO C 33 -70.77 -29.03 -13.60
N GLU C 34 -71.93 -28.34 -13.70
CA GLU C 34 -72.18 -27.04 -13.06
C GLU C 34 -71.78 -27.20 -11.60
N GLU C 35 -70.58 -26.69 -11.25
CA GLU C 35 -70.08 -26.78 -9.87
C GLU C 35 -69.89 -25.39 -9.32
N HIS C 36 -70.56 -25.10 -8.19
CA HIS C 36 -70.54 -23.81 -7.52
C HIS C 36 -69.65 -23.87 -6.31
N LEU C 37 -69.24 -22.71 -5.83
CA LEU C 37 -68.36 -22.61 -4.69
C LEU C 37 -68.45 -21.25 -4.03
N TRP C 38 -68.76 -21.23 -2.74
CA TRP C 38 -68.81 -20.01 -1.95
C TRP C 38 -67.75 -20.05 -0.88
N GLN C 39 -67.28 -18.89 -0.50
CA GLN C 39 -66.31 -18.72 0.58
C GLN C 39 -66.84 -17.59 1.43
N GLY C 40 -66.97 -17.81 2.72
CA GLY C 40 -67.52 -16.79 3.60
C GLY C 40 -67.12 -16.92 5.05
N ASP C 41 -67.22 -15.80 5.77
CA ASP C 41 -66.86 -15.72 7.17
C ASP C 41 -68.11 -15.88 8.01
N VAL C 42 -67.99 -16.69 9.07
CA VAL C 42 -69.05 -16.91 10.04
C VAL C 42 -68.47 -16.61 11.43
N GLY C 43 -67.51 -15.69 11.48
CA GLY C 43 -66.83 -15.30 12.70
C GLY C 43 -67.65 -14.34 13.52
N THR C 44 -67.32 -14.22 14.81
CA THR C 44 -68.05 -13.34 15.72
C THR C 44 -67.81 -11.85 15.39
N GLU C 45 -66.69 -11.50 14.75
CA GLU C 45 -66.42 -10.11 14.36
C GLU C 45 -67.31 -9.74 13.19
N ALA C 46 -67.42 -10.65 12.22
CA ALA C 46 -68.27 -10.47 11.03
C ALA C 46 -69.77 -10.52 11.38
N HIS C 47 -70.19 -11.52 12.18
CA HIS C 47 -71.56 -11.73 12.60
C HIS C 47 -71.63 -11.74 14.15
N PRO C 48 -71.73 -10.57 14.78
CA PRO C 48 -71.76 -10.51 16.25
C PRO C 48 -72.80 -11.40 16.89
N TRP C 49 -74.02 -11.35 16.37
CA TRP C 49 -75.12 -12.16 16.86
C TRP C 49 -74.79 -13.65 17.02
N LEU C 50 -73.83 -14.22 16.25
CA LEU C 50 -73.45 -15.64 16.39
C LEU C 50 -72.77 -15.96 17.73
N SER C 51 -72.22 -14.95 18.43
CA SER C 51 -71.62 -15.16 19.75
C SER C 51 -72.70 -15.52 20.81
N ASP C 52 -73.96 -15.13 20.57
CA ASP C 52 -75.07 -15.40 21.48
C ASP C 52 -75.45 -16.91 21.51
N HIS C 53 -75.08 -17.71 20.48
CA HIS C 53 -75.32 -19.16 20.49
C HIS C 53 -74.02 -19.80 20.92
N ARG C 54 -74.00 -20.42 22.13
CA ARG C 54 -72.77 -21.01 22.67
C ARG C 54 -73.03 -22.28 23.47
N VAL C 55 -72.26 -23.34 23.18
CA VAL C 55 -72.36 -24.64 23.83
C VAL C 55 -71.18 -24.78 24.78
N HIS C 56 -71.47 -24.97 26.08
CA HIS C 56 -70.49 -25.09 27.15
C HIS C 56 -69.61 -23.83 27.20
N GLN C 57 -70.26 -22.66 27.16
CA GLN C 57 -69.65 -21.33 27.22
C GLN C 57 -68.67 -21.03 26.05
N VAL C 58 -68.78 -21.77 24.92
CA VAL C 58 -67.94 -21.54 23.73
C VAL C 58 -68.86 -21.27 22.57
N ALA C 59 -68.61 -20.17 21.82
CA ALA C 59 -69.46 -19.83 20.68
C ALA C 59 -69.34 -20.88 19.59
N VAL C 60 -70.48 -21.42 19.12
CA VAL C 60 -70.52 -22.43 18.07
C VAL C 60 -71.57 -22.08 17.02
N LEU C 61 -71.38 -22.59 15.80
CA LEU C 61 -72.31 -22.35 14.71
C LEU C 61 -73.54 -23.21 14.92
N PRO C 62 -74.75 -22.61 14.99
CA PRO C 62 -75.95 -23.44 15.20
C PRO C 62 -76.31 -24.29 13.97
N GLY C 63 -77.10 -25.34 14.20
CA GLY C 63 -77.56 -26.22 13.13
C GLY C 63 -78.29 -25.43 12.06
N ALA C 64 -79.14 -24.50 12.52
CA ALA C 64 -79.93 -23.57 11.70
C ALA C 64 -79.08 -22.75 10.68
N ALA C 65 -77.79 -22.48 10.98
CA ALA C 65 -76.93 -21.74 10.04
C ALA C 65 -76.74 -22.54 8.76
N TYR C 66 -76.47 -23.85 8.88
CA TYR C 66 -76.28 -24.72 7.72
C TYR C 66 -77.58 -24.88 6.94
N CYS C 67 -78.73 -24.84 7.61
CA CYS C 67 -80.05 -24.93 6.95
C CYS C 67 -80.19 -23.80 5.98
N GLU C 68 -79.96 -22.57 6.47
CA GLU C 68 -80.05 -21.37 5.66
C GLU C 68 -79.08 -21.45 4.48
N MET C 69 -77.83 -21.87 4.75
CA MET C 69 -76.82 -22.02 3.71
C MET C 69 -77.30 -22.96 2.61
N ALA C 70 -77.91 -24.09 2.98
CA ALA C 70 -78.43 -25.04 2.01
C ALA C 70 -79.56 -24.44 1.20
N LEU C 71 -80.55 -23.86 1.88
CA LEU C 71 -81.69 -23.21 1.24
C LEU C 71 -81.25 -22.09 0.29
N ALA C 72 -80.23 -21.32 0.71
CA ALA C 72 -79.69 -20.24 -0.09
C ALA C 72 -79.05 -20.77 -1.36
N ALA C 73 -78.29 -21.87 -1.26
CA ALA C 73 -77.59 -22.47 -2.38
C ALA C 73 -78.49 -23.19 -3.39
N VAL C 74 -79.81 -23.33 -3.13
CA VAL C 74 -80.71 -24.04 -4.05
C VAL C 74 -80.92 -23.26 -5.35
N THR C 75 -81.50 -22.06 -5.24
CA THR C 75 -81.85 -21.21 -6.36
C THR C 75 -80.70 -20.94 -7.32
N PRO C 76 -79.47 -20.58 -6.86
CA PRO C 76 -78.39 -20.32 -7.82
C PRO C 76 -77.94 -21.55 -8.61
N VAL C 77 -77.90 -22.73 -7.96
CA VAL C 77 -77.47 -23.95 -8.63
C VAL C 77 -78.59 -24.42 -9.56
N LEU C 78 -79.73 -24.72 -8.95
CA LEU C 78 -80.96 -25.17 -9.60
C LEU C 78 -81.88 -23.95 -9.74
N GLY C 79 -81.85 -23.30 -10.92
CA GLY C 79 -82.61 -22.09 -11.21
C GLY C 79 -84.11 -22.29 -11.17
N ASP C 80 -84.65 -22.49 -9.95
CA ASP C 80 -86.05 -22.81 -9.71
C ASP C 80 -86.34 -22.86 -8.21
N THR C 81 -87.57 -23.27 -7.90
CA THR C 81 -88.08 -23.56 -6.58
C THR C 81 -87.52 -24.90 -6.18
N GLY C 82 -86.91 -25.01 -5.01
CA GLY C 82 -86.38 -26.29 -4.60
C GLY C 82 -86.42 -26.61 -3.13
N GLU C 83 -86.04 -27.85 -2.84
CA GLU C 83 -86.00 -28.46 -1.53
C GLU C 83 -84.59 -28.75 -1.15
N VAL C 84 -84.37 -29.04 0.12
CA VAL C 84 -83.08 -29.45 0.65
C VAL C 84 -83.33 -30.80 1.31
N HIS C 85 -82.83 -31.88 0.74
CA HIS C 85 -83.03 -33.20 1.30
C HIS C 85 -81.84 -33.69 2.10
N ASP C 86 -82.12 -34.58 3.06
CA ASP C 86 -81.14 -35.29 3.88
C ASP C 86 -79.97 -34.39 4.30
N LEU C 87 -80.30 -33.27 4.96
CA LEU C 87 -79.27 -32.35 5.46
C LEU C 87 -78.75 -32.91 6.78
N LYS C 88 -77.42 -33.13 6.86
CA LYS C 88 -76.77 -33.69 8.06
C LYS C 88 -75.74 -32.72 8.60
N PHE C 89 -75.60 -32.64 9.94
CA PHE C 89 -74.58 -31.82 10.60
C PHE C 89 -73.58 -32.76 11.21
N HIS C 90 -72.31 -32.60 10.84
CA HIS C 90 -71.25 -33.50 11.29
C HIS C 90 -70.60 -32.90 12.54
N ASP C 91 -69.37 -32.36 12.44
CA ASP C 91 -68.66 -31.81 13.59
C ASP C 91 -69.20 -30.44 13.95
N MET C 92 -69.00 -30.05 15.22
CA MET C 92 -69.48 -28.79 15.75
C MET C 92 -68.48 -27.70 15.45
N LEU C 93 -68.89 -26.66 14.69
CA LEU C 93 -67.96 -25.58 14.33
C LEU C 93 -67.83 -24.61 15.47
N LEU C 94 -66.60 -24.41 15.96
CA LEU C 94 -66.33 -23.48 17.05
C LEU C 94 -65.86 -22.19 16.43
N LEU C 95 -66.54 -21.11 16.79
CA LEU C 95 -66.32 -19.82 16.19
C LEU C 95 -65.28 -18.99 16.90
N ASP C 96 -64.54 -18.24 16.10
CA ASP C 96 -63.53 -17.26 16.50
C ASP C 96 -63.97 -15.91 15.95
N ASP C 97 -63.10 -14.89 16.03
CA ASP C 97 -63.39 -13.56 15.47
C ASP C 97 -63.57 -13.66 13.95
N ALA C 98 -62.77 -14.53 13.31
CA ALA C 98 -62.83 -14.84 11.89
C ALA C 98 -62.80 -16.34 11.71
N THR C 99 -63.85 -16.89 11.08
CA THR C 99 -64.03 -18.31 10.84
C THR C 99 -64.41 -18.50 9.36
N PRO C 100 -63.43 -18.65 8.45
CA PRO C 100 -63.78 -18.82 7.05
C PRO C 100 -64.35 -20.20 6.81
N VAL C 101 -65.34 -20.28 5.94
CA VAL C 101 -66.09 -21.49 5.63
C VAL C 101 -66.34 -21.58 4.14
N TRP C 102 -66.25 -22.79 3.59
CA TRP C 102 -66.46 -23.03 2.17
C TRP C 102 -67.66 -23.90 1.86
N VAL C 103 -68.68 -23.32 1.23
CA VAL C 103 -69.85 -24.05 0.77
C VAL C 103 -69.58 -24.47 -0.65
N SER C 104 -70.13 -25.59 -1.07
CA SER C 104 -69.89 -26.08 -2.41
C SER C 104 -71.01 -27.01 -2.86
N ALA C 105 -71.63 -26.69 -4.00
CA ALA C 105 -72.69 -27.49 -4.58
C ALA C 105 -72.31 -27.92 -5.99
N ALA C 106 -72.66 -29.15 -6.37
CA ALA C 106 -72.31 -29.67 -7.68
C ALA C 106 -73.45 -30.44 -8.23
N VAL C 107 -73.81 -30.17 -9.49
CA VAL C 107 -74.92 -30.86 -10.13
C VAL C 107 -74.48 -32.28 -10.46
N THR C 108 -75.23 -33.25 -9.97
CA THR C 108 -74.97 -34.66 -10.19
C THR C 108 -75.82 -35.15 -11.36
N ALA C 109 -77.13 -34.94 -11.23
CA ALA C 109 -78.15 -35.30 -12.20
C ALA C 109 -79.04 -34.08 -12.43
N PRO C 110 -79.83 -34.02 -13.52
CA PRO C 110 -80.69 -32.84 -13.72
C PRO C 110 -81.70 -32.67 -12.60
N GLY C 111 -81.75 -31.46 -12.05
CA GLY C 111 -82.63 -31.14 -10.93
C GLY C 111 -82.17 -31.72 -9.61
N THR C 112 -80.87 -32.05 -9.49
CA THR C 112 -80.28 -32.64 -8.30
C THR C 112 -78.87 -32.15 -8.12
N ALA C 113 -78.43 -31.96 -6.88
CA ALA C 113 -77.07 -31.49 -6.64
C ALA C 113 -76.58 -31.82 -5.24
N GLU C 114 -75.30 -32.19 -5.12
CA GLU C 114 -74.68 -32.52 -3.85
C GLU C 114 -74.18 -31.25 -3.21
N PHE C 115 -74.55 -31.00 -1.95
CA PHE C 115 -74.19 -29.79 -1.18
C PHE C 115 -73.22 -30.14 -0.08
N GLY C 116 -72.41 -29.16 0.33
CA GLY C 116 -71.42 -29.42 1.39
C GLY C 116 -70.66 -28.23 1.95
N VAL C 117 -70.78 -28.01 3.27
CA VAL C 117 -70.12 -26.96 4.01
C VAL C 117 -68.93 -27.55 4.74
N GLU C 118 -67.72 -27.03 4.47
CA GLU C 118 -66.47 -27.50 5.07
C GLU C 118 -65.63 -26.34 5.54
N THR C 119 -64.62 -26.62 6.36
CA THR C 119 -63.72 -25.61 6.86
C THR C 119 -62.29 -26.17 6.84
N HIS C 120 -61.34 -25.35 6.41
CA HIS C 120 -59.94 -25.67 6.20
C HIS C 120 -59.10 -24.99 7.26
N GLN C 121 -58.32 -25.78 8.04
CA GLN C 121 -57.47 -25.28 9.14
C GLN C 121 -56.08 -25.92 9.11
N SER C 122 -55.06 -25.15 8.70
CA SER C 122 -53.66 -25.59 8.65
C SER C 122 -53.42 -26.73 7.62
N GLY C 123 -54.26 -26.78 6.58
CA GLY C 123 -54.20 -27.82 5.56
C GLY C 123 -55.26 -28.91 5.71
N ASP C 124 -55.76 -29.11 6.96
CA ASP C 124 -56.73 -30.16 7.31
C ASP C 124 -58.17 -29.70 7.10
N ARG C 125 -58.84 -30.28 6.08
CA ARG C 125 -60.24 -29.98 5.77
C ARG C 125 -61.13 -30.72 6.77
N THR C 126 -62.23 -30.10 7.20
CA THR C 126 -63.18 -30.69 8.15
C THR C 126 -64.57 -30.46 7.64
N GLN C 127 -65.28 -31.54 7.25
CA GLN C 127 -66.65 -31.42 6.75
C GLN C 127 -67.59 -31.13 7.92
N ARG C 128 -68.39 -30.06 7.82
CA ARG C 128 -69.28 -29.61 8.87
C ARG C 128 -70.73 -29.92 8.59
N ALA C 129 -71.14 -30.00 7.31
CA ALA C 129 -72.52 -30.36 6.95
C ALA C 129 -72.62 -30.75 5.49
N THR C 130 -73.55 -31.66 5.15
CA THR C 130 -73.79 -32.12 3.77
C THR C 130 -75.26 -32.39 3.55
N ALA C 131 -75.73 -32.14 2.32
CA ALA C 131 -77.13 -32.34 1.95
C ALA C 131 -77.26 -32.59 0.46
N VAL C 132 -78.52 -32.67 -0.01
CA VAL C 132 -78.85 -32.83 -1.43
C VAL C 132 -79.85 -31.78 -1.78
N LEU C 133 -79.62 -31.05 -2.88
CA LEU C 133 -80.52 -30.00 -3.32
C LEU C 133 -81.36 -30.55 -4.44
N ARG C 134 -82.67 -30.27 -4.45
CA ARG C 134 -83.57 -30.78 -5.48
C ARG C 134 -84.50 -29.69 -5.96
N GLY C 135 -84.62 -29.53 -7.28
CA GLY C 135 -85.50 -28.54 -7.92
C GLY C 135 -86.73 -29.11 -8.60
N ASP C 136 -86.64 -30.38 -9.03
CA ASP C 136 -87.70 -31.15 -9.69
C ASP C 136 -88.99 -31.32 -8.82
N VAL C 137 -88.84 -31.25 -7.49
CA VAL C 137 -89.93 -31.39 -6.53
C VAL C 137 -91.10 -30.46 -6.84
N ASP C 138 -92.32 -30.98 -6.60
CA ASP C 138 -93.59 -30.30 -6.88
C ASP C 138 -93.94 -29.28 -5.80
N ALA C 139 -94.61 -28.19 -6.25
CA ALA C 139 -95.06 -27.10 -5.39
C ALA C 139 -96.30 -27.52 -4.61
N GLU C 140 -96.06 -28.25 -3.50
CA GLU C 140 -97.10 -28.76 -2.62
C GLU C 140 -97.07 -27.96 -1.32
N ARG C 141 -97.59 -26.71 -1.38
CA ARG C 141 -97.59 -25.81 -0.24
C ARG C 141 -98.64 -26.26 0.76
N PRO C 142 -98.28 -26.59 2.01
CA PRO C 142 -99.31 -27.01 2.95
C PRO C 142 -100.30 -25.90 3.22
N ALA C 143 -101.58 -26.27 3.34
CA ALA C 143 -102.63 -25.30 3.52
C ALA C 143 -102.49 -24.57 4.84
N ALA C 144 -102.90 -23.30 4.81
CA ALA C 144 -102.83 -22.41 5.97
C ALA C 144 -103.62 -22.98 7.14
N HIS C 145 -103.20 -22.60 8.34
CA HIS C 145 -103.79 -23.04 9.58
C HIS C 145 -104.60 -21.93 10.22
N SER C 146 -105.44 -22.30 11.17
CA SER C 146 -106.26 -21.36 11.93
C SER C 146 -105.51 -21.07 13.20
N ILE C 147 -104.85 -19.91 13.24
CA ILE C 147 -104.05 -19.54 14.41
C ILE C 147 -104.92 -19.47 15.65
N ASP C 148 -106.16 -18.98 15.51
CA ASP C 148 -107.08 -18.89 16.65
C ASP C 148 -107.39 -20.28 17.20
N ALA C 149 -107.79 -21.23 16.31
CA ALA C 149 -108.13 -22.60 16.70
C ALA C 149 -106.92 -23.35 17.24
N LEU C 150 -105.74 -23.16 16.63
CA LEU C 150 -104.52 -23.79 17.11
C LEU C 150 -104.24 -23.41 18.54
N LEU C 151 -104.25 -22.09 18.81
CA LEU C 151 -103.99 -21.56 20.14
C LEU C 151 -105.07 -21.95 21.14
N ALA C 152 -106.29 -22.13 20.67
CA ALA C 152 -107.38 -22.57 21.52
C ALA C 152 -107.19 -24.04 21.91
N ALA C 153 -106.70 -24.85 20.97
CA ALA C 153 -106.44 -26.29 21.19
C ALA C 153 -105.21 -26.53 22.08
N HIS C 154 -104.32 -25.54 22.21
CA HIS C 154 -103.12 -25.62 23.06
C HIS C 154 -103.21 -24.53 24.14
N PRO C 155 -103.87 -24.84 25.28
CA PRO C 155 -104.03 -23.83 26.33
C PRO C 155 -102.84 -23.69 27.27
N ASN C 156 -102.14 -24.79 27.58
CA ASN C 156 -101.02 -24.77 28.53
C ASN C 156 -99.84 -23.98 27.96
N ARG C 157 -99.57 -22.81 28.53
CA ARG C 157 -98.50 -21.91 28.09
C ARG C 157 -97.17 -22.26 28.77
N VAL C 158 -96.06 -22.15 28.02
CA VAL C 158 -94.69 -22.38 28.46
C VAL C 158 -93.89 -21.11 28.17
N ASP C 159 -93.32 -20.44 29.19
CA ASP C 159 -92.57 -19.21 28.93
C ASP C 159 -91.25 -19.53 28.22
N GLY C 160 -90.85 -18.64 27.33
CA GLY C 160 -89.62 -18.77 26.56
C GLY C 160 -88.38 -18.65 27.41
N ASP C 161 -88.36 -17.66 28.31
CA ASP C 161 -87.22 -17.42 29.22
C ASP C 161 -87.02 -18.61 30.16
N GLU C 162 -88.13 -19.18 30.67
CA GLU C 162 -88.14 -20.36 31.54
C GLU C 162 -87.55 -21.57 30.82
N LEU C 163 -87.86 -21.73 29.54
CA LEU C 163 -87.34 -22.83 28.72
C LEU C 163 -85.86 -22.58 28.38
N ARG C 164 -85.50 -21.33 28.02
CA ARG C 164 -84.11 -20.96 27.69
C ARG C 164 -83.21 -21.04 28.93
N ALA C 165 -83.79 -20.92 30.14
CA ALA C 165 -83.04 -21.12 31.39
C ALA C 165 -82.75 -22.62 31.56
N GLY C 166 -83.72 -23.46 31.18
CA GLY C 166 -83.59 -24.91 31.20
C GLY C 166 -82.52 -25.41 30.24
N PHE C 167 -82.35 -24.73 29.10
CA PHE C 167 -81.29 -25.04 28.14
C PHE C 167 -79.90 -24.78 28.76
N GLY C 168 -79.79 -23.69 29.52
CA GLY C 168 -78.55 -23.32 30.19
C GLY C 168 -78.01 -24.34 31.17
N THR C 169 -78.88 -25.18 31.76
CA THR C 169 -78.46 -26.22 32.70
C THR C 169 -77.74 -27.37 31.98
N VAL C 170 -78.28 -27.80 30.81
CA VAL C 170 -77.66 -28.89 30.04
C VAL C 170 -76.34 -28.45 29.36
N GLY C 171 -76.12 -27.14 29.20
CA GLY C 171 -74.90 -26.59 28.61
C GLY C 171 -75.09 -25.68 27.42
N ILE C 172 -76.31 -25.60 26.86
CA ILE C 172 -76.60 -24.78 25.69
C ILE C 172 -77.04 -23.38 26.13
N GLY C 173 -76.31 -22.37 25.67
CA GLY C 173 -76.60 -20.98 25.97
C GLY C 173 -77.18 -20.25 24.78
N HIS C 174 -78.33 -19.61 24.97
CA HIS C 174 -79.00 -18.82 23.95
C HIS C 174 -79.07 -17.37 24.42
N GLY C 175 -78.29 -16.50 23.80
CA GLY C 175 -78.26 -15.08 24.14
C GLY C 175 -79.41 -14.32 23.52
N ALA C 176 -79.31 -12.98 23.55
CA ALA C 176 -80.33 -12.04 23.06
C ALA C 176 -80.85 -12.38 21.67
N ALA C 177 -79.93 -12.66 20.74
CA ALA C 177 -80.24 -13.01 19.34
C ALA C 177 -81.08 -14.29 19.20
N PHE C 178 -80.78 -15.28 20.02
CA PHE C 178 -81.44 -16.58 19.95
C PHE C 178 -82.64 -16.67 20.92
N ALA C 179 -83.10 -15.53 21.46
CA ALA C 179 -84.25 -15.46 22.36
C ALA C 179 -85.55 -15.08 21.60
N GLY C 180 -85.68 -15.53 20.35
CA GLY C 180 -86.86 -15.23 19.55
C GLY C 180 -88.13 -15.88 20.04
N LEU C 181 -88.00 -17.08 20.67
CA LEU C 181 -89.13 -17.82 21.21
C LEU C 181 -89.72 -17.08 22.41
N SER C 182 -90.88 -16.45 22.20
CA SER C 182 -91.57 -15.68 23.24
C SER C 182 -92.24 -16.60 24.25
N GLU C 183 -93.03 -17.54 23.73
CA GLU C 183 -93.79 -18.50 24.55
C GLU C 183 -94.34 -19.62 23.67
N ALA C 184 -94.36 -20.85 24.20
CA ALA C 184 -94.85 -22.02 23.47
C ALA C 184 -96.09 -22.58 24.14
N TYR C 185 -97.15 -22.79 23.35
CA TYR C 185 -98.41 -23.32 23.84
C TYR C 185 -98.48 -24.80 23.56
N VAL C 186 -98.80 -25.61 24.58
CA VAL C 186 -98.90 -27.07 24.49
C VAL C 186 -100.23 -27.52 25.09
N ALA C 187 -100.43 -28.83 25.21
CA ALA C 187 -101.62 -29.39 25.83
C ALA C 187 -101.22 -30.54 26.77
N THR C 188 -101.01 -31.75 26.23
CA THR C 188 -100.62 -32.94 27.01
C THR C 188 -99.61 -33.75 26.23
N ALA C 189 -99.21 -34.92 26.74
CA ALA C 189 -98.30 -35.80 26.01
C ALA C 189 -99.03 -36.49 24.86
N ALA C 190 -100.34 -36.81 25.05
CA ALA C 190 -101.19 -37.46 24.04
C ALA C 190 -101.29 -36.62 22.77
N GLU C 191 -101.37 -35.28 22.93
CA GLU C 191 -101.43 -34.31 21.83
C GLU C 191 -100.00 -34.09 21.37
N PRO C 192 -99.63 -34.43 20.11
CA PRO C 192 -98.22 -34.35 19.70
C PRO C 192 -97.77 -33.04 19.07
N THR C 193 -98.48 -31.92 19.29
CA THR C 193 -98.13 -30.66 18.64
C THR C 193 -97.82 -29.53 19.62
N VAL C 194 -97.06 -28.53 19.14
CA VAL C 194 -96.66 -27.33 19.86
C VAL C 194 -96.86 -26.11 19.00
N VAL C 195 -97.64 -25.14 19.48
CA VAL C 195 -97.85 -23.88 18.77
C VAL C 195 -96.94 -22.91 19.46
N ALA C 196 -95.90 -22.43 18.79
CA ALA C 196 -94.94 -21.51 19.41
C ALA C 196 -95.06 -20.13 18.84
N ALA C 197 -94.78 -19.11 19.66
CA ALA C 197 -94.85 -17.70 19.24
C ALA C 197 -93.45 -17.16 19.06
N VAL C 198 -92.83 -17.49 17.93
CA VAL C 198 -91.47 -17.04 17.62
C VAL C 198 -91.50 -15.75 16.83
N ALA C 199 -90.38 -15.03 16.84
CA ALA C 199 -90.22 -13.78 16.12
C ALA C 199 -88.78 -13.33 16.19
N LEU C 200 -88.21 -12.90 15.06
CA LEU C 200 -86.80 -12.45 15.04
C LEU C 200 -86.59 -11.19 15.91
N PRO C 201 -85.67 -11.22 16.91
CA PRO C 201 -85.47 -10.04 17.78
C PRO C 201 -85.18 -8.72 17.04
N GLY C 202 -85.60 -7.62 17.66
CA GLY C 202 -85.44 -6.27 17.14
C GLY C 202 -84.13 -5.87 16.52
N PRO C 203 -82.99 -6.16 17.17
CA PRO C 203 -81.70 -5.78 16.58
C PRO C 203 -81.45 -6.43 15.22
N LEU C 204 -81.83 -7.71 15.11
CA LEU C 204 -81.64 -8.50 13.91
C LEU C 204 -82.62 -8.18 12.79
N ARG C 205 -83.74 -7.52 13.08
CA ARG C 205 -84.71 -7.17 12.05
C ARG C 205 -84.09 -6.28 10.94
N SER C 206 -83.12 -5.42 11.31
CA SER C 206 -82.35 -4.60 10.36
C SER C 206 -81.49 -5.54 9.47
N GLY C 207 -80.88 -6.51 10.13
CA GLY C 207 -80.05 -7.53 9.48
C GLY C 207 -80.80 -8.75 8.92
N GLN C 208 -82.05 -8.59 8.41
CA GLN C 208 -82.79 -9.69 7.75
C GLN C 208 -82.14 -9.88 6.34
N ARG C 209 -81.51 -8.78 5.78
CA ARG C 209 -80.68 -8.74 4.59
C ARG C 209 -81.13 -9.72 3.47
N GLY C 210 -80.30 -10.71 3.09
CA GLY C 210 -80.58 -11.68 2.05
C GLY C 210 -80.72 -13.09 2.58
N TYR C 211 -81.32 -13.23 3.76
CA TYR C 211 -81.55 -14.54 4.35
C TYR C 211 -82.88 -15.12 3.86
N THR C 212 -82.90 -16.39 3.41
CA THR C 212 -84.14 -17.12 3.08
C THR C 212 -84.95 -17.20 4.37
N VAL C 213 -84.25 -17.59 5.46
CA VAL C 213 -84.74 -17.61 6.84
C VAL C 213 -83.56 -17.26 7.75
N HIS C 214 -83.75 -16.34 8.70
CA HIS C 214 -82.63 -15.96 9.57
C HIS C 214 -82.29 -17.13 10.50
N PRO C 215 -81.04 -17.57 10.63
CA PRO C 215 -80.75 -18.72 11.50
C PRO C 215 -81.14 -18.50 12.97
N ALA C 216 -81.13 -17.25 13.47
CA ALA C 216 -81.53 -16.93 14.84
C ALA C 216 -83.00 -17.31 15.07
N LEU C 217 -83.82 -17.04 14.05
CA LEU C 217 -85.26 -17.33 14.03
C LEU C 217 -85.54 -18.82 13.89
N LEU C 218 -84.87 -19.47 12.94
CA LEU C 218 -85.06 -20.90 12.72
C LEU C 218 -84.60 -21.71 13.95
N ASP C 219 -83.54 -21.25 14.67
CA ASP C 219 -83.10 -21.97 15.88
C ASP C 219 -84.14 -21.79 16.97
N ALA C 220 -84.80 -20.62 17.04
CA ALA C 220 -85.86 -20.39 18.02
C ALA C 220 -87.08 -21.33 17.76
N CYS C 221 -87.27 -21.78 16.52
CA CYS C 221 -88.31 -22.74 16.18
C CYS C 221 -87.91 -24.12 16.66
N PHE C 222 -86.62 -24.46 16.54
CA PHE C 222 -86.11 -25.74 17.02
C PHE C 222 -86.23 -25.80 18.54
N GLN C 223 -85.97 -24.67 19.26
CA GLN C 223 -86.11 -24.61 20.72
C GLN C 223 -87.54 -24.98 21.13
N SER C 224 -88.51 -24.48 20.35
CA SER C 224 -89.95 -24.69 20.55
C SER C 224 -90.33 -26.19 20.66
N VAL C 225 -89.60 -27.10 19.99
CA VAL C 225 -89.87 -28.54 20.02
C VAL C 225 -89.69 -29.09 21.45
N ILE C 226 -88.71 -28.56 22.18
CA ILE C 226 -88.38 -29.01 23.53
C ILE C 226 -89.48 -28.65 24.54
N ALA C 227 -90.32 -27.62 24.24
CA ALA C 227 -91.44 -27.23 25.10
C ALA C 227 -92.51 -28.33 25.22
N HIS C 228 -92.54 -29.31 24.30
CA HIS C 228 -93.52 -30.40 24.33
C HIS C 228 -93.37 -31.25 25.60
N PRO C 229 -94.46 -31.61 26.29
CA PRO C 229 -94.32 -32.41 27.52
C PRO C 229 -93.69 -33.79 27.32
N GLU C 230 -94.04 -34.50 26.23
CA GLU C 230 -93.48 -35.83 25.94
C GLU C 230 -91.95 -35.74 25.78
N VAL C 231 -91.42 -34.61 25.25
CA VAL C 231 -89.99 -34.39 25.09
C VAL C 231 -89.34 -34.16 26.46
N GLN C 232 -89.95 -33.26 27.26
CA GLN C 232 -89.46 -32.94 28.61
C GLN C 232 -89.35 -34.18 29.48
N ASN C 233 -90.40 -35.01 29.46
CA ASN C 233 -90.47 -36.24 30.25
C ASN C 233 -89.46 -37.29 29.79
N ILE C 234 -89.49 -37.65 28.49
CA ILE C 234 -88.62 -38.70 27.95
C ILE C 234 -87.17 -38.21 27.85
N ALA C 235 -86.82 -37.45 26.80
CA ALA C 235 -85.45 -37.00 26.58
C ALA C 235 -85.10 -35.82 27.51
N SER C 236 -84.66 -36.16 28.73
CA SER C 236 -84.25 -35.20 29.75
C SER C 236 -82.71 -35.11 29.75
N GLY C 237 -82.14 -34.79 28.59
CA GLY C 237 -80.71 -34.63 28.39
C GLY C 237 -80.43 -33.47 27.46
N MET C 238 -79.17 -33.35 26.99
CA MET C 238 -78.79 -32.26 26.08
C MET C 238 -79.24 -32.59 24.65
N LEU C 239 -80.23 -31.83 24.12
CA LEU C 239 -80.76 -32.05 22.78
C LEU C 239 -80.25 -31.00 21.81
N LEU C 240 -79.43 -31.43 20.85
CA LEU C 240 -78.85 -30.59 19.80
C LEU C 240 -79.34 -31.03 18.45
N PRO C 241 -79.58 -30.11 17.50
CA PRO C 241 -80.05 -30.54 16.16
C PRO C 241 -78.94 -31.26 15.41
N LEU C 242 -79.27 -32.44 14.86
CA LEU C 242 -78.36 -33.32 14.13
C LEU C 242 -78.59 -33.30 12.62
N GLY C 243 -79.79 -32.91 12.18
CA GLY C 243 -80.12 -32.84 10.75
C GLY C 243 -81.60 -32.64 10.48
N VAL C 244 -81.98 -32.53 9.18
CA VAL C 244 -83.36 -32.35 8.72
C VAL C 244 -83.55 -33.17 7.46
N ARG C 245 -84.62 -33.98 7.38
CA ARG C 245 -84.89 -34.81 6.19
C ARG C 245 -85.29 -33.99 4.97
N ARG C 246 -86.10 -32.96 5.13
CA ARG C 246 -86.58 -32.17 4.00
C ARG C 246 -86.90 -30.75 4.44
N LEU C 247 -86.31 -29.78 3.73
CA LEU C 247 -86.46 -28.36 4.00
C LEU C 247 -86.90 -27.62 2.76
N ARG C 248 -88.00 -26.88 2.84
CA ARG C 248 -88.50 -26.10 1.71
C ARG C 248 -89.00 -24.78 2.20
N ALA C 249 -88.72 -23.71 1.45
CA ALA C 249 -89.20 -22.38 1.74
C ALA C 249 -90.25 -22.04 0.71
N TYR C 250 -91.44 -21.69 1.15
CA TYR C 250 -92.55 -21.36 0.26
C TYR C 250 -92.64 -19.87 -0.02
N GLY C 251 -92.20 -19.05 0.93
CA GLY C 251 -92.21 -17.59 0.79
C GLY C 251 -91.20 -16.90 1.68
N SER C 252 -91.46 -15.62 1.96
CA SER C 252 -90.59 -14.83 2.81
C SER C 252 -90.90 -15.11 4.24
N THR C 253 -89.88 -15.37 5.04
CA THR C 253 -90.06 -15.61 6.46
C THR C 253 -89.97 -14.30 7.28
N ARG C 254 -90.01 -13.13 6.62
CA ARG C 254 -89.90 -11.83 7.27
C ARG C 254 -91.02 -11.60 8.27
N ASN C 255 -92.24 -11.94 7.87
CA ASN C 255 -93.44 -11.74 8.68
C ASN C 255 -93.89 -13.03 9.44
N VAL C 256 -92.98 -13.99 9.71
CA VAL C 256 -93.32 -15.18 10.49
C VAL C 256 -93.49 -14.78 11.98
N ARG C 257 -94.64 -15.15 12.57
CA ARG C 257 -94.96 -14.87 13.97
C ARG C 257 -95.17 -16.14 14.79
N TYR C 258 -95.35 -17.31 14.13
CA TYR C 258 -95.60 -18.58 14.81
C TYR C 258 -94.83 -19.74 14.22
N CYS C 259 -94.69 -20.81 15.00
CA CYS C 259 -94.06 -22.04 14.56
C CYS C 259 -94.82 -23.23 15.10
N LEU C 260 -95.45 -23.98 14.20
CA LEU C 260 -96.22 -25.17 14.55
C LEU C 260 -95.33 -26.41 14.45
N SER C 261 -95.00 -27.02 15.60
CA SER C 261 -94.15 -28.21 15.65
C SER C 261 -95.02 -29.44 15.88
N ARG C 262 -94.49 -30.62 15.51
CA ARG C 262 -95.19 -31.90 15.67
C ARG C 262 -94.18 -32.99 16.01
N ILE C 263 -94.41 -33.75 17.09
CA ILE C 263 -93.47 -34.79 17.49
C ILE C 263 -93.75 -36.06 16.72
N VAL C 264 -92.77 -36.53 15.95
CA VAL C 264 -92.88 -37.75 15.18
C VAL C 264 -92.49 -38.91 16.08
N LYS C 265 -91.32 -38.79 16.73
CA LYS C 265 -90.77 -39.81 17.63
C LYS C 265 -90.10 -39.12 18.82
N ALA C 266 -90.34 -39.65 20.03
CA ALA C 266 -89.77 -39.18 21.29
C ALA C 266 -89.18 -40.37 22.05
N ASP C 267 -87.86 -40.51 21.96
CA ASP C 267 -87.11 -41.61 22.55
C ASP C 267 -86.01 -41.06 23.46
N SER C 268 -85.48 -41.93 24.32
CA SER C 268 -84.37 -41.62 25.23
C SER C 268 -83.12 -41.15 24.47
N PHE C 269 -82.88 -41.70 23.26
CA PHE C 269 -81.71 -41.36 22.44
C PHE C 269 -81.88 -40.01 21.76
N GLY C 270 -83.01 -39.81 21.10
CA GLY C 270 -83.27 -38.57 20.40
C GLY C 270 -84.74 -38.28 20.16
N VAL C 271 -85.01 -37.15 19.48
CA VAL C 271 -86.36 -36.68 19.16
C VAL C 271 -86.43 -36.27 17.69
N GLU C 272 -87.42 -36.80 16.96
CA GLU C 272 -87.64 -36.39 15.58
C GLU C 272 -88.92 -35.55 15.58
N ALA C 273 -88.97 -34.49 14.77
CA ALA C 273 -90.13 -33.60 14.70
C ALA C 273 -90.29 -32.96 13.32
N ASP C 274 -91.53 -32.55 13.00
CA ASP C 274 -91.88 -31.89 11.74
C ASP C 274 -92.36 -30.46 12.07
N LEU C 275 -91.70 -29.44 11.49
CA LEU C 275 -92.00 -28.03 11.75
C LEU C 275 -92.64 -27.32 10.58
N GLU C 276 -93.31 -26.20 10.88
CA GLU C 276 -93.96 -25.33 9.91
C GLU C 276 -93.95 -23.92 10.45
N LEU C 277 -93.36 -22.98 9.71
CA LEU C 277 -93.26 -21.58 10.11
C LEU C 277 -94.45 -20.85 9.51
N LEU C 278 -95.35 -20.36 10.36
CA LEU C 278 -96.57 -19.70 9.93
C LEU C 278 -96.56 -18.20 10.16
N ASP C 279 -97.17 -17.42 9.25
CA ASP C 279 -97.30 -15.98 9.45
C ASP C 279 -98.48 -15.73 10.39
N ALA C 280 -98.83 -14.47 10.61
CA ALA C 280 -99.95 -14.11 11.50
C ALA C 280 -101.29 -14.68 11.02
N ASP C 281 -101.52 -14.72 9.70
CA ASP C 281 -102.75 -15.26 9.08
C ASP C 281 -102.86 -16.78 9.23
N GLY C 282 -101.70 -17.44 9.34
CA GLY C 282 -101.60 -18.89 9.46
C GLY C 282 -101.06 -19.57 8.22
N THR C 283 -100.69 -18.80 7.19
CA THR C 283 -100.12 -19.34 5.95
C THR C 283 -98.72 -19.90 6.20
N VAL C 284 -98.41 -21.06 5.59
CA VAL C 284 -97.10 -21.68 5.80
C VAL C 284 -96.06 -21.00 4.91
N LEU C 285 -94.92 -20.59 5.52
CA LEU C 285 -93.82 -19.90 4.84
C LEU C 285 -92.62 -20.80 4.66
N LEU C 286 -92.38 -21.72 5.59
CA LEU C 286 -91.28 -22.67 5.50
C LEU C 286 -91.63 -23.91 6.27
N SER C 287 -91.19 -25.09 5.80
CA SER C 287 -91.44 -26.36 6.48
C SER C 287 -90.15 -27.17 6.56
N ALA C 288 -89.83 -27.69 7.77
CA ALA C 288 -88.67 -28.55 8.08
C ALA C 288 -89.14 -29.92 8.60
N MET C 289 -89.29 -30.89 7.68
CA MET C 289 -89.74 -32.24 8.01
C MET C 289 -88.58 -33.07 8.48
N GLY C 290 -88.78 -33.82 9.56
CA GLY C 290 -87.78 -34.73 10.05
C GLY C 290 -86.56 -34.09 10.66
N LEU C 291 -86.80 -33.16 11.57
CA LEU C 291 -85.75 -32.46 12.30
C LEU C 291 -85.29 -33.39 13.41
N GLN C 292 -84.12 -34.01 13.28
CA GLN C 292 -83.65 -34.99 14.27
C GLN C 292 -82.80 -34.32 15.35
N LEU C 293 -83.24 -34.32 16.62
CA LEU C 293 -82.50 -33.73 17.73
C LEU C 293 -81.91 -34.86 18.55
N GLY C 294 -80.81 -34.61 19.24
CA GLY C 294 -80.19 -35.67 20.04
C GLY C 294 -78.87 -35.35 20.69
N THR C 295 -78.08 -36.40 20.94
CA THR C 295 -76.77 -36.30 21.58
C THR C 295 -75.70 -35.91 20.53
N GLY C 296 -74.80 -35.00 20.89
CA GLY C 296 -73.71 -34.54 20.03
C GLY C 296 -72.64 -35.59 19.81
N ASN C 297 -72.17 -36.21 20.92
CA ASN C 297 -71.20 -37.33 20.92
C ASN C 297 -71.98 -38.64 21.26
N SER C 298 -71.35 -39.84 21.14
CA SER C 298 -72.00 -41.15 21.42
C SER C 298 -72.56 -41.21 22.84
N ASP C 299 -73.33 -42.26 23.14
CA ASP C 299 -73.90 -42.47 24.48
C ASP C 299 -72.81 -42.89 25.48
N LYS C 300 -71.62 -43.31 24.98
CA LYS C 300 -70.48 -43.71 25.81
C LYS C 300 -69.64 -42.48 26.19
N ALA C 301 -69.49 -41.53 25.25
CA ALA C 301 -68.76 -40.27 25.48
C ALA C 301 -69.55 -39.31 26.36
N GLU C 302 -70.89 -39.49 26.45
CA GLU C 302 -71.77 -38.70 27.31
C GLU C 302 -71.56 -39.10 28.77
N GLU C 303 -71.46 -40.42 29.02
CA GLU C 303 -71.20 -40.99 30.34
C GLU C 303 -69.86 -40.49 30.87
N GLU C 304 -68.81 -40.68 30.05
CA GLU C 304 -67.43 -40.24 30.35
C GLU C 304 -67.39 -38.75 30.71
N ARG C 305 -68.17 -37.91 30.00
CA ARG C 305 -68.21 -36.46 30.25
C ARG C 305 -68.98 -36.17 31.55
N LEU C 306 -70.09 -36.89 31.83
CA LEU C 306 -70.89 -36.67 33.05
C LEU C 306 -70.09 -37.04 34.30
N LEU C 307 -69.46 -38.21 34.26
CA LEU C 307 -68.61 -38.73 35.31
C LEU C 307 -67.54 -37.70 35.70
N ASP C 308 -66.95 -37.01 34.72
CA ASP C 308 -65.91 -36.01 34.95
C ASP C 308 -66.43 -34.78 35.71
N GLU C 309 -67.63 -34.29 35.37
CA GLU C 309 -68.22 -33.13 36.03
C GLU C 309 -68.65 -33.44 37.45
N ARG C 310 -69.12 -34.68 37.69
CA ARG C 310 -69.63 -35.11 38.99
C ARG C 310 -68.54 -35.35 40.06
N LEU C 311 -67.35 -35.84 39.66
CA LEU C 311 -66.27 -36.19 40.62
C LEU C 311 -65.66 -35.01 41.36
N LEU C 312 -65.19 -35.27 42.60
CA LEU C 312 -64.57 -34.28 43.50
C LEU C 312 -63.49 -34.85 44.43
N THR C 313 -62.40 -34.07 44.65
CA THR C 313 -61.33 -34.40 45.61
C THR C 313 -60.88 -33.18 46.35
N ILE C 314 -60.51 -33.37 47.61
CA ILE C 314 -59.99 -32.30 48.43
C ILE C 314 -58.51 -32.26 48.13
N GLU C 315 -57.99 -31.09 47.75
CA GLU C 315 -56.57 -30.91 47.39
C GLU C 315 -55.97 -29.85 48.27
N TRP C 316 -54.67 -29.94 48.51
CA TRP C 316 -53.97 -29.03 49.40
C TRP C 316 -53.02 -28.14 48.64
N GLN C 317 -53.05 -26.83 48.93
CA GLN C 317 -52.17 -25.85 48.29
C GLN C 317 -51.28 -25.16 49.35
N GLN C 318 -50.01 -24.92 49.01
CA GLN C 318 -49.06 -24.27 49.92
C GLN C 318 -49.36 -22.78 50.01
N ARG C 319 -49.65 -22.27 51.23
CA ARG C 319 -50.00 -20.86 51.46
C ARG C 319 -49.08 -20.19 52.51
N GLU C 320 -49.03 -18.84 52.48
CA GLU C 320 -48.27 -18.01 53.42
C GLU C 320 -49.25 -17.21 54.26
N LEU C 321 -48.91 -16.97 55.54
CA LEU C 321 -49.78 -16.27 56.49
C LEU C 321 -49.87 -14.77 56.17
N PRO C 322 -51.04 -14.23 55.76
CA PRO C 322 -51.11 -12.81 55.39
C PRO C 322 -51.70 -11.87 56.45
N ARG C 323 -51.20 -10.59 56.49
CA ARG C 323 -51.66 -9.47 57.35
C ARG C 323 -51.62 -9.77 58.88
N PRO C 324 -51.69 -8.75 59.77
CA PRO C 324 -51.77 -7.30 59.52
C PRO C 324 -50.40 -6.66 59.41
N GLY C 333 -56.69 -8.35 72.10
CA GLY C 333 -57.84 -9.22 72.36
C GLY C 333 -57.51 -10.43 73.22
N SER C 334 -58.44 -10.84 74.11
CA SER C 334 -58.22 -11.98 75.01
C SER C 334 -58.43 -13.31 74.28
N TRP C 335 -57.90 -14.42 74.87
CA TRP C 335 -57.98 -15.77 74.30
C TRP C 335 -58.27 -16.82 75.38
N LEU C 336 -58.62 -18.03 74.95
CA LEU C 336 -58.91 -19.17 75.83
C LEU C 336 -58.46 -20.50 75.19
N VAL C 337 -57.42 -21.12 75.75
CA VAL C 337 -56.93 -22.42 75.28
C VAL C 337 -57.62 -23.50 76.12
N ILE C 338 -58.30 -24.46 75.48
CA ILE C 338 -59.06 -25.51 76.17
C ILE C 338 -58.57 -26.89 75.71
N LEU C 339 -58.50 -27.88 76.62
CA LEU C 339 -58.01 -29.23 76.31
C LEU C 339 -59.13 -30.26 76.15
N ALA C 340 -58.79 -31.49 75.67
CA ALA C 340 -59.72 -32.63 75.54
C ALA C 340 -59.25 -33.89 76.34
N GLY C 341 -58.08 -33.82 77.01
CA GLY C 341 -57.53 -34.91 77.82
C GLY C 341 -56.64 -34.35 78.91
N ASP C 342 -57.08 -34.47 80.19
CA ASP C 342 -56.40 -33.90 81.36
C ASP C 342 -55.26 -34.80 81.87
N ASP C 343 -55.50 -36.12 81.96
CA ASP C 343 -54.48 -37.08 82.42
C ASP C 343 -53.28 -37.13 81.43
N ASP C 344 -53.48 -36.73 80.14
CA ASP C 344 -52.42 -36.63 79.13
C ASP C 344 -51.89 -35.18 79.17
N GLU C 345 -50.57 -34.99 79.38
CA GLU C 345 -49.96 -33.67 79.45
C GLU C 345 -49.55 -33.24 78.05
N ASN C 346 -50.30 -32.30 77.43
CA ASN C 346 -50.07 -31.85 76.05
C ASN C 346 -48.99 -30.76 75.96
N PRO C 347 -47.80 -31.03 75.38
CA PRO C 347 -46.81 -29.95 75.20
C PRO C 347 -47.29 -28.92 74.17
N ARG C 348 -48.17 -29.34 73.21
CA ARG C 348 -48.75 -28.44 72.23
C ARG C 348 -49.62 -27.40 72.92
N ALA C 349 -50.46 -27.84 73.87
CA ALA C 349 -51.31 -26.93 74.64
C ALA C 349 -50.47 -25.97 75.50
N ALA C 350 -49.40 -26.49 76.14
CA ALA C 350 -48.50 -25.70 76.96
C ALA C 350 -47.75 -24.65 76.15
N GLY C 351 -47.17 -25.09 75.04
CA GLY C 351 -46.43 -24.23 74.12
C GLY C 351 -47.28 -23.18 73.42
N VAL C 352 -48.58 -23.45 73.21
CA VAL C 352 -49.50 -22.51 72.57
C VAL C 352 -49.84 -21.39 73.55
N VAL C 353 -50.15 -21.73 74.82
CA VAL C 353 -50.48 -20.73 75.84
C VAL C 353 -49.26 -19.82 76.09
N SER C 354 -48.04 -20.39 76.11
CA SER C 354 -46.82 -19.60 76.33
C SER C 354 -46.55 -18.64 75.16
N ALA C 355 -46.80 -19.08 73.92
CA ALA C 355 -46.57 -18.27 72.72
C ALA C 355 -47.61 -17.15 72.58
N LEU C 356 -48.88 -17.37 73.01
CA LEU C 356 -49.92 -16.32 72.98
C LEU C 356 -49.60 -15.24 73.99
N ILE C 357 -49.16 -15.64 75.20
CA ILE C 357 -48.78 -14.70 76.26
C ILE C 357 -47.48 -13.99 75.81
N GLY C 358 -46.61 -14.70 75.11
CA GLY C 358 -45.39 -14.14 74.54
C GLY C 358 -45.67 -13.10 73.48
N ALA C 359 -46.75 -13.30 72.69
CA ALA C 359 -47.18 -12.34 71.66
C ALA C 359 -47.81 -11.09 72.28
N GLY C 360 -48.34 -11.23 73.50
CA GLY C 360 -48.95 -10.14 74.26
C GLY C 360 -50.45 -10.17 74.33
N MET C 361 -51.06 -11.39 74.39
CA MET C 361 -52.50 -11.59 74.47
C MET C 361 -52.86 -12.20 75.83
N PRO C 362 -53.85 -11.66 76.57
CA PRO C 362 -54.20 -12.28 77.86
C PRO C 362 -54.93 -13.59 77.62
N THR C 363 -54.22 -14.71 77.84
CA THR C 363 -54.71 -16.06 77.63
C THR C 363 -55.10 -16.72 78.94
N THR C 364 -56.20 -17.49 78.91
CA THR C 364 -56.70 -18.26 80.04
C THR C 364 -56.70 -19.73 79.61
N THR C 365 -56.71 -20.70 80.55
CA THR C 365 -56.67 -22.11 80.18
C THR C 365 -57.75 -22.91 80.91
N MET C 366 -58.44 -23.79 80.15
CA MET C 366 -59.53 -24.65 80.62
C MET C 366 -59.06 -26.11 80.46
N ALA C 367 -59.55 -27.01 81.31
CA ALA C 367 -59.15 -28.42 81.28
C ALA C 367 -60.37 -29.34 81.27
N TRP C 368 -61.07 -29.36 80.12
CA TRP C 368 -62.21 -30.24 79.94
C TRP C 368 -61.68 -31.59 79.50
N SER C 369 -62.03 -32.65 80.22
CA SER C 369 -61.58 -34.00 79.90
C SER C 369 -62.75 -34.97 79.91
N HIS C 370 -62.54 -36.15 79.30
CA HIS C 370 -63.55 -37.21 79.29
C HIS C 370 -63.63 -37.77 80.70
N ASP C 371 -64.73 -38.46 81.03
CA ASP C 371 -64.96 -39.04 82.36
C ASP C 371 -64.86 -37.92 83.44
N ALA C 372 -65.54 -36.79 83.19
CA ALA C 372 -65.60 -35.63 84.09
C ALA C 372 -67.02 -35.04 84.06
N ASP C 373 -67.44 -34.31 85.13
CA ASP C 373 -68.80 -33.73 85.18
C ASP C 373 -68.92 -32.71 84.05
N HIS C 374 -69.50 -33.16 82.94
CA HIS C 374 -69.63 -32.36 81.73
C HIS C 374 -70.62 -31.21 81.89
N ASP C 375 -71.73 -31.41 82.65
CA ASP C 375 -72.71 -30.34 82.88
C ASP C 375 -72.10 -29.21 83.71
N ALA C 376 -71.23 -29.57 84.67
CA ALA C 376 -70.54 -28.59 85.52
C ALA C 376 -69.42 -27.87 84.75
N GLN C 377 -68.67 -28.61 83.91
CA GLN C 377 -67.59 -28.00 83.11
C GLN C 377 -68.18 -27.12 81.99
N ALA C 378 -69.37 -27.50 81.47
CA ALA C 378 -70.09 -26.73 80.46
C ALA C 378 -70.54 -25.39 81.03
N ALA C 379 -70.97 -25.40 82.30
CA ALA C 379 -71.38 -24.19 83.01
C ALA C 379 -70.16 -23.30 83.31
N ALA C 380 -69.02 -23.92 83.66
CA ALA C 380 -67.77 -23.21 83.94
C ALA C 380 -67.28 -22.48 82.69
N LEU C 381 -67.41 -23.11 81.51
CA LEU C 381 -67.03 -22.51 80.23
C LEU C 381 -67.92 -21.32 79.90
N THR C 382 -69.25 -21.53 79.89
CA THR C 382 -70.23 -20.48 79.61
C THR C 382 -70.05 -19.27 80.55
N ALA C 383 -69.55 -19.51 81.78
CA ALA C 383 -69.25 -18.43 82.73
C ALA C 383 -68.03 -17.62 82.29
N ARG C 384 -66.94 -18.28 81.81
CA ARG C 384 -65.72 -17.61 81.34
C ARG C 384 -65.98 -16.72 80.13
N LEU C 385 -66.94 -17.10 79.28
CA LEU C 385 -67.30 -16.35 78.07
C LEU C 385 -68.06 -15.09 78.42
N ASP C 386 -69.03 -15.19 79.36
CA ASP C 386 -69.83 -14.05 79.82
C ASP C 386 -69.02 -13.11 80.73
N GLU C 387 -67.96 -13.65 81.38
CA GLU C 387 -67.07 -12.89 82.27
C GLU C 387 -66.21 -11.90 81.47
N GLN C 388 -65.48 -12.40 80.46
CA GLN C 388 -64.58 -11.59 79.63
C GLN C 388 -64.86 -11.76 78.14
N PRO C 389 -64.81 -10.66 77.34
CA PRO C 389 -64.99 -10.82 75.90
C PRO C 389 -63.67 -11.27 75.27
N LEU C 390 -63.66 -12.41 74.58
CA LEU C 390 -62.46 -12.95 73.95
C LEU C 390 -62.61 -13.04 72.45
N ALA C 391 -61.48 -12.93 71.74
CA ALA C 391 -61.43 -12.94 70.28
C ALA C 391 -61.60 -14.35 69.73
N GLY C 392 -60.86 -15.30 70.28
CA GLY C 392 -60.90 -16.68 69.83
C GLY C 392 -60.74 -17.72 70.93
N VAL C 393 -61.16 -18.96 70.63
CA VAL C 393 -61.10 -20.12 71.52
C VAL C 393 -60.37 -21.25 70.79
N ALA C 394 -59.21 -21.70 71.31
CA ALA C 394 -58.42 -22.76 70.68
C ALA C 394 -58.61 -24.09 71.41
N VAL C 395 -59.29 -25.07 70.77
CA VAL C 395 -59.54 -26.40 71.34
C VAL C 395 -58.39 -27.35 70.98
N ILE C 396 -57.55 -27.72 71.97
CA ILE C 396 -56.41 -28.63 71.76
C ILE C 396 -56.88 -30.05 72.03
N VAL C 397 -56.85 -30.92 71.00
CA VAL C 397 -57.31 -32.31 71.16
C VAL C 397 -56.11 -33.19 71.54
N GLY C 398 -56.23 -33.91 72.66
CA GLY C 398 -55.16 -34.76 73.17
C GLY C 398 -54.93 -36.06 72.41
N ASP C 399 -53.66 -36.44 72.27
CA ASP C 399 -53.27 -37.68 71.58
C ASP C 399 -52.83 -38.70 72.62
N SER C 400 -53.47 -39.87 72.63
CA SER C 400 -53.11 -40.94 73.55
C SER C 400 -51.70 -41.49 73.23
N GLU C 401 -50.85 -41.65 74.26
CA GLU C 401 -49.47 -42.14 74.15
C GLU C 401 -48.63 -41.26 73.22
N HIS C 407 -49.96 -47.19 67.51
CA HIS C 407 -50.12 -47.70 66.15
C HIS C 407 -51.44 -48.47 65.97
N ASP C 408 -52.06 -49.01 67.05
CA ASP C 408 -53.29 -49.79 66.87
C ASP C 408 -54.48 -48.93 66.43
N VAL C 409 -55.08 -49.27 65.27
CA VAL C 409 -56.23 -48.57 64.68
C VAL C 409 -57.49 -48.91 65.46
N GLY C 410 -57.64 -50.17 65.84
CA GLY C 410 -58.77 -50.65 66.62
C GLY C 410 -59.05 -49.75 67.81
N ALA C 411 -57.98 -49.34 68.50
CA ALA C 411 -58.07 -48.44 69.65
C ALA C 411 -58.39 -47.03 69.22
N ASP C 412 -57.76 -46.55 68.14
CA ASP C 412 -57.99 -45.20 67.63
C ASP C 412 -59.44 -45.05 67.07
N ALA C 413 -60.06 -46.15 66.59
CA ALA C 413 -61.44 -46.15 66.09
C ALA C 413 -62.42 -45.97 67.24
N ARG C 414 -62.16 -46.64 68.38
CA ARG C 414 -63.01 -46.54 69.57
C ARG C 414 -62.82 -45.16 70.21
N ARG C 415 -61.54 -44.68 70.28
CA ARG C 415 -61.19 -43.36 70.83
C ARG C 415 -61.75 -42.22 69.99
N GLY C 416 -61.80 -42.41 68.67
CA GLY C 416 -62.32 -41.42 67.74
C GLY C 416 -63.75 -41.01 68.01
N ALA C 417 -64.58 -41.94 68.51
CA ALA C 417 -65.97 -41.69 68.88
C ALA C 417 -66.02 -40.75 70.06
N ASP C 418 -65.23 -41.06 71.10
CA ASP C 418 -65.17 -40.29 72.35
C ASP C 418 -64.76 -38.84 72.05
N HIS C 419 -63.82 -38.62 71.11
CA HIS C 419 -63.41 -37.26 70.72
C HIS C 419 -64.57 -36.48 70.07
N VAL C 420 -65.34 -37.15 69.19
CA VAL C 420 -66.49 -36.55 68.49
C VAL C 420 -67.55 -36.16 69.52
N ARG C 421 -67.92 -37.10 70.44
CA ARG C 421 -68.90 -36.86 71.51
C ARG C 421 -68.48 -35.68 72.39
N HIS C 422 -67.17 -35.56 72.67
CA HIS C 422 -66.61 -34.49 73.50
C HIS C 422 -66.56 -33.15 72.78
N LEU C 423 -66.20 -33.14 71.48
CA LEU C 423 -66.15 -31.88 70.73
C LEU C 423 -67.58 -31.34 70.50
N VAL C 424 -68.60 -32.22 70.47
CA VAL C 424 -70.00 -31.80 70.38
C VAL C 424 -70.37 -31.07 71.68
N ARG C 425 -69.94 -31.60 72.86
CA ARG C 425 -70.19 -30.98 74.17
C ARG C 425 -69.59 -29.56 74.22
N ILE C 426 -68.34 -29.39 73.73
CA ILE C 426 -67.64 -28.10 73.70
C ILE C 426 -68.31 -27.16 72.68
N ALA C 427 -68.53 -27.63 71.45
CA ALA C 427 -69.13 -26.81 70.39
C ALA C 427 -70.54 -26.32 70.75
N ARG C 428 -71.34 -27.15 71.44
CA ARG C 428 -72.72 -26.79 71.84
C ARG C 428 -72.72 -25.58 72.78
N THR C 429 -71.81 -25.54 73.76
CA THR C 429 -71.73 -24.45 74.73
C THR C 429 -71.22 -23.13 74.10
N LEU C 430 -70.36 -23.19 73.05
CA LEU C 430 -69.88 -21.99 72.36
C LEU C 430 -70.99 -21.39 71.49
N ALA C 431 -71.79 -22.26 70.85
CA ALA C 431 -72.94 -21.83 70.04
C ALA C 431 -73.99 -21.15 70.92
N ASP C 432 -74.25 -21.71 72.12
CA ASP C 432 -75.18 -21.16 73.11
C ASP C 432 -74.46 -20.05 73.90
N ALA C 433 -74.16 -18.93 73.20
CA ALA C 433 -73.46 -17.78 73.75
C ALA C 433 -74.38 -16.58 73.71
N VAL C 434 -74.42 -15.80 74.81
CA VAL C 434 -75.27 -14.62 74.88
C VAL C 434 -74.68 -13.55 73.94
N GLY C 435 -73.41 -13.21 74.14
CA GLY C 435 -72.71 -12.24 73.31
C GLY C 435 -72.31 -12.79 71.95
N GLU C 436 -71.45 -12.05 71.23
CA GLU C 436 -70.98 -12.47 69.90
C GLU C 436 -70.05 -13.68 70.05
N PRO C 437 -70.40 -14.86 69.50
CA PRO C 437 -69.50 -16.03 69.67
C PRO C 437 -68.07 -15.79 69.18
N PRO C 438 -67.05 -16.28 69.93
CA PRO C 438 -65.67 -16.11 69.49
C PRO C 438 -65.29 -17.10 68.38
N ARG C 439 -64.17 -16.88 67.69
CA ARG C 439 -63.75 -17.79 66.61
C ARG C 439 -63.23 -19.12 67.18
N LEU C 440 -63.86 -20.24 66.76
CA LEU C 440 -63.47 -21.57 67.21
C LEU C 440 -62.32 -22.09 66.35
N TYR C 441 -61.25 -22.55 67.00
CA TYR C 441 -60.08 -23.13 66.35
C TYR C 441 -59.83 -24.53 66.94
N VAL C 442 -60.00 -25.62 66.18
CA VAL C 442 -59.76 -26.97 66.71
C VAL C 442 -58.38 -27.44 66.22
N VAL C 443 -57.47 -27.79 67.15
CA VAL C 443 -56.11 -28.22 66.83
C VAL C 443 -55.98 -29.75 66.96
N THR C 444 -55.88 -30.44 65.81
CA THR C 444 -55.78 -31.89 65.74
C THR C 444 -54.36 -32.36 65.42
N HIS C 445 -54.03 -33.61 65.82
CA HIS C 445 -52.71 -34.23 65.59
C HIS C 445 -52.74 -35.21 64.41
N ARG C 446 -52.12 -34.81 63.27
CA ARG C 446 -52.01 -35.59 62.02
C ARG C 446 -53.34 -36.30 61.63
N SER C 447 -54.48 -35.61 61.88
CA SER C 447 -55.86 -36.03 61.60
C SER C 447 -56.02 -36.61 60.20
N GLN C 448 -55.60 -35.86 59.17
CA GLN C 448 -55.80 -36.26 57.79
C GLN C 448 -54.55 -36.15 56.92
N HIS C 449 -54.64 -36.77 55.75
CA HIS C 449 -53.59 -36.84 54.74
C HIS C 449 -53.52 -35.54 53.93
N VAL C 450 -52.31 -34.97 53.84
CA VAL C 450 -52.03 -33.74 53.08
C VAL C 450 -50.84 -34.05 52.15
N LEU C 451 -49.64 -34.34 52.70
CA LEU C 451 -48.48 -34.71 51.91
C LEU C 451 -48.58 -36.18 51.56
N ASP C 452 -48.15 -36.57 50.33
CA ASP C 452 -48.23 -37.95 49.84
C ASP C 452 -47.51 -38.97 50.74
N THR C 453 -46.44 -38.53 51.43
CA THR C 453 -45.67 -39.39 52.32
C THR C 453 -46.40 -39.76 53.61
N ASP C 454 -47.37 -38.94 54.04
CA ASP C 454 -48.08 -39.09 55.31
C ASP C 454 -48.84 -40.42 55.50
N GLU C 455 -48.78 -40.92 56.76
CA GLU C 455 -49.54 -42.05 57.30
C GLU C 455 -50.43 -41.38 58.33
N PRO C 456 -51.77 -41.31 58.13
CA PRO C 456 -52.59 -40.53 59.07
C PRO C 456 -52.68 -41.12 60.47
N TYR C 457 -52.69 -40.24 61.48
CA TYR C 457 -52.91 -40.58 62.88
C TYR C 457 -54.41 -40.44 63.04
N LEU C 458 -55.11 -41.53 63.38
CA LEU C 458 -56.56 -41.52 63.46
C LEU C 458 -57.02 -40.85 64.79
N GLU C 459 -58.14 -41.23 65.42
CA GLU C 459 -58.70 -40.55 66.61
C GLU C 459 -59.36 -39.22 66.18
N HIS C 460 -58.52 -38.26 65.74
CA HIS C 460 -58.95 -36.94 65.31
C HIS C 460 -59.45 -36.96 63.88
N SER C 461 -59.28 -38.09 63.16
CA SER C 461 -59.69 -38.25 61.76
C SER C 461 -61.20 -37.96 61.57
N GLY C 462 -62.01 -38.33 62.56
CA GLY C 462 -63.44 -38.13 62.52
C GLY C 462 -63.93 -36.72 62.80
N LEU C 463 -63.12 -35.90 63.47
CA LEU C 463 -63.48 -34.52 63.83
C LEU C 463 -63.56 -33.55 62.64
N ARG C 464 -62.90 -33.85 61.49
CA ARG C 464 -62.93 -32.92 60.35
C ARG C 464 -64.33 -32.80 59.70
N GLY C 465 -65.19 -33.81 59.86
CA GLY C 465 -66.56 -33.79 59.37
C GLY C 465 -67.46 -33.01 60.29
N LEU C 466 -67.20 -33.09 61.59
CA LEU C 466 -67.97 -32.39 62.62
C LEU C 466 -67.72 -30.87 62.55
N ILE C 467 -66.45 -30.42 62.54
CA ILE C 467 -66.10 -28.98 62.47
C ILE C 467 -66.67 -28.35 61.18
N ARG C 468 -66.79 -29.14 60.11
CA ARG C 468 -67.34 -28.70 58.82
C ARG C 468 -68.87 -28.45 58.95
N VAL C 469 -69.57 -29.33 59.70
CA VAL C 469 -71.01 -29.22 59.96
C VAL C 469 -71.26 -28.11 60.99
N VAL C 470 -70.40 -27.98 62.02
CA VAL C 470 -70.53 -26.93 63.05
C VAL C 470 -70.38 -25.54 62.41
N GLY C 471 -69.45 -25.40 61.47
CA GLY C 471 -69.25 -24.15 60.74
C GLY C 471 -70.45 -23.77 59.89
N MET C 472 -71.17 -24.78 59.39
CA MET C 472 -72.39 -24.61 58.59
C MET C 472 -73.60 -24.33 59.47
N GLU C 473 -73.78 -25.09 60.58
CA GLU C 473 -74.89 -24.88 61.51
C GLU C 473 -74.77 -23.56 62.29
N HIS C 474 -73.55 -23.21 62.72
CA HIS C 474 -73.26 -21.99 63.49
C HIS C 474 -72.07 -21.25 62.86
N PRO C 475 -72.32 -20.45 61.80
CA PRO C 475 -71.22 -19.75 61.13
C PRO C 475 -70.70 -18.53 61.89
N ARG C 476 -71.42 -18.03 62.94
CA ARG C 476 -70.96 -16.88 63.75
C ARG C 476 -69.55 -17.18 64.26
N LEU C 477 -69.41 -18.31 64.95
CA LEU C 477 -68.10 -18.81 65.36
C LEU C 477 -67.53 -19.51 64.11
N ARG C 478 -66.53 -18.89 63.45
CA ARG C 478 -65.99 -19.46 62.21
C ARG C 478 -65.16 -20.70 62.53
N ALA C 479 -65.80 -21.88 62.45
CA ALA C 479 -65.18 -23.17 62.78
C ALA C 479 -63.97 -23.48 61.89
N THR C 480 -62.76 -23.27 62.44
CA THR C 480 -61.49 -23.50 61.76
C THR C 480 -60.80 -24.74 62.34
N GLN C 481 -60.17 -25.54 61.46
CA GLN C 481 -59.43 -26.75 61.85
C GLN C 481 -57.96 -26.54 61.55
N ILE C 482 -57.06 -26.91 62.47
CA ILE C 482 -55.61 -26.80 62.30
C ILE C 482 -54.99 -28.19 62.49
N ASP C 483 -54.68 -28.91 61.39
CA ASP C 483 -54.07 -30.23 61.48
C ASP C 483 -52.55 -30.10 61.60
N VAL C 484 -52.05 -30.30 62.82
CA VAL C 484 -50.65 -30.11 63.20
C VAL C 484 -49.91 -31.44 63.26
N ASP C 485 -48.60 -31.43 62.97
CA ASP C 485 -47.73 -32.60 63.11
C ASP C 485 -46.82 -32.36 64.31
N ASP C 486 -46.00 -33.36 64.67
CA ASP C 486 -45.11 -33.23 65.84
C ASP C 486 -44.07 -32.13 65.63
N SER C 487 -43.39 -32.15 64.46
CA SER C 487 -42.36 -31.16 64.11
C SER C 487 -42.97 -29.94 63.42
N THR C 488 -43.09 -28.79 64.12
CA THR C 488 -43.65 -27.58 63.49
C THR C 488 -43.33 -26.26 64.25
N ALA C 489 -43.29 -26.28 65.60
CA ALA C 489 -43.04 -25.14 66.49
C ALA C 489 -44.33 -24.39 66.79
N HIS C 490 -44.47 -23.96 68.04
CA HIS C 490 -45.66 -23.27 68.54
C HIS C 490 -45.68 -21.80 68.12
N GLU C 491 -44.48 -21.18 67.93
CA GLU C 491 -44.32 -19.78 67.51
C GLU C 491 -44.99 -19.51 66.16
N ALA C 492 -44.96 -20.51 65.26
CA ALA C 492 -45.58 -20.43 63.93
C ALA C 492 -47.06 -20.78 63.97
N LEU C 493 -47.49 -21.62 64.92
CA LEU C 493 -48.89 -22.01 65.03
C LEU C 493 -49.74 -20.82 65.52
N VAL C 494 -49.32 -20.13 66.61
CA VAL C 494 -50.06 -18.97 67.14
C VAL C 494 -50.08 -17.84 66.11
N ARG C 495 -49.08 -17.78 65.22
CA ARG C 495 -49.02 -16.82 64.13
C ARG C 495 -50.31 -16.90 63.28
N GLN C 496 -50.84 -18.14 63.07
CA GLN C 496 -52.10 -18.38 62.36
C GLN C 496 -53.31 -17.88 63.14
N LEU C 497 -53.37 -18.22 64.45
CA LEU C 497 -54.46 -17.84 65.34
C LEU C 497 -54.65 -16.32 65.37
N LEU C 498 -53.53 -15.58 65.43
CA LEU C 498 -53.51 -14.12 65.52
C LEU C 498 -53.58 -13.41 64.15
N SER C 499 -53.21 -14.07 63.02
CA SER C 499 -53.30 -13.44 61.70
C SER C 499 -54.76 -13.25 61.26
N GLY C 500 -55.63 -14.16 61.67
CA GLY C 500 -57.05 -14.09 61.35
C GLY C 500 -57.38 -14.28 59.88
N SER C 501 -56.76 -15.30 59.26
CA SER C 501 -57.04 -15.61 57.86
C SER C 501 -58.41 -16.30 57.78
N PRO C 502 -59.21 -16.11 56.70
CA PRO C 502 -60.53 -16.77 56.66
C PRO C 502 -60.53 -18.27 56.36
N GLU C 503 -59.35 -18.93 56.23
CA GLU C 503 -59.25 -20.37 55.92
C GLU C 503 -59.83 -21.23 57.05
N ASP C 504 -60.78 -22.14 56.70
CA ASP C 504 -61.47 -23.01 57.65
C ASP C 504 -60.80 -24.39 57.78
N GLU C 505 -60.19 -24.92 56.69
CA GLU C 505 -59.47 -26.19 56.75
C GLU C 505 -58.03 -25.90 56.49
N THR C 506 -57.19 -26.09 57.52
CA THR C 506 -55.77 -25.81 57.42
C THR C 506 -54.95 -26.93 58.02
N ALA C 507 -53.65 -26.87 57.75
CA ALA C 507 -52.70 -27.87 58.22
C ALA C 507 -51.31 -27.26 58.42
N TRP C 508 -50.41 -27.99 59.09
CA TRP C 508 -49.03 -27.57 59.32
C TRP C 508 -48.10 -28.78 59.21
N ARG C 509 -47.22 -28.77 58.20
CA ARG C 509 -46.22 -29.82 57.97
C ARG C 509 -44.86 -29.15 57.92
N ASP C 510 -44.07 -29.32 59.01
CA ASP C 510 -42.77 -28.67 59.22
C ASP C 510 -43.06 -27.15 59.38
N GLY C 511 -42.25 -26.27 58.80
CA GLY C 511 -42.48 -24.84 58.90
C GLY C 511 -43.41 -24.25 57.87
N GLN C 512 -44.04 -25.05 56.97
CA GLN C 512 -44.92 -24.46 55.96
C GLN C 512 -46.37 -24.68 56.31
N TRP C 513 -47.25 -23.81 55.77
CA TRP C 513 -48.69 -23.93 55.95
C TRP C 513 -49.32 -24.42 54.63
N TYR C 514 -50.04 -25.56 54.73
CA TYR C 514 -50.83 -26.19 53.68
C TYR C 514 -52.31 -25.98 53.99
N ALA C 515 -53.07 -25.36 53.05
CA ALA C 515 -54.52 -25.12 53.19
C ALA C 515 -55.30 -25.97 52.18
N ALA C 516 -56.54 -26.36 52.54
CA ALA C 516 -57.34 -27.23 51.67
C ALA C 516 -58.16 -26.44 50.66
N ARG C 517 -58.57 -27.11 49.57
CA ARG C 517 -59.42 -26.54 48.52
C ARG C 517 -60.14 -27.66 47.74
N LEU C 518 -61.47 -27.51 47.56
CA LEU C 518 -62.29 -28.51 46.84
C LEU C 518 -62.13 -28.32 45.34
N CYS C 519 -62.12 -29.45 44.56
CA CYS C 519 -61.97 -29.38 43.10
C CYS C 519 -62.29 -30.73 42.41
N PRO C 520 -62.79 -30.67 41.16
CA PRO C 520 -63.04 -31.91 40.40
C PRO C 520 -61.81 -32.38 39.62
N SER C 521 -61.52 -33.69 39.59
CA SER C 521 -60.32 -34.16 38.88
C SER C 521 -60.34 -35.69 38.55
N PRO C 522 -60.77 -36.09 37.35
CA PRO C 522 -60.79 -37.53 36.99
C PRO C 522 -59.62 -37.99 36.09
N LEU C 523 -58.36 -37.58 36.44
CA LEU C 523 -57.14 -37.84 35.63
C LEU C 523 -56.88 -39.33 35.40
N ARG C 524 -56.09 -39.63 34.36
CA ARG C 524 -55.73 -41.00 33.97
C ARG C 524 -54.21 -41.17 33.81
N ALA C 525 -53.41 -40.20 34.24
CA ALA C 525 -51.97 -40.35 34.10
C ALA C 525 -51.49 -41.11 35.31
N ALA C 526 -51.23 -40.41 36.41
CA ALA C 526 -50.81 -41.06 37.64
C ALA C 526 -52.02 -41.65 38.36
N GLU C 527 -53.23 -41.05 38.16
CA GLU C 527 -54.44 -41.50 38.85
C GLU C 527 -54.98 -42.85 38.31
N ARG C 528 -54.36 -43.40 37.25
CA ARG C 528 -54.68 -44.71 36.68
C ARG C 528 -53.88 -45.81 37.39
N ARG C 529 -54.36 -47.06 37.34
CA ARG C 529 -53.66 -48.19 37.97
C ARG C 529 -52.29 -48.46 37.38
N THR C 530 -51.41 -49.04 38.22
CA THR C 530 -50.03 -49.39 37.89
C THR C 530 -49.74 -50.77 38.45
N ALA C 531 -48.73 -51.44 37.88
CA ALA C 531 -48.31 -52.77 38.32
C ALA C 531 -46.91 -53.07 37.83
N VAL C 532 -46.36 -54.19 38.27
CA VAL C 532 -45.05 -54.69 37.85
C VAL C 532 -45.27 -56.10 37.34
N ALA C 533 -44.71 -56.45 36.18
CA ALA C 533 -44.93 -57.76 35.55
C ALA C 533 -43.71 -58.31 34.89
N ASP C 534 -43.78 -59.61 34.51
CA ASP C 534 -42.69 -60.31 33.82
C ASP C 534 -42.52 -59.79 32.39
N ASN C 535 -41.28 -59.79 31.91
CA ASN C 535 -40.89 -59.36 30.55
C ASN C 535 -40.87 -60.58 29.57
N ALA C 536 -40.91 -61.81 30.13
CA ALA C 536 -40.93 -63.09 29.40
C ALA C 536 -42.32 -63.71 29.38
N SER C 537 -42.99 -63.65 30.52
CA SER C 537 -44.34 -64.16 30.74
C SER C 537 -45.28 -62.98 30.84
N GLU C 538 -46.58 -63.24 30.97
CA GLU C 538 -47.61 -62.21 31.11
C GLU C 538 -47.66 -61.39 29.78
N GLY C 539 -48.17 -60.16 29.79
CA GLY C 539 -48.29 -59.37 28.58
C GLY C 539 -48.16 -57.87 28.75
N MET C 540 -47.35 -57.25 27.88
CA MET C 540 -47.09 -55.81 27.88
C MET C 540 -46.84 -55.30 26.45
N ARG C 541 -47.29 -54.07 26.14
CA ARG C 541 -47.20 -53.49 24.79
C ARG C 541 -46.91 -52.00 24.88
N LEU C 542 -46.20 -51.45 23.91
CA LEU C 542 -45.85 -50.04 23.93
C LEU C 542 -46.93 -49.21 23.15
N VAL C 543 -47.38 -48.08 23.75
CA VAL C 543 -48.41 -47.23 23.14
C VAL C 543 -48.39 -45.78 23.66
N VAL C 544 -48.95 -44.82 22.88
CA VAL C 544 -49.03 -43.41 23.28
C VAL C 544 -50.46 -43.06 23.75
N ARG C 545 -50.58 -42.52 24.99
CA ARG C 545 -51.86 -42.13 25.58
C ARG C 545 -52.50 -41.01 24.80
N ASN C 546 -51.77 -39.89 24.71
CA ASN C 546 -52.22 -38.68 24.04
C ASN C 546 -51.15 -38.28 23.00
N PRO C 547 -51.33 -38.72 21.72
CA PRO C 547 -50.32 -38.44 20.70
C PRO C 547 -50.03 -36.96 20.49
N GLY C 548 -48.82 -36.70 19.99
CA GLY C 548 -48.28 -35.37 19.79
C GLY C 548 -47.12 -35.15 20.73
N ASP C 549 -47.31 -35.59 21.99
CA ASP C 549 -46.32 -35.52 23.06
C ASP C 549 -45.69 -36.92 23.17
N LEU C 550 -44.34 -37.05 23.00
CA LEU C 550 -43.63 -38.34 23.13
C LEU C 550 -43.41 -38.72 24.59
N GLU C 551 -43.65 -37.78 25.53
CA GLU C 551 -43.65 -38.09 26.95
C GLU C 551 -44.93 -38.92 27.29
N SER C 552 -45.99 -38.86 26.43
CA SER C 552 -47.22 -39.65 26.60
C SER C 552 -47.02 -41.11 26.14
N MET C 553 -45.82 -41.49 25.68
CA MET C 553 -45.47 -42.86 25.33
C MET C 553 -45.45 -43.63 26.61
N GLU C 554 -45.92 -44.88 26.59
CA GLU C 554 -45.96 -45.70 27.81
C GLU C 554 -46.09 -47.18 27.49
N LEU C 555 -45.80 -47.99 28.47
CA LEU C 555 -45.87 -49.44 28.37
C LEU C 555 -47.12 -49.89 29.10
N VAL C 556 -48.12 -50.43 28.37
CA VAL C 556 -49.42 -50.80 28.90
C VAL C 556 -49.53 -52.31 29.11
N THR C 557 -50.44 -52.72 30.04
CA THR C 557 -50.70 -54.13 30.36
C THR C 557 -51.89 -54.63 29.53
N PHE C 558 -51.75 -55.83 28.97
CA PHE C 558 -52.81 -56.45 28.19
C PHE C 558 -52.86 -57.94 28.53
N GLU C 559 -54.07 -58.50 28.65
CA GLU C 559 -54.24 -59.92 28.98
C GLU C 559 -54.08 -60.73 27.69
N ARG C 560 -52.91 -61.41 27.52
CA ARG C 560 -52.67 -62.23 26.30
C ARG C 560 -53.61 -63.44 26.35
N GLY C 561 -54.39 -63.65 25.30
CA GLY C 561 -55.38 -64.73 25.25
C GLY C 561 -55.05 -65.83 24.29
N THR C 562 -55.73 -66.99 24.43
CA THR C 562 -55.52 -68.12 23.52
C THR C 562 -55.85 -67.65 22.12
N PRO C 563 -55.00 -67.92 21.12
CA PRO C 563 -55.33 -67.48 19.76
C PRO C 563 -56.33 -68.43 19.13
N GLY C 564 -56.87 -68.00 18.00
CA GLY C 564 -57.81 -68.77 17.21
C GLY C 564 -59.14 -68.07 17.04
N PRO C 565 -59.90 -68.44 16.00
CA PRO C 565 -59.61 -69.45 14.98
C PRO C 565 -58.81 -68.87 13.83
N GLY C 566 -57.81 -69.62 13.37
CA GLY C 566 -56.95 -69.19 12.27
C GLY C 566 -56.00 -68.07 12.63
N GLN C 567 -55.51 -68.05 13.88
CA GLN C 567 -54.58 -67.05 14.38
C GLN C 567 -53.47 -67.74 15.15
N ILE C 568 -52.36 -67.00 15.37
CA ILE C 568 -51.17 -67.50 16.04
C ILE C 568 -50.64 -66.49 17.01
N GLU C 569 -50.22 -66.93 18.21
CA GLU C 569 -49.56 -66.07 19.18
C GLU C 569 -48.06 -66.23 18.96
N VAL C 570 -47.31 -65.12 18.84
CA VAL C 570 -45.87 -65.14 18.58
C VAL C 570 -45.14 -64.44 19.70
N ALA C 571 -44.02 -65.02 20.12
CA ALA C 571 -43.14 -64.43 21.13
C ALA C 571 -42.14 -63.57 20.39
N VAL C 572 -42.39 -62.24 20.36
CA VAL C 572 -41.58 -61.32 19.58
C VAL C 572 -40.22 -61.15 20.24
N LYS C 573 -39.17 -61.37 19.42
CA LYS C 573 -37.77 -61.20 19.78
C LYS C 573 -37.31 -59.78 19.36
N ALA C 574 -37.85 -59.24 18.24
CA ALA C 574 -37.54 -57.89 17.76
C ALA C 574 -38.53 -57.41 16.68
N SER C 575 -38.94 -56.15 16.77
CA SER C 575 -39.82 -55.49 15.81
C SER C 575 -39.08 -54.31 15.20
N SER C 576 -39.71 -53.58 14.30
CA SER C 576 -39.09 -52.44 13.63
C SER C 576 -39.90 -51.19 13.78
N ILE C 577 -39.20 -50.06 13.62
CA ILE C 577 -39.76 -48.71 13.62
C ILE C 577 -39.79 -48.24 12.19
N ASN C 578 -41.01 -48.14 11.63
CA ASN C 578 -41.26 -47.59 10.29
C ASN C 578 -41.62 -46.15 10.48
N PHE C 579 -41.61 -45.38 9.41
CA PHE C 579 -41.94 -43.98 9.55
C PHE C 579 -43.40 -43.81 9.92
N ALA C 580 -44.25 -44.73 9.46
CA ALA C 580 -45.66 -44.74 9.80
C ALA C 580 -45.88 -44.69 11.33
N ASP C 581 -45.03 -45.40 12.11
CA ASP C 581 -45.06 -45.47 13.58
C ASP C 581 -44.72 -44.11 14.21
N VAL C 582 -43.90 -43.29 13.56
CA VAL C 582 -43.62 -41.93 14.03
C VAL C 582 -44.89 -41.12 13.97
N LEU C 583 -45.59 -41.18 12.81
CA LEU C 583 -46.82 -40.40 12.56
C LEU C 583 -47.92 -40.76 13.52
N VAL C 584 -47.99 -42.05 13.88
CA VAL C 584 -48.93 -42.53 14.87
C VAL C 584 -48.62 -41.79 16.19
N ALA C 585 -47.33 -41.67 16.59
CA ALA C 585 -46.92 -40.96 17.81
C ALA C 585 -47.31 -39.49 17.83
N PHE C 586 -47.26 -38.82 16.66
CA PHE C 586 -47.61 -37.40 16.54
C PHE C 586 -49.08 -37.16 16.12
N GLY C 587 -49.86 -38.24 16.00
CA GLY C 587 -51.26 -38.18 15.59
C GLY C 587 -51.46 -37.80 14.15
N ARG C 588 -50.37 -37.68 13.37
CA ARG C 588 -50.41 -37.24 11.99
C ARG C 588 -50.62 -38.41 11.02
N CYS C 589 -50.93 -39.63 11.49
CA CYS C 589 -51.06 -40.77 10.60
C CYS C 589 -52.45 -40.86 9.96
N PRO C 590 -52.57 -40.89 8.60
CA PRO C 590 -53.89 -41.06 7.99
C PRO C 590 -54.20 -42.54 7.78
N SER C 591 -55.48 -42.92 7.92
CA SER C 591 -55.91 -44.30 7.77
C SER C 591 -57.30 -44.38 7.10
N PHE C 592 -57.47 -45.41 6.24
CA PHE C 592 -58.73 -45.68 5.52
C PHE C 592 -59.80 -46.09 6.48
N ASP C 593 -59.40 -46.87 7.50
CA ASP C 593 -60.28 -47.33 8.58
C ASP C 593 -60.86 -46.14 9.35
N GLY C 594 -60.02 -45.13 9.57
CA GLY C 594 -60.34 -43.94 10.34
C GLY C 594 -59.70 -44.00 11.71
N ARG C 595 -59.60 -45.23 12.27
CA ARG C 595 -59.00 -45.47 13.57
C ARG C 595 -57.49 -45.32 13.45
N LEU C 596 -56.85 -44.66 14.44
CA LEU C 596 -55.40 -44.48 14.42
C LEU C 596 -54.74 -45.82 14.77
N PRO C 597 -53.85 -46.31 13.90
CA PRO C 597 -53.26 -47.63 14.15
C PRO C 597 -52.41 -47.70 15.39
N GLU C 598 -52.04 -48.92 15.75
CA GLU C 598 -51.24 -49.20 16.92
C GLU C 598 -49.75 -49.26 16.48
N LEU C 599 -48.83 -48.84 17.39
CA LEU C 599 -47.39 -48.77 17.12
C LEU C 599 -46.77 -50.14 16.91
N GLY C 600 -46.05 -50.29 15.79
CA GLY C 600 -45.36 -51.52 15.40
C GLY C 600 -46.21 -52.29 14.40
N SER C 601 -45.77 -52.33 13.12
CA SER C 601 -46.51 -53.02 12.05
C SER C 601 -45.99 -54.43 11.83
N GLU C 602 -44.66 -54.54 11.66
CA GLU C 602 -43.98 -55.81 11.41
C GLU C 602 -43.27 -56.32 12.66
N PHE C 603 -42.92 -57.61 12.66
CA PHE C 603 -42.26 -58.28 13.78
C PHE C 603 -41.38 -59.45 13.33
N GLY C 604 -40.67 -60.02 14.28
CA GLY C 604 -39.84 -61.19 14.09
C GLY C 604 -39.73 -61.93 15.41
N GLY C 605 -40.35 -63.11 15.50
CA GLY C 605 -40.36 -63.87 16.74
C GLY C 605 -40.39 -65.36 16.52
N VAL C 606 -40.96 -66.08 17.50
CA VAL C 606 -41.13 -67.54 17.50
C VAL C 606 -42.55 -67.86 17.91
N VAL C 607 -43.18 -68.86 17.26
CA VAL C 607 -44.56 -69.19 17.57
C VAL C 607 -44.70 -69.75 18.98
N THR C 608 -45.63 -69.19 19.76
CA THR C 608 -45.95 -69.60 21.13
C THR C 608 -47.06 -70.61 21.09
N ALA C 609 -48.18 -70.24 20.46
CA ALA C 609 -49.36 -71.07 20.36
C ALA C 609 -50.04 -70.87 19.03
N VAL C 610 -50.63 -71.95 18.51
CA VAL C 610 -51.35 -71.92 17.25
C VAL C 610 -52.84 -72.12 17.56
N GLY C 611 -53.66 -71.21 17.03
CA GLY C 611 -55.09 -71.23 17.24
C GLY C 611 -55.80 -72.28 16.41
N PRO C 612 -56.90 -72.88 16.94
CA PRO C 612 -57.61 -73.92 16.17
C PRO C 612 -58.29 -73.35 14.93
N GLY C 613 -57.94 -73.78 13.72
CA GLY C 613 -56.92 -74.79 13.42
C GLY C 613 -56.23 -74.46 12.13
N VAL C 614 -54.89 -74.46 12.15
CA VAL C 614 -54.09 -74.15 10.96
C VAL C 614 -52.95 -75.15 10.82
N THR C 615 -52.89 -75.77 9.64
CA THR C 615 -51.90 -76.76 9.26
C THR C 615 -50.57 -76.11 8.88
N THR C 616 -50.63 -74.86 8.40
CA THR C 616 -49.49 -74.09 7.92
C THR C 616 -48.40 -73.88 8.98
N HIS C 617 -48.74 -73.24 10.11
CA HIS C 617 -47.77 -72.96 11.16
C HIS C 617 -47.74 -74.03 12.23
N ARG C 618 -46.58 -74.11 12.89
CA ARG C 618 -46.31 -75.04 13.98
C ARG C 618 -45.69 -74.25 15.14
N VAL C 619 -45.88 -74.74 16.38
CA VAL C 619 -45.34 -74.06 17.56
C VAL C 619 -43.82 -74.24 17.58
N GLY C 620 -43.11 -73.18 17.93
CA GLY C 620 -41.66 -73.17 17.94
C GLY C 620 -41.05 -72.74 16.62
N ASP C 621 -41.87 -72.49 15.59
CA ASP C 621 -41.37 -72.02 14.30
C ASP C 621 -40.84 -70.62 14.41
N ARG C 622 -39.64 -70.35 13.87
CA ARG C 622 -39.06 -69.01 13.79
C ARG C 622 -39.79 -68.27 12.66
N VAL C 623 -40.66 -67.27 13.01
CA VAL C 623 -41.47 -66.58 12.01
C VAL C 623 -41.28 -65.08 12.02
N GLY C 624 -41.76 -64.48 10.94
CA GLY C 624 -41.77 -63.04 10.73
C GLY C 624 -43.06 -62.71 10.04
N GLY C 625 -43.62 -61.56 10.39
CA GLY C 625 -44.91 -61.19 9.84
C GLY C 625 -45.36 -59.77 10.13
N VAL C 626 -46.65 -59.52 9.85
CA VAL C 626 -47.30 -58.24 10.07
C VAL C 626 -48.52 -58.50 10.92
N SER C 627 -49.03 -57.49 11.65
CA SER C 627 -50.22 -57.73 12.47
C SER C 627 -51.07 -56.53 12.84
N ALA C 628 -50.46 -55.36 13.14
CA ALA C 628 -51.13 -54.21 13.76
C ALA C 628 -51.29 -54.66 15.20
N ASN C 629 -52.36 -54.26 15.94
CA ASN C 629 -52.55 -54.73 17.32
C ASN C 629 -51.30 -54.55 18.24
N GLY C 630 -50.39 -53.68 17.80
CA GLY C 630 -49.13 -53.37 18.47
C GLY C 630 -48.12 -54.50 18.42
N CYS C 631 -47.09 -54.32 17.59
CA CYS C 631 -45.99 -55.28 17.49
C CYS C 631 -44.82 -54.92 18.41
N TRP C 632 -44.90 -53.78 19.16
CA TRP C 632 -43.89 -53.41 20.16
C TRP C 632 -44.34 -54.00 21.47
N SER C 633 -44.19 -55.32 21.58
CA SER C 633 -44.64 -56.11 22.73
C SER C 633 -43.87 -57.43 22.83
N ASN C 634 -44.06 -58.11 23.97
CA ASN C 634 -43.46 -59.42 24.21
C ASN C 634 -44.22 -60.52 23.45
N PHE C 635 -45.56 -60.38 23.33
CA PHE C 635 -46.43 -61.34 22.63
C PHE C 635 -47.38 -60.64 21.67
N VAL C 636 -47.57 -61.22 20.47
CA VAL C 636 -48.45 -60.66 19.45
C VAL C 636 -49.30 -61.74 18.86
N THR C 637 -50.61 -61.52 18.78
CA THR C 637 -51.51 -62.47 18.14
C THR C 637 -51.78 -61.91 16.76
N CYS C 638 -51.47 -62.70 15.71
CA CYS C 638 -51.68 -62.32 14.32
C CYS C 638 -52.28 -63.48 13.53
N GLU C 639 -52.88 -63.19 12.37
CA GLU C 639 -53.47 -64.22 11.54
C GLU C 639 -52.41 -65.11 10.91
N ALA C 640 -52.79 -66.34 10.53
CA ALA C 640 -51.90 -67.28 9.86
C ALA C 640 -51.49 -66.79 8.48
N ASP C 641 -52.35 -65.97 7.85
CA ASP C 641 -52.05 -65.35 6.56
C ASP C 641 -50.94 -64.33 6.68
N LEU C 642 -50.76 -63.71 7.84
CA LEU C 642 -49.75 -62.66 8.01
C LEU C 642 -48.40 -63.12 8.56
N ALA C 643 -48.13 -64.43 8.69
CA ALA C 643 -46.83 -64.87 9.18
C ALA C 643 -46.27 -65.94 8.26
N THR C 644 -44.95 -65.94 8.11
CA THR C 644 -44.24 -66.89 7.27
C THR C 644 -42.97 -67.31 7.99
N LYS C 645 -42.61 -68.61 7.88
CA LYS C 645 -41.42 -69.13 8.54
C LYS C 645 -40.21 -68.52 7.88
N LEU C 646 -39.23 -68.18 8.71
CA LEU C 646 -38.04 -67.50 8.24
C LEU C 646 -37.03 -68.50 7.70
N PRO C 647 -36.41 -68.27 6.51
CA PRO C 647 -35.36 -69.20 6.06
C PRO C 647 -34.14 -69.16 6.98
N GLU C 648 -33.27 -70.15 6.83
CA GLU C 648 -32.10 -70.32 7.70
C GLU C 648 -31.14 -69.11 7.67
N GLY C 649 -31.03 -68.44 6.52
CA GLY C 649 -30.11 -67.31 6.31
C GLY C 649 -30.32 -66.03 7.12
N ILE C 650 -31.58 -65.78 7.63
CA ILE C 650 -31.90 -64.58 8.41
C ILE C 650 -32.47 -64.84 9.77
N SER C 651 -32.11 -63.96 10.71
CA SER C 651 -32.55 -63.97 12.09
C SER C 651 -33.86 -63.27 12.25
N GLU C 652 -34.38 -63.34 13.48
CA GLU C 652 -35.60 -62.68 13.90
C GLU C 652 -35.40 -61.17 13.80
N HIS C 653 -34.20 -60.68 14.15
CA HIS C 653 -33.90 -59.25 14.06
C HIS C 653 -33.72 -58.78 12.62
N GLU C 654 -33.06 -59.59 11.76
CA GLU C 654 -32.83 -59.24 10.35
C GLU C 654 -34.16 -59.12 9.62
N ALA C 655 -34.99 -60.14 9.72
CA ALA C 655 -36.33 -60.14 9.11
C ALA C 655 -37.22 -59.00 9.60
N ALA C 656 -37.12 -58.58 10.88
CA ALA C 656 -37.95 -57.49 11.42
C ALA C 656 -37.60 -56.14 10.73
N ALA C 657 -36.33 -55.89 10.43
CA ALA C 657 -35.93 -54.67 9.73
C ALA C 657 -36.37 -54.67 8.27
N VAL C 658 -36.09 -55.77 7.56
CA VAL C 658 -36.33 -55.94 6.12
C VAL C 658 -37.82 -55.82 5.72
N GLY C 659 -38.61 -56.75 6.20
CA GLY C 659 -40.02 -56.92 5.89
C GLY C 659 -40.75 -55.89 5.02
N LEU C 660 -41.15 -54.78 5.63
CA LEU C 660 -41.97 -53.75 4.98
C LEU C 660 -41.17 -52.88 4.05
N ALA C 661 -39.99 -52.42 4.49
CA ALA C 661 -39.14 -51.58 3.64
C ALA C 661 -38.91 -52.24 2.29
N TYR C 662 -38.38 -53.48 2.32
CA TYR C 662 -38.09 -54.24 1.11
C TYR C 662 -39.37 -54.72 0.44
N GLY C 663 -40.39 -55.05 1.22
CA GLY C 663 -41.67 -55.47 0.67
C GLY C 663 -42.28 -54.39 -0.20
N THR C 664 -42.44 -53.18 0.36
CA THR C 664 -43.00 -52.03 -0.32
C THR C 664 -42.24 -51.77 -1.60
N VAL C 665 -40.91 -51.78 -1.53
CA VAL C 665 -40.02 -51.57 -2.67
C VAL C 665 -40.20 -52.68 -3.71
N TRP C 666 -40.23 -53.93 -3.26
CA TRP C 666 -40.37 -55.07 -4.16
C TRP C 666 -41.66 -54.95 -4.94
N LEU C 667 -42.76 -54.74 -4.21
CA LEU C 667 -44.06 -54.55 -4.82
C LEU C 667 -44.01 -53.39 -5.80
N GLY C 668 -43.59 -52.23 -5.33
CA GLY C 668 -43.54 -51.00 -6.12
C GLY C 668 -42.66 -51.01 -7.35
N LEU C 669 -41.41 -51.46 -7.22
CA LEU C 669 -40.47 -51.40 -8.33
C LEU C 669 -40.50 -52.65 -9.20
N THR C 670 -40.16 -53.82 -8.66
CA THR C 670 -40.07 -55.02 -9.48
C THR C 670 -41.44 -55.59 -9.89
N GLU C 671 -42.50 -55.33 -9.13
CA GLU C 671 -43.82 -55.92 -9.40
C GLU C 671 -44.76 -55.00 -10.17
N LEU C 672 -44.97 -53.76 -9.67
CA LEU C 672 -45.90 -52.81 -10.29
C LEU C 672 -45.27 -52.05 -11.42
N ALA C 673 -44.14 -51.38 -11.14
CA ALA C 673 -43.44 -50.59 -12.13
C ALA C 673 -42.59 -51.45 -13.05
N ARG C 674 -42.42 -52.76 -12.74
CA ARG C 674 -41.60 -53.68 -13.54
C ARG C 674 -40.30 -52.98 -13.93
N MET C 675 -39.47 -52.74 -12.90
CA MET C 675 -38.22 -52.06 -13.08
C MET C 675 -37.30 -52.90 -13.92
N SER C 676 -37.08 -52.43 -15.14
CA SER C 676 -36.19 -53.08 -16.08
C SER C 676 -34.77 -52.62 -15.82
N ALA C 677 -33.82 -53.20 -16.53
CA ALA C 677 -32.44 -52.77 -16.40
C ALA C 677 -32.21 -51.56 -17.28
N GLY C 678 -31.35 -50.68 -16.83
CA GLY C 678 -30.98 -49.48 -17.55
C GLY C 678 -31.86 -48.27 -17.32
N ASP C 679 -33.18 -48.47 -17.12
CA ASP C 679 -34.09 -47.34 -16.93
C ASP C 679 -33.73 -46.53 -15.64
N LYS C 680 -33.97 -45.23 -15.70
CA LYS C 680 -33.61 -44.30 -14.65
C LYS C 680 -34.66 -44.25 -13.57
N ILE C 681 -34.24 -44.28 -12.30
CA ILE C 681 -35.17 -44.27 -11.17
C ILE C 681 -34.84 -43.12 -10.20
N LEU C 682 -35.87 -42.43 -9.71
CA LEU C 682 -35.74 -41.36 -8.73
C LEU C 682 -36.17 -41.86 -7.36
N ILE C 683 -35.24 -41.99 -6.42
CA ILE C 683 -35.51 -42.49 -5.08
C ILE C 683 -35.51 -41.32 -4.08
N HIS C 684 -36.69 -40.89 -3.64
CA HIS C 684 -36.74 -39.78 -2.67
C HIS C 684 -36.37 -40.26 -1.26
N SER C 685 -35.59 -39.44 -0.51
CA SER C 685 -35.16 -39.72 0.88
C SER C 685 -34.52 -41.11 0.96
N ALA C 686 -33.49 -41.30 0.13
CA ALA C 686 -32.80 -42.56 -0.08
C ALA C 686 -31.94 -43.05 1.12
N THR C 687 -31.73 -42.22 2.16
CA THR C 687 -30.97 -42.62 3.35
C THR C 687 -31.80 -43.43 4.34
N GLY C 688 -33.13 -43.37 4.21
CA GLY C 688 -34.06 -44.12 5.06
C GLY C 688 -34.17 -45.61 4.77
N GLY C 689 -35.07 -46.28 5.48
CA GLY C 689 -35.28 -47.71 5.34
C GLY C 689 -35.72 -48.17 3.96
N VAL C 690 -36.79 -47.56 3.46
CA VAL C 690 -37.36 -47.86 2.14
C VAL C 690 -36.38 -47.34 1.05
N GLY C 691 -35.69 -46.25 1.34
CA GLY C 691 -34.71 -45.68 0.45
C GLY C 691 -33.53 -46.59 0.21
N GLN C 692 -32.97 -47.14 1.30
CA GLN C 692 -31.84 -48.07 1.22
C GLN C 692 -32.29 -49.36 0.53
N ALA C 693 -33.52 -49.81 0.80
CA ALA C 693 -34.07 -50.99 0.14
C ALA C 693 -34.24 -50.74 -1.37
N ALA C 694 -34.71 -49.52 -1.75
CA ALA C 694 -34.91 -49.13 -3.16
C ALA C 694 -33.60 -49.15 -3.90
N ILE C 695 -32.53 -48.60 -3.29
CA ILE C 695 -31.19 -48.60 -3.88
C ILE C 695 -30.77 -50.03 -4.15
N ALA C 696 -30.92 -50.90 -3.16
CA ALA C 696 -30.53 -52.31 -3.25
C ALA C 696 -31.11 -53.00 -4.49
N VAL C 697 -32.44 -52.90 -4.69
CA VAL C 697 -33.10 -53.59 -5.81
C VAL C 697 -32.85 -52.80 -7.11
N ALA C 698 -32.65 -51.46 -7.05
CA ALA C 698 -32.34 -50.68 -8.24
C ALA C 698 -30.96 -51.03 -8.73
N ARG C 699 -30.01 -51.22 -7.80
CA ARG C 699 -28.64 -51.66 -8.11
C ARG C 699 -28.68 -53.06 -8.67
N ALA C 700 -29.50 -53.93 -8.06
CA ALA C 700 -29.67 -55.31 -8.49
C ALA C 700 -30.26 -55.38 -9.90
N ALA C 701 -31.30 -54.58 -10.16
CA ALA C 701 -31.97 -54.52 -11.46
C ALA C 701 -31.09 -53.88 -12.54
N GLY C 702 -30.11 -53.07 -12.13
CA GLY C 702 -29.20 -52.39 -13.02
C GLY C 702 -29.76 -51.06 -13.50
N ALA C 703 -30.53 -50.39 -12.62
CA ALA C 703 -31.15 -49.12 -12.93
C ALA C 703 -30.24 -47.96 -12.53
N GLU C 704 -30.33 -46.84 -13.27
CA GLU C 704 -29.52 -45.64 -12.99
C GLU C 704 -30.21 -44.87 -11.88
N ILE C 705 -29.58 -44.76 -10.68
CA ILE C 705 -30.19 -44.11 -9.53
C ILE C 705 -29.95 -42.59 -9.51
N TYR C 706 -31.02 -41.88 -9.17
CA TYR C 706 -31.11 -40.43 -8.96
C TYR C 706 -31.76 -40.32 -7.58
N ALA C 707 -31.05 -39.83 -6.56
CA ALA C 707 -31.60 -39.83 -5.21
C ALA C 707 -31.73 -38.44 -4.63
N THR C 708 -32.52 -38.32 -3.55
CA THR C 708 -32.71 -37.04 -2.85
C THR C 708 -32.63 -37.28 -1.36
N ALA C 709 -32.31 -36.21 -0.60
CA ALA C 709 -32.22 -36.25 0.85
C ALA C 709 -32.27 -34.84 1.42
N GLY C 710 -32.73 -34.71 2.65
CA GLY C 710 -32.94 -33.43 3.30
C GLY C 710 -31.69 -32.71 3.72
N SER C 711 -30.92 -33.36 4.60
CA SER C 711 -29.68 -32.78 5.13
C SER C 711 -28.53 -32.83 4.15
N GLU C 712 -27.52 -31.98 4.35
CA GLU C 712 -26.34 -32.00 3.50
C GLU C 712 -25.53 -33.23 3.87
N LYS C 713 -25.42 -33.52 5.17
CA LYS C 713 -24.73 -34.71 5.68
C LYS C 713 -25.34 -35.98 5.07
N ARG C 714 -26.66 -35.99 4.98
CA ARG C 714 -27.41 -37.12 4.42
C ARG C 714 -27.21 -37.21 2.93
N ARG C 715 -27.15 -36.07 2.22
CA ARG C 715 -26.88 -36.06 0.78
C ARG C 715 -25.47 -36.54 0.53
N GLN C 716 -24.49 -36.05 1.32
CA GLN C 716 -23.09 -36.43 1.17
C GLN C 716 -22.90 -37.93 1.40
N LEU C 717 -23.72 -38.56 2.26
CA LEU C 717 -23.63 -40.00 2.45
C LEU C 717 -23.95 -40.73 1.16
N LEU C 718 -25.00 -40.29 0.44
CA LEU C 718 -25.39 -40.91 -0.83
C LEU C 718 -24.27 -40.75 -1.85
N ARG C 719 -23.66 -39.57 -1.90
CA ARG C 719 -22.55 -39.33 -2.81
C ARG C 719 -21.39 -40.29 -2.48
N ASP C 720 -21.16 -40.56 -1.17
CA ASP C 720 -20.10 -41.47 -0.70
C ASP C 720 -20.47 -42.94 -0.96
N TRP C 721 -21.78 -43.30 -0.87
CA TRP C 721 -22.26 -44.64 -1.18
C TRP C 721 -22.02 -45.00 -2.66
N GLY C 722 -21.62 -44.03 -3.48
CA GLY C 722 -21.31 -44.22 -4.87
C GLY C 722 -22.45 -43.89 -5.80
N ILE C 723 -23.35 -42.97 -5.38
CA ILE C 723 -24.48 -42.60 -6.20
C ILE C 723 -24.23 -41.16 -6.64
N GLU C 724 -23.95 -40.99 -7.93
CA GLU C 724 -23.82 -39.68 -8.58
C GLU C 724 -25.24 -39.28 -8.87
N HIS C 725 -25.56 -37.97 -8.83
CA HIS C 725 -26.92 -37.44 -9.06
C HIS C 725 -27.75 -37.46 -7.75
N VAL C 726 -27.31 -36.63 -6.78
CA VAL C 726 -27.97 -36.45 -5.48
C VAL C 726 -28.52 -35.03 -5.42
N TYR C 727 -29.77 -34.85 -4.96
CA TYR C 727 -30.43 -33.55 -4.90
C TYR C 727 -31.15 -33.33 -3.56
N ASP C 728 -31.79 -32.16 -3.35
CA ASP C 728 -32.50 -31.88 -2.10
C ASP C 728 -33.94 -32.35 -2.26
N SER C 729 -34.43 -33.12 -1.26
CA SER C 729 -35.78 -33.66 -1.20
C SER C 729 -36.81 -32.62 -0.73
N ARG C 730 -36.35 -31.59 -0.01
CA ARG C 730 -37.21 -30.55 0.55
C ARG C 730 -37.61 -29.46 -0.47
N THR C 731 -37.05 -29.46 -1.69
CA THR C 731 -37.37 -28.47 -2.72
C THR C 731 -37.84 -29.14 -3.99
N THR C 732 -38.27 -28.34 -4.98
CA THR C 732 -38.66 -28.80 -6.32
C THR C 732 -37.50 -28.57 -7.31
N ALA C 733 -36.26 -28.51 -6.78
CA ALA C 733 -35.07 -28.29 -7.58
C ALA C 733 -34.77 -29.50 -8.39
N PHE C 734 -34.69 -30.65 -7.69
CA PHE C 734 -34.39 -31.96 -8.27
C PHE C 734 -34.99 -32.12 -9.68
N ALA C 735 -36.25 -31.67 -9.90
CA ALA C 735 -36.93 -31.80 -11.19
C ALA C 735 -36.12 -31.19 -12.33
N ASP C 736 -35.89 -29.88 -12.30
CA ASP C 736 -35.15 -29.22 -13.38
C ASP C 736 -33.68 -29.65 -13.38
N GLN C 737 -33.10 -29.96 -12.20
CA GLN C 737 -31.71 -30.41 -12.09
C GLN C 737 -31.53 -31.79 -12.76
N ILE C 738 -32.50 -32.70 -12.57
CA ILE C 738 -32.46 -34.02 -13.18
C ILE C 738 -32.72 -33.88 -14.67
N ARG C 739 -33.64 -32.98 -15.05
CA ARG C 739 -33.90 -32.74 -16.48
C ARG C 739 -32.58 -32.31 -17.15
N THR C 740 -31.79 -31.48 -16.48
CA THR C 740 -30.49 -31.02 -16.99
C THR C 740 -29.46 -32.15 -16.98
N ASP C 741 -29.40 -32.93 -15.89
CA ASP C 741 -28.46 -34.04 -15.74
C ASP C 741 -28.84 -35.30 -16.61
N THR C 742 -30.00 -35.28 -17.32
CA THR C 742 -30.41 -36.37 -18.21
C THR C 742 -30.61 -35.84 -19.65
N ASP C 743 -30.17 -34.60 -19.94
CA ASP C 743 -30.32 -33.95 -21.25
C ASP C 743 -31.81 -33.92 -21.69
N GLY C 744 -32.64 -33.45 -20.77
CA GLY C 744 -34.07 -33.30 -20.98
C GLY C 744 -34.93 -34.55 -20.93
N TYR C 745 -34.33 -35.75 -20.72
CA TYR C 745 -35.10 -36.99 -20.71
C TYR C 745 -35.95 -37.15 -19.47
N GLY C 746 -35.38 -36.87 -18.31
CA GLY C 746 -36.06 -37.07 -17.04
C GLY C 746 -35.81 -38.48 -16.59
N VAL C 747 -36.71 -39.05 -15.79
CA VAL C 747 -36.54 -40.43 -15.31
C VAL C 747 -37.65 -41.32 -15.93
N ASP C 748 -37.71 -42.57 -15.47
CA ASP C 748 -38.70 -43.55 -15.87
C ASP C 748 -39.59 -43.93 -14.71
N ILE C 749 -38.98 -44.26 -13.57
CA ILE C 749 -39.65 -44.66 -12.35
C ILE C 749 -39.42 -43.59 -11.31
N VAL C 750 -40.40 -43.37 -10.43
CA VAL C 750 -40.31 -42.38 -9.34
C VAL C 750 -40.92 -42.97 -8.10
N LEU C 751 -40.10 -43.29 -7.11
CA LEU C 751 -40.60 -43.84 -5.85
C LEU C 751 -40.93 -42.65 -4.91
N ASN C 752 -42.10 -42.08 -5.11
CA ASN C 752 -42.54 -40.87 -4.42
C ASN C 752 -43.02 -41.06 -2.99
N SER C 753 -42.15 -40.65 -2.06
CA SER C 753 -42.46 -40.55 -0.63
C SER C 753 -42.78 -39.09 -0.28
N VAL C 754 -42.37 -38.12 -1.14
CA VAL C 754 -42.52 -36.68 -0.93
C VAL C 754 -43.97 -36.20 -1.28
N THR C 755 -44.28 -34.92 -0.98
CA THR C 755 -45.64 -34.38 -1.11
C THR C 755 -45.74 -32.94 -1.64
N GLY C 756 -46.96 -32.61 -2.07
CA GLY C 756 -47.36 -31.29 -2.52
C GLY C 756 -46.87 -30.95 -3.91
N PRO C 757 -46.16 -29.83 -4.08
CA PRO C 757 -45.63 -29.51 -5.42
C PRO C 757 -44.49 -30.42 -5.83
N ALA C 758 -43.85 -31.09 -4.85
CA ALA C 758 -42.77 -32.04 -5.12
C ALA C 758 -43.32 -33.34 -5.73
N GLN C 759 -44.60 -33.63 -5.47
CA GLN C 759 -45.27 -34.79 -6.05
C GLN C 759 -45.54 -34.45 -7.52
N ARG C 760 -46.20 -33.31 -7.73
CA ARG C 760 -46.51 -32.78 -9.06
C ARG C 760 -45.25 -32.64 -9.91
N ALA C 761 -44.17 -32.12 -9.32
CA ALA C 761 -42.86 -31.92 -10.00
C ALA C 761 -42.21 -33.24 -10.40
N GLY C 762 -42.41 -34.26 -9.57
CA GLY C 762 -41.91 -35.60 -9.82
C GLY C 762 -42.63 -36.28 -10.97
N LEU C 763 -43.96 -36.05 -11.08
CA LEU C 763 -44.76 -36.60 -12.16
C LEU C 763 -44.36 -35.94 -13.46
N GLU C 764 -44.20 -34.63 -13.43
CA GLU C 764 -43.81 -33.86 -14.61
C GLU C 764 -42.44 -34.34 -15.12
N LEU C 765 -41.57 -34.80 -14.20
CA LEU C 765 -40.22 -35.28 -14.51
C LEU C 765 -40.18 -36.55 -15.39
N LEU C 766 -40.84 -37.66 -14.94
CA LEU C 766 -40.75 -38.96 -15.65
C LEU C 766 -41.34 -38.85 -17.06
N ALA C 767 -40.70 -39.59 -18.01
CA ALA C 767 -41.01 -39.47 -19.42
C ALA C 767 -41.27 -40.78 -20.13
N PHE C 768 -42.44 -40.86 -20.80
CA PHE C 768 -42.91 -41.94 -21.69
C PHE C 768 -43.07 -43.24 -20.92
N GLY C 769 -41.96 -43.88 -20.53
CA GLY C 769 -42.03 -45.06 -19.66
C GLY C 769 -43.00 -44.80 -18.52
N GLY C 770 -42.82 -43.63 -17.91
CA GLY C 770 -43.66 -43.05 -16.87
C GLY C 770 -44.31 -44.02 -15.92
N ARG C 771 -43.66 -44.29 -14.78
CA ARG C 771 -44.21 -45.17 -13.77
C ARG C 771 -44.08 -44.49 -12.40
N PHE C 772 -45.06 -43.68 -12.05
CA PHE C 772 -45.08 -42.98 -10.76
C PHE C 772 -45.62 -43.88 -9.65
N VAL C 773 -44.76 -44.27 -8.70
CA VAL C 773 -45.18 -45.14 -7.59
C VAL C 773 -45.37 -44.32 -6.32
N GLU C 774 -46.62 -43.90 -6.01
CA GLU C 774 -46.83 -43.14 -4.79
C GLU C 774 -47.06 -44.05 -3.61
N ILE C 775 -46.07 -44.07 -2.69
CA ILE C 775 -46.12 -44.77 -1.41
C ILE C 775 -46.64 -43.77 -0.34
N GLY C 776 -46.34 -42.47 -0.50
CA GLY C 776 -46.81 -41.41 0.39
C GLY C 776 -48.33 -41.21 0.42
N LYS C 777 -48.98 -41.41 1.59
CA LYS C 777 -50.45 -41.34 1.72
C LYS C 777 -51.01 -39.92 2.03
N ARG C 778 -50.17 -38.93 2.41
CA ARG C 778 -50.68 -37.59 2.76
C ARG C 778 -51.54 -36.97 1.66
N ASP C 779 -51.03 -36.96 0.42
CA ASP C 779 -51.74 -36.31 -0.70
C ASP C 779 -53.01 -37.06 -1.14
N ILE C 780 -53.02 -38.38 -0.99
CA ILE C 780 -54.21 -39.18 -1.34
C ILE C 780 -55.32 -38.85 -0.36
N TYR C 781 -55.02 -38.96 0.96
CA TYR C 781 -56.00 -38.71 2.02
C TYR C 781 -56.36 -37.23 2.19
N ALA C 782 -55.68 -36.36 1.47
CA ALA C 782 -56.02 -34.94 1.37
C ALA C 782 -56.93 -34.62 0.13
N ASP C 783 -57.17 -35.62 -0.75
CA ASP C 783 -57.96 -35.50 -2.00
C ASP C 783 -57.34 -34.44 -2.88
N THR C 784 -55.99 -34.30 -2.83
CA THR C 784 -55.33 -33.27 -3.63
C THR C 784 -55.66 -33.52 -5.09
N ARG C 785 -56.12 -32.50 -5.75
CA ARG C 785 -56.54 -32.64 -7.13
C ARG C 785 -55.26 -32.58 -7.96
N LEU C 786 -55.01 -33.66 -8.73
CA LEU C 786 -53.82 -33.86 -9.54
C LEU C 786 -54.13 -33.62 -11.00
N GLY C 787 -53.36 -32.75 -11.63
CA GLY C 787 -53.55 -32.43 -13.04
C GLY C 787 -53.17 -33.59 -13.92
N LEU C 788 -54.13 -34.12 -14.71
CA LEU C 788 -53.92 -35.27 -15.58
C LEU C 788 -53.12 -34.97 -16.85
N PHE C 789 -52.80 -33.71 -17.17
CA PHE C 789 -52.08 -33.40 -18.40
C PHE C 789 -50.76 -34.14 -18.61
N PRO C 790 -49.91 -34.36 -17.58
CA PRO C 790 -48.64 -35.09 -17.81
C PRO C 790 -48.82 -36.53 -18.30
N PHE C 791 -49.98 -37.12 -18.04
CA PHE C 791 -50.28 -38.49 -18.43
C PHE C 791 -50.35 -38.66 -19.96
N ARG C 792 -50.32 -37.55 -20.76
CA ARG C 792 -50.37 -37.66 -22.22
C ARG C 792 -49.21 -38.51 -22.78
N ARG C 793 -48.14 -38.74 -21.98
CA ARG C 793 -46.99 -39.56 -22.37
C ARG C 793 -47.09 -41.01 -21.81
N ASN C 794 -48.27 -41.66 -21.88
CA ASN C 794 -48.46 -43.05 -21.43
C ASN C 794 -47.95 -43.32 -19.97
N LEU C 795 -48.16 -42.36 -19.08
CA LEU C 795 -47.77 -42.52 -17.68
C LEU C 795 -48.68 -43.50 -16.93
N SER C 796 -48.21 -44.00 -15.80
CA SER C 796 -48.93 -44.96 -15.00
C SER C 796 -48.75 -44.60 -13.53
N PHE C 797 -49.84 -44.31 -12.82
CA PHE C 797 -49.81 -43.96 -11.40
C PHE C 797 -50.13 -45.19 -10.58
N TYR C 798 -49.35 -45.47 -9.53
CA TYR C 798 -49.61 -46.60 -8.67
C TYR C 798 -49.70 -46.17 -7.23
N ALA C 799 -50.84 -46.42 -6.59
CA ALA C 799 -51.03 -46.14 -5.18
C ALA C 799 -50.63 -47.39 -4.42
N VAL C 800 -49.90 -47.24 -3.31
CA VAL C 800 -49.43 -48.36 -2.52
C VAL C 800 -49.81 -48.11 -1.07
N ASP C 801 -50.51 -49.10 -0.48
CA ASP C 801 -50.95 -49.09 0.91
C ASP C 801 -50.86 -50.52 1.50
N LEU C 802 -49.64 -51.01 1.78
CA LEU C 802 -49.41 -52.34 2.35
C LEU C 802 -50.27 -52.56 3.58
N ALA C 803 -50.48 -51.52 4.39
CA ALA C 803 -51.31 -51.59 5.58
C ALA C 803 -52.75 -52.08 5.28
N LEU C 804 -53.33 -51.51 4.24
CA LEU C 804 -54.66 -51.84 3.77
C LEU C 804 -54.67 -53.20 3.14
N MET C 805 -53.64 -53.50 2.34
CA MET C 805 -53.45 -54.79 1.69
C MET C 805 -53.43 -55.94 2.66
N THR C 806 -52.89 -55.69 3.87
CA THR C 806 -52.84 -56.68 4.95
C THR C 806 -54.25 -57.18 5.29
N VAL C 807 -55.26 -56.35 5.06
CA VAL C 807 -56.65 -56.67 5.32
C VAL C 807 -57.34 -57.18 4.07
N THR C 808 -57.21 -56.47 2.94
CA THR C 808 -57.90 -56.82 1.70
C THR C 808 -57.39 -58.06 1.01
N HIS C 809 -56.06 -58.21 0.92
CA HIS C 809 -55.41 -59.36 0.26
C HIS C 809 -54.22 -59.79 1.12
N PRO C 810 -54.45 -60.44 2.27
CA PRO C 810 -53.33 -60.80 3.15
C PRO C 810 -52.40 -61.85 2.55
N GLN C 811 -52.89 -62.70 1.64
CA GLN C 811 -52.06 -63.69 0.98
C GLN C 811 -50.96 -63.01 0.14
N LYS C 812 -51.28 -61.92 -0.56
CA LYS C 812 -50.28 -61.21 -1.36
C LYS C 812 -49.19 -60.61 -0.46
N ILE C 813 -49.55 -60.14 0.77
CA ILE C 813 -48.58 -59.60 1.73
C ILE C 813 -47.71 -60.74 2.25
N ARG C 814 -48.30 -61.90 2.54
CA ARG C 814 -47.56 -63.06 3.04
C ARG C 814 -46.47 -63.44 2.06
N ASP C 815 -46.83 -63.51 0.79
CA ASP C 815 -45.93 -63.90 -0.28
C ASP C 815 -44.86 -62.82 -0.53
N LEU C 816 -45.27 -61.54 -0.38
CA LEU C 816 -44.36 -60.40 -0.53
C LEU C 816 -43.31 -60.38 0.59
N LEU C 817 -43.68 -60.80 1.82
CA LEU C 817 -42.71 -60.87 2.93
C LEU C 817 -41.82 -62.04 2.73
N ALA C 818 -42.43 -63.17 2.41
CA ALA C 818 -41.69 -64.40 2.21
C ALA C 818 -40.68 -64.29 1.08
N THR C 819 -41.04 -63.58 -0.01
CA THR C 819 -40.11 -63.44 -1.12
C THR C 819 -38.96 -62.49 -0.74
N VAL C 820 -39.18 -61.44 0.07
CA VAL C 820 -38.06 -60.58 0.46
C VAL C 820 -37.18 -61.30 1.48
N TYR C 821 -37.78 -62.11 2.40
CA TYR C 821 -37.02 -62.90 3.36
C TYR C 821 -36.13 -63.93 2.65
N ARG C 822 -36.60 -64.44 1.51
CA ARG C 822 -35.82 -65.40 0.72
C ARG C 822 -34.67 -64.66 0.04
N LEU C 823 -34.96 -63.57 -0.68
CA LEU C 823 -33.95 -62.79 -1.41
C LEU C 823 -32.83 -62.28 -0.51
N ILE C 824 -33.19 -61.81 0.67
CA ILE C 824 -32.22 -61.24 1.62
C ILE C 824 -31.36 -62.37 2.28
N ALA C 825 -31.97 -63.53 2.59
CA ALA C 825 -31.26 -64.67 3.16
C ALA C 825 -30.34 -65.31 2.13
N ASP C 826 -30.79 -65.39 0.84
CA ASP C 826 -30.00 -65.93 -0.28
C ASP C 826 -28.78 -65.06 -0.56
N GLY C 827 -28.88 -63.77 -0.22
CA GLY C 827 -27.86 -62.78 -0.47
C GLY C 827 -28.10 -62.04 -1.77
N THR C 828 -29.23 -62.34 -2.45
CA THR C 828 -29.63 -61.69 -3.69
C THR C 828 -29.72 -60.19 -3.48
N LEU C 829 -30.17 -59.79 -2.27
CA LEU C 829 -30.23 -58.39 -1.85
C LEU C 829 -29.47 -58.22 -0.55
N PRO C 830 -28.73 -57.12 -0.39
CA PRO C 830 -28.01 -56.89 0.86
C PRO C 830 -28.87 -56.11 1.84
N LEU C 831 -28.80 -56.45 3.12
CA LEU C 831 -29.60 -55.76 4.13
C LEU C 831 -29.04 -54.33 4.38
N PRO C 832 -29.83 -53.43 4.99
CA PRO C 832 -29.40 -52.04 5.14
C PRO C 832 -28.79 -51.73 6.49
N GLU C 833 -28.51 -50.43 6.73
CA GLU C 833 -28.00 -49.97 8.02
C GLU C 833 -29.05 -50.23 9.08
N ILE C 834 -28.73 -51.09 10.06
CA ILE C 834 -29.66 -51.45 11.12
C ILE C 834 -29.11 -50.99 12.44
N THR C 835 -29.83 -50.07 13.08
CA THR C 835 -29.46 -49.52 14.37
C THR C 835 -30.39 -50.13 15.40
N HIS C 836 -29.85 -50.89 16.36
CA HIS C 836 -30.69 -51.55 17.36
C HIS C 836 -30.93 -50.63 18.56
N TYR C 837 -32.16 -50.65 19.08
CA TYR C 837 -32.57 -49.87 20.26
C TYR C 837 -33.30 -50.75 21.25
N PRO C 838 -33.07 -50.65 22.56
CA PRO C 838 -33.89 -51.44 23.49
C PRO C 838 -35.28 -50.84 23.57
N LEU C 839 -36.23 -51.65 23.96
CA LEU C 839 -37.62 -51.23 24.03
C LEU C 839 -37.83 -49.98 24.94
N GLU C 840 -36.99 -49.82 25.98
CA GLU C 840 -37.04 -48.68 26.90
C GLU C 840 -36.79 -47.37 26.16
N GLU C 841 -35.75 -47.34 25.31
CA GLU C 841 -35.37 -46.16 24.52
C GLU C 841 -36.14 -46.06 23.21
N ALA C 842 -37.40 -46.53 23.18
CA ALA C 842 -38.21 -46.44 21.98
C ALA C 842 -38.63 -45.02 21.66
N ALA C 843 -38.86 -44.17 22.69
CA ALA C 843 -39.28 -42.76 22.50
C ALA C 843 -38.12 -41.91 22.03
N THR C 844 -36.90 -42.31 22.38
CA THR C 844 -35.69 -41.65 21.92
C THR C 844 -35.50 -41.96 20.45
N ALA C 845 -35.74 -43.22 20.04
CA ALA C 845 -35.64 -43.62 18.63
C ALA C 845 -36.66 -42.83 17.75
N ILE C 846 -37.85 -42.52 18.29
CA ILE C 846 -38.85 -41.74 17.57
C ILE C 846 -38.40 -40.30 17.49
N ARG C 847 -37.78 -39.71 18.55
CA ARG C 847 -37.30 -38.32 18.46
C ARG C 847 -36.26 -38.19 17.40
N ILE C 848 -35.39 -39.23 17.25
CA ILE C 848 -34.30 -39.24 16.28
C ILE C 848 -34.88 -39.37 14.89
N MET C 849 -35.81 -40.31 14.69
CA MET C 849 -36.43 -40.51 13.38
C MET C 849 -37.37 -39.37 13.03
N GLY C 850 -38.00 -38.80 14.04
CA GLY C 850 -38.90 -37.66 13.88
C GLY C 850 -38.17 -36.38 13.51
N GLY C 851 -36.90 -36.29 13.87
CA GLY C 851 -36.05 -35.15 13.53
C GLY C 851 -35.20 -35.35 12.29
N ALA C 852 -35.42 -36.47 11.55
CA ALA C 852 -34.68 -36.82 10.35
C ALA C 852 -33.15 -36.92 10.59
N GLN C 853 -32.74 -37.22 11.84
CA GLN C 853 -31.32 -37.38 12.21
C GLN C 853 -30.82 -38.77 11.83
N HIS C 854 -31.72 -39.76 11.87
CA HIS C 854 -31.44 -41.16 11.61
C HIS C 854 -31.02 -41.49 10.17
N THR C 855 -30.50 -42.73 9.99
CA THR C 855 -30.09 -43.33 8.71
C THR C 855 -30.36 -44.83 8.75
N GLY C 856 -30.99 -45.31 7.70
CA GLY C 856 -31.33 -46.73 7.57
C GLY C 856 -32.53 -47.13 8.39
N LYS C 857 -32.52 -48.38 8.88
CA LYS C 857 -33.63 -48.93 9.65
C LYS C 857 -33.30 -48.93 11.14
N LEU C 858 -34.37 -48.81 11.96
CA LEU C 858 -34.31 -48.82 13.42
C LEU C 858 -35.05 -50.03 13.90
N VAL C 859 -34.37 -50.94 14.61
CA VAL C 859 -34.97 -52.17 15.11
C VAL C 859 -35.11 -52.02 16.62
N ILE C 860 -36.33 -52.24 17.11
CA ILE C 860 -36.60 -52.16 18.54
C ILE C 860 -36.46 -53.60 19.09
N ASP C 861 -35.46 -53.80 19.97
CA ASP C 861 -35.15 -55.11 20.54
C ASP C 861 -36.02 -55.39 21.77
N ILE C 862 -36.82 -56.48 21.70
CA ILE C 862 -37.74 -56.86 22.77
C ILE C 862 -37.01 -57.68 23.83
N PRO C 863 -37.03 -57.23 25.11
CA PRO C 863 -36.37 -58.01 26.17
C PRO C 863 -37.15 -59.28 26.57
N ASP C 864 -36.44 -60.43 26.72
CA ASP C 864 -37.05 -61.73 27.01
C ASP C 864 -36.31 -62.51 28.09
N THR C 865 -37.02 -63.47 28.67
CA THR C 865 -36.58 -64.45 29.67
C THR C 865 -36.06 -63.86 31.04
N GLY C 866 -36.84 -64.06 32.13
CA GLY C 866 -36.49 -63.71 33.52
C GLY C 866 -36.79 -62.31 34.09
N GLN C 867 -36.74 -61.27 33.23
CA GLN C 867 -36.86 -59.85 33.65
C GLN C 867 -38.25 -59.44 34.08
N SER C 868 -38.33 -58.30 34.78
CA SER C 868 -39.57 -57.68 35.26
C SER C 868 -39.59 -56.24 34.71
N GLN C 869 -40.78 -55.60 34.67
CA GLN C 869 -40.89 -54.24 34.16
C GLN C 869 -42.17 -53.58 34.65
N VAL C 870 -42.16 -52.23 34.81
CA VAL C 870 -43.33 -51.49 35.32
C VAL C 870 -44.31 -51.26 34.15
N VAL C 871 -45.56 -51.68 34.32
CA VAL C 871 -46.61 -51.62 33.31
C VAL C 871 -47.76 -50.77 33.87
N VAL C 872 -48.83 -50.43 33.08
CA VAL C 872 -49.95 -49.62 33.59
C VAL C 872 -51.31 -50.08 33.05
N PRO C 873 -52.10 -50.86 33.83
CA PRO C 873 -53.44 -51.28 33.36
C PRO C 873 -54.49 -50.14 33.32
N PRO C 874 -55.18 -49.89 32.19
CA PRO C 874 -56.20 -48.83 32.16
C PRO C 874 -57.62 -49.35 32.46
N GLU C 875 -58.32 -49.92 31.47
CA GLU C 875 -59.66 -50.50 31.62
C GLU C 875 -59.55 -52.02 31.71
N GLN C 876 -58.37 -52.58 31.41
CA GLN C 876 -58.06 -54.01 31.51
C GLN C 876 -58.15 -54.54 32.96
N VAL C 877 -58.61 -53.70 33.93
CA VAL C 877 -58.71 -54.06 35.34
C VAL C 877 -59.88 -55.05 35.54
N PRO C 878 -59.60 -56.26 36.03
CA PRO C 878 -60.69 -57.23 36.22
C PRO C 878 -61.46 -56.89 37.50
N VAL C 879 -62.47 -56.02 37.36
CA VAL C 879 -63.30 -55.61 38.49
C VAL C 879 -64.26 -56.79 38.80
N PHE C 880 -65.34 -56.95 38.02
CA PHE C 880 -66.33 -58.00 38.23
C PHE C 880 -65.94 -59.25 37.44
N ARG C 881 -65.60 -60.35 38.14
CA ARG C 881 -65.20 -61.61 37.50
C ARG C 881 -65.87 -62.84 38.13
N GLY C 882 -66.13 -63.84 37.29
CA GLY C 882 -66.74 -65.10 37.67
C GLY C 882 -65.84 -65.99 38.51
N ASP C 883 -64.50 -65.83 38.38
CA ASP C 883 -63.52 -66.62 39.15
C ASP C 883 -63.12 -65.89 40.46
N GLY C 884 -64.08 -65.19 41.09
CA GLY C 884 -63.82 -64.48 42.34
C GLY C 884 -65.08 -64.11 43.10
N ALA C 885 -65.03 -64.20 44.44
CA ALA C 885 -66.15 -63.90 45.32
C ALA C 885 -66.14 -62.45 45.78
N TYR C 886 -67.31 -61.95 46.21
CA TYR C 886 -67.48 -60.57 46.67
C TYR C 886 -68.34 -60.46 47.92
N VAL C 887 -68.10 -59.42 48.73
CA VAL C 887 -68.84 -59.17 49.97
C VAL C 887 -69.44 -57.77 49.93
N ILE C 888 -70.72 -57.63 50.33
CA ILE C 888 -71.40 -56.34 50.36
C ILE C 888 -72.09 -56.16 51.69
N THR C 889 -71.62 -55.21 52.50
CA THR C 889 -72.25 -54.90 53.79
C THR C 889 -73.33 -53.88 53.50
N GLY C 890 -74.52 -54.09 54.07
CA GLY C 890 -75.68 -53.26 53.79
C GLY C 890 -76.22 -53.57 52.41
N GLY C 891 -76.18 -54.86 52.07
CA GLY C 891 -76.59 -55.38 50.78
C GLY C 891 -78.07 -55.70 50.66
N LEU C 892 -78.77 -55.97 51.78
CA LEU C 892 -80.20 -56.28 51.71
C LEU C 892 -81.05 -55.02 51.47
N GLY C 893 -80.45 -53.83 51.48
CA GLY C 893 -81.19 -52.59 51.22
C GLY C 893 -80.36 -51.48 50.64
N GLY C 894 -81.08 -50.50 50.09
CA GLY C 894 -80.52 -49.31 49.50
C GLY C 894 -79.68 -49.53 48.26
N LEU C 895 -78.46 -48.97 48.29
CA LEU C 895 -77.51 -49.05 47.19
C LEU C 895 -77.01 -50.46 47.02
N GLY C 896 -76.59 -51.06 48.12
CA GLY C 896 -76.06 -52.42 48.16
C GLY C 896 -76.89 -53.46 47.42
N LEU C 897 -78.24 -53.37 47.49
CA LEU C 897 -79.10 -54.32 46.77
C LEU C 897 -79.11 -54.02 45.26
N PHE C 898 -79.05 -52.73 44.88
CA PHE C 898 -78.97 -52.34 43.47
C PHE C 898 -77.62 -52.74 42.88
N LEU C 899 -76.54 -52.46 43.62
CA LEU C 899 -75.19 -52.83 43.20
C LEU C 899 -75.06 -54.34 43.08
N ALA C 900 -75.59 -55.10 44.06
CA ALA C 900 -75.55 -56.57 44.03
C ALA C 900 -76.25 -57.13 42.80
N GLU C 901 -77.42 -56.57 42.47
CA GLU C 901 -78.20 -56.96 41.29
C GLU C 901 -77.41 -56.62 40.01
N ARG C 902 -76.78 -55.43 39.98
CA ARG C 902 -75.98 -54.99 38.85
C ARG C 902 -74.69 -55.84 38.72
N MET C 903 -74.08 -56.21 39.86
CA MET C 903 -72.86 -57.05 39.89
C MET C 903 -73.15 -58.46 39.45
N ALA C 904 -74.27 -59.04 39.90
CA ALA C 904 -74.68 -60.39 39.50
C ALA C 904 -74.86 -60.44 37.99
N ALA C 905 -75.47 -59.36 37.42
CA ALA C 905 -75.66 -59.21 35.99
C ALA C 905 -74.33 -58.95 35.27
N ALA C 906 -73.38 -58.21 35.90
CA ALA C 906 -72.05 -57.93 35.34
C ALA C 906 -71.12 -59.17 35.30
N GLY C 907 -71.53 -60.28 35.90
CA GLY C 907 -70.77 -61.52 35.88
C GLY C 907 -69.88 -61.68 37.10
N CYS C 908 -70.51 -62.03 38.22
CA CYS C 908 -69.84 -62.22 39.51
C CYS C 908 -70.17 -63.58 40.05
N GLY C 909 -69.15 -64.34 40.38
CA GLY C 909 -69.33 -65.67 40.94
C GLY C 909 -69.39 -65.55 42.44
N ARG C 910 -70.60 -65.69 43.04
CA ARG C 910 -70.85 -65.60 44.48
C ARG C 910 -70.72 -64.16 45.01
N ILE C 911 -71.85 -63.59 45.47
CA ILE C 911 -71.89 -62.26 46.08
C ILE C 911 -72.55 -62.44 47.44
N VAL C 912 -71.77 -62.39 48.53
CA VAL C 912 -72.34 -62.49 49.88
C VAL C 912 -72.92 -61.12 50.22
N VAL C 913 -74.19 -61.09 50.64
CA VAL C 913 -74.91 -59.88 50.99
C VAL C 913 -75.14 -59.91 52.51
N ASN C 914 -75.03 -58.75 53.16
CA ASN C 914 -75.16 -58.66 54.61
C ASN C 914 -75.97 -57.45 55.05
N SER C 915 -76.66 -57.61 56.17
CA SER C 915 -77.46 -56.59 56.83
C SER C 915 -78.03 -57.24 58.09
N ARG C 916 -77.84 -56.59 59.25
CA ARG C 916 -78.26 -57.14 60.54
C ARG C 916 -79.74 -57.58 60.55
N SER C 917 -80.64 -56.83 59.88
CA SER C 917 -82.06 -57.19 59.78
C SER C 917 -82.27 -58.25 58.73
N ALA C 918 -83.30 -59.09 58.90
CA ALA C 918 -83.63 -60.13 57.93
C ALA C 918 -84.13 -59.52 56.60
N PRO C 919 -84.12 -60.27 55.48
CA PRO C 919 -84.57 -59.68 54.20
C PRO C 919 -86.06 -59.34 54.17
N SER C 920 -86.39 -58.17 53.60
CA SER C 920 -87.78 -57.73 53.47
C SER C 920 -88.51 -58.57 52.40
N THR C 921 -89.83 -58.37 52.28
CA THR C 921 -90.64 -59.09 51.31
C THR C 921 -90.25 -58.70 49.87
N ARG C 922 -89.94 -57.40 49.62
CA ARG C 922 -89.53 -56.95 48.29
C ARG C 922 -88.07 -57.32 48.03
N SER C 923 -87.22 -57.32 49.09
CA SER C 923 -85.80 -57.67 48.97
C SER C 923 -85.66 -59.14 48.60
N SER C 924 -86.44 -60.04 49.26
CA SER C 924 -86.43 -61.47 48.97
C SER C 924 -86.82 -61.76 47.52
N GLU C 925 -87.78 -60.99 46.95
CA GLU C 925 -88.21 -61.14 45.55
C GLU C 925 -87.07 -60.78 44.58
N ILE C 926 -86.27 -59.76 44.91
CA ILE C 926 -85.15 -59.34 44.07
C ILE C 926 -84.06 -60.40 44.10
N ILE C 927 -83.80 -61.00 45.27
CA ILE C 927 -82.77 -62.04 45.40
C ILE C 927 -83.20 -63.32 44.65
N GLU C 928 -84.50 -63.65 44.65
CA GLU C 928 -85.02 -64.83 43.96
C GLU C 928 -84.78 -64.75 42.45
N LEU C 929 -85.14 -63.62 41.82
CA LEU C 929 -84.95 -63.46 40.37
C LEU C 929 -83.47 -63.38 39.97
N ILE C 930 -82.57 -62.92 40.87
CA ILE C 930 -81.13 -62.89 40.58
C ILE C 930 -80.58 -64.32 40.61
N ARG C 931 -80.96 -65.11 41.62
CA ARG C 931 -80.53 -66.50 41.74
C ARG C 931 -81.10 -67.34 40.60
N ALA C 932 -82.35 -67.04 40.17
CA ALA C 932 -82.99 -67.71 39.03
C ALA C 932 -82.19 -67.49 37.75
N THR C 933 -81.61 -66.27 37.59
CA THR C 933 -80.79 -65.91 36.43
C THR C 933 -79.30 -66.17 36.75
N GLY C 934 -78.96 -67.46 36.90
CA GLY C 934 -77.60 -67.92 37.16
C GLY C 934 -76.99 -67.54 38.48
N ALA C 935 -76.09 -66.51 38.47
CA ALA C 935 -75.31 -65.98 39.59
C ALA C 935 -75.96 -66.20 40.97
N ASP C 936 -75.26 -66.92 41.87
CA ASP C 936 -75.79 -67.20 43.21
C ASP C 936 -75.52 -66.01 44.15
N ILE C 937 -76.50 -65.73 45.02
CA ILE C 937 -76.48 -64.65 45.98
C ILE C 937 -76.72 -65.23 47.34
N VAL C 938 -75.69 -65.22 48.18
CA VAL C 938 -75.79 -65.72 49.54
C VAL C 938 -76.13 -64.56 50.44
N VAL C 939 -76.91 -64.84 51.48
CA VAL C 939 -77.31 -63.83 52.46
C VAL C 939 -76.88 -64.33 53.83
N GLU C 940 -75.93 -63.62 54.44
CA GLU C 940 -75.43 -63.92 55.78
C GLU C 940 -75.64 -62.67 56.60
N CYS C 941 -76.63 -62.69 57.51
CA CYS C 941 -76.95 -61.53 58.33
C CYS C 941 -76.00 -61.45 59.51
N GLY C 942 -75.88 -60.23 60.03
CA GLY C 942 -75.03 -59.93 61.17
C GLY C 942 -74.71 -58.46 61.31
N ASP C 943 -74.35 -58.05 62.54
CA ASP C 943 -73.99 -56.68 62.84
C ASP C 943 -72.50 -56.55 62.61
N ILE C 944 -72.07 -55.97 61.47
CA ILE C 944 -70.64 -55.74 61.13
C ILE C 944 -69.83 -55.11 62.25
N ALA C 945 -70.47 -54.31 63.14
CA ALA C 945 -69.82 -53.73 64.32
C ALA C 945 -69.22 -54.86 65.22
N GLU C 946 -69.89 -56.04 65.29
CA GLU C 946 -69.37 -57.22 65.96
C GLU C 946 -68.29 -57.84 65.05
N PRO C 947 -67.09 -58.24 65.51
CA PRO C 947 -66.11 -58.74 64.55
C PRO C 947 -66.45 -60.11 63.97
N ASP C 948 -67.09 -61.04 64.74
CA ASP C 948 -67.42 -62.37 64.23
C ASP C 948 -68.21 -62.30 62.94
N THR C 949 -69.01 -61.23 62.74
CA THR C 949 -69.79 -61.04 61.52
C THR C 949 -68.86 -60.89 60.30
N ALA C 950 -67.85 -60.01 60.38
CA ALA C 950 -66.89 -59.81 59.28
C ALA C 950 -66.20 -61.13 58.86
N LEU C 951 -65.89 -62.00 59.83
CA LEU C 951 -65.22 -63.28 59.59
C LEU C 951 -66.16 -64.29 58.95
N ARG C 952 -67.39 -64.33 59.46
CA ARG C 952 -68.46 -65.21 58.97
C ARG C 952 -68.74 -64.90 57.49
N LEU C 953 -68.82 -63.62 57.14
CA LEU C 953 -69.02 -63.12 55.77
C LEU C 953 -67.92 -63.58 54.81
N VAL C 954 -66.68 -63.35 55.22
CA VAL C 954 -65.48 -63.72 54.46
C VAL C 954 -65.41 -65.23 54.24
N ALA C 955 -65.65 -66.01 55.30
CA ALA C 955 -65.63 -67.47 55.21
C ALA C 955 -66.72 -68.00 54.27
N ALA C 956 -67.90 -67.35 54.28
CA ALA C 956 -69.03 -67.73 53.42
C ALA C 956 -68.74 -67.46 51.95
N ALA C 957 -68.16 -66.29 51.63
CA ALA C 957 -67.83 -65.92 50.26
C ALA C 957 -66.76 -66.86 49.66
N THR C 958 -65.78 -67.27 50.48
CA THR C 958 -64.68 -68.15 50.03
C THR C 958 -65.15 -69.59 49.83
N GLN C 959 -65.95 -70.14 50.77
CA GLN C 959 -66.53 -71.51 50.81
C GLN C 959 -66.67 -72.23 49.43
N THR C 960 -67.20 -71.53 48.40
CA THR C 960 -67.40 -72.12 47.06
C THR C 960 -66.11 -72.07 46.22
N GLY C 961 -64.99 -72.50 46.78
CA GLY C 961 -63.69 -72.51 46.12
C GLY C 961 -63.31 -71.29 45.29
N LEU C 962 -63.80 -70.08 45.65
CA LEU C 962 -63.51 -68.84 44.92
C LEU C 962 -62.80 -67.85 45.83
N PRO C 963 -61.63 -67.29 45.44
CA PRO C 963 -60.98 -66.33 46.34
C PRO C 963 -61.71 -65.00 46.39
N LEU C 964 -61.69 -64.34 47.56
CA LEU C 964 -62.33 -63.05 47.71
C LEU C 964 -61.59 -62.04 46.84
N ARG C 965 -62.30 -61.38 45.91
CA ARG C 965 -61.71 -60.40 45.00
C ARG C 965 -62.18 -58.96 45.27
N GLY C 966 -63.07 -58.74 46.24
CA GLY C 966 -63.52 -57.38 46.52
C GLY C 966 -64.52 -57.26 47.64
N VAL C 967 -64.57 -56.05 48.23
CA VAL C 967 -65.46 -55.73 49.34
C VAL C 967 -66.14 -54.39 49.08
N LEU C 968 -67.33 -54.21 49.66
CA LEU C 968 -68.10 -52.97 49.57
C LEU C 968 -68.67 -52.68 50.94
N HIS C 969 -68.39 -51.49 51.49
CA HIS C 969 -68.87 -51.13 52.83
C HIS C 969 -70.02 -50.11 52.76
N ALA C 970 -71.19 -50.57 52.27
CA ALA C 970 -72.38 -49.74 52.18
C ALA C 970 -73.13 -49.70 53.51
N ALA C 971 -72.84 -50.60 54.44
CA ALA C 971 -73.51 -50.63 55.75
C ALA C 971 -73.47 -49.28 56.39
N ALA C 972 -74.65 -48.73 56.76
CA ALA C 972 -74.73 -47.40 57.33
C ALA C 972 -76.01 -47.15 58.11
N VAL C 973 -75.88 -46.32 59.15
CA VAL C 973 -76.98 -45.86 59.99
C VAL C 973 -76.98 -44.34 59.87
N VAL C 974 -78.16 -43.74 59.71
CA VAL C 974 -78.29 -42.30 59.57
C VAL C 974 -79.31 -41.77 60.56
N GLU C 975 -78.81 -41.18 61.65
CA GLU C 975 -79.61 -40.52 62.69
C GLU C 975 -79.14 -39.08 62.69
N ASP C 976 -79.99 -38.18 62.20
CA ASP C 976 -79.66 -36.77 62.05
C ASP C 976 -80.24 -35.95 63.19
N ALA C 977 -79.48 -34.96 63.66
CA ALA C 977 -79.89 -34.06 64.73
C ALA C 977 -79.05 -32.79 64.73
N THR C 978 -79.64 -31.69 65.20
CA THR C 978 -78.94 -30.40 65.31
C THR C 978 -77.93 -30.49 66.44
N LEU C 979 -76.84 -29.71 66.37
CA LEU C 979 -75.78 -29.70 67.39
C LEU C 979 -76.32 -29.68 68.83
N ALA C 980 -77.43 -28.95 69.06
CA ALA C 980 -78.06 -28.86 70.37
C ALA C 980 -78.63 -30.20 70.86
N ASN C 981 -79.24 -31.01 69.96
CA ASN C 981 -79.84 -32.29 70.35
C ASN C 981 -79.09 -33.52 69.76
N ILE C 982 -77.75 -33.43 69.63
CA ILE C 982 -76.94 -34.59 69.21
C ILE C 982 -76.55 -35.29 70.50
N THR C 983 -77.18 -36.43 70.80
CA THR C 983 -76.88 -37.17 72.03
C THR C 983 -75.60 -37.97 71.87
N ASP C 984 -75.03 -38.39 73.01
CA ASP C 984 -73.80 -39.20 73.03
C ASP C 984 -74.08 -40.61 72.48
N GLU C 985 -75.32 -41.10 72.65
CA GLU C 985 -75.76 -42.41 72.19
C GLU C 985 -75.91 -42.39 70.68
N LEU C 986 -76.51 -41.31 70.13
CA LEU C 986 -76.71 -41.11 68.69
C LEU C 986 -75.39 -41.10 67.90
N VAL C 987 -74.28 -40.63 68.52
CA VAL C 987 -72.98 -40.62 67.86
C VAL C 987 -72.56 -42.07 67.58
N GLU C 988 -72.63 -42.94 68.62
CA GLU C 988 -72.25 -44.35 68.49
C GLU C 988 -73.17 -45.12 67.51
N HIS C 989 -74.44 -44.70 67.36
CA HIS C 989 -75.35 -45.37 66.42
C HIS C 989 -74.86 -45.23 64.98
N ASP C 990 -74.45 -44.02 64.58
CA ASP C 990 -73.94 -43.71 63.22
C ASP C 990 -72.49 -44.16 63.01
N TRP C 991 -71.68 -44.01 64.06
CA TRP C 991 -70.25 -44.34 64.07
C TRP C 991 -69.97 -45.83 63.96
N ALA C 992 -70.69 -46.65 64.73
CA ALA C 992 -70.46 -48.10 64.81
C ALA C 992 -70.43 -48.86 63.47
N PRO C 993 -71.46 -48.79 62.61
CA PRO C 993 -71.40 -49.56 61.36
C PRO C 993 -70.34 -49.06 60.38
N LYS C 994 -70.12 -47.75 60.34
CA LYS C 994 -69.16 -47.16 59.40
C LYS C 994 -67.72 -47.46 59.80
N VAL C 995 -67.30 -47.08 61.02
CA VAL C 995 -65.91 -47.23 61.43
C VAL C 995 -65.62 -48.64 61.98
N TYR C 996 -66.43 -49.18 62.92
CA TYR C 996 -66.12 -50.49 63.50
C TYR C 996 -66.27 -51.59 62.45
N GLY C 997 -67.21 -51.43 61.53
CA GLY C 997 -67.39 -52.39 60.46
C GLY C 997 -66.20 -52.41 59.52
N ALA C 998 -65.72 -51.20 59.16
CA ALA C 998 -64.57 -51.06 58.25
C ALA C 998 -63.31 -51.70 58.82
N TRP C 999 -63.08 -51.53 60.13
CA TRP C 999 -61.92 -52.13 60.80
C TRP C 999 -62.08 -53.64 60.92
N ASN C 1000 -63.30 -54.13 61.25
CA ASN C 1000 -63.55 -55.57 61.37
C ASN C 1000 -63.44 -56.23 59.99
N LEU C 1001 -63.82 -55.51 58.92
CA LEU C 1001 -63.67 -56.02 57.55
C LEU C 1001 -62.20 -56.14 57.22
N HIS C 1002 -61.45 -55.06 57.45
CA HIS C 1002 -60.00 -55.03 57.20
C HIS C 1002 -59.33 -56.21 57.92
N GLN C 1003 -59.60 -56.36 59.23
CA GLN C 1003 -59.02 -57.45 60.00
C GLN C 1003 -59.43 -58.81 59.45
N ALA C 1004 -60.72 -59.02 59.10
CA ALA C 1004 -61.21 -60.30 58.56
C ALA C 1004 -60.47 -60.71 57.30
N VAL C 1005 -60.08 -59.71 56.48
CA VAL C 1005 -59.32 -59.92 55.23
C VAL C 1005 -57.87 -60.36 55.57
N GLN C 1006 -57.18 -59.68 56.50
CA GLN C 1006 -55.82 -60.05 56.88
C GLN C 1006 -55.83 -61.41 57.57
N SER C 1007 -56.77 -61.58 58.51
CA SER C 1007 -56.98 -62.82 59.28
C SER C 1007 -57.22 -64.02 58.39
N GLY C 1008 -57.93 -63.80 57.29
CA GLY C 1008 -58.19 -64.83 56.29
C GLY C 1008 -56.91 -65.35 55.66
N GLY C 1009 -57.00 -66.53 55.07
CA GLY C 1009 -55.87 -67.21 54.47
C GLY C 1009 -55.42 -66.63 53.13
N PRO C 1010 -54.94 -67.48 52.20
CA PRO C 1010 -54.50 -66.94 50.91
C PRO C 1010 -55.68 -66.54 50.02
N ALA C 1011 -56.90 -67.06 50.27
CA ALA C 1011 -58.09 -66.74 49.50
C ALA C 1011 -58.45 -65.24 49.60
N THR C 1012 -58.30 -64.68 50.80
CA THR C 1012 -58.58 -63.26 51.06
C THR C 1012 -57.41 -62.34 50.66
N SER C 1013 -56.18 -62.85 50.68
CA SER C 1013 -54.97 -62.09 50.35
C SER C 1013 -54.73 -61.96 48.82
N GLU C 1014 -55.80 -61.87 48.01
CA GLU C 1014 -55.74 -61.72 46.57
C GLU C 1014 -56.75 -60.69 46.05
N LEU C 1015 -57.36 -59.83 46.93
CA LEU C 1015 -58.43 -58.96 46.45
C LEU C 1015 -57.90 -57.74 45.69
N ASP C 1016 -58.75 -57.30 44.73
CA ASP C 1016 -58.52 -56.21 43.80
C ASP C 1016 -58.91 -54.88 44.37
N TRP C 1017 -60.02 -54.84 45.12
CA TRP C 1017 -60.49 -53.60 45.69
C TRP C 1017 -61.10 -53.78 47.08
N PHE C 1018 -61.29 -52.65 47.75
CA PHE C 1018 -61.91 -52.57 49.07
C PHE C 1018 -62.55 -51.20 49.10
N CYS C 1019 -63.85 -51.14 48.81
CA CYS C 1019 -64.60 -49.89 48.65
C CYS C 1019 -65.40 -49.56 49.87
N ALA C 1020 -65.57 -48.28 50.15
CA ALA C 1020 -66.36 -47.80 51.28
C ALA C 1020 -67.19 -46.63 50.86
N PHE C 1021 -68.51 -46.81 50.85
CA PHE C 1021 -69.41 -45.73 50.47
C PHE C 1021 -69.49 -44.69 51.61
N SER C 1022 -69.00 -43.47 51.34
CA SER C 1022 -69.00 -42.35 52.28
C SER C 1022 -70.18 -41.41 51.92
N SER C 1023 -70.16 -40.14 52.37
CA SER C 1023 -71.21 -39.17 52.05
C SER C 1023 -70.60 -37.81 51.68
N ALA C 1024 -71.27 -37.09 50.76
CA ALA C 1024 -70.86 -35.75 50.33
C ALA C 1024 -71.13 -34.72 51.45
N ALA C 1025 -72.04 -35.05 52.38
CA ALA C 1025 -72.35 -34.20 53.54
C ALA C 1025 -71.12 -34.05 54.45
N ALA C 1026 -70.25 -35.08 54.51
CA ALA C 1026 -69.01 -35.02 55.29
C ALA C 1026 -68.05 -33.99 54.70
N LEU C 1027 -67.99 -33.96 53.36
CA LEU C 1027 -67.13 -33.05 52.59
C LEU C 1027 -67.58 -31.59 52.69
N VAL C 1028 -68.87 -31.31 52.42
CA VAL C 1028 -69.42 -29.94 52.41
C VAL C 1028 -69.85 -29.49 53.82
N GLY C 1029 -70.56 -30.36 54.53
CA GLY C 1029 -71.06 -30.08 55.87
C GLY C 1029 -72.55 -29.84 55.90
N SER C 1030 -73.35 -30.79 55.39
CA SER C 1030 -74.82 -30.65 55.39
C SER C 1030 -75.32 -30.55 56.85
N PRO C 1031 -75.94 -29.42 57.27
CA PRO C 1031 -76.35 -29.29 58.67
C PRO C 1031 -77.36 -30.34 59.10
N GLY C 1032 -77.28 -30.72 60.36
CA GLY C 1032 -78.12 -31.75 60.94
C GLY C 1032 -77.50 -33.13 60.90
N GLN C 1033 -76.56 -33.39 59.97
CA GLN C 1033 -75.90 -34.69 59.87
C GLN C 1033 -74.96 -34.86 61.07
N GLY C 1034 -73.87 -34.08 61.12
CA GLY C 1034 -72.90 -34.06 62.21
C GLY C 1034 -72.30 -35.39 62.60
N ALA C 1035 -73.08 -36.19 63.33
CA ALA C 1035 -72.70 -37.53 63.78
C ALA C 1035 -72.41 -38.46 62.58
N TYR C 1036 -73.26 -38.41 61.54
CA TYR C 1036 -73.08 -39.21 60.33
C TYR C 1036 -71.88 -38.67 59.53
N ALA C 1037 -71.69 -37.34 59.54
CA ALA C 1037 -70.58 -36.70 58.85
C ALA C 1037 -69.24 -37.07 59.45
N ALA C 1038 -69.16 -37.10 60.79
CA ALA C 1038 -67.93 -37.44 61.50
C ALA C 1038 -67.53 -38.90 61.29
N ALA C 1039 -68.50 -39.83 61.28
CA ALA C 1039 -68.26 -41.26 61.05
C ALA C 1039 -67.64 -41.51 59.69
N ASN C 1040 -68.09 -40.77 58.69
CA ASN C 1040 -67.56 -40.85 57.34
C ASN C 1040 -66.15 -40.27 57.24
N SER C 1041 -65.86 -39.13 57.92
CA SER C 1041 -64.53 -38.49 57.89
C SER C 1041 -63.46 -39.43 58.39
N TRP C 1042 -63.81 -40.30 59.37
CA TRP C 1042 -62.91 -41.31 59.89
C TRP C 1042 -62.67 -42.36 58.84
N LEU C 1043 -63.79 -42.89 58.32
CA LEU C 1043 -63.80 -43.94 57.30
C LEU C 1043 -63.04 -43.51 56.04
N ASP C 1044 -63.10 -42.21 55.68
CA ASP C 1044 -62.39 -41.68 54.52
C ASP C 1044 -60.89 -41.69 54.77
N ALA C 1045 -60.47 -41.28 55.98
CA ALA C 1045 -59.06 -41.27 56.39
C ALA C 1045 -58.52 -42.68 56.56
N PHE C 1046 -59.39 -43.63 57.01
CA PHE C 1046 -59.02 -45.03 57.19
C PHE C 1046 -58.61 -45.65 55.84
N MET C 1047 -59.27 -45.26 54.75
CA MET C 1047 -58.93 -45.77 53.42
C MET C 1047 -57.57 -45.25 52.98
N GLN C 1048 -57.24 -43.98 53.29
CA GLN C 1048 -55.92 -43.42 52.94
C GLN C 1048 -54.83 -44.12 53.76
N TRP C 1049 -55.16 -44.51 55.02
CA TRP C 1049 -54.24 -45.25 55.88
C TRP C 1049 -54.05 -46.67 55.33
N ARG C 1050 -55.14 -47.31 54.91
CA ARG C 1050 -55.11 -48.67 54.36
C ARG C 1050 -54.28 -48.69 53.07
N ARG C 1051 -54.43 -47.65 52.23
CA ARG C 1051 -53.64 -47.51 50.99
C ARG C 1051 -52.17 -47.32 51.34
N ALA C 1052 -51.89 -46.50 52.38
CA ALA C 1052 -50.51 -46.26 52.86
C ALA C 1052 -49.83 -47.57 53.30
N GLN C 1053 -50.58 -48.48 53.95
CA GLN C 1053 -50.04 -49.78 54.36
C GLN C 1053 -49.74 -50.70 53.16
N GLY C 1054 -50.29 -50.38 52.00
CA GLY C 1054 -50.06 -51.13 50.76
C GLY C 1054 -51.32 -51.78 50.24
N LEU C 1055 -52.26 -52.07 51.13
CA LEU C 1055 -53.51 -52.74 50.76
C LEU C 1055 -54.33 -51.86 49.80
N PRO C 1056 -55.22 -52.46 48.98
CA PRO C 1056 -56.06 -51.64 48.11
C PRO C 1056 -57.14 -50.96 48.93
N ALA C 1057 -57.55 -49.75 48.53
CA ALA C 1057 -58.56 -49.00 49.29
C ALA C 1057 -59.21 -47.90 48.46
N THR C 1058 -60.53 -47.72 48.67
CA THR C 1058 -61.33 -46.73 47.94
C THR C 1058 -62.48 -46.20 48.79
N SER C 1059 -62.82 -44.91 48.59
CA SER C 1059 -63.95 -44.26 49.26
C SER C 1059 -64.69 -43.41 48.25
N ILE C 1060 -66.05 -43.52 48.19
CA ILE C 1060 -66.85 -42.72 47.26
C ILE C 1060 -67.87 -41.92 48.05
N ALA C 1061 -67.63 -40.61 48.22
CA ALA C 1061 -68.57 -39.72 48.90
C ALA C 1061 -69.75 -39.44 47.97
N TRP C 1062 -70.84 -40.21 48.15
CA TRP C 1062 -72.01 -40.11 47.27
C TRP C 1062 -72.92 -38.91 47.57
N GLY C 1063 -73.68 -38.53 46.55
CA GLY C 1063 -74.67 -37.45 46.61
C GLY C 1063 -76.05 -37.98 46.90
N ALA C 1064 -77.07 -37.37 46.30
CA ALA C 1064 -78.48 -37.75 46.52
C ALA C 1064 -78.99 -38.71 45.44
N TRP C 1065 -79.30 -39.98 45.81
CA TRP C 1065 -79.77 -40.98 44.84
C TRP C 1065 -81.30 -40.94 44.64
N GLY C 1066 -81.74 -41.37 43.46
CA GLY C 1066 -83.15 -41.37 43.08
C GLY C 1066 -83.99 -42.48 43.69
N GLU C 1067 -83.60 -43.75 43.46
CA GLU C 1067 -84.34 -44.92 43.96
C GLU C 1067 -83.38 -46.08 44.27
N ASN C 1079 -78.88 -32.22 39.28
CA ASN C 1079 -79.99 -32.36 40.22
C ASN C 1079 -80.22 -33.82 40.58
N ALA C 1080 -79.66 -34.27 41.73
CA ALA C 1080 -79.76 -35.63 42.27
C ALA C 1080 -79.18 -36.74 41.32
N ILE C 1081 -78.31 -37.62 41.86
CA ILE C 1081 -77.72 -38.73 41.10
C ILE C 1081 -78.80 -39.81 40.82
N ALA C 1082 -78.76 -40.38 39.62
CA ALA C 1082 -79.67 -41.43 39.16
C ALA C 1082 -79.12 -42.81 39.51
N PRO C 1083 -79.95 -43.87 39.50
CA PRO C 1083 -79.42 -45.21 39.84
C PRO C 1083 -78.38 -45.75 38.85
N ASP C 1084 -78.71 -45.82 37.54
CA ASP C 1084 -77.78 -46.33 36.51
C ASP C 1084 -76.57 -45.39 36.27
N GLU C 1085 -76.69 -44.11 36.68
CA GLU C 1085 -75.63 -43.11 36.59
C GLU C 1085 -74.47 -43.44 37.57
N GLY C 1086 -74.84 -43.83 38.79
CA GLY C 1086 -73.89 -44.21 39.82
C GLY C 1086 -73.25 -45.57 39.61
N ALA C 1087 -73.97 -46.52 38.96
CA ALA C 1087 -73.45 -47.85 38.66
C ALA C 1087 -72.21 -47.79 37.76
N TYR C 1088 -72.24 -46.90 36.75
CA TYR C 1088 -71.11 -46.68 35.84
C TYR C 1088 -69.97 -45.98 36.56
N ALA C 1089 -70.32 -44.98 37.39
CA ALA C 1089 -69.34 -44.23 38.18
C ALA C 1089 -68.59 -45.14 39.15
N PHE C 1090 -69.33 -45.95 39.91
CA PHE C 1090 -68.76 -46.92 40.84
C PHE C 1090 -67.78 -47.85 40.11
N GLU C 1091 -68.21 -48.54 39.04
CA GLU C 1091 -67.37 -49.43 38.22
C GLU C 1091 -66.10 -48.69 37.69
N ALA C 1092 -66.27 -47.44 37.24
CA ALA C 1092 -65.18 -46.61 36.71
C ALA C 1092 -64.16 -46.24 37.77
N ILE C 1093 -64.64 -45.79 38.94
CA ILE C 1093 -63.79 -45.41 40.08
C ILE C 1093 -62.94 -46.60 40.52
N LEU C 1094 -63.50 -47.82 40.44
CA LEU C 1094 -62.79 -49.04 40.82
C LEU C 1094 -61.67 -49.36 39.82
N ARG C 1095 -61.84 -48.93 38.56
CA ARG C 1095 -60.84 -49.13 37.51
C ARG C 1095 -59.64 -48.19 37.66
N HIS C 1096 -59.77 -47.12 38.46
CA HIS C 1096 -58.70 -46.16 38.73
C HIS C 1096 -58.13 -46.27 40.15
N ASP C 1097 -56.86 -45.87 40.30
CA ASP C 1097 -56.09 -45.93 41.55
C ASP C 1097 -56.20 -44.61 42.32
N ARG C 1098 -57.43 -44.33 42.78
CA ARG C 1098 -57.76 -43.13 43.54
C ARG C 1098 -58.40 -43.58 44.82
N VAL C 1099 -57.96 -42.99 45.91
CA VAL C 1099 -58.45 -43.33 47.22
C VAL C 1099 -59.74 -42.56 47.42
N TYR C 1100 -59.62 -41.23 47.61
CA TYR C 1100 -60.78 -40.40 47.88
C TYR C 1100 -61.36 -39.85 46.62
N ASN C 1101 -62.64 -40.15 46.43
CA ASN C 1101 -63.45 -39.73 45.31
C ASN C 1101 -64.62 -38.94 45.90
N GLY C 1102 -65.51 -38.47 45.05
CA GLY C 1102 -66.64 -37.69 45.51
C GLY C 1102 -67.64 -37.38 44.42
N TYR C 1103 -68.55 -38.32 44.17
CA TYR C 1103 -69.56 -38.18 43.14
C TYR C 1103 -70.75 -37.42 43.69
N ALA C 1104 -71.05 -36.26 43.11
CA ALA C 1104 -72.17 -35.45 43.58
C ALA C 1104 -72.66 -34.47 42.51
N PRO C 1105 -73.98 -34.21 42.42
CA PRO C 1105 -74.47 -33.24 41.43
C PRO C 1105 -73.97 -31.85 41.82
N VAL C 1106 -73.15 -31.22 40.96
CA VAL C 1106 -72.55 -29.92 41.27
C VAL C 1106 -73.28 -28.78 40.52
N LEU C 1107 -73.29 -28.78 39.16
CA LEU C 1107 -73.92 -27.75 38.34
C LEU C 1107 -73.81 -26.36 39.05
N GLY C 1108 -74.92 -25.72 39.42
CA GLY C 1108 -74.94 -24.46 40.16
C GLY C 1108 -75.93 -24.56 41.29
N ALA C 1109 -75.74 -25.56 42.16
CA ALA C 1109 -76.64 -25.84 43.28
C ALA C 1109 -76.63 -24.73 44.34
N SER C 1110 -77.69 -24.70 45.14
CA SER C 1110 -77.90 -23.72 46.21
C SER C 1110 -76.90 -23.89 47.35
N TRP C 1111 -76.68 -25.14 47.79
CA TRP C 1111 -75.76 -25.44 48.88
C TRP C 1111 -74.29 -25.12 48.53
N LEU C 1112 -73.91 -25.21 47.24
CA LEU C 1112 -72.54 -24.92 46.78
C LEU C 1112 -72.31 -23.41 46.66
N THR C 1113 -73.26 -22.69 46.06
CA THR C 1113 -73.17 -21.23 45.92
C THR C 1113 -73.19 -20.56 47.31
N ALA C 1114 -73.93 -21.15 48.28
CA ALA C 1114 -73.98 -20.67 49.67
C ALA C 1114 -72.68 -20.97 50.40
N PHE C 1115 -72.11 -22.16 50.17
CA PHE C 1115 -70.86 -22.58 50.80
C PHE C 1115 -69.65 -21.82 50.25
N ALA C 1116 -69.61 -21.55 48.93
CA ALA C 1116 -68.49 -20.86 48.28
C ALA C 1116 -68.32 -19.42 48.74
N GLN C 1117 -69.44 -18.70 48.93
CA GLN C 1117 -69.41 -17.32 49.40
C GLN C 1117 -69.05 -17.23 50.92
N ARG C 1118 -69.40 -18.25 51.72
CA ARG C 1118 -69.12 -18.23 53.17
C ARG C 1118 -67.64 -18.51 53.51
N SER C 1119 -67.01 -19.55 52.90
CA SER C 1119 -65.61 -19.93 53.20
C SER C 1119 -64.72 -19.99 51.92
N PRO C 1120 -63.38 -19.80 52.06
CA PRO C 1120 -62.51 -19.87 50.88
C PRO C 1120 -62.07 -21.31 50.52
N PHE C 1121 -62.64 -22.33 51.18
CA PHE C 1121 -62.35 -23.73 50.86
C PHE C 1121 -62.89 -24.03 49.46
N ALA C 1122 -64.12 -23.57 49.15
CA ALA C 1122 -64.71 -23.76 47.82
C ALA C 1122 -64.55 -22.48 46.98
N GLU C 1123 -63.30 -22.03 46.84
CA GLU C 1123 -62.92 -20.84 46.09
C GLU C 1123 -63.07 -21.07 44.58
N LEU C 1124 -62.68 -22.27 44.12
CA LEU C 1124 -62.71 -22.61 42.70
C LEU C 1124 -64.13 -22.81 42.17
N PHE C 1125 -65.07 -23.13 43.06
CA PHE C 1125 -66.46 -23.33 42.67
C PHE C 1125 -67.18 -22.02 42.34
N LEU C 1126 -66.83 -20.91 43.01
CA LEU C 1126 -67.48 -19.61 42.77
C LEU C 1126 -67.12 -19.07 41.38
N ALA C 1127 -65.81 -19.00 41.08
CA ALA C 1127 -65.26 -18.52 39.80
C ALA C 1127 -65.73 -17.09 39.47
N MET D 2 -75.29 11.32 6.10
CA MET D 2 -76.10 12.43 5.60
C MET D 2 -77.47 12.43 6.34
N LEU D 3 -78.58 12.07 5.65
CA LEU D 3 -79.96 12.09 6.16
C LEU D 3 -80.77 10.96 5.51
N ASP D 4 -80.65 10.85 4.18
CA ASP D 4 -81.11 9.74 3.35
C ASP D 4 -80.24 8.53 3.73
N ARG D 5 -78.91 8.81 3.85
CA ARG D 5 -77.87 7.87 4.27
C ARG D 5 -78.13 7.46 5.71
N GLU D 6 -78.50 8.43 6.57
CA GLU D 6 -78.83 8.11 7.97
C GLU D 6 -80.07 7.20 8.03
N LEU D 7 -80.94 7.24 7.01
CA LEU D 7 -82.10 6.37 6.96
C LEU D 7 -81.63 4.97 6.67
N GLU D 8 -81.00 4.76 5.52
CA GLU D 8 -80.55 3.43 5.10
C GLU D 8 -79.41 2.84 5.96
N SER D 9 -78.66 3.64 6.74
CA SER D 9 -77.55 3.11 7.54
C SER D 9 -78.08 2.34 8.74
N SER D 10 -78.88 3.03 9.53
CA SER D 10 -79.50 2.46 10.71
C SER D 10 -80.51 1.39 10.30
N ALA D 11 -81.10 1.52 9.08
CA ALA D 11 -82.09 0.58 8.58
C ALA D 11 -81.43 -0.66 7.84
N PRO D 12 -81.58 -1.04 6.53
CA PRO D 12 -81.04 -2.34 6.10
C PRO D 12 -79.58 -2.43 5.71
N GLY D 13 -79.23 -3.67 5.37
CA GLY D 13 -77.95 -4.10 4.79
C GLY D 13 -78.26 -4.79 3.46
N VAL D 14 -77.38 -4.65 2.44
CA VAL D 14 -77.60 -5.25 1.11
C VAL D 14 -77.61 -6.79 1.29
N PRO D 15 -76.52 -7.48 1.72
CA PRO D 15 -75.15 -7.02 1.91
C PRO D 15 -74.31 -7.18 0.64
N SER D 16 -73.47 -6.23 0.32
CA SER D 16 -72.69 -6.25 -0.91
C SER D 16 -71.20 -6.28 -0.61
N VAL D 17 -70.35 -6.55 -1.65
CA VAL D 17 -68.90 -6.54 -1.47
C VAL D 17 -68.23 -6.04 -2.74
N SER D 18 -67.20 -5.21 -2.56
CA SER D 18 -66.45 -4.62 -3.65
C SER D 18 -65.57 -5.64 -4.30
N VAL D 19 -65.44 -5.57 -5.64
CA VAL D 19 -64.54 -6.46 -6.40
C VAL D 19 -63.78 -5.68 -7.48
N HIS D 20 -62.72 -6.33 -8.01
CA HIS D 20 -61.91 -5.74 -9.07
C HIS D 20 -62.79 -5.64 -10.28
N PRO D 21 -62.70 -4.59 -11.11
CA PRO D 21 -63.60 -4.51 -12.28
C PRO D 21 -63.53 -5.71 -13.23
N LEU D 22 -62.32 -6.13 -13.58
CA LEU D 22 -62.16 -7.26 -14.47
C LEU D 22 -62.20 -8.58 -13.71
N LEU D 23 -61.22 -8.83 -12.81
CA LEU D 23 -61.12 -10.08 -12.04
C LEU D 23 -62.46 -10.51 -11.47
N GLY D 24 -63.16 -9.60 -10.83
CA GLY D 24 -64.47 -9.92 -10.28
C GLY D 24 -64.39 -10.65 -8.97
N SER D 25 -65.36 -11.55 -8.72
CA SER D 25 -65.50 -12.30 -7.46
C SER D 25 -64.30 -13.22 -7.24
N HIS D 26 -63.76 -13.18 -6.02
CA HIS D 26 -62.56 -13.87 -5.60
C HIS D 26 -62.85 -14.91 -4.58
N VAL D 27 -62.31 -16.12 -4.80
CA VAL D 27 -62.44 -17.23 -3.88
C VAL D 27 -61.09 -17.94 -3.77
N VAL D 28 -60.65 -18.17 -2.53
CA VAL D 28 -59.45 -18.92 -2.23
C VAL D 28 -59.90 -20.31 -1.96
N LEU D 29 -59.36 -21.29 -2.68
CA LEU D 29 -59.83 -22.66 -2.59
C LEU D 29 -59.38 -23.30 -1.29
N PRO D 30 -60.22 -24.18 -0.71
CA PRO D 30 -59.86 -24.85 0.54
C PRO D 30 -58.92 -26.02 0.28
N GLN D 31 -57.65 -25.69 0.02
CA GLN D 31 -56.62 -26.67 -0.29
C GLN D 31 -55.24 -26.06 -0.20
N GLU D 32 -54.23 -26.93 -0.02
CA GLU D 32 -52.83 -26.53 -0.01
C GLU D 32 -52.29 -26.91 -1.38
N PRO D 33 -51.56 -26.01 -2.06
CA PRO D 33 -51.09 -24.68 -1.62
C PRO D 33 -52.14 -23.58 -1.79
N GLU D 34 -51.81 -22.39 -1.26
CA GLU D 34 -52.64 -21.19 -1.36
C GLU D 34 -53.02 -21.03 -2.83
N GLU D 35 -54.26 -21.43 -3.20
CA GLU D 35 -54.73 -21.33 -4.58
C GLU D 35 -55.93 -20.41 -4.64
N HIS D 36 -55.83 -19.36 -5.47
CA HIS D 36 -56.85 -18.34 -5.64
C HIS D 36 -57.60 -18.56 -6.93
N LEU D 37 -58.78 -17.95 -7.04
CA LEU D 37 -59.63 -18.10 -8.22
C LEU D 37 -60.62 -16.97 -8.34
N TRP D 38 -60.59 -16.25 -9.47
CA TRP D 38 -61.52 -15.18 -9.75
C TRP D 38 -62.38 -15.56 -10.93
N GLN D 39 -63.59 -15.02 -10.97
CA GLN D 39 -64.52 -15.19 -12.08
C GLN D 39 -65.06 -13.81 -12.38
N GLY D 40 -64.99 -13.38 -13.62
CA GLY D 40 -65.46 -12.05 -13.99
C GLY D 40 -65.84 -11.88 -15.44
N ASP D 41 -66.67 -10.86 -15.71
CA ASP D 41 -67.14 -10.54 -17.06
C ASP D 41 -66.28 -9.47 -17.67
N VAL D 42 -65.92 -9.67 -18.95
CA VAL D 42 -65.15 -8.71 -19.74
C VAL D 42 -65.95 -8.43 -21.03
N GLY D 43 -67.28 -8.52 -20.92
CA GLY D 43 -68.18 -8.30 -22.04
C GLY D 43 -68.39 -6.84 -22.33
N THR D 44 -68.88 -6.52 -23.53
CA THR D 44 -69.11 -5.15 -23.94
C THR D 44 -70.29 -4.52 -23.17
N GLU D 45 -71.24 -5.32 -22.67
CA GLU D 45 -72.36 -4.78 -21.88
C GLU D 45 -71.85 -4.36 -20.51
N ALA D 46 -71.00 -5.19 -19.89
CA ALA D 46 -70.39 -4.92 -18.60
C ALA D 46 -69.37 -3.77 -18.66
N HIS D 47 -68.47 -3.82 -19.67
CA HIS D 47 -67.42 -2.82 -19.90
C HIS D 47 -67.56 -2.23 -21.31
N PRO D 48 -68.41 -1.20 -21.47
CA PRO D 48 -68.63 -0.61 -22.81
C PRO D 48 -67.37 -0.20 -23.52
N TRP D 49 -66.48 0.49 -22.81
CA TRP D 49 -65.21 0.94 -23.34
C TRP D 49 -64.40 -0.16 -24.06
N LEU D 50 -64.57 -1.45 -23.71
CA LEU D 50 -63.84 -2.54 -24.38
C LEU D 50 -64.24 -2.73 -25.86
N SER D 51 -65.43 -2.23 -26.27
CA SER D 51 -65.86 -2.31 -27.67
C SER D 51 -65.02 -1.40 -28.58
N ASP D 52 -64.38 -0.37 -27.99
CA ASP D 52 -63.54 0.58 -28.73
C ASP D 52 -62.22 -0.08 -29.21
N HIS D 53 -61.76 -1.19 -28.59
CA HIS D 53 -60.58 -1.91 -29.07
C HIS D 53 -61.07 -3.06 -29.92
N ARG D 54 -60.80 -3.04 -31.23
CA ARG D 54 -61.30 -4.07 -32.15
C ARG D 54 -60.32 -4.37 -33.29
N VAL D 55 -60.06 -5.66 -33.51
CA VAL D 55 -59.15 -6.15 -34.54
C VAL D 55 -59.99 -6.72 -35.68
N HIS D 56 -59.81 -6.15 -36.89
CA HIS D 56 -60.55 -6.54 -38.09
C HIS D 56 -62.06 -6.37 -37.86
N GLN D 57 -62.44 -5.20 -37.31
CA GLN D 57 -63.83 -4.80 -37.03
C GLN D 57 -64.56 -5.72 -36.02
N VAL D 58 -63.82 -6.50 -35.20
CA VAL D 58 -64.40 -7.37 -34.18
C VAL D 58 -63.81 -6.98 -32.85
N ALA D 59 -64.65 -6.74 -31.83
CA ALA D 59 -64.17 -6.37 -30.50
C ALA D 59 -63.37 -7.49 -29.88
N VAL D 60 -62.13 -7.19 -29.41
CA VAL D 60 -61.25 -8.17 -28.78
C VAL D 60 -60.65 -7.59 -27.51
N LEU D 61 -60.27 -8.48 -26.59
CA LEU D 61 -59.66 -8.06 -25.34
C LEU D 61 -58.22 -7.68 -25.60
N PRO D 62 -57.82 -6.43 -25.26
CA PRO D 62 -56.42 -6.02 -25.52
C PRO D 62 -55.42 -6.74 -24.62
N GLY D 63 -54.15 -6.75 -25.05
CA GLY D 63 -53.06 -7.35 -24.28
C GLY D 63 -52.98 -6.75 -22.90
N ALA D 64 -53.11 -5.42 -22.85
CA ALA D 64 -53.12 -4.59 -21.63
C ALA D 64 -54.16 -5.05 -20.56
N ALA D 65 -55.27 -5.69 -20.96
CA ALA D 65 -56.27 -6.18 -20.01
C ALA D 65 -55.68 -7.27 -19.14
N TYR D 66 -54.96 -8.22 -19.74
CA TYR D 66 -54.33 -9.31 -19.00
C TYR D 66 -53.20 -8.79 -18.10
N CYS D 67 -52.52 -7.70 -18.51
CA CYS D 67 -51.46 -7.08 -17.70
C CYS D 67 -52.04 -6.64 -16.39
N GLU D 68 -53.13 -5.86 -16.46
CA GLU D 68 -53.82 -5.36 -15.29
C GLU D 68 -54.28 -6.52 -14.40
N MET D 69 -54.88 -7.55 -15.00
CA MET D 69 -55.34 -8.74 -14.27
C MET D 69 -54.20 -9.38 -13.50
N ALA D 70 -53.02 -9.51 -14.12
CA ALA D 70 -51.85 -10.09 -13.47
C ALA D 70 -51.39 -9.20 -12.32
N LEU D 71 -51.20 -7.91 -12.57
CA LEU D 71 -50.80 -6.94 -11.55
C LEU D 71 -51.78 -6.90 -10.37
N ALA D 72 -53.07 -6.99 -10.67
CA ALA D 72 -54.11 -7.00 -9.66
C ALA D 72 -54.01 -8.24 -8.77
N ALA D 73 -53.77 -9.41 -9.38
CA ALA D 73 -53.68 -10.69 -8.69
C ALA D 73 -52.39 -10.87 -7.84
N VAL D 74 -51.43 -9.94 -7.90
CA VAL D 74 -50.18 -10.07 -7.14
C VAL D 74 -50.42 -9.92 -5.64
N THR D 75 -50.88 -8.73 -5.23
CA THR D 75 -51.10 -8.37 -3.83
C THR D 75 -51.96 -9.38 -3.05
N PRO D 76 -53.11 -9.86 -3.57
CA PRO D 76 -53.91 -10.82 -2.79
C PRO D 76 -53.23 -12.17 -2.56
N VAL D 77 -52.52 -12.67 -3.57
CA VAL D 77 -51.84 -13.98 -3.47
C VAL D 77 -50.62 -13.81 -2.57
N LEU D 78 -49.70 -12.97 -3.05
CA LEU D 78 -48.45 -12.61 -2.37
C LEU D 78 -48.66 -11.27 -1.65
N GLY D 79 -49.01 -11.33 -0.36
CA GLY D 79 -49.30 -10.16 0.46
C GLY D 79 -48.15 -9.21 0.63
N ASP D 80 -47.79 -8.51 -0.46
CA ASP D 80 -46.63 -7.62 -0.53
C ASP D 80 -46.61 -6.90 -1.89
N THR D 81 -45.51 -6.17 -2.09
CA THR D 81 -45.14 -5.50 -3.32
C THR D 81 -44.61 -6.58 -4.25
N GLY D 82 -45.12 -6.65 -5.48
CA GLY D 82 -44.62 -7.66 -6.39
C GLY D 82 -44.56 -7.28 -7.85
N GLU D 83 -43.98 -8.20 -8.61
CA GLU D 83 -43.74 -8.12 -10.04
C GLU D 83 -44.55 -9.17 -10.73
N VAL D 84 -44.65 -9.04 -12.05
CA VAL D 84 -45.33 -10.00 -12.92
C VAL D 84 -44.29 -10.40 -13.94
N HIS D 85 -43.80 -11.63 -13.87
CA HIS D 85 -42.78 -12.10 -14.81
C HIS D 85 -43.36 -12.95 -15.92
N ASP D 86 -42.67 -12.95 -17.07
CA ASP D 86 -42.94 -13.78 -18.24
C ASP D 86 -44.44 -13.89 -18.53
N LEU D 87 -45.12 -12.75 -18.69
CA LEU D 87 -46.54 -12.72 -19.03
C LEU D 87 -46.70 -12.96 -20.51
N LYS D 88 -47.46 -13.99 -20.90
CA LYS D 88 -47.67 -14.35 -22.32
C LYS D 88 -49.14 -14.29 -22.67
N PHE D 89 -49.46 -13.84 -23.89
CA PHE D 89 -50.83 -13.81 -24.40
C PHE D 89 -50.94 -14.88 -25.47
N HIS D 90 -51.87 -15.81 -25.29
CA HIS D 90 -52.04 -16.93 -26.19
C HIS D 90 -53.08 -16.56 -27.26
N ASP D 91 -54.31 -17.12 -27.19
CA ASP D 91 -55.33 -16.87 -28.19
C ASP D 91 -55.98 -15.51 -27.95
N MET D 92 -56.56 -14.96 -29.02
CA MET D 92 -57.18 -13.64 -28.98
C MET D 92 -58.61 -13.79 -28.52
N LEU D 93 -58.97 -13.13 -27.39
CA LEU D 93 -60.32 -13.25 -26.85
C LEU D 93 -61.25 -12.34 -27.59
N LEU D 94 -62.30 -12.88 -28.20
CA LEU D 94 -63.28 -12.10 -28.93
C LEU D 94 -64.44 -11.86 -28.01
N LEU D 95 -64.80 -10.60 -27.86
CA LEU D 95 -65.79 -10.18 -26.90
C LEU D 95 -67.18 -10.13 -27.46
N ASP D 96 -68.13 -10.48 -26.59
CA ASP D 96 -69.57 -10.44 -26.79
C ASP D 96 -70.14 -9.50 -25.74
N ASP D 97 -71.48 -9.44 -25.62
CA ASP D 97 -72.15 -8.61 -24.60
C ASP D 97 -71.75 -9.11 -23.19
N ALA D 98 -71.60 -10.44 -23.05
CA ALA D 98 -71.17 -11.09 -21.83
C ALA D 98 -70.10 -12.11 -22.18
N THR D 99 -68.90 -11.94 -21.59
CA THR D 99 -67.74 -12.79 -21.83
C THR D 99 -67.16 -13.17 -20.47
N PRO D 100 -67.62 -14.28 -19.84
CA PRO D 100 -67.06 -14.66 -18.53
C PRO D 100 -65.66 -15.20 -18.68
N VAL D 101 -64.80 -14.86 -17.73
CA VAL D 101 -63.38 -15.21 -17.74
C VAL D 101 -62.95 -15.62 -16.35
N TRP D 102 -62.08 -16.64 -16.28
CA TRP D 102 -61.58 -17.16 -15.02
C TRP D 102 -60.09 -16.99 -14.82
N VAL D 103 -59.72 -16.14 -13.85
CA VAL D 103 -58.33 -15.94 -13.49
C VAL D 103 -58.02 -16.92 -12.37
N SER D 104 -56.78 -17.37 -12.28
CA SER D 104 -56.42 -18.33 -11.25
C SER D 104 -54.92 -18.28 -10.97
N ALA D 105 -54.56 -18.07 -9.70
CA ALA D 105 -53.17 -18.03 -9.25
C ALA D 105 -52.95 -19.08 -8.18
N ALA D 106 -51.78 -19.73 -8.20
CA ALA D 106 -51.45 -20.77 -7.23
C ALA D 106 -50.04 -20.64 -6.79
N VAL D 107 -49.80 -20.67 -5.46
CA VAL D 107 -48.47 -20.55 -4.93
C VAL D 107 -47.72 -21.84 -5.20
N THR D 108 -46.57 -21.73 -5.85
CA THR D 108 -45.71 -22.86 -6.19
C THR D 108 -44.62 -22.98 -5.14
N ALA D 109 -43.88 -21.88 -4.96
CA ALA D 109 -42.78 -21.73 -4.01
C ALA D 109 -43.00 -20.44 -3.22
N PRO D 110 -42.35 -20.25 -2.05
CA PRO D 110 -42.57 -19.01 -1.31
C PRO D 110 -42.16 -17.77 -2.11
N GLY D 111 -43.08 -16.80 -2.17
CA GLY D 111 -42.87 -15.57 -2.92
C GLY D 111 -42.94 -15.77 -4.42
N THR D 112 -43.62 -16.85 -4.87
CA THR D 112 -43.77 -17.18 -6.29
C THR D 112 -45.12 -17.81 -6.53
N ALA D 113 -45.72 -17.56 -7.68
CA ALA D 113 -47.03 -18.15 -7.97
C ALA D 113 -47.33 -18.18 -9.47
N GLU D 114 -47.96 -19.26 -9.93
CA GLU D 114 -48.33 -19.43 -11.32
C GLU D 114 -49.68 -18.77 -11.55
N PHE D 115 -49.77 -17.91 -12.57
CA PHE D 115 -50.97 -17.14 -12.91
C PHE D 115 -51.56 -17.62 -14.23
N GLY D 116 -52.86 -17.45 -14.42
CA GLY D 116 -53.50 -17.91 -15.65
C GLY D 116 -54.95 -17.51 -15.88
N VAL D 117 -55.19 -16.80 -17.01
CA VAL D 117 -56.51 -16.35 -17.43
C VAL D 117 -57.01 -17.28 -18.52
N GLU D 118 -58.18 -17.90 -18.30
CA GLU D 118 -58.79 -18.85 -19.24
C GLU D 118 -60.26 -18.54 -19.42
N THR D 119 -60.86 -19.12 -20.45
CA THR D 119 -62.28 -18.95 -20.72
C THR D 119 -62.86 -20.33 -21.13
N HIS D 120 -64.04 -20.64 -20.61
CA HIS D 120 -64.74 -21.90 -20.76
C HIS D 120 -65.97 -21.70 -21.66
N GLN D 121 -66.05 -22.46 -22.79
CA GLN D 121 -67.14 -22.36 -23.77
C GLN D 121 -67.62 -23.74 -24.19
N SER D 122 -68.82 -24.14 -23.72
CA SER D 122 -69.48 -25.43 -24.04
C SER D 122 -68.69 -26.65 -23.51
N GLY D 123 -67.92 -26.47 -22.44
CA GLY D 123 -67.08 -27.51 -21.85
C GLY D 123 -65.60 -27.37 -22.20
N ASP D 124 -65.29 -26.69 -23.34
CA ASP D 124 -63.94 -26.53 -23.87
C ASP D 124 -63.23 -25.31 -23.28
N ARG D 125 -62.21 -25.55 -22.44
CA ARG D 125 -61.41 -24.49 -21.82
C ARG D 125 -60.41 -23.95 -22.85
N THR D 126 -60.16 -22.64 -22.84
CA THR D 126 -59.23 -22.00 -23.76
C THR D 126 -58.34 -21.06 -22.97
N GLN D 127 -57.04 -21.36 -22.87
CA GLN D 127 -56.10 -20.51 -22.12
C GLN D 127 -55.82 -19.27 -22.93
N ARG D 128 -56.01 -18.09 -22.33
CA ARG D 128 -55.85 -16.79 -22.99
C ARG D 128 -54.58 -16.08 -22.57
N ALA D 129 -54.08 -16.31 -21.35
CA ALA D 129 -52.84 -15.69 -20.90
C ALA D 129 -52.29 -16.40 -19.66
N THR D 130 -50.95 -16.42 -19.51
CA THR D 130 -50.27 -17.03 -18.36
C THR D 130 -49.03 -16.26 -17.99
N ALA D 131 -48.72 -16.22 -16.68
CA ALA D 131 -47.56 -15.50 -16.16
C ALA D 131 -47.08 -16.09 -14.84
N VAL D 132 -46.11 -15.43 -14.22
CA VAL D 132 -45.58 -15.80 -12.92
C VAL D 132 -45.59 -14.58 -12.05
N LEU D 133 -46.10 -14.70 -10.84
CA LEU D 133 -46.17 -13.58 -9.91
C LEU D 133 -45.04 -13.73 -8.91
N ARG D 134 -44.35 -12.64 -8.56
CA ARG D 134 -43.23 -12.70 -7.63
C ARG D 134 -43.29 -11.54 -6.64
N GLY D 135 -43.15 -11.85 -5.35
CA GLY D 135 -43.17 -10.86 -4.27
C GLY D 135 -41.83 -10.59 -3.62
N ASP D 136 -40.92 -11.59 -3.68
CA ASP D 136 -39.55 -11.54 -3.15
C ASP D 136 -38.68 -10.41 -3.76
N VAL D 137 -39.01 -9.99 -5.00
CA VAL D 137 -38.29 -8.94 -5.74
C VAL D 137 -38.11 -7.66 -4.92
N ASP D 138 -36.93 -7.03 -5.09
CA ASP D 138 -36.54 -5.83 -4.35
C ASP D 138 -37.15 -4.55 -4.92
N ALA D 139 -37.41 -3.58 -4.02
CA ALA D 139 -38.00 -2.29 -4.36
C ALA D 139 -36.95 -1.39 -5.01
N GLU D 140 -36.74 -1.61 -6.32
CA GLU D 140 -35.78 -0.87 -7.13
C GLU D 140 -36.55 0.07 -8.05
N ARG D 141 -37.05 1.18 -7.47
CA ARG D 141 -37.84 2.16 -8.22
C ARG D 141 -36.92 2.98 -9.10
N PRO D 142 -37.10 2.99 -10.44
CA PRO D 142 -36.22 3.80 -11.27
C PRO D 142 -36.37 5.28 -10.96
N ALA D 143 -35.25 6.00 -10.97
CA ALA D 143 -35.24 7.40 -10.63
C ALA D 143 -36.04 8.22 -11.62
N ALA D 144 -36.67 9.28 -11.08
CA ALA D 144 -37.50 10.19 -11.84
C ALA D 144 -36.71 10.84 -12.96
N HIS D 145 -37.42 11.20 -14.02
CA HIS D 145 -36.85 11.80 -15.20
C HIS D 145 -37.19 13.28 -15.26
N SER D 146 -36.46 14.00 -16.10
CA SER D 146 -36.67 15.43 -16.33
C SER D 146 -37.54 15.53 -17.54
N ILE D 147 -38.83 15.78 -17.33
CA ILE D 147 -39.80 15.86 -18.42
C ILE D 147 -39.41 16.98 -19.39
N ASP D 148 -38.90 18.10 -18.88
CA ASP D 148 -38.48 19.21 -19.72
C ASP D 148 -37.32 18.79 -20.63
N ALA D 149 -36.27 18.18 -20.06
CA ALA D 149 -35.10 17.72 -20.81
C ALA D 149 -35.44 16.59 -21.78
N LEU D 150 -36.32 15.66 -21.38
CA LEU D 150 -36.76 14.58 -22.25
C LEU D 150 -37.43 15.14 -23.49
N LEU D 151 -38.38 16.04 -23.30
CA LEU D 151 -39.12 16.65 -24.40
C LEU D 151 -38.24 17.54 -25.26
N ALA D 152 -37.20 18.14 -24.67
CA ALA D 152 -36.23 18.93 -25.40
C ALA D 152 -35.36 18.03 -26.27
N ALA D 153 -34.98 16.85 -25.76
CA ALA D 153 -34.17 15.88 -26.50
C ALA D 153 -34.95 15.17 -27.64
N HIS D 154 -36.30 15.21 -27.60
CA HIS D 154 -37.16 14.62 -28.63
C HIS D 154 -38.00 15.74 -29.25
N PRO D 155 -37.48 16.42 -30.28
CA PRO D 155 -38.22 17.53 -30.88
C PRO D 155 -39.26 17.12 -31.91
N ASN D 156 -38.98 16.07 -32.70
CA ASN D 156 -39.88 15.63 -33.77
C ASN D 156 -41.19 15.07 -33.20
N ARG D 157 -42.29 15.80 -33.39
CA ARG D 157 -43.62 15.43 -32.88
C ARG D 157 -44.37 14.54 -33.87
N VAL D 158 -45.11 13.55 -33.33
CA VAL D 158 -45.95 12.60 -34.08
C VAL D 158 -47.36 12.71 -33.53
N ASP D 159 -48.37 13.07 -34.34
CA ASP D 159 -49.74 13.21 -33.81
C ASP D 159 -50.32 11.82 -33.51
N GLY D 160 -51.13 11.77 -32.45
CA GLY D 160 -51.78 10.55 -32.00
C GLY D 160 -52.83 10.06 -32.97
N ASP D 161 -53.68 10.98 -33.47
CA ASP D 161 -54.74 10.65 -34.43
C ASP D 161 -54.16 10.12 -35.74
N GLU D 162 -53.05 10.74 -36.20
CA GLU D 162 -52.31 10.35 -37.40
C GLU D 162 -51.77 8.93 -37.26
N LEU D 163 -51.26 8.59 -36.07
CA LEU D 163 -50.73 7.25 -35.78
C LEU D 163 -51.88 6.24 -35.65
N ARG D 164 -52.98 6.62 -34.95
CA ARG D 164 -54.16 5.75 -34.77
C ARG D 164 -54.87 5.52 -36.11
N ALA D 165 -54.71 6.44 -37.09
CA ALA D 165 -55.24 6.24 -38.43
C ALA D 165 -54.39 5.17 -39.15
N GLY D 166 -53.08 5.20 -38.91
CA GLY D 166 -52.13 4.23 -39.43
C GLY D 166 -52.40 2.82 -38.92
N PHE D 167 -52.86 2.71 -37.66
CA PHE D 167 -53.25 1.42 -37.08
C PHE D 167 -54.47 0.84 -37.79
N GLY D 168 -55.42 1.70 -38.16
CA GLY D 168 -56.63 1.30 -38.87
C GLY D 168 -56.39 0.65 -40.23
N THR D 169 -55.26 0.95 -40.90
CA THR D 169 -54.92 0.37 -42.19
C THR D 169 -54.52 -1.11 -42.05
N VAL D 170 -53.70 -1.43 -41.02
CA VAL D 170 -53.25 -2.81 -40.78
C VAL D 170 -54.38 -3.71 -40.24
N GLY D 171 -55.45 -3.11 -39.68
CA GLY D 171 -56.61 -3.85 -39.18
C GLY D 171 -56.99 -3.58 -37.73
N ILE D 172 -56.12 -2.87 -36.97
CA ILE D 172 -56.35 -2.60 -35.56
C ILE D 172 -57.11 -1.27 -35.41
N GLY D 173 -58.28 -1.32 -34.78
CA GLY D 173 -59.11 -0.16 -34.52
C GLY D 173 -59.08 0.27 -33.07
N HIS D 174 -58.76 1.55 -32.83
CA HIS D 174 -58.73 2.13 -31.49
C HIS D 174 -59.77 3.25 -31.41
N GLY D 175 -60.84 3.01 -30.68
CA GLY D 175 -61.91 3.98 -30.51
C GLY D 175 -61.59 5.03 -29.47
N ALA D 176 -62.61 5.80 -29.07
CA ALA D 176 -62.51 6.91 -28.10
C ALA D 176 -61.73 6.56 -26.84
N ALA D 177 -62.03 5.41 -26.25
CA ALA D 177 -61.39 4.92 -25.02
C ALA D 177 -59.90 4.67 -25.18
N PHE D 178 -59.50 4.13 -26.34
CA PHE D 178 -58.12 3.77 -26.61
C PHE D 178 -57.35 4.90 -27.31
N ALA D 179 -57.92 6.13 -27.34
CA ALA D 179 -57.28 7.29 -27.94
C ALA D 179 -56.57 8.16 -26.89
N GLY D 180 -55.98 7.52 -25.87
CA GLY D 180 -55.30 8.24 -24.81
C GLY D 180 -54.02 8.91 -25.27
N LEU D 181 -53.35 8.31 -26.29
CA LEU D 181 -52.11 8.85 -26.82
C LEU D 181 -52.38 10.15 -27.58
N SER D 182 -52.00 11.29 -26.97
CA SER D 182 -52.21 12.62 -27.55
C SER D 182 -51.23 12.88 -28.66
N GLU D 183 -49.94 12.68 -28.37
CA GLU D 183 -48.84 12.92 -29.30
C GLU D 183 -47.55 12.31 -28.78
N ALA D 184 -46.73 11.77 -29.68
CA ALA D 184 -45.46 11.13 -29.32
C ALA D 184 -44.29 11.91 -29.89
N TYR D 185 -43.31 12.24 -29.05
CA TYR D 185 -42.13 12.99 -29.44
C TYR D 185 -40.98 12.02 -29.67
N VAL D 186 -40.31 12.12 -30.83
CA VAL D 186 -39.18 11.27 -31.21
C VAL D 186 -38.02 12.15 -31.66
N ALA D 187 -36.97 11.53 -32.20
CA ALA D 187 -35.82 12.26 -32.72
C ALA D 187 -35.39 11.61 -34.05
N THR D 188 -34.60 10.53 -34.01
CA THR D 188 -34.12 9.82 -35.21
C THR D 188 -34.14 8.31 -34.93
N ALA D 189 -33.65 7.50 -35.88
CA ALA D 189 -33.55 6.05 -35.68
C ALA D 189 -32.40 5.72 -34.71
N ALA D 190 -31.31 6.52 -34.75
CA ALA D 190 -30.13 6.36 -33.88
C ALA D 190 -30.50 6.48 -32.41
N GLU D 191 -31.43 7.41 -32.10
CA GLU D 191 -31.94 7.64 -30.74
C GLU D 191 -33.03 6.59 -30.49
N PRO D 192 -32.87 5.67 -29.52
CA PRO D 192 -33.84 4.58 -29.38
C PRO D 192 -35.01 4.86 -28.42
N THR D 193 -35.34 6.13 -28.11
CA THR D 193 -36.41 6.43 -27.16
C THR D 193 -37.55 7.26 -27.73
N VAL D 194 -38.73 7.15 -27.09
CA VAL D 194 -39.95 7.87 -27.43
C VAL D 194 -40.57 8.44 -26.18
N VAL D 195 -40.79 9.75 -26.15
CA VAL D 195 -41.47 10.42 -25.04
C VAL D 195 -42.88 10.62 -25.53
N ALA D 196 -43.85 9.93 -24.93
CA ALA D 196 -45.24 10.05 -25.37
C ALA D 196 -46.09 10.77 -24.35
N ALA D 197 -47.11 11.50 -24.82
CA ALA D 197 -48.00 12.25 -23.95
C ALA D 197 -49.34 11.54 -23.85
N VAL D 198 -49.39 10.49 -23.03
CA VAL D 198 -50.60 9.67 -22.83
C VAL D 198 -51.40 10.20 -21.66
N ALA D 199 -52.68 9.85 -21.63
CA ALA D 199 -53.59 10.26 -20.57
C ALA D 199 -54.90 9.55 -20.72
N LEU D 200 -55.44 9.00 -19.64
CA LEU D 200 -56.71 8.27 -19.69
C LEU D 200 -57.86 9.21 -20.09
N PRO D 201 -58.60 8.93 -21.20
CA PRO D 201 -59.68 9.84 -21.61
C PRO D 201 -60.69 10.18 -20.52
N GLY D 202 -61.23 11.40 -20.60
CA GLY D 202 -62.21 11.96 -19.66
C GLY D 202 -63.34 11.05 -19.21
N PRO D 203 -64.02 10.33 -20.13
CA PRO D 203 -65.10 9.44 -19.68
C PRO D 203 -64.65 8.35 -18.71
N LEU D 204 -63.48 7.78 -18.99
CA LEU D 204 -62.92 6.72 -18.20
C LEU D 204 -62.33 7.17 -16.87
N ARG D 205 -62.07 8.49 -16.67
CA ARG D 205 -61.50 8.98 -15.41
C ARG D 205 -62.43 8.69 -14.22
N SER D 206 -63.75 8.66 -14.46
CA SER D 206 -64.73 8.26 -13.43
C SER D 206 -64.54 6.78 -13.10
N GLY D 207 -64.36 5.99 -14.16
CA GLY D 207 -64.12 4.56 -14.06
C GLY D 207 -62.68 4.13 -13.83
N GLN D 208 -61.88 4.91 -13.03
CA GLN D 208 -60.50 4.54 -12.67
C GLN D 208 -60.57 3.50 -11.53
N ARG D 209 -61.72 3.47 -10.82
CA ARG D 209 -62.16 2.48 -9.84
C ARG D 209 -60.98 1.79 -9.08
N GLY D 210 -60.84 0.46 -9.21
CA GLY D 210 -59.82 -0.32 -8.53
C GLY D 210 -58.80 -0.91 -9.47
N TYR D 211 -58.45 -0.15 -10.51
CA TYR D 211 -57.45 -0.58 -11.48
C TYR D 211 -56.05 -0.17 -10.99
N THR D 212 -55.09 -1.12 -11.01
CA THR D 212 -53.68 -0.81 -10.74
C THR D 212 -53.24 0.19 -11.83
N VAL D 213 -53.58 -0.15 -13.08
CA VAL D 213 -53.41 0.67 -14.28
C VAL D 213 -54.59 0.38 -15.20
N HIS D 214 -55.24 1.43 -15.73
CA HIS D 214 -56.40 1.20 -16.60
C HIS D 214 -55.93 0.60 -17.92
N PRO D 215 -56.50 -0.51 -18.41
CA PRO D 215 -55.99 -1.10 -19.66
C PRO D 215 -56.06 -0.16 -20.88
N ALA D 216 -57.02 0.77 -20.90
CA ALA D 216 -57.15 1.75 -21.98
C ALA D 216 -55.89 2.64 -22.07
N LEU D 217 -55.39 3.01 -20.89
CA LEU D 217 -54.19 3.83 -20.72
C LEU D 217 -52.93 3.05 -21.05
N LEU D 218 -52.80 1.84 -20.51
CA LEU D 218 -51.62 1.01 -20.77
C LEU D 218 -51.52 0.64 -22.25
N ASP D 219 -52.66 0.44 -22.95
CA ASP D 219 -52.61 0.13 -24.39
C ASP D 219 -52.16 1.37 -25.17
N ALA D 220 -52.54 2.58 -24.70
CA ALA D 220 -52.10 3.83 -25.34
C ALA D 220 -50.57 4.02 -25.20
N CYS D 221 -49.96 3.42 -24.17
CA CYS D 221 -48.51 3.44 -23.99
C CYS D 221 -47.86 2.49 -24.99
N PHE D 222 -48.49 1.33 -25.22
CA PHE D 222 -47.99 0.36 -26.19
C PHE D 222 -48.05 0.96 -27.60
N GLN D 223 -49.14 1.72 -27.92
CA GLN D 223 -49.26 2.40 -29.22
C GLN D 223 -48.07 3.32 -29.47
N SER D 224 -47.66 4.03 -28.39
CA SER D 224 -46.55 4.99 -28.39
C SER D 224 -45.22 4.39 -28.92
N VAL D 225 -45.00 3.08 -28.73
CA VAL D 225 -43.78 2.41 -29.21
C VAL D 225 -43.69 2.45 -30.76
N ILE D 226 -44.85 2.37 -31.44
CA ILE D 226 -44.92 2.35 -32.90
C ILE D 226 -44.55 3.71 -33.50
N ALA D 227 -44.67 4.81 -32.72
CA ALA D 227 -44.29 6.15 -33.19
C ALA D 227 -42.78 6.27 -33.47
N HIS D 228 -41.94 5.35 -32.94
CA HIS D 228 -40.49 5.40 -33.16
C HIS D 228 -40.16 5.23 -34.65
N PRO D 229 -39.22 6.03 -35.21
CA PRO D 229 -38.91 5.88 -36.65
C PRO D 229 -38.34 4.52 -37.04
N GLU D 230 -37.45 3.93 -36.22
CA GLU D 230 -36.85 2.61 -36.49
C GLU D 230 -37.94 1.54 -36.59
N VAL D 231 -39.05 1.68 -35.82
CA VAL D 231 -40.17 0.73 -35.86
C VAL D 231 -40.96 0.92 -37.15
N GLN D 232 -41.27 2.19 -37.48
CA GLN D 232 -42.02 2.53 -38.70
C GLN D 232 -41.33 2.01 -39.95
N ASN D 233 -40.01 2.22 -40.02
CA ASN D 233 -39.19 1.82 -41.16
C ASN D 233 -39.07 0.30 -41.28
N ILE D 234 -38.63 -0.39 -40.19
CA ILE D 234 -38.41 -1.83 -40.21
C ILE D 234 -39.76 -2.59 -40.20
N ALA D 235 -40.40 -2.75 -39.04
CA ALA D 235 -41.65 -3.50 -38.93
C ALA D 235 -42.84 -2.69 -39.46
N SER D 236 -43.05 -2.78 -40.77
CA SER D 236 -44.16 -2.11 -41.46
C SER D 236 -45.29 -3.14 -41.72
N GLY D 237 -45.75 -3.77 -40.64
CA GLY D 237 -46.82 -4.76 -40.65
C GLY D 237 -47.74 -4.59 -39.46
N MET D 238 -48.62 -5.56 -39.20
CA MET D 238 -49.55 -5.50 -38.06
C MET D 238 -48.83 -5.89 -36.77
N LEU D 239 -48.62 -4.92 -35.86
CA LEU D 239 -47.92 -5.16 -34.59
C LEU D 239 -48.90 -5.22 -33.43
N LEU D 240 -49.03 -6.42 -32.84
CA LEU D 240 -49.88 -6.71 -31.70
C LEU D 240 -49.05 -7.11 -30.51
N PRO D 241 -49.41 -6.73 -29.27
CA PRO D 241 -48.63 -7.15 -28.11
C PRO D 241 -48.78 -8.64 -27.84
N LEU D 242 -47.65 -9.33 -27.69
CA LEU D 242 -47.57 -10.78 -27.47
C LEU D 242 -47.25 -11.16 -26.02
N GLY D 243 -46.65 -10.23 -25.26
CA GLY D 243 -46.31 -10.47 -23.87
C GLY D 243 -45.44 -9.40 -23.24
N VAL D 244 -45.11 -9.53 -21.93
CA VAL D 244 -44.24 -8.62 -21.18
C VAL D 244 -43.32 -9.41 -20.26
N ARG D 245 -41.98 -9.25 -20.37
CA ARG D 245 -41.03 -9.99 -19.53
C ARG D 245 -41.16 -9.65 -18.05
N ARG D 246 -41.36 -8.38 -17.71
CA ARG D 246 -41.44 -7.97 -16.30
C ARG D 246 -42.29 -6.73 -16.17
N LEU D 247 -43.28 -6.79 -15.27
CA LEU D 247 -44.23 -5.72 -15.01
C LEU D 247 -44.29 -5.41 -13.54
N ARG D 248 -44.09 -4.14 -13.16
CA ARG D 248 -44.16 -3.73 -11.75
C ARG D 248 -44.81 -2.39 -11.66
N ALA D 249 -45.65 -2.21 -10.66
CA ALA D 249 -46.31 -0.94 -10.39
C ALA D 249 -45.72 -0.38 -9.13
N TYR D 250 -45.20 0.86 -9.20
CA TYR D 250 -44.57 1.52 -8.06
C TYR D 250 -45.54 2.41 -7.28
N GLY D 251 -46.56 2.93 -7.96
CA GLY D 251 -47.57 3.78 -7.36
C GLY D 251 -48.87 3.82 -8.12
N SER D 252 -49.65 4.89 -7.90
CA SER D 252 -50.92 5.07 -8.58
C SER D 252 -50.69 5.64 -9.93
N THR D 253 -51.30 5.06 -10.94
CA THR D 253 -51.19 5.53 -12.31
C THR D 253 -52.29 6.57 -12.64
N ARG D 254 -53.02 7.08 -11.64
CA ARG D 254 -54.13 8.03 -11.84
C ARG D 254 -53.66 9.31 -12.50
N ASN D 255 -52.53 9.82 -12.02
CA ASN D 255 -51.95 11.09 -12.47
C ASN D 255 -50.82 10.90 -13.52
N VAL D 256 -50.78 9.76 -14.25
CA VAL D 256 -49.79 9.55 -15.30
C VAL D 256 -50.14 10.45 -16.51
N ARG D 257 -49.17 11.24 -16.97
CA ARG D 257 -49.33 12.15 -18.11
C ARG D 257 -48.37 11.81 -19.25
N TYR D 258 -47.32 10.99 -19.00
CA TYR D 258 -46.32 10.63 -20.01
C TYR D 258 -45.95 9.17 -19.99
N CYS D 259 -45.37 8.71 -21.11
CA CYS D 259 -44.88 7.35 -21.23
C CYS D 259 -43.56 7.35 -21.99
N LEU D 260 -42.47 7.01 -21.29
CA LEU D 260 -41.14 6.95 -21.88
C LEU D 260 -40.85 5.53 -22.36
N SER D 261 -40.79 5.34 -23.68
CA SER D 261 -40.53 4.03 -24.30
C SER D 261 -39.09 3.97 -24.77
N ARG D 262 -38.56 2.75 -24.92
CA ARG D 262 -37.18 2.50 -25.38
C ARG D 262 -37.15 1.26 -26.24
N ILE D 263 -36.59 1.34 -27.44
CA ILE D 263 -36.54 0.19 -28.34
C ILE D 263 -35.34 -0.67 -28.00
N VAL D 264 -35.60 -1.93 -27.64
CA VAL D 264 -34.54 -2.89 -27.32
C VAL D 264 -34.09 -3.55 -28.61
N LYS D 265 -35.07 -4.04 -29.39
CA LYS D 265 -34.84 -4.73 -30.66
C LYS D 265 -35.94 -4.35 -31.65
N ALA D 266 -35.55 -4.09 -32.91
CA ALA D 266 -36.44 -3.73 -34.01
C ALA D 266 -36.10 -4.59 -35.22
N ASP D 267 -36.90 -5.65 -35.42
CA ASP D 267 -36.71 -6.63 -36.48
C ASP D 267 -37.97 -6.73 -37.32
N SER D 268 -37.83 -7.35 -38.52
CA SER D 268 -38.92 -7.60 -39.45
C SER D 268 -40.03 -8.45 -38.81
N PHE D 269 -39.65 -9.39 -37.92
CA PHE D 269 -40.59 -10.31 -37.26
C PHE D 269 -41.35 -9.61 -36.15
N GLY D 270 -40.63 -8.94 -35.27
CA GLY D 270 -41.25 -8.24 -34.14
C GLY D 270 -40.41 -7.12 -33.56
N VAL D 271 -40.94 -6.48 -32.50
CA VAL D 271 -40.30 -5.36 -31.81
C VAL D 271 -40.36 -5.58 -30.30
N GLU D 272 -39.21 -5.43 -29.61
CA GLU D 272 -39.14 -5.52 -28.15
C GLU D 272 -38.88 -4.12 -27.63
N ALA D 273 -39.56 -3.70 -26.54
CA ALA D 273 -39.38 -2.37 -25.97
C ALA D 273 -39.59 -2.35 -24.46
N ASP D 274 -38.92 -1.42 -23.79
CA ASP D 274 -38.99 -1.23 -22.35
C ASP D 274 -39.70 0.09 -22.07
N LEU D 275 -40.81 0.05 -21.31
CA LEU D 275 -41.66 1.22 -21.02
C LEU D 275 -41.60 1.67 -19.59
N GLU D 276 -41.96 2.94 -19.37
CA GLU D 276 -42.00 3.58 -18.06
C GLU D 276 -43.08 4.63 -18.08
N LEU D 277 -44.06 4.52 -17.19
CA LEU D 277 -45.18 5.45 -17.11
C LEU D 277 -44.83 6.52 -16.10
N LEU D 278 -44.67 7.76 -16.56
CA LEU D 278 -44.24 8.87 -15.71
C LEU D 278 -45.36 9.85 -15.43
N ASP D 279 -45.39 10.43 -14.21
CA ASP D 279 -46.36 11.48 -13.88
C ASP D 279 -45.84 12.81 -14.44
N ALA D 280 -46.54 13.91 -14.16
CA ALA D 280 -46.13 15.23 -14.65
C ALA D 280 -44.75 15.66 -14.16
N ASP D 281 -44.39 15.30 -12.92
CA ASP D 281 -43.09 15.62 -12.30
C ASP D 281 -41.93 14.82 -12.93
N GLY D 282 -42.26 13.65 -13.47
CA GLY D 282 -41.33 12.73 -14.09
C GLY D 282 -41.06 11.48 -13.29
N THR D 283 -41.73 11.31 -12.13
CA THR D 283 -41.56 10.14 -11.28
C THR D 283 -42.13 8.91 -11.94
N VAL D 284 -41.45 7.77 -11.84
CA VAL D 284 -41.93 6.53 -12.47
C VAL D 284 -43.01 5.89 -11.60
N LEU D 285 -44.17 5.57 -12.23
CA LEU D 285 -45.33 4.97 -11.57
C LEU D 285 -45.50 3.50 -11.91
N LEU D 286 -45.11 3.10 -13.13
CA LEU D 286 -45.17 1.70 -13.57
C LEU D 286 -44.13 1.48 -14.65
N SER D 287 -43.54 0.28 -14.69
CA SER D 287 -42.56 -0.07 -15.70
C SER D 287 -42.87 -1.44 -16.29
N ALA D 288 -42.91 -1.49 -17.64
CA ALA D 288 -43.13 -2.70 -18.42
C ALA D 288 -41.88 -3.00 -19.22
N MET D 289 -41.01 -3.81 -18.63
CA MET D 289 -39.76 -4.21 -19.25
C MET D 289 -40.01 -5.43 -20.09
N GLY D 290 -39.48 -5.42 -21.30
CA GLY D 290 -39.64 -6.55 -22.21
C GLY D 290 -41.01 -6.68 -22.83
N LEU D 291 -41.66 -5.56 -23.15
CA LEU D 291 -42.93 -5.59 -23.86
C LEU D 291 -42.64 -6.08 -25.24
N GLN D 292 -43.27 -7.17 -25.69
CA GLN D 292 -43.01 -7.75 -27.00
C GLN D 292 -44.24 -7.57 -27.93
N LEU D 293 -43.96 -7.20 -29.20
CA LEU D 293 -44.93 -6.96 -30.26
C LEU D 293 -44.65 -7.85 -31.48
N GLY D 294 -45.66 -8.03 -32.31
CA GLY D 294 -45.53 -8.83 -33.53
C GLY D 294 -46.84 -9.42 -34.00
N THR D 295 -46.81 -10.70 -34.39
CA THR D 295 -47.99 -11.43 -34.84
C THR D 295 -47.97 -12.85 -34.31
N GLY D 296 -49.15 -13.37 -33.96
CA GLY D 296 -49.30 -14.75 -33.51
C GLY D 296 -49.54 -15.63 -34.72
N ASN D 297 -48.72 -15.41 -35.75
CA ASN D 297 -48.81 -16.04 -37.05
C ASN D 297 -47.49 -15.81 -37.78
N SER D 298 -47.11 -16.80 -38.56
CA SER D 298 -45.85 -16.85 -39.30
C SER D 298 -45.78 -15.85 -40.48
N ASP D 299 -44.57 -15.77 -41.10
CA ASP D 299 -44.33 -14.92 -42.27
C ASP D 299 -44.98 -15.54 -43.53
N LYS D 300 -45.38 -16.84 -43.46
CA LYS D 300 -46.04 -17.56 -44.56
C LYS D 300 -47.55 -17.31 -44.50
N ALA D 301 -48.12 -17.23 -43.28
CA ALA D 301 -49.55 -16.94 -43.07
C ALA D 301 -49.87 -15.46 -43.34
N GLU D 302 -48.86 -14.58 -43.29
CA GLU D 302 -49.00 -13.15 -43.59
C GLU D 302 -49.15 -12.96 -45.10
N GLU D 303 -48.34 -13.70 -45.88
CA GLU D 303 -48.39 -13.70 -47.35
C GLU D 303 -49.75 -14.18 -47.83
N GLU D 304 -50.19 -15.34 -47.33
CA GLU D 304 -51.49 -15.95 -47.64
C GLU D 304 -52.63 -14.97 -47.37
N ARG D 305 -52.55 -14.19 -46.27
CA ARG D 305 -53.57 -13.21 -45.91
C ARG D 305 -53.50 -11.97 -46.83
N LEU D 306 -52.28 -11.50 -47.19
CA LEU D 306 -52.12 -10.35 -48.08
C LEU D 306 -52.66 -10.63 -49.46
N LEU D 307 -52.27 -11.78 -50.01
CA LEU D 307 -52.71 -12.30 -51.31
C LEU D 307 -54.24 -12.28 -51.43
N ASP D 308 -54.95 -12.64 -50.34
CA ASP D 308 -56.42 -12.69 -50.31
C ASP D 308 -57.04 -11.29 -50.42
N GLU D 309 -56.47 -10.30 -49.71
CA GLU D 309 -56.99 -8.93 -49.73
C GLU D 309 -56.74 -8.23 -51.07
N ARG D 310 -55.56 -8.47 -51.65
CA ARG D 310 -55.15 -7.84 -52.91
C ARG D 310 -55.91 -8.37 -54.16
N LEU D 311 -56.51 -9.58 -54.13
CA LEU D 311 -57.21 -10.18 -55.30
C LEU D 311 -58.46 -9.40 -55.72
N LEU D 312 -58.94 -9.63 -56.97
CA LEU D 312 -60.14 -9.01 -57.57
C LEU D 312 -60.75 -9.92 -58.67
N THR D 313 -62.08 -10.16 -58.63
CA THR D 313 -62.80 -11.00 -59.60
C THR D 313 -64.11 -10.36 -60.01
N ILE D 314 -64.38 -10.19 -61.31
CA ILE D 314 -65.67 -9.65 -61.73
C ILE D 314 -66.70 -10.76 -61.61
N GLU D 315 -67.91 -10.45 -61.09
CA GLU D 315 -69.00 -11.40 -60.92
C GLU D 315 -70.30 -10.80 -61.41
N TRP D 316 -71.16 -11.65 -61.97
CA TRP D 316 -72.43 -11.24 -62.57
C TRP D 316 -73.60 -11.67 -61.73
N GLN D 317 -74.51 -10.73 -61.42
CA GLN D 317 -75.69 -10.98 -60.61
C GLN D 317 -76.95 -10.98 -61.46
N GLN D 318 -77.85 -11.98 -61.26
CA GLN D 318 -79.15 -12.02 -61.94
C GLN D 318 -80.01 -10.90 -61.35
N ARG D 319 -80.36 -9.88 -62.16
CA ARG D 319 -81.11 -8.72 -61.69
C ARG D 319 -82.43 -8.53 -62.45
N GLU D 320 -83.33 -7.69 -61.90
CA GLU D 320 -84.63 -7.34 -62.47
C GLU D 320 -84.68 -5.83 -62.72
N LEU D 321 -85.32 -5.41 -63.83
CA LEU D 321 -85.39 -4.01 -64.25
C LEU D 321 -86.31 -3.20 -63.32
N PRO D 322 -85.79 -2.22 -62.55
CA PRO D 322 -86.66 -1.50 -61.61
C PRO D 322 -87.14 -0.13 -62.11
N ARG D 323 -88.38 0.26 -61.70
CA ARG D 323 -89.04 1.55 -61.96
C ARG D 323 -89.18 1.92 -63.47
N PRO D 324 -90.06 2.87 -63.85
CA PRO D 324 -90.98 3.66 -63.03
C PRO D 324 -92.33 2.99 -62.85
N GLY D 333 -89.17 11.70 -74.02
CA GLY D 333 -87.84 12.11 -74.43
C GLY D 333 -87.40 11.49 -75.74
N SER D 334 -86.65 12.25 -76.56
CA SER D 334 -86.16 11.78 -77.87
C SER D 334 -84.95 10.84 -77.73
N TRP D 335 -84.68 10.05 -78.79
CA TRP D 335 -83.57 9.09 -78.81
C TRP D 335 -82.84 9.09 -80.16
N LEU D 336 -81.66 8.44 -80.21
CA LEU D 336 -80.85 8.32 -81.42
C LEU D 336 -80.11 6.96 -81.46
N VAL D 337 -80.51 6.07 -82.38
CA VAL D 337 -79.85 4.77 -82.57
C VAL D 337 -78.80 4.95 -83.65
N ILE D 338 -77.53 4.62 -83.37
CA ILE D 338 -76.41 4.80 -84.29
C ILE D 338 -75.70 3.45 -84.50
N LEU D 339 -75.24 3.18 -85.74
CA LEU D 339 -74.57 1.90 -86.08
C LEU D 339 -73.04 2.02 -86.18
N ALA D 340 -72.34 0.86 -86.30
CA ALA D 340 -70.87 0.80 -86.50
C ALA D 340 -70.48 0.04 -87.81
N GLY D 341 -71.46 -0.48 -88.56
CA GLY D 341 -71.25 -1.19 -89.82
C GLY D 341 -72.46 -1.06 -90.72
N ASP D 342 -72.31 -0.32 -91.85
CA ASP D 342 -73.40 0.01 -92.77
C ASP D 342 -73.67 -1.13 -93.77
N ASP D 343 -72.60 -1.72 -94.36
CA ASP D 343 -72.76 -2.81 -95.33
C ASP D 343 -73.36 -4.08 -94.65
N ASP D 344 -73.23 -4.21 -93.31
CA ASP D 344 -73.85 -5.29 -92.52
C ASP D 344 -75.22 -4.79 -92.04
N GLU D 345 -76.31 -5.52 -92.35
CA GLU D 345 -77.67 -5.14 -91.95
C GLU D 345 -77.96 -5.74 -90.59
N ASN D 346 -77.97 -4.91 -89.53
CA ASN D 346 -78.17 -5.36 -88.15
C ASN D 346 -79.65 -5.51 -87.79
N PRO D 347 -80.18 -6.74 -87.57
CA PRO D 347 -81.58 -6.87 -87.12
C PRO D 347 -81.76 -6.32 -85.70
N ARG D 348 -80.70 -6.32 -84.88
CA ARG D 348 -80.73 -5.77 -83.52
C ARG D 348 -80.99 -4.26 -83.60
N ALA D 349 -80.29 -3.56 -84.50
CA ALA D 349 -80.48 -2.11 -84.69
C ALA D 349 -81.89 -1.81 -85.20
N ALA D 350 -82.39 -2.61 -86.16
CA ALA D 350 -83.73 -2.47 -86.72
C ALA D 350 -84.81 -2.68 -85.68
N GLY D 351 -84.70 -3.78 -84.95
CA GLY D 351 -85.63 -4.15 -83.89
C GLY D 351 -85.65 -3.20 -82.70
N VAL D 352 -84.51 -2.54 -82.41
CA VAL D 352 -84.41 -1.58 -81.31
C VAL D 352 -85.14 -0.29 -81.68
N VAL D 353 -84.94 0.22 -82.93
CA VAL D 353 -85.60 1.45 -83.38
C VAL D 353 -87.13 1.23 -83.42
N SER D 354 -87.58 0.04 -83.86
CA SER D 354 -89.01 -0.28 -83.93
C SER D 354 -89.65 -0.35 -82.53
N ALA D 355 -88.92 -0.92 -81.55
CA ALA D 355 -89.41 -1.07 -80.18
C ALA D 355 -89.45 0.28 -79.44
N LEU D 356 -88.50 1.21 -79.72
CA LEU D 356 -88.50 2.54 -79.10
C LEU D 356 -89.67 3.37 -79.62
N ILE D 357 -89.93 3.29 -80.93
CA ILE D 357 -91.06 3.98 -81.55
C ILE D 357 -92.36 3.32 -81.07
N GLY D 358 -92.33 2.00 -80.87
CA GLY D 358 -93.45 1.25 -80.32
C GLY D 358 -93.78 1.64 -78.88
N ALA D 359 -92.74 1.98 -78.09
CA ALA D 359 -92.91 2.45 -76.70
C ALA D 359 -93.48 3.88 -76.66
N GLY D 360 -93.24 4.65 -77.72
CA GLY D 360 -93.72 6.02 -77.87
C GLY D 360 -92.66 7.09 -77.70
N MET D 361 -91.42 6.81 -78.18
CA MET D 361 -90.30 7.76 -78.11
C MET D 361 -89.89 8.18 -79.52
N PRO D 362 -89.72 9.48 -79.81
CA PRO D 362 -89.30 9.88 -81.17
C PRO D 362 -87.83 9.52 -81.39
N THR D 363 -87.60 8.44 -82.15
CA THR D 363 -86.27 7.90 -82.43
C THR D 363 -85.80 8.30 -83.83
N THR D 364 -84.49 8.61 -83.94
CA THR D 364 -83.82 8.94 -85.19
C THR D 364 -82.72 7.89 -85.39
N THR D 365 -82.22 7.70 -86.63
CA THR D 365 -81.20 6.68 -86.87
C THR D 365 -80.03 7.25 -87.68
N MET D 366 -78.79 6.94 -87.26
CA MET D 366 -77.53 7.38 -87.85
C MET D 366 -76.82 6.12 -88.37
N ALA D 367 -76.01 6.27 -89.43
CA ALA D 367 -75.30 5.14 -90.04
C ALA D 367 -73.82 5.45 -90.21
N TRP D 368 -73.09 5.49 -89.08
CA TRP D 368 -71.65 5.69 -89.10
C TRP D 368 -70.99 4.34 -89.34
N SER D 369 -70.15 4.24 -90.36
CA SER D 369 -69.46 3.00 -90.69
C SER D 369 -67.97 3.24 -90.91
N HIS D 370 -67.18 2.17 -90.86
CA HIS D 370 -65.75 2.25 -91.13
C HIS D 370 -65.56 2.54 -92.61
N ASP D 371 -64.38 3.02 -93.02
CA ASP D 371 -64.08 3.37 -94.41
C ASP D 371 -65.12 4.39 -94.94
N ALA D 372 -65.39 5.44 -94.15
CA ALA D 372 -66.32 6.52 -94.48
C ALA D 372 -65.74 7.86 -93.99
N ASP D 373 -66.15 9.01 -94.60
CA ASP D 373 -65.64 10.33 -94.19
C ASP D 373 -66.05 10.57 -92.73
N HIS D 374 -65.12 10.28 -91.82
CA HIS D 374 -65.36 10.36 -90.39
C HIS D 374 -65.52 11.81 -89.91
N ASP D 375 -64.75 12.77 -90.49
CA ASP D 375 -64.88 14.18 -90.10
C ASP D 375 -66.25 14.74 -90.50
N ALA D 376 -66.78 14.29 -91.65
CA ALA D 376 -68.10 14.71 -92.14
C ALA D 376 -69.22 14.05 -91.34
N GLN D 377 -69.08 12.76 -90.99
CA GLN D 377 -70.08 12.05 -90.21
C GLN D 377 -70.08 12.54 -88.74
N ALA D 378 -68.89 12.95 -88.24
CA ALA D 378 -68.74 13.52 -86.90
C ALA D 378 -69.48 14.85 -86.79
N ALA D 379 -69.42 15.65 -87.88
CA ALA D 379 -70.12 16.93 -87.97
C ALA D 379 -71.63 16.73 -88.07
N ALA D 380 -72.06 15.68 -88.81
CA ALA D 380 -73.47 15.32 -88.97
C ALA D 380 -74.07 14.93 -87.63
N LEU D 381 -73.31 14.19 -86.80
CA LEU D 381 -73.77 13.77 -85.47
C LEU D 381 -73.91 14.98 -84.55
N THR D 382 -72.84 15.79 -84.42
CA THR D 382 -72.84 17.00 -83.58
C THR D 382 -73.99 17.95 -83.97
N ALA D 383 -74.41 17.94 -85.25
CA ALA D 383 -75.54 18.73 -85.72
C ALA D 383 -76.88 18.18 -85.19
N ARG D 384 -77.06 16.84 -85.20
CA ARG D 384 -78.29 16.19 -84.69
C ARG D 384 -78.51 16.43 -83.19
N LEU D 385 -77.41 16.53 -82.43
CA LEU D 385 -77.44 16.76 -80.99
C LEU D 385 -77.87 18.20 -80.67
N ASP D 386 -77.30 19.17 -81.40
CA ASP D 386 -77.62 20.59 -81.23
C ASP D 386 -79.02 20.93 -81.79
N GLU D 387 -79.51 20.13 -82.76
CA GLU D 387 -80.82 20.30 -83.39
C GLU D 387 -81.94 19.97 -82.40
N GLN D 388 -81.91 18.76 -81.81
CA GLN D 388 -82.93 18.29 -80.88
C GLN D 388 -82.33 17.80 -79.56
N PRO D 389 -82.97 18.11 -78.41
CA PRO D 389 -82.45 17.57 -77.15
C PRO D 389 -82.94 16.13 -76.97
N LEU D 390 -82.01 15.18 -76.81
CA LEU D 390 -82.35 13.77 -76.66
C LEU D 390 -81.90 13.24 -75.29
N ALA D 391 -82.62 12.23 -74.79
CA ALA D 391 -82.36 11.62 -73.50
C ALA D 391 -81.16 10.70 -73.55
N GLY D 392 -81.11 9.82 -74.54
CA GLY D 392 -80.04 8.86 -74.70
C GLY D 392 -79.65 8.55 -76.13
N VAL D 393 -78.43 8.00 -76.30
CA VAL D 393 -77.85 7.62 -77.59
C VAL D 393 -77.41 6.15 -77.50
N ALA D 394 -78.00 5.27 -78.33
CA ALA D 394 -77.69 3.84 -78.32
C ALA D 394 -76.77 3.45 -79.50
N VAL D 395 -75.51 3.10 -79.21
CA VAL D 395 -74.53 2.72 -80.22
C VAL D 395 -74.58 1.21 -80.46
N ILE D 396 -75.11 0.78 -81.62
CA ILE D 396 -75.21 -0.64 -81.98
C ILE D 396 -73.95 -1.05 -82.73
N VAL D 397 -73.17 -1.99 -82.17
CA VAL D 397 -71.92 -2.43 -82.80
C VAL D 397 -72.22 -3.65 -83.69
N GLY D 398 -71.85 -3.55 -84.98
CA GLY D 398 -72.09 -4.61 -85.95
C GLY D 398 -71.21 -5.83 -85.82
N ASP D 399 -71.79 -7.03 -86.05
CA ASP D 399 -71.08 -8.31 -85.99
C ASP D 399 -70.89 -8.81 -87.41
N SER D 400 -69.63 -9.06 -87.80
CA SER D 400 -69.31 -9.58 -89.13
C SER D 400 -69.84 -11.01 -89.31
N GLU D 401 -70.52 -11.27 -90.45
CA GLU D 401 -71.11 -12.56 -90.81
C GLU D 401 -72.12 -13.00 -89.74
N HIS D 407 -66.09 -17.85 -86.60
CA HIS D 407 -65.36 -18.58 -85.58
C HIS D 407 -63.86 -18.21 -85.54
N ASP D 408 -63.27 -17.66 -86.64
CA ASP D 408 -61.83 -17.34 -86.63
C ASP D 408 -61.51 -16.17 -85.70
N VAL D 409 -60.62 -16.41 -84.70
CA VAL D 409 -60.19 -15.41 -83.73
C VAL D 409 -59.23 -14.43 -84.37
N GLY D 410 -58.32 -14.94 -85.21
CA GLY D 410 -57.35 -14.12 -85.93
C GLY D 410 -58.01 -12.92 -86.59
N ALA D 411 -59.17 -13.16 -87.22
CA ALA D 411 -59.96 -12.11 -87.88
C ALA D 411 -60.63 -11.20 -86.87
N ASP D 412 -61.20 -11.78 -85.79
CA ASP D 412 -61.86 -11.00 -84.74
C ASP D 412 -60.84 -10.11 -83.97
N ALA D 413 -59.56 -10.53 -83.88
CA ALA D 413 -58.51 -9.75 -83.23
C ALA D 413 -58.17 -8.51 -84.03
N ARG D 414 -58.12 -8.64 -85.38
CA ARG D 414 -57.81 -7.52 -86.27
C ARG D 414 -59.03 -6.58 -86.31
N ARG D 415 -60.25 -7.16 -86.38
CA ARG D 415 -61.51 -6.41 -86.39
C ARG D 415 -61.74 -5.66 -85.09
N GLY D 416 -61.33 -6.26 -83.97
CA GLY D 416 -61.49 -5.66 -82.65
C GLY D 416 -60.83 -4.31 -82.50
N ALA D 417 -59.69 -4.09 -83.20
CA ALA D 417 -58.98 -2.81 -83.21
C ALA D 417 -59.82 -1.75 -83.89
N ASP D 418 -60.35 -2.08 -85.08
CA ASP D 418 -61.18 -1.18 -85.89
C ASP D 418 -62.41 -0.72 -85.10
N HIS D 419 -63.03 -1.61 -84.30
CA HIS D 419 -64.17 -1.24 -83.46
C HIS D 419 -63.78 -0.23 -82.39
N VAL D 420 -62.61 -0.42 -81.74
CA VAL D 420 -62.10 0.46 -80.69
C VAL D 420 -61.83 1.85 -81.30
N ARG D 421 -61.09 1.90 -82.43
CA ARG D 421 -60.79 3.15 -83.15
C ARG D 421 -62.07 3.91 -83.52
N HIS D 422 -63.13 3.18 -83.93
CA HIS D 422 -64.41 3.75 -84.33
C HIS D 422 -65.24 4.21 -83.15
N LEU D 423 -65.25 3.47 -82.04
CA LEU D 423 -66.01 3.89 -80.86
C LEU D 423 -65.35 5.12 -80.21
N VAL D 424 -64.03 5.30 -80.39
CA VAL D 424 -63.33 6.51 -79.90
C VAL D 424 -63.83 7.72 -80.72
N ARG D 425 -63.99 7.55 -82.06
CA ARG D 425 -64.51 8.60 -82.95
C ARG D 425 -65.92 9.06 -82.51
N ILE D 426 -66.81 8.09 -82.20
CA ILE D 426 -68.18 8.34 -81.76
C ILE D 426 -68.19 8.97 -80.36
N ALA D 427 -67.46 8.37 -79.40
CA ALA D 427 -67.40 8.86 -78.02
C ALA D 427 -66.84 10.29 -77.91
N ARG D 428 -65.83 10.65 -78.74
CA ARG D 428 -65.23 11.99 -78.73
C ARG D 428 -66.25 13.07 -79.09
N THR D 429 -67.10 12.82 -80.12
CA THR D 429 -68.10 13.79 -80.57
C THR D 429 -69.25 13.97 -79.54
N LEU D 430 -69.60 12.93 -78.76
CA LEU D 430 -70.63 13.03 -77.72
C LEU D 430 -70.11 13.83 -76.54
N ALA D 431 -68.82 13.63 -76.18
CA ALA D 431 -68.16 14.37 -75.10
C ALA D 431 -68.09 15.85 -75.46
N ASP D 432 -67.75 16.17 -76.72
CA ASP D 432 -67.68 17.54 -77.24
C ASP D 432 -69.10 18.00 -77.61
N ALA D 433 -69.95 18.19 -76.58
CA ALA D 433 -71.35 18.60 -76.70
C ALA D 433 -71.54 19.94 -76.03
N VAL D 434 -72.28 20.85 -76.68
CA VAL D 434 -72.53 22.19 -76.14
C VAL D 434 -73.49 22.02 -74.95
N GLY D 435 -74.65 21.41 -75.18
CA GLY D 435 -75.64 21.16 -74.15
C GLY D 435 -75.26 20.02 -73.22
N GLU D 436 -76.21 19.58 -72.37
CA GLU D 436 -75.97 18.48 -71.44
C GLU D 436 -75.83 17.17 -72.22
N PRO D 437 -74.65 16.49 -72.17
CA PRO D 437 -74.50 15.24 -72.94
C PRO D 437 -75.56 14.17 -72.61
N PRO D 438 -76.08 13.47 -73.64
CA PRO D 438 -77.07 12.42 -73.40
C PRO D 438 -76.42 11.14 -72.87
N ARG D 439 -77.23 10.21 -72.33
CA ARG D 439 -76.67 8.96 -71.80
C ARG D 439 -76.22 8.02 -72.93
N LEU D 440 -74.93 7.65 -72.91
CA LEU D 440 -74.37 6.75 -73.91
C LEU D 440 -74.62 5.29 -73.54
N TYR D 441 -75.18 4.51 -74.48
CA TYR D 441 -75.46 3.09 -74.31
C TYR D 441 -74.78 2.32 -75.45
N VAL D 442 -73.74 1.49 -75.18
CA VAL D 442 -73.08 0.73 -76.25
C VAL D 442 -73.61 -0.71 -76.22
N VAL D 443 -74.18 -1.20 -77.33
CA VAL D 443 -74.77 -2.54 -77.43
C VAL D 443 -73.82 -3.48 -78.19
N THR D 444 -73.19 -4.41 -77.45
CA THR D 444 -72.22 -5.38 -77.99
C THR D 444 -72.82 -6.78 -78.10
N HIS D 445 -72.26 -7.60 -79.03
CA HIS D 445 -72.71 -8.97 -79.28
C HIS D 445 -71.77 -10.01 -78.60
N ARG D 446 -72.26 -10.65 -77.50
CA ARG D 446 -71.56 -11.67 -76.70
C ARG D 446 -70.07 -11.31 -76.44
N SER D 447 -69.81 -10.00 -76.20
CA SER D 447 -68.51 -9.39 -75.91
C SER D 447 -67.73 -10.16 -74.85
N GLN D 448 -68.35 -10.41 -73.69
CA GLN D 448 -67.67 -11.05 -72.57
C GLN D 448 -68.45 -12.19 -71.94
N HIS D 449 -67.74 -12.95 -71.11
CA HIS D 449 -68.21 -14.11 -70.39
C HIS D 449 -69.00 -13.70 -69.15
N VAL D 450 -70.22 -14.24 -69.01
CA VAL D 450 -71.11 -14.00 -67.87
C VAL D 450 -71.53 -15.39 -67.34
N LEU D 451 -72.27 -16.19 -68.15
CA LEU D 451 -72.66 -17.55 -67.76
C LEU D 451 -71.51 -18.50 -68.03
N ASP D 452 -71.29 -19.50 -67.16
CA ASP D 452 -70.19 -20.47 -67.27
C ASP D 452 -70.17 -21.23 -68.61
N THR D 453 -71.35 -21.45 -69.20
CA THR D 453 -71.48 -22.16 -70.48
C THR D 453 -70.97 -21.35 -71.69
N ASP D 454 -70.94 -20.01 -71.58
CA ASP D 454 -70.60 -19.11 -72.68
C ASP D 454 -69.19 -19.29 -73.27
N GLU D 455 -69.13 -19.13 -74.61
CA GLU D 455 -67.93 -19.07 -75.43
C GLU D 455 -67.96 -17.64 -75.97
N PRO D 456 -67.05 -16.74 -75.55
CA PRO D 456 -67.19 -15.34 -75.96
C PRO D 456 -66.98 -15.09 -77.45
N TYR D 457 -67.78 -14.16 -77.99
CA TYR D 457 -67.64 -13.67 -79.36
C TYR D 457 -66.75 -12.47 -79.24
N LEU D 458 -65.57 -12.49 -79.87
CA LEU D 458 -64.59 -11.43 -79.71
C LEU D 458 -65.00 -10.20 -80.57
N GLU D 459 -64.07 -9.39 -81.13
CA GLU D 459 -64.39 -8.13 -81.84
C GLU D 459 -64.76 -7.05 -80.80
N HIS D 460 -65.92 -7.23 -80.15
CA HIS D 460 -66.45 -6.31 -79.15
C HIS D 460 -65.82 -6.52 -77.77
N SER D 461 -65.03 -7.60 -77.57
CA SER D 461 -64.40 -7.86 -76.27
C SER D 461 -63.55 -6.67 -75.77
N GLY D 462 -62.80 -6.05 -76.70
CA GLY D 462 -61.93 -4.92 -76.38
C GLY D 462 -62.65 -3.64 -75.99
N LEU D 463 -63.91 -3.48 -76.42
CA LEU D 463 -64.68 -2.25 -76.14
C LEU D 463 -65.07 -2.09 -74.65
N ARG D 464 -65.10 -3.17 -73.83
CA ARG D 464 -65.51 -3.05 -72.43
C ARG D 464 -64.50 -2.24 -71.58
N GLY D 465 -63.24 -2.18 -72.01
CA GLY D 465 -62.20 -1.40 -71.33
C GLY D 465 -62.29 0.07 -71.70
N LEU D 466 -62.68 0.34 -72.96
CA LEU D 466 -62.83 1.69 -73.46
C LEU D 466 -64.03 2.39 -72.83
N ILE D 467 -65.23 1.76 -72.85
CA ILE D 467 -66.46 2.35 -72.25
C ILE D 467 -66.26 2.63 -70.74
N ARG D 468 -65.42 1.82 -70.07
CA ARG D 468 -65.11 1.96 -68.66
C ARG D 468 -64.26 3.24 -68.42
N VAL D 469 -63.29 3.52 -69.31
CA VAL D 469 -62.45 4.72 -69.21
C VAL D 469 -63.25 5.95 -69.71
N VAL D 470 -64.10 5.80 -70.75
CA VAL D 470 -64.93 6.91 -71.25
C VAL D 470 -65.88 7.39 -70.13
N GLY D 471 -66.45 6.44 -69.37
CA GLY D 471 -67.31 6.76 -68.24
C GLY D 471 -66.58 7.50 -67.12
N MET D 472 -65.30 7.17 -66.90
CA MET D 472 -64.45 7.87 -65.91
C MET D 472 -64.03 9.24 -66.42
N GLU D 473 -63.49 9.33 -67.67
CA GLU D 473 -63.05 10.59 -68.31
C GLU D 473 -64.21 11.59 -68.49
N HIS D 474 -65.36 11.12 -68.97
CA HIS D 474 -66.56 11.93 -69.22
C HIS D 474 -67.77 11.29 -68.53
N PRO D 475 -67.94 11.52 -67.21
CA PRO D 475 -69.06 10.91 -66.49
C PRO D 475 -70.42 11.57 -66.77
N ARG D 476 -70.47 12.77 -67.40
CA ARG D 476 -71.74 13.46 -67.73
C ARG D 476 -72.61 12.48 -68.53
N LEU D 477 -72.06 11.98 -69.64
CA LEU D 477 -72.70 10.91 -70.41
C LEU D 477 -72.38 9.62 -69.66
N ARG D 478 -73.36 9.02 -68.97
CA ARG D 478 -73.10 7.82 -68.17
C ARG D 478 -72.88 6.63 -69.10
N ALA D 479 -71.60 6.34 -69.41
CA ALA D 479 -71.21 5.27 -70.32
C ALA D 479 -71.66 3.90 -69.83
N THR D 480 -72.75 3.38 -70.44
CA THR D 480 -73.34 2.09 -70.11
C THR D 480 -73.07 1.09 -71.24
N GLN D 481 -72.77 -0.17 -70.88
CA GLN D 481 -72.53 -1.26 -71.83
C GLN D 481 -73.63 -2.29 -71.70
N ILE D 482 -74.16 -2.78 -72.83
CA ILE D 482 -75.21 -3.80 -72.84
C ILE D 482 -74.71 -4.99 -73.67
N ASP D 483 -74.21 -6.06 -73.02
CA ASP D 483 -73.73 -7.24 -73.74
C ASP D 483 -74.91 -8.20 -74.03
N VAL D 484 -75.36 -8.18 -75.29
CA VAL D 484 -76.53 -8.91 -75.76
C VAL D 484 -76.13 -10.20 -76.47
N ASP D 485 -77.00 -11.24 -76.41
CA ASP D 485 -76.82 -12.49 -77.14
C ASP D 485 -77.85 -12.52 -78.29
N ASP D 486 -77.80 -13.55 -79.13
CA ASP D 486 -78.71 -13.64 -80.27
C ASP D 486 -80.16 -13.81 -79.79
N SER D 487 -80.39 -14.75 -78.86
CA SER D 487 -81.72 -15.04 -78.30
C SER D 487 -82.02 -14.15 -77.09
N THR D 488 -82.86 -13.11 -77.23
CA THR D 488 -83.20 -12.23 -76.09
C THR D 488 -84.48 -11.38 -76.29
N ALA D 489 -84.76 -10.90 -77.53
CA ALA D 489 -85.90 -10.06 -77.91
C ALA D 489 -85.58 -8.58 -77.68
N HIS D 490 -86.03 -7.74 -78.61
CA HIS D 490 -85.77 -6.30 -78.58
C HIS D 490 -86.70 -5.58 -77.60
N GLU D 491 -87.92 -6.12 -77.38
CA GLU D 491 -88.92 -5.56 -76.45
C GLU D 491 -88.38 -5.45 -75.02
N ALA D 492 -87.53 -6.42 -74.61
CA ALA D 492 -86.91 -6.47 -73.29
C ALA D 492 -85.64 -5.61 -73.24
N LEU D 493 -84.93 -5.44 -74.37
CA LEU D 493 -83.73 -4.63 -74.42
C LEU D 493 -84.04 -3.14 -74.23
N VAL D 494 -85.04 -2.61 -75.00
CA VAL D 494 -85.43 -1.19 -74.90
C VAL D 494 -86.00 -0.90 -73.50
N ARG D 495 -86.56 -1.93 -72.83
CA ARG D 495 -87.07 -1.83 -71.47
C ARG D 495 -85.95 -1.29 -70.53
N GLN D 496 -84.68 -1.73 -70.77
CA GLN D 496 -83.50 -1.26 -70.03
C GLN D 496 -83.16 0.20 -70.34
N LEU D 497 -83.15 0.53 -71.64
CA LEU D 497 -82.83 1.88 -72.12
C LEU D 497 -83.77 2.94 -71.50
N LEU D 498 -85.06 2.59 -71.42
CA LEU D 498 -86.11 3.48 -70.92
C LEU D 498 -86.30 3.41 -69.38
N SER D 499 -85.87 2.31 -68.70
CA SER D 499 -85.99 2.22 -67.23
C SER D 499 -85.04 3.21 -66.54
N GLY D 500 -83.88 3.45 -67.14
CA GLY D 500 -82.88 4.38 -66.62
C GLY D 500 -82.24 3.91 -65.33
N SER D 501 -81.83 2.63 -65.28
CA SER D 501 -81.15 2.09 -64.10
C SER D 501 -79.70 2.63 -64.08
N PRO D 502 -79.08 2.90 -62.92
CA PRO D 502 -77.71 3.42 -62.94
C PRO D 502 -76.60 2.41 -63.27
N GLU D 503 -76.93 1.14 -63.60
CA GLU D 503 -75.94 0.09 -63.93
C GLU D 503 -75.15 0.44 -65.20
N ASP D 504 -73.80 0.43 -65.11
CA ASP D 504 -72.89 0.77 -66.21
C ASP D 504 -72.43 -0.48 -66.99
N GLU D 505 -72.26 -1.64 -66.32
CA GLU D 505 -71.89 -2.88 -67.00
C GLU D 505 -73.03 -3.84 -66.86
N THR D 506 -73.68 -4.14 -68.00
CA THR D 506 -74.85 -5.02 -68.01
C THR D 506 -74.75 -6.02 -69.13
N ALA D 507 -75.62 -7.04 -69.06
CA ALA D 507 -75.68 -8.11 -70.05
C ALA D 507 -77.09 -8.72 -70.13
N TRP D 508 -77.36 -9.43 -71.23
CA TRP D 508 -78.65 -10.07 -71.48
C TRP D 508 -78.44 -11.48 -72.01
N ARG D 509 -78.83 -12.49 -71.24
CA ARG D 509 -78.74 -13.89 -71.64
C ARG D 509 -80.16 -14.47 -71.52
N ASP D 510 -80.82 -14.71 -72.68
CA ASP D 510 -82.22 -15.16 -72.80
C ASP D 510 -83.10 -13.99 -72.30
N GLY D 511 -84.16 -14.27 -71.53
CA GLY D 511 -85.00 -13.21 -71.00
C GLY D 511 -84.52 -12.61 -69.69
N GLN D 512 -83.30 -12.98 -69.21
CA GLN D 512 -82.79 -12.46 -67.93
C GLN D 512 -81.77 -11.34 -68.13
N TRP D 513 -81.83 -10.36 -67.21
CA TRP D 513 -80.96 -9.20 -67.15
C TRP D 513 -79.89 -9.41 -66.08
N TYR D 514 -78.60 -9.36 -66.49
CA TYR D 514 -77.46 -9.56 -65.58
C TYR D 514 -76.66 -8.28 -65.43
N ALA D 515 -76.18 -8.01 -64.21
CA ALA D 515 -75.38 -6.82 -63.89
C ALA D 515 -74.06 -7.25 -63.27
N ALA D 516 -72.96 -6.60 -63.68
CA ALA D 516 -71.64 -6.94 -63.14
C ALA D 516 -71.43 -6.31 -61.77
N ARG D 517 -70.54 -6.94 -60.98
CA ARG D 517 -70.19 -6.54 -59.61
C ARG D 517 -68.89 -7.24 -59.23
N LEU D 518 -67.82 -6.48 -58.98
CA LEU D 518 -66.52 -7.08 -58.64
C LEU D 518 -66.47 -7.59 -57.17
N CYS D 519 -65.60 -8.58 -56.89
CA CYS D 519 -65.42 -9.15 -55.54
C CYS D 519 -64.00 -9.73 -55.37
N PRO D 520 -63.35 -9.60 -54.20
CA PRO D 520 -61.98 -10.10 -54.04
C PRO D 520 -61.90 -11.32 -53.11
N SER D 521 -61.86 -12.55 -53.64
CA SER D 521 -61.82 -13.72 -52.75
C SER D 521 -61.36 -15.00 -53.45
N PRO D 522 -60.37 -15.75 -52.89
CA PRO D 522 -59.97 -17.03 -53.52
C PRO D 522 -60.74 -18.25 -52.97
N LEU D 523 -61.71 -18.80 -53.78
CA LEU D 523 -62.56 -19.95 -53.43
C LEU D 523 -61.82 -21.29 -53.71
N ARG D 524 -61.01 -21.71 -52.74
CA ARG D 524 -60.15 -22.89 -52.80
C ARG D 524 -60.88 -24.22 -53.12
N ALA D 525 -62.23 -24.31 -53.02
CA ALA D 525 -62.93 -25.57 -53.29
C ALA D 525 -62.85 -25.95 -54.79
N ALA D 526 -63.71 -25.35 -55.65
CA ALA D 526 -63.75 -25.66 -57.08
C ALA D 526 -62.64 -24.94 -57.86
N GLU D 527 -62.10 -23.82 -57.34
CA GLU D 527 -61.07 -23.07 -58.06
C GLU D 527 -59.67 -23.68 -57.85
N ARG D 528 -59.56 -24.99 -57.64
CA ARG D 528 -58.30 -25.68 -57.47
C ARG D 528 -58.13 -26.65 -58.60
N ARG D 529 -56.89 -27.07 -58.84
CA ARG D 529 -56.57 -27.98 -59.93
C ARG D 529 -57.23 -29.33 -59.69
N THR D 530 -57.77 -29.95 -60.77
CA THR D 530 -58.47 -31.24 -60.79
C THR D 530 -57.77 -32.13 -61.80
N ALA D 531 -57.93 -33.44 -61.66
CA ALA D 531 -57.34 -34.41 -62.57
C ALA D 531 -58.03 -35.76 -62.40
N VAL D 532 -57.63 -36.72 -63.22
CA VAL D 532 -58.13 -38.09 -63.13
C VAL D 532 -56.90 -38.97 -63.01
N ALA D 533 -56.90 -39.89 -62.03
CA ALA D 533 -55.77 -40.77 -61.77
C ALA D 533 -56.20 -42.21 -61.55
N ASP D 534 -55.30 -43.15 -61.87
CA ASP D 534 -55.53 -44.59 -61.70
C ASP D 534 -55.52 -44.95 -60.22
N ASN D 535 -56.14 -46.05 -59.86
CA ASN D 535 -56.20 -46.52 -58.47
C ASN D 535 -55.11 -47.56 -58.14
N ALA D 536 -54.67 -48.34 -59.14
CA ALA D 536 -53.59 -49.33 -58.97
C ALA D 536 -52.23 -48.64 -59.02
N SER D 537 -52.10 -47.64 -59.90
CA SER D 537 -50.90 -46.82 -60.08
C SER D 537 -51.24 -45.41 -59.65
N GLU D 538 -50.26 -44.50 -59.59
CA GLU D 538 -50.45 -43.07 -59.25
C GLU D 538 -51.00 -42.85 -57.82
N GLY D 539 -50.37 -41.97 -57.05
CA GLY D 539 -50.78 -41.72 -55.67
C GLY D 539 -52.07 -40.93 -55.49
N MET D 540 -52.96 -41.42 -54.58
CA MET D 540 -54.21 -40.76 -54.19
C MET D 540 -54.51 -41.01 -52.73
N ARG D 541 -54.77 -39.95 -51.97
CA ARG D 541 -55.01 -39.96 -50.53
C ARG D 541 -56.31 -39.24 -50.24
N LEU D 542 -56.89 -39.48 -49.06
CA LEU D 542 -58.17 -38.90 -48.66
C LEU D 542 -57.96 -37.97 -47.46
N VAL D 543 -58.44 -36.71 -47.56
CA VAL D 543 -58.25 -35.74 -46.50
C VAL D 543 -59.28 -34.59 -46.57
N VAL D 544 -59.62 -34.00 -45.40
CA VAL D 544 -60.55 -32.87 -45.29
C VAL D 544 -59.78 -31.58 -45.48
N ARG D 545 -60.19 -30.71 -46.43
CA ARG D 545 -59.49 -29.44 -46.66
C ARG D 545 -59.65 -28.54 -45.40
N ASN D 546 -60.84 -28.54 -44.77
CA ASN D 546 -61.06 -27.79 -43.54
C ASN D 546 -61.93 -28.64 -42.58
N PRO D 547 -61.35 -29.14 -41.46
CA PRO D 547 -62.15 -29.95 -40.54
C PRO D 547 -63.39 -29.25 -39.99
N GLY D 548 -64.38 -30.04 -39.61
CA GLY D 548 -65.65 -29.57 -39.10
C GLY D 548 -66.75 -29.91 -40.09
N ASP D 549 -66.48 -29.66 -41.37
CA ASP D 549 -67.40 -29.93 -42.48
C ASP D 549 -67.04 -31.26 -43.12
N LEU D 550 -67.98 -32.23 -43.13
CA LEU D 550 -67.76 -33.52 -43.79
C LEU D 550 -67.94 -33.43 -45.32
N GLU D 551 -68.59 -32.36 -45.81
CA GLU D 551 -68.73 -32.12 -47.25
C GLU D 551 -67.37 -31.70 -47.84
N SER D 552 -66.45 -31.19 -46.98
CA SER D 552 -65.09 -30.80 -47.37
C SER D 552 -64.14 -32.02 -47.54
N MET D 553 -64.64 -33.24 -47.32
CA MET D 553 -63.87 -34.45 -47.50
C MET D 553 -63.54 -34.60 -48.98
N GLU D 554 -62.25 -34.51 -49.32
CA GLU D 554 -61.75 -34.59 -50.69
C GLU D 554 -60.78 -35.74 -50.92
N LEU D 555 -60.70 -36.21 -52.17
CA LEU D 555 -59.68 -37.17 -52.55
C LEU D 555 -58.55 -36.36 -53.16
N VAL D 556 -57.41 -36.22 -52.46
CA VAL D 556 -56.26 -35.42 -52.89
C VAL D 556 -55.20 -36.29 -53.61
N THR D 557 -54.26 -35.64 -54.32
CA THR D 557 -53.18 -36.30 -55.06
C THR D 557 -51.81 -36.12 -54.35
N PHE D 558 -50.91 -37.10 -54.55
CA PHE D 558 -49.53 -37.03 -54.06
C PHE D 558 -48.59 -37.83 -54.98
N GLU D 559 -47.31 -37.42 -55.04
CA GLU D 559 -46.32 -38.13 -55.83
C GLU D 559 -45.76 -39.29 -55.02
N ARG D 560 -45.97 -40.54 -55.46
CA ARG D 560 -45.38 -41.69 -54.76
C ARG D 560 -43.86 -41.62 -54.88
N GLY D 561 -43.17 -41.55 -53.75
CA GLY D 561 -41.72 -41.45 -53.74
C GLY D 561 -41.04 -42.74 -53.36
N THR D 562 -39.74 -42.88 -53.72
CA THR D 562 -38.97 -44.04 -53.32
C THR D 562 -38.80 -44.01 -51.80
N PRO D 563 -39.04 -45.14 -51.12
CA PRO D 563 -38.88 -45.14 -49.67
C PRO D 563 -37.42 -45.19 -49.29
N GLY D 564 -37.18 -45.03 -48.02
CA GLY D 564 -35.85 -45.15 -47.44
C GLY D 564 -35.37 -43.87 -46.84
N PRO D 565 -34.40 -43.93 -45.92
CA PRO D 565 -33.76 -45.15 -45.40
C PRO D 565 -34.53 -45.74 -44.23
N GLY D 566 -34.65 -47.06 -44.23
CA GLY D 566 -35.38 -47.76 -43.18
C GLY D 566 -36.88 -47.59 -43.22
N GLN D 567 -37.44 -47.48 -44.44
CA GLN D 567 -38.88 -47.30 -44.67
C GLN D 567 -39.33 -48.23 -45.78
N ILE D 568 -40.64 -48.45 -45.88
CA ILE D 568 -41.26 -49.34 -46.85
C ILE D 568 -42.50 -48.73 -47.44
N GLU D 569 -42.68 -48.86 -48.77
CA GLU D 569 -43.90 -48.44 -49.44
C GLU D 569 -44.81 -49.64 -49.50
N VAL D 570 -46.08 -49.50 -49.09
CA VAL D 570 -47.04 -50.60 -49.06
C VAL D 570 -48.23 -50.26 -49.95
N ALA D 571 -48.70 -51.25 -50.71
CA ALA D 571 -49.89 -51.13 -51.55
C ALA D 571 -51.07 -51.54 -50.69
N VAL D 572 -51.79 -50.55 -50.16
CA VAL D 572 -52.88 -50.80 -49.23
C VAL D 572 -54.08 -51.40 -49.95
N LYS D 573 -54.57 -52.53 -49.43
CA LYS D 573 -55.75 -53.23 -49.92
C LYS D 573 -56.99 -52.80 -49.10
N ALA D 574 -56.81 -52.49 -47.77
CA ALA D 574 -57.89 -52.04 -46.88
C ALA D 574 -57.36 -51.37 -45.61
N SER D 575 -58.03 -50.29 -45.14
CA SER D 575 -57.68 -49.56 -43.91
C SER D 575 -58.88 -49.45 -42.99
N SER D 576 -58.65 -49.02 -41.75
CA SER D 576 -59.72 -48.90 -40.78
C SER D 576 -60.29 -47.52 -40.67
N ILE D 577 -61.46 -47.44 -40.02
CA ILE D 577 -62.13 -46.19 -39.64
C ILE D 577 -62.24 -46.22 -38.12
N ASN D 578 -61.24 -45.57 -37.44
CA ASN D 578 -61.14 -45.49 -35.97
C ASN D 578 -61.92 -44.28 -35.53
N PHE D 579 -62.31 -44.23 -34.25
CA PHE D 579 -63.09 -43.09 -33.76
C PHE D 579 -62.21 -41.85 -33.74
N ALA D 580 -60.93 -42.06 -33.58
CA ALA D 580 -59.96 -41.00 -33.68
C ALA D 580 -60.06 -40.27 -35.04
N ASP D 581 -60.28 -41.03 -36.15
CA ASP D 581 -60.42 -40.49 -37.52
C ASP D 581 -61.65 -39.61 -37.64
N VAL D 582 -62.70 -39.89 -36.85
CA VAL D 582 -63.92 -39.08 -36.85
C VAL D 582 -63.60 -37.72 -36.25
N LEU D 583 -62.88 -37.71 -35.13
CA LEU D 583 -62.51 -36.47 -34.45
C LEU D 583 -61.62 -35.62 -35.32
N VAL D 584 -60.74 -36.26 -36.10
CA VAL D 584 -59.90 -35.54 -37.04
C VAL D 584 -60.80 -34.83 -38.06
N ALA D 585 -61.82 -35.54 -38.58
CA ALA D 585 -62.79 -35.00 -39.54
C ALA D 585 -63.51 -33.76 -39.02
N PHE D 586 -63.89 -33.79 -37.73
CA PHE D 586 -64.59 -32.67 -37.10
C PHE D 586 -63.64 -31.63 -36.46
N GLY D 587 -62.33 -31.91 -36.44
CA GLY D 587 -61.33 -31.02 -35.86
C GLY D 587 -61.27 -31.06 -34.35
N ARG D 588 -61.93 -32.04 -33.73
CA ARG D 588 -61.98 -32.21 -32.28
C ARG D 588 -60.87 -33.17 -31.78
N CYS D 589 -59.90 -33.57 -32.62
CA CYS D 589 -58.89 -34.54 -32.19
C CYS D 589 -57.74 -33.89 -31.42
N PRO D 590 -57.42 -34.37 -30.18
CA PRO D 590 -56.27 -33.83 -29.43
C PRO D 590 -55.00 -34.64 -29.71
N SER D 591 -53.88 -33.93 -29.88
CA SER D 591 -52.59 -34.53 -30.17
C SER D 591 -51.49 -33.85 -29.36
N PHE D 592 -50.52 -34.64 -28.89
CA PHE D 592 -49.35 -34.18 -28.12
C PHE D 592 -48.45 -33.35 -29.00
N ASP D 593 -48.33 -33.76 -30.26
CA ASP D 593 -47.56 -33.05 -31.28
C ASP D 593 -48.12 -31.64 -31.47
N GLY D 594 -49.45 -31.53 -31.46
CA GLY D 594 -50.16 -30.28 -31.68
C GLY D 594 -50.76 -30.28 -33.07
N ARG D 595 -50.07 -30.91 -34.03
CA ARG D 595 -50.50 -31.00 -35.42
C ARG D 595 -51.64 -31.99 -35.51
N LEU D 596 -52.70 -31.67 -36.29
CA LEU D 596 -53.86 -32.55 -36.42
C LEU D 596 -53.46 -33.70 -37.31
N PRO D 597 -53.63 -34.95 -36.83
CA PRO D 597 -53.19 -36.10 -37.63
C PRO D 597 -53.92 -36.26 -38.94
N GLU D 598 -53.39 -37.15 -39.76
CA GLU D 598 -53.94 -37.45 -41.07
C GLU D 598 -54.88 -38.65 -40.94
N LEU D 599 -55.92 -38.72 -41.79
CA LEU D 599 -56.94 -39.78 -41.75
C LEU D 599 -56.38 -41.13 -42.09
N GLY D 600 -56.60 -42.11 -41.21
CA GLY D 600 -56.17 -43.49 -41.36
C GLY D 600 -54.91 -43.75 -40.58
N SER D 601 -55.06 -44.49 -39.48
CA SER D 601 -53.91 -44.79 -38.62
C SER D 601 -53.29 -46.12 -39.00
N GLU D 602 -54.13 -47.16 -39.07
CA GLU D 602 -53.69 -48.52 -39.38
C GLU D 602 -54.02 -48.89 -40.83
N PHE D 603 -53.38 -49.95 -41.32
CA PHE D 603 -53.56 -50.44 -42.70
C PHE D 603 -53.32 -51.94 -42.81
N GLY D 604 -53.60 -52.45 -43.99
CA GLY D 604 -53.36 -53.83 -44.36
C GLY D 604 -53.10 -53.86 -45.84
N GLY D 605 -51.91 -54.30 -46.25
CA GLY D 605 -51.54 -54.33 -47.65
C GLY D 605 -50.43 -55.28 -48.00
N VAL D 606 -49.71 -54.97 -49.10
CA VAL D 606 -48.59 -55.76 -49.59
C VAL D 606 -47.43 -54.85 -49.89
N VAL D 607 -46.21 -55.28 -49.58
CA VAL D 607 -45.05 -54.42 -49.77
C VAL D 607 -44.79 -54.18 -51.28
N THR D 608 -44.64 -52.90 -51.65
CA THR D 608 -44.36 -52.46 -53.02
C THR D 608 -42.87 -52.34 -53.20
N ALA D 609 -42.23 -51.55 -52.34
CA ALA D 609 -40.80 -51.31 -52.37
C ALA D 609 -40.25 -51.18 -50.99
N VAL D 610 -39.00 -51.64 -50.81
CA VAL D 610 -38.30 -51.59 -49.53
C VAL D 610 -37.16 -50.56 -49.68
N GLY D 611 -37.12 -49.61 -48.75
CA GLY D 611 -36.12 -48.57 -48.76
C GLY D 611 -34.76 -49.04 -48.28
N PRO D 612 -33.66 -48.48 -48.83
CA PRO D 612 -32.32 -48.92 -48.41
C PRO D 612 -32.00 -48.53 -46.96
N GLY D 613 -31.77 -49.48 -46.06
CA GLY D 613 -31.75 -50.92 -46.30
C GLY D 613 -32.26 -51.65 -45.08
N VAL D 614 -33.23 -52.56 -45.28
CA VAL D 614 -33.81 -53.34 -44.20
C VAL D 614 -33.92 -54.80 -44.60
N THR D 615 -33.35 -55.66 -43.74
CA THR D 615 -33.32 -57.10 -43.90
C THR D 615 -34.65 -57.75 -43.48
N THR D 616 -35.37 -57.08 -42.56
CA THR D 616 -36.63 -57.55 -42.00
C THR D 616 -37.74 -57.78 -43.04
N HIS D 617 -38.11 -56.74 -43.80
CA HIS D 617 -39.17 -56.86 -44.80
C HIS D 617 -38.62 -57.19 -46.18
N ARG D 618 -39.48 -57.79 -46.99
CA ARG D 618 -39.23 -58.19 -48.36
C ARG D 618 -40.38 -57.70 -49.23
N VAL D 619 -40.13 -57.44 -50.52
CA VAL D 619 -41.16 -56.96 -51.45
C VAL D 619 -42.12 -58.11 -51.74
N GLY D 620 -43.40 -57.81 -51.78
CA GLY D 620 -44.45 -58.81 -52.00
C GLY D 620 -44.97 -59.43 -50.71
N ASP D 621 -44.39 -59.06 -49.54
CA ASP D 621 -44.85 -59.57 -48.25
C ASP D 621 -46.20 -58.99 -47.92
N ARG D 622 -47.16 -59.83 -47.51
CA ARG D 622 -48.47 -59.35 -47.05
C ARG D 622 -48.27 -58.81 -45.63
N VAL D 623 -48.41 -57.48 -45.44
CA VAL D 623 -48.14 -56.85 -44.15
C VAL D 623 -49.31 -56.04 -43.65
N GLY D 624 -49.25 -55.73 -42.37
CA GLY D 624 -50.20 -54.89 -41.66
C GLY D 624 -49.39 -54.01 -40.74
N GLY D 625 -49.83 -52.78 -40.54
CA GLY D 625 -49.08 -51.85 -39.72
C GLY D 625 -49.79 -50.54 -39.41
N VAL D 626 -49.02 -49.58 -38.88
CA VAL D 626 -49.46 -48.24 -38.54
C VAL D 626 -48.53 -47.27 -39.23
N SER D 627 -48.97 -46.04 -39.48
CA SER D 627 -48.09 -45.09 -40.16
C SER D 627 -48.36 -43.60 -39.94
N ALA D 628 -49.65 -43.19 -39.89
CA ALA D 628 -50.07 -41.77 -39.96
C ALA D 628 -49.88 -41.44 -41.43
N ASN D 629 -49.51 -40.20 -41.82
CA ASN D 629 -49.26 -39.87 -43.23
C ASN D 629 -50.42 -40.31 -44.20
N GLY D 630 -51.62 -40.56 -43.65
CA GLY D 630 -52.79 -40.94 -44.40
C GLY D 630 -52.76 -42.38 -44.87
N CYS D 631 -53.44 -43.27 -44.12
CA CYS D 631 -53.54 -44.68 -44.53
C CYS D 631 -54.78 -44.92 -45.41
N TRP D 632 -55.64 -43.91 -45.65
CA TRP D 632 -56.79 -44.04 -46.55
C TRP D 632 -56.31 -43.71 -47.96
N SER D 633 -55.43 -44.56 -48.51
CA SER D 633 -54.80 -44.34 -49.81
C SER D 633 -54.41 -45.64 -50.46
N ASN D 634 -53.99 -45.58 -51.72
CA ASN D 634 -53.55 -46.76 -52.46
C ASN D 634 -52.13 -47.13 -52.05
N PHE D 635 -51.28 -46.14 -51.74
CA PHE D 635 -49.90 -46.37 -51.35
C PHE D 635 -49.55 -45.62 -50.09
N VAL D 636 -48.83 -46.29 -49.17
CA VAL D 636 -48.42 -45.68 -47.89
C VAL D 636 -46.98 -45.99 -47.62
N THR D 637 -46.19 -44.98 -47.28
CA THR D 637 -44.81 -45.17 -46.90
C THR D 637 -44.77 -45.14 -45.38
N CYS D 638 -44.30 -46.22 -44.75
CA CYS D 638 -44.18 -46.31 -43.29
C CYS D 638 -42.83 -46.93 -42.91
N GLU D 639 -42.41 -46.74 -41.65
CA GLU D 639 -41.15 -47.28 -41.17
C GLU D 639 -41.19 -48.80 -41.07
N ALA D 640 -40.02 -49.44 -41.10
CA ALA D 640 -39.91 -50.89 -40.95
C ALA D 640 -40.31 -51.35 -39.56
N ASP D 641 -40.14 -50.44 -38.56
CA ASP D 641 -40.52 -50.63 -37.16
C ASP D 641 -42.04 -50.73 -36.98
N LEU D 642 -42.84 -50.25 -37.94
CA LEU D 642 -44.30 -50.21 -37.82
C LEU D 642 -45.06 -51.20 -38.69
N ALA D 643 -44.38 -52.11 -39.37
CA ALA D 643 -45.08 -53.10 -40.16
C ALA D 643 -44.60 -54.47 -39.78
N THR D 644 -45.52 -55.44 -39.83
CA THR D 644 -45.23 -56.83 -39.51
C THR D 644 -45.95 -57.72 -40.52
N LYS D 645 -45.31 -58.82 -40.93
CA LYS D 645 -45.90 -59.73 -41.90
C LYS D 645 -47.08 -60.41 -41.29
N LEU D 646 -48.17 -60.53 -42.06
CA LEU D 646 -49.40 -61.12 -41.57
C LEU D 646 -49.28 -62.61 -41.50
N PRO D 647 -49.84 -63.25 -40.47
CA PRO D 647 -49.86 -64.72 -40.46
C PRO D 647 -50.78 -65.26 -41.53
N GLU D 648 -50.66 -66.54 -41.79
CA GLU D 648 -51.48 -67.18 -42.83
C GLU D 648 -52.99 -67.09 -42.52
N GLY D 649 -53.37 -67.13 -41.24
CA GLY D 649 -54.76 -67.11 -40.81
C GLY D 649 -55.60 -65.86 -41.07
N ILE D 650 -54.97 -64.68 -41.36
CA ILE D 650 -55.74 -63.44 -41.57
C ILE D 650 -55.39 -62.72 -42.84
N SER D 651 -56.42 -62.09 -43.44
CA SER D 651 -56.32 -61.31 -44.65
C SER D 651 -55.86 -59.91 -44.33
N GLU D 652 -55.58 -59.15 -45.39
CA GLU D 652 -55.21 -57.74 -45.31
C GLU D 652 -56.40 -56.97 -44.68
N HIS D 653 -57.64 -57.29 -45.11
CA HIS D 653 -58.89 -56.68 -44.62
C HIS D 653 -59.16 -57.02 -43.16
N GLU D 654 -58.91 -58.27 -42.73
CA GLU D 654 -59.12 -58.70 -41.33
C GLU D 654 -58.14 -57.94 -40.43
N ALA D 655 -56.85 -57.94 -40.79
CA ALA D 655 -55.77 -57.26 -40.06
C ALA D 655 -55.96 -55.73 -39.96
N ALA D 656 -56.63 -55.12 -40.95
CA ALA D 656 -56.91 -53.69 -40.97
C ALA D 656 -57.91 -53.33 -39.88
N ALA D 657 -58.95 -54.14 -39.67
CA ALA D 657 -59.96 -53.89 -38.63
C ALA D 657 -59.43 -54.12 -37.22
N VAL D 658 -58.77 -55.26 -37.01
CA VAL D 658 -58.27 -55.72 -35.72
C VAL D 658 -57.23 -54.77 -35.08
N GLY D 659 -56.10 -54.63 -35.74
CA GLY D 659 -54.92 -53.88 -35.30
C GLY D 659 -54.98 -53.04 -34.03
N LEU D 660 -55.56 -51.83 -34.13
CA LEU D 660 -55.58 -50.86 -33.03
C LEU D 660 -56.62 -51.21 -31.98
N ALA D 661 -57.84 -51.57 -32.39
CA ALA D 661 -58.89 -51.93 -31.43
C ALA D 661 -58.39 -53.00 -30.46
N TYR D 662 -57.92 -54.12 -31.03
CA TYR D 662 -57.42 -55.23 -30.23
C TYR D 662 -56.08 -54.89 -29.59
N GLY D 663 -55.24 -54.12 -30.28
CA GLY D 663 -53.96 -53.71 -29.72
C GLY D 663 -54.12 -52.93 -28.44
N THR D 664 -54.93 -51.86 -28.51
CA THR D 664 -55.22 -50.99 -27.36
C THR D 664 -55.75 -51.81 -26.20
N VAL D 665 -56.70 -52.71 -26.48
CA VAL D 665 -57.31 -53.60 -25.48
C VAL D 665 -56.25 -54.55 -24.90
N TRP D 666 -55.44 -55.16 -25.76
CA TRP D 666 -54.41 -56.10 -25.34
C TRP D 666 -53.46 -55.42 -24.39
N LEU D 667 -52.92 -54.28 -24.81
CA LEU D 667 -52.05 -53.48 -23.99
C LEU D 667 -52.73 -53.16 -22.67
N GLY D 668 -53.89 -52.53 -22.75
CA GLY D 668 -54.65 -52.09 -21.59
C GLY D 668 -55.08 -53.15 -20.58
N LEU D 669 -55.68 -54.23 -21.06
CA LEU D 669 -56.22 -55.24 -20.15
C LEU D 669 -55.20 -56.32 -19.80
N THR D 670 -54.74 -57.09 -20.76
CA THR D 670 -53.84 -58.20 -20.47
C THR D 670 -52.41 -57.77 -20.10
N GLU D 671 -51.96 -56.60 -20.55
CA GLU D 671 -50.58 -56.17 -20.32
C GLU D 671 -50.43 -55.21 -19.14
N LEU D 672 -51.20 -54.12 -19.11
CA LEU D 672 -51.09 -53.10 -18.05
C LEU D 672 -51.89 -53.48 -16.83
N ALA D 673 -53.19 -53.74 -17.02
CA ALA D 673 -54.10 -54.07 -15.92
C ALA D 673 -53.96 -55.54 -15.51
N ARG D 674 -53.23 -56.36 -16.30
CA ARG D 674 -53.06 -57.79 -16.04
C ARG D 674 -54.41 -58.38 -15.62
N MET D 675 -55.32 -58.42 -16.60
CA MET D 675 -56.66 -58.92 -16.36
C MET D 675 -56.61 -60.38 -16.03
N SER D 676 -56.90 -60.68 -14.78
CA SER D 676 -56.94 -62.04 -14.28
C SER D 676 -58.31 -62.62 -14.55
N ALA D 677 -58.48 -63.90 -14.26
CA ALA D 677 -59.76 -64.54 -14.43
C ALA D 677 -60.63 -64.25 -13.22
N GLY D 678 -61.92 -64.12 -13.46
CA GLY D 678 -62.89 -63.87 -12.41
C GLY D 678 -63.13 -62.42 -12.04
N ASP D 679 -62.09 -61.57 -12.11
CA ASP D 679 -62.25 -60.17 -11.73
C ASP D 679 -63.25 -59.45 -12.69
N LYS D 680 -63.97 -58.46 -12.13
CA LYS D 680 -65.04 -57.74 -12.80
C LYS D 680 -64.48 -56.59 -13.61
N ILE D 681 -64.95 -56.44 -14.85
CA ILE D 681 -64.48 -55.40 -15.75
C ILE D 681 -65.64 -54.56 -16.28
N LEU D 682 -65.44 -53.23 -16.33
CA LEU D 682 -66.43 -52.30 -16.86
C LEU D 682 -65.98 -51.82 -18.25
N ILE D 683 -66.71 -52.21 -19.29
CA ILE D 683 -66.39 -51.85 -20.67
C ILE D 683 -67.34 -50.76 -21.16
N HIS D 684 -66.88 -49.50 -21.23
CA HIS D 684 -67.74 -48.43 -21.73
C HIS D 684 -67.89 -48.49 -23.25
N SER D 685 -69.13 -48.25 -23.76
CA SER D 685 -69.49 -48.21 -25.20
C SER D 685 -68.99 -49.49 -25.88
N ALA D 686 -69.46 -50.61 -25.33
CA ALA D 686 -69.04 -51.96 -25.71
C ALA D 686 -69.49 -52.43 -27.11
N THR D 687 -70.38 -51.69 -27.79
CA THR D 687 -70.83 -52.04 -29.15
C THR D 687 -69.82 -51.62 -30.25
N GLY D 688 -68.90 -50.71 -29.90
CA GLY D 688 -67.86 -50.25 -30.81
C GLY D 688 -66.72 -51.21 -31.05
N GLY D 689 -65.72 -50.75 -31.80
CA GLY D 689 -64.55 -51.55 -32.18
C GLY D 689 -63.71 -52.03 -31.00
N VAL D 690 -63.30 -51.09 -30.16
CA VAL D 690 -62.49 -51.36 -28.97
C VAL D 690 -63.36 -52.10 -27.93
N GLY D 691 -64.67 -51.78 -27.90
CA GLY D 691 -65.62 -52.42 -27.02
C GLY D 691 -65.79 -53.90 -27.30
N GLN D 692 -65.98 -54.23 -28.59
CA GLN D 692 -66.12 -55.62 -29.02
C GLN D 692 -64.81 -56.36 -28.78
N ALA D 693 -63.68 -55.70 -29.00
CA ALA D 693 -62.37 -56.30 -28.74
C ALA D 693 -62.18 -56.58 -27.24
N ALA D 694 -62.63 -55.64 -26.39
CA ALA D 694 -62.54 -55.76 -24.93
C ALA D 694 -63.34 -56.95 -24.44
N ILE D 695 -64.57 -57.10 -24.97
CA ILE D 695 -65.44 -58.25 -24.62
C ILE D 695 -64.71 -59.54 -24.96
N ALA D 696 -64.17 -59.63 -26.17
CA ALA D 696 -63.45 -60.81 -26.65
C ALA D 696 -62.37 -61.28 -25.68
N VAL D 697 -61.47 -60.37 -25.25
CA VAL D 697 -60.35 -60.75 -24.36
C VAL D 697 -60.88 -60.90 -22.91
N ALA D 698 -61.93 -60.18 -22.53
CA ALA D 698 -62.52 -60.33 -21.19
C ALA D 698 -63.19 -61.69 -21.08
N ARG D 699 -63.87 -62.12 -22.16
CA ARG D 699 -64.50 -63.45 -22.22
C ARG D 699 -63.41 -64.50 -22.21
N ALA D 700 -62.33 -64.26 -22.97
CA ALA D 700 -61.19 -65.17 -23.04
C ALA D 700 -60.52 -65.31 -21.68
N ALA D 701 -60.30 -64.18 -21.00
CA ALA D 701 -59.67 -64.16 -19.68
C ALA D 701 -60.55 -64.73 -18.59
N GLY D 702 -61.87 -64.75 -18.82
CA GLY D 702 -62.84 -65.28 -17.89
C GLY D 702 -63.29 -64.22 -16.89
N ALA D 703 -63.34 -62.97 -17.33
CA ALA D 703 -63.72 -61.85 -16.49
C ALA D 703 -65.23 -61.62 -16.58
N GLU D 704 -65.84 -61.10 -15.48
CA GLU D 704 -67.28 -60.82 -15.41
C GLU D 704 -67.50 -59.45 -16.06
N ILE D 705 -68.19 -59.38 -17.22
CA ILE D 705 -68.37 -58.13 -17.95
C ILE D 705 -69.59 -57.33 -17.45
N TYR D 706 -69.37 -56.02 -17.34
CA TYR D 706 -70.32 -54.97 -17.01
C TYR D 706 -70.16 -53.96 -18.13
N ALA D 707 -71.14 -53.78 -19.00
CA ALA D 707 -70.96 -52.91 -20.17
C ALA D 707 -71.92 -51.74 -20.18
N THR D 708 -71.61 -50.72 -21.00
CA THR D 708 -72.45 -49.54 -21.16
C THR D 708 -72.59 -49.21 -22.64
N ALA D 709 -73.67 -48.49 -23.00
CA ALA D 709 -73.94 -48.05 -24.35
C ALA D 709 -74.97 -46.93 -24.35
N GLY D 710 -74.91 -46.09 -25.38
CA GLY D 710 -75.75 -44.90 -25.49
C GLY D 710 -77.19 -45.16 -25.80
N SER D 711 -77.43 -45.78 -26.96
CA SER D 711 -78.79 -46.07 -27.43
C SER D 711 -79.41 -47.25 -26.70
N GLU D 712 -80.75 -47.34 -26.73
CA GLU D 712 -81.45 -48.47 -26.13
C GLU D 712 -81.25 -49.68 -27.03
N LYS D 713 -81.33 -49.48 -28.36
CA LYS D 713 -81.06 -50.52 -29.37
C LYS D 713 -79.67 -51.10 -29.16
N ARG D 714 -78.69 -50.23 -28.89
CA ARG D 714 -77.31 -50.63 -28.68
C ARG D 714 -77.16 -51.37 -27.35
N ARG D 715 -77.88 -50.94 -26.30
CA ARG D 715 -77.85 -51.63 -25.02
C ARG D 715 -78.48 -52.99 -25.17
N GLN D 716 -79.62 -53.08 -25.86
CA GLN D 716 -80.34 -54.35 -26.08
C GLN D 716 -79.48 -55.34 -26.86
N LEU D 717 -78.61 -54.85 -27.75
CA LEU D 717 -77.71 -55.75 -28.47
C LEU D 717 -76.76 -56.45 -27.48
N LEU D 718 -76.20 -55.71 -26.52
CA LEU D 718 -75.31 -56.29 -25.51
C LEU D 718 -76.06 -57.32 -24.68
N ARG D 719 -77.29 -57.02 -24.30
CA ARG D 719 -78.11 -57.96 -23.54
C ARG D 719 -78.35 -59.26 -24.37
N ASP D 720 -78.52 -59.11 -25.70
CA ASP D 720 -78.71 -60.23 -26.61
C ASP D 720 -77.40 -60.99 -26.85
N TRP D 721 -76.25 -60.28 -26.87
CA TRP D 721 -74.93 -60.91 -27.00
C TRP D 721 -74.61 -61.83 -25.82
N GLY D 722 -75.42 -61.79 -24.77
CA GLY D 722 -75.28 -62.64 -23.60
C GLY D 722 -74.55 -61.97 -22.47
N ILE D 723 -74.62 -60.63 -22.39
CA ILE D 723 -73.94 -59.90 -21.33
C ILE D 723 -75.05 -59.33 -20.44
N GLU D 724 -75.16 -59.88 -19.23
CA GLU D 724 -76.06 -59.39 -18.19
C GLU D 724 -75.28 -58.25 -17.56
N HIS D 725 -75.97 -57.19 -17.07
CA HIS D 725 -75.34 -56.01 -16.47
C HIS D 725 -74.94 -54.97 -17.56
N VAL D 726 -75.95 -54.40 -18.22
CA VAL D 726 -75.81 -53.38 -19.24
C VAL D 726 -76.40 -52.08 -18.70
N TYR D 727 -75.71 -50.94 -18.87
CA TYR D 727 -76.15 -49.64 -18.36
C TYR D 727 -75.99 -48.53 -19.41
N ASP D 728 -76.37 -47.27 -19.06
CA ASP D 728 -76.25 -46.15 -20.02
C ASP D 728 -74.88 -45.51 -19.83
N SER D 729 -74.18 -45.32 -20.95
CA SER D 729 -72.85 -44.71 -21.01
C SER D 729 -72.90 -43.18 -20.93
N ARG D 730 -74.06 -42.59 -21.29
CA ARG D 730 -74.24 -41.13 -21.28
C ARG D 730 -74.53 -40.53 -19.89
N THR D 731 -74.72 -41.35 -18.85
CA THR D 731 -75.01 -40.87 -17.50
C THR D 731 -74.02 -41.43 -16.51
N THR D 732 -74.12 -40.98 -15.24
CA THR D 732 -73.32 -41.48 -14.10
C THR D 732 -74.15 -42.49 -13.29
N ALA D 733 -75.15 -43.12 -13.94
CA ALA D 733 -76.04 -44.08 -13.31
C ALA D 733 -75.30 -45.35 -13.06
N PHE D 734 -74.68 -45.88 -14.12
CA PHE D 734 -73.90 -47.12 -14.09
C PHE D 734 -73.15 -47.31 -12.76
N ALA D 735 -72.52 -46.25 -12.21
CA ALA D 735 -71.76 -46.32 -10.97
C ALA D 735 -72.57 -46.91 -9.84
N ASP D 736 -73.64 -46.22 -9.42
CA ASP D 736 -74.46 -46.70 -8.30
C ASP D 736 -75.22 -47.98 -8.68
N GLN D 737 -75.60 -48.14 -9.95
CA GLN D 737 -76.28 -49.36 -10.42
C GLN D 737 -75.37 -50.58 -10.34
N ILE D 738 -74.08 -50.43 -10.69
CA ILE D 738 -73.10 -51.52 -10.61
C ILE D 738 -72.79 -51.77 -9.16
N ARG D 739 -72.69 -50.71 -8.33
CA ARG D 739 -72.46 -50.90 -6.90
C ARG D 739 -73.60 -51.76 -6.31
N THR D 740 -74.84 -51.53 -6.75
CA THR D 740 -75.99 -52.32 -6.31
C THR D 740 -75.94 -53.75 -6.89
N ASP D 741 -75.62 -53.89 -8.18
CA ASP D 741 -75.55 -55.19 -8.86
C ASP D 741 -74.29 -56.02 -8.46
N THR D 742 -73.38 -55.47 -7.62
CA THR D 742 -72.20 -56.20 -7.13
C THR D 742 -72.20 -56.24 -5.57
N ASP D 743 -73.32 -55.87 -4.93
CA ASP D 743 -73.47 -55.82 -3.48
C ASP D 743 -72.36 -54.96 -2.84
N GLY D 744 -72.22 -53.75 -3.39
CA GLY D 744 -71.27 -52.76 -2.93
C GLY D 744 -69.81 -52.95 -3.29
N TYR D 745 -69.46 -54.03 -4.01
CA TYR D 745 -68.05 -54.28 -4.35
C TYR D 745 -67.53 -53.34 -5.41
N GLY D 746 -68.30 -53.15 -6.47
CA GLY D 746 -67.87 -52.35 -7.61
C GLY D 746 -67.16 -53.25 -8.58
N VAL D 747 -66.25 -52.71 -9.39
CA VAL D 747 -65.50 -53.52 -10.34
C VAL D 747 -64.01 -53.55 -9.94
N ASP D 748 -63.17 -54.14 -10.81
CA ASP D 748 -61.72 -54.23 -10.65
C ASP D 748 -61.00 -53.44 -11.72
N ILE D 749 -61.39 -53.67 -12.97
CA ILE D 749 -60.82 -53.01 -14.13
C ILE D 749 -61.88 -52.10 -14.75
N VAL D 750 -61.46 -50.97 -15.33
CA VAL D 750 -62.37 -50.03 -15.98
C VAL D 750 -61.73 -49.55 -17.24
N LEU D 751 -62.26 -49.94 -18.40
CA LEU D 751 -61.71 -49.48 -19.68
C LEU D 751 -62.43 -48.18 -20.07
N ASN D 752 -61.96 -47.08 -19.50
CA ASN D 752 -62.59 -45.76 -19.63
C ASN D 752 -62.35 -45.03 -20.94
N SER D 753 -63.38 -45.04 -21.79
CA SER D 753 -63.45 -44.25 -23.02
C SER D 753 -64.29 -42.97 -22.78
N VAL D 754 -65.10 -42.96 -21.69
CA VAL D 754 -66.02 -41.87 -21.35
C VAL D 754 -65.26 -40.71 -20.64
N THR D 755 -65.96 -39.57 -20.39
CA THR D 755 -65.34 -38.35 -19.87
C THR D 755 -66.16 -37.56 -18.84
N GLY D 756 -65.44 -36.69 -18.15
CA GLY D 756 -65.99 -35.74 -17.20
C GLY D 756 -66.35 -36.35 -15.87
N PRO D 757 -67.61 -36.19 -15.41
CA PRO D 757 -68.01 -36.83 -14.14
C PRO D 757 -68.13 -38.35 -14.27
N ALA D 758 -68.28 -38.87 -15.50
CA ALA D 758 -68.36 -40.29 -15.78
C ALA D 758 -66.97 -40.96 -15.61
N GLN D 759 -65.90 -40.18 -15.77
CA GLN D 759 -64.54 -40.66 -15.54
C GLN D 759 -64.35 -40.77 -14.02
N ARG D 760 -64.63 -39.68 -13.30
CA ARG D 760 -64.57 -39.61 -11.86
C ARG D 760 -65.45 -40.69 -11.21
N ALA D 761 -66.68 -40.88 -11.72
CA ALA D 761 -67.63 -41.90 -11.23
C ALA D 761 -67.12 -43.32 -11.41
N GLY D 762 -66.40 -43.54 -12.52
CA GLY D 762 -65.80 -44.82 -12.85
C GLY D 762 -64.64 -45.17 -11.94
N LEU D 763 -63.84 -44.15 -11.55
CA LEU D 763 -62.73 -44.36 -10.63
C LEU D 763 -63.28 -44.68 -9.25
N GLU D 764 -64.30 -43.94 -8.83
CA GLU D 764 -64.92 -44.16 -7.53
C GLU D 764 -65.51 -45.57 -7.44
N LEU D 765 -65.94 -46.13 -8.58
CA LEU D 765 -66.53 -47.46 -8.66
C LEU D 765 -65.54 -48.61 -8.32
N LEU D 766 -64.38 -48.71 -9.05
CA LEU D 766 -63.44 -49.85 -8.87
C LEU D 766 -62.88 -49.89 -7.46
N ALA D 767 -62.69 -51.14 -6.94
CA ALA D 767 -62.34 -51.37 -5.55
C ALA D 767 -61.14 -52.30 -5.34
N PHE D 768 -60.13 -51.80 -4.58
CA PHE D 768 -58.93 -52.48 -4.08
C PHE D 768 -58.06 -52.90 -5.24
N GLY D 769 -58.46 -53.90 -6.00
CA GLY D 769 -57.74 -54.30 -7.22
C GLY D 769 -57.40 -53.05 -8.03
N GLY D 770 -58.42 -52.20 -8.18
CA GLY D 770 -58.38 -50.89 -8.80
C GLY D 770 -57.39 -50.70 -9.92
N ARG D 771 -57.84 -50.91 -11.16
CA ARG D 771 -57.01 -50.72 -12.34
C ARG D 771 -57.76 -49.89 -13.39
N PHE D 772 -57.67 -48.57 -13.26
CA PHE D 772 -58.34 -47.64 -14.18
C PHE D 772 -57.53 -47.44 -15.44
N VAL D 773 -58.01 -47.94 -16.59
CA VAL D 773 -57.29 -47.81 -17.86
C VAL D 773 -57.92 -46.70 -18.71
N GLU D 774 -57.36 -45.47 -18.65
CA GLU D 774 -57.91 -44.38 -19.47
C GLU D 774 -57.31 -44.38 -20.85
N ILE D 775 -58.14 -44.75 -21.84
CA ILE D 775 -57.82 -44.69 -23.27
C ILE D 775 -58.31 -43.32 -23.82
N GLY D 776 -59.39 -42.76 -23.26
CA GLY D 776 -59.93 -41.46 -23.62
C GLY D 776 -58.99 -40.28 -23.35
N LYS D 777 -58.59 -39.57 -24.41
CA LYS D 777 -57.63 -38.46 -24.34
C LYS D 777 -58.22 -37.10 -23.91
N ARG D 778 -59.52 -36.86 -24.07
CA ARG D 778 -60.11 -35.53 -23.81
C ARG D 778 -59.76 -34.95 -22.45
N ASP D 779 -59.93 -35.73 -21.38
CA ASP D 779 -59.71 -35.24 -20.01
C ASP D 779 -58.23 -35.01 -19.67
N ILE D 780 -57.34 -35.78 -20.29
CA ILE D 780 -55.89 -35.63 -20.08
C ILE D 780 -55.48 -34.32 -20.68
N TYR D 781 -55.73 -34.11 -22.00
CA TYR D 781 -55.36 -32.87 -22.70
C TYR D 781 -56.09 -31.62 -22.18
N ALA D 782 -57.16 -31.81 -21.41
CA ALA D 782 -57.87 -30.71 -20.75
C ALA D 782 -57.26 -30.34 -19.37
N ASP D 783 -56.27 -31.13 -18.88
CA ASP D 783 -55.61 -30.99 -17.57
C ASP D 783 -56.63 -31.05 -16.45
N THR D 784 -57.64 -31.92 -16.60
CA THR D 784 -58.67 -32.05 -15.56
C THR D 784 -58.00 -32.50 -14.29
N ARG D 785 -58.18 -31.72 -13.22
CA ARG D 785 -57.56 -32.04 -11.95
C ARG D 785 -58.42 -33.10 -11.30
N LEU D 786 -57.87 -34.31 -11.26
CA LEU D 786 -58.51 -35.50 -10.72
C LEU D 786 -58.22 -35.65 -9.24
N GLY D 787 -59.25 -35.82 -8.45
CA GLY D 787 -59.11 -36.03 -7.01
C GLY D 787 -58.45 -37.35 -6.72
N LEU D 788 -57.34 -37.32 -5.93
CA LEU D 788 -56.57 -38.51 -5.58
C LEU D 788 -57.15 -39.33 -4.42
N PHE D 789 -58.21 -38.87 -3.73
CA PHE D 789 -58.74 -39.62 -2.57
C PHE D 789 -59.15 -41.07 -2.87
N PRO D 790 -59.77 -41.40 -4.02
CA PRO D 790 -60.13 -42.81 -4.28
C PRO D 790 -58.95 -43.78 -4.32
N PHE D 791 -57.74 -43.27 -4.60
CA PHE D 791 -56.54 -44.08 -4.69
C PHE D 791 -56.13 -44.70 -3.34
N ARG D 792 -56.79 -44.31 -2.22
CA ARG D 792 -56.46 -44.88 -0.91
C ARG D 792 -56.61 -46.41 -0.88
N ARG D 793 -57.34 -46.99 -1.86
CA ARG D 793 -57.54 -48.45 -1.97
C ARG D 793 -56.56 -49.09 -2.99
N ASN D 794 -55.27 -48.72 -2.98
CA ASN D 794 -54.25 -49.29 -3.89
C ASN D 794 -54.64 -49.27 -5.42
N LEU D 795 -55.30 -48.18 -5.85
CA LEU D 795 -55.68 -48.04 -7.25
C LEU D 795 -54.46 -47.76 -8.15
N SER D 796 -54.63 -47.98 -9.45
CA SER D 796 -53.58 -47.80 -10.43
C SER D 796 -54.18 -47.16 -11.67
N PHE D 797 -53.71 -45.98 -12.04
CA PHE D 797 -54.20 -45.25 -13.23
C PHE D 797 -53.27 -45.50 -14.39
N TYR D 798 -53.79 -45.84 -15.57
CA TYR D 798 -52.95 -46.07 -16.74
C TYR D 798 -53.40 -45.23 -17.89
N ALA D 799 -52.52 -44.37 -18.39
CA ALA D 799 -52.81 -43.55 -19.56
C ALA D 799 -52.35 -44.33 -20.78
N VAL D 800 -53.15 -44.33 -21.84
CA VAL D 800 -52.83 -45.09 -23.05
C VAL D 800 -52.96 -44.15 -24.24
N ASP D 801 -51.89 -44.07 -25.07
CA ASP D 801 -51.85 -43.28 -26.31
C ASP D 801 -50.97 -44.01 -27.33
N LEU D 802 -51.52 -45.05 -27.96
CA LEU D 802 -50.84 -45.84 -28.99
C LEU D 802 -50.26 -44.95 -30.07
N ALA D 803 -50.95 -43.85 -30.41
CA ALA D 803 -50.48 -42.90 -31.42
C ALA D 803 -49.07 -42.32 -31.09
N LEU D 804 -48.90 -41.93 -29.85
CA LEU D 804 -47.67 -41.37 -29.34
C LEU D 804 -46.63 -42.47 -29.26
N MET D 805 -47.03 -43.66 -28.78
CA MET D 805 -46.18 -44.84 -28.67
C MET D 805 -45.55 -45.23 -29.98
N THR D 806 -46.28 -45.01 -31.08
CA THR D 806 -45.82 -45.27 -32.44
C THR D 806 -44.51 -44.49 -32.72
N VAL D 807 -44.34 -43.36 -32.05
CA VAL D 807 -43.18 -42.51 -32.21
C VAL D 807 -42.14 -42.80 -31.14
N THR D 808 -42.54 -42.84 -29.87
CA THR D 808 -41.62 -43.01 -28.74
C THR D 808 -41.03 -44.43 -28.63
N HIS D 809 -41.85 -45.48 -28.81
CA HIS D 809 -41.42 -46.88 -28.71
C HIS D 809 -42.09 -47.67 -29.82
N PRO D 810 -41.66 -47.49 -31.07
CA PRO D 810 -42.34 -48.18 -32.19
C PRO D 810 -42.21 -49.70 -32.17
N GLN D 811 -41.13 -50.22 -31.57
CA GLN D 811 -40.96 -51.66 -31.44
C GLN D 811 -42.08 -52.28 -30.58
N LYS D 812 -42.49 -51.61 -29.49
CA LYS D 812 -43.57 -52.14 -28.64
C LYS D 812 -44.89 -52.19 -29.43
N ILE D 813 -45.14 -51.21 -30.32
CA ILE D 813 -46.35 -51.20 -31.16
C ILE D 813 -46.27 -52.31 -32.19
N ARG D 814 -45.09 -52.54 -32.78
CA ARG D 814 -44.91 -53.62 -33.76
C ARG D 814 -45.26 -54.95 -33.17
N ASP D 815 -44.78 -55.20 -31.95
CA ASP D 815 -44.99 -56.45 -31.24
C ASP D 815 -46.44 -56.58 -30.78
N LEU D 816 -47.06 -55.46 -30.41
CA LEU D 816 -48.46 -55.40 -30.00
C LEU D 816 -49.38 -55.71 -31.18
N LEU D 817 -49.04 -55.28 -32.41
CA LEU D 817 -49.84 -55.59 -33.58
C LEU D 817 -49.65 -57.02 -33.97
N ALA D 818 -48.39 -57.43 -33.99
CA ALA D 818 -48.02 -58.78 -34.36
C ALA D 818 -48.64 -59.80 -33.43
N THR D 819 -48.72 -59.51 -32.11
CA THR D 819 -49.30 -60.45 -31.17
C THR D 819 -50.84 -60.50 -31.36
N VAL D 820 -51.53 -59.40 -31.71
CA VAL D 820 -52.97 -59.48 -31.93
C VAL D 820 -53.25 -60.18 -33.25
N TYR D 821 -52.42 -59.95 -34.29
CA TYR D 821 -52.57 -60.63 -35.58
C TYR D 821 -52.40 -62.14 -35.40
N ARG D 822 -51.51 -62.56 -34.49
CA ARG D 822 -51.28 -63.96 -34.22
C ARG D 822 -52.51 -64.54 -33.50
N LEU D 823 -52.95 -63.91 -32.40
CA LEU D 823 -54.09 -64.39 -31.62
C LEU D 823 -55.35 -64.51 -32.43
N ILE D 824 -55.61 -63.52 -33.29
CA ILE D 824 -56.83 -63.50 -34.11
C ILE D 824 -56.75 -64.55 -35.25
N ALA D 825 -55.56 -64.77 -35.82
CA ALA D 825 -55.32 -65.77 -36.86
C ALA D 825 -55.38 -67.19 -36.31
N ASP D 826 -54.87 -67.39 -35.08
CA ASP D 826 -54.90 -68.67 -34.37
C ASP D 826 -56.33 -69.06 -33.97
N GLY D 827 -57.18 -68.04 -33.82
CA GLY D 827 -58.57 -68.21 -33.40
C GLY D 827 -58.71 -68.03 -31.90
N THR D 828 -57.59 -67.70 -31.21
CA THR D 828 -57.56 -67.46 -29.77
C THR D 828 -58.58 -66.39 -29.41
N LEU D 829 -58.71 -65.39 -30.31
CA LEU D 829 -59.69 -64.31 -30.18
C LEU D 829 -60.54 -64.25 -31.44
N PRO D 830 -61.85 -63.99 -31.30
CA PRO D 830 -62.71 -63.91 -32.48
C PRO D 830 -62.80 -62.49 -32.95
N LEU D 831 -62.80 -62.29 -34.26
CA LEU D 831 -62.86 -60.94 -34.83
C LEU D 831 -64.26 -60.32 -34.62
N PRO D 832 -64.42 -58.99 -34.74
CA PRO D 832 -65.71 -58.36 -34.44
C PRO D 832 -66.57 -58.10 -35.66
N GLU D 833 -67.70 -57.40 -35.46
CA GLU D 833 -68.57 -57.00 -36.55
C GLU D 833 -67.81 -56.07 -37.47
N ILE D 834 -67.59 -56.48 -38.73
CA ILE D 834 -66.84 -55.69 -39.68
C ILE D 834 -67.76 -55.30 -40.83
N THR D 835 -67.97 -54.00 -40.99
CA THR D 835 -68.79 -53.44 -42.04
C THR D 835 -67.85 -52.80 -43.07
N HIS D 836 -67.85 -53.30 -44.30
CA HIS D 836 -66.95 -52.77 -45.33
C HIS D 836 -67.59 -51.59 -46.07
N TYR D 837 -66.80 -50.56 -46.35
CA TYR D 837 -67.22 -49.36 -47.08
C TYR D 837 -66.23 -49.04 -48.18
N PRO D 838 -66.65 -48.67 -49.41
CA PRO D 838 -65.64 -48.26 -50.40
C PRO D 838 -65.09 -46.90 -50.02
N LEU D 839 -63.90 -46.57 -50.54
CA LEU D 839 -63.22 -45.32 -50.22
C LEU D 839 -64.03 -44.08 -50.59
N GLU D 840 -64.91 -44.18 -51.59
CA GLU D 840 -65.80 -43.10 -52.01
C GLU D 840 -66.80 -42.73 -50.90
N GLU D 841 -67.43 -43.74 -50.29
CA GLU D 841 -68.42 -43.56 -49.22
C GLU D 841 -67.74 -43.44 -47.84
N ALA D 842 -66.54 -42.83 -47.76
CA ALA D 842 -65.83 -42.65 -46.49
C ALA D 842 -66.60 -41.67 -45.63
N ALA D 843 -66.99 -40.54 -46.23
CA ALA D 843 -67.77 -39.49 -45.57
C ALA D 843 -69.07 -40.01 -44.99
N THR D 844 -69.73 -40.97 -45.66
CA THR D 844 -70.98 -41.55 -45.16
C THR D 844 -70.72 -42.38 -43.91
N ALA D 845 -69.59 -43.11 -43.88
CA ALA D 845 -69.18 -43.92 -42.71
C ALA D 845 -68.82 -43.02 -41.50
N ILE D 846 -68.29 -41.81 -41.77
CA ILE D 846 -67.90 -40.88 -40.72
C ILE D 846 -69.15 -40.34 -40.09
N ARG D 847 -70.18 -39.96 -40.87
CA ARG D 847 -71.47 -39.50 -40.30
C ARG D 847 -72.12 -40.61 -39.46
N ILE D 848 -72.07 -41.86 -39.95
CA ILE D 848 -72.68 -43.01 -39.27
C ILE D 848 -72.01 -43.22 -37.92
N MET D 849 -70.69 -43.38 -37.93
CA MET D 849 -69.90 -43.53 -36.73
C MET D 849 -70.04 -42.31 -35.79
N GLY D 850 -69.92 -41.14 -36.40
CA GLY D 850 -70.04 -39.86 -35.74
C GLY D 850 -71.39 -39.62 -35.13
N GLY D 851 -72.44 -40.25 -35.66
CA GLY D 851 -73.78 -40.18 -35.10
C GLY D 851 -74.08 -41.32 -34.14
N ALA D 852 -73.07 -42.16 -33.82
CA ALA D 852 -73.18 -43.33 -32.94
C ALA D 852 -74.24 -44.33 -33.43
N GLN D 853 -74.51 -44.35 -34.75
CA GLN D 853 -75.47 -45.28 -35.38
C GLN D 853 -74.82 -46.66 -35.60
N HIS D 854 -73.52 -46.65 -35.86
CA HIS D 854 -72.73 -47.83 -36.17
C HIS D 854 -72.60 -48.84 -35.04
N THR D 855 -72.08 -50.04 -35.39
CA THR D 855 -71.78 -51.16 -34.50
C THR D 855 -70.56 -51.90 -35.03
N GLY D 856 -69.61 -52.15 -34.12
CA GLY D 856 -68.39 -52.85 -34.45
C GLY D 856 -67.37 -51.98 -35.18
N LYS D 857 -66.60 -52.61 -36.08
CA LYS D 857 -65.56 -51.90 -36.82
C LYS D 857 -66.01 -51.61 -38.23
N LEU D 858 -65.45 -50.53 -38.79
CA LEU D 858 -65.70 -50.07 -40.14
C LEU D 858 -64.38 -50.11 -40.87
N VAL D 859 -64.38 -50.79 -42.02
CA VAL D 859 -63.18 -50.97 -42.83
C VAL D 859 -63.39 -50.27 -44.12
N ILE D 860 -62.44 -49.43 -44.50
CA ILE D 860 -62.51 -48.69 -45.75
C ILE D 860 -61.74 -49.53 -46.78
N ASP D 861 -62.45 -50.09 -47.77
CA ASP D 861 -61.82 -50.89 -48.82
C ASP D 861 -61.13 -49.94 -49.77
N ILE D 862 -59.85 -50.19 -50.07
CA ILE D 862 -59.10 -49.34 -50.97
C ILE D 862 -59.32 -49.87 -52.38
N PRO D 863 -59.59 -48.98 -53.38
CA PRO D 863 -59.83 -49.46 -54.74
C PRO D 863 -58.62 -50.18 -55.39
N ASP D 864 -58.64 -51.52 -55.21
CA ASP D 864 -57.70 -52.48 -55.79
C ASP D 864 -57.95 -52.53 -57.28
N THR D 865 -56.89 -52.78 -58.05
CA THR D 865 -56.97 -52.92 -59.49
C THR D 865 -57.32 -51.58 -60.15
N GLY D 866 -56.80 -51.42 -61.36
CA GLY D 866 -56.96 -50.23 -62.17
C GLY D 866 -58.40 -49.85 -62.48
N GLN D 867 -58.84 -48.73 -61.90
CA GLN D 867 -60.14 -48.12 -62.12
C GLN D 867 -59.92 -46.59 -62.04
N SER D 868 -60.39 -45.83 -63.02
CA SER D 868 -60.14 -44.37 -63.03
C SER D 868 -61.00 -43.65 -61.99
N GLN D 869 -60.39 -42.76 -61.16
CA GLN D 869 -61.09 -41.97 -60.14
C GLN D 869 -60.65 -40.50 -60.22
N VAL D 870 -61.58 -39.55 -59.95
CA VAL D 870 -61.32 -38.10 -60.04
C VAL D 870 -60.64 -37.63 -58.73
N VAL D 871 -59.46 -37.00 -58.86
CA VAL D 871 -58.58 -36.55 -57.77
C VAL D 871 -58.48 -35.01 -57.78
N VAL D 872 -57.92 -34.40 -56.72
CA VAL D 872 -57.77 -32.96 -56.65
C VAL D 872 -56.32 -32.58 -56.21
N PRO D 873 -55.35 -32.47 -57.16
CA PRO D 873 -53.99 -31.99 -56.78
C PRO D 873 -54.05 -30.57 -56.25
N PRO D 874 -53.53 -30.25 -55.06
CA PRO D 874 -53.67 -28.88 -54.57
C PRO D 874 -52.50 -27.98 -54.98
N GLU D 875 -51.38 -28.02 -54.24
CA GLU D 875 -50.21 -27.19 -54.49
C GLU D 875 -48.97 -28.07 -54.65
N GLN D 876 -49.21 -29.26 -55.23
CA GLN D 876 -48.22 -30.23 -55.71
C GLN D 876 -48.00 -29.96 -57.20
N VAL D 877 -48.76 -28.95 -57.75
CA VAL D 877 -48.78 -28.53 -59.16
C VAL D 877 -47.36 -28.21 -59.58
N PRO D 878 -46.81 -28.91 -60.58
CA PRO D 878 -45.44 -28.62 -61.00
C PRO D 878 -45.40 -27.37 -61.86
N VAL D 879 -45.29 -26.21 -61.18
CA VAL D 879 -45.26 -24.92 -61.83
C VAL D 879 -43.86 -24.82 -62.48
N PHE D 880 -42.85 -24.44 -61.70
CA PHE D 880 -41.48 -24.29 -62.18
C PHE D 880 -40.74 -25.63 -62.05
N ARG D 881 -40.43 -26.29 -63.19
CA ARG D 881 -39.72 -27.57 -63.20
C ARG D 881 -38.52 -27.58 -64.16
N GLY D 882 -37.45 -28.25 -63.74
CA GLY D 882 -36.21 -28.42 -64.49
C GLY D 882 -36.38 -29.26 -65.73
N ASP D 883 -37.40 -30.14 -65.77
CA ASP D 883 -37.69 -31.00 -66.93
C ASP D 883 -38.70 -30.34 -67.89
N GLY D 884 -38.65 -29.01 -68.03
CA GLY D 884 -39.54 -28.27 -68.91
C GLY D 884 -39.06 -26.87 -69.26
N ALA D 885 -39.32 -26.45 -70.53
CA ALA D 885 -38.95 -25.14 -71.10
C ALA D 885 -40.05 -24.09 -70.90
N TYR D 886 -39.68 -22.79 -70.78
CA TYR D 886 -40.64 -21.69 -70.57
C TYR D 886 -40.32 -20.47 -71.46
N VAL D 887 -41.35 -19.75 -71.90
CA VAL D 887 -41.25 -18.59 -72.80
C VAL D 887 -41.79 -17.35 -72.12
N ILE D 888 -41.07 -16.23 -72.21
CA ILE D 888 -41.50 -14.97 -71.60
C ILE D 888 -41.40 -13.86 -72.63
N THR D 889 -42.55 -13.30 -73.05
CA THR D 889 -42.57 -12.18 -73.98
C THR D 889 -42.47 -10.91 -73.13
N GLY D 890 -41.61 -9.98 -73.54
CA GLY D 890 -41.33 -8.78 -72.76
C GLY D 890 -40.48 -9.14 -71.57
N GLY D 891 -39.54 -10.06 -71.80
CA GLY D 891 -38.65 -10.60 -70.78
C GLY D 891 -37.38 -9.80 -70.57
N LEU D 892 -36.92 -9.02 -71.58
CA LEU D 892 -35.71 -8.22 -71.42
C LEU D 892 -35.94 -6.97 -70.55
N GLY D 893 -37.19 -6.68 -70.17
CA GLY D 893 -37.47 -5.53 -69.33
C GLY D 893 -38.70 -5.68 -68.46
N GLY D 894 -38.75 -4.81 -67.45
CA GLY D 894 -39.86 -4.73 -66.51
C GLY D 894 -40.05 -5.93 -65.63
N LEU D 895 -41.28 -6.44 -65.61
CA LEU D 895 -41.67 -7.59 -64.81
C LEU D 895 -41.01 -8.84 -65.31
N GLY D 896 -41.11 -9.07 -66.63
CA GLY D 896 -40.55 -10.23 -67.30
C GLY D 896 -39.12 -10.56 -66.93
N LEU D 897 -38.25 -9.54 -66.75
CA LEU D 897 -36.85 -9.78 -66.34
C LEU D 897 -36.76 -10.17 -64.86
N PHE D 898 -37.63 -9.61 -64.00
CA PHE D 898 -37.67 -9.97 -62.58
C PHE D 898 -38.22 -11.40 -62.43
N LEU D 899 -39.31 -11.70 -63.15
CA LEU D 899 -39.92 -13.03 -63.14
C LEU D 899 -38.94 -14.07 -63.67
N ALA D 900 -38.23 -13.77 -64.78
CA ALA D 900 -37.22 -14.67 -65.37
C ALA D 900 -36.11 -14.99 -64.36
N GLU D 901 -35.62 -13.97 -63.65
CA GLU D 901 -34.59 -14.11 -62.62
C GLU D 901 -35.12 -14.97 -61.46
N ARG D 902 -36.37 -14.72 -61.05
CA ARG D 902 -37.03 -15.46 -59.98
C ARG D 902 -37.29 -16.92 -60.41
N MET D 903 -37.69 -17.13 -61.69
CA MET D 903 -37.96 -18.46 -62.25
C MET D 903 -36.69 -19.27 -62.39
N ALA D 904 -35.59 -18.65 -62.85
CA ALA D 904 -34.29 -19.31 -62.97
C ALA D 904 -33.83 -19.80 -61.60
N ALA D 905 -34.05 -18.98 -60.56
CA ALA D 905 -33.76 -19.30 -59.17
C ALA D 905 -34.73 -20.38 -58.63
N ALA D 906 -36.01 -20.34 -59.05
CA ALA D 906 -37.01 -21.34 -58.64
C ALA D 906 -36.78 -22.75 -59.25
N GLY D 907 -35.83 -22.88 -60.19
CA GLY D 907 -35.50 -24.15 -60.83
C GLY D 907 -36.21 -24.34 -62.15
N CYS D 908 -35.74 -23.66 -63.21
CA CYS D 908 -36.33 -23.69 -64.56
C CYS D 908 -35.29 -24.11 -65.59
N GLY D 909 -35.51 -25.24 -66.25
CA GLY D 909 -34.58 -25.70 -67.26
C GLY D 909 -34.90 -25.04 -68.57
N ARG D 910 -34.05 -24.10 -69.03
CA ARG D 910 -34.24 -23.40 -70.32
C ARG D 910 -35.44 -22.40 -70.19
N ILE D 911 -35.13 -21.10 -70.34
CA ILE D 911 -36.11 -20.00 -70.33
C ILE D 911 -35.80 -19.14 -71.54
N VAL D 912 -36.73 -19.00 -72.47
CA VAL D 912 -36.52 -18.13 -73.62
C VAL D 912 -37.11 -16.79 -73.24
N VAL D 913 -36.31 -15.72 -73.36
CA VAL D 913 -36.72 -14.35 -73.07
C VAL D 913 -36.83 -13.62 -74.41
N ASN D 914 -37.84 -12.76 -74.55
CA ASN D 914 -38.09 -12.04 -75.79
C ASN D 914 -38.47 -10.58 -75.56
N SER D 915 -38.10 -9.75 -76.53
CA SER D 915 -38.38 -8.32 -76.59
C SER D 915 -37.79 -7.81 -77.90
N ARG D 916 -38.58 -7.11 -78.71
CA ARG D 916 -38.16 -6.63 -80.02
C ARG D 916 -36.83 -5.83 -79.97
N SER D 917 -36.61 -5.02 -78.91
CA SER D 917 -35.37 -4.26 -78.73
C SER D 917 -34.27 -5.16 -78.17
N ALA D 918 -33.01 -4.85 -78.49
CA ALA D 918 -31.86 -5.62 -78.02
C ALA D 918 -31.68 -5.45 -76.50
N PRO D 919 -30.94 -6.34 -75.80
CA PRO D 919 -30.80 -6.18 -74.34
C PRO D 919 -30.03 -4.93 -73.95
N SER D 920 -30.50 -4.24 -72.90
CA SER D 920 -29.84 -3.04 -72.37
C SER D 920 -28.54 -3.44 -71.64
N THR D 921 -27.75 -2.43 -71.26
CA THR D 921 -26.50 -2.66 -70.54
C THR D 921 -26.75 -3.26 -69.15
N ARG D 922 -27.80 -2.81 -68.44
CA ARG D 922 -28.14 -3.37 -67.12
C ARG D 922 -28.85 -4.72 -67.27
N SER D 923 -29.62 -4.91 -68.36
CA SER D 923 -30.34 -6.16 -68.62
C SER D 923 -29.33 -7.28 -68.92
N SER D 924 -28.31 -6.99 -69.76
CA SER D 924 -27.25 -7.96 -70.09
C SER D 924 -26.50 -8.42 -68.84
N GLU D 925 -26.26 -7.51 -67.87
CA GLU D 925 -25.58 -7.84 -66.60
C GLU D 925 -26.42 -8.82 -65.76
N ILE D 926 -27.76 -8.66 -65.76
CA ILE D 926 -28.67 -9.53 -65.01
C ILE D 926 -28.68 -10.92 -65.64
N ILE D 927 -28.67 -10.99 -66.98
CA ILE D 927 -28.69 -12.28 -67.67
C ILE D 927 -27.36 -13.02 -67.45
N GLU D 928 -26.23 -12.30 -67.39
CA GLU D 928 -24.91 -12.90 -67.17
C GLU D 928 -24.83 -13.61 -65.82
N LEU D 929 -25.24 -12.95 -64.73
CA LEU D 929 -25.21 -13.54 -63.39
C LEU D 929 -26.21 -14.70 -63.23
N ILE D 930 -27.33 -14.71 -63.99
CA ILE D 930 -28.29 -15.83 -63.93
C ILE D 930 -27.67 -17.05 -64.62
N ARG D 931 -27.06 -16.85 -65.81
CA ARG D 931 -26.42 -17.93 -66.54
C ARG D 931 -25.22 -18.46 -65.77
N ALA D 932 -24.48 -17.58 -65.06
CA ALA D 932 -23.34 -17.97 -64.21
C ALA D 932 -23.79 -18.90 -63.09
N THR D 933 -25.00 -18.65 -62.53
CA THR D 933 -25.59 -19.47 -61.48
C THR D 933 -26.49 -20.55 -62.10
N GLY D 934 -25.87 -21.49 -62.81
CA GLY D 934 -26.55 -22.61 -63.43
C GLY D 934 -27.49 -22.30 -64.58
N ALA D 935 -28.82 -22.35 -64.28
CA ALA D 935 -29.96 -22.14 -65.21
C ALA D 935 -29.64 -21.27 -66.43
N ASP D 936 -29.80 -21.83 -67.65
CA ASP D 936 -29.53 -21.09 -68.88
C ASP D 936 -30.73 -20.23 -69.28
N ILE D 937 -30.44 -19.03 -69.80
CA ILE D 937 -31.41 -18.03 -70.24
C ILE D 937 -31.07 -17.70 -71.66
N VAL D 938 -31.94 -18.07 -72.58
CA VAL D 938 -31.75 -17.77 -73.98
C VAL D 938 -32.51 -16.49 -74.28
N VAL D 939 -31.98 -15.68 -75.22
CA VAL D 939 -32.59 -14.44 -75.62
C VAL D 939 -32.80 -14.50 -77.12
N GLU D 940 -34.07 -14.50 -77.53
CA GLU D 940 -34.49 -14.51 -78.93
C GLU D 940 -35.37 -13.29 -79.13
N CYS D 941 -34.84 -12.25 -79.79
CA CYS D 941 -35.57 -11.01 -80.00
C CYS D 941 -36.52 -11.17 -81.18
N GLY D 942 -37.55 -10.33 -81.19
CA GLY D 942 -38.56 -10.31 -82.23
C GLY D 942 -39.82 -9.59 -81.83
N ASP D 943 -40.59 -9.13 -82.82
CA ASP D 943 -41.85 -8.45 -82.60
C ASP D 943 -42.96 -9.53 -82.57
N ILE D 944 -43.44 -9.92 -81.37
CA ILE D 944 -44.52 -10.93 -81.19
C ILE D 944 -45.74 -10.67 -82.08
N ALA D 945 -46.01 -9.41 -82.45
CA ALA D 945 -47.08 -9.06 -83.39
C ALA D 945 -46.89 -9.80 -84.73
N GLU D 946 -45.62 -9.98 -85.18
CA GLU D 946 -45.28 -10.77 -86.37
C GLU D 946 -45.42 -12.25 -85.97
N PRO D 947 -46.03 -13.10 -86.81
CA PRO D 947 -46.25 -14.50 -86.41
C PRO D 947 -44.98 -15.33 -86.27
N ASP D 948 -43.99 -15.14 -87.16
CA ASP D 948 -42.73 -15.90 -87.15
C ASP D 948 -41.99 -15.78 -85.81
N THR D 949 -42.18 -14.66 -85.07
CA THR D 949 -41.58 -14.48 -83.74
C THR D 949 -42.03 -15.57 -82.79
N ALA D 950 -43.35 -15.72 -82.65
CA ALA D 950 -43.94 -16.71 -81.77
C ALA D 950 -43.44 -18.13 -82.02
N LEU D 951 -43.24 -18.49 -83.30
CA LEU D 951 -42.77 -19.81 -83.70
C LEU D 951 -41.29 -19.99 -83.39
N ARG D 952 -40.49 -18.96 -83.66
CA ARG D 952 -39.04 -18.91 -83.41
C ARG D 952 -38.77 -19.13 -81.92
N LEU D 953 -39.55 -18.44 -81.07
CA LEU D 953 -39.48 -18.54 -79.59
C LEU D 953 -39.75 -19.97 -79.10
N VAL D 954 -40.86 -20.55 -79.57
CA VAL D 954 -41.30 -21.90 -79.23
C VAL D 954 -40.26 -22.94 -79.68
N ALA D 955 -39.75 -22.82 -80.89
CA ALA D 955 -38.72 -23.73 -81.41
C ALA D 955 -37.41 -23.64 -80.59
N ALA D 956 -37.04 -22.41 -80.14
CA ALA D 956 -35.84 -22.16 -79.35
C ALA D 956 -35.94 -22.81 -77.97
N ALA D 957 -37.11 -22.66 -77.35
CA ALA D 957 -37.40 -23.22 -76.03
C ALA D 957 -37.31 -24.76 -76.03
N THR D 958 -37.89 -25.39 -77.06
CA THR D 958 -37.94 -26.84 -77.20
C THR D 958 -36.57 -27.46 -77.53
N GLN D 959 -35.81 -26.83 -78.44
CA GLN D 959 -34.46 -27.22 -78.90
C GLN D 959 -33.62 -28.08 -77.92
N THR D 960 -33.57 -27.71 -76.62
CA THR D 960 -32.79 -28.42 -75.60
C THR D 960 -33.53 -29.65 -75.05
N GLY D 961 -34.09 -30.48 -75.94
CA GLY D 961 -34.85 -31.68 -75.59
C GLY D 961 -35.81 -31.56 -74.42
N LEU D 962 -36.37 -30.34 -74.20
CA LEU D 962 -37.28 -30.03 -73.09
C LEU D 962 -38.63 -29.60 -73.62
N PRO D 963 -39.74 -30.24 -73.21
CA PRO D 963 -41.04 -29.79 -73.72
C PRO D 963 -41.46 -28.46 -73.11
N LEU D 964 -42.17 -27.64 -73.88
CA LEU D 964 -42.65 -26.35 -73.39
C LEU D 964 -43.68 -26.60 -72.32
N ARG D 965 -43.45 -26.09 -71.10
CA ARG D 965 -44.37 -26.29 -69.97
C ARG D 965 -45.09 -24.99 -69.54
N GLY D 966 -44.83 -23.86 -70.17
CA GLY D 966 -45.51 -22.63 -69.81
C GLY D 966 -45.13 -21.41 -70.60
N VAL D 967 -46.04 -20.42 -70.64
CA VAL D 967 -45.87 -19.17 -71.37
C VAL D 967 -46.26 -18.00 -70.49
N LEU D 968 -45.67 -16.83 -70.75
CA LEU D 968 -45.98 -15.59 -70.04
C LEU D 968 -46.05 -14.47 -71.07
N HIS D 969 -47.17 -13.74 -71.13
CA HIS D 969 -47.35 -12.67 -72.11
C HIS D 969 -47.24 -11.27 -71.45
N ALA D 970 -46.01 -10.93 -71.01
CA ALA D 970 -45.73 -9.63 -70.41
C ALA D 970 -45.50 -8.55 -71.46
N ALA D 971 -45.25 -8.93 -72.74
CA ALA D 971 -45.02 -7.98 -73.82
C ALA D 971 -46.11 -6.94 -73.87
N ALA D 972 -45.75 -5.64 -73.78
CA ALA D 972 -46.73 -4.56 -73.75
C ALA D 972 -46.15 -3.22 -74.14
N VAL D 973 -47.02 -2.41 -74.77
CA VAL D 973 -46.74 -1.03 -75.17
C VAL D 973 -47.76 -0.17 -74.45
N VAL D 974 -47.32 0.96 -73.88
CA VAL D 974 -48.20 1.86 -73.13
C VAL D 974 -48.05 3.28 -73.67
N GLU D 975 -49.02 3.70 -74.47
CA GLU D 975 -49.12 5.05 -75.02
C GLU D 975 -50.45 5.59 -74.50
N ASP D 976 -50.38 6.53 -73.56
CA ASP D 976 -51.56 7.07 -72.91
C ASP D 976 -51.94 8.42 -73.50
N ALA D 977 -53.25 8.66 -73.65
CA ALA D 977 -53.79 9.90 -74.17
C ALA D 977 -55.26 10.06 -73.79
N THR D 978 -55.72 11.32 -73.67
CA THR D 978 -57.10 11.64 -73.35
C THR D 978 -57.97 11.30 -74.56
N LEU D 979 -59.24 10.97 -74.33
CA LEU D 979 -60.19 10.61 -75.38
C LEU D 979 -60.13 11.58 -76.58
N ALA D 980 -59.89 12.90 -76.35
CA ALA D 980 -59.76 13.91 -77.40
C ALA D 980 -58.55 13.70 -78.30
N ASN D 981 -57.38 13.31 -77.74
CA ASN D 981 -56.15 13.11 -78.52
C ASN D 981 -55.70 11.63 -78.60
N ILE D 982 -56.66 10.68 -78.68
CA ILE D 982 -56.34 9.26 -78.89
C ILE D 982 -56.39 9.07 -80.40
N THR D 983 -55.21 8.95 -81.04
CA THR D 983 -55.14 8.78 -82.50
C THR D 983 -55.44 7.33 -82.87
N ASP D 984 -55.77 7.12 -84.15
CA ASP D 984 -56.06 5.79 -84.70
C ASP D 984 -54.79 4.94 -84.73
N GLU D 985 -53.62 5.58 -84.89
CA GLU D 985 -52.32 4.92 -84.94
C GLU D 985 -51.93 4.45 -83.54
N LEU D 986 -52.16 5.30 -82.53
CA LEU D 986 -51.88 5.00 -81.11
C LEU D 986 -52.65 3.77 -80.60
N VAL D 987 -53.86 3.50 -81.12
CA VAL D 987 -54.62 2.32 -80.69
C VAL D 987 -53.89 1.06 -81.14
N GLU D 988 -53.44 1.01 -82.42
CA GLU D 988 -52.70 -0.15 -82.95
C GLU D 988 -51.34 -0.34 -82.24
N HIS D 989 -50.71 0.74 -81.73
CA HIS D 989 -49.43 0.62 -81.01
C HIS D 989 -49.60 -0.21 -79.74
N ASP D 990 -50.66 0.07 -78.95
CA ASP D 990 -50.95 -0.63 -77.67
C ASP D 990 -51.61 -1.99 -77.89
N TRP D 991 -52.49 -2.07 -78.91
CA TRP D 991 -53.25 -3.26 -79.27
C TRP D 991 -52.39 -4.40 -79.82
N ALA D 992 -51.48 -4.07 -80.74
CA ALA D 992 -50.65 -5.06 -81.43
C ALA D 992 -49.88 -6.06 -80.54
N PRO D 993 -49.05 -5.63 -79.58
CA PRO D 993 -48.31 -6.63 -78.77
C PRO D 993 -49.22 -7.46 -77.86
N LYS D 994 -50.28 -6.86 -77.32
CA LYS D 994 -51.16 -7.54 -76.38
C LYS D 994 -52.02 -8.56 -77.08
N VAL D 995 -52.79 -8.13 -78.08
CA VAL D 995 -53.72 -9.05 -78.73
C VAL D 995 -53.02 -9.90 -79.81
N TYR D 996 -52.33 -9.28 -80.79
CA TYR D 996 -51.75 -10.06 -81.89
C TYR D 996 -50.67 -11.01 -81.38
N GLY D 997 -49.96 -10.62 -80.34
CA GLY D 997 -48.96 -11.49 -79.74
C GLY D 997 -49.60 -12.69 -79.08
N ALA D 998 -50.70 -12.46 -78.34
CA ALA D 998 -51.43 -13.53 -77.64
C ALA D 998 -51.96 -14.58 -78.62
N TRP D 999 -52.48 -14.14 -79.76
CA TRP D 999 -53.00 -15.04 -80.78
C TRP D 999 -51.87 -15.79 -81.47
N ASN D 1000 -50.77 -15.09 -81.79
CA ASN D 1000 -49.62 -15.72 -82.43
C ASN D 1000 -48.97 -16.74 -81.48
N LEU D 1001 -49.00 -16.46 -80.17
CA LEU D 1001 -48.48 -17.40 -79.18
C LEU D 1001 -49.35 -18.65 -79.14
N HIS D 1002 -50.67 -18.43 -79.04
CA HIS D 1002 -51.64 -19.52 -79.02
C HIS D 1002 -51.43 -20.40 -80.24
N GLN D 1003 -51.40 -19.81 -81.44
CA GLN D 1003 -51.19 -20.56 -82.67
C GLN D 1003 -49.86 -21.31 -82.67
N ALA D 1004 -48.76 -20.65 -82.24
CA ALA D 1004 -47.42 -21.28 -82.20
C ALA D 1004 -47.41 -22.54 -81.34
N VAL D 1005 -48.23 -22.55 -80.27
CA VAL D 1005 -48.36 -23.69 -79.35
C VAL D 1005 -49.13 -24.84 -80.05
N GLN D 1006 -50.26 -24.54 -80.72
CA GLN D 1006 -51.02 -25.57 -81.44
C GLN D 1006 -50.21 -26.10 -82.62
N SER D 1007 -49.60 -25.17 -83.39
CA SER D 1007 -48.74 -25.45 -84.55
C SER D 1007 -47.58 -26.36 -84.19
N GLY D 1008 -47.02 -26.17 -82.99
CA GLY D 1008 -45.95 -26.99 -82.48
C GLY D 1008 -46.36 -28.44 -82.32
N GLY D 1009 -45.36 -29.31 -82.26
CA GLY D 1009 -45.57 -30.76 -82.16
C GLY D 1009 -46.01 -31.24 -80.80
N PRO D 1010 -45.59 -32.45 -80.37
CA PRO D 1010 -45.99 -32.94 -79.05
C PRO D 1010 -45.28 -32.22 -77.91
N ALA D 1011 -44.13 -31.59 -78.18
CA ALA D 1011 -43.38 -30.84 -77.16
C ALA D 1011 -44.18 -29.66 -76.59
N THR D 1012 -44.92 -28.96 -77.45
CA THR D 1012 -45.75 -27.82 -77.07
C THR D 1012 -47.12 -28.25 -76.51
N SER D 1013 -47.62 -29.42 -76.93
CA SER D 1013 -48.93 -29.95 -76.51
C SER D 1013 -48.88 -30.64 -75.12
N GLU D 1014 -48.03 -30.15 -74.18
CA GLU D 1014 -47.90 -30.66 -72.82
C GLU D 1014 -47.80 -29.53 -71.79
N LEU D 1015 -48.15 -28.25 -72.15
CA LEU D 1015 -47.93 -27.16 -71.19
C LEU D 1015 -48.99 -27.12 -70.08
N ASP D 1016 -48.52 -26.65 -68.91
CA ASP D 1016 -49.24 -26.54 -67.65
C ASP D 1016 -50.02 -25.24 -67.57
N TRP D 1017 -49.43 -24.13 -68.07
CA TRP D 1017 -50.07 -22.84 -67.99
C TRP D 1017 -49.79 -21.98 -69.22
N PHE D 1018 -50.56 -20.91 -69.34
CA PHE D 1018 -50.45 -19.89 -70.39
C PHE D 1018 -50.97 -18.61 -69.79
N CYS D 1019 -50.10 -17.78 -69.25
CA CYS D 1019 -50.58 -16.60 -68.58
C CYS D 1019 -50.40 -15.39 -69.43
N ALA D 1020 -51.11 -14.34 -69.09
CA ALA D 1020 -51.09 -13.06 -69.76
C ALA D 1020 -51.24 -11.92 -68.78
N PHE D 1021 -50.20 -11.11 -68.63
CA PHE D 1021 -50.24 -9.99 -67.70
C PHE D 1021 -51.11 -8.87 -68.29
N SER D 1022 -52.24 -8.59 -67.63
CA SER D 1022 -53.21 -7.55 -68.02
C SER D 1022 -52.96 -6.31 -67.14
N SER D 1023 -53.95 -5.39 -67.03
CA SER D 1023 -53.83 -4.20 -66.17
C SER D 1023 -55.11 -3.95 -65.39
N ALA D 1024 -54.96 -3.42 -64.17
CA ALA D 1024 -56.09 -3.08 -63.30
C ALA D 1024 -56.83 -1.84 -63.84
N ALA D 1025 -56.16 -1.02 -64.69
CA ALA D 1025 -56.76 0.14 -65.34
C ALA D 1025 -57.89 -0.28 -66.29
N ALA D 1026 -57.79 -1.47 -66.90
CA ALA D 1026 -58.86 -2.00 -67.77
C ALA D 1026 -60.12 -2.31 -66.96
N LEU D 1027 -59.93 -2.86 -65.74
CA LEU D 1027 -61.00 -3.21 -64.82
C LEU D 1027 -61.71 -1.98 -64.25
N VAL D 1028 -60.96 -1.01 -63.69
CA VAL D 1028 -61.54 0.19 -63.05
C VAL D 1028 -61.82 1.29 -64.07
N GLY D 1029 -60.85 1.57 -64.93
CA GLY D 1029 -60.96 2.62 -65.94
C GLY D 1029 -60.10 3.82 -65.64
N SER D 1030 -58.79 3.60 -65.46
CA SER D 1030 -57.87 4.71 -65.19
C SER D 1030 -57.90 5.69 -66.37
N PRO D 1031 -58.32 6.96 -66.18
CA PRO D 1031 -58.41 7.88 -67.32
C PRO D 1031 -57.05 8.13 -67.99
N GLY D 1032 -57.09 8.34 -69.29
CA GLY D 1032 -55.90 8.55 -70.11
C GLY D 1032 -55.38 7.28 -70.74
N GLN D 1033 -55.67 6.10 -70.14
CA GLN D 1033 -55.19 4.82 -70.69
C GLN D 1033 -55.96 4.53 -71.99
N GLY D 1034 -57.26 4.24 -71.88
CA GLY D 1034 -58.16 4.01 -73.01
C GLY D 1034 -57.74 2.94 -74.00
N ALA D 1035 -56.78 3.29 -74.86
CA ALA D 1035 -56.20 2.40 -75.87
C ALA D 1035 -55.53 1.19 -75.22
N TYR D 1036 -54.77 1.41 -74.13
CA TYR D 1036 -54.11 0.33 -73.39
C TYR D 1036 -55.16 -0.50 -72.63
N ALA D 1037 -56.22 0.16 -72.13
CA ALA D 1037 -57.30 -0.50 -71.41
C ALA D 1037 -58.09 -1.44 -72.32
N ALA D 1038 -58.39 -0.99 -73.55
CA ALA D 1038 -59.14 -1.78 -74.52
C ALA D 1038 -58.37 -3.03 -74.99
N ALA D 1039 -57.05 -2.89 -75.19
CA ALA D 1039 -56.18 -3.99 -75.61
C ALA D 1039 -56.17 -5.11 -74.57
N ASN D 1040 -56.18 -4.73 -73.29
CA ASN D 1040 -56.22 -5.70 -72.19
C ASN D 1040 -57.57 -6.39 -72.07
N SER D 1041 -58.68 -5.63 -72.19
CA SER D 1041 -60.03 -6.18 -72.07
C SER D 1041 -60.29 -7.34 -73.04
N TRP D 1042 -59.73 -7.24 -74.28
CA TRP D 1042 -59.81 -8.30 -75.29
C TRP D 1042 -58.93 -9.48 -74.85
N LEU D 1043 -57.66 -9.18 -74.49
CA LEU D 1043 -56.70 -10.20 -74.00
C LEU D 1043 -57.27 -10.97 -72.81
N ASP D 1044 -58.06 -10.29 -71.94
CA ASP D 1044 -58.69 -10.93 -70.79
C ASP D 1044 -59.79 -11.88 -71.27
N ALA D 1045 -60.60 -11.45 -72.24
CA ALA D 1045 -61.66 -12.27 -72.83
C ALA D 1045 -61.08 -13.44 -73.64
N PHE D 1046 -59.93 -13.22 -74.30
CA PHE D 1046 -59.25 -14.25 -75.09
C PHE D 1046 -58.84 -15.44 -74.19
N MET D 1047 -58.45 -15.17 -72.95
CA MET D 1047 -58.07 -16.23 -72.02
C MET D 1047 -59.30 -17.04 -71.62
N GLN D 1048 -60.46 -16.39 -71.43
CA GLN D 1048 -61.70 -17.11 -71.09
C GLN D 1048 -62.14 -17.97 -72.28
N TRP D 1049 -61.90 -17.48 -73.51
CA TRP D 1049 -62.18 -18.24 -74.74
C TRP D 1049 -61.23 -19.44 -74.85
N ARG D 1050 -59.93 -19.22 -74.56
CA ARG D 1050 -58.91 -20.27 -74.61
C ARG D 1050 -59.23 -21.37 -73.58
N ARG D 1051 -59.69 -20.98 -72.37
CA ARG D 1051 -60.11 -21.92 -71.34
C ARG D 1051 -61.32 -22.70 -71.80
N ALA D 1052 -62.30 -22.00 -72.45
CA ALA D 1052 -63.51 -22.63 -73.00
C ALA D 1052 -63.17 -23.72 -74.03
N GLN D 1053 -62.14 -23.49 -74.86
CA GLN D 1053 -61.71 -24.49 -75.84
C GLN D 1053 -61.09 -25.74 -75.17
N GLY D 1054 -60.64 -25.61 -73.91
CA GLY D 1054 -60.06 -26.69 -73.12
C GLY D 1054 -58.62 -26.40 -72.73
N LEU D 1055 -57.95 -25.57 -73.55
CA LEU D 1055 -56.55 -25.20 -73.33
C LEU D 1055 -56.38 -24.50 -71.95
N PRO D 1056 -55.25 -24.66 -71.22
CA PRO D 1056 -55.07 -23.90 -69.97
C PRO D 1056 -54.85 -22.43 -70.28
N ALA D 1057 -55.29 -21.55 -69.39
CA ALA D 1057 -55.14 -20.11 -69.62
C ALA D 1057 -55.32 -19.35 -68.36
N THR D 1058 -54.72 -18.14 -68.30
CA THR D 1058 -54.83 -17.26 -67.14
C THR D 1058 -54.50 -15.81 -67.50
N SER D 1059 -55.05 -14.86 -66.72
CA SER D 1059 -54.82 -13.43 -66.88
C SER D 1059 -54.69 -12.78 -65.51
N ILE D 1060 -53.69 -11.90 -65.31
CA ILE D 1060 -53.47 -11.25 -64.03
C ILE D 1060 -53.46 -9.74 -64.23
N ALA D 1061 -54.58 -9.07 -63.88
CA ALA D 1061 -54.67 -7.61 -63.98
C ALA D 1061 -53.86 -6.98 -62.84
N TRP D 1062 -52.61 -6.59 -63.15
CA TRP D 1062 -51.68 -6.06 -62.15
C TRP D 1062 -51.94 -4.59 -61.78
N GLY D 1063 -51.46 -4.23 -60.59
CA GLY D 1063 -51.53 -2.88 -60.05
C GLY D 1063 -50.25 -2.11 -60.30
N ALA D 1064 -49.84 -1.26 -59.35
CA ALA D 1064 -48.64 -0.42 -59.48
C ALA D 1064 -47.42 -1.06 -58.82
N TRP D 1065 -46.41 -1.46 -59.61
CA TRP D 1065 -45.19 -2.11 -59.07
C TRP D 1065 -44.12 -1.10 -58.66
N GLY D 1066 -43.28 -1.51 -57.70
CA GLY D 1066 -42.22 -0.68 -57.15
C GLY D 1066 -40.98 -0.51 -58.02
N GLU D 1067 -40.34 -1.63 -58.40
CA GLU D 1067 -39.11 -1.62 -59.20
C GLU D 1067 -39.05 -2.84 -60.12
N ASN D 1079 -50.81 0.40 -50.66
CA ASN D 1079 -50.12 1.44 -51.40
C ASN D 1079 -49.01 0.84 -52.27
N ALA D 1080 -49.30 0.61 -53.57
CA ALA D 1080 -48.39 0.06 -54.59
C ALA D 1080 -47.85 -1.36 -54.27
N ILE D 1081 -47.96 -2.28 -55.25
CA ILE D 1081 -47.48 -3.67 -55.12
C ILE D 1081 -45.92 -3.66 -55.15
N ALA D 1082 -45.32 -4.50 -54.29
CA ALA D 1082 -43.87 -4.65 -54.17
C ALA D 1082 -43.36 -5.73 -55.13
N PRO D 1083 -42.05 -5.79 -55.43
CA PRO D 1083 -41.56 -6.84 -56.36
C PRO D 1083 -41.73 -8.27 -55.85
N ASP D 1084 -41.20 -8.60 -54.65
CA ASP D 1084 -41.30 -9.96 -54.08
C ASP D 1084 -42.74 -10.32 -53.66
N GLU D 1085 -43.62 -9.31 -53.50
CA GLU D 1085 -45.04 -9.49 -53.18
C GLU D 1085 -45.80 -10.11 -54.37
N GLY D 1086 -45.51 -9.62 -55.56
CA GLY D 1086 -46.11 -10.11 -56.79
C GLY D 1086 -45.58 -11.46 -57.25
N ALA D 1087 -44.30 -11.77 -56.93
CA ALA D 1087 -43.68 -13.06 -57.30
C ALA D 1087 -44.41 -14.22 -56.66
N TYR D 1088 -44.80 -14.06 -55.39
CA TYR D 1088 -45.56 -15.08 -54.65
C TYR D 1088 -46.98 -15.18 -55.19
N ALA D 1089 -47.59 -14.01 -55.47
CA ALA D 1089 -48.95 -13.95 -56.03
C ALA D 1089 -49.02 -14.66 -57.38
N PHE D 1090 -48.09 -14.32 -58.28
CA PHE D 1090 -48.00 -14.94 -59.60
C PHE D 1090 -47.90 -16.47 -59.48
N GLU D 1091 -46.90 -16.99 -58.73
CA GLU D 1091 -46.71 -18.42 -58.47
C GLU D 1091 -48.00 -19.08 -57.89
N ALA D 1092 -48.66 -18.39 -56.95
CA ALA D 1092 -49.88 -18.88 -56.30
C ALA D 1092 -51.06 -18.96 -57.25
N ILE D 1093 -51.27 -17.91 -58.05
CA ILE D 1093 -52.34 -17.84 -59.05
C ILE D 1093 -52.18 -18.98 -60.08
N LEU D 1094 -50.93 -19.35 -60.41
CA LEU D 1094 -50.63 -20.43 -61.36
C LEU D 1094 -50.92 -21.80 -60.76
N ARG D 1095 -50.76 -21.90 -59.44
CA ARG D 1095 -51.03 -23.12 -58.71
C ARG D 1095 -52.56 -23.40 -58.59
N HIS D 1096 -53.43 -22.48 -59.07
CA HIS D 1096 -54.87 -22.59 -58.99
C HIS D 1096 -55.54 -22.40 -60.36
N ASP D 1097 -56.78 -22.91 -60.50
CA ASP D 1097 -57.58 -22.86 -61.75
C ASP D 1097 -58.58 -21.69 -61.77
N ARG D 1098 -58.04 -20.47 -61.79
CA ARG D 1098 -58.86 -19.28 -61.93
C ARG D 1098 -58.61 -18.72 -63.28
N VAL D 1099 -59.68 -18.32 -63.94
CA VAL D 1099 -59.63 -17.77 -65.29
C VAL D 1099 -59.07 -16.36 -65.21
N TYR D 1100 -59.84 -15.43 -64.60
CA TYR D 1100 -59.49 -14.01 -64.44
C TYR D 1100 -59.09 -13.71 -62.99
N ASN D 1101 -57.92 -13.11 -62.80
CA ASN D 1101 -57.39 -12.71 -61.50
C ASN D 1101 -57.03 -11.22 -61.57
N GLY D 1102 -57.09 -10.53 -60.42
CA GLY D 1102 -56.77 -9.11 -60.38
C GLY D 1102 -56.07 -8.69 -59.12
N TYR D 1103 -54.73 -8.64 -59.15
CA TYR D 1103 -53.92 -8.24 -58.00
C TYR D 1103 -53.72 -6.75 -58.00
N ALA D 1104 -54.20 -6.06 -56.95
CA ALA D 1104 -54.06 -4.61 -56.88
C ALA D 1104 -54.18 -4.09 -55.44
N PRO D 1105 -53.42 -3.04 -55.06
CA PRO D 1105 -53.56 -2.49 -53.70
C PRO D 1105 -54.94 -1.85 -53.55
N VAL D 1106 -55.77 -2.38 -52.64
CA VAL D 1106 -57.15 -1.91 -52.50
C VAL D 1106 -57.28 -1.01 -51.26
N LEU D 1107 -57.02 -1.54 -50.03
CA LEU D 1107 -57.13 -0.78 -48.77
C LEU D 1107 -58.32 0.22 -48.85
N GLY D 1108 -58.07 1.54 -48.77
CA GLY D 1108 -59.08 2.58 -48.92
C GLY D 1108 -58.54 3.65 -49.84
N ALA D 1109 -58.15 3.26 -51.05
CA ALA D 1109 -57.55 4.17 -52.03
C ALA D 1109 -58.54 5.21 -52.54
N SER D 1110 -57.98 6.30 -53.10
CA SER D 1110 -58.73 7.45 -53.63
C SER D 1110 -59.53 7.08 -54.88
N TRP D 1111 -58.89 6.35 -55.82
CA TRP D 1111 -59.53 5.94 -57.07
C TRP D 1111 -60.70 4.96 -56.84
N LEU D 1112 -60.65 4.14 -55.77
CA LEU D 1112 -61.71 3.18 -55.45
C LEU D 1112 -62.89 3.85 -54.77
N THR D 1113 -62.61 4.74 -53.78
CA THR D 1113 -63.67 5.47 -53.07
C THR D 1113 -64.39 6.43 -54.05
N ALA D 1114 -63.66 6.97 -55.06
CA ALA D 1114 -64.24 7.82 -56.10
C ALA D 1114 -65.07 7.02 -57.09
N PHE D 1115 -64.60 5.81 -57.44
CA PHE D 1115 -65.30 4.93 -58.37
C PHE D 1115 -66.57 4.31 -57.74
N ALA D 1116 -66.50 3.92 -56.45
CA ALA D 1116 -67.62 3.27 -55.75
C ALA D 1116 -68.82 4.19 -55.60
N GLN D 1117 -68.60 5.49 -55.32
CA GLN D 1117 -69.69 6.45 -55.18
C GLN D 1117 -70.30 6.84 -56.54
N ARG D 1118 -69.52 6.81 -57.65
CA ARG D 1118 -70.03 7.19 -58.97
C ARG D 1118 -70.96 6.13 -59.61
N SER D 1119 -70.68 4.82 -59.43
CA SER D 1119 -71.50 3.75 -60.03
C SER D 1119 -71.75 2.57 -59.05
N PRO D 1120 -72.83 1.76 -59.24
CA PRO D 1120 -73.06 0.60 -58.36
C PRO D 1120 -72.26 -0.67 -58.73
N PHE D 1121 -71.31 -0.57 -59.68
CA PHE D 1121 -70.44 -1.70 -60.10
C PHE D 1121 -69.55 -2.08 -58.92
N ALA D 1122 -68.92 -1.08 -58.28
CA ALA D 1122 -68.10 -1.30 -57.09
C ALA D 1122 -68.92 -0.99 -55.83
N GLU D 1123 -70.07 -1.67 -55.70
CA GLU D 1123 -71.01 -1.53 -54.60
C GLU D 1123 -70.46 -2.15 -53.32
N LEU D 1124 -69.79 -3.30 -53.44
CA LEU D 1124 -69.26 -4.03 -52.29
C LEU D 1124 -68.02 -3.36 -51.67
N PHE D 1125 -67.29 -2.52 -52.42
CA PHE D 1125 -66.11 -1.84 -51.90
C PHE D 1125 -66.47 -0.63 -51.03
N LEU D 1126 -67.64 0.02 -51.26
CA LEU D 1126 -68.04 1.14 -50.42
C LEU D 1126 -68.39 0.67 -49.00
N ALA D 1127 -69.29 -0.34 -48.90
CA ALA D 1127 -69.74 -0.95 -47.63
C ALA D 1127 -70.34 0.10 -46.68
N PRO E 15 -113.03 3.99 -92.10
CA PRO E 15 -111.98 2.96 -92.18
C PRO E 15 -111.26 2.99 -93.53
N SER E 16 -110.04 3.55 -93.55
CA SER E 16 -109.25 3.63 -94.78
C SER E 16 -107.78 3.46 -94.52
N VAL E 17 -107.03 3.31 -95.60
CA VAL E 17 -105.58 3.17 -95.54
C VAL E 17 -104.96 3.86 -96.74
N SER E 18 -103.82 4.51 -96.50
CA SER E 18 -103.10 5.23 -97.54
C SER E 18 -102.45 4.26 -98.51
N VAL E 19 -102.55 4.54 -99.82
CA VAL E 19 -101.94 3.70 -100.85
C VAL E 19 -101.25 4.55 -101.87
N HIS E 20 -100.37 3.91 -102.64
CA HIS E 20 -99.65 4.60 -103.72
C HIS E 20 -100.62 4.81 -104.86
N PRO E 21 -100.56 5.94 -105.58
CA PRO E 21 -101.52 6.16 -106.67
C PRO E 21 -101.53 5.07 -107.74
N LEU E 22 -100.34 4.67 -108.21
CA LEU E 22 -100.22 3.64 -109.24
C LEU E 22 -100.23 2.25 -108.62
N LEU E 23 -99.20 1.90 -107.81
CA LEU E 23 -99.06 0.59 -107.18
C LEU E 23 -100.38 0.11 -106.57
N GLY E 24 -101.00 0.96 -105.76
CA GLY E 24 -102.28 0.66 -105.16
C GLY E 24 -102.17 -0.21 -103.92
N SER E 25 -103.11 -1.17 -103.78
CA SER E 25 -103.19 -2.02 -102.60
C SER E 25 -102.00 -2.98 -102.54
N HIS E 26 -101.39 -3.06 -101.37
CA HIS E 26 -100.18 -3.80 -101.10
C HIS E 26 -100.44 -4.96 -100.16
N VAL E 27 -99.93 -6.12 -100.54
CA VAL E 27 -100.02 -7.32 -99.72
C VAL E 27 -98.69 -8.04 -99.76
N VAL E 28 -98.18 -8.40 -98.57
CA VAL E 28 -96.97 -9.19 -98.41
C VAL E 28 -97.44 -10.61 -98.26
N LEU E 29 -96.95 -11.50 -99.10
CA LEU E 29 -97.43 -12.87 -99.11
C LEU E 29 -96.92 -13.64 -97.91
N PRO E 30 -97.73 -14.56 -97.39
CA PRO E 30 -97.31 -15.36 -96.23
C PRO E 30 -96.41 -16.51 -96.66
N GLN E 31 -95.16 -16.17 -96.96
CA GLN E 31 -94.16 -17.12 -97.42
C GLN E 31 -92.76 -16.54 -97.36
N GLU E 32 -91.76 -17.42 -97.31
CA GLU E 32 -90.36 -17.06 -97.35
C GLU E 32 -89.88 -17.29 -98.78
N PRO E 33 -89.17 -16.34 -99.39
CA PRO E 33 -88.66 -15.07 -98.85
C PRO E 33 -89.69 -13.95 -98.85
N GLU E 34 -89.31 -12.81 -98.24
CA GLU E 34 -90.14 -11.61 -98.17
C GLU E 34 -90.60 -11.30 -99.60
N GLU E 35 -91.87 -11.65 -99.93
CA GLU E 35 -92.42 -11.40 -101.26
C GLU E 35 -93.61 -10.47 -101.16
N HIS E 36 -93.54 -9.35 -101.88
CA HIS E 36 -94.57 -8.31 -101.89
C HIS E 36 -95.38 -8.40 -103.17
N LEU E 37 -96.55 -7.76 -103.13
CA LEU E 37 -97.45 -7.78 -104.27
C LEU E 37 -98.44 -6.62 -104.22
N TRP E 38 -98.45 -5.81 -105.27
CA TRP E 38 -99.40 -4.72 -105.40
C TRP E 38 -100.32 -4.96 -106.56
N GLN E 39 -101.53 -4.41 -106.48
CA GLN E 39 -102.52 -4.45 -107.54
C GLN E 39 -103.07 -3.06 -107.67
N GLY E 40 -103.05 -2.51 -108.88
CA GLY E 40 -103.53 -1.15 -109.08
C GLY E 40 -103.98 -0.83 -110.48
N ASP E 41 -104.81 0.21 -110.60
CA ASP E 41 -105.37 0.66 -111.87
C ASP E 41 -104.53 1.80 -112.41
N VAL E 42 -104.25 1.74 -113.71
CA VAL E 42 -103.52 2.77 -114.44
C VAL E 42 -104.39 3.19 -115.63
N GLY E 43 -105.71 3.10 -115.48
CA GLY E 43 -106.67 3.43 -116.51
C GLY E 43 -106.89 4.91 -116.62
N THR E 44 -107.44 5.35 -117.75
CA THR E 44 -107.68 6.78 -118.00
C THR E 44 -108.82 7.32 -117.11
N GLU E 45 -109.75 6.47 -116.64
CA GLU E 45 -110.81 6.90 -115.74
C GLU E 45 -110.23 7.18 -114.36
N ALA E 46 -109.35 6.28 -113.89
CA ALA E 46 -108.66 6.42 -112.60
C ALA E 46 -107.64 7.56 -112.61
N HIS E 47 -106.80 7.62 -113.66
CA HIS E 47 -105.75 8.64 -113.82
C HIS E 47 -105.97 9.38 -115.16
N PRO E 48 -106.82 10.42 -115.16
CA PRO E 48 -107.11 11.16 -116.41
C PRO E 48 -105.88 11.65 -117.15
N TRP E 49 -104.96 12.25 -116.41
CA TRP E 49 -103.71 12.76 -116.95
C TRP E 49 -102.95 11.74 -117.83
N LEU E 50 -103.10 10.42 -117.62
CA LEU E 50 -102.42 9.41 -118.46
C LEU E 50 -102.92 9.38 -119.91
N SER E 51 -104.12 9.91 -120.20
CA SER E 51 -104.63 9.99 -121.57
C SER E 51 -103.83 10.99 -122.41
N ASP E 52 -103.16 11.97 -121.76
CA ASP E 52 -102.35 12.98 -122.43
C ASP E 52 -101.07 12.40 -123.05
N HIS E 53 -100.58 11.22 -122.60
CA HIS E 53 -99.43 10.54 -123.21
C HIS E 53 -99.98 9.49 -124.15
N ARG E 54 -99.78 9.67 -125.47
CA ARG E 54 -100.34 8.75 -126.46
C ARG E 54 -99.42 8.57 -127.67
N VAL E 55 -99.18 7.30 -128.05
CA VAL E 55 -98.33 6.92 -129.18
C VAL E 55 -99.24 6.48 -130.31
N HIS E 56 -99.14 7.18 -131.46
CA HIS E 56 -99.95 6.93 -132.66
C HIS E 56 -101.43 7.07 -132.33
N GLN E 57 -101.78 8.17 -131.64
CA GLN E 57 -103.14 8.54 -131.24
C GLN E 57 -103.81 7.51 -130.29
N VAL E 58 -103.03 6.64 -129.61
CA VAL E 58 -103.56 5.66 -128.65
C VAL E 58 -102.89 5.91 -127.32
N ALA E 59 -103.68 6.03 -126.23
CA ALA E 59 -103.12 6.27 -124.90
C ALA E 59 -102.29 5.08 -124.45
N VAL E 60 -101.04 5.33 -124.04
CA VAL E 60 -100.13 4.28 -123.57
C VAL E 60 -99.45 4.72 -122.29
N LEU E 61 -99.02 3.73 -121.48
CA LEU E 61 -98.34 4.00 -120.23
C LEU E 61 -96.92 4.42 -120.53
N PRO E 62 -96.49 5.62 -120.09
CA PRO E 62 -95.11 6.05 -120.37
C PRO E 62 -94.06 5.23 -119.62
N GLY E 63 -92.82 5.27 -120.11
CA GLY E 63 -91.70 4.57 -119.48
C GLY E 63 -91.53 5.02 -118.03
N ALA E 64 -91.66 6.35 -117.84
CA ALA E 64 -91.60 7.04 -116.54
C ALA E 64 -92.57 6.47 -115.48
N ALA E 65 -93.70 5.88 -115.89
CA ALA E 65 -94.64 5.29 -114.93
C ALA E 65 -94.02 4.12 -114.21
N TYR E 66 -93.34 3.22 -114.96
CA TYR E 66 -92.68 2.06 -114.38
C TYR E 66 -91.49 2.49 -113.49
N CYS E 67 -90.83 3.60 -113.82
CA CYS E 67 -89.73 4.14 -113.01
C CYS E 67 -90.22 4.43 -111.63
N GLU E 68 -91.31 5.21 -111.56
CA GLU E 68 -91.94 5.59 -110.29
C GLU E 68 -92.34 4.35 -109.51
N MET E 69 -92.99 3.38 -110.19
CA MET E 69 -93.41 2.14 -109.56
C MET E 69 -92.24 1.41 -108.92
N ALA E 70 -91.10 1.34 -109.62
CA ALA E 70 -89.91 0.70 -109.10
C ALA E 70 -89.38 1.44 -107.90
N LEU E 71 -89.20 2.76 -108.02
CA LEU E 71 -88.72 3.63 -106.92
C LEU E 71 -89.63 3.52 -105.70
N ALA E 72 -90.95 3.48 -105.93
CA ALA E 72 -91.93 3.37 -104.87
C ALA E 72 -91.80 2.04 -104.12
N ALA E 73 -91.59 0.94 -104.86
CA ALA E 73 -91.46 -0.40 -104.32
C ALA E 73 -90.14 -0.67 -103.57
N VAL E 74 -89.16 0.26 -103.59
CA VAL E 74 -87.88 0.03 -102.92
C VAL E 74 -88.03 0.02 -101.40
N THR E 75 -88.45 1.16 -100.84
CA THR E 75 -88.57 1.36 -99.40
C THR E 75 -89.41 0.30 -98.69
N PRO E 76 -90.59 -0.12 -99.19
CA PRO E 76 -91.36 -1.14 -98.48
C PRO E 76 -90.69 -2.52 -98.43
N VAL E 77 -90.04 -2.92 -99.53
CA VAL E 77 -89.38 -4.22 -99.59
C VAL E 77 -88.11 -4.16 -98.75
N LEU E 78 -87.19 -3.28 -99.19
CA LEU E 78 -85.90 -3.01 -98.56
C LEU E 78 -86.06 -1.76 -97.69
N GLY E 79 -86.33 -1.96 -96.40
CA GLY E 79 -86.57 -0.89 -95.42
C GLY E 79 -85.39 0.02 -95.21
N ASP E 80 -85.09 0.84 -96.25
CA ASP E 80 -83.93 1.72 -96.28
C ASP E 80 -83.97 2.57 -97.54
N THR E 81 -82.87 3.31 -97.73
CA THR E 81 -82.56 4.10 -98.90
C THR E 81 -82.10 3.14 -99.98
N GLY E 82 -82.68 3.21 -101.17
CA GLY E 82 -82.26 2.31 -102.22
C GLY E 82 -82.29 2.85 -103.64
N GLU E 83 -81.75 2.00 -104.52
CA GLU E 83 -81.61 2.23 -105.95
C GLU E 83 -82.46 1.27 -106.71
N VAL E 84 -82.65 1.55 -107.99
CA VAL E 84 -83.36 0.68 -108.91
C VAL E 84 -82.40 0.38 -110.03
N HIS E 85 -81.90 -0.86 -110.11
CA HIS E 85 -80.95 -1.22 -111.15
C HIS E 85 -81.59 -1.95 -112.31
N ASP E 86 -80.96 -1.83 -113.49
CA ASP E 86 -81.32 -2.54 -114.71
C ASP E 86 -82.83 -2.61 -114.93
N LEU E 87 -83.50 -1.46 -114.94
CA LEU E 87 -84.93 -1.37 -115.19
C LEU E 87 -85.16 -1.44 -116.69
N LYS E 88 -85.96 -2.43 -117.14
CA LYS E 88 -86.25 -2.63 -118.57
C LYS E 88 -87.74 -2.52 -118.83
N PHE E 89 -88.13 -1.94 -119.98
CA PHE E 89 -89.52 -1.86 -120.40
C PHE E 89 -89.68 -2.81 -121.56
N HIS E 90 -90.63 -3.74 -121.42
CA HIS E 90 -90.86 -4.76 -122.43
C HIS E 90 -91.96 -4.28 -123.40
N ASP E 91 -93.19 -4.84 -123.33
CA ASP E 91 -94.26 -4.48 -124.23
C ASP E 91 -94.88 -3.14 -123.82
N MET E 92 -95.50 -2.48 -124.79
CA MET E 92 -96.11 -1.17 -124.59
C MET E 92 -97.52 -1.37 -124.05
N LEU E 93 -97.81 -0.84 -122.84
CA LEU E 93 -99.13 -1.00 -122.25
C LEU E 93 -100.08 0.00 -122.84
N LEU E 94 -101.18 -0.49 -123.45
CA LEU E 94 -102.19 0.37 -124.03
C LEU E 94 -103.30 0.52 -123.03
N LEU E 95 -103.63 1.77 -122.72
CA LEU E 95 -104.57 2.08 -121.66
C LEU E 95 -105.99 2.20 -122.14
N ASP E 96 -106.89 1.74 -121.27
CA ASP E 96 -108.34 1.81 -121.39
C ASP E 96 -108.85 2.64 -120.21
N ASP E 97 -110.17 2.68 -120.02
CA ASP E 97 -110.79 3.39 -118.88
C ASP E 97 -110.31 2.74 -117.55
N ALA E 98 -110.17 1.40 -117.56
CA ALA E 98 -109.65 0.62 -116.44
C ALA E 98 -108.61 -0.35 -116.96
N THR E 99 -107.40 -0.25 -116.43
CA THR E 99 -106.25 -1.06 -116.82
C THR E 99 -105.60 -1.59 -115.53
N PRO E 100 -106.02 -2.76 -115.01
CA PRO E 100 -105.41 -3.26 -113.77
C PRO E 100 -104.02 -3.79 -114.06
N VAL E 101 -103.10 -3.55 -113.12
CA VAL E 101 -101.69 -3.90 -113.24
C VAL E 101 -101.18 -4.46 -111.93
N TRP E 102 -100.32 -5.48 -112.01
CA TRP E 102 -99.77 -6.13 -110.83
C TRP E 102 -98.27 -5.99 -110.71
N VAL E 103 -97.84 -5.25 -109.68
CA VAL E 103 -96.42 -5.10 -109.37
C VAL E 103 -96.07 -6.19 -108.38
N SER E 104 -94.83 -6.65 -108.40
CA SER E 104 -94.42 -7.72 -107.50
C SER E 104 -92.91 -7.72 -107.30
N ALA E 105 -92.48 -7.64 -106.03
CA ALA E 105 -91.08 -7.66 -105.67
C ALA E 105 -90.80 -8.81 -104.71
N ALA E 106 -89.66 -9.46 -104.87
CA ALA E 106 -89.29 -10.60 -104.03
C ALA E 106 -87.85 -10.54 -103.66
N VAL E 107 -87.55 -10.71 -102.38
CA VAL E 107 -86.17 -10.64 -101.91
C VAL E 107 -85.46 -11.91 -102.34
N THR E 108 -84.35 -11.74 -103.04
CA THR E 108 -83.53 -12.84 -103.56
C THR E 108 -82.36 -13.07 -102.61
N ALA E 109 -81.62 -12.01 -102.36
CA ALA E 109 -80.46 -11.97 -101.47
C ALA E 109 -80.61 -10.77 -100.53
N PRO E 110 -79.90 -10.70 -99.40
CA PRO E 110 -80.04 -9.54 -98.51
C PRO E 110 -79.66 -8.23 -99.20
N GLY E 111 -80.56 -7.25 -99.11
CA GLY E 111 -80.39 -5.95 -99.73
C GLY E 111 -80.56 -5.99 -101.24
N THR E 112 -81.27 -7.01 -101.76
CA THR E 112 -81.51 -7.19 -103.18
C THR E 112 -82.87 -7.79 -103.40
N ALA E 113 -83.56 -7.40 -104.49
CA ALA E 113 -84.88 -7.94 -104.77
C ALA E 113 -85.25 -7.82 -106.22
N GLU E 114 -85.93 -8.84 -106.76
CA GLU E 114 -86.38 -8.86 -108.14
C GLU E 114 -87.72 -8.17 -108.23
N PHE E 115 -87.85 -7.20 -109.14
CA PHE E 115 -89.07 -6.39 -109.33
C PHE E 115 -89.72 -6.73 -110.66
N GLY E 116 -91.04 -6.53 -110.75
CA GLY E 116 -91.76 -6.86 -111.98
C GLY E 116 -93.20 -6.43 -112.10
N VAL E 117 -93.50 -5.61 -113.12
CA VAL E 117 -94.83 -5.10 -113.43
C VAL E 117 -95.41 -5.91 -114.58
N GLU E 118 -96.57 -6.55 -114.36
CA GLU E 118 -97.24 -7.40 -115.35
C GLU E 118 -98.71 -7.07 -115.42
N THR E 119 -99.37 -7.53 -116.47
CA THR E 119 -100.81 -7.33 -116.64
C THR E 119 -101.42 -8.64 -117.15
N HIS E 120 -102.57 -9.00 -116.60
CA HIS E 120 -103.30 -10.25 -116.85
C HIS E 120 -104.57 -9.95 -117.66
N GLN E 121 -104.71 -10.57 -118.84
CA GLN E 121 -105.86 -10.36 -119.73
C GLN E 121 -106.39 -11.68 -120.28
N SER E 122 -107.57 -12.12 -119.79
CA SER E 122 -108.26 -13.36 -120.22
C SER E 122 -107.46 -14.65 -119.87
N GLY E 123 -106.63 -14.59 -118.82
CA GLY E 123 -105.77 -15.68 -118.41
C GLY E 123 -104.31 -15.52 -118.83
N ASP E 124 -104.05 -14.73 -119.91
CA ASP E 124 -102.73 -14.52 -120.49
C ASP E 124 -101.97 -13.37 -119.81
N ARG E 125 -100.91 -13.70 -119.06
CA ARG E 125 -100.06 -12.72 -118.37
C ARG E 125 -99.12 -12.09 -119.40
N THR E 126 -98.85 -10.77 -119.26
CA THR E 126 -97.96 -10.03 -120.15
C THR E 126 -97.01 -9.19 -119.32
N GLN E 127 -95.71 -9.52 -119.32
CA GLN E 127 -94.73 -8.75 -118.54
C GLN E 127 -94.48 -7.42 -119.24
N ARG E 128 -94.63 -6.32 -118.50
CA ARG E 128 -94.49 -4.97 -119.01
C ARG E 128 -93.19 -4.29 -118.60
N ALA E 129 -92.63 -4.65 -117.44
CA ALA E 129 -91.35 -4.09 -117.00
C ALA E 129 -90.74 -4.93 -115.89
N THR E 130 -89.40 -4.97 -115.81
CA THR E 130 -88.66 -5.71 -114.77
C THR E 130 -87.39 -4.98 -114.38
N ALA E 131 -87.02 -5.08 -113.10
CA ALA E 131 -85.83 -4.42 -112.57
C ALA E 131 -85.30 -5.16 -111.36
N VAL E 132 -84.26 -4.58 -110.72
CA VAL E 132 -83.66 -5.10 -109.51
C VAL E 132 -83.61 -3.97 -108.52
N LEU E 133 -84.06 -4.22 -107.29
CA LEU E 133 -84.06 -3.19 -106.25
C LEU E 133 -82.90 -3.47 -105.34
N ARG E 134 -82.17 -2.43 -104.93
CA ARG E 134 -80.99 -2.58 -104.07
C ARG E 134 -80.99 -1.55 -102.96
N GLY E 135 -80.78 -1.98 -101.73
CA GLY E 135 -80.73 -1.12 -100.55
C GLY E 135 -79.34 -0.93 -99.94
N ASP E 136 -78.46 -1.92 -100.17
CA ASP E 136 -77.05 -1.94 -99.71
C ASP E 136 -76.20 -0.77 -100.27
N VAL E 137 -76.60 -0.20 -101.42
CA VAL E 137 -75.91 0.91 -102.09
C VAL E 137 -75.68 2.10 -101.15
N ASP E 138 -74.51 2.73 -101.32
CA ASP E 138 -74.04 3.84 -100.49
C ASP E 138 -74.69 5.16 -100.89
N ALA E 139 -74.88 6.04 -99.87
CA ALA E 139 -75.49 7.36 -100.02
C ALA E 139 -74.47 8.33 -100.64
N GLU E 140 -74.35 8.25 -101.97
CA GLU E 140 -73.44 9.07 -102.75
C GLU E 140 -74.26 10.10 -103.52
N ARG E 141 -74.72 11.15 -102.78
CA ARG E 141 -75.54 12.21 -103.37
C ARG E 141 -74.67 13.12 -104.19
N PRO E 142 -74.93 13.30 -105.49
CA PRO E 142 -74.08 14.19 -106.27
C PRO E 142 -74.20 15.61 -105.77
N ALA E 143 -73.06 16.32 -105.75
CA ALA E 143 -73.01 17.68 -105.24
C ALA E 143 -73.87 18.60 -106.09
N ALA E 144 -74.45 19.60 -105.43
CA ALA E 144 -75.30 20.59 -106.06
C ALA E 144 -74.57 21.35 -107.13
N HIS E 145 -75.33 21.82 -108.12
CA HIS E 145 -74.82 22.53 -109.26
C HIS E 145 -75.10 24.00 -109.15
N SER E 146 -74.40 24.79 -109.95
CA SER E 146 -74.59 26.23 -110.02
C SER E 146 -75.54 26.47 -111.16
N ILE E 147 -76.81 26.73 -110.85
CA ILE E 147 -77.84 26.93 -111.87
C ILE E 147 -77.48 28.15 -112.73
N ASP E 148 -76.91 29.19 -112.13
CA ASP E 148 -76.51 30.38 -112.88
C ASP E 148 -75.42 30.04 -113.91
N ALA E 149 -74.35 29.35 -113.46
CA ALA E 149 -73.23 28.96 -114.32
C ALA E 149 -73.66 27.96 -115.39
N LEU E 150 -74.53 27.01 -115.03
CA LEU E 150 -75.05 26.04 -115.99
C LEU E 150 -75.77 26.73 -117.13
N LEU E 151 -76.70 27.63 -116.78
CA LEU E 151 -77.48 28.37 -117.75
C LEU E 151 -76.63 29.34 -118.56
N ALA E 152 -75.55 29.85 -117.96
CA ALA E 152 -74.62 30.73 -118.66
C ALA E 152 -73.81 29.93 -119.69
N ALA E 153 -73.44 28.68 -119.33
CA ALA E 153 -72.70 27.79 -120.23
C ALA E 153 -73.56 27.24 -121.38
N HIS E 154 -74.90 27.27 -121.25
CA HIS E 154 -75.82 26.81 -122.28
C HIS E 154 -76.70 28.01 -122.73
N PRO E 155 -76.23 28.79 -123.71
CA PRO E 155 -76.99 29.97 -124.12
C PRO E 155 -78.11 29.69 -125.13
N ASN E 156 -77.90 28.73 -126.06
CA ASN E 156 -78.87 28.42 -127.11
C ASN E 156 -80.14 27.81 -126.53
N ARG E 157 -81.24 28.58 -126.56
CA ARG E 157 -82.53 28.17 -126.00
C ARG E 157 -83.36 27.38 -127.04
N VAL E 158 -84.08 26.35 -126.57
CA VAL E 158 -84.97 25.49 -127.38
C VAL E 158 -86.34 25.55 -126.73
N ASP E 159 -87.40 26.01 -127.44
CA ASP E 159 -88.73 26.08 -126.83
C ASP E 159 -89.31 24.68 -126.64
N GLY E 160 -90.05 24.51 -125.55
CA GLY E 160 -90.70 23.26 -125.21
C GLY E 160 -91.80 22.88 -126.17
N ASP E 161 -92.67 23.84 -126.50
CA ASP E 161 -93.79 23.63 -127.43
C ASP E 161 -93.28 23.25 -128.83
N GLU E 162 -92.21 23.92 -129.28
CA GLU E 162 -91.53 23.66 -130.56
C GLU E 162 -91.00 22.22 -130.62
N LEU E 163 -90.43 21.75 -129.50
CA LEU E 163 -89.90 20.39 -129.39
C LEU E 163 -91.05 19.36 -129.32
N ARG E 164 -92.10 19.67 -128.52
CA ARG E 164 -93.27 18.79 -128.36
C ARG E 164 -94.07 18.72 -129.67
N ALA E 165 -93.96 19.74 -130.54
CA ALA E 165 -94.58 19.70 -131.87
C ALA E 165 -93.80 18.72 -132.76
N GLY E 166 -92.47 18.71 -132.59
CA GLY E 166 -91.55 17.81 -133.28
C GLY E 166 -91.81 16.36 -132.92
N PHE E 167 -92.19 16.10 -131.66
CA PHE E 167 -92.55 14.76 -131.20
C PHE E 167 -93.82 14.26 -131.90
N GLY E 168 -94.79 15.15 -132.11
CA GLY E 168 -96.04 14.84 -132.79
C GLY E 168 -95.90 14.33 -134.21
N THR E 169 -94.80 14.72 -134.91
CA THR E 169 -94.56 14.27 -136.29
C THR E 169 -94.15 12.80 -136.32
N VAL E 170 -93.26 12.37 -135.40
CA VAL E 170 -92.80 10.98 -135.34
C VAL E 170 -93.91 10.01 -134.84
N GLY E 171 -94.94 10.53 -134.15
CA GLY E 171 -96.07 9.75 -133.67
C GLY E 171 -96.35 9.85 -132.18
N ILE E 172 -95.44 10.47 -131.40
CA ILE E 172 -95.59 10.59 -129.95
C ILE E 172 -96.32 11.88 -129.61
N GLY E 173 -97.45 11.76 -128.92
CA GLY E 173 -98.26 12.89 -128.50
C GLY E 173 -98.15 13.16 -127.01
N HIS E 174 -97.81 14.40 -126.65
CA HIS E 174 -97.68 14.84 -125.26
C HIS E 174 -98.71 15.93 -125.00
N GLY E 175 -99.74 15.61 -124.24
CA GLY E 175 -100.79 16.56 -123.90
C GLY E 175 -100.41 17.51 -122.78
N ALA E 176 -101.40 18.22 -122.23
CA ALA E 176 -101.24 19.21 -121.16
C ALA E 176 -100.38 18.73 -119.99
N ALA E 177 -100.67 17.51 -119.51
CA ALA E 177 -99.97 16.89 -118.38
C ALA E 177 -98.48 16.65 -118.65
N PHE E 178 -98.15 16.24 -119.87
CA PHE E 178 -96.78 15.91 -120.26
C PHE E 178 -96.05 17.13 -120.88
N ALA E 179 -96.61 18.34 -120.73
CA ALA E 179 -96.00 19.57 -121.24
C ALA E 179 -95.22 20.31 -120.15
N GLY E 180 -94.58 19.58 -119.23
CA GLY E 180 -93.82 20.17 -118.14
C GLY E 180 -92.57 20.88 -118.60
N LEU E 181 -91.96 20.39 -119.71
CA LEU E 181 -90.74 20.98 -120.26
C LEU E 181 -91.05 22.36 -120.84
N SER E 182 -90.62 23.41 -120.13
CA SER E 182 -90.85 24.80 -120.53
C SER E 182 -89.92 25.20 -121.67
N GLU E 183 -88.63 24.95 -121.48
CA GLU E 183 -87.58 25.30 -122.44
C GLU E 183 -86.27 24.61 -122.07
N ALA E 184 -85.50 24.17 -123.07
CA ALA E 184 -84.22 23.49 -122.86
C ALA E 184 -83.08 24.32 -123.40
N TYR E 185 -82.04 24.55 -122.58
CA TYR E 185 -80.88 25.33 -122.97
C TYR E 185 -79.75 24.38 -123.37
N VAL E 186 -79.16 24.60 -124.55
CA VAL E 186 -78.07 23.80 -125.10
C VAL E 186 -76.92 24.72 -125.52
N ALA E 187 -75.91 24.16 -126.19
CA ALA E 187 -74.79 24.93 -126.70
C ALA E 187 -74.45 24.43 -128.11
N THR E 188 -73.67 23.35 -128.24
CA THR E 188 -73.27 22.77 -129.52
C THR E 188 -73.28 21.23 -129.42
N ALA E 189 -72.86 20.53 -130.47
CA ALA E 189 -72.76 19.07 -130.43
C ALA E 189 -71.55 18.63 -129.58
N ALA E 190 -70.45 19.43 -129.60
CA ALA E 190 -69.24 19.17 -128.82
C ALA E 190 -69.52 19.13 -127.33
N GLU E 191 -70.41 20.02 -126.86
CA GLU E 191 -70.85 20.10 -125.46
C GLU E 191 -71.93 19.04 -125.27
N PRO E 192 -71.72 18.01 -124.41
CA PRO E 192 -72.70 16.92 -124.33
C PRO E 192 -73.82 17.09 -123.28
N THR E 193 -74.12 18.31 -122.82
CA THR E 193 -75.13 18.50 -121.79
C THR E 193 -76.29 19.40 -122.20
N VAL E 194 -77.42 19.23 -121.50
CA VAL E 194 -78.65 20.00 -121.68
C VAL E 194 -79.20 20.43 -120.34
N VAL E 195 -79.39 21.73 -120.15
CA VAL E 195 -80.00 22.27 -118.94
C VAL E 195 -81.43 22.54 -119.31
N ALA E 196 -82.38 21.81 -118.73
CA ALA E 196 -83.79 21.97 -119.07
C ALA E 196 -84.57 22.58 -117.93
N ALA E 197 -85.61 23.35 -118.26
CA ALA E 197 -86.44 24.01 -117.26
C ALA E 197 -87.78 23.30 -117.17
N VAL E 198 -87.79 22.16 -116.47
CA VAL E 198 -88.99 21.36 -116.30
C VAL E 198 -89.72 21.76 -115.03
N ALA E 199 -91.01 21.40 -114.96
CA ALA E 199 -91.86 21.70 -113.81
C ALA E 199 -93.19 21.00 -113.98
N LEU E 200 -93.67 20.35 -112.93
CA LEU E 200 -94.95 19.63 -113.00
C LEU E 200 -96.11 20.62 -113.23
N PRO E 201 -96.91 20.46 -114.32
CA PRO E 201 -98.01 21.42 -114.57
C PRO E 201 -98.96 21.64 -113.38
N GLY E 202 -99.49 22.86 -113.30
CA GLY E 202 -100.40 23.31 -112.25
C GLY E 202 -101.51 22.38 -111.83
N PRO E 203 -102.26 21.76 -112.77
CA PRO E 203 -103.34 20.84 -112.35
C PRO E 203 -102.83 19.65 -111.54
N LEU E 204 -101.69 19.10 -111.96
CA LEU E 204 -101.09 17.94 -111.33
C LEU E 204 -100.41 18.25 -109.99
N ARG E 205 -100.13 19.54 -109.67
CA ARG E 205 -99.49 19.90 -108.39
C ARG E 205 -100.34 19.48 -107.19
N SER E 206 -101.68 19.48 -107.35
CA SER E 206 -102.60 18.98 -106.32
C SER E 206 -102.41 17.47 -106.17
N GLY E 207 -102.29 16.80 -107.31
CA GLY E 207 -102.08 15.36 -107.40
C GLY E 207 -100.63 14.91 -107.29
N GLN E 208 -99.79 15.59 -106.46
CA GLN E 208 -98.38 15.17 -106.22
C GLN E 208 -98.40 14.01 -105.22
N ARG E 209 -99.52 13.91 -104.44
CA ARG E 209 -99.92 12.82 -103.55
C ARG E 209 -98.71 12.05 -102.95
N GLY E 210 -98.57 10.74 -103.23
CA GLY E 210 -97.51 9.89 -102.69
C GLY E 210 -96.54 9.41 -103.76
N TYR E 211 -96.25 10.27 -104.72
CA TYR E 211 -95.31 9.95 -105.78
C TYR E 211 -93.89 10.29 -105.34
N THR E 212 -92.93 9.35 -105.50
CA THR E 212 -91.50 9.62 -105.29
C THR E 212 -91.10 10.72 -106.28
N VAL E 213 -91.53 10.53 -107.55
CA VAL E 213 -91.42 11.47 -108.66
C VAL E 213 -92.66 11.30 -109.53
N HIS E 214 -93.33 12.40 -109.91
CA HIS E 214 -94.54 12.27 -110.73
C HIS E 214 -94.14 11.81 -112.13
N PRO E 215 -94.76 10.76 -112.72
CA PRO E 215 -94.32 10.31 -114.05
C PRO E 215 -94.45 11.36 -115.15
N ALA E 216 -95.41 12.30 -115.01
CA ALA E 216 -95.59 13.40 -115.97
C ALA E 216 -94.34 14.28 -116.03
N LEU E 217 -93.75 14.53 -114.84
CA LEU E 217 -92.54 15.33 -114.65
C LEU E 217 -91.30 14.58 -115.14
N LEU E 218 -91.15 13.31 -114.75
CA LEU E 218 -90.00 12.52 -115.15
C LEU E 218 -89.99 12.31 -116.67
N ASP E 219 -91.17 12.20 -117.33
CA ASP E 219 -91.20 12.04 -118.79
C ASP E 219 -90.80 13.36 -119.45
N ALA E 220 -91.13 14.51 -118.83
CA ALA E 220 -90.71 15.82 -119.35
C ALA E 220 -89.17 15.99 -119.29
N CYS E 221 -88.51 15.28 -118.37
CA CYS E 221 -87.05 15.27 -118.27
C CYS E 221 -86.47 14.43 -119.39
N PHE E 222 -87.14 13.30 -119.72
CA PHE E 222 -86.70 12.45 -120.82
C PHE E 222 -86.84 13.19 -122.15
N GLN E 223 -87.93 14.00 -122.32
CA GLN E 223 -88.12 14.82 -123.53
C GLN E 223 -86.94 15.76 -123.73
N SER E 224 -86.46 16.34 -122.61
CA SER E 224 -85.33 17.29 -122.57
C SER E 224 -84.05 16.74 -123.25
N VAL E 225 -83.83 15.42 -123.22
CA VAL E 225 -82.65 14.78 -123.84
C VAL E 225 -82.65 15.00 -125.36
N ILE E 226 -83.84 15.01 -125.98
CA ILE E 226 -84.00 15.15 -127.42
C ILE E 226 -83.64 16.57 -127.89
N ALA E 227 -83.71 17.58 -127.00
CA ALA E 227 -83.34 18.96 -127.33
C ALA E 227 -81.84 19.11 -127.69
N HIS E 228 -80.99 18.13 -127.31
CA HIS E 228 -79.55 18.18 -127.61
C HIS E 228 -79.31 18.18 -129.13
N PRO E 229 -78.39 19.02 -129.65
CA PRO E 229 -78.16 19.04 -131.10
C PRO E 229 -77.62 17.73 -131.69
N GLU E 230 -76.69 17.06 -130.98
CA GLU E 230 -76.13 15.78 -131.44
C GLU E 230 -77.24 14.72 -131.59
N VAL E 231 -78.30 14.77 -130.75
CA VAL E 231 -79.43 13.84 -130.82
C VAL E 231 -80.29 14.19 -132.04
N GLN E 232 -80.61 15.48 -132.21
CA GLN E 232 -81.43 15.96 -133.33
C GLN E 232 -80.80 15.58 -134.68
N ASN E 233 -79.48 15.79 -134.80
CA ASN E 233 -78.73 15.51 -136.02
C ASN E 233 -78.63 14.01 -136.31
N ILE E 234 -78.14 13.21 -135.34
CA ILE E 234 -77.94 11.77 -135.52
C ILE E 234 -79.28 11.03 -135.54
N ALA E 235 -79.86 10.74 -134.35
CA ALA E 235 -81.11 9.99 -134.26
C ALA E 235 -82.32 10.85 -134.61
N SER E 236 -82.62 10.92 -135.92
CA SER E 236 -83.74 11.69 -136.47
C SER E 236 -84.91 10.72 -136.77
N GLY E 237 -85.31 9.98 -135.74
CA GLY E 237 -86.40 9.01 -135.79
C GLY E 237 -87.23 9.06 -134.52
N MET E 238 -88.11 8.06 -134.33
CA MET E 238 -88.98 7.98 -133.15
C MET E 238 -88.19 7.43 -131.96
N LEU E 239 -87.91 8.29 -130.96
CA LEU E 239 -87.15 7.89 -129.78
C LEU E 239 -88.05 7.70 -128.57
N LEU E 240 -88.15 6.44 -128.11
CA LEU E 240 -88.94 6.04 -126.96
C LEU E 240 -88.06 5.49 -125.87
N PRO E 241 -88.36 5.72 -124.58
CA PRO E 241 -87.52 5.16 -123.51
C PRO E 241 -87.67 3.65 -123.42
N LEU E 242 -86.53 2.94 -123.38
CA LEU E 242 -86.44 1.49 -123.34
C LEU E 242 -86.02 0.93 -121.96
N GLY E 243 -85.30 1.73 -121.16
CA GLY E 243 -84.85 1.28 -119.84
C GLY E 243 -83.88 2.22 -119.17
N VAL E 244 -83.60 2.00 -117.88
CA VAL E 244 -82.70 2.84 -117.10
C VAL E 244 -81.75 1.96 -116.30
N ARG E 245 -80.43 2.17 -116.43
CA ARG E 245 -79.42 1.35 -115.71
C ARG E 245 -79.48 1.53 -114.21
N ARG E 246 -79.66 2.77 -113.72
CA ARG E 246 -79.66 3.03 -112.29
C ARG E 246 -80.49 4.26 -111.99
N LEU E 247 -81.42 4.11 -111.05
CA LEU E 247 -82.36 5.14 -110.63
C LEU E 247 -82.31 5.29 -109.11
N ARG E 248 -82.09 6.51 -108.61
CA ARG E 248 -82.07 6.79 -107.17
C ARG E 248 -82.72 8.11 -106.90
N ALA E 249 -83.50 8.18 -105.84
CA ALA E 249 -84.13 9.41 -105.38
C ALA E 249 -83.46 9.84 -104.09
N TYR E 250 -82.95 11.06 -104.06
CA TYR E 250 -82.24 11.59 -102.90
C TYR E 250 -83.16 12.39 -101.97
N GLY E 251 -84.22 12.98 -102.53
CA GLY E 251 -85.18 13.76 -101.78
C GLY E 251 -86.53 13.89 -102.46
N SER E 252 -87.28 14.92 -102.08
CA SER E 252 -88.58 15.18 -102.67
C SER E 252 -88.42 15.92 -103.95
N THR E 253 -89.10 15.44 -104.99
CA THR E 253 -89.05 16.08 -106.30
C THR E 253 -90.17 17.14 -106.46
N ARG E 254 -90.84 17.54 -105.36
CA ARG E 254 -91.94 18.51 -105.39
C ARG E 254 -91.49 19.87 -105.92
N ASN E 255 -90.32 20.33 -105.46
CA ASN E 255 -89.76 21.64 -105.79
C ASN E 255 -88.68 21.56 -106.92
N VAL E 256 -88.69 20.50 -107.77
CA VAL E 256 -87.76 20.41 -108.90
C VAL E 256 -88.17 21.43 -109.97
N ARG E 257 -87.21 22.26 -110.40
CA ARG E 257 -87.42 23.29 -111.42
C ARG E 257 -86.52 23.08 -112.64
N TYR E 258 -85.48 22.22 -112.55
CA TYR E 258 -84.55 21.97 -113.65
C TYR E 258 -84.19 20.51 -113.81
N CYS E 259 -83.69 20.16 -115.00
CA CYS E 259 -83.22 18.82 -115.30
C CYS E 259 -81.95 18.90 -116.12
N LEU E 260 -80.83 18.47 -115.53
CA LEU E 260 -79.54 18.47 -116.20
C LEU E 260 -79.30 17.12 -116.86
N SER E 261 -79.32 17.07 -118.20
CA SER E 261 -79.10 15.84 -118.97
C SER E 261 -77.69 15.82 -119.53
N ARG E 262 -77.18 14.62 -119.84
CA ARG E 262 -75.84 14.42 -120.41
C ARG E 262 -75.87 13.28 -121.39
N ILE E 263 -75.37 13.49 -122.62
CA ILE E 263 -75.39 12.44 -123.65
C ILE E 263 -74.18 11.55 -123.48
N VAL E 264 -74.42 10.26 -123.24
CA VAL E 264 -73.37 9.27 -123.08
C VAL E 264 -73.00 8.76 -124.46
N LYS E 265 -74.02 8.34 -125.22
CA LYS E 265 -73.86 7.80 -126.57
C LYS E 265 -75.02 8.29 -127.46
N ALA E 266 -74.69 8.70 -128.69
CA ALA E 266 -75.65 9.18 -129.70
C ALA E 266 -75.38 8.45 -131.01
N ASP E 267 -76.20 7.44 -131.29
CA ASP E 267 -76.08 6.58 -132.45
C ASP E 267 -77.38 6.58 -133.24
N SER E 268 -77.31 6.11 -134.49
CA SER E 268 -78.45 5.97 -135.38
C SER E 268 -79.54 5.04 -134.79
N PHE E 269 -79.12 4.01 -134.04
CA PHE E 269 -80.03 3.04 -133.43
C PHE E 269 -80.71 3.61 -132.20
N GLY E 270 -79.94 4.17 -131.28
CA GLY E 270 -80.49 4.75 -130.07
C GLY E 270 -79.61 5.78 -129.41
N VAL E 271 -80.08 6.31 -128.25
CA VAL E 271 -79.40 7.34 -127.47
C VAL E 271 -79.37 6.94 -125.99
N GLU E 272 -78.18 7.00 -125.37
CA GLU E 272 -78.02 6.75 -123.93
C GLU E 272 -77.72 8.08 -123.26
N ALA E 273 -78.30 8.33 -122.10
CA ALA E 273 -78.07 9.60 -121.40
C ALA E 273 -78.18 9.46 -119.88
N ASP E 274 -77.52 10.35 -119.16
CA ASP E 274 -77.51 10.38 -117.71
C ASP E 274 -78.21 11.67 -117.26
N LEU E 275 -79.31 11.55 -116.47
CA LEU E 275 -80.09 12.71 -116.04
C LEU E 275 -79.94 12.95 -114.55
N GLU E 276 -80.27 14.18 -114.13
CA GLU E 276 -80.24 14.66 -112.73
C GLU E 276 -81.32 15.71 -112.58
N LEU E 277 -82.22 15.55 -111.64
CA LEU E 277 -83.32 16.49 -111.39
C LEU E 277 -82.90 17.44 -110.29
N LEU E 278 -82.74 18.73 -110.63
CA LEU E 278 -82.25 19.74 -109.69
C LEU E 278 -83.35 20.69 -109.24
N ASP E 279 -83.30 21.14 -107.97
CA ASP E 279 -84.24 22.14 -107.46
C ASP E 279 -83.74 23.53 -107.91
N ALA E 280 -84.40 24.59 -107.47
CA ALA E 280 -84.00 25.95 -107.83
C ALA E 280 -82.58 26.32 -107.38
N ASP E 281 -82.17 25.83 -106.21
CA ASP E 281 -80.82 26.07 -105.64
C ASP E 281 -79.72 25.34 -106.41
N GLY E 282 -80.10 24.23 -107.05
CA GLY E 282 -79.21 23.37 -107.83
C GLY E 282 -78.91 22.04 -107.17
N THR E 283 -79.53 21.76 -106.01
CA THR E 283 -79.34 20.49 -105.30
C THR E 283 -79.96 19.35 -106.06
N VAL E 284 -79.28 18.20 -106.12
CA VAL E 284 -79.80 17.05 -106.85
C VAL E 284 -80.86 16.32 -106.00
N LEU E 285 -82.04 16.08 -106.60
CA LEU E 285 -83.17 15.41 -105.95
C LEU E 285 -83.38 13.99 -106.44
N LEU E 286 -83.13 13.75 -107.70
CA LEU E 286 -83.24 12.42 -108.28
C LEU E 286 -82.29 12.34 -109.45
N SER E 287 -81.71 11.19 -109.67
CA SER E 287 -80.84 11.01 -110.80
C SER E 287 -81.19 9.72 -111.47
N ALA E 288 -80.93 9.68 -112.78
CA ALA E 288 -81.17 8.52 -113.62
C ALA E 288 -79.99 8.34 -114.53
N MET E 289 -79.02 7.59 -114.07
CA MET E 289 -77.87 7.30 -114.88
C MET E 289 -78.20 6.13 -115.79
N GLY E 290 -78.00 6.32 -117.10
CA GLY E 290 -78.21 5.28 -118.11
C GLY E 290 -79.60 5.13 -118.67
N LEU E 291 -80.27 6.25 -119.02
CA LEU E 291 -81.58 6.21 -119.67
C LEU E 291 -81.36 5.83 -121.10
N GLN E 292 -81.85 4.68 -121.53
CA GLN E 292 -81.63 4.23 -122.88
C GLN E 292 -82.87 4.45 -123.70
N LEU E 293 -82.78 5.34 -124.70
CA LEU E 293 -83.83 5.60 -125.68
C LEU E 293 -83.42 4.83 -126.91
N GLY E 294 -84.32 4.55 -127.84
CA GLY E 294 -83.85 3.83 -129.01
C GLY E 294 -84.75 3.57 -130.20
N THR E 295 -84.28 2.63 -131.03
CA THR E 295 -84.95 2.20 -132.25
C THR E 295 -86.34 1.59 -131.87
N GLY E 296 -87.39 1.74 -132.69
CA GLY E 296 -87.42 2.38 -134.00
C GLY E 296 -87.65 1.37 -135.11
N ASN E 297 -86.71 1.30 -136.08
CA ASN E 297 -86.79 0.36 -137.22
C ASN E 297 -85.41 -0.11 -137.66
N SER E 298 -85.25 -1.40 -138.11
CA SER E 298 -83.97 -1.83 -138.68
C SER E 298 -83.73 -1.08 -139.99
N ASP E 299 -82.50 -1.19 -140.53
CA ASP E 299 -82.14 -0.55 -141.79
C ASP E 299 -82.76 -1.32 -142.99
N LYS E 300 -83.26 -2.56 -142.76
CA LYS E 300 -83.93 -3.38 -143.79
C LYS E 300 -85.42 -3.03 -143.88
N ALA E 301 -86.06 -2.75 -142.72
CA ALA E 301 -87.47 -2.35 -142.64
C ALA E 301 -87.67 -0.91 -143.11
N GLU E 302 -86.59 -0.09 -143.10
CA GLU E 302 -86.60 1.29 -143.58
C GLU E 302 -86.66 1.29 -145.10
N GLU E 303 -85.86 0.41 -145.75
CA GLU E 303 -85.84 0.23 -147.20
C GLU E 303 -87.21 -0.19 -147.70
N GLU E 304 -87.76 -1.27 -147.11
CA GLU E 304 -89.08 -1.81 -147.42
C GLU E 304 -90.17 -0.73 -147.33
N ARG E 305 -90.08 0.15 -146.31
CA ARG E 305 -91.05 1.23 -146.11
C ARG E 305 -90.84 2.35 -147.15
N LEU E 306 -89.58 2.69 -147.50
CA LEU E 306 -89.28 3.74 -148.49
C LEU E 306 -89.75 3.33 -149.88
N LEU E 307 -89.43 2.06 -150.27
CA LEU E 307 -89.83 1.41 -151.54
C LEU E 307 -91.34 1.52 -151.77
N ASP E 308 -92.13 1.36 -150.69
CA ASP E 308 -93.59 1.42 -150.74
C ASP E 308 -94.10 2.84 -151.03
N GLU E 309 -93.52 3.86 -150.39
CA GLU E 309 -93.92 5.26 -150.58
C GLU E 309 -93.52 5.79 -151.96
N ARG E 310 -92.34 5.39 -152.46
CA ARG E 310 -91.79 5.85 -153.73
C ARG E 310 -92.50 5.32 -155.00
N LEU E 311 -92.92 4.03 -155.04
CA LEU E 311 -93.54 3.43 -156.24
C LEU E 311 -94.88 4.10 -156.65
N LEU E 312 -95.16 4.13 -157.97
CA LEU E 312 -96.35 4.71 -158.59
C LEU E 312 -96.84 3.92 -159.81
N THR E 313 -98.16 3.76 -159.93
CA THR E 313 -98.81 3.05 -161.03
C THR E 313 -100.02 3.82 -161.49
N ILE E 314 -100.39 3.67 -162.76
CA ILE E 314 -101.58 4.29 -163.32
C ILE E 314 -102.70 3.25 -163.24
N GLU E 315 -103.86 3.64 -162.72
CA GLU E 315 -105.01 2.74 -162.57
C GLU E 315 -106.23 3.37 -163.22
N TRP E 316 -107.10 2.54 -163.80
CA TRP E 316 -108.27 3.00 -164.53
C TRP E 316 -109.55 2.70 -163.76
N GLN E 317 -110.39 3.72 -163.58
CA GLN E 317 -111.65 3.61 -162.85
C GLN E 317 -112.85 3.66 -163.78
N GLN E 318 -113.82 2.75 -163.59
CA GLN E 318 -115.08 2.75 -164.35
C GLN E 318 -115.90 3.96 -163.91
N ARG E 319 -116.11 4.94 -164.80
CA ARG E 319 -116.80 6.19 -164.46
C ARG E 319 -118.04 6.42 -165.34
N GLU E 320 -118.91 7.37 -164.90
CA GLU E 320 -120.13 7.79 -165.60
C GLU E 320 -120.04 9.27 -165.95
N LEU E 321 -120.58 9.65 -167.13
CA LEU E 321 -120.50 11.03 -167.65
C LEU E 321 -121.41 11.97 -166.85
N PRO E 322 -120.86 12.97 -166.10
CA PRO E 322 -121.73 13.81 -165.26
C PRO E 322 -122.02 15.21 -165.82
N ARG E 323 -123.23 15.77 -165.50
CA ARG E 323 -123.69 17.13 -165.82
C ARG E 323 -123.68 17.48 -167.35
N PRO E 324 -124.39 18.53 -167.81
CA PRO E 324 -125.25 19.47 -167.06
C PRO E 324 -126.69 18.99 -166.97
N GLY E 333 -122.30 26.23 -178.68
CA GLY E 333 -120.91 26.50 -179.01
C GLY E 333 -120.44 25.76 -180.25
N SER E 334 -119.57 26.40 -181.05
CA SER E 334 -119.03 25.80 -182.29
C SER E 334 -117.91 24.79 -181.99
N TRP E 335 -117.62 23.90 -182.97
CA TRP E 335 -116.58 22.86 -182.85
C TRP E 335 -115.77 22.71 -184.13
N LEU E 336 -114.64 21.98 -184.05
CA LEU E 336 -113.74 21.71 -185.18
C LEU E 336 -113.11 20.31 -185.07
N VAL E 337 -113.50 19.38 -185.95
CA VAL E 337 -112.94 18.03 -185.99
C VAL E 337 -111.80 18.05 -187.01
N ILE E 338 -110.59 17.66 -186.60
CA ILE E 338 -109.39 17.69 -187.45
C ILE E 338 -108.77 16.29 -187.51
N LEU E 339 -108.24 15.89 -188.68
CA LEU E 339 -107.66 14.55 -188.89
C LEU E 339 -106.11 14.55 -188.87
N ALA E 340 -105.48 13.34 -188.86
CA ALA E 340 -104.02 13.15 -188.94
C ALA E 340 -103.59 12.27 -190.14
N GLY E 341 -104.55 11.76 -190.94
CA GLY E 341 -104.29 10.94 -192.11
C GLY E 341 -105.43 11.08 -193.10
N ASP E 342 -105.14 11.71 -194.26
CA ASP E 342 -106.15 12.02 -195.29
C ASP E 342 -106.41 10.82 -196.23
N ASP E 343 -105.33 10.13 -196.67
CA ASP E 343 -105.46 8.96 -197.55
C ASP E 343 -106.17 7.78 -196.81
N ASP E 344 -106.17 7.77 -195.46
CA ASP E 344 -106.91 6.79 -194.65
C ASP E 344 -108.30 7.40 -194.33
N GLU E 345 -109.38 6.68 -194.66
CA GLU E 345 -110.76 7.16 -194.44
C GLU E 345 -111.21 6.74 -193.05
N ASN E 346 -111.27 7.70 -192.11
CA ASN E 346 -111.63 7.41 -190.71
C ASN E 346 -113.16 7.40 -190.47
N PRO E 347 -113.80 6.23 -190.22
CA PRO E 347 -115.23 6.26 -189.89
C PRO E 347 -115.48 6.92 -188.54
N ARG E 348 -114.47 6.90 -187.63
CA ARG E 348 -114.57 7.57 -186.32
C ARG E 348 -114.70 9.07 -186.52
N ALA E 349 -113.88 9.65 -187.42
CA ALA E 349 -113.94 11.09 -187.71
C ALA E 349 -115.28 11.45 -188.36
N ALA E 350 -115.75 10.62 -189.29
CA ALA E 350 -117.03 10.82 -189.98
C ALA E 350 -118.22 10.76 -189.01
N GLY E 351 -118.25 9.71 -188.20
CA GLY E 351 -119.28 9.49 -187.19
C GLY E 351 -119.31 10.51 -186.08
N VAL E 352 -118.14 11.11 -185.74
CA VAL E 352 -118.05 12.14 -184.70
C VAL E 352 -118.66 13.45 -185.22
N VAL E 353 -118.32 13.85 -186.46
CA VAL E 353 -118.86 15.09 -187.06
C VAL E 353 -120.39 14.99 -187.20
N SER E 354 -120.90 13.80 -187.60
CA SER E 354 -122.34 13.59 -187.76
C SER E 354 -123.08 13.66 -186.41
N ALA E 355 -122.48 13.11 -185.34
CA ALA E 355 -123.08 13.10 -184.01
C ALA E 355 -123.06 14.49 -183.37
N LEU E 356 -122.02 15.32 -183.61
CA LEU E 356 -121.97 16.71 -183.09
C LEU E 356 -123.04 17.56 -183.76
N ILE E 357 -123.20 17.41 -185.08
CA ILE E 357 -124.22 18.13 -185.83
C ILE E 357 -125.60 17.60 -185.41
N GLY E 358 -125.69 16.30 -185.12
CA GLY E 358 -126.90 15.68 -184.62
C GLY E 358 -127.31 16.19 -183.25
N ALA E 359 -126.32 16.52 -182.39
CA ALA E 359 -126.55 17.10 -181.06
C ALA E 359 -127.00 18.55 -181.16
N GLY E 360 -126.63 19.23 -182.24
CA GLY E 360 -126.99 20.62 -182.51
C GLY E 360 -125.87 21.62 -182.33
N MET E 361 -124.62 21.23 -182.68
CA MET E 361 -123.44 22.08 -182.59
C MET E 361 -122.90 22.37 -184.00
N PRO E 362 -122.59 23.64 -184.35
CA PRO E 362 -122.04 23.90 -185.70
C PRO E 362 -120.59 23.42 -185.78
N THR E 363 -120.39 22.28 -186.44
CA THR E 363 -119.10 21.62 -186.58
C THR E 363 -118.49 21.88 -187.96
N THR E 364 -117.16 22.08 -187.99
CA THR E 364 -116.36 22.28 -189.20
C THR E 364 -115.34 21.14 -189.25
N THR E 365 -114.77 20.83 -190.42
CA THR E 365 -113.81 19.72 -190.52
C THR E 365 -112.55 20.14 -191.27
N MET E 366 -111.38 19.76 -190.72
CA MET E 366 -110.04 20.06 -191.26
C MET E 366 -109.38 18.72 -191.62
N ALA E 367 -108.50 18.73 -192.63
CA ALA E 367 -107.84 17.52 -193.11
C ALA E 367 -106.33 17.70 -193.17
N TRP E 368 -105.69 17.77 -192.00
CA TRP E 368 -104.23 17.89 -191.92
C TRP E 368 -103.67 16.48 -192.01
N SER E 369 -102.77 16.23 -192.95
CA SER E 369 -102.15 14.93 -193.14
C SER E 369 -100.65 15.05 -193.27
N HIS E 370 -99.94 13.93 -193.09
CA HIS E 370 -98.49 13.89 -193.25
C HIS E 370 -98.19 14.05 -194.74
N ASP E 371 -96.94 14.41 -195.08
CA ASP E 371 -96.53 14.62 -196.48
C ASP E 371 -97.46 15.68 -197.16
N ALA E 372 -97.69 16.80 -196.45
CA ALA E 372 -98.51 17.93 -196.92
C ALA E 372 -97.87 19.24 -196.49
N ASP E 373 -98.15 20.37 -197.19
CA ASP E 373 -97.57 21.67 -196.85
C ASP E 373 -98.06 22.06 -195.45
N HIS E 374 -97.22 21.77 -194.44
CA HIS E 374 -97.55 21.99 -193.04
C HIS E 374 -97.62 23.47 -192.69
N ASP E 375 -96.76 24.31 -193.27
CA ASP E 375 -96.79 25.76 -193.00
C ASP E 375 -98.09 26.39 -193.53
N ALA E 376 -98.58 25.89 -194.69
CA ALA E 376 -99.82 26.38 -195.29
C ALA E 376 -101.04 25.87 -194.53
N GLN E 377 -101.02 24.58 -194.09
CA GLN E 377 -102.13 24.01 -193.33
C GLN E 377 -102.19 24.61 -191.91
N ALA E 378 -101.02 24.97 -191.35
CA ALA E 378 -100.91 25.62 -190.04
C ALA E 378 -101.55 27.01 -190.09
N ALA E 379 -101.35 27.72 -191.21
CA ALA E 379 -101.93 29.04 -191.44
C ALA E 379 -103.45 28.94 -191.63
N ALA E 380 -103.90 27.87 -192.34
CA ALA E 380 -105.32 27.61 -192.58
C ALA E 380 -106.05 27.36 -191.28
N LEU E 381 -105.41 26.63 -190.34
CA LEU E 381 -105.98 26.34 -189.02
C LEU E 381 -106.10 27.61 -188.19
N THR E 382 -104.99 28.35 -188.03
CA THR E 382 -104.95 29.62 -187.28
C THR E 382 -105.99 30.63 -187.83
N ALA E 383 -106.32 30.55 -189.12
CA ALA E 383 -107.36 31.38 -189.73
C ALA E 383 -108.76 30.97 -189.27
N ARG E 384 -109.05 29.64 -189.21
CA ARG E 384 -110.36 29.12 -188.76
C ARG E 384 -110.66 29.49 -187.30
N LEU E 385 -109.62 29.58 -186.46
CA LEU E 385 -109.74 29.91 -185.05
C LEU E 385 -110.08 31.38 -184.86
N ASP E 386 -109.39 32.26 -185.61
CA ASP E 386 -109.61 33.71 -185.55
C ASP E 386 -110.93 34.10 -186.25
N GLU E 387 -111.41 33.26 -187.20
CA GLU E 387 -112.66 33.48 -187.94
C GLU E 387 -113.88 33.31 -187.04
N GLN E 388 -113.98 32.14 -186.35
CA GLN E 388 -115.10 31.82 -185.48
C GLN E 388 -114.64 31.38 -184.09
N PRO E 389 -115.33 31.82 -183.01
CA PRO E 389 -114.95 31.34 -181.68
C PRO E 389 -115.56 29.96 -181.44
N LEU E 390 -114.71 28.96 -181.14
CA LEU E 390 -115.18 27.59 -180.92
C LEU E 390 -114.85 27.13 -179.50
N ALA E 391 -115.70 26.23 -178.99
CA ALA E 391 -115.58 25.69 -177.64
C ALA E 391 -114.45 24.68 -177.53
N GLY E 392 -114.40 23.73 -178.46
CA GLY E 392 -113.39 22.68 -178.47
C GLY E 392 -112.93 22.25 -179.84
N VAL E 393 -111.75 21.60 -179.88
CA VAL E 393 -111.09 21.07 -181.08
C VAL E 393 -110.78 19.59 -180.87
N ALA E 394 -111.38 18.70 -181.67
CA ALA E 394 -111.18 17.25 -181.55
C ALA E 394 -110.21 16.73 -182.62
N VAL E 395 -109.00 16.31 -182.21
CA VAL E 395 -107.98 15.78 -183.12
C VAL E 395 -108.13 14.26 -183.26
N ILE E 396 -108.60 13.79 -184.42
CA ILE E 396 -108.80 12.36 -184.70
C ILE E 396 -107.51 11.80 -185.31
N VAL E 397 -106.84 10.85 -184.64
CA VAL E 397 -105.58 10.29 -185.14
C VAL E 397 -105.90 9.03 -185.95
N GLY E 398 -105.44 9.01 -187.20
CA GLY E 398 -105.68 7.89 -188.12
C GLY E 398 -104.89 6.62 -187.85
N ASP E 399 -105.54 5.47 -188.04
CA ASP E 399 -104.93 4.15 -187.85
C ASP E 399 -104.66 3.51 -189.20
N SER E 400 -103.40 3.14 -189.48
CA SER E 400 -103.02 2.51 -190.73
C SER E 400 -103.64 1.09 -190.84
N GLU E 401 -104.24 0.79 -192.01
CA GLU E 401 -104.90 -0.51 -192.29
C GLU E 401 -106.00 -0.80 -191.26
N HIS E 407 -100.60 -5.75 -187.45
CA HIS E 407 -99.99 -6.47 -186.32
C HIS E 407 -98.48 -6.21 -186.20
N ASP E 408 -97.78 -5.78 -187.28
CA ASP E 408 -96.33 -5.55 -187.19
C ASP E 408 -95.99 -4.33 -186.33
N VAL E 409 -95.21 -4.56 -185.26
CA VAL E 409 -94.78 -3.51 -184.32
C VAL E 409 -93.70 -2.65 -184.95
N GLY E 410 -92.77 -3.28 -185.68
CA GLY E 410 -91.69 -2.59 -186.38
C GLY E 410 -92.20 -1.41 -187.17
N ALA E 411 -93.34 -1.59 -187.86
CA ALA E 411 -93.99 -0.56 -188.65
C ALA E 411 -94.66 0.47 -187.75
N ASP E 412 -95.35 0.02 -186.69
CA ASP E 412 -96.04 0.91 -185.75
C ASP E 412 -95.02 1.79 -184.95
N ALA E 413 -93.78 1.28 -184.75
CA ALA E 413 -92.72 2.03 -184.06
C ALA E 413 -92.23 3.19 -184.91
N ARG E 414 -92.08 2.96 -186.24
CA ARG E 414 -91.64 3.99 -187.18
C ARG E 414 -92.78 5.00 -187.38
N ARG E 415 -94.04 4.50 -187.50
CA ARG E 415 -95.24 5.35 -187.65
C ARG E 415 -95.51 6.20 -186.42
N GLY E 416 -95.23 5.65 -185.24
CA GLY E 416 -95.43 6.35 -183.98
C GLY E 416 -94.69 7.66 -183.86
N ALA E 417 -93.50 7.75 -184.49
CA ALA E 417 -92.69 8.97 -184.53
C ALA E 417 -93.40 10.05 -185.33
N ASP E 418 -93.86 9.66 -186.54
CA ASP E 418 -94.56 10.57 -187.46
C ASP E 418 -95.82 11.16 -186.80
N HIS E 419 -96.56 10.37 -186.00
CA HIS E 419 -97.74 10.87 -185.27
C HIS E 419 -97.35 11.94 -184.24
N VAL E 420 -96.25 11.71 -183.51
CA VAL E 420 -95.76 12.63 -182.48
C VAL E 420 -95.33 13.94 -183.14
N ARG E 421 -94.51 13.87 -184.22
CA ARG E 421 -94.06 15.04 -184.99
C ARG E 421 -95.25 15.86 -185.52
N HIS E 422 -96.32 15.17 -185.96
CA HIS E 422 -97.53 15.79 -186.50
C HIS E 422 -98.41 16.39 -185.42
N LEU E 423 -98.55 15.74 -184.24
CA LEU E 423 -99.37 16.30 -183.17
C LEU E 423 -98.67 17.53 -182.57
N VAL E 424 -97.32 17.60 -182.64
CA VAL E 424 -96.58 18.79 -182.18
C VAL E 424 -96.92 19.96 -183.12
N ARG E 425 -97.00 19.71 -184.46
CA ARG E 425 -97.36 20.73 -185.45
C ARG E 425 -98.76 21.30 -185.16
N ILE E 426 -99.74 20.42 -184.85
CA ILE E 426 -101.12 20.82 -184.53
C ILE E 426 -101.17 21.55 -183.18
N ALA E 427 -100.58 20.96 -182.13
CA ALA E 427 -100.59 21.54 -180.79
C ALA E 427 -99.91 22.93 -180.73
N ARG E 428 -98.84 23.14 -181.51
CA ARG E 428 -98.13 24.43 -181.55
C ARG E 428 -99.02 25.57 -182.05
N THR E 429 -99.82 25.31 -183.11
CA THR E 429 -100.72 26.31 -183.69
C THR E 429 -101.92 26.65 -182.78
N LEU E 430 -102.40 25.68 -181.95
CA LEU E 430 -103.50 25.94 -181.01
C LEU E 430 -103.00 26.78 -179.84
N ALA E 431 -101.77 26.52 -179.37
CA ALA E 431 -101.14 27.29 -178.29
C ALA E 431 -100.92 28.73 -178.73
N ASP E 432 -100.47 28.94 -179.99
CA ASP E 432 -100.27 30.25 -180.59
C ASP E 432 -101.62 30.79 -181.10
N ALA E 433 -102.53 31.10 -180.15
CA ALA E 433 -103.88 31.60 -180.41
C ALA E 433 -104.01 32.98 -179.85
N VAL E 434 -104.62 33.90 -180.62
CA VAL E 434 -104.80 35.28 -180.18
C VAL E 434 -105.84 35.29 -179.05
N GLY E 435 -107.02 34.75 -179.34
CA GLY E 435 -108.11 34.67 -178.37
C GLY E 435 -107.90 33.57 -177.34
N GLU E 436 -108.96 33.24 -176.58
CA GLU E 436 -108.90 32.19 -175.55
C GLU E 436 -108.78 30.82 -176.23
N PRO E 437 -107.68 30.07 -176.03
CA PRO E 437 -107.55 28.77 -176.71
C PRO E 437 -108.70 27.81 -176.41
N PRO E 438 -109.18 27.06 -177.43
CA PRO E 438 -110.27 26.10 -177.19
C PRO E 438 -109.76 24.82 -176.52
N ARG E 439 -110.67 23.99 -175.99
CA ARG E 439 -110.26 22.74 -175.33
C ARG E 439 -109.80 21.71 -176.35
N LEU E 440 -108.55 21.23 -176.21
CA LEU E 440 -107.98 20.23 -177.11
C LEU E 440 -108.37 18.83 -176.65
N TYR E 441 -108.92 18.03 -177.57
CA TYR E 441 -109.30 16.64 -177.33
C TYR E 441 -108.61 15.75 -178.37
N VAL E 442 -107.66 14.87 -177.96
CA VAL E 442 -106.98 13.99 -178.91
C VAL E 442 -107.61 12.60 -178.83
N VAL E 443 -108.13 12.07 -179.96
CA VAL E 443 -108.82 10.78 -180.01
C VAL E 443 -107.89 9.72 -180.63
N THR E 444 -107.39 8.80 -179.79
CA THR E 444 -106.46 7.74 -180.19
C THR E 444 -107.15 6.36 -180.26
N HIS E 445 -106.60 5.45 -181.09
CA HIS E 445 -107.13 4.10 -181.29
C HIS E 445 -106.34 3.06 -180.47
N ARG E 446 -106.95 2.53 -179.38
CA ARG E 446 -106.39 1.53 -178.47
C ARG E 446 -104.89 1.80 -178.11
N SER E 447 -104.55 3.09 -177.94
CA SER E 447 -103.23 3.63 -177.58
C SER E 447 -102.59 2.88 -176.44
N GLN E 448 -103.31 2.76 -175.30
CA GLN E 448 -102.77 2.16 -174.09
C GLN E 448 -103.69 1.11 -173.47
N HIS E 449 -103.09 0.37 -172.53
CA HIS E 449 -103.70 -0.71 -171.78
C HIS E 449 -104.55 -0.16 -170.63
N VAL E 450 -105.81 -0.60 -170.54
CA VAL E 450 -106.75 -0.20 -169.49
C VAL E 450 -107.31 -1.51 -168.89
N LEU E 451 -108.05 -2.32 -169.68
CA LEU E 451 -108.56 -3.61 -169.23
C LEU E 451 -107.45 -4.65 -169.35
N ASP E 452 -107.38 -5.61 -168.40
CA ASP E 452 -106.33 -6.65 -168.38
C ASP E 452 -106.30 -7.51 -169.67
N THR E 453 -107.46 -7.68 -170.32
CA THR E 453 -107.58 -8.46 -171.56
C THR E 453 -106.93 -7.78 -172.78
N ASP E 454 -106.80 -6.45 -172.76
CA ASP E 454 -106.31 -5.65 -173.90
C ASP E 454 -104.88 -5.98 -174.38
N GLU E 455 -104.71 -5.92 -175.71
CA GLU E 455 -103.45 -6.00 -176.44
C GLU E 455 -103.33 -4.63 -177.07
N PRO E 456 -102.39 -3.76 -176.64
CA PRO E 456 -102.38 -2.39 -177.17
C PRO E 456 -102.04 -2.26 -178.65
N TYR E 457 -102.71 -1.32 -179.31
CA TYR E 457 -102.45 -0.93 -180.69
C TYR E 457 -101.46 0.20 -180.57
N LEU E 458 -100.24 0.05 -181.10
CA LEU E 458 -99.19 1.05 -180.93
C LEU E 458 -99.44 2.24 -181.89
N GLU E 459 -98.40 2.93 -182.43
CA GLU E 459 -98.57 4.17 -183.23
C GLU E 459 -98.94 5.34 -182.31
N HIS E 460 -100.16 5.29 -181.74
CA HIS E 460 -100.69 6.31 -180.84
C HIS E 460 -100.18 6.16 -179.41
N SER E 461 -99.45 5.05 -179.11
CA SER E 461 -98.91 4.81 -177.77
C SER E 461 -98.04 5.97 -177.30
N GLY E 462 -97.19 6.49 -178.17
CA GLY E 462 -96.29 7.59 -177.86
C GLY E 462 -96.94 8.93 -177.61
N LEU E 463 -98.17 9.15 -178.12
CA LEU E 463 -98.87 10.43 -177.97
C LEU E 463 -99.35 10.74 -176.53
N ARG E 464 -99.53 9.72 -175.65
CA ARG E 464 -100.02 9.97 -174.29
C ARG E 464 -99.02 10.77 -173.42
N GLY E 465 -97.73 10.72 -173.75
CA GLY E 465 -96.70 11.47 -173.05
C GLY E 465 -96.65 12.90 -173.52
N LEU E 466 -96.92 13.11 -174.81
CA LEU E 466 -96.92 14.43 -175.43
C LEU E 466 -98.13 15.26 -174.93
N ILE E 467 -99.36 14.70 -175.00
CA ILE E 467 -100.57 15.42 -174.54
C ILE E 467 -100.48 15.80 -173.05
N ARG E 468 -99.74 14.98 -172.27
CA ARG E 468 -99.51 15.21 -170.84
C ARG E 468 -98.58 16.44 -170.64
N VAL E 469 -97.54 16.56 -171.48
CA VAL E 469 -96.59 17.69 -171.47
C VAL E 469 -97.26 18.95 -172.04
N VAL E 470 -98.08 18.81 -173.11
CA VAL E 470 -98.78 19.94 -173.73
C VAL E 470 -99.77 20.55 -172.72
N GLY E 471 -100.46 19.72 -171.95
CA GLY E 471 -101.38 20.17 -170.91
C GLY E 471 -100.68 20.94 -169.82
N MET E 472 -99.41 20.57 -169.53
CA MET E 472 -98.57 21.23 -168.53
C MET E 472 -97.95 22.52 -169.07
N GLU E 473 -97.41 22.50 -170.31
CA GLU E 473 -96.82 23.69 -170.94
C GLU E 473 -97.88 24.74 -171.27
N HIS E 474 -99.07 24.31 -171.77
CA HIS E 474 -100.17 25.19 -172.16
C HIS E 474 -101.49 24.68 -171.52
N PRO E 475 -101.74 25.02 -170.24
CA PRO E 475 -102.96 24.54 -169.57
C PRO E 475 -104.24 25.26 -170.00
N ARG E 476 -104.16 26.43 -170.71
CA ARG E 476 -105.34 27.16 -171.18
C ARG E 476 -106.22 26.20 -171.99
N LEU E 477 -105.62 25.58 -173.00
CA LEU E 477 -106.27 24.51 -173.76
C LEU E 477 -106.10 23.26 -172.90
N ARG E 478 -107.18 22.78 -172.26
CA ARG E 478 -107.07 21.63 -171.36
C ARG E 478 -106.87 20.36 -172.18
N ALA E 479 -105.60 19.96 -172.36
CA ALA E 479 -105.22 18.80 -173.17
C ALA E 479 -105.81 17.50 -172.63
N THR E 480 -106.88 17.02 -173.29
CA THR E 480 -107.60 15.80 -172.93
C THR E 480 -107.32 14.70 -173.97
N GLN E 481 -107.15 13.45 -173.50
CA GLN E 481 -106.91 12.28 -174.35
C GLN E 481 -108.10 11.35 -174.24
N ILE E 482 -108.58 10.82 -175.38
CA ILE E 482 -109.71 9.87 -175.41
C ILE E 482 -109.24 8.60 -176.13
N ASP E 483 -108.88 7.55 -175.37
CA ASP E 483 -108.43 6.28 -175.97
C ASP E 483 -109.66 5.40 -176.28
N VAL E 484 -110.01 5.36 -177.57
CA VAL E 484 -111.19 4.68 -178.08
C VAL E 484 -110.84 3.32 -178.68
N ASP E 485 -111.79 2.36 -178.62
CA ASP E 485 -111.66 1.05 -179.27
C ASP E 485 -112.59 1.02 -180.48
N ASP E 486 -112.56 -0.07 -181.24
CA ASP E 486 -113.39 -0.19 -182.44
C ASP E 486 -114.90 -0.22 -182.07
N SER E 487 -115.26 -1.07 -181.10
CA SER E 487 -116.64 -1.21 -180.63
C SER E 487 -116.96 -0.23 -179.50
N THR E 488 -117.71 0.86 -179.78
CA THR E 488 -118.06 1.84 -178.73
C THR E 488 -119.25 2.77 -179.07
N ALA E 489 -119.41 3.18 -180.36
CA ALA E 489 -120.45 4.07 -180.89
C ALA E 489 -120.04 5.53 -180.72
N HIS E 490 -120.35 6.34 -181.75
CA HIS E 490 -119.98 7.75 -181.79
C HIS E 490 -120.93 8.61 -180.94
N GLU E 491 -122.20 8.16 -180.77
CA GLU E 491 -123.22 8.86 -179.96
C GLU E 491 -122.78 9.03 -178.50
N ALA E 492 -122.05 8.03 -177.98
CA ALA E 492 -121.52 8.04 -176.61
C ALA E 492 -120.20 8.80 -176.51
N LEU E 493 -119.40 8.84 -177.58
CA LEU E 493 -118.12 9.56 -177.58
C LEU E 493 -118.35 11.07 -177.53
N VAL E 494 -119.22 11.62 -178.41
CA VAL E 494 -119.52 13.07 -178.42
C VAL E 494 -120.17 13.50 -177.11
N ARG E 495 -120.86 12.56 -176.42
CA ARG E 495 -121.46 12.80 -175.10
C ARG E 495 -120.38 13.32 -174.13
N GLN E 496 -119.13 12.77 -174.23
CA GLN E 496 -117.98 13.20 -173.42
C GLN E 496 -117.50 14.60 -173.81
N LEU E 497 -117.37 14.84 -175.12
CA LEU E 497 -116.91 16.13 -175.66
C LEU E 497 -117.80 17.28 -175.19
N LEU E 498 -119.12 17.06 -175.19
CA LEU E 498 -120.14 18.05 -174.83
C LEU E 498 -120.45 18.09 -173.30
N SER E 499 -120.16 17.02 -172.51
CA SER E 499 -120.39 17.06 -171.06
C SER E 499 -119.41 18.01 -170.36
N GLY E 500 -118.19 18.12 -170.90
CA GLY E 500 -117.17 19.00 -170.35
C GLY E 500 -116.66 18.58 -168.99
N SER E 501 -116.35 17.28 -168.82
CA SER E 501 -115.81 16.78 -167.56
C SER E 501 -114.34 17.20 -167.48
N PRO E 502 -113.78 17.51 -166.29
CA PRO E 502 -112.38 17.94 -166.23
C PRO E 502 -111.33 16.83 -166.41
N GLU E 503 -111.73 15.56 -166.68
CA GLU E 503 -110.80 14.44 -166.85
C GLU E 503 -109.88 14.63 -168.07
N ASP E 504 -108.55 14.54 -167.87
CA ASP E 504 -107.54 14.73 -168.92
C ASP E 504 -107.12 13.40 -169.58
N GLU E 505 -107.10 12.29 -168.83
CA GLU E 505 -106.75 10.98 -169.39
C GLU E 505 -107.99 10.11 -169.29
N THR E 506 -108.57 9.78 -170.45
CA THR E 506 -109.79 8.99 -170.50
C THR E 506 -109.70 7.91 -171.57
N ALA E 507 -110.71 7.05 -171.60
CA ALA E 507 -110.79 5.96 -172.56
C ALA E 507 -112.22 5.49 -172.73
N TRP E 508 -112.41 4.56 -173.66
CA TRP E 508 -113.73 3.98 -173.93
C TRP E 508 -113.58 2.53 -174.35
N ARG E 509 -114.14 1.59 -173.58
CA ARG E 509 -114.12 0.16 -173.89
C ARG E 509 -115.56 -0.33 -173.81
N ASP E 510 -116.17 -0.56 -175.00
CA ASP E 510 -117.58 -0.91 -175.19
C ASP E 510 -118.40 0.36 -174.84
N GLY E 511 -119.54 0.22 -174.15
CA GLY E 511 -120.34 1.38 -173.75
C GLY E 511 -119.91 2.03 -172.45
N GLN E 512 -118.76 1.62 -171.85
CA GLN E 512 -118.30 2.17 -170.58
C GLN E 512 -117.19 3.19 -170.78
N TRP E 513 -117.25 4.26 -169.96
CA TRP E 513 -116.31 5.37 -169.92
C TRP E 513 -115.31 5.15 -168.76
N TYR E 514 -114.00 4.94 -169.06
CA TYR E 514 -112.94 4.70 -168.04
C TYR E 514 -112.01 5.92 -167.90
N ALA E 515 -111.66 6.32 -166.65
CA ALA E 515 -110.79 7.48 -166.36
C ALA E 515 -109.56 7.02 -165.61
N ALA E 516 -108.39 7.57 -165.95
CA ALA E 516 -107.14 7.20 -165.28
C ALA E 516 -106.99 7.92 -163.93
N ARG E 517 -106.19 7.34 -163.03
CA ARG E 517 -105.90 7.89 -161.69
C ARG E 517 -104.49 7.45 -161.26
N LEU E 518 -103.83 8.27 -160.42
CA LEU E 518 -102.47 8.01 -159.92
C LEU E 518 -102.53 7.31 -158.58
N CYS E 519 -101.78 6.20 -158.42
CA CYS E 519 -101.84 5.36 -157.24
C CYS E 519 -100.49 4.74 -156.88
N PRO E 520 -99.96 4.88 -155.64
CA PRO E 520 -98.86 4.01 -155.24
C PRO E 520 -99.45 2.64 -154.90
N SER E 521 -99.00 1.54 -155.52
CA SER E 521 -99.58 0.22 -155.23
C SER E 521 -98.46 -0.80 -155.17
N PRO E 522 -97.82 -0.93 -154.00
CA PRO E 522 -96.70 -1.85 -153.84
C PRO E 522 -97.17 -3.15 -153.17
N LEU E 523 -98.30 -3.69 -153.63
CA LEU E 523 -98.88 -4.93 -153.13
C LEU E 523 -98.08 -6.12 -153.63
N ARG E 524 -98.39 -7.30 -153.10
CA ARG E 524 -97.74 -8.55 -153.50
C ARG E 524 -98.75 -9.71 -153.65
N ALA E 525 -100.07 -9.45 -153.55
CA ALA E 525 -101.05 -10.53 -153.64
C ALA E 525 -101.29 -10.90 -155.10
N ALA E 526 -102.09 -10.10 -155.83
CA ALA E 526 -102.37 -10.31 -157.25
C ALA E 526 -101.21 -9.80 -158.11
N GLU E 527 -100.44 -8.84 -157.58
CA GLU E 527 -99.34 -8.19 -158.27
C GLU E 527 -98.00 -8.92 -158.03
N ARG E 528 -98.04 -10.27 -157.97
CA ARG E 528 -96.88 -11.13 -157.82
C ARG E 528 -96.69 -11.92 -159.08
N ARG E 529 -95.57 -12.64 -159.16
CA ARG E 529 -95.26 -13.51 -160.29
C ARG E 529 -96.28 -14.62 -160.39
N THR E 530 -96.63 -15.03 -161.62
CA THR E 530 -97.47 -16.20 -161.85
C THR E 530 -96.74 -17.09 -162.83
N ALA E 531 -96.99 -18.40 -162.73
CA ALA E 531 -96.40 -19.39 -163.61
C ALA E 531 -97.18 -20.68 -163.51
N VAL E 532 -96.81 -21.66 -164.34
CA VAL E 532 -97.38 -23.00 -164.33
C VAL E 532 -96.22 -23.94 -164.18
N ALA E 533 -96.30 -24.86 -163.22
CA ALA E 533 -95.21 -25.79 -162.95
C ALA E 533 -95.70 -27.20 -162.82
N ASP E 534 -94.83 -28.16 -163.21
CA ASP E 534 -95.11 -29.58 -163.14
C ASP E 534 -95.08 -30.03 -161.70
N ASN E 535 -95.81 -31.11 -161.38
CA ASN E 535 -95.91 -31.67 -160.04
C ASN E 535 -94.99 -32.90 -159.83
N ALA E 536 -94.43 -33.46 -160.93
CA ALA E 536 -93.47 -34.56 -160.91
C ALA E 536 -92.03 -33.99 -160.93
N SER E 537 -91.84 -32.93 -161.73
CA SER E 537 -90.60 -32.19 -161.90
C SER E 537 -90.80 -30.78 -161.36
N GLU E 538 -89.71 -30.01 -161.18
CA GLU E 538 -89.72 -28.61 -160.69
C GLU E 538 -90.05 -28.57 -159.17
N GLY E 539 -90.03 -27.38 -158.56
CA GLY E 539 -90.30 -27.21 -157.13
C GLY E 539 -91.56 -26.40 -156.84
N MET E 540 -92.49 -26.95 -156.00
CA MET E 540 -93.75 -26.26 -155.60
C MET E 540 -94.23 -26.70 -154.23
N ARG E 541 -94.64 -25.73 -153.38
CA ARG E 541 -95.02 -25.92 -151.97
C ARG E 541 -96.39 -25.25 -151.64
N LEU E 542 -96.95 -25.52 -150.43
CA LEU E 542 -98.25 -24.97 -150.00
C LEU E 542 -98.11 -24.16 -148.70
N VAL E 543 -98.67 -22.92 -148.68
CA VAL E 543 -98.56 -21.99 -147.55
C VAL E 543 -99.71 -20.91 -147.56
N VAL E 544 -100.00 -20.28 -146.39
CA VAL E 544 -101.00 -19.21 -146.25
C VAL E 544 -100.29 -17.86 -146.28
N ARG E 545 -100.72 -16.92 -147.17
CA ARG E 545 -100.09 -15.59 -147.25
C ARG E 545 -100.37 -14.81 -145.95
N ASN E 546 -101.58 -14.94 -145.36
CA ASN E 546 -101.90 -14.32 -144.09
C ASN E 546 -102.74 -15.30 -143.24
N PRO E 547 -102.17 -15.86 -142.14
CA PRO E 547 -102.95 -16.81 -141.32
C PRO E 547 -104.23 -16.22 -140.75
N GLY E 548 -105.17 -17.11 -140.46
CA GLY E 548 -106.50 -16.77 -139.97
C GLY E 548 -107.54 -17.09 -141.02
N ASP E 549 -107.24 -16.72 -142.29
CA ASP E 549 -108.10 -16.95 -143.44
C ASP E 549 -107.63 -18.20 -144.19
N LEU E 550 -108.51 -19.22 -144.33
CA LEU E 550 -108.15 -20.43 -145.08
C LEU E 550 -108.28 -20.20 -146.59
N GLU E 551 -109.01 -19.15 -147.01
CA GLU E 551 -109.11 -18.79 -148.43
C GLU E 551 -107.75 -18.24 -148.93
N SER E 552 -106.90 -17.74 -148.01
CA SER E 552 -105.56 -17.25 -148.32
C SER E 552 -104.53 -18.39 -148.56
N MET E 553 -104.94 -19.68 -148.54
CA MET E 553 -104.00 -20.79 -148.78
C MET E 553 -103.60 -20.79 -150.24
N GLU E 554 -102.32 -20.55 -150.51
CA GLU E 554 -101.74 -20.44 -151.84
C GLU E 554 -100.73 -21.54 -152.14
N LEU E 555 -100.65 -21.90 -153.43
CA LEU E 555 -99.73 -22.90 -153.96
C LEU E 555 -98.47 -22.19 -154.44
N VAL E 556 -97.59 -21.87 -153.50
CA VAL E 556 -96.36 -21.12 -153.78
C VAL E 556 -95.32 -22.02 -154.47
N THR E 557 -94.34 -21.41 -155.17
CA THR E 557 -93.25 -22.16 -155.82
C THR E 557 -91.91 -21.65 -155.32
N PHE E 558 -90.91 -22.49 -155.46
CA PHE E 558 -89.56 -22.22 -155.02
C PHE E 558 -88.55 -22.79 -156.04
N GLU E 559 -87.26 -22.56 -155.78
CA GLU E 559 -86.17 -23.03 -156.60
C GLU E 559 -85.56 -24.26 -155.90
N ARG E 560 -85.78 -25.49 -156.46
CA ARG E 560 -85.25 -26.72 -155.84
C ARG E 560 -83.75 -26.81 -156.17
N GLY E 561 -82.94 -26.46 -155.19
CA GLY E 561 -81.49 -26.45 -155.34
C GLY E 561 -80.84 -27.73 -154.87
N THR E 562 -79.53 -27.86 -155.16
CA THR E 562 -78.75 -29.02 -154.75
C THR E 562 -78.65 -29.06 -153.22
N PRO E 563 -78.87 -30.21 -152.59
CA PRO E 563 -78.75 -30.28 -151.13
C PRO E 563 -77.29 -30.36 -150.72
N GLY E 564 -77.06 -30.19 -149.43
CA GLY E 564 -75.73 -30.29 -148.82
C GLY E 564 -75.33 -29.02 -148.12
N PRO E 565 -74.37 -29.11 -147.18
CA PRO E 565 -73.67 -30.32 -146.72
C PRO E 565 -74.45 -31.03 -145.62
N GLY E 566 -74.51 -32.35 -145.70
CA GLY E 566 -75.22 -33.17 -144.72
C GLY E 566 -76.73 -33.05 -144.79
N GLN E 567 -77.27 -32.88 -146.01
CA GLN E 567 -78.71 -32.75 -146.25
C GLN E 567 -79.09 -33.63 -147.44
N ILE E 568 -80.39 -33.90 -147.57
CA ILE E 568 -80.95 -34.76 -148.61
C ILE E 568 -82.20 -34.16 -149.19
N GLU E 569 -82.35 -34.21 -150.52
CA GLU E 569 -83.58 -33.80 -151.19
C GLU E 569 -84.43 -35.04 -151.35
N VAL E 570 -85.72 -34.98 -150.96
CA VAL E 570 -86.63 -36.12 -151.03
C VAL E 570 -87.81 -35.78 -151.91
N ALA E 571 -88.22 -36.74 -152.76
CA ALA E 571 -89.40 -36.61 -153.60
C ALA E 571 -90.57 -37.13 -152.80
N VAL E 572 -91.34 -36.22 -152.21
CA VAL E 572 -92.44 -36.58 -151.32
C VAL E 572 -93.61 -37.17 -152.11
N LYS E 573 -94.06 -38.37 -151.68
CA LYS E 573 -95.20 -39.08 -152.26
C LYS E 573 -96.48 -38.75 -151.44
N ALA E 574 -96.37 -38.53 -150.10
CA ALA E 574 -97.50 -38.19 -149.21
C ALA E 574 -97.03 -37.59 -147.89
N SER E 575 -97.74 -36.55 -147.40
CA SER E 575 -97.44 -35.90 -146.10
C SER E 575 -98.70 -35.93 -145.23
N SER E 576 -98.56 -35.56 -143.96
CA SER E 576 -99.67 -35.56 -143.00
C SER E 576 -100.29 -34.18 -142.83
N ILE E 577 -101.28 -34.13 -141.94
CA ILE E 577 -101.98 -32.93 -141.48
C ILE E 577 -102.18 -33.07 -139.97
N ASN E 578 -101.14 -32.74 -139.17
CA ASN E 578 -101.24 -32.78 -137.71
C ASN E 578 -102.08 -31.62 -137.27
N PHE E 579 -102.52 -31.63 -136.02
CA PHE E 579 -103.31 -30.52 -135.54
C PHE E 579 -102.45 -29.23 -135.48
N ALA E 580 -101.13 -29.37 -135.29
CA ALA E 580 -100.21 -28.23 -135.30
C ALA E 580 -100.33 -27.40 -136.59
N ASP E 581 -100.46 -28.10 -137.74
CA ASP E 581 -100.61 -27.49 -139.08
C ASP E 581 -101.88 -26.64 -139.17
N VAL E 582 -102.95 -27.04 -138.45
CA VAL E 582 -104.22 -26.32 -138.42
C VAL E 582 -104.03 -24.99 -137.70
N LEU E 583 -103.31 -25.03 -136.57
CA LEU E 583 -103.04 -23.82 -135.79
C LEU E 583 -102.19 -22.84 -136.57
N VAL E 584 -101.26 -23.36 -137.38
CA VAL E 584 -100.43 -22.52 -138.24
C VAL E 584 -101.36 -21.79 -139.21
N ALA E 585 -102.32 -22.52 -139.82
CA ALA E 585 -103.29 -21.95 -140.76
C ALA E 585 -104.09 -20.82 -140.15
N PHE E 586 -104.50 -20.97 -138.89
CA PHE E 586 -105.28 -19.95 -138.19
C PHE E 586 -104.42 -18.91 -137.45
N GLY E 587 -103.11 -19.11 -137.41
CA GLY E 587 -102.17 -18.21 -136.74
C GLY E 587 -102.15 -18.36 -135.23
N ARG E 588 -102.76 -19.43 -134.71
CA ARG E 588 -102.83 -19.71 -133.28
C ARG E 588 -101.68 -20.63 -132.83
N CYS E 589 -100.66 -20.91 -133.67
CA CYS E 589 -99.59 -21.84 -133.30
C CYS E 589 -98.51 -21.16 -132.45
N PRO E 590 -98.21 -21.67 -131.22
CA PRO E 590 -97.12 -21.09 -130.44
C PRO E 590 -95.79 -21.77 -130.75
N SER E 591 -94.72 -20.96 -130.83
CA SER E 591 -93.39 -21.48 -131.13
C SER E 591 -92.34 -20.79 -130.25
N PHE E 592 -91.33 -21.58 -129.82
CA PHE E 592 -90.21 -21.13 -129.00
C PHE E 592 -89.34 -20.19 -129.79
N ASP E 593 -89.17 -20.50 -131.09
CA ASP E 593 -88.43 -19.67 -132.05
C ASP E 593 -89.05 -18.28 -132.15
N GLY E 594 -90.38 -18.24 -132.17
CA GLY E 594 -91.16 -17.02 -132.33
C GLY E 594 -91.74 -16.95 -133.72
N ARG E 595 -90.99 -17.47 -134.71
CA ARG E 595 -91.39 -17.52 -136.11
C ARG E 595 -92.48 -18.57 -136.28
N LEU E 596 -93.54 -18.25 -137.06
CA LEU E 596 -94.63 -19.20 -137.27
C LEU E 596 -94.12 -20.28 -138.24
N PRO E 597 -94.23 -21.56 -137.85
CA PRO E 597 -93.68 -22.62 -138.71
C PRO E 597 -94.39 -22.74 -140.05
N GLU E 598 -93.78 -23.54 -140.92
CA GLU E 598 -94.29 -23.77 -142.25
C GLU E 598 -95.17 -25.02 -142.22
N LEU E 599 -96.19 -25.03 -143.08
CA LEU E 599 -97.14 -26.13 -143.17
C LEU E 599 -96.46 -27.40 -143.63
N GLY E 600 -96.52 -28.44 -142.80
CA GLY E 600 -95.94 -29.75 -143.09
C GLY E 600 -94.69 -30.00 -142.27
N SER E 601 -94.82 -30.88 -141.27
CA SER E 601 -93.76 -31.26 -140.35
C SER E 601 -93.14 -32.57 -140.81
N GLU E 602 -93.98 -33.61 -140.93
CA GLU E 602 -93.60 -34.97 -141.32
C GLU E 602 -93.85 -35.27 -142.80
N PHE E 603 -93.07 -36.22 -143.37
CA PHE E 603 -93.17 -36.60 -144.77
C PHE E 603 -92.83 -38.07 -145.01
N GLY E 604 -93.17 -38.54 -146.21
CA GLY E 604 -92.90 -39.89 -146.70
C GLY E 604 -92.59 -39.87 -148.20
N GLY E 605 -91.37 -40.23 -148.59
CA GLY E 605 -90.98 -40.15 -150.00
C GLY E 605 -89.81 -41.02 -150.39
N VAL E 606 -89.09 -40.60 -151.44
CA VAL E 606 -87.93 -41.30 -151.97
C VAL E 606 -86.80 -40.31 -152.17
N VAL E 607 -85.56 -40.71 -151.87
CA VAL E 607 -84.44 -39.79 -151.98
C VAL E 607 -84.17 -39.43 -153.45
N THR E 608 -84.07 -38.13 -153.73
CA THR E 608 -83.79 -37.58 -155.05
C THR E 608 -82.30 -37.38 -155.19
N ALA E 609 -81.71 -36.63 -154.26
CA ALA E 609 -80.29 -36.32 -154.25
C ALA E 609 -79.77 -36.26 -152.85
N VAL E 610 -78.52 -36.68 -152.67
CA VAL E 610 -77.83 -36.67 -151.38
C VAL E 610 -76.75 -35.60 -151.43
N GLY E 611 -76.76 -34.71 -150.44
CA GLY E 611 -75.81 -33.62 -150.35
C GLY E 611 -74.43 -34.05 -149.87
N PRO E 612 -73.35 -33.41 -150.36
CA PRO E 612 -72.00 -33.81 -149.94
C PRO E 612 -71.73 -33.51 -148.46
N GLY E 613 -71.47 -34.51 -147.61
CA GLY E 613 -71.39 -35.93 -147.95
C GLY E 613 -71.88 -36.77 -146.81
N VAL E 614 -72.81 -37.72 -147.09
CA VAL E 614 -73.37 -38.58 -146.07
C VAL E 614 -73.40 -40.03 -146.57
N THR E 615 -72.82 -40.91 -145.75
CA THR E 615 -72.71 -42.34 -146.01
C THR E 615 -74.02 -43.06 -145.67
N THR E 616 -74.80 -42.49 -144.74
CA THR E 616 -76.04 -43.06 -144.24
C THR E 616 -77.11 -43.27 -145.32
N HIS E 617 -77.51 -42.20 -146.02
CA HIS E 617 -78.54 -42.30 -147.05
C HIS E 617 -77.95 -42.50 -148.44
N ARG E 618 -78.78 -43.09 -149.31
CA ARG E 618 -78.46 -43.37 -150.70
C ARG E 618 -79.64 -42.88 -151.57
N VAL E 619 -79.36 -42.51 -152.83
CA VAL E 619 -80.41 -42.02 -153.73
C VAL E 619 -81.29 -43.19 -154.13
N GLY E 620 -82.59 -42.94 -154.18
CA GLY E 620 -83.59 -43.95 -154.50
C GLY E 620 -84.09 -44.69 -153.27
N ASP E 621 -83.57 -44.39 -152.07
CA ASP E 621 -84.03 -45.02 -150.83
C ASP E 621 -85.41 -44.53 -150.48
N ARG E 622 -86.34 -45.43 -150.16
CA ARG E 622 -87.67 -45.06 -149.70
C ARG E 622 -87.53 -44.61 -148.24
N VAL E 623 -87.73 -43.32 -147.96
CA VAL E 623 -87.51 -42.78 -146.62
C VAL E 623 -88.73 -42.07 -146.08
N GLY E 624 -88.70 -41.86 -144.78
CA GLY E 624 -89.70 -41.12 -144.02
C GLY E 624 -88.98 -40.27 -143.00
N GLY E 625 -89.41 -39.02 -142.84
CA GLY E 625 -88.76 -38.12 -141.91
C GLY E 625 -89.57 -36.89 -141.52
N VAL E 626 -88.86 -35.91 -140.95
CA VAL E 626 -89.41 -34.63 -140.50
C VAL E 626 -88.48 -33.55 -141.02
N SER E 627 -88.97 -32.30 -141.20
CA SER E 627 -88.12 -31.25 -141.79
C SER E 627 -88.47 -29.81 -141.48
N ALA E 628 -89.78 -29.45 -141.43
CA ALA E 628 -90.26 -28.05 -141.41
C ALA E 628 -90.06 -27.61 -142.84
N ASN E 629 -89.75 -26.33 -143.14
CA ASN E 629 -89.49 -25.90 -144.53
C ASN E 629 -90.62 -26.29 -145.55
N GLY E 630 -91.82 -26.60 -145.06
CA GLY E 630 -92.98 -26.97 -145.84
C GLY E 630 -92.87 -28.34 -146.45
N CYS E 631 -93.46 -29.36 -145.80
CA CYS E 631 -93.48 -30.76 -146.28
C CYS E 631 -94.67 -31.01 -147.22
N TRP E 632 -95.51 -29.98 -147.50
CA TRP E 632 -96.62 -30.04 -148.43
C TRP E 632 -96.11 -29.55 -149.79
N SER E 633 -95.14 -30.30 -150.36
CA SER E 633 -94.47 -29.99 -151.62
C SER E 633 -94.03 -31.26 -152.35
N ASN E 634 -93.70 -31.12 -153.64
CA ASN E 634 -93.23 -32.25 -154.47
C ASN E 634 -91.81 -32.66 -154.11
N PHE E 635 -91.01 -31.74 -153.54
CA PHE E 635 -89.65 -32.00 -153.11
C PHE E 635 -89.37 -31.26 -151.80
N VAL E 636 -88.62 -31.91 -150.88
CA VAL E 636 -88.26 -31.37 -149.57
C VAL E 636 -86.81 -31.62 -149.28
N THR E 637 -86.08 -30.60 -148.86
CA THR E 637 -84.69 -30.75 -148.46
C THR E 637 -84.69 -30.81 -146.94
N CYS E 638 -84.16 -31.92 -146.37
CA CYS E 638 -84.08 -32.11 -144.92
C CYS E 638 -82.70 -32.69 -144.55
N GLU E 639 -82.33 -32.57 -143.27
CA GLU E 639 -81.04 -33.08 -142.81
C GLU E 639 -81.01 -34.61 -142.82
N ALA E 640 -79.80 -35.19 -142.87
CA ALA E 640 -79.62 -36.64 -142.83
C ALA E 640 -80.00 -37.20 -141.48
N ASP E 641 -79.82 -36.38 -140.43
CA ASP E 641 -80.19 -36.71 -139.06
C ASP E 641 -81.72 -36.68 -138.85
N LEU E 642 -82.55 -36.33 -139.89
CA LEU E 642 -84.02 -36.29 -139.78
C LEU E 642 -84.76 -37.30 -140.65
N ALA E 643 -84.06 -38.15 -141.43
CA ALA E 643 -84.70 -39.13 -142.31
C ALA E 643 -84.15 -40.52 -142.03
N THR E 644 -85.00 -41.54 -142.18
CA THR E 644 -84.62 -42.94 -141.97
C THR E 644 -85.30 -43.79 -143.04
N LYS E 645 -84.61 -44.84 -143.51
CA LYS E 645 -85.17 -45.71 -144.55
C LYS E 645 -86.34 -46.52 -143.99
N LEU E 646 -87.42 -46.69 -144.79
CA LEU E 646 -88.62 -47.41 -144.35
C LEU E 646 -88.44 -48.92 -144.48
N PRO E 647 -88.98 -49.74 -143.55
CA PRO E 647 -88.92 -51.21 -143.76
C PRO E 647 -89.90 -51.62 -144.87
N GLU E 648 -89.85 -52.88 -145.30
CA GLU E 648 -90.70 -53.38 -146.38
C GLU E 648 -92.21 -53.34 -146.06
N GLY E 649 -92.57 -53.53 -144.78
CA GLY E 649 -93.96 -53.59 -144.32
C GLY E 649 -94.84 -52.36 -144.48
N ILE E 650 -94.26 -51.16 -144.72
CA ILE E 650 -95.05 -49.93 -144.87
C ILE E 650 -94.66 -49.08 -146.08
N SER E 651 -95.65 -48.37 -146.60
CA SER E 651 -95.55 -47.48 -147.73
C SER E 651 -95.18 -46.08 -147.30
N GLU E 652 -94.93 -45.21 -148.28
CA GLU E 652 -94.64 -43.80 -148.07
C GLU E 652 -95.89 -43.10 -147.48
N HIS E 653 -97.09 -43.52 -147.92
CA HIS E 653 -98.36 -43.00 -147.42
C HIS E 653 -98.63 -43.46 -145.98
N GLU E 654 -98.31 -44.71 -145.64
CA GLU E 654 -98.49 -45.24 -144.27
C GLU E 654 -97.56 -44.51 -143.30
N ALA E 655 -96.28 -44.38 -143.72
CA ALA E 655 -95.22 -43.69 -142.98
C ALA E 655 -95.51 -42.17 -142.78
N ALA E 656 -96.35 -41.55 -143.65
CA ALA E 656 -96.69 -40.14 -143.53
C ALA E 656 -97.59 -39.92 -142.33
N ALA E 657 -98.66 -40.72 -142.20
CA ALA E 657 -99.63 -40.61 -141.10
C ALA E 657 -99.05 -40.98 -139.74
N VAL E 658 -98.35 -42.12 -139.67
CA VAL E 658 -97.83 -42.67 -138.41
C VAL E 658 -96.85 -41.68 -137.68
N GLY E 659 -95.71 -41.42 -138.31
CA GLY E 659 -94.60 -40.57 -137.82
C GLY E 659 -94.70 -39.80 -136.52
N LEU E 660 -95.40 -38.66 -136.53
CA LEU E 660 -95.48 -37.77 -135.36
C LEU E 660 -96.47 -38.27 -134.34
N ALA E 661 -97.67 -38.72 -134.78
CA ALA E 661 -98.72 -39.22 -133.87
C ALA E 661 -98.17 -40.32 -132.98
N TYR E 662 -97.63 -41.38 -133.62
CA TYR E 662 -97.07 -42.52 -132.90
C TYR E 662 -95.76 -42.16 -132.21
N GLY E 663 -94.98 -41.27 -132.83
CA GLY E 663 -93.71 -40.81 -132.27
C GLY E 663 -93.92 -40.12 -130.94
N THR E 664 -94.82 -39.13 -130.91
CA THR E 664 -95.18 -38.37 -129.71
C THR E 664 -95.65 -39.31 -128.61
N VAL E 665 -96.55 -40.23 -128.96
CA VAL E 665 -97.11 -41.24 -128.05
C VAL E 665 -96.02 -42.18 -127.53
N TRP E 666 -95.16 -42.67 -128.43
CA TRP E 666 -94.08 -43.59 -128.06
C TRP E 666 -93.19 -42.93 -127.04
N LEU E 667 -92.72 -41.74 -127.37
CA LEU E 667 -91.90 -40.95 -126.48
C LEU E 667 -92.61 -40.76 -125.15
N GLY E 668 -93.80 -40.19 -125.19
CA GLY E 668 -94.59 -39.88 -124.01
C GLY E 668 -94.97 -41.02 -123.10
N LEU E 669 -95.51 -42.11 -123.66
CA LEU E 669 -95.99 -43.22 -122.84
C LEU E 669 -94.92 -44.27 -122.55
N THR E 670 -94.40 -44.95 -123.58
CA THR E 670 -93.44 -46.02 -123.35
C THR E 670 -92.04 -45.55 -122.94
N GLU E 671 -91.65 -44.31 -123.28
CA GLU E 671 -90.30 -43.83 -123.01
C GLU E 671 -90.21 -42.95 -121.75
N LEU E 672 -91.05 -41.91 -121.66
CA LEU E 672 -91.01 -40.98 -120.52
C LEU E 672 -91.80 -41.48 -119.35
N ALA E 673 -93.08 -41.79 -119.57
CA ALA E 673 -93.97 -42.27 -118.52
C ALA E 673 -93.74 -43.76 -118.22
N ARG E 674 -92.97 -44.48 -119.05
CA ARG E 674 -92.71 -45.91 -118.90
C ARG E 674 -94.02 -46.61 -118.55
N MET E 675 -94.92 -46.63 -119.53
CA MET E 675 -96.24 -47.21 -119.35
C MET E 675 -96.11 -48.69 -119.13
N SER E 676 -96.39 -49.11 -117.92
CA SER E 676 -96.36 -50.50 -117.53
C SER E 676 -97.69 -51.14 -117.87
N ALA E 677 -97.80 -52.44 -117.67
CA ALA E 677 -99.05 -53.13 -117.90
C ALA E 677 -99.95 -53.00 -116.68
N GLY E 678 -101.24 -52.92 -116.93
CA GLY E 678 -102.24 -52.79 -115.88
C GLY E 678 -102.55 -51.39 -115.41
N ASP E 679 -101.56 -50.48 -115.41
CA ASP E 679 -101.79 -49.12 -114.92
C ASP E 679 -102.82 -48.38 -115.82
N LYS E 680 -103.59 -47.49 -115.20
CA LYS E 680 -104.70 -46.77 -115.83
C LYS E 680 -104.20 -45.54 -116.55
N ILE E 681 -104.67 -45.30 -117.77
CA ILE E 681 -104.24 -44.17 -118.58
C ILE E 681 -105.44 -43.35 -119.06
N LEU E 682 -105.32 -42.01 -119.00
CA LEU E 682 -106.36 -41.10 -119.47
C LEU E 682 -105.93 -40.50 -120.80
N ILE E 683 -106.63 -40.84 -121.90
CA ILE E 683 -106.31 -40.35 -123.23
C ILE E 683 -107.32 -39.28 -123.65
N HIS E 684 -106.93 -38.00 -123.62
CA HIS E 684 -107.85 -36.94 -124.03
C HIS E 684 -107.98 -36.88 -125.56
N SER E 685 -109.23 -36.66 -126.07
CA SER E 685 -109.57 -36.54 -127.51
C SER E 685 -109.00 -37.74 -128.28
N ALA E 686 -109.40 -38.93 -127.82
CA ALA E 686 -108.91 -40.21 -128.29
C ALA E 686 -109.31 -40.60 -129.74
N THR E 687 -110.23 -39.85 -130.39
CA THR E 687 -110.64 -40.12 -131.76
C THR E 687 -109.65 -39.56 -132.80
N GLY E 688 -108.80 -38.64 -132.39
CA GLY E 688 -107.77 -38.05 -133.24
C GLY E 688 -106.57 -38.93 -133.55
N GLY E 689 -105.60 -38.37 -134.26
CA GLY E 689 -104.38 -39.08 -134.66
C GLY E 689 -103.53 -39.60 -133.53
N VAL E 690 -103.18 -38.70 -132.61
CA VAL E 690 -102.37 -39.02 -131.43
C VAL E 690 -103.21 -39.88 -130.46
N GLY E 691 -104.52 -39.63 -130.42
CA GLY E 691 -105.46 -40.39 -129.60
C GLY E 691 -105.54 -41.85 -130.00
N GLN E 692 -105.70 -42.09 -131.31
CA GLN E 692 -105.75 -43.46 -131.86
C GLN E 692 -104.41 -44.15 -131.66
N ALA E 693 -103.30 -43.42 -131.81
CA ALA E 693 -101.97 -43.96 -131.57
C ALA E 693 -101.78 -44.34 -130.09
N ALA E 694 -102.30 -43.48 -129.18
CA ALA E 694 -102.21 -43.71 -127.73
C ALA E 694 -102.96 -44.97 -127.34
N ILE E 695 -104.16 -45.16 -127.90
CA ILE E 695 -104.96 -46.36 -127.66
C ILE E 695 -104.15 -47.59 -128.07
N ALA E 696 -103.60 -47.55 -129.29
CA ALA E 696 -102.82 -48.66 -129.84
C ALA E 696 -101.72 -49.16 -128.89
N VAL E 697 -100.88 -48.24 -128.39
CA VAL E 697 -99.76 -48.62 -127.53
C VAL E 697 -100.27 -48.91 -126.11
N ALA E 698 -101.39 -48.27 -125.67
CA ALA E 698 -101.97 -48.56 -124.36
C ALA E 698 -102.57 -49.96 -124.35
N ARG E 699 -103.21 -50.34 -125.47
CA ARG E 699 -103.76 -51.69 -125.65
C ARG E 699 -102.61 -52.70 -125.70
N ALA E 700 -101.53 -52.33 -126.43
CA ALA E 700 -100.34 -53.17 -126.55
C ALA E 700 -99.67 -53.38 -125.20
N ALA E 701 -99.53 -52.30 -124.43
CA ALA E 701 -98.92 -52.33 -123.10
C ALA E 701 -99.78 -53.07 -122.09
N GLY E 702 -101.09 -53.14 -122.34
CA GLY E 702 -102.06 -53.78 -121.45
C GLY E 702 -102.57 -52.84 -120.38
N ALA E 703 -102.68 -51.54 -120.73
CA ALA E 703 -103.13 -50.50 -119.81
C ALA E 703 -104.64 -50.34 -119.90
N GLU E 704 -105.28 -49.95 -118.77
CA GLU E 704 -106.72 -49.73 -118.71
C GLU E 704 -107.01 -48.34 -119.24
N ILE E 705 -107.71 -48.23 -120.40
CA ILE E 705 -107.95 -46.93 -121.04
C ILE E 705 -109.22 -46.25 -120.49
N TYR E 706 -109.08 -44.94 -120.28
CA TYR E 706 -110.10 -43.98 -119.89
C TYR E 706 -109.98 -42.87 -120.93
N ALA E 707 -110.98 -42.68 -121.80
CA ALA E 707 -110.83 -41.71 -122.88
C ALA E 707 -111.85 -40.60 -122.82
N THR E 708 -111.59 -39.50 -123.55
CA THR E 708 -112.51 -38.37 -123.63
C THR E 708 -112.65 -37.92 -125.07
N ALA E 709 -113.76 -37.24 -125.38
CA ALA E 709 -114.03 -36.71 -126.72
C ALA E 709 -115.12 -35.65 -126.64
N GLY E 710 -115.12 -34.73 -127.59
CA GLY E 710 -116.03 -33.60 -127.61
C GLY E 710 -117.45 -33.91 -127.97
N SER E 711 -117.64 -34.44 -129.18
CA SER E 711 -118.98 -34.79 -129.69
C SER E 711 -119.52 -36.07 -129.08
N GLU E 712 -120.86 -36.22 -129.12
CA GLU E 712 -121.49 -37.44 -128.62
C GLU E 712 -121.20 -38.56 -129.62
N LYS E 713 -121.30 -38.25 -130.93
CA LYS E 713 -120.97 -39.19 -132.01
C LYS E 713 -119.53 -39.70 -131.83
N ARG E 714 -118.62 -38.80 -131.48
CA ARG E 714 -117.21 -39.14 -131.28
C ARG E 714 -117.03 -39.98 -130.02
N ARG E 715 -117.78 -39.67 -128.95
CA ARG E 715 -117.73 -40.46 -127.71
C ARG E 715 -118.27 -41.85 -127.99
N GLN E 716 -119.42 -41.94 -128.70
CA GLN E 716 -120.04 -43.23 -129.03
C GLN E 716 -119.11 -44.09 -129.87
N LEU E 717 -118.26 -43.49 -130.71
CA LEU E 717 -117.29 -44.27 -131.47
C LEU E 717 -116.32 -45.01 -130.54
N LEU E 718 -115.83 -44.31 -129.50
CA LEU E 718 -114.91 -44.91 -128.53
C LEU E 718 -115.59 -46.06 -127.81
N ARG E 719 -116.86 -45.86 -127.41
CA ARG E 719 -117.64 -46.91 -126.75
C ARG E 719 -117.77 -48.14 -127.68
N ASP E 720 -117.94 -47.89 -129.00
CA ASP E 720 -118.06 -48.95 -130.02
C ASP E 720 -116.70 -49.60 -130.30
N TRP E 721 -115.59 -48.83 -130.24
CA TRP E 721 -114.23 -49.37 -130.39
C TRP E 721 -113.87 -50.36 -129.28
N GLY E 722 -114.70 -50.46 -128.25
CA GLY E 722 -114.53 -51.38 -127.15
C GLY E 722 -113.84 -50.77 -125.95
N ILE E 723 -114.00 -49.45 -125.76
CA ILE E 723 -113.38 -48.77 -124.63
C ILE E 723 -114.52 -48.34 -123.71
N GLU E 724 -114.62 -48.99 -122.54
CA GLU E 724 -115.54 -48.63 -121.48
C GLU E 724 -114.86 -47.50 -120.75
N HIS E 725 -115.61 -46.53 -120.20
CA HIS E 725 -115.05 -45.36 -119.49
C HIS E 725 -114.71 -44.22 -120.50
N VAL E 726 -115.76 -43.66 -121.12
CA VAL E 726 -115.66 -42.54 -122.06
C VAL E 726 -116.34 -41.33 -121.42
N TYR E 727 -115.70 -40.14 -121.50
CA TYR E 727 -116.22 -38.91 -120.89
C TYR E 727 -116.12 -37.71 -121.85
N ASP E 728 -116.58 -36.50 -121.42
CA ASP E 728 -116.51 -35.31 -122.27
C ASP E 728 -115.18 -34.61 -122.01
N SER E 729 -114.47 -34.28 -123.10
CA SER E 729 -113.19 -33.59 -123.08
C SER E 729 -113.34 -32.07 -122.88
N ARG E 730 -114.52 -31.52 -123.21
CA ARG E 730 -114.79 -30.09 -123.09
C ARG E 730 -115.12 -29.61 -121.65
N THR E 731 -115.27 -30.53 -120.68
CA THR E 731 -115.61 -30.18 -119.31
C THR E 731 -114.60 -30.77 -118.33
N THR E 732 -114.73 -30.42 -117.04
CA THR E 732 -113.91 -30.97 -115.95
C THR E 732 -114.70 -32.09 -115.22
N ALA E 733 -115.66 -32.72 -115.93
CA ALA E 733 -116.49 -33.79 -115.39
C ALA E 733 -115.67 -35.02 -115.24
N PHE E 734 -115.00 -35.43 -116.34
CA PHE E 734 -114.16 -36.62 -116.39
C PHE E 734 -113.40 -36.87 -115.08
N ALA E 735 -112.85 -35.81 -114.42
CA ALA E 735 -112.09 -35.96 -113.18
C ALA E 735 -112.88 -36.67 -112.11
N ASP E 736 -113.98 -36.10 -111.66
CA ASP E 736 -114.80 -36.71 -110.59
C ASP E 736 -115.47 -38.00 -111.08
N GLN E 737 -115.82 -38.07 -112.37
CA GLN E 737 -116.43 -39.27 -112.94
C GLN E 737 -115.45 -40.45 -112.95
N ILE E 738 -114.17 -40.19 -113.28
CA ILE E 738 -113.13 -41.22 -113.27
C ILE E 738 -112.81 -41.58 -111.83
N ARG E 739 -112.78 -40.60 -110.93
CA ARG E 739 -112.55 -40.88 -109.50
C ARG E 739 -113.63 -41.86 -109.00
N THR E 740 -114.90 -41.66 -109.44
CA THR E 740 -115.99 -42.55 -109.08
C THR E 740 -115.87 -43.92 -109.76
N ASP E 741 -115.53 -43.93 -111.06
CA ASP E 741 -115.37 -45.16 -111.85
C ASP E 741 -114.06 -45.96 -111.50
N THR E 742 -113.19 -45.44 -110.61
CA THR E 742 -111.97 -46.12 -110.16
C THR E 742 -111.98 -46.30 -108.62
N ASP E 743 -113.13 -46.04 -107.96
CA ASP E 743 -113.29 -46.14 -106.51
C ASP E 743 -112.25 -45.26 -105.79
N GLY E 744 -112.18 -44.01 -106.22
CA GLY E 744 -111.29 -42.99 -105.67
C GLY E 744 -109.82 -43.07 -106.04
N TYR E 745 -109.38 -44.06 -106.84
CA TYR E 745 -107.97 -44.19 -107.17
C TYR E 745 -107.49 -43.14 -108.15
N GLY E 746 -108.26 -42.90 -109.19
CA GLY E 746 -107.88 -41.99 -110.26
C GLY E 746 -107.10 -42.77 -111.30
N VAL E 747 -106.22 -42.11 -112.05
CA VAL E 747 -105.41 -42.80 -113.06
C VAL E 747 -103.92 -42.76 -112.64
N ASP E 748 -103.05 -43.23 -113.54
CA ASP E 748 -101.60 -43.25 -113.37
C ASP E 748 -100.93 -42.36 -114.36
N ILE E 749 -101.29 -42.50 -115.64
CA ILE E 749 -100.76 -41.72 -116.74
C ILE E 749 -101.85 -40.83 -117.28
N VAL E 750 -101.50 -39.64 -117.77
CA VAL E 750 -102.46 -38.69 -118.36
C VAL E 750 -101.83 -38.07 -119.57
N LEU E 751 -102.32 -38.39 -120.77
CA LEU E 751 -101.80 -37.81 -122.00
C LEU E 751 -102.59 -36.53 -122.29
N ASN E 752 -102.19 -35.44 -121.62
CA ASN E 752 -102.89 -34.17 -121.66
C ASN E 752 -102.68 -33.31 -122.91
N SER E 753 -103.70 -33.31 -123.76
CA SER E 753 -103.80 -32.43 -124.92
C SER E 753 -104.71 -31.23 -124.58
N VAL E 754 -105.54 -31.36 -123.51
CA VAL E 754 -106.53 -30.35 -123.08
C VAL E 754 -105.85 -29.21 -122.27
N THR E 755 -106.61 -28.13 -121.96
CA THR E 755 -106.08 -26.93 -121.33
C THR E 755 -106.95 -26.28 -120.25
N GLY E 756 -106.30 -25.42 -119.48
CA GLY E 756 -106.91 -24.59 -118.46
C GLY E 756 -107.25 -25.34 -117.19
N PRO E 757 -108.50 -25.28 -116.72
CA PRO E 757 -108.87 -26.03 -115.51
C PRO E 757 -108.90 -27.54 -115.77
N ALA E 758 -109.00 -27.96 -117.05
CA ALA E 758 -109.00 -29.37 -117.42
C ALA E 758 -107.59 -29.96 -117.30
N GLN E 759 -106.56 -29.11 -117.38
CA GLN E 759 -105.18 -29.52 -117.18
C GLN E 759 -104.99 -29.76 -115.67
N ARG E 760 -105.34 -28.75 -114.88
CA ARG E 760 -105.28 -28.78 -113.41
C ARG E 760 -106.10 -29.97 -112.87
N ALA E 761 -107.32 -30.19 -113.41
CA ALA E 761 -108.21 -31.29 -113.01
C ALA E 761 -107.62 -32.67 -113.32
N GLY E 762 -106.89 -32.75 -114.43
CA GLY E 762 -106.21 -33.97 -114.85
C GLY E 762 -105.04 -34.32 -113.96
N LEU E 763 -104.30 -33.29 -113.49
CA LEU E 763 -103.18 -33.49 -112.57
C LEU E 763 -103.71 -33.97 -111.22
N GLU E 764 -104.77 -33.33 -110.74
CA GLU E 764 -105.40 -33.69 -109.48
C GLU E 764 -105.91 -35.12 -109.50
N LEU E 765 -106.31 -35.61 -110.70
CA LEU E 765 -106.81 -36.97 -110.90
C LEU E 765 -105.76 -38.08 -110.65
N LEU E 766 -104.60 -38.05 -111.35
CA LEU E 766 -103.59 -39.14 -111.26
C LEU E 766 -103.04 -39.27 -109.84
N ALA E 767 -102.77 -40.53 -109.42
CA ALA E 767 -102.40 -40.85 -108.05
C ALA E 767 -101.16 -41.72 -107.91
N PHE E 768 -100.19 -41.23 -107.10
CA PHE E 768 -98.94 -41.88 -106.66
C PHE E 768 -98.04 -42.16 -107.82
N GLY E 769 -98.39 -43.13 -108.67
CA GLY E 769 -97.64 -43.38 -109.90
C GLY E 769 -97.37 -42.06 -110.60
N GLY E 770 -98.44 -41.26 -110.71
CA GLY E 770 -98.47 -39.90 -111.23
C GLY E 770 -97.48 -39.56 -112.32
N ARG E 771 -97.92 -39.69 -113.57
CA ARG E 771 -97.09 -39.37 -114.73
C ARG E 771 -97.88 -38.50 -115.71
N PHE E 772 -97.87 -37.19 -115.48
CA PHE E 772 -98.58 -36.23 -116.33
C PHE E 772 -97.76 -35.88 -117.56
N VAL E 773 -98.21 -36.31 -118.75
CA VAL E 773 -97.50 -36.04 -120.01
C VAL E 773 -98.18 -34.90 -120.76
N GLU E 774 -97.69 -33.64 -120.60
CA GLU E 774 -98.30 -32.54 -121.33
C GLU E 774 -97.68 -32.38 -122.71
N ILE E 775 -98.49 -32.71 -123.74
CA ILE E 775 -98.16 -32.53 -125.15
C ILE E 775 -98.72 -31.14 -125.60
N GLY E 776 -99.83 -30.70 -124.99
CA GLY E 776 -100.44 -29.39 -125.25
C GLY E 776 -99.57 -28.19 -124.88
N LYS E 777 -99.19 -27.38 -125.88
CA LYS E 777 -98.31 -26.21 -125.68
C LYS E 777 -98.98 -24.93 -125.15
N ARG E 778 -100.31 -24.75 -125.33
CA ARG E 778 -101.00 -23.50 -124.96
C ARG E 778 -100.70 -23.00 -123.55
N ASP E 779 -100.84 -23.88 -122.55
CA ASP E 779 -100.66 -23.48 -121.15
C ASP E 779 -99.21 -23.19 -120.77
N ILE E 780 -98.25 -23.85 -121.42
CA ILE E 780 -96.83 -23.61 -121.18
C ILE E 780 -96.48 -22.21 -121.68
N TYR E 781 -96.73 -21.94 -122.97
CA TYR E 781 -96.44 -20.64 -123.58
C TYR E 781 -97.28 -19.48 -122.99
N ALA E 782 -98.34 -19.79 -122.25
CA ALA E 782 -99.15 -18.79 -121.54
C ALA E 782 -98.58 -18.46 -120.12
N ASP E 783 -97.54 -19.21 -119.65
CA ASP E 783 -96.93 -19.11 -118.31
C ASP E 783 -97.96 -19.33 -117.21
N THR E 784 -98.90 -20.28 -117.44
CA THR E 784 -99.92 -20.56 -116.45
C THR E 784 -99.24 -21.05 -115.19
N ARG E 785 -99.49 -20.38 -114.07
CA ARG E 785 -98.84 -20.75 -112.84
C ARG E 785 -99.56 -21.96 -112.27
N LEU E 786 -98.91 -23.12 -112.34
CA LEU E 786 -99.46 -24.41 -111.92
C LEU E 786 -99.16 -24.68 -110.47
N GLY E 787 -100.19 -24.97 -109.69
CA GLY E 787 -100.04 -25.30 -108.28
C GLY E 787 -99.27 -26.61 -108.10
N LEU E 788 -98.19 -26.57 -107.30
CA LEU E 788 -97.34 -27.74 -107.03
C LEU E 788 -97.89 -28.69 -105.94
N PHE E 789 -98.95 -28.34 -105.21
CA PHE E 789 -99.45 -29.20 -104.13
C PHE E 789 -99.79 -30.65 -104.54
N PRO E 790 -100.39 -30.92 -105.72
CA PRO E 790 -100.68 -32.33 -106.08
C PRO E 790 -99.44 -33.22 -106.20
N PHE E 791 -98.27 -32.62 -106.44
CA PHE E 791 -97.02 -33.36 -106.59
C PHE E 791 -96.57 -34.04 -105.29
N ARG E 792 -97.23 -33.78 -104.13
CA ARG E 792 -96.87 -34.44 -102.87
C ARG E 792 -96.94 -35.97 -102.98
N ARG E 793 -97.65 -36.52 -104.00
CA ARG E 793 -97.78 -37.96 -104.22
C ARG E 793 -96.76 -38.47 -105.29
N ASN E 794 -95.48 -38.02 -105.25
CA ASN E 794 -94.42 -38.46 -106.19
C ASN E 794 -94.82 -38.35 -107.70
N LEU E 795 -95.53 -37.27 -108.06
CA LEU E 795 -95.94 -37.05 -109.44
C LEU E 795 -94.75 -36.63 -110.30
N SER E 796 -94.90 -36.75 -111.61
CA SER E 796 -93.86 -36.43 -112.56
C SER E 796 -94.48 -35.73 -113.76
N PHE E 797 -94.07 -34.49 -114.04
CA PHE E 797 -94.58 -33.70 -115.15
C PHE E 797 -93.63 -33.81 -116.32
N TYR E 798 -94.13 -34.07 -117.53
CA TYR E 798 -93.26 -34.15 -118.70
C TYR E 798 -93.77 -33.24 -119.79
N ALA E 799 -92.93 -32.30 -120.22
CA ALA E 799 -93.25 -31.42 -121.32
C ALA E 799 -92.74 -32.06 -122.58
N VAL E 800 -93.54 -32.02 -123.65
CA VAL E 800 -93.16 -32.65 -124.92
C VAL E 800 -93.36 -31.63 -126.04
N ASP E 801 -92.31 -31.44 -126.86
CA ASP E 801 -92.29 -30.55 -128.02
C ASP E 801 -91.38 -31.16 -129.10
N LEU E 802 -91.87 -32.18 -129.80
CA LEU E 802 -91.14 -32.85 -130.88
C LEU E 802 -90.60 -31.84 -131.89
N ALA E 803 -91.34 -30.76 -132.15
CA ALA E 803 -90.93 -29.71 -133.10
C ALA E 803 -89.55 -29.11 -132.73
N LEU E 804 -89.41 -28.77 -131.46
CA LEU E 804 -88.21 -28.20 -130.88
C LEU E 804 -87.09 -29.24 -130.80
N MET E 805 -87.46 -30.50 -130.47
CA MET E 805 -86.54 -31.65 -130.43
C MET E 805 -85.87 -31.90 -131.76
N THR E 806 -86.58 -31.64 -132.89
CA THR E 806 -86.06 -31.78 -134.27
C THR E 806 -84.80 -30.93 -134.47
N VAL E 807 -84.71 -29.84 -133.69
CA VAL E 807 -83.61 -28.91 -133.75
C VAL E 807 -82.58 -29.21 -132.67
N THR E 808 -83.01 -29.37 -131.43
CA THR E 808 -82.10 -29.57 -130.29
C THR E 808 -81.43 -30.94 -130.25
N HIS E 809 -82.18 -32.02 -130.50
CA HIS E 809 -81.66 -33.39 -130.49
C HIS E 809 -82.25 -34.13 -131.67
N PRO E 810 -81.73 -33.82 -132.87
CA PRO E 810 -82.27 -34.45 -134.07
C PRO E 810 -82.04 -35.96 -134.11
N GLN E 811 -80.97 -36.48 -133.46
CA GLN E 811 -80.70 -37.92 -133.44
C GLN E 811 -81.79 -38.71 -132.70
N LYS E 812 -82.38 -38.12 -131.64
CA LYS E 812 -83.45 -38.77 -130.89
C LYS E 812 -84.74 -38.84 -131.71
N ILE E 813 -85.00 -37.82 -132.56
CA ILE E 813 -86.20 -37.78 -133.43
C ILE E 813 -86.11 -38.82 -134.59
N ARG E 814 -84.91 -39.08 -135.14
CA ARG E 814 -84.71 -40.06 -136.22
C ARG E 814 -84.92 -41.47 -135.68
N ASP E 815 -84.30 -41.78 -134.51
CA ASP E 815 -84.42 -43.08 -133.84
C ASP E 815 -85.88 -43.33 -133.39
N LEU E 816 -86.61 -42.26 -132.97
CA LEU E 816 -88.02 -42.30 -132.55
C LEU E 816 -88.95 -42.50 -133.75
N LEU E 817 -88.62 -41.90 -134.91
CA LEU E 817 -89.39 -42.13 -136.13
C LEU E 817 -89.07 -43.54 -136.65
N ALA E 818 -87.79 -43.95 -136.57
CA ALA E 818 -87.32 -45.25 -137.03
C ALA E 818 -87.94 -46.41 -136.26
N THR E 819 -88.09 -46.24 -134.93
CA THR E 819 -88.68 -47.28 -134.10
C THR E 819 -90.19 -47.41 -134.32
N VAL E 820 -90.93 -46.30 -134.55
CA VAL E 820 -92.38 -46.41 -134.78
C VAL E 820 -92.67 -47.00 -136.20
N TYR E 821 -91.79 -46.72 -137.19
CA TYR E 821 -91.91 -47.29 -138.55
C TYR E 821 -91.61 -48.79 -138.52
N ARG E 822 -90.73 -49.25 -137.60
CA ARG E 822 -90.42 -50.66 -137.44
C ARG E 822 -91.63 -51.36 -136.78
N LEU E 823 -92.11 -50.83 -135.64
CA LEU E 823 -93.25 -51.40 -134.91
C LEU E 823 -94.51 -51.54 -135.75
N ILE E 824 -94.80 -50.51 -136.54
CA ILE E 824 -96.01 -50.47 -137.37
C ILE E 824 -95.86 -51.45 -138.57
N ALA E 825 -94.65 -51.55 -139.17
CA ALA E 825 -94.38 -52.48 -140.30
C ALA E 825 -94.37 -53.94 -139.83
N ASP E 826 -93.83 -54.19 -138.61
CA ASP E 826 -93.80 -55.53 -137.97
C ASP E 826 -95.21 -56.01 -137.64
N GLY E 827 -96.13 -55.06 -137.43
CA GLY E 827 -97.50 -55.32 -137.04
C GLY E 827 -97.66 -55.28 -135.53
N THR E 828 -96.57 -54.93 -134.81
CA THR E 828 -96.57 -54.79 -133.34
C THR E 828 -97.64 -53.78 -132.94
N LEU E 829 -97.83 -52.73 -133.76
CA LEU E 829 -98.85 -51.72 -133.58
C LEU E 829 -99.70 -51.61 -134.83
N PRO E 830 -101.03 -51.45 -134.68
CA PRO E 830 -101.88 -51.31 -135.86
C PRO E 830 -102.03 -49.85 -136.24
N LEU E 831 -102.04 -49.55 -137.53
CA LEU E 831 -102.16 -48.17 -137.99
C LEU E 831 -103.61 -47.65 -137.75
N PRO E 832 -103.82 -46.31 -137.77
CA PRO E 832 -105.15 -45.77 -137.44
C PRO E 832 -106.01 -45.47 -138.66
N GLU E 833 -107.18 -44.83 -138.42
CA GLU E 833 -108.08 -44.40 -139.49
C GLU E 833 -107.34 -43.35 -140.33
N ILE E 834 -107.09 -43.66 -141.60
CA ILE E 834 -106.37 -42.76 -142.50
C ILE E 834 -107.30 -42.32 -143.62
N THR E 835 -107.57 -41.03 -143.67
CA THR E 835 -108.42 -40.43 -144.68
C THR E 835 -107.51 -39.67 -145.64
N HIS E 836 -107.46 -40.08 -146.91
CA HIS E 836 -106.58 -39.44 -147.88
C HIS E 836 -107.26 -38.25 -148.53
N TYR E 837 -106.49 -37.16 -148.73
CA TYR E 837 -106.95 -35.93 -149.38
C TYR E 837 -105.96 -35.48 -150.44
N PRO E 838 -106.38 -35.05 -151.63
CA PRO E 838 -105.38 -34.53 -152.58
C PRO E 838 -104.90 -33.16 -152.10
N LEU E 839 -103.72 -32.77 -152.54
CA LEU E 839 -103.13 -31.50 -152.12
C LEU E 839 -104.01 -30.27 -152.47
N GLU E 840 -104.87 -30.36 -153.50
CA GLU E 840 -105.80 -29.29 -153.88
C GLU E 840 -106.82 -29.04 -152.75
N GLU E 841 -107.41 -30.12 -152.21
CA GLU E 841 -108.41 -30.07 -151.13
C GLU E 841 -107.77 -30.02 -149.74
N ALA E 842 -106.62 -29.36 -149.62
CA ALA E 842 -105.97 -29.23 -148.32
C ALA E 842 -106.77 -28.25 -147.45
N ALA E 843 -107.25 -27.11 -148.04
CA ALA E 843 -108.04 -26.08 -147.35
C ALA E 843 -109.33 -26.64 -146.75
N THR E 844 -109.89 -27.67 -147.40
CA THR E 844 -111.11 -28.38 -146.97
C THR E 844 -110.79 -29.32 -145.81
N ALA E 845 -109.66 -30.03 -145.87
CA ALA E 845 -109.22 -30.92 -144.79
C ALA E 845 -108.98 -30.13 -143.48
N ILE E 846 -108.50 -28.86 -143.57
CA ILE E 846 -108.26 -28.01 -142.39
C ILE E 846 -109.60 -27.50 -141.84
N ARG E 847 -110.61 -27.20 -142.71
CA ARG E 847 -111.94 -26.79 -142.24
C ARG E 847 -112.62 -27.93 -141.46
N ILE E 848 -112.40 -29.19 -141.90
CA ILE E 848 -112.98 -30.38 -141.27
C ILE E 848 -112.27 -30.65 -139.94
N MET E 849 -110.93 -30.63 -139.94
CA MET E 849 -110.13 -30.85 -138.74
C MET E 849 -110.31 -29.69 -137.76
N GLY E 850 -110.45 -28.48 -138.28
CA GLY E 850 -110.65 -27.27 -137.51
C GLY E 850 -112.01 -27.22 -136.83
N GLY E 851 -112.99 -27.92 -137.38
CA GLY E 851 -114.33 -28.01 -136.81
C GLY E 851 -114.55 -29.25 -135.96
N ALA E 852 -113.47 -30.05 -135.70
CA ALA E 852 -113.52 -31.29 -134.92
C ALA E 852 -114.49 -32.33 -135.51
N GLN E 853 -114.75 -32.26 -136.82
CA GLN E 853 -115.65 -33.19 -137.53
C GLN E 853 -114.91 -34.50 -137.85
N HIS E 854 -113.59 -34.39 -138.09
CA HIS E 854 -112.73 -35.50 -138.47
C HIS E 854 -112.56 -36.60 -137.41
N THR E 855 -111.97 -37.73 -137.85
CA THR E 855 -111.61 -38.88 -137.03
C THR E 855 -110.34 -39.52 -137.60
N GLY E 856 -109.39 -39.80 -136.72
CA GLY E 856 -108.12 -40.40 -137.09
C GLY E 856 -107.14 -39.43 -137.72
N LYS E 857 -106.33 -39.94 -138.66
CA LYS E 857 -105.32 -39.12 -139.33
C LYS E 857 -105.78 -38.74 -140.73
N LEU E 858 -105.28 -37.57 -141.19
CA LEU E 858 -105.55 -36.99 -142.50
C LEU E 858 -104.23 -36.95 -143.28
N VAL E 859 -104.15 -37.61 -144.44
CA VAL E 859 -102.94 -37.67 -145.26
C VAL E 859 -103.11 -36.80 -146.50
N ILE E 860 -102.28 -35.74 -146.62
CA ILE E 860 -102.33 -34.88 -147.80
C ILE E 860 -101.46 -35.58 -148.89
N ASP E 861 -102.12 -36.00 -150.00
CA ASP E 861 -101.50 -36.75 -151.10
C ASP E 861 -100.85 -35.83 -152.09
N ILE E 862 -99.51 -35.95 -152.19
CA ILE E 862 -98.69 -35.17 -153.12
C ILE E 862 -98.90 -35.79 -154.51
N PRO E 863 -99.00 -35.00 -155.60
CA PRO E 863 -99.26 -35.60 -156.89
C PRO E 863 -98.09 -36.42 -157.45
N ASP E 864 -98.39 -37.70 -157.76
CA ASP E 864 -97.51 -38.64 -158.45
C ASP E 864 -97.72 -38.38 -159.93
N THR E 865 -96.81 -38.86 -160.80
CA THR E 865 -96.86 -38.74 -162.26
C THR E 865 -96.99 -37.25 -162.68
N GLY E 866 -97.05 -37.03 -163.98
CA GLY E 866 -97.10 -35.68 -164.52
C GLY E 866 -98.46 -35.03 -164.44
N GLN E 867 -98.46 -33.77 -163.99
CA GLN E 867 -99.60 -32.84 -163.97
C GLN E 867 -99.03 -31.48 -163.66
N SER E 868 -99.59 -30.41 -164.23
CA SER E 868 -99.09 -29.07 -164.00
C SER E 868 -100.18 -28.20 -163.37
N GLN E 869 -99.86 -27.55 -162.22
CA GLN E 869 -100.78 -26.67 -161.51
C GLN E 869 -100.19 -25.25 -161.47
N VAL E 870 -101.09 -24.27 -161.37
CA VAL E 870 -100.73 -22.85 -161.43
C VAL E 870 -100.09 -22.46 -160.08
N VAL E 871 -98.85 -21.92 -160.10
CA VAL E 871 -98.08 -21.57 -158.89
C VAL E 871 -97.84 -20.05 -158.79
N VAL E 872 -97.21 -19.59 -157.68
CA VAL E 872 -96.95 -18.17 -157.42
C VAL E 872 -95.54 -18.00 -156.78
N PRO E 873 -94.46 -17.68 -157.55
CA PRO E 873 -93.13 -17.49 -156.92
C PRO E 873 -93.01 -16.18 -156.13
N PRO E 874 -92.43 -16.19 -154.90
CA PRO E 874 -92.33 -14.95 -154.15
C PRO E 874 -91.01 -14.22 -154.48
N GLU E 875 -89.95 -14.36 -153.64
CA GLU E 875 -88.65 -13.72 -153.83
C GLU E 875 -87.59 -14.77 -154.11
N GLN E 876 -88.01 -16.05 -154.35
CA GLN E 876 -87.13 -17.14 -154.76
C GLN E 876 -86.71 -16.94 -156.22
N VAL E 877 -87.04 -15.75 -156.79
CA VAL E 877 -86.80 -15.42 -158.17
C VAL E 877 -85.30 -15.25 -158.42
N PRO E 878 -84.69 -16.08 -159.30
CA PRO E 878 -83.26 -15.94 -159.57
C PRO E 878 -83.01 -14.78 -160.53
N VAL E 879 -82.86 -13.57 -159.95
CA VAL E 879 -82.61 -12.37 -160.72
C VAL E 879 -81.15 -12.42 -161.20
N PHE E 880 -80.19 -12.08 -160.33
CA PHE E 880 -78.77 -12.07 -160.68
C PHE E 880 -78.14 -13.44 -160.38
N ARG E 881 -77.70 -14.16 -161.44
CA ARG E 881 -77.08 -15.49 -161.29
C ARG E 881 -75.80 -15.66 -162.14
N GLY E 882 -74.87 -16.46 -161.60
CA GLY E 882 -73.60 -16.78 -162.24
C GLY E 882 -73.72 -17.68 -163.44
N ASP E 883 -74.80 -18.50 -163.52
CA ASP E 883 -75.06 -19.42 -164.65
C ASP E 883 -75.94 -18.74 -165.74
N GLY E 884 -75.77 -17.44 -165.94
CA GLY E 884 -76.54 -16.70 -166.94
C GLY E 884 -75.93 -15.37 -167.32
N ALA E 885 -76.02 -15.00 -168.61
CA ALA E 885 -75.47 -13.75 -169.15
C ALA E 885 -76.50 -12.63 -169.13
N TYR E 886 -76.02 -11.37 -169.13
CA TYR E 886 -76.87 -10.18 -169.11
C TYR E 886 -76.42 -9.11 -170.12
N VAL E 887 -77.37 -8.30 -170.65
CA VAL E 887 -77.10 -7.23 -171.62
C VAL E 887 -77.61 -5.91 -171.06
N ILE E 888 -76.80 -4.84 -171.17
CA ILE E 888 -77.19 -3.52 -170.69
C ILE E 888 -76.90 -2.49 -171.77
N THR E 889 -77.95 -1.87 -172.33
CA THR E 889 -77.81 -0.82 -173.34
C THR E 889 -77.68 0.48 -172.57
N GLY E 890 -76.72 1.31 -172.95
CA GLY E 890 -76.41 2.55 -172.24
C GLY E 890 -75.70 2.21 -170.95
N GLY E 891 -74.81 1.21 -171.03
CA GLY E 891 -74.06 0.68 -169.90
C GLY E 891 -72.75 1.40 -169.62
N LEU E 892 -72.15 2.05 -170.63
CA LEU E 892 -70.89 2.76 -170.42
C LEU E 892 -71.09 4.09 -169.65
N GLY E 893 -72.34 4.50 -169.41
CA GLY E 893 -72.60 5.72 -168.67
C GLY E 893 -73.90 5.73 -167.91
N GLY E 894 -73.97 6.68 -166.97
CA GLY E 894 -75.15 6.92 -166.14
C GLY E 894 -75.50 5.79 -165.19
N LEU E 895 -76.78 5.38 -165.27
CA LEU E 895 -77.34 4.33 -164.42
C LEU E 895 -76.74 3.00 -164.79
N GLY E 896 -76.74 2.69 -166.09
CA GLY E 896 -76.22 1.44 -166.63
C GLY E 896 -74.85 1.03 -166.11
N LEU E 897 -73.93 2.00 -165.92
CA LEU E 897 -72.60 1.68 -165.39
C LEU E 897 -72.66 1.39 -163.88
N PHE E 898 -73.55 2.07 -163.12
CA PHE E 898 -73.74 1.82 -161.69
C PHE E 898 -74.42 0.46 -161.50
N LEU E 899 -75.47 0.18 -162.29
CA LEU E 899 -76.18 -1.10 -162.25
C LEU E 899 -75.25 -2.24 -162.62
N ALA E 900 -74.42 -2.07 -163.68
CA ALA E 900 -73.45 -3.09 -164.12
C ALA E 900 -72.46 -3.43 -163.00
N GLU E 901 -71.95 -2.39 -162.32
CA GLU E 901 -71.02 -2.53 -161.20
C GLU E 901 -71.72 -3.26 -160.02
N ARG E 902 -72.97 -2.89 -159.75
CA ARG E 902 -73.78 -3.49 -158.69
C ARG E 902 -74.13 -4.96 -159.05
N MET E 903 -74.43 -5.23 -160.33
CA MET E 903 -74.76 -6.57 -160.83
C MET E 903 -73.55 -7.50 -160.80
N ALA E 904 -72.37 -7.00 -161.20
CA ALA E 904 -71.11 -7.76 -161.16
C ALA E 904 -70.82 -8.18 -159.72
N ALA E 905 -71.06 -7.26 -158.76
CA ALA E 905 -70.91 -7.50 -157.32
C ALA E 905 -72.01 -8.45 -156.81
N ALA E 906 -73.25 -8.36 -157.34
CA ALA E 906 -74.37 -9.24 -156.96
C ALA E 906 -74.21 -10.69 -157.45
N GLY E 907 -73.20 -10.97 -158.29
CA GLY E 907 -72.92 -12.31 -158.78
C GLY E 907 -73.55 -12.59 -160.12
N CYS E 908 -72.96 -12.03 -161.18
CA CYS E 908 -73.43 -12.17 -162.55
C CYS E 908 -72.30 -12.69 -163.41
N GLY E 909 -72.56 -13.77 -164.13
CA GLY E 909 -71.58 -14.35 -165.03
C GLY E 909 -71.73 -13.74 -166.40
N ARG E 910 -70.77 -12.88 -166.81
CA ARG E 910 -70.74 -12.19 -168.12
C ARG E 910 -71.86 -11.12 -168.20
N ILE E 911 -71.47 -9.83 -168.32
CA ILE E 911 -72.38 -8.70 -168.48
C ILE E 911 -71.90 -7.90 -169.69
N VAL E 912 -72.64 -7.96 -170.83
CA VAL E 912 -72.27 -7.20 -172.03
C VAL E 912 -72.81 -5.78 -171.85
N VAL E 913 -71.93 -4.79 -171.92
CA VAL E 913 -72.27 -3.37 -171.76
C VAL E 913 -72.20 -2.73 -173.15
N ASN E 914 -73.12 -1.81 -173.44
CA ASN E 914 -73.21 -1.16 -174.75
C ASN E 914 -73.48 0.33 -174.64
N SER E 915 -72.96 1.07 -175.62
CA SER E 915 -73.12 2.50 -175.79
C SER E 915 -72.38 2.88 -177.07
N ARG E 916 -73.05 3.59 -177.99
CA ARG E 916 -72.47 3.95 -179.30
C ARG E 916 -71.10 4.64 -179.16
N SER E 917 -70.91 5.51 -178.14
CA SER E 917 -69.63 6.18 -177.89
C SER E 917 -68.65 5.24 -177.20
N ALA E 918 -67.35 5.42 -177.43
CA ALA E 918 -66.31 4.59 -176.81
C ALA E 918 -66.24 4.86 -175.30
N PRO E 919 -65.64 3.95 -174.49
CA PRO E 919 -65.59 4.21 -173.03
C PRO E 919 -64.74 5.42 -172.64
N SER E 920 -65.24 6.21 -171.70
CA SER E 920 -64.51 7.39 -171.19
C SER E 920 -63.33 6.95 -170.31
N THR E 921 -62.48 7.91 -169.92
CA THR E 921 -61.33 7.64 -169.07
C THR E 921 -61.76 7.16 -167.67
N ARG E 922 -62.83 7.74 -167.10
CA ARG E 922 -63.34 7.32 -165.79
C ARG E 922 -64.14 6.01 -165.92
N SER E 923 -64.83 5.80 -167.06
CA SER E 923 -65.62 4.60 -167.31
C SER E 923 -64.70 3.39 -167.44
N SER E 924 -63.58 3.53 -168.19
CA SER E 924 -62.59 2.46 -168.36
C SER E 924 -61.99 2.03 -167.01
N GLU E 925 -61.76 2.99 -166.09
CA GLU E 925 -61.22 2.70 -164.74
C GLU E 925 -62.21 1.86 -163.91
N ILE E 926 -63.52 2.12 -164.05
CA ILE E 926 -64.56 1.39 -163.32
C ILE E 926 -64.65 -0.04 -163.86
N ILE E 927 -64.53 -0.22 -165.19
CA ILE E 927 -64.59 -1.55 -165.81
C ILE E 927 -63.34 -2.38 -165.42
N GLU E 928 -62.17 -1.73 -165.30
CA GLU E 928 -60.92 -2.41 -164.92
C GLU E 928 -61.02 -3.04 -163.52
N LEU E 929 -61.46 -2.25 -162.53
CA LEU E 929 -61.59 -2.75 -161.14
C LEU E 929 -62.70 -3.82 -161.01
N ILE E 930 -63.75 -3.80 -161.86
CA ILE E 930 -64.79 -4.83 -161.82
C ILE E 930 -64.22 -6.15 -162.37
N ARG E 931 -63.50 -6.08 -163.52
CA ARG E 931 -62.88 -7.26 -164.12
C ARG E 931 -61.79 -7.82 -163.21
N ALA E 932 -61.05 -6.94 -162.50
CA ALA E 932 -60.02 -7.35 -161.55
C ALA E 932 -60.64 -8.17 -160.40
N THR E 933 -61.86 -7.79 -159.98
CA THR E 933 -62.59 -8.49 -158.92
C THR E 933 -63.54 -9.54 -159.55
N GLY E 934 -62.94 -10.56 -160.15
CA GLY E 934 -63.64 -11.67 -160.76
C GLY E 934 -64.47 -11.37 -162.00
N ALA E 935 -65.82 -11.27 -161.80
CA ALA E 935 -66.87 -11.07 -162.83
C ALA E 935 -66.38 -10.33 -164.07
N ASP E 936 -66.47 -10.97 -165.25
CA ASP E 936 -66.01 -10.37 -166.51
C ASP E 936 -67.08 -9.46 -167.09
N ILE E 937 -66.64 -8.34 -167.68
CA ILE E 937 -67.46 -7.28 -168.25
C ILE E 937 -67.01 -7.05 -169.68
N VAL E 938 -67.83 -7.42 -170.63
CA VAL E 938 -67.52 -7.21 -172.03
C VAL E 938 -68.16 -5.91 -172.46
N VAL E 939 -67.50 -5.21 -173.39
CA VAL E 939 -67.97 -3.95 -173.93
C VAL E 939 -68.05 -4.10 -175.43
N GLU E 940 -69.28 -4.03 -175.96
CA GLU E 940 -69.56 -4.10 -177.39
C GLU E 940 -70.32 -2.84 -177.74
N CYS E 941 -69.65 -1.90 -178.42
CA CYS E 941 -70.28 -0.62 -178.78
C CYS E 941 -71.12 -0.78 -180.02
N GLY E 942 -72.07 0.12 -180.17
CA GLY E 942 -72.98 0.15 -181.30
C GLY E 942 -74.22 0.98 -181.04
N ASP E 943 -74.86 1.43 -182.13
CA ASP E 943 -76.08 2.21 -182.07
C ASP E 943 -77.25 1.23 -182.08
N ILE E 944 -77.86 0.96 -180.91
CA ILE E 944 -79.03 0.05 -180.77
C ILE E 944 -80.14 0.31 -181.78
N ALA E 945 -80.28 1.58 -182.26
CA ALA E 945 -81.25 1.92 -183.31
C ALA E 945 -81.00 1.09 -184.58
N GLU E 946 -79.70 0.75 -184.86
CA GLU E 946 -79.35 -0.17 -185.95
C GLU E 946 -79.64 -1.59 -185.48
N PRO E 947 -80.24 -2.45 -186.33
CA PRO E 947 -80.61 -3.80 -185.87
C PRO E 947 -79.43 -4.70 -185.57
N ASP E 948 -78.36 -4.65 -186.39
CA ASP E 948 -77.16 -5.50 -186.22
C ASP E 948 -76.51 -5.36 -184.85
N THR E 949 -76.63 -4.18 -184.20
CA THR E 949 -76.10 -3.94 -182.87
C THR E 949 -76.78 -4.87 -181.85
N ALA E 950 -78.11 -4.92 -181.83
CA ALA E 950 -78.85 -5.80 -180.91
C ALA E 950 -78.44 -7.28 -181.03
N LEU E 951 -78.17 -7.74 -182.25
CA LEU E 951 -77.78 -9.12 -182.53
C LEU E 951 -76.35 -9.39 -182.07
N ARG E 952 -75.45 -8.45 -182.35
CA ARG E 952 -74.03 -8.50 -181.97
C ARG E 952 -73.90 -8.61 -180.44
N LEU E 953 -74.70 -7.80 -179.70
CA LEU E 953 -74.76 -7.80 -178.23
C LEU E 953 -75.18 -9.17 -177.68
N VAL E 954 -76.28 -9.70 -178.21
CA VAL E 954 -76.85 -10.98 -177.82
C VAL E 954 -75.87 -12.13 -178.10
N ALA E 955 -75.26 -12.14 -179.27
CA ALA E 955 -74.28 -13.17 -179.65
C ALA E 955 -73.04 -13.12 -178.74
N ALA E 956 -72.60 -11.91 -178.39
CA ALA E 956 -71.44 -11.70 -177.51
C ALA E 956 -71.70 -12.17 -176.06
N ALA E 957 -72.91 -11.92 -175.53
CA ALA E 957 -73.27 -12.31 -174.16
C ALA E 957 -73.43 -13.84 -174.03
N THR E 958 -73.90 -14.51 -175.10
CA THR E 958 -74.08 -15.98 -175.14
C THR E 958 -72.74 -16.72 -175.31
N GLN E 959 -71.87 -16.23 -176.22
CA GLN E 959 -70.53 -16.75 -176.56
C GLN E 959 -69.82 -17.60 -175.45
N THR E 960 -69.80 -17.11 -174.20
CA THR E 960 -69.16 -17.77 -173.03
C THR E 960 -69.91 -19.02 -172.47
N GLY E 961 -70.63 -19.76 -173.33
CA GLY E 961 -71.48 -20.88 -172.93
C GLY E 961 -72.53 -20.60 -171.86
N LEU E 962 -73.03 -19.34 -171.76
CA LEU E 962 -74.02 -18.95 -170.75
C LEU E 962 -75.29 -18.46 -171.43
N PRO E 963 -76.50 -18.98 -171.10
CA PRO E 963 -77.71 -18.46 -171.76
C PRO E 963 -78.07 -17.06 -171.27
N LEU E 964 -78.63 -16.24 -172.16
CA LEU E 964 -79.06 -14.89 -171.81
C LEU E 964 -80.20 -14.98 -170.82
N ARG E 965 -80.04 -14.40 -169.62
CA ARG E 965 -81.07 -14.44 -168.57
C ARG E 965 -81.72 -13.06 -168.30
N GLY E 966 -81.30 -12.00 -168.99
CA GLY E 966 -81.91 -10.71 -168.75
C GLY E 966 -81.37 -9.58 -169.60
N VAL E 967 -82.19 -8.53 -169.79
CA VAL E 967 -81.85 -7.35 -170.58
C VAL E 967 -82.24 -6.08 -169.81
N LEU E 968 -81.54 -4.99 -170.10
CA LEU E 968 -81.80 -3.68 -169.51
C LEU E 968 -81.69 -2.64 -170.61
N HIS E 969 -82.74 -1.83 -170.82
CA HIS E 969 -82.75 -0.83 -171.88
C HIS E 969 -82.59 0.60 -171.29
N ALA E 970 -81.38 0.88 -170.77
CA ALA E 970 -81.05 2.20 -170.22
C ALA E 970 -80.64 3.19 -171.33
N ALA E 971 -80.33 2.69 -172.55
CA ALA E 971 -79.93 3.54 -173.68
C ALA E 971 -80.93 4.65 -173.90
N ALA E 972 -80.47 5.92 -173.88
CA ALA E 972 -81.36 7.06 -174.01
C ALA E 972 -80.66 8.34 -174.46
N VAL E 973 -81.41 9.16 -175.21
CA VAL E 973 -80.99 10.48 -175.68
C VAL E 973 -82.00 11.45 -175.10
N VAL E 974 -81.53 12.58 -174.56
CA VAL E 974 -82.38 13.59 -173.95
C VAL E 974 -82.10 14.96 -174.56
N GLU E 975 -82.97 15.40 -175.48
CA GLU E 975 -82.92 16.70 -176.12
C GLU E 975 -84.24 17.37 -175.75
N ASP E 976 -84.18 18.36 -174.87
CA ASP E 976 -85.37 19.04 -174.35
C ASP E 976 -85.60 20.35 -175.07
N ALA E 977 -86.87 20.67 -175.33
CA ALA E 977 -87.28 21.91 -175.98
C ALA E 977 -88.75 22.21 -175.73
N THR E 978 -89.12 23.50 -175.73
CA THR E 978 -90.50 23.93 -175.54
C THR E 978 -91.29 23.59 -176.80
N LEU E 979 -92.61 23.37 -176.67
CA LEU E 979 -93.49 23.01 -177.79
C LEU E 979 -93.25 23.87 -179.05
N ALA E 980 -92.95 25.17 -178.85
CA ALA E 980 -92.68 26.09 -179.95
C ALA E 980 -91.40 25.73 -180.73
N ASN E 981 -90.32 25.29 -180.04
CA ASN E 981 -89.06 24.97 -180.70
C ASN E 981 -88.71 23.45 -180.65
N ILE E 982 -89.73 22.56 -180.74
CA ILE E 982 -89.50 21.12 -180.83
C ILE E 982 -89.43 20.81 -182.32
N THR E 983 -88.23 20.57 -182.86
CA THR E 983 -88.06 20.30 -184.28
C THR E 983 -88.44 18.85 -184.59
N ASP E 984 -88.69 18.57 -185.88
CA ASP E 984 -89.03 17.24 -186.35
C ASP E 984 -87.83 16.28 -186.23
N GLU E 985 -86.61 16.84 -186.33
CA GLU E 985 -85.35 16.10 -186.23
C GLU E 985 -85.11 15.70 -184.79
N LEU E 986 -85.36 16.63 -183.84
CA LEU E 986 -85.21 16.41 -182.39
C LEU E 986 -86.10 15.28 -181.87
N VAL E 987 -87.28 15.06 -182.49
CA VAL E 987 -88.18 13.98 -182.09
C VAL E 987 -87.48 12.64 -182.35
N GLU E 988 -86.94 12.45 -183.57
CA GLU E 988 -86.26 11.22 -183.96
C GLU E 988 -84.98 10.98 -183.12
N HIS E 989 -84.31 12.05 -182.64
CA HIS E 989 -83.10 11.89 -181.81
C HIS E 989 -83.42 11.17 -180.49
N ASP E 990 -84.51 11.57 -179.82
CA ASP E 990 -84.96 10.99 -178.53
C ASP E 990 -85.70 9.66 -178.72
N TRP E 991 -86.50 9.57 -179.79
CA TRP E 991 -87.32 8.42 -180.13
C TRP E 991 -86.49 7.19 -180.53
N ALA E 992 -85.49 7.38 -181.39
CA ALA E 992 -84.68 6.28 -181.95
C ALA E 992 -84.06 5.31 -180.94
N PRO E 993 -83.29 5.74 -179.93
CA PRO E 993 -82.69 4.76 -178.99
C PRO E 993 -83.72 4.07 -178.11
N LYS E 994 -84.78 4.78 -177.70
CA LYS E 994 -85.78 4.23 -176.80
C LYS E 994 -86.66 3.21 -177.50
N VAL E 995 -87.34 3.60 -178.60
CA VAL E 995 -88.28 2.71 -179.27
C VAL E 995 -87.59 1.76 -180.27
N TYR E 996 -86.72 2.26 -181.18
CA TYR E 996 -86.10 1.36 -182.17
C TYR E 996 -85.15 0.38 -181.51
N GLY E 997 -84.49 0.80 -180.44
CA GLY E 997 -83.62 -0.09 -179.69
C GLY E 997 -84.40 -1.20 -179.00
N ALA E 998 -85.54 -0.84 -178.37
CA ALA E 998 -86.40 -1.80 -177.69
C ALA E 998 -86.93 -2.87 -178.63
N TRP E 999 -87.32 -2.47 -179.85
CA TRP E 999 -87.82 -3.41 -180.84
C TRP E 999 -86.70 -4.29 -181.38
N ASN E 1000 -85.51 -3.70 -181.65
CA ASN E 1000 -84.35 -4.47 -182.15
C ASN E 1000 -83.86 -5.44 -181.09
N LEU E 1001 -83.98 -5.08 -179.80
CA LEU E 1001 -83.62 -5.98 -178.69
C LEU E 1001 -84.59 -7.15 -178.66
N HIS E 1002 -85.91 -6.84 -178.69
CA HIS E 1002 -86.96 -7.85 -178.69
C HIS E 1002 -86.73 -8.85 -179.82
N GLN E 1003 -86.54 -8.34 -181.04
CA GLN E 1003 -86.29 -9.19 -182.21
C GLN E 1003 -85.01 -10.02 -182.04
N ALA E 1004 -83.91 -9.42 -181.56
CA ALA E 1004 -82.63 -10.13 -181.35
C ALA E 1004 -82.79 -11.33 -180.41
N VAL E 1005 -83.69 -11.20 -179.42
CA VAL E 1005 -84.00 -12.25 -178.44
C VAL E 1005 -84.78 -13.38 -179.12
N GLN E 1006 -85.83 -13.07 -179.91
CA GLN E 1006 -86.62 -14.10 -180.62
C GLN E 1006 -85.75 -14.78 -181.69
N SER E 1007 -85.01 -13.96 -182.46
CA SER E 1007 -84.08 -14.37 -183.52
C SER E 1007 -83.02 -15.33 -183.00
N GLY E 1008 -82.55 -15.08 -181.77
CA GLY E 1008 -81.58 -15.94 -181.12
C GLY E 1008 -82.11 -17.35 -180.90
N GLY E 1009 -81.20 -18.28 -180.69
CA GLY E 1009 -81.51 -19.70 -180.52
C GLY E 1009 -82.12 -20.04 -179.17
N PRO E 1010 -81.84 -21.24 -178.63
CA PRO E 1010 -82.41 -21.61 -177.33
C PRO E 1010 -81.76 -20.87 -176.16
N ALA E 1011 -80.53 -20.33 -176.35
CA ALA E 1011 -79.81 -19.57 -175.33
C ALA E 1011 -80.57 -18.30 -174.91
N THR E 1012 -81.16 -17.61 -175.89
CA THR E 1012 -81.93 -16.38 -175.65
C THR E 1012 -83.37 -16.67 -175.20
N SER E 1013 -83.94 -17.83 -175.59
CA SER E 1013 -85.31 -18.22 -175.26
C SER E 1013 -85.44 -18.82 -173.83
N GLU E 1014 -84.65 -18.32 -172.85
CA GLU E 1014 -84.67 -18.74 -171.46
C GLU E 1014 -84.58 -17.54 -170.48
N LEU E 1015 -84.78 -16.28 -170.95
CA LEU E 1015 -84.56 -15.14 -170.06
C LEU E 1015 -85.70 -14.93 -169.07
N ASP E 1016 -85.30 -14.40 -167.89
CA ASP E 1016 -86.13 -14.16 -166.72
C ASP E 1016 -86.81 -12.80 -166.79
N TRP E 1017 -86.08 -11.77 -167.28
CA TRP E 1017 -86.62 -10.42 -167.36
C TRP E 1017 -86.16 -9.69 -168.61
N PHE E 1018 -86.84 -8.57 -168.88
CA PHE E 1018 -86.54 -7.66 -169.98
C PHE E 1018 -87.00 -6.30 -169.51
N CYS E 1019 -86.08 -5.51 -168.99
CA CYS E 1019 -86.42 -4.25 -168.36
C CYS E 1019 -86.08 -3.08 -169.24
N ALA E 1020 -86.84 -1.99 -169.08
CA ALA E 1020 -86.68 -0.76 -169.84
C ALA E 1020 -86.82 0.44 -168.95
N PHE E 1021 -85.74 1.19 -168.77
CA PHE E 1021 -85.78 2.37 -167.92
C PHE E 1021 -86.51 3.50 -168.64
N SER E 1022 -87.66 3.91 -168.11
CA SER E 1022 -88.51 4.98 -168.65
C SER E 1022 -88.24 6.26 -167.82
N SER E 1023 -89.15 7.26 -167.85
CA SER E 1023 -89.00 8.50 -167.08
C SER E 1023 -90.33 8.89 -166.42
N ALA E 1024 -90.24 9.50 -165.22
CA ALA E 1024 -91.40 9.99 -164.48
C ALA E 1024 -91.99 11.23 -165.16
N ALA E 1025 -91.20 11.93 -165.99
CA ALA E 1025 -91.65 13.08 -166.77
C ALA E 1025 -92.73 12.68 -167.77
N ALA E 1026 -92.68 11.43 -168.29
CA ALA E 1026 -93.71 10.91 -169.20
C ALA E 1026 -95.06 10.76 -168.48
N LEU E 1027 -94.99 10.30 -167.23
CA LEU E 1027 -96.16 10.09 -166.36
C LEU E 1027 -96.83 11.40 -165.94
N VAL E 1028 -96.05 12.35 -165.37
CA VAL E 1028 -96.58 13.64 -164.87
C VAL E 1028 -96.69 14.68 -165.97
N GLY E 1029 -95.65 14.81 -166.80
CA GLY E 1029 -95.59 15.78 -167.88
C GLY E 1029 -94.67 16.94 -167.60
N SER E 1030 -93.39 16.65 -167.28
CA SER E 1030 -92.40 17.71 -167.01
C SER E 1030 -92.25 18.60 -168.26
N PRO E 1031 -92.60 19.91 -168.19
CA PRO E 1031 -92.52 20.75 -169.40
C PRO E 1031 -91.11 20.85 -169.96
N GLY E 1032 -91.02 20.96 -171.28
CA GLY E 1032 -89.76 21.03 -172.01
C GLY E 1032 -89.30 19.68 -172.51
N GLN E 1033 -89.72 18.57 -171.87
CA GLN E 1033 -89.31 17.22 -172.28
C GLN E 1033 -90.00 16.89 -173.61
N GLY E 1034 -91.32 16.71 -173.59
CA GLY E 1034 -92.15 16.45 -174.77
C GLY E 1034 -91.72 15.29 -175.65
N ALA E 1035 -90.68 15.51 -176.46
CA ALA E 1035 -90.10 14.50 -177.35
C ALA E 1035 -89.58 13.30 -176.57
N TYR E 1036 -88.88 13.55 -175.44
CA TYR E 1036 -88.36 12.48 -174.57
C TYR E 1036 -89.52 11.79 -173.85
N ALA E 1037 -90.56 12.56 -173.47
CA ALA E 1037 -91.75 12.02 -172.81
C ALA E 1037 -92.53 11.07 -173.71
N ALA E 1038 -92.70 11.46 -174.99
CA ALA E 1038 -93.44 10.65 -175.96
C ALA E 1038 -92.73 9.33 -176.29
N ALA E 1039 -91.38 9.36 -176.41
CA ALA E 1039 -90.57 8.17 -176.67
C ALA E 1039 -90.72 7.13 -175.58
N ASN E 1040 -90.80 7.60 -174.33
CA ASN E 1040 -91.01 6.73 -173.17
C ASN E 1040 -92.44 6.16 -173.12
N SER E 1041 -93.47 6.96 -173.46
CA SER E 1041 -94.88 6.50 -173.45
C SER E 1041 -95.08 5.32 -174.39
N TRP E 1042 -94.37 5.31 -175.54
CA TRP E 1042 -94.40 4.21 -176.51
C TRP E 1042 -93.72 2.99 -175.89
N LEU E 1043 -92.50 3.20 -175.38
CA LEU E 1043 -91.68 2.17 -174.74
C LEU E 1043 -92.41 1.52 -173.54
N ASP E 1044 -93.21 2.31 -172.79
CA ASP E 1044 -93.99 1.81 -171.65
C ASP E 1044 -95.12 0.91 -172.15
N ALA E 1045 -95.81 1.31 -173.22
CA ALA E 1045 -96.89 0.53 -173.84
C ALA E 1045 -96.33 -0.72 -174.52
N PHE E 1046 -95.11 -0.63 -175.11
CA PHE E 1046 -94.44 -1.76 -175.76
C PHE E 1046 -94.20 -2.91 -174.77
N MET E 1047 -93.89 -2.57 -173.52
CA MET E 1047 -93.66 -3.58 -172.49
C MET E 1047 -94.97 -4.29 -172.12
N GLN E 1048 -96.10 -3.54 -172.07
CA GLN E 1048 -97.41 -4.16 -171.79
C GLN E 1048 -97.82 -5.06 -172.95
N TRP E 1049 -97.44 -4.69 -174.20
CA TRP E 1049 -97.69 -5.50 -175.39
C TRP E 1049 -96.83 -6.76 -175.34
N ARG E 1050 -95.55 -6.62 -174.97
CA ARG E 1050 -94.60 -7.73 -174.87
C ARG E 1050 -95.08 -8.73 -173.79
N ARG E 1051 -95.60 -8.23 -172.66
CA ARG E 1051 -96.16 -9.06 -171.59
C ARG E 1051 -97.40 -9.77 -172.09
N ALA E 1052 -98.26 -9.07 -172.85
CA ALA E 1052 -99.48 -9.65 -173.44
C ALA E 1052 -99.14 -10.83 -174.36
N GLN E 1053 -98.03 -10.74 -175.14
CA GLN E 1053 -97.60 -11.83 -176.02
C GLN E 1053 -97.13 -13.07 -175.22
N GLY E 1054 -96.78 -12.88 -173.95
CA GLY E 1054 -96.34 -13.94 -173.04
C GLY E 1054 -94.93 -13.73 -172.57
N LEU E 1055 -94.12 -13.00 -173.37
CA LEU E 1055 -92.72 -12.71 -173.07
C LEU E 1055 -92.61 -11.91 -171.77
N PRO E 1056 -91.50 -12.02 -171.02
CA PRO E 1056 -91.36 -11.21 -169.81
C PRO E 1056 -91.10 -9.76 -170.17
N ALA E 1057 -91.58 -8.82 -169.35
CA ALA E 1057 -91.40 -7.40 -169.66
C ALA E 1057 -91.59 -6.52 -168.44
N THR E 1058 -90.76 -5.46 -168.32
CA THR E 1058 -90.80 -4.51 -167.22
C THR E 1058 -90.40 -3.10 -167.68
N SER E 1059 -90.98 -2.06 -167.04
CA SER E 1059 -90.65 -0.66 -167.28
C SER E 1059 -90.60 0.07 -165.94
N ILE E 1060 -89.56 0.89 -165.72
CA ILE E 1060 -89.40 1.62 -164.46
C ILE E 1060 -89.26 3.11 -164.75
N ALA E 1061 -90.34 3.88 -164.55
CA ALA E 1061 -90.30 5.33 -164.75
C ALA E 1061 -89.55 5.98 -163.58
N TRP E 1062 -88.25 6.25 -163.79
CA TRP E 1062 -87.38 6.80 -162.75
C TRP E 1062 -87.55 8.30 -162.50
N GLY E 1063 -87.15 8.72 -161.31
CA GLY E 1063 -87.17 10.11 -160.86
C GLY E 1063 -85.82 10.76 -161.05
N ALA E 1064 -85.43 11.65 -160.11
CA ALA E 1064 -84.16 12.39 -160.19
C ALA E 1064 -83.03 11.72 -159.38
N TRP E 1065 -82.00 11.18 -160.05
CA TRP E 1065 -80.89 10.49 -159.37
C TRP E 1065 -79.78 11.46 -158.91
N GLY E 1066 -79.06 11.05 -157.86
CA GLY E 1066 -77.99 11.83 -157.26
C GLY E 1066 -76.67 11.85 -158.01
N GLU E 1067 -76.08 10.66 -158.26
CA GLU E 1067 -74.79 10.52 -158.94
C GLU E 1067 -74.73 9.22 -159.75
N ASN E 1079 -86.99 13.96 -151.67
CA ASN E 1079 -86.15 14.89 -152.39
C ASN E 1079 -85.03 14.14 -153.13
N ALA E 1080 -85.23 13.87 -154.43
CA ALA E 1080 -84.28 13.19 -155.34
C ALA E 1080 -83.89 11.76 -154.90
N ILE E 1081 -83.99 10.79 -155.83
CA ILE E 1081 -83.61 9.38 -155.55
C ILE E 1081 -82.06 9.27 -155.44
N ALA E 1082 -81.59 8.46 -154.48
CA ALA E 1082 -80.18 8.20 -154.22
C ALA E 1082 -79.69 7.02 -155.07
N PRO E 1083 -78.36 6.84 -155.23
CA PRO E 1083 -77.88 5.70 -156.05
C PRO E 1083 -78.21 4.32 -155.46
N ASP E 1084 -77.81 4.04 -154.20
CA ASP E 1084 -78.07 2.74 -153.56
C ASP E 1084 -79.57 2.52 -153.25
N GLU E 1085 -80.37 3.60 -153.23
CA GLU E 1085 -81.82 3.56 -153.02
C GLU E 1085 -82.53 2.92 -154.23
N GLY E 1086 -82.10 3.29 -155.43
CA GLY E 1086 -82.63 2.76 -156.68
C GLY E 1086 -82.18 1.34 -157.00
N ALA E 1087 -80.95 0.96 -156.55
CA ALA E 1087 -80.42 -0.40 -156.78
C ALA E 1087 -81.31 -1.46 -156.13
N TYR E 1088 -81.79 -1.18 -154.89
CA TYR E 1088 -82.69 -2.06 -154.15
C TYR E 1088 -84.06 -2.08 -154.80
N ALA E 1089 -84.54 -0.91 -155.23
CA ALA E 1089 -85.83 -0.79 -155.90
C ALA E 1089 -85.86 -1.57 -157.20
N PHE E 1090 -84.83 -1.38 -158.05
CA PHE E 1090 -84.68 -2.10 -159.31
C PHE E 1090 -84.73 -3.62 -159.08
N GLU E 1091 -83.85 -4.16 -158.22
CA GLU E 1091 -83.80 -5.59 -157.85
C GLU E 1091 -85.18 -6.09 -157.34
N ALA E 1092 -85.85 -5.28 -156.49
CA ALA E 1092 -87.16 -5.62 -155.91
C ALA E 1092 -88.27 -5.68 -156.97
N ILE E 1093 -88.31 -4.68 -157.87
CA ILE E 1093 -89.28 -4.59 -158.95
C ILE E 1093 -89.13 -5.80 -159.89
N LEU E 1094 -87.89 -6.30 -160.09
CA LEU E 1094 -87.63 -7.46 -160.95
C LEU E 1094 -88.15 -8.78 -160.34
N ARG E 1095 -88.21 -8.91 -159.01
CA ARG E 1095 -88.76 -10.12 -158.42
C ARG E 1095 -90.30 -10.14 -158.58
N HIS E 1096 -90.97 -8.95 -158.66
CA HIS E 1096 -92.43 -8.85 -158.81
C HIS E 1096 -92.83 -8.78 -160.30
N ASP E 1097 -94.10 -9.06 -160.65
CA ASP E 1097 -94.53 -9.11 -162.05
C ASP E 1097 -95.58 -8.04 -162.37
N ARG E 1098 -95.23 -6.77 -162.17
CA ARG E 1098 -96.09 -5.65 -162.53
C ARG E 1098 -95.33 -4.93 -163.63
N VAL E 1099 -95.87 -4.92 -164.87
CA VAL E 1099 -95.18 -4.36 -166.02
C VAL E 1099 -94.81 -2.89 -165.82
N TYR E 1100 -95.78 -2.04 -165.43
CA TYR E 1100 -95.49 -0.62 -165.21
C TYR E 1100 -95.29 -0.28 -163.73
N ASN E 1101 -94.10 0.25 -163.43
CA ASN E 1101 -93.67 0.70 -162.12
C ASN E 1101 -93.18 2.14 -162.25
N GLY E 1102 -93.30 2.92 -161.18
CA GLY E 1102 -92.89 4.32 -161.19
C GLY E 1102 -92.20 4.77 -159.92
N TYR E 1103 -90.88 4.67 -159.88
CA TYR E 1103 -90.14 5.08 -158.70
C TYR E 1103 -89.83 6.57 -158.78
N ALA E 1104 -90.34 7.36 -157.84
CA ALA E 1104 -90.10 8.80 -157.84
C ALA E 1104 -90.30 9.41 -156.45
N PRO E 1105 -89.48 10.43 -156.07
CA PRO E 1105 -89.70 11.07 -154.75
C PRO E 1105 -91.03 11.81 -154.76
N VAL E 1106 -91.97 11.41 -153.89
CA VAL E 1106 -93.31 11.99 -153.88
C VAL E 1106 -93.49 12.98 -152.72
N LEU E 1107 -93.36 12.53 -151.45
CA LEU E 1107 -93.52 13.37 -150.26
C LEU E 1107 -94.62 14.46 -150.51
N GLY E 1108 -94.26 15.76 -150.48
CA GLY E 1108 -95.16 16.86 -150.78
C GLY E 1108 -94.46 17.83 -151.71
N ALA E 1109 -94.01 17.31 -152.86
CA ALA E 1109 -93.26 18.10 -153.84
C ALA E 1109 -94.11 19.18 -154.50
N SER E 1110 -93.42 20.18 -155.07
CA SER E 1110 -94.03 21.34 -155.73
C SER E 1110 -94.75 20.95 -157.02
N TRP E 1111 -94.12 20.11 -157.85
CA TRP E 1111 -94.68 19.66 -159.13
C TRP E 1111 -95.93 18.78 -158.93
N LEU E 1112 -96.03 18.04 -157.81
CA LEU E 1112 -97.20 17.18 -157.52
C LEU E 1112 -98.37 17.99 -156.98
N THR E 1113 -98.10 18.91 -156.03
CA THR E 1113 -99.14 19.79 -155.47
C THR E 1113 -99.71 20.72 -156.57
N ALA E 1114 -98.87 21.12 -157.53
CA ALA E 1114 -99.28 21.95 -158.67
C ALA E 1114 -100.09 21.13 -159.67
N PHE E 1115 -99.68 19.87 -159.91
CA PHE E 1115 -100.37 18.97 -160.84
C PHE E 1115 -101.72 18.49 -160.29
N ALA E 1116 -101.80 18.19 -158.98
CA ALA E 1116 -103.02 17.68 -158.33
C ALA E 1116 -104.16 18.69 -158.35
N GLN E 1117 -103.86 19.99 -158.12
CA GLN E 1117 -104.87 21.04 -158.13
C GLN E 1117 -105.34 21.37 -159.57
N ARG E 1118 -104.47 21.19 -160.60
CA ARG E 1118 -104.82 21.50 -161.99
C ARG E 1118 -105.74 20.44 -162.64
N SER E 1119 -105.43 19.13 -162.50
CA SER E 1119 -106.22 18.04 -163.12
C SER E 1119 -106.70 16.99 -162.10
N PRO E 1120 -107.82 16.29 -162.38
CA PRO E 1120 -108.30 15.25 -161.44
C PRO E 1120 -107.61 13.88 -161.62
N PHE E 1121 -106.55 13.79 -162.46
CA PHE E 1121 -105.78 12.56 -162.66
C PHE E 1121 -105.06 12.25 -161.33
N ALA E 1122 -104.44 13.26 -160.70
CA ALA E 1122 -103.77 13.08 -159.42
C ALA E 1122 -104.67 13.55 -158.27
N GLU E 1123 -105.88 12.96 -158.22
CA GLU E 1123 -106.90 13.25 -157.21
C GLU E 1123 -106.49 12.68 -155.85
N LEU E 1124 -105.92 11.47 -155.83
CA LEU E 1124 -105.54 10.79 -154.61
C LEU E 1124 -104.32 11.42 -153.93
N PHE E 1125 -103.50 12.14 -154.70
CA PHE E 1125 -102.31 12.81 -154.17
C PHE E 1125 -102.64 14.04 -153.34
N LEU E 1126 -103.70 14.78 -153.69
CA LEU E 1126 -104.09 15.99 -152.95
C LEU E 1126 -104.60 15.63 -151.54
N ALA E 1127 -105.58 14.71 -151.47
CA ALA E 1127 -106.21 14.22 -150.24
C ALA E 1127 -106.84 15.36 -149.42
N PRO F 15 -103.98 10.56 -100.91
CA PRO F 15 -104.20 9.29 -101.63
C PRO F 15 -104.52 8.15 -100.69
N SER F 16 -105.80 7.76 -100.63
CA SER F 16 -106.23 6.68 -99.74
C SER F 16 -107.30 5.82 -100.37
N VAL F 17 -107.57 4.68 -99.71
CA VAL F 17 -108.57 3.73 -100.14
C VAL F 17 -109.23 3.10 -98.94
N SER F 18 -110.54 2.90 -99.03
CA SER F 18 -111.31 2.31 -97.95
C SER F 18 -111.03 0.83 -97.84
N VAL F 19 -110.85 0.33 -96.62
CA VAL F 19 -110.59 -1.09 -96.38
C VAL F 19 -111.41 -1.60 -95.22
N HIS F 20 -111.55 -2.90 -95.13
CA HIS F 20 -112.28 -3.52 -94.06
C HIS F 20 -111.45 -3.45 -92.79
N PRO F 21 -112.03 -3.24 -91.59
CA PRO F 21 -111.21 -3.14 -90.38
C PRO F 21 -110.32 -4.37 -90.13
N LEU F 22 -110.90 -5.57 -90.23
CA LEU F 22 -110.15 -6.80 -90.01
C LEU F 22 -109.42 -7.23 -91.26
N LEU F 23 -110.16 -7.61 -92.33
CA LEU F 23 -109.59 -8.09 -93.59
C LEU F 23 -108.42 -7.23 -94.05
N GLY F 24 -108.63 -5.93 -94.10
CA GLY F 24 -107.59 -4.99 -94.47
C GLY F 24 -107.38 -4.88 -95.96
N SER F 25 -106.10 -4.77 -96.40
CA SER F 25 -105.74 -4.56 -97.80
C SER F 25 -106.08 -5.80 -98.63
N HIS F 26 -106.72 -5.56 -99.77
CA HIS F 26 -107.24 -6.56 -100.67
C HIS F 26 -106.51 -6.55 -101.99
N VAL F 27 -106.13 -7.74 -102.44
CA VAL F 27 -105.48 -7.93 -103.72
C VAL F 27 -106.05 -9.18 -104.38
N VAL F 28 -106.43 -9.05 -105.65
CA VAL F 28 -106.89 -10.16 -106.48
C VAL F 28 -105.69 -10.63 -107.26
N LEU F 29 -105.35 -11.90 -107.15
CA LEU F 29 -104.14 -12.42 -107.77
C LEU F 29 -104.26 -12.53 -109.26
N PRO F 30 -103.16 -12.31 -109.99
CA PRO F 30 -103.19 -12.41 -111.44
C PRO F 30 -103.09 -13.86 -111.90
N GLN F 31 -104.21 -14.58 -111.77
CA GLN F 31 -104.31 -15.99 -112.11
C GLN F 31 -105.75 -16.45 -112.17
N GLU F 32 -105.97 -17.55 -112.89
CA GLU F 32 -107.28 -18.18 -112.98
C GLU F 32 -107.25 -19.37 -112.04
N PRO F 33 -108.26 -19.56 -111.19
CA PRO F 33 -109.53 -18.82 -111.09
C PRO F 33 -109.44 -17.54 -110.27
N GLU F 34 -110.54 -16.75 -110.27
CA GLU F 34 -110.68 -15.51 -109.50
C GLU F 34 -110.25 -15.83 -108.07
N GLU F 35 -109.01 -15.46 -107.70
CA GLU F 35 -108.49 -15.73 -106.36
C GLU F 35 -108.16 -14.41 -105.68
N HIS F 36 -108.77 -14.20 -104.51
CA HIS F 36 -108.63 -12.99 -103.71
C HIS F 36 -107.71 -13.24 -102.55
N LEU F 37 -107.21 -12.15 -101.97
CA LEU F 37 -106.28 -12.24 -100.86
C LEU F 37 -106.24 -10.95 -100.05
N TRP F 38 -106.52 -11.05 -98.76
CA TRP F 38 -106.44 -9.93 -97.84
C TRP F 38 -105.35 -10.15 -96.83
N GLN F 39 -104.78 -9.07 -96.33
CA GLN F 39 -103.78 -9.08 -95.28
C GLN F 39 -104.19 -8.03 -94.28
N GLY F 40 -104.30 -8.39 -93.02
CA GLY F 40 -104.73 -7.44 -92.00
C GLY F 40 -104.30 -7.76 -90.59
N ASP F 41 -104.28 -6.73 -89.73
CA ASP F 41 -103.87 -6.86 -88.34
C ASP F 41 -105.10 -7.02 -87.46
N VAL F 42 -105.02 -7.96 -86.52
CA VAL F 42 -106.06 -8.22 -85.54
C VAL F 42 -105.42 -8.14 -84.14
N GLY F 43 -104.39 -7.31 -84.03
CA GLY F 43 -103.65 -7.12 -82.79
C GLY F 43 -104.37 -6.22 -81.82
N THR F 44 -104.00 -6.27 -80.55
CA THR F 44 -104.63 -5.46 -79.51
C THR F 44 -104.27 -3.97 -79.66
N GLU F 45 -103.13 -3.62 -80.29
CA GLU F 45 -102.77 -2.22 -80.53
C GLU F 45 -103.67 -1.64 -81.62
N ALA F 46 -103.88 -2.42 -82.70
CA ALA F 46 -104.74 -2.03 -83.81
C ALA F 46 -106.22 -2.00 -83.41
N HIS F 47 -106.70 -3.06 -82.73
CA HIS F 47 -108.09 -3.22 -82.27
C HIS F 47 -108.10 -3.42 -80.75
N PRO F 48 -108.09 -2.31 -79.97
CA PRO F 48 -108.06 -2.43 -78.49
C PRO F 48 -109.14 -3.31 -77.92
N TRP F 49 -110.37 -3.11 -78.39
CA TRP F 49 -111.54 -3.88 -77.95
C TRP F 49 -111.32 -5.41 -77.99
N LEU F 50 -110.43 -5.95 -78.86
CA LEU F 50 -110.16 -7.40 -78.91
C LEU F 50 -109.47 -7.94 -77.65
N SER F 51 -108.82 -7.08 -76.84
CA SER F 51 -108.20 -7.50 -75.58
C SER F 51 -109.27 -7.90 -74.53
N ASP F 52 -110.50 -7.39 -74.68
CA ASP F 52 -111.61 -7.68 -73.76
C ASP F 52 -112.10 -9.14 -73.89
N HIS F 53 -111.85 -9.83 -75.02
CA HIS F 53 -112.19 -11.25 -75.17
C HIS F 53 -110.94 -12.04 -74.87
N ARG F 54 -110.94 -12.81 -73.77
CA ARG F 54 -109.75 -13.55 -73.35
C ARG F 54 -110.09 -14.89 -72.69
N VAL F 55 -109.42 -15.96 -73.14
CA VAL F 55 -109.62 -17.32 -72.63
C VAL F 55 -108.42 -17.66 -71.76
N HIS F 56 -108.70 -17.98 -70.48
CA HIS F 56 -107.70 -18.31 -69.46
C HIS F 56 -106.72 -17.14 -69.31
N GLN F 57 -107.27 -15.92 -69.18
CA GLN F 57 -106.53 -14.66 -68.98
C GLN F 57 -105.58 -14.31 -70.14
N VAL F 58 -105.77 -14.90 -71.35
CA VAL F 58 -104.96 -14.58 -72.53
C VAL F 58 -105.88 -14.09 -73.61
N ALA F 59 -105.57 -12.94 -74.23
CA ALA F 59 -106.41 -12.39 -75.30
C ALA F 59 -106.40 -13.31 -76.51
N VAL F 60 -107.61 -13.68 -77.00
CA VAL F 60 -107.75 -14.56 -78.16
C VAL F 60 -108.79 -13.99 -79.11
N LEU F 61 -108.68 -14.36 -80.40
CA LEU F 61 -109.61 -13.91 -81.42
C LEU F 61 -110.90 -14.70 -81.27
N PRO F 62 -112.05 -14.03 -81.08
CA PRO F 62 -113.31 -14.77 -80.93
C PRO F 62 -113.77 -15.44 -82.22
N GLY F 63 -114.64 -16.45 -82.08
CA GLY F 63 -115.21 -17.15 -83.22
C GLY F 63 -115.90 -16.20 -84.17
N ALA F 64 -116.66 -15.25 -83.58
CA ALA F 64 -117.39 -14.18 -84.24
C ALA F 64 -116.50 -13.31 -85.19
N ALA F 65 -115.19 -13.18 -84.92
CA ALA F 65 -114.30 -12.42 -85.79
C ALA F 65 -114.21 -13.07 -87.16
N TYR F 66 -114.04 -14.39 -87.20
CA TYR F 66 -113.95 -15.13 -88.46
C TYR F 66 -115.28 -15.10 -89.21
N CYS F 67 -116.42 -15.04 -88.48
CA CYS F 67 -117.75 -14.96 -89.10
C CYS F 67 -117.83 -13.71 -89.92
N GLU F 68 -117.49 -12.56 -89.31
CA GLU F 68 -117.49 -11.27 -89.97
C GLU F 68 -116.57 -11.29 -91.18
N MET F 69 -115.35 -11.84 -91.03
CA MET F 69 -114.38 -11.94 -92.12
C MET F 69 -114.97 -12.70 -93.29
N ALA F 70 -115.66 -13.82 -93.02
CA ALA F 70 -116.30 -14.61 -94.07
C ALA F 70 -117.40 -13.83 -94.76
N LEU F 71 -118.32 -13.25 -93.98
CA LEU F 71 -119.42 -12.43 -94.49
C LEU F 71 -118.91 -11.25 -95.33
N ALA F 72 -117.83 -10.62 -94.86
CA ALA F 72 -117.21 -9.50 -95.55
C ALA F 72 -116.65 -9.92 -96.92
N ALA F 73 -115.99 -11.09 -96.96
CA ALA F 73 -115.36 -11.63 -98.18
C ALA F 73 -116.36 -12.16 -99.23
N VAL F 74 -117.67 -12.22 -98.93
CA VAL F 74 -118.66 -12.74 -99.89
C VAL F 74 -118.82 -11.82 -101.08
N THR F 75 -119.30 -10.60 -100.81
CA THR F 75 -119.62 -9.59 -101.83
C THR F 75 -118.46 -9.31 -102.80
N PRO F 76 -117.20 -9.13 -102.36
CA PRO F 76 -116.12 -8.85 -103.33
C PRO F 76 -115.81 -10.02 -104.26
N VAL F 77 -115.86 -11.26 -103.74
CA VAL F 77 -115.55 -12.44 -104.55
C VAL F 77 -116.72 -12.70 -105.49
N LEU F 78 -117.89 -12.97 -104.86
CA LEU F 78 -119.16 -13.22 -105.52
C LEU F 78 -119.97 -11.92 -105.49
N GLY F 79 -119.90 -11.16 -106.59
CA GLY F 79 -120.56 -9.86 -106.72
C GLY F 79 -122.07 -9.92 -106.66
N ASP F 80 -122.59 -10.20 -105.44
CA ASP F 80 -124.02 -10.40 -105.19
C ASP F 80 -124.26 -10.60 -103.69
N THR F 81 -125.52 -10.93 -103.38
CA THR F 81 -126.01 -11.31 -102.07
C THR F 81 -125.56 -12.73 -101.83
N GLY F 82 -124.94 -13.03 -100.70
CA GLY F 82 -124.51 -14.40 -100.46
C GLY F 82 -124.54 -14.87 -99.04
N GLU F 83 -124.26 -16.17 -98.90
CA GLU F 83 -124.23 -16.93 -97.66
C GLU F 83 -122.84 -17.40 -97.37
N VAL F 84 -122.62 -17.85 -96.15
CA VAL F 84 -121.35 -18.44 -95.72
C VAL F 84 -121.69 -19.81 -95.20
N HIS F 85 -121.31 -20.85 -95.93
CA HIS F 85 -121.60 -22.22 -95.51
C HIS F 85 -120.43 -22.90 -94.83
N ASP F 86 -120.74 -23.87 -93.97
CA ASP F 86 -119.80 -24.75 -93.28
C ASP F 86 -118.54 -24.02 -92.79
N LEU F 87 -118.74 -22.96 -92.00
CA LEU F 87 -117.63 -22.19 -91.43
C LEU F 87 -117.10 -22.95 -90.22
N LYS F 88 -115.79 -23.28 -90.23
CA LYS F 88 -115.14 -24.01 -89.14
C LYS F 88 -114.01 -23.20 -88.52
N PHE F 89 -113.83 -23.29 -87.19
CA PHE F 89 -112.72 -22.64 -86.49
C PHE F 89 -111.78 -23.72 -86.03
N HIS F 90 -110.51 -23.61 -86.44
CA HIS F 90 -109.50 -24.62 -86.15
C HIS F 90 -108.76 -24.22 -84.87
N ASP F 91 -107.50 -23.77 -84.96
CA ASP F 91 -106.71 -23.43 -83.79
C ASP F 91 -107.14 -22.07 -83.25
N MET F 92 -106.88 -21.85 -81.96
CA MET F 92 -107.26 -20.63 -81.27
C MET F 92 -106.18 -19.59 -81.48
N LEU F 93 -106.52 -18.44 -82.08
CA LEU F 93 -105.54 -17.40 -82.36
C LEU F 93 -105.30 -16.58 -81.11
N LEU F 94 -104.05 -16.53 -80.64
CA LEU F 94 -103.68 -15.77 -79.46
C LEU F 94 -103.13 -14.47 -79.93
N LEU F 95 -103.70 -13.39 -79.42
CA LEU F 95 -103.39 -12.05 -79.88
C LEU F 95 -102.28 -11.40 -79.11
N ASP F 96 -101.49 -10.62 -79.85
CA ASP F 96 -100.40 -9.78 -79.39
C ASP F 96 -100.75 -8.33 -79.76
N ASP F 97 -99.81 -7.40 -79.58
CA ASP F 97 -100.01 -5.99 -79.97
C ASP F 97 -100.24 -5.90 -81.48
N ALA F 98 -99.53 -6.74 -82.25
CA ALA F 98 -99.66 -6.86 -83.70
C ALA F 98 -99.75 -8.33 -84.06
N THR F 99 -100.86 -8.71 -84.71
CA THR F 99 -101.15 -10.07 -85.11
C THR F 99 -101.58 -10.05 -86.58
N PRO F 100 -100.64 -10.15 -87.54
CA PRO F 100 -101.05 -10.12 -88.95
C PRO F 100 -101.72 -11.42 -89.34
N VAL F 101 -102.76 -11.32 -90.17
CA VAL F 101 -103.60 -12.43 -90.58
C VAL F 101 -103.91 -12.33 -92.06
N TRP F 102 -103.93 -13.47 -92.75
CA TRP F 102 -104.20 -13.52 -94.18
C TRP F 102 -105.46 -14.28 -94.54
N VAL F 103 -106.45 -13.56 -95.05
CA VAL F 103 -107.69 -14.14 -95.53
C VAL F 103 -107.50 -14.43 -97.00
N SER F 104 -108.15 -15.46 -97.52
CA SER F 104 -108.00 -15.82 -98.92
C SER F 104 -109.21 -16.62 -99.42
N ALA F 105 -109.84 -16.13 -100.49
CA ALA F 105 -110.98 -16.78 -101.11
C ALA F 105 -110.68 -17.09 -102.55
N ALA F 106 -111.13 -18.24 -103.05
CA ALA F 106 -110.88 -18.65 -104.42
C ALA F 106 -112.10 -19.28 -105.01
N VAL F 107 -112.47 -18.83 -106.21
CA VAL F 107 -113.65 -19.36 -106.88
C VAL F 107 -113.35 -20.76 -107.39
N THR F 108 -114.18 -21.71 -106.98
CA THR F 108 -114.06 -23.11 -107.35
C THR F 108 -114.98 -23.40 -108.53
N ALA F 109 -116.27 -23.08 -108.33
CA ALA F 109 -117.35 -23.24 -109.30
C ALA F 109 -118.13 -21.92 -109.36
N PRO F 110 -118.93 -21.66 -110.41
CA PRO F 110 -119.68 -20.39 -110.44
C PRO F 110 -120.65 -20.26 -109.28
N GLY F 111 -120.58 -19.12 -108.60
CA GLY F 111 -121.39 -18.84 -107.42
C GLY F 111 -120.94 -19.60 -106.19
N THR F 112 -119.67 -20.07 -106.17
CA THR F 112 -119.12 -20.83 -105.06
C THR F 112 -117.66 -20.49 -104.88
N ALA F 113 -117.15 -20.48 -103.65
CA ALA F 113 -115.75 -20.16 -103.41
C ALA F 113 -115.26 -20.67 -102.08
N GLU F 114 -114.02 -21.17 -102.06
CA GLU F 114 -113.37 -21.69 -100.85
C GLU F 114 -112.74 -20.53 -100.10
N PHE F 115 -113.05 -20.39 -98.81
CA PHE F 115 -112.56 -19.30 -97.94
C PHE F 115 -111.58 -19.83 -96.91
N GLY F 116 -110.67 -18.98 -96.44
CA GLY F 116 -109.68 -19.42 -95.47
C GLY F 116 -108.80 -18.36 -94.81
N VAL F 117 -108.87 -18.30 -93.47
CA VAL F 117 -108.09 -17.37 -92.65
C VAL F 117 -106.92 -18.13 -92.04
N GLU F 118 -105.69 -17.68 -92.30
CA GLU F 118 -104.47 -18.30 -91.82
C GLU F 118 -103.51 -17.26 -91.25
N THR F 119 -102.51 -17.71 -90.52
CA THR F 119 -101.50 -16.83 -89.94
C THR F 119 -100.12 -17.49 -90.10
N HIS F 120 -99.13 -16.68 -90.45
CA HIS F 120 -97.76 -17.07 -90.77
C HIS F 120 -96.83 -16.58 -89.67
N GLN F 121 -96.09 -17.52 -89.02
CA GLN F 121 -95.17 -17.21 -87.93
C GLN F 121 -93.83 -17.93 -88.10
N SER F 122 -92.77 -17.18 -88.46
CA SER F 122 -91.40 -17.69 -88.65
C SER F 122 -91.27 -18.70 -89.81
N GLY F 123 -92.16 -18.59 -90.82
CA GLY F 123 -92.22 -19.49 -91.96
C GLY F 123 -93.36 -20.51 -91.88
N ASP F 124 -93.81 -20.84 -90.64
CA ASP F 124 -94.84 -21.85 -90.37
C ASP F 124 -96.26 -21.28 -90.45
N ARG F 125 -97.01 -21.69 -91.48
CA ARG F 125 -98.40 -21.27 -91.69
C ARG F 125 -99.31 -22.06 -90.75
N THR F 126 -100.35 -21.42 -90.20
CA THR F 126 -101.30 -22.04 -89.28
C THR F 126 -102.71 -21.67 -89.70
N GLN F 127 -103.52 -22.64 -90.17
CA GLN F 127 -104.89 -22.36 -90.59
C GLN F 127 -105.76 -22.16 -89.36
N ARG F 128 -106.47 -21.02 -89.31
CA ARG F 128 -107.30 -20.64 -88.17
C ARG F 128 -108.80 -20.80 -88.43
N ALA F 129 -109.25 -20.69 -89.68
CA ALA F 129 -110.65 -20.90 -90.02
C ALA F 129 -110.84 -21.12 -91.52
N THR F 130 -111.87 -21.91 -91.91
CA THR F 130 -112.18 -22.19 -93.31
C THR F 130 -113.68 -22.31 -93.50
N ALA F 131 -114.17 -21.89 -94.67
CA ALA F 131 -115.60 -21.93 -95.00
C ALA F 131 -115.82 -22.00 -96.50
N VAL F 132 -117.09 -21.92 -96.93
CA VAL F 132 -117.49 -21.89 -98.33
C VAL F 132 -118.41 -20.72 -98.52
N LEU F 133 -118.15 -19.91 -99.53
CA LEU F 133 -118.97 -18.74 -99.81
C LEU F 133 -119.89 -19.09 -100.97
N ARG F 134 -121.16 -18.68 -100.90
CA ARG F 134 -122.14 -18.99 -101.93
C ARG F 134 -122.98 -17.77 -102.26
N GLY F 135 -123.12 -17.45 -103.55
CA GLY F 135 -123.91 -16.32 -104.03
C GLY F 135 -125.21 -16.70 -104.73
N ASP F 136 -125.25 -17.92 -105.30
CA ASP F 136 -126.40 -18.51 -106.01
C ASP F 136 -127.67 -18.65 -105.12
N VAL F 137 -127.48 -18.74 -103.80
CA VAL F 137 -128.55 -18.89 -102.80
C VAL F 137 -129.64 -17.82 -102.97
N ASP F 138 -130.90 -18.25 -102.75
CA ASP F 138 -132.10 -17.41 -102.91
C ASP F 138 -132.33 -16.49 -101.71
N ALA F 139 -132.91 -15.31 -102.01
CA ALA F 139 -133.22 -14.28 -101.01
C ALA F 139 -134.47 -14.67 -100.23
N GLU F 140 -134.26 -15.54 -99.23
CA GLU F 140 -135.32 -16.06 -98.36
C GLU F 140 -135.17 -15.40 -97.00
N ARG F 141 -135.60 -14.12 -96.91
CA ARG F 141 -135.50 -13.35 -95.66
C ARG F 141 -136.56 -13.81 -94.71
N PRO F 142 -136.22 -14.30 -93.51
CA PRO F 142 -137.27 -14.76 -92.59
C PRO F 142 -138.14 -13.60 -92.16
N ALA F 143 -139.44 -13.85 -92.06
CA ALA F 143 -140.39 -12.82 -91.71
C ALA F 143 -140.14 -12.27 -90.32
N ALA F 144 -140.42 -10.98 -90.16
CA ALA F 144 -140.24 -10.26 -88.91
C ALA F 144 -141.05 -10.89 -87.80
N HIS F 145 -140.56 -10.74 -86.57
CA HIS F 145 -141.16 -11.29 -85.38
C HIS F 145 -141.86 -10.22 -84.59
N SER F 146 -142.72 -10.64 -83.68
CA SER F 146 -143.44 -9.75 -82.77
C SER F 146 -142.64 -9.71 -81.50
N ILE F 147 -141.88 -8.63 -81.31
CA ILE F 147 -141.02 -8.48 -80.14
C ILE F 147 -141.86 -8.50 -78.87
N ASP F 148 -143.05 -7.92 -78.89
CA ASP F 148 -143.94 -7.91 -77.73
C ASP F 148 -144.37 -9.33 -77.36
N ALA F 149 -144.85 -10.11 -78.35
CA ALA F 149 -145.30 -11.48 -78.14
C ALA F 149 -144.15 -12.41 -77.75
N LEU F 150 -142.97 -12.22 -78.37
CA LEU F 150 -141.79 -13.02 -78.02
C LEU F 150 -141.45 -12.84 -76.56
N LEU F 151 -141.35 -11.58 -76.12
CA LEU F 151 -141.00 -11.25 -74.73
C LEU F 151 -142.08 -11.68 -73.76
N ALA F 152 -143.35 -11.69 -74.21
CA ALA F 152 -144.45 -12.16 -73.38
C ALA F 152 -144.37 -13.68 -73.20
N ALA F 153 -143.97 -14.41 -74.27
CA ALA F 153 -143.82 -15.86 -74.23
C ALA F 153 -142.59 -16.32 -73.42
N HIS F 154 -141.62 -15.43 -73.18
CA HIS F 154 -140.41 -15.71 -72.39
C HIS F 154 -140.39 -14.78 -71.18
N PRO F 155 -141.03 -15.18 -70.06
CA PRO F 155 -141.09 -14.30 -68.89
C PRO F 155 -139.86 -14.37 -67.99
N ASN F 156 -139.24 -15.56 -67.84
CA ASN F 156 -138.10 -15.76 -66.94
C ASN F 156 -136.87 -14.99 -67.45
N ARG F 157 -136.48 -13.93 -66.75
CA ARG F 157 -135.36 -13.07 -67.10
C ARG F 157 -134.04 -13.61 -66.51
N VAL F 158 -132.95 -13.49 -67.29
CA VAL F 158 -131.58 -13.90 -66.92
C VAL F 158 -130.69 -12.67 -67.08
N ASP F 159 -130.03 -12.19 -66.02
CA ASP F 159 -129.17 -11.00 -66.15
C ASP F 159 -127.90 -11.33 -66.94
N GLY F 160 -127.45 -10.36 -67.73
CA GLY F 160 -126.26 -10.48 -68.55
C GLY F 160 -124.99 -10.57 -67.74
N ASP F 161 -124.86 -9.70 -66.73
CA ASP F 161 -123.68 -9.68 -65.85
C ASP F 161 -123.56 -10.99 -65.06
N GLU F 162 -124.71 -11.53 -64.58
CA GLU F 162 -124.80 -12.80 -63.87
C GLU F 162 -124.32 -13.96 -64.75
N LEU F 163 -124.69 -13.93 -66.04
CA LEU F 163 -124.28 -14.96 -67.00
C LEU F 163 -122.80 -14.79 -67.37
N ARG F 164 -122.33 -13.53 -67.58
CA ARG F 164 -120.93 -13.23 -67.92
C ARG F 164 -120.01 -13.54 -66.73
N ALA F 165 -120.54 -13.52 -65.49
CA ALA F 165 -119.78 -13.93 -64.32
C ALA F 165 -119.60 -15.45 -64.34
N GLY F 166 -120.66 -16.17 -64.78
CA GLY F 166 -120.65 -17.61 -64.95
C GLY F 166 -119.65 -18.08 -65.99
N PHE F 167 -119.45 -17.27 -67.05
CA PHE F 167 -118.44 -17.54 -68.07
C PHE F 167 -117.02 -17.46 -67.49
N GLY F 168 -116.80 -16.50 -66.60
CA GLY F 168 -115.51 -16.30 -65.94
C GLY F 168 -115.03 -17.47 -65.10
N THR F 169 -115.96 -18.32 -64.59
CA THR F 169 -115.60 -19.49 -63.80
C THR F 169 -115.01 -20.59 -64.68
N VAL F 170 -115.61 -20.84 -65.87
CA VAL F 170 -115.11 -21.87 -66.79
C VAL F 170 -113.76 -21.46 -67.47
N GLY F 171 -113.44 -20.16 -67.47
CA GLY F 171 -112.18 -19.64 -68.03
C GLY F 171 -112.33 -18.57 -69.10
N ILE F 172 -113.55 -18.33 -69.59
CA ILE F 172 -113.81 -17.36 -70.65
C ILE F 172 -114.11 -15.98 -70.03
N GLY F 173 -113.31 -14.99 -70.38
CA GLY F 173 -113.46 -13.62 -69.91
C GLY F 173 -114.01 -12.70 -70.98
N HIS F 174 -115.11 -12.00 -70.66
CA HIS F 174 -115.74 -11.04 -71.56
C HIS F 174 -115.69 -9.67 -70.92
N GLY F 175 -114.85 -8.78 -71.46
CA GLY F 175 -114.69 -7.43 -70.96
C GLY F 175 -115.78 -6.49 -71.43
N ALA F 176 -115.57 -5.19 -71.24
CA ALA F 176 -116.52 -4.12 -71.58
C ALA F 176 -117.11 -4.24 -72.98
N ALA F 177 -116.25 -4.48 -73.98
CA ALA F 177 -116.63 -4.62 -75.38
C ALA F 177 -117.57 -5.79 -75.65
N PHE F 178 -117.33 -6.91 -74.97
CA PHE F 178 -118.10 -8.14 -75.15
C PHE F 178 -119.27 -8.25 -74.16
N ALA F 179 -119.62 -7.15 -73.47
CA ALA F 179 -120.74 -7.11 -72.53
C ALA F 179 -122.02 -6.54 -73.17
N GLY F 180 -122.23 -6.81 -74.46
CA GLY F 180 -123.39 -6.32 -75.17
C GLY F 180 -124.69 -6.94 -74.70
N LEU F 181 -124.64 -8.19 -74.23
CA LEU F 181 -125.82 -8.91 -73.75
C LEU F 181 -126.32 -8.28 -72.45
N SER F 182 -127.43 -7.55 -72.53
CA SER F 182 -128.02 -6.86 -71.37
C SER F 182 -128.74 -7.84 -70.46
N GLU F 183 -129.63 -8.64 -71.07
CA GLU F 183 -130.45 -9.62 -70.35
C GLU F 183 -131.11 -10.59 -71.33
N ALA F 184 -131.23 -11.87 -70.96
CA ALA F 184 -131.84 -12.90 -71.81
C ALA F 184 -133.11 -13.42 -71.18
N TYR F 185 -134.20 -13.45 -71.95
CA TYR F 185 -135.49 -13.92 -71.49
C TYR F 185 -135.70 -15.36 -71.96
N VAL F 186 -136.06 -16.27 -71.03
CA VAL F 186 -136.29 -17.69 -71.31
C VAL F 186 -137.65 -18.10 -70.73
N ALA F 187 -137.95 -19.40 -70.76
CA ALA F 187 -139.18 -19.93 -70.18
C ALA F 187 -138.85 -21.21 -69.41
N THR F 188 -138.77 -22.36 -70.10
CA THR F 188 -138.46 -23.67 -69.49
C THR F 188 -137.54 -24.45 -70.42
N ALA F 189 -137.22 -25.70 -70.07
CA ALA F 189 -136.41 -26.57 -70.93
C ALA F 189 -137.23 -27.06 -72.14
N ALA F 190 -138.55 -27.27 -71.94
CA ALA F 190 -139.48 -27.70 -72.99
C ALA F 190 -139.55 -26.71 -74.14
N GLU F 191 -139.50 -25.40 -73.81
CA GLU F 191 -139.49 -24.30 -74.77
C GLU F 191 -138.06 -24.14 -75.26
N PRO F 192 -137.76 -24.35 -76.57
CA PRO F 192 -136.36 -24.33 -77.01
C PRO F 192 -135.82 -22.97 -77.49
N THR F 193 -136.43 -21.84 -77.10
CA THR F 193 -135.99 -20.52 -77.59
C THR F 193 -135.56 -19.57 -76.48
N VAL F 194 -134.74 -18.58 -76.87
CA VAL F 194 -134.21 -17.52 -75.99
C VAL F 194 -134.33 -16.19 -76.70
N VAL F 195 -135.01 -15.22 -76.08
CA VAL F 195 -135.12 -13.87 -76.60
C VAL F 195 -134.10 -13.08 -75.81
N ALA F 196 -133.04 -12.60 -76.46
CA ALA F 196 -131.99 -11.86 -75.77
C ALA F 196 -132.00 -10.39 -76.16
N ALA F 197 -131.62 -9.52 -75.22
CA ALA F 197 -131.57 -8.08 -75.46
C ALA F 197 -130.13 -7.63 -75.61
N VAL F 198 -129.57 -7.86 -76.80
CA VAL F 198 -128.17 -7.50 -77.11
C VAL F 198 -128.11 -6.11 -77.73
N ALA F 199 -126.93 -5.50 -77.67
CA ALA F 199 -126.68 -4.18 -78.22
C ALA F 199 -125.21 -3.86 -78.18
N LEU F 200 -124.64 -3.35 -79.28
CA LEU F 200 -123.21 -3.02 -79.32
C LEU F 200 -122.87 -1.90 -78.31
N PRO F 201 -121.95 -2.12 -77.35
CA PRO F 201 -121.63 -1.06 -76.38
C PRO F 201 -121.27 0.30 -76.98
N GLY F 202 -121.62 1.36 -76.25
CA GLY F 202 -121.41 2.75 -76.63
C GLY F 202 -120.06 3.13 -77.23
N PRO F 203 -118.94 2.70 -76.64
CA PRO F 203 -117.62 3.05 -77.24
C PRO F 203 -117.44 2.53 -78.66
N LEU F 204 -117.91 1.30 -78.90
CA LEU F 204 -117.80 0.64 -80.18
C LEU F 204 -118.77 1.17 -81.23
N ARG F 205 -119.84 1.92 -80.85
CA ARG F 205 -120.81 2.45 -81.81
C ARG F 205 -120.14 3.41 -82.82
N SER F 206 -119.07 4.11 -82.37
CA SER F 206 -118.26 4.95 -83.26
C SER F 206 -117.52 4.08 -84.27
N GLY F 207 -116.97 2.98 -83.76
CA GLY F 207 -116.25 1.99 -84.53
C GLY F 207 -117.11 0.92 -85.21
N GLN F 208 -118.34 1.27 -85.69
CA GLN F 208 -119.21 0.34 -86.44
C GLN F 208 -118.69 0.26 -87.88
N ARG F 209 -117.91 1.30 -88.30
CA ARG F 209 -117.13 1.42 -89.53
C ARG F 209 -117.71 0.59 -90.72
N GLY F 210 -116.95 -0.38 -91.25
CA GLY F 210 -117.35 -1.20 -92.39
C GLY F 210 -117.58 -2.64 -92.03
N TYR F 211 -118.14 -2.87 -90.85
CA TYR F 211 -118.46 -4.22 -90.40
C TYR F 211 -119.85 -4.63 -90.89
N THR F 212 -119.98 -5.84 -91.48
CA THR F 212 -121.28 -6.42 -91.84
C THR F 212 -122.05 -6.57 -90.53
N VAL F 213 -121.36 -7.15 -89.52
CA VAL F 213 -121.80 -7.30 -88.15
C VAL F 213 -120.57 -7.16 -87.25
N HIS F 214 -120.65 -6.34 -86.18
CA HIS F 214 -119.48 -6.16 -85.33
C HIS F 214 -119.23 -7.45 -84.55
N PRO F 215 -118.01 -8.00 -84.53
CA PRO F 215 -117.80 -9.27 -83.81
C PRO F 215 -118.12 -9.22 -82.32
N ALA F 216 -117.99 -8.03 -81.67
CA ALA F 216 -118.33 -7.85 -80.26
C ALA F 216 -119.82 -8.14 -80.02
N LEU F 217 -120.65 -7.67 -80.96
CA LEU F 217 -122.10 -7.84 -80.95
C LEU F 217 -122.49 -9.28 -81.26
N LEU F 218 -121.92 -9.86 -82.31
CA LEU F 218 -122.24 -11.24 -82.70
C LEU F 218 -121.82 -12.23 -81.60
N ASP F 219 -120.71 -11.96 -80.87
CA ASP F 219 -120.31 -12.84 -79.78
C ASP F 219 -121.29 -12.72 -78.62
N ALA F 220 -121.85 -11.53 -78.39
CA ALA F 220 -122.87 -11.33 -77.35
C ALA F 220 -124.17 -12.12 -77.67
N CYS F 221 -124.42 -12.40 -78.95
CA CYS F 221 -125.55 -13.22 -79.38
C CYS F 221 -125.26 -14.67 -79.08
N PHE F 222 -124.00 -15.10 -79.28
CA PHE F 222 -123.60 -16.47 -78.99
C PHE F 222 -123.68 -16.72 -77.48
N GLN F 223 -123.30 -15.72 -76.65
CA GLN F 223 -123.42 -15.82 -75.18
C GLN F 223 -124.86 -16.12 -74.78
N SER F 224 -125.81 -15.44 -75.45
CA SER F 224 -127.25 -15.55 -75.23
C SER F 224 -127.77 -17.03 -75.30
N VAL F 225 -127.13 -17.89 -76.11
CA VAL F 225 -127.53 -19.30 -76.24
C VAL F 225 -127.35 -20.06 -74.91
N ILE F 226 -126.32 -19.69 -74.14
CA ILE F 226 -125.99 -20.33 -72.86
C ILE F 226 -127.04 -20.02 -71.78
N ALA F 227 -127.79 -18.90 -71.93
CA ALA F 227 -128.85 -18.53 -70.98
C ALA F 227 -130.01 -19.54 -70.95
N HIS F 228 -130.15 -20.39 -72.00
CA HIS F 228 -131.22 -21.38 -72.07
C HIS F 228 -131.11 -22.40 -70.93
N PRO F 229 -132.21 -22.77 -70.25
CA PRO F 229 -132.11 -23.73 -69.14
C PRO F 229 -131.61 -25.12 -69.53
N GLU F 230 -132.05 -25.66 -70.68
CA GLU F 230 -131.60 -26.97 -71.17
C GLU F 230 -130.08 -26.99 -71.38
N VAL F 231 -129.47 -25.85 -71.77
CA VAL F 231 -128.02 -25.73 -71.95
C VAL F 231 -127.32 -25.71 -70.59
N GLN F 232 -127.83 -24.90 -69.66
CA GLN F 232 -127.28 -24.77 -68.31
C GLN F 232 -127.26 -26.13 -67.59
N ASN F 233 -128.38 -26.86 -67.69
CA ASN F 233 -128.53 -28.17 -67.04
C ASN F 233 -127.62 -29.24 -67.67
N ILE F 234 -127.70 -29.42 -69.01
CA ILE F 234 -126.94 -30.46 -69.70
C ILE F 234 -125.45 -30.08 -69.80
N ALA F 235 -125.07 -29.22 -70.75
CA ALA F 235 -123.67 -28.85 -70.95
C ALA F 235 -123.21 -27.84 -69.90
N SER F 236 -122.76 -28.37 -68.75
CA SER F 236 -122.25 -27.58 -67.63
C SER F 236 -120.71 -27.58 -67.65
N GLY F 237 -120.15 -27.16 -68.79
CA GLY F 237 -118.71 -27.08 -69.01
C GLY F 237 -118.35 -25.85 -69.80
N MET F 238 -117.10 -25.77 -70.30
CA MET F 238 -116.63 -24.63 -71.08
C MET F 238 -117.14 -24.73 -72.52
N LEU F 239 -118.08 -23.86 -72.91
CA LEU F 239 -118.66 -23.87 -74.26
C LEU F 239 -118.09 -22.73 -75.11
N LEU F 240 -117.33 -23.11 -76.14
CA LEU F 240 -116.70 -22.20 -77.09
C LEU F 240 -117.26 -22.43 -78.45
N PRO F 241 -117.44 -21.38 -79.28
CA PRO F 241 -117.96 -21.61 -80.63
C PRO F 241 -116.93 -22.33 -81.50
N LEU F 242 -117.36 -23.41 -82.15
CA LEU F 242 -116.52 -24.25 -83.01
C LEU F 242 -116.79 -24.04 -84.51
N GLY F 243 -117.97 -23.52 -84.85
CA GLY F 243 -118.32 -23.25 -86.24
C GLY F 243 -119.78 -22.91 -86.43
N VAL F 244 -120.14 -22.66 -87.68
CA VAL F 244 -121.51 -22.33 -88.06
C VAL F 244 -121.83 -23.04 -89.40
N ARG F 245 -123.05 -23.61 -89.55
CA ARG F 245 -123.43 -24.25 -90.81
C ARG F 245 -123.80 -23.24 -91.90
N ARG F 246 -124.54 -22.16 -91.58
CA ARG F 246 -124.98 -21.20 -92.58
C ARG F 246 -125.15 -19.82 -91.96
N LEU F 247 -124.53 -18.83 -92.58
CA LEU F 247 -124.53 -17.43 -92.15
C LEU F 247 -124.94 -16.51 -93.28
N ARG F 248 -125.97 -15.68 -93.07
CA ARG F 248 -126.42 -14.72 -94.09
C ARG F 248 -126.79 -13.42 -93.43
N ALA F 249 -126.44 -12.31 -94.05
CA ALA F 249 -126.80 -10.99 -93.59
C ALA F 249 -127.82 -10.41 -94.54
N TYR F 250 -128.97 -10.00 -94.01
CA TYR F 250 -130.06 -9.46 -94.82
C TYR F 250 -130.02 -7.93 -94.90
N GLY F 251 -129.47 -7.28 -93.87
CA GLY F 251 -129.36 -5.83 -93.82
C GLY F 251 -128.26 -5.34 -92.88
N SER F 252 -128.39 -4.09 -92.43
CA SER F 252 -127.43 -3.50 -91.51
C SER F 252 -127.74 -3.91 -90.12
N THR F 253 -126.73 -4.35 -89.40
CA THR F 253 -126.90 -4.78 -88.01
C THR F 253 -126.67 -3.59 -87.03
N ARG F 254 -126.62 -2.35 -87.53
CA ARG F 254 -126.36 -1.15 -86.72
C ARG F 254 -127.42 -0.95 -85.64
N ASN F 255 -128.68 -1.13 -86.03
CA ASN F 255 -129.85 -0.91 -85.16
C ASN F 255 -130.40 -2.25 -84.56
N VAL F 256 -129.57 -3.31 -84.46
CA VAL F 256 -130.00 -4.57 -83.83
C VAL F 256 -130.11 -4.35 -82.30
N ARG F 257 -131.26 -4.70 -81.73
CA ARG F 257 -131.53 -4.58 -80.29
C ARG F 257 -131.85 -5.92 -79.64
N TYR F 258 -132.15 -6.98 -80.44
CA TYR F 258 -132.49 -8.30 -79.92
C TYR F 258 -131.83 -9.43 -80.68
N CYS F 259 -131.78 -10.60 -80.04
CA CYS F 259 -131.26 -11.82 -80.66
C CYS F 259 -132.11 -13.00 -80.26
N LEU F 260 -132.83 -13.58 -81.22
CA LEU F 260 -133.69 -14.73 -81.00
C LEU F 260 -132.93 -16.01 -81.29
N SER F 261 -132.62 -16.79 -80.24
CA SER F 261 -131.88 -18.05 -80.36
C SER F 261 -132.83 -19.23 -80.26
N ARG F 262 -132.43 -20.39 -80.80
CA ARG F 262 -133.22 -21.62 -80.78
C ARG F 262 -132.30 -22.82 -80.61
N ILE F 263 -132.56 -23.69 -79.64
CA ILE F 263 -131.71 -24.85 -79.40
C ILE F 263 -132.13 -25.99 -80.32
N VAL F 264 -131.21 -26.44 -81.17
CA VAL F 264 -131.44 -27.55 -82.08
C VAL F 264 -131.14 -28.84 -81.36
N LYS F 265 -129.94 -28.90 -80.74
CA LYS F 265 -129.46 -30.06 -80.00
C LYS F 265 -128.70 -29.59 -78.75
N ALA F 266 -128.94 -30.27 -77.61
CA ALA F 266 -128.30 -29.99 -76.32
C ALA F 266 -127.79 -31.31 -75.74
N ASP F 267 -126.50 -31.55 -75.90
CA ASP F 267 -125.82 -32.76 -75.47
C ASP F 267 -124.66 -32.44 -74.55
N SER F 268 -124.17 -33.44 -73.82
CA SER F 268 -123.02 -33.34 -72.92
C SER F 268 -121.75 -32.87 -73.66
N PHE F 269 -121.59 -33.28 -74.94
CA PHE F 269 -120.43 -32.94 -75.75
C PHE F 269 -120.49 -31.50 -76.25
N GLY F 270 -121.63 -31.13 -76.84
CA GLY F 270 -121.81 -29.79 -77.37
C GLY F 270 -123.25 -29.36 -77.52
N VAL F 271 -123.44 -28.14 -78.04
CA VAL F 271 -124.75 -27.52 -78.25
C VAL F 271 -124.84 -26.92 -79.65
N GLU F 272 -125.91 -27.24 -80.40
CA GLU F 272 -126.17 -26.67 -81.71
C GLU F 272 -127.34 -25.72 -81.58
N ALA F 273 -127.28 -24.56 -82.23
CA ALA F 273 -128.35 -23.59 -82.14
C ALA F 273 -128.50 -22.76 -83.41
N ASP F 274 -129.70 -22.22 -83.63
CA ASP F 274 -130.02 -21.37 -84.78
C ASP F 274 -130.38 -19.96 -84.27
N LEU F 275 -129.66 -18.92 -84.74
CA LEU F 275 -129.83 -17.54 -84.28
C LEU F 275 -130.42 -16.63 -85.33
N GLU F 276 -130.98 -15.51 -84.86
CA GLU F 276 -131.57 -14.48 -85.69
C GLU F 276 -131.42 -13.15 -84.98
N LEU F 277 -130.77 -12.19 -85.60
CA LEU F 277 -130.55 -10.86 -85.04
C LEU F 277 -131.66 -9.94 -85.50
N LEU F 278 -132.50 -9.50 -84.55
CA LEU F 278 -133.67 -8.68 -84.86
C LEU F 278 -133.51 -7.23 -84.42
N ASP F 279 -134.06 -6.29 -85.21
CA ASP F 279 -134.05 -4.87 -84.83
C ASP F 279 -135.20 -4.64 -83.82
N ALA F 280 -135.42 -3.39 -83.42
CA ALA F 280 -136.49 -3.07 -82.45
C ALA F 280 -137.90 -3.46 -82.95
N ASP F 281 -138.16 -3.31 -84.26
CA ASP F 281 -139.43 -3.64 -84.89
C ASP F 281 -139.67 -5.16 -84.95
N GLY F 282 -138.58 -5.92 -84.97
CA GLY F 282 -138.60 -7.37 -85.03
C GLY F 282 -138.14 -7.93 -86.36
N THR F 283 -137.72 -7.06 -87.31
CA THR F 283 -137.24 -7.48 -88.62
C THR F 283 -135.92 -8.20 -88.50
N VAL F 284 -135.73 -9.29 -89.25
CA VAL F 284 -134.47 -10.06 -89.19
C VAL F 284 -133.39 -9.36 -90.01
N LEU F 285 -132.22 -9.13 -89.40
CA LEU F 285 -131.07 -8.47 -90.02
C LEU F 285 -129.95 -9.44 -90.37
N LEU F 286 -129.79 -10.50 -89.57
CA LEU F 286 -128.79 -11.53 -89.83
C LEU F 286 -129.24 -12.82 -89.20
N SER F 287 -128.92 -13.97 -89.83
CA SER F 287 -129.27 -15.28 -89.30
C SER F 287 -128.07 -16.22 -89.38
N ALA F 288 -127.86 -17.00 -88.30
CA ALA F 288 -126.78 -17.99 -88.20
C ALA F 288 -127.40 -19.29 -87.80
N MET F 289 -127.42 -20.26 -88.71
CA MET F 289 -128.05 -21.54 -88.43
C MET F 289 -126.97 -22.57 -88.28
N GLY F 290 -127.11 -23.44 -87.29
CA GLY F 290 -126.13 -24.48 -87.00
C GLY F 290 -124.88 -24.00 -86.27
N LEU F 291 -125.04 -23.02 -85.35
CA LEU F 291 -123.95 -22.50 -84.52
C LEU F 291 -123.51 -23.61 -83.61
N GLN F 292 -122.39 -24.28 -83.92
CA GLN F 292 -121.94 -25.39 -83.09
C GLN F 292 -121.03 -24.87 -81.96
N LEU F 293 -121.52 -24.98 -80.70
CA LEU F 293 -120.82 -24.60 -79.46
C LEU F 293 -120.31 -25.86 -78.80
N GLY F 294 -119.13 -25.81 -78.21
CA GLY F 294 -118.57 -26.99 -77.54
C GLY F 294 -117.15 -26.78 -77.10
N THR F 295 -116.40 -27.87 -77.03
CA THR F 295 -114.99 -27.80 -76.64
C THR F 295 -114.18 -28.22 -77.84
N GLY F 296 -113.20 -27.38 -78.19
CA GLY F 296 -112.29 -27.69 -79.27
C GLY F 296 -111.40 -28.84 -78.86
N ASN F 297 -110.84 -29.53 -79.87
CA ASN F 297 -109.96 -30.69 -79.68
C ASN F 297 -110.76 -31.89 -79.12
N SER F 298 -110.12 -33.04 -78.98
CA SER F 298 -110.79 -34.29 -78.56
C SER F 298 -111.25 -34.30 -77.09
N ASP F 299 -112.02 -35.34 -76.72
CA ASP F 299 -112.49 -35.54 -75.35
C ASP F 299 -111.34 -36.03 -74.44
N LYS F 300 -110.21 -36.49 -75.03
CA LYS F 300 -109.02 -36.95 -74.31
C LYS F 300 -108.10 -35.74 -73.99
N ALA F 301 -108.00 -34.77 -74.92
CA ALA F 301 -107.23 -33.55 -74.72
C ALA F 301 -107.92 -32.58 -73.74
N GLU F 302 -109.25 -32.73 -73.56
CA GLU F 302 -110.04 -31.93 -72.61
C GLU F 302 -109.71 -32.39 -71.18
N GLU F 303 -109.63 -33.72 -70.98
CA GLU F 303 -109.28 -34.32 -69.70
C GLU F 303 -107.89 -33.87 -69.26
N GLU F 304 -106.90 -34.05 -70.17
CA GLU F 304 -105.51 -33.65 -69.96
C GLU F 304 -105.40 -32.18 -69.56
N ARG F 305 -106.21 -31.30 -70.19
CA ARG F 305 -106.21 -29.87 -69.89
C ARG F 305 -106.87 -29.58 -68.53
N LEU F 306 -107.98 -30.30 -68.19
CA LEU F 306 -108.68 -30.10 -66.91
C LEU F 306 -107.81 -30.52 -65.73
N LEU F 307 -107.22 -31.71 -65.85
CA LEU F 307 -106.30 -32.28 -64.87
C LEU F 307 -105.18 -31.29 -64.52
N ASP F 308 -104.65 -30.56 -65.52
CA ASP F 308 -103.56 -29.59 -65.32
C ASP F 308 -104.01 -28.37 -64.49
N GLU F 309 -105.22 -27.86 -64.74
CA GLU F 309 -105.74 -26.70 -64.00
C GLU F 309 -106.11 -27.03 -62.56
N ARG F 310 -106.65 -28.24 -62.36
CA ARG F 310 -107.11 -28.70 -61.05
C ARG F 310 -105.99 -29.03 -60.02
N LEU F 311 -104.81 -29.54 -60.47
CA LEU F 311 -103.71 -29.94 -59.58
C LEU F 311 -103.07 -28.78 -58.83
N LEU F 312 -102.63 -29.06 -57.57
CA LEU F 312 -102.00 -28.09 -56.67
C LEU F 312 -100.89 -28.71 -55.81
N THR F 313 -99.79 -27.97 -55.63
CA THR F 313 -98.63 -28.37 -54.83
C THR F 313 -98.13 -27.21 -54.00
N ILE F 314 -97.53 -27.51 -52.86
CA ILE F 314 -96.92 -26.50 -52.01
C ILE F 314 -95.45 -26.41 -52.39
N GLU F 315 -94.94 -25.18 -52.59
CA GLU F 315 -93.55 -24.96 -52.98
C GLU F 315 -92.91 -23.96 -52.04
N TRP F 316 -91.60 -24.13 -51.75
CA TRP F 316 -90.86 -23.31 -50.80
C TRP F 316 -89.85 -22.41 -51.49
N GLN F 317 -89.88 -21.12 -51.17
CA GLN F 317 -89.00 -20.13 -51.76
C GLN F 317 -87.96 -19.63 -50.75
N GLN F 318 -86.68 -19.53 -51.19
CA GLN F 318 -85.59 -18.96 -50.38
C GLN F 318 -85.86 -17.46 -50.24
N ARG F 319 -86.15 -16.98 -49.03
CA ARG F 319 -86.50 -15.58 -48.81
C ARG F 319 -85.55 -14.90 -47.81
N GLU F 320 -85.58 -13.55 -47.77
CA GLU F 320 -84.79 -12.71 -46.86
C GLU F 320 -85.75 -11.89 -45.98
N LEU F 321 -85.37 -11.69 -44.71
CA LEU F 321 -86.19 -11.01 -43.71
C LEU F 321 -86.26 -9.49 -43.92
N PRO F 322 -87.45 -8.86 -43.76
CA PRO F 322 -87.51 -7.39 -43.87
C PRO F 322 -86.92 -6.68 -42.65
N ARG F 323 -86.65 -5.36 -42.78
CA ARG F 323 -86.03 -4.55 -41.71
C ARG F 323 -86.97 -3.44 -41.15
N PRO F 324 -86.77 -3.00 -39.87
CA PRO F 324 -87.61 -1.92 -39.31
C PRO F 324 -87.17 -0.55 -39.83
N GLU F 325 -88.00 0.54 -39.85
CA GLU F 325 -89.40 0.71 -39.41
C GLU F 325 -89.51 0.53 -37.88
N GLY F 326 -88.88 1.47 -37.19
CA GLY F 326 -88.87 1.52 -35.74
C GLY F 326 -90.02 2.33 -35.18
N SER F 327 -90.26 2.19 -33.87
CA SER F 327 -91.30 2.93 -33.16
C SER F 327 -91.00 2.96 -31.63
N GLU F 328 -91.28 1.85 -30.89
CA GLU F 328 -91.07 1.66 -29.44
C GLU F 328 -91.06 2.97 -28.63
N GLY F 333 -92.32 -3.51 -27.54
CA GLY F 333 -93.47 -4.35 -27.24
C GLY F 333 -93.11 -5.59 -26.45
N SER F 334 -94.01 -6.02 -25.53
CA SER F 334 -93.78 -7.21 -24.68
C SER F 334 -94.04 -8.51 -25.44
N TRP F 335 -93.50 -9.64 -24.92
CA TRP F 335 -93.63 -10.97 -25.52
C TRP F 335 -93.90 -12.05 -24.48
N LEU F 336 -94.29 -13.25 -24.94
CA LEU F 336 -94.56 -14.41 -24.09
C LEU F 336 -94.16 -15.72 -24.78
N VAL F 337 -93.10 -16.39 -24.29
CA VAL F 337 -92.65 -17.67 -24.84
C VAL F 337 -93.32 -18.76 -23.99
N ILE F 338 -94.05 -19.69 -24.63
CA ILE F 338 -94.79 -20.75 -23.95
C ILE F 338 -94.34 -22.11 -24.50
N LEU F 339 -94.26 -23.14 -23.61
CA LEU F 339 -93.80 -24.49 -23.99
C LEU F 339 -94.96 -25.50 -24.13
N ALA F 340 -94.64 -26.72 -24.67
CA ALA F 340 -95.59 -27.83 -24.80
C ALA F 340 -95.10 -29.13 -24.07
N GLY F 341 -93.92 -29.10 -23.44
CA GLY F 341 -93.35 -30.23 -22.70
C GLY F 341 -92.42 -29.72 -21.62
N ASP F 342 -92.80 -29.87 -20.34
CA ASP F 342 -92.07 -29.34 -19.18
C ASP F 342 -90.93 -30.27 -18.75
N ASP F 343 -91.17 -31.61 -18.69
CA ASP F 343 -90.14 -32.56 -18.30
C ASP F 343 -88.99 -32.61 -19.34
N ASP F 344 -89.25 -32.18 -20.61
CA ASP F 344 -88.22 -32.03 -21.65
C ASP F 344 -87.68 -30.59 -21.59
N GLU F 345 -86.36 -30.42 -21.42
CA GLU F 345 -85.74 -29.09 -21.34
C GLU F 345 -85.37 -28.66 -22.75
N ASN F 346 -86.13 -27.70 -23.31
CA ASN F 346 -85.95 -27.22 -24.69
C ASN F 346 -84.85 -26.15 -24.80
N PRO F 347 -83.69 -26.43 -25.43
CA PRO F 347 -82.69 -25.36 -25.61
C PRO F 347 -83.19 -24.29 -26.58
N ARG F 348 -84.12 -24.66 -27.52
CA ARG F 348 -84.72 -23.71 -28.45
C ARG F 348 -85.54 -22.68 -27.69
N ALA F 349 -86.34 -23.13 -26.71
CA ALA F 349 -87.15 -22.24 -25.87
C ALA F 349 -86.25 -21.33 -25.03
N ALA F 350 -85.17 -21.89 -24.45
CA ALA F 350 -84.21 -21.14 -23.63
C ALA F 350 -83.49 -20.07 -24.44
N GLY F 351 -82.95 -20.49 -25.59
CA GLY F 351 -82.24 -19.61 -26.50
C GLY F 351 -83.10 -18.51 -27.12
N VAL F 352 -84.41 -18.77 -27.30
CA VAL F 352 -85.35 -17.78 -27.86
C VAL F 352 -85.63 -16.69 -26.82
N VAL F 353 -85.89 -17.07 -25.56
CA VAL F 353 -86.16 -16.10 -24.49
C VAL F 353 -84.92 -15.21 -24.27
N SER F 354 -83.71 -15.80 -24.31
CA SER F 354 -82.47 -15.05 -24.12
C SER F 354 -82.23 -14.05 -25.26
N ALA F 355 -82.54 -14.45 -26.50
CA ALA F 355 -82.34 -13.60 -27.67
C ALA F 355 -83.37 -12.45 -27.73
N LEU F 356 -84.63 -12.67 -27.26
CA LEU F 356 -85.64 -11.60 -27.21
C LEU F 356 -85.26 -10.56 -26.17
N ILE F 357 -84.78 -11.02 -25.00
CA ILE F 357 -84.33 -10.12 -23.93
C ILE F 357 -83.05 -9.41 -24.40
N GLY F 358 -82.22 -10.11 -25.16
CA GLY F 358 -81.01 -9.56 -25.77
C GLY F 358 -81.32 -8.47 -26.79
N ALA F 359 -82.43 -8.62 -27.54
CA ALA F 359 -82.88 -7.62 -28.50
C ALA F 359 -83.45 -6.38 -27.81
N GLY F 360 -83.95 -6.56 -26.58
CA GLY F 360 -84.50 -5.48 -25.76
C GLY F 360 -86.01 -5.49 -25.64
N MET F 361 -86.63 -6.70 -25.59
CA MET F 361 -88.08 -6.88 -25.45
C MET F 361 -88.38 -7.52 -24.10
N PRO F 362 -89.34 -7.00 -23.31
CA PRO F 362 -89.64 -7.66 -22.03
C PRO F 362 -90.41 -8.96 -22.27
N THR F 363 -89.70 -10.09 -22.12
CA THR F 363 -90.23 -11.42 -22.36
C THR F 363 -90.57 -12.14 -21.04
N THR F 364 -91.69 -12.88 -21.06
CA THR F 364 -92.16 -13.70 -19.93
C THR F 364 -92.20 -15.14 -20.42
N THR F 365 -92.18 -16.14 -19.53
CA THR F 365 -92.18 -17.54 -19.95
C THR F 365 -93.24 -18.34 -19.20
N MET F 366 -93.98 -19.17 -19.95
CA MET F 366 -95.06 -20.04 -19.47
C MET F 366 -94.63 -21.50 -19.71
N ALA F 367 -95.09 -22.43 -18.86
CA ALA F 367 -94.72 -23.84 -18.94
C ALA F 367 -95.95 -24.73 -18.94
N TRP F 368 -96.70 -24.71 -20.04
CA TRP F 368 -97.87 -25.57 -20.21
C TRP F 368 -97.37 -26.91 -20.72
N SER F 369 -97.71 -27.99 -20.02
CA SER F 369 -97.30 -29.33 -20.40
C SER F 369 -98.46 -30.28 -20.38
N HIS F 370 -98.30 -31.44 -21.04
CA HIS F 370 -99.33 -32.48 -21.04
C HIS F 370 -99.34 -33.09 -19.63
N ASP F 371 -100.43 -33.78 -19.28
CA ASP F 371 -100.59 -34.39 -17.94
C ASP F 371 -100.45 -33.31 -16.84
N ALA F 372 -101.14 -32.17 -17.03
CA ALA F 372 -101.15 -31.04 -16.09
C ALA F 372 -102.56 -30.45 -16.04
N ASP F 373 -102.93 -29.75 -14.93
CA ASP F 373 -104.26 -29.15 -14.80
C ASP F 373 -104.42 -28.09 -15.89
N HIS F 374 -105.06 -28.49 -16.99
CA HIS F 374 -105.23 -27.64 -18.17
C HIS F 374 -106.20 -26.48 -17.92
N ASP F 375 -107.26 -26.69 -17.12
CA ASP F 375 -108.20 -25.62 -16.81
C ASP F 375 -107.53 -24.52 -15.97
N ALA F 376 -106.62 -24.92 -15.05
CA ALA F 376 -105.87 -23.99 -14.20
C ALA F 376 -104.79 -23.27 -15.00
N GLN F 377 -104.10 -23.98 -15.90
CA GLN F 377 -103.05 -23.36 -16.73
C GLN F 377 -103.67 -22.44 -17.78
N ALA F 378 -104.88 -22.78 -18.26
CA ALA F 378 -105.64 -21.96 -19.22
C ALA F 378 -106.04 -20.64 -18.59
N ALA F 379 -106.42 -20.68 -17.29
CA ALA F 379 -106.77 -19.50 -16.53
C ALA F 379 -105.55 -18.63 -16.25
N ALA F 380 -104.39 -19.27 -15.98
CA ALA F 380 -103.11 -18.59 -15.74
C ALA F 380 -102.67 -17.83 -16.97
N LEU F 381 -102.87 -18.42 -18.17
CA LEU F 381 -102.52 -17.77 -19.44
C LEU F 381 -103.41 -16.57 -19.69
N THR F 382 -104.74 -16.76 -19.65
CA THR F 382 -105.72 -15.68 -19.85
C THR F 382 -105.48 -14.51 -18.88
N ALA F 383 -104.93 -14.79 -17.68
CA ALA F 383 -104.57 -13.76 -16.71
C ALA F 383 -103.36 -12.94 -17.18
N ARG F 384 -102.30 -13.61 -17.73
CA ARG F 384 -101.09 -12.94 -18.22
C ARG F 384 -101.38 -12.00 -19.40
N LEU F 385 -102.38 -12.34 -20.22
CA LEU F 385 -102.79 -11.55 -21.38
C LEU F 385 -103.52 -10.29 -20.95
N ASP F 386 -104.44 -10.41 -19.98
CA ASP F 386 -105.21 -9.27 -19.45
C ASP F 386 -104.33 -8.37 -18.55
N GLU F 387 -103.26 -8.94 -17.96
CA GLU F 387 -102.32 -8.23 -17.08
C GLU F 387 -101.48 -7.23 -17.88
N GLN F 388 -100.79 -7.71 -18.94
CA GLN F 388 -99.92 -6.88 -19.78
C GLN F 388 -100.27 -6.99 -21.26
N PRO F 389 -100.23 -5.87 -22.01
CA PRO F 389 -100.46 -5.97 -23.46
C PRO F 389 -99.19 -6.42 -24.15
N LEU F 390 -99.24 -7.53 -24.89
CA LEU F 390 -98.07 -8.07 -25.58
C LEU F 390 -98.30 -8.10 -27.08
N ALA F 391 -97.19 -7.98 -27.83
CA ALA F 391 -97.21 -7.94 -29.29
C ALA F 391 -97.43 -9.32 -29.89
N GLY F 392 -96.68 -10.32 -29.39
CA GLY F 392 -96.76 -11.68 -29.89
C GLY F 392 -96.57 -12.76 -28.83
N VAL F 393 -97.03 -13.98 -29.17
CA VAL F 393 -96.94 -15.17 -28.32
C VAL F 393 -96.28 -16.29 -29.12
N ALA F 394 -95.10 -16.77 -28.67
CA ALA F 394 -94.36 -17.83 -29.37
C ALA F 394 -94.53 -19.19 -28.68
N VAL F 395 -95.25 -20.12 -29.33
CA VAL F 395 -95.50 -21.46 -28.79
C VAL F 395 -94.39 -22.42 -29.23
N ILE F 396 -93.51 -22.84 -28.31
CA ILE F 396 -92.39 -23.75 -28.60
C ILE F 396 -92.88 -25.18 -28.36
N VAL F 397 -92.91 -26.02 -29.40
CA VAL F 397 -93.38 -27.41 -29.28
C VAL F 397 -92.18 -28.31 -28.98
N GLY F 398 -92.25 -29.07 -27.88
CA GLY F 398 -91.19 -29.96 -27.44
C GLY F 398 -91.01 -31.23 -28.25
N ASP F 399 -89.76 -31.62 -28.47
CA ASP F 399 -89.40 -32.84 -29.20
C ASP F 399 -88.94 -33.89 -28.21
N SER F 400 -89.58 -35.06 -28.22
CA SER F 400 -89.20 -36.17 -27.34
C SER F 400 -87.81 -36.72 -27.72
N GLU F 401 -86.94 -36.92 -26.71
CA GLU F 401 -85.57 -37.42 -26.86
C GLU F 401 -84.76 -36.50 -27.77
N HIS F 407 -86.35 -42.21 -33.76
CA HIS F 407 -86.58 -42.65 -35.15
C HIS F 407 -87.91 -43.42 -35.30
N ASP F 408 -88.50 -43.97 -34.22
CA ASP F 408 -89.74 -44.74 -34.36
C ASP F 408 -90.94 -43.84 -34.72
N VAL F 409 -91.60 -44.15 -35.87
CA VAL F 409 -92.77 -43.41 -36.38
C VAL F 409 -93.98 -43.77 -35.56
N GLY F 410 -94.13 -45.06 -35.22
CA GLY F 410 -95.24 -45.54 -34.41
C GLY F 410 -95.46 -44.71 -33.16
N ALA F 411 -94.35 -44.33 -32.51
CA ALA F 411 -94.39 -43.47 -31.33
C ALA F 411 -94.71 -42.04 -31.69
N ASP F 412 -94.11 -41.51 -32.78
CA ASP F 412 -94.36 -40.14 -33.24
C ASP F 412 -95.83 -39.96 -33.71
N ALA F 413 -96.48 -41.03 -34.20
CA ALA F 413 -97.88 -41.00 -34.63
C ALA F 413 -98.81 -40.86 -33.44
N ARG F 414 -98.50 -41.57 -32.33
CA ARG F 414 -99.31 -41.50 -31.10
C ARG F 414 -99.06 -40.14 -30.43
N ARG F 415 -97.78 -39.68 -30.41
CA ARG F 415 -97.40 -38.38 -29.83
C ARG F 415 -97.98 -37.22 -30.59
N GLY F 416 -98.09 -37.36 -31.91
CA GLY F 416 -98.64 -36.33 -32.78
C GLY F 416 -100.05 -35.91 -32.44
N ALA F 417 -100.86 -36.85 -31.93
CA ALA F 417 -102.24 -36.58 -31.49
C ALA F 417 -102.22 -35.68 -30.26
N ASP F 418 -101.39 -36.05 -29.26
CA ASP F 418 -101.27 -35.31 -28.00
C ASP F 418 -100.85 -33.86 -28.27
N HIS F 419 -99.95 -33.62 -29.26
CA HIS F 419 -99.54 -32.25 -29.62
C HIS F 419 -100.72 -31.44 -30.18
N VAL F 420 -101.54 -32.06 -31.04
CA VAL F 420 -102.70 -31.42 -31.66
C VAL F 420 -103.72 -31.06 -30.57
N ARG F 421 -104.06 -32.03 -29.69
CA ARG F 421 -104.99 -31.82 -28.56
C ARG F 421 -104.51 -30.66 -27.65
N HIS F 422 -103.19 -30.56 -27.43
CA HIS F 422 -102.59 -29.53 -26.59
C HIS F 422 -102.54 -28.17 -27.27
N LEU F 423 -102.24 -28.11 -28.59
CA LEU F 423 -102.21 -26.84 -29.28
C LEU F 423 -103.64 -26.26 -29.42
N VAL F 424 -104.67 -27.13 -29.45
CA VAL F 424 -106.07 -26.68 -29.46
C VAL F 424 -106.37 -25.99 -28.12
N ARG F 425 -105.90 -26.57 -26.98
CA ARG F 425 -106.08 -25.99 -25.64
C ARG F 425 -105.47 -24.57 -25.57
N ILE F 426 -104.24 -24.41 -26.11
CA ILE F 426 -103.52 -23.13 -26.13
C ILE F 426 -104.21 -22.15 -27.08
N ALA F 427 -104.49 -22.57 -28.31
CA ALA F 427 -105.12 -21.70 -29.32
C ALA F 427 -106.52 -21.20 -28.89
N ARG F 428 -107.30 -22.04 -28.19
CA ARG F 428 -108.64 -21.68 -27.72
C ARG F 428 -108.60 -20.50 -26.73
N THR F 429 -107.63 -20.50 -25.80
CA THR F 429 -107.49 -19.45 -24.79
C THR F 429 -106.99 -18.11 -25.40
N LEU F 430 -106.18 -18.16 -26.49
CA LEU F 430 -105.71 -16.94 -27.16
C LEU F 430 -106.85 -16.29 -27.94
N ALA F 431 -107.69 -17.12 -28.58
CA ALA F 431 -108.87 -16.66 -29.33
C ALA F 431 -109.86 -15.99 -28.38
N ASP F 432 -110.08 -16.59 -27.20
CA ASP F 432 -110.96 -16.05 -26.15
C ASP F 432 -110.19 -14.97 -25.36
N ALA F 433 -109.90 -13.84 -26.03
CA ALA F 433 -109.16 -12.71 -25.47
C ALA F 433 -110.06 -11.49 -25.44
N VAL F 434 -110.04 -10.73 -24.33
CA VAL F 434 -110.86 -9.54 -24.18
C VAL F 434 -110.30 -8.46 -25.12
N GLY F 435 -109.01 -8.14 -24.97
CA GLY F 435 -108.33 -7.15 -25.80
C GLY F 435 -108.01 -7.67 -27.19
N GLU F 436 -107.18 -6.93 -27.94
CA GLU F 436 -106.77 -7.32 -29.28
C GLU F 436 -105.85 -8.54 -29.21
N PRO F 437 -106.24 -9.70 -29.77
CA PRO F 437 -105.35 -10.89 -29.66
C PRO F 437 -103.94 -10.66 -30.21
N PRO F 438 -102.90 -11.18 -29.53
CA PRO F 438 -101.52 -11.02 -30.02
C PRO F 438 -101.22 -11.98 -31.17
N ARG F 439 -100.13 -11.75 -31.91
CA ARG F 439 -99.77 -12.63 -33.02
C ARG F 439 -99.26 -13.98 -32.53
N LEU F 440 -99.92 -15.07 -32.96
CA LEU F 440 -99.52 -16.42 -32.57
C LEU F 440 -98.42 -16.93 -33.50
N TYR F 441 -97.33 -17.43 -32.92
CA TYR F 441 -96.19 -18.01 -33.63
C TYR F 441 -95.95 -19.43 -33.10
N VAL F 442 -96.17 -20.49 -33.89
CA VAL F 442 -95.93 -21.87 -33.43
C VAL F 442 -94.58 -22.34 -33.99
N VAL F 443 -93.64 -22.74 -33.11
CA VAL F 443 -92.29 -23.17 -33.51
C VAL F 443 -92.18 -24.71 -33.44
N THR F 444 -92.15 -25.36 -34.61
CA THR F 444 -92.08 -26.81 -34.73
C THR F 444 -90.68 -27.30 -35.15
N HIS F 445 -90.34 -28.55 -34.79
CA HIS F 445 -89.06 -29.18 -35.10
C HIS F 445 -89.15 -30.12 -36.32
N ARG F 446 -88.57 -29.68 -37.47
CA ARG F 446 -88.53 -30.40 -38.75
C ARG F 446 -89.89 -31.09 -39.10
N SER F 447 -91.00 -30.38 -38.78
CA SER F 447 -92.39 -30.77 -39.02
C SER F 447 -92.63 -31.29 -40.43
N GLN F 448 -92.24 -30.50 -41.45
CA GLN F 448 -92.50 -30.84 -42.85
C GLN F 448 -91.28 -30.71 -43.76
N HIS F 449 -91.45 -31.26 -44.96
CA HIS F 449 -90.46 -31.30 -46.02
C HIS F 449 -90.40 -29.97 -46.77
N VAL F 450 -89.20 -29.40 -46.89
CA VAL F 450 -88.95 -28.14 -47.61
C VAL F 450 -87.81 -28.42 -48.60
N LEU F 451 -86.60 -28.73 -48.11
CA LEU F 451 -85.47 -29.09 -48.98
C LEU F 451 -85.60 -30.55 -49.39
N ASP F 452 -85.21 -30.89 -50.63
CA ASP F 452 -85.31 -32.26 -51.18
C ASP F 452 -84.55 -33.30 -50.34
N THR F 453 -83.45 -32.89 -49.68
CA THR F 453 -82.64 -33.77 -48.85
C THR F 453 -83.31 -34.18 -47.53
N ASP F 454 -84.27 -33.38 -47.05
CA ASP F 454 -84.94 -33.59 -45.75
C ASP F 454 -85.71 -34.92 -45.59
N GLU F 455 -85.61 -35.48 -44.37
CA GLU F 455 -86.34 -36.62 -43.84
C GLU F 455 -87.19 -36.01 -42.75
N PRO F 456 -88.53 -35.91 -42.88
CA PRO F 456 -89.30 -35.18 -41.86
C PRO F 456 -89.35 -35.85 -40.50
N TYR F 457 -89.31 -35.01 -39.45
CA TYR F 457 -89.46 -35.41 -38.05
C TYR F 457 -90.94 -35.24 -37.80
N LEU F 458 -91.64 -36.34 -37.48
CA LEU F 458 -93.09 -36.31 -37.33
C LEU F 458 -93.46 -35.69 -35.95
N GLU F 459 -94.56 -36.09 -35.27
CA GLU F 459 -95.05 -35.45 -34.03
C GLU F 459 -95.71 -34.11 -34.40
N HIS F 460 -94.89 -33.14 -34.84
CA HIS F 460 -95.34 -31.80 -35.20
C HIS F 460 -95.91 -31.75 -36.63
N SER F 461 -95.81 -32.85 -37.40
CA SER F 461 -96.33 -32.90 -38.77
C SER F 461 -97.81 -32.55 -38.83
N GLY F 462 -98.59 -33.08 -37.89
CA GLY F 462 -100.02 -32.84 -37.83
C GLY F 462 -100.43 -31.42 -37.48
N LEU F 463 -99.57 -30.64 -36.82
CA LEU F 463 -99.90 -29.27 -36.39
C LEU F 463 -100.01 -28.25 -37.55
N ARG F 464 -99.41 -28.50 -38.73
CA ARG F 464 -99.47 -27.53 -39.84
C ARG F 464 -100.90 -27.36 -40.42
N GLY F 465 -101.75 -28.37 -40.24
CA GLY F 465 -103.15 -28.32 -40.68
C GLY F 465 -104.00 -27.57 -39.70
N LEU F 466 -103.68 -27.70 -38.41
CA LEU F 466 -104.39 -27.01 -37.33
C LEU F 466 -104.12 -25.50 -37.35
N ILE F 467 -102.84 -25.07 -37.39
CA ILE F 467 -102.48 -23.63 -37.43
C ILE F 467 -103.09 -22.95 -38.67
N ARG F 468 -103.27 -23.69 -39.77
CA ARG F 468 -103.86 -23.20 -41.00
C ARG F 468 -105.38 -22.94 -40.80
N VAL F 469 -106.07 -23.84 -40.06
CA VAL F 469 -107.50 -23.73 -39.72
C VAL F 469 -107.68 -22.63 -38.65
N VAL F 470 -106.78 -22.56 -37.65
CA VAL F 470 -106.85 -21.55 -36.58
C VAL F 470 -106.70 -20.14 -37.18
N GLY F 471 -105.80 -19.97 -38.15
CA GLY F 471 -105.61 -18.71 -38.85
C GLY F 471 -106.85 -18.29 -39.63
N MET F 472 -107.61 -19.28 -40.13
CA MET F 472 -108.86 -19.05 -40.87
C MET F 472 -110.04 -18.78 -39.92
N GLU F 473 -110.18 -19.58 -38.84
CA GLU F 473 -111.25 -19.40 -37.85
C GLU F 473 -111.07 -18.11 -37.04
N HIS F 474 -109.82 -17.78 -36.66
CA HIS F 474 -109.48 -16.59 -35.86
C HIS F 474 -108.31 -15.84 -36.52
N PRO F 475 -108.59 -15.02 -37.55
CA PRO F 475 -107.50 -14.29 -38.24
C PRO F 475 -106.93 -13.11 -37.47
N ARG F 476 -107.59 -12.64 -36.37
CA ARG F 476 -107.09 -11.52 -35.55
C ARG F 476 -105.67 -11.85 -35.11
N LEU F 477 -105.51 -13.01 -34.46
CA LEU F 477 -104.18 -13.55 -34.13
C LEU F 477 -103.68 -14.21 -35.42
N ARG F 478 -102.70 -13.58 -36.10
CA ARG F 478 -102.22 -14.11 -37.38
C ARG F 478 -101.40 -15.37 -37.13
N ALA F 479 -102.05 -16.54 -37.24
CA ALA F 479 -101.45 -17.85 -36.98
C ALA F 479 -100.28 -18.14 -37.93
N THR F 480 -99.05 -17.97 -37.42
CA THR F 480 -97.81 -18.19 -38.16
C THR F 480 -97.10 -19.46 -37.66
N GLN F 481 -96.53 -20.24 -38.59
CA GLN F 481 -95.79 -21.47 -38.28
C GLN F 481 -94.33 -21.27 -38.64
N ILE F 482 -93.42 -21.69 -37.76
CA ILE F 482 -91.98 -21.59 -38.01
C ILE F 482 -91.38 -22.99 -37.89
N ASP F 483 -91.12 -23.68 -39.02
CA ASP F 483 -90.52 -25.01 -39.01
C ASP F 483 -88.98 -24.91 -38.95
N VAL F 484 -88.44 -25.15 -37.76
CA VAL F 484 -87.03 -25.01 -37.44
C VAL F 484 -86.31 -26.35 -37.46
N ASP F 485 -85.01 -26.34 -37.80
CA ASP F 485 -84.15 -27.53 -37.74
C ASP F 485 -83.19 -27.36 -36.56
N ASP F 486 -82.37 -28.38 -36.28
CA ASP F 486 -81.44 -28.32 -35.15
C ASP F 486 -80.38 -27.22 -35.36
N SER F 487 -79.76 -27.21 -36.54
CA SER F 487 -78.73 -26.23 -36.90
C SER F 487 -79.34 -24.97 -37.53
N THR F 488 -79.41 -23.85 -36.78
CA THR F 488 -79.97 -22.60 -37.34
C THR F 488 -79.60 -21.32 -36.55
N ALA F 489 -79.50 -21.39 -35.20
CA ALA F 489 -79.19 -20.28 -34.27
C ALA F 489 -80.46 -19.53 -33.90
N HIS F 490 -80.54 -19.13 -32.63
CA HIS F 490 -81.70 -18.45 -32.07
C HIS F 490 -81.70 -16.95 -32.43
N GLU F 491 -80.51 -16.35 -32.64
CA GLU F 491 -80.35 -14.93 -33.02
C GLU F 491 -81.07 -14.61 -34.33
N ALA F 492 -81.09 -15.57 -35.27
CA ALA F 492 -81.76 -15.45 -36.57
C ALA F 492 -83.26 -15.77 -36.48
N LEU F 493 -83.66 -16.65 -35.54
CA LEU F 493 -85.06 -17.01 -35.38
C LEU F 493 -85.87 -15.84 -34.82
N VAL F 494 -85.39 -15.19 -33.73
CA VAL F 494 -86.09 -14.03 -33.13
C VAL F 494 -86.13 -12.86 -34.11
N ARG F 495 -85.16 -12.79 -35.04
CA ARG F 495 -85.13 -11.79 -36.10
C ARG F 495 -86.46 -11.82 -36.89
N GLN F 496 -87.02 -13.04 -37.12
CA GLN F 496 -88.32 -13.24 -37.80
C GLN F 496 -89.48 -12.75 -36.94
N LEU F 497 -89.48 -13.13 -35.65
CA LEU F 497 -90.53 -12.76 -34.70
C LEU F 497 -90.69 -11.24 -34.61
N LEU F 498 -89.56 -10.52 -34.58
CA LEU F 498 -89.50 -9.07 -34.44
C LEU F 498 -89.60 -8.31 -35.79
N SER F 499 -89.29 -8.93 -36.95
CA SER F 499 -89.42 -8.26 -38.27
C SER F 499 -90.90 -8.03 -38.63
N GLY F 500 -91.77 -8.93 -38.20
CA GLY F 500 -93.21 -8.83 -38.44
C GLY F 500 -93.59 -8.97 -39.90
N SER F 501 -93.04 -9.98 -40.58
CA SER F 501 -93.37 -10.25 -41.98
C SER F 501 -94.77 -10.90 -42.02
N PRO F 502 -95.60 -10.66 -43.05
CA PRO F 502 -96.94 -11.29 -43.05
C PRO F 502 -96.97 -12.78 -43.41
N GLU F 503 -95.81 -13.45 -43.62
CA GLU F 503 -95.76 -14.87 -43.99
C GLU F 503 -96.31 -15.78 -42.86
N ASP F 504 -97.29 -16.65 -43.20
CA ASP F 504 -97.96 -17.55 -42.25
C ASP F 504 -97.30 -18.93 -42.21
N GLU F 505 -96.75 -19.43 -43.34
CA GLU F 505 -96.06 -20.72 -43.36
C GLU F 505 -94.61 -20.45 -43.67
N THR F 506 -93.74 -20.68 -42.69
CA THR F 506 -92.31 -20.41 -42.84
C THR F 506 -91.49 -21.57 -42.31
N ALA F 507 -90.19 -21.54 -42.66
CA ALA F 507 -89.24 -22.56 -42.26
C ALA F 507 -87.80 -22.01 -42.19
N TRP F 508 -86.92 -22.74 -41.48
CA TRP F 508 -85.52 -22.37 -41.31
C TRP F 508 -84.62 -23.57 -41.50
N ARG F 509 -83.77 -23.54 -42.54
CA ARG F 509 -82.80 -24.60 -42.83
C ARG F 509 -81.42 -23.93 -42.90
N ASP F 510 -80.59 -24.16 -41.85
CA ASP F 510 -79.27 -23.53 -41.68
C ASP F 510 -79.53 -22.02 -41.44
N GLY F 511 -78.72 -21.13 -42.02
CA GLY F 511 -78.93 -19.69 -41.85
C GLY F 511 -79.92 -19.09 -42.83
N GLN F 512 -80.63 -19.92 -43.65
CA GLN F 512 -81.59 -19.40 -44.64
C GLN F 512 -83.02 -19.54 -44.18
N TRP F 513 -83.83 -18.52 -44.50
CA TRP F 513 -85.25 -18.45 -44.21
C TRP F 513 -86.01 -18.86 -45.44
N TYR F 514 -87.04 -19.68 -45.25
CA TYR F 514 -87.85 -20.20 -46.34
C TYR F 514 -89.30 -19.86 -46.12
N ALA F 515 -90.04 -19.59 -47.21
CA ALA F 515 -91.47 -19.29 -47.14
C ALA F 515 -92.24 -20.17 -48.13
N ALA F 516 -93.40 -20.71 -47.70
CA ALA F 516 -94.21 -21.60 -48.52
C ALA F 516 -95.16 -20.82 -49.40
N ARG F 517 -95.38 -21.32 -50.62
CA ARG F 517 -96.23 -20.72 -51.64
C ARG F 517 -97.05 -21.82 -52.34
N LEU F 518 -98.36 -21.58 -52.55
CA LEU F 518 -99.29 -22.53 -53.18
C LEU F 518 -99.31 -22.33 -54.71
N CYS F 519 -99.21 -23.42 -55.51
CA CYS F 519 -99.21 -23.28 -56.97
C CYS F 519 -99.52 -24.60 -57.72
N PRO F 520 -100.08 -24.50 -58.94
CA PRO F 520 -100.35 -25.71 -59.75
C PRO F 520 -99.11 -26.11 -60.54
N SER F 521 -98.78 -27.39 -60.67
CA SER F 521 -97.56 -27.77 -61.41
C SER F 521 -97.64 -29.21 -61.94
N PRO F 522 -98.31 -29.40 -63.09
CA PRO F 522 -98.46 -30.74 -63.67
C PRO F 522 -97.38 -31.05 -64.72
N LEU F 523 -96.12 -31.04 -64.28
CA LEU F 523 -94.97 -31.26 -65.17
C LEU F 523 -94.82 -32.74 -65.52
N ARG F 524 -94.09 -33.01 -66.61
CA ARG F 524 -93.79 -34.36 -67.12
C ARG F 524 -92.28 -34.51 -67.42
N ALA F 525 -91.43 -33.80 -66.67
CA ALA F 525 -89.99 -33.88 -66.86
C ALA F 525 -89.39 -34.68 -65.71
N ALA F 526 -89.08 -34.05 -64.58
CA ALA F 526 -88.56 -34.75 -63.40
C ALA F 526 -89.70 -35.43 -62.65
N GLU F 527 -90.94 -34.92 -62.82
CA GLU F 527 -92.14 -35.45 -62.15
C GLU F 527 -92.62 -36.78 -62.77
N ARG F 528 -92.14 -37.15 -63.97
CA ARG F 528 -92.49 -38.42 -64.62
C ARG F 528 -91.64 -39.55 -64.00
N ARG F 529 -92.16 -40.81 -64.02
CA ARG F 529 -91.43 -41.99 -63.48
C ARG F 529 -90.13 -42.19 -64.21
N THR F 530 -89.18 -42.87 -63.55
CA THR F 530 -87.84 -43.12 -64.10
C THR F 530 -87.52 -44.57 -63.92
N ALA F 531 -86.57 -45.08 -64.70
CA ALA F 531 -86.12 -46.46 -64.62
C ALA F 531 -84.77 -46.62 -65.29
N VAL F 532 -84.18 -47.82 -65.16
CA VAL F 532 -82.93 -48.18 -65.79
C VAL F 532 -83.21 -49.45 -66.56
N ALA F 533 -82.82 -49.49 -67.84
CA ALA F 533 -83.07 -50.65 -68.69
C ALA F 533 -81.84 -51.06 -69.46
N ASP F 534 -81.74 -52.37 -69.74
CA ASP F 534 -80.62 -52.97 -70.46
C ASP F 534 -80.63 -52.52 -71.92
N ASN F 535 -79.44 -52.53 -72.57
CA ASN F 535 -79.25 -52.13 -73.98
C ASN F 535 -79.32 -53.34 -74.95
N ALA F 536 -79.04 -54.57 -74.45
CA ALA F 536 -79.16 -55.81 -75.24
C ALA F 536 -80.59 -56.36 -75.21
N SER F 537 -81.22 -56.27 -74.02
CA SER F 537 -82.60 -56.70 -73.77
C SER F 537 -83.43 -55.45 -73.46
N GLU F 538 -84.75 -55.58 -73.31
CA GLU F 538 -85.69 -54.50 -72.92
C GLU F 538 -85.77 -53.35 -73.93
N GLY F 539 -86.99 -52.87 -74.18
CA GLY F 539 -87.26 -51.81 -75.14
C GLY F 539 -86.97 -50.38 -74.70
N MET F 540 -86.11 -49.67 -75.48
CA MET F 540 -85.74 -48.26 -75.28
C MET F 540 -85.61 -47.55 -76.67
N ARG F 541 -86.32 -46.40 -76.84
CA ARG F 541 -86.38 -45.63 -78.09
C ARG F 541 -86.05 -44.16 -77.80
N LEU F 542 -85.70 -43.38 -78.85
CA LEU F 542 -85.36 -41.96 -78.74
C LEU F 542 -86.40 -41.07 -79.48
N VAL F 543 -86.96 -40.05 -78.77
CA VAL F 543 -88.01 -39.15 -79.29
C VAL F 543 -88.04 -37.79 -78.52
N VAL F 544 -88.61 -36.72 -79.16
CA VAL F 544 -88.78 -35.39 -78.54
C VAL F 544 -90.20 -35.27 -77.99
N ARG F 545 -90.36 -34.92 -76.69
CA ARG F 545 -91.71 -34.78 -76.10
C ARG F 545 -92.43 -33.59 -76.75
N ASN F 546 -91.70 -32.49 -77.04
CA ASN F 546 -92.27 -31.34 -77.73
C ASN F 546 -91.25 -30.79 -78.74
N PRO F 547 -91.48 -30.97 -80.06
CA PRO F 547 -90.52 -30.46 -81.04
C PRO F 547 -90.27 -28.95 -80.94
N GLY F 548 -89.09 -28.55 -81.42
CA GLY F 548 -88.61 -27.18 -81.36
C GLY F 548 -87.43 -27.08 -80.41
N ASP F 549 -87.57 -27.73 -79.25
CA ASP F 549 -86.56 -27.77 -78.20
C ASP F 549 -85.77 -29.08 -78.30
N LEU F 550 -84.45 -29.00 -78.47
CA LEU F 550 -83.61 -30.21 -78.51
C LEU F 550 -83.30 -30.72 -77.11
N GLU F 551 -83.47 -29.87 -76.08
CA GLU F 551 -83.30 -30.29 -74.69
C GLU F 551 -84.43 -31.26 -74.31
N SER F 552 -85.58 -31.21 -75.04
CA SER F 552 -86.72 -32.09 -74.82
C SER F 552 -86.50 -33.51 -75.41
N MET F 553 -85.29 -33.83 -75.94
CA MET F 553 -84.96 -35.13 -76.52
C MET F 553 -84.84 -36.16 -75.43
N GLU F 554 -85.83 -37.05 -75.33
CA GLU F 554 -85.91 -38.05 -74.27
C GLU F 554 -85.68 -39.46 -74.76
N LEU F 555 -85.08 -40.28 -73.91
CA LEU F 555 -84.88 -41.71 -74.18
C LEU F 555 -86.06 -42.44 -73.52
N VAL F 556 -87.12 -42.70 -74.29
CA VAL F 556 -88.37 -43.33 -73.82
C VAL F 556 -88.31 -44.87 -73.87
N THR F 557 -89.23 -45.54 -73.13
CA THR F 557 -89.40 -46.99 -73.10
C THR F 557 -90.53 -47.45 -74.02
N PHE F 558 -90.60 -48.76 -74.27
CA PHE F 558 -91.69 -49.36 -75.02
C PHE F 558 -91.74 -50.88 -74.80
N GLU F 559 -92.94 -51.48 -74.89
CA GLU F 559 -93.12 -52.92 -74.71
C GLU F 559 -92.77 -53.61 -76.00
N ARG F 560 -91.60 -54.27 -76.06
CA ARG F 560 -91.19 -54.99 -77.28
C ARG F 560 -92.03 -56.27 -77.43
N GLY F 561 -92.98 -56.22 -78.36
CA GLY F 561 -93.90 -57.32 -78.61
C GLY F 561 -93.50 -58.20 -79.78
N THR F 562 -94.17 -59.36 -79.88
CA THR F 562 -93.94 -60.31 -80.96
C THR F 562 -94.36 -59.69 -82.29
N PRO F 563 -93.52 -59.79 -83.34
CA PRO F 563 -93.91 -59.22 -84.63
C PRO F 563 -94.89 -60.14 -85.34
N GLY F 564 -95.49 -59.62 -86.39
CA GLY F 564 -96.41 -60.35 -87.24
C GLY F 564 -97.77 -59.70 -87.29
N PRO F 565 -98.57 -59.99 -88.34
CA PRO F 565 -98.25 -60.87 -89.46
C PRO F 565 -97.52 -60.12 -90.59
N GLY F 566 -96.51 -60.77 -91.15
CA GLY F 566 -95.71 -60.19 -92.22
C GLY F 566 -94.80 -59.06 -91.78
N GLN F 567 -94.27 -59.16 -90.55
CA GLN F 567 -93.36 -58.17 -89.96
C GLN F 567 -92.19 -58.88 -89.31
N ILE F 568 -91.12 -58.13 -89.05
CA ILE F 568 -89.88 -58.64 -88.46
C ILE F 568 -89.36 -57.71 -87.41
N GLU F 569 -88.89 -58.26 -86.28
CA GLU F 569 -88.23 -57.47 -85.24
C GLU F 569 -86.74 -57.53 -85.53
N VAL F 570 -86.05 -56.37 -85.55
CA VAL F 570 -84.62 -56.30 -85.85
C VAL F 570 -83.89 -55.69 -84.68
N ALA F 571 -82.72 -56.25 -84.35
CA ALA F 571 -81.83 -55.73 -83.32
C ALA F 571 -80.91 -54.75 -83.98
N VAL F 572 -81.22 -53.45 -83.87
CA VAL F 572 -80.47 -52.41 -84.56
C VAL F 572 -79.09 -52.22 -83.93
N LYS F 573 -78.06 -52.26 -84.78
CA LYS F 573 -76.65 -52.04 -84.42
C LYS F 573 -76.29 -50.57 -84.68
N ALA F 574 -76.96 -49.95 -85.67
CA ALA F 574 -76.78 -48.55 -86.01
C ALA F 574 -77.90 -48.03 -86.91
N SER F 575 -78.18 -46.72 -86.82
CA SER F 575 -79.18 -45.99 -87.62
C SER F 575 -78.55 -44.67 -88.10
N SER F 576 -79.22 -43.98 -89.02
CA SER F 576 -78.69 -42.74 -89.58
C SER F 576 -79.50 -41.54 -89.18
N ILE F 577 -78.86 -40.36 -89.32
CA ILE F 577 -79.43 -39.03 -89.07
C ILE F 577 -79.56 -38.33 -90.42
N ASN F 578 -80.78 -38.34 -90.98
CA ASN F 578 -81.08 -37.67 -92.25
C ASN F 578 -81.50 -36.26 -91.92
N PHE F 579 -81.52 -35.35 -92.91
CA PHE F 579 -81.93 -33.98 -92.61
C PHE F 579 -83.42 -33.94 -92.23
N ALA F 580 -84.20 -34.89 -92.76
CA ALA F 580 -85.61 -35.02 -92.40
C ALA F 580 -85.80 -35.16 -90.87
N ASP F 581 -84.90 -35.95 -90.22
CA ASP F 581 -84.92 -36.20 -88.77
C ASP F 581 -84.61 -34.93 -87.98
N VAL F 582 -83.87 -33.99 -88.58
CA VAL F 582 -83.57 -32.70 -87.97
C VAL F 582 -84.84 -31.86 -87.94
N LEU F 583 -85.58 -31.82 -89.05
CA LEU F 583 -86.84 -31.07 -89.17
C LEU F 583 -87.88 -31.60 -88.21
N VAL F 584 -87.90 -32.92 -88.00
CA VAL F 584 -88.81 -33.54 -87.04
C VAL F 584 -88.50 -33.00 -85.65
N ALA F 585 -87.19 -32.93 -85.30
CA ALA F 585 -86.74 -32.41 -84.00
C ALA F 585 -87.20 -30.99 -83.76
N PHE F 586 -87.15 -30.15 -84.81
CA PHE F 586 -87.56 -28.75 -84.71
C PHE F 586 -89.06 -28.52 -85.01
N GLY F 587 -89.78 -29.57 -85.43
CA GLY F 587 -91.19 -29.49 -85.75
C GLY F 587 -91.50 -28.85 -87.09
N ARG F 588 -90.47 -28.66 -87.92
CA ARG F 588 -90.59 -28.05 -89.25
C ARG F 588 -90.79 -29.12 -90.35
N CYS F 589 -91.03 -30.40 -90.01
CA CYS F 589 -91.13 -31.44 -91.02
C CYS F 589 -92.53 -31.52 -91.63
N PRO F 590 -92.65 -31.42 -92.99
CA PRO F 590 -93.96 -31.59 -93.64
C PRO F 590 -94.22 -33.05 -93.98
N SER F 591 -95.47 -33.49 -93.81
CA SER F 591 -95.86 -34.87 -94.11
C SER F 591 -97.25 -34.92 -94.76
N PHE F 592 -97.41 -35.85 -95.72
CA PHE F 592 -98.66 -36.08 -96.44
C PHE F 592 -99.69 -36.67 -95.49
N ASP F 593 -99.22 -37.54 -94.60
CA ASP F 593 -100.05 -38.15 -93.55
C ASP F 593 -100.66 -37.08 -92.66
N GLY F 594 -99.85 -36.08 -92.32
CA GLY F 594 -100.21 -34.99 -91.43
C GLY F 594 -99.53 -35.18 -90.09
N ARG F 595 -99.38 -36.45 -89.67
CA ARG F 595 -98.74 -36.81 -88.41
C ARG F 595 -97.25 -36.60 -88.53
N LEU F 596 -96.61 -36.03 -87.48
CA LEU F 596 -95.17 -35.78 -87.50
C LEU F 596 -94.46 -37.10 -87.34
N PRO F 597 -93.56 -37.46 -88.27
CA PRO F 597 -92.91 -38.77 -88.18
C PRO F 597 -92.04 -38.95 -86.96
N GLU F 598 -91.61 -40.19 -86.75
CA GLU F 598 -90.77 -40.55 -85.63
C GLU F 598 -89.30 -40.50 -86.09
N LEU F 599 -88.39 -40.15 -85.14
CA LEU F 599 -86.95 -39.98 -85.39
C LEU F 599 -86.26 -41.26 -85.80
N GLY F 600 -85.65 -41.24 -86.97
CA GLY F 600 -84.92 -42.37 -87.53
C GLY F 600 -85.74 -43.04 -88.59
N SER F 601 -85.31 -42.94 -89.84
CA SER F 601 -86.04 -43.54 -90.97
C SER F 601 -85.43 -44.90 -91.34
N GLU F 602 -84.10 -44.94 -91.56
CA GLU F 602 -83.37 -46.13 -91.97
C GLU F 602 -82.61 -46.76 -90.80
N PHE F 603 -82.20 -48.04 -90.97
CA PHE F 603 -81.49 -48.79 -89.95
C PHE F 603 -80.56 -49.85 -90.56
N GLY F 604 -79.79 -50.46 -89.69
CA GLY F 604 -78.88 -51.56 -90.03
C GLY F 604 -78.76 -52.44 -88.80
N GLY F 605 -79.21 -53.69 -88.90
CA GLY F 605 -79.19 -54.60 -87.77
C GLY F 605 -79.19 -56.07 -88.10
N VAL F 606 -79.70 -56.87 -87.17
CA VAL F 606 -79.81 -58.33 -87.32
C VAL F 606 -81.20 -58.76 -86.91
N VAL F 607 -81.79 -59.72 -87.64
CA VAL F 607 -83.16 -60.14 -87.33
C VAL F 607 -83.22 -60.86 -85.98
N THR F 608 -84.15 -60.44 -85.12
CA THR F 608 -84.41 -61.00 -83.80
C THR F 608 -85.47 -62.06 -83.91
N ALA F 609 -86.62 -61.68 -84.46
CA ALA F 609 -87.77 -62.56 -84.61
C ALA F 609 -88.51 -62.25 -85.89
N VAL F 610 -89.06 -63.29 -86.51
CA VAL F 610 -89.82 -63.17 -87.74
C VAL F 610 -91.28 -63.46 -87.42
N GLY F 611 -92.16 -62.55 -87.81
CA GLY F 611 -93.58 -62.66 -87.56
C GLY F 611 -94.28 -63.64 -88.49
N PRO F 612 -95.32 -64.36 -87.99
CA PRO F 612 -96.01 -65.34 -88.84
C PRO F 612 -96.77 -64.67 -90.01
N GLY F 613 -96.44 -64.95 -91.26
CA GLY F 613 -95.39 -65.86 -91.70
C GLY F 613 -94.75 -65.36 -92.97
N VAL F 614 -93.41 -65.29 -92.99
CA VAL F 614 -92.68 -64.82 -94.16
C VAL F 614 -91.49 -65.75 -94.43
N THR F 615 -91.43 -66.23 -95.68
CA THR F 615 -90.41 -67.13 -96.18
C THR F 615 -89.12 -66.37 -96.53
N THR F 616 -89.26 -65.09 -96.87
CA THR F 616 -88.17 -64.21 -97.29
C THR F 616 -87.07 -64.05 -96.25
N HIS F 617 -87.40 -63.56 -95.05
CA HIS F 617 -86.40 -63.34 -94.01
C HIS F 617 -86.29 -64.53 -93.07
N ARG F 618 -85.11 -64.62 -92.44
CA ARG F 618 -84.75 -65.65 -91.48
C ARG F 618 -84.14 -64.97 -90.26
N VAL F 619 -84.25 -65.59 -89.07
CA VAL F 619 -83.70 -65.02 -87.84
C VAL F 619 -82.18 -65.12 -87.89
N GLY F 620 -81.51 -64.07 -87.44
CA GLY F 620 -80.06 -64.00 -87.47
C GLY F 620 -79.51 -63.41 -88.75
N ASP F 621 -80.38 -63.07 -89.73
CA ASP F 621 -79.93 -62.45 -90.97
C ASP F 621 -79.48 -61.02 -90.73
N ARG F 622 -78.31 -60.64 -91.25
CA ARG F 622 -77.84 -59.26 -91.16
C ARG F 622 -78.63 -58.46 -92.18
N VAL F 623 -79.51 -57.55 -91.75
CA VAL F 623 -80.38 -56.80 -92.65
C VAL F 623 -80.24 -55.30 -92.48
N GLY F 624 -80.75 -54.59 -93.48
CA GLY F 624 -80.84 -53.15 -93.53
C GLY F 624 -82.19 -52.81 -94.11
N GLY F 625 -82.78 -51.73 -93.64
CA GLY F 625 -84.11 -51.36 -94.10
C GLY F 625 -84.61 -50.01 -93.64
N VAL F 626 -85.91 -49.77 -93.86
CA VAL F 626 -86.62 -48.55 -93.49
C VAL F 626 -87.82 -48.98 -92.65
N SER F 627 -88.34 -48.09 -91.79
CA SER F 627 -89.48 -48.48 -90.97
C SER F 627 -90.38 -47.37 -90.46
N ALA F 628 -89.82 -46.22 -90.05
CA ALA F 628 -90.52 -45.19 -89.29
C ALA F 628 -90.61 -45.78 -87.89
N ASN F 629 -91.66 -45.52 -87.09
CA ASN F 629 -91.79 -46.16 -85.76
C ASN F 629 -90.52 -46.00 -84.86
N GLY F 630 -89.64 -45.06 -85.21
CA GLY F 630 -88.41 -44.79 -84.47
C GLY F 630 -87.34 -45.83 -84.68
N CYS F 631 -86.37 -45.53 -85.57
CA CYS F 631 -85.24 -46.42 -85.82
C CYS F 631 -84.06 -46.08 -84.89
N TRP F 632 -84.23 -45.10 -83.98
CA TRP F 632 -83.23 -44.73 -82.98
C TRP F 632 -83.55 -45.49 -81.67
N SER F 633 -83.62 -46.84 -81.78
CA SER F 633 -83.91 -47.79 -80.70
C SER F 633 -83.04 -49.03 -80.87
N ASN F 634 -82.99 -49.87 -79.83
CA ASN F 634 -82.23 -51.13 -79.87
C ASN F 634 -83.00 -52.16 -80.67
N PHE F 635 -84.35 -52.10 -80.64
CA PHE F 635 -85.22 -53.02 -81.38
C PHE F 635 -86.21 -52.26 -82.22
N VAL F 636 -86.42 -52.70 -83.48
CA VAL F 636 -87.37 -52.07 -84.41
C VAL F 636 -88.19 -53.13 -85.09
N THR F 637 -89.50 -52.98 -85.11
CA THR F 637 -90.39 -53.88 -85.82
C THR F 637 -90.73 -53.20 -87.14
N CYS F 638 -90.41 -53.84 -88.27
CA CYS F 638 -90.69 -53.31 -89.61
C CYS F 638 -91.26 -54.42 -90.49
N GLU F 639 -91.92 -54.03 -91.59
CA GLU F 639 -92.49 -55.00 -92.52
C GLU F 639 -91.41 -55.76 -93.27
N ALA F 640 -91.75 -56.96 -93.78
CA ALA F 640 -90.84 -57.78 -94.58
C ALA F 640 -90.51 -57.11 -95.91
N ASP F 641 -91.45 -56.28 -96.41
CA ASP F 641 -91.32 -55.49 -97.64
C ASP F 641 -90.24 -54.39 -97.51
N LEU F 642 -89.84 -54.01 -96.28
CA LEU F 642 -88.89 -52.92 -96.06
C LEU F 642 -87.52 -53.34 -95.59
N ALA F 643 -87.21 -54.63 -95.53
CA ALA F 643 -85.89 -55.05 -95.13
C ALA F 643 -85.32 -55.99 -96.16
N THR F 644 -84.01 -55.96 -96.35
CA THR F 644 -83.31 -56.81 -97.31
C THR F 644 -82.00 -57.21 -96.68
N LYS F 645 -81.55 -58.45 -96.93
CA LYS F 645 -80.31 -58.95 -96.36
C LYS F 645 -79.11 -58.20 -96.97
N LEU F 646 -78.12 -57.83 -96.13
CA LEU F 646 -76.97 -57.08 -96.63
C LEU F 646 -75.94 -58.03 -97.27
N PRO F 647 -75.24 -57.59 -98.34
CA PRO F 647 -74.17 -58.45 -98.92
C PRO F 647 -72.94 -58.49 -98.00
N GLU F 648 -71.98 -59.38 -98.31
CA GLU F 648 -70.79 -59.56 -97.48
C GLU F 648 -69.89 -58.30 -97.40
N GLY F 649 -69.76 -57.57 -98.51
CA GLY F 649 -68.91 -56.38 -98.61
C GLY F 649 -69.11 -55.22 -97.65
N ILE F 650 -70.33 -55.09 -97.06
CA ILE F 650 -70.64 -53.98 -96.14
C ILE F 650 -71.19 -54.44 -94.79
N SER F 651 -71.02 -53.57 -93.79
CA SER F 651 -71.46 -53.74 -92.41
C SER F 651 -72.82 -53.13 -92.17
N GLU F 652 -73.35 -53.35 -90.97
CA GLU F 652 -74.64 -52.78 -90.55
C GLU F 652 -74.49 -51.26 -90.47
N HIS F 653 -73.33 -50.78 -89.99
CA HIS F 653 -73.02 -49.35 -89.87
C HIS F 653 -72.86 -48.68 -91.24
N GLU F 654 -72.24 -49.37 -92.22
CA GLU F 654 -72.08 -48.83 -93.59
C GLU F 654 -73.45 -48.70 -94.25
N ALA F 655 -74.27 -49.78 -94.15
CA ALA F 655 -75.63 -49.87 -94.70
C ALA F 655 -76.59 -48.82 -94.11
N ALA F 656 -76.39 -48.41 -92.85
CA ALA F 656 -77.24 -47.41 -92.23
C ALA F 656 -77.02 -46.05 -92.86
N ALA F 657 -75.74 -45.68 -93.09
CA ALA F 657 -75.43 -44.37 -93.67
C ALA F 657 -75.90 -44.23 -95.12
N VAL F 658 -75.58 -45.24 -95.94
CA VAL F 658 -75.84 -45.26 -97.38
C VAL F 658 -77.34 -45.16 -97.73
N GLY F 659 -78.09 -46.20 -97.34
CA GLY F 659 -79.51 -46.41 -97.64
C GLY F 659 -80.31 -45.33 -98.37
N LEU F 660 -80.75 -44.31 -97.63
CA LEU F 660 -81.62 -43.25 -98.16
C LEU F 660 -80.88 -42.24 -99.00
N ALA F 661 -79.70 -41.77 -98.55
CA ALA F 661 -78.92 -40.80 -99.31
C ALA F 661 -78.69 -41.31 -100.73
N TYR F 662 -78.11 -42.51 -100.84
CA TYR F 662 -77.82 -43.12 -102.13
C TYR F 662 -79.09 -43.59 -102.83
N GLY F 663 -80.07 -44.05 -102.07
CA GLY F 663 -81.34 -44.48 -102.64
C GLY F 663 -82.03 -43.34 -103.37
N THR F 664 -82.22 -42.22 -102.67
CA THR F 664 -82.85 -41.01 -103.23
C THR F 664 -82.13 -40.57 -104.49
N VAL F 665 -80.80 -40.53 -104.44
CA VAL F 665 -79.94 -40.17 -105.57
C VAL F 665 -80.09 -41.16 -106.72
N TRP F 666 -80.06 -42.46 -106.40
CA TRP F 666 -80.17 -43.52 -107.40
C TRP F 666 -81.48 -43.37 -108.15
N LEU F 667 -82.57 -43.30 -107.39
CA LEU F 667 -83.89 -43.10 -107.94
C LEU F 667 -83.90 -41.85 -108.82
N GLY F 668 -83.54 -40.72 -108.21
CA GLY F 668 -83.55 -39.43 -108.89
C GLY F 668 -82.70 -39.25 -110.12
N LEU F 669 -81.43 -39.65 -110.06
CA LEU F 669 -80.52 -39.44 -111.18
C LEU F 669 -80.52 -40.59 -112.18
N THR F 670 -80.11 -41.79 -111.76
CA THR F 670 -79.99 -42.90 -112.70
C THR F 670 -81.34 -43.50 -113.13
N GLU F 671 -82.39 -43.36 -112.33
CA GLU F 671 -83.68 -43.99 -112.63
C GLU F 671 -84.68 -43.03 -113.28
N LEU F 672 -84.93 -41.86 -112.67
CA LEU F 672 -85.91 -40.90 -113.17
C LEU F 672 -85.34 -40.01 -114.24
N ALA F 673 -84.23 -39.32 -113.91
CA ALA F 673 -83.58 -38.39 -114.82
C ALA F 673 -82.71 -39.12 -115.84
N ARG F 674 -82.47 -40.44 -115.68
CA ARG F 674 -81.63 -41.25 -116.57
C ARG F 674 -80.37 -40.45 -116.90
N MET F 675 -79.54 -40.27 -115.88
CA MET F 675 -78.32 -39.50 -116.01
C MET F 675 -77.38 -40.20 -116.95
N SER F 676 -77.20 -39.60 -118.11
CA SER F 676 -76.30 -40.11 -119.14
C SER F 676 -74.90 -39.60 -118.86
N ALA F 677 -73.93 -40.05 -119.63
CA ALA F 677 -72.57 -39.58 -119.49
C ALA F 677 -72.41 -38.28 -120.23
N GLY F 678 -71.57 -37.40 -119.70
CA GLY F 678 -71.28 -36.11 -120.30
C GLY F 678 -72.21 -34.98 -119.94
N ASP F 679 -73.51 -35.27 -119.73
CA ASP F 679 -74.48 -34.21 -119.40
C ASP F 679 -74.14 -33.55 -118.05
N LYS F 680 -74.45 -32.24 -117.96
CA LYS F 680 -74.10 -31.39 -116.83
C LYS F 680 -75.15 -31.50 -115.74
N ILE F 681 -74.71 -31.63 -114.49
CA ILE F 681 -75.60 -31.79 -113.35
C ILE F 681 -75.31 -30.75 -112.28
N LEU F 682 -76.37 -30.16 -111.70
CA LEU F 682 -76.25 -29.18 -110.61
C LEU F 682 -76.63 -29.84 -109.30
N ILE F 683 -75.67 -30.03 -108.40
CA ILE F 683 -75.89 -30.67 -107.10
C ILE F 683 -75.93 -29.60 -105.99
N HIS F 684 -77.11 -29.26 -105.48
CA HIS F 684 -77.20 -28.27 -104.41
C HIS F 684 -76.78 -28.88 -103.07
N SER F 685 -76.01 -28.10 -102.25
CA SER F 685 -75.53 -28.48 -100.90
C SER F 685 -74.83 -29.86 -100.97
N ALA F 686 -73.81 -29.91 -101.84
CA ALA F 686 -73.07 -31.11 -102.18
C ALA F 686 -72.17 -31.69 -101.05
N THR F 687 -71.96 -30.97 -99.95
CA THR F 687 -71.15 -31.45 -98.82
C THR F 687 -71.92 -32.41 -97.90
N GLY F 688 -73.25 -32.40 -97.99
CA GLY F 688 -74.12 -33.28 -97.21
C GLY F 688 -74.18 -34.73 -97.66
N GLY F 689 -75.04 -35.51 -97.01
CA GLY F 689 -75.20 -36.94 -97.30
C GLY F 689 -75.65 -37.27 -98.70
N VAL F 690 -76.76 -36.67 -99.11
CA VAL F 690 -77.34 -36.85 -100.45
C VAL F 690 -76.42 -36.18 -101.50
N GLY F 691 -75.77 -35.08 -101.10
CA GLY F 691 -74.84 -34.36 -101.95
C GLY F 691 -73.61 -35.19 -102.31
N GLN F 692 -73.01 -35.82 -101.30
CA GLN F 692 -71.84 -36.69 -101.50
C GLN F 692 -72.25 -37.92 -102.31
N ALA F 693 -73.45 -38.45 -102.07
CA ALA F 693 -73.97 -39.58 -102.84
C ALA F 693 -74.19 -39.19 -104.30
N ALA F 694 -74.71 -37.97 -104.54
CA ALA F 694 -74.95 -37.44 -105.89
C ALA F 694 -73.66 -37.32 -106.66
N ILE F 695 -72.61 -36.79 -106.01
CA ILE F 695 -71.28 -36.66 -106.63
C ILE F 695 -70.80 -38.04 -107.06
N ALA F 696 -70.89 -39.02 -106.15
CA ALA F 696 -70.45 -40.39 -106.40
C ALA F 696 -71.02 -40.98 -107.69
N VAL F 697 -72.36 -40.92 -107.85
CA VAL F 697 -73.01 -41.51 -109.03
C VAL F 697 -72.82 -40.58 -110.25
N ALA F 698 -72.68 -39.26 -110.05
CA ALA F 698 -72.42 -38.33 -111.16
C ALA F 698 -71.02 -38.58 -111.71
N ARG F 699 -70.06 -38.82 -110.82
CA ARG F 699 -68.68 -39.15 -111.20
C ARG F 699 -68.67 -40.50 -111.90
N ALA F 700 -69.45 -41.46 -111.36
CA ALA F 700 -69.57 -42.80 -111.94
C ALA F 700 -70.19 -42.75 -113.33
N ALA F 701 -71.26 -41.97 -113.48
CA ALA F 701 -71.96 -41.80 -114.76
C ALA F 701 -71.12 -41.02 -115.78
N GLY F 702 -70.16 -40.21 -115.30
CA GLY F 702 -69.30 -39.40 -116.15
C GLY F 702 -69.92 -38.06 -116.47
N ALA F 703 -70.70 -37.52 -115.52
CA ALA F 703 -71.40 -36.24 -115.67
C ALA F 703 -70.52 -35.09 -115.17
N GLU F 704 -70.67 -33.90 -115.78
CA GLU F 704 -69.92 -32.71 -115.41
C GLU F 704 -70.61 -32.08 -114.20
N ILE F 705 -69.97 -32.06 -113.02
CA ILE F 705 -70.60 -31.56 -111.80
C ILE F 705 -70.43 -30.05 -111.64
N TYR F 706 -71.53 -29.42 -111.20
CA TYR F 706 -71.67 -28.02 -110.82
C TYR F 706 -72.29 -28.08 -109.44
N ALA F 707 -71.58 -27.67 -108.39
CA ALA F 707 -72.11 -27.83 -107.03
C ALA F 707 -72.28 -26.50 -106.30
N THR F 708 -73.07 -26.52 -105.21
CA THR F 708 -73.29 -25.34 -104.39
C THR F 708 -73.16 -25.72 -102.91
N ALA F 709 -72.87 -24.72 -102.07
CA ALA F 709 -72.74 -24.90 -100.63
C ALA F 709 -72.84 -23.55 -99.93
N GLY F 710 -73.27 -23.57 -98.67
CA GLY F 710 -73.51 -22.37 -97.88
C GLY F 710 -72.28 -21.64 -97.41
N SER F 711 -71.47 -22.33 -96.61
CA SER F 711 -70.25 -21.76 -96.05
C SER F 711 -69.12 -21.68 -97.07
N GLU F 712 -68.14 -20.79 -96.80
CA GLU F 712 -66.97 -20.68 -97.68
C GLU F 712 -66.09 -21.90 -97.45
N LYS F 713 -65.92 -22.31 -96.18
CA LYS F 713 -65.19 -23.53 -95.82
C LYS F 713 -65.77 -24.75 -96.54
N ARG F 714 -67.10 -24.82 -96.61
CA ARG F 714 -67.81 -25.92 -97.25
C ARG F 714 -67.63 -25.85 -98.77
N ARG F 715 -67.64 -24.64 -99.34
CA ARG F 715 -67.41 -24.47 -100.79
C ARG F 715 -65.98 -24.86 -101.12
N GLN F 716 -65.01 -24.41 -100.31
CA GLN F 716 -63.59 -24.72 -100.51
C GLN F 716 -63.34 -26.22 -100.44
N LEU F 717 -64.11 -26.97 -99.64
CA LEU F 717 -63.97 -28.43 -99.60
C LEU F 717 -64.29 -29.03 -100.95
N LEU F 718 -65.37 -28.57 -101.59
CA LEU F 718 -65.77 -29.07 -102.92
C LEU F 718 -64.67 -28.76 -103.94
N ARG F 719 -64.11 -27.55 -103.89
CA ARG F 719 -63.02 -27.17 -104.79
C ARG F 719 -61.81 -28.10 -104.58
N ASP F 720 -61.55 -28.50 -103.31
CA ASP F 720 -60.46 -29.42 -102.94
C ASP F 720 -60.77 -30.85 -103.35
N TRP F 721 -62.04 -31.27 -103.27
CA TRP F 721 -62.48 -32.59 -103.72
C TRP F 721 -62.26 -32.81 -105.23
N GLY F 722 -61.92 -31.73 -105.94
CA GLY F 722 -61.63 -31.77 -107.36
C GLY F 722 -62.81 -31.41 -108.22
N ILE F 723 -63.72 -30.58 -107.70
CA ILE F 723 -64.90 -30.18 -108.44
C ILE F 723 -64.72 -28.67 -108.73
N GLU F 724 -64.47 -28.37 -110.01
CA GLU F 724 -64.41 -26.99 -110.52
C GLU F 724 -65.86 -26.62 -110.73
N HIS F 725 -66.23 -25.35 -110.54
CA HIS F 725 -67.61 -24.84 -110.69
C HIS F 725 -68.40 -25.02 -109.38
N VAL F 726 -67.99 -24.29 -108.34
CA VAL F 726 -68.62 -24.28 -107.02
C VAL F 726 -69.24 -22.89 -106.80
N TYR F 727 -70.49 -22.82 -106.31
CA TYR F 727 -71.21 -21.54 -106.09
C TYR F 727 -71.90 -21.51 -104.73
N ASP F 728 -72.60 -20.39 -104.40
CA ASP F 728 -73.29 -20.28 -103.11
C ASP F 728 -74.71 -20.79 -103.29
N SER F 729 -75.13 -21.68 -102.37
CA SER F 729 -76.47 -22.29 -102.34
C SER F 729 -77.53 -21.35 -101.74
N ARG F 730 -77.10 -20.37 -100.92
CA ARG F 730 -77.99 -19.43 -100.25
C ARG F 730 -78.48 -18.26 -101.14
N THR F 731 -77.95 -18.12 -102.37
CA THR F 731 -78.34 -17.04 -103.29
C THR F 731 -78.79 -17.60 -104.62
N THR F 732 -79.28 -16.72 -105.51
CA THR F 732 -79.69 -17.08 -106.88
C THR F 732 -78.56 -16.69 -107.87
N ALA F 733 -77.31 -16.63 -107.35
CA ALA F 733 -76.15 -16.27 -108.14
C ALA F 733 -75.80 -17.39 -109.07
N PHE F 734 -75.65 -18.60 -108.50
CA PHE F 734 -75.31 -19.82 -109.22
C PHE F 734 -75.93 -19.86 -110.62
N ALA F 735 -77.21 -19.46 -110.78
CA ALA F 735 -77.92 -19.48 -112.06
C ALA F 735 -77.14 -18.73 -113.15
N ASP F 736 -76.98 -17.41 -112.99
CA ASP F 736 -76.29 -16.61 -113.99
C ASP F 736 -74.80 -16.97 -114.05
N GLN F 737 -74.19 -17.37 -112.93
CA GLN F 737 -72.78 -17.77 -112.90
C GLN F 737 -72.55 -19.06 -113.69
N ILE F 738 -73.47 -20.03 -113.58
CA ILE F 738 -73.38 -21.29 -114.33
C ILE F 738 -73.68 -21.01 -115.79
N ARG F 739 -74.65 -20.12 -116.08
CA ARG F 739 -74.95 -19.75 -117.46
C ARG F 739 -73.66 -19.17 -118.11
N THR F 740 -72.90 -18.37 -117.36
CA THR F 740 -71.63 -17.81 -117.85
C THR F 740 -70.55 -18.89 -117.97
N ASP F 741 -70.44 -19.78 -116.97
CA ASP F 741 -69.45 -20.86 -116.95
C ASP F 741 -69.79 -22.03 -117.92
N THR F 742 -70.94 -22.00 -118.61
CA THR F 742 -71.34 -23.00 -119.61
C THR F 742 -71.58 -22.34 -120.99
N ASP F 743 -71.20 -21.05 -121.15
CA ASP F 743 -71.39 -20.29 -122.37
C ASP F 743 -72.88 -20.29 -122.80
N GLY F 744 -73.73 -19.95 -121.84
CA GLY F 744 -75.17 -19.85 -122.01
C GLY F 744 -75.97 -21.13 -122.08
N TYR F 745 -75.32 -22.31 -121.99
CA TYR F 745 -76.04 -23.58 -122.10
C TYR F 745 -76.86 -23.89 -120.86
N GLY F 746 -76.29 -23.72 -119.69
CA GLY F 746 -76.93 -24.07 -118.44
C GLY F 746 -76.59 -25.51 -118.14
N VAL F 747 -77.46 -26.21 -117.38
CA VAL F 747 -77.22 -27.62 -117.06
C VAL F 747 -78.30 -28.50 -117.73
N ASP F 748 -78.29 -29.79 -117.40
CA ASP F 748 -79.25 -30.79 -117.88
C ASP F 748 -80.09 -31.33 -116.76
N ILE F 749 -79.43 -31.74 -115.68
CA ILE F 749 -80.08 -32.28 -114.50
C ILE F 749 -79.88 -31.31 -113.36
N VAL F 750 -80.85 -31.23 -112.44
CA VAL F 750 -80.79 -30.36 -111.27
C VAL F 750 -81.33 -31.11 -110.08
N LEU F 751 -80.49 -31.47 -109.12
CA LEU F 751 -80.94 -32.18 -107.92
C LEU F 751 -81.29 -31.11 -106.87
N ASN F 752 -82.50 -30.57 -106.99
CA ASN F 752 -82.97 -29.46 -106.17
C ASN F 752 -83.41 -29.82 -104.76
N SER F 753 -82.55 -29.47 -103.80
CA SER F 753 -82.84 -29.53 -102.37
C SER F 753 -83.22 -28.12 -101.86
N VAL F 754 -82.87 -27.06 -102.63
CA VAL F 754 -83.07 -25.64 -102.26
C VAL F 754 -84.55 -25.21 -102.54
N THR F 755 -84.93 -23.98 -102.12
CA THR F 755 -86.32 -23.51 -102.19
C THR F 755 -86.50 -22.03 -102.57
N GLY F 756 -87.74 -21.72 -102.95
CA GLY F 756 -88.20 -20.38 -103.26
C GLY F 756 -87.75 -19.89 -104.61
N PRO F 757 -87.09 -18.70 -104.68
CA PRO F 757 -86.61 -18.23 -105.98
C PRO F 757 -85.43 -19.04 -106.49
N ALA F 758 -84.74 -19.78 -105.60
CA ALA F 758 -83.62 -20.64 -105.97
C ALA F 758 -84.12 -21.90 -106.69
N GLN F 759 -85.39 -22.28 -106.45
CA GLN F 759 -86.02 -23.40 -107.15
C GLN F 759 -86.33 -22.93 -108.56
N ARG F 760 -87.04 -21.81 -108.66
CA ARG F 760 -87.41 -21.16 -109.92
C ARG F 760 -86.16 -20.87 -110.76
N ALA F 761 -85.09 -20.33 -110.14
CA ALA F 761 -83.83 -20.02 -110.81
C ALA F 761 -83.12 -21.25 -111.36
N GLY F 762 -83.26 -22.37 -110.64
CA GLY F 762 -82.70 -23.66 -111.03
C GLY F 762 -83.42 -24.26 -112.22
N LEU F 763 -84.75 -24.07 -112.29
CA LEU F 763 -85.54 -24.54 -113.41
C LEU F 763 -85.20 -23.73 -114.66
N GLU F 764 -85.10 -22.42 -114.50
CA GLU F 764 -84.76 -21.53 -115.60
C GLU F 764 -83.37 -21.86 -116.16
N LEU F 765 -82.47 -22.38 -115.30
CA LEU F 765 -81.11 -22.76 -115.68
C LEU F 765 -81.04 -23.93 -116.68
N LEU F 766 -81.62 -25.12 -116.34
CA LEU F 766 -81.49 -26.33 -117.19
C LEU F 766 -82.11 -26.11 -118.57
N ALA F 767 -81.46 -26.71 -119.60
CA ALA F 767 -81.80 -26.48 -120.99
C ALA F 767 -81.99 -27.73 -121.83
N PHE F 768 -83.17 -27.82 -122.49
CA PHE F 768 -83.60 -28.83 -123.46
C PHE F 768 -83.69 -30.20 -122.82
N GLY F 769 -82.55 -30.83 -122.51
CA GLY F 769 -82.54 -32.08 -121.77
C GLY F 769 -83.50 -31.98 -120.60
N GLY F 770 -83.38 -30.87 -119.88
CA GLY F 770 -84.22 -30.44 -118.77
C GLY F 770 -84.82 -31.52 -117.91
N ARG F 771 -84.14 -31.87 -116.82
CA ARG F 771 -84.62 -32.89 -115.88
C ARG F 771 -84.50 -32.35 -114.45
N PHE F 772 -85.53 -31.64 -114.01
CA PHE F 772 -85.54 -31.06 -112.67
C PHE F 772 -86.01 -32.09 -111.65
N VAL F 773 -85.12 -32.53 -110.75
CA VAL F 773 -85.47 -33.52 -109.72
C VAL F 773 -85.67 -32.86 -108.37
N GLU F 774 -86.94 -32.52 -108.01
CA GLU F 774 -87.16 -31.90 -106.71
C GLU F 774 -87.32 -32.94 -105.61
N ILE F 775 -86.32 -33.00 -104.73
CA ILE F 775 -86.31 -33.83 -103.53
C ILE F 775 -86.87 -32.98 -102.36
N GLY F 776 -86.63 -31.64 -102.38
CA GLY F 776 -87.13 -30.70 -101.40
C GLY F 776 -88.65 -30.59 -101.32
N LYS F 777 -89.24 -30.95 -100.16
CA LYS F 777 -90.70 -30.96 -99.96
C LYS F 777 -91.35 -29.60 -99.62
N ARG F 778 -90.59 -28.62 -99.09
CA ARG F 778 -91.17 -27.35 -98.63
C ARG F 778 -92.07 -26.66 -99.66
N ASP F 779 -91.59 -26.49 -100.89
CA ASP F 779 -92.33 -25.77 -101.92
C ASP F 779 -93.56 -26.53 -102.45
N ILE F 780 -93.53 -27.86 -102.42
CA ILE F 780 -94.66 -28.68 -102.85
C ILE F 780 -95.79 -28.51 -101.84
N TYR F 781 -95.52 -28.82 -100.55
CA TYR F 781 -96.53 -28.70 -99.48
C TYR F 781 -97.00 -27.24 -99.24
N ALA F 782 -96.26 -26.25 -99.76
CA ALA F 782 -96.66 -24.85 -99.70
C ALA F 782 -97.59 -24.45 -100.88
N ASP F 783 -97.79 -25.35 -101.90
CA ASP F 783 -98.59 -25.13 -103.12
C ASP F 783 -98.03 -23.95 -103.92
N THR F 784 -96.71 -23.81 -103.93
CA THR F 784 -96.11 -22.69 -104.66
C THR F 784 -96.47 -22.83 -106.10
N ARG F 785 -97.15 -21.83 -106.67
CA ARG F 785 -97.56 -21.92 -108.07
C ARG F 785 -96.37 -21.60 -108.95
N LEU F 786 -95.85 -22.66 -109.57
CA LEU F 786 -94.67 -22.64 -110.40
C LEU F 786 -95.03 -22.28 -111.82
N GLY F 787 -94.36 -21.28 -112.37
CA GLY F 787 -94.57 -20.86 -113.75
C GLY F 787 -94.15 -21.95 -114.71
N LEU F 788 -95.08 -22.34 -115.62
CA LEU F 788 -94.82 -23.40 -116.61
C LEU F 788 -94.06 -22.92 -117.87
N PHE F 789 -93.80 -21.62 -118.06
CA PHE F 789 -93.13 -21.15 -119.27
C PHE F 789 -91.78 -21.79 -119.55
N PRO F 790 -90.89 -22.06 -118.56
CA PRO F 790 -89.59 -22.70 -118.87
C PRO F 790 -89.71 -24.09 -119.50
N PHE F 791 -90.84 -24.78 -119.28
CA PHE F 791 -91.07 -26.11 -119.81
C PHE F 791 -91.17 -26.14 -121.34
N ARG F 792 -91.21 -24.98 -122.03
CA ARG F 792 -91.27 -24.93 -123.49
C ARG F 792 -90.08 -25.68 -124.14
N ARG F 793 -88.99 -25.92 -123.38
CA ARG F 793 -87.81 -26.63 -123.86
C ARG F 793 -87.82 -28.13 -123.45
N ASN F 794 -88.96 -28.84 -123.56
CA ASN F 794 -89.08 -30.29 -123.24
C ASN F 794 -88.55 -30.66 -121.82
N LEU F 795 -88.79 -29.79 -120.83
CA LEU F 795 -88.37 -30.06 -119.46
C LEU F 795 -89.22 -31.15 -118.81
N SER F 796 -88.71 -31.73 -117.73
CA SER F 796 -89.36 -32.81 -117.01
C SER F 796 -89.18 -32.59 -115.53
N PHE F 797 -90.28 -32.44 -114.78
CA PHE F 797 -90.24 -32.21 -113.33
C PHE F 797 -90.49 -33.54 -112.62
N TYR F 798 -89.67 -33.87 -111.63
CA TYR F 798 -89.87 -35.11 -110.88
C TYR F 798 -89.95 -34.82 -109.41
N ALA F 799 -91.05 -35.20 -108.77
CA ALA F 799 -91.22 -35.07 -107.34
C ALA F 799 -90.75 -36.37 -106.71
N VAL F 800 -90.01 -36.27 -105.59
CA VAL F 800 -89.48 -37.44 -104.91
C VAL F 800 -89.82 -37.36 -103.43
N ASP F 801 -90.44 -38.42 -102.89
CA ASP F 801 -90.81 -38.56 -101.47
C ASP F 801 -90.69 -40.04 -101.08
N LEU F 802 -89.45 -40.51 -100.88
CA LEU F 802 -89.17 -41.89 -100.44
C LEU F 802 -90.00 -42.29 -99.23
N ALA F 803 -90.24 -41.35 -98.31
CA ALA F 803 -91.03 -41.59 -97.10
C ALA F 803 -92.45 -42.10 -97.42
N LEU F 804 -93.08 -41.45 -98.39
CA LEU F 804 -94.43 -41.79 -98.86
C LEU F 804 -94.38 -43.09 -99.63
N MET F 805 -93.37 -43.25 -100.49
CA MET F 805 -93.12 -44.46 -101.29
C MET F 805 -93.03 -45.69 -100.44
N THR F 806 -92.47 -45.56 -99.23
CA THR F 806 -92.34 -46.65 -98.26
C THR F 806 -93.72 -47.25 -97.93
N VAL F 807 -94.77 -46.45 -98.06
CA VAL F 807 -96.14 -46.86 -97.79
C VAL F 807 -96.86 -47.27 -99.06
N THR F 808 -96.78 -46.44 -100.11
CA THR F 808 -97.51 -46.69 -101.37
C THR F 808 -96.94 -47.83 -102.20
N HIS F 809 -95.61 -47.90 -102.35
CA HIS F 809 -94.93 -48.93 -103.14
C HIS F 809 -93.70 -49.39 -102.37
N PRO F 810 -93.88 -50.17 -101.29
CA PRO F 810 -92.72 -50.58 -100.48
C PRO F 810 -91.75 -51.51 -101.20
N GLN F 811 -92.23 -52.29 -102.19
CA GLN F 811 -91.37 -53.16 -102.97
C GLN F 811 -90.34 -52.34 -103.75
N LYS F 812 -90.72 -51.17 -104.33
CA LYS F 812 -89.77 -50.34 -105.07
C LYS F 812 -88.68 -49.80 -104.14
N ILE F 813 -89.03 -49.48 -102.87
CA ILE F 813 -88.05 -49.01 -101.87
C ILE F 813 -87.12 -50.16 -101.48
N ARG F 814 -87.66 -51.37 -101.30
CA ARG F 814 -86.84 -52.55 -100.96
C ARG F 814 -85.76 -52.77 -102.00
N ASP F 815 -86.15 -52.70 -103.27
CA ASP F 815 -85.26 -52.94 -104.40
C ASP F 815 -84.26 -51.79 -104.54
N LEU F 816 -84.70 -50.56 -104.25
CA LEU F 816 -83.86 -49.37 -104.30
C LEU F 816 -82.78 -49.42 -103.19
N LEU F 817 -83.09 -49.99 -102.02
CA LEU F 817 -82.10 -50.14 -100.95
C LEU F 817 -81.15 -51.24 -101.30
N ALA F 818 -81.72 -52.36 -101.73
CA ALA F 818 -80.95 -53.55 -102.09
C ALA F 818 -79.97 -53.24 -103.21
N THR F 819 -80.39 -52.44 -104.21
CA THR F 819 -79.48 -52.12 -105.32
C THR F 819 -78.36 -51.17 -104.86
N VAL F 820 -78.61 -50.22 -103.92
CA VAL F 820 -77.51 -49.35 -103.46
C VAL F 820 -76.57 -50.15 -102.54
N TYR F 821 -77.10 -51.09 -101.73
CA TYR F 821 -76.28 -51.94 -100.85
C TYR F 821 -75.38 -52.83 -101.69
N ARG F 822 -75.86 -53.24 -102.87
CA ARG F 822 -75.07 -54.07 -103.77
C ARG F 822 -73.96 -53.21 -104.40
N LEU F 823 -74.32 -52.06 -104.99
CA LEU F 823 -73.35 -51.16 -105.65
C LEU F 823 -72.23 -50.71 -104.73
N ILE F 824 -72.59 -50.37 -103.49
CA ILE F 824 -71.61 -49.87 -102.52
C ILE F 824 -70.72 -51.04 -102.01
N ALA F 825 -71.27 -52.26 -101.86
CA ALA F 825 -70.53 -53.44 -101.43
C ALA F 825 -69.60 -53.95 -102.53
N ASP F 826 -70.04 -53.85 -103.80
CA ASP F 826 -69.25 -54.23 -104.98
C ASP F 826 -68.07 -53.27 -105.19
N GLY F 827 -68.23 -52.04 -104.69
CA GLY F 827 -67.24 -50.98 -104.84
C GLY F 827 -67.55 -50.11 -106.06
N THR F 828 -68.69 -50.39 -106.73
CA THR F 828 -69.16 -49.62 -107.89
C THR F 828 -69.28 -48.15 -107.49
N LEU F 829 -69.73 -47.90 -106.25
CA LEU F 829 -69.85 -46.57 -105.67
C LEU F 829 -69.05 -46.50 -104.38
N PRO F 830 -68.36 -45.38 -104.12
CA PRO F 830 -67.61 -45.24 -102.87
C PRO F 830 -68.48 -44.61 -101.80
N LEU F 831 -68.37 -45.07 -100.57
CA LEU F 831 -69.18 -44.54 -99.47
C LEU F 831 -68.69 -43.11 -99.08
N PRO F 832 -69.52 -42.32 -98.37
CA PRO F 832 -69.14 -40.92 -98.08
C PRO F 832 -68.51 -40.73 -96.71
N GLU F 833 -68.28 -39.45 -96.32
CA GLU F 833 -67.75 -39.11 -95.01
C GLU F 833 -68.77 -39.54 -93.97
N ILE F 834 -68.40 -40.49 -93.10
CA ILE F 834 -69.28 -41.01 -92.07
C ILE F 834 -68.70 -40.66 -90.71
N THR F 835 -69.46 -39.86 -89.95
CA THR F 835 -69.07 -39.44 -88.61
C THR F 835 -69.95 -40.21 -87.64
N HIS F 836 -69.36 -41.05 -86.79
CA HIS F 836 -70.15 -41.85 -85.84
C HIS F 836 -70.41 -41.09 -84.55
N TYR F 837 -71.63 -41.22 -84.02
CA TYR F 837 -72.06 -40.60 -82.76
C TYR F 837 -72.75 -41.62 -81.87
N PRO F 838 -72.50 -41.66 -80.56
CA PRO F 838 -73.28 -42.60 -79.72
C PRO F 838 -74.70 -42.08 -79.56
N LEU F 839 -75.67 -42.96 -79.24
CA LEU F 839 -77.07 -42.57 -79.10
C LEU F 839 -77.31 -41.50 -78.02
N GLU F 840 -76.42 -41.40 -77.02
CA GLU F 840 -76.49 -40.38 -75.97
C GLU F 840 -76.30 -38.98 -76.56
N GLU F 841 -75.27 -38.82 -77.42
CA GLU F 841 -74.95 -37.55 -78.08
C GLU F 841 -75.76 -37.34 -79.37
N ALA F 842 -76.97 -37.90 -79.44
CA ALA F 842 -77.83 -37.77 -80.61
C ALA F 842 -78.29 -36.32 -80.78
N ALA F 843 -78.61 -35.64 -79.66
CA ALA F 843 -79.06 -34.24 -79.63
C ALA F 843 -77.96 -33.28 -80.10
N THR F 844 -76.70 -33.56 -79.75
CA THR F 844 -75.51 -32.78 -80.14
C THR F 844 -75.31 -32.90 -81.66
N ALA F 845 -75.51 -34.12 -82.22
CA ALA F 845 -75.41 -34.35 -83.66
C ALA F 845 -76.47 -33.52 -84.41
N ILE F 846 -77.66 -33.34 -83.82
CA ILE F 846 -78.74 -32.56 -84.43
C ILE F 846 -78.37 -31.07 -84.38
N ARG F 847 -77.75 -30.58 -83.28
CA ARG F 847 -77.32 -29.16 -83.19
C ARG F 847 -76.26 -28.84 -84.24
N ILE F 848 -75.37 -29.81 -84.53
CA ILE F 848 -74.29 -29.65 -85.50
C ILE F 848 -74.88 -29.66 -86.90
N MET F 849 -75.72 -30.66 -87.20
CA MET F 849 -76.37 -30.78 -88.51
C MET F 849 -77.36 -29.61 -88.73
N GLY F 850 -78.05 -29.19 -87.66
CA GLY F 850 -79.01 -28.09 -87.68
C GLY F 850 -78.38 -26.73 -87.92
N GLY F 851 -77.09 -26.61 -87.56
CA GLY F 851 -76.32 -25.39 -87.77
C GLY F 851 -75.49 -25.41 -89.05
N ALA F 852 -75.67 -26.45 -89.91
CA ALA F 852 -74.93 -26.63 -91.17
C ALA F 852 -73.40 -26.69 -90.97
N GLN F 853 -72.95 -27.10 -89.76
CA GLN F 853 -71.52 -27.22 -89.43
C GLN F 853 -70.96 -28.54 -89.97
N HIS F 854 -71.81 -29.56 -90.01
CA HIS F 854 -71.46 -30.91 -90.43
C HIS F 854 -71.05 -31.06 -91.91
N THR F 855 -70.50 -32.25 -92.22
CA THR F 855 -70.10 -32.67 -93.56
C THR F 855 -70.32 -34.19 -93.69
N GLY F 856 -70.95 -34.59 -94.79
CA GLY F 856 -71.24 -36.00 -95.05
C GLY F 856 -72.40 -36.54 -94.27
N LYS F 857 -72.32 -37.83 -93.90
CA LYS F 857 -73.39 -38.51 -93.17
C LYS F 857 -73.02 -38.66 -91.70
N LEU F 858 -74.05 -38.68 -90.85
CA LEU F 858 -73.97 -38.84 -89.40
C LEU F 858 -74.66 -40.14 -89.04
N VAL F 859 -73.92 -41.10 -88.46
CA VAL F 859 -74.47 -42.40 -88.09
C VAL F 859 -74.59 -42.43 -86.58
N ILE F 860 -75.80 -42.68 -86.08
CA ILE F 860 -76.01 -42.80 -84.65
C ILE F 860 -75.79 -44.28 -84.31
N ASP F 861 -74.78 -44.56 -83.46
CA ASP F 861 -74.40 -45.92 -83.07
C ASP F 861 -75.23 -46.40 -81.88
N ILE F 862 -75.89 -47.56 -82.01
CA ILE F 862 -76.71 -48.12 -80.93
C ILE F 862 -75.82 -49.05 -80.06
N PRO F 863 -75.85 -48.96 -78.70
CA PRO F 863 -74.98 -49.84 -77.89
C PRO F 863 -75.30 -51.35 -78.07
N ASP F 864 -74.24 -52.17 -78.31
CA ASP F 864 -74.34 -53.61 -78.61
C ASP F 864 -73.86 -54.52 -77.49
N THR F 865 -74.12 -55.84 -77.66
CA THR F 865 -73.74 -56.98 -76.82
C THR F 865 -74.32 -56.89 -75.37
N GLY F 866 -74.00 -55.84 -74.62
CA GLY F 866 -74.50 -55.68 -73.26
C GLY F 866 -74.08 -54.39 -72.58
N GLN F 867 -75.06 -53.52 -72.29
CA GLN F 867 -74.84 -52.25 -71.60
C GLN F 867 -76.14 -51.83 -70.87
N SER F 868 -76.14 -50.72 -70.10
CA SER F 868 -77.33 -50.21 -69.40
C SER F 868 -77.43 -48.69 -69.53
N GLN F 869 -78.67 -48.15 -69.68
CA GLN F 869 -78.93 -46.70 -69.79
C GLN F 869 -80.22 -46.29 -69.04
N VAL F 870 -80.28 -45.05 -68.51
CA VAL F 870 -81.43 -44.51 -67.75
C VAL F 870 -82.52 -44.13 -68.75
N VAL F 871 -83.67 -44.82 -68.62
CA VAL F 871 -84.83 -44.71 -69.49
C VAL F 871 -85.93 -44.01 -68.74
N VAL F 872 -86.89 -43.45 -69.47
CA VAL F 872 -87.99 -42.69 -68.92
C VAL F 872 -89.40 -43.25 -69.36
N PRO F 873 -90.07 -44.07 -68.52
CA PRO F 873 -91.40 -44.58 -68.89
C PRO F 873 -92.53 -43.57 -68.60
N PRO F 874 -93.48 -43.33 -69.52
CA PRO F 874 -94.53 -42.34 -69.23
C PRO F 874 -95.85 -42.96 -68.77
N GLU F 875 -96.64 -43.54 -69.71
CA GLU F 875 -97.95 -44.16 -69.45
C GLU F 875 -97.90 -45.66 -69.74
N GLN F 876 -96.69 -46.24 -69.72
CA GLN F 876 -96.42 -47.67 -69.82
C GLN F 876 -96.40 -48.26 -68.40
N VAL F 877 -96.68 -47.42 -67.35
CA VAL F 877 -96.67 -47.78 -65.94
C VAL F 877 -97.83 -48.74 -65.66
N PRO F 878 -97.53 -49.98 -65.21
CA PRO F 878 -98.61 -50.92 -64.95
C PRO F 878 -99.29 -50.61 -63.63
N VAL F 879 -100.30 -49.73 -63.69
CA VAL F 879 -101.05 -49.35 -62.51
C VAL F 879 -102.00 -50.53 -62.18
N PHE F 880 -103.12 -50.66 -62.89
CA PHE F 880 -104.10 -51.71 -62.62
C PHE F 880 -103.77 -52.93 -63.48
N ARG F 881 -103.40 -54.08 -62.87
CA ARG F 881 -103.05 -55.31 -63.58
C ARG F 881 -103.70 -56.57 -62.97
N GLY F 882 -104.00 -57.52 -63.85
CA GLY F 882 -104.61 -58.80 -63.47
C GLY F 882 -103.69 -59.75 -62.72
N ASP F 883 -102.36 -59.59 -62.90
CA ASP F 883 -101.34 -60.39 -62.20
C ASP F 883 -100.89 -59.70 -60.89
N GLY F 884 -101.81 -58.95 -60.27
CA GLY F 884 -101.58 -58.23 -59.03
C GLY F 884 -102.87 -58.03 -58.24
N ALA F 885 -102.76 -58.15 -56.90
CA ALA F 885 -103.85 -57.95 -55.94
C ALA F 885 -103.77 -56.52 -55.39
N TYR F 886 -104.91 -55.99 -54.88
CA TYR F 886 -104.99 -54.60 -54.37
C TYR F 886 -105.77 -54.48 -53.07
N VAL F 887 -105.42 -53.47 -52.23
CA VAL F 887 -106.11 -53.26 -50.94
C VAL F 887 -106.69 -51.85 -50.89
N ILE F 888 -107.96 -51.73 -50.43
CA ILE F 888 -108.62 -50.43 -50.32
C ILE F 888 -109.26 -50.31 -48.95
N THR F 889 -108.75 -49.38 -48.11
CA THR F 889 -109.32 -49.14 -46.79
C THR F 889 -110.39 -48.09 -46.99
N GLY F 890 -111.56 -48.31 -46.39
CA GLY F 890 -112.72 -47.46 -46.59
C GLY F 890 -113.32 -47.71 -47.95
N GLY F 891 -113.31 -48.99 -48.35
CA GLY F 891 -113.77 -49.46 -49.64
C GLY F 891 -115.26 -49.75 -49.72
N LEU F 892 -115.91 -50.06 -48.58
CA LEU F 892 -117.35 -50.34 -48.60
C LEU F 892 -118.20 -49.06 -48.76
N GLY F 893 -117.58 -47.89 -48.73
CA GLY F 893 -118.32 -46.65 -48.92
C GLY F 893 -117.51 -45.51 -49.50
N GLY F 894 -118.24 -44.52 -49.97
CA GLY F 894 -117.68 -43.30 -50.54
C GLY F 894 -116.90 -43.49 -51.82
N LEU F 895 -115.67 -42.94 -51.83
CA LEU F 895 -114.77 -42.98 -52.97
C LEU F 895 -114.30 -44.39 -53.20
N GLY F 896 -113.83 -45.03 -52.14
CA GLY F 896 -113.33 -46.40 -52.16
C GLY F 896 -114.18 -47.39 -52.92
N LEU F 897 -115.52 -47.31 -52.79
CA LEU F 897 -116.42 -48.22 -53.51
C LEU F 897 -116.50 -47.85 -55.00
N PHE F 898 -116.43 -46.56 -55.34
CA PHE F 898 -116.42 -46.10 -56.74
C PHE F 898 -115.09 -46.49 -57.39
N LEU F 899 -113.97 -46.25 -56.68
CA LEU F 899 -112.64 -46.61 -57.17
C LEU F 899 -112.52 -48.11 -57.36
N ALA F 900 -113.03 -48.91 -56.39
CA ALA F 900 -113.01 -50.39 -56.47
C ALA F 900 -113.77 -50.88 -57.70
N GLU F 901 -114.95 -50.29 -57.96
CA GLU F 901 -115.78 -50.63 -59.12
C GLU F 901 -115.04 -50.26 -60.41
N ARG F 902 -114.39 -49.07 -60.42
CA ARG F 902 -113.63 -48.58 -61.57
C ARG F 902 -112.36 -49.45 -61.79
N MET F 903 -111.69 -49.86 -60.70
CA MET F 903 -110.49 -50.71 -60.75
C MET F 903 -110.82 -52.11 -61.24
N ALA F 904 -111.93 -52.70 -60.75
CA ALA F 904 -112.38 -54.02 -61.18
C ALA F 904 -112.63 -54.02 -62.70
N ALA F 905 -113.25 -52.92 -63.19
CA ALA F 905 -113.50 -52.69 -64.61
C ALA F 905 -112.19 -52.43 -65.38
N ALA F 906 -111.23 -51.72 -64.76
CA ALA F 906 -109.92 -51.44 -65.38
C ALA F 906 -109.00 -52.69 -65.51
N GLY F 907 -109.39 -53.81 -64.92
CA GLY F 907 -108.64 -55.07 -65.00
C GLY F 907 -107.73 -55.28 -63.80
N CYS F 908 -108.31 -55.69 -62.66
CA CYS F 908 -107.58 -55.95 -61.42
C CYS F 908 -107.96 -57.33 -60.91
N GLY F 909 -106.97 -58.19 -60.71
CA GLY F 909 -107.21 -59.54 -60.24
C GLY F 909 -107.24 -59.51 -58.74
N ARG F 910 -108.46 -59.53 -58.15
CA ARG F 910 -108.70 -59.51 -56.69
C ARG F 910 -108.46 -58.12 -56.11
N ILE F 911 -109.50 -57.57 -55.48
CA ILE F 911 -109.44 -56.27 -54.82
C ILE F 911 -110.01 -56.45 -53.41
N VAL F 912 -109.15 -56.39 -52.36
CA VAL F 912 -109.61 -56.55 -50.98
C VAL F 912 -110.19 -55.20 -50.55
N VAL F 913 -111.46 -55.19 -50.11
CA VAL F 913 -112.14 -53.97 -49.67
C VAL F 913 -112.31 -54.08 -48.15
N ASN F 914 -112.16 -52.94 -47.45
CA ASN F 914 -112.23 -52.91 -45.99
C ASN F 914 -113.00 -51.69 -45.48
N SER F 915 -113.64 -51.89 -44.33
CA SER F 915 -114.41 -50.88 -43.59
C SER F 915 -114.92 -51.59 -42.32
N ARG F 916 -114.69 -50.99 -41.15
CA ARG F 916 -115.07 -51.59 -39.86
C ARG F 916 -116.56 -52.01 -39.80
N SER F 917 -117.46 -51.23 -40.41
CA SER F 917 -118.89 -51.54 -40.48
C SER F 917 -119.16 -52.56 -41.57
N ALA F 918 -120.20 -53.39 -41.40
CA ALA F 918 -120.58 -54.40 -42.39
C ALA F 918 -121.12 -53.73 -43.68
N PRO F 919 -121.17 -54.44 -44.84
CA PRO F 919 -121.66 -53.80 -46.07
C PRO F 919 -123.13 -53.43 -46.03
N SER F 920 -123.48 -52.24 -46.56
CA SER F 920 -124.86 -51.77 -46.63
C SER F 920 -125.64 -52.55 -47.69
N THR F 921 -126.96 -52.34 -47.75
CA THR F 921 -127.83 -53.00 -48.73
C THR F 921 -127.49 -52.56 -50.15
N ARG F 922 -127.18 -51.26 -50.37
CA ARG F 922 -126.81 -50.76 -51.69
C ARG F 922 -125.36 -51.14 -52.03
N SER F 923 -124.47 -51.19 -51.00
CA SER F 923 -123.06 -51.56 -51.18
C SER F 923 -122.96 -53.02 -51.62
N SER F 924 -123.72 -53.93 -50.96
CA SER F 924 -123.75 -55.35 -51.30
C SER F 924 -124.19 -55.58 -52.75
N GLU F 925 -125.16 -54.78 -53.24
CA GLU F 925 -125.65 -54.87 -54.63
C GLU F 925 -124.56 -54.49 -55.65
N ILE F 926 -123.72 -53.49 -55.31
CA ILE F 926 -122.63 -53.05 -56.18
C ILE F 926 -121.54 -54.13 -56.23
N ILE F 927 -121.25 -54.78 -55.10
CA ILE F 927 -120.24 -55.83 -55.04
C ILE F 927 -120.71 -57.07 -55.82
N GLU F 928 -122.02 -57.38 -55.77
CA GLU F 928 -122.59 -58.53 -56.49
C GLU F 928 -122.40 -58.41 -58.01
N LEU F 929 -122.76 -57.24 -58.59
CA LEU F 929 -122.63 -57.03 -60.03
C LEU F 929 -121.16 -56.94 -60.48
N ILE F 930 -120.22 -56.53 -59.60
CA ILE F 930 -118.79 -56.49 -59.96
C ILE F 930 -118.27 -57.92 -60.01
N ARG F 931 -118.61 -58.75 -59.00
CA ARG F 931 -118.19 -60.16 -58.95
C ARG F 931 -118.82 -60.94 -60.11
N ALA F 932 -120.08 -60.61 -60.48
CA ALA F 932 -120.76 -61.23 -61.62
C ALA F 932 -120.00 -60.97 -62.92
N THR F 933 -119.44 -59.76 -63.06
CA THR F 933 -118.65 -59.35 -64.23
C THR F 933 -117.16 -59.62 -63.98
N GLY F 934 -116.80 -60.90 -63.88
CA GLY F 934 -115.43 -61.35 -63.69
C GLY F 934 -114.77 -61.02 -62.36
N ALA F 935 -113.85 -60.01 -62.36
CA ALA F 935 -113.00 -59.55 -61.23
C ALA F 935 -113.59 -59.86 -59.86
N ASP F 936 -112.90 -60.68 -59.02
CA ASP F 936 -113.42 -61.01 -57.70
C ASP F 936 -113.10 -59.89 -56.72
N ILE F 937 -114.02 -59.69 -55.78
CA ILE F 937 -114.00 -58.67 -54.77
C ILE F 937 -114.15 -59.35 -53.45
N VAL F 938 -113.13 -59.26 -52.63
CA VAL F 938 -113.17 -59.80 -51.30
C VAL F 938 -113.44 -58.64 -50.34
N VAL F 939 -114.18 -58.93 -49.27
CA VAL F 939 -114.52 -57.96 -48.25
C VAL F 939 -114.05 -58.51 -46.92
N GLU F 940 -113.07 -57.83 -46.32
CA GLU F 940 -112.51 -58.18 -45.02
C GLU F 940 -112.66 -56.97 -44.14
N CYS F 941 -113.62 -57.02 -43.19
CA CYS F 941 -113.89 -55.88 -42.31
C CYS F 941 -112.90 -55.87 -41.17
N GLY F 942 -112.73 -54.68 -40.61
CA GLY F 942 -111.83 -54.43 -39.49
C GLY F 942 -111.49 -52.97 -39.30
N ASP F 943 -111.09 -52.62 -38.08
CA ASP F 943 -110.69 -51.27 -37.74
C ASP F 943 -109.20 -51.13 -38.03
N ILE F 944 -108.82 -50.51 -39.16
CA ILE F 944 -107.39 -50.29 -39.55
C ILE F 944 -106.54 -49.71 -38.44
N ALA F 945 -107.13 -48.94 -37.49
CA ALA F 945 -106.43 -48.43 -36.32
C ALA F 945 -105.80 -49.60 -35.51
N GLU F 946 -106.48 -50.78 -35.48
CA GLU F 946 -105.93 -52.01 -34.88
C GLU F 946 -104.90 -52.59 -35.86
N PRO F 947 -103.75 -53.05 -35.37
CA PRO F 947 -102.71 -53.53 -36.29
C PRO F 947 -103.05 -54.82 -37.03
N ASP F 948 -103.68 -55.79 -36.34
CA ASP F 948 -104.04 -57.09 -36.93
C ASP F 948 -104.90 -56.96 -38.17
N THR F 949 -105.65 -55.87 -38.29
CA THR F 949 -106.50 -55.65 -39.44
C THR F 949 -105.65 -55.45 -40.70
N ALA F 950 -104.67 -54.56 -40.63
CA ALA F 950 -103.76 -54.33 -41.77
C ALA F 950 -103.11 -55.62 -42.28
N LEU F 951 -102.76 -56.53 -41.37
CA LEU F 951 -102.11 -57.80 -41.69
C LEU F 951 -103.09 -58.77 -42.33
N ARG F 952 -104.30 -58.83 -41.78
CA ARG F 952 -105.41 -59.69 -42.25
C ARG F 952 -105.75 -59.33 -43.71
N LEU F 953 -105.84 -58.01 -44.00
CA LEU F 953 -106.10 -57.46 -45.33
C LEU F 953 -105.05 -57.88 -46.35
N VAL F 954 -103.77 -57.68 -45.99
CA VAL F 954 -102.61 -58.00 -46.81
C VAL F 954 -102.57 -59.51 -47.12
N ALA F 955 -102.89 -60.35 -46.15
CA ALA F 955 -102.94 -61.79 -46.38
C ALA F 955 -104.03 -62.15 -47.35
N ALA F 956 -105.25 -61.63 -47.14
CA ALA F 956 -106.39 -61.89 -48.03
C ALA F 956 -106.03 -61.59 -49.49
N ALA F 957 -105.35 -60.48 -49.75
CA ALA F 957 -104.93 -60.10 -51.10
C ALA F 957 -103.95 -61.12 -51.69
N THR F 958 -102.91 -61.44 -50.89
CA THR F 958 -101.85 -62.40 -51.20
C THR F 958 -102.37 -63.81 -51.45
N GLN F 959 -103.23 -64.29 -50.53
CA GLN F 959 -103.85 -65.63 -50.51
C GLN F 959 -104.04 -66.29 -51.89
N THR F 960 -104.61 -65.57 -52.89
CA THR F 960 -104.86 -66.12 -54.24
C THR F 960 -103.60 -66.04 -55.12
N GLY F 961 -102.45 -66.49 -54.61
CA GLY F 961 -101.16 -66.47 -55.30
C GLY F 961 -100.81 -65.23 -56.13
N LEU F 962 -101.31 -64.04 -55.74
CA LEU F 962 -101.06 -62.80 -56.48
C LEU F 962 -100.30 -61.84 -55.61
N PRO F 963 -99.16 -61.25 -56.05
CA PRO F 963 -98.45 -60.32 -55.17
C PRO F 963 -99.18 -59.00 -55.04
N LEU F 964 -99.09 -58.38 -53.87
CA LEU F 964 -99.72 -57.08 -53.63
C LEU F 964 -99.02 -56.05 -54.49
N ARG F 965 -99.76 -55.36 -55.37
CA ARG F 965 -99.18 -54.35 -56.26
C ARG F 965 -99.63 -52.91 -55.92
N GLY F 966 -100.48 -52.73 -54.90
CA GLY F 966 -100.90 -51.38 -54.56
C GLY F 966 -101.85 -51.29 -53.38
N VAL F 967 -101.87 -50.12 -52.74
CA VAL F 967 -102.71 -49.82 -51.57
C VAL F 967 -103.39 -48.47 -51.74
N LEU F 968 -104.56 -48.31 -51.11
CA LEU F 968 -105.31 -47.07 -51.11
C LEU F 968 -105.83 -46.82 -49.70
N HIS F 969 -105.52 -45.65 -49.11
CA HIS F 969 -105.94 -45.35 -47.75
C HIS F 969 -107.08 -44.32 -47.72
N ALA F 970 -108.26 -44.75 -48.19
CA ALA F 970 -109.46 -43.91 -48.20
C ALA F 970 -110.17 -43.90 -46.84
N ALA F 971 -109.84 -44.86 -45.93
CA ALA F 971 -110.44 -44.95 -44.61
C ALA F 971 -110.37 -43.62 -43.90
N ALA F 972 -111.53 -43.07 -43.47
CA ALA F 972 -111.56 -41.76 -42.84
C ALA F 972 -112.79 -41.53 -41.98
N VAL F 973 -112.61 -40.74 -40.91
CA VAL F 973 -113.66 -40.30 -40.00
C VAL F 973 -113.64 -38.79 -40.06
N VAL F 974 -114.84 -38.16 -40.15
CA VAL F 974 -114.96 -36.71 -40.24
C VAL F 974 -115.92 -36.22 -39.17
N GLU F 975 -115.37 -35.66 -38.10
CA GLU F 975 -116.12 -35.04 -37.00
C GLU F 975 -115.63 -33.60 -36.97
N ASP F 976 -116.49 -32.67 -37.40
CA ASP F 976 -116.13 -31.26 -37.51
C ASP F 976 -116.67 -30.48 -36.32
N ALA F 977 -115.86 -29.51 -35.85
CA ALA F 977 -116.22 -28.64 -34.74
C ALA F 977 -115.36 -27.38 -34.74
N THR F 978 -115.91 -26.28 -34.20
CA THR F 978 -115.19 -25.01 -34.08
C THR F 978 -114.14 -25.15 -33.01
N LEU F 979 -113.05 -24.37 -33.09
CA LEU F 979 -111.94 -24.41 -32.13
C LEU F 979 -112.41 -24.42 -30.66
N ALA F 980 -113.50 -23.70 -30.36
CA ALA F 980 -114.08 -23.64 -29.02
C ALA F 980 -114.64 -24.99 -28.56
N ASN F 981 -115.30 -25.76 -29.45
CA ASN F 981 -115.89 -27.05 -29.07
C ASN F 981 -115.19 -28.27 -29.74
N ILE F 982 -113.85 -28.22 -29.91
CA ILE F 982 -113.09 -29.37 -30.41
C ILE F 982 -112.63 -30.11 -29.17
N THR F 983 -113.27 -31.26 -28.88
CA THR F 983 -112.93 -32.04 -27.69
C THR F 983 -111.67 -32.85 -27.93
N ASP F 984 -111.04 -33.32 -26.84
CA ASP F 984 -109.84 -34.14 -26.89
C ASP F 984 -110.15 -35.54 -27.47
N GLU F 985 -111.39 -36.01 -27.26
CA GLU F 985 -111.87 -37.30 -27.75
C GLU F 985 -112.09 -37.24 -29.26
N LEU F 986 -112.70 -36.14 -29.74
CA LEU F 986 -112.98 -35.89 -31.16
C LEU F 986 -111.68 -35.87 -32.00
N VAL F 987 -110.55 -35.44 -31.43
CA VAL F 987 -109.27 -35.42 -32.14
C VAL F 987 -108.88 -36.87 -32.49
N GLU F 988 -108.92 -37.77 -31.48
CA GLU F 988 -108.56 -39.17 -31.67
C GLU F 988 -109.53 -39.90 -32.63
N HIS F 989 -110.79 -39.46 -32.72
CA HIS F 989 -111.76 -40.09 -33.65
C HIS F 989 -111.33 -39.90 -35.10
N ASP F 990 -110.92 -38.67 -35.48
CA ASP F 990 -110.48 -38.32 -36.84
C ASP F 990 -109.04 -38.77 -37.13
N TRP F 991 -108.17 -38.68 -36.12
CA TRP F 991 -106.76 -39.01 -36.19
C TRP F 991 -106.50 -40.50 -36.37
N ALA F 992 -107.19 -41.34 -35.59
CA ALA F 992 -106.98 -42.80 -35.57
C ALA F 992 -107.02 -43.51 -36.95
N PRO F 993 -108.09 -43.41 -37.76
CA PRO F 993 -108.08 -44.12 -39.04
C PRO F 993 -107.05 -43.59 -40.05
N LYS F 994 -106.82 -42.27 -40.05
CA LYS F 994 -105.90 -41.66 -41.00
C LYS F 994 -104.45 -41.98 -40.70
N VAL F 995 -103.98 -41.66 -39.47
CA VAL F 995 -102.57 -41.83 -39.14
C VAL F 995 -102.28 -43.26 -38.65
N TYR F 996 -103.06 -43.83 -37.70
CA TYR F 996 -102.74 -45.17 -37.19
C TYR F 996 -102.94 -46.23 -38.26
N GLY F 997 -103.92 -46.03 -39.13
CA GLY F 997 -104.15 -46.94 -40.24
C GLY F 997 -103.01 -46.92 -41.23
N ALA F 998 -102.52 -45.72 -41.58
CA ALA F 998 -101.42 -45.54 -42.52
C ALA F 998 -100.13 -46.22 -42.02
N TRP F 999 -99.85 -46.11 -40.73
CA TRP F 999 -98.67 -46.74 -40.15
C TRP F 999 -98.84 -48.25 -40.08
N ASN F 1000 -100.04 -48.74 -39.70
CA ASN F 1000 -100.30 -50.19 -39.64
C ASN F 1000 -100.25 -50.79 -41.04
N LEU F 1001 -100.67 -50.03 -42.08
CA LEU F 1001 -100.59 -50.48 -43.46
C LEU F 1001 -99.14 -50.59 -43.87
N HIS F 1002 -98.36 -49.53 -43.61
CA HIS F 1002 -96.93 -49.50 -43.92
C HIS F 1002 -96.23 -50.71 -43.28
N GLN F 1003 -96.45 -50.92 -41.98
CA GLN F 1003 -95.84 -52.03 -41.28
C GLN F 1003 -96.28 -53.38 -41.88
N ALA F 1004 -97.59 -53.55 -42.18
CA ALA F 1004 -98.11 -54.81 -42.76
C ALA F 1004 -97.43 -55.17 -44.08
N VAL F 1005 -97.06 -54.14 -44.85
CA VAL F 1005 -96.36 -54.30 -46.13
C VAL F 1005 -94.90 -54.76 -45.89
N GLN F 1006 -94.17 -54.13 -44.96
CA GLN F 1006 -92.78 -54.53 -44.64
C GLN F 1006 -92.77 -55.91 -44.00
N SER F 1007 -93.68 -56.13 -43.03
CA SER F 1007 -93.87 -57.39 -42.31
C SER F 1007 -94.17 -58.55 -43.25
N GLY F 1008 -94.93 -58.27 -44.31
CA GLY F 1008 -95.24 -59.27 -45.32
C GLY F 1008 -94.00 -59.77 -46.03
N GLY F 1009 -94.13 -60.93 -46.65
CA GLY F 1009 -93.01 -61.59 -47.32
C GLY F 1009 -92.62 -60.95 -48.65
N PRO F 1010 -92.20 -61.77 -49.64
CA PRO F 1010 -91.80 -61.19 -50.93
C PRO F 1010 -93.00 -60.73 -51.76
N ALA F 1011 -94.21 -61.26 -51.47
CA ALA F 1011 -95.44 -60.89 -52.18
C ALA F 1011 -95.77 -59.39 -52.01
N THR F 1012 -95.57 -58.87 -50.79
CA THR F 1012 -95.82 -57.47 -50.46
C THR F 1012 -94.67 -56.55 -50.87
N SER F 1013 -93.43 -57.07 -50.92
CA SER F 1013 -92.24 -56.31 -51.27
C SER F 1013 -92.05 -56.12 -52.81
N GLU F 1014 -93.17 -55.99 -53.57
CA GLU F 1014 -93.18 -55.79 -55.01
C GLU F 1014 -94.20 -54.73 -55.44
N LEU F 1015 -94.76 -53.91 -54.50
CA LEU F 1015 -95.84 -52.99 -54.90
C LEU F 1015 -95.33 -51.75 -55.65
N ASP F 1016 -96.21 -51.27 -56.55
CA ASP F 1016 -96.00 -50.16 -57.46
C ASP F 1016 -96.35 -48.83 -56.82
N TRP F 1017 -97.43 -48.81 -56.01
CA TRP F 1017 -97.88 -47.59 -55.37
C TRP F 1017 -98.43 -47.83 -53.95
N PHE F 1018 -98.58 -46.74 -53.22
CA PHE F 1018 -99.15 -46.70 -51.87
C PHE F 1018 -99.78 -45.34 -51.74
N CYS F 1019 -101.07 -45.26 -51.98
CA CYS F 1019 -101.75 -43.98 -52.02
C CYS F 1019 -102.56 -43.73 -50.78
N ALA F 1020 -102.71 -42.45 -50.44
CA ALA F 1020 -103.46 -42.00 -49.27
C ALA F 1020 -104.31 -40.81 -49.61
N PHE F 1021 -105.62 -40.97 -49.57
CA PHE F 1021 -106.52 -39.86 -49.88
C PHE F 1021 -106.55 -38.87 -48.71
N SER F 1022 -106.06 -37.64 -48.95
CA SER F 1022 -106.00 -36.57 -47.97
C SER F 1022 -107.19 -35.61 -48.24
N SER F 1023 -107.13 -34.35 -47.75
CA SER F 1023 -108.18 -33.35 -47.99
C SER F 1023 -107.58 -32.00 -48.32
N ALA F 1024 -108.27 -31.24 -49.20
CA ALA F 1024 -107.86 -29.89 -49.59
C ALA F 1024 -108.06 -28.90 -48.43
N ALA F 1025 -108.94 -29.25 -47.46
CA ALA F 1025 -109.19 -28.44 -46.26
C ALA F 1025 -107.91 -28.34 -45.41
N ALA F 1026 -107.06 -29.39 -45.42
CA ALA F 1026 -105.79 -29.36 -44.69
C ALA F 1026 -104.84 -28.32 -45.29
N LEU F 1027 -104.83 -28.24 -46.64
CA LEU F 1027 -103.98 -27.32 -47.41
C LEU F 1027 -104.41 -25.86 -47.23
N VAL F 1028 -105.71 -25.55 -47.43
CA VAL F 1028 -106.23 -24.17 -47.35
C VAL F 1028 -106.59 -23.78 -45.92
N GLY F 1029 -107.29 -24.65 -45.21
CA GLY F 1029 -107.73 -24.42 -43.84
C GLY F 1029 -109.22 -24.17 -43.73
N SER F 1030 -110.05 -25.10 -44.25
CA SER F 1030 -111.52 -24.95 -44.16
C SER F 1030 -111.94 -24.89 -42.69
N PRO F 1031 -112.53 -23.77 -42.21
CA PRO F 1031 -112.88 -23.68 -40.79
C PRO F 1031 -113.89 -24.74 -40.35
N GLY F 1032 -113.75 -25.17 -39.10
CA GLY F 1032 -114.59 -26.20 -38.51
C GLY F 1032 -113.98 -27.59 -38.62
N GLN F 1033 -113.09 -27.83 -39.62
CA GLN F 1033 -112.46 -29.14 -39.78
C GLN F 1033 -111.48 -29.36 -38.62
N GLY F 1034 -110.37 -28.60 -38.61
CA GLY F 1034 -109.36 -28.63 -37.56
C GLY F 1034 -108.75 -29.98 -37.25
N ALA F 1035 -109.51 -30.80 -36.51
CA ALA F 1035 -109.12 -32.16 -36.12
C ALA F 1035 -108.89 -33.04 -37.35
N TYR F 1036 -109.80 -32.95 -38.36
CA TYR F 1036 -109.69 -33.71 -39.61
C TYR F 1036 -108.53 -33.14 -40.45
N ALA F 1037 -108.33 -31.82 -40.40
CA ALA F 1037 -107.24 -31.15 -41.12
C ALA F 1037 -105.87 -31.57 -40.58
N ALA F 1038 -105.73 -31.65 -39.25
CA ALA F 1038 -104.47 -32.03 -38.62
C ALA F 1038 -104.09 -33.49 -38.90
N ALA F 1039 -105.08 -34.40 -38.90
CA ALA F 1039 -104.88 -35.83 -39.19
C ALA F 1039 -104.33 -36.03 -40.59
N ASN F 1040 -104.82 -35.23 -41.54
CA ASN F 1040 -104.35 -35.28 -42.92
C ASN F 1040 -102.93 -34.70 -43.06
N SER F 1041 -102.61 -33.60 -42.35
CA SER F 1041 -101.27 -32.96 -42.42
C SER F 1041 -100.18 -33.93 -42.01
N TRP F 1042 -100.46 -34.81 -41.03
CA TRP F 1042 -99.55 -35.85 -40.57
C TRP F 1042 -99.40 -36.89 -41.68
N LEU F 1043 -100.54 -37.39 -42.17
CA LEU F 1043 -100.61 -38.40 -43.22
C LEU F 1043 -99.91 -37.92 -44.51
N ASP F 1044 -99.96 -36.61 -44.82
CA ASP F 1044 -99.31 -36.04 -46.00
C ASP F 1044 -97.79 -36.07 -45.81
N ALA F 1045 -97.32 -35.71 -44.61
CA ALA F 1045 -95.89 -35.72 -44.26
C ALA F 1045 -95.37 -37.15 -44.17
N PHE F 1046 -96.21 -38.10 -43.71
CA PHE F 1046 -95.85 -39.52 -43.61
C PHE F 1046 -95.50 -40.09 -45.00
N MET F 1047 -96.21 -39.64 -46.05
CA MET F 1047 -95.94 -40.11 -47.39
C MET F 1047 -94.60 -39.58 -47.89
N GLN F 1048 -94.24 -38.33 -47.56
CA GLN F 1048 -92.93 -37.77 -47.93
C GLN F 1048 -91.81 -38.50 -47.20
N TRP F 1049 -92.08 -38.93 -45.94
CA TRP F 1049 -91.14 -39.72 -45.15
C TRP F 1049 -90.99 -41.11 -45.76
N ARG F 1050 -92.10 -41.73 -46.16
CA ARG F 1050 -92.11 -43.06 -46.77
C ARG F 1050 -91.35 -43.02 -48.10
N ARG F 1051 -91.52 -41.96 -48.90
CA ARG F 1051 -90.78 -41.78 -50.16
C ARG F 1051 -89.30 -41.61 -49.88
N ALA F 1052 -88.96 -40.83 -48.82
CA ALA F 1052 -87.57 -40.61 -48.39
C ALA F 1052 -86.87 -41.94 -48.04
N GLN F 1053 -87.61 -42.88 -47.40
CA GLN F 1053 -87.05 -44.19 -47.06
C GLN F 1053 -86.80 -45.04 -48.30
N GLY F 1054 -87.41 -44.70 -49.43
CA GLY F 1054 -87.24 -45.38 -50.71
C GLY F 1054 -88.54 -46.00 -51.19
N LEU F 1055 -89.42 -46.35 -50.25
CA LEU F 1055 -90.70 -46.97 -50.53
C LEU F 1055 -91.58 -46.07 -51.43
N PRO F 1056 -92.47 -46.63 -52.25
CA PRO F 1056 -93.35 -45.77 -53.06
C PRO F 1056 -94.39 -45.11 -52.18
N ALA F 1057 -94.81 -43.90 -52.52
CA ALA F 1057 -95.77 -43.18 -51.69
C ALA F 1057 -96.45 -42.06 -52.45
N THR F 1058 -97.77 -41.87 -52.19
CA THR F 1058 -98.58 -40.84 -52.84
C THR F 1058 -99.67 -40.34 -51.90
N SER F 1059 -100.01 -39.05 -52.03
CA SER F 1059 -101.10 -38.42 -51.28
C SER F 1059 -101.87 -37.51 -52.21
N ILE F 1060 -103.20 -37.59 -52.18
CA ILE F 1060 -104.05 -36.78 -53.06
C ILE F 1060 -105.04 -35.99 -52.21
N ALA F 1061 -104.76 -34.69 -52.01
CA ALA F 1061 -105.66 -33.81 -51.26
C ALA F 1061 -106.88 -33.49 -52.13
N TRP F 1062 -107.97 -34.23 -51.94
CA TRP F 1062 -109.18 -34.10 -52.76
C TRP F 1062 -110.05 -32.90 -52.39
N GLY F 1063 -110.85 -32.47 -53.36
CA GLY F 1063 -111.81 -31.39 -53.23
C GLY F 1063 -113.20 -31.91 -52.90
N ALA F 1064 -114.24 -31.27 -53.43
CA ALA F 1064 -115.63 -31.64 -53.17
C ALA F 1064 -116.21 -32.55 -54.26
N TRP F 1065 -116.51 -33.82 -53.93
CA TRP F 1065 -117.04 -34.78 -54.91
C TRP F 1065 -118.57 -34.73 -55.03
N GLY F 1066 -119.06 -35.12 -56.21
CA GLY F 1066 -120.49 -35.10 -56.52
C GLY F 1066 -121.31 -36.23 -55.92
N GLU F 1067 -120.95 -37.49 -56.22
CA GLU F 1067 -121.69 -38.66 -55.74
C GLU F 1067 -120.76 -39.83 -55.51
N ASN F 1079 -116.25 -25.81 -60.16
CA ASN F 1079 -117.33 -25.99 -59.18
C ASN F 1079 -117.57 -27.47 -58.88
N ALA F 1080 -116.96 -27.98 -57.78
CA ALA F 1080 -117.06 -29.36 -57.29
C ALA F 1080 -116.54 -30.43 -58.30
N ILE F 1081 -115.66 -31.33 -57.82
CA ILE F 1081 -115.11 -32.42 -58.64
C ILE F 1081 -116.21 -33.49 -58.90
N ALA F 1082 -116.23 -34.01 -60.13
CA ALA F 1082 -117.18 -35.03 -60.58
C ALA F 1082 -116.63 -36.43 -60.31
N PRO F 1083 -117.47 -37.49 -60.32
CA PRO F 1083 -116.94 -38.84 -60.06
C PRO F 1083 -115.95 -39.35 -61.11
N ASP F 1084 -116.33 -39.37 -62.40
CA ASP F 1084 -115.45 -39.85 -63.49
C ASP F 1084 -114.26 -38.90 -63.73
N GLU F 1085 -114.33 -37.65 -63.27
CA GLU F 1085 -113.27 -36.64 -63.37
C GLU F 1085 -112.08 -37.01 -62.46
N GLY F 1086 -112.40 -37.46 -61.25
CA GLY F 1086 -111.40 -37.87 -60.28
C GLY F 1086 -110.79 -39.23 -60.57
N ALA F 1087 -111.55 -40.15 -61.21
CA ALA F 1087 -111.05 -41.49 -61.58
C ALA F 1087 -109.85 -41.39 -62.52
N TYR F 1088 -109.93 -40.48 -63.50
CA TYR F 1088 -108.85 -40.23 -64.45
C TYR F 1088 -107.68 -39.56 -63.77
N ALA F 1089 -107.96 -38.59 -62.89
CA ALA F 1089 -106.94 -37.86 -62.12
C ALA F 1089 -106.15 -38.81 -61.24
N PHE F 1090 -106.85 -39.66 -60.47
CA PHE F 1090 -106.27 -40.67 -59.60
C PHE F 1090 -105.31 -41.58 -60.39
N GLU F 1091 -105.82 -42.23 -61.46
CA GLU F 1091 -105.02 -43.09 -62.35
C GLU F 1091 -103.78 -42.35 -62.92
N ALA F 1092 -103.96 -41.07 -63.33
CA ALA F 1092 -102.91 -40.25 -63.91
C ALA F 1092 -101.82 -39.91 -62.89
N ILE F 1093 -102.23 -39.50 -61.68
CA ILE F 1093 -101.32 -39.16 -60.57
C ILE F 1093 -100.46 -40.39 -60.19
N LEU F 1094 -101.04 -41.61 -60.30
CA LEU F 1094 -100.32 -42.85 -60.00
C LEU F 1094 -99.27 -43.16 -61.09
N ARG F 1095 -99.51 -42.68 -62.32
CA ARG F 1095 -98.59 -42.85 -63.44
C ARG F 1095 -97.38 -41.91 -63.35
N HIS F 1096 -97.44 -40.87 -62.50
CA HIS F 1096 -96.33 -39.94 -62.29
C HIS F 1096 -95.67 -40.11 -60.91
N ASP F 1097 -94.39 -39.73 -60.84
CA ASP F 1097 -93.52 -39.85 -59.65
C ASP F 1097 -93.58 -38.56 -58.82
N ARG F 1098 -94.80 -38.18 -58.41
CA ARG F 1098 -95.03 -37.04 -57.54
C ARG F 1098 -95.61 -37.54 -56.25
N VAL F 1099 -95.18 -36.97 -55.11
CA VAL F 1099 -95.68 -37.37 -53.80
C VAL F 1099 -96.92 -36.59 -53.44
N TYR F 1100 -96.79 -35.28 -53.17
CA TYR F 1100 -97.94 -34.46 -52.79
C TYR F 1100 -98.61 -33.86 -54.00
N ASN F 1101 -99.89 -34.21 -54.17
CA ASN F 1101 -100.76 -33.75 -55.23
C ASN F 1101 -102.01 -33.18 -54.59
N GLY F 1102 -102.62 -32.21 -55.24
CA GLY F 1102 -103.82 -31.55 -54.72
C GLY F 1102 -104.86 -31.28 -55.78
N TYR F 1103 -105.80 -32.22 -55.96
CA TYR F 1103 -106.85 -32.04 -56.94
C TYR F 1103 -108.01 -31.28 -56.31
N ALA F 1104 -108.32 -30.09 -56.83
CA ALA F 1104 -109.41 -29.31 -56.28
C ALA F 1104 -109.93 -28.29 -57.30
N PRO F 1105 -111.26 -28.02 -57.33
CA PRO F 1105 -111.78 -27.00 -58.26
C PRO F 1105 -111.24 -25.64 -57.84
N VAL F 1106 -110.45 -24.99 -58.71
CA VAL F 1106 -109.81 -23.71 -58.37
C VAL F 1106 -110.56 -22.54 -59.05
N LEU F 1107 -110.61 -22.49 -60.40
CA LEU F 1107 -111.28 -21.42 -61.16
C LEU F 1107 -111.11 -20.06 -60.42
N GLY F 1108 -112.21 -19.42 -59.97
CA GLY F 1108 -112.17 -18.19 -59.19
C GLY F 1108 -113.12 -18.33 -58.02
N ALA F 1109 -112.90 -19.36 -57.19
CA ALA F 1109 -113.76 -19.66 -56.05
C ALA F 1109 -113.68 -18.60 -54.95
N SER F 1110 -114.72 -18.59 -54.09
CA SER F 1110 -114.86 -17.64 -52.98
C SER F 1110 -113.83 -17.86 -51.89
N TRP F 1111 -113.60 -19.13 -51.50
CA TRP F 1111 -112.63 -19.49 -50.47
C TRP F 1111 -111.17 -19.18 -50.88
N LEU F 1112 -110.86 -19.22 -52.19
CA LEU F 1112 -109.51 -18.93 -52.69
C LEU F 1112 -109.26 -17.41 -52.77
N THR F 1113 -110.24 -16.65 -53.29
CA THR F 1113 -110.13 -15.19 -53.39
C THR F 1113 -110.08 -14.58 -51.97
N ALA F 1114 -110.78 -15.20 -50.99
CA ALA F 1114 -110.76 -14.77 -49.59
C ALA F 1114 -109.43 -15.11 -48.93
N PHE F 1115 -108.89 -16.29 -49.23
CA PHE F 1115 -107.62 -16.75 -48.67
C PHE F 1115 -106.41 -15.98 -49.25
N ALA F 1116 -106.44 -15.66 -50.56
CA ALA F 1116 -105.34 -14.97 -51.24
C ALA F 1116 -105.13 -13.55 -50.73
N GLN F 1117 -106.23 -12.82 -50.46
CA GLN F 1117 -106.15 -11.46 -49.94
C GLN F 1117 -105.72 -11.43 -48.46
N ARG F 1118 -106.04 -12.47 -47.66
CA ARG F 1118 -105.69 -12.50 -46.23
C ARG F 1118 -104.21 -12.81 -45.96
N SER F 1119 -103.62 -13.84 -46.64
CA SER F 1119 -102.22 -14.24 -46.42
C SER F 1119 -101.39 -14.27 -47.73
N PRO F 1120 -100.05 -14.10 -47.66
CA PRO F 1120 -99.22 -14.15 -48.87
C PRO F 1120 -98.82 -15.57 -49.31
N PHE F 1121 -99.38 -16.61 -48.66
CA PHE F 1121 -99.13 -18.00 -49.04
C PHE F 1121 -99.73 -18.24 -50.43
N ALA F 1122 -100.97 -17.76 -50.66
CA ALA F 1122 -101.63 -17.89 -51.97
C ALA F 1122 -101.49 -16.58 -52.78
N GLU F 1123 -100.24 -16.14 -52.96
CA GLU F 1123 -99.88 -14.91 -53.69
C GLU F 1123 -100.11 -15.09 -55.19
N LEU F 1124 -99.76 -16.26 -55.72
CA LEU F 1124 -99.86 -16.54 -57.15
C LEU F 1124 -101.31 -16.72 -57.61
N PHE F 1125 -102.21 -17.07 -56.69
CA PHE F 1125 -103.62 -17.24 -57.02
C PHE F 1125 -104.34 -15.92 -57.27
N LEU F 1126 -103.94 -14.83 -56.57
CA LEU F 1126 -104.58 -13.52 -56.74
C LEU F 1126 -104.27 -12.92 -58.13
N ALA F 1127 -102.98 -12.85 -58.49
CA ALA F 1127 -102.48 -12.33 -59.77
C ALA F 1127 -102.94 -10.87 -60.03
N PRO G 15 -30.60 -11.60 -88.09
CA PRO G 15 -30.20 -10.57 -89.05
C PRO G 15 -30.05 -9.20 -88.38
N SER G 16 -28.80 -8.79 -88.15
CA SER G 16 -28.53 -7.48 -87.54
C SER G 16 -27.29 -6.83 -88.12
N VAL G 17 -27.15 -5.54 -87.82
CA VAL G 17 -26.02 -4.73 -88.25
C VAL G 17 -25.73 -3.70 -87.18
N SER G 18 -24.45 -3.44 -86.95
CA SER G 18 -24.00 -2.48 -85.95
C SER G 18 -24.31 -1.07 -86.40
N VAL G 19 -24.82 -0.23 -85.49
CA VAL G 19 -25.13 1.17 -85.80
C VAL G 19 -24.67 2.06 -84.68
N HIS G 20 -24.56 3.34 -84.98
CA HIS G 20 -24.15 4.32 -83.99
C HIS G 20 -25.32 4.59 -83.06
N PRO G 21 -25.08 4.80 -81.75
CA PRO G 21 -26.22 5.02 -80.85
C PRO G 21 -27.14 6.18 -81.25
N LEU G 22 -26.54 7.33 -81.58
CA LEU G 22 -27.31 8.51 -81.98
C LEU G 22 -27.66 8.46 -83.44
N LEU G 23 -26.65 8.55 -84.33
CA LEU G 23 -26.84 8.56 -85.80
C LEU G 23 -27.85 7.52 -86.25
N GLY G 24 -27.64 6.28 -85.82
CA GLY G 24 -28.55 5.19 -86.14
C GLY G 24 -28.32 4.61 -87.51
N SER G 25 -29.44 4.26 -88.21
CA SER G 25 -29.39 3.60 -89.51
C SER G 25 -28.84 4.54 -90.59
N HIS G 26 -27.90 4.01 -91.38
CA HIS G 26 -27.14 4.73 -92.39
C HIS G 26 -27.48 4.27 -93.77
N VAL G 27 -27.72 5.22 -94.66
CA VAL G 27 -27.99 4.96 -96.05
C VAL G 27 -27.24 5.98 -96.91
N VAL G 28 -26.51 5.48 -97.92
CA VAL G 28 -25.82 6.30 -98.90
C VAL G 28 -26.75 6.41 -100.08
N LEU G 29 -27.08 7.62 -100.49
CA LEU G 29 -28.06 7.83 -101.54
C LEU G 29 -27.53 7.47 -102.89
N PRO G 30 -28.39 6.95 -103.79
CA PRO G 30 -27.95 6.59 -105.14
C PRO G 30 -27.89 7.82 -106.04
N GLN G 31 -26.84 8.62 -105.84
CA GLN G 31 -26.62 9.85 -106.59
C GLN G 31 -25.21 10.37 -106.40
N GLU G 32 -24.77 11.20 -107.35
CA GLU G 32 -23.47 11.86 -107.29
C GLU G 32 -23.74 13.28 -106.83
N PRO G 33 -23.00 13.80 -105.85
CA PRO G 33 -21.83 13.23 -105.17
C PRO G 33 -22.18 12.27 -104.03
N GLU G 34 -21.13 11.62 -103.47
CA GLU G 34 -21.24 10.70 -102.34
C GLU G 34 -22.05 11.43 -101.27
N GLU G 35 -23.35 11.10 -101.16
CA GLU G 35 -24.23 11.73 -100.16
C GLU G 35 -24.75 10.67 -99.20
N HIS G 36 -24.50 10.88 -97.91
CA HIS G 36 -24.88 9.98 -96.84
C HIS G 36 -26.09 10.51 -96.12
N LEU G 37 -26.74 9.62 -95.38
CA LEU G 37 -27.94 9.98 -94.64
C LEU G 37 -28.23 9.01 -93.50
N TRP G 38 -28.33 9.53 -92.27
CA TRP G 38 -28.66 8.74 -91.11
C TRP G 38 -29.98 9.18 -90.56
N GLN G 39 -30.67 8.26 -89.90
CA GLN G 39 -31.93 8.53 -89.22
C GLN G 39 -31.83 7.87 -87.86
N GLY G 40 -32.08 8.62 -86.81
CA GLY G 40 -31.96 8.07 -85.46
C GLY G 40 -32.76 8.79 -84.40
N ASP G 41 -33.02 8.08 -83.29
CA ASP G 41 -33.80 8.61 -82.18
C ASP G 41 -32.87 9.13 -81.13
N VAL G 42 -33.21 10.29 -80.58
CA VAL G 42 -32.48 10.93 -79.50
C VAL G 42 -33.49 11.23 -78.37
N GLY G 43 -34.53 10.39 -78.27
CA GLY G 43 -35.58 10.54 -77.29
C GLY G 43 -35.17 10.03 -75.94
N THR G 44 -35.89 10.46 -74.89
CA THR G 44 -35.59 10.06 -73.52
C THR G 44 -35.89 8.56 -73.28
N GLU G 45 -36.82 7.96 -74.06
CA GLU G 45 -37.11 6.53 -73.92
C GLU G 45 -35.95 5.72 -74.48
N ALA G 46 -35.44 6.13 -75.65
CA ALA G 46 -34.29 5.49 -76.31
C ALA G 46 -32.98 5.71 -75.54
N HIS G 47 -32.72 6.95 -75.12
CA HIS G 47 -31.52 7.36 -74.38
C HIS G 47 -31.92 8.02 -73.05
N PRO G 48 -32.18 7.22 -72.00
CA PRO G 48 -32.61 7.77 -70.72
C PRO G 48 -31.72 8.87 -70.17
N TRP G 49 -30.40 8.64 -70.19
CA TRP G 49 -29.42 9.59 -69.72
C TRP G 49 -29.59 11.01 -70.31
N LEU G 50 -30.20 11.18 -71.51
CA LEU G 50 -30.42 12.52 -72.09
C LEU G 50 -31.44 13.37 -71.31
N SER G 51 -32.29 12.74 -70.48
CA SER G 51 -33.25 13.47 -69.63
C SER G 51 -32.53 14.25 -68.52
N ASP G 52 -31.29 13.83 -68.15
CA ASP G 52 -30.49 14.47 -67.11
C ASP G 52 -29.97 15.85 -67.57
N HIS G 53 -29.90 16.15 -68.88
CA HIS G 53 -29.51 17.48 -69.38
C HIS G 53 -30.79 18.22 -69.70
N ARG G 54 -31.10 19.28 -68.94
CA ARG G 54 -32.35 20.02 -69.12
C ARG G 54 -32.20 21.52 -68.86
N VAL G 55 -32.72 22.35 -69.78
CA VAL G 55 -32.66 23.80 -69.71
C VAL G 55 -34.05 24.30 -69.35
N HIS G 56 -34.15 25.01 -68.21
CA HIS G 56 -35.40 25.55 -67.67
C HIS G 56 -36.40 24.41 -67.41
N GLN G 57 -35.91 23.35 -66.76
CA GLN G 57 -36.66 22.15 -66.38
C GLN G 57 -37.26 21.38 -67.58
N VAL G 58 -36.73 21.58 -68.80
CA VAL G 58 -37.18 20.86 -70.00
C VAL G 58 -35.98 20.13 -70.58
N ALA G 59 -36.10 18.83 -70.87
CA ALA G 59 -35.00 18.05 -71.43
C ALA G 59 -34.67 18.55 -72.82
N VAL G 60 -33.37 18.86 -73.06
CA VAL G 60 -32.88 19.34 -74.36
C VAL G 60 -31.62 18.60 -74.76
N LEU G 61 -31.37 18.54 -76.07
CA LEU G 61 -30.18 17.88 -76.59
C LEU G 61 -28.99 18.77 -76.36
N PRO G 62 -27.94 18.29 -75.66
CA PRO G 62 -26.77 19.15 -75.42
C PRO G 62 -25.96 19.42 -76.70
N GLY G 63 -25.16 20.48 -76.66
CA GLY G 63 -24.28 20.84 -77.77
C GLY G 63 -23.37 19.70 -78.14
N ALA G 64 -22.81 19.05 -77.09
CA ALA G 64 -21.94 17.87 -77.15
C ALA G 64 -22.52 16.69 -77.97
N ALA G 65 -23.86 16.55 -78.05
CA ALA G 65 -24.47 15.47 -78.83
C ALA G 65 -24.17 15.65 -80.30
N TYR G 66 -24.31 16.88 -80.82
CA TYR G 66 -24.03 17.19 -82.22
C TYR G 66 -22.54 17.03 -82.53
N CYS G 67 -21.66 17.32 -81.55
CA CYS G 67 -20.20 17.13 -81.71
C CYS G 67 -19.91 15.70 -82.04
N GLU G 68 -20.41 14.79 -81.20
CA GLU G 68 -20.24 13.36 -81.39
C GLU G 68 -20.78 12.91 -82.75
N MET G 69 -21.99 13.39 -83.11
CA MET G 69 -22.61 13.06 -84.39
C MET G 69 -21.71 13.47 -85.55
N ALA G 70 -21.10 14.65 -85.48
CA ALA G 70 -20.20 15.13 -86.52
C ALA G 70 -18.96 14.27 -86.59
N LEU G 71 -18.30 14.04 -85.45
CA LEU G 71 -17.09 13.20 -85.36
C LEU G 71 -17.35 11.77 -85.86
N ALA G 72 -18.54 11.24 -85.53
CA ALA G 72 -18.95 9.90 -85.96
C ALA G 72 -19.10 9.84 -87.49
N ALA G 73 -19.71 10.87 -88.08
CA ALA G 73 -19.97 10.96 -89.52
C ALA G 73 -18.72 11.21 -90.39
N VAL G 74 -17.54 11.47 -89.79
CA VAL G 74 -16.32 11.74 -90.55
C VAL G 74 -15.83 10.50 -91.29
N THR G 75 -15.46 9.47 -90.53
CA THR G 75 -14.89 8.22 -91.05
C THR G 75 -15.73 7.57 -92.14
N PRO G 76 -17.07 7.42 -92.03
CA PRO G 76 -17.83 6.77 -93.10
C PRO G 76 -17.85 7.56 -94.41
N VAL G 77 -17.94 8.89 -94.33
CA VAL G 77 -18.00 9.74 -95.52
C VAL G 77 -16.59 9.78 -96.14
N LEU G 78 -15.66 10.33 -95.35
CA LEU G 78 -14.25 10.48 -95.68
C LEU G 78 -13.50 9.32 -95.02
N GLY G 79 -13.26 8.24 -95.77
CA GLY G 79 -12.59 7.03 -95.30
C GLY G 79 -11.17 7.24 -94.85
N ASP G 80 -11.01 7.93 -93.70
CA ASP G 80 -9.71 8.32 -93.15
C ASP G 80 -9.89 9.00 -91.79
N THR G 81 -8.76 9.50 -91.27
CA THR G 81 -8.65 10.32 -90.07
C THR G 81 -9.14 11.70 -90.44
N GLY G 82 -10.06 12.28 -89.67
CA GLY G 82 -10.53 13.61 -90.01
C GLY G 82 -10.90 14.51 -88.86
N GLU G 83 -11.19 15.76 -89.22
CA GLU G 83 -11.55 16.86 -88.35
C GLU G 83 -12.97 17.27 -88.63
N VAL G 84 -13.52 18.07 -87.73
CA VAL G 84 -14.85 18.66 -87.87
C VAL G 84 -14.67 20.14 -87.75
N HIS G 85 -14.82 20.88 -88.84
CA HIS G 85 -14.64 22.33 -88.84
C HIS G 85 -15.95 23.09 -88.75
N ASP G 86 -15.88 24.31 -88.20
CA ASP G 86 -16.97 25.27 -88.12
C ASP G 86 -18.32 24.63 -87.79
N LEU G 87 -18.36 23.88 -86.67
CA LEU G 87 -19.59 23.24 -86.20
C LEU G 87 -20.43 24.29 -85.49
N LYS G 88 -21.68 24.51 -85.94
CA LYS G 88 -22.60 25.50 -85.36
C LYS G 88 -23.86 24.83 -84.86
N PHE G 89 -24.40 25.31 -83.73
CA PHE G 89 -25.67 24.82 -83.17
C PHE G 89 -26.69 25.91 -83.36
N HIS G 90 -27.79 25.58 -84.03
CA HIS G 90 -28.83 26.55 -84.36
C HIS G 90 -29.91 26.52 -83.27
N ASP G 91 -31.10 25.95 -83.54
CA ASP G 91 -32.19 25.93 -82.58
C ASP G 91 -31.95 24.84 -81.54
N MET G 92 -32.56 25.02 -80.37
CA MET G 92 -32.41 24.10 -79.25
C MET G 92 -33.40 22.96 -79.40
N LEU G 93 -32.91 21.71 -79.49
CA LEU G 93 -33.79 20.56 -79.67
C LEU G 93 -34.39 20.16 -78.35
N LEU G 94 -35.71 20.16 -78.25
CA LEU G 94 -36.41 19.76 -77.03
C LEU G 94 -36.81 18.33 -77.20
N LEU G 95 -36.42 17.51 -76.24
CA LEU G 95 -36.60 16.08 -76.30
C LEU G 95 -37.89 15.62 -75.70
N ASP G 96 -38.45 14.59 -76.32
CA ASP G 96 -39.64 13.85 -75.92
C ASP G 96 -39.21 12.40 -75.71
N ASP G 97 -40.17 11.49 -75.50
CA ASP G 97 -39.88 10.05 -75.34
C ASP G 97 -39.23 9.52 -76.64
N ALA G 98 -39.70 10.02 -77.79
CA ALA G 98 -39.16 9.70 -79.11
C ALA G 98 -38.95 10.99 -79.88
N THR G 99 -37.71 11.24 -80.30
CA THR G 99 -37.30 12.44 -81.02
C THR G 99 -36.47 11.98 -82.23
N PRO G 100 -37.09 11.71 -83.39
CA PRO G 100 -36.31 11.28 -84.55
C PRO G 100 -35.55 12.44 -85.14
N VAL G 101 -34.32 12.17 -85.58
CA VAL G 101 -33.38 13.17 -86.08
C VAL G 101 -32.68 12.63 -87.30
N TRP G 102 -32.43 13.50 -88.29
CA TRP G 102 -31.79 13.12 -89.53
C TRP G 102 -30.46 13.82 -89.76
N VAL G 103 -29.38 13.05 -89.73
CA VAL G 103 -28.05 13.55 -90.02
C VAL G 103 -27.81 13.35 -91.50
N SER G 104 -27.02 14.21 -92.12
CA SER G 104 -26.78 14.10 -93.55
C SER G 104 -25.49 14.79 -93.95
N ALA G 105 -24.58 14.05 -94.59
CA ALA G 105 -23.31 14.57 -95.06
C ALA G 105 -23.19 14.37 -96.56
N ALA G 106 -22.59 15.34 -97.24
CA ALA G 106 -22.43 15.29 -98.69
C ALA G 106 -21.09 15.78 -99.10
N VAL G 107 -20.40 15.02 -99.94
CA VAL G 107 -19.08 15.40 -100.40
C VAL G 107 -19.20 16.54 -101.38
N THR G 108 -18.51 17.63 -101.09
CA THR G 108 -18.49 18.83 -101.91
C THR G 108 -17.27 18.81 -102.82
N ALA G 109 -16.11 18.69 -102.18
CA ALA G 109 -14.80 18.63 -102.81
C ALA G 109 -14.05 17.43 -102.24
N PRO G 110 -12.97 16.93 -102.88
CA PRO G 110 -12.25 15.79 -102.31
C PRO G 110 -11.66 16.11 -100.93
N GLY G 111 -11.93 15.23 -99.99
CA GLY G 111 -11.50 15.38 -98.61
C GLY G 111 -12.27 16.46 -97.85
N THR G 112 -13.49 16.79 -98.32
CA THR G 112 -14.34 17.82 -97.72
C THR G 112 -15.79 17.42 -97.86
N ALA G 113 -16.61 17.76 -96.87
CA ALA G 113 -18.03 17.41 -96.92
C ALA G 113 -18.88 18.28 -96.02
N GLU G 114 -20.07 18.65 -96.49
CA GLU G 114 -21.02 19.46 -95.74
C GLU G 114 -21.85 18.56 -94.86
N PHE G 115 -21.91 18.85 -93.56
CA PHE G 115 -22.64 18.07 -92.55
C PHE G 115 -23.85 18.81 -92.05
N GLY G 116 -24.88 18.08 -91.58
CA GLY G 116 -26.10 18.73 -91.12
C GLY G 116 -27.13 17.87 -90.42
N VAL G 117 -27.44 18.22 -89.16
CA VAL G 117 -28.44 17.55 -88.33
C VAL G 117 -29.72 18.37 -88.34
N GLU G 118 -30.82 17.75 -88.76
CA GLU G 118 -32.15 18.40 -88.86
C GLU G 118 -33.23 17.52 -88.27
N THR G 119 -34.39 18.10 -88.01
CA THR G 119 -35.52 17.36 -87.47
C THR G 119 -36.79 17.84 -88.21
N HIS G 120 -37.65 16.88 -88.55
CA HIS G 120 -38.86 17.05 -89.35
C HIS G 120 -40.07 16.85 -88.45
N GLN G 121 -40.96 17.88 -88.38
CA GLN G 121 -42.17 17.85 -87.55
C GLN G 121 -43.38 18.37 -88.31
N SER G 122 -44.30 17.47 -88.70
CA SER G 122 -45.55 17.77 -89.41
C SER G 122 -45.31 18.37 -90.82
N GLY G 123 -44.18 18.02 -91.44
CA GLY G 123 -43.78 18.53 -92.75
C GLY G 123 -42.71 19.61 -92.68
N ASP G 124 -42.63 20.34 -91.53
CA ASP G 124 -41.71 21.46 -91.33
C ASP G 124 -40.33 21.02 -90.82
N ARG G 125 -39.32 21.14 -91.68
CA ARG G 125 -37.93 20.79 -91.35
C ARG G 125 -37.32 21.90 -90.49
N THR G 126 -36.50 21.55 -89.49
CA THR G 126 -35.84 22.51 -88.60
C THR G 126 -34.37 22.12 -88.47
N GLN G 127 -33.46 22.97 -89.00
CA GLN G 127 -32.03 22.67 -88.93
C GLN G 127 -31.54 22.93 -87.50
N ARG G 128 -30.89 21.93 -86.89
CA ARG G 128 -30.41 21.97 -85.53
C ARG G 128 -28.91 22.17 -85.41
N ALA G 129 -28.13 21.72 -86.40
CA ALA G 129 -26.68 21.91 -86.39
C ALA G 129 -26.08 21.67 -87.77
N THR G 130 -24.98 22.37 -88.10
CA THR G 130 -24.27 22.22 -89.37
C THR G 130 -22.78 22.40 -89.19
N ALA G 131 -21.99 21.67 -89.97
CA ALA G 131 -20.53 21.72 -89.91
C ALA G 131 -19.90 21.32 -91.23
N VAL G 132 -18.56 21.23 -91.24
CA VAL G 132 -17.79 20.79 -92.41
C VAL G 132 -16.87 19.70 -91.95
N LEU G 133 -16.84 18.59 -92.68
CA LEU G 133 -15.98 17.46 -92.34
C LEU G 133 -14.77 17.50 -93.23
N ARG G 134 -13.57 17.24 -92.69
CA ARG G 134 -12.34 17.29 -93.47
C ARG G 134 -11.44 16.12 -93.14
N GLY G 135 -10.96 15.43 -94.18
CA GLY G 135 -10.07 14.27 -94.04
C GLY G 135 -8.62 14.53 -94.45
N ASP G 136 -8.42 15.50 -95.35
CA ASP G 136 -7.10 15.94 -95.85
C ASP G 136 -6.13 16.45 -94.74
N VAL G 137 -6.68 16.94 -93.62
CA VAL G 137 -5.94 17.48 -92.49
C VAL G 137 -4.86 16.51 -91.99
N ASP G 138 -3.71 17.10 -91.59
CA ASP G 138 -2.53 16.38 -91.14
C ASP G 138 -2.65 15.90 -89.69
N ALA G 139 -2.02 14.74 -89.42
CA ALA G 139 -2.02 14.10 -88.09
C ALA G 139 -1.04 14.83 -87.17
N GLU G 140 -1.52 15.94 -86.60
CA GLU G 140 -0.74 16.78 -85.70
C GLU G 140 -1.27 16.59 -84.29
N ARG G 141 -0.91 15.45 -83.67
CA ARG G 141 -1.34 15.11 -82.32
C ARG G 141 -0.58 15.95 -81.32
N PRO G 142 -1.26 16.75 -80.49
CA PRO G 142 -0.51 17.56 -79.51
C PRO G 142 0.20 16.67 -78.51
N ALA G 143 1.42 17.07 -78.16
CA ALA G 143 2.24 16.29 -77.25
C ALA G 143 1.60 16.16 -75.89
N ALA G 144 1.82 15.02 -75.25
CA ALA G 144 1.30 14.71 -73.93
C ALA G 144 1.77 15.73 -72.90
N HIS G 145 0.94 15.91 -71.86
CA HIS G 145 1.18 16.86 -70.81
C HIS G 145 1.63 16.15 -69.56
N SER G 146 2.19 16.91 -68.63
CA SER G 146 2.62 16.41 -67.33
C SER G 146 1.49 16.68 -66.38
N ILE G 147 0.70 15.64 -66.06
CA ILE G 147 -0.45 15.78 -65.19
C ILE G 147 -0.02 16.28 -63.81
N ASP G 148 1.15 15.81 -63.33
CA ASP G 148 1.67 16.24 -62.03
C ASP G 148 1.97 17.74 -62.04
N ALA G 149 2.71 18.22 -63.05
CA ALA G 149 3.09 19.64 -63.18
C ALA G 149 1.88 20.52 -63.42
N LEU G 150 0.92 20.05 -64.24
CA LEU G 150 -0.31 20.81 -64.49
C LEU G 150 -1.05 21.05 -63.19
N LEU G 151 -1.28 19.98 -62.42
CA LEU G 151 -2.00 20.06 -61.15
C LEU G 151 -1.23 20.86 -60.11
N ALA G 152 0.10 20.84 -60.19
CA ALA G 152 0.93 21.63 -59.29
C ALA G 152 0.80 23.13 -59.62
N ALA G 153 0.72 23.46 -60.93
CA ALA G 153 0.57 24.84 -61.40
C ALA G 153 -0.84 25.41 -61.12
N HIS G 154 -1.85 24.55 -60.89
CA HIS G 154 -3.23 24.96 -60.60
C HIS G 154 -3.59 24.44 -59.19
N PRO G 155 -3.29 25.22 -58.15
CA PRO G 155 -3.58 24.75 -56.78
C PRO G 155 -5.02 24.99 -56.31
N ASN G 156 -5.64 26.11 -56.72
CA ASN G 156 -6.99 26.47 -56.28
C ASN G 156 -8.03 25.48 -56.84
N ARG G 157 -8.62 24.65 -55.96
CA ARG G 157 -9.60 23.64 -56.33
C ARG G 157 -11.02 24.21 -56.32
N VAL G 158 -11.85 23.76 -57.29
CA VAL G 158 -13.26 24.14 -57.45
C VAL G 158 -14.07 22.86 -57.46
N ASP G 159 -15.02 22.66 -56.51
CA ASP G 159 -15.80 21.43 -56.48
C ASP G 159 -16.78 21.40 -57.66
N GLY G 160 -17.00 20.19 -58.18
CA GLY G 160 -17.91 19.96 -59.30
C GLY G 160 -19.35 20.19 -58.93
N ASP G 161 -19.78 19.65 -57.77
CA ASP G 161 -21.16 19.80 -57.29
C ASP G 161 -21.49 21.28 -57.03
N GLU G 162 -20.53 22.03 -56.44
CA GLU G 162 -20.64 23.46 -56.17
C GLU G 162 -20.83 24.25 -57.48
N LEU G 163 -20.12 23.87 -58.54
CA LEU G 163 -20.22 24.51 -59.84
C LEU G 163 -21.55 24.11 -60.53
N ARG G 164 -21.94 22.82 -60.46
CA ARG G 164 -23.19 22.31 -61.05
C ARG G 164 -24.41 22.89 -60.32
N ALA G 165 -24.26 23.29 -59.04
CA ALA G 165 -25.31 23.98 -58.31
C ALA G 165 -25.46 25.41 -58.86
N GLY G 166 -24.33 26.03 -59.21
CA GLY G 166 -24.28 27.35 -59.82
C GLY G 166 -24.93 27.39 -61.19
N PHE G 167 -24.84 26.28 -61.94
CA PHE G 167 -25.50 26.15 -63.23
C PHE G 167 -27.03 26.14 -63.05
N GLY G 168 -27.51 25.47 -62.00
CA GLY G 168 -28.94 25.38 -61.69
C GLY G 168 -29.63 26.71 -61.44
N THR G 169 -28.87 27.74 -60.99
CA THR G 169 -29.43 29.08 -60.73
C THR G 169 -29.74 29.80 -62.06
N VAL G 170 -28.83 29.71 -63.05
CA VAL G 170 -29.04 30.36 -64.35
C VAL G 170 -30.14 29.66 -65.19
N GLY G 171 -30.46 28.39 -64.87
CA GLY G 171 -31.50 27.63 -65.56
C GLY G 171 -31.07 26.29 -66.15
N ILE G 172 -29.75 26.02 -66.19
CA ILE G 172 -29.21 24.79 -66.77
C ILE G 172 -29.10 23.71 -65.69
N GLY G 173 -29.78 22.58 -65.92
CA GLY G 173 -29.77 21.45 -65.01
C GLY G 173 -28.94 20.30 -65.53
N HIS G 174 -27.99 19.82 -64.73
CA HIS G 174 -27.13 18.68 -65.07
C HIS G 174 -27.38 17.57 -64.07
N GLY G 175 -28.03 16.51 -64.50
CA GLY G 175 -28.33 15.36 -63.66
C GLY G 175 -27.16 14.42 -63.49
N ALA G 176 -27.42 13.22 -62.96
CA ALA G 176 -26.42 12.18 -62.67
C ALA G 176 -25.47 11.91 -63.82
N ALA G 177 -26.01 11.77 -65.03
CA ALA G 177 -25.24 11.49 -66.25
C ALA G 177 -24.26 12.61 -66.60
N PHE G 178 -24.67 13.86 -66.41
CA PHE G 178 -23.87 15.03 -66.76
C PHE G 178 -23.02 15.54 -65.58
N ALA G 179 -22.89 14.73 -64.51
CA ALA G 179 -22.09 15.08 -63.34
C ALA G 179 -20.69 14.45 -63.40
N GLY G 180 -20.13 14.34 -64.60
CA GLY G 180 -18.81 13.75 -64.77
C GLY G 180 -17.69 14.58 -64.19
N LEU G 181 -17.86 15.93 -64.17
CA LEU G 181 -16.86 16.84 -63.64
C LEU G 181 -16.76 16.69 -62.12
N SER G 182 -15.67 16.06 -61.66
CA SER G 182 -15.43 15.81 -60.23
C SER G 182 -15.00 17.08 -59.52
N GLU G 183 -13.98 17.73 -60.07
CA GLU G 183 -13.38 18.95 -59.52
C GLU G 183 -12.47 19.61 -60.54
N ALA G 184 -12.45 20.96 -60.58
CA ALA G 184 -11.63 21.72 -61.52
C ALA G 184 -10.58 22.52 -60.76
N TYR G 185 -9.31 22.40 -61.17
CA TYR G 185 -8.20 23.11 -60.55
C TYR G 185 -7.87 24.34 -61.37
N VAL G 186 -7.78 25.51 -60.71
CA VAL G 186 -7.48 26.80 -61.36
C VAL G 186 -6.34 27.48 -60.59
N ALA G 187 -6.04 28.73 -60.94
CA ALA G 187 -5.04 29.52 -60.27
C ALA G 187 -5.57 30.95 -60.06
N THR G 188 -5.44 31.82 -61.07
CA THR G 188 -5.90 33.21 -61.02
C THR G 188 -6.52 33.60 -62.37
N ALA G 189 -6.91 34.86 -62.54
CA ALA G 189 -7.43 35.34 -63.82
C ALA G 189 -6.30 35.51 -64.84
N ALA G 190 -5.08 35.89 -64.37
CA ALA G 190 -3.88 36.06 -65.20
C ALA G 190 -3.51 34.77 -65.91
N GLU G 191 -3.65 33.62 -65.20
CA GLU G 191 -3.39 32.29 -65.73
C GLU G 191 -4.62 31.85 -66.52
N PRO G 192 -4.54 31.62 -67.85
CA PRO G 192 -5.76 31.35 -68.63
C PRO G 192 -6.14 29.88 -68.77
N THR G 193 -5.67 28.97 -67.90
CA THR G 193 -5.96 27.54 -68.05
C THR G 193 -6.70 26.93 -66.85
N VAL G 194 -7.39 25.80 -67.11
CA VAL G 194 -8.14 25.03 -66.13
C VAL G 194 -7.84 23.56 -66.32
N VAL G 195 -7.36 22.89 -65.27
CA VAL G 195 -7.11 21.46 -65.27
C VAL G 195 -8.30 20.86 -64.59
N ALA G 196 -9.14 20.12 -65.31
CA ALA G 196 -10.35 19.53 -64.73
C ALA G 196 -10.24 18.03 -64.62
N ALA G 197 -10.89 17.46 -63.60
CA ALA G 197 -10.87 16.02 -63.36
C ALA G 197 -12.22 15.43 -63.75
N VAL G 198 -12.42 15.23 -65.06
CA VAL G 198 -13.66 14.67 -65.61
C VAL G 198 -13.55 13.16 -65.75
N ALA G 199 -14.70 12.51 -65.82
CA ALA G 199 -14.78 11.06 -65.97
C ALA G 199 -16.21 10.65 -66.22
N LEU G 200 -16.45 9.77 -67.21
CA LEU G 200 -17.81 9.33 -67.54
C LEU G 200 -18.42 8.55 -66.35
N PRO G 201 -19.59 8.97 -65.80
CA PRO G 201 -20.17 8.25 -64.66
C PRO G 201 -20.34 6.74 -64.87
N GLY G 202 -20.22 6.00 -63.76
CA GLY G 202 -20.33 4.54 -63.72
C GLY G 202 -21.44 3.88 -64.50
N PRO G 203 -22.70 4.36 -64.42
CA PRO G 203 -23.78 3.75 -65.20
C PRO G 203 -23.54 3.78 -66.71
N LEU G 204 -23.03 4.91 -67.19
CA LEU G 204 -22.77 5.14 -68.60
C LEU G 204 -21.54 4.40 -69.10
N ARG G 205 -20.63 3.90 -68.24
CA ARG G 205 -19.43 3.19 -68.68
C ARG G 205 -19.79 1.91 -69.46
N SER G 206 -20.92 1.28 -69.13
CA SER G 206 -21.44 0.13 -69.87
C SER G 206 -21.88 0.59 -71.28
N GLY G 207 -22.55 1.74 -71.31
CA GLY G 207 -23.03 2.38 -72.52
C GLY G 207 -22.02 3.26 -73.24
N GLN G 208 -20.70 2.89 -73.24
CA GLN G 208 -19.65 3.61 -73.99
C GLN G 208 -19.75 3.20 -75.47
N ARG G 209 -20.37 2.03 -75.72
CA ARG G 209 -20.78 1.47 -77.00
C ARG G 209 -19.89 1.93 -78.19
N GLY G 210 -20.47 2.62 -79.19
CA GLY G 210 -19.76 3.08 -80.38
C GLY G 210 -19.64 4.58 -80.45
N TYR G 211 -19.42 5.20 -79.31
CA TYR G 211 -19.23 6.64 -79.25
C TYR G 211 -17.76 6.99 -79.44
N THR G 212 -17.47 7.96 -80.34
CA THR G 212 -16.11 8.50 -80.50
C THR G 212 -15.73 9.12 -79.15
N VAL G 213 -16.67 9.92 -78.61
CA VAL G 213 -16.64 10.53 -77.28
C VAL G 213 -18.08 10.56 -76.76
N HIS G 214 -18.31 10.13 -75.51
CA HIS G 214 -19.68 10.13 -74.98
C HIS G 214 -20.13 11.56 -74.76
N PRO G 215 -21.31 11.98 -75.26
CA PRO G 215 -21.70 13.40 -75.07
C PRO G 215 -21.80 13.84 -73.61
N ALA G 216 -22.12 12.91 -72.68
CA ALA G 216 -22.20 13.19 -71.24
C ALA G 216 -20.84 13.66 -70.71
N LEU G 217 -19.78 13.00 -71.20
CA LEU G 217 -18.39 13.30 -70.85
C LEU G 217 -17.91 14.59 -71.48
N LEU G 218 -18.16 14.77 -72.79
CA LEU G 218 -17.74 15.98 -73.49
C LEU G 218 -18.44 17.22 -72.93
N ASP G 219 -19.73 17.09 -72.47
CA ASP G 219 -20.42 18.24 -71.86
C ASP G 219 -19.80 18.57 -70.50
N ALA G 220 -19.34 17.55 -69.76
CA ALA G 220 -18.66 17.77 -68.48
C ALA G 220 -17.32 18.54 -68.67
N CYS G 221 -16.70 18.42 -69.86
CA CYS G 221 -15.50 19.16 -70.20
C CYS G 221 -15.85 20.62 -70.47
N PHE G 222 -16.99 20.84 -71.14
CA PHE G 222 -17.47 22.20 -71.42
C PHE G 222 -17.81 22.91 -70.10
N GLN G 223 -18.42 22.18 -69.13
CA GLN G 223 -18.73 22.74 -67.80
C GLN G 223 -17.45 23.27 -67.13
N SER G 224 -16.36 22.50 -67.27
CA SER G 224 -15.04 22.80 -66.72
C SER G 224 -14.52 24.22 -67.10
N VAL G 225 -14.89 24.73 -68.28
CA VAL G 225 -14.46 26.06 -68.74
C VAL G 225 -15.00 27.16 -67.81
N ILE G 226 -16.22 26.97 -67.29
CA ILE G 226 -16.90 27.94 -66.42
C ILE G 226 -16.19 28.06 -65.05
N ALA G 227 -15.45 27.03 -64.62
CA ALA G 227 -14.70 27.05 -63.36
C ALA G 227 -13.59 28.13 -63.34
N HIS G 228 -13.15 28.62 -64.53
CA HIS G 228 -12.11 29.64 -64.62
C HIS G 228 -12.53 30.94 -63.94
N PRO G 229 -11.66 31.59 -63.14
CA PRO G 229 -12.07 32.84 -62.47
C PRO G 229 -12.43 33.99 -63.42
N GLU G 230 -11.67 34.18 -64.51
CA GLU G 230 -11.95 35.24 -65.49
C GLU G 230 -13.36 35.06 -66.10
N VAL G 231 -13.84 33.80 -66.25
CA VAL G 231 -15.18 33.51 -66.78
C VAL G 231 -16.23 33.85 -65.73
N GLN G 232 -16.02 33.41 -64.48
CA GLN G 232 -16.93 33.67 -63.36
C GLN G 232 -17.15 35.17 -63.16
N ASN G 233 -16.05 35.94 -63.18
CA ASN G 233 -16.07 37.38 -62.97
C ASN G 233 -16.75 38.12 -64.13
N ILE G 234 -16.29 37.89 -65.38
CA ILE G 234 -16.82 38.59 -66.55
C ILE G 234 -18.22 38.08 -66.91
N ALA G 235 -18.32 36.93 -67.61
CA ALA G 235 -19.61 36.40 -68.05
C ALA G 235 -20.36 35.73 -66.89
N SER G 236 -21.11 36.54 -66.14
CA SER G 236 -21.92 36.09 -65.01
C SER G 236 -23.39 35.97 -65.45
N GLY G 237 -23.60 35.18 -66.50
CA GLY G 237 -24.92 34.92 -67.07
C GLY G 237 -25.05 33.47 -67.48
N MET G 238 -26.12 33.15 -68.24
CA MET G 238 -26.35 31.77 -68.72
C MET G 238 -25.45 31.47 -69.92
N LEU G 239 -24.44 30.59 -69.75
CA LEU G 239 -23.51 30.24 -70.81
C LEU G 239 -23.82 28.86 -71.38
N LEU G 240 -24.24 28.84 -72.65
CA LEU G 240 -24.57 27.63 -73.39
C LEU G 240 -23.63 27.48 -74.57
N PRO G 241 -23.21 26.25 -74.93
CA PRO G 241 -22.33 26.09 -76.09
C PRO G 241 -23.07 26.40 -77.39
N LEU G 242 -22.45 27.26 -78.22
CA LEU G 242 -22.99 27.73 -79.49
C LEU G 242 -22.30 27.09 -80.71
N GLY G 243 -21.10 26.57 -80.54
CA GLY G 243 -20.36 25.91 -81.61
C GLY G 243 -18.91 25.62 -81.30
N VAL G 244 -18.18 25.04 -82.25
CA VAL G 244 -16.76 24.70 -82.14
C VAL G 244 -16.07 24.98 -83.48
N ARG G 245 -14.91 25.62 -83.48
CA ARG G 245 -14.19 25.88 -84.73
C ARG G 245 -13.53 24.62 -85.30
N ARG G 246 -12.95 23.75 -84.45
CA ARG G 246 -12.24 22.56 -84.93
C ARG G 246 -12.26 21.47 -83.88
N LEU G 247 -12.70 20.27 -84.28
CA LEU G 247 -12.83 19.10 -83.43
C LEU G 247 -12.12 17.90 -84.05
N ARG G 248 -11.20 17.27 -83.30
CA ARG G 248 -10.50 16.09 -83.79
C ARG G 248 -10.32 15.10 -82.68
N ALA G 249 -10.49 13.82 -82.99
CA ALA G 249 -10.29 12.75 -82.04
C ALA G 249 -9.03 11.99 -82.44
N TYR G 250 -8.08 11.87 -81.52
CA TYR G 250 -6.80 11.22 -81.77
C TYR G 250 -6.83 9.75 -81.37
N GLY G 251 -7.64 9.40 -80.38
CA GLY G 251 -7.77 8.03 -79.89
C GLY G 251 -9.08 7.77 -79.20
N SER G 252 -9.09 6.74 -78.35
CA SER G 252 -10.28 6.37 -77.60
C SER G 252 -10.38 7.22 -76.38
N THR G 253 -11.55 7.79 -76.15
CA THR G 253 -11.78 8.62 -74.98
C THR G 253 -12.30 7.78 -73.77
N ARG G 254 -12.21 6.44 -73.84
CA ARG G 254 -12.70 5.54 -72.79
C ARG G 254 -11.98 5.78 -71.46
N ASN G 255 -10.66 5.94 -71.53
CA ASN G 255 -9.80 6.10 -70.37
C ASN G 255 -9.43 7.59 -70.09
N VAL G 256 -10.24 8.56 -70.57
CA VAL G 256 -10.00 9.99 -70.27
C VAL G 256 -10.34 10.26 -68.80
N ARG G 257 -9.38 10.86 -68.07
CA ARG G 257 -9.53 11.21 -66.64
C ARG G 257 -9.41 12.71 -66.40
N TYR G 258 -8.90 13.50 -67.37
CA TYR G 258 -8.71 14.93 -67.23
C TYR G 258 -9.11 15.72 -68.45
N CYS G 259 -9.35 17.01 -68.27
CA CYS G 259 -9.66 17.94 -69.35
C CYS G 259 -8.94 19.25 -69.13
N LEU G 260 -7.98 19.56 -69.99
CA LEU G 260 -7.22 20.79 -69.92
C LEU G 260 -7.87 21.86 -70.80
N SER G 261 -8.46 22.89 -70.18
CA SER G 261 -9.11 23.98 -70.90
C SER G 261 -8.22 25.21 -70.93
N ARG G 262 -8.45 26.11 -71.89
CA ARG G 262 -7.69 27.35 -72.05
C ARG G 262 -8.61 28.45 -72.53
N ILE G 263 -8.63 29.60 -71.86
CA ILE G 263 -9.52 30.70 -72.24
C ILE G 263 -8.84 31.53 -73.33
N VAL G 264 -9.47 31.62 -74.50
CA VAL G 264 -8.99 32.40 -75.63
C VAL G 264 -9.49 33.81 -75.46
N LYS G 265 -10.81 33.95 -75.24
CA LYS G 265 -11.48 35.25 -75.07
C LYS G 265 -12.57 35.11 -74.00
N ALA G 266 -12.66 36.12 -73.11
CA ALA G 266 -13.64 36.21 -72.03
C ALA G 266 -14.29 37.58 -72.06
N ASP G 267 -15.49 37.65 -72.63
CA ASP G 267 -16.25 38.87 -72.83
C ASP G 267 -17.62 38.75 -72.19
N SER G 268 -18.29 39.89 -72.00
CA SER G 268 -19.65 39.98 -71.47
C SER G 268 -20.65 39.20 -72.32
N PHE G 269 -20.44 39.18 -73.66
CA PHE G 269 -21.33 38.50 -74.60
C PHE G 269 -21.13 36.99 -74.58
N GLY G 270 -19.89 36.54 -74.69
CA GLY G 270 -19.56 35.12 -74.68
C GLY G 270 -18.14 34.79 -74.29
N VAL G 271 -17.80 33.47 -74.28
CA VAL G 271 -16.47 32.95 -73.91
C VAL G 271 -16.01 31.95 -74.96
N GLU G 272 -14.77 32.13 -75.48
CA GLU G 272 -14.17 31.19 -76.43
C GLU G 272 -13.08 30.46 -75.67
N ALA G 273 -12.94 29.14 -75.89
CA ALA G 273 -11.92 28.37 -75.20
C ALA G 273 -11.48 27.15 -76.00
N ASP G 274 -10.24 26.73 -75.79
CA ASP G 274 -9.61 25.60 -76.48
C ASP G 274 -9.44 24.47 -75.47
N LEU G 275 -10.01 23.27 -75.75
CA LEU G 275 -9.98 22.11 -74.86
C LEU G 275 -9.13 20.98 -75.36
N GLU G 276 -8.73 20.11 -74.43
CA GLU G 276 -7.92 18.93 -74.69
C GLU G 276 -8.26 17.88 -73.66
N LEU G 277 -8.73 16.71 -74.10
CA LEU G 277 -9.11 15.61 -73.23
C LEU G 277 -7.91 14.70 -73.04
N LEU G 278 -7.37 14.65 -71.81
CA LEU G 278 -6.17 13.89 -71.51
C LEU G 278 -6.45 12.63 -70.71
N ASP G 279 -5.70 11.54 -70.97
CA ASP G 279 -5.82 10.32 -70.17
C ASP G 279 -5.02 10.51 -68.87
N ALA G 280 -4.92 9.46 -68.05
CA ALA G 280 -4.17 9.54 -66.78
C ALA G 280 -2.68 9.88 -66.97
N ASP G 281 -2.05 9.36 -68.05
CA ASP G 281 -0.65 9.61 -68.39
C ASP G 281 -0.40 11.05 -68.84
N GLY G 282 -1.43 11.67 -69.40
CA GLY G 282 -1.40 13.03 -69.91
C GLY G 282 -1.46 13.10 -71.43
N THR G 283 -1.60 11.95 -72.12
CA THR G 283 -1.67 11.92 -73.59
C THR G 283 -2.99 12.50 -74.06
N VAL G 284 -2.95 13.29 -75.15
CA VAL G 284 -4.16 13.91 -75.66
C VAL G 284 -4.96 12.90 -76.49
N LEU G 285 -6.26 12.77 -76.17
CA LEU G 285 -7.19 11.84 -76.84
C LEU G 285 -8.17 12.57 -77.76
N LEU G 286 -8.56 13.80 -77.42
CA LEU G 286 -9.44 14.61 -78.26
C LEU G 286 -9.18 16.07 -77.98
N SER G 287 -9.29 16.93 -79.01
CA SER G 287 -9.11 18.36 -78.85
C SER G 287 -10.25 19.10 -79.54
N ALA G 288 -10.93 19.95 -78.78
CA ALA G 288 -12.02 20.78 -79.29
C ALA G 288 -11.53 22.21 -79.19
N MET G 289 -11.38 22.92 -80.32
CA MET G 289 -10.81 24.25 -80.24
C MET G 289 -11.72 25.25 -80.86
N GLY G 290 -11.67 26.46 -80.30
CA GLY G 290 -12.57 27.53 -80.65
C GLY G 290 -13.98 27.36 -80.10
N LEU G 291 -14.18 26.45 -79.12
CA LEU G 291 -15.47 26.19 -78.51
C LEU G 291 -16.04 27.49 -77.98
N GLN G 292 -17.07 28.04 -78.63
CA GLN G 292 -17.72 29.26 -78.16
C GLN G 292 -18.83 28.92 -77.20
N LEU G 293 -19.09 29.86 -76.30
CA LEU G 293 -20.14 29.81 -75.30
C LEU G 293 -20.85 31.13 -75.34
N GLY G 294 -22.10 31.15 -74.91
CA GLY G 294 -22.84 32.40 -74.90
C GLY G 294 -24.33 32.22 -74.88
N THR G 295 -24.99 33.34 -75.00
CA THR G 295 -26.43 33.40 -75.03
C THR G 295 -26.90 33.35 -76.46
N GLY G 296 -27.95 32.58 -76.68
CA GLY G 296 -28.59 32.50 -77.99
C GLY G 296 -29.34 33.77 -78.28
N ASN G 297 -29.41 34.15 -79.57
CA ASN G 297 -30.05 35.37 -80.06
C ASN G 297 -29.14 36.59 -79.76
N SER G 298 -29.39 37.69 -80.47
CA SER G 298 -28.60 38.94 -80.48
C SER G 298 -28.40 39.59 -79.11
N ASP G 299 -27.60 40.70 -79.08
CA ASP G 299 -27.39 41.56 -77.90
C ASP G 299 -28.73 42.29 -77.56
N LYS G 300 -29.71 42.28 -78.50
CA LYS G 300 -31.03 42.88 -78.33
C LYS G 300 -31.96 41.88 -77.62
N ALA G 301 -31.85 40.57 -77.95
CA ALA G 301 -32.62 39.49 -77.33
C ALA G 301 -32.14 39.20 -75.89
N GLU G 302 -30.89 39.59 -75.56
CA GLU G 302 -30.32 39.44 -74.20
C GLU G 302 -30.95 40.47 -73.27
N GLU G 303 -31.10 41.72 -73.78
CA GLU G 303 -31.72 42.82 -73.05
C GLU G 303 -33.17 42.47 -72.73
N GLU G 304 -33.93 42.08 -73.76
CA GLU G 304 -35.34 41.67 -73.64
C GLU G 304 -35.51 40.56 -72.59
N ARG G 305 -34.57 39.60 -72.53
CA ARG G 305 -34.61 38.49 -71.57
C ARG G 305 -34.25 38.97 -70.17
N LEU G 306 -33.26 39.89 -70.02
CA LEU G 306 -32.86 40.42 -68.71
C LEU G 306 -33.99 41.21 -68.07
N LEU G 307 -34.58 42.14 -68.85
CA LEU G 307 -35.72 42.95 -68.44
C LEU G 307 -36.87 42.07 -67.91
N ASP G 308 -37.10 40.90 -68.55
CA ASP G 308 -38.18 39.99 -68.16
C ASP G 308 -37.92 39.30 -66.78
N GLU G 309 -36.66 38.94 -66.46
CA GLU G 309 -36.28 38.35 -65.16
C GLU G 309 -36.32 39.38 -64.03
N ARG G 310 -35.92 40.62 -64.34
CA ARG G 310 -35.85 41.75 -63.41
C ARG G 310 -37.22 42.27 -62.95
N LEU G 311 -38.25 42.30 -63.84
CA LEU G 311 -39.58 42.85 -63.55
C LEU G 311 -40.35 42.06 -62.51
N LEU G 312 -41.12 42.80 -61.68
CA LEU G 312 -41.96 42.27 -60.59
C LEU G 312 -43.28 43.01 -60.45
N THR G 313 -44.36 42.26 -60.21
CA THR G 313 -45.71 42.80 -60.02
C THR G 313 -46.38 42.11 -58.87
N ILE G 314 -47.30 42.81 -58.20
CA ILE G 314 -48.09 42.24 -57.12
C ILE G 314 -49.39 41.72 -57.73
N GLU G 315 -49.76 40.46 -57.42
CA GLU G 315 -50.96 39.83 -57.94
C GLU G 315 -51.77 39.27 -56.79
N TRP G 316 -53.09 39.34 -56.89
CA TRP G 316 -53.99 38.89 -55.84
C TRP G 316 -54.66 37.60 -56.21
N GLN G 317 -54.78 36.71 -55.23
CA GLN G 317 -55.42 35.42 -55.40
C GLN G 317 -56.70 35.32 -54.54
N GLN G 318 -57.81 34.82 -55.13
CA GLN G 318 -59.05 34.56 -54.40
C GLN G 318 -58.79 33.37 -53.47
N ARG G 319 -58.82 33.59 -52.14
CA ARG G 319 -58.51 32.54 -51.17
C ARG G 319 -59.69 32.27 -50.21
N GLU G 320 -59.61 31.13 -49.48
CA GLU G 320 -60.59 30.67 -48.50
C GLU G 320 -59.92 30.57 -47.13
N LEU G 321 -60.62 30.98 -46.06
CA LEU G 321 -60.06 31.05 -44.70
C LEU G 321 -59.82 29.65 -44.09
N PRO G 322 -58.80 29.51 -43.21
CA PRO G 322 -58.59 28.20 -42.56
C PRO G 322 -59.51 28.00 -41.36
N ARG G 323 -59.73 26.73 -40.99
CA ARG G 323 -60.58 26.35 -39.86
C ARG G 323 -59.76 26.28 -38.57
N PRO G 324 -60.23 26.91 -37.46
CA PRO G 324 -59.46 26.84 -36.21
C PRO G 324 -59.62 25.48 -35.50
N GLY G 333 -58.66 33.43 -25.98
CA GLY G 333 -57.65 34.49 -25.92
C GLY G 333 -58.25 35.88 -25.98
N SER G 334 -57.65 36.84 -25.24
CA SER G 334 -58.14 38.24 -25.19
C SER G 334 -57.71 39.03 -26.44
N TRP G 335 -58.42 40.16 -26.70
CA TRP G 335 -58.16 41.04 -27.85
C TRP G 335 -58.24 42.51 -27.47
N LEU G 336 -57.76 43.38 -28.37
CA LEU G 336 -57.78 44.84 -28.20
C LEU G 336 -58.00 45.56 -29.54
N VAL G 337 -59.17 46.21 -29.72
CA VAL G 337 -59.49 46.97 -30.93
C VAL G 337 -59.11 48.42 -30.64
N ILE G 338 -58.26 49.02 -31.48
CA ILE G 338 -57.77 50.39 -31.29
C ILE G 338 -58.09 51.23 -32.54
N LEU G 339 -58.44 52.52 -32.36
CA LEU G 339 -58.81 53.41 -33.47
C LEU G 339 -57.70 54.41 -33.85
N ALA G 340 -57.87 55.13 -34.98
CA ALA G 340 -56.95 56.19 -35.46
C ALA G 340 -57.66 57.57 -35.62
N GLY G 341 -58.97 57.65 -35.36
CA GLY G 341 -59.76 58.88 -35.44
C GLY G 341 -60.94 58.81 -34.49
N ASP G 342 -60.93 59.64 -33.42
CA ASP G 342 -61.95 59.64 -32.35
C ASP G 342 -63.19 60.46 -32.74
N ASP G 343 -63.00 61.66 -33.33
CA ASP G 343 -64.12 62.52 -33.74
C ASP G 343 -64.95 61.84 -34.87
N ASP G 344 -64.35 60.89 -35.64
CA ASP G 344 -65.03 60.08 -36.66
C ASP G 344 -65.53 58.80 -35.99
N GLU G 345 -66.84 58.50 -36.06
CA GLU G 345 -67.41 57.30 -35.46
C GLU G 345 -67.36 56.18 -36.49
N ASN G 346 -66.45 55.20 -36.31
CA ASN G 346 -66.23 54.11 -37.25
C ASN G 346 -67.22 52.95 -37.05
N PRO G 347 -68.16 52.68 -37.97
CA PRO G 347 -69.04 51.50 -37.80
C PRO G 347 -68.25 50.19 -37.95
N ARG G 348 -67.11 50.21 -38.70
CA ARG G 348 -66.24 49.04 -38.84
C ARG G 348 -65.65 48.68 -37.49
N ALA G 349 -65.16 49.68 -36.73
CA ALA G 349 -64.61 49.46 -35.40
C ALA G 349 -65.67 48.94 -34.43
N ALA G 350 -66.87 49.51 -34.48
CA ALA G 350 -68.01 49.11 -33.65
C ALA G 350 -68.43 47.68 -33.94
N GLY G 351 -68.64 47.38 -35.22
CA GLY G 351 -69.04 46.07 -35.68
C GLY G 351 -68.01 44.97 -35.45
N VAL G 352 -66.71 45.32 -35.42
CA VAL G 352 -65.62 44.36 -35.17
C VAL G 352 -65.62 43.97 -33.69
N VAL G 353 -65.74 44.96 -32.78
CA VAL G 353 -65.76 44.69 -31.33
C VAL G 353 -66.98 43.83 -30.98
N SER G 354 -68.15 44.10 -31.59
CA SER G 354 -69.37 43.33 -31.34
C SER G 354 -69.24 41.88 -31.82
N ALA G 355 -68.60 41.67 -32.98
CA ALA G 355 -68.44 40.34 -33.56
C ALA G 355 -67.39 39.50 -32.79
N LEU G 356 -66.34 40.14 -32.23
CA LEU G 356 -65.34 39.42 -31.40
C LEU G 356 -65.97 38.96 -30.10
N ILE G 357 -66.77 39.83 -29.48
CA ILE G 357 -67.47 39.50 -28.24
C ILE G 357 -68.55 38.44 -28.56
N GLY G 358 -69.15 38.53 -29.75
CA GLY G 358 -70.13 37.56 -30.23
C GLY G 358 -69.52 36.19 -30.45
N ALA G 359 -68.25 36.15 -30.89
CA ALA G 359 -67.50 34.90 -31.08
C ALA G 359 -67.12 34.26 -29.74
N GLY G 360 -66.98 35.09 -28.71
CA GLY G 360 -66.66 34.66 -27.35
C GLY G 360 -65.25 34.98 -26.91
N MET G 361 -64.72 36.15 -27.34
CA MET G 361 -63.37 36.62 -26.98
C MET G 361 -63.48 37.89 -26.12
N PRO G 362 -62.77 37.98 -24.97
CA PRO G 362 -62.86 39.21 -24.18
C PRO G 362 -62.10 40.34 -24.87
N THR G 363 -62.86 41.26 -25.48
CA THR G 363 -62.33 42.39 -26.24
C THR G 363 -62.38 43.69 -25.44
N THR G 364 -61.34 44.51 -25.57
CA THR G 364 -61.23 45.83 -24.95
C THR G 364 -61.10 46.85 -26.10
N THR G 365 -61.38 48.13 -25.86
CA THR G 365 -61.31 49.14 -26.93
C THR G 365 -60.52 50.37 -26.49
N MET G 366 -59.62 50.84 -27.36
CA MET G 366 -58.75 52.01 -27.16
C MET G 366 -59.14 53.07 -28.20
N ALA G 367 -58.95 54.35 -27.86
CA ALA G 367 -59.32 55.46 -28.75
C ALA G 367 -58.17 56.43 -28.94
N TRP G 368 -57.14 56.00 -29.66
CA TRP G 368 -56.00 56.85 -29.97
C TRP G 368 -56.37 57.67 -31.20
N SER G 369 -56.27 58.99 -31.10
CA SER G 369 -56.59 59.90 -32.20
C SER G 369 -55.50 60.92 -32.39
N HIS G 370 -55.50 61.56 -33.58
CA HIS G 370 -54.56 62.64 -33.87
C HIS G 370 -54.93 63.84 -33.02
N ASP G 371 -53.99 64.78 -32.83
CA ASP G 371 -54.22 65.99 -32.01
C ASP G 371 -54.64 65.58 -30.57
N ALA G 372 -53.91 64.62 -29.98
CA ALA G 372 -54.14 64.10 -28.63
C ALA G 372 -52.80 63.85 -27.95
N ASP G 373 -52.75 63.86 -26.59
CA ASP G 373 -51.49 63.61 -25.87
C ASP G 373 -51.00 62.21 -26.20
N HIS G 374 -50.08 62.13 -27.16
CA HIS G 374 -49.56 60.85 -27.66
C HIS G 374 -48.68 60.15 -26.64
N ASP G 375 -47.89 60.89 -25.84
CA ASP G 375 -47.03 60.28 -24.82
C ASP G 375 -47.88 59.64 -23.71
N ALA G 376 -49.02 60.27 -23.36
CA ALA G 376 -49.94 59.75 -22.36
C ALA G 376 -50.74 58.56 -22.90
N GLN G 377 -51.18 58.62 -24.16
CA GLN G 377 -51.93 57.52 -24.78
C GLN G 377 -51.01 56.33 -25.03
N ALA G 378 -49.72 56.58 -25.32
CA ALA G 378 -48.71 55.55 -25.52
C ALA G 378 -48.46 54.78 -24.22
N ALA G 379 -48.48 55.51 -23.10
CA ALA G 379 -48.32 54.92 -21.77
C ALA G 379 -49.56 54.10 -21.38
N ALA G 380 -50.75 54.60 -21.75
CA ALA G 380 -52.02 53.92 -21.50
C ALA G 380 -52.09 52.59 -22.23
N LEU G 381 -51.58 52.55 -23.48
CA LEU G 381 -51.53 51.33 -24.27
C LEU G 381 -50.58 50.30 -23.66
N THR G 382 -49.31 50.71 -23.42
CA THR G 382 -48.28 49.86 -22.81
C THR G 382 -48.77 49.28 -21.46
N ALA G 383 -49.64 50.01 -20.74
CA ALA G 383 -50.22 49.53 -19.49
C ALA G 383 -51.24 48.40 -19.74
N ARG G 384 -52.11 48.54 -20.77
CA ARG G 384 -53.12 47.51 -21.12
C ARG G 384 -52.48 46.19 -21.54
N LEU G 385 -51.30 46.25 -22.17
CA LEU G 385 -50.56 45.08 -22.63
C LEU G 385 -49.96 44.32 -21.46
N ASP G 386 -49.34 45.06 -20.52
CA ASP G 386 -48.72 44.47 -19.31
C ASP G 386 -49.79 44.00 -18.31
N GLU G 387 -51.01 44.58 -18.36
CA GLU G 387 -52.12 44.24 -17.49
C GLU G 387 -52.68 42.85 -17.83
N GLN G 388 -53.05 42.63 -19.11
CA GLN G 388 -53.63 41.37 -19.57
C GLN G 388 -52.89 40.81 -20.77
N PRO G 389 -52.67 39.48 -20.84
CA PRO G 389 -52.04 38.90 -22.03
C PRO G 389 -53.08 38.74 -23.13
N LEU G 390 -52.85 39.34 -24.29
CA LEU G 390 -53.80 39.26 -25.41
C LEU G 390 -53.16 38.60 -26.62
N ALA G 391 -54.00 37.94 -27.43
CA ALA G 391 -53.58 37.21 -28.61
C ALA G 391 -53.24 38.14 -29.76
N GLY G 392 -54.12 39.09 -30.03
CA GLY G 392 -53.95 40.05 -31.12
C GLY G 392 -54.46 41.45 -30.84
N VAL G 393 -53.97 42.42 -31.64
CA VAL G 393 -54.32 43.84 -31.57
C VAL G 393 -54.77 44.30 -32.95
N ALA G 394 -56.04 44.74 -33.09
CA ALA G 394 -56.58 45.18 -34.38
C ALA G 394 -56.65 46.71 -34.46
N VAL G 395 -55.81 47.32 -35.32
CA VAL G 395 -55.76 48.78 -35.50
C VAL G 395 -56.73 49.19 -36.62
N ILE G 396 -57.84 49.85 -36.25
CA ILE G 396 -58.85 50.31 -37.21
C ILE G 396 -58.50 51.73 -37.65
N VAL G 397 -58.21 51.94 -38.94
CA VAL G 397 -57.84 53.27 -39.44
C VAL G 397 -59.11 53.99 -39.95
N GLY G 398 -59.36 55.21 -39.48
CA GLY G 398 -60.52 56.02 -39.86
C GLY G 398 -60.55 56.57 -41.27
N ASP G 399 -61.70 57.14 -41.67
CA ASP G 399 -61.90 57.70 -43.02
C ASP G 399 -61.96 59.24 -42.97
N SER G 400 -61.82 59.89 -44.13
CA SER G 400 -61.85 61.36 -44.21
C SER G 400 -63.25 61.89 -43.91
N HIS G 407 -63.77 62.33 -52.34
CA HIS G 407 -63.21 62.19 -53.68
C HIS G 407 -61.94 63.04 -53.87
N ASP G 408 -61.72 64.12 -53.08
CA ASP G 408 -60.53 64.98 -53.27
C ASP G 408 -59.25 64.26 -52.88
N VAL G 409 -58.32 64.16 -53.84
CA VAL G 409 -57.04 63.50 -53.64
C VAL G 409 -56.12 64.39 -52.79
N GLY G 410 -56.11 65.70 -53.04
CA GLY G 410 -55.31 66.68 -52.31
C GLY G 410 -55.45 66.54 -50.82
N ALA G 411 -56.68 66.29 -50.35
CA ALA G 411 -56.98 66.05 -48.94
C ALA G 411 -56.48 64.67 -48.51
N ASP G 412 -56.67 63.65 -49.38
CA ASP G 412 -56.20 62.28 -49.13
C ASP G 412 -54.65 62.21 -49.13
N ALA G 413 -53.95 63.14 -49.80
CA ALA G 413 -52.50 63.20 -49.81
C ALA G 413 -51.97 63.70 -48.48
N ARG G 414 -52.64 64.71 -47.89
CA ARG G 414 -52.26 65.34 -46.61
C ARG G 414 -52.66 64.42 -45.46
N ARG G 415 -53.87 63.81 -45.58
CA ARG G 415 -54.40 62.86 -44.62
C ARG G 415 -53.52 61.60 -44.57
N GLY G 416 -53.01 61.18 -45.72
CA GLY G 416 -52.13 60.01 -45.81
C GLY G 416 -50.82 60.09 -45.05
N ALA G 417 -50.36 61.31 -44.67
CA ALA G 417 -49.11 61.54 -43.91
C ALA G 417 -49.36 61.44 -42.42
N ASP G 418 -50.49 62.01 -41.97
CA ASP G 418 -50.89 62.00 -40.56
C ASP G 418 -51.24 60.56 -40.13
N HIS G 419 -51.70 59.70 -41.08
CA HIS G 419 -51.96 58.28 -40.79
C HIS G 419 -50.64 57.52 -40.57
N VAL G 420 -49.63 57.83 -41.39
CA VAL G 420 -48.30 57.22 -41.35
C VAL G 420 -47.54 57.71 -40.08
N ARG G 421 -47.66 59.01 -39.69
CA ARG G 421 -47.04 59.52 -38.45
C ARG G 421 -47.66 58.84 -37.22
N HIS G 422 -48.99 58.53 -37.29
CA HIS G 422 -49.78 57.94 -36.20
C HIS G 422 -49.60 56.42 -36.08
N LEU G 423 -49.52 55.69 -37.21
CA LEU G 423 -49.32 54.25 -37.14
C LEU G 423 -47.90 53.93 -36.64
N VAL G 424 -46.92 54.83 -36.86
CA VAL G 424 -45.56 54.67 -36.32
C VAL G 424 -45.63 54.79 -34.78
N ARG G 425 -46.42 55.76 -34.25
CA ARG G 425 -46.60 55.94 -32.80
C ARG G 425 -47.18 54.67 -32.16
N ILE G 426 -48.21 54.05 -32.80
CA ILE G 426 -48.86 52.83 -32.33
C ILE G 426 -47.89 51.62 -32.45
N ALA G 427 -47.30 51.43 -33.62
CA ALA G 427 -46.38 50.31 -33.88
C ALA G 427 -45.15 50.32 -32.94
N ARG G 428 -44.62 51.51 -32.60
CA ARG G 428 -43.45 51.64 -31.72
C ARG G 428 -43.75 51.11 -30.31
N THR G 429 -44.93 51.41 -29.76
CA THR G 429 -45.31 50.97 -28.42
C THR G 429 -45.58 49.45 -28.35
N LEU G 430 -46.06 48.82 -29.46
CA LEU G 430 -46.29 47.36 -29.50
C LEU G 430 -44.96 46.62 -29.57
N ALA G 431 -43.98 47.16 -30.34
CA ALA G 431 -42.64 46.59 -30.45
C ALA G 431 -41.93 46.65 -29.09
N ASP G 432 -42.08 47.77 -28.35
CA ASP G 432 -41.52 47.97 -27.01
C ASP G 432 -42.45 47.30 -25.99
N ALA G 433 -42.50 45.96 -26.02
CA ALA G 433 -43.34 45.13 -25.16
C ALA G 433 -42.45 44.26 -24.31
N VAL G 434 -42.76 44.15 -23.01
CA VAL G 434 -41.97 43.34 -22.09
C VAL G 434 -42.21 41.87 -22.43
N GLY G 435 -43.48 41.45 -22.43
CA GLY G 435 -43.87 40.08 -22.77
C GLY G 435 -43.79 39.80 -24.26
N GLU G 436 -44.36 38.66 -24.69
CA GLU G 436 -44.38 38.27 -26.10
C GLU G 436 -45.33 39.19 -26.88
N PRO G 437 -44.84 39.99 -27.86
CA PRO G 437 -45.76 40.90 -28.57
C PRO G 437 -46.96 40.20 -29.23
N PRO G 438 -48.15 40.81 -29.17
CA PRO G 438 -49.33 40.21 -29.81
C PRO G 438 -49.33 40.42 -31.31
N ARG G 439 -50.18 39.69 -32.07
CA ARG G 439 -50.22 39.84 -33.52
C ARG G 439 -50.89 41.16 -33.92
N LEU G 440 -50.17 41.99 -34.68
CA LEU G 440 -50.68 43.28 -35.15
C LEU G 440 -51.50 43.10 -36.43
N TYR G 441 -52.73 43.62 -36.45
CA TYR G 441 -53.62 43.58 -37.60
C TYR G 441 -54.05 45.01 -37.93
N VAL G 442 -53.65 45.58 -39.08
CA VAL G 442 -54.06 46.94 -39.46
C VAL G 442 -55.21 46.85 -40.47
N VAL G 443 -56.37 47.45 -40.17
CA VAL G 443 -57.56 47.41 -41.02
C VAL G 443 -57.73 48.74 -41.78
N THR G 444 -57.46 48.72 -43.09
CA THR G 444 -57.54 49.89 -43.96
C THR G 444 -58.78 49.87 -44.87
N HIS G 445 -59.24 51.06 -45.31
CA HIS G 445 -60.41 51.23 -46.18
C HIS G 445 -60.01 51.45 -47.64
N ARG G 446 -60.23 50.42 -48.51
CA ARG G 446 -59.93 50.40 -49.95
C ARG G 446 -58.55 51.05 -50.29
N SER G 447 -57.55 50.79 -49.40
CA SER G 447 -56.15 51.26 -49.48
C SER G 447 -55.55 51.06 -50.86
N GLN G 448 -55.63 49.83 -51.40
CA GLN G 448 -55.00 49.50 -52.66
C GLN G 448 -55.90 48.75 -53.64
N HIS G 449 -55.42 48.72 -54.88
CA HIS G 449 -56.08 48.11 -56.02
C HIS G 449 -55.87 46.59 -55.99
N VAL G 450 -56.99 45.83 -56.03
CA VAL G 450 -56.98 44.36 -56.03
C VAL G 450 -57.80 43.88 -57.28
N LEU G 451 -59.09 44.23 -57.36
CA LEU G 451 -59.92 43.92 -58.54
C LEU G 451 -59.72 45.01 -59.59
N ASP G 452 -59.72 44.63 -60.89
CA ASP G 452 -59.50 45.57 -61.99
C ASP G 452 -60.51 46.75 -62.03
N THR G 453 -61.74 46.51 -61.54
CA THR G 453 -62.80 47.53 -61.50
C THR G 453 -62.53 48.65 -60.46
N ASP G 454 -61.74 48.36 -59.41
CA ASP G 454 -61.49 49.26 -58.29
C ASP G 454 -60.86 50.62 -58.67
N GLU G 455 -61.34 51.66 -57.94
CA GLU G 455 -60.82 53.03 -57.93
C GLU G 455 -60.29 53.15 -56.48
N PRO G 456 -58.96 53.25 -56.26
CA PRO G 456 -58.45 53.21 -54.88
C PRO G 456 -58.79 54.42 -53.99
N TYR G 457 -59.14 54.16 -52.72
CA TYR G 457 -59.38 55.20 -51.74
C TYR G 457 -58.02 55.42 -51.12
N LEU G 458 -57.43 56.60 -51.31
CA LEU G 458 -56.07 56.83 -50.81
C LEU G 458 -56.07 57.03 -49.26
N GLU G 459 -55.19 57.88 -48.65
CA GLU G 459 -55.05 58.07 -47.18
C GLU G 459 -54.30 56.88 -46.58
N HIS G 460 -54.96 55.71 -46.65
CA HIS G 460 -54.42 54.46 -46.17
C HIS G 460 -53.48 53.82 -47.19
N SER G 461 -53.38 54.38 -48.42
CA SER G 461 -52.52 53.85 -49.46
C SER G 461 -51.07 53.73 -49.01
N GLY G 462 -50.58 54.76 -48.34
CA GLY G 462 -49.20 54.78 -47.86
C GLY G 462 -48.87 53.80 -46.76
N LEU G 463 -49.88 53.39 -45.95
CA LEU G 463 -49.65 52.49 -44.81
C LEU G 463 -49.19 51.07 -45.22
N ARG G 464 -49.45 50.62 -46.48
CA ARG G 464 -49.05 49.26 -46.88
C ARG G 464 -47.51 49.10 -46.94
N GLY G 465 -46.78 50.19 -47.12
CA GLY G 465 -45.33 50.18 -47.16
C GLY G 465 -44.72 50.18 -45.77
N LEU G 466 -45.43 50.80 -44.81
CA LEU G 466 -45.00 50.86 -43.41
C LEU G 466 -45.20 49.50 -42.71
N ILE G 467 -46.42 48.90 -42.82
CA ILE G 467 -46.71 47.59 -42.20
C ILE G 467 -45.75 46.50 -42.73
N ARG G 468 -45.30 46.65 -43.98
CA ARG G 468 -44.37 45.73 -44.62
C ARG G 468 -42.96 45.86 -43.97
N VAL G 469 -42.53 47.09 -43.66
CA VAL G 469 -41.26 47.39 -42.99
C VAL G 469 -41.34 47.00 -41.50
N VAL G 470 -42.48 47.27 -40.85
CA VAL G 470 -42.69 46.94 -39.42
C VAL G 470 -42.62 45.41 -39.23
N GLY G 471 -43.21 44.65 -40.16
CA GLY G 471 -43.17 43.19 -40.13
C GLY G 471 -41.75 42.65 -40.29
N MET G 472 -40.90 43.38 -41.04
CA MET G 472 -39.49 43.03 -41.26
C MET G 472 -38.62 43.45 -40.07
N GLU G 473 -38.82 44.68 -39.55
CA GLU G 473 -38.05 45.17 -38.38
C GLU G 473 -38.41 44.42 -37.10
N HIS G 474 -39.71 44.13 -36.89
CA HIS G 474 -40.23 43.44 -35.70
C HIS G 474 -41.15 42.28 -36.13
N PRO G 475 -40.58 41.12 -36.50
CA PRO G 475 -41.40 39.99 -36.95
C PRO G 475 -42.14 39.27 -35.82
N ARG G 476 -41.79 39.51 -34.52
CA ARG G 476 -42.48 38.87 -33.38
C ARG G 476 -43.98 39.14 -33.51
N LEU G 477 -44.34 40.42 -33.60
CA LEU G 477 -45.71 40.82 -33.90
C LEU G 477 -45.84 40.67 -35.42
N ARG G 478 -46.57 39.65 -35.89
CA ARG G 478 -46.69 39.41 -37.33
C ARG G 478 -47.58 40.47 -37.96
N ALA G 479 -46.96 41.54 -38.49
CA ALA G 479 -47.65 42.68 -39.09
C ALA G 479 -48.51 42.28 -40.29
N THR G 480 -49.84 42.18 -40.06
CA THR G 480 -50.82 41.80 -41.07
C THR G 480 -51.67 43.01 -41.47
N GLN G 481 -51.99 43.14 -42.77
CA GLN G 481 -52.82 44.22 -43.31
C GLN G 481 -54.10 43.63 -43.83
N ILE G 482 -55.25 44.26 -43.54
CA ILE G 482 -56.56 43.81 -44.02
C ILE G 482 -57.21 44.98 -44.77
N ASP G 483 -57.15 44.96 -46.12
CA ASP G 483 -57.78 46.01 -46.94
C ASP G 483 -59.26 45.69 -47.18
N VAL G 484 -60.12 46.38 -46.44
CA VAL G 484 -61.56 46.17 -46.43
C VAL G 484 -62.29 47.19 -47.30
N ASP G 485 -63.44 46.79 -47.87
CA ASP G 485 -64.32 47.69 -48.62
C ASP G 485 -65.56 47.96 -47.78
N ASP G 486 -66.46 48.83 -48.25
CA ASP G 486 -67.67 49.17 -47.49
C ASP G 486 -68.58 47.94 -47.35
N SER G 487 -68.86 47.24 -48.47
CA SER G 487 -69.72 46.06 -48.50
C SER G 487 -68.92 44.78 -48.23
N THR G 488 -69.01 44.19 -47.03
CA THR G 488 -68.27 42.96 -46.71
C THR G 488 -68.81 42.18 -45.49
N ALA G 489 -69.29 42.88 -44.42
CA ALA G 489 -69.82 42.33 -43.17
C ALA G 489 -68.69 42.09 -42.17
N HIS G 490 -68.95 42.38 -40.91
CA HIS G 490 -67.97 42.27 -39.82
C HIS G 490 -67.82 40.81 -39.36
N GLU G 491 -68.89 39.99 -39.50
CA GLU G 491 -68.89 38.56 -39.13
C GLU G 491 -67.81 37.76 -39.89
N ALA G 492 -67.56 38.14 -41.15
CA ALA G 492 -66.56 37.50 -42.01
C ALA G 492 -65.16 38.09 -41.77
N LEU G 493 -65.07 39.36 -41.35
CA LEU G 493 -63.77 39.99 -41.07
C LEU G 493 -63.12 39.39 -39.82
N VAL G 494 -63.87 39.29 -38.70
CA VAL G 494 -63.33 38.71 -37.46
C VAL G 494 -62.97 37.23 -37.66
N ARG G 495 -63.64 36.55 -38.62
CA ARG G 495 -63.34 35.17 -38.99
C ARG G 495 -61.85 35.04 -39.36
N GLN G 496 -61.28 36.07 -40.03
CA GLN G 496 -59.86 36.14 -40.40
C GLN G 496 -58.97 36.33 -39.17
N LEU G 497 -59.34 37.28 -38.30
CA LEU G 497 -58.59 37.61 -37.09
C LEU G 497 -58.42 36.37 -36.19
N LEU G 498 -59.50 35.57 -36.07
CA LEU G 498 -59.54 34.39 -35.20
C LEU G 498 -59.03 33.10 -35.91
N SER G 499 -59.03 33.02 -37.27
CA SER G 499 -58.52 31.83 -37.98
C SER G 499 -57.00 31.71 -37.82
N GLY G 500 -56.30 32.84 -37.75
CA GLY G 500 -54.86 32.87 -37.58
C GLY G 500 -54.08 32.37 -38.78
N SER G 501 -54.46 32.80 -39.98
CA SER G 501 -53.75 32.41 -41.20
C SER G 501 -52.43 33.18 -41.26
N PRO G 502 -51.33 32.61 -41.79
CA PRO G 502 -50.06 33.37 -41.82
C PRO G 502 -49.97 34.48 -42.88
N GLU G 503 -51.04 34.76 -43.65
CA GLU G 503 -51.05 35.80 -44.70
C GLU G 503 -50.85 37.21 -44.08
N ASP G 504 -49.85 37.96 -44.59
CA ASP G 504 -49.51 39.30 -44.11
C ASP G 504 -50.19 40.41 -44.93
N GLU G 505 -50.42 40.19 -46.25
CA GLU G 505 -51.11 41.17 -47.09
C GLU G 505 -52.40 40.54 -47.54
N THR G 506 -53.52 41.07 -47.03
CA THR G 506 -54.84 40.53 -47.35
C THR G 506 -55.82 41.64 -47.70
N ALA G 507 -56.95 41.26 -48.29
CA ALA G 507 -58.01 42.17 -48.72
C ALA G 507 -59.38 41.47 -48.76
N TRP G 508 -60.44 42.27 -48.65
CA TRP G 508 -61.82 41.78 -48.62
C TRP G 508 -62.67 42.56 -49.59
N ARG G 509 -63.19 41.87 -50.63
CA ARG G 509 -64.07 42.48 -51.64
C ARG G 509 -65.34 41.64 -51.70
N ASP G 510 -66.45 42.19 -51.12
CA ASP G 510 -67.76 41.53 -50.96
C ASP G 510 -67.53 40.39 -49.91
N GLY G 511 -68.10 39.22 -50.10
CA GLY G 511 -67.89 38.09 -49.20
C GLY G 511 -66.64 37.27 -49.49
N GLN G 512 -65.76 37.71 -50.44
CA GLN G 512 -64.56 36.96 -50.80
C GLN G 512 -63.32 37.54 -50.16
N TRP G 513 -62.43 36.64 -49.70
CA TRP G 513 -61.15 36.97 -49.10
C TRP G 513 -60.09 36.87 -50.16
N TYR G 514 -59.23 37.87 -50.26
CA TYR G 514 -58.15 37.91 -51.23
C TYR G 514 -56.82 38.06 -50.51
N ALA G 515 -55.79 37.35 -50.97
CA ALA G 515 -54.44 37.42 -50.38
C ALA G 515 -53.42 37.74 -51.47
N ALA G 516 -52.40 38.56 -51.13
CA ALA G 516 -51.41 38.97 -52.12
C ALA G 516 -50.38 37.88 -52.42
N ARG G 517 -49.78 37.95 -53.61
CA ARG G 517 -48.73 37.05 -54.06
C ARG G 517 -47.81 37.77 -55.07
N LEU G 518 -46.53 37.93 -54.74
CA LEU G 518 -45.53 38.61 -55.57
C LEU G 518 -45.08 37.71 -56.72
N CYS G 519 -44.83 38.28 -57.93
CA CYS G 519 -44.40 37.48 -59.08
C CYS G 519 -43.91 38.33 -60.29
N PRO G 520 -43.03 37.76 -61.14
CA PRO G 520 -42.57 38.48 -62.34
C PRO G 520 -43.57 38.26 -63.46
N SER G 521 -44.00 39.33 -64.15
CA SER G 521 -45.06 39.20 -65.17
C SER G 521 -44.86 40.18 -66.37
N PRO G 522 -43.86 39.93 -67.22
CA PRO G 522 -43.60 40.85 -68.34
C PRO G 522 -44.34 40.46 -69.65
N LEU G 523 -45.68 40.62 -69.68
CA LEU G 523 -46.51 40.29 -70.85
C LEU G 523 -46.49 41.40 -71.92
N ARG G 524 -47.00 41.13 -73.14
CA ARG G 524 -47.08 42.12 -74.24
C ARG G 524 -48.35 41.95 -75.10
N ALA G 525 -49.39 41.26 -74.60
CA ALA G 525 -50.60 41.07 -75.38
C ALA G 525 -51.52 42.23 -75.05
N ALA G 526 -52.14 42.19 -73.85
CA ALA G 526 -53.00 43.26 -73.34
C ALA G 526 -52.14 44.28 -72.58
N GLU G 527 -50.92 43.84 -72.09
CA GLU G 527 -49.98 44.71 -71.37
C GLU G 527 -49.28 45.67 -72.33
N ARG G 528 -49.60 45.59 -73.63
CA ARG G 528 -49.15 46.50 -74.66
C ARG G 528 -50.19 47.58 -74.86
N ARG G 529 -49.74 48.71 -75.41
CA ARG G 529 -50.58 49.89 -75.65
C ARG G 529 -51.72 49.67 -76.63
N THR G 530 -52.75 50.52 -76.50
CA THR G 530 -53.94 50.53 -77.34
C THR G 530 -54.24 51.96 -77.72
N ALA G 531 -54.97 52.15 -78.81
CA ALA G 531 -55.35 53.48 -79.27
C ALA G 531 -56.53 53.41 -80.23
N VAL G 532 -57.05 54.57 -80.63
CA VAL G 532 -58.13 54.67 -81.61
C VAL G 532 -57.63 55.62 -82.67
N ALA G 533 -57.77 55.24 -83.93
CA ALA G 533 -57.27 56.05 -85.04
C ALA G 533 -58.29 56.17 -86.17
N ASP G 534 -58.23 57.29 -86.90
CA ASP G 534 -59.11 57.57 -88.03
C ASP G 534 -58.77 56.64 -89.19
N ASN G 535 -59.74 56.37 -90.09
CA ASN G 535 -59.46 55.50 -91.23
C ASN G 535 -59.05 56.31 -92.47
N ALA G 536 -59.49 57.58 -92.59
CA ALA G 536 -59.13 58.45 -93.72
C ALA G 536 -57.73 59.03 -93.53
N SER G 537 -57.41 59.39 -92.28
CA SER G 537 -56.12 59.91 -91.85
C SER G 537 -55.49 58.89 -90.93
N GLU G 538 -54.23 59.10 -90.51
CA GLU G 538 -53.50 58.24 -89.55
C GLU G 538 -53.26 56.82 -90.07
N GLY G 539 -52.02 56.35 -90.00
CA GLY G 539 -51.65 55.03 -90.50
C GLY G 539 -52.09 53.88 -89.63
N MET G 540 -52.72 52.86 -90.26
CA MET G 540 -53.18 51.64 -89.58
C MET G 540 -52.97 50.48 -90.53
N ARG G 541 -52.21 49.47 -90.09
CA ARG G 541 -51.82 48.29 -90.88
C ARG G 541 -52.26 47.01 -90.19
N LEU G 542 -52.36 45.90 -90.95
CA LEU G 542 -52.80 44.60 -90.46
C LEU G 542 -51.65 43.57 -90.58
N VAL G 543 -51.37 42.87 -89.46
CA VAL G 543 -50.26 41.93 -89.34
C VAL G 543 -50.48 40.91 -88.15
N VAL G 544 -49.77 39.73 -88.15
CA VAL G 544 -49.83 38.71 -87.08
C VAL G 544 -48.59 38.86 -86.17
N ARG G 545 -48.79 39.01 -84.83
CA ARG G 545 -47.65 39.15 -83.90
C ARG G 545 -46.84 37.84 -83.86
N ASN G 546 -47.52 36.67 -83.92
CA ASN G 546 -46.85 35.38 -83.98
C ASN G 546 -47.61 34.46 -84.97
N PRO G 547 -47.03 34.16 -86.14
CA PRO G 547 -47.73 33.31 -87.11
C PRO G 547 -48.07 31.93 -86.55
N GLY G 548 -49.10 31.33 -87.15
CA GLY G 548 -49.65 30.05 -86.74
C GLY G 548 -51.05 30.23 -86.18
N ASP G 549 -51.21 31.28 -85.33
CA ASP G 549 -52.46 31.64 -84.68
C ASP G 549 -53.12 32.79 -85.42
N LEU G 550 -54.35 32.62 -85.91
CA LEU G 550 -55.10 33.69 -86.58
C LEU G 550 -55.74 34.66 -85.57
N GLU G 551 -55.87 34.24 -84.29
CA GLU G 551 -56.37 35.12 -83.23
C GLU G 551 -55.31 36.21 -82.93
N SER G 552 -54.02 35.93 -83.25
CA SER G 552 -52.93 36.87 -83.08
C SER G 552 -52.91 37.96 -84.17
N MET G 553 -53.92 37.99 -85.07
CA MET G 553 -54.01 38.98 -86.14
C MET G 553 -54.40 40.33 -85.55
N GLU G 554 -53.44 41.26 -85.53
CA GLU G 554 -53.59 42.58 -84.89
C GLU G 554 -53.64 43.72 -85.89
N LEU G 555 -54.41 44.76 -85.56
CA LEU G 555 -54.46 45.97 -86.38
C LEU G 555 -53.49 46.94 -85.75
N VAL G 556 -52.26 46.96 -86.25
CA VAL G 556 -51.19 47.81 -85.71
C VAL G 556 -51.21 49.21 -86.32
N THR G 557 -50.58 50.15 -85.61
CA THR G 557 -50.41 51.54 -86.04
C THR G 557 -49.02 51.74 -86.64
N PHE G 558 -48.90 52.77 -87.47
CA PHE G 558 -47.62 53.18 -88.02
C PHE G 558 -47.67 54.67 -88.38
N GLU G 559 -46.52 55.34 -88.35
CA GLU G 559 -46.43 56.75 -88.72
C GLU G 559 -46.24 56.84 -90.22
N ARG G 560 -47.27 57.31 -90.95
CA ARG G 560 -47.18 57.45 -92.41
C ARG G 560 -46.31 58.68 -92.75
N GLY G 561 -45.09 58.40 -93.17
CA GLY G 561 -44.11 59.44 -93.50
C GLY G 561 -44.11 59.84 -94.96
N THR G 562 -43.39 60.93 -95.26
CA THR G 562 -43.27 61.43 -96.63
C THR G 562 -42.53 60.41 -97.50
N PRO G 563 -43.03 60.11 -98.70
CA PRO G 563 -42.32 59.17 -99.56
C PRO G 563 -41.15 59.84 -100.25
N GLY G 564 -40.31 59.03 -100.87
CA GLY G 564 -39.17 59.48 -101.63
C GLY G 564 -37.86 58.93 -101.10
N PRO G 565 -36.81 58.89 -101.94
CA PRO G 565 -36.78 59.31 -103.34
C PRO G 565 -37.21 58.18 -104.27
N GLY G 566 -38.01 58.53 -105.27
CA GLY G 566 -38.51 57.56 -106.24
C GLY G 566 -39.55 56.59 -105.69
N GLN G 567 -40.39 57.09 -104.77
CA GLN G 567 -41.44 56.30 -104.12
C GLN G 567 -42.72 57.11 -104.10
N ILE G 568 -43.85 56.44 -103.88
CA ILE G 568 -45.18 57.05 -103.87
C ILE G 568 -46.00 56.52 -102.72
N GLU G 569 -46.73 57.40 -102.03
CA GLU G 569 -47.66 57.00 -100.99
C GLU G 569 -49.04 56.87 -101.66
N VAL G 570 -49.74 55.74 -101.45
CA VAL G 570 -51.04 55.48 -102.07
C VAL G 570 -52.08 55.28 -101.00
N ALA G 571 -53.27 55.85 -101.21
CA ALA G 571 -54.43 55.68 -100.33
C ALA G 571 -55.18 54.47 -100.83
N VAL G 572 -54.97 53.32 -100.18
CA VAL G 572 -55.54 52.06 -100.63
C VAL G 572 -57.05 52.02 -100.36
N LYS G 573 -57.81 51.71 -101.43
CA LYS G 573 -59.26 51.54 -101.40
C LYS G 573 -59.60 50.05 -101.24
N ALA G 574 -58.76 49.16 -101.83
CA ALA G 574 -58.91 47.71 -101.68
C ALA G 574 -57.65 46.96 -102.12
N SER G 575 -57.39 45.85 -101.42
CA SER G 575 -56.28 44.93 -101.65
C SER G 575 -56.81 43.50 -101.75
N SER G 576 -55.95 42.55 -102.08
CA SER G 576 -56.34 41.15 -102.24
C SER G 576 -55.79 40.24 -101.17
N ILE G 577 -56.35 39.02 -101.16
CA ILE G 577 -55.94 37.89 -100.35
C ILE G 577 -55.49 36.80 -101.31
N ASN G 578 -54.17 36.66 -101.43
CA ASN G 578 -53.56 35.63 -102.24
C ASN G 578 -53.31 34.46 -101.32
N PHE G 579 -53.08 33.27 -101.87
CA PHE G 579 -52.83 32.14 -100.98
C PHE G 579 -51.55 32.35 -100.22
N ALA G 580 -50.59 33.01 -100.85
CA ALA G 580 -49.31 33.32 -100.20
C ALA G 580 -49.53 34.01 -98.84
N ASP G 581 -50.52 34.93 -98.75
CA ASP G 581 -50.89 35.69 -97.54
C ASP G 581 -51.45 34.77 -96.45
N VAL G 582 -52.05 33.61 -96.84
CA VAL G 582 -52.55 32.58 -95.91
C VAL G 582 -51.34 31.84 -95.27
N LEU G 583 -50.33 31.50 -96.09
CA LEU G 583 -49.11 30.83 -95.59
C LEU G 583 -48.33 31.73 -94.64
N VAL G 584 -48.32 33.05 -94.91
CA VAL G 584 -47.67 34.00 -94.04
C VAL G 584 -48.36 33.94 -92.69
N ALA G 585 -49.71 33.93 -92.68
CA ALA G 585 -50.52 33.88 -91.45
C ALA G 585 -50.19 32.65 -90.61
N PHE G 586 -49.99 31.50 -91.27
CA PHE G 586 -49.68 30.25 -90.57
C PHE G 586 -48.16 30.03 -90.36
N GLY G 587 -47.32 30.90 -90.94
CA GLY G 587 -45.87 30.81 -90.82
C GLY G 587 -45.23 29.78 -91.72
N ARG G 588 -46.02 29.24 -92.69
CA ARG G 588 -45.57 28.23 -93.62
C ARG G 588 -45.06 28.85 -94.95
N CYS G 589 -44.87 30.19 -95.02
CA CYS G 589 -44.46 30.81 -96.29
C CYS G 589 -42.94 30.76 -96.51
N PRO G 590 -42.48 30.20 -97.67
CA PRO G 590 -41.05 30.20 -97.97
C PRO G 590 -40.64 31.46 -98.72
N SER G 591 -39.46 31.98 -98.40
CA SER G 591 -38.96 33.18 -99.05
C SER G 591 -37.44 33.06 -99.29
N PHE G 592 -36.99 33.59 -100.43
CA PHE G 592 -35.57 33.62 -100.82
C PHE G 592 -34.80 34.54 -99.89
N ASP G 593 -35.43 35.65 -99.52
CA ASP G 593 -34.89 36.64 -98.58
C ASP G 593 -34.61 35.97 -97.22
N GLY G 594 -35.53 35.11 -96.79
CA GLY G 594 -35.47 34.43 -95.51
C GLY G 594 -36.47 35.05 -94.56
N ARG G 595 -36.67 36.37 -94.68
CA ARG G 595 -37.59 37.13 -93.84
C ARG G 595 -39.01 36.81 -94.27
N LEU G 596 -39.93 36.61 -93.29
CA LEU G 596 -41.32 36.29 -93.61
C LEU G 596 -41.99 37.56 -94.12
N PRO G 597 -42.62 37.51 -95.31
CA PRO G 597 -43.20 38.74 -95.86
C PRO G 597 -44.35 39.27 -95.05
N GLU G 598 -44.76 40.47 -95.39
CA GLU G 598 -45.85 41.16 -94.72
C GLU G 598 -47.14 40.86 -95.51
N LEU G 599 -48.28 40.71 -94.78
CA LEU G 599 -49.59 40.40 -95.38
C LEU G 599 -50.04 41.47 -96.36
N GLY G 600 -50.39 41.03 -97.56
CA GLY G 600 -50.88 41.91 -98.61
C GLY G 600 -49.76 42.21 -99.57
N SER G 601 -49.87 41.67 -100.80
CA SER G 601 -48.86 41.87 -101.83
C SER G 601 -49.29 42.96 -102.79
N GLU G 602 -50.50 42.85 -103.34
CA GLU G 602 -51.04 43.79 -104.33
C GLU G 602 -52.04 44.73 -103.70
N PHE G 603 -52.34 45.84 -104.40
CA PHE G 603 -53.28 46.87 -103.93
C PHE G 603 -53.96 47.58 -105.09
N GLY G 604 -54.93 48.40 -104.74
CA GLY G 604 -55.66 49.26 -105.65
C GLY G 604 -56.07 50.51 -104.91
N GLY G 605 -55.54 51.67 -105.31
CA GLY G 605 -55.83 52.92 -104.62
C GLY G 605 -55.67 54.17 -105.45
N VAL G 606 -55.40 55.29 -104.75
CA VAL G 606 -55.20 56.59 -105.38
C VAL G 606 -53.95 57.22 -104.80
N VAL G 607 -53.14 57.89 -105.62
CA VAL G 607 -51.90 58.47 -105.13
C VAL G 607 -52.18 59.63 -104.16
N THR G 608 -51.52 59.57 -102.99
CA THR G 608 -51.61 60.58 -101.92
C THR G 608 -50.52 61.59 -102.13
N ALA G 609 -49.28 61.11 -102.18
CA ALA G 609 -48.10 61.93 -102.33
C ALA G 609 -47.06 61.24 -103.17
N VAL G 610 -46.32 62.02 -103.96
CA VAL G 610 -45.26 61.53 -104.83
C VAL G 610 -43.94 62.01 -104.24
N GLY G 611 -43.01 61.06 -104.04
CA GLY G 611 -41.71 61.35 -103.48
C GLY G 611 -40.77 62.00 -104.47
N PRO G 612 -39.88 62.90 -104.00
CA PRO G 612 -38.95 63.58 -104.93
C PRO G 612 -37.92 62.61 -105.54
N GLY G 613 -37.89 62.41 -106.85
CA GLY G 613 -38.76 63.04 -107.85
C GLY G 613 -39.04 62.10 -108.98
N VAL G 614 -40.34 61.93 -109.33
CA VAL G 614 -40.74 61.03 -110.41
C VAL G 614 -41.77 61.73 -111.30
N THR G 615 -41.47 61.74 -112.60
CA THR G 615 -42.28 62.35 -113.64
C THR G 615 -43.46 61.45 -114.03
N THR G 616 -43.29 60.14 -113.84
CA THR G 616 -44.26 59.11 -114.20
C THR G 616 -45.60 59.26 -113.51
N HIS G 617 -45.62 59.24 -112.17
CA HIS G 617 -46.87 59.34 -111.42
C HIS G 617 -47.18 60.76 -111.01
N ARG G 618 -48.48 61.01 -110.79
CA ARG G 618 -49.05 62.29 -110.38
C ARG G 618 -49.99 62.03 -109.20
N VAL G 619 -50.16 63.02 -108.31
CA VAL G 619 -51.04 62.89 -107.15
C VAL G 619 -52.49 62.90 -107.63
N GLY G 620 -53.30 62.03 -107.03
CA GLY G 620 -54.70 61.86 -107.41
C GLY G 620 -54.90 60.83 -108.51
N ASP G 621 -53.82 60.23 -109.05
CA ASP G 621 -53.95 59.20 -110.06
C ASP G 621 -54.50 57.93 -109.46
N ARG G 622 -55.50 57.33 -110.10
CA ARG G 622 -56.04 56.03 -109.66
C ARG G 622 -55.05 54.96 -110.10
N VAL G 623 -54.36 54.31 -109.16
CA VAL G 623 -53.30 53.34 -109.48
C VAL G 623 -53.54 51.99 -108.83
N GLY G 624 -52.82 51.01 -109.35
CA GLY G 624 -52.77 49.65 -108.86
C GLY G 624 -51.33 49.22 -108.91
N GLY G 625 -50.92 48.41 -107.95
CA GLY G 625 -49.54 47.96 -107.89
C GLY G 625 -49.24 46.88 -106.88
N VAL G 626 -47.95 46.66 -106.65
CA VAL G 626 -47.42 45.70 -105.70
C VAL G 626 -46.47 46.45 -104.78
N SER G 627 -46.22 45.94 -103.55
CA SER G 627 -45.31 46.65 -102.65
C SER G 627 -44.62 45.85 -101.57
N ALA G 628 -45.32 44.88 -100.94
CA ALA G 628 -44.89 44.21 -99.71
C ALA G 628 -45.15 45.27 -98.64
N ASN G 629 -44.36 45.36 -97.55
CA ASN G 629 -44.57 46.42 -96.54
C ASN G 629 -46.03 46.52 -96.00
N GLY G 630 -46.84 45.47 -96.21
CA GLY G 630 -48.22 45.40 -95.78
C GLY G 630 -49.18 46.23 -96.61
N CYS G 631 -49.87 45.58 -97.57
CA CYS G 631 -50.86 46.28 -98.40
C CYS G 631 -52.27 46.24 -97.77
N TRP G 632 -52.43 45.64 -96.56
CA TRP G 632 -53.72 45.69 -95.86
C TRP G 632 -53.65 46.84 -94.86
N SER G 633 -53.58 48.05 -95.40
CA SER G 633 -53.46 49.30 -94.64
C SER G 633 -54.08 50.41 -95.46
N ASN G 634 -54.60 51.46 -94.81
CA ASN G 634 -55.22 52.60 -95.51
C ASN G 634 -54.19 53.37 -96.38
N PHE G 635 -52.88 53.35 -95.99
CA PHE G 635 -51.81 53.99 -96.74
C PHE G 635 -50.64 53.04 -96.98
N VAL G 636 -50.08 53.04 -98.21
CA VAL G 636 -48.95 52.18 -98.57
C VAL G 636 -47.94 52.98 -99.34
N THR G 637 -46.67 52.89 -98.95
CA THR G 637 -45.59 53.54 -99.67
C THR G 637 -44.95 52.46 -100.54
N CYS G 638 -44.92 52.66 -101.87
CA CYS G 638 -44.31 51.71 -102.80
C CYS G 638 -43.48 52.47 -103.84
N GLU G 639 -42.58 51.76 -104.53
CA GLU G 639 -41.74 52.38 -105.55
C GLU G 639 -42.54 52.78 -106.78
N ALA G 640 -42.03 53.73 -107.55
CA ALA G 640 -42.67 54.17 -108.79
C ALA G 640 -42.65 53.08 -109.85
N ASP G 641 -41.65 52.17 -109.76
CA ASP G 641 -41.48 51.00 -110.62
C ASP G 641 -42.60 49.97 -110.41
N LEU G 642 -43.32 50.00 -109.28
CA LEU G 642 -44.34 49.00 -108.96
C LEU G 642 -45.78 49.47 -109.04
N ALA G 643 -46.03 50.69 -109.52
CA ALA G 643 -47.40 51.15 -109.64
C ALA G 643 -47.63 51.63 -111.05
N THR G 644 -48.85 51.43 -111.54
CA THR G 644 -49.26 51.84 -112.88
C THR G 644 -50.68 52.39 -112.81
N LYS G 645 -50.97 53.44 -113.58
CA LYS G 645 -52.29 54.06 -113.58
C LYS G 645 -53.29 53.11 -114.17
N LEU G 646 -54.48 53.04 -113.60
CA LEU G 646 -55.51 52.11 -114.06
C LEU G 646 -56.27 52.69 -115.23
N PRO G 647 -56.68 51.87 -116.22
CA PRO G 647 -57.51 52.40 -117.32
C PRO G 647 -58.94 52.70 -116.85
N GLU G 648 -59.74 53.37 -117.69
CA GLU G 648 -61.10 53.74 -117.32
C GLU G 648 -62.01 52.52 -117.04
N GLY G 649 -61.77 51.40 -117.73
CA GLY G 649 -62.58 50.18 -117.63
C GLY G 649 -62.62 49.43 -116.31
N ILE G 650 -61.61 49.65 -115.41
CA ILE G 650 -61.57 48.95 -114.10
C ILE G 650 -61.40 49.88 -112.91
N SER G 651 -62.05 49.46 -111.80
CA SER G 651 -62.02 50.14 -110.52
C SER G 651 -60.81 49.72 -109.74
N GLU G 652 -60.58 50.41 -108.62
CA GLU G 652 -59.50 50.07 -107.68
C GLU G 652 -59.76 48.65 -107.10
N HIS G 653 -61.04 48.31 -106.83
CA HIS G 653 -61.46 46.99 -106.32
C HIS G 653 -61.24 45.89 -107.35
N GLU G 654 -61.55 46.16 -108.64
CA GLU G 654 -61.37 45.18 -109.72
C GLU G 654 -59.88 44.90 -109.92
N ALA G 655 -59.07 45.95 -110.04
CA ALA G 655 -57.62 45.86 -110.21
C ALA G 655 -56.90 45.17 -109.03
N ALA G 656 -57.47 45.24 -107.83
CA ALA G 656 -56.88 44.61 -106.65
C ALA G 656 -56.97 43.11 -106.77
N ALA G 657 -58.13 42.60 -107.19
CA ALA G 657 -58.35 41.16 -107.35
C ALA G 657 -57.51 40.56 -108.48
N VAL G 658 -57.55 41.19 -109.65
CA VAL G 658 -56.91 40.74 -110.88
C VAL G 658 -55.38 40.60 -110.77
N GLY G 659 -54.71 41.73 -110.58
CA GLY G 659 -53.25 41.88 -110.55
C GLY G 659 -52.35 40.68 -110.61
N LEU G 660 -52.16 39.99 -109.48
CA LEU G 660 -51.23 38.86 -109.35
C LEU G 660 -51.77 37.59 -109.96
N ALA G 661 -53.03 37.25 -109.69
CA ALA G 661 -53.62 36.03 -110.26
C ALA G 661 -53.45 36.01 -111.77
N TYR G 662 -53.92 37.05 -112.43
CA TYR G 662 -53.84 37.17 -113.88
C TYR G 662 -52.40 37.43 -114.32
N GLY G 663 -51.64 38.18 -113.55
CA GLY G 663 -50.25 38.44 -113.88
C GLY G 663 -49.45 37.15 -113.96
N THR G 664 -49.49 36.36 -112.88
CA THR G 664 -48.79 35.07 -112.80
C THR G 664 -49.17 34.18 -113.98
N VAL G 665 -50.47 34.10 -114.27
CA VAL G 665 -51.01 33.31 -115.39
C VAL G 665 -50.51 33.86 -116.73
N TRP G 666 -50.57 35.18 -116.91
CA TRP G 666 -50.15 35.81 -118.15
C TRP G 666 -48.70 35.48 -118.41
N LEU G 667 -47.86 35.74 -117.43
CA LEU G 667 -46.44 35.43 -117.50
C LEU G 667 -46.26 33.95 -117.84
N GLY G 668 -46.81 33.10 -117.01
CA GLY G 668 -46.69 31.65 -117.15
C GLY G 668 -47.18 31.02 -118.44
N LEU G 669 -48.41 31.35 -118.86
CA LEU G 669 -48.99 30.71 -120.02
C LEU G 669 -48.68 31.44 -121.32
N THR G 670 -49.13 32.68 -121.49
CA THR G 670 -48.94 33.39 -122.74
C THR G 670 -47.50 33.85 -122.99
N GLU G 671 -46.71 34.06 -121.95
CA GLU G 671 -45.36 34.60 -122.10
C GLU G 671 -44.26 33.54 -122.08
N LEU G 672 -44.24 32.67 -121.05
CA LEU G 672 -43.20 31.66 -120.90
C LEU G 672 -43.51 30.41 -121.69
N ALA G 673 -44.70 29.83 -121.44
CA ALA G 673 -45.14 28.60 -122.12
C ALA G 673 -45.67 28.89 -123.53
N ARG G 674 -45.87 30.16 -123.90
CA ARG G 674 -46.40 30.56 -125.21
C ARG G 674 -47.56 29.64 -125.57
N MET G 675 -48.66 29.86 -124.85
CA MET G 675 -49.87 29.10 -125.02
C MET G 675 -50.42 29.34 -126.37
N SER G 676 -50.37 28.30 -127.20
CA SER G 676 -50.94 28.35 -128.52
C SER G 676 -52.39 27.89 -128.46
N ALA G 677 -53.09 27.99 -129.57
CA ALA G 677 -54.47 27.53 -129.63
C ALA G 677 -54.48 26.04 -129.88
N GLY G 678 -55.47 25.36 -129.31
CA GLY G 678 -55.65 23.93 -129.47
C GLY G 678 -54.89 23.05 -128.50
N ASP G 679 -53.68 23.47 -128.07
CA ASP G 679 -52.89 22.63 -127.15
C ASP G 679 -53.60 22.46 -125.79
N LYS G 680 -53.38 21.29 -125.18
CA LYS G 680 -54.06 20.87 -123.96
C LYS G 680 -53.34 21.41 -122.75
N ILE G 681 -54.09 21.95 -121.78
CA ILE G 681 -53.51 22.54 -120.57
C ILE G 681 -54.12 21.93 -119.32
N LEU G 682 -53.28 21.64 -118.31
CA LEU G 682 -53.72 21.10 -117.03
C LEU G 682 -53.65 22.20 -115.98
N ILE G 683 -54.81 22.63 -115.48
CA ILE G 683 -54.91 23.69 -114.48
C ILE G 683 -55.22 23.09 -113.11
N HIS G 684 -54.23 23.01 -112.22
CA HIS G 684 -54.47 22.48 -110.89
C HIS G 684 -55.20 23.49 -110.00
N SER G 685 -56.19 23.01 -109.19
CA SER G 685 -57.00 23.82 -108.24
C SER G 685 -57.60 25.03 -108.96
N ALA G 686 -58.34 24.71 -110.03
CA ALA G 686 -58.92 25.68 -110.96
C ALA G 686 -60.05 26.56 -110.40
N THR G 687 -60.58 26.26 -109.20
CA THR G 687 -61.63 27.07 -108.58
C THR G 687 -61.08 28.33 -107.88
N GLY G 688 -59.78 28.36 -107.62
CA GLY G 688 -59.12 29.50 -107.00
C GLY G 688 -58.90 30.70 -107.90
N GLY G 689 -58.20 31.71 -107.37
CA GLY G 689 -57.92 32.96 -108.08
C GLY G 689 -57.09 32.79 -109.34
N VAL G 690 -55.94 32.15 -109.19
CA VAL G 690 -55.01 31.88 -110.30
C VAL G 690 -55.66 30.83 -111.25
N GLY G 691 -56.43 29.90 -110.69
CA GLY G 691 -57.15 28.89 -111.45
C GLY G 691 -58.19 29.47 -112.38
N GLN G 692 -59.01 30.39 -111.85
CA GLN G 692 -60.04 31.07 -112.64
C GLN G 692 -59.38 31.96 -113.69
N ALA G 693 -58.26 32.61 -113.35
CA ALA G 693 -57.52 33.42 -114.29
C ALA G 693 -56.93 32.55 -115.43
N ALA G 694 -56.43 31.35 -115.08
CA ALA G 694 -55.85 30.41 -116.04
C ALA G 694 -56.89 29.95 -117.02
N ILE G 695 -58.11 29.63 -116.53
CA ILE G 695 -59.22 29.23 -117.38
C ILE G 695 -59.51 30.33 -118.38
N ALA G 696 -59.63 31.57 -117.89
CA ALA G 696 -59.93 32.75 -118.71
C ALA G 696 -59.00 32.87 -119.92
N VAL G 697 -57.67 32.83 -119.70
CA VAL G 697 -56.72 33.01 -120.79
C VAL G 697 -56.62 31.71 -121.62
N ALA G 698 -56.86 30.53 -121.00
CA ALA G 698 -56.86 29.26 -121.74
C ALA G 698 -58.05 29.23 -122.69
N ARG G 699 -59.21 29.71 -122.22
CA ARG G 699 -60.41 29.82 -123.03
C ARG G 699 -60.19 30.84 -124.15
N ALA G 700 -59.54 31.96 -123.80
CA ALA G 700 -59.21 33.01 -124.76
C ALA G 700 -58.26 32.51 -125.84
N ALA G 701 -57.22 31.79 -125.41
CA ALA G 701 -56.23 31.22 -126.34
C ALA G 701 -56.80 30.09 -127.19
N GLY G 702 -57.87 29.45 -126.72
CA GLY G 702 -58.52 28.35 -127.41
C GLY G 702 -57.89 27.02 -127.07
N ALA G 703 -57.42 26.88 -125.82
CA ALA G 703 -56.76 25.68 -125.32
C ALA G 703 -57.79 24.73 -124.71
N GLU G 704 -57.53 23.40 -124.80
CA GLU G 704 -58.41 22.37 -124.23
C GLU G 704 -58.07 22.24 -122.74
N ILE G 705 -59.01 22.61 -121.85
CA ILE G 705 -58.74 22.61 -120.41
C ILE G 705 -59.03 21.25 -119.77
N TYR G 706 -58.12 20.87 -118.87
CA TYR G 706 -58.14 19.69 -118.01
C TYR G 706 -57.89 20.26 -116.63
N ALA G 707 -58.87 20.21 -115.72
CA ALA G 707 -58.71 20.86 -114.41
C ALA G 707 -58.78 19.90 -113.26
N THR G 708 -58.32 20.34 -112.08
CA THR G 708 -58.38 19.53 -110.85
C THR G 708 -58.86 20.40 -109.69
N ALA G 709 -59.42 19.74 -108.65
CA ALA G 709 -59.91 20.41 -107.46
C ALA G 709 -60.06 19.40 -106.34
N GLY G 710 -59.97 19.89 -105.10
CA GLY G 710 -59.98 19.05 -103.91
C GLY G 710 -61.33 18.48 -103.55
N SER G 711 -62.30 19.35 -103.30
CA SER G 711 -63.65 18.95 -102.90
C SER G 711 -64.47 18.46 -104.06
N GLU G 712 -65.52 17.68 -103.76
CA GLU G 712 -66.42 17.20 -104.82
C GLU G 712 -67.27 18.37 -105.28
N LYS G 713 -67.75 19.19 -104.32
CA LYS G 713 -68.51 20.41 -104.62
C LYS G 713 -67.71 21.33 -105.55
N ARG G 714 -66.40 21.44 -105.29
CA ARG G 714 -65.51 22.28 -106.07
C ARG G 714 -65.28 21.67 -107.45
N ARG G 715 -65.17 20.35 -107.54
CA ARG G 715 -65.02 19.67 -108.84
C ARG G 715 -66.30 19.84 -109.64
N GLN G 716 -67.47 19.65 -109.00
CA GLN G 716 -68.77 19.79 -109.67
C GLN G 716 -68.97 21.21 -110.20
N LEU G 717 -68.40 22.23 -109.53
CA LEU G 717 -68.49 23.59 -110.05
C LEU G 717 -67.79 23.70 -111.41
N LEU G 718 -66.60 23.10 -111.54
CA LEU G 718 -65.85 23.13 -112.80
C LEU G 718 -66.65 22.42 -113.89
N ARG G 719 -67.26 21.28 -113.57
CA ARG G 719 -68.09 20.55 -114.52
C ARG G 719 -69.28 21.43 -114.98
N ASP G 720 -69.85 22.23 -114.05
CA ASP G 720 -70.95 23.15 -114.33
C ASP G 720 -70.48 24.38 -115.13
N TRP G 721 -69.25 24.86 -114.87
CA TRP G 721 -68.65 25.97 -115.62
C TRP G 721 -68.46 25.63 -117.10
N GLY G 722 -68.64 24.35 -117.46
CA GLY G 722 -68.56 23.87 -118.83
C GLY G 722 -67.21 23.29 -119.16
N ILE G 723 -66.50 22.75 -118.16
CA ILE G 723 -65.19 22.17 -118.39
C ILE G 723 -65.36 20.66 -118.16
N GLU G 724 -65.28 19.90 -119.27
CA GLU G 724 -65.27 18.44 -119.26
C GLU G 724 -63.83 18.10 -118.95
N HIS G 725 -63.57 16.99 -118.24
CA HIS G 725 -62.22 16.54 -117.83
C HIS G 725 -61.78 17.23 -116.50
N VAL G 726 -62.49 16.89 -115.42
CA VAL G 726 -62.23 17.36 -114.07
C VAL G 726 -61.76 16.18 -113.22
N TYR G 727 -60.68 16.35 -112.42
CA TYR G 727 -60.10 15.29 -111.60
C TYR G 727 -59.77 15.76 -110.18
N ASP G 728 -59.25 14.87 -109.31
CA ASP G 728 -58.92 15.25 -107.93
C ASP G 728 -57.49 15.75 -107.90
N SER G 729 -57.28 16.92 -107.27
CA SER G 729 -55.98 17.56 -107.11
C SER G 729 -55.16 16.95 -105.97
N ARG G 730 -55.83 16.30 -105.01
CA ARG G 730 -55.18 15.70 -103.84
C ARG G 730 -54.55 14.32 -104.11
N THR G 731 -54.73 13.74 -105.30
CA THR G 731 -54.16 12.42 -105.64
C THR G 731 -53.35 12.51 -106.92
N THR G 732 -52.68 11.40 -107.28
CA THR G 732 -51.92 11.26 -108.53
C THR G 732 -52.77 10.50 -109.56
N ALA G 733 -54.11 10.57 -109.42
CA ALA G 733 -55.05 9.88 -110.30
C ALA G 733 -55.07 10.59 -111.61
N PHE G 734 -55.32 11.90 -111.57
CA PHE G 734 -55.40 12.77 -112.74
C PHE G 734 -54.43 12.36 -113.84
N ALA G 735 -53.18 11.98 -113.51
CA ALA G 735 -52.17 11.60 -114.49
C ALA G 735 -52.65 10.48 -115.40
N ASP G 736 -52.90 9.30 -114.84
CA ASP G 736 -53.34 8.16 -115.64
C ASP G 736 -54.75 8.39 -116.22
N GLN G 737 -55.62 9.11 -115.50
CA GLN G 737 -56.97 9.43 -115.98
C GLN G 737 -56.93 10.34 -117.21
N ILE G 738 -56.02 11.35 -117.22
CA ILE G 738 -55.85 12.25 -118.35
C ILE G 738 -55.20 11.50 -119.48
N ARG G 739 -54.23 10.62 -119.17
CA ARG G 739 -53.60 9.79 -120.22
C ARG G 739 -54.68 8.97 -120.93
N THR G 740 -55.66 8.44 -120.18
CA THR G 740 -56.78 7.68 -120.74
C THR G 740 -57.74 8.59 -121.52
N ASP G 741 -58.08 9.76 -120.95
CA ASP G 741 -59.00 10.73 -121.58
C ASP G 741 -58.37 11.49 -122.78
N THR G 742 -57.05 11.29 -123.08
CA THR G 742 -56.36 11.89 -124.23
C THR G 742 -55.80 10.81 -125.17
N ASP G 743 -56.18 9.53 -124.96
CA ASP G 743 -55.70 8.40 -125.75
C ASP G 743 -54.16 8.33 -125.74
N GLY G 744 -53.62 8.39 -124.54
CA GLY G 744 -52.18 8.32 -124.28
C GLY G 744 -51.34 9.54 -124.58
N TYR G 745 -51.93 10.63 -125.08
CA TYR G 745 -51.15 11.82 -125.43
C TYR G 745 -50.66 12.59 -124.23
N GLY G 746 -51.54 12.81 -123.25
CA GLY G 746 -51.23 13.62 -122.09
C GLY G 746 -51.57 15.06 -122.41
N VAL G 747 -50.91 16.01 -121.75
CA VAL G 747 -51.16 17.43 -122.02
C VAL G 747 -49.90 18.07 -122.64
N ASP G 748 -49.94 19.40 -122.81
CA ASP G 748 -48.85 20.21 -123.34
C ASP G 748 -48.31 21.14 -122.31
N ILE G 749 -49.20 21.88 -121.65
CA ILE G 749 -48.87 22.83 -120.61
C ILE G 749 -49.40 22.32 -119.29
N VAL G 750 -48.71 22.61 -118.19
CA VAL G 750 -49.12 22.20 -116.84
C VAL G 750 -48.87 23.35 -115.89
N LEU G 751 -49.93 23.98 -115.38
CA LEU G 751 -49.77 25.08 -114.43
C LEU G 751 -49.76 24.48 -113.02
N ASN G 752 -48.59 24.00 -112.61
CA ASN G 752 -48.40 23.27 -111.37
C ASN G 752 -48.32 24.11 -110.10
N SER G 753 -49.41 24.08 -109.34
CA SER G 753 -49.51 24.64 -108.01
C SER G 753 -49.35 23.53 -106.96
N VAL G 754 -49.53 22.24 -107.36
CA VAL G 754 -49.48 21.05 -106.49
C VAL G 754 -48.01 20.61 -106.20
N THR G 755 -47.82 19.64 -105.30
CA THR G 755 -46.50 19.24 -104.82
C THR G 755 -46.28 17.75 -104.60
N GLY G 756 -45.00 17.40 -104.50
CA GLY G 756 -44.52 16.06 -104.19
C GLY G 756 -44.61 15.08 -105.36
N PRO G 757 -45.28 13.93 -105.18
CA PRO G 757 -45.44 13.01 -106.30
C PRO G 757 -46.41 13.53 -107.36
N ALA G 758 -47.27 14.50 -106.99
CA ALA G 758 -48.21 15.11 -107.92
C ALA G 758 -47.48 16.07 -108.89
N GLN G 759 -46.31 16.57 -108.47
CA GLN G 759 -45.48 17.41 -109.33
C GLN G 759 -44.82 16.48 -110.35
N ARG G 760 -44.16 15.44 -109.85
CA ARG G 760 -43.50 14.41 -110.67
C ARG G 760 -44.50 13.78 -111.65
N ALA G 761 -45.71 13.45 -111.19
CA ALA G 761 -46.78 12.86 -112.01
C ALA G 761 -47.25 13.78 -113.11
N GLY G 762 -47.27 15.08 -112.82
CA GLY G 762 -47.65 16.12 -113.77
C GLY G 762 -46.62 16.30 -114.87
N LEU G 763 -45.32 16.18 -114.52
CA LEU G 763 -44.24 16.26 -115.49
C LEU G 763 -44.28 15.05 -116.41
N GLU G 764 -44.47 13.87 -115.83
CA GLU G 764 -44.55 12.64 -116.59
C GLU G 764 -45.73 12.68 -117.58
N LEU G 765 -46.80 13.42 -117.22
CA LEU G 765 -47.99 13.56 -118.06
C LEU G 765 -47.75 14.31 -119.40
N LEU G 766 -47.22 15.57 -119.35
CA LEU G 766 -47.07 16.40 -120.57
C LEU G 766 -46.12 15.74 -121.56
N ALA G 767 -46.45 15.92 -122.88
CA ALA G 767 -45.76 15.23 -123.97
C ALA G 767 -45.30 16.12 -125.10
N PHE G 768 -43.98 16.02 -125.40
CA PHE G 768 -43.27 16.65 -126.53
C PHE G 768 -43.29 18.15 -126.40
N GLY G 769 -44.44 18.79 -126.65
CA GLY G 769 -44.58 20.23 -126.42
C GLY G 769 -43.97 20.60 -125.08
N GLY G 770 -44.34 19.79 -124.07
CA GLY G 770 -43.83 19.83 -122.71
C GLY G 770 -43.44 21.17 -122.16
N ARG G 771 -44.36 21.85 -121.48
CA ARG G 771 -44.10 23.14 -120.87
C ARG G 771 -44.62 23.15 -119.42
N PHE G 772 -43.79 22.67 -118.50
CA PHE G 772 -44.14 22.62 -117.10
C PHE G 772 -43.91 23.96 -116.41
N VAL G 773 -44.98 24.64 -116.00
CA VAL G 773 -44.87 25.94 -115.34
C VAL G 773 -45.07 25.80 -113.83
N GLU G 774 -43.96 25.70 -113.06
CA GLU G 774 -44.11 25.58 -111.62
C GLU G 774 -44.19 26.94 -110.95
N ILE G 775 -45.40 27.25 -110.44
CA ILE G 775 -45.68 28.44 -109.64
C ILE G 775 -45.50 28.09 -108.14
N GLY G 776 -45.78 26.82 -107.77
CA GLY G 776 -45.61 26.31 -106.41
C GLY G 776 -44.16 26.30 -105.91
N LYS G 777 -43.89 27.08 -104.85
CA LYS G 777 -42.55 27.23 -104.28
C LYS G 777 -42.08 26.10 -103.33
N ARG G 778 -42.98 25.33 -102.71
CA ARG G 778 -42.61 24.32 -101.69
C ARG G 778 -41.50 23.37 -102.13
N ASP G 779 -41.65 22.76 -103.32
CA ASP G 779 -40.68 21.77 -103.79
C ASP G 779 -39.33 22.37 -104.21
N ILE G 780 -39.31 23.61 -104.67
CA ILE G 780 -38.08 24.28 -105.03
C ILE G 780 -37.27 24.53 -103.78
N TYR G 781 -37.86 25.24 -102.79
CA TYR G 781 -37.18 25.57 -101.52
C TYR G 781 -36.83 24.30 -100.68
N ALA G 782 -37.45 23.17 -101.00
CA ALA G 782 -37.14 21.89 -100.35
C ALA G 782 -35.96 21.14 -101.05
N ASP G 783 -35.45 21.65 -102.21
CA ASP G 783 -34.40 21.06 -103.04
C ASP G 783 -34.79 19.64 -103.49
N THR G 784 -36.08 19.37 -103.66
CA THR G 784 -36.47 18.02 -104.03
C THR G 784 -35.79 17.74 -105.35
N ARG G 785 -34.91 16.73 -105.37
CA ARG G 785 -34.18 16.37 -106.56
C ARG G 785 -35.12 15.70 -107.52
N LEU G 786 -35.41 16.40 -108.61
CA LEU G 786 -36.34 16.01 -109.65
C LEU G 786 -35.63 15.19 -110.71
N GLY G 787 -36.19 14.03 -111.06
CA GLY G 787 -35.64 13.18 -112.10
C GLY G 787 -35.73 13.84 -113.45
N LEU G 788 -34.58 13.94 -114.16
CA LEU G 788 -34.51 14.56 -115.48
C LEU G 788 -34.93 13.65 -116.65
N PHE G 789 -35.18 12.35 -116.44
CA PHE G 789 -35.54 11.45 -117.54
C PHE G 789 -36.74 11.89 -118.38
N PRO G 790 -37.84 12.43 -117.82
CA PRO G 790 -38.98 12.84 -118.67
C PRO G 790 -38.64 13.93 -119.70
N PHE G 791 -37.58 14.71 -119.44
CA PHE G 791 -37.16 15.79 -120.32
C PHE G 791 -36.66 15.28 -121.67
N ARG G 792 -36.49 13.94 -121.87
CA ARG G 792 -36.04 13.40 -123.16
C ARG G 792 -36.98 13.80 -124.31
N ARG G 793 -38.23 14.23 -124.01
CA ARG G 793 -39.21 14.67 -125.01
C ARG G 793 -39.24 16.21 -125.17
N ASN G 794 -38.07 16.88 -125.21
CA ASN G 794 -37.97 18.35 -125.39
C ASN G 794 -38.85 19.19 -124.39
N LEU G 795 -38.92 18.74 -123.13
CA LEU G 795 -39.68 19.45 -122.10
C LEU G 795 -38.99 20.73 -121.68
N SER G 796 -39.73 21.62 -121.04
CA SER G 796 -39.23 22.92 -120.60
C SER G 796 -39.81 23.22 -119.24
N PHE G 797 -38.96 23.41 -118.24
CA PHE G 797 -39.39 23.70 -116.86
C PHE G 797 -39.28 25.19 -116.62
N TYR G 798 -40.30 25.81 -116.05
CA TYR G 798 -40.26 27.24 -115.76
C TYR G 798 -40.59 27.50 -114.32
N ALA G 799 -39.66 28.12 -113.59
CA ALA G 799 -39.89 28.51 -112.22
C ALA G 799 -40.44 29.93 -112.21
N VAL G 800 -41.46 30.18 -111.38
CA VAL G 800 -42.10 31.49 -111.33
C VAL G 800 -42.16 31.94 -109.88
N ASP G 801 -41.68 33.17 -109.59
CA ASP G 801 -41.70 33.81 -108.27
C ASP G 801 -41.85 35.31 -108.47
N LEU G 802 -43.08 35.77 -108.78
CA LEU G 802 -43.40 37.18 -108.97
C LEU G 802 -42.90 38.03 -107.79
N ALA G 803 -42.95 37.48 -106.57
CA ALA G 803 -42.50 38.18 -105.37
C ALA G 803 -41.02 38.62 -105.47
N LEU G 804 -40.19 37.71 -105.93
CA LEU G 804 -38.76 37.93 -106.12
C LEU G 804 -38.54 38.87 -107.28
N MET G 805 -39.30 38.66 -108.37
CA MET G 805 -39.26 39.50 -109.58
C MET G 805 -39.53 40.95 -109.27
N THR G 806 -40.39 41.22 -108.29
CA THR G 806 -40.71 42.57 -107.84
C THR G 806 -39.44 43.32 -107.40
N VAL G 807 -38.42 42.58 -106.94
CA VAL G 807 -37.16 43.13 -106.50
C VAL G 807 -36.12 43.10 -107.60
N THR G 808 -35.95 41.95 -108.27
CA THR G 808 -34.92 41.78 -109.30
C THR G 808 -35.18 42.51 -110.60
N HIS G 809 -36.43 42.46 -111.10
CA HIS G 809 -36.83 43.13 -112.35
C HIS G 809 -38.20 43.77 -112.14
N PRO G 810 -38.28 44.88 -111.40
CA PRO G 810 -39.59 45.49 -111.11
C PRO G 810 -40.29 46.05 -112.34
N GLN G 811 -39.52 46.45 -113.38
CA GLN G 811 -40.11 46.95 -114.61
C GLN G 811 -40.94 45.86 -115.29
N LYS G 812 -40.47 44.59 -115.29
CA LYS G 812 -41.23 43.51 -115.92
C LYS G 812 -42.54 43.27 -115.17
N ILE G 813 -42.57 43.43 -113.84
CA ILE G 813 -43.79 43.29 -113.04
C ILE G 813 -44.73 44.45 -113.33
N ARG G 814 -44.21 45.67 -113.46
CA ARG G 814 -45.03 46.84 -113.78
C ARG G 814 -45.78 46.64 -115.07
N ASP G 815 -45.07 46.16 -116.09
CA ASP G 815 -45.62 45.93 -117.42
C ASP G 815 -46.61 44.76 -117.40
N LEU G 816 -46.31 43.74 -116.59
CA LEU G 816 -47.17 42.57 -116.43
C LEU G 816 -48.49 42.95 -115.75
N LEU G 817 -48.48 43.91 -114.81
CA LEU G 817 -49.71 44.37 -114.17
C LEU G 817 -50.48 45.22 -115.10
N ALA G 818 -49.77 46.15 -115.73
CA ALA G 818 -50.36 47.08 -116.66
C ALA G 818 -51.02 46.36 -117.83
N THR G 819 -50.40 45.29 -118.34
CA THR G 819 -50.99 44.56 -119.45
C THR G 819 -52.23 43.77 -119.00
N VAL G 820 -52.28 43.22 -117.78
CA VAL G 820 -53.50 42.52 -117.35
C VAL G 820 -54.61 43.53 -117.05
N TYR G 821 -54.27 44.71 -116.50
CA TYR G 821 -55.26 45.76 -116.23
C TYR G 821 -55.87 46.25 -117.54
N ARG G 822 -55.08 46.27 -118.62
CA ARG G 822 -55.57 46.69 -119.92
C ARG G 822 -56.51 45.61 -120.48
N LEU G 823 -56.06 44.35 -120.52
CA LEU G 823 -56.86 43.23 -121.04
C LEU G 823 -58.20 43.06 -120.35
N ILE G 824 -58.21 43.20 -119.02
CA ILE G 824 -59.41 43.03 -118.22
C ILE G 824 -60.37 44.23 -118.41
N ALA G 825 -59.82 45.45 -118.55
CA ALA G 825 -60.61 46.68 -118.78
C ALA G 825 -61.20 46.71 -120.17
N ASP G 826 -60.43 46.21 -121.16
CA ASP G 826 -60.86 46.11 -122.57
C ASP G 826 -61.99 45.08 -122.72
N GLY G 827 -62.02 44.11 -121.82
CA GLY G 827 -62.96 43.01 -121.85
C GLY G 827 -62.40 41.80 -122.55
N THR G 828 -61.11 41.89 -122.96
CA THR G 828 -60.39 40.79 -123.62
C THR G 828 -60.43 39.55 -122.72
N LEU G 829 -60.34 39.78 -121.39
CA LEU G 829 -60.43 38.75 -120.38
C LEU G 829 -61.53 39.09 -119.39
N PRO G 830 -62.32 38.09 -118.96
CA PRO G 830 -63.38 38.37 -117.98
C PRO G 830 -62.85 38.19 -116.57
N LEU G 831 -63.28 39.05 -115.66
CA LEU G 831 -62.80 38.97 -114.27
C LEU G 831 -63.45 37.75 -113.56
N PRO G 832 -62.88 37.29 -112.43
CA PRO G 832 -63.38 36.08 -111.78
C PRO G 832 -64.36 36.34 -110.65
N GLU G 833 -64.74 35.26 -109.92
CA GLU G 833 -65.60 35.38 -108.76
C GLU G 833 -64.89 36.20 -107.71
N ILE G 834 -65.45 37.37 -107.36
CA ILE G 834 -64.86 38.27 -106.39
C ILE G 834 -65.79 38.38 -105.19
N THR G 835 -65.30 37.92 -104.04
CA THR G 835 -66.03 37.96 -102.79
C THR G 835 -65.41 39.05 -101.94
N HIS G 836 -66.18 40.10 -101.62
CA HIS G 836 -65.63 41.22 -100.84
C HIS G 836 -65.75 40.96 -99.36
N TYR G 837 -64.70 41.32 -98.60
CA TYR G 837 -64.65 41.20 -97.14
C TYR G 837 -64.17 42.50 -96.51
N PRO G 838 -64.76 42.98 -95.41
CA PRO G 838 -64.19 44.17 -94.77
C PRO G 838 -62.88 43.80 -94.08
N LEU G 839 -62.00 44.77 -93.88
CA LEU G 839 -60.70 44.55 -93.24
C LEU G 839 -60.82 43.87 -91.83
N GLU G 840 -61.92 44.11 -91.12
CA GLU G 840 -62.16 43.52 -89.80
C GLU G 840 -62.28 41.99 -89.88
N GLU G 841 -63.05 41.50 -90.87
CA GLU G 841 -63.28 40.07 -91.10
C GLU G 841 -62.16 39.45 -91.96
N ALA G 842 -60.89 39.90 -91.78
CA ALA G 842 -59.75 39.38 -92.55
C ALA G 842 -59.44 37.97 -92.07
N ALA G 843 -59.23 37.80 -90.75
CA ALA G 843 -58.96 36.51 -90.11
C ALA G 843 -60.02 35.48 -90.46
N THR G 844 -61.28 35.88 -90.71
CA THR G 844 -62.35 34.98 -91.14
C THR G 844 -62.13 34.59 -92.60
N ALA G 845 -61.71 35.53 -93.47
CA ALA G 845 -61.41 35.25 -94.88
C ALA G 845 -60.22 34.28 -94.99
N ILE G 846 -59.26 34.39 -94.06
CA ILE G 846 -58.11 33.50 -94.00
C ILE G 846 -58.53 32.12 -93.52
N ARG G 847 -59.42 32.01 -92.51
CA ARG G 847 -59.91 30.70 -92.04
C ARG G 847 -60.63 29.95 -93.19
N ILE G 848 -61.39 30.72 -94.03
CA ILE G 848 -62.16 30.18 -95.15
C ILE G 848 -61.21 29.75 -96.27
N MET G 849 -60.30 30.65 -96.72
CA MET G 849 -59.33 30.33 -97.78
C MET G 849 -58.35 29.24 -97.33
N GLY G 850 -58.00 29.26 -96.05
CA GLY G 850 -57.09 28.29 -95.42
C GLY G 850 -57.68 26.92 -95.26
N GLY G 851 -59.02 26.82 -95.21
CA GLY G 851 -59.74 25.56 -95.17
C GLY G 851 -60.20 25.07 -96.54
N ALA G 852 -59.78 25.75 -97.63
CA ALA G 852 -60.14 25.45 -99.03
C ALA G 852 -61.68 25.48 -99.25
N GLN G 853 -62.42 26.25 -98.43
CA GLN G 853 -63.87 26.39 -98.54
C GLN G 853 -64.23 27.42 -99.63
N HIS G 854 -63.36 28.42 -99.81
CA HIS G 854 -63.54 29.52 -100.76
C HIS G 854 -63.54 29.12 -102.24
N THR G 855 -63.94 30.10 -103.09
CA THR G 855 -63.96 30.00 -104.55
C THR G 855 -63.67 31.38 -105.15
N GLY G 856 -62.76 31.41 -106.11
CA GLY G 856 -62.36 32.64 -106.78
C GLY G 856 -61.43 33.49 -105.96
N LYS G 857 -61.55 34.82 -106.12
CA LYS G 857 -60.69 35.78 -105.41
C LYS G 857 -61.44 36.41 -104.25
N LEU G 858 -60.66 36.76 -103.22
CA LEU G 858 -61.12 37.41 -102.00
C LEU G 858 -60.51 38.81 -101.95
N VAL G 859 -61.35 39.84 -101.96
CA VAL G 859 -60.87 41.20 -101.92
C VAL G 859 -61.13 41.74 -100.55
N ILE G 860 -60.09 42.24 -99.90
CA ILE G 860 -60.22 42.84 -98.59
C ILE G 860 -60.50 44.35 -98.84
N ASP G 861 -61.68 44.83 -98.42
CA ASP G 861 -62.10 46.21 -98.64
C ASP G 861 -61.55 47.08 -97.51
N ILE G 862 -60.72 48.05 -97.87
CA ILE G 862 -60.09 48.95 -96.92
C ILE G 862 -61.06 50.11 -96.58
N PRO G 863 -61.22 50.49 -95.28
CA PRO G 863 -62.15 51.57 -94.95
C PRO G 863 -61.78 52.98 -95.48
N ASP G 864 -62.82 53.67 -95.97
CA ASP G 864 -62.82 55.04 -96.49
C ASP G 864 -63.75 55.89 -95.60
N THR G 865 -63.56 57.22 -95.59
CA THR G 865 -64.36 58.20 -94.84
C THR G 865 -64.15 57.98 -93.34
N GLY G 866 -63.67 59.02 -92.66
CA GLY G 866 -63.32 59.02 -91.24
C GLY G 866 -64.20 58.21 -90.30
N GLN G 867 -63.88 56.92 -90.13
CA GLN G 867 -64.56 56.00 -89.22
C GLN G 867 -63.51 55.43 -88.28
N SER G 868 -63.76 55.59 -86.97
CA SER G 868 -62.86 55.16 -85.91
C SER G 868 -62.68 53.64 -85.87
N GLN G 869 -61.40 53.16 -85.87
CA GLN G 869 -61.09 51.74 -85.73
C GLN G 869 -60.02 51.59 -84.66
N VAL G 870 -60.27 50.74 -83.66
CA VAL G 870 -59.36 50.53 -82.52
C VAL G 870 -58.09 49.85 -83.05
N VAL G 871 -56.92 50.43 -82.73
CA VAL G 871 -55.58 50.01 -83.15
C VAL G 871 -54.80 49.51 -81.92
N VAL G 872 -53.58 48.94 -82.10
CA VAL G 872 -52.74 48.42 -81.00
C VAL G 872 -51.22 48.74 -81.29
N PRO G 873 -50.66 49.90 -80.83
CA PRO G 873 -49.24 50.23 -81.12
C PRO G 873 -48.21 49.50 -80.24
N PRO G 874 -47.03 49.06 -80.78
CA PRO G 874 -46.08 48.29 -79.96
C PRO G 874 -44.80 49.07 -79.56
N GLU G 875 -43.75 49.15 -80.41
CA GLU G 875 -42.50 49.88 -80.15
C GLU G 875 -42.42 51.13 -81.00
N GLN G 876 -43.50 51.39 -81.78
CA GLN G 876 -43.66 52.59 -82.60
C GLN G 876 -44.03 53.75 -81.67
N VAL G 877 -44.33 53.44 -80.36
CA VAL G 877 -44.76 54.40 -79.35
C VAL G 877 -43.75 55.53 -79.31
N PRO G 878 -44.18 56.78 -79.62
CA PRO G 878 -43.24 57.90 -79.62
C PRO G 878 -42.98 58.35 -78.21
N VAL G 879 -41.99 57.72 -77.57
CA VAL G 879 -41.60 58.04 -76.20
C VAL G 879 -40.81 59.38 -76.26
N PHE G 880 -39.52 59.31 -76.63
CA PHE G 880 -38.65 60.48 -76.73
C PHE G 880 -38.76 61.10 -78.15
N ARG G 881 -39.34 62.33 -78.27
CA ARG G 881 -39.51 63.03 -79.56
C ARG G 881 -39.08 64.50 -79.51
N GLY G 882 -38.55 64.98 -80.63
CA GLY G 882 -38.09 66.34 -80.79
C GLY G 882 -39.19 67.38 -80.82
N ASP G 883 -40.43 67.01 -81.21
CA ASP G 883 -41.55 67.97 -81.27
C ASP G 883 -42.36 68.02 -79.97
N GLY G 884 -41.75 67.61 -78.86
CA GLY G 884 -42.41 67.59 -77.57
C GLY G 884 -41.47 67.85 -76.42
N ALA G 885 -42.01 68.55 -75.40
CA ALA G 885 -41.26 68.92 -74.21
C ALA G 885 -41.43 67.90 -73.09
N TYR G 886 -40.47 67.88 -72.15
CA TYR G 886 -40.47 66.93 -71.03
C TYR G 886 -40.06 67.59 -69.72
N VAL G 887 -40.55 67.07 -68.59
CA VAL G 887 -40.26 67.59 -67.27
C VAL G 887 -39.68 66.47 -66.41
N ILE G 888 -38.60 66.76 -65.66
CA ILE G 888 -37.96 65.78 -64.77
C ILE G 888 -37.75 66.41 -63.40
N THR G 889 -38.45 65.91 -62.38
CA THR G 889 -38.29 66.40 -61.02
C THR G 889 -37.17 65.57 -60.42
N GLY G 890 -36.24 66.23 -59.73
CA GLY G 890 -35.04 65.58 -59.20
C GLY G 890 -34.08 65.26 -60.32
N GLY G 891 -34.00 66.19 -61.28
CA GLY G 891 -33.20 66.07 -62.47
C GLY G 891 -31.76 66.53 -62.33
N LEU G 892 -31.46 67.44 -61.37
CA LEU G 892 -30.10 67.91 -61.18
C LEU G 892 -29.21 66.86 -60.48
N GLY G 893 -29.79 65.75 -60.03
CA GLY G 893 -29.00 64.70 -59.40
C GLY G 893 -29.58 63.31 -59.53
N GLY G 894 -28.71 62.33 -59.26
CA GLY G 894 -29.05 60.91 -59.27
C GLY G 894 -29.43 60.36 -60.62
N LEU G 895 -30.58 59.68 -60.65
CA LEU G 895 -31.12 59.04 -61.84
C LEU G 895 -31.54 60.09 -62.85
N GLY G 896 -32.30 61.06 -62.39
CA GLY G 896 -32.82 62.16 -63.20
C GLY G 896 -31.81 62.82 -64.11
N LEU G 897 -30.56 63.03 -63.64
CA LEU G 897 -29.51 63.63 -64.47
C LEU G 897 -29.00 62.64 -65.53
N PHE G 898 -28.93 61.33 -65.19
CA PHE G 898 -28.52 60.30 -66.14
C PHE G 898 -29.61 60.12 -67.20
N LEU G 899 -30.88 60.05 -66.77
CA LEU G 899 -32.02 59.92 -67.66
C LEU G 899 -32.11 61.14 -68.58
N ALA G 900 -31.93 62.36 -68.04
CA ALA G 900 -31.96 63.61 -68.83
C ALA G 900 -30.89 63.60 -69.91
N GLU G 901 -29.67 63.17 -69.56
CA GLU G 901 -28.56 63.05 -70.51
C GLU G 901 -28.88 62.00 -71.59
N ARG G 902 -29.46 60.86 -71.18
CA ARG G 902 -29.86 59.78 -72.07
C ARG G 902 -31.02 60.25 -72.98
N MET G 903 -31.96 61.06 -72.44
CA MET G 903 -33.12 61.59 -73.17
C MET G 903 -32.70 62.61 -74.20
N ALA G 904 -31.80 63.51 -73.80
CA ALA G 904 -31.28 64.52 -74.70
C ALA G 904 -30.63 63.85 -75.90
N ALA G 905 -29.88 62.75 -75.64
CA ALA G 905 -29.23 61.93 -76.67
C ALA G 905 -30.27 61.14 -77.48
N ALA G 906 -31.36 60.66 -76.84
CA ALA G 906 -32.45 59.92 -77.51
C ALA G 906 -33.33 60.82 -78.41
N GLY G 907 -33.22 62.13 -78.26
CA GLY G 907 -33.97 63.10 -79.05
C GLY G 907 -35.17 63.62 -78.30
N CYS G 908 -34.95 64.60 -77.41
CA CYS G 908 -36.01 65.20 -76.62
C CYS G 908 -35.89 66.69 -76.74
N GLY G 909 -36.84 67.29 -77.47
CA GLY G 909 -36.84 68.71 -77.70
C GLY G 909 -37.27 69.41 -76.45
N ARG G 910 -36.32 70.06 -75.73
CA ARG G 910 -36.56 70.75 -74.45
C ARG G 910 -36.86 69.76 -73.31
N ILE G 911 -35.93 69.64 -72.33
CA ILE G 911 -36.09 68.79 -71.15
C ILE G 911 -35.93 69.68 -69.92
N VAL G 912 -37.03 70.12 -69.28
CA VAL G 912 -36.93 70.96 -68.09
C VAL G 912 -36.48 70.06 -66.95
N VAL G 913 -35.42 70.47 -66.24
CA VAL G 913 -34.85 69.73 -65.11
C VAL G 913 -35.14 70.55 -63.85
N ASN G 914 -35.47 69.85 -62.75
CA ASN G 914 -35.82 70.51 -61.49
C ASN G 914 -35.19 69.82 -60.27
N SER G 915 -34.90 70.63 -59.26
CA SER G 915 -34.36 70.23 -57.97
C SER G 915 -34.25 71.51 -57.13
N ARG G 916 -34.80 71.51 -55.91
CA ARG G 916 -34.82 72.69 -55.05
C ARG G 916 -33.42 73.32 -54.85
N SER G 917 -32.37 72.49 -54.75
CA SER G 917 -30.99 72.99 -54.61
C SER G 917 -30.45 73.42 -55.96
N ALA G 918 -29.51 74.38 -55.98
CA ALA G 918 -28.89 74.87 -57.21
C ALA G 918 -27.98 73.78 -57.82
N PRO G 919 -27.62 73.87 -59.12
CA PRO G 919 -26.79 72.80 -59.72
C PRO G 919 -25.37 72.74 -59.14
N SER G 920 -24.87 71.52 -58.91
CA SER G 920 -23.51 71.32 -58.39
C SER G 920 -22.48 71.62 -59.48
N THR G 921 -21.19 71.62 -59.11
CA THR G 921 -20.10 71.90 -60.04
C THR G 921 -19.99 70.79 -61.10
N ARG G 922 -20.19 69.51 -60.72
CA ARG G 922 -20.15 68.39 -61.68
C ARG G 922 -21.46 68.33 -62.50
N SER G 923 -22.60 68.72 -61.88
CA SER G 923 -23.91 68.72 -62.55
C SER G 923 -23.93 69.78 -63.65
N SER G 924 -23.41 70.99 -63.37
CA SER G 924 -23.32 72.08 -64.34
C SER G 924 -22.47 71.68 -65.56
N GLU G 925 -21.38 70.91 -65.34
CA GLU G 925 -20.52 70.42 -66.43
C GLU G 925 -21.25 69.45 -67.35
N ILE G 926 -22.12 68.60 -66.79
CA ILE G 926 -22.90 67.63 -67.56
C ILE G 926 -23.95 68.37 -68.39
N ILE G 927 -24.58 69.41 -67.83
CA ILE G 927 -25.59 70.18 -68.55
C ILE G 927 -24.94 70.99 -69.70
N GLU G 928 -23.71 71.49 -69.50
CA GLU G 928 -22.99 72.25 -70.53
C GLU G 928 -22.72 71.41 -71.78
N LEU G 929 -22.17 70.19 -71.60
CA LEU G 929 -21.88 69.31 -72.74
C LEU G 929 -23.15 68.80 -73.43
N ILE G 930 -24.29 68.69 -72.72
CA ILE G 930 -25.55 68.27 -73.35
C ILE G 930 -26.08 69.41 -74.23
N ARG G 931 -26.06 70.65 -73.71
CA ARG G 931 -26.50 71.83 -74.45
C ARG G 931 -25.58 72.09 -75.65
N ALA G 932 -24.27 71.84 -75.49
CA ALA G 932 -23.29 71.96 -76.58
C ALA G 932 -23.62 71.01 -77.73
N THR G 933 -24.10 69.79 -77.39
CA THR G 933 -24.50 68.78 -78.37
C THR G 933 -26.02 68.90 -78.67
N GLY G 934 -26.38 70.01 -79.30
CA GLY G 934 -27.75 70.30 -79.71
C GLY G 934 -28.76 70.53 -78.60
N ALA G 935 -29.60 69.49 -78.34
CA ALA G 935 -30.72 69.45 -77.38
C ALA G 935 -30.57 70.41 -76.20
N ASP G 936 -31.52 71.35 -76.03
CA ASP G 936 -31.47 72.34 -74.94
C ASP G 936 -32.02 71.74 -73.66
N ILE G 937 -31.38 72.09 -72.54
CA ILE G 937 -31.72 71.63 -71.19
C ILE G 937 -31.96 72.83 -70.34
N VAL G 938 -33.20 73.05 -69.94
CA VAL G 938 -33.55 74.16 -69.10
C VAL G 938 -33.53 73.66 -67.66
N VAL G 939 -33.14 74.54 -66.73
CA VAL G 939 -33.09 74.25 -65.32
C VAL G 939 -33.95 75.26 -64.60
N GLU G 940 -35.04 74.79 -63.99
CA GLU G 940 -35.95 75.60 -63.21
C GLU G 940 -36.01 74.97 -61.84
N CYS G 941 -35.38 75.60 -60.85
CA CYS G 941 -35.34 75.09 -59.49
C CYS G 941 -36.63 75.44 -58.75
N GLY G 942 -36.92 74.64 -57.73
CA GLY G 942 -38.10 74.81 -56.90
C GLY G 942 -38.45 73.57 -56.10
N ASP G 943 -39.18 73.76 -55.01
CA ASP G 943 -39.63 72.68 -54.15
C ASP G 943 -40.97 72.19 -54.68
N ILE G 944 -40.99 71.05 -55.41
CA ILE G 944 -42.22 70.44 -55.97
C ILE G 944 -43.36 70.31 -54.96
N ALA G 945 -43.05 70.17 -53.65
CA ALA G 945 -44.05 70.15 -52.59
C ALA G 945 -44.91 71.44 -52.64
N GLU G 946 -44.30 72.60 -53.01
CA GLU G 946 -45.04 73.84 -53.22
C GLU G 946 -45.75 73.74 -54.56
N PRO G 947 -47.02 74.17 -54.65
CA PRO G 947 -47.76 74.01 -55.92
C PRO G 947 -47.23 74.86 -57.07
N ASP G 948 -46.83 76.13 -56.81
CA ASP G 948 -46.33 77.05 -57.82
C ASP G 948 -45.13 76.50 -58.60
N THR G 949 -44.32 75.63 -57.98
CA THR G 949 -43.18 75.00 -58.64
C THR G 949 -43.66 74.11 -59.82
N ALA G 950 -44.63 73.23 -59.58
CA ALA G 950 -45.18 72.37 -60.64
C ALA G 950 -45.68 73.17 -61.85
N LEU G 951 -46.30 74.32 -61.60
CA LEU G 951 -46.85 75.19 -62.65
C LEU G 951 -45.71 75.92 -63.42
N ARG G 952 -44.64 76.49 -62.72
CA ARG G 952 -43.49 77.20 -63.37
C ARG G 952 -42.72 76.17 -64.23
N LEU G 953 -42.63 74.90 -63.80
CA LEU G 953 -41.99 73.83 -64.58
C LEU G 953 -42.72 73.57 -65.91
N VAL G 954 -44.04 73.36 -65.81
CA VAL G 954 -44.93 73.09 -66.94
C VAL G 954 -44.93 74.28 -67.92
N ALA G 955 -45.05 75.51 -67.41
CA ALA G 955 -45.04 76.72 -68.23
C ALA G 955 -43.71 76.89 -68.96
N ALA G 956 -42.58 76.54 -68.29
CA ALA G 956 -41.23 76.64 -68.87
C ALA G 956 -41.02 75.64 -69.99
N ALA G 957 -41.46 74.39 -69.81
CA ALA G 957 -41.34 73.33 -70.82
C ALA G 957 -42.15 73.65 -72.09
N THR G 958 -43.36 74.24 -71.92
CA THR G 958 -44.26 74.59 -73.03
C THR G 958 -43.74 75.82 -73.83
N GLN G 959 -43.29 76.87 -73.11
CA GLN G 959 -42.76 78.15 -73.63
C GLN G 959 -42.19 78.12 -75.06
N THR G 960 -41.34 77.12 -75.39
CA THR G 960 -40.70 77.01 -76.73
C THR G 960 -41.64 76.33 -77.74
N GLY G 961 -42.90 76.77 -77.82
CA GLY G 961 -43.91 76.22 -78.72
C GLY G 961 -43.98 74.72 -78.87
N LEU G 962 -43.63 73.95 -77.81
CA LEU G 962 -43.64 72.49 -77.84
C LEU G 962 -44.61 71.96 -76.81
N PRO G 963 -45.58 71.09 -77.15
CA PRO G 963 -46.50 70.59 -76.11
C PRO G 963 -45.83 69.61 -75.17
N LEU G 964 -46.24 69.61 -73.91
CA LEU G 964 -45.68 68.69 -72.91
C LEU G 964 -46.09 67.27 -73.30
N ARG G 965 -45.10 66.38 -73.52
CA ARG G 965 -45.37 65.00 -73.92
C ARG G 965 -44.99 63.97 -72.82
N GLY G 966 -44.48 64.41 -71.68
CA GLY G 966 -44.15 63.45 -70.62
C GLY G 966 -43.57 64.06 -69.37
N VAL G 967 -43.72 63.34 -68.24
CA VAL G 967 -43.25 63.76 -66.92
C VAL G 967 -42.51 62.61 -66.24
N LEU G 968 -41.58 62.94 -65.36
CA LEU G 968 -40.82 61.97 -64.57
C LEU G 968 -40.74 62.48 -63.15
N HIS G 969 -41.18 61.69 -62.16
CA HIS G 969 -41.16 62.11 -60.76
C HIS G 969 -40.05 61.40 -59.97
N ALA G 970 -38.78 61.74 -60.30
CA ALA G 970 -37.61 61.20 -59.60
C ALA G 970 -37.34 61.94 -58.30
N ALA G 971 -37.93 63.15 -58.09
CA ALA G 971 -37.73 63.95 -56.88
C ALA G 971 -37.98 63.11 -55.67
N ALA G 972 -36.98 63.01 -54.78
CA ALA G 972 -37.08 62.17 -53.59
C ALA G 972 -36.12 62.57 -52.49
N VAL G 973 -36.58 62.36 -51.26
CA VAL G 973 -35.81 62.58 -50.05
C VAL G 973 -35.75 61.23 -49.36
N VAL G 974 -34.56 60.84 -48.87
CA VAL G 974 -34.37 59.56 -48.19
C VAL G 974 -33.73 59.78 -46.84
N GLU G 975 -34.54 59.73 -45.78
CA GLU G 975 -34.10 59.84 -44.40
C GLU G 975 -34.52 58.52 -43.77
N ASP G 976 -33.54 57.67 -43.48
CA ASP G 976 -33.79 56.34 -42.94
C ASP G 976 -33.60 56.31 -41.44
N ALA G 977 -34.46 55.57 -40.74
CA ALA G 977 -34.39 55.41 -39.29
C ALA G 977 -35.19 54.18 -38.85
N THR G 978 -34.77 53.58 -37.73
CA THR G 978 -35.46 52.42 -37.15
C THR G 978 -36.78 52.88 -36.56
N LEU G 979 -37.77 51.97 -36.48
CA LEU G 979 -39.11 52.26 -35.95
C LEU G 979 -39.09 53.07 -34.65
N ALA G 980 -38.09 52.81 -33.78
CA ALA G 980 -37.92 53.52 -32.51
C ALA G 980 -37.54 55.00 -32.68
N ASN G 981 -36.66 55.33 -33.65
CA ASN G 981 -36.23 56.72 -33.85
C ASN G 981 -36.75 57.32 -35.20
N ILE G 982 -37.99 56.96 -35.66
CA ILE G 982 -38.63 57.59 -36.83
C ILE G 982 -39.45 58.75 -36.26
N THR G 983 -38.94 59.98 -36.38
CA THR G 983 -39.63 61.16 -35.85
C THR G 983 -40.81 61.51 -36.76
N ASP G 984 -41.75 62.30 -36.26
CA ASP G 984 -42.91 62.73 -37.03
C ASP G 984 -42.50 63.76 -38.08
N GLU G 985 -41.39 64.50 -37.84
CA GLU G 985 -40.84 65.47 -38.77
C GLU G 985 -40.20 64.74 -39.94
N LEU G 986 -39.44 63.66 -39.65
CA LEU G 986 -38.77 62.81 -40.64
C LEU G 986 -39.76 62.16 -41.62
N VAL G 987 -41.01 61.85 -41.16
CA VAL G 987 -42.05 61.24 -41.99
C VAL G 987 -42.44 62.22 -43.12
N GLU G 988 -42.65 63.50 -42.77
CA GLU G 988 -43.00 64.49 -43.77
C GLU G 988 -41.83 64.85 -44.68
N HIS G 989 -40.57 64.76 -44.21
CA HIS G 989 -39.41 65.05 -45.07
C HIS G 989 -39.41 64.13 -46.29
N ASP G 990 -39.67 62.82 -46.08
CA ASP G 990 -39.69 61.79 -47.15
C ASP G 990 -41.01 61.81 -47.93
N TRP G 991 -42.13 62.05 -47.24
CA TRP G 991 -43.47 62.04 -47.83
C TRP G 991 -43.74 63.24 -48.75
N ALA G 992 -43.32 64.45 -48.34
CA ALA G 992 -43.59 65.69 -49.08
C ALA G 992 -43.17 65.69 -50.57
N PRO G 993 -41.92 65.38 -50.95
CA PRO G 993 -41.57 65.41 -52.38
C PRO G 993 -42.24 64.32 -53.21
N LYS G 994 -42.43 63.13 -52.63
CA LYS G 994 -43.02 62.00 -53.33
C LYS G 994 -44.51 62.20 -53.58
N VAL G 995 -45.30 62.41 -52.53
CA VAL G 995 -46.73 62.49 -52.76
C VAL G 995 -47.21 63.91 -53.07
N TYR G 996 -46.77 64.96 -52.32
CA TYR G 996 -47.26 66.32 -52.62
C TYR G 996 -46.78 66.79 -53.98
N GLY G 997 -45.59 66.36 -54.38
CA GLY G 997 -45.08 66.68 -55.70
C GLY G 997 -45.89 66.02 -56.79
N ALA G 998 -46.22 64.74 -56.61
CA ALA G 998 -47.01 63.97 -57.58
C ALA G 998 -48.38 64.58 -57.81
N TRP G 999 -49.03 65.03 -56.73
CA TRP G 999 -50.34 65.65 -56.84
C TRP G 999 -50.24 67.04 -57.48
N ASN G 1000 -49.22 67.83 -57.11
CA ASN G 1000 -49.03 69.17 -57.70
C ASN G 1000 -48.68 69.05 -59.18
N LEU G 1001 -47.96 67.97 -59.58
CA LEU G 1001 -47.65 67.72 -60.99
C LEU G 1001 -48.92 67.40 -61.73
N HIS G 1002 -49.72 66.46 -61.18
CA HIS G 1002 -51.00 66.06 -61.77
C HIS G 1002 -51.88 67.29 -62.00
N GLN G 1003 -52.05 68.11 -60.96
CA GLN G 1003 -52.86 69.32 -61.05
C GLN G 1003 -52.31 70.29 -62.09
N ALA G 1004 -50.97 70.53 -62.11
CA ALA G 1004 -50.33 71.45 -63.07
C ALA G 1004 -50.61 71.04 -64.53
N VAL G 1005 -50.71 69.72 -64.78
CA VAL G 1005 -51.02 69.16 -66.09
C VAL G 1005 -52.49 69.44 -66.46
N GLN G 1006 -53.45 69.18 -65.54
CA GLN G 1006 -54.88 69.46 -65.81
C GLN G 1006 -55.11 70.96 -65.96
N SER G 1007 -54.53 71.74 -65.02
CA SER G 1007 -54.58 73.21 -64.97
C SER G 1007 -54.06 73.83 -66.27
N GLY G 1008 -53.02 73.23 -66.85
CA GLY G 1008 -52.45 73.68 -68.11
C GLY G 1008 -53.47 73.59 -69.25
N GLY G 1009 -53.19 74.34 -70.32
CA GLY G 1009 -54.06 74.40 -71.48
C GLY G 1009 -54.02 73.19 -72.38
N PRO G 1010 -54.16 73.36 -73.70
CA PRO G 1010 -54.14 72.19 -74.60
C PRO G 1010 -52.74 71.61 -74.77
N ALA G 1011 -51.68 72.41 -74.49
CA ALA G 1011 -50.29 71.96 -74.61
C ALA G 1011 -49.98 70.80 -73.65
N THR G 1012 -50.53 70.87 -72.43
CA THR G 1012 -50.35 69.85 -71.40
C THR G 1012 -51.29 68.65 -71.57
N SER G 1013 -52.48 68.88 -72.17
CA SER G 1013 -53.51 67.85 -72.39
C SER G 1013 -53.23 66.96 -73.62
N GLU G 1014 -51.94 66.67 -73.93
CA GLU G 1014 -51.51 65.83 -75.04
C GLU G 1014 -50.37 64.88 -74.63
N LEU G 1015 -50.08 64.69 -73.30
CA LEU G 1015 -48.92 63.89 -72.92
C LEU G 1015 -49.16 62.39 -73.07
N ASP G 1016 -48.05 61.71 -73.37
CA ASP G 1016 -47.95 60.27 -73.65
C ASP G 1016 -47.78 59.48 -72.37
N TRP G 1017 -46.98 60.00 -71.42
CA TRP G 1017 -46.72 59.29 -70.17
C TRP G 1017 -46.61 60.24 -68.98
N PHE G 1018 -46.65 59.63 -67.79
CA PHE G 1018 -46.50 60.31 -66.51
C PHE G 1018 -45.92 59.28 -65.58
N CYS G 1019 -44.59 59.30 -65.42
CA CYS G 1019 -43.91 58.28 -64.67
C CYS G 1019 -43.49 58.75 -63.31
N ALA G 1020 -43.39 57.81 -62.37
CA ALA G 1020 -43.01 58.08 -60.99
C ALA G 1020 -42.08 57.01 -60.49
N PHE G 1021 -40.83 57.38 -60.22
CA PHE G 1021 -39.85 56.41 -59.72
C PHE G 1021 -40.14 56.10 -58.25
N SER G 1022 -40.50 54.85 -57.97
CA SER G 1022 -40.81 54.34 -56.63
C SER G 1022 -39.58 53.57 -56.10
N SER G 1023 -39.73 52.71 -55.08
CA SER G 1023 -38.62 51.91 -54.55
C SER G 1023 -39.07 50.47 -54.30
N ALA G 1024 -38.13 49.51 -54.49
CA ALA G 1024 -38.37 48.09 -54.24
C ALA G 1024 -38.46 47.81 -52.72
N ALA G 1025 -37.90 48.71 -51.89
CA ALA G 1025 -37.98 48.64 -50.43
C ALA G 1025 -39.44 48.74 -49.95
N ALA G 1026 -40.30 49.49 -50.67
CA ALA G 1026 -41.71 49.60 -50.36
C ALA G 1026 -42.42 48.26 -50.56
N LEU G 1027 -42.05 47.55 -51.64
CA LEU G 1027 -42.60 46.26 -52.02
C LEU G 1027 -42.20 45.14 -51.04
N VAL G 1028 -40.89 44.99 -50.76
CA VAL G 1028 -40.37 43.93 -49.88
C VAL G 1028 -40.41 44.33 -48.39
N GLY G 1029 -39.95 45.54 -48.09
CA GLY G 1029 -39.91 46.06 -46.73
C GLY G 1029 -38.50 46.13 -46.17
N SER G 1030 -37.59 46.82 -46.87
CA SER G 1030 -36.20 46.97 -46.39
C SER G 1030 -36.20 47.69 -45.03
N PRO G 1031 -35.73 47.05 -43.93
CA PRO G 1031 -35.77 47.71 -42.62
C PRO G 1031 -34.95 48.99 -42.56
N GLY G 1032 -35.43 49.93 -41.76
CA GLY G 1032 -34.82 51.24 -41.60
C GLY G 1032 -35.42 52.28 -42.52
N GLN G 1033 -36.02 51.87 -43.66
CA GLN G 1033 -36.62 52.82 -44.60
C GLN G 1033 -37.89 53.40 -43.95
N GLY G 1034 -38.92 52.57 -43.72
CA GLY G 1034 -40.15 52.96 -43.02
C GLY G 1034 -40.90 54.16 -43.60
N ALA G 1035 -40.39 55.37 -43.31
CA ALA G 1035 -40.95 56.64 -43.79
C ALA G 1035 -40.87 56.75 -45.31
N TYR G 1036 -39.73 56.33 -45.91
CA TYR G 1036 -39.52 56.37 -47.37
C TYR G 1036 -40.39 55.30 -48.06
N ALA G 1037 -40.51 54.13 -47.45
CA ALA G 1037 -41.32 53.03 -48.01
C ALA G 1037 -42.79 53.44 -48.09
N ALA G 1038 -43.31 54.03 -47.01
CA ALA G 1038 -44.70 54.47 -46.91
C ALA G 1038 -45.07 55.53 -47.97
N ALA G 1039 -44.18 56.52 -48.19
CA ALA G 1039 -44.34 57.61 -49.17
C ALA G 1039 -44.49 57.05 -50.58
N ASN G 1040 -43.74 56.00 -50.88
CA ASN G 1040 -43.80 55.32 -52.17
C ASN G 1040 -45.09 54.52 -52.35
N SER G 1041 -45.58 53.83 -51.30
CA SER G 1041 -46.81 53.03 -51.42
C SER G 1041 -48.01 53.87 -51.82
N TRP G 1042 -48.08 55.13 -51.32
CA TRP G 1042 -49.13 56.08 -51.67
C TRP G 1042 -48.96 56.45 -53.12
N LEU G 1043 -47.73 56.86 -53.49
CA LEU G 1043 -47.38 57.27 -54.85
C LEU G 1043 -47.68 56.14 -55.87
N ASP G 1044 -47.51 54.88 -55.47
CA ASP G 1044 -47.79 53.72 -56.33
C ASP G 1044 -49.30 53.56 -56.58
N ALA G 1045 -50.14 53.61 -55.53
CA ALA G 1045 -51.60 53.46 -55.74
C ALA G 1045 -52.23 54.73 -56.38
N PHE G 1046 -51.54 55.89 -56.28
CA PHE G 1046 -51.96 57.14 -56.92
C PHE G 1046 -51.91 56.98 -58.41
N MET G 1047 -50.86 56.33 -58.90
CA MET G 1047 -50.73 56.08 -60.34
C MET G 1047 -51.85 55.16 -60.82
N GLN G 1048 -52.26 54.16 -60.02
CA GLN G 1048 -53.37 53.25 -60.38
C GLN G 1048 -54.69 54.04 -60.42
N TRP G 1049 -54.88 55.02 -59.51
CA TRP G 1049 -56.07 55.88 -59.57
C TRP G 1049 -56.00 56.76 -60.81
N ARG G 1050 -54.82 57.40 -61.06
CA ARG G 1050 -54.65 58.31 -62.20
C ARG G 1050 -54.98 57.55 -63.49
N ARG G 1051 -54.57 56.27 -63.60
CA ARG G 1051 -54.88 55.42 -64.74
C ARG G 1051 -56.38 55.15 -64.80
N ALA G 1052 -57.00 54.89 -63.62
CA ALA G 1052 -58.45 54.64 -63.49
C ALA G 1052 -59.26 55.82 -64.04
N GLN G 1053 -58.83 57.08 -63.78
CA GLN G 1053 -59.51 58.28 -64.30
C GLN G 1053 -59.41 58.39 -65.83
N GLY G 1054 -58.41 57.74 -66.42
CA GLY G 1054 -58.19 57.75 -67.85
C GLY G 1054 -56.84 58.33 -68.23
N LEU G 1055 -56.28 59.19 -67.38
CA LEU G 1055 -54.98 59.82 -67.59
C LEU G 1055 -53.87 58.76 -67.69
N PRO G 1056 -52.77 59.03 -68.42
CA PRO G 1056 -51.68 58.05 -68.47
C PRO G 1056 -50.92 58.05 -67.16
N ALA G 1057 -50.40 56.89 -66.74
CA ALA G 1057 -49.70 56.78 -65.46
C ALA G 1057 -48.81 55.56 -65.38
N THR G 1058 -47.63 55.73 -64.75
CA THR G 1058 -46.65 54.65 -64.58
C THR G 1058 -45.87 54.81 -63.27
N SER G 1059 -45.45 53.67 -62.67
CA SER G 1059 -44.62 53.63 -61.47
C SER G 1059 -43.58 52.54 -61.63
N ILE G 1060 -42.31 52.83 -61.30
CA ILE G 1060 -41.23 51.86 -61.46
C ILE G 1060 -40.51 51.71 -60.12
N ALA G 1061 -40.79 50.63 -59.38
CA ALA G 1061 -40.11 50.36 -58.11
C ALA G 1061 -38.68 49.86 -58.40
N TRP G 1062 -37.72 50.78 -58.33
CA TRP G 1062 -36.32 50.49 -58.67
C TRP G 1062 -35.57 49.76 -57.56
N GLY G 1063 -34.51 49.06 -57.97
CA GLY G 1063 -33.59 48.33 -57.10
C GLY G 1063 -32.37 49.16 -56.76
N ALA G 1064 -31.20 48.50 -56.66
CA ALA G 1064 -29.94 49.17 -56.29
C ALA G 1064 -29.11 49.54 -57.51
N TRP G 1065 -28.94 50.85 -57.78
CA TRP G 1065 -28.18 51.32 -58.95
C TRP G 1065 -26.67 51.44 -58.67
N GLY G 1066 -25.87 51.34 -59.72
CA GLY G 1066 -24.41 51.40 -59.64
C GLY G 1066 -23.81 52.78 -59.48
N GLU G 1067 -24.11 53.70 -60.41
CA GLU G 1067 -23.58 55.08 -60.40
C GLU G 1067 -24.61 56.06 -60.98
N ASN G 1079 -27.24 40.95 -59.15
CA ASN G 1079 -26.49 41.72 -58.15
C ASN G 1079 -26.39 43.19 -58.58
N ALA G 1080 -27.30 44.06 -58.04
CA ALA G 1080 -27.38 45.50 -58.29
C ALA G 1080 -27.62 45.88 -59.78
N ILE G 1081 -28.61 46.75 -60.03
CA ILE G 1081 -28.93 47.24 -61.39
C ILE G 1081 -27.81 48.22 -61.86
N ALA G 1082 -27.45 48.11 -63.15
CA ALA G 1082 -26.43 48.95 -63.80
C ALA G 1082 -27.07 50.22 -64.37
N PRO G 1083 -26.29 51.27 -64.70
CA PRO G 1083 -26.91 52.49 -65.25
C PRO G 1083 -27.57 52.29 -66.62
N ASP G 1084 -26.84 51.77 -67.63
CA ASP G 1084 -27.37 51.55 -68.98
C ASP G 1084 -28.42 50.42 -69.03
N GLU G 1085 -28.46 49.56 -68.01
CA GLU G 1085 -29.43 48.46 -67.87
C GLU G 1085 -30.84 49.02 -67.55
N GLY G 1086 -30.88 50.02 -66.68
CA GLY G 1086 -32.12 50.68 -66.29
C GLY G 1086 -32.65 51.63 -67.35
N ALA G 1087 -31.77 52.24 -68.16
CA ALA G 1087 -32.17 53.16 -69.24
C ALA G 1087 -33.04 52.45 -70.26
N TYR G 1088 -32.68 51.21 -70.62
CA TYR G 1088 -33.44 50.40 -71.56
C TYR G 1088 -34.76 49.96 -70.93
N ALA G 1089 -34.70 49.56 -69.64
CA ALA G 1089 -35.88 49.13 -68.88
C ALA G 1089 -36.91 50.25 -68.79
N PHE G 1090 -36.46 51.45 -68.39
CA PHE G 1090 -37.30 52.63 -68.30
C PHE G 1090 -37.99 52.90 -69.64
N GLU G 1091 -37.23 53.07 -70.72
CA GLU G 1091 -37.76 53.27 -72.09
C GLU G 1091 -38.77 52.17 -72.49
N ALA G 1092 -38.46 50.90 -72.17
CA ALA G 1092 -39.31 49.75 -72.49
C ALA G 1092 -40.63 49.77 -71.73
N ILE G 1093 -40.57 50.04 -70.41
CA ILE G 1093 -41.73 50.11 -69.54
C ILE G 1093 -42.68 51.21 -70.02
N LEU G 1094 -42.12 52.32 -70.57
CA LEU G 1094 -42.92 53.42 -71.10
C LEU G 1094 -43.63 53.04 -72.40
N ARG G 1095 -43.07 52.13 -73.19
CA ARG G 1095 -43.73 51.68 -74.40
C ARG G 1095 -44.92 50.78 -74.10
N HIS G 1096 -44.96 50.12 -72.93
CA HIS G 1096 -46.05 49.24 -72.53
C HIS G 1096 -47.07 49.93 -71.61
N ASP G 1097 -48.31 49.45 -71.66
CA ASP G 1097 -49.44 49.95 -70.93
C ASP G 1097 -49.64 49.20 -69.60
N ARG G 1098 -48.66 49.35 -68.72
CA ARG G 1098 -48.74 48.84 -67.37
C ARG G 1098 -48.46 50.00 -66.44
N VAL G 1099 -49.06 49.96 -65.25
CA VAL G 1099 -48.84 50.98 -64.24
C VAL G 1099 -47.77 50.46 -63.29
N TYR G 1100 -48.05 49.38 -62.51
CA TYR G 1100 -47.06 48.95 -61.54
C TYR G 1100 -46.10 47.95 -62.11
N ASN G 1101 -44.86 48.37 -62.20
CA ASN G 1101 -43.73 47.56 -62.61
C ASN G 1101 -42.76 47.56 -61.43
N GLY G 1102 -41.85 46.61 -61.41
CA GLY G 1102 -40.89 46.52 -60.32
C GLY G 1102 -39.57 45.99 -60.78
N TYR G 1103 -38.68 46.86 -61.21
CA TYR G 1103 -37.36 46.42 -61.66
C TYR G 1103 -36.44 46.21 -60.46
N ALA G 1104 -35.92 44.99 -60.27
CA ALA G 1104 -34.99 44.71 -59.16
C ALA G 1104 -34.19 43.43 -59.39
N PRO G 1105 -32.89 43.40 -58.97
CA PRO G 1105 -32.11 42.15 -59.12
C PRO G 1105 -32.70 41.08 -58.21
N VAL G 1106 -33.19 39.97 -58.80
CA VAL G 1106 -33.85 38.93 -58.02
C VAL G 1106 -32.92 37.72 -57.83
N LEU G 1107 -32.48 37.05 -58.93
CA LEU G 1107 -31.60 35.87 -58.88
C LEU G 1107 -31.93 35.00 -57.62
N GLY G 1108 -31.00 34.84 -56.68
CA GLY G 1108 -31.21 34.12 -55.43
C GLY G 1108 -30.63 34.94 -54.28
N ALA G 1109 -31.10 36.19 -54.16
CA ALA G 1109 -30.60 37.13 -53.17
C ALA G 1109 -30.95 36.73 -51.74
N SER G 1110 -30.19 37.27 -50.78
CA SER G 1110 -30.32 37.00 -49.36
C SER G 1110 -31.63 37.55 -48.79
N TRP G 1111 -31.98 38.79 -49.15
CA TRP G 1111 -33.20 39.44 -48.67
C TRP G 1111 -34.48 38.75 -49.17
N LEU G 1112 -34.44 38.11 -50.38
CA LEU G 1112 -35.60 37.40 -50.94
C LEU G 1112 -35.76 36.02 -50.31
N THR G 1113 -34.67 35.27 -50.16
CA THR G 1113 -34.69 33.94 -49.53
C THR G 1113 -35.11 34.07 -48.04
N ALA G 1114 -34.72 35.18 -47.38
CA ALA G 1114 -35.11 35.48 -45.99
C ALA G 1114 -36.58 35.88 -45.90
N PHE G 1115 -37.05 36.67 -46.87
CA PHE G 1115 -38.43 37.13 -46.91
C PHE G 1115 -39.41 36.00 -47.28
N ALA G 1116 -39.03 35.10 -48.21
CA ALA G 1116 -39.89 34.01 -48.68
C ALA G 1116 -40.17 32.98 -47.58
N GLN G 1117 -39.18 32.66 -46.75
CA GLN G 1117 -39.35 31.71 -45.67
C GLN G 1117 -40.17 32.31 -44.49
N ARG G 1118 -40.10 33.65 -44.27
CA ARG G 1118 -40.83 34.30 -43.16
C ARG G 1118 -42.34 34.46 -43.42
N SER G 1119 -42.75 34.94 -44.63
CA SER G 1119 -44.17 35.15 -44.96
C SER G 1119 -44.60 34.42 -46.24
N PRO G 1120 -45.90 34.07 -46.38
CA PRO G 1120 -46.36 33.39 -47.61
C PRO G 1120 -46.69 34.34 -48.78
N PHE G 1121 -46.40 35.63 -48.64
CA PHE G 1121 -46.61 36.59 -49.72
C PHE G 1121 -45.64 36.21 -50.86
N ALA G 1122 -44.34 35.98 -50.55
CA ALA G 1122 -43.35 35.59 -51.57
C ALA G 1122 -43.22 34.07 -51.62
N GLU G 1123 -44.36 33.39 -51.84
CA GLU G 1123 -44.47 31.94 -51.92
C GLU G 1123 -43.86 31.42 -53.22
N LEU G 1124 -44.08 32.14 -54.33
CA LEU G 1124 -43.60 31.73 -55.65
C LEU G 1124 -42.09 31.89 -55.80
N PHE G 1125 -41.48 32.77 -55.00
CA PHE G 1125 -40.04 33.00 -55.05
C PHE G 1125 -39.24 31.84 -54.43
N LEU G 1126 -39.78 31.17 -53.40
CA LEU G 1126 -39.08 30.05 -52.75
C LEU G 1126 -38.98 28.84 -53.69
N ALA G 1127 -40.12 28.40 -54.26
CA ALA G 1127 -40.22 27.27 -55.18
C ALA G 1127 -39.67 25.96 -54.58
N PRO H 15 -24.17 -1.91 -79.91
CA PRO H 15 -25.25 -1.11 -80.49
C PRO H 15 -25.58 -1.59 -81.90
N SER H 16 -26.71 -2.28 -82.05
CA SER H 16 -27.15 -2.78 -83.36
C SER H 16 -28.65 -2.66 -83.54
N VAL H 17 -29.10 -2.89 -84.77
CA VAL H 17 -30.51 -2.82 -85.11
C VAL H 17 -30.83 -3.88 -86.14
N SER H 18 -32.01 -4.49 -86.00
CA SER H 18 -32.47 -5.53 -86.90
C SER H 18 -32.84 -4.94 -88.24
N VAL H 19 -32.42 -5.59 -89.33
CA VAL H 19 -32.75 -5.13 -90.68
C VAL H 19 -33.17 -6.29 -91.52
N HIS H 20 -33.85 -5.97 -92.63
CA HIS H 20 -34.31 -6.99 -93.54
C HIS H 20 -33.11 -7.52 -94.31
N PRO H 21 -33.04 -8.83 -94.62
CA PRO H 21 -31.85 -9.33 -95.33
C PRO H 21 -31.58 -8.66 -96.67
N LEU H 22 -32.63 -8.49 -97.49
CA LEU H 22 -32.48 -7.86 -98.79
C LEU H 22 -32.57 -6.36 -98.68
N LEU H 23 -33.75 -5.82 -98.28
CA LEU H 23 -33.99 -4.38 -98.16
C LEU H 23 -32.84 -3.67 -97.46
N GLY H 24 -32.44 -4.18 -96.31
CA GLY H 24 -31.32 -3.63 -95.55
C GLY H 24 -31.69 -2.42 -94.73
N SER H 25 -30.77 -1.43 -94.69
CA SER H 25 -30.95 -0.23 -93.88
C SER H 25 -32.09 0.64 -94.42
N HIS H 26 -32.96 1.06 -93.49
CA HIS H 26 -34.18 1.80 -93.75
C HIS H 26 -34.12 3.20 -93.23
N VAL H 27 -34.50 4.17 -94.07
CA VAL H 27 -34.55 5.55 -93.70
C VAL H 27 -35.83 6.15 -94.28
N VAL H 28 -36.59 6.86 -93.43
CA VAL H 28 -37.76 7.60 -93.82
C VAL H 28 -37.32 9.01 -94.06
N LEU H 29 -37.57 9.55 -95.23
CA LEU H 29 -37.05 10.87 -95.57
C LEU H 29 -37.81 11.95 -94.84
N PRO H 30 -37.11 13.03 -94.46
CA PRO H 30 -37.77 14.15 -93.77
C PRO H 30 -38.50 15.04 -94.75
N GLN H 31 -39.67 14.57 -95.19
CA GLN H 31 -40.51 15.27 -96.15
C GLN H 31 -41.91 14.67 -96.23
N GLU H 32 -42.86 15.48 -96.72
CA GLU H 32 -44.22 15.06 -96.97
C GLU H 32 -44.33 14.79 -98.47
N PRO H 33 -44.90 13.65 -98.90
CA PRO H 33 -45.55 12.61 -98.10
C PRO H 33 -44.59 11.60 -97.48
N GLU H 34 -45.13 10.71 -96.63
CA GLU H 34 -44.39 9.64 -95.97
C GLU H 34 -43.63 8.89 -97.07
N GLU H 35 -42.32 9.18 -97.19
CA GLU H 35 -41.48 8.54 -98.20
C GLU H 35 -40.37 7.74 -97.53
N HIS H 36 -40.30 6.45 -97.83
CA HIS H 36 -39.33 5.52 -97.27
C HIS H 36 -38.24 5.22 -98.28
N LEU H 37 -37.14 4.69 -97.78
CA LEU H 37 -35.99 4.37 -98.61
C LEU H 37 -35.07 3.35 -97.96
N TRP H 38 -34.83 2.24 -98.65
CA TRP H 38 -33.92 1.22 -98.19
C TRP H 38 -32.75 1.10 -99.13
N GLN H 39 -31.61 0.67 -98.60
CA GLN H 39 -30.39 0.41 -99.38
C GLN H 39 -29.87 -0.92 -98.92
N GLY H 40 -29.63 -1.84 -99.86
CA GLY H 40 -29.17 -3.17 -99.49
C GLY H 40 -28.42 -3.90 -100.58
N ASP H 41 -27.60 -4.88 -100.17
CA ASP H 41 -26.79 -5.69 -101.07
C ASP H 41 -27.53 -6.98 -101.38
N VAL H 42 -27.51 -7.36 -102.65
CA VAL H 42 -28.09 -8.62 -103.14
C VAL H 42 -26.99 -9.38 -103.91
N GLY H 43 -25.74 -9.17 -103.49
CA GLY H 43 -24.58 -9.77 -104.13
C GLY H 43 -24.38 -11.20 -103.68
N THR H 44 -23.61 -11.97 -104.47
CA THR H 44 -23.36 -13.38 -104.17
C THR H 44 -22.46 -13.54 -102.92
N GLU H 45 -21.64 -12.54 -102.57
CA GLU H 45 -20.82 -12.60 -101.37
C GLU H 45 -21.70 -12.44 -100.13
N ALA H 46 -22.62 -11.47 -100.18
CA ALA H 46 -23.58 -11.21 -99.12
C ALA H 46 -24.61 -12.34 -98.96
N HIS H 47 -25.20 -12.78 -100.08
CA HIS H 47 -26.21 -13.85 -100.13
C HIS H 47 -25.73 -14.98 -101.06
N PRO H 48 -24.92 -15.93 -100.53
CA PRO H 48 -24.39 -17.01 -101.37
C PRO H 48 -25.44 -17.77 -102.15
N TRP H 49 -26.53 -18.14 -101.48
CA TRP H 49 -27.64 -18.86 -102.08
C TRP H 49 -28.16 -18.23 -103.39
N LEU H 50 -28.02 -16.90 -103.60
CA LEU H 50 -28.47 -16.25 -104.85
C LEU H 50 -27.66 -16.69 -106.09
N SER H 51 -26.45 -17.23 -105.92
CA SER H 51 -25.64 -17.73 -107.03
C SER H 51 -26.27 -19.00 -107.65
N ASP H 52 -27.10 -19.73 -106.88
CA ASP H 52 -27.78 -20.95 -107.33
C ASP H 52 -28.88 -20.65 -108.37
N HIS H 53 -29.41 -19.41 -108.45
CA HIS H 53 -30.38 -19.03 -109.49
C HIS H 53 -29.61 -18.33 -110.58
N ARG H 54 -29.52 -18.94 -111.78
CA ARG H 54 -28.72 -18.38 -112.87
C ARG H 54 -29.35 -18.66 -114.23
N VAL H 55 -29.46 -17.60 -115.06
CA VAL H 55 -30.03 -17.67 -116.41
C VAL H 55 -28.89 -17.60 -117.40
N HIS H 56 -28.75 -18.64 -118.24
CA HIS H 56 -27.70 -18.77 -119.24
C HIS H 56 -26.31 -18.73 -118.58
N GLN H 57 -26.17 -19.52 -117.49
CA GLN H 57 -24.94 -19.66 -116.70
C GLN H 57 -24.46 -18.34 -116.04
N VAL H 58 -25.35 -17.33 -115.88
CA VAL H 58 -25.00 -16.07 -115.22
C VAL H 58 -25.95 -15.88 -114.06
N ALA H 59 -25.43 -15.60 -112.85
CA ALA H 59 -26.28 -15.40 -111.67
C ALA H 59 -27.15 -14.18 -111.84
N VAL H 60 -28.46 -14.32 -111.64
CA VAL H 60 -29.42 -13.22 -111.75
C VAL H 60 -30.38 -13.23 -110.57
N LEU H 61 -30.95 -12.05 -110.27
CA LEU H 61 -31.90 -11.93 -109.17
C LEU H 61 -33.22 -12.49 -109.62
N PRO H 62 -33.79 -13.48 -108.90
CA PRO H 62 -35.07 -14.06 -109.33
C PRO H 62 -36.24 -13.08 -109.14
N GLY H 63 -37.34 -13.34 -109.85
CA GLY H 63 -38.56 -12.54 -109.75
C GLY H 63 -39.05 -12.49 -108.33
N ALA H 64 -39.01 -13.67 -107.67
CA ALA H 64 -39.37 -13.89 -106.27
C ALA H 64 -38.65 -12.95 -105.26
N ALA H 65 -37.43 -12.49 -105.58
CA ALA H 65 -36.71 -11.57 -104.69
C ALA H 65 -37.45 -10.25 -104.57
N TYR H 66 -37.91 -9.70 -105.70
CA TYR H 66 -38.66 -8.44 -105.70
C TYR H 66 -40.02 -8.59 -105.00
N CYS H 67 -40.63 -9.80 -105.09
CA CYS H 67 -41.90 -10.08 -104.41
C CYS H 67 -41.74 -9.88 -102.93
N GLU H 68 -40.72 -10.54 -102.36
CA GLU H 68 -40.39 -10.45 -100.94
C GLU H 68 -40.14 -9.00 -100.55
N MET H 69 -39.33 -8.29 -101.35
CA MET H 69 -39.02 -6.88 -101.10
C MET H 69 -40.28 -6.04 -101.02
N ALA H 70 -41.23 -6.26 -101.94
CA ALA H 70 -42.50 -5.53 -101.93
C ALA H 70 -43.32 -5.86 -100.70
N LEU H 71 -43.50 -7.16 -100.41
CA LEU H 71 -44.23 -7.62 -99.23
C LEU H 71 -43.62 -7.08 -97.93
N ALA H 72 -42.28 -7.06 -97.87
CA ALA H 72 -41.55 -6.55 -96.72
C ALA H 72 -41.83 -5.08 -96.50
N ALA H 73 -41.82 -4.29 -97.60
CA ALA H 73 -42.03 -2.85 -97.57
C ALA H 73 -43.49 -2.41 -97.27
N VAL H 74 -44.46 -3.34 -97.19
CA VAL H 74 -45.85 -2.97 -96.93
C VAL H 74 -46.05 -2.45 -95.52
N THR H 75 -45.81 -3.32 -94.53
CA THR H 75 -46.00 -3.04 -93.11
C THR H 75 -45.33 -1.77 -92.64
N PRO H 76 -44.05 -1.49 -92.97
CA PRO H 76 -43.42 -0.25 -92.48
C PRO H 76 -44.04 1.03 -93.05
N VAL H 77 -44.43 1.02 -94.33
CA VAL H 77 -45.02 2.20 -94.97
C VAL H 77 -46.45 2.35 -94.47
N LEU H 78 -47.27 1.35 -94.77
CA LEU H 78 -48.67 1.25 -94.39
C LEU H 78 -48.74 0.35 -93.14
N GLY H 79 -48.77 0.99 -91.96
CA GLY H 79 -48.78 0.32 -90.66
C GLY H 79 -50.00 -0.54 -90.42
N ASP H 80 -50.08 -1.66 -91.16
CA ASP H 80 -51.23 -2.55 -91.15
C ASP H 80 -50.94 -3.78 -92.02
N THR H 81 -51.98 -4.58 -92.18
CA THR H 81 -52.05 -5.73 -93.07
C THR H 81 -52.23 -5.19 -94.47
N GLY H 82 -51.41 -5.63 -95.42
CA GLY H 82 -51.56 -5.14 -96.79
C GLY H 82 -51.24 -6.10 -97.90
N GLU H 83 -51.52 -5.63 -99.11
CA GLU H 83 -51.36 -6.33 -100.36
C GLU H 83 -50.32 -5.64 -101.19
N VAL H 84 -49.86 -6.31 -102.24
CA VAL H 84 -48.92 -5.77 -103.22
C VAL H 84 -49.60 -5.90 -104.55
N HIS H 85 -50.03 -4.81 -105.16
CA HIS H 85 -50.72 -4.83 -106.44
C HIS H 85 -49.80 -4.51 -107.60
N ASP H 86 -50.15 -5.04 -108.78
CA ASP H 86 -49.51 -4.77 -110.05
C ASP H 86 -47.98 -4.69 -109.95
N LEU H 87 -47.37 -5.75 -109.43
CA LEU H 87 -45.91 -5.84 -109.31
C LEU H 87 -45.35 -6.25 -110.65
N LYS H 88 -44.44 -5.44 -111.23
CA LYS H 88 -43.83 -5.70 -112.54
C LYS H 88 -42.33 -5.81 -112.41
N PHE H 89 -41.71 -6.72 -113.19
CA PHE H 89 -40.26 -6.88 -113.23
C PHE H 89 -39.79 -6.36 -114.58
N HIS H 90 -38.88 -5.39 -114.57
CA HIS H 90 -38.40 -4.75 -115.77
C HIS H 90 -37.14 -5.47 -116.25
N ASP H 91 -35.94 -4.85 -116.09
CA ASP H 91 -34.69 -5.45 -116.57
C ASP H 91 -34.23 -6.54 -115.60
N MET H 92 -33.43 -7.46 -116.13
CA MET H 92 -32.93 -8.60 -115.37
C MET H 92 -31.68 -8.18 -114.65
N LEU H 93 -31.68 -8.26 -113.30
CA LEU H 93 -30.52 -7.85 -112.51
C LEU H 93 -29.49 -8.95 -112.51
N LEU H 94 -28.28 -8.64 -113.00
CA LEU H 94 -27.19 -9.61 -113.02
C LEU H 94 -26.34 -9.35 -111.81
N LEU H 95 -26.12 -10.40 -111.04
CA LEU H 95 -25.46 -10.31 -109.77
C LEU H 95 -23.96 -10.50 -109.86
N ASP H 96 -23.27 -9.75 -109.01
CA ASP H 96 -21.83 -9.77 -108.77
C ASP H 96 -21.61 -10.15 -107.31
N ASP H 97 -20.36 -10.06 -106.82
CA ASP H 97 -20.05 -10.33 -105.41
C ASP H 97 -20.78 -9.30 -104.51
N ALA H 98 -20.89 -8.05 -104.99
CA ALA H 98 -21.60 -6.96 -104.34
C ALA H 98 -22.48 -6.27 -105.35
N THR H 99 -23.78 -6.26 -105.10
CA THR H 99 -24.79 -5.66 -105.99
C THR H 99 -25.70 -4.77 -105.12
N PRO H 100 -25.37 -3.48 -104.93
CA PRO H 100 -26.22 -2.62 -104.10
C PRO H 100 -27.50 -2.28 -104.84
N VAL H 101 -28.61 -2.23 -104.10
CA VAL H 101 -29.94 -2.02 -104.63
C VAL H 101 -30.72 -1.08 -103.72
N TRP H 102 -31.51 -0.19 -104.32
CA TRP H 102 -32.28 0.78 -103.58
C TRP H 102 -33.78 0.62 -103.75
N VAL H 103 -34.46 0.24 -102.65
CA VAL H 103 -35.91 0.14 -102.65
C VAL H 103 -36.44 1.47 -102.17
N SER H 104 -37.63 1.84 -102.63
CA SER H 104 -38.20 3.13 -102.24
C SER H 104 -39.73 3.11 -102.40
N ALA H 105 -40.43 3.44 -101.31
CA ALA H 105 -41.89 3.50 -101.30
C ALA H 105 -42.34 4.88 -100.88
N ALA H 106 -43.40 5.39 -101.48
CA ALA H 106 -43.92 6.73 -101.18
C ALA H 106 -45.41 6.71 -101.15
N VAL H 107 -45.99 7.29 -100.09
CA VAL H 107 -47.44 7.33 -99.95
C VAL H 107 -47.99 8.34 -100.93
N THR H 108 -48.91 7.90 -101.77
CA THR H 108 -49.58 8.72 -102.78
C THR H 108 -50.91 9.21 -102.24
N ALA H 109 -51.74 8.26 -101.82
CA ALA H 109 -53.06 8.45 -101.25
C ALA H 109 -53.15 7.65 -99.96
N PRO H 110 -54.11 7.93 -99.05
CA PRO H 110 -54.19 7.13 -97.82
C PRO H 110 -54.44 5.65 -98.10
N GLY H 111 -53.61 4.81 -97.49
CA GLY H 111 -53.67 3.37 -97.66
C GLY H 111 -53.18 2.92 -99.02
N THR H 112 -52.34 3.74 -99.67
CA THR H 112 -51.79 3.45 -101.00
C THR H 112 -50.39 3.99 -101.10
N ALA H 113 -49.50 3.31 -101.82
CA ALA H 113 -48.13 3.78 -101.96
C ALA H 113 -47.44 3.20 -103.16
N GLU H 114 -46.64 4.02 -103.85
CA GLU H 114 -45.88 3.61 -105.03
C GLU H 114 -44.58 3.00 -104.57
N PHE H 115 -44.26 1.79 -105.05
CA PHE H 115 -43.06 1.01 -104.69
C PHE H 115 -42.11 0.94 -105.88
N GLY H 116 -40.80 0.79 -105.60
CA GLY H 116 -39.82 0.72 -106.67
C GLY H 116 -38.40 0.34 -106.30
N VAL H 117 -37.91 -0.76 -106.91
CA VAL H 117 -36.55 -1.28 -106.73
C VAL H 117 -35.71 -0.87 -107.94
N GLU H 118 -34.61 -0.14 -107.68
CA GLU H 118 -33.71 0.36 -108.72
C GLU H 118 -32.27 0.10 -108.34
N THR H 119 -31.37 0.23 -109.32
CA THR H 119 -29.95 0.05 -109.08
C THR H 119 -29.21 1.15 -109.86
N HIS H 120 -28.19 1.73 -109.21
CA HIS H 120 -27.40 2.86 -109.67
C HIS H 120 -26.00 2.36 -110.03
N GLN H 121 -25.56 2.58 -111.29
CA GLN H 121 -24.25 2.14 -111.80
C GLN H 121 -23.57 3.24 -112.61
N SER H 122 -22.52 3.86 -112.03
CA SER H 122 -21.71 4.91 -112.66
C SER H 122 -22.52 6.20 -112.94
N GLY H 123 -23.57 6.45 -112.14
CA GLY H 123 -24.47 7.60 -112.31
C GLY H 123 -25.80 7.25 -112.96
N ASP H 124 -25.83 6.15 -113.75
CA ASP H 124 -27.01 5.70 -114.52
C ASP H 124 -27.93 4.79 -113.70
N ARG H 125 -29.12 5.30 -113.36
CA ARG H 125 -30.13 4.56 -112.61
C ARG H 125 -30.83 3.57 -113.55
N THR H 126 -31.15 2.36 -113.06
CA THR H 126 -31.84 1.33 -113.83
C THR H 126 -32.98 0.75 -112.99
N GLN H 127 -34.23 0.99 -113.39
CA GLN H 127 -35.38 0.49 -112.66
C GLN H 127 -35.52 -1.01 -112.91
N ARG H 128 -35.58 -1.80 -111.84
CA ARG H 128 -35.63 -3.26 -111.90
C ARG H 128 -37.01 -3.82 -111.59
N ALA H 129 -37.82 -3.12 -110.77
CA ALA H 129 -39.17 -3.57 -110.46
C ALA H 129 -39.99 -2.44 -109.83
N THR H 130 -41.31 -2.43 -110.08
CA THR H 130 -42.24 -1.43 -109.54
C THR H 130 -43.59 -2.04 -109.23
N ALA H 131 -44.24 -1.55 -108.17
CA ALA H 131 -45.54 -2.06 -107.74
C ALA H 131 -46.31 -0.98 -106.99
N VAL H 132 -47.48 -1.37 -106.44
CA VAL H 132 -48.32 -0.52 -105.62
C VAL H 132 -48.62 -1.25 -104.35
N LEU H 133 -48.46 -0.60 -103.20
CA LEU H 133 -48.72 -1.21 -101.91
C LEU H 133 -50.06 -0.71 -101.43
N ARG H 134 -50.90 -1.58 -100.86
CA ARG H 134 -52.23 -1.22 -100.38
C ARG H 134 -52.51 -1.82 -99.03
N GLY H 135 -52.98 -1.01 -98.09
CA GLY H 135 -53.33 -1.44 -96.73
C GLY H 135 -54.81 -1.49 -96.42
N ASP H 136 -55.60 -0.67 -97.15
CA ASP H 136 -57.06 -0.55 -97.05
C ASP H 136 -57.80 -1.89 -97.33
N VAL H 137 -57.18 -2.78 -98.12
CA VAL H 137 -57.74 -4.08 -98.50
C VAL H 137 -58.21 -4.90 -97.29
N ASP H 138 -59.33 -5.61 -97.48
CA ASP H 138 -59.99 -6.39 -96.44
C ASP H 138 -59.30 -7.75 -96.20
N ALA H 139 -59.36 -8.21 -94.94
CA ALA H 139 -58.78 -9.48 -94.49
C ALA H 139 -59.66 -10.64 -94.94
N GLU H 140 -59.49 -11.03 -96.21
CA GLU H 140 -60.24 -12.11 -96.84
C GLU H 140 -59.29 -13.30 -97.00
N ARG H 141 -59.02 -14.01 -95.88
CA ARG H 141 -58.12 -15.15 -95.88
C ARG H 141 -58.82 -16.33 -96.51
N PRO H 142 -58.28 -16.91 -97.61
CA PRO H 142 -58.97 -18.05 -98.21
C PRO H 142 -58.99 -19.22 -97.24
N ALA H 143 -60.13 -19.93 -97.21
CA ALA H 143 -60.31 -21.05 -96.31
C ALA H 143 -59.33 -22.15 -96.59
N ALA H 144 -58.92 -22.84 -95.52
CA ALA H 144 -57.97 -23.94 -95.59
C ALA H 144 -58.47 -25.04 -96.48
N HIS H 145 -57.53 -25.76 -97.08
CA HIS H 145 -57.80 -26.83 -98.01
C HIS H 145 -57.59 -28.18 -97.35
N SER H 146 -58.12 -29.22 -97.97
CA SER H 146 -57.96 -30.58 -97.51
C SER H 146 -56.79 -31.16 -98.26
N ILE H 147 -55.62 -31.23 -97.62
CA ILE H 147 -54.41 -31.72 -98.26
C ILE H 147 -54.60 -33.15 -98.72
N ASP H 148 -55.33 -33.97 -97.95
CA ASP H 148 -55.60 -35.36 -98.32
C ASP H 148 -56.43 -35.43 -99.61
N ALA H 149 -57.54 -34.69 -99.66
CA ALA H 149 -58.43 -34.65 -100.82
C ALA H 149 -57.75 -34.05 -102.05
N LEU H 150 -56.95 -32.99 -101.85
CA LEU H 150 -56.21 -32.37 -102.95
C LEU H 150 -55.29 -33.37 -103.59
N LEU H 151 -54.48 -34.06 -102.77
CA LEU H 151 -53.53 -35.05 -103.26
C LEU H 151 -54.22 -36.27 -103.85
N ALA H 152 -55.41 -36.60 -103.37
CA ALA H 152 -56.20 -37.69 -103.92
C ALA H 152 -56.73 -37.31 -105.30
N ALA H 153 -57.14 -36.05 -105.48
CA ALA H 153 -57.65 -35.54 -106.76
C ALA H 153 -56.54 -35.36 -107.82
N HIS H 154 -55.26 -35.29 -107.39
CA HIS H 154 -54.10 -35.16 -108.29
C HIS H 154 -53.20 -36.39 -108.11
N PRO H 155 -53.47 -37.48 -108.86
CA PRO H 155 -52.66 -38.69 -108.67
C PRO H 155 -51.35 -38.71 -109.46
N ASN H 156 -51.33 -38.13 -110.67
CA ASN H 156 -50.15 -38.14 -111.53
C ASN H 156 -49.01 -37.31 -110.92
N ARG H 157 -47.95 -37.98 -110.46
CA ARG H 157 -46.80 -37.36 -109.82
C ARG H 157 -45.74 -36.93 -110.86
N VAL H 158 -45.10 -35.76 -110.63
CA VAL H 158 -44.04 -35.18 -111.46
C VAL H 158 -42.83 -34.96 -110.55
N ASP H 159 -41.67 -35.58 -110.83
CA ASP H 159 -40.50 -35.39 -109.95
C ASP H 159 -39.93 -33.98 -110.13
N GLY H 160 -39.44 -33.42 -109.02
CA GLY H 160 -38.85 -32.09 -108.99
C GLY H 160 -37.54 -32.01 -109.75
N ASP H 161 -36.65 -33.00 -109.55
CA ASP H 161 -35.35 -33.05 -110.23
C ASP H 161 -35.54 -33.17 -111.74
N GLU H 162 -36.51 -33.99 -112.17
CA GLU H 162 -36.87 -34.21 -113.57
C GLU H 162 -37.33 -32.90 -114.21
N LEU H 163 -38.12 -32.11 -113.47
CA LEU H 163 -38.62 -30.81 -113.95
C LEU H 163 -37.48 -29.77 -113.97
N ARG H 164 -36.64 -29.75 -112.90
CA ARG H 164 -35.50 -28.81 -112.81
C ARG H 164 -34.44 -29.14 -113.85
N ALA H 165 -34.38 -30.40 -114.33
CA ALA H 165 -33.49 -30.77 -115.44
C ALA H 165 -34.03 -30.17 -116.74
N GLY H 166 -35.37 -30.19 -116.88
CA GLY H 166 -36.07 -29.59 -118.02
C GLY H 166 -35.86 -28.09 -118.11
N PHE H 167 -35.76 -27.42 -116.95
CA PHE H 167 -35.46 -25.98 -116.90
C PHE H 167 -34.06 -25.69 -117.43
N GLY H 168 -33.10 -26.56 -117.12
CA GLY H 168 -31.72 -26.43 -117.57
C GLY H 168 -31.53 -26.44 -119.07
N THR H 169 -32.45 -27.08 -119.82
CA THR H 169 -32.37 -27.14 -121.29
C THR H 169 -32.71 -25.77 -121.90
N VAL H 170 -33.77 -25.10 -121.40
CA VAL H 170 -34.20 -23.78 -121.91
C VAL H 170 -33.19 -22.66 -121.53
N GLY H 171 -32.35 -22.88 -120.50
CA GLY H 171 -31.33 -21.93 -120.07
C GLY H 171 -31.39 -21.51 -118.61
N ILE H 172 -32.47 -21.88 -117.89
CA ILE H 172 -32.65 -21.50 -116.49
C ILE H 172 -32.04 -22.57 -115.58
N GLY H 173 -31.09 -22.17 -114.75
CA GLY H 173 -30.42 -23.07 -113.81
C GLY H 173 -30.87 -22.82 -112.39
N HIS H 174 -31.33 -23.89 -111.71
CA HIS H 174 -31.77 -23.85 -110.32
C HIS H 174 -30.87 -24.75 -109.48
N GLY H 175 -30.01 -24.15 -108.67
CA GLY H 175 -29.08 -24.88 -107.82
C GLY H 175 -29.74 -25.40 -106.56
N ALA H 176 -28.91 -25.85 -105.61
CA ALA H 176 -29.33 -26.44 -104.33
C ALA H 176 -30.39 -25.63 -103.61
N ALA H 177 -30.19 -24.31 -103.51
CA ALA H 177 -31.10 -23.39 -102.83
C ALA H 177 -32.49 -23.33 -103.48
N PHE H 178 -32.53 -23.36 -104.81
CA PHE H 178 -33.77 -23.25 -105.57
C PHE H 178 -34.39 -24.63 -105.90
N ALA H 179 -33.91 -25.70 -105.24
CA ALA H 179 -34.43 -27.06 -105.42
C ALA H 179 -35.45 -27.43 -104.34
N GLY H 180 -36.25 -26.46 -103.88
CA GLY H 180 -37.25 -26.69 -102.86
C GLY H 180 -38.39 -27.57 -103.32
N LEU H 181 -38.73 -27.51 -104.62
CA LEU H 181 -39.82 -28.31 -105.19
C LEU H 181 -39.43 -29.78 -105.20
N SER H 182 -40.04 -30.56 -104.29
CA SER H 182 -39.76 -31.99 -104.15
C SER H 182 -40.43 -32.77 -105.26
N GLU H 183 -41.74 -32.54 -105.44
CA GLU H 183 -42.56 -33.24 -106.44
C GLU H 183 -43.90 -32.53 -106.60
N ALA H 184 -44.42 -32.48 -107.83
CA ALA H 184 -45.70 -31.83 -108.14
C ALA H 184 -46.72 -32.85 -108.60
N TYR H 185 -47.91 -32.83 -108.00
CA TYR H 185 -48.98 -33.75 -108.34
C TYR H 185 -49.98 -33.04 -109.26
N VAL H 186 -50.30 -33.68 -110.39
CA VAL H 186 -51.23 -33.15 -111.40
C VAL H 186 -52.28 -34.21 -111.73
N ALA H 187 -53.11 -33.95 -112.74
CA ALA H 187 -54.12 -34.89 -113.20
C ALA H 187 -54.13 -34.92 -114.72
N THR H 188 -54.84 -33.97 -115.37
CA THR H 188 -54.93 -33.88 -116.83
C THR H 188 -54.88 -32.41 -117.24
N ALA H 189 -55.05 -32.12 -118.54
CA ALA H 189 -55.11 -30.74 -119.02
C ALA H 189 -56.45 -30.09 -118.65
N ALA H 190 -57.54 -30.89 -118.63
CA ALA H 190 -58.90 -30.44 -118.26
C ALA H 190 -58.94 -29.88 -116.84
N GLU H 191 -58.21 -30.54 -115.93
CA GLU H 191 -58.09 -30.12 -114.53
C GLU H 191 -57.04 -29.01 -114.48
N PRO H 192 -57.39 -27.76 -114.08
CA PRO H 192 -56.42 -26.67 -114.16
C PRO H 192 -55.56 -26.43 -112.91
N THR H 193 -55.41 -27.41 -112.00
CA THR H 193 -54.66 -27.20 -110.77
C THR H 193 -53.46 -28.13 -110.59
N VAL H 194 -52.50 -27.68 -109.76
CA VAL H 194 -51.27 -28.41 -109.42
C VAL H 194 -51.05 -28.34 -107.93
N VAL H 195 -50.94 -29.49 -107.28
CA VAL H 195 -50.63 -29.57 -105.85
C VAL H 195 -49.16 -29.89 -105.79
N ALA H 196 -48.34 -28.95 -105.32
CA ALA H 196 -46.89 -29.15 -105.27
C ALA H 196 -46.40 -29.31 -103.85
N ALA H 197 -45.34 -30.11 -103.67
CA ALA H 197 -44.76 -30.36 -102.36
C ALA H 197 -43.45 -29.59 -102.22
N VAL H 198 -43.57 -28.29 -101.95
CA VAL H 198 -42.40 -27.41 -101.81
C VAL H 198 -41.98 -27.33 -100.36
N ALA H 199 -40.73 -26.92 -100.14
CA ALA H 199 -40.17 -26.78 -98.81
C ALA H 199 -38.81 -26.12 -98.90
N LEU H 200 -38.55 -25.13 -98.05
CA LEU H 200 -37.26 -24.42 -98.07
C LEU H 200 -36.11 -25.38 -97.71
N PRO H 201 -35.08 -25.55 -98.58
CA PRO H 201 -33.98 -26.49 -98.25
C PRO H 201 -33.33 -26.25 -96.89
N GLY H 202 -32.87 -27.35 -96.28
CA GLY H 202 -32.23 -27.39 -94.97
C GLY H 202 -31.20 -26.31 -94.66
N PRO H 203 -30.24 -26.01 -95.57
CA PRO H 203 -29.26 -24.97 -95.26
C PRO H 203 -29.89 -23.60 -95.02
N LEU H 204 -30.89 -23.27 -95.83
CA LEU H 204 -31.60 -21.99 -95.77
C LEU H 204 -32.56 -21.88 -94.59
N ARG H 205 -32.94 -22.99 -93.93
CA ARG H 205 -33.87 -22.94 -92.78
C ARG H 205 -33.29 -22.10 -91.63
N SER H 206 -31.95 -22.10 -91.47
CA SER H 206 -31.26 -21.25 -90.50
C SER H 206 -31.43 -19.78 -90.90
N GLY H 207 -31.26 -19.53 -92.21
CA GLY H 207 -31.43 -18.22 -92.81
C GLY H 207 -32.85 -17.82 -93.19
N GLN H 208 -33.88 -18.23 -92.38
CA GLN H 208 -35.27 -17.81 -92.60
C GLN H 208 -35.45 -16.38 -92.07
N ARG H 209 -34.53 -15.97 -91.15
CA ARG H 209 -34.31 -14.63 -90.61
C ARG H 209 -35.60 -13.78 -90.57
N GLY H 210 -35.63 -12.65 -91.30
CA GLY H 210 -36.75 -11.72 -91.32
C GLY H 210 -37.45 -11.67 -92.67
N TYR H 211 -37.55 -12.81 -93.33
CA TYR H 211 -38.23 -12.90 -94.62
C TYR H 211 -39.72 -13.14 -94.41
N THR H 212 -40.59 -12.35 -95.08
CA THR H 212 -42.03 -12.60 -95.11
C THR H 212 -42.22 -13.98 -95.74
N VAL H 213 -41.52 -14.20 -96.87
CA VAL H 213 -41.42 -15.46 -97.58
C VAL H 213 -40.01 -15.53 -98.18
N HIS H 214 -39.31 -16.65 -98.01
CA HIS H 214 -37.95 -16.75 -98.55
C HIS H 214 -38.01 -16.80 -100.06
N PRO H 215 -37.25 -15.98 -100.81
CA PRO H 215 -37.37 -16.01 -102.29
C PRO H 215 -37.03 -17.37 -102.92
N ALA H 216 -36.16 -18.17 -102.28
CA ALA H 216 -35.81 -19.52 -102.74
C ALA H 216 -37.05 -20.42 -102.77
N LEU H 217 -37.88 -20.28 -101.73
CA LEU H 217 -39.12 -21.02 -101.55
C LEU H 217 -40.20 -20.54 -102.52
N LEU H 218 -40.40 -19.23 -102.61
CA LEU H 218 -41.41 -18.67 -103.51
C LEU H 218 -41.08 -18.97 -104.98
N ASP H 219 -39.78 -19.02 -105.35
CA ASP H 219 -39.43 -19.37 -106.73
C ASP H 219 -39.72 -20.85 -106.99
N ALA H 220 -39.55 -21.72 -105.97
CA ALA H 220 -39.89 -23.14 -106.10
C ALA H 220 -41.42 -23.34 -106.31
N CYS H 221 -42.25 -22.40 -105.85
CA CYS H 221 -43.69 -22.42 -106.08
C CYS H 221 -43.98 -22.04 -107.51
N PHE H 222 -43.23 -21.06 -108.05
CA PHE H 222 -43.39 -20.63 -109.44
C PHE H 222 -42.98 -21.78 -110.38
N GLN H 223 -41.91 -22.54 -110.03
CA GLN H 223 -41.48 -23.71 -110.82
C GLN H 223 -42.62 -24.72 -110.94
N SER H 224 -43.35 -24.92 -109.82
CA SER H 224 -44.49 -25.84 -109.71
C SER H 224 -45.57 -25.61 -110.79
N VAL H 225 -45.76 -24.36 -111.26
CA VAL H 225 -46.75 -24.03 -112.30
C VAL H 225 -46.43 -24.75 -113.62
N ILE H 226 -45.13 -24.90 -113.93
CA ILE H 226 -44.67 -25.51 -115.17
C ILE H 226 -44.95 -27.02 -115.20
N ALA H 227 -45.12 -27.67 -114.02
CA ALA H 227 -45.44 -29.10 -113.94
C ALA H 227 -46.84 -29.43 -114.54
N HIS H 228 -47.72 -28.43 -114.71
CA HIS H 228 -49.05 -28.64 -115.27
C HIS H 228 -48.97 -29.16 -116.71
N PRO H 229 -49.77 -30.18 -117.11
CA PRO H 229 -49.68 -30.70 -118.48
C PRO H 229 -50.04 -29.69 -119.57
N GLU H 230 -51.07 -28.86 -119.35
CA GLU H 230 -51.48 -27.83 -120.33
C GLU H 230 -50.33 -26.84 -120.59
N VAL H 231 -49.49 -26.56 -119.57
CA VAL H 231 -48.33 -25.65 -119.70
C VAL H 231 -47.24 -26.35 -120.51
N GLN H 232 -46.93 -27.60 -120.16
CA GLN H 232 -45.91 -28.40 -120.85
C GLN H 232 -46.20 -28.52 -122.35
N ASN H 233 -47.47 -28.83 -122.67
CA ASN H 233 -47.92 -29.01 -124.04
C ASN H 233 -47.90 -27.70 -124.85
N ILE H 234 -48.57 -26.65 -124.33
CA ILE H 234 -48.68 -25.37 -125.04
C ILE H 234 -47.34 -24.61 -125.00
N ALA H 235 -47.03 -23.92 -123.89
CA ALA H 235 -45.81 -23.11 -123.79
C ALA H 235 -44.58 -23.99 -123.55
N SER H 236 -44.00 -24.48 -124.65
CA SER H 236 -42.80 -25.32 -124.63
C SER H 236 -41.57 -24.46 -124.97
N GLY H 237 -41.39 -23.38 -124.21
CA GLY H 237 -40.29 -22.44 -124.37
C GLY H 237 -39.74 -22.00 -123.01
N MET H 238 -38.89 -20.95 -123.00
CA MET H 238 -38.32 -20.43 -121.75
C MET H 238 -39.34 -19.57 -121.01
N LEU H 239 -39.86 -20.04 -119.87
CA LEU H 239 -40.86 -19.30 -119.08
C LEU H 239 -40.23 -18.68 -117.86
N LEU H 240 -40.19 -17.33 -117.83
CA LEU H 240 -39.65 -16.54 -116.74
C LEU H 240 -40.74 -15.69 -116.12
N PRO H 241 -40.74 -15.48 -114.78
CA PRO H 241 -41.78 -14.62 -114.18
C PRO H 241 -41.58 -13.16 -114.57
N LEU H 242 -42.65 -12.52 -115.07
CA LEU H 242 -42.64 -11.11 -115.48
C LEU H 242 -43.31 -10.19 -114.42
N GLY H 243 -44.23 -10.73 -113.63
CA GLY H 243 -44.94 -9.94 -112.62
C GLY H 243 -46.03 -10.70 -111.89
N VAL H 244 -46.69 -10.01 -110.92
CA VAL H 244 -47.77 -10.58 -110.09
C VAL H 244 -48.86 -9.51 -109.89
N ARG H 245 -50.13 -9.82 -110.22
CA ARG H 245 -51.23 -8.86 -110.08
C ARG H 245 -51.54 -8.52 -108.63
N ARG H 246 -51.53 -9.51 -107.73
CA ARG H 246 -51.87 -9.29 -106.33
C ARG H 246 -51.16 -10.30 -105.44
N LEU H 247 -50.45 -9.81 -104.44
CA LEU H 247 -49.67 -10.59 -103.49
C LEU H 247 -50.05 -10.23 -102.06
N ARG H 248 -50.42 -11.22 -101.25
CA ARG H 248 -50.77 -10.99 -99.84
C ARG H 248 -50.24 -12.11 -99.00
N ALA H 249 -49.70 -11.78 -97.83
CA ALA H 249 -49.22 -12.76 -96.87
C ALA H 249 -50.17 -12.76 -95.70
N TYR H 250 -50.70 -13.93 -95.36
CA TYR H 250 -51.65 -14.06 -94.27
C TYR H 250 -50.98 -14.46 -92.95
N GLY H 251 -49.85 -15.16 -93.04
CA GLY H 251 -49.09 -15.60 -91.87
C GLY H 251 -47.64 -15.89 -92.17
N SER H 252 -47.00 -16.70 -91.30
CA SER H 252 -45.61 -17.07 -91.47
C SER H 252 -45.50 -18.19 -92.44
N THR H 253 -44.60 -18.07 -93.40
CA THR H 253 -44.38 -19.10 -94.40
C THR H 253 -43.30 -20.12 -93.94
N ARG H 254 -42.89 -20.09 -92.65
CA ARG H 254 -41.84 -20.96 -92.11
C ARG H 254 -42.20 -22.43 -92.24
N ASN H 255 -43.45 -22.76 -91.91
CA ASN H 255 -43.97 -24.13 -91.90
C ASN H 255 -44.77 -24.48 -93.20
N VAL H 256 -44.53 -23.77 -94.34
CA VAL H 256 -45.20 -24.10 -95.60
C VAL H 256 -44.59 -25.41 -96.16
N ARG H 257 -45.45 -26.38 -96.47
CA ARG H 257 -45.06 -27.68 -97.02
C ARG H 257 -45.65 -27.93 -98.40
N TYR H 258 -46.67 -27.14 -98.84
CA TYR H 258 -47.33 -27.32 -100.13
C TYR H 258 -47.59 -26.01 -100.84
N CYS H 259 -47.82 -26.11 -102.16
CA CYS H 259 -48.18 -24.96 -102.99
C CYS H 259 -49.25 -25.37 -103.99
N LEU H 260 -50.45 -24.84 -103.83
CA LEU H 260 -51.57 -25.11 -104.72
C LEU H 260 -51.61 -24.05 -105.83
N SER H 261 -51.27 -24.45 -107.07
CA SER H 261 -51.28 -23.54 -108.23
C SER H 261 -52.53 -23.80 -109.08
N ARG H 262 -52.95 -22.80 -109.87
CA ARG H 262 -54.12 -22.86 -110.74
C ARG H 262 -53.84 -22.11 -112.03
N ILE H 263 -54.08 -22.74 -113.18
CA ILE H 263 -53.81 -22.11 -114.48
C ILE H 263 -55.01 -21.27 -114.89
N VAL H 264 -54.80 -19.98 -115.05
CA VAL H 264 -55.83 -19.04 -115.48
C VAL H 264 -55.88 -19.05 -117.00
N LYS H 265 -54.70 -18.88 -117.63
CA LYS H 265 -54.54 -18.84 -119.09
C LYS H 265 -53.23 -19.53 -119.47
N ALA H 266 -53.29 -20.35 -120.53
CA ALA H 266 -52.14 -21.09 -121.08
C ALA H 266 -52.09 -20.86 -122.59
N ASP H 267 -51.20 -19.96 -123.01
CA ASP H 267 -51.04 -19.55 -124.39
C ASP H 267 -49.59 -19.75 -124.84
N SER H 268 -49.38 -19.74 -126.16
CA SER H 268 -48.05 -19.85 -126.77
C SER H 268 -47.11 -18.73 -126.31
N PHE H 269 -47.65 -17.53 -126.06
CA PHE H 269 -46.87 -16.36 -125.64
C PHE H 269 -46.47 -16.45 -124.17
N GLY H 270 -47.45 -16.72 -123.31
CA GLY H 270 -47.21 -16.81 -121.87
C GLY H 270 -48.24 -17.60 -121.11
N VAL H 271 -48.06 -17.68 -119.79
CA VAL H 271 -48.93 -18.41 -118.86
C VAL H 271 -49.28 -17.55 -117.65
N GLU H 272 -50.58 -17.42 -117.33
CA GLU H 272 -51.04 -16.71 -116.14
C GLU H 272 -51.46 -17.77 -115.11
N ALA H 273 -51.21 -17.54 -113.82
CA ALA H 273 -51.54 -18.54 -112.81
C ALA H 273 -51.75 -17.92 -111.44
N ASP H 274 -52.64 -18.54 -110.63
CA ASP H 274 -52.96 -18.08 -109.28
C ASP H 274 -52.43 -19.10 -108.26
N LEU H 275 -51.59 -18.67 -107.31
CA LEU H 275 -50.93 -19.55 -106.33
C LEU H 275 -51.42 -19.34 -104.92
N GLU H 276 -51.20 -20.37 -104.07
CA GLU H 276 -51.55 -20.38 -102.66
C GLU H 276 -50.58 -21.27 -101.93
N LEU H 277 -49.87 -20.73 -100.95
CA LEU H 277 -48.88 -21.46 -100.17
C LEU H 277 -49.55 -22.02 -98.93
N LEU H 278 -49.67 -23.34 -98.83
CA LEU H 278 -50.37 -24.00 -97.74
C LEU H 278 -49.44 -24.71 -96.77
N ASP H 279 -49.78 -24.69 -95.46
CA ASP H 279 -49.00 -25.44 -94.47
C ASP H 279 -49.43 -26.91 -94.52
N ALA H 280 -48.91 -27.75 -93.61
CA ALA H 280 -49.25 -29.16 -93.58
C ALA H 280 -50.75 -29.41 -93.36
N ASP H 281 -51.40 -28.58 -92.52
CA ASP H 281 -52.83 -28.69 -92.21
C ASP H 281 -53.71 -28.30 -93.41
N GLY H 282 -53.18 -27.45 -94.28
CA GLY H 282 -53.85 -26.95 -95.46
C GLY H 282 -54.25 -25.49 -95.37
N THR H 283 -53.89 -24.81 -94.27
CA THR H 283 -54.20 -23.39 -94.08
C THR H 283 -53.39 -22.54 -95.03
N VAL H 284 -54.01 -21.50 -95.62
CA VAL H 284 -53.32 -20.63 -96.57
C VAL H 284 -52.45 -19.62 -95.81
N LEU H 285 -51.16 -19.54 -96.18
CA LEU H 285 -50.18 -18.64 -95.57
C LEU H 285 -49.84 -17.45 -96.47
N LEU H 286 -49.87 -17.65 -97.79
CA LEU H 286 -49.61 -16.59 -98.75
C LEU H 286 -50.31 -16.91 -100.05
N SER H 287 -50.80 -15.88 -100.77
CA SER H 287 -51.46 -16.07 -102.05
C SER H 287 -50.93 -15.06 -103.07
N ALA H 288 -50.63 -15.55 -104.28
CA ALA H 288 -50.09 -14.75 -105.38
C ALA H 288 -50.95 -14.95 -106.62
N MET H 289 -51.87 -14.00 -106.84
CA MET H 289 -52.81 -14.02 -107.94
C MET H 289 -52.20 -13.35 -109.17
N GLY H 290 -52.37 -13.98 -110.33
CA GLY H 290 -51.89 -13.45 -111.61
C GLY H 290 -50.40 -13.50 -111.85
N LEU H 291 -49.73 -14.59 -111.48
CA LEU H 291 -48.29 -14.77 -111.73
C LEU H 291 -48.07 -14.89 -113.23
N GLN H 292 -47.66 -13.81 -113.90
CA GLN H 292 -47.43 -13.84 -115.34
C GLN H 292 -46.05 -14.41 -115.69
N LEU H 293 -45.95 -15.07 -116.86
CA LEU H 293 -44.72 -15.65 -117.41
C LEU H 293 -44.69 -15.44 -118.97
N GLY H 294 -43.60 -15.83 -119.63
CA GLY H 294 -43.45 -15.69 -121.09
C GLY H 294 -42.28 -14.79 -121.43
N THR H 295 -41.20 -15.36 -121.98
CA THR H 295 -39.97 -14.60 -122.26
C THR H 295 -39.97 -13.98 -123.65
N GLY H 296 -39.32 -12.82 -123.74
CA GLY H 296 -39.14 -12.08 -124.98
C GLY H 296 -37.93 -12.50 -125.78
N ASN H 297 -37.52 -13.79 -125.67
CA ASN H 297 -36.40 -14.40 -126.39
C ASN H 297 -37.08 -15.18 -127.49
N SER H 298 -37.35 -14.48 -128.60
CA SER H 298 -38.14 -15.04 -129.69
C SER H 298 -37.48 -16.28 -130.30
N ASP H 299 -38.24 -16.98 -131.15
CA ASP H 299 -37.75 -18.15 -131.86
C ASP H 299 -36.77 -17.75 -132.98
N LYS H 300 -36.74 -16.43 -133.36
CA LYS H 300 -35.85 -15.90 -134.38
C LYS H 300 -34.48 -15.54 -133.76
N ALA H 301 -34.49 -15.00 -132.53
CA ALA H 301 -33.27 -14.65 -131.78
C ALA H 301 -32.55 -15.90 -131.26
N GLU H 302 -33.27 -17.03 -131.12
CA GLU H 302 -32.71 -18.31 -130.70
C GLU H 302 -31.88 -18.90 -131.84
N GLU H 303 -32.41 -18.82 -133.08
CA GLU H 303 -31.73 -19.28 -134.31
C GLU H 303 -30.43 -18.52 -134.49
N GLU H 304 -30.51 -17.18 -134.47
CA GLU H 304 -29.35 -16.28 -134.62
C GLU H 304 -28.26 -16.63 -133.61
N ARG H 305 -28.65 -16.94 -132.35
CA ARG H 305 -27.70 -17.28 -131.29
C ARG H 305 -27.10 -18.67 -131.51
N LEU H 306 -27.91 -19.66 -131.96
CA LEU H 306 -27.42 -21.02 -132.21
C LEU H 306 -26.42 -21.07 -133.37
N LEU H 307 -26.78 -20.42 -134.49
CA LEU H 307 -25.96 -20.30 -135.69
C LEU H 307 -24.56 -19.82 -135.34
N ASP H 308 -24.49 -18.86 -134.40
CA ASP H 308 -23.23 -18.29 -133.95
C ASP H 308 -22.32 -19.33 -133.29
N GLU H 309 -22.88 -20.07 -132.35
CA GLU H 309 -22.13 -21.07 -131.58
C GLU H 309 -21.70 -22.27 -132.43
N ARG H 310 -22.56 -22.66 -133.38
CA ARG H 310 -22.34 -23.83 -134.26
C ARG H 310 -21.23 -23.66 -135.36
N LEU H 311 -21.01 -22.44 -135.90
CA LEU H 311 -20.03 -22.18 -136.97
C LEU H 311 -18.57 -22.36 -136.55
N LEU H 312 -17.72 -22.84 -137.49
CA LEU H 312 -16.29 -23.10 -137.28
C LEU H 312 -15.45 -22.78 -138.53
N THR H 313 -14.29 -22.15 -138.30
CA THR H 313 -13.34 -21.78 -139.36
C THR H 313 -11.94 -22.11 -138.92
N ILE H 314 -11.06 -22.36 -139.88
CA ILE H 314 -9.65 -22.59 -139.60
C ILE H 314 -8.93 -21.25 -139.75
N GLU H 315 -8.11 -20.89 -138.76
CA GLU H 315 -7.39 -19.62 -138.76
C GLU H 315 -5.92 -19.89 -138.55
N TRP H 316 -5.08 -19.06 -139.16
CA TRP H 316 -3.64 -19.25 -139.12
C TRP H 316 -3.00 -18.19 -138.28
N GLN H 317 -2.08 -18.61 -137.40
CA GLN H 317 -1.37 -17.69 -136.52
C GLN H 317 0.12 -17.62 -136.87
N GLN H 318 0.68 -16.40 -136.97
CA GLN H 318 2.11 -16.20 -137.18
C GLN H 318 2.84 -16.59 -135.92
N ARG H 319 3.73 -17.58 -135.98
CA ARG H 319 4.43 -18.02 -134.78
C ARG H 319 5.91 -18.15 -135.03
N GLU H 320 6.66 -18.36 -133.95
CA GLU H 320 8.10 -18.55 -133.96
C GLU H 320 8.45 -19.83 -133.23
N LEU H 321 9.56 -20.46 -133.62
CA LEU H 321 9.99 -21.74 -133.04
C LEU H 321 10.49 -21.50 -131.62
N PRO H 322 9.95 -22.19 -130.59
CA PRO H 322 10.28 -21.79 -129.20
C PRO H 322 11.26 -22.69 -128.40
N ARG H 323 12.23 -23.44 -129.01
CA ARG H 323 13.17 -24.23 -128.19
C ARG H 323 14.67 -24.05 -128.59
N PRO H 324 15.31 -22.91 -128.21
CA PRO H 324 16.73 -22.71 -128.52
C PRO H 324 17.61 -22.93 -127.28
N GLU H 325 17.56 -24.15 -126.70
CA GLU H 325 18.34 -24.45 -125.50
C GLU H 325 19.83 -24.51 -125.80
N GLY H 326 20.21 -25.34 -126.78
CA GLY H 326 21.60 -25.48 -127.19
C GLY H 326 21.90 -26.87 -127.75
N SER H 327 21.46 -27.91 -127.03
CA SER H 327 21.66 -29.29 -127.43
C SER H 327 20.71 -30.25 -126.68
N GLU H 328 20.52 -31.47 -127.24
CA GLU H 328 19.65 -32.52 -126.69
C GLU H 328 20.48 -33.55 -125.87
N THR H 329 19.87 -34.15 -124.82
CA THR H 329 20.52 -35.17 -123.95
C THR H 329 20.82 -36.44 -124.76
N VAL H 330 19.99 -36.75 -125.80
CA VAL H 330 20.21 -37.89 -126.69
C VAL H 330 21.33 -37.47 -127.64
N ASP H 331 22.06 -38.45 -128.20
CA ASP H 331 23.19 -38.19 -129.13
C ASP H 331 22.79 -37.44 -130.45
N ALA H 332 21.52 -36.94 -130.56
CA ALA H 332 21.03 -36.20 -131.73
C ALA H 332 20.94 -37.13 -132.97
N GLY H 333 20.45 -38.36 -132.73
CA GLY H 333 20.26 -39.38 -133.76
C GLY H 333 18.88 -40.00 -133.66
N SER H 334 18.18 -40.30 -134.76
CA SER H 334 18.56 -40.18 -136.19
C SER H 334 17.35 -39.62 -137.01
N TRP H 335 17.43 -39.62 -138.37
CA TRP H 335 16.34 -39.14 -139.24
C TRP H 335 16.27 -39.91 -140.57
N LEU H 336 15.15 -39.73 -141.29
CA LEU H 336 14.89 -40.36 -142.58
C LEU H 336 13.98 -39.49 -143.46
N VAL H 337 14.51 -38.96 -144.57
CA VAL H 337 13.74 -38.17 -145.54
C VAL H 337 13.28 -39.17 -146.64
N ILE H 338 11.99 -39.12 -147.04
CA ILE H 338 11.41 -40.07 -148.00
C ILE H 338 10.58 -39.30 -149.05
N LEU H 339 10.73 -39.63 -150.33
CA LEU H 339 10.03 -38.92 -151.41
C LEU H 339 8.72 -39.63 -151.87
N ALA H 340 7.91 -38.98 -152.77
CA ALA H 340 6.66 -39.51 -153.38
C ALA H 340 6.69 -39.53 -154.94
N GLY H 341 7.80 -39.11 -155.58
CA GLY H 341 7.93 -39.10 -157.04
C GLY H 341 9.39 -39.07 -157.43
N ASP H 342 9.88 -40.18 -157.97
CA ASP H 342 11.30 -40.38 -158.30
C ASP H 342 11.67 -39.67 -159.61
N ASP H 343 10.85 -39.80 -160.67
CA ASP H 343 11.13 -39.18 -161.97
C ASP H 343 11.18 -37.63 -161.88
N ASP H 344 10.36 -37.02 -161.00
CA ASP H 344 10.50 -35.58 -160.78
C ASP H 344 11.62 -35.42 -159.77
N GLU H 345 12.44 -34.37 -159.91
CA GLU H 345 13.53 -34.11 -158.96
C GLU H 345 13.14 -32.93 -158.07
N ASN H 346 13.13 -33.14 -156.73
CA ASN H 346 12.66 -32.19 -155.71
C ASN H 346 13.83 -31.52 -154.97
N PRO H 347 14.17 -30.27 -155.33
CA PRO H 347 15.25 -29.54 -154.61
C PRO H 347 14.92 -29.37 -153.13
N ARG H 348 13.62 -29.41 -152.76
CA ARG H 348 13.19 -29.35 -151.36
C ARG H 348 13.71 -30.57 -150.62
N ALA H 349 13.58 -31.77 -151.22
CA ALA H 349 14.07 -32.99 -150.60
C ALA H 349 15.59 -32.97 -150.46
N ALA H 350 16.29 -32.49 -151.49
CA ALA H 350 17.75 -32.38 -151.50
C ALA H 350 18.25 -31.41 -150.44
N GLY H 351 17.66 -30.23 -150.42
CA GLY H 351 18.00 -29.19 -149.47
C GLY H 351 17.69 -29.53 -148.03
N VAL H 352 16.67 -30.36 -147.79
CA VAL H 352 16.29 -30.78 -146.43
C VAL H 352 17.32 -31.77 -145.89
N VAL H 353 17.74 -32.76 -146.72
CA VAL H 353 18.72 -33.76 -146.31
C VAL H 353 20.07 -33.07 -146.01
N SER H 354 20.46 -32.09 -146.84
CA SER H 354 21.73 -31.37 -146.65
C SER H 354 21.70 -30.55 -145.35
N ALA H 355 20.55 -29.92 -145.02
CA ALA H 355 20.41 -29.08 -143.83
C ALA H 355 20.36 -29.92 -142.55
N LEU H 356 19.77 -31.15 -142.59
CA LEU H 356 19.77 -32.05 -141.43
C LEU H 356 21.17 -32.56 -141.12
N ILE H 357 21.92 -32.93 -142.18
CA ILE H 357 23.30 -33.38 -142.03
C ILE H 357 24.16 -32.18 -141.59
N GLY H 358 23.84 -30.98 -142.08
CA GLY H 358 24.49 -29.75 -141.68
C GLY H 358 24.27 -29.41 -140.21
N ALA H 359 23.08 -29.75 -139.68
CA ALA H 359 22.74 -29.56 -138.27
C ALA H 359 23.49 -30.56 -137.37
N GLY H 360 23.85 -31.71 -137.94
CA GLY H 360 24.61 -32.76 -137.26
C GLY H 360 23.81 -33.99 -136.90
N MET H 361 22.90 -34.40 -137.80
CA MET H 361 22.01 -35.53 -137.60
C MET H 361 22.29 -36.59 -138.67
N PRO H 362 22.43 -37.88 -138.31
CA PRO H 362 22.64 -38.90 -139.34
C PRO H 362 21.32 -39.17 -140.07
N THR H 363 21.20 -38.61 -141.28
CA THR H 363 20.00 -38.72 -142.07
C THR H 363 20.18 -39.70 -143.22
N THR H 364 19.13 -40.46 -143.50
CA THR H 364 19.08 -41.45 -144.58
C THR H 364 17.99 -40.99 -145.56
N THR H 365 18.01 -41.49 -146.81
CA THR H 365 17.02 -41.06 -147.81
C THR H 365 16.39 -42.24 -148.53
N MET H 366 15.09 -42.10 -148.84
CA MET H 366 14.26 -43.10 -149.50
C MET H 366 13.54 -42.48 -150.71
N ALA H 367 13.40 -43.24 -151.78
CA ALA H 367 12.73 -42.75 -152.98
C ALA H 367 11.62 -43.69 -153.41
N TRP H 368 10.50 -43.58 -152.71
CA TRP H 368 9.27 -44.31 -153.03
C TRP H 368 8.60 -43.50 -154.13
N SER H 369 8.14 -44.17 -155.18
CA SER H 369 7.45 -43.51 -156.27
C SER H 369 6.25 -44.28 -156.69
N HIS H 370 5.33 -43.61 -157.38
CA HIS H 370 4.17 -44.28 -157.96
C HIS H 370 4.69 -45.14 -159.09
N ASP H 371 3.91 -46.12 -159.53
CA ASP H 371 4.32 -47.05 -160.59
C ASP H 371 5.66 -47.76 -160.21
N ALA H 372 5.73 -48.26 -158.96
CA ALA H 372 6.89 -48.97 -158.42
C ALA H 372 6.41 -50.11 -157.54
N ASP H 373 7.24 -51.18 -157.35
CA ASP H 373 6.84 -52.33 -156.51
C ASP H 373 6.63 -51.84 -155.07
N HIS H 374 5.37 -51.57 -154.73
CA HIS H 374 5.01 -51.01 -153.45
C HIS H 374 5.21 -52.00 -152.31
N ASP H 375 4.95 -53.30 -152.54
CA ASP H 375 5.15 -54.33 -151.50
C ASP H 375 6.64 -54.46 -151.15
N ALA H 376 7.51 -54.33 -152.16
CA ALA H 376 8.96 -54.42 -151.97
C ALA H 376 9.52 -53.18 -151.31
N GLN H 377 9.04 -51.99 -151.70
CA GLN H 377 9.49 -50.74 -151.08
C GLN H 377 8.96 -50.64 -149.63
N ALA H 378 7.73 -51.14 -149.40
CA ALA H 378 7.12 -51.17 -148.06
C ALA H 378 7.96 -52.01 -147.12
N ALA H 379 8.50 -53.12 -147.63
CA ALA H 379 9.36 -54.02 -146.86
C ALA H 379 10.72 -53.36 -146.60
N ALA H 380 11.24 -52.61 -147.60
CA ALA H 380 12.51 -51.88 -147.49
C ALA H 380 12.42 -50.82 -146.42
N LEU H 381 11.28 -50.14 -146.31
CA LEU H 381 11.06 -49.12 -145.29
C LEU H 381 11.00 -49.74 -143.90
N THR H 382 10.12 -50.75 -143.71
CA THR H 382 9.97 -51.46 -142.43
C THR H 382 11.32 -52.04 -141.95
N ALA H 383 12.23 -52.38 -142.88
CA ALA H 383 13.57 -52.86 -142.54
C ALA H 383 14.45 -51.72 -141.99
N ARG H 384 14.40 -50.51 -142.60
CA ARG H 384 15.18 -49.35 -142.15
C ARG H 384 14.78 -48.90 -140.74
N LEU H 385 13.51 -49.08 -140.37
CA LEU H 385 12.97 -48.69 -139.06
C LEU H 385 13.45 -49.65 -137.99
N ASP H 386 13.42 -50.96 -138.27
CA ASP H 386 13.87 -52.00 -137.35
C ASP H 386 15.41 -52.04 -137.23
N GLU H 387 16.11 -51.55 -138.28
CA GLU H 387 17.58 -51.51 -138.33
C GLU H 387 18.12 -50.46 -137.35
N GLN H 388 17.65 -49.21 -137.46
CA GLN H 388 18.10 -48.09 -136.63
C GLN H 388 16.94 -47.37 -135.97
N PRO H 389 17.08 -46.95 -134.68
CA PRO H 389 16.03 -46.16 -134.06
C PRO H 389 16.15 -44.70 -134.48
N LEU H 390 15.09 -44.14 -135.09
CA LEU H 390 15.11 -42.76 -135.57
C LEU H 390 14.06 -41.92 -134.87
N ALA H 391 14.35 -40.61 -134.77
CA ALA H 391 13.48 -39.64 -134.14
C ALA H 391 12.28 -39.29 -135.02
N GLY H 392 12.53 -38.98 -136.30
CA GLY H 392 11.48 -38.58 -137.23
C GLY H 392 11.69 -38.98 -138.68
N VAL H 393 10.58 -38.98 -139.43
CA VAL H 393 10.47 -39.35 -140.84
C VAL H 393 9.80 -38.21 -141.62
N ALA H 394 10.54 -37.47 -142.48
CA ALA H 394 9.95 -36.36 -143.27
C ALA H 394 9.54 -36.83 -144.67
N VAL H 395 8.23 -36.97 -144.95
CA VAL H 395 7.69 -37.41 -146.25
C VAL H 395 7.59 -36.19 -147.17
N ILE H 396 8.46 -36.10 -148.20
CA ILE H 396 8.48 -35.00 -149.16
C ILE H 396 7.57 -35.38 -150.34
N VAL H 397 6.48 -34.64 -150.56
CA VAL H 397 5.54 -34.96 -151.64
C VAL H 397 5.96 -34.18 -152.89
N GLY H 398 6.17 -34.90 -153.99
CA GLY H 398 6.59 -34.32 -155.27
C GLY H 398 5.54 -33.54 -156.02
N ASP H 399 5.96 -32.41 -156.64
CA ASP H 399 5.09 -31.55 -157.42
C ASP H 399 5.42 -31.78 -158.89
N SER H 400 4.40 -32.16 -159.69
CA SER H 400 4.57 -32.39 -161.12
C SER H 400 4.93 -31.08 -161.84
N GLU H 401 5.95 -31.13 -162.73
CA GLU H 401 6.44 -29.98 -163.51
C GLU H 401 6.89 -28.86 -162.58
N HIS H 407 -0.71 -25.35 -164.01
CA HIS H 407 -1.90 -24.53 -163.78
C HIS H 407 -3.21 -25.34 -164.00
N ASP H 408 -3.19 -26.47 -164.77
CA ASP H 408 -4.43 -27.21 -165.03
C ASP H 408 -4.91 -27.97 -163.79
N VAL H 409 -6.15 -27.66 -163.35
CA VAL H 409 -6.77 -28.27 -162.18
C VAL H 409 -7.23 -29.67 -162.50
N GLY H 410 -7.80 -29.87 -163.68
CA GLY H 410 -8.24 -31.18 -164.15
C GLY H 410 -7.19 -32.25 -163.93
N ALA H 411 -5.93 -31.92 -164.22
CA ALA H 411 -4.79 -32.82 -164.02
C ALA H 411 -4.45 -32.97 -162.54
N ASP H 412 -4.46 -31.85 -161.79
CA ASP H 412 -4.15 -31.88 -160.35
C ASP H 412 -5.24 -32.66 -159.56
N ALA H 413 -6.50 -32.70 -160.06
CA ALA H 413 -7.59 -33.44 -159.43
C ALA H 413 -7.38 -34.94 -159.56
N ARG H 414 -6.92 -35.39 -160.75
CA ARG H 414 -6.64 -36.80 -161.01
C ARG H 414 -5.37 -37.22 -160.25
N ARG H 415 -4.33 -36.33 -160.24
CA ARG H 415 -3.05 -36.56 -159.52
C ARG H 415 -3.24 -36.60 -158.02
N GLY H 416 -4.16 -35.78 -157.51
CA GLY H 416 -4.45 -35.70 -156.09
C GLY H 416 -4.88 -37.02 -155.49
N ALA H 417 -5.58 -37.86 -156.30
CA ALA H 417 -6.03 -39.20 -155.92
C ALA H 417 -4.82 -40.06 -155.63
N ASP H 418 -3.90 -40.10 -156.62
CA ASP H 418 -2.68 -40.92 -156.59
C ASP H 418 -1.81 -40.57 -155.37
N HIS H 419 -1.73 -39.28 -154.99
CA HIS H 419 -0.98 -38.87 -153.80
C HIS H 419 -1.60 -39.46 -152.52
N VAL H 420 -2.95 -39.53 -152.45
CA VAL H 420 -3.69 -40.07 -151.30
C VAL H 420 -3.42 -41.58 -151.21
N ARG H 421 -3.67 -42.30 -152.30
CA ARG H 421 -3.39 -43.74 -152.38
C ARG H 421 -1.95 -44.05 -151.94
N HIS H 422 -0.97 -43.19 -152.30
CA HIS H 422 0.46 -43.38 -151.99
C HIS H 422 0.80 -43.01 -150.55
N LEU H 423 0.22 -41.95 -149.99
CA LEU H 423 0.51 -41.59 -148.61
C LEU H 423 -0.13 -42.60 -147.65
N VAL H 424 -1.23 -43.28 -148.07
CA VAL H 424 -1.84 -44.35 -147.29
C VAL H 424 -0.85 -45.53 -147.23
N ARG H 425 -0.18 -45.87 -148.36
CA ARG H 425 0.83 -46.94 -148.43
C ARG H 425 1.99 -46.66 -147.45
N ILE H 426 2.49 -45.41 -147.42
CA ILE H 426 3.58 -44.97 -146.54
C ILE H 426 3.12 -44.95 -145.07
N ALA H 427 1.98 -44.31 -144.79
CA ALA H 427 1.44 -44.20 -143.43
C ALA H 427 1.13 -45.58 -142.80
N ARG H 428 0.64 -46.54 -143.61
CA ARG H 428 0.29 -47.87 -143.14
C ARG H 428 1.54 -48.62 -142.62
N THR H 429 2.69 -48.51 -143.30
CA THR H 429 3.95 -49.17 -142.90
C THR H 429 4.58 -48.54 -141.63
N LEU H 430 4.39 -47.21 -141.40
CA LEU H 430 4.91 -46.54 -140.21
C LEU H 430 4.08 -46.93 -138.98
N ALA H 431 2.75 -47.05 -139.16
CA ALA H 431 1.84 -47.48 -138.09
C ALA H 431 2.17 -48.92 -137.66
N ASP H 432 2.44 -49.81 -138.66
CA ASP H 432 2.83 -51.20 -138.42
C ASP H 432 4.33 -51.25 -138.09
N ALA H 433 4.69 -50.71 -136.91
CA ALA H 433 6.07 -50.64 -136.41
C ALA H 433 6.18 -51.44 -135.15
N VAL H 434 7.27 -52.22 -135.03
CA VAL H 434 7.50 -53.07 -133.85
C VAL H 434 7.83 -52.14 -132.67
N GLY H 435 8.87 -51.32 -132.84
CA GLY H 435 9.28 -50.36 -131.82
C GLY H 435 8.37 -49.15 -131.72
N GLU H 436 8.81 -48.12 -130.98
CA GLU H 436 8.03 -46.89 -130.81
C GLU H 436 8.01 -46.12 -132.13
N PRO H 437 6.82 -45.92 -132.77
CA PRO H 437 6.80 -45.22 -134.06
C PRO H 437 7.44 -43.82 -134.02
N PRO H 438 8.20 -43.45 -135.07
CA PRO H 438 8.83 -42.11 -135.11
C PRO H 438 7.82 -41.04 -135.50
N ARG H 439 8.16 -39.75 -135.31
CA ARG H 439 7.23 -38.66 -135.65
C ARG H 439 7.12 -38.47 -137.16
N LEU H 440 5.90 -38.58 -137.69
CA LEU H 440 5.65 -38.41 -139.12
C LEU H 440 5.48 -36.93 -139.46
N TYR H 441 6.23 -36.44 -140.45
CA TYR H 441 6.16 -35.08 -140.94
C TYR H 441 5.89 -35.11 -142.44
N VAL H 442 4.72 -34.66 -142.92
CA VAL H 442 4.43 -34.65 -144.36
C VAL H 442 4.65 -33.23 -144.90
N VAL H 443 5.54 -33.06 -145.90
CA VAL H 443 5.89 -31.75 -146.47
C VAL H 443 5.18 -31.57 -147.83
N THR H 444 4.16 -30.71 -147.86
CA THR H 444 3.35 -30.44 -149.05
C THR H 444 3.70 -29.09 -149.68
N HIS H 445 3.45 -28.96 -151.00
CA HIS H 445 3.73 -27.74 -151.76
C HIS H 445 2.46 -26.92 -151.98
N ARG H 446 2.34 -25.77 -151.27
CA ARG H 446 1.21 -24.83 -151.33
C ARG H 446 -0.17 -25.54 -151.35
N SER H 447 -0.29 -26.64 -150.58
CA SER H 447 -1.47 -27.48 -150.40
C SER H 447 -2.73 -26.68 -150.15
N GLN H 448 -2.69 -25.79 -149.13
CA GLN H 448 -3.85 -25.02 -148.71
C GLN H 448 -3.60 -23.54 -148.53
N HIS H 449 -4.73 -22.83 -148.36
CA HIS H 449 -4.84 -21.38 -148.18
C HIS H 449 -4.53 -21.02 -146.75
N VAL H 450 -3.58 -20.12 -146.56
CA VAL H 450 -3.21 -19.60 -145.24
C VAL H 450 -3.34 -18.08 -145.35
N LEU H 451 -2.51 -17.43 -146.20
CA LEU H 451 -2.61 -15.99 -146.44
C LEU H 451 -3.70 -15.73 -147.47
N ASP H 452 -4.47 -14.64 -147.31
CA ASP H 452 -5.58 -14.29 -148.21
C ASP H 452 -5.15 -14.13 -149.69
N THR H 453 -3.90 -13.72 -149.92
CA THR H 453 -3.35 -13.52 -151.26
C THR H 453 -3.09 -14.83 -152.02
N ASP H 454 -2.90 -15.95 -151.29
CA ASP H 454 -2.54 -17.25 -151.86
C ASP H 454 -3.54 -17.83 -152.86
N GLU H 455 -2.99 -18.47 -153.91
CA GLU H 455 -3.71 -19.23 -154.92
C GLU H 455 -3.25 -20.66 -154.67
N PRO H 456 -4.09 -21.57 -154.15
CA PRO H 456 -3.57 -22.89 -153.77
C PRO H 456 -3.13 -23.76 -154.94
N TYR H 457 -2.05 -24.50 -154.71
CA TYR H 457 -1.54 -25.50 -155.63
C TYR H 457 -2.20 -26.77 -155.17
N LEU H 458 -3.01 -27.40 -156.03
CA LEU H 458 -3.79 -28.58 -155.65
C LEU H 458 -2.88 -29.83 -155.64
N GLU H 459 -3.36 -31.06 -155.95
CA GLU H 459 -2.58 -32.30 -155.81
C GLU H 459 -2.48 -32.69 -154.32
N HIS H 460 -1.73 -31.88 -153.55
CA HIS H 460 -1.51 -32.09 -152.13
C HIS H 460 -2.68 -31.58 -151.28
N SER H 461 -3.67 -30.89 -151.89
CA SER H 461 -4.82 -30.34 -151.17
C SER H 461 -5.56 -31.43 -150.41
N GLY H 462 -5.76 -32.57 -151.05
CA GLY H 462 -6.46 -33.69 -150.44
C GLY H 462 -5.77 -34.37 -149.28
N LEU H 463 -4.43 -34.26 -149.18
CA LEU H 463 -3.65 -34.92 -148.12
C LEU H 463 -3.88 -34.35 -146.71
N ARG H 464 -4.36 -33.08 -146.57
CA ARG H 464 -4.54 -32.49 -145.23
C ARG H 464 -5.66 -33.18 -144.41
N GLY H 465 -6.61 -33.82 -145.09
CA GLY H 465 -7.69 -34.56 -144.44
C GLY H 465 -7.24 -35.92 -143.99
N LEU H 466 -6.32 -36.52 -144.74
CA LEU H 466 -5.77 -37.83 -144.44
C LEU H 466 -4.80 -37.76 -143.24
N ILE H 467 -3.81 -36.84 -143.26
CA ILE H 467 -2.86 -36.69 -142.15
C ILE H 467 -3.62 -36.40 -140.83
N ARG H 468 -4.82 -35.79 -140.93
CA ARG H 468 -5.70 -35.48 -139.79
C ARG H 468 -6.39 -36.76 -139.26
N VAL H 469 -6.75 -37.69 -140.17
CA VAL H 469 -7.35 -38.98 -139.82
C VAL H 469 -6.24 -39.93 -139.33
N VAL H 470 -5.02 -39.85 -139.92
CA VAL H 470 -3.87 -40.70 -139.53
C VAL H 470 -3.40 -40.34 -138.11
N GLY H 471 -3.35 -39.05 -137.79
CA GLY H 471 -2.99 -38.58 -136.45
C GLY H 471 -3.98 -39.03 -135.40
N MET H 472 -5.28 -39.14 -135.78
CA MET H 472 -6.36 -39.60 -134.89
C MET H 472 -6.37 -41.12 -134.76
N GLU H 473 -6.21 -41.86 -135.89
CA GLU H 473 -6.17 -43.33 -135.89
C GLU H 473 -4.89 -43.88 -135.21
N HIS H 474 -3.73 -43.23 -135.47
CA HIS H 474 -2.43 -43.63 -134.93
C HIS H 474 -1.71 -42.39 -134.32
N PRO H 475 -2.07 -42.02 -133.09
CA PRO H 475 -1.45 -40.83 -132.48
C PRO H 475 -0.01 -41.04 -132.00
N ARG H 476 0.49 -42.30 -131.90
CA ARG H 476 1.88 -42.58 -131.47
C ARG H 476 2.83 -41.78 -132.35
N LEU H 477 2.71 -41.97 -133.67
CA LEU H 477 3.42 -41.14 -134.65
C LEU H 477 2.60 -39.86 -134.77
N ARG H 478 3.12 -38.74 -134.20
CA ARG H 478 2.35 -37.49 -134.21
C ARG H 478 2.34 -36.91 -135.63
N ALA H 479 1.26 -37.22 -136.38
CA ALA H 479 1.10 -36.80 -137.78
C ALA H 479 1.06 -35.28 -137.92
N THR H 480 2.20 -34.72 -138.37
CA THR H 480 2.38 -33.28 -138.56
C THR H 480 2.43 -32.96 -140.07
N GLN H 481 1.81 -31.86 -140.48
CA GLN H 481 1.80 -31.39 -141.87
C GLN H 481 2.56 -30.08 -141.96
N ILE H 482 3.42 -29.93 -142.97
CA ILE H 482 4.19 -28.71 -143.19
C ILE H 482 3.88 -28.21 -144.61
N ASP H 483 3.00 -27.20 -144.74
CA ASP H 483 2.66 -26.65 -146.06
C ASP H 483 3.67 -25.56 -146.43
N VAL H 484 4.59 -25.91 -147.33
CA VAL H 484 5.70 -25.07 -147.74
C VAL H 484 5.42 -24.40 -149.09
N ASP H 485 6.00 -23.19 -149.29
CA ASP H 485 5.92 -22.47 -150.56
C ASP H 485 7.31 -22.54 -151.22
N ASP H 486 7.45 -22.01 -152.43
CA ASP H 486 8.71 -22.06 -153.14
C ASP H 486 9.78 -21.22 -152.41
N SER H 487 9.42 -19.97 -152.05
CA SER H 487 10.33 -19.06 -151.34
C SER H 487 10.24 -19.24 -149.83
N THR H 488 11.24 -19.89 -149.20
CA THR H 488 11.24 -20.08 -147.74
C THR H 488 12.61 -20.44 -147.12
N ALA H 489 13.45 -21.25 -147.82
CA ALA H 489 14.77 -21.72 -147.39
C ALA H 489 14.65 -22.99 -146.56
N HIS H 490 15.57 -23.93 -146.79
CA HIS H 490 15.58 -25.24 -146.14
C HIS H 490 16.14 -25.14 -144.71
N GLU H 491 17.04 -24.16 -144.45
CA GLU H 491 17.66 -23.93 -143.13
C GLU H 491 16.60 -23.64 -142.05
N ALA H 492 15.52 -22.95 -142.44
CA ALA H 492 14.42 -22.62 -141.54
C ALA H 492 13.41 -23.77 -141.44
N LEU H 493 13.27 -24.59 -142.48
CA LEU H 493 12.32 -25.72 -142.46
C LEU H 493 12.80 -26.81 -141.49
N VAL H 494 14.09 -27.22 -141.58
CA VAL H 494 14.64 -28.25 -140.68
C VAL H 494 14.64 -27.76 -139.23
N ARG H 495 14.70 -26.43 -139.03
CA ARG H 495 14.61 -25.82 -137.70
C ARG H 495 13.32 -26.29 -137.01
N GLN H 496 12.21 -26.44 -137.76
CA GLN H 496 10.93 -26.95 -137.27
C GLN H 496 11.00 -28.43 -136.90
N LEU H 497 11.57 -29.23 -137.82
CA LEU H 497 11.70 -30.68 -137.63
C LEU H 497 12.47 -31.01 -136.35
N LEU H 498 13.58 -30.26 -136.10
CA LEU H 498 14.48 -30.43 -134.95
C LEU H 498 13.99 -29.73 -133.65
N SER H 499 13.14 -28.67 -133.75
CA SER H 499 12.63 -28.00 -132.54
C SER H 499 11.66 -28.88 -131.76
N GLY H 500 10.89 -29.72 -132.47
CA GLY H 500 9.93 -30.63 -131.87
C GLY H 500 8.76 -29.93 -131.21
N SER H 501 8.16 -28.96 -131.91
CA SER H 501 6.98 -28.26 -131.40
C SER H 501 5.77 -29.20 -131.55
N PRO H 502 4.80 -29.18 -130.63
CA PRO H 502 3.66 -30.11 -130.77
C PRO H 502 2.62 -29.75 -131.85
N GLU H 503 2.84 -28.68 -132.66
CA GLU H 503 1.90 -28.26 -133.72
C GLU H 503 1.77 -29.33 -134.82
N ASP H 504 0.52 -29.80 -135.09
CA ASP H 504 0.25 -30.85 -136.08
C ASP H 504 -0.21 -30.33 -137.49
N GLU H 505 -0.57 -29.03 -137.63
CA GLU H 505 -0.94 -28.42 -138.93
C GLU H 505 -0.22 -27.10 -139.01
N THR H 506 0.82 -27.04 -139.82
CA THR H 506 1.69 -25.89 -139.93
C THR H 506 1.89 -25.50 -141.38
N ALA H 507 2.48 -24.33 -141.58
CA ALA H 507 2.78 -23.83 -142.92
C ALA H 507 3.93 -22.87 -142.86
N TRP H 508 4.51 -22.57 -144.03
CA TRP H 508 5.65 -21.68 -144.18
C TRP H 508 5.44 -20.76 -145.36
N ARG H 509 5.33 -19.46 -145.10
CA ARG H 509 5.18 -18.44 -146.13
C ARG H 509 6.32 -17.42 -145.90
N ASP H 510 7.33 -17.43 -146.81
CA ASP H 510 8.56 -16.62 -146.74
C ASP H 510 9.35 -17.12 -145.51
N GLY H 511 9.96 -16.24 -144.73
CA GLY H 511 10.69 -16.65 -143.54
C GLY H 511 9.85 -16.77 -142.29
N GLN H 512 8.51 -16.59 -142.37
CA GLN H 512 7.65 -16.68 -141.20
C GLN H 512 7.00 -18.07 -141.17
N TRP H 513 6.77 -18.56 -139.94
CA TRP H 513 6.15 -19.85 -139.65
C TRP H 513 4.72 -19.60 -139.21
N TYR H 514 3.79 -20.44 -139.66
CA TYR H 514 2.38 -20.29 -139.32
C TYR H 514 1.82 -21.58 -138.77
N ALA H 515 0.91 -21.46 -137.78
CA ALA H 515 0.25 -22.58 -137.13
C ALA H 515 -1.27 -22.43 -137.23
N ALA H 516 -1.96 -23.51 -137.61
CA ALA H 516 -3.42 -23.45 -137.73
C ALA H 516 -4.05 -23.50 -136.37
N ARG H 517 -5.27 -22.98 -136.30
CA ARG H 517 -6.09 -22.89 -135.10
C ARG H 517 -7.55 -23.09 -135.50
N LEU H 518 -8.31 -23.86 -134.73
CA LEU H 518 -9.73 -24.04 -135.00
C LEU H 518 -10.52 -23.06 -134.12
N CYS H 519 -11.43 -22.26 -134.71
CA CYS H 519 -12.24 -21.33 -133.92
C CYS H 519 -13.55 -20.92 -134.60
N PRO H 520 -14.56 -20.53 -133.80
CA PRO H 520 -15.84 -20.11 -134.36
C PRO H 520 -15.86 -18.65 -134.72
N SER H 521 -16.69 -18.28 -135.68
CA SER H 521 -16.79 -16.89 -136.11
C SER H 521 -18.21 -16.55 -136.61
N PRO H 522 -18.98 -15.77 -135.81
CA PRO H 522 -20.37 -15.48 -136.19
C PRO H 522 -20.70 -14.09 -136.78
N LEU H 523 -20.73 -13.02 -135.93
CA LEU H 523 -21.16 -11.64 -136.27
C LEU H 523 -20.38 -11.09 -137.45
N ARG H 524 -19.05 -11.25 -137.41
CA ARG H 524 -18.20 -10.90 -138.54
C ARG H 524 -18.33 -12.01 -139.56
N ALA H 525 -18.18 -11.73 -140.86
CA ALA H 525 -18.30 -12.79 -141.85
C ALA H 525 -17.63 -12.42 -143.14
N ALA H 526 -16.32 -12.67 -143.21
CA ALA H 526 -15.49 -12.32 -144.36
C ALA H 526 -15.76 -10.83 -144.61
N GLU H 527 -16.38 -10.44 -145.75
CA GLU H 527 -16.80 -9.06 -145.97
C GLU H 527 -18.26 -9.04 -146.41
N ARG H 528 -19.03 -10.13 -146.12
CA ARG H 528 -20.45 -10.22 -146.47
C ARG H 528 -20.70 -9.97 -147.98
N ARG H 529 -19.69 -10.29 -148.81
CA ARG H 529 -19.60 -10.08 -150.26
C ARG H 529 -19.05 -8.72 -150.52
N THR H 530 -18.60 -8.51 -151.73
CA THR H 530 -18.02 -7.24 -152.16
C THR H 530 -18.54 -6.93 -153.55
N ALA H 531 -18.50 -5.66 -153.92
CA ALA H 531 -18.93 -5.22 -155.25
C ALA H 531 -18.34 -3.87 -155.56
N VAL H 532 -18.56 -3.39 -156.79
CA VAL H 532 -18.13 -2.08 -157.23
C VAL H 532 -19.35 -1.36 -157.72
N ALA H 533 -19.45 -0.09 -157.28
CA ALA H 533 -20.59 0.74 -157.55
C ALA H 533 -20.17 2.13 -157.98
N ASP H 534 -20.91 2.65 -158.97
CA ASP H 534 -20.72 3.98 -159.54
C ASP H 534 -21.09 4.97 -158.48
N ASN H 535 -20.46 6.12 -158.47
CA ASN H 535 -20.79 7.13 -157.48
C ASN H 535 -21.96 8.02 -157.98
N ALA H 536 -22.14 8.17 -159.31
CA ALA H 536 -23.20 9.01 -159.87
C ALA H 536 -24.56 8.30 -159.86
N SER H 537 -24.55 6.99 -160.17
CA SER H 537 -25.71 6.12 -160.19
C SER H 537 -25.54 5.09 -159.09
N GLU H 538 -26.58 4.26 -158.84
CA GLU H 538 -26.59 3.22 -157.80
C GLU H 538 -26.49 3.83 -156.37
N GLY H 539 -26.92 3.09 -155.36
CA GLY H 539 -26.91 3.56 -153.97
C GLY H 539 -25.72 3.06 -153.17
N MET H 540 -24.96 4.00 -152.57
CA MET H 540 -23.82 3.67 -151.69
C MET H 540 -23.85 4.60 -150.48
N ARG H 541 -23.78 4.03 -149.28
CA ARG H 541 -23.86 4.73 -148.00
C ARG H 541 -22.77 4.16 -147.04
N LEU H 542 -22.44 4.88 -145.96
CA LEU H 542 -21.40 4.45 -144.99
C LEU H 542 -22.03 4.13 -143.60
N VAL H 543 -21.58 3.01 -142.98
CA VAL H 543 -22.12 2.57 -141.69
C VAL H 543 -21.13 1.61 -140.99
N VAL H 544 -21.24 1.49 -139.65
CA VAL H 544 -20.39 0.59 -138.84
C VAL H 544 -21.12 -0.74 -138.63
N ARG H 545 -20.46 -1.86 -138.99
CA ARG H 545 -21.03 -3.19 -138.82
C ARG H 545 -21.35 -3.38 -137.34
N ASN H 546 -20.36 -3.10 -136.47
CA ASN H 546 -20.49 -3.23 -135.01
C ASN H 546 -19.86 -2.00 -134.33
N PRO H 547 -20.68 -1.12 -133.70
CA PRO H 547 -20.13 0.08 -133.07
C PRO H 547 -19.09 -0.23 -131.98
N GLY H 548 -18.22 0.74 -131.74
CA GLY H 548 -17.11 0.64 -130.80
C GLY H 548 -15.79 0.63 -131.56
N ASP H 549 -15.74 -0.15 -132.65
CA ASP H 549 -14.58 -0.29 -133.51
C ASP H 549 -14.72 0.61 -134.73
N LEU H 550 -13.80 1.58 -134.93
CA LEU H 550 -13.84 2.44 -136.12
C LEU H 550 -13.27 1.71 -137.37
N GLU H 551 -12.53 0.59 -137.18
CA GLU H 551 -12.04 -0.22 -138.30
C GLU H 551 -13.24 -0.96 -138.97
N SER H 552 -14.34 -1.15 -138.21
CA SER H 552 -15.58 -1.78 -138.70
C SER H 552 -16.41 -0.86 -139.59
N MET H 553 -15.94 0.38 -139.83
CA MET H 553 -16.63 1.30 -140.71
C MET H 553 -16.53 0.76 -142.10
N GLU H 554 -17.67 0.50 -142.75
CA GLU H 554 -17.70 -0.09 -144.10
C GLU H 554 -18.71 0.64 -145.00
N LEU H 555 -18.48 0.60 -146.33
CA LEU H 555 -19.32 1.28 -147.31
C LEU H 555 -20.39 0.32 -147.85
N VAL H 556 -21.61 0.40 -147.31
CA VAL H 556 -22.72 -0.50 -147.65
C VAL H 556 -23.46 -0.05 -148.93
N THR H 557 -24.15 -1.01 -149.57
CA THR H 557 -24.94 -0.77 -150.78
C THR H 557 -26.43 -1.01 -150.45
N PHE H 558 -27.28 -0.14 -151.01
CA PHE H 558 -28.74 -0.20 -150.83
C PHE H 558 -29.43 0.07 -152.17
N GLU H 559 -30.66 -0.42 -152.29
CA GLU H 559 -31.45 -0.28 -153.52
C GLU H 559 -32.19 1.05 -153.46
N ARG H 560 -31.74 2.07 -154.26
CA ARG H 560 -32.38 3.39 -154.25
C ARG H 560 -33.69 3.32 -155.04
N GLY H 561 -34.78 3.25 -154.29
CA GLY H 561 -36.12 3.13 -154.85
C GLY H 561 -36.80 4.45 -155.07
N THR H 562 -37.97 4.40 -155.75
CA THR H 562 -38.78 5.60 -156.00
C THR H 562 -39.30 6.15 -154.66
N PRO H 563 -39.18 7.47 -154.44
CA PRO H 563 -39.70 8.02 -153.19
C PRO H 563 -41.21 8.18 -153.25
N GLY H 564 -41.80 8.45 -152.10
CA GLY H 564 -43.22 8.69 -151.96
C GLY H 564 -43.89 7.73 -151.01
N PRO H 565 -45.06 8.10 -150.45
CA PRO H 565 -45.79 9.36 -150.66
C PRO H 565 -45.32 10.44 -149.70
N GLY H 566 -45.16 11.65 -150.21
CA GLY H 566 -44.71 12.79 -149.42
C GLY H 566 -43.24 12.72 -149.02
N GLN H 567 -42.40 12.17 -149.91
CA GLN H 567 -40.95 12.03 -149.69
C GLN H 567 -40.21 12.46 -150.95
N ILE H 568 -38.91 12.73 -150.79
CA ILE H 568 -38.04 13.20 -151.88
C ILE H 568 -36.72 12.50 -151.83
N GLU H 569 -36.20 12.10 -153.00
CA GLU H 569 -34.85 11.54 -153.12
C GLU H 569 -33.91 12.69 -153.45
N VAL H 570 -32.81 12.82 -152.73
CA VAL H 570 -31.85 13.91 -152.93
C VAL H 570 -30.49 13.35 -153.28
N ALA H 571 -29.81 13.97 -154.24
CA ALA H 571 -28.44 13.61 -154.63
C ALA H 571 -27.51 14.43 -153.77
N VAL H 572 -26.98 13.82 -152.71
CA VAL H 572 -26.16 14.51 -151.72
C VAL H 572 -24.79 14.86 -152.31
N LYS H 573 -24.41 16.14 -152.19
CA LYS H 573 -23.11 16.67 -152.63
C LYS H 573 -22.16 16.71 -151.42
N ALA H 574 -22.71 16.96 -150.22
CA ALA H 574 -21.94 17.00 -148.97
C ALA H 574 -22.84 16.88 -147.74
N SER H 575 -22.26 16.38 -146.65
CA SER H 575 -22.93 16.21 -145.37
C SER H 575 -21.95 16.57 -144.24
N SER H 576 -22.45 16.69 -143.00
CA SER H 576 -21.62 17.04 -141.85
C SER H 576 -21.30 15.86 -140.98
N ILE H 577 -20.35 16.07 -140.03
CA ILE H 577 -19.96 15.11 -138.98
C ILE H 577 -20.24 15.78 -137.65
N ASN H 578 -21.42 15.51 -137.05
CA ASN H 578 -21.82 16.09 -135.77
C ASN H 578 -21.22 15.22 -134.69
N PHE H 579 -21.18 15.69 -133.45
CA PHE H 579 -20.64 14.84 -132.40
C PHE H 579 -21.51 13.62 -132.19
N ALA H 580 -22.81 13.81 -132.39
CA ALA H 580 -23.75 12.72 -132.28
C ALA H 580 -23.34 11.51 -133.13
N ASP H 581 -22.83 11.77 -134.36
CA ASP H 581 -22.37 10.75 -135.32
C ASP H 581 -21.14 10.02 -134.81
N VAL H 582 -20.35 10.66 -133.94
CA VAL H 582 -19.18 10.02 -133.36
C VAL H 582 -19.63 9.03 -132.27
N LEU H 583 -20.63 9.43 -131.46
CA LEU H 583 -21.18 8.55 -130.42
C LEU H 583 -21.83 7.33 -131.03
N VAL H 584 -22.47 7.50 -132.20
CA VAL H 584 -23.07 6.38 -132.92
C VAL H 584 -21.95 5.40 -133.29
N ALA H 585 -20.81 5.93 -133.80
CA ALA H 585 -19.65 5.12 -134.19
C ALA H 585 -19.12 4.30 -133.04
N PHE H 586 -19.07 4.89 -131.84
CA PHE H 586 -18.58 4.19 -130.64
C PHE H 586 -19.69 3.43 -129.87
N GLY H 587 -20.96 3.57 -130.28
CA GLY H 587 -22.09 2.91 -129.64
C GLY H 587 -22.53 3.56 -128.34
N ARG H 588 -22.01 4.78 -128.06
CA ARG H 588 -22.34 5.53 -126.85
C ARG H 588 -23.51 6.51 -127.09
N CYS H 589 -24.24 6.43 -128.23
CA CYS H 589 -25.30 7.39 -128.51
C CYS H 589 -26.63 7.00 -127.83
N PRO H 590 -27.22 7.93 -127.02
CA PRO H 590 -28.54 7.65 -126.42
C PRO H 590 -29.67 8.10 -127.33
N SER H 591 -30.75 7.30 -127.40
CA SER H 591 -31.91 7.62 -128.23
C SER H 591 -33.21 7.25 -127.51
N PHE H 592 -34.24 8.10 -127.69
CA PHE H 592 -35.58 7.91 -127.11
C PHE H 592 -36.25 6.71 -127.75
N ASP H 593 -36.02 6.54 -129.04
CA ASP H 593 -36.52 5.43 -129.83
C ASP H 593 -35.99 4.10 -129.28
N GLY H 594 -34.70 4.11 -128.90
CA GLY H 594 -34.00 2.95 -128.40
C GLY H 594 -33.05 2.43 -129.46
N ARG H 595 -33.46 2.55 -130.75
CA ARG H 595 -32.68 2.12 -131.90
C ARG H 595 -31.52 3.08 -132.10
N LEU H 596 -30.30 2.54 -132.38
CA LEU H 596 -29.13 3.38 -132.59
C LEU H 596 -29.25 4.03 -133.96
N PRO H 597 -29.18 5.37 -134.02
CA PRO H 597 -29.38 6.04 -135.32
C PRO H 597 -28.31 5.72 -136.34
N GLU H 598 -28.57 6.12 -137.56
CA GLU H 598 -27.69 5.89 -138.69
C GLU H 598 -26.78 7.11 -138.86
N LEU H 599 -25.55 6.87 -139.36
CA LEU H 599 -24.51 7.88 -139.55
C LEU H 599 -24.89 8.97 -140.56
N GLY H 600 -24.91 10.21 -140.09
CA GLY H 600 -25.23 11.38 -140.90
C GLY H 600 -26.65 11.82 -140.62
N SER H 601 -26.79 13.01 -140.01
CA SER H 601 -28.10 13.54 -139.68
C SER H 601 -28.55 14.54 -140.72
N GLU H 602 -27.69 15.53 -141.03
CA GLU H 602 -27.99 16.59 -142.00
C GLU H 602 -27.29 16.36 -143.32
N PHE H 603 -27.75 17.06 -144.36
CA PHE H 603 -27.20 16.94 -145.72
C PHE H 603 -27.34 18.24 -146.51
N GLY H 604 -26.73 18.24 -147.69
CA GLY H 604 -26.81 19.33 -148.66
C GLY H 604 -26.69 18.73 -150.03
N GLY H 605 -27.75 18.85 -150.84
CA GLY H 605 -27.75 18.26 -152.17
C GLY H 605 -28.70 18.89 -153.15
N VAL H 606 -29.12 18.09 -154.15
CA VAL H 606 -30.05 18.51 -155.20
C VAL H 606 -31.13 17.46 -155.35
N VAL H 607 -32.39 17.88 -155.56
CA VAL H 607 -33.49 16.92 -155.66
C VAL H 607 -33.36 16.06 -156.92
N THR H 608 -33.45 14.74 -156.75
CA THR H 608 -33.39 13.75 -157.83
C THR H 608 -34.78 13.44 -158.30
N ALA H 609 -35.65 13.03 -157.36
CA ALA H 609 -37.03 12.68 -157.65
C ALA H 609 -37.93 13.09 -156.51
N VAL H 610 -39.16 13.47 -156.84
CA VAL H 610 -40.15 13.89 -155.87
C VAL H 610 -41.24 12.82 -155.85
N GLY H 611 -41.56 12.32 -154.65
CA GLY H 611 -42.55 11.28 -154.46
C GLY H 611 -43.97 11.80 -154.56
N PRO H 612 -44.92 10.98 -155.08
CA PRO H 612 -46.30 11.44 -155.21
C PRO H 612 -46.98 11.66 -153.86
N GLY H 613 -47.42 12.87 -153.53
CA GLY H 613 -47.33 14.08 -154.33
C GLY H 613 -47.12 15.28 -153.45
N VAL H 614 -46.11 16.12 -153.77
CA VAL H 614 -45.80 17.32 -153.00
C VAL H 614 -45.56 18.50 -153.93
N THR H 615 -46.30 19.58 -153.66
CA THR H 615 -46.26 20.83 -154.41
C THR H 615 -45.05 21.67 -154.01
N THR H 616 -44.58 21.50 -152.77
CA THR H 616 -43.50 22.26 -152.17
C THR H 616 -42.17 22.14 -152.92
N HIS H 617 -41.65 20.91 -153.07
CA HIS H 617 -40.38 20.69 -153.74
C HIS H 617 -40.55 20.37 -155.21
N ARG H 618 -39.48 20.66 -155.96
CA ARG H 618 -39.38 20.43 -157.40
C ARG H 618 -38.05 19.73 -157.67
N VAL H 619 -37.98 18.93 -158.76
CA VAL H 619 -36.75 18.21 -159.11
C VAL H 619 -35.73 19.22 -159.63
N GLY H 620 -34.48 19.03 -159.23
CA GLY H 620 -33.38 19.93 -159.58
C GLY H 620 -33.20 21.07 -158.60
N ASP H 621 -34.06 21.17 -157.56
CA ASP H 621 -33.92 22.21 -156.53
C ASP H 621 -32.72 21.93 -155.67
N ARG H 622 -31.87 22.94 -155.45
CA ARG H 622 -30.73 22.81 -154.52
C ARG H 622 -31.30 22.89 -153.10
N VAL H 623 -31.25 21.78 -152.35
CA VAL H 623 -31.86 21.71 -151.01
C VAL H 623 -30.87 21.30 -149.94
N GLY H 624 -31.25 21.62 -148.71
CA GLY H 624 -30.57 21.28 -147.47
C GLY H 624 -31.60 20.75 -146.49
N GLY H 625 -31.27 19.69 -145.75
CA GLY H 625 -32.23 19.09 -144.83
C GLY H 625 -31.67 18.09 -143.84
N VAL H 626 -32.57 17.38 -143.19
CA VAL H 626 -32.29 16.35 -142.19
C VAL H 626 -33.05 15.09 -142.61
N SER H 627 -32.59 13.90 -142.18
CA SER H 627 -33.30 12.68 -142.58
C SER H 627 -33.13 11.47 -141.71
N ALA H 628 -31.93 11.20 -141.16
CA ALA H 628 -31.56 9.94 -140.53
C ALA H 628 -31.37 9.00 -141.71
N ASN H 629 -31.67 7.70 -141.62
CA ASN H 629 -31.55 6.79 -142.78
C ASN H 629 -30.16 6.87 -143.51
N GLY H 630 -29.16 7.42 -142.84
CA GLY H 630 -27.81 7.56 -143.38
C GLY H 630 -27.67 8.65 -144.40
N CYS H 631 -27.17 9.83 -143.97
CA CYS H 631 -26.96 10.96 -144.86
C CYS H 631 -25.54 11.01 -145.40
N TRP H 632 -24.66 10.05 -145.03
CA TRP H 632 -23.32 9.94 -145.59
C TRP H 632 -23.43 9.01 -146.79
N SER H 633 -24.10 9.48 -147.87
CA SER H 633 -24.37 8.67 -149.06
C SER H 633 -24.61 9.55 -150.29
N ASN H 634 -24.56 8.94 -151.47
CA ASN H 634 -24.77 9.64 -152.74
C ASN H 634 -26.26 9.94 -152.97
N PHE H 635 -27.18 9.13 -152.40
CA PHE H 635 -28.63 9.38 -152.48
C PHE H 635 -29.30 9.19 -151.14
N VAL H 636 -30.21 10.11 -150.78
CA VAL H 636 -30.95 10.05 -149.51
C VAL H 636 -32.40 10.32 -149.75
N THR H 637 -33.29 9.47 -149.22
CA THR H 637 -34.71 9.69 -149.32
C THR H 637 -35.15 10.28 -147.98
N CYS H 638 -35.74 11.49 -148.00
CA CYS H 638 -36.22 12.16 -146.79
C CYS H 638 -37.60 12.76 -147.04
N GLU H 639 -38.32 13.07 -145.95
CA GLU H 639 -39.65 13.65 -146.08
C GLU H 639 -39.60 15.08 -146.61
N ALA H 640 -40.71 15.54 -147.19
CA ALA H 640 -40.82 16.91 -147.70
C ALA H 640 -40.77 17.95 -146.58
N ASP H 641 -41.23 17.56 -145.37
CA ASP H 641 -41.20 18.45 -144.21
C ASP H 641 -39.79 18.70 -143.69
N LEU H 642 -38.76 17.93 -144.09
CA LEU H 642 -37.39 18.08 -143.59
C LEU H 642 -36.41 18.65 -144.58
N ALA H 643 -36.86 19.06 -145.75
CA ALA H 643 -35.95 19.68 -146.70
C ALA H 643 -36.48 21.05 -147.07
N THR H 644 -35.56 21.98 -147.27
CA THR H 644 -35.86 23.36 -147.60
C THR H 644 -34.89 23.79 -148.72
N LYS H 645 -35.38 24.58 -149.72
CA LYS H 645 -34.52 25.06 -150.82
C LYS H 645 -33.52 26.05 -150.27
N LEU H 646 -32.25 25.99 -150.74
CA LEU H 646 -31.19 26.87 -150.23
C LEU H 646 -31.19 28.24 -150.94
N PRO H 647 -30.82 29.35 -150.26
CA PRO H 647 -30.74 30.65 -150.97
C PRO H 647 -29.53 30.72 -151.87
N GLU H 648 -29.43 31.78 -152.67
CA GLU H 648 -28.30 31.94 -153.58
C GLU H 648 -26.94 32.08 -152.86
N GLY H 649 -26.94 32.69 -151.67
CA GLY H 649 -25.73 32.97 -150.90
C GLY H 649 -24.92 31.79 -150.38
N ILE H 650 -25.52 30.57 -150.25
CA ILE H 650 -24.78 29.38 -149.74
C ILE H 650 -24.88 28.13 -150.64
N SER H 651 -23.77 27.40 -150.66
CA SER H 651 -23.59 26.16 -151.40
C SER H 651 -24.16 25.00 -150.62
N GLU H 652 -24.14 23.83 -151.26
CA GLU H 652 -24.61 22.59 -150.64
C GLU H 652 -23.65 22.23 -149.49
N HIS H 653 -22.35 22.48 -149.71
CA HIS H 653 -21.30 22.23 -148.71
C HIS H 653 -21.44 23.18 -147.51
N GLU H 654 -21.75 24.47 -147.75
CA GLU H 654 -21.91 25.46 -146.67
C GLU H 654 -23.12 25.09 -145.82
N ALA H 655 -24.26 24.83 -146.46
CA ALA H 655 -25.52 24.44 -145.80
C ALA H 655 -25.39 23.17 -144.98
N ALA H 656 -24.56 22.24 -145.45
CA ALA H 656 -24.35 20.99 -144.75
C ALA H 656 -23.72 21.22 -143.39
N ALA H 657 -22.67 22.05 -143.32
CA ALA H 657 -21.97 22.34 -142.06
C ALA H 657 -22.85 23.10 -141.06
N VAL H 658 -23.51 24.14 -141.54
CA VAL H 658 -24.34 25.06 -140.75
C VAL H 658 -25.53 24.37 -140.05
N GLY H 659 -26.45 23.86 -140.86
CA GLY H 659 -27.72 23.26 -140.46
C GLY H 659 -28.03 23.05 -138.98
N LEU H 660 -27.49 21.97 -138.40
CA LEU H 660 -27.79 21.55 -137.02
C LEU H 660 -27.07 22.40 -136.00
N ALA H 661 -25.76 22.67 -136.19
CA ALA H 661 -25.01 23.48 -135.25
C ALA H 661 -25.72 24.81 -135.01
N TYR H 662 -25.99 25.55 -136.09
CA TYR H 662 -26.65 26.84 -136.01
C TYR H 662 -28.12 26.67 -135.65
N GLY H 663 -28.77 25.62 -136.12
CA GLY H 663 -30.17 25.36 -135.80
C GLY H 663 -30.37 25.20 -134.32
N THR H 664 -29.60 24.29 -133.71
CA THR H 664 -29.66 24.01 -132.27
C THR H 664 -29.45 25.29 -131.48
N VAL H 665 -28.43 26.07 -131.87
CA VAL H 665 -28.09 27.35 -131.23
C VAL H 665 -29.23 28.36 -131.40
N TRP H 666 -29.76 28.47 -132.62
CA TRP H 666 -30.84 29.40 -132.92
C TRP H 666 -32.03 29.11 -132.05
N LEU H 667 -32.47 27.85 -132.06
CA LEU H 667 -33.56 27.39 -131.24
C LEU H 667 -33.27 27.73 -129.78
N GLY H 668 -32.14 27.23 -129.27
CA GLY H 668 -31.75 27.40 -127.89
C GLY H 668 -31.58 28.80 -127.36
N LEU H 669 -30.83 29.65 -128.09
CA LEU H 669 -30.54 30.99 -127.61
C LEU H 669 -31.58 32.02 -128.03
N THR H 670 -31.75 32.27 -129.32
CA THR H 670 -32.67 33.31 -129.77
C THR H 670 -34.16 32.95 -129.64
N GLU H 671 -34.50 31.67 -129.63
CA GLU H 671 -35.91 31.25 -129.61
C GLU H 671 -36.40 30.86 -128.21
N LEU H 672 -35.69 29.96 -127.51
CA LEU H 672 -36.11 29.48 -126.19
C LEU H 672 -35.66 30.41 -125.08
N ALA H 673 -34.34 30.68 -125.03
CA ALA H 673 -33.77 31.53 -124.00
C ALA H 673 -33.96 33.01 -124.32
N ARG H 674 -34.43 33.36 -125.55
CA ARG H 674 -34.64 34.75 -125.97
C ARG H 674 -33.43 35.58 -125.53
N MET H 675 -32.29 35.30 -126.16
CA MET H 675 -31.05 35.96 -125.83
C MET H 675 -31.14 37.41 -126.19
N SER H 676 -31.19 38.25 -125.16
CA SER H 676 -31.25 39.68 -125.30
C SER H 676 -29.83 40.22 -125.45
N ALA H 677 -29.70 41.51 -125.70
CA ALA H 677 -28.40 42.13 -125.78
C ALA H 677 -27.91 42.46 -124.39
N GLY H 678 -26.60 42.38 -124.22
CA GLY H 678 -25.95 42.68 -122.95
C GLY H 678 -25.87 41.55 -121.95
N ASP H 679 -26.89 40.65 -121.90
CA ASP H 679 -26.88 39.56 -120.94
C ASP H 679 -25.69 38.60 -121.19
N LYS H 680 -25.18 38.02 -120.10
CA LYS H 680 -23.99 37.18 -120.10
C LYS H 680 -24.34 35.74 -120.45
N ILE H 681 -23.55 35.12 -121.33
CA ILE H 681 -23.79 33.75 -121.78
C ILE H 681 -22.55 32.88 -121.57
N LEU H 682 -22.77 31.64 -121.08
CA LEU H 682 -21.70 30.67 -120.88
C LEU H 682 -21.77 29.62 -121.98
N ILE H 683 -20.77 29.57 -122.87
CA ILE H 683 -20.73 28.64 -123.99
C ILE H 683 -19.71 27.53 -123.70
N HIS H 684 -20.17 26.34 -123.34
CA HIS H 684 -19.25 25.25 -123.07
C HIS H 684 -18.69 24.65 -124.37
N SER H 685 -17.36 24.32 -124.38
CA SER H 685 -16.64 23.70 -125.53
C SER H 685 -16.89 24.53 -126.80
N ALA H 686 -16.54 25.82 -126.69
CA ALA H 686 -16.80 26.85 -127.70
C ALA H 686 -15.97 26.71 -129.00
N THR H 687 -14.96 25.83 -129.05
CA THR H 687 -14.15 25.61 -130.26
C THR H 687 -14.82 24.68 -131.27
N GLY H 688 -15.83 23.92 -130.84
CA GLY H 688 -16.59 23.03 -131.68
C GLY H 688 -17.59 23.69 -132.62
N GLY H 689 -18.36 22.88 -133.33
CA GLY H 689 -19.36 23.34 -134.29
C GLY H 689 -20.47 24.19 -133.69
N VAL H 690 -21.13 23.66 -132.66
CA VAL H 690 -22.22 24.33 -131.96
C VAL H 690 -21.65 25.52 -131.15
N GLY H 691 -20.42 25.36 -130.65
CA GLY H 691 -19.72 26.40 -129.92
C GLY H 691 -19.42 27.62 -130.76
N GLN H 692 -18.87 27.40 -131.97
CA GLN H 692 -18.59 28.48 -132.90
C GLN H 692 -19.89 29.15 -133.36
N ALA H 693 -20.95 28.35 -133.56
CA ALA H 693 -22.26 28.88 -133.92
C ALA H 693 -22.84 29.74 -132.79
N ALA H 694 -22.65 29.30 -131.54
CA ALA H 694 -23.14 30.01 -130.35
C ALA H 694 -22.47 31.36 -130.23
N ILE H 695 -21.14 31.39 -130.44
CA ILE H 695 -20.36 32.64 -130.41
C ILE H 695 -20.94 33.61 -131.44
N ALA H 696 -21.13 33.12 -132.68
CA ALA H 696 -21.66 33.92 -133.78
C ALA H 696 -22.95 34.67 -133.43
N VAL H 697 -23.96 33.94 -132.90
CA VAL H 697 -25.25 34.57 -132.58
C VAL H 697 -25.14 35.36 -131.27
N ALA H 698 -24.25 34.97 -130.35
CA ALA H 698 -24.04 35.72 -129.09
C ALA H 698 -23.38 37.06 -129.41
N ARG H 699 -22.43 37.05 -130.35
CA ARG H 699 -21.76 38.27 -130.83
C ARG H 699 -22.78 39.14 -131.56
N ALA H 700 -23.63 38.49 -132.39
CA ALA H 700 -24.68 39.18 -133.14
C ALA H 700 -25.70 39.83 -132.20
N ALA H 701 -26.13 39.07 -131.18
CA ALA H 701 -27.09 39.56 -130.18
C ALA H 701 -26.50 40.63 -129.27
N GLY H 702 -25.18 40.67 -129.15
CA GLY H 702 -24.47 41.63 -128.31
C GLY H 702 -24.35 41.15 -126.88
N ALA H 703 -24.22 39.82 -126.71
CA ALA H 703 -24.11 39.18 -125.40
C ALA H 703 -22.66 39.07 -124.98
N GLU H 704 -22.39 39.14 -123.67
CA GLU H 704 -21.04 39.03 -123.11
C GLU H 704 -20.69 37.55 -123.02
N ILE H 705 -19.70 37.07 -123.80
CA ILE H 705 -19.37 35.63 -123.85
C ILE H 705 -18.35 35.25 -122.76
N TYR H 706 -18.63 34.09 -122.15
CA TYR H 706 -17.83 33.38 -121.17
C TYR H 706 -17.72 31.98 -121.75
N ALA H 707 -16.53 31.53 -122.17
CA ALA H 707 -16.42 30.22 -122.83
C ALA H 707 -15.53 29.25 -122.09
N THR H 708 -15.64 27.96 -122.44
CA THR H 708 -14.81 26.91 -121.86
C THR H 708 -14.30 25.98 -122.95
N ALA H 709 -13.20 25.30 -122.67
CA ALA H 709 -12.58 24.34 -123.58
C ALA H 709 -11.64 23.41 -122.83
N GLY H 710 -11.43 22.22 -123.37
CA GLY H 710 -10.64 21.18 -122.72
C GLY H 710 -9.15 21.41 -122.72
N SER H 711 -8.58 21.48 -123.93
CA SER H 711 -7.14 21.68 -124.11
C SER H 711 -6.72 23.10 -123.85
N GLU H 712 -5.42 23.30 -123.55
CA GLU H 712 -4.88 24.64 -123.34
C GLU H 712 -4.78 25.32 -124.70
N LYS H 713 -4.34 24.59 -125.73
CA LYS H 713 -4.29 25.08 -127.11
C LYS H 713 -5.67 25.56 -127.56
N ARG H 714 -6.71 24.80 -127.20
CA ARG H 714 -8.08 25.12 -127.56
C ARG H 714 -8.56 26.34 -126.77
N ARG H 715 -8.18 26.46 -125.49
CA ARG H 715 -8.53 27.63 -124.69
C ARG H 715 -7.85 28.86 -125.24
N GLN H 716 -6.54 28.74 -125.57
CA GLN H 716 -5.76 29.86 -126.13
C GLN H 716 -6.35 30.33 -127.45
N LEU H 717 -6.95 29.44 -128.24
CA LEU H 717 -7.61 29.87 -129.49
C LEU H 717 -8.74 30.83 -129.19
N LEU H 718 -9.57 30.52 -128.17
CA LEU H 718 -10.69 31.39 -127.79
C LEU H 718 -10.16 32.76 -127.33
N ARG H 719 -9.09 32.76 -126.55
CA ARG H 719 -8.47 34.00 -126.08
C ARG H 719 -7.99 34.82 -127.29
N ASP H 720 -7.47 34.15 -128.33
CA ASP H 720 -6.99 34.79 -129.56
C ASP H 720 -8.15 35.24 -130.45
N TRP H 721 -9.28 34.50 -130.46
CA TRP H 721 -10.50 34.90 -131.19
C TRP H 721 -11.10 36.21 -130.65
N GLY H 722 -10.59 36.68 -129.52
CA GLY H 722 -11.02 37.93 -128.91
C GLY H 722 -12.05 37.75 -127.83
N ILE H 723 -12.05 36.59 -127.16
CA ILE H 723 -13.01 36.32 -126.11
C ILE H 723 -12.20 36.28 -124.80
N GLU H 724 -12.40 37.31 -123.97
CA GLU H 724 -11.84 37.39 -122.62
C GLU H 724 -12.81 36.56 -121.79
N HIS H 725 -12.32 35.87 -120.74
CA HIS H 725 -13.12 35.01 -119.86
C HIS H 725 -13.24 33.58 -120.45
N VAL H 726 -12.09 32.88 -120.51
CA VAL H 726 -11.98 31.50 -120.99
C VAL H 726 -11.60 30.61 -119.81
N TYR H 727 -12.26 29.45 -119.64
CA TYR H 727 -12.01 28.53 -118.51
C TYR H 727 -11.92 27.07 -118.98
N ASP H 728 -11.68 26.12 -118.05
CA ASP H 728 -11.57 24.70 -118.41
C ASP H 728 -12.96 24.07 -118.33
N SER H 729 -13.35 23.35 -119.39
CA SER H 729 -14.63 22.65 -119.52
C SER H 729 -14.64 21.32 -118.75
N ARG H 730 -13.45 20.73 -118.50
CA ARG H 730 -13.32 19.43 -117.83
C ARG H 730 -13.42 19.51 -116.28
N THR H 731 -13.49 20.73 -115.69
CA THR H 731 -13.58 20.91 -114.24
C THR H 731 -14.78 21.76 -113.88
N THR H 732 -15.04 21.91 -112.57
CA THR H 732 -16.10 22.77 -112.03
C THR H 732 -15.49 24.10 -111.55
N ALA H 733 -14.33 24.48 -112.13
CA ALA H 733 -13.64 25.69 -111.77
C ALA H 733 -14.39 26.88 -112.29
N PHE H 734 -14.68 26.85 -113.60
CA PHE H 734 -15.39 27.90 -114.32
C PHE H 734 -16.48 28.58 -113.45
N ALA H 735 -17.26 27.78 -112.66
CA ALA H 735 -18.34 28.32 -111.83
C ALA H 735 -17.83 29.40 -110.89
N ASP H 736 -16.95 29.06 -109.96
CA ASP H 736 -16.45 30.04 -108.99
C ASP H 736 -15.59 31.11 -109.68
N GLN H 737 -14.87 30.74 -110.76
CA GLN H 737 -14.05 31.69 -111.52
C GLN H 737 -14.92 32.75 -112.21
N ILE H 738 -16.06 32.34 -112.78
CA ILE H 738 -16.99 33.26 -113.44
C ILE H 738 -17.68 34.09 -112.37
N ARG H 739 -18.03 33.48 -111.23
CA ARG H 739 -18.64 34.23 -110.13
C ARG H 739 -17.69 35.36 -109.71
N THR H 740 -16.38 35.09 -109.66
CA THR H 740 -15.38 36.10 -109.33
C THR H 740 -15.22 37.14 -110.45
N ASP H 741 -15.18 36.68 -111.72
CA ASP H 741 -15.02 37.54 -112.89
C ASP H 741 -16.31 38.35 -113.23
N THR H 742 -17.45 38.13 -112.52
CA THR H 742 -18.69 38.88 -112.70
C THR H 742 -19.12 39.58 -111.39
N ASP H 743 -18.23 39.63 -110.38
CA ASP H 743 -18.50 40.22 -109.07
C ASP H 743 -19.75 39.61 -108.42
N GLY H 744 -19.77 38.28 -108.41
CA GLY H 744 -20.84 37.48 -107.82
C GLY H 744 -22.13 37.36 -108.59
N TYR H 745 -22.25 38.00 -109.77
CA TYR H 745 -23.49 37.95 -110.53
C TYR H 745 -23.74 36.58 -111.18
N GLY H 746 -22.70 36.04 -111.80
CA GLY H 746 -22.84 34.79 -112.55
C GLY H 746 -23.22 35.13 -113.97
N VAL H 747 -23.89 34.21 -114.66
CA VAL H 747 -24.34 34.46 -116.03
C VAL H 747 -25.89 34.51 -116.08
N ASP H 748 -26.44 34.60 -117.30
CA ASP H 748 -27.87 34.61 -117.57
C ASP H 748 -28.28 33.39 -118.33
N ILE H 749 -27.56 33.10 -119.41
CA ILE H 749 -27.82 31.95 -120.27
C ILE H 749 -26.66 30.98 -120.13
N VAL H 750 -26.93 29.67 -120.26
CA VAL H 750 -25.91 28.63 -120.17
C VAL H 750 -26.20 27.59 -121.22
N LEU H 751 -25.37 27.50 -122.26
CA LEU H 751 -25.56 26.49 -123.30
C LEU H 751 -24.80 25.23 -122.89
N ASN H 752 -25.44 24.43 -122.04
CA ASN H 752 -24.83 23.26 -121.43
C ASN H 752 -24.73 22.01 -122.32
N SER H 753 -23.51 21.75 -122.78
CA SER H 753 -23.13 20.53 -123.48
C SER H 753 -22.41 19.57 -122.50
N VAL H 754 -21.93 20.10 -121.35
CA VAL H 754 -21.16 19.36 -120.33
C VAL H 754 -22.11 18.53 -119.40
N THR H 755 -21.54 17.68 -118.53
CA THR H 755 -22.29 16.75 -117.72
C THR H 755 -21.80 16.55 -116.28
N GLY H 756 -22.70 15.97 -115.48
CA GLY H 756 -22.45 15.58 -114.10
C GLY H 756 -22.44 16.74 -113.13
N PRO H 757 -21.37 16.93 -112.34
CA PRO H 757 -21.33 18.05 -111.42
C PRO H 757 -21.13 19.37 -112.15
N ALA H 758 -20.64 19.33 -113.40
CA ALA H 758 -20.47 20.51 -114.23
C ALA H 758 -21.82 21.05 -114.72
N GLN H 759 -22.83 20.18 -114.80
CA GLN H 759 -24.19 20.58 -115.17
C GLN H 759 -24.78 21.32 -113.96
N ARG H 760 -24.74 20.66 -112.80
CA ARG H 760 -25.19 21.21 -111.53
C ARG H 760 -24.50 22.54 -111.22
N ALA H 761 -23.17 22.62 -111.43
CA ALA H 761 -22.36 23.83 -111.19
C ALA H 761 -22.77 24.98 -112.11
N GLY H 762 -23.14 24.63 -113.34
CA GLY H 762 -23.60 25.60 -114.34
C GLY H 762 -24.95 26.18 -113.99
N LEU H 763 -25.85 25.36 -113.44
CA LEU H 763 -27.16 25.82 -113.02
C LEU H 763 -27.01 26.75 -111.82
N GLU H 764 -26.17 26.36 -110.87
CA GLU H 764 -25.91 27.16 -109.68
C GLU H 764 -25.34 28.55 -110.07
N LEU H 765 -24.59 28.60 -111.19
CA LEU H 765 -23.97 29.82 -111.69
C LEU H 765 -24.97 30.90 -112.15
N LEU H 766 -25.89 30.58 -113.11
CA LEU H 766 -26.80 31.58 -113.68
C LEU H 766 -27.73 32.17 -112.62
N ALA H 767 -28.02 33.49 -112.76
CA ALA H 767 -28.75 34.26 -111.76
C ALA H 767 -29.93 35.07 -112.29
N PHE H 768 -31.11 34.84 -111.67
CA PHE H 768 -32.39 35.54 -111.85
C PHE H 768 -32.92 35.36 -113.26
N GLY H 769 -32.28 35.98 -114.25
CA GLY H 769 -32.63 35.75 -115.65
C GLY H 769 -32.77 34.26 -115.89
N GLY H 770 -31.76 33.52 -115.40
CA GLY H 770 -31.68 32.07 -115.38
C GLY H 770 -32.32 31.34 -116.51
N ARG H 771 -31.55 31.04 -117.56
CA ARG H 771 -32.04 30.30 -118.72
C ARG H 771 -31.06 29.17 -119.07
N PHE H 772 -31.22 28.02 -118.41
CA PHE H 772 -30.35 26.87 -118.63
C PHE H 772 -30.80 26.08 -119.84
N VAL H 773 -30.00 26.07 -120.92
CA VAL H 773 -30.35 25.35 -122.15
C VAL H 773 -29.56 24.04 -122.24
N GLU H 774 -30.13 22.90 -121.80
CA GLU H 774 -29.41 21.65 -121.90
C GLU H 774 -29.61 21.00 -123.24
N ILE H 775 -28.53 20.98 -124.04
CA ILE H 775 -28.45 20.29 -125.32
C ILE H 775 -27.89 18.86 -125.08
N GLY H 776 -27.01 18.72 -124.07
CA GLY H 776 -26.43 17.43 -123.68
C GLY H 776 -27.45 16.39 -123.18
N LYS H 777 -27.57 15.28 -123.91
CA LYS H 777 -28.53 14.21 -123.60
C LYS H 777 -28.11 13.22 -122.48
N ARG H 778 -26.81 13.06 -122.19
CA ARG H 778 -26.32 12.04 -121.25
C ARG H 778 -27.05 12.05 -119.90
N ASP H 779 -27.14 13.23 -119.27
CA ASP H 779 -27.74 13.33 -117.93
C ASP H 779 -29.25 13.14 -117.91
N ILE H 780 -29.94 13.48 -118.98
CA ILE H 780 -31.38 13.27 -119.08
C ILE H 780 -31.66 11.78 -119.15
N TYR H 781 -31.06 11.07 -120.14
CA TYR H 781 -31.26 9.63 -120.32
C TYR H 781 -30.70 8.80 -119.15
N ALA H 782 -29.85 9.39 -118.30
CA ALA H 782 -29.35 8.74 -117.09
C ALA H 782 -30.31 8.91 -115.87
N ASP H 783 -31.39 9.73 -116.01
CA ASP H 783 -32.38 10.07 -114.96
C ASP H 783 -31.68 10.72 -113.77
N THR H 784 -30.66 11.55 -114.04
CA THR H 784 -29.95 12.22 -112.94
C THR H 784 -30.93 13.11 -112.22
N ARG H 785 -31.06 12.90 -110.91
CA ARG H 785 -32.00 13.65 -110.11
C ARG H 785 -31.38 15.00 -109.83
N LEU H 786 -31.91 16.02 -110.48
CA LEU H 786 -31.44 17.40 -110.38
C LEU H 786 -32.12 18.14 -109.25
N GLY H 787 -31.33 18.73 -108.35
CA GLY H 787 -31.85 19.51 -107.25
C GLY H 787 -32.54 20.76 -107.73
N LEU H 788 -33.80 20.96 -107.31
CA LEU H 788 -34.61 22.11 -107.72
C LEU H 788 -34.35 23.40 -106.93
N PHE H 789 -33.53 23.38 -105.85
CA PHE H 789 -33.30 24.58 -105.04
C PHE H 789 -32.80 25.80 -105.82
N PRO H 790 -31.89 25.68 -106.81
CA PRO H 790 -31.43 26.89 -107.54
C PRO H 790 -32.53 27.62 -108.30
N PHE H 791 -33.63 26.92 -108.62
CA PHE H 791 -34.75 27.50 -109.36
C PHE H 791 -35.49 28.58 -108.56
N ARG H 792 -35.19 28.77 -107.25
CA ARG H 792 -35.83 29.81 -106.44
C ARG H 792 -35.65 31.21 -107.05
N ARG H 793 -34.67 31.40 -107.96
CA ARG H 793 -34.41 32.67 -108.63
C ARG H 793 -35.06 32.74 -110.05
N ASN H 794 -36.32 32.27 -110.22
CA ASN H 794 -37.04 32.31 -111.51
C ASN H 794 -36.25 31.69 -112.71
N LEU H 795 -35.54 30.59 -112.45
CA LEU H 795 -34.77 29.91 -113.50
C LEU H 795 -35.71 29.16 -114.46
N SER H 796 -35.18 28.82 -115.64
CA SER H 796 -35.93 28.14 -116.69
C SER H 796 -35.04 27.11 -117.34
N PHE H 797 -35.42 25.83 -117.27
CA PHE H 797 -34.65 24.73 -117.84
C PHE H 797 -35.24 24.36 -119.20
N TYR H 798 -34.41 24.21 -120.22
CA TYR H 798 -34.89 23.85 -121.55
C TYR H 798 -34.16 22.63 -122.05
N ALA H 799 -34.89 21.58 -122.34
CA ALA H 799 -34.31 20.37 -122.92
C ALA H 799 -34.40 20.51 -124.43
N VAL H 800 -33.34 20.13 -125.14
CA VAL H 800 -33.29 20.26 -126.59
C VAL H 800 -32.85 18.92 -127.18
N ASP H 801 -33.64 18.40 -128.14
CA ASP H 801 -33.37 17.16 -128.87
C ASP H 801 -33.91 17.30 -130.29
N LEU H 802 -33.19 18.03 -131.14
CA LEU H 802 -33.55 18.25 -132.54
C LEU H 802 -33.87 16.93 -133.25
N ALA H 803 -33.14 15.86 -132.90
CA ALA H 803 -33.36 14.53 -133.49
C ALA H 803 -34.80 14.02 -133.29
N LEU H 804 -35.31 14.19 -132.10
CA LEU H 804 -36.66 13.80 -131.72
C LEU H 804 -37.66 14.73 -132.39
N MET H 805 -37.36 16.03 -132.37
CA MET H 805 -38.18 17.07 -133.00
C MET H 805 -38.42 16.82 -134.46
N THR H 806 -37.42 16.22 -135.14
CA THR H 806 -37.48 15.82 -136.56
C THR H 806 -38.70 14.89 -136.81
N VAL H 807 -39.10 14.16 -135.77
CA VAL H 807 -40.22 13.23 -135.85
C VAL H 807 -41.50 13.84 -135.29
N THR H 808 -41.43 14.45 -134.10
CA THR H 808 -42.61 15.00 -133.41
C THR H 808 -43.16 16.26 -134.04
N HIS H 809 -42.30 17.21 -134.44
CA HIS H 809 -42.70 18.48 -135.06
C HIS H 809 -41.75 18.78 -136.20
N PRO H 810 -41.91 18.03 -137.30
CA PRO H 810 -41.00 18.19 -138.44
C PRO H 810 -40.99 19.59 -139.06
N GLN H 811 -42.16 20.25 -139.07
CA GLN H 811 -42.31 21.59 -139.63
C GLN H 811 -41.42 22.60 -138.89
N LYS H 812 -41.33 22.50 -137.54
CA LYS H 812 -40.50 23.43 -136.77
C LYS H 812 -39.01 23.28 -137.14
N ILE H 813 -38.56 22.04 -137.43
CA ILE H 813 -37.18 21.78 -137.86
C ILE H 813 -36.97 22.36 -139.28
N ARG H 814 -37.98 22.22 -140.17
CA ARG H 814 -37.91 22.77 -141.54
C ARG H 814 -37.64 24.25 -141.53
N ASP H 815 -38.39 24.94 -140.67
CA ASP H 815 -38.35 26.39 -140.53
C ASP H 815 -37.05 26.82 -139.84
N LEU H 816 -36.58 26.02 -138.87
CA LEU H 816 -35.34 26.27 -138.16
C LEU H 816 -34.12 26.13 -139.07
N LEU H 817 -34.19 25.21 -140.04
CA LEU H 817 -33.13 25.06 -141.02
C LEU H 817 -33.21 26.19 -141.99
N ALA H 818 -34.39 26.37 -142.57
CA ALA H 818 -34.67 27.45 -143.53
C ALA H 818 -34.19 28.82 -143.02
N THR H 819 -34.41 29.11 -141.71
CA THR H 819 -34.05 30.40 -141.15
C THR H 819 -32.53 30.52 -140.95
N VAL H 820 -31.80 29.45 -140.59
CA VAL H 820 -30.34 29.58 -140.43
C VAL H 820 -29.69 29.67 -141.82
N TYR H 821 -30.24 28.98 -142.83
CA TYR H 821 -29.75 29.03 -144.21
C TYR H 821 -29.93 30.42 -144.78
N ARG H 822 -30.98 31.12 -144.36
CA ARG H 822 -31.23 32.49 -144.81
C ARG H 822 -30.23 33.43 -144.12
N LEU H 823 -30.12 33.36 -142.78
CA LEU H 823 -29.21 34.22 -142.00
C LEU H 823 -27.76 34.11 -142.43
N ILE H 824 -27.31 32.90 -142.69
CA ILE H 824 -25.92 32.65 -143.07
C ILE H 824 -25.66 33.12 -144.52
N ALA H 825 -26.66 32.98 -145.44
CA ALA H 825 -26.57 33.43 -146.84
C ALA H 825 -26.62 34.94 -146.94
N ASP H 826 -27.45 35.56 -146.08
CA ASP H 826 -27.58 37.03 -146.01
C ASP H 826 -26.30 37.67 -145.48
N GLY H 827 -25.55 36.91 -144.69
CA GLY H 827 -24.33 37.36 -144.05
C GLY H 827 -24.60 37.86 -142.64
N THR H 828 -25.87 37.73 -142.18
CA THR H 828 -26.28 38.11 -140.84
C THR H 828 -25.44 37.37 -139.81
N LEU H 829 -25.09 36.11 -140.13
CA LEU H 829 -24.22 35.28 -139.32
C LEU H 829 -23.05 34.79 -140.15
N PRO H 830 -21.84 34.75 -139.58
CA PRO H 830 -20.69 34.24 -140.33
C PRO H 830 -20.52 32.75 -140.11
N LEU H 831 -20.16 32.02 -141.15
CA LEU H 831 -19.99 30.57 -141.05
C LEU H 831 -18.70 30.24 -140.24
N PRO H 832 -18.57 28.99 -139.73
CA PRO H 832 -17.43 28.67 -138.86
C PRO H 832 -16.27 27.98 -139.60
N GLU H 833 -15.25 27.53 -138.83
CA GLU H 833 -14.13 26.79 -139.39
C GLU H 833 -14.65 25.50 -139.97
N ILE H 834 -14.51 25.32 -141.29
CA ILE H 834 -14.99 24.14 -141.98
C ILE H 834 -13.82 23.38 -142.56
N THR H 835 -13.61 22.16 -142.09
CA THR H 835 -12.55 21.29 -142.54
C THR H 835 -13.19 20.21 -143.39
N HIS H 836 -12.86 20.14 -144.68
CA HIS H 836 -13.46 19.16 -145.58
C HIS H 836 -12.68 17.86 -145.55
N TYR H 837 -13.41 16.73 -145.58
CA TYR H 837 -12.85 15.37 -145.59
C TYR H 837 -13.50 14.55 -146.68
N PRO H 838 -12.76 13.74 -147.47
CA PRO H 838 -13.44 12.87 -148.44
C PRO H 838 -14.12 11.72 -147.71
N LEU H 839 -15.12 11.12 -148.35
CA LEU H 839 -15.87 10.03 -147.72
C LEU H 839 -14.98 8.83 -147.31
N GLU H 840 -13.85 8.61 -148.00
CA GLU H 840 -12.89 7.53 -147.68
C GLU H 840 -12.28 7.74 -146.29
N GLU H 841 -11.85 8.98 -146.00
CA GLU H 841 -11.24 9.36 -144.72
C GLU H 841 -12.28 9.74 -143.64
N ALA H 842 -13.44 9.05 -143.61
CA ALA H 842 -14.48 9.32 -142.62
C ALA H 842 -14.05 8.86 -141.24
N ALA H 843 -13.53 7.63 -141.13
CA ALA H 843 -13.05 7.08 -139.86
C ALA H 843 -11.91 7.89 -139.27
N THR H 844 -11.08 8.50 -140.12
CA THR H 844 -9.99 9.35 -139.64
C THR H 844 -10.56 10.63 -139.01
N ALA H 845 -11.61 11.21 -139.65
CA ALA H 845 -12.29 12.40 -139.12
C ALA H 845 -12.94 12.09 -137.76
N ILE H 846 -13.41 10.83 -137.56
CA ILE H 846 -14.00 10.42 -136.32
C ILE H 846 -12.93 10.29 -135.26
N ARG H 847 -11.78 9.69 -135.59
CA ARG H 847 -10.68 9.53 -134.63
C ARG H 847 -10.20 10.90 -134.12
N ILE H 848 -10.22 11.91 -135.01
CA ILE H 848 -9.79 13.27 -134.69
C ILE H 848 -10.82 13.94 -133.80
N MET H 849 -12.09 13.85 -134.19
CA MET H 849 -13.17 14.45 -133.41
C MET H 849 -13.37 13.69 -132.08
N GLY H 850 -13.18 12.39 -132.13
CA GLY H 850 -13.31 11.53 -130.96
C GLY H 850 -12.24 11.80 -129.92
N GLY H 851 -11.09 12.32 -130.36
CA GLY H 851 -9.97 12.67 -129.49
C GLY H 851 -9.94 14.14 -129.09
N ALA H 852 -10.97 14.92 -129.45
CA ALA H 852 -11.08 16.35 -129.16
C ALA H 852 -9.90 17.17 -129.76
N GLN H 853 -9.26 16.65 -130.84
CA GLN H 853 -8.15 17.33 -131.52
C GLN H 853 -8.67 18.40 -132.48
N HIS H 854 -9.86 18.16 -133.05
CA HIS H 854 -10.51 19.02 -134.03
C HIS H 854 -10.91 20.41 -133.51
N THR H 855 -11.29 21.28 -134.47
CA THR H 855 -11.79 22.64 -134.24
C THR H 855 -12.80 22.98 -135.34
N GLY H 856 -13.94 23.51 -134.92
CA GLY H 856 -15.01 23.90 -135.83
C GLY H 856 -15.81 22.72 -136.34
N LYS H 857 -16.29 22.83 -137.59
CA LYS H 857 -17.12 21.79 -138.21
C LYS H 857 -16.30 20.96 -139.18
N LEU H 858 -16.72 19.68 -139.32
CA LEU H 858 -16.12 18.69 -140.22
C LEU H 858 -17.16 18.31 -141.24
N VAL H 859 -16.87 18.54 -142.52
CA VAL H 859 -17.79 18.26 -143.59
C VAL H 859 -17.30 17.08 -144.38
N ILE H 860 -18.10 16.04 -144.46
CA ILE H 860 -17.75 14.89 -145.26
C ILE H 860 -18.19 15.23 -146.68
N ASP H 861 -17.23 15.19 -147.66
CA ASP H 861 -17.52 15.48 -149.06
C ASP H 861 -17.88 14.22 -149.80
N ILE H 862 -19.12 14.16 -150.29
CA ILE H 862 -19.63 13.03 -151.01
C ILE H 862 -19.08 13.12 -152.40
N PRO H 863 -18.39 12.09 -152.90
CA PRO H 863 -17.80 12.21 -154.24
C PRO H 863 -18.81 12.58 -155.33
N ASP H 864 -18.31 13.31 -156.33
CA ASP H 864 -19.02 13.73 -157.55
C ASP H 864 -18.31 12.99 -158.70
N THR H 865 -18.95 12.93 -159.88
CA THR H 865 -18.43 12.27 -161.08
C THR H 865 -18.57 10.76 -160.86
N GLY H 866 -18.80 10.02 -161.96
CA GLY H 866 -19.00 8.59 -161.93
C GLY H 866 -17.78 7.76 -161.56
N GLN H 867 -17.28 7.96 -160.32
CA GLN H 867 -16.12 7.27 -159.78
C GLN H 867 -16.51 5.86 -159.34
N SER H 868 -15.85 4.85 -159.91
CA SER H 868 -16.12 3.45 -159.58
C SER H 868 -15.59 3.17 -158.17
N GLN H 869 -16.49 3.24 -157.14
CA GLN H 869 -16.13 3.05 -155.73
C GLN H 869 -16.46 1.62 -155.27
N VAL H 870 -15.59 1.02 -154.43
CA VAL H 870 -15.75 -0.36 -153.93
C VAL H 870 -16.70 -0.34 -152.71
N VAL H 871 -17.73 -1.21 -152.75
CA VAL H 871 -18.78 -1.31 -151.73
C VAL H 871 -18.90 -2.76 -151.23
N VAL H 872 -19.81 -3.00 -150.25
CA VAL H 872 -20.12 -4.31 -149.68
C VAL H 872 -21.62 -4.40 -149.36
N PRO H 873 -22.39 -5.35 -149.89
CA PRO H 873 -23.82 -5.41 -149.52
C PRO H 873 -24.01 -6.10 -148.19
N PRO H 874 -25.09 -5.81 -147.47
CA PRO H 874 -25.32 -6.51 -146.20
C PRO H 874 -26.02 -7.84 -146.50
N GLU H 875 -27.37 -7.91 -146.46
CA GLU H 875 -28.19 -9.07 -146.77
C GLU H 875 -29.18 -8.68 -147.88
N GLN H 876 -28.69 -7.81 -148.80
CA GLN H 876 -29.39 -7.35 -149.99
C GLN H 876 -29.14 -8.37 -151.08
N VAL H 877 -28.30 -9.41 -150.78
CA VAL H 877 -27.90 -10.46 -151.72
C VAL H 877 -29.04 -11.47 -151.89
N PRO H 878 -29.52 -11.63 -153.14
CA PRO H 878 -30.59 -12.59 -153.39
C PRO H 878 -30.09 -14.01 -153.55
N VAL H 879 -30.31 -14.83 -152.50
CA VAL H 879 -29.94 -16.24 -152.57
C VAL H 879 -30.94 -16.87 -153.54
N PHE H 880 -32.17 -17.06 -153.07
CA PHE H 880 -33.22 -17.70 -153.85
C PHE H 880 -34.07 -16.63 -154.58
N ARG H 881 -34.31 -16.84 -155.89
CA ARG H 881 -35.13 -15.95 -156.72
C ARG H 881 -35.87 -16.73 -157.84
N GLY H 882 -37.10 -16.30 -158.12
CA GLY H 882 -37.95 -16.88 -159.16
C GLY H 882 -37.45 -16.63 -160.57
N ASP H 883 -36.64 -15.56 -160.76
CA ASP H 883 -36.05 -15.22 -162.07
C ASP H 883 -34.65 -15.86 -162.26
N GLY H 884 -34.46 -17.07 -161.73
CA GLY H 884 -33.18 -17.77 -161.84
C GLY H 884 -33.28 -19.25 -161.56
N ALA H 885 -32.52 -20.07 -162.32
CA ALA H 885 -32.50 -21.53 -162.19
C ALA H 885 -31.41 -22.00 -161.24
N TYR H 886 -31.57 -23.23 -160.71
CA TYR H 886 -30.62 -23.81 -159.74
C TYR H 886 -30.34 -25.29 -160.05
N VAL H 887 -29.14 -25.76 -159.67
CA VAL H 887 -28.71 -27.15 -159.89
C VAL H 887 -28.30 -27.76 -158.55
N ILE H 888 -28.74 -29.00 -158.26
CA ILE H 888 -28.40 -29.69 -157.03
C ILE H 888 -27.93 -31.10 -157.35
N THR H 889 -26.64 -31.40 -157.11
CA THR H 889 -26.09 -32.74 -157.33
C THR H 889 -26.32 -33.50 -156.03
N GLY H 890 -26.81 -34.73 -156.14
CA GLY H 890 -27.19 -35.53 -154.99
C GLY H 890 -28.48 -35.00 -154.41
N GLY H 891 -29.38 -34.59 -155.30
CA GLY H 891 -30.66 -34.00 -154.97
C GLY H 891 -31.79 -34.98 -154.74
N LEU H 892 -31.70 -36.20 -155.32
CA LEU H 892 -32.77 -37.19 -155.12
C LEU H 892 -32.71 -37.83 -153.73
N GLY H 893 -31.68 -37.54 -152.94
CA GLY H 893 -31.59 -38.09 -151.58
C GLY H 893 -30.82 -37.24 -150.61
N GLY H 894 -31.03 -37.55 -149.34
CA GLY H 894 -30.37 -36.91 -148.22
C GLY H 894 -30.72 -35.46 -148.03
N LEU H 895 -29.68 -34.63 -147.94
CA LEU H 895 -29.79 -33.19 -147.73
C LEU H 895 -30.37 -32.52 -148.94
N GLY H 896 -29.81 -32.84 -150.10
CA GLY H 896 -30.23 -32.29 -151.38
C GLY H 896 -31.72 -32.29 -151.63
N LEU H 897 -32.44 -33.36 -151.22
CA LEU H 897 -33.89 -33.43 -151.40
C LEU H 897 -34.61 -32.50 -150.39
N PHE H 898 -34.08 -32.38 -149.17
CA PHE H 898 -34.64 -31.48 -148.16
C PHE H 898 -34.40 -30.02 -148.57
N LEU H 899 -33.18 -29.71 -149.02
CA LEU H 899 -32.82 -28.37 -149.49
C LEU H 899 -33.66 -28.00 -150.71
N ALA H 900 -33.83 -28.92 -151.67
CA ALA H 900 -34.64 -28.69 -152.88
C ALA H 900 -36.09 -28.36 -152.52
N GLU H 901 -36.66 -29.10 -151.57
CA GLU H 901 -38.03 -28.88 -151.07
C GLU H 901 -38.12 -27.51 -150.38
N ARG H 902 -37.10 -27.17 -149.57
CA ARG H 902 -37.03 -25.89 -148.86
C ARG H 902 -36.81 -24.73 -149.86
N MET H 903 -35.99 -24.93 -150.90
CA MET H 903 -35.72 -23.94 -151.94
C MET H 903 -36.95 -23.68 -152.80
N ALA H 904 -37.67 -24.75 -153.19
CA ALA H 904 -38.91 -24.63 -153.97
C ALA H 904 -39.92 -23.79 -153.22
N ALA H 905 -40.01 -24.02 -151.88
CA ALA H 905 -40.86 -23.26 -150.97
C ALA H 905 -40.35 -21.83 -150.77
N ALA H 906 -39.02 -21.63 -150.74
CA ALA H 906 -38.40 -20.30 -150.60
C ALA H 906 -38.58 -19.40 -151.84
N GLY H 907 -39.09 -19.94 -152.96
CA GLY H 907 -39.33 -19.19 -154.18
C GLY H 907 -38.19 -19.29 -155.16
N CYS H 908 -38.10 -20.45 -155.85
CA CYS H 908 -37.07 -20.74 -156.84
C CYS H 908 -37.72 -21.17 -158.13
N GLY H 909 -37.36 -20.52 -159.22
CA GLY H 909 -37.89 -20.85 -160.54
C GLY H 909 -36.99 -21.89 -161.17
N ARG H 910 -37.43 -23.16 -161.24
CA ARG H 910 -36.70 -24.30 -161.82
C ARG H 910 -35.52 -24.72 -160.94
N ILE H 911 -35.58 -25.94 -160.39
CA ILE H 911 -34.50 -26.55 -159.59
C ILE H 911 -34.20 -27.90 -160.23
N VAL H 912 -33.08 -28.02 -160.96
CA VAL H 912 -32.70 -29.30 -161.55
C VAL H 912 -32.07 -30.14 -160.42
N VAL H 913 -32.56 -31.36 -160.25
CA VAL H 913 -32.09 -32.30 -159.23
C VAL H 913 -31.36 -33.44 -159.96
N ASN H 914 -30.26 -33.93 -159.37
CA ASN H 914 -29.44 -34.97 -159.98
C ASN H 914 -28.98 -36.02 -158.96
N SER H 915 -28.82 -37.24 -159.45
CA SER H 915 -28.34 -38.40 -158.71
C SER H 915 -28.29 -39.55 -159.71
N ARG H 916 -27.13 -40.24 -159.82
CA ARG H 916 -26.95 -41.32 -160.78
C ARG H 916 -28.06 -42.39 -160.71
N SER H 917 -28.55 -42.72 -159.50
CA SER H 917 -29.65 -43.68 -159.31
C SER H 917 -31.00 -43.02 -159.59
N ALA H 918 -31.98 -43.81 -160.03
CA ALA H 918 -33.32 -43.31 -160.32
C ALA H 918 -34.05 -42.89 -159.02
N PRO H 919 -35.12 -42.06 -159.09
CA PRO H 919 -35.81 -41.64 -157.85
C PRO H 919 -36.50 -42.78 -157.11
N SER H 920 -36.39 -42.80 -155.77
CA SER H 920 -37.04 -43.82 -154.93
C SER H 920 -38.55 -43.57 -154.87
N THR H 921 -39.29 -44.51 -154.27
CA THR H 921 -40.74 -44.41 -154.13
C THR H 921 -41.12 -43.25 -153.22
N ARG H 922 -40.38 -43.01 -152.13
CA ARG H 922 -40.65 -41.88 -151.22
C ARG H 922 -40.14 -40.57 -151.83
N SER H 923 -39.03 -40.62 -152.60
CA SER H 923 -38.46 -39.44 -153.26
C SER H 923 -39.41 -38.91 -154.32
N SER H 924 -39.99 -39.81 -155.14
CA SER H 924 -40.94 -39.46 -156.19
C SER H 924 -42.18 -38.76 -155.59
N GLU H 925 -42.65 -39.22 -154.40
CA GLU H 925 -43.80 -38.63 -153.70
C GLU H 925 -43.51 -37.19 -153.26
N ILE H 926 -42.27 -36.91 -152.81
CA ILE H 926 -41.86 -35.58 -152.37
C ILE H 926 -41.79 -34.64 -153.58
N ILE H 927 -41.29 -35.12 -154.73
CA ILE H 927 -41.18 -34.32 -155.94
C ILE H 927 -42.60 -34.00 -156.49
N GLU H 928 -43.56 -34.94 -156.37
CA GLU H 928 -44.92 -34.74 -156.85
C GLU H 928 -45.62 -33.60 -156.10
N LEU H 929 -45.56 -33.60 -154.76
CA LEU H 929 -46.20 -32.54 -153.96
C LEU H 929 -45.51 -31.18 -154.13
N ILE H 930 -44.19 -31.13 -154.46
CA ILE H 930 -43.50 -29.85 -154.69
C ILE H 930 -43.97 -29.28 -156.05
N ARG H 931 -44.04 -30.13 -157.09
CA ARG H 931 -44.51 -29.71 -158.41
C ARG H 931 -45.99 -29.29 -158.36
N ALA H 932 -46.80 -29.99 -157.53
CA ALA H 932 -48.21 -29.66 -157.32
C ALA H 932 -48.36 -28.27 -156.74
N THR H 933 -47.44 -27.87 -155.83
CA THR H 933 -47.42 -26.55 -155.21
C THR H 933 -46.50 -25.61 -156.00
N GLY H 934 -46.93 -25.29 -157.22
CA GLY H 934 -46.23 -24.37 -158.12
C GLY H 934 -44.89 -24.82 -158.64
N ALA H 935 -43.80 -24.26 -158.06
CA ALA H 935 -42.38 -24.46 -158.41
C ALA H 935 -42.08 -25.80 -159.08
N ASP H 936 -41.55 -25.77 -160.33
CA ASP H 936 -41.24 -27.00 -161.07
C ASP H 936 -39.88 -27.55 -160.65
N ILE H 937 -39.79 -28.88 -160.59
CA ILE H 937 -38.61 -29.64 -160.19
C ILE H 937 -38.29 -30.61 -161.27
N VAL H 938 -37.18 -30.39 -161.97
CA VAL H 938 -36.75 -31.27 -163.03
C VAL H 938 -35.76 -32.26 -162.43
N VAL H 939 -35.77 -33.49 -162.95
CA VAL H 939 -34.86 -34.54 -162.51
C VAL H 939 -34.11 -35.03 -163.72
N GLU H 940 -32.79 -34.81 -163.71
CA GLU H 940 -31.87 -35.27 -164.76
C GLU H 940 -30.82 -36.11 -164.09
N CYS H 941 -30.89 -37.45 -164.27
CA CYS H 941 -29.95 -38.37 -163.64
C CYS H 941 -28.66 -38.42 -164.44
N GLY H 942 -27.59 -38.82 -163.75
CA GLY H 942 -26.26 -38.96 -164.33
C GLY H 942 -25.16 -39.00 -163.30
N ASP H 943 -24.00 -39.56 -163.68
CA ASP H 943 -22.83 -39.65 -162.83
C ASP H 943 -22.00 -38.38 -163.04
N ILE H 944 -22.09 -37.40 -162.11
CA ILE H 944 -21.32 -36.13 -162.16
C ILE H 944 -19.83 -36.32 -162.45
N ALA H 945 -19.24 -37.47 -162.06
CA ALA H 945 -17.85 -37.79 -162.37
C ALA H 945 -17.61 -37.77 -163.90
N GLU H 946 -18.63 -38.17 -164.70
CA GLU H 946 -18.59 -38.05 -166.16
C GLU H 946 -18.83 -36.58 -166.51
N PRO H 947 -18.08 -36.02 -167.47
CA PRO H 947 -18.25 -34.59 -167.78
C PRO H 947 -19.59 -34.24 -168.42
N ASP H 948 -20.11 -35.06 -169.33
CA ASP H 948 -21.38 -34.83 -170.03
C ASP H 948 -22.56 -34.61 -169.08
N THR H 949 -22.53 -35.21 -167.87
CA THR H 949 -23.59 -35.04 -166.85
C THR H 949 -23.68 -33.57 -166.41
N ALA H 950 -22.54 -32.97 -166.06
CA ALA H 950 -22.51 -31.57 -165.64
C ALA H 950 -23.09 -30.62 -166.70
N LEU H 951 -22.83 -30.90 -167.98
CA LEU H 951 -23.30 -30.07 -169.11
C LEU H 951 -24.79 -30.25 -169.34
N ARG H 952 -25.26 -31.50 -169.28
CA ARG H 952 -26.66 -31.89 -169.44
C ARG H 952 -27.53 -31.19 -168.37
N LEU H 953 -27.04 -31.19 -167.12
CA LEU H 953 -27.68 -30.53 -165.96
C LEU H 953 -27.85 -29.02 -166.18
N VAL H 954 -26.75 -28.36 -166.57
CA VAL H 954 -26.68 -26.93 -166.82
C VAL H 954 -27.62 -26.54 -167.97
N ALA H 955 -27.59 -27.30 -169.07
CA ALA H 955 -28.46 -27.05 -170.23
C ALA H 955 -29.95 -27.20 -169.87
N ALA H 956 -30.27 -28.17 -169.01
CA ALA H 956 -31.65 -28.43 -168.56
C ALA H 956 -32.18 -27.30 -167.68
N ALA H 957 -31.36 -26.80 -166.75
CA ALA H 957 -31.75 -25.71 -165.85
C ALA H 957 -32.00 -24.40 -166.61
N THR H 958 -31.17 -24.12 -167.64
CA THR H 958 -31.27 -22.91 -168.46
C THR H 958 -32.48 -22.93 -169.40
N GLN H 959 -32.71 -24.08 -170.09
CA GLN H 959 -33.80 -24.36 -171.05
C GLN H 959 -35.07 -23.49 -170.91
N THR H 960 -35.61 -23.31 -169.68
CA THR H 960 -36.83 -22.53 -169.43
C THR H 960 -36.54 -21.02 -169.33
N GLY H 961 -35.78 -20.48 -170.27
CA GLY H 961 -35.41 -19.07 -170.34
C GLY H 961 -34.99 -18.40 -169.03
N LEU H 962 -34.40 -19.16 -168.09
CA LEU H 962 -33.96 -18.65 -166.79
C LEU H 962 -32.46 -18.81 -166.64
N PRO H 963 -31.67 -17.76 -166.32
CA PRO H 963 -30.23 -17.96 -166.17
C PRO H 963 -29.89 -18.72 -164.90
N LEU H 964 -28.83 -19.53 -164.95
CA LEU H 964 -28.38 -20.29 -163.78
C LEU H 964 -27.87 -19.31 -162.74
N ARG H 965 -28.48 -19.32 -161.54
CA ARG H 965 -28.10 -18.41 -160.45
C ARG H 965 -27.42 -19.12 -159.27
N GLY H 966 -27.25 -20.44 -159.32
CA GLY H 966 -26.58 -21.13 -158.21
C GLY H 966 -26.45 -22.63 -158.38
N VAL H 967 -25.47 -23.20 -157.68
CA VAL H 967 -25.15 -24.64 -157.72
C VAL H 967 -24.96 -25.16 -156.31
N LEU H 968 -25.22 -26.46 -156.10
CA LEU H 968 -25.02 -27.14 -154.83
C LEU H 968 -24.39 -28.48 -155.11
N HIS H 969 -23.24 -28.79 -154.49
CA HIS H 969 -22.54 -30.05 -154.72
C HIS H 969 -22.69 -31.02 -153.52
N ALA H 970 -23.92 -31.51 -153.31
CA ALA H 970 -24.21 -32.47 -152.25
C ALA H 970 -23.85 -33.90 -152.66
N ALA H 971 -23.63 -34.17 -153.97
CA ALA H 971 -23.27 -35.50 -154.47
C ALA H 971 -22.10 -36.07 -153.72
N ALA H 972 -22.27 -37.26 -153.11
CA ALA H 972 -21.22 -37.86 -152.29
C ALA H 972 -21.36 -39.37 -152.12
N VAL H 973 -20.20 -40.04 -152.00
CA VAL H 973 -20.09 -41.47 -151.73
C VAL H 973 -19.30 -41.58 -150.44
N VAL H 974 -19.74 -42.45 -149.53
CA VAL H 974 -19.09 -42.64 -148.23
C VAL H 974 -18.79 -44.12 -148.01
N GLU H 975 -17.52 -44.49 -148.20
CA GLU H 975 -17.01 -45.83 -147.96
C GLU H 975 -15.92 -45.67 -146.92
N ASP H 976 -16.20 -46.11 -145.69
CA ASP H 976 -15.28 -45.93 -144.57
C ASP H 976 -14.48 -47.18 -144.29
N ALA H 977 -13.21 -47.00 -143.90
CA ALA H 977 -12.31 -48.09 -143.55
C ALA H 977 -11.11 -47.57 -142.77
N THR H 978 -10.49 -48.45 -141.96
CA THR H 978 -9.30 -48.12 -141.17
C THR H 978 -8.09 -48.02 -142.09
N LEU H 979 -7.07 -47.24 -141.70
CA LEU H 979 -5.82 -47.04 -142.48
C LEU H 979 -5.30 -48.35 -143.07
N ALA H 980 -5.34 -49.43 -142.28
CA ALA H 980 -4.86 -50.74 -142.68
C ALA H 980 -5.64 -51.32 -143.87
N ASN H 981 -6.99 -51.16 -143.90
CA ASN H 981 -7.83 -51.73 -144.97
C ASN H 981 -8.46 -50.63 -145.90
N ILE H 982 -7.71 -49.53 -146.18
CA ILE H 982 -8.14 -48.52 -147.16
C ILE H 982 -7.60 -49.03 -148.50
N THR H 983 -8.49 -49.55 -149.39
CA THR H 983 -8.04 -50.04 -150.69
C THR H 983 -7.87 -48.87 -151.65
N ASP H 984 -7.11 -49.08 -152.74
CA ASP H 984 -6.88 -48.04 -153.77
C ASP H 984 -8.16 -47.84 -154.61
N GLU H 985 -9.04 -48.85 -154.66
CA GLU H 985 -10.30 -48.75 -155.37
C GLU H 985 -11.26 -47.90 -154.56
N LEU H 986 -11.32 -48.11 -153.23
CA LEU H 986 -12.16 -47.37 -152.29
C LEU H 986 -11.84 -45.88 -152.27
N VAL H 987 -10.58 -45.52 -152.53
CA VAL H 987 -10.15 -44.12 -152.56
C VAL H 987 -10.87 -43.42 -153.73
N GLU H 988 -10.85 -44.02 -154.92
CA GLU H 988 -11.49 -43.46 -156.11
C GLU H 988 -13.03 -43.44 -155.99
N HIS H 989 -13.64 -44.36 -155.21
CA HIS H 989 -15.10 -44.37 -155.03
C HIS H 989 -15.59 -43.10 -154.34
N ASP H 990 -14.88 -42.68 -153.26
CA ASP H 990 -15.21 -41.47 -152.47
C ASP H 990 -14.73 -40.18 -153.14
N TRP H 991 -13.55 -40.27 -153.81
CA TRP H 991 -12.85 -39.17 -154.49
C TRP H 991 -13.58 -38.69 -155.75
N ALA H 992 -14.10 -39.60 -156.55
CA ALA H 992 -14.72 -39.30 -157.84
C ALA H 992 -15.93 -38.33 -157.80
N PRO H 993 -17.00 -38.56 -157.03
CA PRO H 993 -18.13 -37.63 -157.04
C PRO H 993 -17.79 -36.25 -156.45
N LYS H 994 -16.95 -36.21 -155.40
CA LYS H 994 -16.63 -34.98 -154.72
C LYS H 994 -15.71 -34.10 -155.57
N VAL H 995 -14.55 -34.61 -156.00
CA VAL H 995 -13.58 -33.78 -156.72
C VAL H 995 -13.87 -33.75 -158.23
N TYR H 996 -14.10 -34.90 -158.92
CA TYR H 996 -14.32 -34.86 -160.36
C TYR H 996 -15.65 -34.18 -160.70
N GLY H 997 -16.65 -34.32 -159.84
CA GLY H 997 -17.92 -33.65 -160.03
C GLY H 997 -17.78 -32.15 -159.91
N ALA H 998 -17.04 -31.69 -158.88
CA ALA H 998 -16.82 -30.27 -158.64
C ALA H 998 -16.10 -29.60 -159.82
N TRP H 999 -15.11 -30.28 -160.40
CA TRP H 999 -14.39 -29.74 -161.54
C TRP H 999 -15.26 -29.75 -162.81
N ASN H 1000 -16.03 -30.83 -163.02
CA ASN H 1000 -16.93 -30.91 -164.19
C ASN H 1000 -18.04 -29.87 -164.08
N LEU H 1001 -18.49 -29.56 -162.83
CA LEU H 1001 -19.50 -28.51 -162.61
C LEU H 1001 -18.90 -27.16 -162.96
N HIS H 1002 -17.71 -26.87 -162.41
CA HIS H 1002 -16.99 -25.63 -162.67
C HIS H 1002 -16.83 -25.43 -164.18
N GLN H 1003 -16.32 -26.44 -164.89
CA GLN H 1003 -16.14 -26.36 -166.34
C GLN H 1003 -17.47 -26.15 -167.06
N ALA H 1004 -18.54 -26.89 -166.69
CA ALA H 1004 -19.87 -26.75 -167.31
C ALA H 1004 -20.40 -25.32 -167.22
N VAL H 1005 -20.09 -24.62 -166.11
CA VAL H 1005 -20.49 -23.24 -165.88
C VAL H 1005 -19.70 -22.29 -166.81
N GLN H 1006 -18.36 -22.45 -166.92
CA GLN H 1006 -17.55 -21.60 -167.81
C GLN H 1006 -17.91 -21.88 -169.28
N SER H 1007 -18.02 -23.19 -169.63
CA SER H 1007 -18.39 -23.70 -170.96
C SER H 1007 -19.73 -23.14 -171.42
N GLY H 1008 -20.67 -23.00 -170.47
CA GLY H 1008 -21.98 -22.43 -170.75
C GLY H 1008 -21.89 -20.99 -171.22
N GLY H 1009 -22.95 -20.53 -171.87
CA GLY H 1009 -23.01 -19.19 -172.45
C GLY H 1009 -23.20 -18.08 -171.43
N PRO H 1010 -23.94 -17.00 -171.78
CA PRO H 1010 -24.14 -15.90 -170.83
C PRO H 1010 -25.12 -16.27 -169.71
N ALA H 1011 -25.98 -17.29 -169.92
CA ALA H 1011 -26.94 -17.75 -168.91
C ALA H 1011 -26.24 -18.28 -167.65
N THR H 1012 -25.14 -19.01 -167.83
CA THR H 1012 -24.36 -19.56 -166.72
C THR H 1012 -23.39 -18.54 -166.10
N SER H 1013 -22.94 -17.56 -166.90
CA SER H 1013 -21.99 -16.52 -166.45
C SER H 1013 -22.66 -15.38 -165.65
N GLU H 1014 -23.71 -15.68 -164.87
CA GLU H 1014 -24.43 -14.73 -164.03
C GLU H 1014 -24.76 -15.31 -162.64
N LEU H 1015 -24.13 -16.44 -162.21
CA LEU H 1015 -24.52 -17.05 -160.94
C LEU H 1015 -23.98 -16.30 -159.72
N ASP H 1016 -24.78 -16.38 -158.64
CA ASP H 1016 -24.58 -15.73 -157.36
C ASP H 1016 -23.71 -16.56 -156.44
N TRP H 1017 -23.87 -17.90 -156.49
CA TRP H 1017 -23.12 -18.77 -155.61
C TRP H 1017 -22.81 -20.11 -156.27
N PHE H 1018 -21.92 -20.85 -155.62
CA PHE H 1018 -21.47 -22.18 -156.03
C PHE H 1018 -21.06 -22.88 -154.76
N CYS H 1019 -21.96 -23.66 -154.18
CA CYS H 1019 -21.72 -24.26 -152.89
C CYS H 1019 -21.36 -25.72 -153.00
N ALA H 1020 -20.59 -26.21 -152.02
CA ALA H 1020 -20.13 -27.59 -151.96
C ALA H 1020 -20.20 -28.10 -150.54
N PHE H 1021 -21.07 -29.07 -150.31
CA PHE H 1021 -21.23 -29.64 -148.97
C PHE H 1021 -20.04 -30.55 -148.67
N SER H 1022 -19.24 -30.17 -147.68
CA SER H 1022 -18.07 -30.91 -147.22
C SER H 1022 -18.45 -31.69 -145.94
N SER H 1023 -17.46 -32.11 -145.13
CA SER H 1023 -17.72 -32.84 -143.88
C SER H 1023 -16.83 -32.32 -142.75
N ALA H 1024 -17.37 -32.34 -141.51
CA ALA H 1024 -16.64 -31.92 -140.31
C ALA H 1024 -15.56 -32.96 -139.95
N ALA H 1025 -15.71 -34.21 -140.43
CA ALA H 1025 -14.71 -35.28 -140.24
C ALA H 1025 -13.39 -34.92 -140.92
N ALA H 1026 -13.42 -34.17 -142.04
CA ALA H 1026 -12.22 -33.72 -142.72
C ALA H 1026 -11.45 -32.72 -141.84
N LEU H 1027 -12.19 -31.83 -141.16
CA LEU H 1027 -11.64 -30.81 -140.28
C LEU H 1027 -11.02 -31.40 -139.01
N VAL H 1028 -11.77 -32.24 -138.27
CA VAL H 1028 -11.31 -32.82 -136.99
C VAL H 1028 -10.48 -34.09 -137.21
N GLY H 1029 -10.94 -34.98 -138.07
CA GLY H 1029 -10.27 -36.23 -138.38
C GLY H 1029 -10.97 -37.44 -137.79
N SER H 1030 -12.27 -37.61 -138.09
CA SER H 1030 -13.02 -38.77 -137.58
C SER H 1030 -12.38 -40.07 -138.08
N PRO H 1031 -11.86 -40.94 -137.19
CA PRO H 1031 -11.18 -42.15 -137.67
C PRO H 1031 -12.10 -43.07 -138.45
N GLY H 1032 -11.51 -43.76 -139.43
CA GLY H 1032 -12.22 -44.65 -140.33
C GLY H 1032 -12.66 -43.98 -141.62
N GLN H 1033 -12.84 -42.64 -141.62
CA GLN H 1033 -13.26 -41.92 -142.82
C GLN H 1033 -12.09 -41.94 -143.84
N GLY H 1034 -11.00 -41.21 -143.53
CA GLY H 1034 -9.77 -41.17 -144.32
C GLY H 1034 -9.94 -40.80 -145.77
N ALA H 1035 -10.39 -41.76 -146.59
CA ALA H 1035 -10.65 -41.58 -148.03
C ALA H 1035 -11.73 -40.50 -148.25
N TYR H 1036 -12.83 -40.53 -147.46
CA TYR H 1036 -13.89 -39.52 -147.56
C TYR H 1036 -13.37 -38.17 -147.05
N ALA H 1037 -12.51 -38.19 -146.02
CA ALA H 1037 -11.92 -36.97 -145.45
C ALA H 1037 -11.00 -36.28 -146.44
N ALA H 1038 -10.17 -37.06 -147.14
CA ALA H 1038 -9.22 -36.53 -148.13
C ALA H 1038 -9.93 -35.91 -149.33
N ALA H 1039 -11.02 -36.55 -149.82
CA ALA H 1039 -11.82 -36.05 -150.95
C ALA H 1039 -12.42 -34.70 -150.65
N ASN H 1040 -12.87 -34.49 -149.40
CA ASN H 1040 -13.41 -33.21 -148.95
C ASN H 1040 -12.32 -32.15 -148.81
N SER H 1041 -11.12 -32.51 -148.31
CA SER H 1041 -10.01 -31.55 -148.14
C SER H 1041 -9.61 -30.92 -149.46
N TRP H 1042 -9.66 -31.70 -150.55
CA TRP H 1042 -9.39 -31.22 -151.91
C TRP H 1042 -10.50 -30.27 -152.34
N LEU H 1043 -11.75 -30.72 -152.19
CA LEU H 1043 -12.95 -29.97 -152.54
C LEU H 1043 -13.03 -28.63 -151.76
N ASP H 1044 -12.55 -28.60 -150.49
CA ASP H 1044 -12.54 -27.38 -149.68
C ASP H 1044 -11.51 -26.40 -150.23
N ALA H 1045 -10.32 -26.91 -150.61
CA ALA H 1045 -9.26 -26.11 -151.21
C ALA H 1045 -9.65 -25.63 -152.61
N PHE H 1046 -10.39 -26.46 -153.37
CA PHE H 1046 -10.86 -26.11 -154.72
C PHE H 1046 -11.74 -24.86 -154.69
N MET H 1047 -12.56 -24.73 -153.63
CA MET H 1047 -13.42 -23.57 -153.50
C MET H 1047 -12.60 -22.30 -153.24
N GLN H 1048 -11.54 -22.40 -152.41
CA GLN H 1048 -10.67 -21.24 -152.13
C GLN H 1048 -9.94 -20.82 -153.41
N TRP H 1049 -9.58 -21.80 -154.26
CA TRP H 1049 -8.96 -21.53 -155.55
C TRP H 1049 -9.97 -20.88 -156.47
N ARG H 1050 -11.19 -21.42 -156.55
CA ARG H 1050 -12.25 -20.89 -157.40
C ARG H 1050 -12.54 -19.43 -157.00
N ARG H 1051 -12.56 -19.12 -155.68
CA ARG H 1051 -12.75 -17.75 -155.17
C ARG H 1051 -11.58 -16.88 -155.59
N ALA H 1052 -10.35 -17.41 -155.51
CA ALA H 1052 -9.14 -16.69 -155.93
C ALA H 1052 -9.20 -16.29 -157.42
N GLN H 1053 -9.76 -17.16 -158.28
CA GLN H 1053 -9.91 -16.84 -159.70
C GLN H 1053 -10.92 -15.71 -159.94
N GLY H 1054 -11.79 -15.46 -158.98
CA GLY H 1054 -12.79 -14.40 -159.02
C GLY H 1054 -14.20 -14.95 -158.97
N LEU H 1055 -14.37 -16.21 -159.41
CA LEU H 1055 -15.65 -16.91 -159.42
C LEU H 1055 -16.22 -17.05 -158.00
N PRO H 1056 -17.55 -17.09 -157.83
CA PRO H 1056 -18.10 -17.27 -156.48
C PRO H 1056 -17.88 -18.69 -156.00
N ALA H 1057 -17.69 -18.89 -154.70
CA ALA H 1057 -17.42 -20.23 -154.17
C ALA H 1057 -17.68 -20.31 -152.67
N THR H 1058 -18.25 -21.45 -152.23
CA THR H 1058 -18.56 -21.72 -150.83
C THR H 1058 -18.42 -23.22 -150.50
N SER H 1059 -18.06 -23.53 -149.24
CA SER H 1059 -17.96 -24.90 -148.73
C SER H 1059 -18.50 -24.93 -147.31
N ILE H 1060 -19.34 -25.93 -146.98
CA ILE H 1060 -19.95 -26.04 -145.66
C ILE H 1060 -19.65 -27.40 -145.08
N ALA H 1061 -18.67 -27.50 -144.17
CA ALA H 1061 -18.34 -28.76 -143.50
C ALA H 1061 -19.42 -29.08 -142.47
N TRP H 1062 -20.38 -29.93 -142.86
CA TRP H 1062 -21.52 -30.29 -142.02
C TRP H 1062 -21.21 -31.31 -140.93
N GLY H 1063 -22.05 -31.30 -139.89
CA GLY H 1063 -22.00 -32.21 -138.76
C GLY H 1063 -22.93 -33.39 -138.94
N ALA H 1064 -23.56 -33.86 -137.84
CA ALA H 1064 -24.46 -35.01 -137.87
C ALA H 1064 -25.93 -34.59 -137.97
N TRP H 1065 -26.60 -34.89 -139.11
CA TRP H 1065 -28.01 -34.51 -139.31
C TRP H 1065 -29.01 -35.55 -138.75
N GLY H 1066 -30.21 -35.07 -138.41
CA GLY H 1066 -31.27 -35.90 -137.84
C GLY H 1066 -32.04 -36.77 -138.82
N GLU H 1067 -32.65 -36.16 -139.85
CA GLU H 1067 -33.46 -36.88 -140.85
C GLU H 1067 -33.35 -36.20 -142.22
N ASN H 1079 -25.82 -31.45 -129.60
CA ASN H 1079 -25.97 -32.87 -129.89
C ASN H 1079 -26.74 -33.08 -131.20
N ALA H 1080 -26.00 -33.32 -132.31
CA ALA H 1080 -26.51 -33.56 -133.66
C ALA H 1080 -27.35 -32.38 -134.24
N ILE H 1081 -27.01 -31.94 -135.48
CA ILE H 1081 -27.73 -30.86 -136.19
C ILE H 1081 -29.14 -31.37 -136.63
N ALA H 1082 -30.15 -30.51 -136.50
CA ALA H 1082 -31.53 -30.77 -136.87
C ALA H 1082 -31.77 -30.39 -138.34
N PRO H 1083 -32.86 -30.87 -138.98
CA PRO H 1083 -33.08 -30.51 -140.40
C PRO H 1083 -33.35 -29.00 -140.62
N ASP H 1084 -34.34 -28.41 -139.94
CA ASP H 1084 -34.68 -26.99 -140.11
C ASP H 1084 -33.59 -26.06 -139.55
N GLU H 1085 -32.70 -26.58 -138.68
CA GLU H 1085 -31.57 -25.86 -138.09
C GLU H 1085 -30.51 -25.56 -139.17
N GLY H 1086 -30.23 -26.55 -140.01
CA GLY H 1086 -29.27 -26.43 -141.09
C GLY H 1086 -29.78 -25.62 -142.29
N ALA H 1087 -31.10 -25.64 -142.54
CA ALA H 1087 -31.71 -24.87 -143.64
C ALA H 1087 -31.48 -23.38 -143.49
N TYR H 1088 -31.61 -22.88 -142.25
CA TYR H 1088 -31.41 -21.48 -141.90
C TYR H 1088 -29.93 -21.14 -141.97
N ALA H 1089 -29.07 -22.06 -141.49
CA ALA H 1089 -27.61 -21.90 -141.52
C ALA H 1089 -27.11 -21.81 -142.95
N PHE H 1090 -27.55 -22.76 -143.79
CA PHE H 1090 -27.21 -22.79 -145.21
C PHE H 1090 -27.55 -21.43 -145.86
N GLU H 1091 -28.85 -21.10 -145.94
CA GLU H 1091 -29.38 -19.83 -146.49
C GLU H 1091 -28.59 -18.61 -146.00
N ALA H 1092 -28.19 -18.61 -144.71
CA ALA H 1092 -27.41 -17.54 -144.07
C ALA H 1092 -25.98 -17.48 -144.58
N ILE H 1093 -25.28 -18.63 -144.55
CA ILE H 1093 -23.89 -18.75 -145.01
C ILE H 1093 -23.73 -18.22 -146.45
N LEU H 1094 -24.74 -18.43 -147.33
CA LEU H 1094 -24.70 -17.99 -148.73
C LEU H 1094 -24.79 -16.47 -148.90
N ARG H 1095 -25.50 -15.75 -147.99
CA ARG H 1095 -25.58 -14.28 -148.09
C ARG H 1095 -24.21 -13.65 -147.76
N HIS H 1096 -23.34 -14.37 -147.00
CA HIS H 1096 -21.96 -13.95 -146.66
C HIS H 1096 -20.94 -14.46 -147.71
N ASP H 1097 -19.64 -14.02 -147.60
CA ASP H 1097 -18.58 -14.42 -148.54
C ASP H 1097 -17.37 -15.10 -147.86
N ARG H 1098 -17.63 -15.98 -146.89
CA ARG H 1098 -16.54 -16.77 -146.31
C ARG H 1098 -16.56 -18.06 -147.06
N VAL H 1099 -15.41 -18.46 -147.62
CA VAL H 1099 -15.34 -19.67 -148.42
C VAL H 1099 -15.54 -20.89 -147.53
N TYR H 1100 -14.63 -21.10 -146.57
CA TYR H 1100 -14.72 -22.23 -145.66
C TYR H 1100 -15.53 -21.90 -144.39
N ASN H 1101 -16.67 -22.59 -144.22
CA ASN H 1101 -17.58 -22.52 -143.09
C ASN H 1101 -17.69 -23.92 -142.51
N GLY H 1102 -17.96 -24.04 -141.21
CA GLY H 1102 -18.05 -25.33 -140.57
C GLY H 1102 -19.16 -25.42 -139.55
N TYR H 1103 -20.33 -25.88 -139.98
CA TYR H 1103 -21.46 -26.01 -139.05
C TYR H 1103 -21.40 -27.37 -138.37
N ALA H 1104 -21.26 -27.39 -137.05
CA ALA H 1104 -21.20 -28.64 -136.31
C ALA H 1104 -21.57 -28.46 -134.84
N PRO H 1105 -22.25 -29.45 -134.21
CA PRO H 1105 -22.58 -29.32 -132.78
C PRO H 1105 -21.28 -29.36 -131.98
N VAL H 1106 -20.99 -28.26 -131.26
CA VAL H 1106 -19.72 -28.18 -130.51
C VAL H 1106 -19.95 -28.40 -129.01
N LEU H 1107 -20.75 -27.55 -128.33
CA LEU H 1107 -21.03 -27.65 -126.90
C LEU H 1107 -19.76 -28.18 -126.14
N GLY H 1108 -19.85 -29.35 -125.50
CA GLY H 1108 -18.71 -29.99 -124.83
C GLY H 1108 -18.69 -31.45 -125.21
N ALA H 1109 -18.61 -31.72 -126.53
CA ALA H 1109 -18.63 -33.07 -127.06
C ALA H 1109 -17.38 -33.87 -126.69
N SER H 1110 -17.49 -35.21 -126.77
CA SER H 1110 -16.43 -36.16 -126.44
C SER H 1110 -15.26 -36.09 -127.42
N TRP H 1111 -15.57 -36.04 -128.73
CA TRP H 1111 -14.56 -35.99 -129.78
C TRP H 1111 -13.74 -34.67 -129.75
N LEU H 1112 -14.34 -33.56 -129.27
CA LEU H 1112 -13.65 -32.26 -129.19
C LEU H 1112 -12.76 -32.19 -127.96
N THR H 1113 -13.26 -32.64 -126.79
CA THR H 1113 -12.48 -32.65 -125.54
C THR H 1113 -11.29 -33.63 -125.69
N ALA H 1114 -11.47 -34.72 -126.45
CA ALA H 1114 -10.41 -35.70 -126.73
C ALA H 1114 -9.38 -35.11 -127.70
N PHE H 1115 -9.86 -34.39 -128.72
CA PHE H 1115 -8.99 -33.78 -129.72
C PHE H 1115 -8.20 -32.58 -129.16
N ALA H 1116 -8.82 -31.76 -128.29
CA ALA H 1116 -8.19 -30.57 -127.71
C ALA H 1116 -7.01 -30.90 -126.80
N GLN H 1117 -7.13 -31.96 -125.99
CA GLN H 1117 -6.06 -32.40 -125.09
C GLN H 1117 -4.90 -33.07 -125.85
N ARG H 1118 -5.17 -33.73 -127.01
CA ARG H 1118 -4.13 -34.41 -127.78
C ARG H 1118 -3.24 -33.44 -128.58
N SER H 1119 -3.83 -32.45 -129.32
CA SER H 1119 -3.07 -31.52 -130.16
C SER H 1119 -3.37 -30.04 -129.84
N PRO H 1120 -2.42 -29.11 -130.13
CA PRO H 1120 -2.67 -27.69 -129.88
C PRO H 1120 -3.43 -26.96 -131.02
N PHE H 1121 -3.96 -27.70 -132.02
CA PHE H 1121 -4.74 -27.14 -133.12
C PHE H 1121 -6.10 -26.67 -132.56
N ALA H 1122 -6.69 -27.43 -131.61
CA ALA H 1122 -7.92 -27.03 -130.93
C ALA H 1122 -7.61 -26.52 -129.50
N GLU H 1123 -6.72 -25.53 -129.42
CA GLU H 1123 -6.28 -24.89 -128.16
C GLU H 1123 -7.39 -24.04 -127.57
N LEU H 1124 -8.11 -23.34 -128.43
CA LEU H 1124 -9.17 -22.42 -128.06
C LEU H 1124 -10.39 -23.15 -127.48
N PHE H 1125 -10.61 -24.38 -127.94
CA PHE H 1125 -11.76 -25.18 -127.51
C PHE H 1125 -11.64 -25.68 -126.07
N LEU H 1126 -10.41 -25.97 -125.60
CA LEU H 1126 -10.21 -26.47 -124.24
C LEU H 1126 -10.53 -25.38 -123.21
N ALA H 1127 -9.92 -24.19 -123.37
CA ALA H 1127 -10.10 -23.02 -122.48
C ALA H 1127 -9.77 -23.34 -121.00
N PRO I 15 41.88 -24.36 109.71
CA PRO I 15 42.45 -23.46 108.72
C PRO I 15 42.51 -22.03 109.23
N SER I 16 43.71 -21.57 109.58
CA SER I 16 43.88 -20.22 110.10
C SER I 16 45.17 -19.60 109.58
N VAL I 17 45.29 -18.28 109.81
CA VAL I 17 46.45 -17.52 109.41
C VAL I 17 46.72 -16.43 110.41
N SER I 18 48.00 -16.18 110.67
CA SER I 18 48.44 -15.15 111.61
C SER I 18 48.20 -13.76 111.05
N VAL I 19 47.69 -12.83 111.87
CA VAL I 19 47.44 -11.46 111.43
C VAL I 19 47.88 -10.46 112.45
N HIS I 20 48.04 -9.22 112.02
CA HIS I 20 48.42 -8.13 112.91
C HIS I 20 47.23 -7.75 113.76
N PRO I 21 47.41 -7.39 115.04
CA PRO I 21 46.25 -7.07 115.87
C PRO I 21 45.38 -5.95 115.31
N LEU I 22 46.00 -4.85 114.89
CA LEU I 22 45.26 -3.71 114.34
C LEU I 22 44.97 -3.90 112.85
N LEU I 23 46.02 -3.93 112.02
CA LEU I 23 45.90 -4.07 110.56
C LEU I 23 44.90 -5.15 110.17
N GLY I 24 45.07 -6.33 110.74
CA GLY I 24 44.15 -7.44 110.49
C GLY I 24 44.43 -8.17 109.20
N SER I 25 43.35 -8.57 108.48
CA SER I 25 43.44 -9.37 107.25
C SER I 25 44.06 -8.58 106.14
N HIS I 26 45.04 -9.20 105.46
CA HIS I 26 45.87 -8.60 104.42
C HIS I 26 45.61 -9.22 103.07
N VAL I 27 45.43 -8.36 102.07
CA VAL I 27 45.23 -8.77 100.70
C VAL I 27 46.04 -7.86 99.79
N VAL I 28 46.81 -8.47 98.87
CA VAL I 28 47.55 -7.76 97.85
C VAL I 28 46.69 -7.78 96.64
N LEU I 29 46.40 -6.62 96.06
CA LEU I 29 45.49 -6.51 94.94
C LEU I 29 46.11 -7.01 93.65
N PRO I 30 45.29 -7.64 92.79
CA PRO I 30 45.79 -8.14 91.51
C PRO I 30 45.90 -7.02 90.46
N GLN I 31 46.94 -6.20 90.63
CA GLN I 31 47.20 -5.06 89.76
C GLN I 31 48.60 -4.52 89.97
N GLU I 32 49.10 -3.80 88.96
CA GLU I 32 50.39 -3.13 89.02
C GLU I 32 50.11 -1.65 89.31
N PRO I 33 50.80 -1.04 90.27
CA PRO I 33 51.93 -1.55 91.09
C PRO I 33 51.51 -2.39 92.29
N GLU I 34 52.52 -2.98 92.97
CA GLU I 34 52.33 -3.78 94.19
C GLU I 34 51.49 -2.94 95.14
N GLU I 35 50.18 -3.24 95.22
CA GLU I 35 49.26 -2.51 96.09
C GLU I 35 48.68 -3.44 97.13
N HIS I 36 48.87 -3.09 98.41
CA HIS I 36 48.42 -3.87 99.55
C HIS I 36 47.18 -3.26 100.15
N LEU I 37 46.47 -4.05 100.95
CA LEU I 37 45.25 -3.61 101.58
C LEU I 37 44.90 -4.46 102.79
N TRP I 38 44.76 -3.80 103.95
CA TRP I 38 44.34 -4.46 105.18
C TRP I 38 43.00 -3.94 105.61
N GLN I 39 42.26 -4.78 106.32
CA GLN I 39 40.97 -4.43 106.89
C GLN I 39 41.00 -4.94 108.31
N GLY I 40 40.71 -4.07 109.28
CA GLY I 40 40.77 -4.48 110.68
C GLY I 40 39.92 -3.66 111.61
N ASP I 41 39.59 -4.25 112.78
CA ASP I 41 38.78 -3.61 113.79
C ASP I 41 39.66 -3.00 114.84
N VAL I 42 39.32 -1.77 115.24
CA VAL I 42 40.00 -1.03 116.30
C VAL I 42 38.94 -0.61 117.33
N GLY I 43 37.89 -1.43 117.46
CA GLY I 43 36.79 -1.16 118.37
C GLY I 43 37.15 -1.53 119.79
N THR I 44 36.38 -1.00 120.75
CA THR I 44 36.61 -1.25 122.17
C THR I 44 36.28 -2.72 122.55
N GLU I 45 35.39 -3.40 121.80
CA GLU I 45 35.07 -4.80 122.06
C GLU I 45 36.26 -5.67 121.65
N ALA I 46 36.82 -5.38 120.47
CA ALA I 46 37.99 -6.10 119.93
C ALA I 46 39.26 -5.81 120.74
N HIS I 47 39.52 -4.52 121.03
CA HIS I 47 40.69 -4.06 121.79
C HIS I 47 40.24 -3.25 123.03
N PRO I 48 39.93 -3.95 124.14
CA PRO I 48 39.44 -3.25 125.35
C PRO I 48 40.32 -2.10 125.81
N TRP I 49 41.63 -2.34 125.87
CA TRP I 49 42.60 -1.35 126.29
C TRP I 49 42.47 0.00 125.54
N LEU I 50 41.93 0.05 124.31
CA LEU I 50 41.74 1.32 123.58
C LEU I 50 40.70 2.25 124.23
N SER I 51 39.80 1.72 125.08
CA SER I 51 38.82 2.55 125.79
C SER I 51 39.50 3.44 126.85
N ASP I 52 40.70 3.04 127.31
CA ASP I 52 41.46 3.79 128.32
C ASP I 52 42.02 5.12 127.74
N HIS I 53 42.17 5.26 126.41
CA HIS I 53 42.59 6.53 125.80
C HIS I 53 41.33 7.24 125.34
N ARG I 54 41.00 8.39 125.97
CA ARG I 54 39.77 9.11 125.66
C ARG I 54 39.93 10.63 125.77
N VAL I 55 39.48 11.35 124.73
CA VAL I 55 39.54 12.82 124.66
C VAL I 55 38.14 13.36 124.91
N HIS I 56 38.00 14.20 125.94
CA HIS I 56 36.73 14.79 126.37
C HIS I 56 35.72 13.70 126.70
N GLN I 57 36.16 12.70 127.48
CA GLN I 57 35.36 11.56 127.95
C GLN I 57 34.82 10.66 126.82
N VAL I 58 35.41 10.73 125.60
CA VAL I 58 35.00 9.88 124.46
C VAL I 58 36.21 9.09 124.01
N ALA I 59 36.09 7.76 123.87
CA ALA I 59 37.20 6.92 123.45
C ALA I 59 37.62 7.26 122.03
N VAL I 60 38.92 7.53 121.82
CA VAL I 60 39.46 7.88 120.50
C VAL I 60 40.73 7.09 120.24
N LEU I 61 41.05 6.89 118.95
CA LEU I 61 42.25 6.17 118.56
C LEU I 61 43.44 7.08 118.75
N PRO I 62 44.45 6.67 119.55
CA PRO I 62 45.62 7.54 119.75
C PRO I 62 46.49 7.66 118.50
N GLY I 63 47.30 8.72 118.47
CA GLY I 63 48.24 8.96 117.36
C GLY I 63 49.16 7.78 117.17
N ALA I 64 49.65 7.23 118.31
CA ALA I 64 50.51 6.06 118.41
C ALA I 64 49.96 4.80 117.69
N ALA I 65 48.62 4.66 117.57
CA ALA I 65 48.04 3.52 116.86
C ALA I 65 48.41 3.55 115.39
N TYR I 66 48.31 4.71 114.75
CA TYR I 66 48.66 4.86 113.34
C TYR I 66 50.16 4.66 113.13
N CYS I 67 51.00 5.02 114.12
CA CYS I 67 52.45 4.82 114.04
C CYS I 67 52.74 3.36 113.87
N GLU I 68 52.19 2.55 114.77
CA GLU I 68 52.35 1.10 114.76
C GLU I 68 51.87 0.53 113.41
N MET I 69 50.69 0.97 112.95
CA MET I 69 50.12 0.51 111.68
C MET I 69 51.09 0.78 110.54
N ALA I 70 51.69 1.96 110.51
CA ALA I 70 52.66 2.32 109.47
C ALA I 70 53.90 1.44 109.56
N LEU I 71 54.49 1.32 110.75
CA LEU I 71 55.67 0.49 111.00
C LEU I 71 55.41 -0.98 110.62
N ALA I 72 54.21 -1.47 110.95
CA ALA I 72 53.80 -2.83 110.64
C ALA I 72 53.72 -3.05 109.13
N ALA I 73 53.15 -2.09 108.39
CA ALA I 73 52.97 -2.16 106.94
C ALA I 73 54.27 -2.02 106.13
N VAL I 74 55.42 -1.71 106.76
CA VAL I 74 56.68 -1.53 106.03
C VAL I 74 57.18 -2.84 105.45
N THR I 75 57.50 -3.79 106.34
CA THR I 75 58.08 -5.08 105.98
C THR I 75 57.29 -5.85 104.93
N PRO I 76 55.95 -5.98 105.00
CA PRO I 76 55.23 -6.73 103.95
C PRO I 76 55.28 -6.08 102.56
N VAL I 77 55.21 -4.75 102.49
CA VAL I 77 55.22 -4.04 101.22
C VAL I 77 56.66 -4.07 100.68
N LEU I 78 57.55 -3.45 101.45
CA LEU I 78 58.98 -3.35 101.17
C LEU I 78 59.69 -4.44 101.98
N GLY I 79 59.96 -5.58 101.35
CA GLY I 79 60.58 -6.74 102.00
C GLY I 79 61.98 -6.50 102.49
N ASP I 80 62.09 -5.70 103.57
CA ASP I 80 63.37 -5.27 104.15
C ASP I 80 63.12 -4.47 105.43
N THR I 81 64.22 -3.91 105.94
CA THR I 81 64.28 -2.96 107.03
C THR I 81 63.85 -1.61 106.48
N GLY I 82 62.89 -0.95 107.13
CA GLY I 82 62.46 0.35 106.63
C GLY I 82 62.05 1.37 107.66
N GLU I 83 61.79 2.56 107.14
CA GLU I 83 61.40 3.76 107.87
C GLU I 83 60.01 4.15 107.50
N VAL I 84 59.41 5.05 108.28
CA VAL I 84 58.10 5.62 108.01
C VAL I 84 58.31 7.11 107.99
N HIS I 85 58.22 7.74 106.82
CA HIS I 85 58.42 9.17 106.69
C HIS I 85 57.12 9.95 106.63
N ASP I 86 57.19 11.22 107.06
CA ASP I 86 56.12 12.21 106.99
C ASP I 86 54.74 11.61 107.32
N LEU I 87 54.63 10.98 108.49
CA LEU I 87 53.37 10.41 108.96
C LEU I 87 52.51 11.54 109.51
N LYS I 88 51.29 11.72 108.98
CA LYS I 88 50.36 12.77 109.41
C LYS I 88 49.06 12.17 109.93
N PHE I 89 48.47 12.78 110.98
CA PHE I 89 47.17 12.36 111.51
C PHE I 89 46.18 13.44 111.16
N HIS I 90 45.11 13.05 110.47
CA HIS I 90 44.10 13.98 110.00
C HIS I 90 42.98 14.08 111.04
N ASP I 91 41.78 13.49 110.77
CA ASP I 91 40.65 13.57 111.69
C ASP I 91 40.84 12.59 112.84
N MET I 92 40.16 12.90 113.96
CA MET I 92 40.25 12.10 115.17
C MET I 92 39.25 10.96 115.09
N LEU I 93 39.72 9.71 115.15
CA LEU I 93 38.83 8.55 115.06
C LEU I 93 38.18 8.28 116.38
N LEU I 94 36.84 8.31 116.42
CA LEU I 94 36.08 8.05 117.63
C LEU I 94 35.67 6.61 117.60
N LEU I 95 36.00 5.89 118.67
CA LEU I 95 35.81 4.46 118.74
C LEU I 95 34.49 4.07 119.32
N ASP I 96 33.94 2.98 118.78
CA ASP I 96 32.73 2.29 119.19
C ASP I 96 33.13 0.86 119.58
N ASP I 97 32.15 -0.02 119.83
CA ASP I 97 32.40 -1.43 120.15
C ASP I 97 33.11 -2.10 118.95
N ALA I 98 32.71 -1.72 117.72
CA ALA I 98 33.30 -2.18 116.47
C ALA I 98 33.56 -0.98 115.58
N THR I 99 34.82 -0.78 115.21
CA THR I 99 35.28 0.34 114.38
C THR I 99 36.16 -0.24 113.27
N PRO I 100 35.58 -0.63 112.12
CA PRO I 100 36.42 -1.18 111.03
C PRO I 100 37.23 -0.09 110.38
N VAL I 101 38.47 -0.41 110.02
CA VAL I 101 39.44 0.52 109.47
C VAL I 101 40.20 -0.15 108.34
N TRP I 102 40.49 0.61 107.28
CA TRP I 102 41.19 0.10 106.11
C TRP I 102 42.54 0.76 105.88
N VAL I 103 43.61 -0.01 106.04
CA VAL I 103 44.97 0.44 105.77
C VAL I 103 45.26 0.09 104.33
N SER I 104 46.09 0.87 103.67
CA SER I 104 46.41 0.60 102.27
C SER I 104 47.74 1.23 101.88
N ALA I 105 48.65 0.42 101.37
CA ALA I 105 49.96 0.86 100.92
C ALA I 105 50.14 0.51 99.46
N ALA I 106 50.79 1.40 98.69
CA ALA I 106 51.01 1.18 97.27
C ALA I 106 52.38 1.61 96.88
N VAL I 107 53.10 0.76 96.16
CA VAL I 107 54.45 1.08 95.74
C VAL I 107 54.38 2.11 94.63
N THR I 108 55.07 3.22 94.83
CA THR I 108 55.14 4.33 93.89
C THR I 108 56.41 4.19 93.05
N ALA I 109 57.54 4.13 93.75
CA ALA I 109 58.88 3.98 93.20
C ALA I 109 59.59 2.85 93.94
N PRO I 110 60.68 2.27 93.40
CA PRO I 110 61.35 1.18 94.12
C PRO I 110 61.88 1.64 95.48
N GLY I 111 61.54 0.88 96.50
CA GLY I 111 61.92 1.18 97.88
C GLY I 111 61.14 2.34 98.46
N THR I 112 59.94 2.63 97.91
CA THR I 112 59.08 3.72 98.36
C THR I 112 57.63 3.33 98.20
N ALA I 113 56.76 3.79 99.11
CA ALA I 113 55.36 3.44 99.01
C ALA I 113 54.48 4.41 99.78
N GLU I 114 53.31 4.74 99.21
CA GLU I 114 52.34 5.64 99.82
C GLU I 114 51.46 4.85 100.74
N PHE I 115 51.32 5.28 102.00
CA PHE I 115 50.54 4.61 103.05
C PHE I 115 49.31 5.42 103.40
N GLY I 116 48.27 4.76 103.90
CA GLY I 116 47.03 5.46 104.24
C GLY I 116 45.95 4.68 104.97
N VAL I 117 45.58 5.17 106.18
CA VAL I 117 44.54 4.60 107.03
C VAL I 117 43.28 5.42 106.87
N GLU I 118 42.18 4.78 106.46
CA GLU I 118 40.88 5.43 106.24
C GLU I 118 39.77 4.61 106.87
N THR I 119 38.60 5.24 107.01
CA THR I 119 37.42 4.56 107.57
C THR I 119 36.20 4.97 106.73
N HIS I 120 35.34 3.99 106.46
CA HIS I 120 34.16 4.08 105.61
C HIS I 120 32.91 4.00 106.48
N GLN I 121 32.03 5.03 106.42
CA GLN I 121 30.80 5.10 107.21
C GLN I 121 29.61 5.55 106.36
N SER I 122 28.69 4.62 106.05
CA SER I 122 27.47 4.88 105.27
C SER I 122 27.76 5.31 103.81
N GLY I 123 28.91 4.89 103.26
CA GLY I 123 29.35 5.25 101.92
C GLY I 123 30.44 6.31 101.90
N ASP I 124 30.50 7.16 102.97
CA ASP I 124 31.43 8.29 103.10
C ASP I 124 32.79 7.89 103.69
N ARG I 125 33.84 7.91 102.85
CA ARG I 125 35.21 7.58 103.28
C ARG I 125 35.79 8.78 104.04
N THR I 126 36.59 8.52 105.08
CA THR I 126 37.22 9.56 105.90
C THR I 126 38.68 9.18 106.13
N GLN I 127 39.62 9.96 105.57
CA GLN I 127 41.05 9.66 105.73
C GLN I 127 41.47 10.07 107.13
N ARG I 128 42.09 9.13 107.87
CA ARG I 128 42.51 9.32 109.26
C ARG I 128 44.00 9.52 109.41
N ALA I 129 44.82 8.95 108.52
CA ALA I 129 46.27 9.14 108.57
C ALA I 129 46.93 8.73 107.26
N THR I 130 48.06 9.38 106.91
CA THR I 130 48.82 9.10 105.70
C THR I 130 50.31 9.28 105.94
N ALA I 131 51.13 8.46 105.27
CA ALA I 131 52.58 8.51 105.40
C ALA I 131 53.27 7.97 104.15
N VAL I 132 54.60 7.86 104.22
CA VAL I 132 55.41 7.29 103.15
C VAL I 132 56.31 6.24 103.76
N LEU I 133 56.36 5.06 103.17
CA LEU I 133 57.17 3.96 103.66
C LEU I 133 58.43 3.90 102.81
N ARG I 134 59.60 3.70 103.43
CA ARG I 134 60.87 3.65 102.72
C ARG I 134 61.73 2.51 103.20
N GLY I 135 62.26 1.70 102.28
CA GLY I 135 63.13 0.56 102.59
C GLY I 135 64.60 0.76 102.23
N ASP I 136 64.86 1.63 101.25
CA ASP I 136 66.19 1.99 100.75
C ASP I 136 67.11 2.61 101.84
N VAL I 137 66.52 3.23 102.87
CA VAL I 137 67.22 3.89 103.98
C VAL I 137 68.26 2.97 104.62
N ASP I 138 69.39 3.58 105.01
CA ASP I 138 70.54 2.89 105.58
C ASP I 138 70.34 2.58 107.07
N ALA I 139 70.94 1.44 107.50
CA ALA I 139 70.88 0.95 108.87
C ALA I 139 71.82 1.74 109.75
N GLU I 140 71.34 2.93 110.17
CA GLU I 140 72.09 3.85 111.01
C GLU I 140 71.49 3.82 112.41
N ARG I 141 71.80 2.74 113.16
CA ARG I 141 71.30 2.56 114.52
C ARG I 141 72.02 3.50 115.45
N PRO I 142 71.31 4.40 116.16
CA PRO I 142 72.03 5.30 117.06
C PRO I 142 72.69 4.53 118.18
N ALA I 143 73.89 4.95 118.55
CA ALA I 143 74.66 4.28 119.58
C ALA I 143 73.96 4.33 120.92
N ALA I 144 74.14 3.26 121.69
CA ALA I 144 73.55 3.11 123.00
C ALA I 144 73.97 4.23 123.92
N HIS I 145 73.11 4.54 124.88
CA HIS I 145 73.31 5.60 125.84
C HIS I 145 73.69 5.04 127.19
N SER I 146 74.22 5.91 128.05
CA SER I 146 74.58 5.55 129.40
C SER I 146 73.42 5.92 130.27
N ILE I 147 72.61 4.92 130.65
CA ILE I 147 71.42 5.16 131.46
C ILE I 147 71.80 5.79 132.80
N ASP I 148 72.94 5.37 133.37
CA ASP I 148 73.41 5.94 134.64
C ASP I 148 73.73 7.43 134.50
N ALA I 149 74.52 7.80 133.47
CA ALA I 149 74.91 9.19 133.20
C ALA I 149 73.72 10.04 132.82
N LEU I 150 72.79 9.50 132.01
CA LEU I 150 71.58 10.22 131.62
C LEU I 150 70.79 10.60 132.85
N LEU I 151 70.52 9.62 133.73
CA LEU I 151 69.74 9.84 134.95
C LEU I 151 70.47 10.73 135.94
N ALA I 152 71.80 10.71 135.92
CA ALA I 152 72.59 11.58 136.77
C ALA I 152 72.49 13.03 136.27
N ALA I 153 72.47 13.22 134.94
CA ALA I 153 72.35 14.54 134.32
C ALA I 153 70.94 15.14 134.45
N HIS I 154 69.91 14.32 134.74
CA HIS I 154 68.53 14.76 134.93
C HIS I 154 68.10 14.39 136.36
N PRO I 155 68.35 15.26 137.34
CA PRO I 155 68.00 14.94 138.74
C PRO I 155 66.55 15.24 139.11
N ASN I 156 65.95 16.30 138.56
CA ASN I 156 64.58 16.72 138.90
C ASN I 156 63.56 15.69 138.41
N ARG I 157 62.94 14.96 139.34
CA ARG I 157 61.96 13.91 139.04
C ARG I 157 60.54 14.49 138.92
N VAL I 158 59.75 13.95 137.96
CA VAL I 158 58.36 14.31 137.70
C VAL I 158 57.53 13.04 137.80
N ASP I 159 56.54 12.95 138.71
CA ASP I 159 55.74 11.72 138.83
C ASP I 159 54.80 11.58 137.63
N GLY I 160 54.60 10.33 137.22
CA GLY I 160 53.74 9.99 136.09
C GLY I 160 52.28 10.27 136.36
N ASP I 161 51.80 9.85 137.55
CA ASP I 161 50.40 10.06 137.95
C ASP I 161 50.07 11.57 138.04
N GLU I 162 51.02 12.36 138.58
CA GLU I 162 50.91 13.81 138.70
C GLU I 162 50.79 14.46 137.32
N LEU I 163 51.55 13.97 136.34
CA LEU I 163 51.50 14.46 134.97
C LEU I 163 50.21 14.01 134.27
N ARG I 164 49.80 12.74 134.46
CA ARG I 164 48.57 12.18 133.87
C ARG I 164 47.33 12.83 134.47
N ALA I 165 47.43 13.38 135.71
CA ALA I 165 46.34 14.14 136.31
C ALA I 165 46.23 15.51 135.61
N GLY I 166 47.39 16.08 135.26
CA GLY I 166 47.48 17.33 134.51
C GLY I 166 46.89 17.22 133.12
N PHE I 167 47.02 16.05 132.49
CA PHE I 167 46.41 15.78 131.19
C PHE I 167 44.87 15.79 131.29
N GLY I 168 44.34 15.24 132.38
CA GLY I 168 42.90 15.20 132.63
C GLY I 168 42.22 16.55 132.70
N THR I 169 42.95 17.62 133.07
CA THR I 169 42.39 18.97 133.16
C THR I 169 42.15 19.55 131.77
N VAL I 170 43.10 19.36 130.82
CA VAL I 170 42.97 19.88 129.45
C VAL I 170 41.91 19.09 128.64
N GLY I 171 41.56 17.87 129.07
CA GLY I 171 40.55 17.05 128.42
C GLY I 171 40.99 15.66 127.99
N ILE I 172 42.30 15.37 128.06
CA ILE I 172 42.85 14.09 127.64
C ILE I 172 42.89 13.12 128.83
N GLY I 173 42.22 11.98 128.69
CA GLY I 173 42.18 10.95 129.71
C GLY I 173 43.02 9.74 129.35
N HIS I 174 43.92 9.34 130.24
CA HIS I 174 44.78 8.18 130.07
C HIS I 174 44.48 7.18 131.16
N GLY I 175 43.84 6.07 130.80
CA GLY I 175 43.48 5.02 131.75
C GLY I 175 44.63 4.10 132.08
N ALA I 176 44.33 2.98 132.72
CA ALA I 176 45.29 1.97 133.17
C ALA I 176 46.31 1.57 132.10
N ALA I 177 45.82 1.29 130.88
CA ALA I 177 46.64 0.89 129.73
C ALA I 177 47.65 1.96 129.31
N PHE I 178 47.24 3.22 129.35
CA PHE I 178 48.07 4.33 128.91
C PHE I 178 48.86 4.97 130.08
N ALA I 179 48.94 4.28 131.23
CA ALA I 179 49.69 4.74 132.40
C ALA I 179 51.09 4.10 132.47
N GLY I 180 51.72 3.85 131.32
CA GLY I 180 53.03 3.24 131.28
C GLY I 180 54.14 4.12 131.83
N LEU I 181 53.97 5.46 131.68
CA LEU I 181 54.96 6.42 132.16
C LEU I 181 54.99 6.43 133.68
N SER I 182 56.05 5.85 134.27
CA SER I 182 56.22 5.75 135.72
C SER I 182 56.64 7.09 136.32
N GLU I 183 57.70 7.67 135.74
CA GLU I 183 58.27 8.94 136.19
C GLU I 183 59.24 9.48 135.15
N ALA I 184 59.27 10.81 134.97
CA ALA I 184 60.14 11.48 134.01
C ALA I 184 61.17 12.34 134.71
N TYR I 185 62.45 12.17 134.38
CA TYR I 185 63.54 12.94 134.97
C TYR I 185 63.92 14.07 134.03
N VAL I 186 63.99 15.31 134.56
CA VAL I 186 64.33 16.51 133.81
C VAL I 186 65.44 17.28 134.55
N ALA I 187 65.77 18.47 134.07
CA ALA I 187 66.75 19.32 134.72
C ALA I 187 66.23 20.76 134.74
N THR I 188 66.42 21.53 133.65
CA THR I 188 65.98 22.92 133.54
C THR I 188 65.42 23.16 132.15
N ALA I 189 65.05 24.41 131.82
CA ALA I 189 64.58 24.75 130.48
C ALA I 189 65.76 24.80 129.50
N ALA I 190 66.95 25.22 129.98
CA ALA I 190 68.20 25.28 129.18
C ALA I 190 68.59 23.93 128.62
N GLU I 191 68.39 22.87 129.45
CA GLU I 191 68.67 21.48 129.07
C GLU I 191 67.47 20.98 128.27
N PRO I 192 67.60 20.62 126.98
CA PRO I 192 66.42 20.27 126.19
C PRO I 192 66.02 18.78 126.17
N THR I 193 66.44 17.97 127.16
CA THR I 193 66.14 16.54 127.14
C THR I 193 65.36 16.07 128.36
N VAL I 194 64.67 14.92 128.19
CA VAL I 194 63.87 14.25 129.21
C VAL I 194 64.16 12.77 129.20
N VAL I 195 64.58 12.23 130.33
CA VAL I 195 64.82 10.80 130.49
C VAL I 195 63.59 10.28 131.18
N ALA I 196 62.77 9.47 130.50
CA ALA I 196 61.54 8.96 131.09
C ALA I 196 61.63 7.48 131.36
N ALA I 197 60.94 7.00 132.41
CA ALA I 197 60.93 5.61 132.80
C ALA I 197 59.60 4.97 132.42
N VAL I 198 59.45 4.65 131.13
CA VAL I 198 58.23 4.04 130.60
C VAL I 198 58.33 2.53 130.63
N ALA I 199 57.17 1.87 130.57
CA ALA I 199 57.07 0.41 130.57
C ALA I 199 55.64 -0.01 130.29
N LEU I 200 55.44 -0.98 129.39
CA LEU I 200 54.09 -1.45 129.04
C LEU I 200 53.42 -2.09 130.27
N PRO I 201 52.24 -1.60 130.71
CA PRO I 201 51.59 -2.20 131.90
C PRO I 201 51.40 -3.72 131.85
N GLY I 202 51.47 -4.35 133.02
CA GLY I 202 51.35 -5.80 133.21
C GLY I 202 50.25 -6.52 132.45
N PRO I 203 49.00 -6.01 132.43
CA PRO I 203 47.94 -6.71 131.67
C PRO I 203 48.25 -6.83 130.17
N LEU I 204 48.80 -5.76 129.60
CA LEU I 204 49.14 -5.70 128.19
C LEU I 204 50.38 -6.50 127.81
N ARG I 205 51.23 -6.91 128.77
CA ARG I 205 52.45 -7.67 128.46
C ARG I 205 52.10 -9.02 127.80
N SER I 206 50.95 -9.60 128.15
CA SER I 206 50.45 -10.82 127.49
C SER I 206 50.08 -10.51 126.03
N GLY I 207 49.43 -9.37 125.85
CA GLY I 207 49.02 -8.85 124.55
C GLY I 207 50.08 -8.05 123.79
N GLN I 208 51.39 -8.43 123.90
CA GLN I 208 52.48 -7.79 123.13
C GLN I 208 52.45 -8.36 121.70
N ARG I 209 51.82 -9.55 121.54
CA ARG I 209 51.46 -10.25 120.31
C ARG I 209 52.42 -9.92 119.12
N GLY I 210 51.89 -9.35 118.02
CA GLY I 210 52.66 -9.01 116.83
C GLY I 210 52.81 -7.54 116.60
N TYR I 211 52.96 -6.79 117.69
CA TYR I 211 53.17 -5.35 117.61
C TYR I 211 54.65 -5.03 117.46
N THR I 212 55.01 -4.18 116.49
CA THR I 212 56.38 -3.67 116.34
C THR I 212 56.69 -2.91 117.64
N VAL I 213 55.74 -2.06 118.03
CA VAL I 213 55.72 -1.30 119.29
C VAL I 213 54.26 -1.20 119.74
N HIS I 214 53.97 -1.49 121.01
CA HIS I 214 52.58 -1.42 121.47
C HIS I 214 52.13 0.02 121.51
N PRO I 215 50.98 0.41 120.93
CA PRO I 215 50.59 1.83 120.94
C PRO I 215 50.42 2.42 122.35
N ALA I 216 50.05 1.60 123.35
CA ALA I 216 49.92 2.04 124.74
C ALA I 216 51.27 2.55 125.29
N LEU I 217 52.34 1.84 124.93
CA LEU I 217 53.72 2.15 125.31
C LEU I 217 54.23 3.37 124.57
N LEU I 218 54.04 3.41 123.24
CA LEU I 218 54.52 4.53 122.43
C LEU I 218 53.79 5.83 122.84
N ASP I 219 52.50 5.76 123.23
CA ASP I 219 51.80 6.97 123.68
C ASP I 219 52.35 7.44 125.03
N ALA I 220 52.77 6.49 125.89
CA ALA I 220 53.39 6.85 127.17
C ALA I 220 54.75 7.58 126.97
N CYS I 221 55.42 7.34 125.84
CA CYS I 221 56.66 8.03 125.48
C CYS I 221 56.32 9.45 125.03
N PHE I 222 55.21 9.62 124.30
CA PHE I 222 54.77 10.94 123.85
C PHE I 222 54.36 11.79 125.06
N GLN I 223 53.71 11.17 126.08
CA GLN I 223 53.34 11.86 127.33
C GLN I 223 54.60 12.46 127.99
N SER I 224 55.69 11.67 127.99
CA SER I 224 56.98 12.02 128.57
C SER I 224 57.53 13.38 128.06
N VAL I 225 57.22 13.77 126.81
CA VAL I 225 57.68 15.04 126.24
C VAL I 225 57.11 16.24 127.02
N ILE I 226 55.87 16.11 127.51
CA ILE I 226 55.17 17.18 128.24
C ILE I 226 55.80 17.44 129.61
N ALA I 227 56.53 16.44 130.18
CA ALA I 227 57.21 16.60 131.47
C ALA I 227 58.34 17.65 131.42
N HIS I 228 58.83 18.02 130.21
CA HIS I 228 59.89 19.02 130.07
C HIS I 228 59.45 20.38 130.59
N PRO I 229 60.29 21.10 131.36
CA PRO I 229 59.87 22.42 131.89
C PRO I 229 59.55 23.47 130.82
N GLU I 230 60.36 23.54 129.75
CA GLU I 230 60.13 24.50 128.66
C GLU I 230 58.75 24.27 128.02
N VAL I 231 58.28 23.01 127.96
CA VAL I 231 56.96 22.68 127.41
C VAL I 231 55.85 23.13 128.37
N GLN I 232 56.02 22.81 129.67
CA GLN I 232 55.06 23.19 130.71
C GLN I 232 54.85 24.69 130.76
N ASN I 233 55.95 25.46 130.71
CA ASN I 233 55.94 26.91 130.78
C ASN I 233 55.32 27.54 129.52
N ILE I 234 55.83 27.18 128.33
CA ILE I 234 55.36 27.76 127.07
C ILE I 234 53.97 27.23 126.69
N ALA I 235 53.90 26.02 126.11
CA ALA I 235 52.63 25.45 125.66
C ALA I 235 51.82 24.90 126.84
N SER I 236 51.05 25.79 127.47
CA SER I 236 50.18 25.46 128.61
C SER I 236 48.72 25.30 128.10
N GLY I 237 48.55 24.41 127.13
CA GLY I 237 47.26 24.10 126.51
C GLY I 237 47.13 22.62 126.24
N MET I 238 46.11 22.22 125.46
CA MET I 238 45.90 20.81 125.11
C MET I 238 46.84 20.39 123.99
N LEU I 239 47.83 19.51 124.30
CA LEU I 239 48.82 19.05 123.32
C LEU I 239 48.52 17.62 122.89
N LEU I 240 48.14 17.46 121.60
CA LEU I 240 47.82 16.19 120.98
C LEU I 240 48.81 15.90 119.88
N PRO I 241 49.22 14.62 119.67
CA PRO I 241 50.15 14.34 118.57
C PRO I 241 49.47 14.52 117.21
N LEU I 242 50.13 15.26 116.31
CA LEU I 242 49.67 15.60 114.96
C LEU I 242 50.42 14.82 113.85
N GLY I 243 51.67 14.40 114.11
CA GLY I 243 52.48 13.64 113.15
C GLY I 243 53.89 13.31 113.61
N VAL I 244 54.65 12.61 112.75
CA VAL I 244 56.04 12.18 112.98
C VAL I 244 56.85 12.24 111.67
N ARG I 245 57.96 12.98 111.64
CA ARG I 245 58.76 13.08 110.39
C ARG I 245 59.45 11.79 110.00
N ARG I 246 59.93 11.01 110.97
CA ARG I 246 60.64 9.80 110.66
C ARG I 246 60.55 8.82 111.80
N LEU I 247 60.11 7.59 111.51
CA LEU I 247 59.92 6.51 112.47
C LEU I 247 60.65 5.26 112.01
N ARG I 248 61.53 4.70 112.85
CA ARG I 248 62.24 3.47 112.53
C ARG I 248 62.34 2.61 113.74
N ALA I 249 62.17 1.30 113.56
CA ALA I 249 62.32 0.32 114.63
C ALA I 249 63.58 -0.47 114.38
N TYR I 250 64.48 -0.49 115.35
CA TYR I 250 65.75 -1.19 115.22
C TYR I 250 65.70 -2.61 115.77
N GLY I 251 64.83 -2.84 116.76
CA GLY I 251 64.67 -4.14 117.39
C GLY I 251 63.32 -4.33 118.05
N SER I 252 63.25 -5.26 119.00
CA SER I 252 62.03 -5.53 119.72
C SER I 252 61.89 -4.55 120.84
N THR I 253 60.71 -3.95 120.96
CA THR I 253 60.45 -2.99 122.02
C THR I 253 59.87 -3.69 123.29
N ARG I 254 59.94 -5.03 123.37
CA ARG I 254 59.41 -5.80 124.49
C ARG I 254 60.06 -5.43 125.82
N ASN I 255 61.39 -5.29 125.79
CA ASN I 255 62.20 -5.00 126.96
C ASN I 255 62.58 -3.49 127.10
N VAL I 256 61.80 -2.57 126.47
CA VAL I 256 62.05 -1.14 126.63
C VAL I 256 61.65 -0.70 128.05
N ARG I 257 62.57 -0.03 128.76
CA ARG I 257 62.36 0.47 130.11
C ARG I 257 62.48 1.99 130.20
N TYR I 258 63.05 2.66 129.17
CA TYR I 258 63.24 4.11 129.17
C TYR I 258 62.90 4.75 127.85
N CYS I 259 62.69 6.08 127.88
CA CYS I 259 62.42 6.87 126.69
C CYS I 259 63.14 8.21 126.81
N LEU I 260 64.14 8.41 125.96
CA LEU I 260 64.92 9.64 125.92
C LEU I 260 64.32 10.61 124.92
N SER I 261 63.70 11.71 125.39
CA SER I 261 63.08 12.72 124.53
C SER I 261 63.99 13.94 124.42
N ARG I 262 63.81 14.72 123.35
CA ARG I 262 64.58 15.95 123.11
C ARG I 262 63.69 17.00 122.47
N ILE I 263 63.65 18.22 123.03
CA ILE I 263 62.81 19.28 122.50
C ILE I 263 63.54 20.00 121.37
N VAL I 264 62.95 19.96 120.17
CA VAL I 264 63.49 20.63 119.00
C VAL I 264 63.02 22.06 118.99
N LYS I 265 61.70 22.25 119.14
CA LYS I 265 61.05 23.55 119.15
C LYS I 265 59.90 23.54 120.19
N ALA I 266 59.79 24.63 120.96
CA ALA I 266 58.77 24.84 121.99
C ALA I 266 58.14 26.21 121.79
N ASP I 267 56.97 26.23 121.16
CA ASP I 267 56.24 27.44 120.82
C ASP I 267 54.83 27.39 121.40
N SER I 268 54.18 28.56 121.46
CA SER I 268 52.80 28.71 121.92
C SER I 268 51.82 27.85 121.09
N PHE I 269 52.10 27.70 119.77
CA PHE I 269 51.24 26.95 118.85
C PHE I 269 51.41 25.44 119.04
N GLY I 270 52.66 24.98 119.03
CA GLY I 270 52.95 23.56 119.19
C GLY I 270 54.36 23.26 119.67
N VAL I 271 54.66 21.95 119.79
CA VAL I 271 55.95 21.44 120.27
C VAL I 271 56.46 20.35 119.34
N GLU I 272 57.73 20.42 118.91
CA GLU I 272 58.36 19.39 118.08
C GLU I 272 59.40 18.68 118.91
N ALA I 273 59.49 17.35 118.80
CA ALA I 273 60.45 16.60 119.62
C ALA I 273 60.94 15.29 118.99
N ASP I 274 62.22 14.94 119.28
CA ASP I 274 62.87 13.70 118.83
C ASP I 274 62.94 12.71 119.98
N LEU I 275 62.41 11.49 119.76
CA LEU I 275 62.38 10.43 120.77
C LEU I 275 63.26 9.24 120.42
N GLU I 276 63.61 8.48 121.46
CA GLU I 276 64.41 7.27 121.36
C GLU I 276 64.01 6.34 122.48
N LEU I 277 63.55 5.13 122.15
CA LEU I 277 63.12 4.14 123.12
C LEU I 277 64.30 3.25 123.45
N LEU I 278 64.78 3.32 124.70
CA LEU I 278 65.96 2.59 125.14
C LEU I 278 65.64 1.44 126.07
N ASP I 279 66.38 0.32 125.96
CA ASP I 279 66.22 -0.80 126.88
C ASP I 279 66.97 -0.47 128.19
N ALA I 280 67.03 -1.42 129.13
CA ALA I 280 67.71 -1.20 130.40
C ALA I 280 69.21 -0.88 130.25
N ASP I 281 69.87 -1.52 129.27
CA ASP I 281 71.30 -1.33 128.98
C ASP I 281 71.59 0.05 128.38
N GLY I 282 70.58 0.61 127.70
CA GLY I 282 70.66 1.89 127.04
C GLY I 282 70.66 1.80 125.53
N THR I 283 70.55 0.58 124.95
CA THR I 283 70.53 0.38 123.51
C THR I 283 69.25 0.92 122.92
N VAL I 284 69.34 1.58 121.75
CA VAL I 284 68.16 2.15 121.11
C VAL I 284 67.38 1.06 120.37
N LEU I 285 66.06 0.97 120.63
CA LEU I 285 65.16 -0.02 120.02
C LEU I 285 64.24 0.60 118.99
N LEU I 286 63.85 1.87 119.17
CA LEU I 286 63.01 2.59 118.22
C LEU I 286 63.29 4.07 118.35
N SER I 287 63.22 4.80 117.23
CA SER I 287 63.42 6.26 117.24
C SER I 287 62.33 6.94 116.42
N ALA I 288 61.73 8.00 116.99
CA ALA I 288 60.67 8.78 116.35
C ALA I 288 61.11 10.23 116.31
N MET I 289 61.51 10.68 115.13
CA MET I 289 62.05 12.02 114.93
C MET I 289 60.94 13.00 114.59
N GLY I 290 60.96 14.13 115.27
CA GLY I 290 60.02 15.21 115.01
C GLY I 290 58.56 14.89 115.22
N LEU I 291 58.20 14.49 116.46
CA LEU I 291 56.80 14.26 116.82
C LEU I 291 56.11 15.62 116.96
N GLN I 292 55.15 15.96 116.08
CA GLN I 292 54.45 17.24 116.17
C GLN I 292 53.33 17.14 117.19
N LEU I 293 53.21 18.15 118.06
CA LEU I 293 52.19 18.23 119.09
C LEU I 293 51.54 19.57 118.99
N GLY I 294 50.24 19.65 119.23
CA GLY I 294 49.56 20.94 119.19
C GLY I 294 48.09 20.93 119.56
N THR I 295 47.43 22.05 119.24
CA THR I 295 46.01 22.26 119.52
C THR I 295 45.16 21.32 118.67
N GLY I 296 43.85 21.27 118.99
CA GLY I 296 42.90 20.41 118.29
C GLY I 296 42.64 20.86 116.88
N ASN I 297 41.55 21.62 116.69
CA ASN I 297 41.24 22.15 115.36
C ASN I 297 42.12 23.39 115.13
N SER I 298 42.10 24.35 116.06
CA SER I 298 42.91 25.57 115.95
C SER I 298 42.99 26.30 117.31
N ASP I 299 43.74 27.44 117.35
CA ASP I 299 43.85 28.30 118.53
C ASP I 299 42.54 29.13 118.74
N LYS I 300 41.67 29.19 117.70
CA LYS I 300 40.38 29.87 117.73
C LYS I 300 39.30 28.94 118.31
N ALA I 301 39.37 27.62 117.98
CA ALA I 301 38.45 26.60 118.49
C ALA I 301 38.71 26.29 119.99
N GLU I 302 39.89 26.66 120.55
CA GLU I 302 40.21 26.50 121.98
C GLU I 302 39.53 27.62 122.80
N GLU I 303 39.48 28.86 122.22
CA GLU I 303 38.85 30.03 122.86
C GLU I 303 37.33 29.86 122.98
N GLU I 304 36.68 29.22 121.97
CA GLU I 304 35.23 28.96 121.97
C GLU I 304 34.88 27.70 122.79
N ARG I 305 35.80 26.71 122.93
CA ARG I 305 35.56 25.54 123.80
C ARG I 305 35.62 25.97 125.26
N LEU I 306 36.71 26.66 125.67
CA LEU I 306 36.93 27.08 127.06
C LEU I 306 35.89 28.13 127.55
N LEU I 307 35.32 28.95 126.64
CA LEU I 307 34.31 29.95 126.99
C LEU I 307 32.93 29.30 127.22
N ASP I 308 32.58 28.21 126.48
CA ASP I 308 31.30 27.48 126.64
C ASP I 308 31.16 26.95 128.07
N GLU I 309 32.20 26.22 128.54
CA GLU I 309 32.26 25.67 129.90
C GLU I 309 32.09 26.81 130.93
N ARG I 310 32.71 27.99 130.68
CA ARG I 310 32.54 29.19 131.52
C ARG I 310 31.14 29.77 131.36
N PRO I 520 25.89 25.01 132.71
CA PRO I 520 26.14 26.03 131.71
C PRO I 520 25.51 25.63 130.37
N SER I 521 24.72 26.55 129.78
CA SER I 521 24.02 26.37 128.52
C SER I 521 24.40 27.49 127.55
N PRO I 522 25.56 27.40 126.86
CA PRO I 522 25.96 28.48 125.94
C PRO I 522 25.47 28.20 124.52
N LEU I 523 24.14 28.04 124.38
CA LEU I 523 23.50 27.70 123.12
C LEU I 523 23.43 28.92 122.20
N ARG I 524 23.24 28.66 120.91
CA ARG I 524 23.13 29.69 119.88
C ARG I 524 21.88 29.44 119.04
N ALA I 525 20.89 28.70 119.59
CA ALA I 525 19.65 28.39 118.88
C ALA I 525 18.59 29.42 119.31
N ALA I 526 17.77 29.12 120.33
CA ALA I 526 16.80 30.08 120.86
C ALA I 526 17.54 31.14 121.67
N GLU I 527 18.71 30.75 122.22
CA GLU I 527 19.56 31.62 123.01
C GLU I 527 20.27 32.68 122.15
N ARG I 528 20.17 32.63 120.81
CA ARG I 528 20.69 33.67 119.93
C ARG I 528 19.63 34.77 119.76
N ARG I 529 20.07 36.00 119.44
CA ARG I 529 19.19 37.15 119.21
C ARG I 529 18.17 36.92 118.08
N THR I 530 17.16 37.79 118.04
CA THR I 530 16.04 37.80 117.10
C THR I 530 15.72 39.24 116.73
N ALA I 531 15.07 39.44 115.59
CA ALA I 531 14.68 40.76 115.12
C ALA I 531 13.58 40.66 114.09
N VAL I 532 13.08 41.81 113.65
CA VAL I 532 12.07 41.89 112.58
C VAL I 532 12.65 42.84 111.54
N ALA I 533 12.62 42.43 110.27
CA ALA I 533 13.20 43.24 109.18
C ALA I 533 12.23 43.42 108.01
N ASP I 534 12.33 44.57 107.33
CA ASP I 534 11.50 44.95 106.17
C ASP I 534 11.86 44.04 104.96
N ASN I 535 10.96 43.93 103.97
CA ASN I 535 11.16 43.06 102.79
C ASN I 535 11.78 43.79 101.58
N ALA I 536 11.52 45.11 101.41
CA ALA I 536 12.07 45.92 100.30
C ALA I 536 13.50 46.37 100.59
N SER I 537 13.77 46.71 101.85
CA SER I 537 15.06 47.14 102.36
C SER I 537 15.57 46.07 103.31
N GLU I 538 16.81 46.20 103.83
CA GLU I 538 17.42 45.30 104.81
C GLU I 538 17.67 43.88 104.27
N GLY I 539 18.90 43.40 104.45
CA GLY I 539 19.29 42.08 103.99
C GLY I 539 18.75 40.96 104.86
N MET I 540 18.05 40.01 104.23
CA MET I 540 17.49 38.82 104.88
C MET I 540 17.85 37.61 104.02
N ARG I 541 18.71 36.72 104.55
CA ARG I 541 19.19 35.51 103.87
C ARG I 541 18.53 34.28 104.52
N LEU I 542 18.64 33.11 103.89
CA LEU I 542 18.02 31.88 104.40
C LEU I 542 19.07 30.78 104.43
N VAL I 543 19.20 30.09 105.58
CA VAL I 543 20.24 29.06 105.76
C VAL I 543 19.89 28.10 106.92
N VAL I 544 20.50 26.89 106.94
CA VAL I 544 20.35 25.90 108.03
C VAL I 544 21.52 26.03 109.00
N ARG I 545 21.25 26.20 110.32
CA ARG I 545 22.33 26.32 111.31
C ARG I 545 23.09 25.00 111.42
N ASN I 546 22.39 23.85 111.33
CA ASN I 546 23.04 22.54 111.32
C ASN I 546 22.33 21.63 110.31
N PRO I 547 22.97 21.30 109.17
CA PRO I 547 22.32 20.44 108.18
C PRO I 547 21.89 19.08 108.72
N GLY I 548 20.90 18.49 108.08
CA GLY I 548 20.30 17.23 108.49
C GLY I 548 18.89 17.46 108.98
N ASP I 549 18.70 18.50 109.80
CA ASP I 549 17.43 18.90 110.37
C ASP I 549 16.84 20.04 109.57
N LEU I 550 15.63 19.88 109.01
CA LEU I 550 14.97 20.95 108.27
C LEU I 550 14.28 21.94 109.20
N GLU I 551 14.05 21.55 110.47
CA GLU I 551 13.50 22.45 111.48
C GLU I 551 14.56 23.53 111.85
N SER I 552 15.85 23.23 111.59
CA SER I 552 16.96 24.17 111.81
C SER I 552 17.06 25.27 110.72
N MET I 553 16.07 25.35 109.78
CA MET I 553 16.04 26.36 108.71
C MET I 553 15.73 27.73 109.30
N GLU I 554 16.74 28.60 109.32
CA GLU I 554 16.62 29.93 109.91
C GLU I 554 16.70 31.03 108.87
N LEU I 555 15.94 32.11 109.07
CA LEU I 555 15.93 33.26 108.16
C LEU I 555 16.91 34.29 108.71
N VAL I 556 18.21 34.03 108.54
CA VAL I 556 19.28 34.87 109.06
C VAL I 556 19.35 36.24 108.36
N THR I 557 20.07 37.19 108.96
CA THR I 557 20.27 38.55 108.45
C THR I 557 21.65 38.73 107.84
N PHE I 558 21.86 39.90 107.22
CA PHE I 558 23.16 40.30 106.67
C PHE I 558 23.15 41.79 106.32
N GLU I 559 24.29 42.46 106.48
CA GLU I 559 24.42 43.87 106.10
C GLU I 559 24.71 43.91 104.60
N ARG I 560 23.74 44.37 103.78
CA ARG I 560 23.93 44.45 102.34
C ARG I 560 24.85 45.63 102.02
N GLY I 561 26.10 45.32 101.70
CA GLY I 561 27.12 46.31 101.42
C GLY I 561 27.23 46.67 99.95
N THR I 562 28.03 47.72 99.67
CA THR I 562 28.25 48.18 98.31
C THR I 562 29.01 47.11 97.51
N PRO I 563 28.55 46.80 96.29
CA PRO I 563 29.28 45.81 95.49
C PRO I 563 30.53 46.42 94.86
N GLY I 564 31.37 45.56 94.33
CA GLY I 564 32.58 45.95 93.63
C GLY I 564 33.83 45.36 94.25
N PRO I 565 34.93 45.28 93.49
CA PRO I 565 35.07 45.65 92.09
C PRO I 565 34.66 44.52 91.15
N GLY I 566 33.94 44.87 90.10
CA GLY I 566 33.46 43.89 89.11
C GLY I 566 32.36 42.99 89.62
N GLN I 567 31.47 43.52 90.48
CA GLN I 567 30.34 42.80 91.06
C GLN I 567 29.10 43.66 90.99
N ILE I 568 27.93 43.03 91.16
CA ILE I 568 26.63 43.68 91.07
C ILE I 568 25.72 43.20 92.16
N GLU I 569 24.97 44.12 92.79
CA GLU I 569 23.94 43.77 93.77
C GLU I 569 22.63 43.65 93.01
N VAL I 570 21.88 42.57 93.20
CA VAL I 570 20.62 42.34 92.50
C VAL I 570 19.49 42.20 93.51
N ALA I 571 18.34 42.80 93.20
CA ALA I 571 17.13 42.68 94.01
C ALA I 571 16.37 41.49 93.48
N VAL I 572 16.50 40.35 94.16
CA VAL I 572 15.92 39.08 93.71
C VAL I 572 14.39 39.11 93.89
N LYS I 573 13.68 38.79 92.79
CA LYS I 573 12.22 38.70 92.74
C LYS I 573 11.80 37.24 92.93
N ALA I 574 12.56 36.28 92.39
CA ALA I 574 12.28 34.84 92.55
C ALA I 574 13.50 33.99 92.22
N SER I 575 13.81 32.99 93.09
CA SER I 575 14.93 32.04 92.90
C SER I 575 14.39 30.63 92.78
N SER I 576 15.25 29.65 92.50
CA SER I 576 14.82 28.28 92.30
C SER I 576 15.44 27.34 93.32
N ILE I 577 14.76 26.17 93.48
CA ILE I 577 15.09 25.06 94.36
C ILE I 577 15.55 23.88 93.50
N ASN I 578 16.87 23.68 93.43
CA ASN I 578 17.46 22.58 92.69
C ASN I 578 17.62 21.45 93.66
N PHE I 579 17.83 20.22 93.18
CA PHE I 579 17.99 19.11 94.13
C PHE I 579 19.31 19.28 94.91
N ALA I 580 20.31 19.94 94.32
CA ALA I 580 21.56 20.23 95.01
C ALA I 580 21.28 20.95 96.33
N ASP I 581 20.31 21.90 96.34
CA ASP I 581 19.91 22.68 97.52
C ASP I 581 19.25 21.80 98.58
N VAL I 582 18.67 20.66 98.17
CA VAL I 582 18.10 19.69 99.10
C VAL I 582 19.22 19.00 99.84
N LEU I 583 20.24 18.54 99.10
CA LEU I 583 21.38 17.84 99.67
C LEU I 583 22.13 18.73 100.64
N VAL I 584 22.20 20.03 100.34
CA VAL I 584 22.84 20.99 101.25
C VAL I 584 22.06 20.99 102.57
N ALA I 585 20.70 21.03 102.48
CA ALA I 585 19.82 21.02 103.67
C ALA I 585 20.05 19.80 104.54
N PHE I 586 20.24 18.63 103.91
CA PHE I 586 20.48 17.39 104.65
C PHE I 586 21.97 17.12 104.95
N GLY I 587 22.88 17.94 104.42
CA GLY I 587 24.32 17.80 104.63
C GLY I 587 24.96 16.71 103.79
N ARG I 588 24.22 16.19 102.81
CA ARG I 588 24.68 15.14 101.90
C ARG I 588 25.30 15.72 100.61
N CYS I 589 25.54 17.04 100.52
CA CYS I 589 26.05 17.62 99.27
C CYS I 589 27.57 17.50 99.16
N PRO I 590 28.09 16.91 98.05
CA PRO I 590 29.54 16.85 97.84
C PRO I 590 30.05 18.07 97.10
N SER I 591 31.22 18.57 97.49
CA SER I 591 31.82 19.74 96.87
C SER I 591 33.34 19.56 96.74
N PHE I 592 33.89 20.06 95.61
CA PHE I 592 35.32 20.02 95.31
C PHE I 592 36.08 20.90 96.27
N ASP I 593 35.47 22.05 96.61
CA ASP I 593 36.02 23.00 97.57
C ASP I 593 36.16 22.34 98.95
N GLY I 594 35.18 21.54 99.32
CA GLY I 594 35.10 20.88 100.61
C GLY I 594 34.07 21.56 101.49
N ARG I 595 33.94 22.90 101.35
CA ARG I 595 32.99 23.72 102.09
C ARG I 595 31.59 23.47 101.56
N LEU I 596 30.60 23.33 102.47
CA LEU I 596 29.22 23.06 102.06
C LEU I 596 28.64 24.34 101.49
N PRO I 597 28.10 24.28 100.26
CA PRO I 597 27.59 25.52 99.64
C PRO I 597 26.40 26.11 100.37
N GLU I 598 26.05 27.33 99.96
CA GLU I 598 24.94 28.07 100.53
C GLU I 598 23.69 27.81 99.70
N LEU I 599 22.52 27.84 100.37
CA LEU I 599 21.21 27.56 99.77
C LEU I 599 20.81 28.57 98.69
N GLY I 600 20.57 28.07 97.48
CA GLY I 600 20.14 28.86 96.34
C GLY I 600 21.31 29.11 95.42
N SER I 601 21.27 28.52 94.21
CA SER I 601 22.36 28.67 93.24
C SER I 601 22.03 29.75 92.21
N GLU I 602 20.87 29.64 91.56
CA GLU I 602 20.43 30.59 90.52
C GLU I 602 19.44 31.60 91.09
N PHE I 603 19.16 32.67 90.33
CA PHE I 603 18.23 33.72 90.71
C PHE I 603 17.63 34.44 89.50
N GLY I 604 16.68 35.30 89.79
CA GLY I 604 16.04 36.17 88.82
C GLY I 604 15.65 37.45 89.52
N GLY I 605 16.19 38.58 89.06
CA GLY I 605 15.90 39.86 89.70
C GLY I 605 16.16 41.09 88.85
N VAL I 606 16.43 42.21 89.54
CA VAL I 606 16.71 43.50 88.91
C VAL I 606 17.94 44.10 89.55
N VAL I 607 18.82 44.73 88.76
CA VAL I 607 20.06 45.28 89.31
C VAL I 607 19.76 46.47 90.25
N THR I 608 20.34 46.42 91.46
CA THR I 608 20.21 47.46 92.48
C THR I 608 21.35 48.42 92.34
N ALA I 609 22.57 47.90 92.38
CA ALA I 609 23.78 48.69 92.29
C ALA I 609 24.85 47.95 91.53
N VAL I 610 25.67 48.69 90.78
CA VAL I 610 26.77 48.14 90.01
C VAL I 610 28.07 48.58 90.67
N GLY I 611 28.94 47.62 90.94
CA GLY I 611 30.22 47.87 91.58
C GLY I 611 31.25 48.45 90.64
N PRO I 612 32.14 49.33 91.14
CA PRO I 612 33.15 49.95 90.26
C PRO I 612 34.18 48.93 89.74
N GLY I 613 34.28 48.70 88.44
CA GLY I 613 33.51 49.34 87.38
C GLY I 613 33.27 48.37 86.25
N VAL I 614 31.99 48.26 85.82
CA VAL I 614 31.61 47.35 84.74
C VAL I 614 30.67 48.05 83.77
N THR I 615 31.05 48.02 82.48
CA THR I 615 30.33 48.62 81.38
C THR I 615 29.15 47.75 80.94
N THR I 616 29.27 46.43 81.17
CA THR I 616 28.30 45.42 80.77
C THR I 616 26.91 45.64 81.37
N HIS I 617 26.81 45.65 82.71
CA HIS I 617 25.51 45.82 83.38
C HIS I 617 25.23 47.27 83.71
N ARG I 618 23.93 47.55 83.84
CA ARG I 618 23.39 48.87 84.18
C ARG I 618 22.35 48.67 85.31
N VAL I 619 22.16 49.70 86.14
CA VAL I 619 21.20 49.62 87.25
C VAL I 619 19.79 49.65 86.67
N GLY I 620 18.91 48.83 87.24
CA GLY I 620 17.54 48.70 86.77
C GLY I 620 17.36 47.65 85.69
N ASP I 621 18.45 46.99 85.25
CA ASP I 621 18.37 45.93 84.25
C ASP I 621 17.73 44.70 84.84
N ARG I 622 16.75 44.11 84.15
CA ARG I 622 16.13 42.85 84.58
C ARG I 622 17.12 41.74 84.23
N VAL I 623 17.72 41.09 85.24
CA VAL I 623 18.76 40.08 85.02
C VAL I 623 18.44 38.75 85.67
N GLY I 624 19.16 37.74 85.22
CA GLY I 624 19.13 36.39 85.75
C GLY I 624 20.55 35.90 85.81
N GLY I 625 20.87 35.09 86.81
CA GLY I 625 22.23 34.62 86.99
C GLY I 625 22.44 33.56 88.03
N VAL I 626 23.72 33.32 88.36
CA VAL I 626 24.16 32.36 89.36
C VAL I 626 25.07 33.11 90.32
N SER I 627 25.21 32.63 91.57
CA SER I 627 26.08 33.34 92.51
C SER I 627 26.68 32.54 93.66
N ALA I 628 25.91 31.61 94.26
CA ALA I 628 26.25 30.96 95.54
C ALA I 628 25.96 32.05 96.56
N ASN I 629 26.69 32.15 97.69
CA ASN I 629 26.47 33.24 98.66
C ASN I 629 24.97 33.40 99.10
N GLY I 630 24.15 32.36 98.87
CA GLY I 630 22.74 32.37 99.22
C GLY I 630 21.87 33.20 98.31
N CYS I 631 21.21 32.55 97.33
CA CYS I 631 20.30 33.24 96.42
C CYS I 631 18.87 33.28 96.97
N TRP I 632 18.64 32.67 98.16
CA TRP I 632 17.37 32.72 98.83
C TRP I 632 17.43 33.92 99.76
N SER I 633 17.32 35.13 99.17
CA SER I 633 17.37 36.42 99.86
C SER I 633 16.79 37.52 99.00
N ASN I 634 16.45 38.68 99.61
CA ASN I 634 15.91 39.82 98.85
C ASN I 634 17.02 40.50 98.04
N PHE I 635 18.31 40.41 98.49
CA PHE I 635 19.46 41.01 97.79
C PHE I 635 20.61 40.02 97.65
N VAL I 636 21.24 39.97 96.47
CA VAL I 636 22.36 39.07 96.20
C VAL I 636 23.44 39.81 95.48
N THR I 637 24.70 39.70 95.96
CA THR I 637 25.83 40.30 95.29
C THR I 637 26.50 39.18 94.51
N CYS I 638 26.62 39.34 93.18
CA CYS I 638 27.26 38.35 92.31
C CYS I 638 28.17 39.05 91.31
N GLU I 639 29.09 38.31 90.71
CA GLU I 639 30.01 38.86 89.73
C GLU I 639 29.30 39.26 88.43
N ALA I 640 29.89 40.18 87.67
CA ALA I 640 29.35 40.62 86.38
C ALA I 640 29.40 39.48 85.35
N ASP I 641 30.37 38.55 85.54
CA ASP I 641 30.55 37.35 84.71
C ASP I 641 29.40 36.37 84.88
N LEU I 642 28.59 36.46 85.96
CA LEU I 642 27.52 35.49 86.24
C LEU I 642 26.11 36.01 86.06
N ALA I 643 25.93 37.20 85.53
CA ALA I 643 24.59 37.70 85.30
C ALA I 643 24.45 38.14 83.87
N THR I 644 23.26 37.97 83.31
CA THR I 644 22.96 38.36 81.94
C THR I 644 21.55 38.95 81.90
N LYS I 645 21.35 40.00 81.07
CA LYS I 645 20.05 40.66 80.97
C LYS I 645 19.05 39.71 80.34
N LEU I 646 17.82 39.73 80.84
CA LEU I 646 16.79 38.83 80.33
C LEU I 646 16.12 39.41 79.09
N PRO I 647 15.74 38.56 78.10
CA PRO I 647 15.00 39.09 76.94
C PRO I 647 13.55 39.43 77.30
N GLU I 648 12.82 40.08 76.38
CA GLU I 648 11.43 40.48 76.65
C GLU I 648 10.48 39.29 76.92
N GLY I 649 10.73 38.16 76.27
CA GLY I 649 9.88 36.96 76.37
C GLY I 649 9.75 36.25 77.69
N ILE I 650 10.70 36.48 78.66
CA ILE I 650 10.64 35.81 79.98
C ILE I 650 10.75 36.77 81.16
N SER I 651 10.03 36.41 82.21
CA SER I 651 10.00 37.11 83.48
C SER I 651 11.15 36.68 84.35
N GLU I 652 11.29 37.38 85.49
CA GLU I 652 12.27 37.06 86.51
C GLU I 652 11.99 35.66 87.06
N HIS I 653 10.71 35.36 87.29
CA HIS I 653 10.23 34.06 87.80
C HIS I 653 10.46 32.91 86.80
N GLU I 654 10.24 33.17 85.50
CA GLU I 654 10.45 32.16 84.45
C GLU I 654 11.95 31.84 84.36
N ALA I 655 12.80 32.87 84.27
CA ALA I 655 14.26 32.73 84.19
C ALA I 655 14.90 32.06 85.41
N ALA I 656 14.28 32.15 86.57
CA ALA I 656 14.82 31.52 87.78
C ALA I 656 14.61 30.02 87.74
N ALA I 657 13.46 29.56 87.24
CA ALA I 657 13.21 28.12 87.12
C ALA I 657 14.11 27.45 86.07
N VAL I 658 14.16 28.06 84.88
CA VAL I 658 14.86 27.56 83.69
C VAL I 658 16.37 27.37 83.91
N GLY I 659 17.06 28.49 84.12
CA GLY I 659 18.51 28.60 84.25
C GLY I 659 19.38 27.37 84.27
N LEU I 660 19.48 26.70 85.43
CA LEU I 660 20.37 25.55 85.64
C LEU I 660 19.83 24.28 85.03
N ALA I 661 18.54 23.98 85.21
CA ALA I 661 17.96 22.78 84.64
C ALA I 661 18.22 22.70 83.15
N TYR I 662 17.82 23.76 82.43
CA TYR I 662 18.00 23.83 80.98
C TYR I 662 19.46 24.04 80.63
N GLY I 663 20.20 24.79 81.42
CA GLY I 663 21.62 25.00 81.19
C GLY I 663 22.38 23.69 81.18
N THR I 664 22.24 22.91 82.26
CA THR I 664 22.90 21.60 82.43
C THR I 664 22.57 20.71 81.25
N VAL I 665 21.29 20.65 80.88
CA VAL I 665 20.80 19.85 79.74
C VAL I 665 21.40 20.36 78.41
N TRP I 666 21.39 21.67 78.21
CA TRP I 666 21.91 22.28 76.99
C TRP I 666 23.36 21.90 76.83
N LEU I 667 24.14 22.15 77.87
CA LEU I 667 25.55 21.81 77.89
C LEU I 667 25.71 20.32 77.59
N GLY I 668 25.08 19.49 78.40
CA GLY I 668 25.18 18.04 78.30
C GLY I 668 24.76 17.39 76.99
N LEU I 669 23.56 17.74 76.49
CA LEU I 669 23.04 17.10 75.29
C LEU I 669 23.45 17.79 74.00
N THR I 670 23.05 19.03 73.78
CA THR I 670 23.34 19.71 72.53
C THR I 670 24.80 20.14 72.37
N GLU I 671 25.54 20.35 73.47
CA GLU I 671 26.91 20.87 73.40
C GLU I 671 27.97 19.77 73.51
N LEU I 672 27.90 18.92 74.55
CA LEU I 672 28.90 17.87 74.79
C LEU I 672 28.61 16.63 74.00
N ALA I 673 27.40 16.08 74.18
CA ALA I 673 26.98 14.87 73.50
C ALA I 673 26.55 15.13 72.05
N ARG I 674 26.40 16.41 71.63
CA ARG I 674 25.96 16.78 70.30
C ARG I 674 24.79 15.89 69.90
N MET I 675 23.66 16.10 70.57
CA MET I 675 22.48 15.29 70.35
C MET I 675 21.94 15.57 68.98
N SER I 676 22.07 14.58 68.12
CA SER I 676 21.58 14.65 66.76
C SER I 676 20.12 14.23 66.74
N ALA I 677 19.49 14.32 65.59
CA ALA I 677 18.12 13.90 65.45
C ALA I 677 18.07 12.41 65.22
N GLY I 678 17.04 11.79 65.72
CA GLY I 678 16.83 10.35 65.57
C GLY I 678 17.49 9.46 66.61
N ASP I 679 18.69 9.86 67.10
CA ASP I 679 19.39 9.03 68.07
C ASP I 679 18.58 8.91 69.40
N LYS I 680 18.72 7.74 70.04
CA LYS I 680 17.96 7.37 71.23
C LYS I 680 18.62 7.91 72.47
N ILE I 681 17.82 8.49 73.37
CA ILE I 681 18.34 9.08 74.60
C ILE I 681 17.62 8.50 75.83
N LEU I 682 18.39 8.22 76.88
CA LEU I 682 17.86 7.72 78.14
C LEU I 682 17.88 8.84 79.17
N ILE I 683 16.70 9.31 79.60
CA ILE I 683 16.57 10.41 80.57
C ILE I 683 16.16 9.84 81.92
N HIS I 684 17.09 9.76 82.86
CA HIS I 684 16.73 9.25 84.19
C HIS I 684 15.98 10.30 85.02
N SER I 685 14.92 9.87 85.77
CA SER I 685 14.09 10.72 86.65
C SER I 685 13.57 11.93 85.87
N ALA I 686 12.88 11.62 84.75
CA ALA I 686 12.40 12.57 83.77
C ALA I 686 11.26 13.51 84.25
N THR I 687 10.64 13.25 85.43
CA THR I 687 9.57 14.10 85.97
C THR I 687 10.12 15.35 86.67
N GLY I 688 11.40 15.35 87.02
CA GLY I 688 12.06 16.48 87.66
C GLY I 688 12.40 17.65 86.76
N GLY I 689 13.08 18.65 87.31
CA GLY I 689 13.44 19.87 86.60
C GLY I 689 14.33 19.65 85.40
N VAL I 690 15.45 18.97 85.63
CA VAL I 690 16.44 18.66 84.59
C VAL I 690 15.83 17.62 83.62
N GLY I 691 14.99 16.73 84.14
CA GLY I 691 14.30 15.72 83.37
C GLY I 691 13.33 16.32 82.36
N GLN I 692 12.51 17.27 82.82
CA GLN I 692 11.55 17.96 81.96
C GLN I 692 12.31 18.81 80.92
N ALA I 693 13.41 19.42 81.33
CA ALA I 693 14.25 20.18 80.41
C ALA I 693 14.87 19.28 79.34
N ALA I 694 15.32 18.08 79.74
CA ALA I 694 15.93 17.09 78.84
C ALA I 694 14.93 16.65 77.78
N ILE I 695 13.69 16.38 78.21
CA ILE I 695 12.62 15.99 77.30
C ILE I 695 12.43 17.08 76.27
N ALA I 696 12.32 18.32 76.73
CA ALA I 696 12.11 19.48 75.86
C ALA I 696 13.11 19.55 74.71
N VAL I 697 14.42 19.48 75.02
CA VAL I 697 15.45 19.60 73.99
C VAL I 697 15.57 18.29 73.21
N ALA I 698 15.25 17.14 73.81
CA ALA I 698 15.26 15.85 73.11
C ALA I 698 14.13 15.83 72.08
N ARG I 699 12.96 16.36 72.46
CA ARG I 699 11.81 16.48 71.56
C ARG I 699 12.14 17.46 70.46
N ALA I 700 12.79 18.57 70.83
CA ALA I 700 13.21 19.60 69.86
C ALA I 700 14.21 19.04 68.86
N ALA I 701 15.21 18.30 69.36
CA ALA I 701 16.24 17.69 68.54
C ALA I 701 15.70 16.56 67.67
N GLY I 702 14.58 15.97 68.07
CA GLY I 702 13.95 14.87 67.35
C GLY I 702 14.51 13.54 67.76
N ALA I 703 14.90 13.41 69.04
CA ALA I 703 15.49 12.20 69.60
C ALA I 703 14.40 11.30 70.17
N GLU I 704 14.63 9.98 70.12
CA GLU I 704 13.68 8.99 70.65
C GLU I 704 13.91 8.88 72.15
N ILE I 705 12.94 9.30 72.97
CA ILE I 705 13.11 9.31 74.43
C ILE I 705 12.73 7.97 75.07
N TYR I 706 13.58 7.58 76.03
CA TYR I 706 13.46 6.43 76.91
C TYR I 706 13.63 7.02 78.29
N ALA I 707 12.59 7.02 79.14
CA ALA I 707 12.70 7.70 80.44
C ALA I 707 12.51 6.75 81.61
N THR I 708 12.91 7.20 82.80
CA THR I 708 12.75 6.43 84.03
C THR I 708 12.22 7.34 85.14
N ALA I 709 11.58 6.71 86.15
CA ALA I 709 11.03 7.42 87.29
C ALA I 709 10.79 6.44 88.43
N GLY I 710 10.80 6.95 89.65
CA GLY I 710 10.69 6.15 90.87
C GLY I 710 9.31 5.61 91.15
N SER I 711 8.37 6.52 91.32
CA SER I 711 6.98 6.16 91.64
C SER I 711 6.22 5.67 90.42
N GLU I 712 5.12 4.91 90.67
CA GLU I 712 4.29 4.44 89.58
C GLU I 712 3.48 5.62 89.05
N LYS I 713 2.98 6.47 89.95
CA LYS I 713 2.28 7.71 89.59
C LYS I 713 3.16 8.58 88.69
N ARG I 714 4.45 8.67 89.03
CA ARG I 714 5.41 9.46 88.29
C ARG I 714 5.70 8.83 86.94
N ARG I 715 5.78 7.49 86.88
CA ARG I 715 5.99 6.78 85.62
C ARG I 715 4.78 6.97 84.72
N GLN I 716 3.57 6.83 85.29
CA GLN I 716 2.32 6.99 84.54
C GLN I 716 2.18 8.39 83.97
N LEU I 717 2.73 9.41 84.65
CA LEU I 717 2.72 10.78 84.10
C LEU I 717 3.51 10.84 82.79
N LEU I 718 4.69 10.21 82.75
CA LEU I 718 5.52 10.18 81.55
C LEU I 718 4.77 9.48 80.41
N ARG I 719 4.10 8.37 80.72
CA ARG I 719 3.33 7.64 79.73
C ARG I 719 2.21 8.54 79.18
N ASP I 720 1.59 9.37 80.05
CA ASP I 720 0.52 10.30 79.69
C ASP I 720 1.07 11.50 78.90
N TRP I 721 2.30 11.97 79.24
CA TRP I 721 2.97 13.04 78.51
C TRP I 721 3.26 12.67 77.04
N GLY I 722 3.07 11.40 76.70
CA GLY I 722 3.24 10.89 75.35
C GLY I 722 4.59 10.26 75.11
N ILE I 723 5.21 9.72 76.17
CA ILE I 723 6.51 9.10 76.03
C ILE I 723 6.29 7.60 76.26
N GLU I 724 6.41 6.82 75.17
CA GLU I 724 6.39 5.36 75.21
C GLU I 724 7.80 4.98 75.63
N HIS I 725 7.97 3.88 76.37
CA HIS I 725 9.28 3.41 76.87
C HIS I 725 9.65 4.11 78.20
N VAL I 726 8.87 3.81 79.25
CA VAL I 726 9.06 4.30 80.62
C VAL I 726 9.44 3.12 81.50
N TYR I 727 10.47 3.29 82.36
CA TYR I 727 10.96 2.22 83.24
C TYR I 727 11.20 2.72 84.67
N ASP I 728 11.65 1.83 85.60
CA ASP I 728 11.89 2.23 86.98
C ASP I 728 13.33 2.68 87.09
N SER I 729 13.54 3.86 87.71
CA SER I 729 14.85 4.48 87.94
C SER I 729 15.57 3.86 89.15
N ARG I 730 14.82 3.25 90.08
CA ARG I 730 15.38 2.66 91.31
C ARG I 730 15.98 1.26 91.10
N THR I 731 15.85 0.65 89.92
CA THR I 731 16.39 -0.69 89.63
C THR I 731 17.29 -0.66 88.40
N THR I 732 17.94 -1.80 88.10
CA THR I 732 18.78 -1.98 86.92
C THR I 732 17.98 -2.73 85.83
N ALA I 733 16.64 -2.64 85.89
CA ALA I 733 15.75 -3.30 84.97
C ALA I 733 15.83 -2.63 83.64
N PHE I 734 15.62 -1.30 83.65
CA PHE I 734 15.64 -0.45 82.46
C PHE I 734 16.67 -0.92 81.43
N ALA I 735 17.89 -1.32 81.85
CA ALA I 735 18.95 -1.76 80.95
C ALA I 735 18.50 -2.88 80.02
N ASP I 736 18.17 -4.03 80.59
CA ASP I 736 17.76 -5.19 79.79
C ASP I 736 16.40 -4.92 79.11
N GLN I 737 15.51 -4.15 79.75
CA GLN I 737 14.20 -3.80 79.18
C GLN I 737 14.36 -2.92 77.94
N ILE I 738 15.29 -1.96 77.97
CA ILE I 738 15.56 -1.07 76.83
C ILE I 738 16.27 -1.87 75.77
N ARG I 739 17.19 -2.77 76.16
CA ARG I 739 17.86 -3.62 75.16
C ARG I 739 16.80 -4.43 74.40
N THR I 740 15.76 -4.92 75.09
CA THR I 740 14.66 -5.66 74.47
C THR I 740 13.77 -4.74 73.63
N ASP I 741 13.44 -3.55 74.15
CA ASP I 741 12.60 -2.56 73.45
C ASP I 741 13.34 -1.83 72.28
N THR I 742 14.65 -2.08 72.07
CA THR I 742 15.42 -1.51 70.95
C THR I 742 16.02 -2.63 70.07
N ASP I 743 15.58 -3.89 70.27
CA ASP I 743 16.07 -5.06 69.54
C ASP I 743 17.62 -5.17 69.65
N GLY I 744 18.08 -5.09 70.88
CA GLY I 744 19.49 -5.22 71.24
C GLY I 744 20.39 -4.03 70.97
N TYR I 745 19.86 -2.93 70.41
CA TYR I 745 20.69 -1.77 70.08
C TYR I 745 21.13 -0.99 71.30
N GLY I 746 20.21 -0.73 72.21
CA GLY I 746 20.47 0.09 73.39
C GLY I 746 20.19 1.53 73.03
N VAL I 747 20.83 2.47 73.71
CA VAL I 747 20.64 3.88 73.41
C VAL I 747 21.95 4.48 72.85
N ASP I 748 21.96 5.80 72.66
CA ASP I 748 23.11 6.57 72.18
C ASP I 748 23.60 7.51 73.23
N ILE I 749 22.69 8.28 73.83
CA ILE I 749 22.98 9.24 74.87
C ILE I 749 22.34 8.77 76.15
N VAL I 750 22.97 9.06 77.30
CA VAL I 750 22.45 8.70 78.61
C VAL I 750 22.69 9.85 79.56
N LEU I 751 21.61 10.52 79.99
CA LEU I 751 21.74 11.63 80.93
C LEU I 751 21.64 11.06 82.35
N ASN I 752 22.78 10.54 82.84
CA ASN I 752 22.86 9.84 84.11
C ASN I 752 22.87 10.71 85.37
N SER I 753 21.73 10.73 86.04
CA SER I 753 21.55 11.31 87.36
C SER I 753 21.61 10.21 88.44
N VAL I 754 21.42 8.93 88.04
CA VAL I 754 21.38 7.77 88.93
C VAL I 754 22.82 7.28 89.32
N THR I 755 22.92 6.32 90.26
CA THR I 755 24.20 5.89 90.83
C THR I 755 24.34 4.38 91.10
N GLY I 756 25.60 3.99 91.28
CA GLY I 756 26.01 2.65 91.65
C GLY I 756 25.96 1.67 90.50
N PRO I 757 25.25 0.53 90.64
CA PRO I 757 25.15 -0.42 89.52
C PRO I 757 24.27 0.12 88.41
N ALA I 758 23.43 1.12 88.70
CA ALA I 758 22.57 1.75 87.70
C ALA I 758 23.39 2.66 86.77
N GLN I 759 24.53 3.14 87.25
CA GLN I 759 25.46 3.94 86.44
C GLN I 759 26.16 2.98 85.48
N ARG I 760 26.75 1.91 86.04
CA ARG I 760 27.42 0.86 85.29
C ARG I 760 26.48 0.25 84.25
N ALA I 761 25.22 -0.04 84.64
CA ALA I 761 24.20 -0.62 83.76
C ALA I 761 23.83 0.30 82.61
N GLY I 762 23.82 1.60 82.88
CA GLY I 762 23.55 2.63 81.88
C GLY I 762 24.67 2.76 80.85
N LEU I 763 25.93 2.61 81.29
CA LEU I 763 27.08 2.65 80.40
C LEU I 763 27.05 1.42 79.50
N GLU I 764 26.80 0.27 80.08
CA GLU I 764 26.72 -0.98 79.34
C GLU I 764 25.61 -0.93 78.27
N LEU I 765 24.55 -0.15 78.54
CA LEU I 765 23.42 0.02 77.63
C LEU I 765 23.77 0.73 76.30
N LEU I 766 24.35 1.97 76.36
CA LEU I 766 24.60 2.77 75.13
C LEU I 766 25.59 2.07 74.22
N ALA I 767 25.36 2.23 72.88
CA ALA I 767 26.09 1.50 71.84
C ALA I 767 26.66 2.35 70.73
N PHE I 768 27.98 2.21 70.51
CA PHE I 768 28.80 2.80 69.44
C PHE I 768 28.82 4.30 69.53
N GLY I 769 27.69 4.97 69.21
CA GLY I 769 27.56 6.40 69.40
C GLY I 769 28.11 6.78 70.77
N GLY I 770 27.64 6.02 71.77
CA GLY I 770 28.07 6.06 73.16
C GLY I 770 28.46 7.40 73.71
N ARG I 771 27.52 8.11 74.31
CA ARG I 771 27.76 9.41 74.91
C ARG I 771 27.17 9.45 76.31
N PHE I 772 27.92 8.97 77.30
CA PHE I 772 27.47 8.95 78.70
C PHE I 772 27.69 10.30 79.37
N VAL I 773 26.61 11.02 79.70
CA VAL I 773 26.72 12.34 80.33
C VAL I 773 26.42 12.22 81.83
N GLU I 774 27.47 12.09 82.68
CA GLU I 774 27.23 12.01 84.11
C GLU I 774 27.15 13.39 84.74
N ILE I 775 25.92 13.74 85.16
CA ILE I 775 25.61 14.96 85.92
C ILE I 775 25.69 14.61 87.44
N GLY I 776 25.34 13.37 87.80
CA GLY I 776 25.43 12.88 89.18
C GLY I 776 26.83 12.85 89.78
N LYS I 777 27.05 13.63 90.85
CA LYS I 777 28.36 13.77 91.51
C LYS I 777 28.73 12.64 92.50
N ARG I 778 27.76 11.91 93.06
CA ARG I 778 28.03 10.92 94.12
C ARG I 778 29.14 9.93 93.79
N ASP I 779 29.06 9.31 92.61
CA ASP I 779 30.02 8.27 92.22
C ASP I 779 31.42 8.81 91.90
N ILE I 780 31.50 10.04 91.42
CA ILE I 780 32.78 10.67 91.12
C ILE I 780 33.50 10.93 92.43
N TYR I 781 32.88 11.68 93.36
CA TYR I 781 33.48 12.02 94.66
C TYR I 781 33.70 10.78 95.55
N ALA I 782 33.08 9.63 95.21
CA ALA I 782 33.31 8.37 95.91
C ALA I 782 34.53 7.58 95.35
N ASP I 783 35.11 8.04 94.22
CA ASP I 783 36.24 7.40 93.50
C ASP I 783 35.86 6.01 93.03
N THR I 784 34.60 5.83 92.63
CA THR I 784 34.16 4.51 92.20
C THR I 784 34.96 4.10 91.01
N ARG I 785 35.62 2.96 91.10
CA ARG I 785 36.45 2.47 90.02
C ARG I 785 35.53 1.86 88.95
N LEU I 786 35.40 2.58 87.85
CA LEU I 786 34.54 2.22 86.74
C LEU I 786 35.28 1.38 85.75
N GLY I 787 34.72 0.22 85.39
CA GLY I 787 35.32 -0.68 84.41
C GLY I 787 35.33 -0.04 83.04
N LEU I 788 36.53 0.01 82.41
CA LEU I 788 36.70 0.60 81.09
C LEU I 788 36.33 -0.30 79.92
N PHE I 789 36.03 -1.59 80.13
CA PHE I 789 35.73 -2.49 79.01
C PHE I 789 34.61 -2.03 78.07
N PRO I 790 33.49 -1.44 78.56
CA PRO I 790 32.42 -1.00 77.64
C PRO I 790 32.86 0.06 76.62
N PHE I 791 33.93 0.81 76.94
CA PHE I 791 34.45 1.86 76.07
C PHE I 791 35.03 1.31 74.76
N ARG I 792 35.16 -0.03 74.59
CA ARG I 792 35.68 -0.60 73.34
C ARG I 792 34.83 -0.21 72.13
N ARG I 793 33.58 0.27 72.33
CA ARG I 793 32.68 0.72 71.27
C ARG I 793 32.72 2.27 71.08
N ASN I 794 33.92 2.90 71.11
CA ASN I 794 34.07 4.36 70.91
C ASN I 794 33.14 5.24 71.84
N LEU I 795 32.98 4.81 73.09
CA LEU I 795 32.17 5.56 74.05
C LEU I 795 32.88 6.84 74.50
N SER I 796 32.11 7.77 75.06
CA SER I 796 32.61 9.05 75.52
C SER I 796 31.95 9.40 76.84
N PHE I 797 32.73 9.55 77.90
CA PHE I 797 32.22 9.90 79.23
C PHE I 797 32.37 11.40 79.46
N TYR I 798 31.32 12.07 79.94
CA TYR I 798 31.40 13.50 80.20
C TYR I 798 30.97 13.79 81.61
N ALA I 799 31.86 14.40 82.39
CA ALA I 799 31.55 14.83 83.74
C ALA I 799 31.03 16.25 83.67
N VAL I 800 29.96 16.55 84.42
CA VAL I 800 29.37 17.88 84.41
C VAL I 800 29.21 18.37 85.85
N ASP I 801 29.73 19.58 86.13
CA ASP I 801 29.64 20.24 87.44
C ASP I 801 29.55 21.75 87.21
N LEU I 802 28.36 22.24 86.81
CA LEU I 802 28.09 23.66 86.58
C LEU I 802 28.54 24.51 87.77
N ALA I 803 28.39 23.99 88.99
CA ALA I 803 28.80 24.70 90.21
C ALA I 803 30.30 25.09 90.19
N LEU I 804 31.12 24.15 89.80
CA LEU I 804 32.57 24.31 89.69
C LEU I 804 32.88 25.23 88.54
N MET I 805 32.20 25.01 87.40
CA MET I 805 32.34 25.83 86.19
C MET I 805 32.11 27.30 86.43
N THR I 806 31.19 27.61 87.36
CA THR I 806 30.88 28.99 87.76
C THR I 806 32.14 29.71 88.28
N VAL I 807 33.10 28.94 88.80
CA VAL I 807 34.35 29.46 89.31
C VAL I 807 35.45 29.38 88.28
N THR I 808 35.63 28.21 87.65
CA THR I 808 36.72 27.98 86.71
C THR I 808 36.56 28.70 85.37
N HIS I 809 35.35 28.68 84.79
CA HIS I 809 35.05 29.32 83.50
C HIS I 809 33.68 30.00 83.60
N PRO I 810 33.60 31.12 84.31
CA PRO I 810 32.29 31.79 84.49
C PRO I 810 31.70 32.34 83.20
N GLN I 811 32.53 32.69 82.21
CA GLN I 811 32.05 33.17 80.93
C GLN I 811 31.23 32.09 80.22
N LYS I 812 31.65 30.82 80.29
CA LYS I 812 30.89 29.74 79.64
C LYS I 812 29.53 29.56 80.30
N ILE I 813 29.43 29.76 81.63
CA ILE I 813 28.16 29.67 82.36
C ILE I 813 27.27 30.85 81.97
N ARG I 814 27.84 32.05 81.85
CA ARG I 814 27.08 33.24 81.45
C ARG I 814 26.40 33.02 80.12
N ASP I 815 27.16 32.49 79.16
CA ASP I 815 26.69 32.26 77.80
C ASP I 815 25.67 31.12 77.78
N LEU I 816 25.87 30.11 78.63
CA LEU I 816 24.97 28.97 78.75
C LEU I 816 23.62 29.41 79.34
N LEU I 817 23.60 30.38 80.25
CA LEU I 817 22.34 30.88 80.80
C LEU I 817 21.66 31.75 79.80
N ALA I 818 22.43 32.63 79.20
CA ALA I 818 21.93 33.56 78.21
C ALA I 818 21.32 32.84 77.03
N THR I 819 21.94 31.74 76.57
CA THR I 819 21.41 31.00 75.45
C THR I 819 20.12 30.26 75.83
N VAL I 820 19.97 29.74 77.07
CA VAL I 820 18.71 29.08 77.43
C VAL I 820 17.61 30.13 77.63
N TYR I 821 17.95 31.32 78.18
CA TYR I 821 16.98 32.40 78.35
C TYR I 821 16.48 32.88 76.99
N ARG I 822 17.34 32.85 75.98
CA ARG I 822 16.94 33.26 74.63
C ARG I 822 16.01 32.19 74.04
N LEU I 823 16.41 30.91 74.06
CA LEU I 823 15.62 29.81 73.50
C LEU I 823 14.25 29.69 74.11
N ILE I 824 14.16 29.86 75.43
CA ILE I 824 12.89 29.74 76.16
C ILE I 824 11.98 30.96 75.88
N ALA I 825 12.58 32.17 75.74
CA ALA I 825 11.85 33.40 75.43
C ALA I 825 11.35 33.41 73.99
N ASP I 826 12.17 32.88 73.07
CA ASP I 826 11.82 32.76 71.64
C ASP I 826 10.69 31.76 71.43
N GLY I 827 10.56 30.81 72.36
CA GLY I 827 9.57 29.74 72.30
C GLY I 827 10.16 28.49 71.68
N THR I 828 11.48 28.52 71.34
CA THR I 828 12.21 27.39 70.76
C THR I 828 12.07 26.20 71.69
N LEU I 829 12.08 26.45 73.00
CA LEU I 829 11.89 25.45 74.03
C LEU I 829 10.72 25.85 74.93
N PRO I 830 9.89 24.88 75.34
CA PRO I 830 8.78 25.22 76.24
C PRO I 830 9.22 25.06 77.69
N LEU I 831 8.76 25.95 78.55
CA LEU I 831 9.14 25.88 79.97
C LEU I 831 8.41 24.71 80.68
N PRO I 832 8.89 24.26 81.85
CA PRO I 832 8.32 23.08 82.50
C PRO I 832 7.28 23.39 83.56
N GLU I 833 6.83 22.35 84.29
CA GLU I 833 5.90 22.51 85.39
C GLU I 833 6.56 23.34 86.46
N ILE I 834 6.01 24.52 86.75
CA ILE I 834 6.58 25.43 87.75
C ILE I 834 5.58 25.60 88.87
N THR I 835 5.99 25.16 90.07
CA THR I 835 5.17 25.25 91.27
C THR I 835 5.78 26.37 92.12
N HIS I 836 5.03 27.45 92.36
CA HIS I 836 5.55 28.57 93.14
C HIS I 836 5.34 28.36 94.63
N TYR I 837 6.34 28.73 95.44
CA TYR I 837 6.29 28.64 96.90
C TYR I 837 6.73 29.94 97.51
N PRO I 838 6.10 30.47 98.57
CA PRO I 838 6.64 31.68 99.21
C PRO I 838 7.91 31.32 100.00
N LEU I 839 8.81 32.27 100.23
CA LEU I 839 10.08 31.99 100.92
C LEU I 839 9.93 31.37 102.32
N GLU I 840 8.79 31.62 103.00
CA GLU I 840 8.51 31.07 104.33
C GLU I 840 8.31 29.57 104.24
N GLU I 841 7.53 29.11 103.24
CA GLU I 841 7.31 27.68 103.04
C GLU I 841 8.47 27.04 102.26
N ALA I 842 9.72 27.50 102.47
CA ALA I 842 10.89 26.94 101.80
C ALA I 842 11.22 25.55 102.31
N ALA I 843 11.22 25.35 103.65
CA ALA I 843 11.48 24.04 104.28
C ALA I 843 10.43 22.99 103.86
N THR I 844 9.15 23.41 103.63
CA THR I 844 8.09 22.52 103.18
C THR I 844 8.37 22.06 101.76
N ALA I 845 8.84 22.97 100.90
CA ALA I 845 9.23 22.64 99.51
C ALA I 845 10.40 21.62 99.51
N ILE I 846 11.35 21.73 100.50
CA ILE I 846 12.47 20.78 100.66
C ILE I 846 11.91 19.42 101.09
N ARG I 847 10.97 19.36 102.03
CA ARG I 847 10.41 18.08 102.47
C ARG I 847 9.72 17.34 101.31
N ILE I 848 9.06 18.11 100.41
CA ILE I 848 8.34 17.56 99.27
C ILE I 848 9.33 17.06 98.24
N MET I 849 10.34 17.88 97.93
CA MET I 849 11.38 17.53 96.95
C MET I 849 12.26 16.41 97.49
N GLY I 850 12.51 16.42 98.78
CA GLY I 850 13.31 15.42 99.48
C GLY I 850 12.65 14.06 99.54
N GLY I 851 11.33 14.05 99.48
CA GLY I 851 10.55 12.81 99.49
C GLY I 851 10.17 12.31 98.10
N ALA I 852 10.69 12.97 97.04
CA ALA I 852 10.40 12.65 95.63
C ALA I 852 8.88 12.72 95.30
N GLN I 853 8.12 13.54 96.06
CA GLN I 853 6.67 13.73 95.86
C GLN I 853 6.43 14.74 94.72
N HIS I 854 7.34 15.70 94.58
CA HIS I 854 7.26 16.78 93.60
C HIS I 854 7.33 16.34 92.13
N THR I 855 7.01 17.31 91.24
CA THR I 855 7.08 17.18 89.77
C THR I 855 7.45 18.54 89.18
N GLY I 856 8.43 18.52 88.28
CA GLY I 856 8.91 19.72 87.63
C GLY I 856 9.83 20.57 88.49
N LYS I 857 9.75 21.91 88.30
CA LYS I 857 10.59 22.85 89.04
C LYS I 857 9.79 23.53 90.13
N LEU I 858 10.51 23.90 91.21
CA LEU I 858 10.00 24.60 92.37
C LEU I 858 10.65 25.96 92.45
N VAL I 859 9.87 27.03 92.36
CA VAL I 859 10.37 28.41 92.38
C VAL I 859 10.02 29.01 93.73
N ILE I 860 11.04 29.43 94.48
CA ILE I 860 10.84 30.09 95.76
C ILE I 860 10.64 31.61 95.45
N ASP I 861 9.41 32.15 95.71
CA ASP I 861 9.05 33.55 95.42
C ASP I 861 9.51 34.45 96.56
N ILE I 862 10.41 35.39 96.24
CA ILE I 862 10.99 36.31 97.21
C ILE I 862 10.01 37.45 97.46
N PRO I 863 9.65 37.73 98.74
CA PRO I 863 8.68 38.80 99.04
C PRO I 863 9.01 40.21 98.49
N ASP I 864 8.31 40.58 97.39
CA ASP I 864 8.39 41.90 96.75
C ASP I 864 7.42 42.83 97.48
N THR I 865 7.46 44.14 97.18
CA THR I 865 6.53 45.11 97.74
C THR I 865 6.71 45.12 99.29
N GLY I 866 5.63 45.36 100.04
CA GLY I 866 5.69 45.45 101.48
C GLY I 866 5.86 44.15 102.23
N GLN I 867 5.46 44.20 103.53
CA GLN I 867 5.53 43.17 104.57
C GLN I 867 6.91 43.20 105.24
N SER I 868 6.99 42.57 106.41
CA SER I 868 8.22 42.38 107.18
C SER I 868 8.37 40.88 107.38
N GLN I 869 9.40 40.46 108.09
CA GLN I 869 9.58 39.04 108.39
C GLN I 869 10.47 38.91 109.60
N VAL I 870 10.23 37.90 110.43
CA VAL I 870 11.01 37.70 111.65
C VAL I 870 12.35 37.06 111.23
N VAL I 871 13.45 37.74 111.63
CA VAL I 871 14.84 37.48 111.28
C VAL I 871 15.69 37.19 112.52
N VAL I 872 16.87 36.54 112.35
CA VAL I 872 17.79 36.29 113.46
C VAL I 872 19.17 36.92 113.15
N PRO I 873 19.77 37.77 114.03
CA PRO I 873 21.06 38.39 113.72
C PRO I 873 22.22 37.74 114.50
N PRO I 874 23.07 36.93 113.89
CA PRO I 874 24.17 36.33 114.65
C PRO I 874 25.42 37.18 114.57
N GLU I 875 26.08 37.41 115.71
CA GLU I 875 27.39 38.07 115.76
C GLU I 875 27.45 39.41 114.99
N GLN I 876 26.42 40.26 115.16
CA GLN I 876 26.35 41.63 114.59
C GLN I 876 26.20 42.61 115.76
N VAL I 877 27.29 43.32 116.09
CA VAL I 877 27.36 44.19 117.26
C VAL I 877 27.57 45.68 116.87
N PRO I 878 26.98 46.66 117.61
CA PRO I 878 27.22 48.09 117.27
C PRO I 878 28.63 48.57 117.61
N PRO J 15 47.57 -14.06 117.79
CA PRO J 15 46.65 -13.26 116.97
C PRO J 15 46.40 -13.90 115.61
N SER J 16 45.22 -14.52 115.45
CA SER J 16 44.86 -15.20 114.20
C SER J 16 43.39 -15.02 113.86
N VAL J 17 43.05 -15.43 112.64
CA VAL J 17 41.68 -15.37 112.15
C VAL J 17 41.41 -16.58 111.25
N SER J 18 40.20 -17.13 111.36
CA SER J 18 39.79 -18.29 110.58
C SER J 18 39.59 -17.91 109.14
N VAL J 19 40.06 -18.75 108.19
CA VAL J 19 39.90 -18.49 106.75
C VAL J 19 39.55 -19.77 106.00
N HIS J 20 39.03 -19.59 104.78
CA HIS J 20 38.68 -20.70 103.92
C HIS J 20 39.96 -21.29 103.36
N PRO J 21 40.06 -22.62 103.19
CA PRO J 21 41.32 -23.18 102.69
C PRO J 21 41.76 -22.62 101.33
N LEU J 22 40.84 -22.54 100.37
CA LEU J 22 41.16 -22.03 99.05
C LEU J 22 41.06 -20.51 99.01
N LEU J 23 39.85 -19.96 99.19
CA LEU J 23 39.58 -18.51 99.14
C LEU J 23 40.64 -17.73 99.91
N GLY J 24 40.89 -18.12 101.15
CA GLY J 24 41.91 -17.48 101.97
C GLY J 24 41.45 -16.21 102.61
N SER J 25 42.36 -15.20 102.67
CA SER J 25 42.09 -13.92 103.34
C SER J 25 41.03 -13.13 102.60
N HIS J 26 40.06 -12.62 103.36
CA HIS J 26 38.88 -11.92 102.89
C HIS J 26 38.88 -10.49 103.30
N VAL J 27 38.60 -9.61 102.33
CA VAL J 27 38.51 -8.20 102.56
C VAL J 27 37.30 -7.65 101.78
N VAL J 28 36.45 -6.89 102.47
CA VAL J 28 35.31 -6.21 101.88
C VAL J 28 35.80 -4.82 101.58
N LEU J 29 35.68 -4.39 100.33
CA LEU J 29 36.22 -3.11 99.92
C LEU J 29 35.38 -1.96 100.46
N PRO J 30 36.02 -0.83 100.79
CA PRO J 30 35.28 0.32 101.31
C PRO J 30 34.65 1.12 100.17
N GLN J 31 33.55 0.57 99.64
CA GLN J 31 32.83 1.17 98.53
C GLN J 31 31.46 0.53 98.36
N GLU J 32 30.56 1.28 97.70
CA GLU J 32 29.23 0.80 97.35
C GLU J 32 29.28 0.40 95.87
N PRO J 33 28.79 -0.79 95.49
CA PRO J 33 28.05 -1.77 96.30
C PRO J 33 28.95 -2.69 97.10
N GLU J 34 28.31 -3.51 97.97
CA GLU J 34 28.99 -4.50 98.81
C GLU J 34 29.88 -5.32 97.88
N GLU J 35 31.19 -5.03 97.88
CA GLU J 35 32.16 -5.75 97.03
C GLU J 35 33.18 -6.45 97.89
N HIS J 36 33.29 -7.77 97.72
CA HIS J 36 34.18 -8.63 98.47
C HIS J 36 35.38 -8.99 97.64
N LEU J 37 36.43 -9.47 98.32
CA LEU J 37 37.66 -9.83 97.64
C LEU J 37 38.50 -10.77 98.49
N TRP J 38 38.82 -11.95 97.94
CA TRP J 38 39.67 -12.93 98.60
C TRP J 38 40.94 -13.10 97.82
N GLN J 39 42.01 -13.46 98.53
CA GLN J 39 43.31 -13.76 97.94
C GLN J 39 43.77 -15.05 98.59
N GLY J 40 44.12 -16.04 97.79
CA GLY J 40 44.53 -17.33 98.33
C GLY J 40 45.41 -18.15 97.43
N ASP J 41 46.16 -19.08 98.04
CA ASP J 41 47.09 -19.96 97.34
C ASP J 41 46.42 -21.27 97.06
N VAL J 42 46.60 -21.77 95.84
CA VAL J 42 46.10 -23.06 95.39
C VAL J 42 47.29 -23.86 94.85
N GLY J 43 48.48 -23.60 95.40
CA GLY J 43 49.72 -24.24 94.98
C GLY J 43 49.85 -25.62 95.57
N THR J 44 50.73 -26.44 94.97
CA THR J 44 50.94 -27.81 95.42
C THR J 44 51.67 -27.86 96.79
N GLU J 45 52.44 -26.82 97.15
CA GLU J 45 53.10 -26.76 98.46
C GLU J 45 52.05 -26.51 99.54
N ALA J 46 51.13 -25.57 99.28
CA ALA J 46 50.03 -25.23 100.19
C ALA J 46 48.99 -26.35 100.29
N HIS J 47 48.56 -26.90 99.15
CA HIS J 47 47.57 -27.99 99.06
C HIS J 47 48.18 -29.18 98.31
N PRO J 48 48.91 -30.06 99.02
CA PRO J 48 49.56 -31.21 98.35
C PRO J 48 48.63 -32.05 97.51
N TRP J 49 47.47 -32.38 98.07
CA TRP J 49 46.45 -33.18 97.38
C TRP J 49 46.11 -32.65 95.97
N LEU J 50 46.27 -31.35 95.66
CA LEU J 50 45.99 -30.82 94.32
C LEU J 50 46.95 -31.34 93.24
N SER J 51 48.14 -31.85 93.62
CA SER J 51 49.09 -32.42 92.67
C SER J 51 48.55 -33.75 92.09
N ASP J 52 47.64 -34.42 92.81
CA ASP J 52 47.05 -35.69 92.37
C ASP J 52 46.09 -35.50 91.16
N HIS J 53 45.57 -34.28 90.91
CA HIS J 53 44.75 -34.01 89.72
C HIS J 53 45.66 -33.38 88.69
N ARG J 54 45.92 -34.09 87.57
CA ARG J 54 46.85 -33.61 86.55
C ARG J 54 46.42 -34.01 85.13
N VAL J 55 46.42 -33.02 84.21
CA VAL J 55 46.04 -33.20 82.81
C VAL J 55 47.31 -33.19 81.98
N HIS J 56 47.57 -34.29 81.25
CA HIS J 56 48.75 -34.48 80.41
C HIS J 56 50.02 -34.37 81.27
N GLN J 57 50.01 -35.07 82.41
CA GLN J 57 51.12 -35.14 83.38
C GLN J 57 51.50 -33.77 84.00
N VAL J 58 50.60 -32.76 83.95
CA VAL J 58 50.85 -31.44 84.54
C VAL J 58 49.74 -31.18 85.55
N ALA J 59 50.10 -30.79 86.78
CA ALA J 59 49.09 -30.51 87.81
C ALA J 59 48.24 -29.31 87.43
N VAL J 60 46.90 -29.47 87.46
CA VAL J 60 45.97 -28.40 87.12
C VAL J 60 44.86 -28.33 88.16
N LEU J 61 44.24 -27.15 88.28
CA LEU J 61 43.16 -26.95 89.22
C LEU J 61 41.91 -27.56 88.65
N PRO J 62 41.25 -28.50 89.38
CA PRO J 62 40.04 -29.13 88.83
C PRO J 62 38.85 -28.16 88.77
N GLY J 63 37.86 -28.49 87.95
CA GLY J 63 36.64 -27.70 87.82
C GLY J 63 35.96 -27.55 89.16
N ALA J 64 35.91 -28.66 89.92
CA ALA J 64 35.37 -28.77 91.27
C ALA J 64 35.94 -27.74 92.28
N ALA J 65 37.19 -27.29 92.09
CA ALA J 65 37.78 -26.29 92.99
C ALA J 65 37.02 -24.98 92.90
N TYR J 66 36.71 -24.53 91.67
CA TYR J 66 35.96 -23.27 91.46
C TYR J 66 34.52 -23.40 91.99
N CYS J 67 33.94 -24.61 91.94
CA CYS J 67 32.59 -24.86 92.46
C CYS J 67 32.55 -24.54 93.92
N GLU J 68 33.50 -25.13 94.67
CA GLU J 68 33.62 -24.91 96.11
C GLU J 68 33.82 -23.42 96.41
N MET J 69 34.71 -22.76 95.65
CA MET J 69 34.99 -21.34 95.83
C MET J 69 33.72 -20.53 95.68
N ALA J 70 32.91 -20.84 94.68
CA ALA J 70 31.65 -20.13 94.45
C ALA J 70 30.67 -20.37 95.60
N LEU J 71 30.47 -21.65 95.97
CA LEU J 71 29.58 -22.03 97.07
C LEU J 71 30.01 -21.37 98.38
N ALA J 72 31.33 -21.31 98.61
CA ALA J 72 31.90 -20.69 99.81
C ALA J 72 31.61 -19.20 99.86
N ALA J 73 31.75 -18.52 98.71
CA ALA J 73 31.54 -17.07 98.59
C ALA J 73 30.07 -16.63 98.66
N VAL J 74 29.09 -17.57 98.69
CA VAL J 74 27.67 -17.20 98.74
C VAL J 74 27.29 -16.57 100.07
N THR J 75 27.41 -17.33 101.14
CA THR J 75 27.03 -16.94 102.49
C THR J 75 27.65 -15.61 102.96
N PRO J 76 28.95 -15.34 102.77
CA PRO J 76 29.51 -14.04 103.22
C PRO J 76 28.96 -12.83 102.48
N VAL J 77 28.74 -12.96 101.16
CA VAL J 77 28.24 -11.85 100.35
C VAL J 77 26.75 -11.68 100.65
N LEU J 78 25.99 -12.73 100.33
CA LEU J 78 24.55 -12.82 100.55
C LEU J 78 24.32 -13.59 101.84
N GLY J 79 24.13 -12.87 102.96
CA GLY J 79 23.94 -13.46 104.28
C GLY J 79 22.70 -14.31 104.43
N ASP J 80 22.72 -15.48 103.77
CA ASP J 80 21.58 -16.40 103.69
C ASP J 80 21.99 -17.69 102.97
N THR J 81 20.98 -18.52 102.75
CA THR J 81 21.02 -19.75 101.97
C THR J 81 21.04 -19.35 100.51
N GLY J 82 21.98 -19.85 99.73
CA GLY J 82 22.01 -19.48 98.32
C GLY J 82 22.48 -20.53 97.35
N GLU J 83 22.34 -20.16 96.07
CA GLU J 83 22.68 -20.95 94.90
C GLU J 83 23.81 -20.32 94.16
N VAL J 84 24.39 -21.06 93.25
CA VAL J 84 25.45 -20.59 92.37
C VAL J 84 24.96 -20.84 90.96
N HIS J 85 24.61 -19.80 90.23
CA HIS J 85 24.11 -19.96 88.86
C HIS J 85 25.16 -19.72 87.81
N ASP J 86 24.95 -20.35 86.65
CA ASP J 86 25.76 -20.18 85.44
C ASP J 86 27.26 -20.07 85.73
N LEU J 87 27.80 -21.07 86.43
CA LEU J 87 29.23 -21.12 86.74
C LEU J 87 29.97 -21.63 85.52
N LYS J 88 30.94 -20.86 85.01
CA LYS J 88 31.72 -21.23 83.82
C LYS J 88 33.18 -21.31 84.15
N PHE J 89 33.91 -22.27 83.53
CA PHE J 89 35.35 -22.41 83.68
C PHE J 89 35.99 -22.01 82.37
N HIS J 90 36.88 -21.03 82.42
CA HIS J 90 37.52 -20.49 81.23
C HIS J 90 38.83 -21.22 80.98
N ASP J 91 39.99 -20.58 81.24
CA ASP J 91 41.30 -21.19 80.98
C ASP J 91 41.63 -22.19 82.08
N MET J 92 42.51 -23.14 81.75
CA MET J 92 42.93 -24.18 82.66
C MET J 92 44.07 -23.68 83.51
N LEU J 93 43.89 -23.65 84.85
CA LEU J 93 44.94 -23.15 85.74
C LEU J 93 45.97 -24.21 85.98
N LEU J 94 47.23 -23.93 85.65
CA LEU J 94 48.33 -24.86 85.84
C LEU J 94 49.01 -24.50 87.13
N LEU J 95 49.12 -25.48 88.02
CA LEU J 95 49.61 -25.26 89.35
C LEU J 95 51.10 -25.44 89.47
N ASP J 96 51.67 -24.60 90.33
CA ASP J 96 53.07 -24.60 90.76
C ASP J 96 53.09 -24.83 92.28
N ASP J 97 54.26 -24.69 92.92
CA ASP J 97 54.39 -24.82 94.37
C ASP J 97 53.53 -23.74 95.07
N ALA J 98 53.49 -22.54 94.48
CA ALA J 98 52.69 -21.41 94.93
C ALA J 98 51.96 -20.82 93.74
N THR J 99 50.62 -20.80 93.82
CA THR J 99 49.74 -20.31 92.76
C THR J 99 48.72 -19.37 93.40
N PRO J 100 49.01 -18.05 93.52
CA PRO J 100 48.05 -17.14 94.14
C PRO J 100 46.89 -16.87 93.20
N VAL J 101 45.69 -16.79 93.78
CA VAL J 101 44.43 -16.65 93.06
C VAL J 101 43.54 -15.65 93.77
N TRP J 102 42.83 -14.83 93.00
CA TRP J 102 41.96 -13.81 93.54
C TRP J 102 40.49 -14.01 93.21
N VAL J 103 39.69 -14.30 94.22
CA VAL J 103 38.25 -14.44 94.07
C VAL J 103 37.65 -13.07 94.35
N SER J 104 36.53 -12.75 93.72
CA SER J 104 35.90 -11.45 93.92
C SER J 104 34.43 -11.51 93.58
N ALA J 105 33.59 -11.10 94.54
CA ALA J 105 32.15 -11.05 94.36
C ALA J 105 31.64 -9.64 94.60
N ALA J 106 30.66 -9.20 93.82
CA ALA J 106 30.10 -7.87 93.96
C ALA J 106 28.62 -7.90 93.81
N VAL J 107 27.91 -7.25 94.74
CA VAL J 107 26.46 -7.22 94.70
C VAL J 107 26.01 -6.30 93.57
N THR J 108 25.20 -6.84 92.67
CA THR J 108 24.68 -6.11 91.52
C THR J 108 23.28 -5.60 91.85
N ALA J 109 22.42 -6.54 92.24
CA ALA J 109 21.03 -6.32 92.62
C ALA J 109 20.78 -7.01 93.95
N PRO J 110 19.71 -6.69 94.70
CA PRO J 110 19.47 -7.38 95.98
C PRO J 110 19.26 -8.88 95.79
N GLY J 111 20.01 -9.66 96.56
CA GLY J 111 19.98 -11.10 96.50
C GLY J 111 20.64 -11.65 95.26
N THR J 112 21.57 -10.88 94.64
CA THR J 112 22.29 -11.27 93.43
C THR J 112 23.68 -10.70 93.46
N ALA J 113 24.66 -11.43 92.92
CA ALA J 113 26.04 -10.95 92.92
C ALA J 113 26.88 -11.61 91.85
N GLU J 114 27.76 -10.84 91.22
CA GLU J 114 28.66 -11.34 90.18
C GLU J 114 29.90 -11.88 90.84
N PHE J 115 30.27 -13.13 90.51
CA PHE J 115 31.43 -13.84 91.08
C PHE J 115 32.53 -14.01 90.05
N GLY J 116 33.78 -14.13 90.50
CA GLY J 116 34.89 -14.27 89.56
C GLY J 116 36.24 -14.59 90.13
N VAL J 117 36.82 -15.73 89.69
CA VAL J 117 38.15 -16.21 90.09
C VAL J 117 39.13 -15.89 88.97
N GLU J 118 40.18 -15.12 89.29
CA GLU J 118 41.20 -14.71 88.33
C GLU J 118 42.59 -14.91 88.91
N THR J 119 43.61 -14.85 88.05
CA THR J 119 45.00 -14.99 88.47
C THR J 119 45.82 -13.94 87.70
N HIS J 120 46.73 -13.29 88.42
CA HIS J 120 47.56 -12.20 87.95
C HIS J 120 49.00 -12.67 87.83
N GLN J 121 49.59 -12.56 86.61
CA GLN J 121 50.97 -13.00 86.33
C GLN J 121 51.72 -11.95 85.53
N SER J 122 52.68 -11.25 86.18
CA SER J 122 53.54 -10.22 85.57
C SER J 122 52.75 -8.98 85.07
N GLY J 123 51.60 -8.70 85.69
CA GLY J 123 50.71 -7.61 85.32
C GLY J 123 49.49 -8.06 84.54
N ASP J 124 49.58 -9.22 83.85
CA ASP J 124 48.52 -9.76 82.98
C ASP J 124 47.52 -10.62 83.77
N ARG J 125 46.28 -10.11 83.91
CA ARG J 125 45.19 -10.83 84.59
C ARG J 125 44.65 -11.90 83.65
N THR J 126 44.27 -13.06 84.20
CA THR J 126 43.71 -14.17 83.43
C THR J 126 42.48 -14.68 84.17
N GLN J 127 41.29 -14.51 83.60
CA GLN J 127 40.05 -14.97 84.24
C GLN J 127 39.97 -16.47 84.09
N ARG J 128 39.78 -17.16 85.22
CA ARG J 128 39.74 -18.63 85.28
C ARG J 128 38.34 -19.18 85.47
N ALA J 129 37.43 -18.43 86.12
CA ALA J 129 36.05 -18.86 86.28
C ALA J 129 35.15 -17.69 86.69
N THR J 130 33.87 -17.74 86.28
CA THR J 130 32.88 -16.69 86.61
C THR J 130 31.51 -17.31 86.80
N ALA J 131 30.71 -16.73 87.71
CA ALA J 131 29.37 -17.22 88.02
C ALA J 131 28.50 -16.09 88.57
N VAL J 132 27.29 -16.45 88.99
CA VAL J 132 26.34 -15.54 89.62
C VAL J 132 25.87 -16.17 90.91
N LEU J 133 25.90 -15.42 92.00
CA LEU J 133 25.47 -15.93 93.29
C LEU J 133 24.07 -15.42 93.57
N ARG J 134 23.19 -16.26 94.10
CA ARG J 134 21.80 -15.86 94.36
C ARG J 134 21.34 -16.37 95.71
N GLY J 135 20.76 -15.48 96.51
CA GLY J 135 20.24 -15.81 97.85
C GLY J 135 18.73 -15.85 97.95
N ASP J 136 18.04 -15.11 97.07
CA ASP J 136 16.57 -15.03 96.97
C ASP J 136 15.87 -16.38 96.70
N VAL J 137 16.60 -17.33 96.07
CA VAL J 137 16.11 -18.66 95.72
C VAL J 137 15.48 -19.39 96.93
N ASP J 138 14.40 -20.14 96.63
CA ASP J 138 13.61 -20.85 97.62
C ASP J 138 14.25 -22.18 98.04
N ALA J 139 14.02 -22.55 99.31
CA ALA J 139 14.55 -23.78 99.91
C ALA J 139 13.74 -24.99 99.44
N GLU J 140 14.09 -25.46 98.23
CA GLU J 140 13.43 -26.59 97.59
C GLU J 140 14.38 -27.79 97.62
N ARG J 141 14.50 -28.42 98.81
CA ARG J 141 15.39 -29.55 99.00
C ARG J 141 14.80 -30.79 98.35
N PRO J 142 15.49 -31.44 97.41
CA PRO J 142 14.91 -32.64 96.80
C PRO J 142 14.76 -33.75 97.82
N ALA J 143 13.66 -34.48 97.72
CA ALA J 143 13.35 -35.53 98.68
C ALA J 143 14.36 -36.64 98.61
N ALA J 144 14.61 -37.23 99.78
CA ALA J 144 15.56 -38.32 99.96
C ALA J 144 15.21 -39.50 99.09
N HIS J 145 16.23 -40.27 98.72
CA HIS J 145 16.10 -41.43 97.87
C HIS J 145 16.26 -42.70 98.67
N SER J 146 15.84 -43.80 98.09
CA SER J 146 15.96 -45.12 98.69
C SER J 146 17.22 -45.73 98.14
N ILE J 147 18.29 -45.72 98.94
CA ILE J 147 19.59 -46.23 98.51
C ILE J 147 19.49 -47.71 98.15
N ASP J 148 18.69 -48.47 98.89
CA ASP J 148 18.51 -49.89 98.61
C ASP J 148 17.85 -50.08 97.23
N ALA J 149 16.73 -49.38 96.97
CA ALA J 149 16.01 -49.47 95.70
C ALA J 149 16.83 -48.95 94.53
N LEU J 150 17.58 -47.85 94.74
CA LEU J 150 18.45 -47.30 93.70
C LEU J 150 19.47 -48.33 93.27
N LEU J 151 20.16 -48.92 94.23
CA LEU J 151 21.19 -49.92 93.97
C LEU J 151 20.61 -51.20 93.39
N ALA J 152 19.36 -51.52 93.73
CA ALA J 152 18.67 -52.68 93.17
C ALA J 152 18.31 -52.42 91.70
N ALA J 153 17.92 -51.17 91.37
CA ALA J 153 17.58 -50.78 90.00
C ALA J 153 18.82 -50.65 89.09
N HIS J 154 20.02 -50.52 89.66
CA HIS J 154 21.28 -50.44 88.92
C HIS J 154 22.17 -51.63 89.33
N PRO J 155 22.03 -52.78 88.65
CA PRO J 155 22.80 -53.96 89.02
C PRO J 155 24.21 -54.00 88.44
N ASN J 156 24.40 -53.52 87.20
CA ASN J 156 25.69 -53.57 86.51
C ASN J 156 26.72 -52.68 87.20
N ARG J 157 27.71 -53.29 87.86
CA ARG J 157 28.76 -52.59 88.60
C ARG J 157 29.95 -52.23 87.69
N VAL J 158 30.52 -51.03 87.91
CA VAL J 158 31.69 -50.50 87.20
C VAL J 158 32.74 -50.17 88.24
N ASP J 159 33.94 -50.79 88.19
CA ASP J 159 34.97 -50.51 89.20
C ASP J 159 35.54 -49.10 88.99
N GLY J 160 35.86 -48.45 90.11
CA GLY J 160 36.43 -47.11 90.11
C GLY J 160 37.82 -47.06 89.53
N ASP J 161 38.68 -48.01 89.93
CA ASP J 161 40.07 -48.08 89.44
C ASP J 161 40.10 -48.33 87.93
N GLU J 162 39.20 -49.22 87.44
CA GLU J 162 39.05 -49.55 86.03
C GLU J 162 38.65 -48.30 85.22
N LEU J 163 37.76 -47.47 85.78
CA LEU J 163 37.32 -46.23 85.14
C LEU J 163 38.44 -45.17 85.20
N ARG J 164 39.12 -45.05 86.35
CA ARG J 164 40.23 -44.09 86.53
C ARG J 164 41.43 -44.47 85.67
N ALA J 165 41.57 -45.76 85.30
CA ALA J 165 42.59 -46.19 84.36
C ALA J 165 42.23 -45.73 82.94
N GLY J 166 40.93 -45.77 82.62
CA GLY J 166 40.38 -45.28 81.37
C GLY J 166 40.58 -43.80 81.19
N PHE J 167 40.53 -43.04 82.29
CA PHE J 167 40.79 -41.60 82.25
C PHE J 167 42.26 -41.32 81.89
N GLY J 168 43.18 -42.14 82.40
CA GLY J 168 44.60 -42.03 82.13
C GLY J 168 44.99 -42.15 80.67
N THR J 169 44.18 -42.86 79.85
CA THR J 169 44.45 -43.03 78.42
C THR J 169 44.18 -41.73 77.66
N VAL J 170 43.05 -41.03 77.96
CA VAL J 170 42.70 -39.77 77.31
C VAL J 170 43.63 -38.62 77.73
N GLY J 171 44.33 -38.74 78.87
CA GLY J 171 45.27 -37.74 79.35
C GLY J 171 45.03 -37.21 80.75
N ILE J 172 43.86 -37.54 81.36
CA ILE J 172 43.48 -37.05 82.68
C ILE J 172 43.96 -38.05 83.75
N GLY J 173 44.79 -37.57 84.67
CA GLY J 173 45.32 -38.36 85.77
C GLY J 173 44.68 -38.02 87.09
N HIS J 174 44.14 -39.03 87.79
CA HIS J 174 43.53 -38.88 89.11
C HIS J 174 44.32 -39.70 90.12
N GLY J 175 45.05 -39.02 91.00
CA GLY J 175 45.85 -39.67 92.02
C GLY J 175 45.04 -40.10 93.22
N ALA J 176 45.74 -40.45 94.32
CA ALA J 176 45.14 -40.95 95.57
C ALA J 176 43.97 -40.11 96.08
N ALA J 177 44.16 -38.78 96.09
CA ALA J 177 43.15 -37.81 96.55
C ALA J 177 41.86 -37.83 95.73
N PHE J 178 42.01 -37.97 94.41
CA PHE J 178 40.89 -37.94 93.48
C PHE J 178 40.34 -39.35 93.18
N ALA J 179 40.72 -40.36 93.99
CA ALA J 179 40.25 -41.73 93.85
C ALA J 179 39.09 -42.04 94.80
N GLY J 180 38.24 -41.05 95.06
CA GLY J 180 37.10 -41.21 95.96
C GLY J 180 36.04 -42.14 95.42
N LEU J 181 35.89 -42.20 94.07
CA LEU J 181 34.90 -43.06 93.42
C LEU J 181 35.29 -44.51 93.59
N SER J 182 34.59 -45.24 94.47
CA SER J 182 34.86 -46.64 94.76
C SER J 182 34.36 -47.52 93.63
N GLU J 183 33.09 -47.34 93.25
CA GLU J 183 32.43 -48.13 92.21
C GLU J 183 31.12 -47.46 91.80
N ALA J 184 30.78 -47.52 90.50
CA ALA J 184 29.56 -46.92 89.98
C ALA J 184 28.63 -48.00 89.46
N TYR J 185 27.36 -47.96 89.89
CA TYR J 185 26.35 -48.93 89.47
C TYR J 185 25.49 -48.31 88.37
N VAL J 186 25.33 -49.05 87.25
CA VAL J 186 24.55 -48.61 86.09
C VAL J 186 23.56 -49.71 85.70
N ALA J 187 22.88 -49.55 84.57
CA ALA J 187 21.96 -50.55 84.06
C ALA J 187 22.16 -50.69 82.55
N THR J 188 21.54 -49.82 81.74
CA THR J 188 21.64 -49.83 80.28
C THR J 188 21.73 -48.39 79.76
N ALA J 189 21.73 -48.21 78.44
CA ALA J 189 21.72 -46.87 77.85
C ALA J 189 20.33 -46.24 77.98
N ALA J 190 19.26 -47.06 77.91
CA ALA J 190 17.86 -46.61 78.06
C ALA J 190 17.62 -45.96 79.41
N GLU J 191 18.23 -46.52 80.47
CA GLU J 191 18.15 -45.99 81.83
C GLU J 191 19.17 -44.86 81.95
N PRO J 192 18.75 -43.60 82.19
CA PRO J 192 19.71 -42.48 82.15
C PRO J 192 20.37 -42.12 83.49
N THR J 193 20.41 -43.03 84.48
CA THR J 193 20.98 -42.71 85.78
C THR J 193 22.15 -43.59 86.19
N VAL J 194 22.99 -43.06 87.10
CA VAL J 194 24.17 -43.74 87.66
C VAL J 194 24.18 -43.55 89.16
N VAL J 195 24.22 -44.65 89.91
CA VAL J 195 24.33 -44.61 91.36
C VAL J 195 25.78 -44.88 91.65
N ALA J 196 26.51 -43.91 92.16
CA ALA J 196 27.94 -44.07 92.43
C ALA J 196 28.23 -44.11 93.91
N ALA J 197 29.25 -44.85 94.31
CA ALA J 197 29.66 -44.99 95.71
C ALA J 197 30.92 -44.19 95.96
N VAL J 198 30.76 -42.87 96.11
CA VAL J 198 31.87 -41.95 96.34
C VAL J 198 32.09 -41.75 97.82
N ALA J 199 33.29 -41.29 98.19
CA ALA J 199 33.67 -41.03 99.57
C ALA J 199 35.01 -40.36 99.61
N LEU J 200 35.15 -39.29 100.41
CA LEU J 200 36.41 -38.57 100.50
C LEU J 200 37.51 -39.46 101.10
N PRO J 201 38.66 -39.68 100.39
CA PRO J 201 39.70 -40.56 100.95
C PRO J 201 40.15 -40.22 102.36
N GLY J 202 40.54 -41.24 103.11
CA GLY J 202 40.99 -41.16 104.50
C GLY J 202 41.95 -40.05 104.87
N PRO J 203 43.03 -39.82 104.07
CA PRO J 203 43.96 -38.72 104.42
C PRO J 203 43.29 -37.34 104.45
N LEU J 204 42.40 -37.11 103.49
CA LEU J 204 41.68 -35.85 103.34
C LEU J 204 40.57 -35.66 104.37
N ARG J 205 40.11 -36.72 105.07
CA ARG J 205 39.04 -36.59 106.07
C ARG J 205 39.45 -35.65 107.22
N SER J 206 40.75 -35.61 107.55
CA SER J 206 41.29 -34.67 108.54
C SER J 206 41.17 -33.24 108.00
N GLY J 207 41.51 -33.09 106.71
CA GLY J 207 41.44 -31.84 105.97
C GLY J 207 40.07 -31.50 105.38
N GLN J 208 38.94 -31.85 106.07
CA GLN J 208 37.59 -31.49 105.63
C GLN J 208 37.34 -30.03 106.02
N ARG J 209 38.12 -29.52 107.00
CA ARG J 209 38.26 -28.14 107.45
C ARG J 209 36.98 -27.28 107.24
N GLY J 210 37.06 -26.22 106.42
CA GLY J 210 35.94 -25.31 106.17
C GLY J 210 35.45 -25.37 104.75
N TYR J 211 35.43 -26.57 104.18
CA TYR J 211 34.93 -26.79 102.83
C TYR J 211 33.42 -27.05 102.86
N THR J 212 32.65 -26.35 102.01
CA THR J 212 31.21 -26.62 101.82
C THR J 212 31.11 -28.05 101.28
N VAL J 213 31.96 -28.35 100.28
CA VAL J 213 32.16 -29.67 99.69
C VAL J 213 33.64 -29.76 99.31
N HIS J 214 34.32 -30.85 99.65
CA HIS J 214 35.74 -30.97 99.32
C HIS J 214 35.89 -31.14 97.81
N PRO J 215 36.73 -30.37 97.11
CA PRO J 215 36.82 -30.53 95.65
C PRO J 215 37.24 -31.92 95.19
N ALA J 216 38.02 -32.65 96.00
CA ALA J 216 38.46 -34.01 95.68
C ALA J 216 37.24 -34.94 95.57
N LEU J 217 36.28 -34.74 96.47
CA LEU J 217 35.02 -35.50 96.54
C LEU J 217 34.07 -35.12 95.39
N LEU J 218 33.88 -33.81 95.17
CA LEU J 218 33.00 -33.34 94.11
C LEU J 218 33.53 -33.76 92.73
N ASP J 219 34.88 -33.83 92.53
CA ASP J 219 35.42 -34.27 91.25
C ASP J 219 35.18 -35.77 91.08
N ALA J 220 35.21 -36.55 92.17
CA ALA J 220 34.91 -37.98 92.11
C ALA J 220 33.44 -38.23 91.71
N CYS J 221 32.54 -37.27 91.98
CA CYS J 221 31.14 -37.34 91.55
C CYS J 221 31.04 -37.08 90.07
N PHE J 222 31.86 -36.13 89.56
CA PHE J 222 31.89 -35.81 88.13
C PHE J 222 32.43 -37.01 87.35
N GLN J 223 33.45 -37.73 87.90
CA GLN J 223 34.00 -38.95 87.28
C GLN J 223 32.89 -39.99 87.07
N SER J 224 32.02 -40.12 88.08
CA SER J 224 30.89 -41.05 88.11
C SER J 224 29.96 -40.93 86.87
N VAL J 225 29.84 -39.72 86.29
CA VAL J 225 28.99 -39.50 85.11
C VAL J 225 29.50 -40.31 83.90
N ILE J 226 30.83 -40.46 83.79
CA ILE J 226 31.46 -41.15 82.67
C ILE J 226 31.20 -42.65 82.72
N ALA J 227 30.88 -43.21 83.90
CA ALA J 227 30.57 -44.64 84.05
C ALA J 227 29.28 -45.04 83.29
N HIS J 228 28.41 -44.07 82.93
CA HIS J 228 27.17 -44.36 82.21
C HIS J 228 27.46 -44.97 80.84
N PRO J 229 26.74 -46.04 80.42
CA PRO J 229 27.01 -46.65 79.11
C PRO J 229 26.80 -45.73 77.90
N GLU J 230 25.73 -44.92 77.91
CA GLU J 230 25.44 -43.98 76.82
C GLU J 230 26.61 -42.97 76.65
N VAL J 231 27.30 -42.60 77.74
CA VAL J 231 28.45 -41.69 77.70
C VAL J 231 29.66 -42.41 77.09
N GLN J 232 29.94 -43.64 77.58
CA GLN J 232 31.05 -44.46 77.09
C GLN J 232 30.95 -44.69 75.59
N ASN J 233 29.75 -45.05 75.12
CA ASN J 233 29.49 -45.33 73.72
C ASN J 233 29.60 -44.09 72.84
N ILE J 234 28.86 -43.01 73.17
CA ILE J 234 28.82 -41.79 72.37
C ILE J 234 30.13 -41.00 72.51
N ALA J 235 30.29 -40.23 73.60
CA ALA J 235 31.47 -39.39 73.80
C ALA J 235 32.66 -40.23 74.25
N SER J 236 33.38 -40.78 73.26
CA SER J 236 34.57 -41.59 73.48
C SER J 236 35.82 -40.71 73.23
N GLY J 237 35.90 -39.60 73.97
CA GLY J 237 37.02 -38.65 73.91
C GLY J 237 37.35 -38.14 75.29
N MET J 238 38.19 -37.08 75.36
CA MET J 238 38.59 -36.48 76.64
C MET J 238 37.47 -35.57 77.17
N LEU J 239 36.81 -35.97 78.27
CA LEU J 239 35.70 -35.19 78.85
C LEU J 239 36.15 -34.48 80.11
N LEU J 240 36.18 -33.13 80.03
CA LEU J 240 36.55 -32.25 81.12
C LEU J 240 35.38 -31.38 81.52
N PRO J 241 35.19 -31.06 82.81
CA PRO J 241 34.06 -30.20 83.21
C PRO J 241 34.27 -28.77 82.72
N LEU J 242 33.25 -28.22 82.07
CA LEU J 242 33.25 -26.87 81.50
C LEU J 242 32.43 -25.86 82.31
N GLY J 243 31.49 -26.34 83.12
CA GLY J 243 30.65 -25.47 83.94
C GLY J 243 29.49 -26.18 84.61
N VAL J 244 28.67 -25.40 85.34
CA VAL J 244 27.50 -25.90 86.08
C VAL J 244 26.37 -24.85 86.00
N ARG J 245 25.16 -25.24 85.57
CA ARG J 245 24.05 -24.27 85.50
C ARG J 245 23.57 -23.82 86.87
N ARG J 246 23.47 -24.74 87.85
CA ARG J 246 22.96 -24.40 89.18
C ARG J 246 23.56 -25.32 90.22
N LEU J 247 24.12 -24.73 91.28
CA LEU J 247 24.78 -25.44 92.38
C LEU J 247 24.22 -24.97 93.70
N ARG J 248 23.75 -25.90 94.53
CA ARG J 248 23.21 -25.57 95.85
C ARG J 248 23.63 -26.61 96.84
N ALA J 249 23.99 -26.19 98.04
CA ALA J 249 24.33 -27.08 99.13
C ALA J 249 23.23 -27.02 100.15
N TYR J 250 22.65 -28.16 100.50
CA TYR J 250 21.54 -28.25 101.46
C TYR J 250 22.03 -28.53 102.87
N GLY J 251 23.16 -29.21 103.00
CA GLY J 251 23.75 -29.55 104.29
C GLY J 251 25.24 -29.82 104.22
N SER J 252 25.74 -30.54 105.22
CA SER J 252 27.16 -30.89 105.27
C SER J 252 27.40 -32.09 104.42
N THR J 253 28.43 -32.01 103.58
CA THR J 253 28.79 -33.12 102.71
C THR J 253 29.80 -34.07 103.39
N ARG J 254 30.04 -33.93 104.72
CA ARG J 254 31.01 -34.72 105.46
C ARG J 254 30.69 -36.21 105.40
N ASN J 255 29.40 -36.54 105.58
CA ASN J 255 28.91 -37.91 105.62
C ASN J 255 28.29 -38.38 104.26
N VAL J 256 28.67 -37.75 103.12
CA VAL J 256 28.20 -38.21 101.80
C VAL J 256 28.88 -39.54 101.45
N ARG J 257 28.09 -40.54 101.10
CA ARG J 257 28.58 -41.88 100.72
C ARG J 257 28.18 -42.26 99.29
N TYR J 258 27.23 -41.54 98.66
CA TYR J 258 26.76 -41.83 97.30
C TYR J 258 26.57 -40.60 96.45
N CYS J 259 26.54 -40.80 95.14
CA CYS J 259 26.29 -39.73 94.17
C CYS J 259 25.39 -40.24 93.07
N LEU J 260 24.17 -39.71 93.02
CA LEU J 260 23.19 -40.08 92.00
C LEU J 260 23.27 -39.12 90.82
N SER J 261 23.76 -39.61 89.66
CA SER J 261 23.90 -38.81 88.44
C SER J 261 22.79 -39.14 87.48
N ARG J 262 22.49 -38.21 86.58
CA ARG J 262 21.44 -38.37 85.56
C ARG J 262 21.88 -37.71 84.27
N ILE J 263 21.83 -38.44 83.13
CA ILE J 263 22.27 -37.90 81.85
C ILE J 263 21.12 -37.10 81.22
N VAL J 264 21.35 -35.81 80.99
CA VAL J 264 20.38 -34.93 80.37
C VAL J 264 20.55 -35.04 78.87
N LYS J 265 21.80 -34.89 78.39
CA LYS J 265 22.15 -34.95 76.97
C LYS J 265 23.51 -35.66 76.82
N ALA J 266 23.60 -36.54 75.81
CA ALA J 266 24.81 -37.30 75.48
C ALA J 266 25.07 -37.18 73.98
N ASP J 267 25.99 -36.30 73.62
CA ASP J 267 26.34 -35.99 72.25
C ASP J 267 27.84 -36.19 72.01
N SER J 268 28.23 -36.26 70.74
CA SER J 268 29.63 -36.40 70.31
C SER J 268 30.49 -35.23 70.82
N PHE J 269 29.90 -34.01 70.90
CA PHE J 269 30.61 -32.81 71.33
C PHE J 269 30.79 -32.79 72.85
N GLY J 270 29.72 -33.01 73.58
CA GLY J 270 29.77 -33.00 75.05
C GLY J 270 28.64 -33.76 75.72
N VAL J 271 28.66 -33.74 77.06
CA VAL J 271 27.68 -34.42 77.91
C VAL J 271 27.16 -33.47 79.00
N GLU J 272 25.84 -33.37 79.16
CA GLU J 272 25.22 -32.58 80.22
C GLU J 272 24.62 -33.57 81.21
N ALA J 273 24.75 -33.28 82.50
CA ALA J 273 24.20 -34.17 83.52
C ALA J 273 23.79 -33.41 84.78
N ASP J 274 22.86 -34.01 85.55
CA ASP J 274 22.33 -33.45 86.81
C ASP J 274 22.75 -34.38 87.94
N LEU J 275 23.48 -33.84 88.95
CA LEU J 275 23.99 -34.65 90.07
C LEU J 275 23.30 -34.34 91.37
N GLU J 276 23.42 -35.29 92.31
CA GLU J 276 22.87 -35.20 93.66
C GLU J 276 23.74 -36.01 94.59
N LEU J 277 24.31 -35.37 95.60
CA LEU J 277 25.18 -36.03 96.57
C LEU J 277 24.33 -36.49 97.75
N LEU J 278 24.22 -37.81 97.93
CA LEU J 278 23.38 -38.39 98.97
C LEU J 278 24.17 -38.99 100.10
N ASP J 279 23.66 -38.89 101.35
CA ASP J 279 24.29 -39.52 102.50
C ASP J 279 23.89 -41.02 102.52
N ALA J 280 24.29 -41.75 103.55
CA ALA J 280 23.96 -43.18 103.66
C ALA J 280 22.46 -43.45 103.69
N ASP J 281 21.68 -42.56 104.35
CA ASP J 281 20.21 -42.68 104.46
C ASP J 281 19.51 -42.42 103.12
N GLY J 282 20.16 -41.62 102.26
CA GLY J 282 19.65 -41.23 100.96
C GLY J 282 19.22 -39.79 100.88
N THR J 283 19.41 -39.01 101.96
CA THR J 283 19.06 -37.58 101.98
C THR J 283 20.00 -36.79 101.09
N VAL J 284 19.46 -35.82 100.33
CA VAL J 284 20.28 -35.00 99.43
C VAL J 284 21.01 -33.92 100.21
N LEU J 285 22.34 -33.83 100.03
CA LEU J 285 23.22 -32.87 100.69
C LEU J 285 23.67 -31.75 99.77
N LEU J 286 23.84 -32.05 98.49
CA LEU J 286 24.23 -31.06 97.49
C LEU J 286 23.73 -31.49 96.13
N SER J 287 23.33 -30.53 95.28
CA SER J 287 22.87 -30.82 93.93
C SER J 287 23.52 -29.88 92.91
N ALA J 288 23.93 -30.40 91.73
CA ALA J 288 24.54 -29.61 90.67
C ALA J 288 23.80 -29.89 89.38
N MET J 289 23.01 -28.93 88.92
CA MET J 289 22.22 -29.06 87.70
C MET J 289 23.04 -28.61 86.54
N GLY J 290 22.96 -29.36 85.46
CA GLY J 290 23.63 -29.00 84.23
C GLY J 290 25.14 -29.02 84.28
N LEU J 291 25.72 -30.03 84.92
CA LEU J 291 27.15 -30.21 84.93
C LEU J 291 27.59 -30.43 83.51
N GLN J 292 28.22 -29.42 82.89
CA GLN J 292 28.64 -29.53 81.50
C GLN J 292 30.00 -30.19 81.42
N LEU J 293 30.06 -31.33 80.73
CA LEU J 293 31.28 -32.09 80.45
C LEU J 293 31.51 -32.01 78.95
N GLY J 294 32.75 -31.96 78.51
CA GLY J 294 32.98 -31.85 77.07
C GLY J 294 34.42 -31.77 76.60
N THR J 295 34.57 -31.96 75.30
CA THR J 295 35.84 -31.86 74.61
C THR J 295 36.11 -30.38 74.42
N GLY J 296 37.17 -29.86 75.03
CA GLY J 296 37.50 -28.44 74.94
C GLY J 296 37.65 -27.94 73.53
N ASN J 297 38.35 -28.73 72.68
CA ASN J 297 38.62 -28.41 71.27
C ASN J 297 37.64 -29.12 70.30
N SER J 298 37.41 -28.50 69.12
CA SER J 298 36.51 -29.05 68.10
C SER J 298 37.08 -30.33 67.48
N ASP J 299 36.24 -31.03 66.69
CA ASP J 299 36.65 -32.25 65.98
C ASP J 299 37.56 -31.90 64.77
N LYS J 300 37.61 -30.62 64.35
CA LYS J 300 38.45 -30.14 63.25
C LYS J 300 39.86 -29.79 63.76
N ALA J 301 39.94 -29.22 64.99
CA ALA J 301 41.22 -28.89 65.64
C ALA J 301 41.93 -30.14 66.16
N GLU J 302 41.18 -31.24 66.37
CA GLU J 302 41.72 -32.53 66.79
C GLU J 302 42.47 -33.17 65.63
N GLU J 303 41.88 -33.11 64.41
CA GLU J 303 42.48 -33.62 63.18
C GLU J 303 43.80 -32.92 62.90
N GLU J 304 43.75 -31.58 62.87
CA GLU J 304 44.91 -30.72 62.65
C GLU J 304 46.05 -31.05 63.62
N ARG J 305 45.71 -31.31 64.91
CA ARG J 305 46.71 -31.64 65.93
C ARG J 305 47.26 -33.05 65.73
N LEU J 306 46.41 -34.02 65.35
CA LEU J 306 46.85 -35.40 65.12
C LEU J 306 47.79 -35.51 63.94
N LEU J 307 47.39 -34.90 62.82
CA LEU J 307 48.17 -34.83 61.57
C LEU J 307 49.58 -34.34 61.84
N ASP J 308 49.74 -33.34 62.74
CA ASP J 308 51.04 -32.77 63.09
C ASP J 308 51.95 -33.77 63.84
N GLU J 309 51.39 -34.52 64.80
CA GLU J 309 52.16 -35.50 65.58
C GLU J 309 52.54 -36.72 64.73
N ARG J 310 51.62 -37.18 63.88
CA ARG J 310 51.80 -38.37 63.03
C ARG J 310 52.90 -38.23 61.90
N LEU J 311 53.06 -37.03 61.25
CA LEU J 311 53.99 -36.83 60.12
C LEU J 311 55.47 -37.00 60.48
N LEU J 312 56.26 -37.53 59.53
CA LEU J 312 57.70 -37.79 59.67
C LEU J 312 58.49 -37.55 58.37
N THR J 313 59.68 -36.93 58.51
CA THR J 313 60.58 -36.64 57.39
C THR J 313 62.01 -36.94 57.78
N ILE J 314 62.83 -37.29 56.79
CA ILE J 314 64.25 -37.52 57.01
C ILE J 314 64.97 -36.21 56.71
N GLU J 315 65.85 -35.77 57.61
CA GLU J 315 66.61 -34.53 57.44
C GLU J 315 68.08 -34.83 57.63
N TRP J 316 68.93 -34.10 56.90
CA TRP J 316 70.36 -34.31 56.89
C TRP J 316 71.09 -33.18 57.58
N GLN J 317 71.95 -33.53 58.55
CA GLN J 317 72.70 -32.56 59.34
C GLN J 317 74.17 -32.53 58.93
N GLN J 318 74.75 -31.31 58.75
CA GLN J 318 76.18 -31.15 58.47
C GLN J 318 76.94 -31.53 59.73
N ARG J 319 77.72 -32.62 59.69
CA ARG J 319 78.43 -33.12 60.87
C ARG J 319 79.95 -33.19 60.63
N GLU J 320 80.72 -33.35 61.73
CA GLU J 320 82.18 -33.49 61.74
C GLU J 320 82.57 -34.81 62.38
N LEU J 321 83.67 -35.41 61.90
CA LEU J 321 84.18 -36.70 62.38
C LEU J 321 85.24 -36.51 63.46
N PRO J 322 85.06 -37.03 64.70
CA PRO J 322 86.08 -36.83 65.74
C PRO J 322 86.89 -38.09 66.10
N ARG J 323 88.24 -37.94 66.18
CA ARG J 323 89.22 -38.96 66.62
C ARG J 323 89.13 -40.35 65.84
N PRO J 324 90.06 -41.34 66.01
CA PRO J 324 91.21 -41.43 66.95
C PRO J 324 92.30 -40.36 66.72
N GLY J 333 93.59 -52.91 63.53
CA GLY J 333 92.59 -53.88 63.11
C GLY J 333 92.57 -54.11 61.61
N SER J 334 92.30 -55.37 61.18
CA SER J 334 92.26 -55.73 59.75
C SER J 334 90.94 -55.29 59.09
N TRP J 335 90.94 -55.19 57.73
CA TRP J 335 89.77 -54.78 56.94
C TRP J 335 89.60 -55.63 55.68
N LEU J 336 88.43 -55.49 55.03
CA LEU J 336 88.10 -56.19 53.78
C LEU J 336 87.22 -55.33 52.88
N VAL J 337 87.75 -54.88 51.74
CA VAL J 337 87.01 -54.10 50.75
C VAL J 337 86.46 -55.08 49.70
N ILE J 338 85.14 -55.08 49.48
CA ILE J 338 84.48 -56.01 48.56
C ILE J 338 83.68 -55.23 47.51
N LEU J 339 83.67 -55.71 46.25
CA LEU J 339 82.97 -55.03 45.14
C LEU J 339 81.61 -55.67 44.78
N ALA J 340 80.81 -55.00 43.90
CA ALA J 340 79.54 -55.51 43.37
C ALA J 340 79.52 -55.59 41.80
N GLY J 341 80.61 -55.18 41.12
CA GLY J 341 80.74 -55.22 39.67
C GLY J 341 82.20 -55.33 39.28
N ASP J 342 82.60 -56.48 38.71
CA ASP J 342 84.00 -56.81 38.37
C ASP J 342 84.41 -56.22 37.01
N ASP J 343 83.53 -56.34 35.99
CA ASP J 343 83.82 -55.82 34.65
C ASP J 343 83.90 -54.26 34.67
N ASP J 344 83.29 -53.60 35.68
CA ASP J 344 83.40 -52.15 35.89
C ASP J 344 84.57 -51.91 36.84
N GLU J 345 85.56 -51.07 36.44
CA GLU J 345 86.72 -50.80 37.27
C GLU J 345 86.43 -49.59 38.14
N ASN J 346 86.20 -49.82 39.46
CA ASN J 346 85.81 -48.77 40.41
C ASN J 346 87.02 -48.00 40.96
N PRO J 347 87.24 -46.70 40.61
CA PRO J 347 88.33 -45.94 41.22
C PRO J 347 88.06 -45.68 42.70
N ARG J 348 86.76 -45.66 43.13
CA ARG J 348 86.39 -45.51 44.55
C ARG J 348 86.91 -46.71 45.34
N ALA J 349 86.72 -47.93 44.82
CA ALA J 349 87.20 -49.14 45.48
C ALA J 349 88.74 -49.16 45.55
N ALA J 350 89.39 -48.76 44.46
CA ALA J 350 90.86 -48.70 44.38
C ALA J 350 91.43 -47.69 45.36
N GLY J 351 90.88 -46.48 45.35
CA GLY J 351 91.29 -45.39 46.22
C GLY J 351 91.03 -45.64 47.69
N VAL J 352 90.00 -46.44 48.02
CA VAL J 352 89.67 -46.78 49.42
C VAL J 352 90.69 -47.78 49.96
N VAL J 353 91.03 -48.81 49.18
CA VAL J 353 92.01 -49.82 49.61
C VAL J 353 93.40 -49.16 49.81
N SER J 354 93.77 -48.23 48.91
CA SER J 354 95.07 -47.53 49.02
C SER J 354 95.12 -46.64 50.26
N ALA J 355 94.01 -45.96 50.58
CA ALA J 355 93.95 -45.05 51.74
C ALA J 355 93.93 -45.83 53.06
N LEU J 356 93.31 -47.04 53.12
CA LEU J 356 93.32 -47.86 54.34
C LEU J 356 94.72 -48.39 54.61
N ILE J 357 95.42 -48.84 53.56
CA ILE J 357 96.79 -49.32 53.67
C ILE J 357 97.70 -48.14 54.01
N GLY J 358 97.39 -46.96 53.47
CA GLY J 358 98.10 -45.72 53.77
C GLY J 358 97.94 -45.30 55.22
N ALA J 359 96.76 -45.55 55.82
CA ALA J 359 96.49 -45.27 57.23
C ALA J 359 97.22 -46.25 58.16
N GLY J 360 97.53 -47.44 57.65
CA GLY J 360 98.25 -48.49 58.36
C GLY J 360 97.39 -49.65 58.83
N MET J 361 96.38 -50.05 58.03
CA MET J 361 95.47 -51.16 58.33
C MET J 361 95.68 -52.27 57.31
N PRO J 362 95.84 -53.54 57.74
CA PRO J 362 96.01 -54.62 56.74
C PRO J 362 94.69 -54.91 56.04
N THR J 363 94.57 -54.42 54.79
CA THR J 363 93.37 -54.54 53.98
C THR J 363 93.50 -55.66 52.94
N THR J 364 92.40 -56.39 52.72
CA THR J 364 92.29 -57.45 51.71
C THR J 364 91.18 -57.02 50.75
N THR J 365 91.14 -57.58 49.52
CA THR J 365 90.12 -57.18 48.55
C THR J 365 89.44 -58.40 47.92
N MET J 366 88.10 -58.33 47.81
CA MET J 366 87.24 -59.38 47.26
C MET J 366 86.56 -58.80 46.01
N ALA J 367 86.24 -59.66 45.04
CA ALA J 367 85.63 -59.25 43.78
C ALA J 367 84.38 -60.07 43.47
N TRP J 368 83.31 -59.82 44.24
CA TRP J 368 82.04 -60.48 44.02
C TRP J 368 81.29 -59.67 42.96
N SER J 369 80.88 -60.33 41.88
CA SER J 369 80.16 -59.67 40.79
C SER J 369 78.93 -60.47 40.41
N HIS J 370 78.00 -59.81 39.70
CA HIS J 370 76.80 -60.47 39.19
C HIS J 370 77.24 -61.42 38.08
N ASP J 371 76.40 -62.40 37.73
CA ASP J 371 76.73 -63.39 36.71
C ASP J 371 78.06 -64.13 37.05
N ALA J 372 78.17 -64.58 38.32
CA ALA J 372 79.32 -65.32 38.85
C ALA J 372 78.85 -66.40 39.81
N ASP J 373 79.64 -67.47 40.04
CA ASP J 373 79.22 -68.56 40.95
C ASP J 373 79.10 -68.00 42.35
N HIS J 374 77.87 -67.67 42.72
CA HIS J 374 77.57 -67.02 43.99
C HIS J 374 77.78 -67.96 45.18
N ASP J 375 77.47 -69.25 45.04
CA ASP J 375 77.66 -70.21 46.13
C ASP J 375 79.16 -70.39 46.43
N ALA J 376 80.01 -70.34 45.38
CA ALA J 376 81.46 -70.47 45.53
C ALA J 376 82.07 -69.20 46.09
N GLN J 377 81.58 -68.03 45.65
CA GLN J 377 82.10 -66.74 46.14
C GLN J 377 81.64 -66.51 47.58
N ALA J 378 80.44 -67.01 47.93
CA ALA J 378 79.89 -66.93 49.29
C ALA J 378 80.75 -67.74 50.26
N ALA J 379 81.23 -68.90 49.79
CA ALA J 379 82.11 -69.75 50.58
C ALA J 379 83.49 -69.13 50.73
N ALA J 380 83.98 -68.47 49.67
CA ALA J 380 85.27 -67.77 49.68
C ALA J 380 85.27 -66.65 50.70
N LEU J 381 84.14 -65.93 50.81
CA LEU J 381 83.99 -64.84 51.78
C LEU J 381 83.98 -65.38 53.21
N THR J 382 83.08 -66.35 53.49
CA THR J 382 82.98 -66.98 54.81
C THR J 382 84.33 -67.57 55.27
N ALA J 383 85.17 -67.96 54.33
CA ALA J 383 86.51 -68.47 54.62
C ALA J 383 87.45 -67.36 55.08
N ARG J 384 87.43 -66.19 54.43
CA ARG J 384 88.32 -65.08 54.81
C ARG J 384 87.93 -64.45 56.17
N LEU J 385 86.66 -64.60 56.59
CA LEU J 385 86.20 -64.13 57.88
C LEU J 385 86.71 -65.05 59.00
N ASP J 386 86.63 -66.37 58.79
CA ASP J 386 87.10 -67.37 59.76
C ASP J 386 88.64 -67.43 59.79
N GLU J 387 89.31 -67.03 58.69
CA GLU J 387 90.77 -67.02 58.56
C GLU J 387 91.38 -65.94 59.45
N GLN J 388 90.93 -64.68 59.29
CA GLN J 388 91.45 -63.54 60.05
C GLN J 388 90.35 -62.75 60.73
N PRO J 389 90.55 -62.28 61.98
CA PRO J 389 89.54 -61.43 62.60
C PRO J 389 89.69 -59.99 62.09
N LEU J 390 88.62 -59.43 61.50
CA LEU J 390 88.65 -58.08 60.94
C LEU J 390 87.65 -57.18 61.65
N ALA J 391 87.97 -55.88 61.69
CA ALA J 391 87.16 -54.87 62.35
C ALA J 391 85.92 -54.52 61.55
N GLY J 392 86.11 -54.27 60.25
CA GLY J 392 85.01 -53.90 59.37
C GLY J 392 85.13 -54.42 57.95
N VAL J 393 83.98 -54.43 57.25
CA VAL J 393 83.84 -54.88 55.86
C VAL J 393 83.17 -53.77 55.05
N ALA J 394 83.86 -53.21 54.03
CA ALA J 394 83.33 -52.13 53.21
C ALA J 394 82.85 -52.63 51.84
N VAL J 395 81.53 -52.63 51.61
CA VAL J 395 80.94 -53.09 50.36
C VAL J 395 80.83 -51.92 49.38
N ILE J 396 81.64 -51.92 48.31
CA ILE J 396 81.64 -50.87 47.29
C ILE J 396 80.68 -51.29 46.16
N VAL J 397 79.60 -50.53 45.95
CA VAL J 397 78.61 -50.86 44.92
C VAL J 397 78.99 -50.15 43.61
N GLY J 398 79.14 -50.92 42.53
CA GLY J 398 79.52 -50.40 41.23
C GLY J 398 78.45 -49.64 40.47
N ASP J 399 78.86 -48.56 39.79
CA ASP J 399 77.97 -47.72 38.99
C ASP J 399 78.21 -48.01 37.52
N SER J 400 77.15 -48.39 36.78
CA SER J 400 77.24 -48.67 35.36
C SER J 400 77.58 -47.39 34.56
N GLU J 401 78.56 -47.48 33.64
CA GLU J 401 79.03 -46.37 32.79
C GLU J 401 79.54 -45.23 33.64
N HIS J 407 71.98 -41.61 32.45
CA HIS J 407 70.81 -40.78 32.68
C HIS J 407 69.48 -41.56 32.56
N ASP J 408 69.43 -42.71 31.84
CA ASP J 408 68.17 -43.44 31.68
C ASP J 408 67.74 -44.12 32.98
N VAL J 409 66.53 -43.78 33.47
CA VAL J 409 65.95 -44.31 34.70
C VAL J 409 65.45 -45.73 34.46
N GLY J 410 64.82 -45.96 33.30
CA GLY J 410 64.32 -47.28 32.93
C GLY J 410 65.35 -48.37 33.13
N ALA J 411 66.60 -48.08 32.77
CA ALA J 411 67.73 -48.99 32.96
C ALA J 411 68.14 -49.10 34.42
N ASP J 412 68.19 -47.95 35.13
CA ASP J 412 68.56 -47.92 36.54
C ASP J 412 67.51 -48.63 37.43
N ALA J 413 66.22 -48.66 36.99
CA ALA J 413 65.15 -49.35 37.70
C ALA J 413 65.32 -50.86 37.61
N ARG J 414 65.72 -51.36 36.43
CA ARG J 414 65.94 -52.80 36.22
C ARG J 414 67.23 -53.21 36.95
N ARG J 415 68.30 -52.36 36.86
CA ARG J 415 69.60 -52.59 37.53
C ARG J 415 69.49 -52.55 39.04
N GLY J 416 68.61 -51.70 39.55
CA GLY J 416 68.38 -51.55 40.98
C GLY J 416 67.97 -52.84 41.67
N ALA J 417 67.28 -53.77 40.95
CA ALA J 417 66.87 -55.08 41.49
C ALA J 417 68.07 -55.92 41.67
N ASP J 418 68.87 -56.00 40.63
CA ASP J 418 70.06 -56.83 40.62
C ASP J 418 70.99 -56.45 41.79
N HIS J 419 71.11 -55.15 42.11
CA HIS J 419 71.92 -54.70 43.25
C HIS J 419 71.35 -55.20 44.58
N VAL J 420 70.02 -55.14 44.74
CA VAL J 420 69.32 -55.57 45.96
C VAL J 420 69.53 -57.07 46.15
N ARG J 421 69.28 -57.84 45.09
CA ARG J 421 69.49 -59.29 45.07
C ARG J 421 70.91 -59.63 45.52
N HIS J 422 71.90 -58.91 44.97
CA HIS J 422 73.33 -59.14 45.22
C HIS J 422 73.73 -58.72 46.63
N LEU J 423 73.20 -57.61 47.16
CA LEU J 423 73.55 -57.19 48.51
C LEU J 423 72.94 -58.13 49.53
N VAL J 424 71.81 -58.81 49.20
CA VAL J 424 71.23 -59.82 50.09
C VAL J 424 72.20 -61.00 50.15
N ARG J 425 72.77 -61.42 49.00
CA ARG J 425 73.75 -62.52 48.95
C ARG J 425 74.95 -62.23 49.87
N ILE J 426 75.48 -60.98 49.81
CA ILE J 426 76.63 -60.54 50.63
C ILE J 426 76.22 -60.45 52.11
N ALA J 427 75.11 -59.75 52.41
CA ALA J 427 74.64 -59.56 53.78
C ALA J 427 74.33 -60.89 54.50
N ARG J 428 73.78 -61.88 53.77
CA ARG J 428 73.43 -63.17 54.33
C ARG J 428 74.67 -63.90 54.85
N THR J 429 75.77 -63.89 54.09
CA THR J 429 77.02 -64.57 54.48
C THR J 429 77.73 -63.87 55.68
N LEU J 430 77.58 -62.54 55.84
CA LEU J 430 78.17 -61.82 56.98
C LEU J 430 77.41 -62.13 58.26
N ALA J 431 76.06 -62.23 58.15
CA ALA J 431 75.19 -62.58 59.27
C ALA J 431 75.49 -63.99 59.76
N ASP J 432 75.69 -64.93 58.81
CA ASP J 432 76.05 -66.32 59.11
C ASP J 432 77.56 -66.41 59.39
N ALA J 433 77.98 -65.81 60.52
CA ALA J 433 79.37 -65.75 60.96
C ALA J 433 79.52 -66.50 62.26
N VAL J 434 80.59 -67.30 62.38
CA VAL J 434 80.84 -68.07 63.59
C VAL J 434 81.26 -67.11 64.70
N GLY J 435 82.30 -66.32 64.44
CA GLY J 435 82.81 -65.33 65.37
C GLY J 435 81.93 -64.09 65.45
N GLU J 436 82.45 -63.03 66.10
CA GLU J 436 81.72 -61.76 66.23
C GLU J 436 81.64 -61.07 64.88
N PRO J 437 80.44 -60.86 64.28
CA PRO J 437 80.37 -60.23 62.96
C PRO J 437 81.05 -58.85 62.90
N PRO J 438 81.77 -58.55 61.79
CA PRO J 438 82.42 -57.24 61.66
C PRO J 438 81.43 -56.16 61.26
N ARG J 439 81.81 -54.88 61.37
CA ARG J 439 80.90 -53.79 61.03
C ARG J 439 80.74 -53.67 59.51
N LEU J 440 79.49 -53.76 59.04
CA LEU J 440 79.18 -53.67 57.61
C LEU J 440 79.04 -52.20 57.20
N TYR J 441 79.75 -51.79 56.15
CA TYR J 441 79.70 -50.45 55.59
C TYR J 441 79.36 -50.56 54.10
N VAL J 442 78.18 -50.10 53.66
CA VAL J 442 77.82 -50.16 52.22
C VAL J 442 78.06 -48.77 51.60
N VAL J 443 78.90 -48.68 50.55
CA VAL J 443 79.24 -47.42 49.90
C VAL J 443 78.48 -47.29 48.57
N THR J 444 77.48 -46.40 48.54
CA THR J 444 76.64 -46.17 47.37
C THR J 444 76.98 -44.86 46.65
N HIS J 445 76.68 -44.79 45.33
CA HIS J 445 76.94 -43.61 44.50
C HIS J 445 75.67 -42.76 44.30
N ARG J 446 75.62 -41.57 44.96
CA ARG J 446 74.52 -40.60 44.92
C ARG J 446 73.10 -41.28 44.99
N SER J 447 73.01 -42.35 45.82
CA SER J 447 71.82 -43.15 46.10
C SER J 447 70.59 -42.30 46.37
N GLN J 448 70.69 -41.35 47.34
CA GLN J 448 69.56 -40.55 47.78
C GLN J 448 69.84 -39.06 47.85
N HIS J 449 68.75 -38.31 48.00
CA HIS J 449 68.71 -36.87 48.10
C HIS J 449 69.03 -36.38 49.51
N VAL J 450 69.98 -35.45 49.61
CA VAL J 450 70.41 -34.83 50.87
C VAL J 450 70.33 -33.29 50.65
N LEU J 451 71.18 -32.74 49.79
CA LEU J 451 71.14 -31.32 49.47
C LEU J 451 70.02 -31.06 48.46
N ASP J 452 69.31 -29.93 48.58
CA ASP J 452 68.18 -29.56 47.70
C ASP J 452 68.56 -29.55 46.19
N THR J 453 69.81 -29.22 45.88
CA THR J 453 70.31 -29.16 44.51
C THR J 453 70.46 -30.54 43.85
N ASP J 454 70.63 -31.60 44.65
CA ASP J 454 70.90 -32.96 44.16
C ASP J 454 69.83 -33.56 43.25
N GLU J 455 70.30 -34.29 42.22
CA GLU J 455 69.52 -35.09 41.29
C GLU J 455 69.96 -36.49 41.60
N PRO J 456 69.11 -37.38 42.15
CA PRO J 456 69.62 -38.70 42.55
C PRO J 456 70.02 -39.61 41.42
N TYR J 457 71.09 -40.36 41.68
CA TYR J 457 71.56 -41.42 40.80
C TYR J 457 70.89 -42.66 41.36
N LEU J 458 70.02 -43.31 40.57
CA LEU J 458 69.24 -44.44 41.05
C LEU J 458 70.11 -45.72 41.08
N GLU J 459 69.59 -46.94 40.84
CA GLU J 459 70.35 -48.20 41.00
C GLU J 459 70.51 -48.52 42.49
N HIS J 460 71.31 -47.69 43.19
CA HIS J 460 71.61 -47.84 44.62
C HIS J 460 70.49 -47.25 45.49
N SER J 461 69.50 -46.57 44.89
CA SER J 461 68.39 -45.97 45.64
C SER J 461 67.67 -47.00 46.48
N GLY J 462 67.41 -48.16 45.90
CA GLY J 462 66.71 -49.24 46.58
C GLY J 462 67.44 -49.88 47.75
N LEU J 463 68.78 -49.80 47.78
CA LEU J 463 69.59 -50.42 48.83
C LEU J 463 69.44 -49.76 50.22
N ARG J 464 68.99 -48.48 50.33
CA ARG J 464 68.88 -47.81 51.64
C ARG J 464 67.79 -48.43 52.53
N GLY J 465 66.80 -49.08 51.93
CA GLY J 465 65.74 -49.76 52.68
C GLY J 465 66.20 -51.11 53.16
N LEU J 466 67.05 -51.78 52.36
CA LEU J 466 67.60 -53.08 52.69
C LEU J 466 68.61 -52.98 53.85
N ILE J 467 69.61 -52.08 53.76
CA ILE J 467 70.61 -51.89 54.84
C ILE J 467 69.93 -51.51 56.18
N ARG J 468 68.77 -50.84 56.10
CA ARG J 468 67.99 -50.43 57.27
C ARG J 468 67.38 -51.66 57.94
N VAL J 469 66.84 -52.57 57.12
CA VAL J 469 66.24 -53.83 57.58
C VAL J 469 67.33 -54.78 58.06
N VAL J 470 68.49 -54.84 57.36
CA VAL J 470 69.61 -55.70 57.73
C VAL J 470 70.17 -55.29 59.12
N GLY J 471 70.25 -53.98 59.36
CA GLY J 471 70.69 -53.45 60.64
C GLY J 471 69.75 -53.82 61.77
N MET J 472 68.44 -53.93 61.45
CA MET J 472 67.41 -54.32 62.42
C MET J 472 67.36 -55.83 62.62
N GLU J 473 67.43 -56.64 61.55
CA GLU J 473 67.44 -58.11 61.63
C GLU J 473 68.74 -58.63 62.27
N HIS J 474 69.90 -58.03 61.93
CA HIS J 474 71.21 -58.43 62.43
C HIS J 474 71.97 -57.19 62.93
N PRO J 475 71.68 -56.73 64.17
CA PRO J 475 72.36 -55.53 64.69
C PRO J 475 73.82 -55.74 65.11
N ARG J 476 74.30 -57.01 65.27
CA ARG J 476 75.69 -57.31 65.64
C ARG J 476 76.61 -56.57 64.67
N LEU J 477 76.42 -56.84 63.37
CA LEU J 477 77.09 -56.10 62.32
C LEU J 477 76.30 -54.79 62.17
N ARG J 478 76.87 -53.66 62.64
CA ARG J 478 76.15 -52.39 62.60
C ARG J 478 76.08 -51.89 61.16
N ALA J 479 74.97 -52.21 60.47
CA ALA J 479 74.75 -51.87 59.07
C ALA J 479 74.75 -50.35 58.84
N THR J 480 75.88 -49.84 58.31
CA THR J 480 76.09 -48.42 58.02
C THR J 480 76.08 -48.19 56.50
N GLN J 481 75.46 -47.09 56.06
CA GLN J 481 75.40 -46.70 54.65
C GLN J 481 76.19 -45.42 54.45
N ILE J 482 77.00 -45.34 53.39
CA ILE J 482 77.80 -44.15 53.07
C ILE J 482 77.44 -43.71 51.65
N ASP J 483 76.57 -42.70 51.50
CA ASP J 483 76.18 -42.20 50.18
C ASP J 483 77.22 -41.16 49.70
N VAL J 484 78.07 -41.58 48.78
CA VAL J 484 79.18 -40.81 48.26
C VAL J 484 78.85 -40.19 46.90
N ASP J 485 79.45 -39.02 46.61
CA ASP J 485 79.34 -38.38 45.30
C ASP J 485 80.68 -38.52 44.58
N ASP J 486 80.76 -38.06 43.34
CA ASP J 486 82.00 -38.19 42.56
C ASP J 486 83.13 -37.35 43.20
N SER J 487 82.84 -36.08 43.51
CA SER J 487 83.81 -35.17 44.11
C SER J 487 83.79 -35.26 45.65
N THR J 488 84.78 -35.92 46.27
CA THR J 488 84.83 -36.02 47.74
C THR J 488 86.22 -36.39 48.32
N ALA J 489 87.00 -37.25 47.62
CA ALA J 489 88.34 -37.74 48.01
C ALA J 489 88.22 -38.96 48.92
N HIS J 490 89.10 -39.93 48.70
CA HIS J 490 89.11 -41.20 49.42
C HIS J 490 89.74 -41.04 50.81
N GLU J 491 90.68 -40.09 50.97
CA GLU J 491 91.38 -39.80 52.24
C GLU J 491 90.39 -39.42 53.36
N ALA J 492 89.29 -38.73 52.99
CA ALA J 492 88.25 -38.30 53.90
C ALA J 492 87.21 -39.41 54.13
N LEU J 493 86.99 -40.29 53.14
CA LEU J 493 86.03 -41.37 53.26
C LEU J 493 86.52 -42.43 54.27
N VAL J 494 87.78 -42.88 54.14
CA VAL J 494 88.35 -43.88 55.07
C VAL J 494 88.42 -43.30 56.50
N ARG J 495 88.53 -41.96 56.62
CA ARG J 495 88.52 -41.27 57.90
C ARG J 495 87.26 -41.66 58.69
N GLN J 496 86.10 -41.83 57.99
CA GLN J 496 84.82 -42.26 58.58
C GLN J 496 84.87 -43.72 59.02
N LEU J 497 85.38 -44.59 58.13
CA LEU J 497 85.49 -46.03 58.39
C LEU J 497 86.30 -46.31 59.66
N LEU J 498 87.40 -45.57 59.85
CA LEU J 498 88.33 -45.73 60.96
C LEU J 498 87.95 -44.92 62.22
N SER J 499 87.13 -43.84 62.10
CA SER J 499 86.70 -43.07 63.28
C SER J 499 85.74 -43.87 64.17
N GLY J 500 84.93 -44.74 63.53
CA GLY J 500 83.99 -45.59 64.24
C GLY J 500 82.85 -44.84 64.89
N SER J 501 82.25 -43.90 64.17
CA SER J 501 81.11 -43.14 64.68
C SER J 501 79.89 -44.04 64.65
N PRO J 502 78.94 -43.94 65.60
CA PRO J 502 77.78 -44.84 65.57
C PRO J 502 76.71 -44.52 64.51
N GLU J 503 76.91 -43.51 63.62
CA GLU J 503 75.94 -43.12 62.59
C GLU J 503 75.72 -44.23 61.55
N ASP J 504 74.45 -44.63 61.33
CA ASP J 504 74.07 -45.71 60.40
C ASP J 504 73.70 -45.19 58.99
N GLU J 505 73.09 -44.00 58.86
CA GLU J 505 72.73 -43.43 57.55
C GLU J 505 73.55 -42.15 57.36
N THR J 506 74.58 -42.22 56.50
CA THR J 506 75.50 -41.12 56.28
C THR J 506 75.63 -40.82 54.80
N ALA J 507 76.22 -39.66 54.50
CA ALA J 507 76.44 -39.18 53.13
C ALA J 507 77.69 -38.32 53.05
N TRP J 508 78.07 -37.96 51.84
CA TRP J 508 79.25 -37.14 51.63
C TRP J 508 79.05 -36.29 50.42
N ARG J 509 79.08 -34.97 50.59
CA ARG J 509 78.95 -34.03 49.48
C ARG J 509 80.09 -33.07 49.60
N ASP J 510 81.05 -33.17 48.67
CA ASP J 510 82.29 -32.41 48.63
C ASP J 510 83.12 -32.87 49.85
N GLY J 511 83.80 -31.95 50.55
CA GLY J 511 84.56 -32.31 51.74
C GLY J 511 83.75 -32.38 53.02
N GLN J 512 82.40 -32.25 52.95
CA GLN J 512 81.55 -32.26 54.14
C GLN J 512 80.84 -33.60 54.31
N TRP J 513 80.76 -34.02 55.58
CA TRP J 513 80.10 -35.25 56.01
C TRP J 513 78.69 -34.88 56.48
N TYR J 514 77.66 -35.64 56.00
CA TYR J 514 76.24 -35.40 56.31
C TYR J 514 75.62 -36.65 56.95
N ALA J 515 74.90 -36.47 58.08
CA ALA J 515 74.26 -37.57 58.79
C ALA J 515 72.76 -37.39 58.77
N ALA J 516 72.01 -38.48 58.51
CA ALA J 516 70.55 -38.45 58.43
C ALA J 516 69.90 -38.59 59.79
N ARG J 517 68.77 -37.90 59.97
CA ARG J 517 68.02 -37.90 61.21
C ARG J 517 66.53 -37.76 60.90
N LEU J 518 65.69 -38.50 61.63
CA LEU J 518 64.23 -38.51 61.48
C LEU J 518 63.57 -37.39 62.30
N CYS J 519 62.73 -36.52 61.67
CA CYS J 519 62.09 -35.36 62.36
C CYS J 519 60.62 -35.15 61.95
N PRO J 520 59.63 -34.96 62.86
CA PRO J 520 58.28 -34.62 62.38
C PRO J 520 58.20 -33.18 61.91
N SER J 521 57.70 -32.96 60.66
CA SER J 521 57.50 -31.61 60.06
C SER J 521 56.00 -31.43 59.82
N PRO J 522 55.31 -30.67 60.69
CA PRO J 522 53.86 -30.61 60.59
C PRO J 522 53.20 -29.32 60.07
N LEU J 523 53.13 -28.24 60.89
CA LEU J 523 52.45 -26.98 60.53
C LEU J 523 53.00 -26.39 59.28
N ARG J 524 54.32 -26.23 59.23
CA ARG J 524 55.03 -25.78 58.05
C ARG J 524 55.62 -27.00 57.39
N ALA J 525 55.58 -27.03 56.09
CA ALA J 525 56.11 -28.15 55.34
C ALA J 525 56.29 -27.67 53.93
N ALA J 526 57.54 -27.33 53.59
CA ALA J 526 57.88 -26.73 52.30
C ALA J 526 57.15 -25.38 52.20
N GLU J 527 57.15 -24.77 51.02
CA GLU J 527 56.47 -23.49 50.83
C GLU J 527 55.08 -23.73 50.24
N ARG J 528 54.41 -24.87 50.56
CA ARG J 528 53.06 -25.15 50.06
C ARG J 528 52.95 -24.93 48.56
N ARG J 529 54.02 -25.17 47.83
CA ARG J 529 54.15 -24.89 46.42
C ARG J 529 54.58 -23.46 46.31
N THR J 530 55.51 -23.18 45.43
CA THR J 530 55.95 -21.81 45.17
C THR J 530 55.51 -21.55 43.75
N ALA J 531 55.38 -20.30 43.43
CA ALA J 531 55.04 -19.87 42.09
C ALA J 531 55.64 -18.51 41.85
N VAL J 532 55.55 -18.02 40.64
CA VAL J 532 56.01 -16.69 40.26
C VAL J 532 54.81 -15.99 39.69
N ALA J 533 54.52 -14.79 40.16
CA ALA J 533 53.35 -14.05 39.72
C ALA J 533 53.70 -12.65 39.34
N ASP J 534 52.94 -12.10 38.38
CA ASP J 534 53.12 -10.74 37.89
C ASP J 534 52.73 -9.75 38.99
N ASN J 535 53.29 -8.57 38.96
CA ASN J 535 53.03 -7.56 39.97
C ASN J 535 51.95 -6.57 39.47
N ALA J 536 51.76 -6.42 38.14
CA ALA J 536 50.68 -5.59 37.57
C ALA J 536 49.35 -6.35 37.54
N SER J 537 49.42 -7.65 37.19
CA SER J 537 48.29 -8.58 37.13
C SER J 537 48.48 -9.60 38.24
N GLU J 538 47.50 -10.50 38.46
CA GLU J 538 47.56 -11.59 39.46
C GLU J 538 47.65 -11.07 40.92
N GLY J 539 46.75 -11.53 41.78
CA GLY J 539 46.70 -11.11 43.16
C GLY J 539 47.78 -11.70 44.04
N MET J 540 48.50 -10.83 44.78
CA MET J 540 49.56 -11.21 45.72
C MET J 540 49.45 -10.36 46.99
N ARG J 541 49.29 -11.02 48.14
CA ARG J 541 49.07 -10.40 49.44
C ARG J 541 50.17 -10.84 50.40
N LEU J 542 50.46 -10.03 51.40
CA LEU J 542 51.50 -10.34 52.39
C LEU J 542 50.80 -10.72 53.67
N VAL J 543 51.21 -11.84 54.30
CA VAL J 543 50.57 -12.28 55.55
C VAL J 543 51.49 -13.20 56.38
N VAL J 544 51.46 -13.05 57.73
CA VAL J 544 52.20 -13.93 58.62
C VAL J 544 51.35 -15.14 58.81
N ARG J 545 51.92 -16.32 58.56
CA ARG J 545 51.16 -17.53 58.76
C ARG J 545 50.79 -17.67 60.22
N ASN J 546 51.82 -17.77 61.07
CA ASN J 546 51.67 -17.95 62.50
C ASN J 546 52.25 -16.74 63.23
N PRO J 547 51.40 -15.90 63.86
CA PRO J 547 51.93 -14.74 64.57
C PRO J 547 52.86 -15.09 65.72
N GLY J 548 53.68 -14.11 66.10
CA GLY J 548 54.71 -14.24 67.13
C GLY J 548 56.08 -14.29 66.47
N ASP J 549 56.17 -15.06 65.37
CA ASP J 549 57.37 -15.22 64.56
C ASP J 549 57.32 -14.31 63.34
N LEU J 550 58.30 -13.40 63.17
CA LEU J 550 58.31 -12.56 61.98
C LEU J 550 58.92 -13.30 60.80
N GLU J 551 59.68 -14.38 61.05
CA GLU J 551 60.22 -15.20 59.96
C GLU J 551 59.05 -15.89 59.21
N SER J 552 57.88 -16.05 59.90
CA SER J 552 56.66 -16.63 59.33
C SER J 552 55.96 -15.72 58.30
N MET J 553 56.51 -14.51 58.04
CA MET J 553 55.98 -13.58 57.03
C MET J 553 56.09 -14.23 55.67
N GLU J 554 54.97 -14.32 54.94
CA GLU J 554 54.93 -14.98 53.63
C GLU J 554 54.14 -14.19 52.62
N LEU J 555 54.54 -14.25 51.32
CA LEU J 555 53.81 -13.55 50.25
C LEU J 555 52.82 -14.53 49.58
N VAL J 556 51.56 -14.49 50.06
CA VAL J 556 50.49 -15.37 49.64
C VAL J 556 49.81 -14.92 48.33
N THR J 557 49.30 -15.88 47.58
CA THR J 557 48.58 -15.71 46.33
C THR J 557 47.10 -15.71 46.60
N PHE J 558 46.35 -14.88 45.89
CA PHE J 558 44.89 -14.90 46.04
C PHE J 558 44.25 -14.65 44.72
N GLU J 559 43.02 -15.12 44.59
CA GLU J 559 42.28 -15.00 43.35
C GLU J 559 41.49 -13.68 43.38
N ARG J 560 41.94 -12.66 42.61
CA ARG J 560 41.29 -11.34 42.62
C ARG J 560 40.00 -11.40 41.83
N GLY J 561 38.88 -11.43 42.56
CA GLY J 561 37.55 -11.53 41.97
C GLY J 561 36.91 -10.21 41.68
N THR J 562 35.81 -10.24 40.93
CA THR J 562 35.05 -9.04 40.58
C THR J 562 34.46 -8.43 41.84
N PRO J 563 34.58 -7.11 42.02
CA PRO J 563 34.00 -6.50 43.21
C PRO J 563 32.50 -6.32 43.03
N GLY J 564 31.84 -6.00 44.13
CA GLY J 564 30.41 -5.72 44.14
C GLY J 564 29.67 -6.65 45.06
N PRO J 565 28.46 -6.23 45.52
CA PRO J 565 27.80 -4.96 45.24
C PRO J 565 28.24 -3.88 46.23
N GLY J 566 28.47 -2.67 45.71
CA GLY J 566 28.89 -1.54 46.52
C GLY J 566 30.32 -1.63 47.02
N GLN J 567 31.20 -2.22 46.21
CA GLN J 567 32.62 -2.41 46.53
C GLN J 567 33.47 -2.02 45.33
N ILE J 568 34.76 -1.79 45.55
CA ILE J 568 35.71 -1.36 44.54
C ILE J 568 37.00 -2.09 44.67
N GLU J 569 37.58 -2.53 43.54
CA GLU J 569 38.92 -3.12 43.53
C GLU J 569 39.91 -2.02 43.23
N VAL J 570 40.98 -1.89 44.04
CA VAL J 570 41.98 -0.84 43.89
C VAL J 570 43.33 -1.45 43.65
N ALA J 571 44.09 -0.87 42.73
CA ALA J 571 45.45 -1.29 42.46
C ALA J 571 46.34 -0.48 43.38
N VAL J 572 46.75 -1.07 44.50
CA VAL J 572 47.53 -0.39 45.52
C VAL J 572 48.99 -0.14 45.04
N LYS J 573 49.46 1.10 45.34
CA LYS J 573 50.79 1.64 45.03
C LYS J 573 51.64 1.85 46.32
N ALA J 574 50.99 2.12 47.46
CA ALA J 574 51.69 2.21 48.75
C ALA J 574 50.70 2.17 49.92
N SER J 575 51.02 1.38 50.93
CA SER J 575 50.23 1.24 52.14
C SER J 575 51.07 1.67 53.31
N SER J 576 50.53 1.63 54.50
CA SER J 576 51.32 2.05 55.62
C SER J 576 51.38 1.01 56.74
N ILE J 577 52.51 1.07 57.49
CA ILE J 577 52.78 0.28 58.67
C ILE J 577 52.42 1.15 59.86
N ASN J 578 51.36 0.74 60.58
CA ASN J 578 50.91 1.37 61.82
C ASN J 578 51.47 0.52 62.93
N PHE J 579 51.26 0.95 64.15
CA PHE J 579 51.70 0.14 65.27
C PHE J 579 50.84 -1.05 65.34
N ALA J 580 49.56 -0.85 65.06
CA ALA J 580 48.59 -1.94 65.10
C ALA J 580 49.04 -3.15 64.29
N ASP J 581 49.64 -2.89 63.10
CA ASP J 581 50.14 -3.90 62.16
C ASP J 581 51.24 -4.74 62.77
N VAL J 582 52.03 -4.16 63.66
CA VAL J 582 53.11 -4.87 64.33
C VAL J 582 52.55 -5.80 65.41
N LEU J 583 51.54 -5.34 66.17
CA LEU J 583 50.90 -6.18 67.17
C LEU J 583 50.25 -7.38 66.53
N VAL J 584 49.71 -7.20 65.32
CA VAL J 584 49.13 -8.30 64.57
C VAL J 584 50.24 -9.33 64.29
N ALA J 585 51.42 -8.86 63.84
CA ALA J 585 52.58 -9.72 63.55
C ALA J 585 52.99 -10.55 64.77
N PHE J 586 52.97 -9.94 65.95
CA PHE J 586 53.35 -10.64 67.19
C PHE J 586 52.17 -11.35 67.87
N GLY J 587 50.94 -11.20 67.36
CA GLY J 587 49.73 -11.79 67.93
C GLY J 587 49.21 -11.09 69.18
N ARG J 588 49.76 -9.90 69.50
CA ARG J 588 49.38 -9.12 70.68
C ARG J 588 48.26 -8.10 70.35
N CYS J 589 47.63 -8.18 69.16
CA CYS J 589 46.61 -7.19 68.80
C CYS J 589 45.24 -7.54 69.38
N PRO J 590 44.63 -6.64 70.15
CA PRO J 590 43.27 -6.88 70.63
C PRO J 590 42.23 -6.38 69.64
N SER J 591 41.13 -7.11 69.50
CA SER J 591 40.05 -6.73 68.59
C SER J 591 38.69 -7.05 69.20
N PHE J 592 37.70 -6.17 68.94
CA PHE J 592 36.32 -6.32 69.42
C PHE J 592 35.66 -7.49 68.73
N ASP J 593 35.98 -7.67 67.44
CA ASP J 593 35.50 -8.78 66.62
C ASP J 593 35.95 -10.13 67.22
N GLY J 594 37.19 -10.15 67.69
CA GLY J 594 37.83 -11.34 68.25
C GLY J 594 38.84 -11.88 67.27
N ARG J 595 38.52 -11.78 65.96
CA ARG J 595 39.37 -12.25 64.88
C ARG J 595 40.57 -11.34 64.76
N LEU J 596 41.78 -11.91 64.58
CA LEU J 596 43.01 -11.11 64.45
C LEU J 596 42.99 -10.46 63.08
N PRO J 597 43.12 -9.12 63.02
CA PRO J 597 43.03 -8.45 61.72
C PRO J 597 44.15 -8.83 60.77
N GLU J 598 43.99 -8.43 59.53
CA GLU J 598 44.96 -8.69 58.47
C GLU J 598 45.91 -7.49 58.35
N LEU J 599 47.16 -7.77 57.89
CA LEU J 599 48.23 -6.79 57.78
C LEU J 599 47.95 -5.72 56.78
N GLY J 600 47.96 -4.47 57.24
CA GLY J 600 47.73 -3.31 56.40
C GLY J 600 46.31 -2.82 56.58
N SER J 601 46.15 -1.62 57.16
CA SER J 601 44.82 -1.06 57.40
C SER J 601 44.46 -0.06 56.32
N GLU J 602 45.37 0.89 56.06
CA GLU J 602 45.15 1.95 55.06
C GLU J 602 45.95 1.67 53.79
N PHE J 603 45.59 2.37 52.69
CA PHE J 603 46.23 2.23 51.38
C PHE J 603 46.15 3.54 50.56
N GLY J 604 46.78 3.50 49.39
CA GLY J 604 46.78 4.59 48.41
C GLY J 604 47.02 3.97 47.06
N GLY J 605 46.04 4.02 46.17
CA GLY J 605 46.13 3.38 44.86
C GLY J 605 45.27 4.01 43.79
N VAL J 606 44.90 3.21 42.79
CA VAL J 606 44.05 3.64 41.68
C VAL J 606 42.96 2.62 41.47
N VAL J 607 41.73 3.07 41.17
CA VAL J 607 40.61 2.16 41.01
C VAL J 607 40.80 1.27 39.77
N THR J 608 40.65 -0.05 39.95
CA THR J 608 40.75 -1.04 38.90
C THR J 608 39.39 -1.31 38.33
N ALA J 609 38.46 -1.68 39.21
CA ALA J 609 37.09 -2.00 38.84
C ALA J 609 36.14 -1.54 39.91
N VAL J 610 34.95 -1.13 39.49
CA VAL J 610 33.89 -0.68 40.37
C VAL J 610 32.77 -1.72 40.34
N GLY J 611 32.38 -2.18 41.51
CA GLY J 611 31.33 -3.19 41.66
C GLY J 611 29.94 -2.63 41.45
N PRO J 612 29.02 -3.43 40.88
CA PRO J 612 27.66 -2.93 40.63
C PRO J 612 26.90 -2.67 41.93
N GLY J 613 26.47 -1.45 42.22
CA GLY J 613 26.65 -0.26 41.41
C GLY J 613 26.82 0.96 42.29
N VAL J 614 27.88 1.75 42.02
CA VAL J 614 28.17 2.96 42.80
C VAL J 614 28.51 4.11 41.87
N THR J 615 27.79 5.23 42.08
CA THR J 615 27.91 6.46 41.31
C THR J 615 29.12 7.28 41.79
N THR J 616 29.49 7.11 43.06
CA THR J 616 30.56 7.84 43.73
C THR J 616 31.92 7.67 43.07
N HIS J 617 32.42 6.42 42.98
CA HIS J 617 33.74 6.16 42.39
C HIS J 617 33.66 5.82 40.91
N ARG J 618 34.78 6.07 40.23
CA ARG J 618 34.97 5.82 38.81
C ARG J 618 36.30 5.07 38.63
N VAL J 619 36.42 4.25 37.57
CA VAL J 619 37.64 3.49 37.31
C VAL J 619 38.73 4.45 36.86
N GLY J 620 39.94 4.23 37.34
CA GLY J 620 41.07 5.09 37.06
C GLY J 620 41.24 6.24 38.03
N ASP J 621 40.31 6.38 39.00
CA ASP J 621 40.42 7.43 40.02
C ASP J 621 41.55 7.12 40.98
N ARG J 622 42.40 8.10 41.25
CA ARG J 622 43.46 7.94 42.25
C ARG J 622 42.80 8.07 43.61
N VAL J 623 42.76 6.98 44.40
CA VAL J 623 42.07 6.96 45.68
C VAL J 623 42.97 6.53 46.81
N GLY J 624 42.48 6.82 48.02
CA GLY J 624 43.07 6.44 49.29
C GLY J 624 41.94 5.96 50.17
N GLY J 625 42.22 5.02 51.03
CA GLY J 625 41.18 4.49 51.90
C GLY J 625 41.64 3.49 52.94
N VAL J 626 40.65 2.82 53.56
CA VAL J 626 40.86 1.81 54.57
C VAL J 626 40.12 0.57 54.11
N SER J 627 40.51 -0.63 54.58
CA SER J 627 39.80 -1.83 54.15
C SER J 627 39.88 -3.03 55.04
N ALA J 628 41.06 -3.31 55.65
CA ALA J 628 41.34 -4.59 56.34
C ALA J 628 41.59 -5.53 55.18
N ASN J 629 41.25 -6.84 55.27
CA ASN J 629 41.43 -7.76 54.12
C ASN J 629 42.86 -7.71 53.48
N GLY J 630 43.85 -7.17 54.21
CA GLY J 630 45.22 -7.07 53.77
C GLY J 630 45.46 -6.00 52.74
N CYS J 631 45.97 -4.83 53.18
CA CYS J 631 46.31 -3.73 52.29
C CYS J 631 47.76 -3.80 51.83
N TRP J 632 48.60 -4.71 52.38
CA TRP J 632 49.98 -4.94 51.88
C TRP J 632 49.84 -5.91 50.74
N SER J 633 49.31 -5.42 49.62
CA SER J 633 49.04 -6.23 48.44
C SER J 633 48.93 -5.35 47.22
N ASN J 634 49.13 -5.96 46.07
CA ASN J 634 49.01 -5.24 44.82
C ASN J 634 47.52 -4.83 44.61
N PHE J 635 46.55 -5.73 44.85
CA PHE J 635 45.13 -5.41 44.71
C PHE J 635 44.38 -5.49 46.03
N VAL J 636 43.36 -4.62 46.22
CA VAL J 636 42.54 -4.62 47.42
C VAL J 636 41.11 -4.32 47.07
N THR J 637 40.17 -5.14 47.55
CA THR J 637 38.75 -4.89 47.37
C THR J 637 38.26 -4.26 48.65
N CYS J 638 37.69 -3.06 48.58
CA CYS J 638 37.14 -2.35 49.75
C CYS J 638 35.80 -1.73 49.41
N GLU J 639 35.02 -1.38 50.43
CA GLU J 639 33.71 -0.76 50.20
C GLU J 639 33.85 0.64 49.65
N ALA J 640 32.80 1.13 48.97
CA ALA J 640 32.77 2.49 48.43
C ALA J 640 32.77 3.52 49.53
N ASP J 641 32.19 3.12 50.66
CA ASP J 641 32.11 3.90 51.88
C ASP J 641 33.53 4.21 52.45
N LEU J 642 34.57 3.41 52.14
CA LEU J 642 35.91 3.55 52.72
C LEU J 642 36.98 4.11 51.80
N ALA J 643 36.64 4.57 50.62
CA ALA J 643 37.63 5.15 49.75
C ALA J 643 37.18 6.52 49.33
N THR J 644 38.14 7.46 49.26
CA THR J 644 37.91 8.87 48.90
C THR J 644 38.97 9.28 47.85
N LYS J 645 38.56 9.95 46.72
CA LYS J 645 39.50 10.37 45.67
C LYS J 645 40.49 11.32 46.27
N LEU J 646 41.77 11.18 45.86
CA LEU J 646 42.82 12.01 46.44
C LEU J 646 42.87 13.33 45.72
N PRO J 647 43.11 14.46 46.42
CA PRO J 647 43.25 15.74 45.70
C PRO J 647 44.57 15.81 44.91
N GLU J 648 44.73 16.84 44.08
CA GLU J 648 45.94 16.97 43.25
C GLU J 648 47.24 17.08 44.09
N GLY J 649 47.16 17.72 45.27
CA GLY J 649 48.31 17.97 46.14
C GLY J 649 49.06 16.80 46.75
N ILE J 650 48.43 15.58 46.83
CA ILE J 650 49.10 14.41 47.42
C ILE J 650 49.07 13.17 46.54
N SER J 651 50.17 12.41 46.64
CA SER J 651 50.37 11.15 45.94
C SER J 651 49.71 10.02 46.69
N GLU J 652 49.65 8.87 46.04
CA GLU J 652 49.13 7.65 46.63
C GLU J 652 49.93 7.40 47.89
N HIS J 653 51.28 7.45 47.75
CA HIS J 653 52.27 7.29 48.84
C HIS J 653 52.10 8.23 50.01
N GLU J 654 51.89 9.50 49.72
CA GLU J 654 51.71 10.50 50.75
C GLU J 654 50.45 10.17 51.54
N ALA J 655 49.31 9.90 50.86
CA ALA J 655 48.05 9.54 51.54
C ALA J 655 48.13 8.24 52.40
N ALA J 656 49.07 7.34 52.05
CA ALA J 656 49.32 6.09 52.77
C ALA J 656 49.89 6.40 54.10
N ALA J 657 50.87 7.29 54.13
CA ALA J 657 51.48 7.67 55.40
C ALA J 657 50.49 8.40 56.33
N VAL J 658 49.79 9.36 55.77
CA VAL J 658 48.91 10.29 56.48
C VAL J 658 47.66 9.64 57.11
N GLY J 659 46.78 9.16 56.24
CA GLY J 659 45.47 8.60 56.57
C GLY J 659 45.06 8.41 58.03
N LEU J 660 45.53 7.33 58.66
CA LEU J 660 45.15 6.95 60.02
C LEU J 660 45.81 7.77 61.09
N ALA J 661 47.12 8.00 60.96
CA ALA J 661 47.83 8.80 61.95
C ALA J 661 47.15 10.16 62.13
N TYR J 662 46.98 10.90 61.01
CA TYR J 662 46.35 12.20 61.03
C TYR J 662 44.86 12.10 61.28
N GLY J 663 44.22 11.05 60.78
CA GLY J 663 42.79 10.84 61.01
C GLY J 663 42.49 10.72 62.48
N THR J 664 43.17 9.78 63.15
CA THR J 664 43.00 9.54 64.60
C THR J 664 43.20 10.83 65.37
N VAL J 665 44.27 11.56 65.05
CA VAL J 665 44.60 12.84 65.69
C VAL J 665 43.51 13.89 65.41
N TRP J 666 43.07 14.00 64.16
CA TRP J 666 42.05 14.96 63.76
C TRP J 666 40.80 14.72 64.55
N LEU J 667 40.33 13.48 64.54
CA LEU J 667 39.16 13.07 65.29
C LEU J 667 39.36 13.42 66.77
N GLY J 668 40.43 12.90 67.35
CA GLY J 668 40.74 13.07 68.76
C GLY J 668 40.91 14.49 69.27
N LEU J 669 41.72 15.29 68.58
CA LEU J 669 42.03 16.63 69.07
C LEU J 669 41.06 17.69 68.55
N THR J 670 41.00 17.91 67.25
CA THR J 670 40.16 18.97 66.72
C THR J 670 38.65 18.66 66.76
N GLU J 671 38.26 17.39 66.76
CA GLU J 671 36.85 17.02 66.69
C GLU J 671 36.23 16.68 68.06
N LEU J 672 36.86 15.78 68.81
CA LEU J 672 36.34 15.33 70.12
C LEU J 672 36.74 16.26 71.22
N ALA J 673 38.04 16.50 71.37
CA ALA J 673 38.58 17.35 72.42
C ALA J 673 38.46 18.83 72.07
N ARG J 674 38.09 19.17 70.82
CA ARG J 674 37.97 20.55 70.35
C ARG J 674 39.16 21.36 70.85
N MET J 675 40.34 21.02 70.31
CA MET J 675 41.58 21.65 70.71
C MET J 675 41.57 23.08 70.32
N SER J 676 41.48 23.94 71.32
CA SER J 676 41.49 25.39 71.13
C SER J 676 42.93 25.87 71.10
N ALA J 677 43.12 27.15 70.84
CA ALA J 677 44.45 27.72 70.84
C ALA J 677 44.85 28.06 72.25
N GLY J 678 46.13 27.92 72.53
CA GLY J 678 46.70 28.23 73.83
C GLY J 678 46.66 27.11 74.86
N ASP J 679 45.63 26.26 74.82
CA ASP J 679 45.52 25.18 75.81
C ASP J 679 46.70 24.18 75.66
N LYS J 680 47.10 23.60 76.80
CA LYS J 680 48.27 22.72 76.90
C LYS J 680 47.88 21.31 76.55
N ILE J 681 48.72 20.63 75.75
CA ILE J 681 48.46 19.26 75.31
C ILE J 681 49.64 18.35 75.63
N LEU J 682 49.36 17.13 76.10
CA LEU J 682 50.38 16.13 76.39
C LEU J 682 50.34 15.06 75.31
N ILE J 683 51.40 14.97 74.50
CA ILE J 683 51.49 14.01 73.41
C ILE J 683 52.45 12.88 73.79
N HIS J 684 51.91 11.70 74.13
CA HIS J 684 52.78 10.58 74.48
C HIS J 684 53.41 9.94 73.23
N SER J 685 54.72 9.57 73.33
CA SER J 685 55.49 8.92 72.24
C SER J 685 55.37 9.72 70.94
N ALA J 686 55.75 11.01 71.05
CA ALA J 686 55.60 12.01 70.01
C ALA J 686 56.52 11.82 68.77
N THR J 687 57.50 10.92 68.81
CA THR J 687 58.39 10.66 67.66
C THR J 687 57.75 9.73 66.61
N GLY J 688 56.68 9.02 66.99
CA GLY J 688 55.94 8.13 66.11
C GLY J 688 55.04 8.81 65.10
N GLY J 689 54.30 8.02 64.33
CA GLY J 689 53.38 8.50 63.31
C GLY J 689 52.26 9.39 63.81
N VAL J 690 51.51 8.89 64.80
CA VAL J 690 50.41 9.61 65.42
C VAL J 690 50.97 10.79 66.24
N GLY J 691 52.15 10.60 66.83
CA GLY J 691 52.83 11.63 67.60
C GLY J 691 53.22 12.82 66.76
N GLN J 692 53.84 12.57 65.59
CA GLN J 692 54.23 13.62 64.68
C GLN J 692 52.98 14.31 64.11
N ALA J 693 51.91 13.55 63.86
CA ALA J 693 50.66 14.13 63.39
C ALA J 693 50.03 15.02 64.46
N ALA J 694 50.11 14.59 65.73
CA ALA J 694 49.56 15.35 66.87
C ALA J 694 50.28 16.68 67.02
N ILE J 695 51.62 16.66 66.90
CA ILE J 695 52.44 17.88 66.96
C ILE J 695 51.97 18.83 65.88
N ALA J 696 51.84 18.34 64.65
CA ALA J 696 51.42 19.15 63.50
C ALA J 696 50.13 19.94 63.75
N VAL J 697 49.06 19.26 64.22
CA VAL J 697 47.77 19.92 64.43
C VAL J 697 47.83 20.73 65.73
N ALA J 698 48.64 20.33 66.72
CA ALA J 698 48.79 21.09 67.97
C ALA J 698 49.51 22.40 67.68
N ARG J 699 50.53 22.35 66.81
CA ARG J 699 51.27 23.54 66.36
C ARG J 699 50.34 24.43 65.55
N ALA J 700 49.53 23.80 64.67
CA ALA J 700 48.55 24.52 63.85
C ALA J 700 47.51 25.21 64.70
N ALA J 701 46.98 24.50 65.69
CA ALA J 701 45.98 25.03 66.60
C ALA J 701 46.53 26.09 67.53
N GLY J 702 47.84 26.08 67.75
CA GLY J 702 48.52 27.03 68.62
C GLY J 702 48.52 26.57 70.07
N ALA J 703 48.58 25.24 70.27
CA ALA J 703 48.58 24.63 71.59
C ALA J 703 50.01 24.47 72.11
N GLU J 704 50.18 24.55 73.43
CA GLU J 704 51.48 24.40 74.08
C GLU J 704 51.76 22.91 74.22
N ILE J 705 52.79 22.38 73.52
CA ILE J 705 53.08 20.94 73.53
C ILE J 705 54.01 20.55 74.69
N TYR J 706 53.65 19.40 75.29
CA TYR J 706 54.36 18.68 76.34
C TYR J 706 54.46 17.28 75.80
N ALA J 707 55.65 16.78 75.47
CA ALA J 707 55.77 15.47 74.84
C ALA J 707 56.56 14.48 75.66
N THR J 708 56.43 13.18 75.32
CA THR J 708 57.17 12.11 75.99
C THR J 708 57.73 11.14 74.95
N ALA J 709 58.78 10.41 75.32
CA ALA J 709 59.43 9.43 74.46
C ALA J 709 60.28 8.49 75.30
N GLY J 710 60.48 7.27 74.80
CA GLY J 710 61.19 6.21 75.52
C GLY J 710 62.69 6.39 75.60
N SER J 711 63.35 6.44 74.44
CA SER J 711 64.79 6.57 74.35
C SER J 711 65.26 7.99 74.63
N GLU J 712 66.54 8.13 75.01
CA GLU J 712 67.12 9.46 75.24
C GLU J 712 67.33 10.12 73.88
N LYS J 713 67.81 9.34 72.90
CA LYS J 713 67.98 9.81 71.51
C LYS J 713 66.65 10.33 70.97
N ARG J 714 65.56 9.62 71.26
CA ARG J 714 64.21 9.99 70.80
C ARG J 714 63.74 11.24 71.54
N ARG J 715 64.04 11.36 72.83
CA ARG J 715 63.67 12.56 73.59
C ARG J 715 64.45 13.75 73.07
N GLN J 716 65.77 13.58 72.83
CA GLN J 716 66.62 14.66 72.31
C GLN J 716 66.15 15.13 70.94
N LEU J 717 65.56 14.25 70.12
CA LEU J 717 65.02 14.67 68.84
C LEU J 717 63.89 15.69 69.04
N LEU J 718 62.99 15.42 70.00
CA LEU J 718 61.87 16.33 70.29
C LEU J 718 62.42 17.69 70.75
N ARG J 719 63.44 17.67 71.62
CA ARG J 719 64.07 18.89 72.09
C ARG J 719 64.66 19.67 70.90
N ASP J 720 65.24 18.95 69.90
CA ASP J 720 65.81 19.55 68.70
C ASP J 720 64.74 20.05 67.73
N TRP J 721 63.57 19.34 67.66
CA TRP J 721 62.43 19.76 66.85
C TRP J 721 61.83 21.09 67.32
N GLY J 722 62.27 21.57 68.47
CA GLY J 722 61.86 22.85 69.03
C GLY J 722 60.76 22.73 70.04
N ILE J 723 60.67 21.58 70.73
CA ILE J 723 59.62 21.37 71.71
C ILE J 723 60.33 21.33 73.06
N GLU J 724 60.11 22.37 73.86
CA GLU J 724 60.57 22.47 75.25
C GLU J 724 59.53 21.69 76.04
N HIS J 725 59.92 21.01 77.12
CA HIS J 725 59.03 20.18 77.96
C HIS J 725 58.91 18.75 77.38
N VAL J 726 60.02 18.00 77.42
CA VAL J 726 60.10 16.61 76.97
C VAL J 726 60.38 15.74 78.19
N TYR J 727 59.67 14.60 78.33
CA TYR J 727 59.79 13.70 79.49
C TYR J 727 59.86 12.22 79.05
N ASP J 728 60.00 11.28 80.01
CA ASP J 728 60.07 9.85 79.67
C ASP J 728 58.66 9.29 79.68
N SER J 729 58.32 8.55 78.60
CA SER J 729 57.04 7.90 78.40
C SER J 729 56.93 6.57 79.17
N ARG J 730 58.06 5.96 79.51
CA ARG J 730 58.08 4.68 80.21
C ARG J 730 57.88 4.79 81.74
N THR J 731 57.82 6.01 82.31
CA THR J 731 57.63 6.22 83.74
C THR J 731 56.44 7.12 84.01
N THR J 732 56.09 7.29 85.30
CA THR J 732 55.02 8.19 85.76
C THR J 732 55.64 9.51 86.26
N ALA J 733 56.85 9.84 85.77
CA ALA J 733 57.57 11.04 86.14
C ALA J 733 56.90 12.23 85.56
N PHE J 734 56.70 12.20 84.22
CA PHE J 734 56.09 13.26 83.44
C PHE J 734 54.97 13.98 84.21
N ALA J 735 54.11 13.24 84.95
CA ALA J 735 53.00 13.82 85.70
C ALA J 735 53.46 14.92 86.66
N ASP J 736 54.26 14.56 87.66
CA ASP J 736 54.74 15.53 88.63
C ASP J 736 55.68 16.56 87.99
N GLN J 737 56.46 16.15 86.97
CA GLN J 737 57.36 17.05 86.27
C GLN J 737 56.59 18.13 85.49
N ILE J 738 55.48 17.75 84.85
CA ILE J 738 54.63 18.69 84.11
C ILE J 738 53.89 19.56 85.11
N ARG J 739 53.45 18.99 86.23
CA ARG J 739 52.78 19.79 87.27
C ARG J 739 53.75 20.89 87.73
N THR J 740 55.04 20.57 87.88
CA THR J 740 56.06 21.55 88.27
C THR J 740 56.34 22.56 87.14
N ASP J 741 56.46 22.06 85.89
CA ASP J 741 56.72 22.90 84.71
C ASP J 741 55.48 23.73 84.24
N THR J 742 54.30 23.58 84.90
CA THR J 742 53.10 24.37 84.61
C THR J 742 52.63 25.12 85.86
N ASP J 743 53.44 25.16 86.93
CA ASP J 743 53.12 25.81 88.20
C ASP J 743 51.80 25.25 88.78
N GLY J 744 51.72 23.93 88.82
CA GLY J 744 50.59 23.18 89.35
C GLY J 744 49.34 23.09 88.50
N TYR J 745 49.32 23.70 87.30
CA TYR J 745 48.13 23.69 86.47
C TYR J 745 47.88 22.32 85.83
N GLY J 746 48.92 21.72 85.28
CA GLY J 746 48.80 20.45 84.55
C GLY J 746 48.52 20.78 83.10
N VAL J 747 47.87 19.86 82.38
CA VAL J 747 47.54 20.11 80.98
C VAL J 747 46.00 20.21 80.83
N ASP J 748 45.54 20.29 79.56
CA ASP J 748 44.13 20.35 79.19
C ASP J 748 43.73 19.11 78.42
N ILE J 749 44.50 18.78 77.41
CA ILE J 749 44.28 17.63 76.55
C ILE J 749 45.38 16.62 76.78
N VAL J 750 45.07 15.33 76.67
CA VAL J 750 46.05 14.25 76.84
C VAL J 750 45.80 13.20 75.80
N LEU J 751 46.69 13.06 74.81
CA LEU J 751 46.54 12.04 73.78
C LEU J 751 47.23 10.76 74.26
N ASN J 752 46.51 10.01 75.08
CA ASN J 752 47.02 8.82 75.76
C ASN J 752 47.14 7.56 74.90
N SER J 753 48.38 7.25 74.53
CA SER J 753 48.76 6.00 73.89
C SER J 753 49.36 5.05 74.91
N VAL J 754 49.78 5.58 76.10
CA VAL J 754 50.45 4.82 77.18
C VAL J 754 49.40 4.04 78.04
N THR J 755 49.89 3.19 78.97
CA THR J 755 49.04 2.30 79.75
C THR J 755 49.41 2.12 81.24
N GLY J 756 48.44 1.59 81.98
CA GLY J 756 48.57 1.21 83.37
C GLY J 756 48.55 2.39 84.31
N PRO J 757 49.56 2.54 85.18
CA PRO J 757 49.59 3.70 86.08
C PRO J 757 49.88 5.00 85.34
N ALA J 758 50.45 4.90 84.13
CA ALA J 758 50.75 6.06 83.29
C ALA J 758 49.46 6.63 82.70
N GLN J 759 48.42 5.80 82.56
CA GLN J 759 47.11 6.25 82.10
C GLN J 759 46.46 7.03 83.25
N ARG J 760 46.40 6.40 84.42
CA ARG J 760 45.88 6.99 85.65
C ARG J 760 46.60 8.30 85.98
N ALA J 761 47.94 8.32 85.86
CA ALA J 761 48.77 9.50 86.14
C ALA J 761 48.49 10.65 85.17
N GLY J 762 48.19 10.30 83.93
CA GLY J 762 47.83 11.26 82.89
C GLY J 762 46.48 11.90 83.12
N LEU J 763 45.51 11.12 83.62
CA LEU J 763 44.19 11.63 83.95
C LEU J 763 44.29 12.58 85.12
N GLU J 764 45.05 12.19 86.14
CA GLU J 764 45.25 13.01 87.33
C GLU J 764 45.91 14.34 86.96
N LEU J 765 46.73 14.35 85.90
CA LEU J 765 47.43 15.54 85.43
C LEU J 765 46.50 16.65 84.86
N LEU J 766 45.64 16.33 83.86
CA LEU J 766 44.80 17.37 83.19
C LEU J 766 43.82 18.01 84.18
N ALA J 767 43.59 19.33 83.99
CA ALA J 767 42.83 20.15 84.92
C ALA J 767 41.72 20.98 84.29
N PHE J 768 40.49 20.81 84.83
CA PHE J 768 39.26 21.56 84.54
C PHE J 768 38.83 21.36 83.12
N GLY J 769 39.55 21.94 82.16
CA GLY J 769 39.29 21.70 80.75
C GLY J 769 39.11 20.21 80.52
N GLY J 770 40.05 19.44 81.10
CA GLY J 770 40.09 18.00 81.15
C GLY J 770 39.50 17.25 79.98
N ARG J 771 40.33 16.91 79.00
CA ARG J 771 39.90 16.16 77.83
C ARG J 771 40.86 15.00 77.57
N PHE J 772 40.63 13.87 78.24
CA PHE J 772 41.46 12.68 78.11
C PHE J 772 41.07 11.87 76.87
N VAL J 773 41.93 11.83 75.84
CA VAL J 773 41.65 11.09 74.61
C VAL J 773 42.40 9.76 74.60
N GLU J 774 41.74 8.66 75.01
CA GLU J 774 42.43 7.37 74.99
C GLU J 774 42.30 6.70 73.65
N ILE J 775 43.44 6.63 72.92
CA ILE J 775 43.59 5.92 71.66
C ILE J 775 44.09 4.48 71.96
N GLY J 776 44.88 4.31 73.03
CA GLY J 776 45.38 3.02 73.49
C GLY J 776 44.30 2.03 73.94
N LYS J 777 44.19 0.89 73.23
CA LYS J 777 43.18 -0.13 73.47
C LYS J 777 43.48 -1.10 74.64
N ARG J 778 44.75 -1.31 75.03
CA ARG J 778 45.12 -2.34 76.02
C ARG J 778 44.30 -2.27 77.31
N ASP J 779 44.19 -1.08 77.90
CA ASP J 779 43.51 -0.93 79.19
C ASP J 779 41.99 -1.08 79.09
N ILE J 780 41.40 -0.73 77.95
CA ILE J 780 39.96 -0.89 77.74
C ILE J 780 39.62 -2.37 77.69
N TYR J 781 40.22 -3.12 76.74
CA TYR J 781 39.98 -4.56 76.59
C TYR J 781 40.42 -5.36 77.82
N ALA J 782 41.26 -4.79 78.72
CA ALA J 782 41.65 -5.43 79.98
C ALA J 782 40.61 -5.20 81.13
N ASP J 783 39.59 -4.36 80.89
CA ASP J 783 38.55 -3.97 81.86
C ASP J 783 39.18 -3.34 83.11
N THR J 784 40.30 -2.61 82.93
CA THR J 784 40.96 -1.96 84.06
C THR J 784 39.96 -1.05 84.71
N ARG J 785 39.81 -1.19 85.99
CA ARG J 785 38.86 -0.39 86.74
C ARG J 785 39.52 1.00 87.03
N LEU J 786 39.02 2.04 86.35
CA LEU J 786 39.50 3.40 86.45
C LEU J 786 38.74 4.19 87.50
N GLY J 787 39.47 4.78 88.44
CA GLY J 787 38.90 5.61 89.48
C GLY J 787 38.27 6.86 88.91
N LEU J 788 37.00 7.12 89.24
CA LEU J 788 36.28 8.30 88.75
C LEU J 788 36.53 9.59 89.54
N PHE J 789 37.26 9.57 90.66
CA PHE J 789 37.47 10.78 91.46
C PHE J 789 38.06 11.96 90.71
N PRO J 790 39.03 11.78 89.80
CA PRO J 790 39.59 12.95 89.08
C PRO J 790 38.57 13.71 88.22
N PHE J 791 37.47 13.05 87.83
CA PHE J 791 36.44 13.65 87.00
C PHE J 791 35.68 14.78 87.73
N ARG J 792 35.90 14.99 89.06
CA ARG J 792 35.23 16.07 89.79
C ARG J 792 35.51 17.46 89.18
N ARG J 793 36.55 17.58 88.34
CA ARG J 793 36.90 18.83 87.65
C ARG J 793 36.36 18.87 86.19
N ASN J 794 35.10 18.46 85.93
CA ASN J 794 34.47 18.49 84.59
C ASN J 794 35.33 17.81 83.48
N LEU J 795 35.99 16.69 83.81
CA LEU J 795 36.79 15.97 82.83
C LEU J 795 35.91 15.24 81.82
N SER J 796 36.50 14.87 80.69
CA SER J 796 35.81 14.19 79.61
C SER J 796 36.70 13.10 79.05
N PHE J 797 36.26 11.84 79.11
CA PHE J 797 37.04 10.70 78.61
C PHE J 797 36.54 10.35 77.24
N TYR J 798 37.44 10.13 76.28
CA TYR J 798 37.03 9.76 74.93
C TYR J 798 37.75 8.51 74.49
N ALA J 799 36.99 7.48 74.17
CA ALA J 799 37.56 6.24 73.64
C ALA J 799 37.59 6.36 72.12
N VAL J 800 38.69 5.93 71.49
CA VAL J 800 38.85 6.01 70.06
C VAL J 800 39.29 4.65 69.53
N ASP J 801 38.57 4.13 68.52
CA ASP J 801 38.86 2.87 67.82
C ASP J 801 38.44 3.00 66.36
N LEU J 802 39.24 3.71 65.55
CA LEU J 802 38.98 3.91 64.12
C LEU J 802 38.69 2.58 63.42
N ALA J 803 39.35 1.51 63.83
CA ALA J 803 39.15 0.19 63.24
C ALA J 803 37.69 -0.27 63.32
N LEU J 804 37.10 -0.09 64.48
CA LEU J 804 35.71 -0.45 64.77
C LEU J 804 34.78 0.50 64.02
N MET J 805 35.11 1.81 64.05
CA MET J 805 34.38 2.86 63.34
C MET J 805 34.24 2.57 61.86
N THR J 806 35.26 1.95 61.26
CA THR J 806 35.26 1.56 59.86
C THR J 806 34.06 0.66 59.55
N VAL J 807 33.59 -0.09 60.54
CA VAL J 807 32.46 -0.99 60.41
C VAL J 807 31.16 -0.35 60.86
N THR J 808 31.15 0.29 62.04
CA THR J 808 29.95 0.88 62.61
C THR J 808 29.47 2.14 61.91
N HIS J 809 30.39 3.05 61.57
CA HIS J 809 30.07 4.32 60.89
C HIS J 809 31.12 4.59 59.84
N PRO J 810 31.07 3.89 58.71
CA PRO J 810 32.07 4.09 57.66
C PRO J 810 32.10 5.48 57.09
N GLN J 811 30.94 6.07 56.95
CA GLN J 811 30.85 7.40 56.38
C GLN J 811 31.70 8.40 57.17
N LYS J 812 31.71 8.30 58.52
CA LYS J 812 32.51 9.22 59.34
C LYS J 812 34.01 9.01 59.08
N ILE J 813 34.44 7.76 58.83
CA ILE J 813 35.85 7.47 58.51
C ILE J 813 36.18 8.00 57.12
N ARG J 814 35.27 7.87 56.17
CA ARG J 814 35.48 8.39 54.81
C ARG J 814 35.76 9.86 54.85
N ASP J 815 34.94 10.59 55.59
CA ASP J 815 35.02 12.02 55.71
C ASP J 815 36.27 12.43 56.48
N LEU J 816 36.63 11.64 57.48
CA LEU J 816 37.83 11.88 58.29
C LEU J 816 39.10 11.69 57.45
N LEU J 817 39.10 10.76 56.50
CA LEU J 817 40.26 10.56 55.64
C LEU J 817 40.32 11.65 54.64
N ALA J 818 39.17 11.93 54.03
CA ALA J 818 39.06 12.93 53.01
C ALA J 818 39.45 14.31 53.54
N THR J 819 39.08 14.64 54.79
CA THR J 819 39.43 15.93 55.36
C THR J 819 40.95 16.01 55.67
N VAL J 820 41.61 14.91 56.08
CA VAL J 820 43.06 14.98 56.31
C VAL J 820 43.80 15.04 54.99
N TYR J 821 43.32 14.32 53.95
CA TYR J 821 43.89 14.35 52.62
C TYR J 821 43.79 15.76 52.03
N ARG J 822 42.73 16.49 52.35
CA ARG J 822 42.55 17.85 51.88
C ARG J 822 43.54 18.76 52.62
N LEU J 823 43.56 18.72 53.95
CA LEU J 823 44.43 19.58 54.77
C LEU J 823 45.90 19.41 54.44
N ILE J 824 46.33 18.17 54.23
CA ILE J 824 47.74 17.88 53.95
C ILE J 824 48.11 18.32 52.52
N ALA J 825 47.18 18.18 51.56
CA ALA J 825 47.36 18.59 50.15
C ALA J 825 47.36 20.11 50.01
N ASP J 826 46.50 20.79 50.79
CA ASP J 826 46.40 22.25 50.83
C ASP J 826 47.66 22.87 51.45
N GLY J 827 48.35 22.10 52.30
CA GLY J 827 49.53 22.54 53.01
C GLY J 827 49.18 23.06 54.40
N THR J 828 47.89 22.98 54.76
CA THR J 828 47.40 23.39 56.07
C THR J 828 48.15 22.63 57.16
N LEU J 829 48.48 21.36 56.89
CA LEU J 829 49.27 20.50 57.78
C LEU J 829 50.47 19.97 57.02
N PRO J 830 51.64 19.89 57.67
CA PRO J 830 52.81 19.34 57.00
C PRO J 830 52.92 17.85 57.26
N LEU J 831 53.32 17.08 56.25
CA LEU J 831 53.44 15.64 56.41
C LEU J 831 54.66 15.28 57.30
N PRO J 832 54.73 14.04 57.86
CA PRO J 832 55.79 13.70 58.80
C PRO J 832 56.98 12.97 58.16
N GLU J 833 57.93 12.50 59.02
CA GLU J 833 59.08 11.72 58.56
C GLU J 833 58.55 10.44 57.95
N ILE J 834 58.78 10.27 56.63
CA ILE J 834 58.28 9.14 55.90
C ILE J 834 59.45 8.31 55.38
N THR J 835 59.59 7.08 55.91
CA THR J 835 60.66 6.15 55.54
C THR J 835 60.05 5.07 54.66
N HIS J 836 60.46 4.98 53.41
CA HIS J 836 59.89 4.01 52.48
C HIS J 836 60.60 2.68 52.57
N TYR J 837 59.85 1.57 52.51
CA TYR J 837 60.38 0.19 52.56
C TYR J 837 59.80 -0.65 51.43
N PRO J 838 60.58 -1.45 50.70
CA PRO J 838 59.98 -2.32 49.68
C PRO J 838 59.22 -3.45 50.34
N LEU J 839 58.27 -4.06 49.63
CA LEU J 839 57.47 -5.15 50.20
C LEU J 839 58.35 -6.29 50.74
N GLU J 840 59.48 -6.58 50.06
CA GLU J 840 60.40 -7.64 50.47
C GLU J 840 60.88 -7.44 51.91
N GLU J 841 61.29 -6.21 52.24
CA GLU J 841 61.79 -5.84 53.56
C GLU J 841 60.67 -5.40 54.53
N ALA J 842 59.44 -5.94 54.42
CA ALA J 842 58.38 -5.59 55.37
C ALA J 842 58.73 -6.08 56.79
N ALA J 843 59.15 -7.34 56.91
CA ALA J 843 59.53 -7.96 58.20
C ALA J 843 60.62 -7.18 58.92
N THR J 844 61.56 -6.63 58.16
CA THR J 844 62.62 -5.81 58.73
C THR J 844 62.04 -4.52 59.28
N ALA J 845 61.07 -3.91 58.57
CA ALA J 845 60.38 -2.70 59.04
C ALA J 845 59.64 -2.96 60.33
N ILE J 846 59.09 -4.18 60.48
CA ILE J 846 58.40 -4.58 61.69
C ILE J 846 59.38 -4.71 62.84
N ARG J 847 60.54 -5.35 62.61
CA ARG J 847 61.56 -5.53 63.65
C ARG J 847 62.04 -4.18 64.18
N ILE J 848 62.14 -3.18 63.29
CA ILE J 848 62.60 -1.84 63.64
C ILE J 848 61.54 -1.14 64.44
N MET J 849 60.30 -1.17 63.92
CA MET J 849 59.12 -0.57 64.55
C MET J 849 58.83 -1.27 65.90
N GLY J 850 59.00 -2.58 65.93
CA GLY J 850 58.78 -3.42 67.09
C GLY J 850 59.77 -3.19 68.21
N GLY J 851 60.96 -2.73 67.86
CA GLY J 851 62.02 -2.42 68.81
C GLY J 851 62.07 -0.97 69.23
N ALA J 852 61.08 -0.13 68.79
CA ALA J 852 61.01 1.31 69.07
C ALA J 852 62.26 2.07 68.57
N GLN J 853 62.96 1.53 67.52
CA GLN J 853 64.13 2.15 66.92
C GLN J 853 63.72 3.23 65.92
N HIS J 854 62.57 3.02 65.27
CA HIS J 854 62.02 3.90 64.24
C HIS J 854 61.64 5.31 64.71
N THR J 855 61.37 6.18 63.72
CA THR J 855 60.90 7.56 63.89
C THR J 855 59.98 7.92 62.72
N GLY J 856 58.82 8.48 63.04
CA GLY J 856 57.84 8.89 62.07
C GLY J 856 57.03 7.74 61.51
N LYS J 857 56.65 7.85 60.23
CA LYS J 857 55.83 6.84 59.56
C LYS J 857 56.68 5.98 58.64
N LEU J 858 56.25 4.71 58.49
CA LEU J 858 56.87 3.70 57.65
C LEU J 858 55.89 3.35 56.55
N VAL J 859 56.24 3.66 55.30
CA VAL J 859 55.39 3.43 54.15
C VAL J 859 55.92 2.28 53.32
N ILE J 860 55.11 1.24 53.15
CA ILE J 860 55.49 0.11 52.33
C ILE J 860 55.22 0.47 50.85
N ASP J 861 56.13 0.11 49.94
CA ASP J 861 56.03 0.40 48.50
C ASP J 861 55.63 -0.86 47.73
N ILE J 862 54.55 -0.76 46.96
CA ILE J 862 53.96 -1.87 46.20
C ILE J 862 54.32 -1.75 44.70
N PRO J 863 54.89 -2.80 44.09
CA PRO J 863 55.24 -2.74 42.66
C PRO J 863 54.04 -2.79 41.72
N ASP J 864 54.23 -2.29 40.48
CA ASP J 864 53.20 -2.20 39.44
C ASP J 864 53.82 -1.97 38.06
N THR J 865 53.04 -2.15 36.97
CA THR J 865 53.35 -1.93 35.53
C THR J 865 53.67 -3.27 34.81
N GLY J 866 54.34 -4.22 35.49
CA GLY J 866 54.62 -5.53 34.90
C GLY J 866 55.89 -6.26 35.33
N GLN J 867 56.12 -6.40 36.66
CA GLN J 867 57.27 -7.15 37.21
C GLN J 867 56.81 -8.54 37.65
N SER J 868 57.72 -9.50 37.86
CA SER J 868 57.36 -10.84 38.34
C SER J 868 57.81 -10.95 39.80
N GLN J 869 57.20 -11.87 40.59
CA GLN J 869 57.56 -12.01 42.01
C GLN J 869 57.20 -13.39 42.56
N VAL J 870 58.08 -13.97 43.39
CA VAL J 870 57.87 -15.30 44.01
C VAL J 870 56.75 -15.23 45.04
N VAL J 871 55.78 -16.15 44.92
CA VAL J 871 54.60 -16.20 45.76
C VAL J 871 54.43 -17.60 46.34
N VAL J 872 53.41 -17.83 47.19
CA VAL J 872 53.17 -19.16 47.80
C VAL J 872 51.66 -19.49 47.87
N PRO J 873 51.10 -20.41 47.03
CA PRO J 873 49.69 -20.75 47.16
C PRO J 873 49.43 -21.45 48.49
N PRO J 874 48.48 -20.96 49.30
CA PRO J 874 48.24 -21.61 50.60
C PRO J 874 47.56 -23.00 50.41
N GLU J 875 46.24 -23.10 50.65
CA GLU J 875 45.43 -24.30 50.50
C GLU J 875 44.29 -23.93 49.51
N GLN J 876 44.72 -23.15 48.47
CA GLN J 876 43.98 -22.65 47.30
C GLN J 876 44.21 -23.65 46.15
N VAL J 877 44.85 -24.79 46.51
CA VAL J 877 45.28 -25.84 45.60
C VAL J 877 44.10 -26.72 45.20
N PRO J 878 43.76 -26.79 43.89
CA PRO J 878 42.64 -27.63 43.45
C PRO J 878 43.07 -29.10 43.34
N VAL J 879 42.95 -29.86 44.44
CA VAL J 879 43.31 -31.28 44.44
C VAL J 879 42.17 -32.00 43.69
N PHE J 880 41.05 -32.25 44.37
CA PHE J 880 39.91 -32.98 43.81
C PHE J 880 38.97 -32.03 43.06
N ARG J 881 38.87 -32.18 41.72
CA ARG J 881 38.00 -31.34 40.88
C ARG J 881 37.21 -32.13 39.82
N GLY J 882 36.01 -31.65 39.53
CA GLY J 882 35.11 -32.24 38.53
C GLY J 882 35.57 -32.06 37.10
N ASP J 883 36.37 -31.01 36.83
CA ASP J 883 36.90 -30.73 35.48
C ASP J 883 38.29 -31.40 35.26
N GLY J 884 38.49 -32.58 35.85
CA GLY J 884 39.75 -33.30 35.72
C GLY J 884 39.65 -34.77 36.08
N ALA J 885 40.36 -35.63 35.32
CA ALA J 885 40.36 -37.08 35.52
C ALA J 885 41.48 -37.54 36.44
N TYR J 886 41.33 -38.73 37.04
CA TYR J 886 42.30 -39.30 37.97
C TYR J 886 42.55 -40.78 37.73
N VAL J 887 43.75 -41.26 38.06
CA VAL J 887 44.16 -42.66 37.90
C VAL J 887 44.62 -43.22 39.24
N ILE J 888 44.17 -44.43 39.59
CA ILE J 888 44.56 -45.09 40.84
C ILE J 888 44.99 -46.52 40.55
N THR J 889 46.29 -46.83 40.76
CA THR J 889 46.80 -48.18 40.57
C THR J 889 46.62 -48.89 41.90
N GLY J 890 46.12 -50.11 41.87
CA GLY J 890 45.77 -50.86 43.07
C GLY J 890 44.51 -50.28 43.69
N GLY J 891 43.58 -49.89 42.82
CA GLY J 891 42.32 -49.26 43.18
C GLY J 891 41.19 -50.22 43.50
N LEU J 892 41.23 -51.46 42.96
CA LEU J 892 40.17 -52.42 43.24
C LEU J 892 40.28 -53.01 44.66
N GLY J 893 41.34 -52.70 45.39
CA GLY J 893 41.50 -53.20 46.75
C GLY J 893 42.32 -52.31 47.66
N GLY J 894 42.17 -52.58 48.94
CA GLY J 894 42.89 -51.90 50.01
C GLY J 894 42.58 -50.43 50.15
N LEU J 895 43.64 -49.62 50.17
CA LEU J 895 43.55 -48.17 50.33
C LEU J 895 42.91 -47.55 49.11
N GLY J 896 43.41 -47.92 47.94
CA GLY J 896 42.94 -47.43 46.66
C GLY J 896 41.43 -47.41 46.48
N LEU J 897 40.73 -48.46 46.97
CA LEU J 897 39.27 -48.50 46.87
C LEU J 897 38.60 -47.52 47.86
N PHE J 898 39.20 -47.35 49.06
CA PHE J 898 38.69 -46.40 50.04
C PHE J 898 38.93 -44.98 49.55
N LEU J 899 40.14 -44.70 49.04
CA LEU J 899 40.49 -43.39 48.50
C LEU J 899 39.60 -43.05 47.30
N ALA J 900 39.37 -44.02 46.39
CA ALA J 900 38.51 -43.83 45.21
C ALA J 900 37.09 -43.45 45.62
N GLU J 901 36.55 -44.15 46.63
CA GLU J 901 35.21 -43.88 47.17
C GLU J 901 35.17 -42.48 47.81
N ARG J 902 36.24 -42.12 48.55
CA ARG J 902 36.35 -40.82 49.20
C ARG J 902 36.52 -39.70 48.15
N MET J 903 37.29 -39.96 47.09
CA MET J 903 37.53 -39.01 45.99
C MET J 903 36.27 -38.77 45.17
N ALA J 904 35.52 -39.84 44.87
CA ALA J 904 34.24 -39.74 44.13
C ALA J 904 33.27 -38.84 44.91
N ALA J 905 33.25 -39.02 46.25
CA ALA J 905 32.44 -38.21 47.17
C ALA J 905 32.98 -36.78 47.28
N ALA J 906 34.33 -36.59 47.23
CA ALA J 906 34.97 -35.27 47.29
C ALA J 906 34.76 -34.42 46.01
N GLY J 907 34.18 -35.00 44.95
CA GLY J 907 33.89 -34.31 43.70
C GLY J 907 34.98 -34.47 42.66
N CYS J 908 35.01 -35.66 42.04
CA CYS J 908 36.00 -36.01 41.02
C CYS J 908 35.28 -36.49 39.77
N GLY J 909 35.62 -35.89 38.64
CA GLY J 909 35.04 -36.26 37.36
C GLY J 909 35.90 -37.34 36.74
N ARG J 910 35.43 -38.60 36.75
CA ARG J 910 36.13 -39.77 36.19
C ARG J 910 37.35 -40.16 37.03
N ILE J 911 37.28 -41.37 37.65
CA ILE J 911 38.37 -41.95 38.42
C ILE J 911 38.64 -43.33 37.83
N VAL J 912 39.73 -43.50 37.05
CA VAL J 912 40.07 -44.81 36.50
C VAL J 912 40.74 -45.61 37.63
N VAL J 913 40.23 -46.83 37.88
CA VAL J 913 40.74 -47.72 38.91
C VAL J 913 41.41 -48.89 38.20
N ASN J 914 42.54 -49.38 38.77
CA ASN J 914 43.30 -50.46 38.17
C ASN J 914 43.79 -51.47 39.20
N SER J 915 43.90 -52.72 38.76
CA SER J 915 44.41 -53.85 39.52
C SER J 915 44.39 -55.05 38.58
N ARG J 916 45.52 -55.76 38.45
CA ARG J 916 45.66 -56.89 37.53
C ARG J 916 44.53 -57.93 37.69
N SER J 917 44.09 -58.20 38.93
CA SER J 917 42.99 -59.14 39.20
C SER J 917 41.64 -58.47 38.94
N ALA J 918 40.63 -59.26 38.56
CA ALA J 918 39.28 -58.74 38.31
C ALA J 918 38.61 -58.27 39.61
N PRO J 919 37.55 -57.42 39.56
CA PRO J 919 36.93 -56.95 40.81
C PRO J 919 36.26 -58.05 41.62
N SER J 920 36.45 -58.01 42.95
CA SER J 920 35.82 -58.98 43.86
C SER J 920 34.32 -58.71 43.98
N THR J 921 33.61 -59.62 44.65
CA THR J 921 32.16 -59.50 44.85
C THR J 921 31.83 -58.29 45.73
N ARG J 922 32.64 -58.02 46.78
CA ARG J 922 32.43 -56.86 47.66
C ARG J 922 32.92 -55.57 46.97
N SER J 923 33.99 -55.67 46.16
CA SER J 923 34.55 -54.52 45.44
C SER J 923 33.56 -54.03 44.38
N SER J 924 32.93 -54.95 43.63
CA SER J 924 31.92 -54.61 42.62
C SER J 924 30.72 -53.88 43.25
N GLU J 925 30.30 -54.29 44.47
CA GLU J 925 29.19 -53.64 45.20
C GLU J 925 29.52 -52.20 45.57
N ILE J 926 30.79 -51.93 45.94
CA ILE J 926 31.24 -50.57 46.31
C ILE J 926 31.27 -49.69 45.06
N ILE J 927 31.70 -50.22 43.92
CA ILE J 927 31.76 -49.46 42.67
C ILE J 927 30.33 -49.15 42.18
N GLU J 928 29.37 -50.07 42.36
CA GLU J 928 27.98 -49.87 41.95
C GLU J 928 27.33 -48.69 42.67
N LEU J 929 27.45 -48.63 44.01
CA LEU J 929 26.87 -47.54 44.80
C LEU J 929 27.57 -46.18 44.54
N ILE J 930 28.86 -46.17 44.14
CA ILE J 930 29.56 -44.93 43.83
C ILE J 930 29.05 -44.40 42.48
N ARG J 931 28.92 -45.28 41.48
CA ARG J 931 28.39 -44.91 40.16
C ARG J 931 26.94 -44.48 40.25
N ALA J 932 26.16 -45.13 41.14
CA ALA J 932 24.76 -44.77 41.39
C ALA J 932 24.64 -43.34 41.92
N THR J 933 25.61 -42.93 42.78
CA THR J 933 25.67 -41.58 43.35
C THR J 933 26.55 -40.68 42.47
N GLY J 934 26.08 -40.40 41.27
CA GLY J 934 26.75 -39.54 40.31
C GLY J 934 28.06 -40.04 39.74
N ALA J 935 29.18 -39.47 40.26
CA ALA J 935 30.59 -39.70 39.84
C ALA J 935 30.84 -41.07 39.22
N ASP J 936 31.32 -41.10 37.96
CA ASP J 936 31.58 -42.36 37.24
C ASP J 936 32.95 -42.91 37.64
N ILE J 937 33.02 -44.24 37.75
CA ILE J 937 34.21 -45.00 38.13
C ILE J 937 34.47 -46.02 37.07
N VAL J 938 35.55 -45.83 36.31
CA VAL J 938 35.92 -46.77 35.28
C VAL J 938 36.92 -47.74 35.87
N VAL J 939 36.88 -49.00 35.41
CA VAL J 939 37.78 -50.05 35.85
C VAL J 939 38.48 -50.61 34.64
N GLU J 940 39.80 -50.40 34.57
CA GLU J 940 40.65 -50.91 33.50
C GLU J 940 41.73 -51.75 34.16
N CYS J 941 41.63 -53.08 34.04
CA CYS J 941 42.58 -53.99 34.67
C CYS J 941 43.83 -54.12 33.82
N GLY J 942 44.92 -54.50 34.48
CA GLY J 942 46.21 -54.68 33.85
C GLY J 942 47.36 -54.70 34.85
N ASP J 943 48.49 -55.30 34.43
CA ASP J 943 49.69 -55.37 35.25
C ASP J 943 50.53 -54.13 34.95
N ILE J 944 50.50 -53.11 35.84
CA ILE J 944 51.28 -51.85 35.71
C ILE J 944 52.76 -52.09 35.35
N ALA J 945 53.34 -53.24 35.77
CA ALA J 945 54.72 -53.60 35.42
C ALA J 945 54.88 -53.64 33.88
N GLU J 946 53.81 -54.05 33.13
CA GLU J 946 53.78 -54.00 31.67
C GLU J 946 53.55 -52.54 31.26
N PRO J 947 54.27 -52.03 30.25
CA PRO J 947 54.12 -50.61 29.88
C PRO J 947 52.77 -50.25 29.29
N ASP J 948 52.20 -51.11 28.42
CA ASP J 948 50.91 -50.86 27.76
C ASP J 948 49.78 -50.59 28.74
N THR J 949 49.85 -51.15 29.96
CA THR J 949 48.83 -50.94 30.99
C THR J 949 48.79 -49.45 31.40
N ALA J 950 49.95 -48.86 31.71
CA ALA J 950 50.02 -47.43 32.08
C ALA J 950 49.42 -46.50 31.00
N LEU J 951 49.62 -46.82 29.73
CA LEU J 951 49.11 -46.04 28.59
C LEU J 951 47.61 -46.20 28.42
N ARG J 952 47.12 -47.44 28.56
CA ARG J 952 45.71 -47.83 28.47
C ARG J 952 44.91 -47.07 29.55
N LEU J 953 45.44 -47.02 30.78
CA LEU J 953 44.86 -46.30 31.92
C LEU J 953 44.71 -44.81 31.65
N VAL J 954 45.81 -44.18 31.20
CA VAL J 954 45.88 -42.75 30.87
C VAL J 954 44.90 -42.40 29.74
N ALA J 955 44.87 -43.20 28.68
CA ALA J 955 43.96 -42.98 27.55
C ALA J 955 42.50 -43.09 27.98
N ALA J 956 42.19 -44.03 28.89
CA ALA J 956 40.83 -44.24 29.41
C ALA J 956 40.34 -43.06 30.26
N ALA J 957 41.21 -42.54 31.15
CA ALA J 957 40.88 -41.42 32.02
C ALA J 957 40.62 -40.12 31.21
N THR J 958 41.41 -39.91 30.13
CA THR J 958 41.29 -38.72 29.26
C THR J 958 40.03 -38.77 28.38
N GLN J 959 39.76 -39.95 27.76
CA GLN J 959 38.64 -40.24 26.84
C GLN J 959 37.37 -39.35 27.01
N THR J 960 36.90 -39.11 28.25
CA THR J 960 35.69 -38.31 28.52
C THR J 960 36.02 -36.80 28.54
N GLY J 961 36.73 -36.31 27.54
CA GLY J 961 37.12 -34.90 27.41
C GLY J 961 37.58 -34.18 28.66
N LEU J 962 38.21 -34.90 29.61
CA LEU J 962 38.70 -34.33 30.87
C LEU J 962 40.21 -34.55 30.98
N PRO J 963 41.05 -33.50 31.19
CA PRO J 963 42.51 -33.73 31.28
C PRO J 963 42.90 -34.43 32.57
N LEU J 964 43.95 -35.27 32.52
CA LEU J 964 44.43 -35.98 33.69
C LEU J 964 44.99 -34.96 34.67
N ARG J 965 44.44 -34.91 35.90
CA ARG J 965 44.87 -33.96 36.93
C ARG J 965 45.59 -34.64 38.12
N GLY J 966 45.74 -35.96 38.12
CA GLY J 966 46.44 -36.62 39.22
C GLY J 966 46.55 -38.11 39.11
N VAL J 967 47.55 -38.67 39.80
CA VAL J 967 47.84 -40.12 39.80
C VAL J 967 48.10 -40.58 41.24
N LEU J 968 47.82 -41.86 41.49
CA LEU J 968 48.07 -42.49 42.79
C LEU J 968 48.66 -43.86 42.52
N HIS J 969 49.85 -44.16 43.11
CA HIS J 969 50.51 -45.44 42.89
C HIS J 969 50.40 -46.36 44.14
N ALA J 970 49.18 -46.82 44.41
CA ALA J 970 48.92 -47.73 45.54
C ALA J 970 49.23 -49.18 45.18
N ALA J 971 49.39 -49.50 43.88
CA ALA J 971 49.69 -50.87 43.42
C ALA J 971 50.89 -51.42 44.16
N ALA J 972 50.74 -52.58 44.83
CA ALA J 972 51.81 -53.17 45.63
C ALA J 972 51.64 -54.66 45.88
N VAL J 973 52.79 -55.34 45.99
CA VAL J 973 52.88 -56.76 46.32
C VAL J 973 53.72 -56.83 47.59
N VAL J 974 53.30 -57.65 48.57
CA VAL J 974 54.01 -57.78 49.83
C VAL J 974 54.30 -59.25 50.12
N GLU J 975 55.55 -59.65 49.88
CA GLU J 975 56.05 -60.99 50.17
C GLU J 975 57.19 -60.79 51.16
N ASP J 976 56.97 -61.16 52.42
CA ASP J 976 57.94 -60.94 53.50
C ASP J 976 58.73 -62.21 53.80
N ALA J 977 60.02 -62.03 54.08
CA ALA J 977 60.92 -63.13 54.43
C ALA J 977 62.17 -62.61 55.16
N THR J 978 62.76 -63.45 56.01
CA THR J 978 63.97 -63.13 56.75
C THR J 978 65.14 -63.11 55.78
N LEU J 979 66.18 -62.34 56.09
CA LEU J 979 67.36 -62.21 55.21
C LEU J 979 67.89 -63.56 54.71
N ALA J 980 67.83 -64.60 55.56
CA ALA J 980 68.28 -65.95 55.21
C ALA J 980 67.43 -66.58 54.10
N ASN J 981 66.10 -66.36 54.09
CA ASN J 981 65.21 -66.93 53.07
C ASN J 981 64.57 -65.84 52.13
N ILE J 982 65.31 -64.76 51.81
CA ILE J 982 64.86 -63.79 50.80
C ILE J 982 65.36 -64.33 49.46
N THR J 983 64.47 -64.89 48.60
CA THR J 983 64.89 -65.43 47.29
C THR J 983 65.02 -64.30 46.27
N ASP J 984 65.73 -64.57 45.16
CA ASP J 984 65.94 -63.59 44.07
C ASP J 984 64.63 -63.43 43.23
N GLU J 985 63.72 -64.41 43.30
CA GLU J 985 62.43 -64.34 42.64
C GLU J 985 61.51 -63.45 43.44
N LEU J 986 61.51 -63.60 44.78
CA LEU J 986 60.69 -62.82 45.73
C LEU J 986 61.02 -61.34 45.66
N VAL J 987 62.29 -61.01 45.37
CA VAL J 987 62.75 -59.64 45.22
C VAL J 987 61.98 -58.96 44.05
N GLU J 988 61.95 -59.60 42.88
CA GLU J 988 61.25 -59.10 41.68
C GLU J 988 59.72 -59.05 41.86
N HIS J 989 59.14 -59.92 42.72
CA HIS J 989 57.69 -59.89 42.97
C HIS J 989 57.25 -58.59 43.62
N ASP J 990 58.00 -58.13 44.64
CA ASP J 990 57.72 -56.89 45.38
C ASP J 990 58.19 -55.64 44.63
N TRP J 991 59.34 -55.75 43.94
CA TRP J 991 59.98 -54.68 43.19
C TRP J 991 59.17 -54.25 41.95
N ALA J 992 58.70 -55.22 41.17
CA ALA J 992 58.01 -54.97 39.89
C ALA J 992 56.83 -53.97 39.94
N PRO J 993 55.79 -54.16 40.77
CA PRO J 993 54.67 -53.19 40.76
C PRO J 993 55.06 -51.80 41.28
N LYS J 994 55.94 -51.74 42.28
CA LYS J 994 56.33 -50.47 42.88
C LYS J 994 57.20 -49.65 41.95
N VAL J 995 58.35 -50.20 41.50
CA VAL J 995 59.30 -49.44 40.69
C VAL J 995 58.94 -49.45 39.18
N TYR J 996 58.66 -50.62 38.57
CA TYR J 996 58.38 -50.65 37.13
C TYR J 996 57.05 -49.96 36.82
N GLY J 997 56.09 -50.05 37.73
CA GLY J 997 54.82 -49.36 37.56
C GLY J 997 54.98 -47.85 37.63
N ALA J 998 55.78 -47.37 38.60
CA ALA J 998 56.04 -45.94 38.76
C ALA J 998 56.71 -45.33 37.53
N TRP J 999 57.66 -46.06 36.94
CA TRP J 999 58.34 -45.58 35.74
C TRP J 999 57.42 -45.62 34.53
N ASN J 1000 56.61 -46.69 34.38
CA ASN J 1000 55.67 -46.81 33.27
C ASN J 1000 54.57 -45.74 33.38
N LEU J 1001 54.19 -45.37 34.62
CA LEU J 1001 53.22 -44.30 34.84
C LEU J 1001 53.81 -42.97 34.42
N HIS J 1002 55.04 -42.69 34.90
CA HIS J 1002 55.76 -41.46 34.55
C HIS J 1002 55.86 -41.32 33.04
N GLN J 1003 56.33 -42.38 32.34
CA GLN J 1003 56.45 -42.36 30.89
C GLN J 1003 55.10 -42.16 30.22
N ALA J 1004 54.03 -42.85 30.67
CA ALA J 1004 52.68 -42.72 30.09
C ALA J 1004 52.17 -41.27 30.15
N VAL J 1005 52.55 -40.54 31.20
CA VAL J 1005 52.18 -39.14 31.40
C VAL J 1005 52.94 -38.25 30.38
N GLN J 1006 54.27 -38.44 30.24
CA GLN J 1006 55.06 -37.65 29.27
C GLN J 1006 54.63 -37.99 27.84
N SER J 1007 54.49 -39.30 27.56
CA SER J 1007 54.06 -39.86 26.27
C SER J 1007 52.69 -39.31 25.83
N GLY J 1008 51.80 -39.10 26.81
CA GLY J 1008 50.49 -38.53 26.56
C GLY J 1008 50.58 -37.12 26.03
N GLY J 1009 49.50 -36.67 25.40
CA GLY J 1009 49.43 -35.36 24.76
C GLY J 1009 49.30 -34.20 25.73
N PRO J 1010 48.57 -33.14 25.36
CA PRO J 1010 48.44 -32.00 26.28
C PRO J 1010 47.50 -32.29 27.45
N ALA J 1011 46.61 -33.30 27.33
CA ALA J 1011 45.69 -33.69 28.40
C ALA J 1011 46.42 -34.17 29.66
N THR J 1012 47.52 -34.92 29.46
CA THR J 1012 48.33 -35.46 30.56
C THR J 1012 49.35 -34.43 31.09
N SER J 1013 49.78 -33.48 30.24
CA SER J 1013 50.77 -32.45 30.60
C SER J 1013 50.15 -31.26 31.37
N GLU J 1014 49.12 -31.51 32.22
CA GLU J 1014 48.45 -30.51 33.04
C GLU J 1014 48.19 -31.02 34.47
N LEU J 1015 48.81 -32.14 34.92
CA LEU J 1015 48.45 -32.69 36.24
C LEU J 1015 49.06 -31.91 37.40
N ASP J 1016 48.31 -31.93 38.51
CA ASP J 1016 48.57 -31.24 39.76
C ASP J 1016 49.46 -32.05 40.68
N TRP J 1017 49.23 -33.36 40.73
CA TRP J 1017 50.01 -34.24 41.62
C TRP J 1017 50.30 -35.59 40.98
N PHE J 1018 51.23 -36.31 41.60
CA PHE J 1018 51.64 -37.66 41.23
C PHE J 1018 52.09 -38.30 42.51
N CYS J 1019 51.21 -39.05 43.16
CA CYS J 1019 51.49 -39.59 44.47
C CYS J 1019 51.82 -41.06 44.40
N ALA J 1020 52.64 -41.52 45.36
CA ALA J 1020 53.08 -42.90 45.45
C ALA J 1020 53.06 -43.35 46.88
N PHE J 1021 52.19 -44.29 47.21
CA PHE J 1021 52.09 -44.79 48.56
C PHE J 1021 53.27 -45.71 48.85
N SER J 1022 54.13 -45.31 49.79
CA SER J 1022 55.31 -46.04 50.22
C SER J 1022 54.99 -46.76 51.55
N SER J 1023 56.01 -47.18 52.34
CA SER J 1023 55.79 -47.82 53.62
C SER J 1023 56.74 -47.27 54.68
N ALA J 1024 56.26 -47.21 55.94
CA ALA J 1024 57.06 -46.75 57.09
C ALA J 1024 58.13 -47.78 57.45
N ALA J 1025 57.95 -49.05 57.04
CA ALA J 1025 58.92 -50.12 57.24
C ALA J 1025 60.23 -49.83 56.49
N ALA J 1026 60.15 -49.14 55.33
CA ALA J 1026 61.33 -48.75 54.57
C ALA J 1026 62.16 -47.72 55.35
N LEU J 1027 61.47 -46.78 56.02
CA LEU J 1027 62.06 -45.72 56.83
C LEU J 1027 62.73 -46.25 58.10
N VAL J 1028 62.01 -47.04 58.92
CA VAL J 1028 62.51 -47.57 60.20
C VAL J 1028 63.31 -48.86 60.00
N GLY J 1029 62.79 -49.78 59.20
CA GLY J 1029 63.42 -51.06 58.94
C GLY J 1029 62.72 -52.22 59.62
N SER J 1030 61.41 -52.39 59.39
CA SER J 1030 60.67 -53.49 60.00
C SER J 1030 61.28 -54.83 59.54
N PRO J 1031 61.93 -55.62 60.44
CA PRO J 1031 62.53 -56.88 59.98
C PRO J 1031 61.49 -57.82 59.33
N GLY J 1032 61.98 -58.58 58.35
CA GLY J 1032 61.19 -59.51 57.54
C GLY J 1032 60.72 -58.90 56.22
N GLN J 1033 60.58 -57.57 56.16
CA GLN J 1033 60.12 -56.90 54.93
C GLN J 1033 61.23 -57.00 53.89
N GLY J 1034 62.35 -56.29 54.10
CA GLY J 1034 63.54 -56.31 53.24
C GLY J 1034 63.32 -56.01 51.77
N ALA J 1035 62.80 -57.02 51.04
CA ALA J 1035 62.46 -56.91 49.61
C ALA J 1035 61.41 -55.81 49.36
N TYR J 1036 60.35 -55.76 50.21
CA TYR J 1036 59.31 -54.75 50.11
C TYR J 1036 59.87 -53.38 50.53
N ALA J 1037 60.78 -53.37 51.52
CA ALA J 1037 61.42 -52.13 52.00
C ALA J 1037 62.31 -51.51 50.93
N ALA J 1038 63.09 -52.35 50.22
CA ALA J 1038 64.00 -51.89 49.17
C ALA J 1038 63.24 -51.32 47.96
N ALA J 1039 62.12 -51.94 47.57
CA ALA J 1039 61.28 -51.49 46.46
C ALA J 1039 60.73 -50.11 46.72
N ASN J 1040 60.34 -49.84 47.98
CA ASN J 1040 59.84 -48.53 48.39
C ASN J 1040 60.95 -47.49 48.43
N SER J 1041 62.16 -47.90 48.86
CA SER J 1041 63.30 -46.98 48.92
C SER J 1041 63.55 -46.38 47.54
N TRP J 1042 63.56 -47.21 46.49
CA TRP J 1042 63.74 -46.75 45.11
C TRP J 1042 62.62 -45.80 44.72
N LEU J 1043 61.39 -46.22 44.97
CA LEU J 1043 60.19 -45.46 44.66
C LEU J 1043 60.19 -44.08 45.38
N ASP J 1044 60.71 -44.01 46.61
CA ASP J 1044 60.79 -42.75 47.37
C ASP J 1044 61.81 -41.82 46.72
N ALA J 1045 62.96 -42.38 46.30
CA ALA J 1045 64.02 -41.62 45.62
C ALA J 1045 63.60 -41.20 44.22
N PHE J 1046 62.79 -42.04 43.54
CA PHE J 1046 62.26 -41.74 42.20
C PHE J 1046 61.40 -40.47 42.24
N MET J 1047 60.64 -40.26 43.31
CA MET J 1047 59.80 -39.09 43.45
C MET J 1047 60.66 -37.83 43.63
N GLN J 1048 61.78 -37.94 44.38
CA GLN J 1048 62.71 -36.82 44.60
C GLN J 1048 63.39 -36.45 43.29
N TRP J 1049 63.62 -37.46 42.43
CA TRP J 1049 64.19 -37.23 41.11
C TRP J 1049 63.15 -36.58 40.21
N ARG J 1050 61.91 -37.10 40.21
CA ARG J 1050 60.82 -36.58 39.41
C ARG J 1050 60.56 -35.10 39.75
N ARG J 1051 60.63 -34.74 41.05
CA ARG J 1051 60.49 -33.36 41.51
C ARG J 1051 61.64 -32.51 41.00
N ALA J 1052 62.87 -33.07 41.03
CA ALA J 1052 64.07 -32.41 40.51
C ALA J 1052 63.93 -32.05 39.02
N GLN J 1053 63.32 -32.94 38.22
CA GLN J 1053 63.11 -32.67 36.81
C GLN J 1053 62.09 -31.53 36.58
N GLY J 1054 61.28 -31.22 37.59
CA GLY J 1054 60.29 -30.15 37.55
C GLY J 1054 58.88 -30.69 37.71
N LEU J 1055 58.68 -31.96 37.32
CA LEU J 1055 57.38 -32.63 37.38
C LEU J 1055 56.88 -32.69 38.84
N PRO J 1056 55.55 -32.70 39.07
CA PRO J 1056 55.06 -32.81 40.45
C PRO J 1056 55.28 -34.23 40.96
N ALA J 1057 55.54 -34.38 42.27
CA ALA J 1057 55.82 -35.70 42.83
C ALA J 1057 55.62 -35.73 44.33
N THR J 1058 55.06 -36.83 44.84
CA THR J 1058 54.79 -37.03 46.26
C THR J 1058 54.92 -38.50 46.65
N SER J 1059 55.34 -38.75 47.89
CA SER J 1059 55.45 -40.11 48.45
C SER J 1059 54.97 -40.06 49.89
N ILE J 1060 54.13 -41.02 50.29
CA ILE J 1060 53.58 -41.05 51.64
C ILE J 1060 53.89 -42.41 52.27
N ALA J 1061 54.90 -42.48 53.14
CA ALA J 1061 55.25 -43.71 53.84
C ALA J 1061 54.21 -43.97 54.92
N TRP J 1062 53.23 -44.82 54.62
CA TRP J 1062 52.12 -45.11 55.52
C TRP J 1062 52.48 -46.10 56.64
N GLY J 1063 51.69 -46.03 57.71
CA GLY J 1063 51.79 -46.90 58.88
C GLY J 1063 50.83 -48.07 58.79
N ALA J 1064 50.25 -48.48 59.94
CA ALA J 1064 49.34 -49.62 60.00
C ALA J 1064 47.87 -49.19 59.95
N TRP J 1065 47.15 -49.53 58.85
CA TRP J 1065 45.74 -49.15 58.70
C TRP J 1065 44.77 -50.14 59.34
N GLY J 1066 43.58 -49.65 59.71
CA GLY J 1066 42.55 -50.43 60.37
C GLY J 1066 41.73 -51.34 59.47
N GLU J 1067 41.08 -50.77 58.44
CA GLU J 1067 40.24 -51.54 57.50
C GLU J 1067 40.30 -50.94 56.11
N ASN J 1079 48.33 -45.63 68.14
CA ASN J 1079 48.16 -47.07 67.95
C ASN J 1079 47.35 -47.32 66.67
N ALA J 1080 48.06 -47.64 65.56
CA ALA J 1080 47.49 -47.94 64.22
C ALA J 1080 46.65 -46.79 63.62
N ILE J 1081 46.93 -46.42 62.35
CA ILE J 1081 46.20 -45.36 61.63
C ILE J 1081 44.78 -45.88 61.27
N ALA J 1082 43.78 -44.99 61.41
CA ALA J 1082 42.38 -45.27 61.10
C ALA J 1082 42.08 -44.95 59.63
N PRO J 1083 40.96 -45.44 59.06
CA PRO J 1083 40.66 -45.13 57.65
C PRO J 1083 40.41 -43.64 57.36
N ASP J 1084 39.45 -43.01 58.07
CA ASP J 1084 39.11 -41.58 57.87
C ASP J 1084 40.24 -40.63 58.33
N GLU J 1085 41.16 -41.13 59.18
CA GLU J 1085 42.34 -40.39 59.67
C GLU J 1085 43.35 -40.16 58.54
N GLY J 1086 43.57 -41.18 57.74
CA GLY J 1086 44.48 -41.12 56.61
C GLY J 1086 43.93 -40.36 55.42
N ALA J 1087 42.60 -40.37 55.22
CA ALA J 1087 41.94 -39.65 54.11
C ALA J 1087 42.21 -38.14 54.18
N TYR J 1088 42.14 -37.59 55.41
CA TYR J 1088 42.40 -36.17 55.68
C TYR J 1088 43.87 -35.89 55.52
N ALA J 1089 44.74 -36.80 56.02
CA ALA J 1089 46.19 -36.66 55.91
C ALA J 1089 46.63 -36.64 54.45
N PHE J 1090 46.15 -37.61 53.66
CA PHE J 1090 46.42 -37.70 52.22
C PHE J 1090 46.05 -36.39 51.51
N GLU J 1091 44.80 -35.94 51.63
CA GLU J 1091 44.31 -34.67 51.05
C GLU J 1091 45.19 -33.46 51.48
N ALA J 1092 45.56 -33.42 52.79
CA ALA J 1092 46.37 -32.35 53.38
C ALA J 1092 47.79 -32.33 52.80
N ILE J 1093 48.42 -33.50 52.71
CA ILE J 1093 49.78 -33.66 52.16
C ILE J 1093 49.82 -33.22 50.70
N LEU J 1094 48.73 -33.46 49.93
CA LEU J 1094 48.64 -33.07 48.52
C LEU J 1094 48.58 -31.55 48.32
N ARG J 1095 48.01 -30.80 49.25
CA ARG J 1095 48.01 -29.34 49.11
C ARG J 1095 49.44 -28.74 49.26
N HIS J 1096 50.40 -29.51 49.86
CA HIS J 1096 51.77 -29.06 50.08
C HIS J 1096 52.75 -29.59 49.05
N ASP J 1097 53.94 -28.94 48.99
CA ASP J 1097 55.03 -29.27 48.06
C ASP J 1097 55.94 -30.39 48.62
N ARG J 1098 55.75 -30.81 49.90
CA ARG J 1098 56.58 -31.86 50.50
C ARG J 1098 56.61 -33.12 49.62
N VAL J 1099 57.82 -33.54 49.20
CA VAL J 1099 57.95 -34.76 48.41
C VAL J 1099 57.84 -35.92 49.36
N TYR J 1100 58.79 -36.03 50.32
CA TYR J 1100 58.75 -37.14 51.25
C TYR J 1100 58.01 -36.81 52.53
N ASN J 1101 56.95 -37.57 52.78
CA ASN J 1101 56.10 -37.48 53.95
C ASN J 1101 56.02 -38.87 54.57
N GLY J 1102 55.81 -38.91 55.89
CA GLY J 1102 55.74 -40.18 56.60
C GLY J 1102 54.68 -40.19 57.68
N TYR J 1103 53.48 -40.65 57.33
CA TYR J 1103 52.39 -40.72 58.30
C TYR J 1103 52.47 -42.05 59.03
N ALA J 1104 52.66 -42.01 60.35
CA ALA J 1104 52.74 -43.24 61.13
C ALA J 1104 52.44 -42.98 62.61
N PRO J 1105 51.78 -43.94 63.32
CA PRO J 1105 51.51 -43.74 64.75
C PRO J 1105 52.83 -43.75 65.51
N VAL J 1106 53.18 -42.63 66.16
CA VAL J 1106 54.48 -42.52 66.84
C VAL J 1106 54.32 -42.68 68.36
N LEU J 1107 53.55 -41.78 69.04
CA LEU J 1107 53.35 -41.81 70.50
C LEU J 1107 54.64 -42.32 71.22
N GLY J 1108 54.58 -43.46 71.92
CA GLY J 1108 55.74 -44.08 72.56
C GLY J 1108 55.73 -45.55 72.24
N ALA J 1109 55.74 -45.88 70.94
CA ALA J 1109 55.69 -47.26 70.48
C ALA J 1109 56.94 -48.05 70.82
N SER J 1110 56.81 -49.38 70.82
CA SER J 1110 57.88 -50.34 71.14
C SER J 1110 59.01 -50.33 70.09
N TRP J 1111 58.63 -50.34 68.80
CA TRP J 1111 59.59 -50.34 67.70
C TRP J 1111 60.41 -49.04 67.63
N LEU J 1112 59.85 -47.89 68.07
CA LEU J 1112 60.55 -46.60 68.07
C LEU J 1112 61.51 -46.48 69.25
N THR J 1113 61.06 -46.87 70.46
CA THR J 1113 61.90 -46.85 71.66
C THR J 1113 63.07 -47.83 71.50
N ALA J 1114 62.85 -48.97 70.79
CA ALA J 1114 63.89 -49.95 70.50
C ALA J 1114 64.87 -49.42 69.46
N PHE J 1115 64.35 -48.74 68.44
CA PHE J 1115 65.17 -48.19 67.36
C PHE J 1115 66.00 -46.98 67.82
N ALA J 1116 65.42 -46.11 68.68
CA ALA J 1116 66.09 -44.89 69.17
C ALA J 1116 67.31 -45.20 70.04
N GLN J 1117 67.22 -46.23 70.90
CA GLN J 1117 68.32 -46.61 71.77
C GLN J 1117 69.44 -47.34 70.97
N ARG J 1118 69.10 -48.05 69.87
CA ARG J 1118 70.09 -48.79 69.08
C ARG J 1118 70.95 -47.89 68.17
N SER J 1119 70.34 -46.94 67.42
CA SER J 1119 71.07 -46.05 66.50
C SER J 1119 70.82 -44.56 66.76
N PRO J 1120 71.77 -43.66 66.40
CA PRO J 1120 71.56 -42.22 66.62
C PRO J 1120 70.76 -41.53 65.51
N PHE J 1121 70.19 -42.32 64.58
CA PHE J 1121 69.37 -41.84 63.50
C PHE J 1121 68.08 -41.27 64.10
N ALA J 1122 67.47 -41.98 65.06
CA ALA J 1122 66.28 -41.53 65.78
C ALA J 1122 66.66 -40.96 67.17
N GLU J 1123 67.56 -39.97 67.17
CA GLU J 1123 68.06 -39.29 68.36
C GLU J 1123 67.00 -38.39 68.97
N LEU J 1124 66.25 -37.70 68.11
CA LEU J 1124 65.22 -36.73 68.53
C LEU J 1124 63.99 -37.42 69.11
N PHE J 1125 63.76 -38.69 68.76
CA PHE J 1125 62.63 -39.46 69.26
C PHE J 1125 62.79 -39.89 70.72
N LEU J 1126 64.04 -40.16 71.16
CA LEU J 1126 64.29 -40.60 72.54
C LEU J 1126 64.02 -39.45 73.53
N ALA J 1127 64.64 -38.28 73.28
CA ALA J 1127 64.53 -37.06 74.08
C ALA J 1127 64.94 -37.29 75.55
N PRO K 15 9.17 -19.88 12.36
CA PRO K 15 9.43 -19.00 11.21
C PRO K 15 9.31 -17.53 11.59
N SER K 16 10.44 -16.86 11.76
CA SER K 16 10.47 -15.46 12.16
C SER K 16 11.61 -14.72 11.51
N VAL K 17 11.63 -13.41 11.70
CA VAL K 17 12.67 -12.55 11.16
C VAL K 17 12.94 -11.43 12.16
N SER K 18 14.21 -11.08 12.29
CA SER K 18 14.65 -10.02 13.19
C SER K 18 14.26 -8.67 12.64
N VAL K 19 13.76 -7.76 13.49
CA VAL K 19 13.38 -6.41 13.06
C VAL K 19 13.86 -5.37 14.00
N HIS K 20 13.91 -4.13 13.53
CA HIS K 20 14.34 -3.00 14.36
C HIS K 20 13.21 -2.69 15.33
N PRO K 21 13.49 -2.29 16.57
CA PRO K 21 12.40 -2.05 17.51
C PRO K 21 11.38 -0.99 17.02
N LEU K 22 11.89 0.15 16.54
CA LEU K 22 11.02 1.21 16.07
C LEU K 22 10.60 0.98 14.63
N LEU K 23 11.56 1.03 13.69
CA LEU K 23 11.29 0.86 12.25
C LEU K 23 10.34 -0.29 11.97
N GLY K 24 10.64 -1.44 12.54
CA GLY K 24 9.78 -2.60 12.40
C GLY K 24 9.97 -3.33 11.10
N SER K 25 8.84 -3.81 10.52
CA SER K 25 8.87 -4.64 9.30
C SER K 25 9.32 -3.82 8.11
N HIS K 26 10.26 -4.38 7.36
CA HIS K 26 10.94 -3.77 6.25
C HIS K 26 10.59 -4.44 4.95
N VAL K 27 10.26 -3.62 3.95
CA VAL K 27 9.96 -4.09 2.63
C VAL K 27 10.62 -3.15 1.62
N VAL K 28 11.34 -3.74 0.65
CA VAL K 28 11.95 -3.01 -0.45
C VAL K 28 10.96 -3.12 -1.58
N LEU K 29 10.54 -1.97 -2.14
CA LEU K 29 9.50 -1.96 -3.15
C LEU K 29 10.02 -2.46 -4.47
N PRO K 30 9.15 -3.14 -5.25
CA PRO K 30 9.56 -3.66 -6.55
C PRO K 30 9.52 -2.55 -7.61
N GLN K 31 10.53 -1.68 -7.57
CA GLN K 31 10.66 -0.54 -8.48
C GLN K 31 12.04 0.08 -8.41
N GLU K 32 12.41 0.79 -9.49
CA GLU K 32 13.65 1.53 -9.56
C GLU K 32 13.31 2.99 -9.30
N PRO K 33 14.03 3.69 -8.42
CA PRO K 33 15.26 3.31 -7.72
C PRO K 33 15.00 2.49 -6.45
N GLU K 34 16.11 1.99 -5.86
CA GLU K 34 16.09 1.22 -4.61
C GLU K 34 15.27 2.03 -3.61
N GLU K 35 13.99 1.64 -3.40
CA GLU K 35 13.11 2.32 -2.45
C GLU K 35 12.69 1.37 -1.34
N HIS K 36 12.97 1.75 -0.11
CA HIS K 36 12.70 0.97 1.08
C HIS K 36 11.48 1.52 1.78
N LEU K 37 10.92 0.72 2.66
CA LEU K 37 9.72 1.10 3.40
C LEU K 37 9.55 0.27 4.66
N TRP K 38 9.48 0.93 5.80
CA TRP K 38 9.25 0.27 7.08
C TRP K 38 7.91 0.71 7.64
N GLN K 39 7.30 -0.14 8.43
CA GLN K 39 6.06 0.14 9.12
C GLN K 39 6.27 -0.36 10.52
N GLY K 40 6.01 0.50 11.50
CA GLY K 40 6.24 0.12 12.89
C GLY K 40 5.43 0.89 13.88
N ASP K 41 5.26 0.30 15.07
CA ASP K 41 4.49 0.88 16.17
C ASP K 41 5.43 1.56 17.11
N VAL K 42 5.05 2.77 17.54
CA VAL K 42 5.79 3.56 18.51
C VAL K 42 4.81 3.92 19.65
N GLY K 43 3.84 3.03 19.88
CA GLY K 43 2.81 3.23 20.89
C GLY K 43 3.32 2.90 22.27
N THR K 44 2.62 3.39 23.29
CA THR K 44 3.01 3.15 24.68
C THR K 44 2.81 1.68 25.09
N GLU K 45 1.92 0.93 24.43
CA GLU K 45 1.72 -0.48 24.73
C GLU K 45 2.91 -1.28 24.20
N ALA K 46 3.34 -0.96 22.98
CA ALA K 46 4.50 -1.59 22.34
C ALA K 46 5.82 -1.22 23.03
N HIS K 47 6.02 0.08 23.29
CA HIS K 47 7.23 0.63 23.92
C HIS K 47 6.84 1.42 25.19
N PRO K 48 6.69 0.72 26.32
CA PRO K 48 6.28 1.39 27.56
C PRO K 48 7.11 2.59 27.93
N TRP K 49 8.43 2.43 27.87
CA TRP K 49 9.38 3.50 28.18
C TRP K 49 9.09 4.83 27.46
N LEU K 50 8.42 4.83 26.28
CA LEU K 50 8.07 6.08 25.58
C LEU K 50 7.04 6.94 26.32
N SER K 51 6.27 6.36 27.25
CA SER K 51 5.31 7.12 28.05
C SER K 51 6.03 8.06 29.03
N ASP K 52 7.29 7.76 29.37
CA ASP K 52 8.08 8.56 30.29
C ASP K 52 8.50 9.92 29.67
N HIS K 53 8.50 10.07 28.34
CA HIS K 53 8.77 11.36 27.69
C HIS K 53 7.42 11.98 27.35
N ARG K 54 7.07 13.10 28.01
CA ARG K 54 5.76 13.72 27.82
C ARG K 54 5.81 15.25 27.91
N VAL K 55 5.20 15.92 26.93
CA VAL K 55 5.14 17.38 26.85
C VAL K 55 3.73 17.82 27.23
N HIS K 56 3.63 18.65 28.29
CA HIS K 56 2.37 19.15 28.82
C HIS K 56 1.48 17.98 29.24
N GLN K 57 2.07 17.04 30.00
CA GLN K 57 1.42 15.84 30.53
C GLN K 57 0.84 14.90 29.45
N VAL K 58 1.29 15.00 28.19
CA VAL K 58 0.85 14.11 27.11
C VAL K 58 2.07 13.42 26.54
N ALA K 59 2.04 12.10 26.41
CA ALA K 59 3.17 11.35 25.87
C ALA K 59 3.42 11.71 24.44
N VAL K 60 4.66 12.07 24.09
CA VAL K 60 5.05 12.44 22.72
C VAL K 60 6.35 11.74 22.34
N LEU K 61 6.55 11.56 21.04
CA LEU K 61 7.75 10.92 20.53
C LEU K 61 8.89 11.90 20.59
N PRO K 62 9.99 11.57 21.29
CA PRO K 62 11.12 12.52 21.38
C PRO K 62 11.85 12.68 20.05
N GLY K 63 12.57 13.80 19.92
CA GLY K 63 13.37 14.09 18.73
C GLY K 63 14.35 12.97 18.44
N ALA K 64 14.98 12.49 19.53
CA ALA K 64 15.93 11.38 19.54
C ALA K 64 15.40 10.07 18.89
N ALA K 65 14.08 9.84 18.90
CA ALA K 65 13.52 8.64 18.28
C ALA K 65 13.74 8.67 16.77
N TYR K 66 13.50 9.83 16.13
CA TYR K 66 13.69 9.98 14.69
C TYR K 66 15.18 9.88 14.32
N CYS K 67 16.07 10.33 15.22
CA CYS K 67 17.51 10.23 15.01
C CYS K 67 17.90 8.79 14.81
N GLU K 68 17.49 7.95 15.77
CA GLU K 68 17.77 6.52 15.75
C GLU K 68 17.20 5.89 14.47
N MET K 69 15.94 6.23 14.12
CA MET K 69 15.28 5.73 12.93
C MET K 69 16.10 6.05 11.68
N ALA K 70 16.62 7.28 11.59
CA ALA K 70 17.45 7.68 10.45
C ALA K 70 18.74 6.90 10.41
N LEU K 71 19.47 6.85 11.54
CA LEU K 71 20.73 6.10 11.67
C LEU K 71 20.55 4.61 11.34
N ALA K 72 19.41 4.04 11.79
CA ALA K 72 19.08 2.65 11.54
C ALA K 72 18.87 2.38 10.05
N ALA K 73 18.16 3.29 9.37
CA ALA K 73 17.84 3.19 7.95
C ALA K 73 19.03 3.41 7.01
N VAL K 74 20.22 3.81 7.51
CA VAL K 74 21.39 4.07 6.65
C VAL K 74 21.93 2.79 6.06
N THR K 75 22.40 1.89 6.90
CA THR K 75 23.03 0.62 6.52
C THR K 75 22.19 -0.23 5.56
N PRO K 76 20.87 -0.45 5.76
CA PRO K 76 20.11 -1.26 4.81
C PRO K 76 19.98 -0.64 3.43
N VAL K 77 19.79 0.69 3.35
CA VAL K 77 19.63 1.37 2.07
C VAL K 77 21.01 1.43 1.39
N LEU K 78 21.93 2.13 2.05
CA LEU K 78 23.31 2.33 1.62
C LEU K 78 24.19 1.32 2.38
N GLY K 79 24.47 0.17 1.75
CA GLY K 79 25.23 -0.94 2.33
C GLY K 79 26.65 -0.58 2.70
N ASP K 80 26.81 0.24 3.74
CA ASP K 80 28.09 0.78 4.19
C ASP K 80 27.90 1.61 5.48
N THR K 81 29.01 2.24 5.87
CA THR K 81 29.11 3.21 6.94
C THR K 81 28.51 4.51 6.43
N GLY K 82 27.59 5.12 7.17
CA GLY K 82 27.03 6.36 6.70
C GLY K 82 26.66 7.38 7.75
N GLU K 83 26.27 8.55 7.25
CA GLU K 83 25.86 9.72 8.00
C GLU K 83 24.42 10.01 7.75
N VAL K 84 23.86 10.88 8.57
CA VAL K 84 22.48 11.35 8.43
C VAL K 84 22.58 12.85 8.35
N HIS K 85 22.33 13.44 7.21
CA HIS K 85 22.41 14.89 7.07
C HIS K 85 21.05 15.56 7.13
N ASP K 86 21.06 16.84 7.55
CA ASP K 86 19.92 17.73 7.57
C ASP K 86 18.64 17.04 8.03
N LEU K 87 18.69 16.44 9.23
CA LEU K 87 17.53 15.78 9.82
C LEU K 87 16.66 16.84 10.45
N LYS K 88 15.38 16.93 10.03
CA LYS K 88 14.43 17.92 10.55
C LYS K 88 13.24 17.24 11.20
N PHE K 89 12.72 17.81 12.30
CA PHE K 89 11.53 17.32 12.97
C PHE K 89 10.43 18.31 12.71
N HIS K 90 9.33 17.84 12.15
CA HIS K 90 8.23 18.71 11.78
C HIS K 90 7.21 18.75 12.94
N ASP K 91 6.06 18.09 12.81
CA ASP K 91 5.02 18.11 13.83
C ASP K 91 5.37 17.18 14.96
N MET K 92 4.77 17.45 16.13
CA MET K 92 5.01 16.66 17.34
C MET K 92 4.10 15.46 17.38
N LEU K 93 4.67 14.24 17.40
CA LEU K 93 3.86 13.03 17.38
C LEU K 93 3.35 12.73 18.75
N LEU K 94 2.02 12.66 18.92
CA LEU K 94 1.40 12.35 20.21
C LEU K 94 1.09 10.89 20.22
N LEU K 95 1.57 10.21 21.25
CA LEU K 95 1.49 8.77 21.33
C LEU K 95 0.26 8.30 22.06
N ASP K 96 -0.26 7.18 21.56
CA ASP K 96 -1.37 6.41 22.10
C ASP K 96 -0.84 5.01 22.43
N ASP K 97 -1.74 4.07 22.78
CA ASP K 97 -1.35 2.69 23.08
C ASP K 97 -0.71 2.06 21.81
N ALA K 98 -1.27 2.40 20.65
CA ALA K 98 -0.77 1.98 19.35
C ALA K 98 -0.69 3.18 18.42
N THR K 99 0.52 3.47 17.92
CA THR K 99 0.82 4.60 17.07
C THR K 99 1.63 4.08 15.87
N PRO K 100 0.98 3.65 14.79
CA PRO K 100 1.72 3.13 13.63
C PRO K 100 2.38 4.27 12.90
N VAL K 101 3.60 4.02 12.43
CA VAL K 101 4.46 5.01 11.78
C VAL K 101 5.15 4.37 10.59
N TRP K 102 5.27 5.12 9.50
CA TRP K 102 5.89 4.64 8.28
C TRP K 102 7.16 5.38 7.90
N VAL K 103 8.29 4.68 7.97
CA VAL K 103 9.58 5.21 7.54
C VAL K 103 9.75 4.84 6.10
N SER K 104 10.44 5.67 5.34
CA SER K 104 10.64 5.39 3.92
C SER K 104 11.87 6.11 3.37
N ALA K 105 12.80 5.33 2.79
CA ALA K 105 14.03 5.86 2.22
C ALA K 105 14.11 5.48 0.76
N ALA K 106 14.61 6.39 -0.08
CA ALA K 106 14.71 6.15 -1.52
C ALA K 106 15.99 6.68 -2.03
N VAL K 107 16.70 5.87 -2.82
CA VAL K 107 17.98 6.28 -3.38
C VAL K 107 17.71 7.28 -4.48
N THR K 108 18.32 8.46 -4.36
CA THR K 108 18.20 9.55 -5.32
C THR K 108 19.38 9.51 -6.29
N ALA K 109 20.59 9.55 -5.70
CA ALA K 109 21.87 9.50 -6.38
C ALA K 109 22.75 8.45 -5.70
N PRO K 110 23.81 7.95 -6.34
CA PRO K 110 24.64 6.94 -5.68
C PRO K 110 25.26 7.45 -4.39
N GLY K 111 25.08 6.66 -3.33
CA GLY K 111 25.56 7.01 -1.99
C GLY K 111 24.75 8.11 -1.33
N THR K 112 23.50 8.31 -1.78
CA THR K 112 22.61 9.33 -1.26
C THR K 112 21.19 8.84 -1.27
N ALA K 113 20.39 9.24 -0.29
CA ALA K 113 18.99 8.78 -0.23
C ALA K 113 18.13 9.70 0.61
N GLU K 114 16.89 9.93 0.15
CA GLU K 114 15.93 10.77 0.84
C GLU K 114 15.21 9.93 1.87
N PHE K 115 15.18 10.39 3.14
CA PHE K 115 14.55 9.68 4.26
C PHE K 115 13.30 10.42 4.72
N GLY K 116 12.36 9.69 5.33
CA GLY K 116 11.12 10.32 5.78
C GLY K 116 10.19 9.48 6.63
N VAL K 117 9.91 9.96 7.86
CA VAL K 117 9.00 9.34 8.82
C VAL K 117 7.67 10.08 8.80
N GLU K 118 6.58 9.37 8.51
CA GLU K 118 5.23 9.93 8.41
C GLU K 118 4.23 9.07 9.16
N THR K 119 3.04 9.61 9.41
CA THR K 119 1.99 8.88 10.08
C THR K 119 0.67 9.20 9.37
N HIS K 120 -0.14 8.17 9.17
CA HIS K 120 -1.41 8.21 8.44
C HIS K 120 -2.56 8.01 9.45
N GLN K 121 -3.50 8.98 9.51
CA GLN K 121 -4.65 8.95 10.43
C GLN K 121 -5.93 9.34 9.72
N SER K 122 -6.81 8.38 9.46
CA SER K 122 -8.13 8.59 8.82
C SER K 122 -8.02 9.10 7.36
N GLY K 123 -6.91 8.75 6.68
CA GLY K 123 -6.64 9.20 5.32
C GLY K 123 -5.63 10.33 5.23
N ASP K 124 -5.50 11.14 6.33
CA ASP K 124 -4.64 12.31 6.41
C ASP K 124 -3.22 11.97 6.82
N ARG K 125 -2.26 12.07 5.87
CA ARG K 125 -0.84 11.82 6.10
C ARG K 125 -0.26 13.03 6.79
N THR K 126 0.65 12.79 7.74
CA THR K 126 1.31 13.87 8.49
C THR K 126 2.81 13.57 8.55
N GLN K 127 3.63 14.38 7.87
CA GLN K 127 5.08 14.16 7.88
C GLN K 127 5.60 14.61 9.22
N ARG K 128 6.35 13.71 9.89
CA ARG K 128 6.89 13.95 11.23
C ARG K 128 8.38 14.23 11.24
N ALA K 129 9.13 13.71 10.25
CA ALA K 129 10.55 13.99 10.16
C ALA K 129 11.11 13.61 8.79
N THR K 130 12.13 14.34 8.32
CA THR K 130 12.79 14.09 7.03
C THR K 130 14.28 14.38 7.12
N ALA K 131 15.08 13.61 6.38
CA ALA K 131 16.53 13.77 6.37
C ALA K 131 17.12 13.26 5.06
N VAL K 132 18.46 13.24 4.99
CA VAL K 132 19.21 12.71 3.85
C VAL K 132 20.22 11.76 4.36
N LEU K 133 20.29 10.57 3.77
CA LEU K 133 21.24 9.55 4.20
C LEU K 133 22.40 9.56 3.25
N ARG K 134 23.64 9.45 3.75
CA ARG K 134 24.82 9.47 2.91
C ARG K 134 25.80 8.40 3.33
N GLY K 135 26.29 7.62 2.37
CA GLY K 135 27.27 6.55 2.60
C GLY K 135 28.68 6.84 2.09
N ASP K 136 28.77 7.71 1.07
CA ASP K 136 30.03 8.16 0.45
C ASP K 136 31.00 8.86 1.43
N VAL K 137 30.47 9.46 2.51
CA VAL K 137 31.23 10.18 3.53
C VAL K 137 32.40 9.35 4.08
N ASP K 138 33.51 10.04 4.33
CA ASP K 138 34.76 9.44 4.81
C ASP K 138 34.73 9.17 6.33
N ALA K 139 35.46 8.09 6.71
CA ALA K 139 35.56 7.64 8.10
C ALA K 139 36.52 8.53 8.87
N GLU K 140 35.99 9.69 9.31
CA GLU K 140 36.74 10.69 10.05
C GLU K 140 36.29 10.65 11.50
N ARG K 141 36.78 9.63 12.24
CA ARG K 141 36.42 9.44 13.65
C ARG K 141 37.15 10.44 14.50
N PRO K 142 36.46 11.29 15.28
CA PRO K 142 37.19 12.25 16.11
C PRO K 142 37.99 11.54 17.16
N ALA K 143 39.20 12.06 17.41
CA ALA K 143 40.11 11.46 18.37
C ALA K 143 39.55 11.47 19.76
N ALA K 144 39.87 10.42 20.52
CA ALA K 144 39.41 10.24 21.88
C ALA K 144 39.83 11.40 22.76
N HIS K 145 39.05 11.64 23.81
CA HIS K 145 39.25 12.73 24.72
C HIS K 145 39.79 12.22 26.02
N SER K 146 40.34 13.12 26.82
CA SER K 146 40.87 12.81 28.14
C SER K 146 39.77 13.11 29.11
N ILE K 147 39.07 12.06 29.59
CA ILE K 147 37.95 12.22 30.49
C ILE K 147 38.42 12.90 31.78
N ASP K 148 39.64 12.58 32.25
CA ASP K 148 40.18 13.19 33.45
C ASP K 148 40.37 14.71 33.26
N ALA K 149 41.03 15.11 32.17
CA ALA K 149 41.28 16.52 31.86
C ALA K 149 40.00 17.29 31.59
N LEU K 150 39.05 16.66 30.88
CA LEU K 150 37.74 17.28 30.61
C LEU K 150 37.04 17.62 31.91
N LEU K 151 36.94 16.63 32.81
CA LEU K 151 36.27 16.80 34.10
C LEU K 151 37.02 17.78 35.00
N ALA K 152 38.35 17.86 34.86
CA ALA K 152 39.15 18.80 35.62
C ALA K 152 38.89 20.23 35.12
N ALA K 153 38.71 20.39 33.81
CA ALA K 153 38.44 21.70 33.20
C ALA K 153 37.01 22.19 33.47
N HIS K 154 36.08 21.28 33.85
CA HIS K 154 34.71 21.62 34.19
C HIS K 154 34.43 21.25 35.65
N PRO K 155 34.72 22.16 36.60
CA PRO K 155 34.54 21.83 38.01
C PRO K 155 33.12 22.02 38.53
N ASN K 156 32.39 23.03 38.04
CA ASN K 156 31.04 23.33 38.50
C ASN K 156 30.05 22.21 38.11
N ARG K 157 29.59 21.44 39.10
CA ARG K 157 28.67 20.32 38.91
C ARG K 157 27.21 20.79 38.93
N VAL K 158 26.38 20.18 38.07
CA VAL K 158 24.94 20.43 37.95
C VAL K 158 24.23 19.10 38.13
N ASP K 159 23.34 18.95 39.15
CA ASP K 159 22.66 17.65 39.36
C ASP K 159 21.64 17.42 38.26
N GLY K 160 21.48 16.15 37.86
CA GLY K 160 20.55 15.74 36.83
C GLY K 160 19.11 15.90 37.26
N ASP K 161 18.78 15.47 38.48
CA ASP K 161 17.42 15.57 39.02
C ASP K 161 16.99 17.03 39.13
N GLU K 162 17.91 17.91 39.58
CA GLU K 162 17.70 19.35 39.70
C GLU K 162 17.39 19.97 38.34
N LEU K 163 18.08 19.53 37.29
CA LEU K 163 17.87 20.01 35.92
C LEU K 163 16.55 19.45 35.36
N ARG K 164 16.27 18.15 35.59
CA ARG K 164 15.04 17.50 35.13
C ARG K 164 13.81 18.07 35.84
N ALA K 165 13.99 18.62 37.07
CA ALA K 165 12.91 19.32 37.77
C ALA K 165 12.64 20.67 37.08
N GLY K 166 13.70 21.32 36.62
CA GLY K 166 13.63 22.56 35.86
C GLY K 166 12.91 22.39 34.54
N PHE K 167 13.07 21.22 33.90
CA PHE K 167 12.36 20.90 32.67
C PHE K 167 10.85 20.80 32.92
N GLY K 168 10.46 20.23 34.06
CA GLY K 168 9.07 20.09 34.45
C GLY K 168 8.29 21.39 34.59
N THR K 169 8.98 22.51 34.89
CA THR K 169 8.34 23.81 35.02
C THR K 169 7.93 24.36 33.64
N VAL K 170 8.80 24.23 32.61
CA VAL K 170 8.50 24.71 31.26
C VAL K 170 7.43 23.84 30.57
N GLY K 171 7.21 22.60 31.03
CA GLY K 171 6.20 21.70 30.49
C GLY K 171 6.70 20.34 30.04
N ILE K 172 8.03 20.16 29.96
CA ILE K 172 8.63 18.91 29.49
C ILE K 172 8.87 17.97 30.66
N GLY K 173 8.27 16.78 30.60
CA GLY K 173 8.40 15.76 31.62
C GLY K 173 9.29 14.61 31.18
N HIS K 174 10.30 14.29 31.98
CA HIS K 174 11.22 13.19 31.72
C HIS K 174 11.09 12.17 32.85
N GLY K 175 10.50 11.03 32.56
CA GLY K 175 10.31 9.96 33.54
C GLY K 175 11.56 9.13 33.74
N ALA K 176 11.40 7.99 34.41
CA ALA K 176 12.48 7.06 34.76
C ALA K 176 13.42 6.73 33.60
N ALA K 177 12.83 6.41 32.44
CA ALA K 177 13.56 6.05 31.22
C ALA K 177 14.45 7.18 30.71
N PHE K 178 13.95 8.42 30.78
CA PHE K 178 14.65 9.59 30.26
C PHE K 178 15.50 10.29 31.34
N ALA K 179 15.74 9.62 32.48
CA ALA K 179 16.56 10.14 33.57
C ALA K 179 18.00 9.61 33.52
N GLY K 180 18.52 9.41 32.29
CA GLY K 180 19.88 8.89 32.12
C GLY K 180 20.97 9.86 32.56
N LEU K 181 20.69 11.19 32.44
CA LEU K 181 21.63 12.24 32.81
C LEU K 181 21.82 12.26 34.32
N SER K 182 22.96 11.78 34.79
CA SER K 182 23.29 11.70 36.22
C SER K 182 23.66 13.07 36.76
N GLU K 183 24.60 13.73 36.09
CA GLU K 183 25.12 15.04 36.47
C GLU K 183 25.94 15.65 35.34
N ALA K 184 25.84 16.97 35.15
CA ALA K 184 26.57 17.69 34.10
C ALA K 184 27.58 18.64 34.69
N TYR K 185 28.82 18.58 34.24
CA TYR K 185 29.90 19.43 34.72
C TYR K 185 30.10 20.58 33.74
N VAL K 186 30.13 21.82 34.26
CA VAL K 186 30.29 23.05 33.46
C VAL K 186 31.40 23.90 34.09
N ALA K 187 31.58 25.12 33.59
CA ALA K 187 32.55 26.04 34.12
C ALA K 187 31.93 27.44 34.19
N THR K 188 31.94 28.20 33.08
CA THR K 188 31.38 29.56 33.02
C THR K 188 30.69 29.74 31.67
N ALA K 189 30.20 30.94 31.38
CA ALA K 189 29.58 31.23 30.08
C ALA K 189 30.65 31.34 28.99
N ALA K 190 31.84 31.87 29.35
CA ALA K 190 32.99 32.02 28.44
C ALA K 190 33.43 30.69 27.86
N GLU K 191 33.40 29.63 28.69
CA GLU K 191 33.74 28.27 28.30
C GLU K 191 32.51 27.67 27.64
N PRO K 192 32.55 27.29 26.35
CA PRO K 192 31.34 26.83 25.66
C PRO K 192 31.07 25.32 25.69
N THR K 193 31.63 24.57 26.64
CA THR K 193 31.44 23.12 26.66
C THR K 193 30.83 22.60 27.95
N VAL K 194 30.21 21.41 27.85
CA VAL K 194 29.56 20.69 28.96
C VAL K 194 29.96 19.23 28.93
N VAL K 195 30.53 18.73 30.01
CA VAL K 195 30.89 17.32 30.14
C VAL K 195 29.79 16.72 30.96
N ALA K 196 28.98 15.84 30.37
CA ALA K 196 27.85 15.25 31.07
C ALA K 196 28.07 13.78 31.34
N ALA K 197 27.52 13.27 32.45
CA ALA K 197 27.66 11.88 32.83
C ALA K 197 26.36 11.14 32.59
N VAL K 198 26.12 10.79 31.34
CA VAL K 198 24.90 10.08 30.93
C VAL K 198 25.10 8.59 30.94
N ALA K 199 24.00 7.83 30.98
CA ALA K 199 24.01 6.37 31.00
C ALA K 199 22.61 5.85 30.86
N LEU K 200 22.40 4.86 29.99
CA LEU K 200 21.06 4.28 29.79
C LEU K 200 20.56 3.59 31.09
N PRO K 201 19.39 3.99 31.64
CA PRO K 201 18.93 3.36 32.88
C PRO K 201 18.85 1.82 32.84
N GLY K 202 19.08 1.22 34.01
CA GLY K 202 19.08 -0.23 34.22
C GLY K 202 17.98 -1.04 33.57
N PRO K 203 16.70 -0.64 33.67
CA PRO K 203 15.64 -1.42 33.02
C PRO K 203 15.80 -1.53 31.51
N LEU K 204 16.20 -0.43 30.88
CA LEU K 204 16.37 -0.35 29.44
C LEU K 204 17.62 -1.07 28.95
N ARG K 205 18.60 -1.39 29.83
CA ARG K 205 19.84 -2.08 29.39
C ARG K 205 19.54 -3.44 28.78
N SER K 206 18.47 -4.11 29.25
CA SER K 206 17.99 -5.37 28.66
C SER K 206 17.46 -5.11 27.25
N GLY K 207 16.71 -4.01 27.11
CA GLY K 207 16.13 -3.55 25.87
C GLY K 207 17.05 -2.68 25.00
N GLN K 208 18.40 -2.96 24.98
CA GLN K 208 19.34 -2.26 24.11
C GLN K 208 19.23 -2.84 22.69
N ARG K 209 18.67 -4.08 22.61
CA ARG K 209 18.23 -4.80 21.41
C ARG K 209 19.04 -4.41 20.13
N GLY K 210 18.37 -3.88 19.10
CA GLY K 210 19.00 -3.52 17.84
C GLY K 210 19.01 -2.03 17.59
N TYR K 211 19.23 -1.27 18.65
CA TYR K 211 19.31 0.18 18.55
C TYR K 211 20.75 0.60 18.25
N THR K 212 20.95 1.47 17.24
CA THR K 212 22.26 2.09 16.95
C THR K 212 22.65 2.89 18.20
N VAL K 213 21.67 3.68 18.70
CA VAL K 213 21.73 4.43 19.94
C VAL K 213 20.32 4.43 20.53
N HIS K 214 20.17 4.13 21.82
CA HIS K 214 18.83 4.10 22.41
C HIS K 214 18.28 5.52 22.50
N PRO K 215 17.06 5.81 22.03
CA PRO K 215 16.57 7.20 22.08
C PRO K 215 16.49 7.79 23.49
N ALA K 216 16.29 6.94 24.52
CA ALA K 216 16.25 7.39 25.92
C ALA K 216 17.59 8.01 26.33
N LEU K 217 18.67 7.37 25.86
CA LEU K 217 20.07 7.80 26.11
C LEU K 217 20.42 9.05 25.31
N LEU K 218 20.10 9.06 24.01
CA LEU K 218 20.40 10.21 23.16
C LEU K 218 19.62 11.45 23.63
N ASP K 219 18.39 11.29 24.16
CA ASP K 219 17.64 12.44 24.67
C ASP K 219 18.27 12.97 25.95
N ALA K 220 18.85 12.07 26.78
CA ALA K 220 19.56 12.47 27.99
C ALA K 220 20.84 13.31 27.65
N CYS K 221 21.41 13.11 26.45
CA CYS K 221 22.53 13.90 25.97
C CYS K 221 22.06 15.28 25.55
N PHE K 222 20.87 15.35 24.93
CA PHE K 222 20.29 16.62 24.53
C PHE K 222 19.94 17.45 25.77
N GLN K 223 19.43 16.80 26.85
CA GLN K 223 19.14 17.48 28.12
C GLN K 223 20.40 18.17 28.66
N SER K 224 21.55 17.46 28.55
CA SER K 224 22.86 17.93 29.01
C SER K 224 23.25 19.32 28.44
N VAL K 225 22.79 19.68 27.22
CA VAL K 225 23.08 20.97 26.59
C VAL K 225 22.50 22.13 27.42
N ILE K 226 21.33 21.90 28.03
CA ILE K 226 20.62 22.92 28.82
C ILE K 226 21.36 23.24 30.12
N ALA K 227 22.21 22.31 30.63
CA ALA K 227 23.01 22.55 31.84
C ALA K 227 24.04 23.69 31.66
N HIS K 228 24.37 24.07 30.41
CA HIS K 228 25.32 25.14 30.16
C HIS K 228 24.84 26.49 30.71
N PRO K 229 25.68 27.28 31.39
CA PRO K 229 25.21 28.56 31.93
C PRO K 229 24.72 29.57 30.89
N GLU K 230 25.41 29.68 29.75
CA GLU K 230 25.01 30.61 28.68
C GLU K 230 23.61 30.26 28.17
N VAL K 231 23.22 28.97 28.19
CA VAL K 231 21.89 28.53 27.76
C VAL K 231 20.86 28.91 28.82
N GLN K 232 21.16 28.62 30.10
CA GLN K 232 20.27 28.94 31.22
C GLN K 232 19.96 30.44 31.26
N ASN K 233 21.00 31.27 31.10
CA ASN K 233 20.87 32.73 31.16
C ASN K 233 20.10 33.28 29.96
N ILE K 234 20.51 32.95 28.73
CA ILE K 234 19.88 33.48 27.52
C ILE K 234 18.52 32.84 27.29
N ALA K 235 18.47 31.62 26.73
CA ALA K 235 17.21 30.95 26.40
C ALA K 235 16.56 30.37 27.66
N SER K 236 15.78 31.22 28.36
CA SER K 236 15.06 30.85 29.57
C SER K 236 13.58 30.59 29.21
N GLY K 237 13.38 29.66 28.27
CA GLY K 237 12.06 29.23 27.82
C GLY K 237 12.04 27.74 27.59
N MET K 238 10.99 27.24 26.94
CA MET K 238 10.86 25.81 26.63
C MET K 238 11.72 25.44 25.42
N LEU K 239 12.79 24.65 25.64
CA LEU K 239 13.70 24.27 24.56
C LEU K 239 13.47 22.82 24.16
N LEU K 240 13.01 22.63 22.90
CA LEU K 240 12.75 21.32 22.31
C LEU K 240 13.64 21.10 21.12
N PRO K 241 14.13 19.86 20.88
CA PRO K 241 14.98 19.63 19.70
C PRO K 241 14.19 19.75 18.41
N LEU K 242 14.72 20.53 17.46
CA LEU K 242 14.12 20.79 16.15
C LEU K 242 14.80 20.04 14.98
N GLY K 243 16.05 19.62 15.16
CA GLY K 243 16.80 18.88 14.14
C GLY K 243 18.27 18.72 14.46
N VAL K 244 19.03 18.04 13.57
CA VAL K 244 20.48 17.79 13.72
C VAL K 244 21.16 17.83 12.33
N ARG K 245 22.13 18.73 12.10
CA ARG K 245 22.78 18.89 10.78
C ARG K 245 23.49 17.64 10.30
N ARG K 246 24.18 16.91 11.20
CA ARG K 246 24.95 15.74 10.79
C ARG K 246 25.05 14.78 11.94
N LEU K 247 24.66 13.53 11.70
CA LEU K 247 24.64 12.45 12.68
C LEU K 247 25.41 11.25 12.17
N ARG K 248 26.41 10.77 12.92
CA ARG K 248 27.18 9.60 12.55
C ARG K 248 27.47 8.77 13.75
N ALA K 249 27.38 7.45 13.60
CA ALA K 249 27.70 6.51 14.66
C ALA K 249 28.98 5.82 14.29
N TYR K 250 29.98 5.87 15.17
CA TYR K 250 31.29 5.26 14.93
C TYR K 250 31.40 3.85 15.48
N GLY K 251 30.65 3.57 16.55
CA GLY K 251 30.63 2.27 17.19
C GLY K 251 29.37 2.00 17.98
N SER K 252 29.47 1.08 18.93
CA SER K 252 28.34 0.73 19.78
C SER K 252 28.24 1.70 20.88
N THR K 253 27.05 2.21 21.11
CA THR K 253 26.81 3.15 22.19
C THR K 253 26.43 2.42 23.51
N ARG K 254 26.60 1.09 23.59
CA ARG K 254 26.23 0.28 24.76
C ARG K 254 26.97 0.73 26.01
N ASN K 255 28.28 0.96 25.86
CA ASN K 255 29.17 1.32 26.95
C ASN K 255 29.44 2.86 27.05
N VAL K 256 28.54 3.71 26.49
CA VAL K 256 28.69 5.17 26.62
C VAL K 256 28.40 5.59 28.06
N ARG K 257 29.33 6.34 28.68
CA ARG K 257 29.20 6.84 30.05
C ARG K 257 29.23 8.36 30.12
N TYR K 258 29.64 9.07 29.03
CA TYR K 258 29.72 10.52 29.01
C TYR K 258 29.21 11.13 27.73
N CYS K 259 28.88 12.42 27.78
CA CYS K 259 28.45 13.17 26.63
C CYS K 259 29.07 14.55 26.66
N LEU K 260 29.96 14.84 25.71
CA LEU K 260 30.63 16.13 25.60
C LEU K 260 29.86 17.03 24.65
N SER K 261 29.23 18.08 25.18
CA SER K 261 28.45 19.04 24.38
C SER K 261 29.24 20.32 24.18
N ARG K 262 28.90 21.08 23.14
CA ARG K 262 29.57 22.35 22.80
C ARG K 262 28.55 23.32 22.24
N ILE K 263 28.46 24.54 22.80
CA ILE K 263 27.49 25.52 22.34
C ILE K 263 28.05 26.27 21.14
N VAL K 264 27.37 26.16 20.00
CA VAL K 264 27.74 26.84 18.77
C VAL K 264 27.13 28.21 18.80
N LYS K 265 25.82 28.29 19.07
CA LYS K 265 25.07 29.55 19.13
C LYS K 265 24.04 29.48 20.27
N ALA K 266 23.93 30.58 21.05
CA ALA K 266 23.00 30.72 22.17
C ALA K 266 22.25 32.04 22.02
N ASP K 267 21.02 31.95 21.50
CA ASP K 267 20.16 33.10 21.22
C ASP K 267 18.82 32.94 21.94
N SER K 268 18.09 34.06 22.04
CA SER K 268 16.75 34.11 22.63
C SER K 268 15.77 33.18 21.92
N PHE K 269 15.93 33.02 20.59
CA PHE K 269 15.04 32.18 19.78
C PHE K 269 15.36 30.70 19.96
N GLY K 270 16.62 30.34 19.83
CA GLY K 270 17.05 28.95 19.99
C GLY K 270 18.51 28.76 20.34
N VAL K 271 18.93 27.48 20.43
CA VAL K 271 20.29 27.09 20.78
C VAL K 271 20.80 26.02 19.81
N GLU K 272 22.00 26.23 19.19
CA GLU K 272 22.64 25.24 18.30
C GLU K 272 23.81 24.66 19.06
N ALA K 273 24.04 23.35 18.94
CA ALA K 273 25.11 22.68 19.68
C ALA K 273 25.66 21.48 18.99
N ASP K 274 26.92 21.13 19.27
CA ASP K 274 27.62 19.97 18.69
C ASP K 274 27.91 18.96 19.81
N LEU K 275 27.42 17.71 19.68
CA LEU K 275 27.57 16.67 20.70
C LEU K 275 28.49 15.54 20.28
N GLU K 276 29.00 14.81 21.28
CA GLU K 276 29.88 13.67 21.12
C GLU K 276 29.65 12.73 22.27
N LEU K 277 29.27 11.49 21.99
CA LEU K 277 29.01 10.48 23.01
C LEU K 277 30.29 9.68 23.23
N LEU K 278 30.88 9.80 24.42
CA LEU K 278 32.14 9.16 24.75
C LEU K 278 31.99 7.99 25.71
N ASP K 279 32.81 6.93 25.53
CA ASP K 279 32.82 5.81 26.47
C ASP K 279 33.67 6.20 27.70
N ALA K 280 33.88 5.28 28.62
CA ALA K 280 34.66 5.57 29.82
C ALA K 280 36.11 5.99 29.52
N ASP K 281 36.72 5.39 28.49
CA ASP K 281 38.10 5.69 28.07
C ASP K 281 38.22 7.08 27.43
N GLY K 282 37.11 7.56 26.86
CA GLY K 282 37.03 8.85 26.19
C GLY K 282 36.90 8.73 24.69
N THR K 283 36.82 7.50 24.14
CA THR K 283 36.70 7.29 22.70
C THR K 283 35.33 7.72 22.21
N VAL K 284 35.26 8.38 21.05
CA VAL K 284 33.98 8.86 20.52
C VAL K 284 33.22 7.70 19.86
N LEU K 285 31.94 7.51 20.26
CA LEU K 285 31.06 6.46 19.75
C LEU K 285 30.00 7.00 18.80
N LEU K 286 29.53 8.22 19.02
CA LEU K 286 28.56 8.87 18.15
C LEU K 286 28.72 10.36 18.23
N SER K 287 28.50 11.09 17.13
CA SER K 287 28.59 12.54 17.10
C SER K 287 27.37 13.14 16.39
N ALA K 288 26.79 14.22 16.99
CA ALA K 288 25.62 14.94 16.49
C ALA K 288 25.91 16.44 16.39
N MET K 289 26.23 16.89 15.19
CA MET K 289 26.59 18.27 14.91
C MET K 289 25.36 19.06 14.58
N GLY K 290 25.33 20.27 15.12
CA GLY K 290 24.27 21.20 14.85
C GLY K 290 22.93 20.83 15.44
N LEU K 291 22.92 20.24 16.65
CA LEU K 291 21.67 19.94 17.37
C LEU K 291 20.97 21.26 17.63
N GLN K 292 19.89 21.55 16.88
CA GLN K 292 19.17 22.79 17.03
C GLN K 292 18.03 22.59 17.99
N LEU K 293 17.82 23.54 18.90
CA LEU K 293 16.74 23.54 19.89
C LEU K 293 16.06 24.88 19.79
N GLY K 294 14.75 24.97 20.03
CA GLY K 294 14.05 26.25 19.93
C GLY K 294 12.68 26.32 20.58
N THR K 295 12.27 27.54 20.93
CA THR K 295 11.03 27.80 21.68
C THR K 295 9.80 28.10 20.80
N GLY K 296 8.70 27.37 21.05
CA GLY K 296 7.43 27.55 20.37
C GLY K 296 6.66 28.77 20.88
N ASN K 297 6.51 28.87 22.23
CA ASN K 297 5.82 29.99 22.90
C ASN K 297 6.83 31.15 23.11
N SER K 298 6.48 32.32 22.57
CA SER K 298 7.31 33.52 22.57
C SER K 298 7.49 34.15 23.97
N ASP K 299 8.29 35.26 24.05
CA ASP K 299 8.50 36.10 25.27
C ASP K 299 7.20 36.80 25.70
N LYS K 300 6.19 36.78 24.80
CA LYS K 300 4.87 37.36 24.97
C LYS K 300 3.92 36.35 25.63
N ALA K 301 4.07 35.04 25.30
CA ALA K 301 3.26 33.96 25.88
C ALA K 301 3.68 33.67 27.33
N GLU K 302 4.91 34.05 27.72
CA GLU K 302 5.42 33.90 29.09
C GLU K 302 4.75 34.93 30.01
N GLU K 303 4.62 36.18 29.50
CA GLU K 303 3.96 37.27 30.22
C GLU K 303 2.51 36.91 30.46
N GLU K 304 1.79 36.53 29.40
CA GLU K 304 0.38 36.11 29.45
C GLU K 304 0.18 35.01 30.49
N ARG K 305 1.10 34.04 30.58
CA ARG K 305 1.02 32.93 31.52
C ARG K 305 1.30 33.40 32.95
N LEU K 306 2.28 34.31 33.15
CA LEU K 306 2.62 34.84 34.48
C LEU K 306 1.47 35.65 35.06
N LEU K 307 0.94 36.56 34.25
CA LEU K 307 -0.21 37.41 34.58
C LEU K 307 -1.38 36.58 35.10
N ASP K 308 -1.62 35.40 34.48
CA ASP K 308 -2.73 34.50 34.86
C ASP K 308 -2.53 33.88 36.26
N GLU K 309 -1.30 33.46 36.57
CA GLU K 309 -0.99 32.86 37.87
C GLU K 309 -1.02 33.88 39.01
N ARG K 310 -0.55 35.13 38.78
CA ARG K 310 -0.46 36.17 39.83
C ARG K 310 -1.84 36.76 40.23
N LEU K 311 -2.83 36.89 39.28
CA LEU K 311 -4.16 37.46 39.56
C LEU K 311 -4.94 36.72 40.58
N LEU K 312 -5.74 37.47 41.34
CA LEU K 312 -6.60 36.94 42.40
C LEU K 312 -7.91 37.73 42.54
N THR K 313 -9.02 36.99 42.75
CA THR K 313 -10.35 37.57 42.91
C THR K 313 -11.08 36.86 44.02
N ILE K 314 -11.98 37.57 44.67
CA ILE K 314 -12.83 36.99 45.71
C ILE K 314 -14.15 36.57 45.07
N GLU K 315 -14.59 35.36 45.33
CA GLU K 315 -15.84 34.83 44.78
C GLU K 315 -16.67 34.28 45.92
N TRP K 316 -17.99 34.43 45.86
CA TRP K 316 -18.88 34.05 46.95
C TRP K 316 -19.66 32.85 46.59
N GLN K 317 -19.69 31.83 47.46
CA GLN K 317 -20.34 30.54 47.21
C GLN K 317 -21.63 30.41 48.01
N GLN K 318 -22.71 29.95 47.35
CA GLN K 318 -23.99 29.64 48.01
C GLN K 318 -23.77 28.42 48.90
N ARG K 319 -23.84 28.57 50.22
CA ARG K 319 -23.58 27.48 51.15
C ARG K 319 -24.78 27.20 52.07
N GLU K 320 -24.76 26.03 52.74
CA GLU K 320 -25.78 25.60 53.71
C GLU K 320 -25.13 25.45 55.09
N LEU K 321 -25.85 25.83 56.15
CA LEU K 321 -25.34 25.84 57.52
C LEU K 321 -25.20 24.43 58.05
N PRO K 322 -23.98 23.94 58.36
CA PRO K 322 -23.85 22.54 58.78
C PRO K 322 -23.71 22.35 60.29
N ARG K 323 -24.27 21.20 60.80
CA ARG K 323 -24.19 20.70 62.19
C ARG K 323 -24.72 21.70 63.25
N PRO K 324 -24.99 21.26 64.50
CA PRO K 324 -24.94 19.89 65.04
C PRO K 324 -26.25 19.14 64.79
N GLY K 333 -24.33 27.75 76.32
CA GLY K 333 -23.28 28.78 76.39
C GLY K 333 -23.83 30.19 76.34
N SER K 334 -23.24 31.12 77.12
CA SER K 334 -23.70 32.52 77.19
C SER K 334 -23.22 33.33 75.98
N TRP K 335 -23.89 34.49 75.73
CA TRP K 335 -23.58 35.38 74.61
C TRP K 335 -23.64 36.83 75.02
N LEU K 336 -23.13 37.72 74.14
CA LEU K 336 -23.11 39.18 74.35
C LEU K 336 -23.29 39.92 73.02
N VAL K 337 -24.45 40.59 72.83
CA VAL K 337 -24.71 41.38 71.64
C VAL K 337 -24.31 42.84 71.96
N ILE K 338 -23.42 43.44 71.16
CA ILE K 338 -22.90 44.78 71.40
C ILE K 338 -23.17 45.64 70.17
N LEU K 339 -23.50 46.93 70.36
CA LEU K 339 -23.82 47.84 69.26
C LEU K 339 -22.66 48.82 68.92
N ALA K 340 -22.79 49.58 67.80
CA ALA K 340 -21.84 50.62 67.40
C ALA K 340 -22.52 52.03 67.26
N GLY K 341 -23.83 52.14 67.48
CA GLY K 341 -24.59 53.39 67.40
C GLY K 341 -25.80 53.32 68.32
N ASP K 342 -25.80 54.13 69.40
CA ASP K 342 -26.84 54.14 70.45
C ASP K 342 -28.04 55.00 70.04
N ASP K 343 -27.80 56.20 69.47
CA ASP K 343 -28.90 57.09 69.05
C ASP K 343 -29.71 56.45 67.88
N ASP K 344 -29.12 55.49 67.13
CA ASP K 344 -29.80 54.72 66.08
C ASP K 344 -30.34 53.43 66.72
N GLU K 345 -31.66 53.17 66.62
CA GLU K 345 -32.27 51.96 67.20
C GLU K 345 -32.24 50.86 66.14
N ASN K 346 -31.35 49.87 66.32
CA ASN K 346 -31.13 48.79 65.34
C ASN K 346 -32.14 47.66 65.48
N PRO K 347 -33.07 47.43 64.52
CA PRO K 347 -33.97 46.28 64.64
C PRO K 347 -33.21 44.95 64.48
N ARG K 348 -32.06 44.96 63.77
CA ARG K 348 -31.21 43.78 63.62
C ARG K 348 -30.66 43.37 64.96
N ALA K 349 -30.18 44.34 65.76
CA ALA K 349 -29.66 44.07 67.10
C ALA K 349 -30.76 43.56 68.03
N ALA K 350 -31.95 44.17 67.96
CA ALA K 350 -33.11 43.77 68.76
C ALA K 350 -33.57 42.36 68.42
N GLY K 351 -33.74 42.09 67.14
CA GLY K 351 -34.15 40.80 66.62
C GLY K 351 -33.15 39.68 66.86
N VAL K 352 -31.85 40.01 66.93
CA VAL K 352 -30.79 39.02 67.18
C VAL K 352 -30.84 38.60 68.65
N VAL K 353 -30.96 39.57 69.58
CA VAL K 353 -31.02 39.27 71.01
C VAL K 353 -32.26 38.42 71.32
N SER K 354 -33.41 38.73 70.67
CA SER K 354 -34.66 37.99 70.89
C SER K 354 -34.55 36.55 70.36
N ALA K 355 -33.88 36.36 69.21
CA ALA K 355 -33.73 35.04 68.60
C ALA K 355 -32.74 34.16 69.39
N LEU K 356 -31.67 34.75 69.99
CA LEU K 356 -30.71 34.00 70.83
C LEU K 356 -31.40 33.53 72.11
N ILE K 357 -32.19 34.40 72.73
CA ILE K 357 -32.94 34.07 73.93
C ILE K 357 -34.03 33.05 73.55
N GLY K 358 -34.58 33.18 72.34
CA GLY K 358 -35.56 32.23 71.81
C GLY K 358 -34.98 30.84 71.58
N ALA K 359 -33.68 30.79 71.19
CA ALA K 359 -32.98 29.54 71.00
C ALA K 359 -32.64 28.87 72.33
N GLY K 360 -32.53 29.68 73.39
CA GLY K 360 -32.26 29.21 74.75
C GLY K 360 -30.87 29.51 75.25
N MET K 361 -30.28 30.65 74.84
CA MET K 361 -28.94 31.08 75.26
C MET K 361 -29.03 32.31 76.13
N PRO K 362 -28.36 32.37 77.30
CA PRO K 362 -28.43 33.59 78.12
C PRO K 362 -27.63 34.71 77.48
N THR K 363 -28.35 35.66 76.86
CA THR K 363 -27.77 36.79 76.14
C THR K 363 -27.81 38.06 76.98
N THR K 364 -26.73 38.86 76.88
CA THR K 364 -26.61 40.16 77.53
C THR K 364 -26.43 41.20 76.42
N THR K 365 -26.70 42.49 76.68
CA THR K 365 -26.56 43.52 75.63
C THR K 365 -25.76 44.72 76.13
N MET K 366 -24.83 45.20 75.29
CA MET K 366 -23.93 46.33 75.54
C MET K 366 -24.27 47.42 74.50
N ALA K 367 -24.05 48.69 74.87
CA ALA K 367 -24.38 49.82 74.00
C ALA K 367 -23.20 50.77 73.86
N TRP K 368 -22.17 50.32 73.16
CA TRP K 368 -21.00 51.16 72.90
C TRP K 368 -21.32 52.02 71.68
N SER K 369 -21.20 53.33 71.82
CA SER K 369 -21.47 54.26 70.74
C SER K 369 -20.35 55.27 70.60
N HIS K 370 -20.32 55.93 69.43
CA HIS K 370 -19.34 56.98 69.18
C HIS K 370 -19.70 58.17 70.06
N ASP K 371 -18.77 59.10 70.28
CA ASP K 371 -18.99 60.28 71.13
C ASP K 371 -19.44 59.84 72.55
N ALA K 372 -18.73 58.85 73.12
CA ALA K 372 -18.98 58.31 74.46
C ALA K 372 -17.65 58.03 75.16
N ASP K 373 -17.61 58.01 76.51
CA ASP K 373 -16.35 57.73 77.25
C ASP K 373 -15.91 56.32 76.91
N HIS K 374 -14.97 56.23 75.95
CA HIS K 374 -14.50 54.96 75.43
C HIS K 374 -13.65 54.20 76.45
N ASP K 375 -12.84 54.90 77.26
CA ASP K 375 -12.03 54.23 78.28
C ASP K 375 -12.92 53.59 79.36
N ALA K 376 -14.05 54.25 79.70
CA ALA K 376 -15.00 53.75 80.69
C ALA K 376 -15.83 52.60 80.12
N GLN K 377 -16.25 52.69 78.84
CA GLN K 377 -17.03 51.64 78.20
C GLN K 377 -16.13 50.41 77.94
N ALA K 378 -14.83 50.64 77.67
CA ALA K 378 -13.84 49.58 77.47
C ALA K 378 -13.64 48.78 78.75
N ALA K 379 -13.66 49.48 79.89
CA ALA K 379 -13.55 48.86 81.22
C ALA K 379 -14.82 48.06 81.56
N ALA K 380 -16.00 48.60 81.17
CA ALA K 380 -17.29 47.95 81.39
C ALA K 380 -17.36 46.65 80.62
N LEU K 381 -16.82 46.62 79.39
CA LEU K 381 -16.78 45.41 78.56
C LEU K 381 -15.87 44.36 79.16
N THR K 382 -14.61 44.73 79.46
CA THR K 382 -13.61 43.83 80.07
C THR K 382 -14.14 43.24 81.39
N ALA K 383 -15.01 43.97 82.10
CA ALA K 383 -15.64 43.48 83.33
C ALA K 383 -16.68 42.38 83.03
N ARG K 384 -17.51 42.56 81.98
CA ARG K 384 -18.53 41.57 81.58
C ARG K 384 -17.91 40.24 81.15
N LEU K 385 -16.72 40.29 80.55
CA LEU K 385 -16.00 39.11 80.08
C LEU K 385 -15.44 38.31 81.24
N ASP K 386 -14.83 39.01 82.22
CA ASP K 386 -14.26 38.38 83.43
C ASP K 386 -15.35 37.91 84.39
N GLU K 387 -16.54 38.53 84.32
CA GLU K 387 -17.70 38.18 85.16
C GLU K 387 -18.27 36.81 84.77
N GLN K 388 -18.61 36.63 83.47
CA GLN K 388 -19.21 35.40 82.95
C GLN K 388 -18.46 34.86 81.75
N PRO K 389 -18.26 33.52 81.66
CA PRO K 389 -17.61 32.97 80.47
C PRO K 389 -18.64 32.85 79.35
N LEU K 390 -18.38 33.48 78.21
CA LEU K 390 -19.32 33.46 77.08
C LEU K 390 -18.67 32.80 75.87
N ALA K 391 -19.52 32.20 75.03
CA ALA K 391 -19.08 31.48 73.84
C ALA K 391 -18.69 32.43 72.74
N GLY K 392 -19.55 33.41 72.47
CA GLY K 392 -19.31 34.38 71.41
C GLY K 392 -19.81 35.78 71.71
N VAL K 393 -19.26 36.75 70.95
CA VAL K 393 -19.59 38.18 71.05
C VAL K 393 -19.99 38.68 69.66
N ALA K 394 -21.25 39.14 69.51
CA ALA K 394 -21.76 39.62 68.23
C ALA K 394 -21.78 41.13 68.17
N VAL K 395 -20.91 41.76 67.36
CA VAL K 395 -20.82 43.20 67.21
C VAL K 395 -21.76 43.65 66.09
N ILE K 396 -22.87 44.33 66.42
CA ILE K 396 -23.84 44.83 65.46
C ILE K 396 -23.44 46.26 65.07
N VAL K 397 -23.10 46.48 63.79
CA VAL K 397 -22.69 47.80 63.34
C VAL K 397 -23.92 48.57 62.84
N GLY K 398 -24.16 49.75 63.39
CA GLY K 398 -25.32 50.58 63.05
C GLY K 398 -25.26 51.25 61.69
N ASP K 399 -26.41 51.30 61.01
CA ASP K 399 -26.55 51.93 59.72
C ASP K 399 -27.24 53.24 59.90
N SER K 400 -26.56 54.28 59.47
CA SER K 400 -27.05 55.64 59.50
C SER K 400 -27.65 55.90 58.11
N GLU K 401 -28.77 55.19 57.87
CA GLU K 401 -29.55 55.11 56.63
C GLU K 401 -29.71 56.45 55.90
N HIS K 407 -28.10 57.43 50.54
CA HIS K 407 -27.54 57.31 49.20
C HIS K 407 -26.22 58.11 49.04
N ASP K 408 -25.95 59.16 49.85
CA ASP K 408 -24.72 59.93 49.69
C ASP K 408 -23.47 59.15 50.14
N VAL K 409 -22.52 58.93 49.21
CA VAL K 409 -21.28 58.22 49.51
C VAL K 409 -20.38 59.10 50.34
N GLY K 410 -20.29 60.39 49.99
CA GLY K 410 -19.49 61.38 50.71
C GLY K 410 -19.61 61.22 52.20
N ALA K 411 -20.86 61.10 52.66
CA ALA K 411 -21.19 60.89 54.06
C ALA K 411 -20.77 59.53 54.54
N ASP K 412 -21.00 58.50 53.72
CA ASP K 412 -20.61 57.13 54.06
C ASP K 412 -19.06 56.98 54.14
N ALA K 413 -18.29 57.82 53.40
CA ALA K 413 -16.81 57.81 53.44
C ALA K 413 -16.32 58.36 54.76
N ARG K 414 -16.94 59.45 55.23
CA ARG K 414 -16.55 60.08 56.50
C ARG K 414 -16.99 59.15 57.64
N ARG K 415 -18.20 58.56 57.54
CA ARG K 415 -18.73 57.62 58.55
C ARG K 415 -17.93 56.36 58.61
N GLY K 416 -17.45 55.93 57.47
CA GLY K 416 -16.67 54.71 57.37
C GLY K 416 -15.35 54.71 58.10
N ALA K 417 -14.83 55.89 58.44
CA ALA K 417 -13.60 56.00 59.20
C ALA K 417 -13.90 55.78 60.63
N ASP K 418 -15.00 56.42 61.10
CA ASP K 418 -15.47 56.38 62.48
C ASP K 418 -15.79 54.94 62.86
N HIS K 419 -16.38 54.14 61.96
CA HIS K 419 -16.67 52.73 62.24
C HIS K 419 -15.40 51.94 62.46
N VAL K 420 -14.37 52.22 61.63
CA VAL K 420 -13.06 51.57 61.65
C VAL K 420 -12.33 51.94 62.96
N ARG K 421 -12.38 53.22 63.43
CA ARG K 421 -11.75 53.60 64.70
C ARG K 421 -12.45 52.93 65.88
N HIS K 422 -13.79 52.80 65.78
CA HIS K 422 -14.62 52.23 66.84
C HIS K 422 -14.48 50.73 66.93
N LEU K 423 -14.38 50.03 65.80
CA LEU K 423 -14.21 48.58 65.84
C LEU K 423 -12.81 48.22 66.36
N VAL K 424 -11.81 49.10 66.18
CA VAL K 424 -10.46 48.89 66.74
C VAL K 424 -10.57 48.98 68.27
N ARG K 425 -11.35 49.95 68.81
CA ARG K 425 -11.56 50.11 70.27
C ARG K 425 -12.18 48.82 70.86
N ILE K 426 -13.21 48.26 70.18
CA ILE K 426 -13.89 47.03 70.61
C ILE K 426 -12.95 45.82 70.48
N ALA K 427 -12.33 45.64 69.32
CA ALA K 427 -11.43 44.51 69.07
C ALA K 427 -10.23 44.46 70.03
N ARG K 428 -9.68 45.64 70.40
CA ARG K 428 -8.53 45.73 71.31
C ARG K 428 -8.86 45.17 72.69
N THR K 429 -10.05 45.48 73.23
CA THR K 429 -10.48 45.02 74.55
C THR K 429 -10.79 43.51 74.58
N LEU K 430 -11.25 42.91 73.45
CA LEU K 430 -11.51 41.47 73.37
C LEU K 430 -10.19 40.69 73.32
N ALA K 431 -9.20 41.23 72.59
CA ALA K 431 -7.85 40.64 72.49
C ALA K 431 -7.18 40.64 73.86
N ASP K 432 -7.32 41.76 74.61
CA ASP K 432 -6.78 41.90 75.98
C ASP K 432 -7.75 41.24 76.97
N ALA K 433 -7.83 39.89 76.89
CA ALA K 433 -8.71 39.07 77.71
C ALA K 433 -7.86 38.16 78.56
N VAL K 434 -8.22 38.03 79.86
CA VAL K 434 -7.48 37.19 80.78
C VAL K 434 -7.74 35.72 80.40
N GLY K 435 -9.01 35.33 80.35
CA GLY K 435 -9.41 33.98 79.97
C GLY K 435 -9.30 33.73 78.47
N GLU K 436 -9.88 32.60 78.00
CA GLU K 436 -9.89 32.25 76.58
C GLU K 436 -10.81 33.21 75.82
N PRO K 437 -10.28 34.02 74.87
CA PRO K 437 -11.15 34.97 74.16
C PRO K 437 -12.35 34.31 73.46
N PRO K 438 -13.54 34.96 73.51
CA PRO K 438 -14.71 34.40 72.83
C PRO K 438 -14.67 34.66 71.34
N ARG K 439 -15.52 33.96 70.56
CA ARG K 439 -15.52 34.15 69.09
C ARG K 439 -16.15 35.48 68.73
N LEU K 440 -15.39 36.31 68.00
CA LEU K 440 -15.87 37.62 67.56
C LEU K 440 -16.65 37.48 66.26
N TYR K 441 -17.88 38.03 66.22
CA TYR K 441 -18.75 38.03 65.05
C TYR K 441 -19.13 39.48 64.73
N VAL K 442 -18.69 40.06 63.61
CA VAL K 442 -19.07 41.43 63.26
C VAL K 442 -20.18 41.38 62.21
N VAL K 443 -21.34 41.99 62.50
CA VAL K 443 -22.51 41.99 61.61
C VAL K 443 -22.63 43.35 60.89
N THR K 444 -22.33 43.35 59.58
CA THR K 444 -22.35 44.53 58.74
C THR K 444 -23.57 44.56 57.80
N HIS K 445 -24.00 45.77 57.40
CA HIS K 445 -25.14 45.99 56.51
C HIS K 445 -24.71 46.24 55.06
N ARG K 446 -24.93 45.24 54.16
CA ARG K 446 -24.60 45.26 52.73
C ARG K 446 -23.20 45.88 52.44
N SER K 447 -22.23 45.59 53.34
CA SER K 447 -20.82 46.03 53.31
C SER K 447 -20.18 45.86 51.94
N GLN K 448 -20.27 44.64 51.37
CA GLN K 448 -19.60 44.32 50.12
C GLN K 448 -20.49 43.60 49.11
N HIS K 449 -19.99 43.57 47.86
CA HIS K 449 -20.64 42.98 46.70
C HIS K 449 -20.44 41.48 46.69
N VAL K 450 -21.58 40.72 46.63
CA VAL K 450 -21.64 39.24 46.57
C VAL K 450 -22.47 38.89 45.34
N LEU K 451 -23.76 39.26 45.32
CA LEU K 451 -24.61 39.01 44.17
C LEU K 451 -24.36 40.09 43.13
N ASP K 452 -24.38 39.74 41.83
CA ASP K 452 -24.14 40.68 40.72
C ASP K 452 -25.11 41.89 40.71
N THR K 453 -26.34 41.69 41.20
CA THR K 453 -27.37 42.73 41.26
C THR K 453 -27.07 43.82 42.30
N ASP K 454 -26.28 43.49 43.34
CA ASP K 454 -25.99 44.38 44.47
C ASP K 454 -25.32 45.72 44.14
N GLU K 455 -25.78 46.76 44.86
CA GLU K 455 -25.23 48.10 44.92
C GLU K 455 -24.73 48.18 46.36
N PRO K 456 -23.41 48.19 46.64
CA PRO K 456 -22.97 48.13 48.03
C PRO K 456 -23.33 49.36 48.87
N TYR K 457 -23.67 49.09 50.13
CA TYR K 457 -23.91 50.11 51.13
C TYR K 457 -22.57 50.29 51.77
N LEU K 458 -21.95 51.46 51.63
CA LEU K 458 -20.61 51.70 52.15
C LEU K 458 -20.67 51.84 53.73
N GLU K 459 -19.81 52.67 54.38
CA GLU K 459 -19.71 52.77 55.85
C GLU K 459 -18.96 51.54 56.39
N HIS K 460 -19.62 50.38 56.29
CA HIS K 460 -19.11 49.10 56.75
C HIS K 460 -18.16 48.48 55.74
N SER K 461 -18.08 49.02 54.53
CA SER K 461 -17.17 48.53 53.50
C SER K 461 -15.72 48.40 54.01
N GLY K 462 -15.23 49.43 54.72
CA GLY K 462 -13.88 49.48 55.26
C GLY K 462 -13.57 48.47 56.34
N LEU K 463 -14.59 47.98 57.05
CA LEU K 463 -14.39 47.03 58.16
C LEU K 463 -13.95 45.62 57.71
N ARG K 464 -14.18 45.20 56.45
CA ARG K 464 -13.80 43.85 56.02
C ARG K 464 -12.27 43.64 55.98
N GLY K 465 -11.49 44.72 55.85
CA GLY K 465 -10.03 44.67 55.86
C GLY K 465 -9.49 44.59 57.26
N LEU K 466 -10.19 45.27 58.20
CA LEU K 466 -9.81 45.28 59.61
C LEU K 466 -10.06 43.90 60.27
N ILE K 467 -11.28 43.33 60.12
CA ILE K 467 -11.61 42.02 60.70
C ILE K 467 -10.66 40.92 60.15
N ARG K 468 -10.17 41.09 58.92
CA ARG K 468 -9.26 40.15 58.29
C ARG K 468 -7.86 40.23 58.97
N VAL K 469 -7.42 41.46 59.32
CA VAL K 469 -6.15 41.72 60.01
C VAL K 469 -6.27 41.30 61.49
N VAL K 470 -7.42 41.58 62.14
CA VAL K 470 -7.66 41.21 63.54
C VAL K 470 -7.63 39.69 63.69
N GLY K 471 -8.22 38.95 62.74
CA GLY K 471 -8.19 37.50 62.73
C GLY K 471 -6.78 36.95 62.60
N MET K 472 -5.91 37.68 61.88
CA MET K 472 -4.50 37.31 61.69
C MET K 472 -3.64 37.68 62.90
N GLU K 473 -3.83 38.90 63.46
CA GLU K 473 -3.08 39.35 64.64
C GLU K 473 -3.50 38.57 65.91
N HIS K 474 -4.81 38.30 66.08
CA HIS K 474 -5.38 37.59 67.24
C HIS K 474 -6.31 36.46 66.77
N PRO K 475 -5.74 35.31 66.39
CA PRO K 475 -6.59 34.21 65.89
C PRO K 475 -7.36 33.48 66.98
N ARG K 476 -7.04 33.67 68.29
CA ARG K 476 -7.77 33.02 69.39
C ARG K 476 -9.26 33.31 69.23
N LEU K 477 -9.60 34.60 69.16
CA LEU K 477 -10.96 35.03 68.85
C LEU K 477 -11.06 34.92 67.32
N ARG K 478 -11.81 33.92 66.82
CA ARG K 478 -11.89 33.73 65.37
C ARG K 478 -12.74 34.83 64.74
N ALA K 479 -12.07 35.88 64.25
CA ALA K 479 -12.74 37.05 63.68
C ALA K 479 -13.58 36.70 62.45
N THR K 480 -14.91 36.62 62.64
CA THR K 480 -15.89 36.29 61.60
C THR K 480 -16.69 37.53 61.21
N GLN K 481 -16.97 37.69 59.92
CA GLN K 481 -17.77 38.79 59.38
C GLN K 481 -19.05 38.23 58.80
N ILE K 482 -20.20 38.88 59.08
CA ILE K 482 -21.50 38.47 58.56
C ILE K 482 -22.11 39.65 57.81
N ASP K 483 -22.03 39.66 56.46
CA ASP K 483 -22.60 40.75 55.66
C ASP K 483 -24.09 40.46 55.38
N VAL K 484 -24.96 41.15 56.11
CA VAL K 484 -26.40 40.97 56.09
C VAL K 484 -27.09 42.03 55.23
N ASP K 485 -28.24 41.68 54.63
CA ASP K 485 -29.08 42.62 53.89
C ASP K 485 -30.34 42.89 54.72
N ASP K 486 -31.21 43.79 54.25
CA ASP K 486 -32.43 44.14 54.98
C ASP K 486 -33.38 42.94 55.07
N SER K 487 -33.63 42.29 53.93
CA SER K 487 -34.52 41.12 53.85
C SER K 487 -33.75 39.81 54.09
N THR K 488 -33.88 39.20 55.28
CA THR K 488 -33.19 37.94 55.58
C THR K 488 -33.75 37.13 56.76
N ALA K 489 -34.25 37.81 57.83
CA ALA K 489 -34.82 37.23 59.05
C ALA K 489 -33.72 36.94 60.06
N HIS K 490 -34.02 37.22 61.34
CA HIS K 490 -33.06 37.06 62.43
C HIS K 490 -32.95 35.59 62.85
N GLU K 491 -34.03 34.79 62.66
CA GLU K 491 -34.06 33.36 63.00
C GLU K 491 -32.97 32.56 62.26
N ALA K 492 -32.68 32.97 61.02
CA ALA K 492 -31.67 32.34 60.18
C ALA K 492 -30.27 32.89 60.47
N LEU K 493 -30.18 34.14 60.92
CA LEU K 493 -28.87 34.73 61.24
C LEU K 493 -28.26 34.10 62.48
N VAL K 494 -29.05 33.98 63.58
CA VAL K 494 -28.56 33.36 64.83
C VAL K 494 -28.22 31.88 64.60
N ARG K 495 -28.88 31.26 63.62
CA ARG K 495 -28.60 29.87 63.22
C ARG K 495 -27.10 29.74 62.90
N GLN K 496 -26.49 30.77 62.26
CA GLN K 496 -25.06 30.82 61.93
C GLN K 496 -24.19 30.96 63.17
N LEU K 497 -24.57 31.89 64.05
CA LEU K 497 -23.85 32.16 65.29
C LEU K 497 -23.72 30.90 66.16
N LEU K 498 -24.81 30.13 66.24
CA LEU K 498 -24.90 28.94 67.07
C LEU K 498 -24.41 27.65 66.35
N SER K 499 -24.37 27.62 64.99
CA SER K 499 -23.86 26.42 64.26
C SER K 499 -22.34 26.26 64.44
N GLY K 500 -21.63 27.38 64.59
CA GLY K 500 -20.19 27.37 64.79
C GLY K 500 -19.39 26.87 63.61
N SER K 501 -19.73 27.35 62.40
CA SER K 501 -18.99 26.96 61.19
C SER K 501 -17.66 27.71 61.18
N PRO K 502 -16.55 27.14 60.66
CA PRO K 502 -15.27 27.87 60.68
C PRO K 502 -15.14 29.01 59.66
N GLU K 503 -16.19 29.33 58.87
CA GLU K 503 -16.15 30.39 57.85
C GLU K 503 -15.94 31.78 58.49
N ASP K 504 -14.91 32.52 58.02
CA ASP K 504 -14.54 33.85 58.54
C ASP K 504 -15.19 34.99 57.74
N GLU K 505 -15.44 34.80 56.44
CA GLU K 505 -16.09 35.81 55.57
C GLU K 505 -17.41 35.19 55.10
N THR K 506 -18.53 35.71 55.61
CA THR K 506 -19.84 35.20 55.27
C THR K 506 -20.79 36.30 54.95
N ALA K 507 -21.87 35.95 54.27
CA ALA K 507 -22.90 36.90 53.87
C ALA K 507 -24.27 36.26 53.83
N TRP K 508 -25.32 37.10 53.82
CA TRP K 508 -26.71 36.66 53.79
C TRP K 508 -27.53 37.50 52.83
N ARG K 509 -28.08 36.86 51.78
CA ARG K 509 -28.92 37.50 50.77
C ARG K 509 -30.22 36.68 50.66
N ASP K 510 -31.31 37.26 51.19
CA ASP K 510 -32.62 36.60 51.33
C ASP K 510 -32.43 35.45 52.33
N GLY K 511 -33.01 34.29 52.09
CA GLY K 511 -32.83 33.16 52.98
C GLY K 511 -31.58 32.35 52.72
N GLN K 512 -30.67 32.79 51.80
CA GLN K 512 -29.47 32.03 51.45
C GLN K 512 -28.22 32.59 52.13
N TRP K 513 -27.37 31.69 52.65
CA TRP K 513 -26.09 31.98 53.31
C TRP K 513 -24.99 31.81 52.29
N TYR K 514 -24.04 32.77 52.24
CA TYR K 514 -22.92 32.71 51.30
C TYR K 514 -21.61 32.84 52.05
N ALA K 515 -20.52 32.45 51.40
CA ALA K 515 -19.18 32.52 51.99
C ALA K 515 -18.14 32.85 50.96
N ALA K 516 -17.10 33.59 51.35
CA ALA K 516 -16.08 34.00 50.40
C ALA K 516 -15.09 32.92 50.14
N ARG K 517 -14.49 32.99 48.95
CA ARG K 517 -13.47 32.07 48.48
C ARG K 517 -12.45 32.81 47.60
N LEU K 518 -11.17 32.77 47.99
CA LEU K 518 -10.07 33.41 47.27
C LEU K 518 -9.67 32.47 46.12
N CYS K 519 -9.56 32.99 44.88
CA CYS K 519 -9.22 32.16 43.71
C CYS K 519 -8.71 33.01 42.56
N PRO K 520 -7.78 32.46 41.76
CA PRO K 520 -7.30 33.20 40.60
C PRO K 520 -8.31 33.05 39.50
N SER K 521 -8.66 34.12 38.82
CA SER K 521 -9.70 34.01 37.80
C SER K 521 -9.39 34.95 36.65
N PRO K 522 -8.33 34.72 35.86
CA PRO K 522 -7.96 35.69 34.80
C PRO K 522 -8.77 35.57 33.48
N LEU K 523 -10.12 35.46 33.57
CA LEU K 523 -11.00 35.22 32.41
C LEU K 523 -11.10 36.43 31.50
N ARG K 524 -11.55 36.16 30.27
CA ARG K 524 -11.73 37.14 29.21
C ARG K 524 -13.06 36.92 28.49
N ALA K 525 -14.01 36.23 29.13
CA ALA K 525 -15.28 35.98 28.47
C ALA K 525 -16.19 37.12 28.84
N ALA K 526 -16.85 37.03 29.99
CA ALA K 526 -17.71 38.11 30.48
C ALA K 526 -16.83 39.23 31.06
N GLU K 527 -15.57 38.87 31.44
CA GLU K 527 -14.60 39.80 32.03
C GLU K 527 -13.87 40.65 30.96
N ARG K 528 -14.45 40.80 29.75
CA ARG K 528 -13.89 41.57 28.66
C ARG K 528 -14.74 42.75 28.43
N ARG K 529 -14.21 43.73 27.74
CA ARG K 529 -14.99 44.94 27.52
C ARG K 529 -16.18 44.77 26.58
N THR K 530 -17.20 45.61 26.78
CA THR K 530 -18.44 45.67 26.00
C THR K 530 -18.72 47.13 25.68
N ALA K 531 -19.48 47.36 24.62
CA ALA K 531 -19.84 48.70 24.19
C ALA K 531 -21.01 48.64 23.24
N VAL K 532 -21.50 49.82 22.84
CA VAL K 532 -22.57 49.96 21.84
C VAL K 532 -22.03 50.88 20.77
N ALA K 533 -22.19 50.53 19.49
CA ALA K 533 -21.65 51.35 18.40
C ALA K 533 -22.64 51.57 17.30
N ASP K 534 -22.49 52.69 16.57
CA ASP K 534 -23.33 53.05 15.43
C ASP K 534 -23.07 52.11 14.29
N ASN K 535 -24.04 51.95 13.39
CA ASN K 535 -23.92 51.04 12.26
C ASN K 535 -23.38 51.78 11.00
N ALA K 536 -23.63 53.10 10.89
CA ALA K 536 -23.15 53.92 9.77
C ALA K 536 -21.71 54.39 10.00
N SER K 537 -21.40 54.72 11.25
CA SER K 537 -20.09 55.16 11.70
C SER K 537 -19.55 54.10 12.64
N GLU K 538 -18.29 54.20 13.09
CA GLU K 538 -17.66 53.27 14.06
C GLU K 538 -17.53 51.83 13.54
N GLY K 539 -16.33 51.26 13.67
CA GLY K 539 -16.06 49.90 13.22
C GLY K 539 -16.89 48.85 13.94
N MET K 540 -17.40 47.85 13.18
CA MET K 540 -18.26 46.78 13.69
C MET K 540 -18.09 45.54 12.84
N ARG K 541 -17.32 44.54 13.32
CA ARG K 541 -17.02 43.30 12.61
C ARG K 541 -17.63 42.09 13.29
N LEU K 542 -17.77 40.97 12.59
CA LEU K 542 -18.33 39.73 13.14
C LEU K 542 -17.26 38.62 13.13
N VAL K 543 -17.18 37.80 14.20
CA VAL K 543 -16.18 36.75 14.31
C VAL K 543 -16.54 35.64 15.34
N VAL K 544 -16.02 34.37 15.17
CA VAL K 544 -16.26 33.27 16.13
C VAL K 544 -15.14 33.23 17.17
N ARG K 545 -15.48 33.31 18.47
CA ARG K 545 -14.48 33.35 19.53
C ARG K 545 -13.61 32.12 19.50
N ASN K 546 -14.24 30.96 19.60
CA ASN K 546 -13.57 29.67 19.57
C ASN K 546 -14.33 28.81 18.55
N PRO K 547 -13.78 28.61 17.34
CA PRO K 547 -14.51 27.84 16.32
C PRO K 547 -14.97 26.48 16.81
N GLY K 548 -16.01 25.99 16.14
CA GLY K 548 -16.74 24.79 16.47
C GLY K 548 -18.08 25.21 17.05
N ASP K 549 -17.99 26.15 18.00
CA ASP K 549 -19.14 26.73 18.66
C ASP K 549 -19.67 27.87 17.77
N LEU K 550 -20.95 27.80 17.40
CA LEU K 550 -21.63 28.85 16.63
C LEU K 550 -22.25 29.86 17.58
N GLU K 551 -22.61 29.43 18.81
CA GLU K 551 -23.12 30.36 19.82
C GLU K 551 -21.94 31.25 20.31
N SER K 552 -20.65 30.92 19.93
CA SER K 552 -19.46 31.74 20.22
C SER K 552 -19.26 32.86 19.18
N MET K 553 -20.14 32.95 18.16
CA MET K 553 -20.11 34.02 17.17
C MET K 553 -20.42 35.28 17.88
N GLU K 554 -19.59 36.32 17.73
CA GLU K 554 -19.78 37.58 18.44
C GLU K 554 -19.40 38.74 17.58
N LEU K 555 -20.08 39.85 17.83
CA LEU K 555 -19.84 41.10 17.13
C LEU K 555 -18.72 41.80 17.86
N VAL K 556 -17.62 42.03 17.19
CA VAL K 556 -16.44 42.65 17.77
C VAL K 556 -16.24 44.00 17.15
N THR K 557 -15.66 44.91 17.91
CA THR K 557 -15.40 46.25 17.38
C THR K 557 -13.95 46.36 17.04
N PHE K 558 -13.67 47.33 16.16
CA PHE K 558 -12.33 47.63 15.67
C PHE K 558 -12.22 49.13 15.33
N GLU K 559 -11.01 49.68 15.41
CA GLU K 559 -10.75 51.07 15.07
C GLU K 559 -10.54 51.17 13.58
N ARG K 560 -11.50 51.75 12.84
CA ARG K 560 -11.36 51.89 11.38
C ARG K 560 -10.39 53.02 11.09
N GLY K 561 -9.17 52.63 10.71
CA GLY K 561 -8.08 53.57 10.45
C GLY K 561 -8.00 53.99 9.01
N THR K 562 -7.16 55.02 8.76
CA THR K 562 -6.95 55.54 7.42
C THR K 562 -6.27 54.48 6.55
N PRO K 563 -6.78 54.22 5.33
CA PRO K 563 -6.13 53.21 4.49
C PRO K 563 -4.87 53.79 3.85
N GLY K 564 -4.09 52.91 3.27
CA GLY K 564 -2.88 53.26 2.54
C GLY K 564 -1.65 52.59 3.12
N PRO K 565 -0.58 52.47 2.31
CA PRO K 565 -0.45 52.89 0.92
C PRO K 565 -0.95 51.81 -0.04
N GLY K 566 -1.68 52.24 -1.06
CA GLY K 566 -2.24 51.32 -2.05
C GLY K 566 -3.38 50.46 -1.55
N GLN K 567 -4.20 51.02 -0.65
CA GLN K 567 -5.35 50.33 -0.07
C GLN K 567 -6.56 51.26 -0.07
N ILE K 568 -7.75 50.69 0.09
CA ILE K 568 -9.02 51.41 0.07
C ILE K 568 -9.93 50.95 1.17
N GLU K 569 -10.60 51.89 1.85
CA GLU K 569 -11.62 51.56 2.84
C GLU K 569 -12.97 51.57 2.11
N VAL K 570 -13.77 50.51 2.28
CA VAL K 570 -15.06 50.37 1.60
C VAL K 570 -16.17 50.26 2.62
N ALA K 571 -17.30 50.95 2.37
CA ALA K 571 -18.49 50.88 3.21
C ALA K 571 -19.34 49.77 2.67
N VAL K 572 -19.26 48.59 3.30
CA VAL K 572 -19.93 47.39 2.83
C VAL K 572 -21.43 47.50 3.04
N LYS K 573 -22.17 47.20 1.95
CA LYS K 573 -23.62 47.20 1.91
C LYS K 573 -24.12 45.74 2.00
N ALA K 574 -23.27 44.77 1.58
CA ALA K 574 -23.62 43.36 1.65
C ALA K 574 -22.44 42.46 1.30
N SER K 575 -22.22 41.41 2.10
CA SER K 575 -21.19 40.39 1.87
C SER K 575 -21.91 39.07 1.56
N SER K 576 -21.17 37.98 1.41
CA SER K 576 -21.77 36.69 1.08
C SER K 576 -21.19 35.60 1.96
N ILE K 577 -22.02 34.57 2.16
CA ILE K 577 -21.70 33.37 2.91
C ILE K 577 -21.35 32.28 1.93
N ASN K 578 -20.05 31.95 1.85
CA ASN K 578 -19.51 30.85 1.03
C ASN K 578 -19.41 29.65 1.96
N PHE K 579 -19.33 28.44 1.43
CA PHE K 579 -19.21 27.28 2.30
C PHE K 579 -17.86 27.33 3.04
N ALA K 580 -16.82 27.92 2.44
CA ALA K 580 -15.55 28.10 3.13
C ALA K 580 -15.74 28.77 4.53
N ASP K 581 -16.69 29.74 4.65
CA ASP K 581 -16.99 30.47 5.89
C ASP K 581 -17.74 29.59 6.90
N VAL K 582 -18.34 28.48 6.44
CA VAL K 582 -18.97 27.50 7.32
C VAL K 582 -17.85 26.71 7.99
N LEU K 583 -16.85 26.34 7.19
CA LEU K 583 -15.74 25.58 7.73
C LEU K 583 -14.94 26.39 8.72
N VAL K 584 -14.81 27.70 8.47
CA VAL K 584 -14.11 28.59 9.39
C VAL K 584 -14.86 28.59 10.71
N ALA K 585 -16.20 28.71 10.67
CA ALA K 585 -17.03 28.73 11.87
C ALA K 585 -16.89 27.44 12.67
N PHE K 586 -16.76 26.29 12.01
CA PHE K 586 -16.59 25.01 12.70
C PHE K 586 -15.12 24.66 12.97
N GLY K 587 -14.18 25.45 12.46
CA GLY K 587 -12.75 25.22 12.63
C GLY K 587 -12.18 24.14 11.75
N ARG K 588 -12.96 23.69 10.75
CA ARG K 588 -12.57 22.64 9.82
C ARG K 588 -11.93 23.23 8.53
N CYS K 589 -11.63 24.54 8.48
CA CYS K 589 -11.10 25.14 7.25
C CYS K 589 -9.60 24.94 7.11
N PRO K 590 -9.14 24.36 5.97
CA PRO K 590 -7.69 24.24 5.73
C PRO K 590 -7.13 25.46 5.02
N SER K 591 -5.92 25.87 5.42
CA SER K 591 -5.26 27.02 4.83
C SER K 591 -3.76 26.79 4.67
N PHE K 592 -3.21 27.30 3.56
CA PHE K 592 -1.78 27.20 3.22
C PHE K 592 -0.98 28.03 4.19
N ASP K 593 -1.52 29.18 4.56
CA ASP K 593 -0.93 30.10 5.54
C ASP K 593 -0.78 29.40 6.89
N GLY K 594 -1.78 28.63 7.27
CA GLY K 594 -1.86 27.93 8.54
C GLY K 594 -2.84 28.61 9.46
N ARG K 595 -2.91 29.95 9.36
CA ARG K 595 -3.82 30.79 10.16
C ARG K 595 -5.24 30.61 9.64
N LEU K 596 -6.21 30.49 10.56
CA LEU K 596 -7.61 30.30 10.16
C LEU K 596 -8.14 31.62 9.65
N PRO K 597 -8.69 31.64 8.42
CA PRO K 597 -9.15 32.92 7.85
C PRO K 597 -10.29 33.54 8.62
N GLU K 598 -10.57 34.78 8.28
CA GLU K 598 -11.61 35.56 8.93
C GLU K 598 -12.91 35.41 8.11
N LEU K 599 -14.07 35.43 8.80
CA LEU K 599 -15.40 35.25 8.20
C LEU K 599 -15.74 36.34 7.20
N GLY K 600 -16.04 35.93 5.97
CA GLY K 600 -16.41 36.82 4.87
C GLY K 600 -15.24 37.03 3.94
N SER K 601 -15.34 36.50 2.72
CA SER K 601 -14.25 36.62 1.75
C SER K 601 -14.52 37.76 0.78
N GLU K 602 -15.72 37.77 0.18
CA GLU K 602 -16.13 38.76 -0.82
C GLU K 602 -17.07 39.79 -0.22
N PHE K 603 -17.22 40.94 -0.90
CA PHE K 603 -18.06 42.05 -0.45
C PHE K 603 -18.62 42.84 -1.63
N GLY K 604 -19.53 43.75 -1.30
CA GLY K 604 -20.13 44.68 -2.24
C GLY K 604 -20.45 45.96 -1.50
N GLY K 605 -19.79 47.05 -1.87
CA GLY K 605 -19.99 48.31 -1.17
C GLY K 605 -19.66 49.55 -1.97
N VAL K 606 -19.31 50.63 -1.25
CA VAL K 606 -18.97 51.92 -1.84
C VAL K 606 -17.69 52.41 -1.21
N VAL K 607 -16.80 53.02 -1.99
CA VAL K 607 -15.52 53.47 -1.45
C VAL K 607 -15.72 54.63 -0.48
N THR K 608 -15.12 54.51 0.72
CA THR K 608 -15.16 55.51 1.78
C THR K 608 -13.97 56.41 1.65
N ALA K 609 -12.78 55.82 1.64
CA ALA K 609 -11.53 56.54 1.54
C ALA K 609 -10.53 55.76 0.73
N VAL K 610 -9.68 56.48 0.00
CA VAL K 610 -8.64 55.89 -0.83
C VAL K 610 -7.30 56.24 -0.20
N GLY K 611 -6.48 55.22 0.02
CA GLY K 611 -5.18 55.37 0.64
C GLY K 611 -4.13 55.94 -0.31
N PRO K 612 -3.19 56.75 0.20
CA PRO K 612 -2.17 57.34 -0.69
C PRO K 612 -1.22 56.29 -1.27
N GLY K 613 -1.15 56.10 -2.59
CA GLY K 613 -1.91 56.83 -3.60
C GLY K 613 -2.25 55.91 -4.75
N VAL K 614 -3.53 55.87 -5.15
CA VAL K 614 -3.98 55.04 -6.26
C VAL K 614 -4.91 55.84 -7.17
N THR K 615 -4.56 55.83 -8.46
CA THR K 615 -5.28 56.52 -9.53
C THR K 615 -6.52 55.73 -9.95
N THR K 616 -6.46 54.40 -9.78
CA THR K 616 -7.50 53.46 -10.20
C THR K 616 -8.87 53.74 -9.54
N HIS K 617 -8.94 53.70 -8.21
CA HIS K 617 -10.20 53.92 -7.51
C HIS K 617 -10.39 55.37 -7.10
N ARG K 618 -11.65 55.73 -6.93
CA ARG K 618 -12.11 57.05 -6.53
C ARG K 618 -13.12 56.89 -5.39
N VAL K 619 -13.23 57.88 -4.50
CA VAL K 619 -14.17 57.82 -3.38
C VAL K 619 -15.59 57.96 -3.91
N GLY K 620 -16.50 57.17 -3.36
CA GLY K 620 -17.89 57.14 -3.80
C GLY K 620 -18.15 56.15 -4.91
N ASP K 621 -17.11 55.46 -5.41
CA ASP K 621 -17.29 54.44 -6.44
C ASP K 621 -17.99 53.23 -5.88
N ARG K 622 -19.02 52.73 -6.56
CA ARG K 622 -19.70 51.49 -6.16
C ARG K 622 -18.78 50.34 -6.58
N VAL K 623 -18.20 49.61 -5.62
CA VAL K 623 -17.23 48.55 -5.92
C VAL K 623 -17.62 47.22 -5.30
N GLY K 624 -16.98 46.19 -5.80
CA GLY K 624 -17.08 44.82 -5.33
C GLY K 624 -15.69 44.25 -5.31
N GLY K 625 -15.42 43.38 -4.35
CA GLY K 625 -14.08 42.82 -4.24
C GLY K 625 -13.93 41.70 -3.23
N VAL K 626 -12.67 41.37 -2.94
CA VAL K 626 -12.28 40.35 -2.00
C VAL K 626 -11.30 40.99 -1.03
N SER K 627 -11.16 40.46 0.18
CA SER K 627 -10.23 41.07 1.13
C SER K 627 -9.68 40.19 2.23
N ALA K 628 -10.49 39.28 2.81
CA ALA K 628 -10.16 38.56 4.04
C ALA K 628 -10.36 39.62 5.11
N ASN K 629 -9.61 39.61 6.24
CA ASN K 629 -9.75 40.68 7.25
C ASN K 629 -11.22 40.91 7.72
N GLY K 630 -12.11 39.95 7.46
CA GLY K 630 -13.51 40.03 7.83
C GLY K 630 -14.34 40.96 6.97
N CYS K 631 -15.06 40.39 5.99
CA CYS K 631 -15.95 41.17 5.14
C CYS K 631 -17.36 41.25 5.72
N TRP K 632 -17.61 40.60 6.89
CA TRP K 632 -18.87 40.68 7.60
C TRP K 632 -18.75 41.83 8.54
N SER K 633 -18.75 43.04 7.96
CA SER K 633 -18.57 44.28 8.70
C SER K 633 -19.02 45.46 7.89
N ASN K 634 -19.24 46.58 8.57
CA ASN K 634 -19.68 47.83 7.93
C ASN K 634 -18.55 48.45 7.10
N PHE K 635 -17.31 48.36 7.58
CA PHE K 635 -16.16 48.92 6.87
C PHE K 635 -15.09 47.88 6.68
N VAL K 636 -14.49 47.83 5.48
CA VAL K 636 -13.44 46.88 5.13
C VAL K 636 -12.33 47.57 4.43
N THR K 637 -11.09 47.37 4.86
CA THR K 637 -9.92 47.92 4.19
C THR K 637 -9.35 46.79 3.34
N CYS K 638 -9.25 47.00 2.02
CA CYS K 638 -8.71 46.00 1.08
C CYS K 638 -7.77 46.70 0.09
N GLU K 639 -6.91 45.92 -0.56
CA GLU K 639 -5.97 46.47 -1.53
C GLU K 639 -6.70 46.96 -2.79
N ALA K 640 -6.05 47.87 -3.53
CA ALA K 640 -6.60 48.39 -4.79
C ALA K 640 -6.68 47.29 -5.84
N ASP K 641 -5.81 46.27 -5.72
CA ASP K 641 -5.83 45.11 -6.60
C ASP K 641 -7.07 44.31 -6.41
N LEU K 642 -7.64 44.27 -5.21
CA LEU K 642 -8.78 43.39 -4.98
C LEU K 642 -10.15 44.05 -5.08
N ALA K 643 -10.26 45.23 -5.66
CA ALA K 643 -11.56 45.82 -5.84
C ALA K 643 -11.70 46.34 -7.26
N THR K 644 -12.90 46.27 -7.80
CA THR K 644 -13.19 46.73 -9.16
C THR K 644 -14.56 47.41 -9.14
N LYS K 645 -14.72 48.48 -9.92
CA LYS K 645 -15.98 49.22 -9.96
C LYS K 645 -17.04 48.35 -10.61
N LEU K 646 -18.27 48.40 -10.08
CA LEU K 646 -19.35 47.59 -10.59
C LEU K 646 -20.02 48.27 -11.79
N PRO K 647 -20.46 47.51 -12.81
CA PRO K 647 -21.19 48.14 -13.92
C PRO K 647 -22.61 48.55 -13.51
N GLU K 648 -23.33 49.30 -14.36
CA GLU K 648 -24.68 49.77 -14.03
C GLU K 648 -25.69 48.61 -13.80
N GLY K 649 -25.52 47.50 -14.51
CA GLY K 649 -26.43 46.36 -14.45
C GLY K 649 -26.58 45.59 -13.15
N ILE K 650 -25.60 45.71 -12.20
CA ILE K 650 -25.67 45.00 -10.91
C ILE K 650 -25.47 45.88 -9.69
N SER K 651 -26.19 45.52 -8.63
CA SER K 651 -26.15 46.18 -7.33
C SER K 651 -25.00 45.64 -6.51
N GLU K 652 -24.75 46.28 -5.36
CA GLU K 652 -23.75 45.82 -4.38
C GLU K 652 -24.15 44.43 -3.85
N HIS K 653 -25.46 44.20 -3.64
CA HIS K 653 -26.02 42.93 -3.18
C HIS K 653 -25.88 41.82 -4.23
N GLU K 654 -26.12 42.14 -5.52
CA GLU K 654 -26.00 41.16 -6.62
C GLU K 654 -24.54 40.75 -6.76
N ALA K 655 -23.63 41.73 -6.81
CA ALA K 655 -22.18 41.49 -6.92
C ALA K 655 -21.58 40.72 -5.73
N ALA K 656 -22.21 40.81 -4.56
CA ALA K 656 -21.74 40.10 -3.38
C ALA K 656 -21.98 38.62 -3.53
N ALA K 657 -23.16 38.24 -4.02
CA ALA K 657 -23.48 36.83 -4.19
C ALA K 657 -22.65 36.16 -5.31
N VAL K 658 -22.58 36.82 -6.47
CA VAL K 658 -21.94 36.33 -7.68
C VAL K 658 -20.43 36.04 -7.51
N GLY K 659 -19.67 37.11 -7.26
CA GLY K 659 -18.21 37.14 -7.16
C GLY K 659 -17.42 35.85 -7.22
N LEU K 660 -17.34 35.14 -6.08
CA LEU K 660 -16.52 33.93 -5.93
C LEU K 660 -17.14 32.72 -6.60
N ALA K 661 -18.45 32.48 -6.39
CA ALA K 661 -19.12 31.34 -7.01
C ALA K 661 -18.89 31.32 -8.51
N TYR K 662 -19.23 32.42 -9.18
CA TYR K 662 -19.07 32.54 -10.61
C TYR K 662 -17.60 32.68 -10.99
N GLY K 663 -16.81 33.35 -10.17
CA GLY K 663 -15.38 33.49 -10.44
C GLY K 663 -14.69 32.15 -10.51
N THR K 664 -14.87 31.34 -9.45
CA THR K 664 -14.29 29.98 -9.36
C THR K 664 -14.69 29.15 -10.57
N VAL K 665 -15.97 29.18 -10.92
CA VAL K 665 -16.53 28.48 -12.07
C VAL K 665 -15.91 28.99 -13.39
N TRP K 666 -15.85 30.32 -13.54
CA TRP K 666 -15.32 30.94 -14.74
C TRP K 666 -13.90 30.48 -14.95
N LEU K 667 -13.08 30.65 -13.92
CA LEU K 667 -11.70 30.22 -13.94
C LEU K 667 -11.63 28.74 -14.30
N GLY K 668 -12.30 27.92 -13.51
CA GLY K 668 -12.28 26.47 -13.67
C GLY K 668 -12.77 25.91 -14.99
N LEU K 669 -13.94 26.35 -15.46
CA LEU K 669 -14.54 25.78 -16.67
C LEU K 669 -14.10 26.50 -17.93
N THR K 670 -14.42 27.79 -18.08
CA THR K 670 -14.13 28.49 -19.32
C THR K 670 -12.64 28.83 -19.49
N GLU K 671 -11.87 28.95 -18.40
CA GLU K 671 -10.48 29.38 -18.49
C GLU K 671 -9.48 28.22 -18.44
N LEU K 672 -9.58 27.35 -17.44
CA LEU K 672 -8.64 26.24 -17.27
C LEU K 672 -9.03 25.03 -18.11
N ALA K 673 -10.27 24.56 -17.92
CA ALA K 673 -10.77 23.39 -18.63
C ALA K 673 -11.21 23.73 -20.04
N ARG K 674 -11.30 25.05 -20.41
CA ARG K 674 -11.74 25.50 -21.72
C ARG K 674 -12.96 24.69 -22.14
N MET K 675 -14.05 24.92 -21.43
CA MET K 675 -15.29 24.20 -21.67
C MET K 675 -15.83 24.55 -23.02
N SER K 676 -15.76 23.58 -23.92
CA SER K 676 -16.26 23.72 -25.27
C SER K 676 -17.74 23.40 -25.29
N ALA K 677 -18.38 23.59 -26.42
CA ALA K 677 -19.78 23.25 -26.55
C ALA K 677 -19.90 21.77 -26.83
N GLY K 678 -20.98 21.19 -26.33
CA GLY K 678 -21.27 19.77 -26.53
C GLY K 678 -20.65 18.81 -25.54
N ASP K 679 -19.42 19.10 -25.06
CA ASP K 679 -18.75 18.19 -24.13
C ASP K 679 -19.55 18.07 -22.80
N LYS K 680 -19.46 16.87 -22.19
CA LYS K 680 -20.22 16.50 -21.01
C LYS K 680 -19.52 16.96 -19.76
N ILE K 681 -20.25 17.54 -18.82
CA ILE K 681 -19.69 18.07 -17.57
C ILE K 681 -20.41 17.48 -16.37
N LEU K 682 -19.65 17.11 -15.34
CA LEU K 682 -20.20 16.60 -14.09
C LEU K 682 -20.10 17.67 -13.01
N ILE K 683 -21.24 18.21 -12.55
CA ILE K 683 -21.29 19.25 -11.55
C ILE K 683 -21.73 18.66 -10.19
N HIS K 684 -20.78 18.49 -9.26
CA HIS K 684 -21.14 17.95 -7.96
C HIS K 684 -21.82 19.02 -7.08
N SER K 685 -22.89 18.61 -6.33
CA SER K 685 -23.68 19.48 -5.40
C SER K 685 -24.14 20.74 -6.12
N ALA K 686 -24.86 20.51 -7.24
CA ALA K 686 -25.30 21.54 -8.18
C ALA K 686 -26.37 22.50 -7.65
N THR K 687 -26.99 22.24 -6.48
CA THR K 687 -28.00 23.12 -5.89
C THR K 687 -27.38 24.32 -5.13
N GLY K 688 -26.09 24.23 -4.81
CA GLY K 688 -25.35 25.28 -4.14
C GLY K 688 -24.96 26.47 -5.00
N GLY K 689 -24.21 27.40 -4.42
CA GLY K 689 -23.78 28.62 -5.09
C GLY K 689 -22.92 28.41 -6.31
N VAL K 690 -21.84 27.65 -6.14
CA VAL K 690 -20.89 27.32 -7.22
C VAL K 690 -21.57 26.36 -8.21
N GLY K 691 -22.46 25.51 -7.69
CA GLY K 691 -23.22 24.57 -8.50
C GLY K 691 -24.16 25.27 -9.47
N GLN K 692 -24.93 26.24 -8.97
CA GLN K 692 -25.85 27.02 -9.78
C GLN K 692 -25.06 27.86 -10.78
N ALA K 693 -23.91 28.39 -10.37
CA ALA K 693 -23.04 29.15 -11.28
C ALA K 693 -22.50 28.26 -12.39
N ALA K 694 -22.12 27.02 -12.05
CA ALA K 694 -21.58 26.04 -13.00
C ALA K 694 -22.61 25.70 -14.05
N ILE K 695 -23.86 25.48 -13.61
CA ILE K 695 -24.97 25.18 -14.52
C ILE K 695 -25.10 26.33 -15.51
N ALA K 696 -25.15 27.56 -14.99
CA ALA K 696 -25.30 28.77 -15.80
C ALA K 696 -24.32 28.83 -16.97
N VAL K 697 -23.01 28.67 -16.69
CA VAL K 697 -21.97 28.77 -17.73
C VAL K 697 -21.94 27.48 -18.58
N ALA K 698 -22.33 26.33 -18.00
CA ALA K 698 -22.40 25.07 -18.76
C ALA K 698 -23.54 25.14 -19.77
N ARG K 699 -24.67 25.74 -19.35
CA ARG K 699 -25.82 25.96 -20.23
C ARG K 699 -25.44 26.97 -21.30
N ALA K 700 -24.72 28.04 -20.89
CA ALA K 700 -24.25 29.08 -21.81
C ALA K 700 -23.30 28.51 -22.84
N ALA K 701 -22.34 27.68 -22.39
CA ALA K 701 -21.36 27.03 -23.27
C ALA K 701 -21.99 25.96 -24.18
N GLY K 702 -23.13 25.43 -23.77
CA GLY K 702 -23.84 24.40 -24.52
C GLY K 702 -23.35 23.01 -24.17
N ALA K 703 -22.95 22.81 -22.91
CA ALA K 703 -22.43 21.54 -22.41
C ALA K 703 -23.56 20.68 -21.86
N GLU K 704 -23.42 19.35 -21.97
CA GLU K 704 -24.41 18.39 -21.46
C GLU K 704 -24.17 18.21 -19.97
N ILE K 705 -25.10 18.65 -19.10
CA ILE K 705 -24.90 18.60 -17.65
C ILE K 705 -25.34 17.25 -17.06
N TYR K 706 -24.51 16.78 -16.13
CA TYR K 706 -24.67 15.60 -15.29
C TYR K 706 -24.46 16.13 -13.88
N ALA K 707 -25.48 16.17 -13.03
CA ALA K 707 -25.32 16.78 -11.71
C ALA K 707 -25.56 15.81 -10.57
N THR K 708 -25.11 16.19 -9.36
CA THR K 708 -25.30 15.37 -8.17
C THR K 708 -25.77 16.26 -7.03
N ALA K 709 -26.43 15.64 -6.03
CA ALA K 709 -26.93 16.33 -4.84
C ALA K 709 -27.22 15.32 -3.74
N GLY K 710 -27.15 15.78 -2.50
CA GLY K 710 -27.30 14.93 -1.33
C GLY K 710 -28.70 14.46 -1.04
N SER K 711 -29.60 15.41 -0.83
CA SER K 711 -31.00 15.13 -0.52
C SER K 711 -31.80 14.72 -1.73
N GLU K 712 -32.94 14.04 -1.50
CA GLU K 712 -33.83 13.66 -2.59
C GLU K 712 -34.56 14.91 -3.07
N LYS K 713 -34.99 15.75 -2.12
CA LYS K 713 -35.62 17.05 -2.42
C LYS K 713 -34.70 17.89 -3.30
N ARG K 714 -33.41 17.89 -2.97
CA ARG K 714 -32.40 18.65 -3.70
C ARG K 714 -32.17 18.05 -5.07
N ARG K 715 -32.18 16.72 -5.19
CA ARG K 715 -32.02 16.05 -6.47
C ARG K 715 -33.23 16.35 -7.35
N GLN K 716 -34.48 16.19 -6.85
CA GLN K 716 -35.65 16.49 -7.71
C GLN K 716 -35.65 17.98 -8.12
N LEU K 717 -35.11 18.91 -7.31
CA LEU K 717 -35.05 20.29 -7.78
C LEU K 717 -34.28 20.36 -9.10
N LEU K 718 -33.15 19.66 -9.19
CA LEU K 718 -32.34 19.64 -10.41
C LEU K 718 -33.14 19.04 -11.55
N ARG K 719 -33.86 17.95 -11.28
CA ARG K 719 -34.70 17.31 -12.29
C ARG K 719 -35.78 18.29 -12.78
N ASP K 720 -36.32 19.14 -11.86
CA ASP K 720 -37.33 20.15 -12.17
C ASP K 720 -36.72 21.33 -12.92
N TRP K 721 -35.45 21.71 -12.58
CA TRP K 721 -34.73 22.77 -13.29
C TRP K 721 -34.48 22.43 -14.76
N GLY K 722 -34.75 21.19 -15.16
CA GLY K 722 -34.63 20.74 -16.52
C GLY K 722 -33.32 20.04 -16.81
N ILE K 723 -32.72 19.42 -15.78
CA ILE K 723 -31.48 18.72 -15.96
C ILE K 723 -31.79 17.22 -15.78
N GLU K 724 -31.73 16.47 -16.88
CA GLU K 724 -31.85 15.01 -16.88
C GLU K 724 -30.46 14.54 -16.51
N HIS K 725 -30.32 13.41 -15.81
CA HIS K 725 -29.03 12.84 -15.37
C HIS K 725 -28.60 13.47 -14.01
N VAL K 726 -29.40 13.17 -12.97
CA VAL K 726 -29.16 13.61 -11.59
C VAL K 726 -28.84 12.35 -10.76
N TYR K 727 -27.79 12.44 -9.91
CA TYR K 727 -27.35 11.30 -9.08
C TYR K 727 -27.05 11.73 -7.63
N ASP K 728 -26.65 10.78 -6.75
CA ASP K 728 -26.36 11.11 -5.34
C ASP K 728 -24.89 11.47 -5.24
N SER K 729 -24.62 12.62 -4.59
CA SER K 729 -23.27 13.16 -4.36
C SER K 729 -22.57 12.45 -3.18
N ARG K 730 -23.35 11.85 -2.26
CA ARG K 730 -22.82 11.18 -1.08
C ARG K 730 -22.28 9.76 -1.33
N THR K 731 -22.45 9.20 -2.55
CA THR K 731 -21.98 7.86 -2.89
C THR K 731 -21.10 7.90 -4.12
N THR K 732 -20.51 6.74 -4.47
CA THR K 732 -19.71 6.55 -5.69
C THR K 732 -20.57 5.88 -6.78
N ALA K 733 -21.89 6.05 -6.69
CA ALA K 733 -22.84 5.47 -7.63
C ALA K 733 -22.74 6.18 -8.93
N PHE K 734 -22.87 7.52 -8.87
CA PHE K 734 -22.82 8.41 -10.03
C PHE K 734 -21.84 7.92 -11.10
N ALA K 735 -20.65 7.43 -10.71
CA ALA K 735 -19.62 6.97 -11.65
C ALA K 735 -20.15 5.91 -12.59
N ASP K 736 -20.54 4.76 -12.06
CA ASP K 736 -21.04 3.67 -12.91
C ASP K 736 -22.39 4.04 -13.54
N GLN K 737 -23.21 4.83 -12.86
CA GLN K 737 -24.51 5.27 -13.40
C GLN K 737 -24.33 6.19 -14.61
N ILE K 738 -23.35 7.11 -14.56
CA ILE K 738 -23.05 8.01 -15.67
C ILE K 738 -22.40 7.20 -16.78
N ARG K 739 -21.53 6.25 -16.44
CA ARG K 739 -20.91 5.39 -17.45
C ARG K 739 -22.04 4.67 -18.23
N THR K 740 -23.09 4.22 -17.54
CA THR K 740 -24.24 3.56 -18.16
C THR K 740 -25.08 4.57 -18.97
N ASP K 741 -25.33 5.75 -18.41
CA ASP K 741 -26.14 6.80 -19.06
C ASP K 741 -25.37 7.54 -20.22
N THR K 742 -24.08 7.21 -20.46
CA THR K 742 -23.30 7.78 -21.56
C THR K 742 -22.77 6.66 -22.49
N ASP K 743 -23.27 5.42 -22.32
CA ASP K 743 -22.86 4.25 -23.10
C ASP K 743 -21.33 4.06 -23.02
N GLY K 744 -20.84 4.06 -21.79
CA GLY K 744 -19.44 3.85 -21.47
C GLY K 744 -18.49 4.99 -21.72
N TYR K 745 -18.96 6.14 -22.23
CA TYR K 745 -18.07 7.26 -22.52
C TYR K 745 -17.57 7.97 -21.28
N GLY K 746 -18.47 8.24 -20.35
CA GLY K 746 -18.13 8.99 -19.16
C GLY K 746 -18.32 10.48 -19.46
N VAL K 747 -17.61 11.35 -18.75
CA VAL K 747 -17.73 12.78 -19.00
C VAL K 747 -16.40 13.32 -19.56
N ASP K 748 -16.31 14.66 -19.70
CA ASP K 748 -15.14 15.37 -20.17
C ASP K 748 -14.56 16.24 -19.09
N ILE K 749 -15.41 17.04 -18.47
CA ILE K 749 -15.04 17.95 -17.40
C ILE K 749 -15.69 17.46 -16.10
N VAL K 750 -15.02 17.68 -14.97
CA VAL K 750 -15.54 17.29 -13.65
C VAL K 750 -15.23 18.39 -12.68
N LEU K 751 -16.25 19.10 -12.21
CA LEU K 751 -16.05 20.17 -11.23
C LEU K 751 -16.16 19.54 -9.83
N ASN K 752 -15.05 18.95 -9.38
CA ASN K 752 -14.99 18.19 -8.13
C ASN K 752 -14.90 19.00 -6.85
N SER K 753 -16.03 19.05 -6.15
CA SER K 753 -16.15 19.60 -4.81
C SER K 753 -16.15 18.47 -3.78
N VAL K 754 -16.42 17.22 -4.22
CA VAL K 754 -16.52 16.03 -3.37
C VAL K 754 -15.09 15.46 -3.02
N THR K 755 -15.02 14.46 -2.13
CA THR K 755 -13.76 13.94 -1.61
C THR K 755 -13.69 12.43 -1.41
N GLY K 756 -12.45 11.95 -1.26
CA GLY K 756 -12.13 10.58 -0.94
C GLY K 756 -12.25 9.65 -2.13
N PRO K 757 -13.04 8.55 -2.01
CA PRO K 757 -13.21 7.66 -3.14
C PRO K 757 -14.07 8.29 -4.24
N ALA K 758 -14.84 9.31 -3.90
CA ALA K 758 -15.68 10.02 -4.85
C ALA K 758 -14.82 10.92 -5.77
N GLN K 759 -13.65 11.31 -5.28
CA GLN K 759 -12.70 12.08 -6.09
C GLN K 759 -12.08 11.12 -7.09
N ARG K 760 -11.54 10.01 -6.59
CA ARG K 760 -10.94 8.94 -7.39
C ARG K 760 -11.92 8.41 -8.41
N ALA K 761 -13.18 8.18 -8.00
CA ALA K 761 -14.25 7.69 -8.89
C ALA K 761 -14.59 8.68 -10.00
N GLY K 762 -14.51 9.97 -9.69
CA GLY K 762 -14.75 11.05 -10.63
C GLY K 762 -13.65 11.15 -11.67
N LEU K 763 -12.39 10.91 -11.26
CA LEU K 763 -11.25 10.92 -12.18
C LEU K 763 -11.37 9.72 -13.12
N GLU K 764 -11.68 8.56 -12.57
CA GLU K 764 -11.85 7.35 -13.37
C GLU K 764 -12.96 7.51 -14.40
N LEU K 765 -13.97 8.33 -14.09
CA LEU K 765 -15.11 8.60 -14.96
C LEU K 765 -14.74 9.33 -16.29
N LEU K 766 -14.10 10.54 -16.19
CA LEU K 766 -13.82 11.38 -17.38
C LEU K 766 -12.88 10.65 -18.35
N ALA K 767 -13.13 10.87 -19.67
CA ALA K 767 -12.47 10.14 -20.74
C ALA K 767 -11.88 11.01 -21.84
N PHE K 768 -10.57 10.79 -22.09
CA PHE K 768 -9.74 11.36 -23.15
C PHE K 768 -9.64 12.87 -23.02
N GLY K 769 -10.72 13.61 -23.29
CA GLY K 769 -10.75 15.05 -23.05
C GLY K 769 -10.16 15.34 -21.68
N GLY K 770 -10.65 14.57 -20.69
CA GLY K 770 -10.21 14.53 -19.31
C GLY K 770 -9.72 15.83 -18.72
N ARG K 771 -10.60 16.57 -18.08
CA ARG K 771 -10.26 17.83 -17.43
C ARG K 771 -10.84 17.86 -16.01
N PHE K 772 -10.10 17.30 -15.06
CA PHE K 772 -10.52 17.25 -13.67
C PHE K 772 -10.21 18.56 -12.95
N VAL K 773 -11.24 19.32 -12.57
CA VAL K 773 -11.04 20.62 -11.88
C VAL K 773 -11.32 20.46 -10.38
N GLU K 774 -10.26 20.24 -9.56
CA GLU K 774 -10.49 20.11 -8.14
C GLU K 774 -10.49 21.46 -7.46
N ILE K 775 -11.69 21.87 -6.99
CA ILE K 775 -11.91 23.07 -6.19
C ILE K 775 -11.83 22.67 -4.68
N GLY K 776 -12.23 21.44 -4.35
CA GLY K 776 -12.18 20.89 -2.99
C GLY K 776 -10.76 20.75 -2.41
N LYS K 777 -10.48 21.45 -1.30
CA LYS K 777 -9.17 21.49 -0.66
C LYS K 777 -8.84 20.32 0.29
N ARG K 778 -9.84 19.63 0.83
CA ARG K 778 -9.60 18.57 1.85
C ARG K 778 -8.57 17.53 1.45
N ASP K 779 -8.70 16.97 0.24
CA ASP K 779 -7.82 15.90 -0.21
C ASP K 779 -6.38 16.38 -0.53
N ILE K 780 -6.23 17.63 -0.97
CA ILE K 780 -4.92 18.20 -1.27
C ILE K 780 -4.18 18.35 0.04
N TYR K 781 -4.75 19.09 1.01
CA TYR K 781 -4.11 19.33 2.32
C TYR K 781 -3.96 18.05 3.18
N ALA K 782 -4.63 16.96 2.79
CA ALA K 782 -4.47 15.65 3.43
C ALA K 782 -3.30 14.83 2.79
N ASP K 783 -2.70 15.32 1.68
CA ASP K 783 -1.64 14.67 0.89
C ASP K 783 -2.10 13.30 0.40
N THR K 784 -3.38 13.20 0.01
CA THR K 784 -3.89 11.94 -0.48
C THR K 784 -3.13 11.56 -1.72
N ARG K 785 -2.51 10.36 -1.72
CA ARG K 785 -1.73 9.95 -2.84
C ARG K 785 -2.69 9.44 -3.88
N LEU K 786 -2.82 10.20 -4.95
CA LEU K 786 -3.69 9.93 -6.04
C LEU K 786 -2.99 9.06 -7.09
N GLY K 787 -3.60 7.95 -7.45
CA GLY K 787 -3.08 7.07 -8.47
C GLY K 787 -3.07 7.74 -9.81
N LEU K 788 -1.89 7.74 -10.48
CA LEU K 788 -1.72 8.36 -11.80
C LEU K 788 -2.17 7.50 -12.99
N PHE K 789 -2.55 6.23 -12.81
CA PHE K 789 -2.93 5.38 -13.93
C PHE K 789 -4.05 5.92 -14.82
N PRO K 790 -5.12 6.56 -14.29
CA PRO K 790 -6.18 7.09 -15.19
C PRO K 790 -5.71 8.16 -16.17
N PHE K 791 -4.59 8.83 -15.86
CA PHE K 791 -4.04 9.88 -16.70
C PHE K 791 -3.54 9.34 -18.04
N ARG K 792 -3.48 7.99 -18.25
CA ARG K 792 -3.02 7.44 -19.53
C ARG K 792 -3.85 7.94 -20.70
N ARG K 793 -5.08 8.47 -20.45
CA ARG K 793 -5.96 9.00 -21.48
C ARG K 793 -5.83 10.56 -21.62
N ASN K 794 -4.61 11.12 -21.60
CA ASN K 794 -4.39 12.57 -21.76
C ASN K 794 -5.23 13.48 -20.79
N LEU K 795 -5.40 13.02 -19.55
CA LEU K 795 -6.14 13.78 -18.53
C LEU K 795 -5.34 15.00 -18.07
N SER K 796 -6.04 15.94 -17.43
CA SER K 796 -5.45 17.18 -16.95
C SER K 796 -6.06 17.51 -15.61
N PHE K 797 -5.25 17.60 -14.55
CA PHE K 797 -5.71 17.92 -13.20
C PHE K 797 -5.49 19.38 -12.92
N TYR K 798 -6.47 20.09 -12.39
CA TYR K 798 -6.31 21.50 -12.07
C TYR K 798 -6.69 21.76 -10.64
N ALA K 799 -5.75 22.29 -9.87
CA ALA K 799 -6.01 22.68 -8.49
C ALA K 799 -6.44 24.14 -8.48
N VAL K 800 -7.47 24.46 -7.70
CA VAL K 800 -8.01 25.82 -7.65
C VAL K 800 -8.10 26.24 -6.19
N ASP K 801 -7.51 27.40 -5.85
CA ASP K 801 -7.55 28.01 -4.52
C ASP K 801 -7.56 29.54 -4.69
N LEU K 802 -8.72 30.10 -5.05
CA LEU K 802 -8.90 31.54 -5.22
C LEU K 802 -8.39 32.32 -4.02
N ALA K 803 -8.55 31.76 -2.81
CA ALA K 803 -8.09 32.40 -1.58
C ALA K 803 -6.57 32.69 -1.60
N LEU K 804 -5.80 31.72 -2.04
CA LEU K 804 -4.35 31.82 -2.15
C LEU K 804 -4.00 32.76 -3.27
N MET K 805 -4.71 32.64 -4.41
CA MET K 805 -4.54 33.49 -5.60
C MET K 805 -4.69 34.95 -5.27
N THR K 806 -5.57 35.27 -4.33
CA THR K 806 -5.82 36.61 -3.82
C THR K 806 -4.53 37.26 -3.28
N VAL K 807 -3.57 36.42 -2.85
CA VAL K 807 -2.28 36.86 -2.33
C VAL K 807 -1.18 36.76 -3.38
N THR K 808 -1.08 35.61 -4.07
CA THR K 808 -0.03 35.36 -5.05
C THR K 808 -0.17 36.16 -6.35
N HIS K 809 -1.40 36.22 -6.91
CA HIS K 809 -1.68 36.93 -8.16
C HIS K 809 -3.00 37.67 -8.01
N PRO K 810 -3.01 38.78 -7.26
CA PRO K 810 -4.28 39.50 -7.04
C PRO K 810 -4.87 40.11 -8.31
N GLN K 811 -4.01 40.49 -9.25
CA GLN K 811 -4.48 41.05 -10.51
C GLN K 811 -5.38 40.04 -11.25
N LYS K 812 -5.03 38.75 -11.26
CA LYS K 812 -5.84 37.74 -11.93
C LYS K 812 -7.21 37.62 -11.26
N ILE K 813 -7.28 37.75 -9.92
CA ILE K 813 -8.55 37.70 -9.19
C ILE K 813 -9.38 38.96 -9.51
N ARG K 814 -8.74 40.13 -9.58
CA ARG K 814 -9.43 41.38 -9.92
C ARG K 814 -10.14 41.25 -11.25
N ASP K 815 -9.43 40.73 -12.24
CA ASP K 815 -9.93 40.57 -13.59
C ASP K 815 -11.03 39.50 -13.66
N LEU K 816 -10.86 38.45 -12.85
CA LEU K 816 -11.83 37.36 -12.76
C LEU K 816 -13.14 37.84 -12.13
N LEU K 817 -13.08 38.79 -11.18
CA LEU K 817 -14.31 39.34 -10.57
C LEU K 817 -14.94 40.27 -11.52
N ALA K 818 -14.13 41.14 -12.10
CA ALA K 818 -14.59 42.14 -13.04
C ALA K 818 -15.27 41.50 -14.25
N THR K 819 -14.72 40.38 -14.76
CA THR K 819 -15.32 39.74 -15.92
C THR K 819 -16.65 39.06 -15.53
N VAL K 820 -16.80 38.51 -14.32
CA VAL K 820 -18.10 37.90 -13.95
C VAL K 820 -19.13 39.01 -13.67
N TYR K 821 -18.70 40.14 -13.08
CA TYR K 821 -19.60 41.27 -12.84
C TYR K 821 -20.11 41.83 -14.17
N ARG K 822 -19.27 41.80 -15.20
CA ARG K 822 -19.67 42.29 -16.52
C ARG K 822 -20.67 41.31 -17.13
N LEU K 823 -20.35 40.01 -17.18
CA LEU K 823 -21.21 38.98 -17.76
C LEU K 823 -22.59 38.93 -17.13
N ILE K 824 -22.64 39.04 -15.80
CA ILE K 824 -23.90 38.96 -15.07
C ILE K 824 -24.73 40.25 -15.27
N ALA K 825 -24.07 41.42 -15.36
CA ALA K 825 -24.73 42.72 -15.59
C ALA K 825 -25.26 42.82 -17.02
N ASP K 826 -24.49 42.28 -17.98
CA ASP K 826 -24.87 42.24 -19.41
C ASP K 826 -26.06 41.32 -19.64
N GLY K 827 -26.23 40.33 -18.75
CA GLY K 827 -27.27 39.33 -18.85
C GLY K 827 -26.77 38.09 -19.56
N THR K 828 -25.47 38.06 -19.91
CA THR K 828 -24.82 36.92 -20.55
C THR K 828 -25.01 35.67 -19.67
N LEU K 829 -24.96 35.86 -18.34
CA LEU K 829 -25.19 34.83 -17.35
C LEU K 829 -26.31 35.26 -16.41
N PRO K 830 -27.20 34.33 -16.03
CA PRO K 830 -28.27 34.68 -15.09
C PRO K 830 -27.83 34.43 -13.67
N LEU K 831 -28.20 35.32 -12.76
CA LEU K 831 -27.80 35.17 -11.36
C LEU K 831 -28.58 34.00 -10.69
N PRO K 832 -28.12 33.49 -9.54
CA PRO K 832 -28.76 32.31 -8.95
C PRO K 832 -29.76 32.64 -7.84
N GLU K 833 -30.26 31.59 -7.16
CA GLU K 833 -31.17 31.77 -6.03
C GLU K 833 -30.43 32.50 -4.93
N ILE K 834 -30.90 33.70 -4.58
CA ILE K 834 -30.25 34.53 -3.56
C ILE K 834 -31.20 34.72 -2.40
N THR K 835 -30.81 34.21 -1.23
CA THR K 835 -31.59 34.31 0.00
C THR K 835 -30.90 35.34 0.88
N HIS K 836 -31.55 36.44 1.19
CA HIS K 836 -30.94 37.49 2.00
C HIS K 836 -31.14 37.23 3.50
N TYR K 837 -30.08 37.50 4.30
CA TYR K 837 -30.09 37.34 5.75
C TYR K 837 -29.52 38.58 6.41
N PRO K 838 -30.11 39.11 7.51
CA PRO K 838 -29.48 40.25 8.18
C PRO K 838 -28.24 39.77 8.94
N LEU K 839 -27.29 40.67 9.23
CA LEU K 839 -26.05 40.29 9.92
C LEU K 839 -26.30 39.64 11.30
N GLU K 840 -27.42 39.99 11.96
CA GLU K 840 -27.78 39.41 13.26
C GLU K 840 -27.99 37.90 13.12
N GLU K 841 -28.74 37.47 12.09
CA GLU K 841 -29.04 36.06 11.82
C GLU K 841 -27.94 35.39 10.98
N ALA K 842 -26.67 35.79 11.14
CA ALA K 842 -25.57 35.16 10.44
C ALA K 842 -25.39 33.74 10.94
N ALA K 843 -25.38 33.58 12.27
CA ALA K 843 -25.23 32.28 12.96
C ALA K 843 -26.24 31.25 12.51
N THR K 844 -27.46 31.70 12.19
CA THR K 844 -28.57 30.87 11.71
C THR K 844 -28.34 30.45 10.26
N ALA K 845 -27.80 31.34 9.42
CA ALA K 845 -27.46 30.99 8.04
C ALA K 845 -26.37 29.89 8.01
N ILE K 846 -25.46 29.92 8.98
CA ILE K 846 -24.40 28.91 9.08
C ILE K 846 -25.02 27.59 9.41
N ARG K 847 -25.95 27.55 10.35
CA ARG K 847 -26.58 26.29 10.73
C ARG K 847 -27.37 25.68 9.55
N ILE K 848 -28.00 26.54 8.71
CA ILE K 848 -28.79 26.08 7.55
C ILE K 848 -27.89 25.56 6.48
N MET K 849 -26.83 26.33 6.17
CA MET K 849 -25.84 25.97 5.17
C MET K 849 -25.02 24.77 5.65
N GLY K 850 -24.76 24.75 6.95
CA GLY K 850 -24.03 23.68 7.64
C GLY K 850 -24.76 22.36 7.66
N GLY K 851 -26.08 22.41 7.58
CA GLY K 851 -26.93 21.22 7.54
C GLY K 851 -27.37 20.82 6.14
N ALA K 852 -26.83 21.48 5.10
CA ALA K 852 -27.16 21.22 3.69
C ALA K 852 -28.67 21.40 3.39
N GLN K 853 -29.36 22.23 4.19
CA GLN K 853 -30.80 22.53 4.02
C GLN K 853 -31.00 23.59 2.93
N HIS K 854 -30.02 24.50 2.81
CA HIS K 854 -30.05 25.61 1.88
C HIS K 854 -30.02 25.24 0.39
N THR K 855 -30.29 26.26 -0.45
CA THR K 855 -30.25 26.19 -1.92
C THR K 855 -29.80 27.54 -2.46
N GLY K 856 -28.84 27.50 -3.38
CA GLY K 856 -28.29 28.70 -4.00
C GLY K 856 -27.33 29.44 -3.11
N LYS K 857 -27.31 30.79 -3.24
CA LYS K 857 -26.41 31.64 -2.48
C LYS K 857 -27.13 32.32 -1.33
N LEU K 858 -26.37 32.61 -0.26
CA LEU K 858 -26.80 33.28 0.95
C LEU K 858 -26.05 34.59 1.07
N VAL K 859 -26.78 35.70 1.07
CA VAL K 859 -26.17 37.01 1.19
C VAL K 859 -26.44 37.47 2.56
N ILE K 860 -25.42 38.07 3.16
CA ILE K 860 -25.52 38.59 4.50
C ILE K 860 -25.61 40.14 4.32
N ASP K 861 -26.84 40.67 4.50
CA ASP K 861 -27.17 42.11 4.36
C ASP K 861 -26.56 42.91 5.52
N ILE K 862 -25.69 43.87 5.20
CA ILE K 862 -24.99 44.67 6.22
C ILE K 862 -25.87 45.87 6.62
N PRO K 863 -25.97 46.18 7.96
CA PRO K 863 -26.85 47.28 8.38
C PRO K 863 -26.40 48.66 7.97
N ASP K 864 -27.31 49.38 7.29
CA ASP K 864 -27.14 50.78 6.92
C ASP K 864 -27.67 51.53 8.14
N THR K 865 -28.67 52.42 8.00
CA THR K 865 -29.34 53.13 9.09
C THR K 865 -28.42 53.71 10.16
N GLY K 866 -28.99 54.63 10.94
CA GLY K 866 -28.35 55.19 12.13
C GLY K 866 -28.62 54.28 13.31
N GLN K 867 -28.77 52.94 13.07
CA GLN K 867 -29.00 51.95 14.11
C GLN K 867 -27.71 51.70 14.82
N SER K 868 -27.82 51.12 15.99
CA SER K 868 -26.66 50.75 16.77
C SER K 868 -26.75 49.25 17.03
N GLN K 869 -25.67 48.67 17.55
CA GLN K 869 -25.63 47.25 17.90
C GLN K 869 -24.64 47.05 19.04
N VAL K 870 -24.89 46.07 19.94
CA VAL K 870 -24.00 45.82 21.09
C VAL K 870 -22.77 45.03 20.58
N VAL K 871 -21.58 45.56 20.90
CA VAL K 871 -20.29 45.07 20.45
C VAL K 871 -19.36 44.70 21.60
N VAL K 872 -18.23 43.97 21.35
CA VAL K 872 -17.30 43.63 22.42
C VAL K 872 -15.81 43.93 22.07
N PRO K 873 -15.29 45.12 22.49
CA PRO K 873 -13.86 45.43 22.24
C PRO K 873 -12.91 44.59 23.09
N PRO K 874 -11.80 44.09 22.55
CA PRO K 874 -10.92 43.21 23.36
C PRO K 874 -9.54 43.79 23.80
N GLU K 875 -8.65 44.02 22.83
CA GLU K 875 -7.33 44.63 22.95
C GLU K 875 -7.44 46.03 22.36
N GLN K 876 -8.20 46.15 21.23
CA GLN K 876 -8.56 47.41 20.54
C GLN K 876 -8.81 48.56 21.50
N VAL K 877 -9.27 48.22 22.73
CA VAL K 877 -9.45 49.11 23.86
C VAL K 877 -8.28 50.15 23.94
N PRO K 878 -8.56 51.43 23.69
CA PRO K 878 -7.49 52.44 23.69
C PRO K 878 -7.16 52.90 25.10
N VAL K 879 -6.15 52.25 25.72
CA VAL K 879 -5.70 52.60 27.07
C VAL K 879 -4.96 53.96 27.04
N PHE K 880 -3.66 53.95 26.66
CA PHE K 880 -2.81 55.15 26.55
C PHE K 880 -2.95 55.80 25.17
N ARG K 881 -3.47 57.06 25.10
CA ARG K 881 -3.62 57.77 23.82
C ARG K 881 -3.13 59.22 23.85
N GLY K 882 -2.58 59.63 22.71
CA GLY K 882 -2.07 60.99 22.51
C GLY K 882 -3.16 62.04 22.44
N ASP K 883 -4.38 61.67 22.01
CA ASP K 883 -5.53 62.58 21.95
C ASP K 883 -6.36 62.55 23.27
N GLY K 884 -5.68 62.38 24.41
CA GLY K 884 -6.34 62.34 25.71
C GLY K 884 -5.40 62.57 26.89
N ALA K 885 -5.89 63.30 27.92
CA ALA K 885 -5.12 63.63 29.11
C ALA K 885 -5.32 62.62 30.22
N TYR K 886 -4.36 62.55 31.16
CA TYR K 886 -4.38 61.61 32.28
C TYR K 886 -3.97 62.25 33.60
N VAL K 887 -4.49 61.73 34.71
CA VAL K 887 -4.22 62.24 36.06
C VAL K 887 -3.67 61.11 36.93
N ILE K 888 -2.59 61.38 37.68
CA ILE K 888 -2.00 60.37 38.57
C ILE K 888 -1.78 60.99 39.95
N THR K 889 -2.52 60.49 40.96
CA THR K 889 -2.35 60.95 42.33
C THR K 889 -1.26 60.09 42.94
N GLY K 890 -0.33 60.70 43.65
CA GLY K 890 0.84 60.03 44.18
C GLY K 890 1.81 59.70 43.07
N GLY K 891 1.91 60.64 42.13
CA GLY K 891 2.74 60.52 40.94
C GLY K 891 4.18 60.94 41.09
N LEU K 892 4.48 61.82 42.08
CA LEU K 892 5.87 62.27 42.29
C LEU K 892 6.72 61.20 42.98
N GLY K 893 6.11 60.09 43.42
CA GLY K 893 6.87 59.01 44.04
C GLY K 893 6.26 57.64 43.89
N GLY K 894 7.10 56.63 44.15
CA GLY K 894 6.73 55.23 44.11
C GLY K 894 6.35 54.70 42.76
N LEU K 895 5.18 54.04 42.71
CA LEU K 895 4.64 53.42 41.51
C LEU K 895 4.25 54.49 40.50
N GLY K 896 3.51 55.49 40.97
CA GLY K 896 3.03 56.60 40.16
C GLY K 896 4.07 57.25 39.28
N LEU K 897 5.32 57.42 39.77
CA LEU K 897 6.40 58.00 38.97
C LEU K 897 6.89 57.00 37.89
N PHE K 898 6.93 55.70 38.22
CA PHE K 898 7.31 54.66 37.26
C PHE K 898 6.23 54.52 36.19
N LEU K 899 4.96 54.48 36.61
CA LEU K 899 3.81 54.39 35.69
C LEU K 899 3.78 55.62 34.78
N ALA K 900 3.98 56.83 35.35
CA ALA K 900 3.99 58.09 34.57
C ALA K 900 5.08 58.07 33.50
N GLU K 901 6.28 57.59 33.86
CA GLU K 901 7.41 57.46 32.93
C GLU K 901 7.07 56.43 31.84
N ARG K 902 6.45 55.30 32.24
CA ARG K 902 6.04 54.25 31.32
C ARG K 902 4.90 54.74 30.39
N MET K 903 3.95 55.51 30.94
CA MET K 903 2.82 56.07 30.19
C MET K 903 3.27 57.12 29.20
N ALA K 904 4.19 58.00 29.60
CA ALA K 904 4.75 59.03 28.71
C ALA K 904 5.42 58.36 27.51
N ALA K 905 6.15 57.25 27.77
CA ALA K 905 6.80 56.43 26.76
C ALA K 905 5.77 55.66 25.92
N ALA K 906 4.66 55.20 26.53
CA ALA K 906 3.58 54.49 25.82
C ALA K 906 2.75 55.40 24.86
N GLY K 907 2.97 56.71 24.90
CA GLY K 907 2.28 57.66 24.04
C GLY K 907 1.07 58.26 24.69
N CYS K 908 1.28 59.20 25.61
CA CYS K 908 0.22 59.88 26.35
C CYS K 908 0.38 61.36 26.18
N GLY K 909 -0.68 62.03 25.76
CA GLY K 909 -0.66 63.48 25.59
C GLY K 909 -1.09 64.11 26.88
N ARG K 910 -0.14 64.70 27.65
CA ARG K 910 -0.38 65.38 28.94
C ARG K 910 -0.71 64.38 30.06
N ILE K 911 0.18 64.28 31.06
CA ILE K 911 0.00 63.44 32.24
C ILE K 911 0.18 64.34 33.44
N VAL K 912 -0.91 64.73 34.13
CA VAL K 912 -0.81 65.55 35.33
C VAL K 912 -0.40 64.64 36.48
N VAL K 913 0.65 65.00 37.20
CA VAL K 913 1.19 64.25 38.32
C VAL K 913 0.91 65.06 39.59
N ASN K 914 0.57 64.37 40.68
CA ASN K 914 0.21 65.02 41.94
C ASN K 914 0.81 64.30 43.16
N SER K 915 1.08 65.09 44.18
CA SER K 915 1.60 64.65 45.47
C SER K 915 1.74 65.92 46.33
N ARG K 916 1.18 65.90 47.54
CA ARG K 916 1.17 67.06 48.42
C ARG K 916 2.57 67.65 48.63
N SER K 917 3.62 66.81 48.74
CA SER K 917 5.00 67.25 48.89
C SER K 917 5.57 67.70 47.57
N ALA K 918 6.52 68.65 47.59
CA ALA K 918 7.18 69.15 46.37
C ALA K 918 8.06 68.05 45.74
N PRO K 919 8.43 68.14 44.44
CA PRO K 919 9.26 67.08 43.84
C PRO K 919 10.66 66.99 44.43
N SER K 920 11.14 65.75 44.67
CA SER K 920 12.48 65.51 45.19
C SER K 920 13.53 65.81 44.12
N THR K 921 14.81 65.80 44.51
CA THR K 921 15.91 66.06 43.59
C THR K 921 16.01 64.96 42.53
N ARG K 922 15.79 63.68 42.90
CA ARG K 922 15.82 62.57 41.93
C ARG K 922 14.52 62.55 41.10
N SER K 923 13.39 62.94 41.71
CA SER K 923 12.09 62.97 41.02
C SER K 923 12.10 64.04 39.92
N SER K 924 12.64 65.23 40.24
CA SER K 924 12.76 66.33 39.27
C SER K 924 13.60 65.92 38.06
N GLU K 925 14.68 65.14 38.28
CA GLU K 925 15.55 64.64 37.19
C GLU K 925 14.81 63.68 36.25
N ILE K 926 13.92 62.84 36.80
CA ILE K 926 13.13 61.91 36.00
C ILE K 926 12.11 62.66 35.17
N ILE K 927 11.48 63.71 35.73
CA ILE K 927 10.49 64.51 35.01
C ILE K 927 11.18 65.31 33.88
N GLU K 928 12.42 65.79 34.10
CA GLU K 928 13.16 66.55 33.09
C GLU K 928 13.43 65.71 31.84
N LEU K 929 13.95 64.48 32.00
CA LEU K 929 14.25 63.61 30.87
C LEU K 929 12.97 63.14 30.15
N ILE K 930 11.81 63.04 30.85
CA ILE K 930 10.55 62.65 30.20
C ILE K 930 10.06 63.81 29.33
N ARG K 931 10.09 65.05 29.87
CA ARG K 931 9.68 66.23 29.12
C ARG K 931 10.62 66.47 27.94
N ALA K 932 11.92 66.20 28.11
CA ALA K 932 12.92 66.32 27.05
C ALA K 932 12.59 65.39 25.88
N THR K 933 12.09 64.19 26.19
CA THR K 933 11.67 63.20 25.20
C THR K 933 10.17 63.35 24.89
N GLY K 934 9.83 64.47 24.27
CA GLY K 934 8.47 64.78 23.84
C GLY K 934 7.45 65.02 24.94
N ALA K 935 6.60 64.00 25.18
CA ALA K 935 5.44 63.97 26.13
C ALA K 935 5.60 64.91 27.32
N ASP K 936 4.66 65.87 27.49
CA ASP K 936 4.73 66.84 28.58
C ASP K 936 4.14 66.24 29.85
N ILE K 937 4.76 66.58 30.98
CA ILE K 937 4.42 66.11 32.31
C ILE K 937 4.20 67.32 33.18
N VAL K 938 2.96 67.56 33.55
CA VAL K 938 2.62 68.67 34.42
C VAL K 938 2.61 68.16 35.84
N VAL K 939 3.01 69.02 36.78
CA VAL K 939 3.05 68.71 38.20
C VAL K 939 2.22 69.76 38.92
N GLU K 940 1.10 69.31 39.51
CA GLU K 940 0.20 70.12 40.29
C GLU K 940 0.10 69.48 41.65
N CYS K 941 0.74 70.10 42.66
CA CYS K 941 0.75 69.55 44.01
C CYS K 941 -0.52 69.93 44.73
N GLY K 942 -0.85 69.13 45.73
CA GLY K 942 -2.03 69.32 46.56
C GLY K 942 -2.41 68.08 47.34
N ASP K 943 -3.17 68.28 48.43
CA ASP K 943 -3.65 67.20 49.26
C ASP K 943 -5.00 66.74 48.69
N ILE K 944 -5.02 65.61 47.95
CA ILE K 944 -6.26 65.04 47.36
C ILE K 944 -7.41 64.92 48.36
N ALA K 945 -7.12 64.76 49.67
CA ALA K 945 -8.14 64.74 50.73
C ALA K 945 -8.98 66.04 50.69
N GLU K 946 -8.35 67.20 50.32
CA GLU K 946 -9.05 68.45 50.12
C GLU K 946 -9.74 68.37 48.76
N PRO K 947 -11.00 68.82 48.65
CA PRO K 947 -11.72 68.70 47.38
C PRO K 947 -11.15 69.55 46.25
N ASP K 948 -10.74 70.82 46.54
CA ASP K 948 -10.19 71.75 45.54
C ASP K 948 -9.00 71.17 44.77
N THR K 949 -8.22 70.27 45.38
CA THR K 949 -7.08 69.64 44.73
C THR K 949 -7.56 68.78 43.55
N ALA K 950 -8.55 67.92 43.76
CA ALA K 950 -9.10 67.07 42.69
C ALA K 950 -9.58 67.89 41.47
N LEU K 951 -10.19 69.06 41.72
CA LEU K 951 -10.70 69.94 40.67
C LEU K 951 -9.57 70.61 39.92
N ARG K 952 -8.57 71.08 40.66
CA ARG K 952 -7.38 71.77 40.14
C ARG K 952 -6.63 70.83 39.19
N LEU K 953 -6.48 69.57 39.60
CA LEU K 953 -5.84 68.50 38.80
C LEU K 953 -6.56 68.26 37.46
N VAL K 954 -7.89 68.09 37.54
CA VAL K 954 -8.76 67.86 36.39
C VAL K 954 -8.73 69.04 35.43
N ALA K 955 -8.81 70.26 35.95
CA ALA K 955 -8.77 71.46 35.13
C ALA K 955 -7.43 71.61 34.42
N ALA K 956 -6.32 71.23 35.10
CA ALA K 956 -4.97 71.32 34.55
C ALA K 956 -4.77 70.33 33.41
N ALA K 957 -5.25 69.08 33.58
CA ALA K 957 -5.12 68.04 32.56
C ALA K 957 -5.92 68.38 31.28
N THR K 958 -7.11 69.00 31.44
CA THR K 958 -7.97 69.38 30.33
C THR K 958 -7.43 70.61 29.56
N GLN K 959 -6.97 71.64 30.28
CA GLN K 959 -6.41 72.91 29.78
C GLN K 959 -5.82 72.88 28.35
N THR K 960 -5.00 71.87 28.01
CA THR K 960 -4.35 71.76 26.69
C THR K 960 -5.29 71.11 25.66
N GLY K 961 -6.53 71.59 25.58
CA GLY K 961 -7.55 71.07 24.66
C GLY K 961 -7.66 69.57 24.49
N LEU K 962 -7.33 68.78 25.54
CA LEU K 962 -7.38 67.32 25.51
C LEU K 962 -8.38 66.81 26.51
N PRO K 963 -9.36 65.96 26.14
CA PRO K 963 -10.29 65.48 27.17
C PRO K 963 -9.64 64.46 28.11
N LEU K 964 -10.07 64.45 29.37
CA LEU K 964 -9.54 63.51 30.35
C LEU K 964 -9.98 62.12 29.95
N ARG K 965 -9.01 61.21 29.73
CA ARG K 965 -9.31 59.84 29.33
C ARG K 965 -8.97 58.80 30.42
N GLY K 966 -8.45 59.20 31.57
CA GLY K 966 -8.16 58.24 32.61
C GLY K 966 -7.58 58.81 33.87
N VAL K 967 -7.76 58.09 34.99
CA VAL K 967 -7.29 58.48 36.32
C VAL K 967 -6.59 57.31 36.99
N LEU K 968 -5.66 57.61 37.90
CA LEU K 968 -4.94 56.62 38.68
C LEU K 968 -4.86 57.12 40.11
N HIS K 969 -5.32 56.33 41.09
CA HIS K 969 -5.33 56.74 42.48
C HIS K 969 -4.23 56.00 43.29
N ALA K 970 -2.97 56.31 42.98
CA ALA K 970 -1.84 55.73 43.69
C ALA K 970 -1.56 56.44 45.01
N ALA K 971 -2.13 57.66 45.23
CA ALA K 971 -1.92 58.44 46.45
C ALA K 971 -2.21 57.59 47.66
N ALA K 972 -1.22 57.47 48.57
CA ALA K 972 -1.37 56.61 49.74
C ALA K 972 -0.42 56.98 50.86
N VAL K 973 -0.91 56.75 52.09
CA VAL K 973 -0.16 56.95 53.32
C VAL K 973 -0.15 55.59 54.00
N VAL K 974 1.01 55.17 54.52
CA VAL K 974 1.15 53.87 55.17
C VAL K 974 1.77 54.06 56.55
N GLU K 975 0.93 54.00 57.58
CA GLU K 975 1.33 54.08 58.98
C GLU K 975 0.87 52.76 59.58
N ASP K 976 1.81 51.87 59.89
CA ASP K 976 1.51 50.55 60.40
C ASP K 976 1.67 50.48 61.90
N ALA K 977 0.77 49.74 62.56
CA ALA K 977 0.80 49.55 64.01
C ALA K 977 -0.03 48.33 64.41
N THR K 978 0.34 47.71 65.53
CA THR K 978 -0.38 46.55 66.07
C THR K 978 -1.72 47.03 66.63
N LEU K 979 -2.74 46.16 66.64
CA LEU K 979 -4.08 46.50 67.13
C LEU K 979 -4.06 47.27 68.47
N ALA K 980 -3.11 46.92 69.36
CA ALA K 980 -2.94 47.58 70.66
C ALA K 980 -2.53 49.06 70.55
N ASN K 981 -1.63 49.40 69.60
CA ASN K 981 -1.15 50.77 69.44
C ASN K 981 -1.63 51.44 68.12
N ILE K 982 -2.87 51.12 67.65
CA ILE K 982 -3.45 51.77 66.48
C ILE K 982 -4.23 52.95 67.03
N THR K 983 -3.69 54.16 66.90
CA THR K 983 -4.36 55.36 67.42
C THR K 983 -5.50 55.76 66.50
N ASP K 984 -6.38 56.60 67.00
CA ASP K 984 -7.55 57.06 66.26
C ASP K 984 -7.10 58.08 65.19
N GLU K 985 -5.98 58.77 65.46
CA GLU K 985 -5.38 59.76 64.56
C GLU K 985 -4.75 59.03 63.40
N LEU K 986 -4.02 57.93 63.67
CA LEU K 986 -3.35 57.07 62.67
C LEU K 986 -4.35 56.47 61.65
N VAL K 987 -5.60 56.21 62.07
CA VAL K 987 -6.63 55.69 61.15
C VAL K 987 -6.90 56.72 60.08
N GLU K 988 -7.17 57.98 60.49
CA GLU K 988 -7.47 59.08 59.57
C GLU K 988 -6.27 59.41 58.67
N HIS K 989 -5.02 59.16 59.12
CA HIS K 989 -3.83 59.42 58.28
C HIS K 989 -3.82 58.53 57.04
N ASP K 990 -4.11 57.22 57.22
CA ASP K 990 -4.13 56.22 56.13
C ASP K 990 -5.43 56.28 55.31
N TRP K 991 -6.55 56.54 55.99
CA TRP K 991 -7.89 56.60 55.42
C TRP K 991 -8.09 57.80 54.49
N ALA K 992 -7.66 58.99 54.90
CA ALA K 992 -7.87 60.24 54.18
C ALA K 992 -7.43 60.24 52.70
N PRO K 993 -6.17 59.91 52.33
CA PRO K 993 -5.79 59.95 50.91
C PRO K 993 -6.49 58.89 50.06
N LYS K 994 -6.71 57.70 50.62
CA LYS K 994 -7.31 56.60 49.88
C LYS K 994 -8.78 56.83 49.63
N VAL K 995 -9.59 57.03 50.69
CA VAL K 995 -11.03 57.16 50.52
C VAL K 995 -11.47 58.61 50.18
N TYR K 996 -11.00 59.64 50.91
CA TYR K 996 -11.44 61.00 50.61
C TYR K 996 -10.93 61.47 49.25
N GLY K 997 -9.74 61.02 48.87
CA GLY K 997 -9.20 61.35 47.56
C GLY K 997 -10.01 60.72 46.45
N ALA K 998 -10.37 59.45 46.62
CA ALA K 998 -11.17 58.71 45.63
C ALA K 998 -12.52 59.37 45.40
N TRP K 999 -13.17 59.82 46.47
CA TRP K 999 -14.47 60.48 46.36
C TRP K 999 -14.32 61.87 45.73
N ASN K 1000 -13.27 62.62 46.10
CA ASN K 1000 -13.03 63.96 45.55
C ASN K 1000 -12.65 63.85 44.06
N LEU K 1001 -11.99 62.75 43.66
CA LEU K 1001 -11.68 62.51 42.26
C LEU K 1001 -12.95 62.22 41.51
N HIS K 1002 -13.77 61.32 42.03
CA HIS K 1002 -15.05 60.95 41.42
C HIS K 1002 -15.89 62.20 41.20
N GLN K 1003 -16.07 63.01 42.24
CA GLN K 1003 -16.86 64.24 42.15
C GLN K 1003 -16.25 65.21 41.13
N ALA K 1004 -14.91 65.40 41.13
CA ALA K 1004 -14.23 66.31 40.19
C ALA K 1004 -14.51 65.93 38.72
N VAL K 1005 -14.64 64.61 38.45
CA VAL K 1005 -14.93 64.08 37.13
C VAL K 1005 -16.39 64.40 36.75
N GLN K 1006 -17.37 64.17 37.65
CA GLN K 1006 -18.78 64.47 37.36
C GLN K 1006 -18.97 65.99 37.23
N SER K 1007 -18.38 66.74 38.18
CA SER K 1007 -18.38 68.21 38.23
C SER K 1007 -17.84 68.83 36.96
N GLY K 1008 -16.81 68.21 36.40
CA GLY K 1008 -16.22 68.65 35.14
C GLY K 1008 -17.20 68.58 33.99
N GLY K 1009 -16.91 69.33 32.93
CA GLY K 1009 -17.78 69.44 31.77
C GLY K 1009 -17.78 68.22 30.87
N PRO K 1010 -17.90 68.42 29.54
CA PRO K 1010 -17.91 67.26 28.64
C PRO K 1010 -16.52 66.64 28.46
N ALA K 1011 -15.44 67.41 28.76
CA ALA K 1011 -14.05 66.93 28.66
C ALA K 1011 -13.78 65.74 29.61
N THR K 1012 -14.34 65.82 30.83
CA THR K 1012 -14.18 64.77 31.85
C THR K 1012 -15.17 63.62 31.64
N SER K 1013 -16.34 63.88 31.04
CA SER K 1013 -17.40 62.89 30.80
C SER K 1013 -17.13 62.00 29.55
N GLU K 1014 -15.85 61.68 29.26
CA GLU K 1014 -15.43 60.84 28.15
C GLU K 1014 -14.32 59.86 28.57
N LEU K 1015 -14.05 59.65 29.89
CA LEU K 1015 -12.91 58.81 30.28
C LEU K 1015 -13.18 57.33 30.12
N ASP K 1016 -12.09 56.61 29.82
CA ASP K 1016 -12.03 55.19 29.53
C ASP K 1016 -11.88 54.37 30.79
N TRP K 1017 -11.07 54.86 31.75
CA TRP K 1017 -10.83 54.15 32.99
C TRP K 1017 -10.72 55.08 34.20
N PHE K 1018 -10.78 54.47 35.37
CA PHE K 1018 -10.63 55.13 36.66
C PHE K 1018 -10.07 54.08 37.58
N CYS K 1019 -8.75 54.05 37.74
CA CYS K 1019 -8.10 53.01 38.48
C CYS K 1019 -7.68 53.46 39.86
N ALA K 1020 -7.63 52.51 40.80
CA ALA K 1020 -7.27 52.76 42.18
C ALA K 1020 -6.37 51.68 42.69
N PHE K 1021 -5.13 52.00 42.98
CA PHE K 1021 -4.18 51.01 43.48
C PHE K 1021 -4.49 50.69 44.94
N SER K 1022 -4.89 49.44 45.20
CA SER K 1022 -5.23 48.92 46.53
C SER K 1022 -4.02 48.12 47.06
N SER K 1023 -4.21 47.24 48.07
CA SER K 1023 -3.14 46.40 48.62
C SER K 1023 -3.62 44.96 48.83
N ALA K 1024 -2.71 44.00 48.65
CA ALA K 1024 -2.98 42.58 48.88
C ALA K 1024 -3.10 42.27 50.37
N ALA K 1025 -2.54 43.16 51.23
CA ALA K 1025 -2.65 43.05 52.69
C ALA K 1025 -4.11 43.18 53.13
N ALA K 1026 -4.93 43.96 52.41
CA ALA K 1026 -6.36 44.10 52.69
C ALA K 1026 -7.09 42.77 52.45
N LEU K 1027 -6.71 42.07 51.38
CA LEU K 1027 -7.28 40.80 50.97
C LEU K 1027 -6.93 39.67 51.94
N VAL K 1028 -5.62 39.48 52.23
CA VAL K 1028 -5.14 38.38 53.11
C VAL K 1028 -5.21 38.76 54.59
N GLY K 1029 -4.74 39.95 54.92
CA GLY K 1029 -4.72 40.45 56.29
C GLY K 1029 -3.32 40.48 56.88
N SER K 1030 -2.38 41.18 56.21
CA SER K 1030 -1.00 41.28 56.73
C SER K 1030 -1.02 41.98 58.10
N PRO K 1031 -0.58 41.32 59.18
CA PRO K 1031 -0.65 41.94 60.51
C PRO K 1031 0.19 43.21 60.61
N GLY K 1032 -0.30 44.15 61.41
CA GLY K 1032 0.33 45.44 61.62
C GLY K 1032 -0.24 46.51 60.70
N GLN K 1033 -0.81 46.13 59.53
CA GLN K 1033 -1.36 47.10 58.59
C GLN K 1033 -2.64 47.70 59.20
N GLY K 1034 -3.71 46.89 59.31
CA GLY K 1034 -4.98 47.26 59.92
C GLY K 1034 -5.65 48.50 59.38
N ALA K 1035 -5.14 49.67 59.79
CA ALA K 1035 -5.62 50.99 59.35
C ALA K 1035 -5.48 51.15 57.84
N TYR K 1036 -4.33 50.74 57.27
CA TYR K 1036 -4.08 50.80 55.83
C TYR K 1036 -4.95 49.76 55.10
N ALA K 1037 -5.17 48.60 55.74
CA ALA K 1037 -6.00 47.54 55.18
C ALA K 1037 -7.46 47.95 55.06
N ALA K 1038 -7.97 48.61 56.10
CA ALA K 1038 -9.36 49.06 56.13
C ALA K 1038 -9.64 50.17 55.11
N ALA K 1039 -8.70 51.10 54.93
CA ALA K 1039 -8.81 52.19 53.95
C ALA K 1039 -8.94 51.66 52.53
N ASN K 1040 -8.20 50.58 52.23
CA ASN K 1040 -8.26 49.92 50.93
C ASN K 1040 -9.56 49.18 50.75
N SER K 1041 -10.07 48.54 51.80
CA SER K 1041 -11.34 47.80 51.71
C SER K 1041 -12.48 48.72 51.26
N TRP K 1042 -12.52 49.95 51.80
CA TRP K 1042 -13.53 50.95 51.44
C TRP K 1042 -13.37 51.32 49.99
N LEU K 1043 -12.13 51.60 49.60
CA LEU K 1043 -11.74 52.00 48.25
C LEU K 1043 -12.05 50.90 47.22
N ASP K 1044 -11.91 49.62 47.61
CA ASP K 1044 -12.21 48.49 46.73
C ASP K 1044 -13.72 48.40 46.48
N ALA K 1045 -14.54 48.62 47.53
CA ALA K 1045 -16.00 48.55 47.40
C ALA K 1045 -16.54 49.81 46.74
N PHE K 1046 -15.82 50.94 46.87
CA PHE K 1046 -16.19 52.18 46.18
C PHE K 1046 -16.12 52.01 44.66
N MET K 1047 -15.15 51.23 44.18
CA MET K 1047 -15.02 50.98 42.75
C MET K 1047 -16.17 50.09 42.26
N GLN K 1048 -16.61 49.09 43.04
CA GLN K 1048 -17.72 48.23 42.64
C GLN K 1048 -19.02 49.06 42.61
N TRP K 1049 -19.14 50.06 43.53
CA TRP K 1049 -20.29 50.95 43.56
C TRP K 1049 -20.23 51.84 42.32
N ARG K 1050 -19.05 52.42 42.04
CA ARG K 1050 -18.87 53.33 40.90
C ARG K 1050 -19.21 52.60 39.60
N ARG K 1051 -18.81 51.31 39.48
CA ARG K 1051 -19.14 50.48 38.32
C ARG K 1051 -20.64 50.25 38.26
N ALA K 1052 -21.27 50.00 39.42
CA ALA K 1052 -22.73 49.80 39.52
C ALA K 1052 -23.50 51.03 39.00
N GLN K 1053 -23.00 52.25 39.30
CA GLN K 1053 -23.62 53.48 38.82
C GLN K 1053 -23.52 53.64 37.29
N GLY K 1054 -22.59 52.92 36.67
CA GLY K 1054 -22.38 52.93 35.22
C GLY K 1054 -21.00 53.45 34.84
N LEU K 1055 -20.44 54.29 35.72
CA LEU K 1055 -19.11 54.88 35.51
C LEU K 1055 -18.03 53.80 35.41
N PRO K 1056 -16.92 54.05 34.69
CA PRO K 1056 -15.86 53.04 34.65
C PRO K 1056 -15.11 53.00 35.98
N ALA K 1057 -14.63 51.83 36.38
CA ALA K 1057 -13.94 51.70 37.65
C ALA K 1057 -13.06 50.46 37.71
N THR K 1058 -11.89 50.57 38.35
CA THR K 1058 -10.94 49.48 38.52
C THR K 1058 -10.18 49.58 39.85
N SER K 1059 -9.79 48.45 40.42
CA SER K 1059 -8.97 48.39 41.63
C SER K 1059 -7.97 47.26 41.48
N ILE K 1060 -6.70 47.52 41.82
CA ILE K 1060 -5.65 46.51 41.68
C ILE K 1060 -4.94 46.33 43.02
N ALA K 1061 -5.27 45.25 43.74
CA ALA K 1061 -4.62 44.95 45.02
C ALA K 1061 -3.20 44.42 44.75
N TRP K 1062 -2.21 45.30 44.83
CA TRP K 1062 -0.82 44.99 44.52
C TRP K 1062 -0.11 44.21 45.63
N GLY K 1063 0.95 43.51 45.22
CA GLY K 1063 1.83 42.74 46.09
C GLY K 1063 3.06 43.52 46.46
N ALA K 1064 4.20 42.83 46.58
CA ALA K 1064 5.47 43.47 46.97
C ALA K 1064 6.34 43.84 45.77
N TRP K 1065 6.54 45.15 45.50
CA TRP K 1065 7.34 45.60 44.36
C TRP K 1065 8.84 45.70 44.66
N GLY K 1066 9.64 45.59 43.62
CA GLY K 1066 11.11 45.62 43.71
C GLY K 1066 11.75 46.99 43.90
N GLU K 1067 11.47 47.91 42.96
CA GLU K 1067 12.03 49.28 42.99
C GLU K 1067 11.04 50.29 42.42
N ASN K 1079 8.03 35.24 44.03
CA ASN K 1079 8.78 35.97 45.03
C ASN K 1079 8.91 37.43 44.63
N ALA K 1080 8.04 38.30 45.19
CA ALA K 1080 7.98 39.77 44.97
C ALA K 1080 7.78 40.18 43.49
N ILE K 1081 6.80 41.07 43.23
CA ILE K 1081 6.52 41.57 41.87
C ILE K 1081 7.66 42.51 41.42
N ALA K 1082 8.05 42.40 40.15
CA ALA K 1082 9.08 43.23 39.53
C ALA K 1082 8.48 44.52 38.94
N PRO K 1083 9.29 45.54 38.63
CA PRO K 1083 8.71 46.78 38.08
C PRO K 1083 8.06 46.61 36.70
N ASP K 1084 8.80 46.09 35.70
CA ASP K 1084 8.28 45.90 34.34
C ASP K 1084 7.20 44.80 34.27
N GLU K 1085 7.13 43.92 35.30
CA GLU K 1085 6.13 42.85 35.42
C GLU K 1085 4.73 43.44 35.70
N GLY K 1086 4.70 44.43 36.59
CA GLY K 1086 3.48 45.12 36.95
C GLY K 1086 2.98 46.09 35.91
N ALA K 1087 3.89 46.69 35.12
CA ALA K 1087 3.52 47.62 34.04
C ALA K 1087 2.64 46.95 33.00
N TYR K 1088 2.98 45.69 32.63
CA TYR K 1088 2.22 44.89 31.68
C TYR K 1088 0.90 44.47 32.28
N ALA K 1089 0.91 44.07 33.57
CA ALA K 1089 -0.29 43.67 34.29
C ALA K 1089 -1.29 44.82 34.38
N PHE K 1090 -0.82 46.00 34.80
CA PHE K 1090 -1.63 47.21 34.89
C PHE K 1090 -2.30 47.50 33.55
N GLU K 1091 -1.52 47.65 32.47
CA GLU K 1091 -2.03 47.88 31.10
C GLU K 1091 -3.06 46.81 30.69
N ALA K 1092 -2.79 45.53 31.00
CA ALA K 1092 -3.66 44.41 30.66
C ALA K 1092 -4.99 44.44 31.40
N ILE K 1093 -4.93 44.70 32.70
CA ILE K 1093 -6.11 44.80 33.57
C ILE K 1093 -7.03 45.93 33.09
N LEU K 1094 -6.44 47.02 32.55
CA LEU K 1094 -7.19 48.16 32.02
C LEU K 1094 -7.92 47.81 30.69
N ARG K 1095 -7.42 46.82 29.92
CA ARG K 1095 -8.09 46.40 28.68
C ARG K 1095 -9.29 45.52 29.01
N HIS K 1096 -9.32 44.92 30.17
CA HIS K 1096 -10.44 44.09 30.56
C HIS K 1096 -11.42 44.82 31.52
N ASP K 1097 -12.68 44.36 31.48
CA ASP K 1097 -13.80 44.90 32.24
C ASP K 1097 -14.00 44.17 33.56
N ARG K 1098 -13.01 44.21 34.42
CA ARG K 1098 -13.17 43.65 35.73
C ARG K 1098 -12.78 44.67 36.72
N VAL K 1099 -13.54 44.77 37.81
CA VAL K 1099 -13.27 45.79 38.81
C VAL K 1099 -12.23 45.25 39.77
N TYR K 1100 -12.52 44.19 40.51
CA TYR K 1100 -11.53 43.76 41.48
C TYR K 1100 -10.56 42.72 40.90
N ASN K 1101 -9.29 43.12 40.83
CA ASN K 1101 -8.16 42.34 40.38
C ASN K 1101 -7.13 42.35 41.51
N GLY K 1102 -6.40 41.27 41.68
CA GLY K 1102 -5.42 41.15 42.75
C GLY K 1102 -4.11 40.57 42.27
N TYR K 1103 -3.16 41.41 41.90
CA TYR K 1103 -1.86 40.94 41.43
C TYR K 1103 -0.95 40.72 42.61
N ALA K 1104 -0.50 39.48 42.81
CA ALA K 1104 0.39 39.16 43.92
C ALA K 1104 1.16 37.86 43.68
N PRO K 1105 2.44 37.80 44.13
CA PRO K 1105 3.19 36.54 43.97
C PRO K 1105 2.57 35.46 44.85
N VAL K 1106 2.07 34.38 44.24
CA VAL K 1106 1.38 33.34 44.99
C VAL K 1106 2.28 32.09 45.17
N LEU K 1107 2.71 31.44 44.06
CA LEU K 1107 3.56 30.24 44.11
C LEU K 1107 3.18 29.36 45.35
N GLY K 1108 4.10 29.15 46.30
CA GLY K 1108 3.84 28.43 47.54
C GLY K 1108 4.42 29.21 48.70
N ALA K 1109 3.98 30.47 48.83
CA ALA K 1109 4.49 31.38 49.86
C ALA K 1109 4.12 30.96 51.28
N SER K 1110 4.87 31.47 52.25
CA SER K 1110 4.69 31.18 53.68
C SER K 1110 3.40 31.73 54.23
N TRP K 1111 3.08 32.99 53.88
CA TRP K 1111 1.86 33.67 54.35
C TRP K 1111 0.58 33.01 53.81
N LEU K 1112 0.63 32.40 52.61
CA LEU K 1112 -0.53 31.73 52.00
C LEU K 1112 -0.74 30.35 52.60
N THR K 1113 0.34 29.56 52.76
CA THR K 1113 0.26 28.22 53.37
C THR K 1113 -0.18 28.32 54.84
N ALA K 1114 0.22 29.42 55.54
CA ALA K 1114 -0.18 29.69 56.92
C ALA K 1114 -1.65 30.12 56.98
N PHE K 1115 -2.08 30.96 56.03
CA PHE K 1115 -3.45 31.46 55.97
C PHE K 1115 -4.45 30.36 55.55
N ALA K 1116 -4.06 29.47 54.61
CA ALA K 1116 -4.93 28.41 54.10
C ALA K 1116 -5.27 27.37 55.17
N GLN K 1117 -4.31 27.05 56.04
CA GLN K 1117 -4.53 26.09 57.13
C GLN K 1117 -5.36 26.67 58.27
N ARG K 1118 -5.27 27.99 58.51
CA ARG K 1118 -5.99 28.65 59.60
C ARG K 1118 -7.49 28.87 59.31
N SER K 1119 -7.85 29.36 58.10
CA SER K 1119 -9.26 29.63 57.73
C SER K 1119 -9.69 28.94 56.41
N PRO K 1120 -11.00 28.63 56.24
CA PRO K 1120 -11.45 27.98 54.99
C PRO K 1120 -11.72 28.99 53.85
N PHE K 1121 -11.36 30.27 54.02
CA PHE K 1121 -11.49 31.28 52.97
C PHE K 1121 -10.53 30.91 51.83
N ALA K 1122 -9.27 30.57 52.16
CA ALA K 1122 -8.28 30.16 51.17
C ALA K 1122 -8.20 28.63 51.08
N GLU K 1123 -9.37 27.99 50.85
CA GLU K 1123 -9.52 26.54 50.73
C GLU K 1123 -8.90 26.05 49.42
N LEU K 1124 -9.08 26.81 48.34
CA LEU K 1124 -8.60 26.44 47.01
C LEU K 1124 -7.08 26.53 46.90
N PHE K 1125 -6.46 27.35 47.73
CA PHE K 1125 -5.00 27.52 47.71
C PHE K 1125 -4.25 26.33 48.32
N LEU K 1126 -4.84 25.65 49.32
CA LEU K 1126 -4.19 24.50 49.96
C LEU K 1126 -4.11 23.31 48.99
N ALA K 1127 -5.26 22.93 48.39
CA ALA K 1127 -5.42 21.83 47.44
C ALA K 1127 -4.94 20.48 48.03
N PRO L 15 14.77 -8.97 19.40
CA PRO L 15 13.68 -8.28 18.69
C PRO L 15 13.42 -8.90 17.32
N SER L 16 12.36 -9.69 17.23
CA SER L 16 11.98 -10.36 15.98
C SER L 16 10.48 -10.44 15.82
N VAL L 17 10.03 -10.85 14.64
CA VAL L 17 8.62 -10.97 14.36
C VAL L 17 8.36 -12.19 13.48
N SER L 18 7.26 -12.89 13.76
CA SER L 18 6.87 -14.07 13.02
C SER L 18 6.36 -13.70 11.64
N VAL L 19 6.74 -14.45 10.61
CA VAL L 19 6.29 -14.20 9.24
C VAL L 19 5.90 -15.47 8.52
N HIS L 20 5.17 -15.32 7.41
CA HIS L 20 4.74 -16.46 6.62
C HIS L 20 5.94 -16.98 5.88
N PRO L 21 6.10 -18.31 5.70
CA PRO L 21 7.30 -18.81 5.02
C PRO L 21 7.50 -18.25 3.62
N LEU L 22 6.45 -18.25 2.80
CA LEU L 22 6.54 -17.74 1.44
C LEU L 22 6.35 -16.23 1.42
N LEU L 23 5.15 -15.73 1.78
CA LEU L 23 4.81 -14.30 1.75
C LEU L 23 5.91 -13.46 2.35
N GLY L 24 6.34 -13.81 3.54
CA GLY L 24 7.43 -13.11 4.21
C GLY L 24 7.01 -11.84 4.90
N SER L 25 7.84 -10.78 4.82
CA SER L 25 7.60 -9.51 5.51
C SER L 25 6.39 -8.80 4.93
N HIS L 26 5.50 -8.33 5.82
CA HIS L 26 4.24 -7.70 5.50
C HIS L 26 4.21 -6.27 5.89
N VAL L 27 3.75 -5.43 4.96
CA VAL L 27 3.61 -4.01 5.19
C VAL L 27 2.29 -3.55 4.57
N VAL L 28 1.49 -2.81 5.35
CA VAL L 28 0.26 -2.20 4.90
C VAL L 28 0.61 -0.80 4.54
N LEU L 29 0.31 -0.39 3.30
CA LEU L 29 0.74 0.91 2.82
C LEU L 29 -0.09 2.00 3.42
N PRO L 30 0.52 3.16 3.70
CA PRO L 30 -0.24 4.28 4.28
C PRO L 30 -1.03 5.03 3.22
N GLN L 31 -2.13 4.43 2.80
CA GLN L 31 -2.98 4.99 1.75
C GLN L 31 -4.34 4.31 1.72
N GLU L 32 -5.34 4.99 1.13
CA GLU L 32 -6.67 4.45 0.94
C GLU L 32 -6.75 3.99 -0.51
N PRO L 33 -7.24 2.79 -0.79
CA PRO L 33 -7.83 1.80 0.13
C PRO L 33 -6.81 0.92 0.84
N GLU L 34 -7.29 0.11 1.80
CA GLU L 34 -6.48 -0.83 2.58
C GLU L 34 -5.67 -1.63 1.56
N GLU L 35 -4.38 -1.28 1.40
CA GLU L 35 -3.50 -1.98 0.46
C GLU L 35 -2.35 -2.61 1.21
N HIS L 36 -2.21 -3.93 1.04
CA HIS L 36 -1.18 -4.74 1.69
C HIS L 36 -0.08 -5.06 0.71
N LEU L 37 1.07 -5.46 1.25
CA LEU L 37 2.23 -5.79 0.45
C LEU L 37 3.21 -6.66 1.19
N TRP L 38 3.51 -7.84 0.61
CA TRP L 38 4.50 -8.75 1.15
C TRP L 38 5.67 -8.87 0.20
N GLN L 39 6.83 -9.16 0.75
CA GLN L 39 8.05 -9.40 0.00
C GLN L 39 8.66 -10.66 0.58
N GLY L 40 8.95 -11.66 -0.26
CA GLY L 40 9.51 -12.90 0.22
C GLY L 40 10.30 -13.70 -0.79
N ASP L 41 11.19 -14.58 -0.29
CA ASP L 41 12.06 -15.43 -1.11
C ASP L 41 11.41 -16.78 -1.28
N VAL L 42 11.46 -17.29 -2.51
CA VAL L 42 10.96 -18.61 -2.87
C VAL L 42 12.10 -19.36 -3.57
N GLY L 43 13.34 -19.03 -3.20
CA GLY L 43 14.53 -19.62 -3.78
C GLY L 43 14.82 -20.99 -3.21
N THR L 44 15.63 -21.76 -3.92
CA THR L 44 15.98 -23.12 -3.49
C THR L 44 16.89 -23.11 -2.24
N GLU L 45 17.65 -22.02 -2.00
CA GLU L 45 18.49 -21.92 -0.80
C GLU L 45 17.60 -21.70 0.42
N ALA L 46 16.60 -20.80 0.27
CA ALA L 46 15.63 -20.50 1.33
C ALA L 46 14.68 -21.67 1.60
N HIS L 47 14.13 -22.27 0.54
CA HIS L 47 13.19 -23.40 0.60
C HIS L 47 13.75 -24.57 -0.23
N PRO L 48 14.60 -25.40 0.37
CA PRO L 48 15.20 -26.53 -0.36
C PRO L 48 14.21 -27.44 -1.06
N TRP L 49 13.16 -27.82 -0.34
CA TRP L 49 12.10 -28.67 -0.86
C TRP L 49 11.53 -28.20 -2.22
N LEU L 50 11.59 -26.88 -2.55
CA LEU L 50 11.08 -26.39 -3.85
C LEU L 50 11.90 -26.88 -5.05
N SER L 51 13.15 -27.33 -4.84
CA SER L 51 13.98 -27.87 -5.91
C SER L 51 13.44 -29.24 -6.40
N ASP L 52 12.66 -29.94 -5.55
CA ASP L 52 12.07 -31.24 -5.89
C ASP L 52 10.95 -31.11 -6.93
N HIS L 53 10.33 -29.92 -7.12
CA HIS L 53 9.34 -29.71 -8.17
C HIS L 53 10.06 -29.06 -9.33
N ARG L 54 10.19 -29.78 -10.47
CA ARG L 54 10.93 -29.27 -11.62
C ARG L 54 10.31 -29.71 -12.94
N VAL L 55 10.13 -28.75 -13.86
CA VAL L 55 9.56 -28.98 -15.19
C VAL L 55 10.69 -28.92 -16.19
N HIS L 56 10.89 -30.03 -16.93
CA HIS L 56 11.95 -30.17 -17.93
C HIS L 56 13.32 -29.98 -17.29
N GLN L 57 13.53 -30.65 -16.13
CA GLN L 57 14.77 -30.65 -15.35
C GLN L 57 15.16 -29.25 -14.82
N VAL L 58 14.21 -28.28 -14.74
CA VAL L 58 14.47 -26.94 -14.20
C VAL L 58 13.52 -26.72 -13.06
N ALA L 59 14.03 -26.29 -11.89
CA ALA L 59 13.18 -26.04 -10.73
C ALA L 59 12.23 -24.88 -11.00
N VAL L 60 10.92 -25.10 -10.78
CA VAL L 60 9.89 -24.09 -10.99
C VAL L 60 8.94 -24.06 -9.81
N LEU L 61 8.29 -22.90 -9.61
CA LEU L 61 7.35 -22.73 -8.51
C LEU L 61 6.08 -23.41 -8.89
N PRO L 62 5.60 -24.38 -8.07
CA PRO L 62 4.34 -25.06 -8.42
C PRO L 62 3.10 -24.16 -8.31
N GLY L 63 2.02 -24.56 -9.00
CA GLY L 63 0.77 -23.83 -8.96
C GLY L 63 0.29 -23.69 -7.53
N ALA L 64 0.41 -24.80 -6.76
CA ALA L 64 0.06 -24.91 -5.34
C ALA L 64 0.73 -23.83 -4.44
N ALA L 65 1.90 -23.32 -4.81
CA ALA L 65 2.57 -22.27 -4.03
C ALA L 65 1.74 -21.00 -4.02
N TYR L 66 1.24 -20.59 -5.19
CA TYR L 66 0.40 -19.39 -5.31
C TYR L 66 -0.94 -19.57 -4.57
N CYS L 67 -1.47 -20.81 -4.54
CA CYS L 67 -2.71 -21.12 -3.82
C CYS L 67 -2.54 -20.79 -2.37
N GLU L 68 -1.49 -21.31 -1.76
CA GLU L 68 -1.16 -21.06 -0.36
C GLU L 68 -1.00 -19.56 -0.10
N MET L 69 -0.25 -18.86 -0.98
CA MET L 69 -0.03 -17.43 -0.87
C MET L 69 -1.35 -16.67 -0.85
N ALA L 70 -2.30 -17.05 -1.73
CA ALA L 70 -3.62 -16.42 -1.79
C ALA L 70 -4.39 -16.68 -0.52
N LEU L 71 -4.47 -17.95 -0.10
CA LEU L 71 -5.16 -18.35 1.13
C LEU L 71 -4.59 -17.64 2.35
N ALA L 72 -3.26 -17.51 2.39
CA ALA L 72 -2.56 -16.84 3.49
C ALA L 72 -2.94 -15.36 3.55
N ALA L 73 -2.99 -14.70 2.39
CA ALA L 73 -3.29 -13.28 2.28
C ALA L 73 -4.77 -12.92 2.56
N VAL L 74 -5.68 -13.90 2.73
CA VAL L 74 -7.10 -13.60 2.97
C VAL L 74 -7.33 -12.95 4.32
N THR L 75 -7.02 -13.69 5.39
CA THR L 75 -7.23 -13.28 6.77
C THR L 75 -6.63 -11.90 7.11
N PRO L 76 -5.38 -11.57 6.75
CA PRO L 76 -4.85 -10.26 7.09
C PRO L 76 -5.56 -9.09 6.40
N VAL L 77 -5.95 -9.26 5.12
CA VAL L 77 -6.61 -8.19 4.37
C VAL L 77 -8.04 -8.07 4.88
N LEU L 78 -8.79 -9.17 4.70
CA LEU L 78 -10.18 -9.32 5.10
C LEU L 78 -10.19 -10.08 6.44
N GLY L 79 -10.26 -9.34 7.55
CA GLY L 79 -10.21 -9.88 8.90
C GLY L 79 -11.36 -10.79 9.24
N ASP L 80 -11.38 -11.97 8.62
CA ASP L 80 -12.46 -12.95 8.71
C ASP L 80 -12.08 -14.22 7.97
N THR L 81 -13.05 -15.12 7.91
CA THR L 81 -13.04 -16.35 7.15
C THR L 81 -13.26 -15.98 5.71
N GLY L 82 -12.43 -16.45 4.80
CA GLY L 82 -12.63 -16.12 3.40
C GLY L 82 -12.25 -17.17 2.40
N GLU L 83 -12.59 -16.84 1.14
CA GLU L 83 -12.38 -17.65 -0.05
C GLU L 83 -11.40 -16.98 -0.96
N VAL L 84 -10.90 -17.72 -1.92
CA VAL L 84 -10.01 -17.21 -2.96
C VAL L 84 -10.69 -17.52 -4.27
N HIS L 85 -11.19 -16.52 -4.97
CA HIS L 85 -11.87 -16.74 -6.23
C HIS L 85 -10.99 -16.47 -7.44
N ASP L 86 -11.32 -17.14 -8.56
CA ASP L 86 -10.70 -16.94 -9.86
C ASP L 86 -9.19 -16.75 -9.78
N LEU L 87 -8.50 -17.70 -9.17
CA LEU L 87 -7.04 -17.67 -9.06
C LEU L 87 -6.46 -18.17 -10.38
N LYS L 88 -5.62 -17.36 -11.03
CA LYS L 88 -4.99 -17.69 -12.31
C LYS L 88 -3.48 -17.68 -12.19
N PHE L 89 -2.80 -18.61 -12.89
CA PHE L 89 -1.34 -18.67 -12.93
C PHE L 89 -0.93 -18.24 -14.33
N HIS L 90 -0.09 -17.22 -14.41
CA HIS L 90 0.34 -16.67 -15.68
C HIS L 90 1.64 -17.33 -16.11
N ASP L 91 2.81 -16.63 -16.02
CA ASP L 91 4.08 -17.17 -16.45
C ASP L 91 4.63 -18.14 -15.39
N MET L 92 5.48 -19.05 -15.85
CA MET L 92 6.07 -20.07 -14.99
C MET L 92 7.29 -19.50 -14.32
N LEU L 93 7.31 -19.46 -12.98
CA LEU L 93 8.44 -18.90 -12.24
C LEU L 93 9.54 -19.91 -12.15
N LEU L 94 10.72 -19.57 -12.67
CA LEU L 94 11.88 -20.46 -12.62
C LEU L 94 12.71 -20.04 -11.45
N LEU L 95 13.00 -21.00 -10.58
CA LEU L 95 13.66 -20.74 -9.33
C LEU L 95 15.17 -20.85 -9.41
N ASP L 96 15.82 -19.97 -8.65
CA ASP L 96 17.25 -19.88 -8.43
C ASP L 96 17.51 -20.10 -6.94
N ASP L 97 18.74 -19.88 -6.48
CA ASP L 97 19.08 -19.99 -5.05
C ASP L 97 18.29 -18.93 -4.25
N ALA L 98 18.10 -17.74 -4.85
CA ALA L 98 17.31 -16.66 -4.29
C ALA L 98 16.40 -16.11 -5.37
N THR L 99 15.08 -16.15 -5.10
CA THR L 99 14.04 -15.72 -6.02
C THR L 99 13.07 -14.82 -5.24
N PRO L 100 13.32 -13.50 -5.18
CA PRO L 100 12.40 -12.63 -4.42
C PRO L 100 11.11 -12.44 -5.19
N VAL L 101 9.99 -12.39 -4.44
CA VAL L 101 8.64 -12.32 -4.98
C VAL L 101 7.81 -11.36 -4.17
N TRP L 102 6.96 -10.58 -4.84
CA TRP L 102 6.12 -9.60 -4.18
C TRP L 102 4.64 -9.87 -4.31
N VAL L 103 3.99 -10.19 -3.18
CA VAL L 103 2.56 -10.40 -3.13
C VAL L 103 1.93 -9.06 -2.78
N SER L 104 0.72 -8.83 -3.25
CA SER L 104 0.06 -7.55 -3.00
C SER L 104 -1.45 -7.69 -3.14
N ALA L 105 -2.16 -7.29 -2.09
CA ALA L 105 -3.62 -7.34 -2.08
C ALA L 105 -4.15 -5.95 -1.78
N ALA L 106 -5.25 -5.59 -2.43
CA ALA L 106 -5.85 -4.26 -2.28
C ALA L 106 -7.33 -4.36 -2.23
N VAL L 107 -7.94 -3.72 -1.24
CA VAL L 107 -9.39 -3.78 -1.09
C VAL L 107 -10.01 -2.91 -2.15
N THR L 108 -10.92 -3.50 -2.92
CA THR L 108 -11.64 -2.84 -4.01
C THR L 108 -13.00 -2.38 -3.50
N ALA L 109 -13.76 -3.33 -2.96
CA ALA L 109 -15.07 -3.15 -2.38
C ALA L 109 -15.10 -3.83 -1.01
N PRO L 110 -16.04 -3.50 -0.11
CA PRO L 110 -16.05 -4.18 1.20
C PRO L 110 -16.24 -5.69 1.08
N GLY L 111 -15.35 -6.43 1.75
CA GLY L 111 -15.34 -7.89 1.71
C GLY L 111 -14.82 -8.45 0.40
N THR L 112 -14.05 -7.64 -0.36
CA THR L 112 -13.48 -8.03 -1.65
C THR L 112 -12.12 -7.40 -1.83
N ALA L 113 -11.19 -8.10 -2.48
CA ALA L 113 -9.86 -7.55 -2.69
C ALA L 113 -9.14 -8.21 -3.84
N GLU L 114 -8.40 -7.42 -4.61
CA GLU L 114 -7.62 -7.89 -5.74
C GLU L 114 -6.28 -8.38 -5.23
N PHE L 115 -5.89 -9.60 -5.58
CA PHE L 115 -4.63 -10.23 -5.16
C PHE L 115 -3.69 -10.36 -6.33
N GLY L 116 -2.38 -10.40 -6.07
CA GLY L 116 -1.40 -10.49 -7.14
C GLY L 116 0.04 -10.73 -6.76
N VAL L 117 0.60 -11.84 -7.26
CA VAL L 117 2.00 -12.24 -7.05
C VAL L 117 2.80 -11.89 -8.29
N GLU L 118 3.83 -11.06 -8.13
CA GLU L 118 4.69 -10.60 -9.22
C GLU L 118 6.15 -10.71 -8.85
N THR L 119 7.02 -10.63 -9.83
CA THR L 119 8.45 -10.69 -9.60
C THR L 119 9.13 -9.61 -10.48
N HIS L 120 10.10 -8.92 -9.90
CA HIS L 120 10.80 -7.80 -10.47
C HIS L 120 12.23 -8.21 -10.79
N GLN L 121 12.64 -8.08 -12.07
CA GLN L 121 13.98 -8.45 -12.54
C GLN L 121 14.57 -7.37 -13.43
N SER L 122 15.57 -6.63 -12.90
CA SER L 122 16.30 -5.56 -13.62
C SER L 122 15.39 -4.36 -13.99
N GLY L 123 14.33 -4.13 -13.21
CA GLY L 123 13.36 -3.08 -13.46
C GLY L 123 12.06 -3.58 -14.07
N ASP L 124 12.11 -4.74 -14.77
CA ASP L 124 10.97 -5.34 -15.49
C ASP L 124 10.11 -6.25 -14.60
N ARG L 125 8.88 -5.80 -14.29
CA ARG L 125 7.93 -6.55 -13.48
C ARG L 125 7.29 -7.65 -14.32
N THR L 126 7.07 -8.83 -13.73
CA THR L 126 6.45 -9.99 -14.42
C THR L 126 5.36 -10.56 -13.53
N GLN L 127 4.09 -10.45 -13.93
CA GLN L 127 2.98 -10.97 -13.12
C GLN L 127 2.96 -12.48 -13.23
N ARG L 128 2.98 -13.17 -12.08
CA ARG L 128 3.02 -14.63 -12.01
C ARG L 128 1.69 -15.25 -11.63
N ALA L 129 0.84 -14.53 -10.87
CA ALA L 129 -0.48 -15.04 -10.50
C ALA L 129 -1.37 -13.93 -10.00
N THR L 130 -2.70 -14.04 -10.22
CA THR L 130 -3.69 -13.06 -9.77
C THR L 130 -4.99 -13.74 -9.38
N ALA L 131 -5.66 -13.19 -8.37
CA ALA L 131 -6.92 -13.75 -7.88
C ALA L 131 -7.77 -12.66 -7.23
N VAL L 132 -8.89 -13.07 -6.64
CA VAL L 132 -9.79 -12.20 -5.90
C VAL L 132 -10.02 -12.81 -4.54
N LEU L 133 -9.90 -12.04 -3.48
CA LEU L 133 -10.11 -12.53 -2.13
C LEU L 133 -11.48 -12.08 -1.68
N ARG L 134 -12.25 -12.96 -1.03
CA ARG L 134 -13.59 -12.63 -0.57
C ARG L 134 -13.83 -13.11 0.85
N GLY L 135 -14.35 -12.24 1.71
CA GLY L 135 -14.64 -12.56 3.11
C GLY L 135 -16.12 -12.67 3.44
N ASP L 136 -16.96 -11.99 2.64
CA ASP L 136 -18.42 -11.97 2.77
C ASP L 136 -19.09 -13.37 2.62
N VAL L 137 -18.41 -14.30 1.92
CA VAL L 137 -18.87 -15.68 1.69
C VAL L 137 -19.27 -16.39 2.96
N ASP L 138 -20.34 -17.20 2.87
CA ASP L 138 -20.94 -17.91 3.99
C ASP L 138 -20.17 -19.18 4.36
N ALA L 139 -20.19 -19.52 5.67
CA ALA L 139 -19.52 -20.69 6.23
C ALA L 139 -20.32 -21.95 5.93
N GLU L 140 -20.13 -22.45 4.69
CA GLU L 140 -20.79 -23.63 4.18
C GLU L 140 -19.76 -24.75 4.10
N ARG L 141 -19.43 -25.34 5.29
CA ARG L 141 -18.45 -26.41 5.38
C ARG L 141 -19.07 -27.68 4.87
N PRO L 142 -18.52 -28.32 3.82
CA PRO L 142 -19.14 -29.55 3.33
C PRO L 142 -19.08 -30.62 4.38
N ALA L 143 -20.17 -31.39 4.47
CA ALA L 143 -20.29 -32.44 5.47
C ALA L 143 -19.22 -33.49 5.29
N ALA L 144 -18.76 -34.04 6.41
CA ALA L 144 -17.74 -35.07 6.43
C ALA L 144 -18.18 -36.29 5.64
N HIS L 145 -17.20 -37.00 5.11
CA HIS L 145 -17.43 -38.16 4.29
C HIS L 145 -17.13 -39.41 5.08
N SER L 146 -17.62 -40.54 4.56
CA SER L 146 -17.36 -41.85 5.14
C SER L 146 -16.17 -42.42 4.43
N ILE L 147 -15.00 -42.35 5.06
CA ILE L 147 -13.76 -42.83 4.45
C ILE L 147 -13.87 -44.32 4.13
N ASP L 148 -14.54 -45.10 4.99
CA ASP L 148 -14.73 -46.52 4.74
C ASP L 148 -15.55 -46.76 3.48
N ALA L 149 -16.71 -46.09 3.36
CA ALA L 149 -17.62 -46.22 2.21
C ALA L 149 -16.98 -45.70 0.93
N LEU L 150 -16.26 -44.59 1.02
CA LEU L 150 -15.55 -44.03 -0.13
C LEU L 150 -14.57 -45.04 -0.69
N LEU L 151 -13.72 -45.59 0.18
CA LEU L 151 -12.71 -46.56 -0.22
C LEU L 151 -13.32 -47.87 -0.69
N ALA L 152 -14.50 -48.22 -0.16
CA ALA L 152 -15.21 -49.41 -0.60
C ALA L 152 -15.77 -49.20 -2.01
N ALA L 153 -16.26 -47.98 -2.30
CA ALA L 153 -16.80 -47.63 -3.61
C ALA L 153 -15.70 -47.48 -4.70
N HIS L 154 -14.42 -47.30 -4.29
CA HIS L 154 -13.29 -47.19 -5.21
C HIS L 154 -12.31 -48.33 -4.92
N PRO L 155 -12.50 -49.49 -5.55
CA PRO L 155 -11.63 -50.64 -5.28
C PRO L 155 -10.32 -50.65 -6.07
N ASN L 156 -10.33 -50.17 -7.33
CA ASN L 156 -9.16 -50.19 -8.20
C ASN L 156 -8.07 -49.23 -7.69
N ARG L 157 -6.97 -49.79 -7.19
CA ARG L 157 -5.85 -49.03 -6.63
C ARG L 157 -4.84 -48.63 -7.71
N VAL L 158 -4.27 -47.42 -7.59
CA VAL L 158 -3.25 -46.85 -8.47
C VAL L 158 -2.05 -46.46 -7.61
N ASP L 159 -0.85 -47.02 -7.84
CA ASP L 159 0.31 -46.68 -7.00
C ASP L 159 0.78 -45.25 -7.32
N GLY L 160 1.25 -44.57 -6.27
CA GLY L 160 1.75 -43.20 -6.38
C GLY L 160 3.03 -43.10 -7.16
N ASP L 161 3.99 -44.00 -6.87
CA ASP L 161 5.28 -44.03 -7.55
C ASP L 161 5.10 -44.30 -9.06
N GLU L 162 4.17 -45.23 -9.39
CA GLU L 162 3.82 -45.60 -10.78
C GLU L 162 3.27 -44.39 -11.53
N LEU L 163 2.44 -43.59 -10.86
CA LEU L 163 1.85 -42.38 -11.43
C LEU L 163 2.91 -41.27 -11.56
N ARG L 164 3.77 -41.09 -10.52
CA ARG L 164 4.84 -40.08 -10.52
C ARG L 164 5.91 -40.43 -11.55
N ALA L 165 6.04 -41.72 -11.91
CA ALA L 165 6.95 -42.14 -12.99
C ALA L 165 6.36 -41.70 -14.33
N GLY L 166 5.03 -41.80 -14.46
CA GLY L 166 4.30 -41.36 -15.63
C GLY L 166 4.41 -39.86 -15.86
N PHE L 167 4.48 -39.09 -14.77
CA PHE L 167 4.67 -37.64 -14.85
C PHE L 167 6.06 -37.30 -15.43
N GLY L 168 7.07 -38.08 -15.04
CA GLY L 168 8.44 -37.90 -15.52
C GLY L 168 8.62 -38.03 -17.02
N THR L 169 7.74 -38.79 -17.70
CA THR L 169 7.82 -38.98 -19.16
C THR L 169 7.38 -37.69 -19.89
N VAL L 170 6.28 -37.04 -19.42
CA VAL L 170 5.78 -35.81 -20.05
C VAL L 170 6.70 -34.60 -19.79
N GLY L 171 7.56 -34.68 -18.76
CA GLY L 171 8.52 -33.63 -18.43
C GLY L 171 8.44 -33.08 -17.01
N ILE L 172 7.40 -33.45 -16.25
CA ILE L 172 7.20 -32.96 -14.88
C ILE L 172 7.88 -33.91 -13.90
N GLY L 173 8.81 -33.36 -13.12
CA GLY L 173 9.54 -34.12 -12.11
C GLY L 173 9.07 -33.78 -10.70
N HIS L 174 8.69 -34.81 -9.92
CA HIS L 174 8.27 -34.66 -8.55
C HIS L 174 9.24 -35.42 -7.65
N GLY L 175 10.06 -34.68 -6.90
CA GLY L 175 11.04 -35.28 -6.00
C GLY L 175 10.43 -35.73 -4.69
N ALA L 176 11.29 -36.03 -3.71
CA ALA L 176 10.92 -36.53 -2.38
C ALA L 176 9.80 -35.74 -1.71
N ALA L 177 9.92 -34.41 -1.74
CA ALA L 177 8.95 -33.48 -1.14
C ALA L 177 7.56 -33.57 -1.77
N PHE L 178 7.52 -33.73 -3.09
CA PHE L 178 6.26 -33.77 -3.85
C PHE L 178 5.74 -35.21 -4.03
N ALA L 179 6.28 -36.18 -3.29
CA ALA L 179 5.85 -37.58 -3.35
C ALA L 179 4.87 -37.92 -2.22
N GLY L 180 4.02 -36.96 -1.85
CA GLY L 180 3.04 -37.17 -0.79
C GLY L 180 1.95 -38.17 -1.14
N LEU L 181 1.60 -38.26 -2.45
CA LEU L 181 0.56 -39.16 -2.94
C LEU L 181 1.03 -40.60 -2.81
N SER L 182 0.48 -41.34 -1.84
CA SER L 182 0.85 -42.72 -1.57
C SER L 182 0.23 -43.66 -2.58
N GLU L 183 -1.08 -43.53 -2.77
CA GLU L 183 -1.86 -44.36 -3.68
C GLU L 183 -3.26 -43.75 -3.89
N ALA L 184 -3.78 -43.85 -5.11
CA ALA L 184 -5.10 -43.32 -5.46
C ALA L 184 -6.06 -44.44 -5.81
N TYR L 185 -7.24 -44.45 -5.20
CA TYR L 185 -8.26 -45.46 -5.44
C TYR L 185 -9.29 -44.91 -6.41
N VAL L 186 -9.60 -45.67 -7.48
CA VAL L 186 -10.56 -45.29 -8.51
C VAL L 186 -11.54 -46.44 -8.73
N ALA L 187 -12.39 -46.33 -9.75
CA ALA L 187 -13.33 -47.38 -10.11
C ALA L 187 -13.35 -47.54 -11.63
N THR L 188 -14.12 -46.71 -12.36
CA THR L 188 -14.22 -46.76 -13.82
C THR L 188 -14.28 -45.33 -14.37
N ALA L 189 -14.48 -45.17 -15.68
CA ALA L 189 -14.62 -43.85 -16.28
C ALA L 189 -16.00 -43.26 -15.96
N ALA L 190 -17.05 -44.13 -15.85
CA ALA L 190 -18.42 -43.75 -15.51
C ALA L 190 -18.50 -43.08 -14.14
N GLU L 191 -17.70 -43.57 -13.18
CA GLU L 191 -17.60 -43.02 -11.82
C GLU L 191 -16.63 -41.85 -11.88
N PRO L 192 -17.06 -40.60 -11.59
CA PRO L 192 -16.16 -39.45 -11.79
C PRO L 192 -15.32 -39.04 -10.58
N THR L 193 -15.10 -39.93 -9.59
CA THR L 193 -14.35 -39.53 -8.39
C THR L 193 -13.10 -40.37 -8.15
N VAL L 194 -12.16 -39.79 -7.37
CA VAL L 194 -10.89 -40.40 -6.98
C VAL L 194 -10.67 -40.18 -5.51
N VAL L 195 -10.48 -41.26 -4.75
CA VAL L 195 -10.15 -41.18 -3.34
C VAL L 195 -8.66 -41.40 -3.26
N ALA L 196 -7.90 -40.38 -2.89
CA ALA L 196 -6.45 -40.48 -2.84
C ALA L 196 -5.94 -40.49 -1.43
N ALA L 197 -4.82 -41.18 -1.18
CA ALA L 197 -4.22 -41.26 0.14
C ALA L 197 -2.97 -40.42 0.19
N VAL L 198 -3.16 -39.10 0.34
CA VAL L 198 -2.05 -38.13 0.38
C VAL L 198 -1.61 -37.90 1.82
N ALA L 199 -0.39 -37.39 1.99
CA ALA L 199 0.18 -37.09 3.30
C ALA L 199 1.48 -36.36 3.13
N LEU L 200 1.69 -35.26 3.88
CA LEU L 200 2.92 -34.48 3.79
C LEU L 200 4.14 -35.31 4.21
N PRO L 201 5.17 -35.50 3.35
CA PRO L 201 6.33 -36.32 3.75
C PRO L 201 6.99 -35.92 5.08
N GLY L 202 7.52 -36.92 5.76
CA GLY L 202 8.18 -36.78 7.07
C GLY L 202 9.13 -35.62 7.27
N PRO L 203 10.05 -35.34 6.32
CA PRO L 203 10.97 -34.20 6.51
C PRO L 203 10.25 -32.86 6.63
N LEU L 204 9.22 -32.68 5.80
CA LEU L 204 8.43 -31.47 5.77
C LEU L 204 7.48 -31.30 6.94
N ARG L 205 7.18 -32.37 7.71
CA ARG L 205 6.26 -32.27 8.86
C ARG L 205 6.80 -31.29 9.91
N SER L 206 8.12 -31.17 10.04
CA SER L 206 8.76 -30.19 10.92
C SER L 206 8.48 -28.77 10.41
N GLY L 207 8.63 -28.61 9.10
CA GLY L 207 8.36 -27.36 8.39
C GLY L 207 6.92 -27.13 7.96
N GLN L 208 5.93 -27.53 8.81
CA GLN L 208 4.50 -27.24 8.57
C GLN L 208 4.24 -25.78 8.98
N ARG L 209 5.14 -25.23 9.85
CA ARG L 209 5.30 -23.83 10.23
C ARG L 209 3.97 -23.03 10.28
N GLY L 210 3.80 -22.02 9.39
CA GLY L 210 2.62 -21.17 9.29
C GLY L 210 1.92 -21.28 7.96
N TYR L 211 1.89 -22.48 7.40
CA TYR L 211 1.21 -22.73 6.15
C TYR L 211 -0.25 -23.06 6.39
N THR L 212 -1.18 -22.39 5.65
CA THR L 212 -2.61 -22.74 5.66
C THR L 212 -2.70 -24.20 5.18
N VAL L 213 -2.01 -24.48 4.07
CA VAL L 213 -1.82 -25.79 3.47
C VAL L 213 -0.42 -25.82 2.88
N HIS L 214 0.37 -26.88 3.14
CA HIS L 214 1.73 -26.93 2.60
C HIS L 214 1.67 -27.13 1.10
N PRO L 215 2.36 -26.33 0.27
CA PRO L 215 2.23 -26.51 -1.19
C PRO L 215 2.65 -27.89 -1.70
N ALA L 216 3.58 -28.57 -0.99
CA ALA L 216 4.02 -29.93 -1.34
C ALA L 216 2.85 -30.92 -1.27
N LEU L 217 2.01 -30.73 -0.23
CA LEU L 217 0.82 -31.55 0.02
C LEU L 217 -0.31 -31.23 -0.97
N LEU L 218 -0.59 -29.94 -1.18
CA LEU L 218 -1.63 -29.52 -2.12
C LEU L 218 -1.29 -29.94 -3.55
N ASP L 219 0.00 -29.95 -3.93
CA ASP L 219 0.37 -30.40 -5.29
C ASP L 219 0.17 -31.91 -5.40
N ALA L 220 0.39 -32.67 -4.31
CA ALA L 220 0.15 -34.11 -4.29
C ALA L 220 -1.36 -34.43 -4.47
N CYS L 221 -2.24 -33.51 -4.09
CA CYS L 221 -3.68 -33.64 -4.30
C CYS L 221 -4.00 -33.42 -5.76
N PHE L 222 -3.33 -32.44 -6.39
CA PHE L 222 -3.53 -32.17 -7.81
C PHE L 222 -3.05 -33.36 -8.64
N GLN L 223 -1.93 -34.01 -8.24
CA GLN L 223 -1.43 -35.21 -8.92
C GLN L 223 -2.51 -36.30 -8.94
N SER L 224 -3.21 -36.45 -7.80
CA SER L 224 -4.28 -37.42 -7.59
C SER L 224 -5.39 -37.38 -8.67
N VAL L 225 -5.66 -36.19 -9.25
CA VAL L 225 -6.67 -36.03 -10.30
C VAL L 225 -6.32 -36.84 -11.55
N ILE L 226 -5.02 -36.93 -11.87
CA ILE L 226 -4.52 -37.62 -13.06
C ILE L 226 -4.71 -39.14 -12.94
N ALA L 227 -4.83 -39.69 -11.70
CA ALA L 227 -5.07 -41.11 -11.48
C ALA L 227 -6.44 -41.59 -12.03
N HIS L 228 -7.38 -40.67 -12.29
CA HIS L 228 -8.70 -41.02 -12.81
C HIS L 228 -8.60 -41.66 -14.19
N PRO L 229 -9.34 -42.76 -14.48
CA PRO L 229 -9.21 -43.39 -15.81
C PRO L 229 -9.64 -42.50 -16.99
N GLU L 230 -10.73 -41.74 -16.83
CA GLU L 230 -11.21 -40.83 -17.88
C GLU L 230 -10.12 -39.80 -18.24
N VAL L 231 -9.30 -39.37 -17.26
CA VAL L 231 -8.21 -38.41 -17.50
C VAL L 231 -7.08 -39.11 -18.26
N GLN L 232 -6.68 -40.30 -17.80
CA GLN L 232 -5.62 -41.09 -18.42
C GLN L 232 -5.92 -41.36 -19.90
N ASN L 233 -7.16 -41.78 -20.18
CA ASN L 233 -7.60 -42.11 -21.52
C ASN L 233 -7.67 -40.88 -22.43
N ILE L 234 -8.39 -39.82 -22.01
CA ILE L 234 -8.59 -38.63 -22.82
C ILE L 234 -7.31 -37.78 -22.88
N ALA L 235 -7.04 -36.98 -21.84
CA ALA L 235 -5.88 -36.08 -21.82
C ALA L 235 -4.59 -36.86 -21.53
N SER L 236 -3.99 -37.40 -22.59
CA SER L 236 -2.74 -38.16 -22.53
C SER L 236 -1.57 -37.23 -22.97
N GLY L 237 -1.45 -36.08 -22.31
CA GLY L 237 -0.41 -35.09 -22.56
C GLY L 237 0.10 -34.50 -21.26
N MET L 238 0.88 -33.41 -21.34
CA MET L 238 1.44 -32.74 -20.14
C MET L 238 0.37 -31.87 -19.49
N LEU L 239 -0.11 -32.29 -18.28
CA LEU L 239 -1.15 -31.57 -17.55
C LEU L 239 -0.55 -30.78 -16.39
N LEU L 240 -0.60 -29.44 -16.50
CA LEU L 240 -0.11 -28.51 -15.49
C LEU L 240 -1.26 -27.70 -14.94
N PRO L 241 -1.28 -27.38 -13.64
CA PRO L 241 -2.37 -26.54 -13.10
C PRO L 241 -2.29 -25.12 -13.63
N LEU L 242 -3.42 -24.60 -14.14
CA LEU L 242 -3.55 -23.28 -14.72
C LEU L 242 -4.30 -22.29 -13.84
N GLY L 243 -5.17 -22.79 -12.94
CA GLY L 243 -5.99 -21.94 -12.08
C GLY L 243 -6.93 -22.69 -11.19
N VAL L 244 -7.74 -21.97 -10.41
CA VAL L 244 -8.67 -22.56 -9.43
C VAL L 244 -9.87 -21.64 -9.28
N ARG L 245 -11.05 -22.08 -9.65
CA ARG L 245 -12.22 -21.23 -9.51
C ARG L 245 -12.45 -20.70 -8.08
N ARG L 246 -12.39 -21.58 -7.07
CA ARG L 246 -12.71 -21.21 -5.68
C ARG L 246 -11.94 -22.09 -4.71
N LEU L 247 -11.25 -21.44 -3.76
CA LEU L 247 -10.41 -22.07 -2.75
C LEU L 247 -10.79 -21.60 -1.35
N ARG L 248 -11.09 -22.54 -0.45
CA ARG L 248 -11.44 -22.18 0.93
C ARG L 248 -10.83 -23.18 1.85
N ALA L 249 -10.31 -22.71 2.99
CA ALA L 249 -9.76 -23.55 4.03
C ALA L 249 -10.69 -23.50 5.21
N TYR L 250 -11.14 -24.67 5.66
CA TYR L 250 -12.07 -24.77 6.79
C TYR L 250 -11.36 -24.99 8.11
N GLY L 251 -10.18 -25.62 8.08
CA GLY L 251 -9.39 -25.89 9.27
C GLY L 251 -7.92 -26.11 9.00
N SER L 252 -7.21 -26.79 9.96
CA SER L 252 -5.78 -27.07 9.77
C SER L 252 -5.62 -28.31 8.93
N THR L 253 -4.77 -28.22 7.93
CA THR L 253 -4.51 -29.33 7.03
C THR L 253 -3.37 -30.23 7.55
N ARG L 254 -2.99 -30.11 8.81
CA ARG L 254 -1.87 -30.86 9.38
C ARG L 254 -2.13 -32.35 9.36
N ASN L 255 -3.32 -32.69 9.80
CA ASN L 255 -3.74 -34.07 9.95
C ASN L 255 -4.52 -34.59 8.72
N VAL L 256 -4.35 -33.97 7.52
CA VAL L 256 -5.00 -34.46 6.30
C VAL L 256 -4.32 -35.78 5.86
N ARG L 257 -5.12 -36.83 5.65
CA ARG L 257 -4.65 -38.14 5.21
C ARG L 257 -5.25 -38.56 3.86
N TYR L 258 -6.32 -37.88 3.38
CA TYR L 258 -6.97 -38.21 2.11
C TYR L 258 -7.33 -36.99 1.29
N CYS L 259 -7.54 -37.22 -0.01
CA CYS L 259 -7.98 -36.18 -0.93
C CYS L 259 -9.01 -36.75 -1.88
N LEU L 260 -10.25 -36.27 -1.77
CA LEU L 260 -11.35 -36.69 -2.61
C LEU L 260 -11.48 -35.76 -3.80
N SER L 261 -11.15 -36.26 -5.01
CA SER L 261 -11.23 -35.49 -6.25
C SER L 261 -12.47 -35.87 -7.03
N ARG L 262 -12.93 -34.98 -7.91
CA ARG L 262 -14.11 -35.19 -8.76
C ARG L 262 -13.89 -34.56 -10.11
N ILE L 263 -14.08 -35.30 -11.20
CA ILE L 263 -13.87 -34.78 -12.54
C ILE L 263 -15.12 -34.06 -13.01
N VAL L 264 -14.99 -32.76 -13.30
CA VAL L 264 -16.08 -31.94 -13.79
C VAL L 264 -16.13 -32.09 -15.30
N LYS L 265 -14.98 -31.89 -15.97
CA LYS L 265 -14.83 -31.97 -17.42
C LYS L 265 -13.48 -32.61 -17.76
N ALA L 266 -13.49 -33.52 -18.74
CA ALA L 266 -12.30 -34.24 -19.24
C ALA L 266 -12.27 -34.15 -20.76
N ASP L 267 -11.45 -33.24 -21.27
CA ASP L 267 -11.31 -32.95 -22.69
C ASP L 267 -9.86 -33.08 -23.12
N SER L 268 -9.65 -33.17 -24.44
CA SER L 268 -8.32 -33.24 -25.06
C SER L 268 -7.44 -32.03 -24.69
N PHE L 269 -8.07 -30.85 -24.55
CA PHE L 269 -7.35 -29.60 -24.23
C PHE L 269 -6.95 -29.54 -22.77
N GLY L 270 -7.91 -29.78 -21.88
CA GLY L 270 -7.66 -29.73 -20.45
C GLY L 270 -8.64 -30.53 -19.61
N VAL L 271 -8.45 -30.47 -18.28
CA VAL L 271 -9.26 -31.19 -17.30
C VAL L 271 -9.65 -30.25 -16.17
N GLU L 272 -10.95 -30.20 -15.83
CA GLU L 272 -11.44 -29.42 -14.69
C GLU L 272 -11.85 -30.38 -13.61
N ALA L 273 -11.58 -30.05 -12.35
CA ALA L 273 -11.95 -30.92 -11.24
C ALA L 273 -12.20 -30.16 -9.95
N ASP L 274 -12.93 -30.79 -9.05
CA ASP L 274 -13.27 -30.23 -7.74
C ASP L 274 -12.64 -31.12 -6.66
N LEU L 275 -11.80 -30.54 -5.77
CA LEU L 275 -11.08 -31.29 -4.72
C LEU L 275 -11.54 -30.96 -3.32
N GLU L 276 -11.27 -31.91 -2.40
CA GLU L 276 -11.62 -31.80 -0.99
C GLU L 276 -10.59 -32.56 -0.21
N LEU L 277 -9.90 -31.89 0.72
CA LEU L 277 -8.87 -32.49 1.56
C LEU L 277 -9.50 -32.97 2.85
N LEU L 278 -9.53 -34.28 3.07
CA LEU L 278 -10.18 -34.87 4.22
C LEU L 278 -9.19 -35.41 5.25
N ASP L 279 -9.52 -35.31 6.54
CA ASP L 279 -8.70 -35.90 7.59
C ASP L 279 -9.05 -37.41 7.68
N ALA L 280 -8.47 -38.11 8.64
CA ALA L 280 -8.73 -39.55 8.81
C ALA L 280 -10.21 -39.86 9.09
N ASP L 281 -10.90 -39.00 9.85
CA ASP L 281 -12.32 -39.15 10.19
C ASP L 281 -13.23 -38.94 8.97
N GLY L 282 -12.74 -38.15 8.01
CA GLY L 282 -13.46 -37.81 6.79
C GLY L 282 -13.93 -36.37 6.76
N THR L 283 -13.60 -35.57 7.78
CA THR L 283 -14.01 -34.15 7.85
C THR L 283 -13.27 -33.36 6.82
N VAL L 284 -13.95 -32.43 6.15
CA VAL L 284 -13.31 -31.60 5.11
C VAL L 284 -12.52 -30.47 5.77
N LEU L 285 -11.24 -30.34 5.37
CA LEU L 285 -10.31 -29.33 5.87
C LEU L 285 -10.04 -28.21 4.86
N LEU L 286 -10.05 -28.52 3.54
CA LEU L 286 -9.81 -27.51 2.49
C LEU L 286 -10.45 -27.98 1.15
N SER L 287 -11.28 -27.13 0.53
CA SER L 287 -11.93 -27.48 -0.73
C SER L 287 -11.46 -26.54 -1.79
N ALA L 288 -11.12 -27.14 -2.94
CA ALA L 288 -10.68 -26.43 -4.13
C ALA L 288 -11.59 -26.80 -5.24
N MET L 289 -12.49 -25.91 -5.63
CA MET L 289 -13.42 -26.15 -6.73
C MET L 289 -12.82 -25.58 -8.01
N GLY L 290 -13.05 -26.29 -9.09
CA GLY L 290 -12.63 -25.90 -10.41
C GLY L 290 -11.14 -25.80 -10.67
N LEU L 291 -10.35 -26.77 -10.21
CA LEU L 291 -8.94 -26.82 -10.53
C LEU L 291 -8.82 -26.97 -12.03
N GLN L 292 -8.29 -25.98 -12.73
CA GLN L 292 -8.11 -26.08 -14.17
C GLN L 292 -6.74 -26.70 -14.42
N LEU L 293 -6.67 -27.76 -15.21
CA LEU L 293 -5.44 -28.38 -15.67
C LEU L 293 -5.39 -28.18 -17.14
N GLY L 294 -4.21 -28.27 -17.71
CA GLY L 294 -4.11 -28.11 -19.14
C GLY L 294 -2.71 -28.00 -19.66
N THR L 295 -2.58 -28.30 -20.94
CA THR L 295 -1.32 -28.24 -21.63
C THR L 295 -1.09 -26.79 -22.06
N GLY L 296 0.02 -26.59 -22.75
CA GLY L 296 0.40 -25.33 -23.40
C GLY L 296 0.76 -25.59 -24.85
N ASN L 297 0.23 -26.71 -25.43
CA ASN L 297 0.52 -27.18 -26.78
C ASN L 297 -0.74 -27.27 -27.66
N SER L 298 -0.61 -26.74 -28.89
CA SER L 298 -1.64 -26.75 -29.94
C SER L 298 -1.32 -27.86 -31.00
N ASP L 299 -2.23 -28.06 -32.00
CA ASP L 299 -2.05 -29.06 -33.08
C ASP L 299 -1.01 -28.62 -34.14
N LYS L 300 -0.78 -27.29 -34.29
CA LYS L 300 0.16 -26.67 -35.24
C LYS L 300 1.56 -26.64 -34.64
N ALA L 301 1.65 -26.34 -33.31
CA ALA L 301 2.89 -26.31 -32.53
C ALA L 301 3.46 -27.73 -32.30
N GLU L 302 2.64 -28.81 -32.49
CA GLU L 302 3.06 -30.22 -32.40
C GLU L 302 3.78 -30.62 -33.70
N GLU L 303 3.22 -30.21 -34.86
CA GLU L 303 3.81 -30.45 -36.18
C GLU L 303 5.17 -29.78 -36.26
N GLU L 304 5.19 -28.47 -35.92
CA GLU L 304 6.37 -27.60 -35.89
C GLU L 304 7.49 -28.20 -35.01
N ARG L 305 7.15 -28.90 -33.90
CA ARG L 305 8.10 -29.56 -33.01
C ARG L 305 8.55 -30.93 -33.56
N LEU L 306 7.63 -31.72 -34.19
CA LEU L 306 7.98 -33.01 -34.80
C LEU L 306 8.98 -32.81 -35.93
N LEU L 307 8.79 -31.70 -36.66
CA LEU L 307 9.67 -31.19 -37.70
C LEU L 307 11.04 -30.90 -37.08
N ASP L 308 11.10 -30.07 -36.00
CA ASP L 308 12.34 -29.70 -35.28
C ASP L 308 13.16 -30.92 -34.78
N GLU L 309 12.47 -31.98 -34.32
CA GLU L 309 13.09 -33.21 -33.82
C GLU L 309 13.79 -34.04 -34.91
N ARG L 310 13.42 -33.83 -36.19
CA ARG L 310 13.90 -34.63 -37.32
C ARG L 310 14.96 -33.96 -38.26
N LEU L 311 15.22 -32.63 -38.19
CA LEU L 311 16.17 -31.99 -39.12
C LEU L 311 17.61 -32.04 -38.63
N LEU L 312 18.56 -32.05 -39.58
CA LEU L 312 20.01 -32.07 -39.28
C LEU L 312 20.85 -31.51 -40.45
N THR L 313 21.98 -30.87 -40.09
CA THR L 313 22.92 -30.25 -41.02
C THR L 313 24.36 -30.48 -40.56
N ILE L 314 25.29 -30.51 -41.53
CA ILE L 314 26.74 -30.69 -41.32
C ILE L 314 27.46 -29.33 -41.27
N GLU L 315 28.61 -29.26 -40.57
CA GLU L 315 29.47 -28.04 -40.50
C GLU L 315 30.97 -28.41 -40.69
N SER L 521 16.21 -29.16 -36.01
CA SER L 521 17.10 -28.01 -35.95
C SER L 521 16.78 -26.98 -37.06
N PRO L 522 15.59 -26.33 -37.05
CA PRO L 522 15.27 -25.34 -38.10
C PRO L 522 15.48 -23.92 -37.61
N LEU L 523 16.62 -23.30 -37.99
CA LEU L 523 16.90 -21.90 -37.66
C LEU L 523 16.00 -21.00 -38.52
N ARG L 524 15.93 -19.72 -38.16
CA ARG L 524 15.13 -18.74 -38.87
C ARG L 524 15.97 -17.55 -39.36
N ALA L 525 17.28 -17.45 -39.03
CA ALA L 525 18.04 -16.25 -39.40
C ALA L 525 18.45 -16.25 -40.89
N ALA L 526 19.50 -17.02 -41.24
CA ALA L 526 19.94 -17.13 -42.63
C ALA L 526 19.01 -18.07 -43.39
N GLU L 527 18.27 -18.89 -42.62
CA GLU L 527 17.32 -19.83 -43.18
C GLU L 527 16.03 -19.15 -43.60
N ARG L 528 15.76 -17.87 -43.23
CA ARG L 528 14.53 -17.21 -43.70
C ARG L 528 14.70 -16.93 -45.15
N ARG L 529 13.59 -16.90 -45.89
CA ARG L 529 13.69 -16.63 -47.32
C ARG L 529 14.24 -15.25 -47.54
N THR L 530 14.87 -15.04 -48.67
CA THR L 530 15.51 -13.76 -48.98
C THR L 530 15.09 -13.31 -50.36
N ALA L 531 15.08 -12.00 -50.60
CA ALA L 531 14.69 -11.44 -51.90
C ALA L 531 15.16 -10.01 -52.06
N VAL L 532 15.47 -9.57 -53.30
CA VAL L 532 15.94 -8.23 -53.57
C VAL L 532 14.76 -7.52 -54.18
N ALA L 533 14.43 -6.33 -53.66
CA ALA L 533 13.27 -5.58 -54.10
C ALA L 533 13.63 -4.13 -54.40
N ASP L 534 12.88 -3.54 -55.34
CA ASP L 534 13.09 -2.17 -55.79
C ASP L 534 12.75 -1.19 -54.68
N ASN L 535 13.33 -0.01 -54.76
CA ASN L 535 13.09 1.06 -53.81
C ASN L 535 11.86 1.80 -54.16
N ALA L 536 11.76 2.19 -55.44
CA ALA L 536 10.69 3.04 -55.96
C ALA L 536 9.36 2.31 -56.00
N SER L 537 9.42 1.02 -56.33
CA SER L 537 8.28 0.12 -56.40
C SER L 537 8.48 -0.94 -55.34
N GLU L 538 7.49 -1.83 -55.12
CA GLU L 538 7.54 -2.97 -54.18
C GLU L 538 7.69 -2.54 -52.70
N GLY L 539 6.81 -3.04 -51.83
CA GLY L 539 6.82 -2.68 -50.43
C GLY L 539 7.92 -3.33 -49.62
N MET L 540 8.64 -2.51 -48.84
CA MET L 540 9.71 -2.96 -47.93
C MET L 540 9.60 -2.19 -46.64
N ARG L 541 9.55 -2.89 -45.49
CA ARG L 541 9.33 -2.31 -44.16
C ARG L 541 10.36 -2.82 -43.15
N LEU L 542 10.66 -1.99 -42.16
CA LEU L 542 11.63 -2.31 -41.13
C LEU L 542 10.91 -2.72 -39.83
N VAL L 543 11.35 -3.88 -39.27
CA VAL L 543 10.74 -4.46 -38.08
C VAL L 543 11.73 -5.35 -37.25
N VAL L 544 11.47 -5.52 -35.93
CA VAL L 544 12.24 -6.40 -35.03
C VAL L 544 11.43 -7.68 -34.77
N ARG L 545 11.91 -8.85 -35.27
CA ARG L 545 11.20 -10.13 -35.12
C ARG L 545 10.95 -10.43 -33.61
N ASN L 546 11.93 -10.15 -32.74
CA ASN L 546 11.76 -10.33 -31.30
C ASN L 546 12.45 -9.15 -30.56
N PRO L 547 11.67 -8.24 -29.94
CA PRO L 547 12.29 -7.11 -29.23
C PRO L 547 13.26 -7.53 -28.13
N GLY L 548 14.18 -6.64 -27.82
CA GLY L 548 15.23 -6.86 -26.82
C GLY L 548 16.58 -6.96 -27.50
N ASP L 549 16.62 -7.72 -28.61
CA ASP L 549 17.81 -7.93 -29.42
C ASP L 549 17.78 -6.97 -30.61
N LEU L 550 18.79 -6.08 -30.74
CA LEU L 550 18.85 -5.18 -31.90
C LEU L 550 19.39 -5.89 -33.11
N GLU L 551 20.08 -7.03 -32.93
CA GLU L 551 20.56 -7.81 -34.06
C GLU L 551 19.34 -8.42 -34.80
N SER L 552 18.17 -8.56 -34.10
CA SER L 552 16.92 -9.09 -34.67
C SER L 552 16.28 -8.17 -35.68
N MET L 553 16.60 -6.86 -35.63
CA MET L 553 16.06 -5.85 -36.55
C MET L 553 16.32 -6.30 -37.99
N GLU L 554 15.25 -6.60 -38.71
CA GLU L 554 15.32 -7.10 -40.06
C GLU L 554 14.36 -6.32 -40.96
N LEU L 555 14.65 -6.29 -42.26
CA LEU L 555 13.80 -5.63 -43.24
C LEU L 555 12.91 -6.71 -43.87
N VAL L 556 11.58 -6.51 -43.86
CA VAL L 556 10.59 -7.49 -44.35
C VAL L 556 9.81 -6.90 -45.56
N THR L 557 9.30 -7.78 -46.45
CA THR L 557 8.52 -7.33 -47.61
C THR L 557 7.04 -7.30 -47.26
N PHE L 558 6.29 -6.48 -48.00
CA PHE L 558 4.85 -6.39 -47.85
C PHE L 558 4.17 -6.05 -49.20
N GLU L 559 2.94 -6.57 -49.39
CA GLU L 559 2.12 -6.28 -50.57
C GLU L 559 1.44 -4.93 -50.36
N ARG L 560 1.93 -3.88 -51.04
CA ARG L 560 1.34 -2.55 -50.90
C ARG L 560 0.02 -2.50 -51.68
N GLY L 561 -1.08 -2.51 -50.95
CA GLY L 561 -2.42 -2.51 -51.53
C GLY L 561 -3.01 -1.14 -51.73
N THR L 562 -4.14 -1.09 -52.45
CA THR L 562 -4.86 0.15 -52.70
C THR L 562 -5.41 0.72 -51.40
N PRO L 563 -5.24 2.02 -51.14
CA PRO L 563 -5.79 2.58 -49.91
C PRO L 563 -7.28 2.85 -50.05
N GLY L 564 -7.92 3.14 -48.92
CA GLY L 564 -9.33 3.50 -48.86
C GLY L 564 -10.11 2.57 -47.97
N PRO L 565 -11.28 3.02 -47.46
CA PRO L 565 -11.89 4.34 -47.67
C PRO L 565 -11.38 5.35 -46.66
N GLY L 566 -11.12 6.55 -47.13
CA GLY L 566 -10.62 7.63 -46.29
C GLY L 566 -9.19 7.46 -45.82
N GLN L 567 -8.35 6.85 -46.67
CA GLN L 567 -6.93 6.59 -46.38
C GLN L 567 -6.10 6.97 -47.58
N ILE L 568 -4.79 7.07 -47.36
CA ILE L 568 -3.83 7.52 -48.35
C ILE L 568 -2.55 6.76 -48.28
N GLU L 569 -2.01 6.38 -49.44
CA GLU L 569 -0.70 5.76 -49.55
C GLU L 569 0.29 6.90 -49.81
N VAL L 570 1.34 7.00 -48.97
CA VAL L 570 2.36 8.02 -49.10
C VAL L 570 3.66 7.35 -49.44
N ALA L 571 4.46 8.01 -50.27
CA ALA L 571 5.79 7.55 -50.67
C ALA L 571 6.76 8.21 -49.72
N VAL L 572 6.98 7.55 -48.59
CA VAL L 572 7.80 8.12 -47.55
C VAL L 572 9.22 8.32 -48.06
N LYS L 573 9.68 9.56 -47.94
CA LYS L 573 11.01 10.00 -48.31
C LYS L 573 11.90 9.97 -47.06
N ALA L 574 11.32 10.31 -45.88
CA ALA L 574 12.03 10.28 -44.60
C ALA L 574 11.08 10.09 -43.38
N SER L 575 11.55 9.34 -42.39
CA SER L 575 10.82 9.15 -41.14
C SER L 575 11.72 9.58 -40.00
N SER L 576 11.28 9.41 -38.76
CA SER L 576 12.12 9.86 -37.68
C SER L 576 12.17 8.87 -36.53
N ILE L 577 13.36 8.84 -35.85
CA ILE L 577 13.66 7.98 -34.71
C ILE L 577 13.37 8.74 -33.47
N ASN L 578 12.24 8.45 -32.87
CA ASN L 578 11.84 9.03 -31.59
C ASN L 578 12.35 8.09 -30.53
N PHE L 579 12.42 8.52 -29.28
CA PHE L 579 12.91 7.61 -28.28
C PHE L 579 11.88 6.51 -28.04
N ALA L 580 10.60 6.78 -28.29
CA ALA L 580 9.57 5.75 -28.22
C ALA L 580 9.94 4.53 -29.09
N ASP L 581 10.52 4.78 -30.30
CA ASP L 581 10.94 3.75 -31.26
C ASP L 581 12.13 2.92 -30.70
N VAL L 582 12.92 3.49 -29.77
CA VAL L 582 14.00 2.78 -29.10
C VAL L 582 13.40 1.76 -28.13
N LEU L 583 12.43 2.19 -27.36
CA LEU L 583 11.77 1.34 -26.38
C LEU L 583 11.05 0.19 -27.06
N VAL L 584 10.48 0.44 -28.24
CA VAL L 584 9.83 -0.62 -29.02
C VAL L 584 10.88 -1.67 -29.38
N ALA L 585 12.06 -1.21 -29.84
CA ALA L 585 13.20 -2.06 -30.19
C ALA L 585 13.63 -2.98 -29.05
N PHE L 586 13.65 -2.45 -27.81
CA PHE L 586 14.03 -3.20 -26.62
C PHE L 586 12.85 -3.90 -25.92
N GLY L 587 11.62 -3.64 -26.39
CA GLY L 587 10.41 -4.24 -25.80
C GLY L 587 9.96 -3.59 -24.51
N ARG L 588 10.54 -2.42 -24.16
CA ARG L 588 10.23 -1.68 -22.96
C ARG L 588 9.14 -0.60 -23.21
N CYS L 589 8.47 -0.60 -24.37
CA CYS L 589 7.51 0.45 -24.67
C CYS L 589 6.13 0.18 -24.05
N PRO L 590 5.59 1.13 -23.21
CA PRO L 590 4.23 0.97 -22.64
C PRO L 590 3.17 1.60 -23.55
N SER L 591 2.07 0.85 -23.76
CA SER L 591 0.99 1.27 -24.62
C SER L 591 -0.35 0.98 -23.94
N PHE L 592 -1.31 1.89 -24.12
CA PHE L 592 -2.69 1.78 -23.59
C PHE L 592 -3.41 0.65 -24.28
N ASP L 593 -3.16 0.50 -25.59
CA ASP L 593 -3.69 -0.56 -26.43
C ASP L 593 -3.28 -1.94 -25.88
N GLY L 594 -2.03 -2.02 -25.46
CA GLY L 594 -1.42 -3.24 -24.96
C GLY L 594 -0.49 -3.82 -26.00
N ARG L 595 -0.86 -3.65 -27.29
CA ARG L 595 -0.07 -4.14 -28.42
C ARG L 595 1.15 -3.26 -28.58
N LEU L 596 2.32 -3.88 -28.84
CA LEU L 596 3.56 -3.14 -28.99
C LEU L 596 3.53 -2.46 -30.36
N PRO L 597 3.72 -1.12 -30.39
CA PRO L 597 3.64 -0.42 -31.68
C PRO L 597 4.71 -0.81 -32.66
N GLU L 598 4.53 -0.36 -33.90
CA GLU L 598 5.44 -0.64 -34.99
C GLU L 598 6.44 0.52 -35.09
N LEU L 599 7.63 0.23 -35.60
CA LEU L 599 8.75 1.17 -35.72
C LEU L 599 8.55 2.31 -36.74
N GLY L 600 8.65 3.55 -36.25
CA GLY L 600 8.46 4.78 -37.00
C GLY L 600 7.05 5.29 -36.80
N SER L 601 6.90 6.44 -36.11
CA SER L 601 5.58 7.04 -35.81
C SER L 601 5.22 8.08 -36.85
N GLU L 602 6.12 9.02 -37.10
CA GLU L 602 5.91 10.10 -38.06
C GLU L 602 6.64 9.76 -39.35
N PHE L 603 6.43 10.60 -40.37
CA PHE L 603 6.99 10.40 -41.71
C PHE L 603 6.97 11.70 -42.48
N GLY L 604 7.45 11.62 -43.71
CA GLY L 604 7.45 12.73 -44.65
C GLY L 604 7.58 12.18 -46.04
N GLY L 605 6.61 12.45 -46.88
CA GLY L 605 6.63 11.91 -48.23
C GLY L 605 5.70 12.59 -49.18
N VAL L 606 5.42 11.91 -50.29
CA VAL L 606 4.55 12.43 -51.33
C VAL L 606 3.41 11.47 -51.51
N VAL L 607 2.19 11.98 -51.78
CA VAL L 607 1.05 11.08 -51.92
C VAL L 607 1.20 10.23 -53.18
N THR L 608 1.06 8.91 -53.00
CA THR L 608 1.13 7.94 -54.09
C THR L 608 -0.26 7.75 -54.63
N ALA L 609 -1.18 7.39 -53.74
CA ALA L 609 -2.58 7.14 -54.10
C ALA L 609 -3.50 7.58 -53.02
N VAL L 610 -4.68 8.06 -53.40
CA VAL L 610 -5.69 8.53 -52.47
C VAL L 610 -6.85 7.54 -52.53
N GLY L 611 -7.25 7.05 -51.37
CA GLY L 611 -8.33 6.08 -51.25
C GLY L 611 -9.71 6.70 -51.41
N PRO L 612 -10.67 5.97 -51.99
CA PRO L 612 -12.01 6.55 -52.19
C PRO L 612 -12.74 6.78 -50.86
N GLY L 613 -13.11 8.02 -50.52
CA GLY L 613 -12.90 9.23 -51.29
C GLY L 613 -12.65 10.40 -50.37
N VAL L 614 -11.56 11.16 -50.62
CA VAL L 614 -11.20 12.31 -49.78
C VAL L 614 -10.83 13.49 -50.67
N THR L 615 -11.50 14.62 -50.42
CA THR L 615 -11.33 15.87 -51.13
C THR L 615 -10.09 16.63 -50.65
N THR L 616 -9.70 16.38 -49.39
CA THR L 616 -8.58 17.04 -48.72
C THR L 616 -7.23 16.83 -49.41
N HIS L 617 -6.81 15.57 -49.56
CA HIS L 617 -5.51 15.28 -50.19
C HIS L 617 -5.64 15.00 -51.67
N ARG L 618 -4.54 15.24 -52.38
CA ARG L 618 -4.40 15.03 -53.82
C ARG L 618 -3.11 14.24 -54.05
N VAL L 619 -3.05 13.45 -55.14
CA VAL L 619 -1.86 12.66 -55.45
C VAL L 619 -0.75 13.60 -55.90
N GLY L 620 0.47 13.32 -55.44
CA GLY L 620 1.61 14.16 -55.76
C GLY L 620 1.83 15.28 -54.79
N ASP L 621 0.95 15.41 -53.77
CA ASP L 621 1.11 16.40 -52.72
C ASP L 621 2.25 16.00 -51.82
N ARG L 622 3.14 16.92 -51.52
CA ARG L 622 4.22 16.68 -50.55
C ARG L 622 3.60 16.79 -49.14
N VAL L 623 3.56 15.69 -48.36
CA VAL L 623 2.91 15.67 -47.05
C VAL L 623 3.82 15.19 -45.93
N GLY L 624 3.38 15.51 -44.72
CA GLY L 624 3.96 15.07 -43.46
C GLY L 624 2.79 14.54 -42.66
N GLY L 625 2.98 13.40 -42.01
CA GLY L 625 1.92 12.78 -41.22
C GLY L 625 2.40 11.74 -40.22
N VAL L 626 1.47 11.21 -39.43
CA VAL L 626 1.68 10.17 -38.42
C VAL L 626 0.87 8.98 -38.88
N SER L 627 1.23 7.76 -38.48
CA SER L 627 0.47 6.59 -38.95
C SER L 627 0.51 5.35 -38.09
N ALA L 628 1.69 5.00 -37.53
CA ALA L 628 1.94 3.71 -36.90
C ALA L 628 2.12 2.79 -38.11
N ASN L 629 1.74 1.50 -38.05
CA ASN L 629 1.83 0.60 -39.22
C ASN L 629 3.24 0.60 -39.89
N GLY L 630 4.26 1.07 -39.18
CA GLY L 630 5.64 1.11 -39.66
C GLY L 630 5.91 2.21 -40.68
N CYS L 631 6.52 3.32 -40.21
CA CYS L 631 6.90 4.43 -41.07
C CYS L 631 8.34 4.29 -41.49
N TRP L 632 9.05 3.22 -41.07
CA TRP L 632 10.40 2.93 -41.53
C TRP L 632 10.22 2.04 -42.76
N SER L 633 9.73 2.65 -43.86
CA SER L 633 9.43 1.98 -45.13
C SER L 633 9.32 2.97 -46.27
N ASN L 634 9.29 2.44 -47.46
CA ASN L 634 9.17 3.23 -48.67
C ASN L 634 7.69 3.59 -48.96
N PHE L 635 6.72 2.85 -48.36
CA PHE L 635 5.28 3.12 -48.56
C PHE L 635 4.52 2.94 -47.29
N VAL L 636 3.62 3.87 -46.98
CA VAL L 636 2.84 3.86 -45.75
C VAL L 636 1.45 4.24 -46.04
N THR L 637 0.50 3.42 -45.63
CA THR L 637 -0.91 3.75 -45.79
C THR L 637 -1.33 4.38 -44.48
N CYS L 638 -1.86 5.62 -44.52
CA CYS L 638 -2.31 6.34 -43.32
C CYS L 638 -3.65 7.02 -43.59
N GLU L 639 -4.41 7.37 -42.51
CA GLU L 639 -5.69 8.04 -42.68
C GLU L 639 -5.51 9.47 -43.18
N ALA L 640 -6.55 10.03 -43.80
CA ALA L 640 -6.53 11.41 -44.29
C ALA L 640 -6.45 12.41 -43.13
N ASP L 641 -7.00 12.00 -41.96
CA ASP L 641 -7.00 12.78 -40.72
C ASP L 641 -5.58 12.96 -40.17
N LEU L 642 -4.60 12.12 -40.59
CA LEU L 642 -3.24 12.17 -40.05
C LEU L 642 -2.18 12.72 -40.98
N ALA L 643 -2.54 13.44 -42.03
CA ALA L 643 -1.50 14.05 -42.83
C ALA L 643 -1.91 15.42 -43.21
N THR L 644 -0.91 16.22 -43.50
CA THR L 644 -1.08 17.61 -43.88
C THR L 644 -0.10 17.89 -44.99
N LYS L 645 -0.46 18.77 -45.91
CA LYS L 645 0.46 19.20 -46.96
C LYS L 645 1.51 20.12 -46.35
N LEU L 646 2.76 19.98 -46.81
CA LEU L 646 3.86 20.76 -46.27
C LEU L 646 3.97 22.11 -46.98
N PRO L 647 4.19 23.22 -46.24
CA PRO L 647 4.42 24.51 -46.90
C PRO L 647 5.75 24.53 -47.65
N GLU L 648 5.95 25.49 -48.56
CA GLU L 648 7.16 25.56 -49.39
C GLU L 648 8.46 25.61 -48.56
N GLY L 649 8.42 26.20 -47.36
CA GLY L 649 9.59 26.36 -46.51
C GLY L 649 10.30 25.13 -45.96
N ILE L 650 9.60 23.94 -45.90
CA ILE L 650 10.21 22.70 -45.40
C ILE L 650 10.07 21.52 -46.32
N SER L 651 11.07 20.64 -46.24
CA SER L 651 11.17 19.40 -46.99
C SER L 651 10.43 18.32 -46.30
N GLU L 652 10.47 17.16 -46.91
CA GLU L 652 9.89 15.95 -46.35
C GLU L 652 10.80 15.47 -45.20
N HIS L 653 12.13 15.70 -45.29
CA HIS L 653 13.10 15.34 -44.24
C HIS L 653 13.01 16.28 -43.05
N GLU L 654 12.89 17.58 -43.33
CA GLU L 654 12.79 18.56 -42.27
C GLU L 654 11.54 18.25 -41.47
N ALA L 655 10.38 18.06 -42.14
CA ALA L 655 9.08 17.71 -41.50
C ALA L 655 9.08 16.41 -40.71
N ALA L 656 9.86 15.43 -41.14
CA ALA L 656 9.93 14.16 -40.42
C ALA L 656 10.60 14.36 -39.08
N ALA L 657 11.69 15.12 -39.02
CA ALA L 657 12.35 15.35 -37.75
C ALA L 657 11.48 16.17 -36.77
N VAL L 658 10.93 17.27 -37.24
CA VAL L 658 10.16 18.23 -36.47
C VAL L 658 8.89 17.63 -35.82
N GLY L 659 7.97 17.21 -36.66
CA GLY L 659 6.64 16.71 -36.31
C GLY L 659 6.26 16.50 -34.85
N LEU L 660 6.70 15.37 -34.28
CA LEU L 660 6.32 14.95 -32.91
C LEU L 660 7.07 15.72 -31.85
N ALA L 661 8.39 15.89 -31.99
CA ALA L 661 9.18 16.63 -31.01
C ALA L 661 8.56 18.01 -30.76
N TYR L 662 8.39 18.77 -31.84
CA TYR L 662 7.82 20.11 -31.77
C TYR L 662 6.34 20.07 -31.46
N GLY L 663 5.63 19.07 -31.97
CA GLY L 663 4.21 18.91 -31.70
C GLY L 663 3.96 18.75 -30.22
N THR L 664 4.62 17.76 -29.61
CA THR L 664 4.51 17.47 -28.17
C THR L 664 4.79 18.73 -27.35
N VAL L 665 5.86 19.43 -27.69
CA VAL L 665 6.27 20.67 -27.03
C VAL L 665 5.22 21.76 -27.23
N TRP L 666 4.74 21.93 -28.46
CA TRP L 666 3.75 22.96 -28.78
C TRP L 666 2.51 22.73 -27.95
N LEU L 667 1.99 21.51 -27.99
CA LEU L 667 0.84 21.13 -27.20
C LEU L 667 1.10 21.41 -25.73
N GLY L 668 2.17 20.83 -25.20
CA GLY L 668 2.54 20.95 -23.80
C GLY L 668 2.79 22.34 -23.24
N LEU L 669 3.62 23.13 -23.93
CA LEU L 669 4.01 24.44 -23.43
C LEU L 669 3.07 25.56 -23.87
N THR L 670 2.96 25.82 -25.15
CA THR L 670 2.14 26.94 -25.62
C THR L 670 0.62 26.69 -25.54
N GLU L 671 0.18 25.43 -25.57
CA GLU L 671 -1.25 25.12 -25.59
C GLU L 671 -1.82 24.76 -24.22
N LEU L 672 -1.20 23.79 -23.51
CA LEU L 672 -1.70 23.34 -22.21
C LEU L 672 -1.21 24.23 -21.08
N ALA L 673 0.12 24.39 -20.97
CA ALA L 673 0.73 25.19 -19.92
C ALA L 673 0.65 26.68 -20.22
N ARG L 674 0.25 27.09 -21.45
CA ARG L 674 0.18 28.48 -21.86
C ARG L 674 1.42 29.22 -21.36
N MET L 675 2.56 28.85 -21.96
CA MET L 675 3.84 29.41 -21.59
C MET L 675 3.87 30.88 -21.93
N SER L 676 3.86 31.69 -20.90
CA SER L 676 3.92 33.14 -21.03
C SER L 676 5.38 33.56 -21.12
N ALA L 677 5.62 34.84 -21.35
CA ALA L 677 6.97 35.36 -21.38
C ALA L 677 7.45 35.65 -19.98
N GLY L 678 8.73 35.45 -19.76
CA GLY L 678 9.37 35.67 -18.47
C GLY L 678 9.32 34.53 -17.48
N ASP L 679 8.24 33.71 -17.50
CA ASP L 679 8.13 32.61 -16.54
C ASP L 679 9.25 31.57 -16.76
N LYS L 680 9.67 30.95 -15.66
CA LYS L 680 10.80 30.01 -15.64
C LYS L 680 10.35 28.61 -16.01
N ILE L 681 11.11 27.93 -16.87
CA ILE L 681 10.78 26.59 -17.35
C ILE L 681 11.92 25.62 -17.11
N LEU L 682 11.60 24.40 -16.65
CA LEU L 682 12.58 23.34 -16.43
C LEU L 682 12.46 22.31 -17.54
N ILE L 683 13.48 22.20 -18.40
CA ILE L 683 13.49 21.27 -19.52
C ILE L 683 14.40 20.09 -19.20
N HIS L 684 13.84 18.93 -18.87
CA HIS L 684 14.68 17.76 -18.58
C HIS L 684 15.23 17.13 -19.88
N SER L 685 16.52 16.70 -19.86
CA SER L 685 17.21 16.05 -20.98
C SER L 685 17.06 16.90 -22.26
N ALA L 686 17.51 18.16 -22.13
CA ALA L 686 17.35 19.20 -23.14
C ALA L 686 18.21 19.01 -24.42
N THR L 687 19.15 18.05 -24.45
CA THR L 687 19.98 17.79 -25.63
C THR L 687 19.26 16.93 -26.68
N GLY L 688 18.19 16.26 -26.27
CA GLY L 688 17.38 15.44 -27.16
C GLY L 688 16.46 16.19 -28.11
N GLY L 689 15.65 15.44 -28.87
CA GLY L 689 14.74 16.01 -29.84
C GLY L 689 13.69 16.94 -29.28
N VAL L 690 12.95 16.45 -28.28
CA VAL L 690 11.89 17.20 -27.61
C VAL L 690 12.54 18.33 -26.76
N GLY L 691 13.73 18.05 -26.23
CA GLY L 691 14.49 19.02 -25.44
C GLY L 691 14.90 20.23 -26.26
N GLN L 692 15.46 19.98 -27.46
CA GLN L 692 15.87 21.05 -28.37
C GLN L 692 14.64 21.82 -28.85
N ALA L 693 13.53 21.11 -29.10
CA ALA L 693 12.28 21.76 -29.49
C ALA L 693 11.73 22.65 -28.37
N ALA L 694 11.83 22.17 -27.12
CA ALA L 694 11.38 22.91 -25.94
C ALA L 694 12.15 24.20 -25.77
N ILE L 695 13.49 24.14 -25.94
CA ILE L 695 14.35 25.30 -25.88
C ILE L 695 13.88 26.32 -26.91
N ALA L 696 13.69 25.88 -28.16
CA ALA L 696 13.27 26.73 -29.27
C ALA L 696 12.03 27.57 -28.93
N VAL L 697 10.95 26.93 -28.44
CA VAL L 697 9.71 27.64 -28.16
C VAL L 697 9.84 28.41 -26.83
N ALA L 698 10.67 27.93 -25.89
CA ALA L 698 10.90 28.66 -24.63
C ALA L 698 11.67 29.93 -24.91
N ARG L 699 12.65 29.87 -25.82
CA ARG L 699 13.43 31.03 -26.26
C ARG L 699 12.50 31.98 -26.99
N ALA L 700 11.63 31.42 -27.87
CA ALA L 700 10.66 32.20 -28.63
C ALA L 700 9.67 32.91 -27.71
N ALA L 701 9.16 32.18 -26.72
CA ALA L 701 8.20 32.73 -25.75
C ALA L 701 8.85 33.75 -24.81
N GLY L 702 10.17 33.68 -24.65
CA GLY L 702 10.92 34.57 -23.79
C GLY L 702 10.95 34.06 -22.36
N ALA L 703 10.97 32.73 -22.20
CA ALA L 703 10.99 32.07 -20.89
C ALA L 703 12.43 31.83 -20.44
N GLU L 704 12.66 31.87 -19.12
CA GLU L 704 13.98 31.64 -18.54
C GLU L 704 14.20 30.14 -18.45
N ILE L 705 15.18 29.59 -19.22
CA ILE L 705 15.40 28.14 -19.27
C ILE L 705 16.36 27.66 -18.17
N TYR L 706 15.96 26.53 -17.57
CA TYR L 706 16.67 25.74 -16.57
C TYR L 706 16.69 24.34 -17.16
N ALA L 707 17.84 23.80 -17.55
CA ALA L 707 17.87 22.50 -18.23
C ALA L 707 18.66 21.46 -17.49
N THR L 708 18.46 20.18 -17.85
CA THR L 708 19.17 19.06 -17.24
C THR L 708 19.64 18.11 -18.33
N ALA L 709 20.68 17.33 -18.03
CA ALA L 709 21.25 16.34 -18.94
C ALA L 709 22.10 15.34 -18.15
N GLY L 710 22.22 14.13 -18.70
CA GLY L 710 22.92 13.03 -18.05
C GLY L 710 24.43 13.15 -18.03
N SER L 711 25.03 13.19 -19.21
CA SER L 711 26.48 13.27 -19.36
C SER L 711 27.01 14.67 -19.07
N GLU L 712 28.32 14.74 -18.74
CA GLU L 712 28.96 16.03 -18.51
C GLU L 712 29.14 16.71 -19.86
N LYS L 713 29.55 15.95 -20.87
CA LYS L 713 29.68 16.45 -22.24
C LYS L 713 28.35 17.05 -22.72
N ARG L 714 27.24 16.38 -22.40
CA ARG L 714 25.90 16.81 -22.79
C ARG L 714 25.51 18.05 -22.02
N ARG L 715 25.87 18.13 -20.73
CA ARG L 715 25.57 19.32 -19.91
C ARG L 715 26.39 20.49 -20.45
N GLN L 716 27.68 20.28 -20.75
CA GLN L 716 28.56 21.33 -21.26
C GLN L 716 28.05 21.87 -22.59
N LEU L 717 27.38 21.02 -23.41
CA LEU L 717 26.81 21.52 -24.66
C LEU L 717 25.74 22.57 -24.37
N LEU L 718 24.88 22.32 -23.38
CA LEU L 718 23.82 23.27 -23.02
C LEU L 718 24.44 24.57 -22.54
N ARG L 719 25.49 24.49 -21.73
CA ARG L 719 26.18 25.67 -21.24
C ARG L 719 26.75 26.46 -22.43
N ASP L 720 27.26 25.76 -23.47
CA ASP L 720 27.81 26.36 -24.69
C ASP L 720 26.70 26.94 -25.58
N TRP L 721 25.53 26.28 -25.63
CA TRP L 721 24.36 26.77 -26.37
C TRP L 721 23.85 28.11 -25.83
N GLY L 722 24.36 28.54 -24.68
CA GLY L 722 24.03 29.81 -24.06
C GLY L 722 22.96 29.70 -23.01
N ILE L 723 22.86 28.54 -22.36
CA ILE L 723 21.85 28.34 -21.34
C ILE L 723 22.62 28.23 -20.02
N GLU L 724 22.48 29.26 -19.17
CA GLU L 724 23.00 29.27 -17.81
C GLU L 724 21.96 28.52 -17.00
N HIS L 725 22.36 27.79 -15.96
CA HIS L 725 21.45 26.98 -15.13
C HIS L 725 21.24 25.58 -15.74
N VAL L 726 22.32 24.78 -15.78
CA VAL L 726 22.34 23.40 -16.26
C VAL L 726 22.62 22.48 -15.07
N TYR L 727 21.86 21.37 -14.94
CA TYR L 727 21.99 20.42 -13.82
C TYR L 727 21.98 18.97 -14.30
N ASP L 728 22.13 17.99 -13.37
CA ASP L 728 22.13 16.57 -13.75
C ASP L 728 20.70 16.06 -13.71
N SER L 729 20.28 15.37 -14.77
CA SER L 729 18.96 14.79 -14.93
C SER L 729 18.83 13.45 -14.20
N ARG L 730 19.95 12.78 -13.93
CA ARG L 730 19.96 11.47 -13.26
C ARG L 730 19.81 11.54 -11.71
N THR L 731 19.82 12.75 -11.12
CA THR L 731 19.68 12.92 -9.66
C THR L 731 18.53 13.85 -9.32
N THR L 732 18.24 14.01 -8.03
CA THR L 732 17.22 14.95 -7.52
C THR L 732 17.92 16.23 -7.01
N ALA L 733 19.12 16.52 -7.54
CA ALA L 733 19.91 17.68 -7.15
C ALA L 733 19.28 18.90 -7.69
N PHE L 734 19.03 18.90 -9.01
CA PHE L 734 18.43 20.02 -9.72
C PHE L 734 17.38 20.77 -8.88
N ALA L 735 16.52 20.05 -8.12
CA ALA L 735 15.46 20.65 -7.31
C ALA L 735 16.01 21.69 -6.35
N ASP L 736 16.84 21.28 -5.40
CA ASP L 736 17.39 22.21 -4.42
C ASP L 736 18.35 23.19 -5.07
N GLN L 737 19.07 22.78 -6.12
CA GLN L 737 19.99 23.68 -6.85
C GLN L 737 19.24 24.80 -7.55
N ILE L 738 18.08 24.49 -8.16
CA ILE L 738 17.25 25.49 -8.83
C ILE L 738 16.58 26.36 -7.77
N ARG L 739 16.15 25.76 -6.66
CA ARG L 739 15.56 26.56 -5.57
C ARG L 739 16.60 27.61 -5.11
N THR L 740 17.88 27.23 -5.04
CA THR L 740 18.96 28.14 -4.66
C THR L 740 19.23 29.17 -5.76
N ASP L 741 19.28 28.71 -7.03
CA ASP L 741 19.54 29.59 -8.18
C ASP L 741 18.32 30.49 -8.56
N THR L 742 17.15 30.36 -7.87
CA THR L 742 15.98 31.21 -8.10
C THR L 742 15.57 31.93 -6.79
N ASP L 743 16.44 31.90 -5.77
CA ASP L 743 16.20 32.51 -4.47
C ASP L 743 14.87 32.00 -3.86
N GLY L 744 14.74 30.69 -3.85
CA GLY L 744 13.60 29.96 -3.29
C GLY L 744 12.32 29.95 -4.11
N TYR L 745 12.28 30.60 -5.27
CA TYR L 745 11.06 30.65 -6.07
C TYR L 745 10.72 29.34 -6.74
N GLY L 746 11.71 28.70 -7.33
CA GLY L 746 11.51 27.48 -8.09
C GLY L 746 11.19 27.86 -9.52
N VAL L 747 10.48 26.99 -10.23
CA VAL L 747 10.10 27.29 -11.61
C VAL L 747 8.56 27.47 -11.70
N ASP L 748 8.06 27.61 -12.94
CA ASP L 748 6.65 27.73 -13.26
C ASP L 748 6.17 26.56 -14.05
N ILE L 749 6.89 26.21 -15.11
CA ILE L 749 6.58 25.11 -15.99
C ILE L 749 7.64 24.05 -15.83
N VAL L 750 7.27 22.77 -15.98
CA VAL L 750 8.21 21.64 -15.87
C VAL L 750 7.87 20.64 -16.94
N LEU L 751 8.73 20.49 -17.95
CA LEU L 751 8.49 19.52 -19.01
C LEU L 751 9.15 18.19 -18.60
N ASN L 752 8.41 17.44 -17.77
CA ASN L 752 8.90 16.21 -17.15
C ASN L 752 8.92 14.97 -18.05
N SER L 753 10.14 14.61 -18.47
CA SER L 753 10.42 13.37 -19.18
C SER L 753 11.01 12.35 -18.18
N VAL L 754 11.51 12.83 -17.00
CA VAL L 754 12.16 12.00 -15.97
C VAL L 754 11.12 11.26 -15.07
N THR L 755 11.58 10.36 -14.18
CA THR L 755 10.70 9.49 -13.40
C THR L 755 11.12 9.24 -11.94
N GLY L 756 10.15 8.75 -11.17
CA GLY L 756 10.33 8.33 -9.80
C GLY L 756 10.41 9.49 -8.83
N PRO L 757 11.49 9.56 -7.99
CA PRO L 757 11.61 10.69 -7.06
C PRO L 757 11.93 11.99 -7.79
N ALA L 758 12.44 11.90 -9.03
CA ALA L 758 12.74 13.06 -9.84
C ALA L 758 11.46 13.72 -10.37
N GLN L 759 10.40 12.94 -10.48
CA GLN L 759 9.08 13.45 -10.88
C GLN L 759 8.52 14.22 -9.70
N ARG L 760 8.47 13.56 -8.54
CA ARG L 760 8.01 14.13 -7.27
C ARG L 760 8.80 15.40 -6.93
N ALA L 761 10.14 15.37 -7.09
CA ALA L 761 11.03 16.51 -6.82
C ALA L 761 10.77 17.68 -7.74
N GLY L 762 10.40 17.39 -8.98
CA GLY L 762 10.06 18.38 -9.99
C GLY L 762 8.74 19.07 -9.68
N LEU L 763 7.76 18.32 -9.16
CA LEU L 763 6.47 18.89 -8.77
C LEU L 763 6.66 19.80 -7.56
N GLU L 764 7.42 19.33 -6.60
CA GLU L 764 7.70 20.12 -5.40
C GLU L 764 8.42 21.43 -5.74
N LEU L 765 9.20 21.43 -6.84
CA LEU L 765 9.95 22.59 -7.31
C LEU L 765 9.05 23.76 -7.79
N LEU L 766 8.14 23.51 -8.78
CA LEU L 766 7.33 24.60 -9.38
C LEU L 766 6.41 25.26 -8.34
N ALA L 767 6.23 26.59 -8.48
CA ALA L 767 5.54 27.41 -7.49
C ALA L 767 4.46 28.31 -8.05
N PHE L 768 3.24 28.17 -7.48
CA PHE L 768 2.04 28.98 -7.70
C PHE L 768 1.56 28.85 -9.13
N GLY L 769 2.26 29.43 -10.08
CA GLY L 769 1.94 29.25 -11.49
C GLY L 769 1.69 27.77 -11.76
N GLY L 770 2.61 26.95 -11.24
CA GLY L 770 2.58 25.51 -11.24
C GLY L 770 1.91 24.83 -12.41
N ARG L 771 2.70 24.47 -13.43
CA ARG L 771 2.20 23.79 -14.60
C ARG L 771 3.10 22.59 -14.92
N PHE L 772 2.84 21.46 -14.29
CA PHE L 772 3.60 20.24 -14.50
C PHE L 772 3.14 19.48 -15.74
N VAL L 773 3.96 19.43 -16.79
CA VAL L 773 3.61 18.75 -18.04
C VAL L 773 4.30 17.39 -18.12
N GLU L 774 3.61 16.30 -17.72
CA GLU L 774 4.23 14.99 -17.80
C GLU L 774 4.02 14.37 -19.16
N ILE L 775 5.12 14.27 -19.92
CA ILE L 775 5.19 13.60 -21.21
C ILE L 775 5.63 12.13 -20.97
N GLY L 776 6.44 11.88 -19.92
CA GLY L 776 6.90 10.55 -19.52
C GLY L 776 5.80 9.60 -19.05
N LYS L 777 5.60 8.48 -19.80
CA LYS L 777 4.56 7.50 -19.55
C LYS L 777 4.83 6.47 -18.41
N ARG L 778 6.09 6.19 -18.06
CA ARG L 778 6.41 5.12 -17.09
C ARG L 778 5.64 5.20 -15.78
N ASP L 779 5.62 6.38 -15.15
CA ASP L 779 4.98 6.55 -13.84
C ASP L 779 3.46 6.49 -13.89
N ILE L 780 2.85 6.88 -15.02
CA ILE L 780 1.40 6.81 -15.21
C ILE L 780 1.00 5.36 -15.30
N TYR L 781 1.62 4.59 -16.21
CA TYR L 781 1.29 3.18 -16.42
C TYR L 781 1.71 2.30 -15.22
N ALA L 782 2.52 2.82 -14.32
CA ALA L 782 2.87 2.14 -13.08
C ALA L 782 1.86 2.42 -11.92
N ASP L 783 0.89 3.33 -12.14
CA ASP L 783 -0.12 3.79 -11.16
C ASP L 783 0.55 4.38 -9.93
N THR L 784 1.67 5.09 -10.13
CA THR L 784 2.37 5.67 -9.00
C THR L 784 1.44 6.63 -8.31
N ARG L 785 1.20 6.42 -7.03
CA ARG L 785 0.30 7.24 -6.25
C ARG L 785 1.08 8.49 -5.87
N LEU L 786 0.72 9.57 -6.52
CA LEU L 786 1.36 10.86 -6.38
C LEU L 786 0.73 11.64 -5.29
N GLY L 787 1.52 12.14 -4.37
CA GLY L 787 1.00 12.96 -3.28
C GLY L 787 0.43 14.25 -3.80
N LEU L 788 -0.84 14.54 -3.42
CA LEU L 788 -1.52 15.77 -3.85
C LEU L 788 -1.17 17.03 -3.02
N PHE L 789 -0.43 16.93 -1.92
CA PHE L 789 -0.16 18.10 -1.10
C PHE L 789 0.48 19.27 -1.82
N PRO L 790 1.45 19.08 -2.76
CA PRO L 790 2.05 20.24 -3.46
C PRO L 790 1.04 21.08 -4.26
N PHE L 791 -0.08 20.49 -4.64
CA PHE L 791 -1.10 21.16 -5.41
C PHE L 791 -1.79 22.31 -4.65
N ARG L 792 -1.54 22.46 -3.31
CA ARG L 792 -2.14 23.53 -2.53
C ARG L 792 -1.81 24.92 -3.10
N ARG L 793 -0.76 25.03 -3.97
CA ARG L 793 -0.36 26.28 -4.61
C ARG L 793 -0.95 26.42 -6.04
N ASN L 794 -2.23 26.06 -6.27
CA ASN L 794 -2.89 26.18 -7.59
C ASN L 794 -2.10 25.50 -8.77
N LEU L 795 -1.48 24.34 -8.49
CA LEU L 795 -0.75 23.60 -9.52
C LEU L 795 -1.70 22.95 -10.52
N SER L 796 -1.16 22.57 -11.67
CA SER L 796 -1.92 21.95 -12.75
C SER L 796 -1.09 20.84 -13.38
N PHE L 797 -1.57 19.61 -13.33
CA PHE L 797 -0.89 18.44 -13.90
C PHE L 797 -1.44 18.14 -15.27
N TYR L 798 -0.59 17.92 -16.27
CA TYR L 798 -1.06 17.61 -17.61
C TYR L 798 -0.41 16.35 -18.11
N ALA L 799 -1.22 15.36 -18.44
CA ALA L 799 -0.72 14.13 -19.03
C ALA L 799 -0.75 14.27 -20.53
N VAL L 800 0.31 13.82 -21.22
CA VAL L 800 0.42 13.94 -22.67
C VAL L 800 0.76 12.58 -23.27
N ASP L 801 -0.02 12.14 -24.27
CA ASP L 801 0.19 10.89 -25.03
C ASP L 801 -0.28 11.09 -26.47
N LEU L 802 0.53 11.78 -27.28
CA LEU L 802 0.25 12.03 -28.70
C LEU L 802 -0.13 10.75 -29.43
N ALA L 803 0.50 9.64 -29.07
CA ALA L 803 0.23 8.33 -29.70
C ALA L 803 -1.25 7.94 -29.58
N LEU L 804 -1.79 8.10 -28.40
CA LEU L 804 -3.18 7.79 -28.10
C LEU L 804 -4.08 8.80 -28.78
N MET L 805 -3.69 10.09 -28.73
CA MET L 805 -4.40 11.19 -29.37
C MET L 805 -4.61 10.98 -30.84
N THR L 806 -3.64 10.33 -31.50
CA THR L 806 -3.71 9.99 -32.93
C THR L 806 -4.96 9.14 -33.23
N VAL L 807 -5.44 8.38 -32.23
CA VAL L 807 -6.59 7.53 -32.34
C VAL L 807 -7.84 8.22 -31.84
N THR L 808 -7.78 8.82 -30.64
CA THR L 808 -8.95 9.43 -30.00
C THR L 808 -9.39 10.74 -30.64
N HIS L 809 -8.44 11.63 -30.98
CA HIS L 809 -8.72 12.93 -31.60
C HIS L 809 -7.71 13.18 -32.70
N PRO L 810 -7.82 12.50 -33.85
CA PRO L 810 -6.80 12.65 -34.90
C PRO L 810 -6.79 14.03 -35.55
N GLN L 811 -7.92 14.74 -35.54
CA GLN L 811 -7.97 16.10 -36.07
C GLN L 811 -7.06 17.03 -35.26
N LYS L 812 -7.01 16.90 -33.91
CA LYS L 812 -6.16 17.76 -33.09
C LYS L 812 -4.68 17.50 -33.41
N ILE L 813 -4.30 16.24 -33.72
CA ILE L 813 -2.92 15.90 -34.09
C ILE L 813 -2.61 16.47 -35.47
N ARG L 814 -3.56 16.40 -36.41
CA ARG L 814 -3.36 16.96 -37.75
C ARG L 814 -3.04 18.43 -37.68
N ASP L 815 -3.80 19.15 -36.87
CA ASP L 815 -3.66 20.59 -36.70
C ASP L 815 -2.37 20.93 -35.95
N LEU L 816 -2.00 20.08 -34.99
CA LEU L 816 -0.78 20.24 -34.21
C LEU L 816 0.47 20.02 -35.10
N LEU L 817 0.39 19.13 -36.09
CA LEU L 817 1.52 18.92 -37.00
C LEU L 817 1.58 20.05 -37.97
N ALA L 818 0.43 20.39 -38.52
CA ALA L 818 0.32 21.45 -39.50
C ALA L 818 0.80 22.77 -38.93
N THR L 819 0.48 23.06 -37.66
CA THR L 819 0.90 24.32 -37.07
C THR L 819 2.42 24.33 -36.81
N VAL L 820 3.05 23.20 -36.46
CA VAL L 820 4.52 23.19 -36.26
C VAL L 820 5.20 23.26 -37.62
N TYR L 821 4.65 22.61 -38.66
CA TYR L 821 5.21 22.68 -40.01
C TYR L 821 5.17 24.11 -40.54
N ARG L 822 4.13 24.86 -40.17
CA ARG L 822 3.99 26.25 -40.59
C ARG L 822 5.04 27.09 -39.85
N LEU L 823 5.09 27.00 -38.52
CA LEU L 823 6.03 27.78 -37.70
C LEU L 823 7.48 27.57 -38.09
N ILE L 824 7.85 26.31 -38.36
CA ILE L 824 9.22 25.96 -38.69
C ILE L 824 9.57 26.44 -40.12
N ALA L 825 8.59 26.38 -41.05
CA ALA L 825 8.75 26.83 -42.45
C ALA L 825 8.82 28.35 -42.53
N ASP L 826 8.02 29.04 -41.70
CA ASP L 826 8.01 30.51 -41.60
C ASP L 826 9.32 31.04 -41.01
N GLY L 827 10.00 30.21 -40.22
CA GLY L 827 11.21 30.56 -39.53
C GLY L 827 10.93 31.05 -38.13
N THR L 828 9.64 31.02 -37.72
CA THR L 828 9.22 31.41 -36.37
C THR L 828 9.97 30.58 -35.33
N LEU L 829 10.22 29.30 -35.65
CA LEU L 829 11.00 28.38 -34.83
C LEU L 829 12.16 27.81 -35.64
N PRO L 830 13.35 27.67 -35.04
CA PRO L 830 14.48 27.10 -35.77
C PRO L 830 14.52 25.59 -35.57
N LEU L 831 14.86 24.85 -36.61
CA LEU L 831 14.91 23.39 -36.52
C LEU L 831 16.13 22.94 -35.67
N PRO L 832 16.16 21.68 -35.17
CA PRO L 832 17.23 21.24 -34.29
C PRO L 832 18.36 20.48 -34.99
N GLU L 833 19.29 19.93 -34.19
CA GLU L 833 20.38 19.11 -34.72
C GLU L 833 19.77 17.88 -35.35
N ILE L 834 19.95 17.71 -36.67
CA ILE L 834 19.40 16.58 -37.39
C ILE L 834 20.55 15.77 -37.95
N THR L 835 20.64 14.52 -37.48
CA THR L 835 21.65 13.58 -37.91
C THR L 835 20.95 12.56 -38.81
N HIS L 836 21.34 12.50 -40.09
CA HIS L 836 20.71 11.59 -41.02
C HIS L 836 21.39 10.22 -40.99
N TYR L 837 20.58 9.16 -41.06
CA TYR L 837 21.03 7.76 -41.08
C TYR L 837 20.34 7.02 -42.21
N PRO L 838 21.03 6.18 -42.99
CA PRO L 838 20.32 5.39 -44.00
C PRO L 838 19.51 4.30 -43.33
N LEU L 839 18.50 3.81 -44.03
CA LEU L 839 17.60 2.79 -43.50
C LEU L 839 18.34 1.49 -43.05
N GLU L 840 19.48 1.19 -43.64
CA GLU L 840 20.30 0.03 -43.29
C GLU L 840 20.88 0.17 -41.87
N GLU L 841 21.46 1.35 -41.56
CA GLU L 841 22.09 1.64 -40.26
C GLU L 841 21.08 2.09 -39.20
N ALA L 842 19.89 1.49 -39.17
CA ALA L 842 18.91 1.87 -38.18
C ALA L 842 19.27 1.31 -36.82
N ALA L 843 19.69 0.02 -36.74
CA ALA L 843 20.08 -0.61 -35.45
C ALA L 843 21.22 0.13 -34.81
N THR L 844 22.12 0.69 -35.64
CA THR L 844 23.25 1.46 -35.15
C THR L 844 22.74 2.76 -34.52
N ALA L 845 21.76 3.43 -35.17
CA ALA L 845 21.16 4.65 -34.64
C ALA L 845 20.45 4.36 -33.32
N ILE L 846 19.87 3.15 -33.17
CA ILE L 846 19.20 2.74 -31.94
C ILE L 846 20.24 2.53 -30.90
N ARG L 847 21.29 1.75 -31.18
CA ARG L 847 22.34 1.56 -30.16
C ARG L 847 22.88 2.91 -29.61
N ILE L 848 23.05 3.93 -30.49
CA ILE L 848 23.57 5.23 -30.11
C ILE L 848 22.56 5.96 -29.25
N MET L 849 21.32 5.98 -29.72
CA MET L 849 20.25 6.65 -29.00
C MET L 849 19.94 5.94 -27.69
N GLY L 850 20.05 4.60 -27.71
CA GLY L 850 19.82 3.74 -26.56
C GLY L 850 20.87 3.88 -25.47
N GLY L 851 22.07 4.31 -25.85
CA GLY L 851 23.16 4.55 -24.91
C GLY L 851 23.29 6.01 -24.48
N ALA L 852 22.31 6.87 -24.85
CA ALA L 852 22.30 8.31 -24.57
C ALA L 852 23.56 9.04 -25.10
N GLN L 853 24.18 8.50 -26.18
CA GLN L 853 25.36 9.09 -26.82
C GLN L 853 24.94 10.21 -27.77
N HIS L 854 23.75 10.06 -28.37
CA HIS L 854 23.20 10.99 -29.36
C HIS L 854 22.88 12.39 -28.84
N THR L 855 22.61 13.31 -29.80
CA THR L 855 22.20 14.70 -29.57
C THR L 855 21.25 15.13 -30.70
N GLY L 856 20.14 15.74 -30.31
CA GLY L 856 19.15 16.23 -31.25
C GLY L 856 18.28 15.13 -31.80
N LYS L 857 17.85 15.30 -33.07
CA LYS L 857 16.97 14.35 -33.73
C LYS L 857 17.75 13.48 -34.69
N LEU L 858 17.26 12.25 -34.81
CA LEU L 858 17.78 11.22 -35.66
C LEU L 858 16.74 10.93 -36.69
N VAL L 859 17.08 11.24 -37.94
CA VAL L 859 16.24 11.02 -39.10
C VAL L 859 16.74 9.73 -39.74
N ILE L 860 15.87 9.09 -40.52
CA ILE L 860 16.17 7.86 -41.20
C ILE L 860 15.72 8.09 -42.65
N ASP L 861 16.70 8.14 -43.58
CA ASP L 861 16.45 8.45 -45.00
C ASP L 861 16.08 7.20 -45.77
N ILE L 862 14.98 7.27 -46.51
CA ILE L 862 14.49 6.14 -47.27
C ILE L 862 15.24 6.15 -48.61
N PRO L 863 15.61 4.96 -49.13
CA PRO L 863 16.30 4.92 -50.41
C PRO L 863 15.42 5.28 -51.60
N ASP L 864 16.02 6.00 -52.55
CA ASP L 864 15.42 6.42 -53.82
C ASP L 864 16.54 7.01 -54.68
N THR L 865 16.87 6.35 -55.79
CA THR L 865 17.93 6.82 -56.73
C THR L 865 17.77 6.14 -58.11
N GLY L 866 17.55 4.83 -58.05
CA GLY L 866 17.35 3.94 -59.18
C GLY L 866 18.08 2.63 -58.97
N GLN L 867 17.99 2.08 -57.71
CA GLN L 867 18.71 0.89 -57.26
C GLN L 867 17.75 0.01 -56.43
N SER L 868 18.24 -1.12 -55.91
CA SER L 868 17.45 -2.08 -55.16
C SER L 868 18.06 -2.34 -53.79
N GLN L 869 17.26 -2.94 -52.87
CA GLN L 869 17.66 -3.27 -51.49
C GLN L 869 17.30 -4.74 -51.15
N VAL L 870 18.06 -5.37 -50.21
CA VAL L 870 17.86 -6.78 -49.83
C VAL L 870 16.77 -6.87 -48.75
N VAL L 871 15.72 -7.67 -49.01
CA VAL L 871 14.52 -7.85 -48.20
C VAL L 871 14.29 -9.33 -47.83
N VAL L 872 13.39 -9.60 -46.85
CA VAL L 872 13.11 -10.97 -46.40
C VAL L 872 11.60 -11.31 -46.36
N PRO L 873 11.05 -12.13 -47.29
CA PRO L 873 9.66 -12.63 -47.09
C PRO L 873 9.69 -13.71 -46.01
N PRO L 874 8.93 -13.57 -44.92
CA PRO L 874 8.99 -14.59 -43.85
C PRO L 874 8.24 -15.87 -44.24
N GLU L 875 6.94 -16.01 -43.87
CA GLU L 875 6.13 -17.17 -44.21
C GLU L 875 4.95 -16.70 -45.09
N GLN L 876 5.25 -15.74 -45.99
CA GLN L 876 4.38 -15.21 -47.06
C GLN L 876 4.89 -15.83 -48.39
N VAL L 877 5.58 -16.99 -48.33
CA VAL L 877 6.23 -17.64 -49.47
C VAL L 877 5.22 -18.47 -50.30
N PRO L 878 5.03 -18.11 -51.59
CA PRO L 878 4.11 -18.89 -52.44
C PRO L 878 4.79 -20.16 -52.94
N VAL L 879 4.72 -21.22 -52.12
CA VAL L 879 5.30 -22.51 -52.46
C VAL L 879 4.39 -23.14 -53.50
N PHE L 880 3.18 -23.51 -53.08
CA PHE L 880 2.21 -24.11 -53.99
C PHE L 880 1.20 -23.04 -54.41
N ARG L 881 1.09 -22.80 -55.74
CA ARG L 881 0.17 -21.83 -56.34
C ARG L 881 -0.25 -22.24 -57.80
N GLY L 882 -1.51 -21.94 -58.14
CA GLY L 882 -2.15 -22.26 -59.41
C GLY L 882 -1.62 -21.52 -60.62
N ASP L 883 -0.99 -20.34 -60.41
CA ASP L 883 -0.42 -19.52 -61.49
C ASP L 883 1.07 -19.88 -61.76
N GLY L 884 1.45 -21.16 -61.60
CA GLY L 884 2.81 -21.64 -61.82
C GLY L 884 2.89 -23.12 -62.12
N ALA L 885 3.76 -23.52 -63.08
CA ALA L 885 3.98 -24.92 -63.46
C ALA L 885 5.10 -25.54 -62.64
N TYR L 886 5.13 -26.88 -62.57
CA TYR L 886 6.13 -27.60 -61.78
C TYR L 886 6.57 -28.86 -62.51
N VAL L 887 7.83 -29.31 -62.26
CA VAL L 887 8.46 -30.48 -62.88
C VAL L 887 8.91 -31.46 -61.79
N ILE L 888 8.63 -32.75 -61.97
CA ILE L 888 9.04 -33.78 -61.01
C ILE L 888 9.72 -34.93 -61.75
N THR L 889 11.02 -35.13 -61.53
CA THR L 889 11.77 -36.24 -62.15
C THR L 889 11.61 -37.42 -61.19
N GLY L 890 11.31 -38.60 -61.74
CA GLY L 890 11.00 -39.78 -60.95
C GLY L 890 9.64 -39.64 -60.30
N GLY L 891 8.72 -39.07 -61.08
CA GLY L 891 7.35 -38.79 -60.65
C GLY L 891 6.38 -39.93 -60.84
N LEU L 892 6.64 -40.85 -61.79
CA LEU L 892 5.74 -41.98 -62.00
C LEU L 892 5.84 -43.04 -60.90
N GLY L 893 6.80 -42.90 -59.97
CA GLY L 893 6.93 -43.85 -58.88
C GLY L 893 7.54 -43.29 -57.62
N GLY L 894 7.36 -44.05 -56.54
CA GLY L 894 7.89 -43.74 -55.22
C GLY L 894 7.35 -42.48 -54.59
N LEU L 895 8.27 -41.61 -54.16
CA LEU L 895 7.95 -40.35 -53.49
C LEU L 895 7.30 -39.39 -54.47
N GLY L 896 7.93 -39.24 -55.63
CA GLY L 896 7.47 -38.34 -56.69
C GLY L 896 5.99 -38.45 -57.02
N LEU L 897 5.43 -39.68 -57.03
CA LEU L 897 4.00 -39.87 -57.31
C LEU L 897 3.13 -39.44 -56.11
N PHE L 898 3.61 -39.66 -54.87
CA PHE L 898 2.91 -39.22 -53.66
C PHE L 898 2.95 -37.69 -53.56
N LEU L 899 4.12 -37.10 -53.80
CA LEU L 899 4.30 -35.64 -53.80
C LEU L 899 3.46 -34.99 -54.88
N ALA L 900 3.43 -35.57 -56.10
CA ALA L 900 2.63 -35.05 -57.22
C ALA L 900 1.13 -35.05 -56.87
N GLU L 901 0.65 -36.13 -56.25
CA GLU L 901 -0.74 -36.26 -55.80
C GLU L 901 -1.03 -35.22 -54.70
N ARG L 902 -0.10 -35.04 -53.76
CA ARG L 902 -0.22 -34.07 -52.67
C ARG L 902 -0.17 -32.63 -53.22
N MET L 903 0.70 -32.37 -54.21
CA MET L 903 0.84 -31.05 -54.86
C MET L 903 -0.39 -30.68 -55.67
N ALA L 904 -0.95 -31.65 -56.42
CA ALA L 904 -2.17 -31.44 -57.21
C ALA L 904 -3.32 -31.05 -56.28
N ALA L 905 -3.40 -31.72 -55.11
CA ALA L 905 -4.38 -31.43 -54.06
C ALA L 905 -4.09 -30.10 -53.37
N ALA L 906 -2.80 -29.74 -53.20
CA ALA L 906 -2.40 -28.45 -52.59
C ALA L 906 -2.69 -27.22 -53.48
N GLY L 907 -3.11 -27.43 -54.74
CA GLY L 907 -3.47 -26.36 -55.66
C GLY L 907 -2.32 -25.95 -56.53
N CYS L 908 -2.04 -26.76 -57.57
CA CYS L 908 -0.95 -26.50 -58.52
C CYS L 908 -1.48 -26.61 -59.96
N GLY L 909 -1.22 -25.58 -60.76
CA GLY L 909 -1.64 -25.55 -62.15
C GLY L 909 -0.54 -26.15 -62.98
N ARG L 910 -0.74 -27.40 -63.45
CA ARG L 910 0.19 -28.17 -64.31
C ARG L 910 1.41 -28.71 -63.54
N ILE L 911 1.50 -30.06 -63.42
CA ILE L 911 2.62 -30.74 -62.80
C ILE L 911 3.13 -31.75 -63.81
N VAL L 912 4.28 -31.48 -64.47
CA VAL L 912 4.86 -32.42 -65.43
C VAL L 912 5.57 -33.51 -64.61
N VAL L 913 5.24 -34.78 -64.88
CA VAL L 913 5.81 -35.94 -64.20
C VAL L 913 6.71 -36.66 -65.22
N ASN L 914 7.85 -37.18 -64.75
CA ASN L 914 8.82 -37.84 -65.62
C ASN L 914 9.40 -39.11 -64.97
N SER L 915 9.74 -40.07 -65.83
CA SER L 915 10.37 -41.33 -65.48
C SER L 915 10.60 -42.06 -66.80
N ARG L 916 11.84 -42.54 -67.05
CA ARG L 916 12.20 -43.20 -68.31
C ARG L 916 11.25 -44.36 -68.67
N SER L 917 10.80 -45.14 -67.67
CA SER L 917 9.85 -46.24 -67.89
C SER L 917 8.42 -45.69 -68.05
N ALA L 918 7.57 -46.39 -68.80
CA ALA L 918 6.17 -45.99 -68.99
C ALA L 918 5.37 -46.12 -67.69
N PRO L 919 4.20 -45.46 -67.55
CA PRO L 919 3.44 -45.59 -66.29
C PRO L 919 2.90 -46.99 -66.03
N SER L 920 3.01 -47.45 -64.76
CA SER L 920 2.49 -48.76 -64.37
C SER L 920 0.96 -48.74 -64.33
N THR L 921 0.35 -49.92 -64.15
CA THR L 921 -1.11 -50.06 -64.10
C THR L 921 -1.68 -49.33 -62.86
N ARG L 922 -0.99 -49.39 -61.70
CA ARG L 922 -1.45 -48.69 -60.49
C ARG L 922 -1.12 -47.19 -60.58
N SER L 923 0.00 -46.83 -61.24
CA SER L 923 0.40 -45.43 -61.42
C SER L 923 -0.58 -44.70 -62.32
N SER L 924 -1.00 -45.33 -63.43
CA SER L 924 -1.99 -44.76 -64.35
C SER L 924 -3.33 -44.48 -63.66
N GLU L 925 -3.76 -45.37 -62.72
CA GLU L 925 -4.99 -45.20 -61.95
C GLU L 925 -4.92 -43.97 -61.03
N ILE L 926 -3.74 -43.71 -60.43
CA ILE L 926 -3.53 -42.57 -59.54
C ILE L 926 -3.57 -41.27 -60.36
N ILE L 927 -2.99 -41.28 -61.56
CA ILE L 927 -2.97 -40.09 -62.42
C ILE L 927 -4.40 -39.79 -62.93
N GLU L 928 -5.21 -40.82 -63.21
CA GLU L 928 -6.59 -40.65 -63.69
C GLU L 928 -7.46 -39.93 -62.65
N LEU L 929 -7.44 -40.38 -61.39
CA LEU L 929 -8.24 -39.75 -60.33
C LEU L 929 -7.74 -38.33 -59.98
N ILE L 930 -6.45 -38.00 -60.19
CA ILE L 930 -5.94 -36.66 -59.94
C ILE L 930 -6.45 -35.72 -61.04
N ARG L 931 -6.38 -36.16 -62.31
CA ARG L 931 -6.87 -35.37 -63.44
C ARG L 931 -8.38 -35.20 -63.36
N ALA L 932 -9.11 -36.23 -62.87
CA ALA L 932 -10.56 -36.18 -62.67
C ALA L 932 -10.93 -35.08 -61.67
N THR L 933 -10.09 -34.92 -60.61
CA THR L 933 -10.27 -33.90 -59.58
C THR L 933 -9.49 -32.63 -59.95
N GLY L 934 -9.93 -31.97 -61.01
CA GLY L 934 -9.35 -30.72 -61.51
C GLY L 934 -7.94 -30.79 -62.06
N ALA L 935 -6.96 -30.33 -61.25
CA ALA L 935 -5.51 -30.21 -61.56
C ALA L 935 -5.01 -31.19 -62.62
N ASP L 936 -4.46 -30.67 -63.73
CA ASP L 936 -3.95 -31.52 -64.81
C ASP L 936 -2.54 -32.00 -64.51
N ILE L 937 -2.25 -33.26 -64.89
CA ILE L 937 -0.99 -33.95 -64.67
C ILE L 937 -0.50 -34.44 -66.01
N VAL L 938 0.57 -33.86 -66.51
CA VAL L 938 1.15 -34.26 -67.77
C VAL L 938 2.25 -35.26 -67.47
N VAL L 939 2.44 -36.23 -68.37
CA VAL L 939 3.47 -37.26 -68.24
C VAL L 939 4.31 -37.22 -69.49
N GLU L 940 5.59 -36.85 -69.32
CA GLU L 940 6.57 -36.80 -70.40
C GLU L 940 7.72 -37.68 -69.97
N CYS L 941 7.83 -38.87 -70.57
CA CYS L 941 8.88 -39.82 -70.22
C CYS L 941 10.19 -39.45 -70.90
N GLY L 942 11.27 -39.91 -70.31
CA GLY L 942 12.62 -39.69 -70.81
C GLY L 942 13.70 -39.95 -69.78
N ASP L 943 14.91 -40.21 -70.25
CA ASP L 943 16.07 -40.44 -69.39
C ASP L 943 16.72 -39.09 -69.11
N ILE L 944 16.48 -38.50 -67.92
CA ILE L 944 17.06 -37.21 -67.49
C ILE L 944 18.57 -37.10 -67.72
N ALA L 945 19.30 -38.24 -67.70
CA ALA L 945 20.74 -38.28 -68.00
C ALA L 945 20.99 -37.71 -69.41
N GLU L 946 20.05 -37.93 -70.37
CA GLU L 946 20.11 -37.32 -71.71
C GLU L 946 19.68 -35.86 -71.58
N PRO L 947 20.36 -34.91 -72.25
CA PRO L 947 20.02 -33.49 -72.07
C PRO L 947 18.67 -33.10 -72.63
N ASP L 948 18.29 -33.62 -73.82
CA ASP L 948 17.02 -33.30 -74.50
C ASP L 948 15.79 -33.57 -73.61
N THR L 949 15.88 -34.54 -72.69
CA THR L 949 14.78 -34.86 -71.78
C THR L 949 14.48 -33.66 -70.86
N ALA L 950 15.52 -33.09 -70.21
CA ALA L 950 15.35 -31.91 -69.34
C ALA L 950 14.67 -30.73 -70.05
N LEU L 951 15.00 -30.51 -71.34
CA LEU L 951 14.44 -29.42 -72.15
C LEU L 951 12.99 -29.69 -72.53
N ARG L 952 12.70 -30.94 -72.92
CA ARG L 952 11.37 -31.43 -73.30
C ARG L 952 10.39 -31.24 -72.13
N LEU L 953 10.84 -31.61 -70.91
CA LEU L 953 10.09 -31.45 -69.65
C LEU L 953 9.72 -30.00 -69.37
N VAL L 954 10.73 -29.11 -69.44
CA VAL L 954 10.60 -27.68 -69.20
C VAL L 954 9.65 -27.04 -70.22
N ALA L 955 9.81 -27.37 -71.50
CA ALA L 955 8.94 -26.85 -72.57
C ALA L 955 7.49 -27.29 -72.39
N ALA L 956 7.27 -28.55 -71.92
CA ALA L 956 5.94 -29.11 -71.68
C ALA L 956 5.23 -28.41 -70.51
N ALA L 957 5.95 -28.16 -69.41
CA ALA L 957 5.40 -27.50 -68.21
C ALA L 957 5.00 -26.03 -68.52
N THR L 958 5.79 -25.33 -69.35
CA THR L 958 5.54 -23.92 -69.72
C THR L 958 4.37 -23.80 -70.70
N GLN L 959 4.32 -24.66 -71.74
CA GLN L 959 3.30 -24.73 -72.81
C GLN L 959 1.92 -24.12 -72.47
N THR L 960 1.34 -24.44 -71.29
CA THR L 960 0.01 -23.95 -70.88
C THR L 960 0.09 -22.54 -70.27
N GLY L 961 0.77 -21.62 -70.93
CA GLY L 961 0.94 -20.23 -70.50
C GLY L 961 1.23 -20.00 -69.03
N LEU L 962 1.92 -20.96 -68.35
CA LEU L 962 2.25 -20.85 -66.92
C LEU L 962 3.76 -20.86 -66.74
N PRO L 963 4.38 -19.89 -66.04
CA PRO L 963 5.83 -19.95 -65.87
C PRO L 963 6.24 -21.05 -64.90
N LEU L 964 7.41 -21.66 -65.14
CA LEU L 964 7.93 -22.71 -64.26
C LEU L 964 8.27 -22.09 -62.92
N ARG L 965 7.64 -22.58 -61.82
CA ARG L 965 7.86 -22.04 -60.48
C ARG L 965 8.61 -23.02 -59.55
N GLY L 966 8.95 -24.23 -60.02
CA GLY L 966 9.69 -25.16 -59.18
C GLY L 966 10.04 -26.48 -59.81
N VAL L 967 11.08 -27.13 -59.28
CA VAL L 967 11.58 -28.42 -59.76
C VAL L 967 11.82 -29.37 -58.59
N LEU L 968 11.73 -30.67 -58.85
CA LEU L 968 11.99 -31.72 -57.86
C LEU L 968 12.80 -32.81 -58.54
N HIS L 969 13.97 -33.16 -57.98
CA HIS L 969 14.83 -34.18 -58.57
C HIS L 969 14.80 -35.50 -57.76
N ALA L 970 13.64 -36.19 -57.82
CA ALA L 970 13.46 -37.48 -57.14
C ALA L 970 14.02 -38.63 -57.99
N ALA L 971 14.30 -38.42 -59.29
CA ALA L 971 14.85 -39.45 -60.18
C ALA L 971 16.06 -40.09 -59.57
N ALA L 972 16.05 -41.43 -59.41
CA ALA L 972 17.15 -42.16 -58.77
C ALA L 972 17.22 -43.63 -59.11
N VAL L 973 18.45 -44.16 -59.13
CA VAL L 973 18.75 -45.57 -59.35
C VAL L 973 19.51 -46.02 -58.11
N VAL L 974 19.17 -47.20 -57.57
CA VAL L 974 19.80 -47.74 -56.37
C VAL L 974 20.29 -49.14 -56.62
N GLU L 975 21.61 -49.29 -56.84
CA GLU L 975 22.30 -50.56 -57.03
C GLU L 975 23.31 -50.62 -55.90
N ASP L 976 23.07 -51.49 -54.92
CA ASP L 976 23.91 -51.59 -53.73
C ASP L 976 24.86 -52.77 -53.85
N ALA L 977 26.10 -52.58 -53.36
CA ALA L 977 27.13 -53.62 -53.36
C ALA L 977 28.23 -53.29 -52.36
N THR L 978 28.89 -54.32 -51.82
CA THR L 978 30.01 -54.17 -50.89
C THR L 978 31.22 -53.64 -51.65
N LEU L 979 32.14 -52.93 -50.96
CA LEU L 979 33.34 -52.35 -51.59
C LEU L 979 34.09 -53.35 -52.51
N ALA L 980 34.12 -54.65 -52.13
CA ALA L 980 34.76 -55.68 -52.92
C ALA L 980 34.09 -55.91 -54.28
N ASN L 981 32.73 -55.88 -54.35
CA ASN L 981 32.00 -56.12 -55.59
C ASN L 981 31.27 -54.86 -56.14
N ILE L 982 31.87 -53.64 -55.97
CA ILE L 982 31.32 -52.41 -56.55
C ILE L 982 32.01 -52.28 -57.91
N THR L 983 31.28 -52.59 -59.00
CA THR L 983 31.86 -52.52 -60.34
C THR L 983 31.90 -51.08 -60.82
N ASP L 984 32.72 -50.83 -61.85
CA ASP L 984 32.88 -49.51 -62.46
C ASP L 984 31.59 -49.11 -63.20
N GLU L 985 30.85 -50.10 -63.72
CA GLU L 985 29.60 -49.91 -64.45
C GLU L 985 28.50 -49.52 -63.47
N LEU L 986 28.43 -50.20 -62.31
CA LEU L 986 27.46 -49.94 -61.24
C LEU L 986 27.55 -48.50 -60.69
N VAL L 987 28.76 -47.89 -60.71
CA VAL L 987 28.93 -46.52 -60.25
C VAL L 987 28.15 -45.58 -61.18
N GLU L 988 28.34 -45.73 -62.50
CA GLU L 988 27.66 -44.90 -63.50
C GLU L 988 26.13 -45.12 -63.49
N HIS L 989 25.64 -46.31 -63.10
CA HIS L 989 24.19 -46.58 -63.05
C HIS L 989 23.51 -45.68 -62.01
N ASP L 990 24.11 -45.56 -60.80
CA ASP L 990 23.59 -44.74 -59.68
C ASP L 990 23.89 -43.25 -59.85
N TRP L 991 25.08 -42.94 -60.40
CA TRP L 991 25.59 -41.59 -60.61
C TRP L 991 24.82 -40.82 -61.69
N ALA L 992 24.55 -41.47 -62.84
CA ALA L 992 23.91 -40.84 -64.00
C ALA L 992 22.58 -40.09 -63.72
N PRO L 993 21.54 -40.70 -63.14
CA PRO L 993 20.28 -39.96 -62.93
C PRO L 993 20.41 -38.83 -61.90
N LYS L 994 21.20 -39.05 -60.84
CA LYS L 994 21.36 -38.08 -59.77
C LYS L 994 22.15 -36.86 -60.22
N VAL L 995 23.39 -37.05 -60.69
CA VAL L 995 24.25 -35.91 -61.05
C VAL L 995 23.99 -35.40 -62.48
N TYR L 996 23.95 -36.28 -63.51
CA TYR L 996 23.75 -35.78 -64.89
C TYR L 996 22.36 -35.20 -65.07
N GLY L 997 21.38 -35.75 -64.37
CA GLY L 997 20.03 -35.20 -64.42
C GLY L 997 19.95 -33.83 -63.81
N ALA L 998 20.59 -33.65 -62.64
CA ALA L 998 20.62 -32.37 -61.92
C ALA L 998 21.26 -31.27 -62.76
N TRP L 999 22.35 -31.59 -63.47
CA TRP L 999 23.03 -30.62 -64.33
C TRP L 999 22.20 -30.31 -65.57
N ASN L 1000 21.58 -31.33 -66.19
CA ASN L 1000 20.73 -31.12 -67.37
C ASN L 1000 19.48 -30.32 -67.00
N LEU L 1001 18.96 -30.50 -65.76
CA LEU L 1001 17.83 -29.70 -65.26
C LEU L 1001 18.24 -28.26 -65.11
N HIS L 1002 19.38 -28.03 -64.41
CA HIS L 1002 19.93 -26.70 -64.20
C HIS L 1002 20.09 -25.98 -65.53
N GLN L 1003 20.75 -26.63 -66.51
CA GLN L 1003 20.95 -26.05 -67.84
C GLN L 1003 19.62 -25.76 -68.54
N ALA L 1004 18.66 -26.70 -68.49
CA ALA L 1004 17.34 -26.51 -69.13
C ALA L 1004 16.61 -25.27 -68.61
N VAL L 1005 16.80 -24.96 -67.31
CA VAL L 1005 16.21 -23.79 -66.66
C VAL L 1005 16.89 -22.50 -67.17
N GLN L 1006 18.24 -22.46 -67.23
CA GLN L 1006 18.97 -21.27 -67.74
C GLN L 1006 18.68 -21.08 -69.23
N SER L 1007 18.75 -22.20 -69.99
CA SER L 1007 18.48 -22.25 -71.44
C SER L 1007 17.08 -21.74 -71.78
N GLY L 1008 16.11 -22.03 -70.92
CA GLY L 1008 14.75 -21.56 -71.07
C GLY L 1008 14.64 -20.05 -71.03
N GLY L 1009 13.56 -19.53 -71.56
CA GLY L 1009 13.31 -18.09 -71.66
C GLY L 1009 12.95 -17.43 -70.35
N PRO L 1010 12.08 -16.39 -70.38
CA PRO L 1010 11.71 -15.72 -69.13
C PRO L 1010 10.76 -16.55 -68.27
N ALA L 1011 10.05 -17.53 -68.87
CA ALA L 1011 9.14 -18.43 -68.13
C ALA L 1011 9.87 -19.26 -67.08
N THR L 1012 11.07 -19.74 -67.41
CA THR L 1012 11.90 -20.55 -66.50
C THR L 1012 12.70 -19.70 -65.51
N SER L 1013 13.03 -18.44 -65.89
CA SER L 1013 13.81 -17.52 -65.07
C SER L 1013 12.96 -16.80 -63.98
N GLU L 1014 11.95 -17.48 -63.42
CA GLU L 1014 11.07 -16.95 -62.36
C GLU L 1014 10.81 -18.01 -61.27
N LEU L 1015 11.57 -19.13 -61.20
CA LEU L 1015 11.23 -20.18 -60.24
C LEU L 1015 11.64 -19.84 -58.80
N ASP L 1016 10.82 -20.37 -57.87
CA ASP L 1016 10.90 -20.17 -56.43
C ASP L 1016 11.85 -21.16 -55.78
N TRP L 1017 11.85 -22.42 -56.26
CA TRP L 1017 12.69 -23.46 -55.68
C TRP L 1017 13.23 -24.42 -56.74
N PHE L 1018 14.22 -25.20 -56.32
CA PHE L 1018 14.86 -26.25 -57.12
C PHE L 1018 15.34 -27.28 -56.12
N CYS L 1019 14.53 -28.33 -55.90
CA CYS L 1019 14.82 -29.28 -54.85
C CYS L 1019 15.37 -30.56 -55.42
N ALA L 1020 16.18 -31.25 -54.61
CA ALA L 1020 16.82 -32.51 -54.98
C ALA L 1020 16.79 -33.48 -53.82
N PHE L 1021 16.05 -34.57 -53.97
CA PHE L 1021 15.94 -35.58 -52.91
C PHE L 1021 17.23 -36.39 -52.86
N SER L 1022 17.96 -36.27 -51.73
CA SER L 1022 19.21 -36.96 -51.48
C SER L 1022 18.90 -38.18 -50.55
N SER L 1023 19.93 -38.74 -49.87
CA SER L 1023 19.73 -39.86 -48.94
C SER L 1023 20.52 -39.65 -47.65
N ALA L 1024 19.96 -40.14 -46.52
CA ALA L 1024 20.59 -40.06 -45.21
C ALA L 1024 21.78 -41.03 -45.13
N ALA L 1025 21.81 -42.06 -46.01
CA ALA L 1025 22.93 -43.01 -46.11
C ALA L 1025 24.22 -42.30 -46.54
N ALA L 1026 24.12 -41.23 -47.35
CA ALA L 1026 25.28 -40.43 -47.76
C ALA L 1026 25.88 -39.72 -46.55
N LEU L 1027 25.02 -39.20 -45.67
CA LEU L 1027 25.41 -38.47 -44.47
C LEU L 1027 26.06 -39.38 -43.41
N VAL L 1028 25.39 -40.50 -43.05
CA VAL L 1028 25.89 -41.42 -42.01
C VAL L 1028 26.89 -42.44 -42.58
N GLY L 1029 26.55 -43.04 -43.71
CA GLY L 1029 27.40 -44.04 -44.35
C GLY L 1029 26.83 -45.45 -44.22
N SER L 1030 25.58 -45.65 -44.67
CA SER L 1030 24.96 -46.98 -44.63
C SER L 1030 25.79 -47.96 -45.49
N PRO L 1031 26.39 -49.02 -44.89
CA PRO L 1031 27.24 -49.91 -45.70
C PRO L 1031 26.49 -50.62 -46.82
N GLY L 1032 27.20 -50.87 -47.91
CA GLY L 1032 26.65 -51.48 -49.11
C GLY L 1032 26.17 -50.47 -50.13
N GLN L 1033 25.81 -49.23 -49.70
CA GLN L 1033 25.34 -48.20 -50.62
C GLN L 1033 26.51 -47.74 -51.49
N GLY L 1034 27.49 -47.05 -50.90
CA GLY L 1034 28.71 -46.60 -51.56
C GLY L 1034 28.53 -45.78 -52.81
N ALA L 1035 28.22 -46.45 -53.93
CA ALA L 1035 27.97 -45.84 -55.24
C ALA L 1035 26.80 -44.87 -55.18
N TYR L 1036 25.70 -45.28 -54.50
CA TYR L 1036 24.51 -44.43 -54.34
C TYR L 1036 24.82 -43.27 -53.37
N ALA L 1037 25.65 -43.54 -52.35
CA ALA L 1037 26.06 -42.53 -51.37
C ALA L 1037 26.91 -41.43 -52.02
N ALA L 1038 27.85 -41.83 -52.90
CA ALA L 1038 28.73 -40.88 -53.58
C ALA L 1038 27.99 -39.98 -54.57
N ALA L 1039 27.00 -40.55 -55.29
CA ALA L 1039 26.17 -39.79 -56.25
C ALA L 1039 25.39 -38.69 -55.56
N ASN L 1040 24.90 -38.98 -54.34
CA ASN L 1040 24.17 -38.00 -53.53
C ASN L 1040 25.11 -36.92 -52.98
N SER L 1041 26.33 -37.29 -52.54
CA SER L 1041 27.30 -36.32 -51.99
C SER L 1041 27.66 -35.23 -53.01
N TRP L 1042 27.71 -35.61 -54.31
CA TRP L 1042 27.96 -34.67 -55.40
C TRP L 1042 26.75 -33.76 -55.57
N LEU L 1043 25.55 -34.38 -55.65
CA LEU L 1043 24.27 -33.70 -55.81
C LEU L 1043 23.99 -32.72 -54.65
N ASP L 1044 24.45 -33.06 -53.42
CA ASP L 1044 24.28 -32.19 -52.25
C ASP L 1044 25.19 -30.96 -52.38
N ALA L 1045 26.44 -31.17 -52.84
CA ALA L 1045 27.41 -30.09 -53.06
C ALA L 1045 27.01 -29.22 -54.26
N PHE L 1046 26.38 -29.83 -55.29
CA PHE L 1046 25.89 -29.11 -56.47
C PHE L 1046 24.84 -28.06 -56.09
N MET L 1047 23.99 -28.38 -55.10
CA MET L 1047 22.97 -27.44 -54.65
C MET L 1047 23.61 -26.25 -53.92
N GLN L 1048 24.68 -26.49 -53.12
CA GLN L 1048 25.39 -25.39 -52.43
C GLN L 1048 26.09 -24.52 -53.47
N TRP L 1049 26.58 -25.13 -54.58
CA TRP L 1049 27.20 -24.39 -55.69
C TRP L 1049 26.14 -23.57 -56.42
N ARG L 1050 24.96 -24.16 -56.68
CA ARG L 1050 23.85 -23.50 -57.36
C ARG L 1050 23.37 -22.30 -56.52
N ARG L 1051 23.30 -22.46 -55.18
CA ARG L 1051 22.93 -21.37 -54.27
C ARG L 1051 23.98 -20.28 -54.30
N ALA L 1052 25.28 -20.66 -54.32
CA ALA L 1052 26.40 -19.71 -54.41
C ALA L 1052 26.31 -18.85 -55.68
N GLN L 1053 25.88 -19.44 -56.81
CA GLN L 1053 25.72 -18.68 -58.07
C GLN L 1053 24.57 -17.65 -57.98
N GLY L 1054 23.65 -17.85 -57.02
CA GLY L 1054 22.51 -16.96 -56.78
C GLY L 1054 21.19 -17.66 -57.00
N LEU L 1055 21.20 -18.71 -57.85
CA LEU L 1055 20.01 -19.49 -58.18
C LEU L 1055 19.43 -20.16 -56.91
N PRO L 1056 18.10 -20.42 -56.86
CA PRO L 1056 17.54 -21.10 -55.68
C PRO L 1056 17.95 -22.57 -55.70
N ALA L 1057 18.14 -23.17 -54.52
CA ALA L 1057 18.58 -24.57 -54.44
C ALA L 1057 18.29 -25.18 -53.08
N THR L 1058 17.87 -26.46 -53.09
CA THR L 1058 17.57 -27.23 -51.87
C THR L 1058 17.90 -28.72 -52.05
N SER L 1059 18.30 -29.38 -50.95
CA SER L 1059 18.57 -30.82 -50.91
C SER L 1059 18.00 -31.40 -49.62
N ILE L 1060 17.29 -32.53 -49.70
CA ILE L 1060 16.67 -33.14 -48.53
C ILE L 1060 17.14 -34.60 -48.41
N ALA L 1061 18.11 -34.87 -47.52
CA ALA L 1061 18.58 -36.23 -47.28
C ALA L 1061 17.52 -37.00 -46.49
N TRP L 1062 16.69 -37.78 -47.20
CA TRP L 1062 15.58 -38.51 -46.60
C TRP L 1062 16.00 -39.81 -45.89
N GLY L 1063 15.15 -40.23 -44.95
CA GLY L 1063 15.30 -41.45 -44.17
C GLY L 1063 14.52 -42.60 -44.78
N ALA L 1064 13.94 -43.47 -43.93
CA ALA L 1064 13.19 -44.65 -44.39
C ALA L 1064 11.69 -44.39 -44.44
N TRP L 1065 11.09 -44.36 -45.65
CA TRP L 1065 9.64 -44.09 -45.80
C TRP L 1065 8.79 -45.37 -45.68
N GLY L 1066 7.54 -45.18 -45.28
CA GLY L 1066 6.59 -46.27 -45.07
C GLY L 1066 5.97 -46.86 -46.32
N GLU L 1067 5.30 -46.02 -47.14
CA GLU L 1067 4.63 -46.46 -48.38
C GLU L 1067 4.69 -45.38 -49.45
N ASN L 1079 11.18 -44.23 -35.51
CA ASN L 1079 11.20 -45.49 -36.26
C ASN L 1079 10.50 -45.31 -37.61
N ALA L 1080 11.30 -45.07 -38.68
CA ALA L 1080 10.86 -44.89 -40.07
C ALA L 1080 9.89 -43.69 -40.30
N ILE L 1081 10.21 -42.83 -41.29
CA ILE L 1081 9.39 -41.66 -41.64
C ILE L 1081 8.07 -42.16 -42.32
N ALA L 1082 6.95 -41.50 -41.97
CA ALA L 1082 5.62 -41.79 -42.51
C ALA L 1082 5.37 -40.99 -43.79
N PRO L 1083 4.37 -41.36 -44.63
CA PRO L 1083 4.13 -40.59 -45.86
C PRO L 1083 3.68 -39.15 -45.61
N ASP L 1084 2.59 -38.93 -44.84
CA ASP L 1084 2.07 -37.58 -44.56
C ASP L 1084 3.00 -36.74 -43.65
N GLU L 1085 3.93 -37.41 -42.94
CA GLU L 1085 4.95 -36.77 -42.07
C GLU L 1085 5.99 -36.02 -42.92
N GLY L 1086 6.41 -36.64 -44.02
CA GLY L 1086 7.37 -36.07 -44.95
C GLY L 1086 6.79 -35.00 -45.84
N ALA L 1087 5.48 -35.09 -46.18
CA ALA L 1087 4.80 -34.08 -47.01
C ALA L 1087 4.83 -32.70 -46.36
N TYR L 1088 4.60 -32.64 -45.03
CA TYR L 1088 4.64 -31.39 -44.26
C TYR L 1088 6.08 -30.89 -44.16
N ALA L 1089 7.03 -31.81 -43.92
CA ALA L 1089 8.45 -31.49 -43.83
C ALA L 1089 8.97 -30.90 -45.14
N PHE L 1090 8.68 -31.57 -46.26
CA PHE L 1090 9.06 -31.10 -47.60
C PHE L 1090 8.54 -29.67 -47.84
N GLU L 1091 7.21 -29.46 -47.71
CA GLU L 1091 6.56 -28.13 -47.85
C GLU L 1091 7.21 -27.07 -46.95
N ALA L 1092 7.52 -27.45 -45.69
CA ALA L 1092 8.15 -26.55 -44.72
C ALA L 1092 9.57 -26.14 -45.14
N ILE L 1093 10.35 -27.09 -45.68
CA ILE L 1093 11.71 -26.84 -46.16
C ILE L 1093 11.68 -25.94 -47.42
N LEU L 1094 10.56 -25.93 -48.19
CA LEU L 1094 10.42 -25.07 -49.36
C LEU L 1094 10.12 -23.61 -48.96
N ARG L 1095 9.44 -23.39 -47.81
CA ARG L 1095 9.18 -22.04 -47.33
C ARG L 1095 10.46 -21.35 -46.80
N HIS L 1096 11.49 -22.14 -46.41
CA HIS L 1096 12.77 -21.64 -45.91
C HIS L 1096 13.86 -21.64 -47.01
N ASP L 1097 14.98 -20.93 -46.77
CA ASP L 1097 16.11 -20.76 -47.70
C ASP L 1097 17.30 -21.69 -47.41
N ARG L 1098 17.15 -22.68 -46.49
CA ARG L 1098 18.26 -23.57 -46.13
C ARG L 1098 18.53 -24.56 -47.26
N VAL L 1099 19.83 -24.76 -47.58
CA VAL L 1099 20.22 -25.62 -48.70
C VAL L 1099 20.24 -27.07 -48.25
N TYR L 1100 21.15 -27.42 -47.32
CA TYR L 1100 21.23 -28.82 -46.87
C TYR L 1100 20.37 -29.08 -45.63
N ASN L 1101 19.33 -29.89 -45.81
CA ASN L 1101 18.43 -30.37 -44.77
C ASN L 1101 18.65 -31.88 -44.66
N GLY L 1102 18.27 -32.48 -43.54
CA GLY L 1102 18.38 -33.92 -43.36
C GLY L 1102 17.27 -34.49 -42.50
N TYR L 1103 16.16 -34.92 -43.14
CA TYR L 1103 15.03 -35.49 -42.39
C TYR L 1103 15.26 -36.98 -42.19
N ALA L 1104 15.35 -37.42 -40.93
CA ALA L 1104 15.58 -38.83 -40.63
C ALA L 1104 15.13 -39.19 -39.21
N PRO L 1105 14.57 -40.41 -38.98
CA PRO L 1105 14.20 -40.81 -37.60
C PRO L 1105 15.46 -40.98 -36.77
N VAL L 1106 15.60 -40.17 -35.71
CA VAL L 1106 16.82 -40.20 -34.90
C VAL L 1106 16.60 -40.94 -33.58
N LEU L 1107 15.68 -40.46 -32.70
CA LEU L 1107 15.38 -41.08 -31.40
C LEU L 1107 16.68 -41.68 -30.78
N GLY L 1108 16.74 -43.00 -30.56
CA GLY L 1108 17.94 -43.68 -30.06
C GLY L 1108 18.18 -44.92 -30.90
N ALA L 1109 18.31 -44.72 -32.22
CA ALA L 1109 18.47 -45.82 -33.17
C ALA L 1109 19.81 -46.55 -33.01
N SER L 1110 19.87 -47.79 -33.54
CA SER L 1110 21.03 -48.66 -33.48
C SER L 1110 22.20 -48.14 -34.32
N TRP L 1111 21.91 -47.69 -35.55
CA TRP L 1111 22.93 -47.17 -36.46
C TRP L 1111 23.56 -45.86 -35.96
N LEU L 1112 22.82 -45.05 -35.18
CA LEU L 1112 23.33 -43.78 -34.62
C LEU L 1112 24.19 -44.02 -33.39
N THR L 1113 23.73 -44.89 -32.46
CA THR L 1113 24.48 -45.23 -31.25
C THR L 1113 25.79 -45.96 -31.63
N ALA L 1114 25.77 -46.74 -32.72
CA ALA L 1114 26.95 -47.43 -33.25
C ALA L 1114 27.91 -46.45 -33.92
N PHE L 1115 27.37 -45.48 -34.66
CA PHE L 1115 28.16 -44.47 -35.36
C PHE L 1115 28.79 -43.46 -34.39
N ALA L 1116 28.04 -43.05 -33.34
CA ALA L 1116 28.51 -42.05 -32.36
C ALA L 1116 29.71 -42.53 -31.54
N GLN L 1117 29.70 -43.81 -31.13
CA GLN L 1117 30.80 -44.39 -30.36
C GLN L 1117 32.06 -44.63 -31.24
N ARG L 1118 31.88 -44.89 -32.57
CA ARG L 1118 33.02 -45.17 -33.46
C ARG L 1118 33.80 -43.89 -33.85
N SER L 1119 33.11 -42.80 -34.25
CA SER L 1119 33.78 -41.55 -34.69
C SER L 1119 33.30 -40.31 -33.92
N PRO L 1120 34.14 -39.25 -33.81
CA PRO L 1120 33.71 -38.03 -33.11
C PRO L 1120 32.89 -37.06 -33.98
N PHE L 1121 32.50 -37.47 -35.19
CA PHE L 1121 31.65 -36.66 -36.08
C PHE L 1121 30.26 -36.53 -35.40
N ALA L 1122 29.71 -37.65 -34.90
CA ALA L 1122 28.42 -37.63 -34.20
C ALA L 1122 28.64 -37.60 -32.68
N GLU L 1123 29.39 -36.60 -32.22
CA GLU L 1123 29.72 -36.38 -30.80
C GLU L 1123 28.50 -35.90 -30.01
N LEU L 1124 27.70 -35.01 -30.62
CA LEU L 1124 26.52 -34.42 -29.98
C LEU L 1124 25.37 -35.42 -29.84
N PHE L 1125 25.35 -36.45 -30.69
CA PHE L 1125 24.30 -37.48 -30.64
C PHE L 1125 24.45 -38.42 -29.42
N LEU L 1126 25.69 -38.71 -28.99
CA LEU L 1126 25.92 -39.60 -27.86
C LEU L 1126 25.45 -38.96 -26.54
N ALA L 1127 25.89 -37.72 -26.26
CA ALA L 1127 25.54 -36.94 -25.07
C ALA L 1127 25.88 -37.68 -23.77
N PRO M 15 116.49 15.09 78.13
CA PRO M 15 115.69 15.04 79.35
C PRO M 15 114.58 16.07 79.34
N SER M 16 113.36 15.63 79.08
CA SER M 16 112.20 16.52 79.05
C SER M 16 110.97 15.84 79.63
N VAL M 17 109.96 16.65 79.87
CA VAL M 17 108.69 16.18 80.40
C VAL M 17 107.58 16.97 79.77
N SER M 18 106.49 16.30 79.47
CA SER M 18 105.33 16.93 78.85
C SER M 18 104.62 17.83 79.85
N VAL M 19 104.22 19.02 79.41
CA VAL M 19 103.49 19.96 80.27
C VAL M 19 102.34 20.55 79.53
N HIS M 20 101.40 21.10 80.28
CA HIS M 20 100.24 21.74 79.69
C HIS M 20 100.65 23.09 79.13
N PRO M 21 100.10 23.55 77.99
CA PRO M 21 100.54 24.83 77.43
C PRO M 21 100.38 26.01 78.40
N LEU M 22 99.22 26.13 79.04
CA LEU M 22 98.98 27.22 79.98
C LEU M 22 99.51 26.90 81.37
N LEU M 23 98.94 25.87 82.04
CA LEU M 23 99.34 25.46 83.40
C LEU M 23 100.87 25.42 83.56
N GLY M 24 101.54 24.72 82.66
CA GLY M 24 102.98 24.62 82.66
C GLY M 24 103.51 23.60 83.65
N SER M 25 104.64 23.94 84.33
CA SER M 25 105.33 23.03 85.25
C SER M 25 104.50 22.77 86.50
N HIS M 26 104.40 21.49 86.85
CA HIS M 26 103.57 20.98 87.92
C HIS M 26 104.39 20.41 89.04
N VAL M 27 104.03 20.79 90.26
CA VAL M 27 104.66 20.29 91.46
C VAL M 27 103.59 20.01 92.51
N VAL M 28 103.64 18.80 93.10
CA VAL M 28 102.76 18.40 94.19
C VAL M 28 103.54 18.68 95.44
N LEU M 29 102.96 19.45 96.35
CA LEU M 29 103.68 19.87 97.54
C LEU M 29 103.81 18.74 98.53
N PRO M 30 104.95 18.73 99.28
CA PRO M 30 105.17 17.67 100.28
C PRO M 30 104.40 17.97 101.57
N GLN M 31 103.09 17.75 101.52
CA GLN M 31 102.20 18.01 102.64
C GLN M 31 100.84 17.37 102.43
N GLU M 32 100.13 17.15 103.54
CA GLU M 32 98.77 16.63 103.52
C GLU M 32 97.85 17.83 103.72
N PRO M 33 96.79 17.98 102.92
CA PRO M 33 96.28 17.07 101.89
C PRO M 33 97.00 17.21 100.54
N GLU M 34 96.64 16.31 99.60
CA GLU M 34 97.18 16.31 98.25
C GLU M 34 97.00 17.72 97.70
N GLU M 35 98.09 18.52 97.69
CA GLU M 35 98.05 19.89 97.20
C GLU M 35 98.97 20.04 96.00
N HIS M 36 98.40 20.48 94.87
CA HIS M 36 99.11 20.65 93.62
C HIS M 36 99.41 22.10 93.37
N LEU M 37 100.34 22.35 92.46
CA LEU M 37 100.75 23.72 92.14
C LEU M 37 101.43 23.79 90.78
N TRP M 38 100.88 24.62 89.88
CA TRP M 38 101.46 24.85 88.57
C TRP M 38 101.92 26.27 88.46
N GLN M 39 102.92 26.49 87.64
CA GLN M 39 103.44 27.81 87.33
C GLN M 39 103.59 27.87 85.82
N GLY M 40 103.02 28.89 85.20
CA GLY M 40 103.08 28.99 83.74
C GLY M 40 102.92 30.38 83.19
N ASP M 41 103.40 30.58 81.96
CA ASP M 41 103.34 31.87 81.27
C ASP M 41 102.15 31.90 80.35
N VAL M 42 101.44 33.02 80.37
CA VAL M 42 100.28 33.28 79.52
C VAL M 42 100.55 34.61 78.78
N GLY M 43 101.83 34.91 78.54
CA GLY M 43 102.26 36.13 77.88
C GLY M 43 102.09 36.05 76.38
N THR M 44 102.08 37.21 75.72
CA THR M 44 101.90 37.28 74.27
C THR M 44 103.13 36.73 73.52
N GLU M 45 104.33 36.75 74.13
CA GLU M 45 105.52 36.18 73.49
C GLU M 45 105.42 34.65 73.50
N ALA M 46 104.99 34.08 74.65
CA ALA M 46 104.81 32.64 74.80
C ALA M 46 103.62 32.12 73.97
N HIS M 47 102.46 32.81 74.04
CA HIS M 47 101.23 32.45 73.33
C HIS M 47 100.79 33.63 72.46
N PRO M 48 101.33 33.73 71.23
CA PRO M 48 100.98 34.87 70.35
C PRO M 48 99.50 35.07 70.15
N TRP M 49 98.79 33.99 69.86
CA TRP M 49 97.36 34.00 69.65
C TRP M 49 96.57 34.74 70.77
N LEU M 50 97.08 34.81 72.02
CA LEU M 50 96.38 35.54 73.10
C LEU M 50 96.32 37.06 72.88
N SER M 51 97.19 37.63 72.03
CA SER M 51 97.15 39.05 71.70
C SER M 51 95.89 39.41 70.89
N ASP M 52 95.29 38.41 70.18
CA ASP M 52 94.10 38.61 69.38
C ASP M 52 92.85 38.87 70.23
N HIS M 53 92.83 38.48 71.52
CA HIS M 53 91.72 38.78 72.43
C HIS M 53 92.11 40.02 73.21
N ARG M 54 91.42 41.16 72.99
CA ARG M 54 91.78 42.41 73.65
C ARG M 54 90.54 43.26 73.97
N VAL M 55 90.47 43.75 75.22
CA VAL M 55 89.39 44.60 75.72
C VAL M 55 89.91 46.04 75.81
N HIS M 56 89.25 46.95 75.07
CA HIS M 56 89.61 48.36 75.01
C HIS M 56 91.04 48.51 74.49
N GLN M 57 91.35 47.79 73.40
CA GLN M 57 92.65 47.79 72.71
C GLN M 57 93.83 47.31 73.60
N VAL M 58 93.56 46.58 74.69
CA VAL M 58 94.60 46.02 75.56
C VAL M 58 94.41 44.52 75.61
N ALA M 59 95.48 43.75 75.37
CA ALA M 59 95.40 42.29 75.40
C ALA M 59 95.07 41.80 76.81
N VAL M 60 94.02 40.96 76.93
CA VAL M 60 93.59 40.41 78.22
C VAL M 60 93.35 38.92 78.09
N LEU M 61 93.45 38.20 79.21
CA LEU M 61 93.23 36.76 79.22
C LEU M 61 91.74 36.51 79.18
N PRO M 62 91.24 35.75 78.18
CA PRO M 62 89.80 35.49 78.11
C PRO M 62 89.30 34.58 79.23
N GLY M 63 87.99 34.64 79.48
CA GLY M 63 87.35 33.79 80.49
C GLY M 63 87.62 32.32 80.22
N ALA M 64 87.52 31.96 78.93
CA ALA M 64 87.77 30.62 78.39
C ALA M 64 89.16 30.05 78.77
N ALA M 65 90.18 30.89 79.00
CA ALA M 65 91.50 30.40 79.38
C ALA M 65 91.45 29.73 80.75
N TYR M 66 90.76 30.35 81.71
CA TYR M 66 90.62 29.78 83.06
C TYR M 66 89.79 28.50 83.03
N CYS M 67 88.81 28.40 82.11
CA CYS M 67 87.99 27.20 81.95
C CYS M 67 88.88 26.02 81.65
N GLU M 68 89.71 26.18 80.61
CA GLU M 68 90.66 25.15 80.19
C GLU M 68 91.59 24.77 81.35
N MET M 69 92.14 25.77 82.05
CA MET M 69 93.02 25.54 83.19
C MET M 69 92.34 24.69 84.24
N ALA M 70 91.08 24.97 84.54
CA ALA M 70 90.32 24.19 85.52
C ALA M 70 90.12 22.78 85.04
N LEU M 71 89.63 22.60 83.80
CA LEU M 71 89.40 21.29 83.19
C LEU M 71 90.69 20.46 83.15
N ALA M 72 91.81 21.13 82.82
CA ALA M 72 93.12 20.49 82.76
C ALA M 72 93.56 19.98 84.14
N ALA M 73 93.35 20.79 85.20
CA ALA M 73 93.73 20.47 86.57
C ALA M 73 92.87 19.38 87.23
N VAL M 74 91.78 18.91 86.60
CA VAL M 74 90.91 17.90 87.19
C VAL M 74 91.61 16.55 87.29
N THR M 75 91.96 15.98 86.13
CA THR M 75 92.56 14.65 86.01
C THR M 75 93.81 14.44 86.89
N PRO M 76 94.78 15.37 86.95
CA PRO M 76 95.97 15.14 87.80
C PRO M 76 95.66 15.11 89.30
N VAL M 77 94.75 15.97 89.77
CA VAL M 77 94.41 16.04 91.18
C VAL M 77 93.54 14.83 91.52
N LEU M 78 92.37 14.76 90.87
CA LEU M 78 91.38 13.71 90.99
C LEU M 78 91.57 12.74 89.80
N GLY M 79 92.32 11.66 90.04
CA GLY M 79 92.66 10.67 89.02
C GLY M 79 91.46 9.93 88.45
N ASP M 80 90.65 10.65 87.64
CA ASP M 80 89.40 10.15 87.08
C ASP M 80 88.78 11.21 86.14
N THR M 81 87.58 10.89 85.69
CA THR M 81 86.69 11.75 84.92
C THR M 81 86.08 12.75 85.88
N GLY M 82 86.15 14.03 85.56
CA GLY M 82 85.57 15.02 86.47
C GLY M 82 84.96 16.24 85.84
N GLU M 83 84.34 17.03 86.72
CA GLU M 83 83.63 18.25 86.43
C GLU M 83 84.33 19.41 87.07
N VAL M 84 83.96 20.62 86.67
CA VAL M 84 84.46 21.85 87.23
C VAL M 84 83.24 22.62 87.68
N HIS M 85 83.02 22.74 88.98
CA HIS M 85 81.87 23.45 89.51
C HIS M 85 82.19 24.86 89.94
N ASP M 86 81.15 25.72 89.90
CA ASP M 86 81.18 27.10 90.38
C ASP M 86 82.49 27.83 90.05
N LEU M 87 82.85 27.86 88.76
CA LEU M 87 84.05 28.55 88.30
C LEU M 87 83.73 30.04 88.20
N LYS M 88 84.50 30.89 88.90
CA LYS M 88 84.30 32.35 88.91
C LYS M 88 85.53 33.07 88.39
N PHE M 89 85.34 34.17 87.64
CA PHE M 89 86.43 35.02 87.16
C PHE M 89 86.38 36.31 87.92
N HIS M 90 87.48 36.66 88.59
CA HIS M 90 87.55 37.84 89.43
C HIS M 90 88.09 39.02 88.60
N ASP M 91 89.35 39.44 88.82
CA ASP M 91 89.92 40.58 88.11
C ASP M 91 90.33 40.17 86.71
N MET M 92 90.41 41.16 85.81
CA MET M 92 90.77 40.94 84.41
C MET M 92 92.27 40.95 84.27
N LEU M 93 92.85 39.84 83.78
CA LEU M 93 94.32 39.75 83.65
C LEU M 93 94.76 40.44 82.39
N LEU M 94 95.63 41.43 82.52
CA LEU M 94 96.17 42.17 81.38
C LEU M 94 97.50 41.58 81.03
N LEU M 95 97.63 41.18 79.78
CA LEU M 95 98.78 40.46 79.31
C LEU M 95 99.88 41.35 78.79
N ASP M 96 101.11 40.91 79.05
CA ASP M 96 102.37 41.48 78.59
C ASP M 96 103.09 40.42 77.76
N ASP M 97 104.35 40.66 77.38
CA ASP M 97 105.14 39.67 76.62
C ASP M 97 105.33 38.40 77.48
N ALA M 98 105.50 38.59 78.80
CA ALA M 98 105.61 37.51 79.79
C ALA M 98 104.69 37.82 80.96
N THR M 99 103.74 36.92 81.22
CA THR M 99 102.74 37.05 82.28
C THR M 99 102.73 35.72 83.06
N PRO M 100 103.56 35.58 84.10
CA PRO M 100 103.55 34.32 84.87
C PRO M 100 102.30 34.22 85.72
N VAL M 101 101.76 33.02 85.82
CA VAL M 101 100.52 32.73 86.51
C VAL M 101 100.65 31.44 87.30
N TRP M 102 100.05 31.40 88.50
CA TRP M 102 100.12 30.24 89.37
C TRP M 102 98.76 29.61 89.63
N VAL M 103 98.58 28.39 89.13
CA VAL M 103 97.38 27.60 89.37
C VAL M 103 97.65 26.76 90.61
N SER M 104 96.62 26.45 91.37
CA SER M 104 96.80 25.66 92.57
C SER M 104 95.51 24.97 92.98
N ALA M 105 95.56 23.64 93.13
CA ALA M 105 94.43 22.84 93.53
C ALA M 105 94.76 22.07 94.79
N ALA M 106 93.80 21.93 95.70
CA ALA M 106 94.01 21.24 96.97
C ALA M 106 92.82 20.39 97.30
N VAL M 107 93.07 19.12 97.65
CA VAL M 107 91.99 18.21 97.98
C VAL M 107 91.43 18.59 99.33
N THR M 108 90.14 18.82 99.38
CA THR M 108 89.42 19.20 100.61
C THR M 108 88.79 17.95 101.22
N ALA M 109 87.98 17.27 100.40
CA ALA M 109 87.27 16.04 100.71
C ALA M 109 87.50 15.03 99.60
N PRO M 110 87.26 13.72 99.80
CA PRO M 110 87.48 12.77 98.71
C PRO M 110 86.58 13.06 97.51
N GLY M 111 87.22 13.12 96.34
CA GLY M 111 86.56 13.43 95.09
C GLY M 111 86.17 14.88 94.97
N THR M 112 86.84 15.78 95.72
CA THR M 112 86.56 17.22 95.72
C THR M 112 87.85 17.98 95.93
N ALA M 113 87.98 19.15 95.31
CA ALA M 113 89.19 19.95 95.46
C ALA M 113 88.97 21.41 95.12
N GLU M 114 89.59 22.30 95.90
CA GLU M 114 89.50 23.75 95.70
C GLU M 114 90.54 24.16 94.68
N PHE M 115 90.14 24.88 93.63
CA PHE M 115 90.99 25.33 92.53
C PHE M 115 91.18 26.85 92.59
N GLY M 116 92.30 27.35 92.05
CA GLY M 116 92.57 28.77 92.07
C GLY M 116 93.75 29.28 91.26
N VAL M 117 93.47 30.19 90.31
CA VAL M 117 94.46 30.84 89.45
C VAL M 117 94.74 32.24 89.99
N GLU M 118 96.01 32.52 90.32
CA GLU M 118 96.45 33.81 90.86
C GLU M 118 97.69 34.31 90.15
N THR M 119 98.02 35.58 90.33
CA THR M 119 99.20 36.18 89.74
C THR M 119 99.87 37.08 90.81
N HIS M 120 101.20 37.02 90.89
CA HIS M 120 102.04 37.70 91.85
C HIS M 120 102.82 38.80 91.16
N GLN M 121 102.67 40.06 91.63
CA GLN M 121 103.33 41.25 91.06
C GLN M 121 103.90 42.15 92.15
N SER M 122 105.25 42.16 92.28
CA SER M 122 105.99 42.99 93.25
C SER M 122 105.70 42.62 94.73
N GLY M 123 105.32 41.35 94.97
CA GLY M 123 104.95 40.85 96.29
C GLY M 123 103.46 40.71 96.49
N ASP M 124 102.64 41.50 95.73
CA ASP M 124 101.18 41.53 95.84
C ASP M 124 100.48 40.47 94.98
N ARG M 125 99.94 39.41 95.62
CA ARG M 125 99.17 38.38 94.89
C ARG M 125 97.82 38.99 94.47
N THR M 126 97.27 38.53 93.35
CA THR M 126 95.96 38.95 92.82
C THR M 126 95.21 37.72 92.32
N GLN M 127 94.10 37.35 92.97
CA GLN M 127 93.32 36.17 92.56
C GLN M 127 92.55 36.51 91.30
N ARG M 128 92.72 35.69 90.26
CA ARG M 128 92.10 35.90 88.95
C ARG M 128 90.94 34.97 88.67
N ALA M 129 90.92 33.76 89.27
CA ALA M 129 89.79 32.84 89.11
C ALA M 129 89.83 31.74 90.16
N THR M 130 88.65 31.22 90.56
CA THR M 130 88.52 30.13 91.54
C THR M 130 87.35 29.23 91.20
N ALA M 131 87.49 27.94 91.50
CA ALA M 131 86.45 26.94 91.21
C ALA M 131 86.56 25.76 92.17
N VAL M 132 85.75 24.73 91.92
CA VAL M 132 85.76 23.47 92.66
C VAL M 132 85.83 22.35 91.67
N LEU M 133 86.74 21.40 91.89
CA LEU M 133 86.91 20.27 90.99
C LEU M 133 86.24 19.07 91.62
N ARG M 134 85.51 18.27 90.83
CA ARG M 134 84.80 17.11 91.35
C ARG M 134 84.97 15.90 90.44
N GLY M 135 85.34 14.76 91.02
CA GLY M 135 85.55 13.50 90.30
C GLY M 135 84.47 12.46 90.51
N ASP M 136 83.80 12.53 91.68
CA ASP M 136 82.69 11.63 92.09
C ASP M 136 81.48 11.66 91.14
N VAL M 137 81.29 12.77 90.40
CA VAL M 137 80.19 12.97 89.45
C VAL M 137 80.07 11.81 88.45
N ASP M 138 78.81 11.47 88.13
CA ASP M 138 78.46 10.36 87.25
C ASP M 138 78.61 10.74 85.76
N ALA M 139 78.96 9.72 84.95
CA ALA M 139 79.14 9.86 83.51
C ALA M 139 77.79 9.92 82.80
N GLU M 140 77.20 11.13 82.82
CA GLU M 140 75.89 11.41 82.22
C GLU M 140 76.10 12.22 80.95
N ARG M 141 76.55 11.53 79.88
CA ARG M 141 76.83 12.19 78.60
C ARG M 141 75.53 12.53 77.90
N PRO M 142 75.26 13.81 77.58
CA PRO M 142 74.00 14.11 76.90
C PRO M 142 73.95 13.47 75.53
N ALA M 143 72.78 12.96 75.17
CA ALA M 143 72.60 12.28 73.90
C ALA M 143 72.86 13.20 72.72
N ALA M 144 73.40 12.63 71.65
CA ALA M 144 73.72 13.34 70.44
C ALA M 144 72.50 13.99 69.83
N HIS M 145 72.72 15.09 69.11
CA HIS M 145 71.68 15.87 68.48
C HIS M 145 71.66 15.63 67.00
N SER M 146 70.56 16.02 66.36
CA SER M 146 70.39 15.90 64.92
C SER M 146 70.78 17.23 64.35
N ILE M 147 71.99 17.32 63.79
CA ILE M 147 72.51 18.57 63.25
C ILE M 147 71.60 19.06 62.11
N ASP M 148 71.06 18.14 61.31
CA ASP M 148 70.17 18.51 60.22
C ASP M 148 68.90 19.17 60.76
N ALA M 149 68.23 18.52 61.74
CA ALA M 149 67.00 19.03 62.35
C ALA M 149 67.23 20.32 63.11
N LEU M 150 68.36 20.42 63.82
CA LEU M 150 68.70 21.64 64.55
C LEU M 150 68.79 22.81 63.60
N LEU M 151 69.56 22.65 62.52
CA LEU M 151 69.76 23.70 61.52
C LEU M 151 68.48 24.01 60.76
N ALA M 152 67.60 23.01 60.60
CA ALA M 152 66.32 23.22 59.96
C ALA M 152 65.41 24.06 60.86
N ALA M 153 65.47 23.81 62.18
CA ALA M 153 64.67 24.54 63.17
C ALA M 153 65.16 25.98 63.40
N HIS M 154 66.41 26.30 63.01
CA HIS M 154 66.99 27.64 63.12
C HIS M 154 67.36 28.13 61.71
N PRO M 155 66.40 28.77 61.02
CA PRO M 155 66.68 29.21 59.64
C PRO M 155 67.39 30.56 59.53
N ASN M 156 67.09 31.50 60.44
CA ASN M 156 67.66 32.85 60.40
C ASN M 156 69.17 32.81 60.69
N ARG M 157 69.98 33.08 59.67
CA ARG M 157 71.44 33.06 59.76
C ARG M 157 72.01 34.43 60.21
N VAL M 158 73.06 34.39 61.06
CA VAL M 158 73.77 35.56 61.59
C VAL M 158 75.24 35.39 61.22
N ASP M 159 75.84 36.33 60.44
CA ASP M 159 77.25 36.17 60.06
C ASP M 159 78.16 36.42 61.26
N GLY M 160 79.25 35.67 61.32
CA GLY M 160 80.24 35.76 62.39
C GLY M 160 80.98 37.08 62.38
N ASP M 161 81.43 37.51 61.19
CA ASP M 161 82.18 38.77 61.02
C ASP M 161 81.30 39.97 61.42
N GLU M 162 80.01 39.93 61.03
CA GLU M 162 79.01 40.96 61.36
C GLU M 162 78.83 41.07 62.87
N LEU M 163 78.81 39.92 63.57
CA LEU M 163 78.67 39.86 65.03
C LEU M 163 79.97 40.33 65.70
N ARG M 164 81.15 39.88 65.20
CA ARG M 164 82.46 40.25 65.74
C ARG M 164 82.74 41.74 65.50
N ALA M 165 82.10 42.35 64.48
CA ALA M 165 82.20 43.80 64.26
C ALA M 165 81.39 44.53 65.35
N GLY M 166 80.24 43.94 65.71
CA GLY M 166 79.37 44.44 66.78
C GLY M 166 80.05 44.42 68.13
N PHE M 167 80.91 43.41 68.37
CA PHE M 167 81.68 43.32 69.60
C PHE M 167 82.70 44.47 69.68
N GLY M 168 83.30 44.83 68.54
CA GLY M 168 84.27 45.92 68.46
C GLY M 168 83.75 47.28 68.88
N THR M 169 82.42 47.51 68.75
CA THR M 169 81.81 48.79 69.13
C THR M 169 81.76 48.94 70.66
N VAL M 170 81.38 47.85 71.38
CA VAL M 170 81.28 47.87 72.85
C VAL M 170 82.69 47.93 73.51
N GLY M 171 83.75 47.55 72.78
CA GLY M 171 85.12 47.58 73.27
C GLY M 171 85.88 46.27 73.22
N ILE M 172 85.20 45.15 72.92
CA ILE M 172 85.82 43.83 72.88
C ILE M 172 86.32 43.54 71.47
N GLY M 173 87.61 43.28 71.33
CA GLY M 173 88.25 42.96 70.07
C GLY M 173 88.61 41.49 69.96
N HIS M 174 88.15 40.83 68.89
CA HIS M 174 88.45 39.43 68.62
C HIS M 174 89.22 39.33 67.31
N GLY M 175 90.50 39.02 67.41
CA GLY M 175 91.37 38.89 66.24
C GLY M 175 91.21 37.57 65.53
N ALA M 176 92.14 37.27 64.61
CA ALA M 176 92.15 36.06 63.78
C ALA M 176 91.91 34.77 64.57
N ALA M 177 92.62 34.61 65.70
CA ALA M 177 92.52 33.44 66.57
C ALA M 177 91.12 33.24 67.17
N PHE M 178 90.48 34.34 67.55
CA PHE M 178 89.17 34.31 68.20
C PHE M 178 88.02 34.45 67.19
N ALA M 179 88.30 34.30 65.88
CA ALA M 179 87.29 34.39 64.83
C ALA M 179 86.81 32.99 64.40
N GLY M 180 86.73 32.05 65.35
CA GLY M 180 86.29 30.70 65.05
C GLY M 180 84.82 30.60 64.67
N LEU M 181 83.99 31.52 65.21
CA LEU M 181 82.55 31.54 64.92
C LEU M 181 82.32 31.95 63.48
N SER M 182 81.93 30.99 62.63
CA SER M 182 81.70 31.21 61.21
C SER M 182 80.36 31.90 60.99
N GLU M 183 79.30 31.34 61.58
CA GLU M 183 77.94 31.85 61.46
C GLU M 183 77.03 31.18 62.49
N ALA M 184 76.07 31.94 63.04
CA ALA M 184 75.15 31.44 64.05
C ALA M 184 73.73 31.44 63.51
N TYR M 185 73.03 30.30 63.63
CA TYR M 185 71.66 30.16 63.15
C TYR M 185 70.71 30.32 64.33
N VAL M 186 69.69 31.18 64.18
CA VAL M 186 68.69 31.47 65.21
C VAL M 186 67.29 31.34 64.60
N ALA M 187 66.26 31.71 65.36
CA ALA M 187 64.89 31.70 64.88
C ALA M 187 64.19 32.98 65.34
N THR M 188 63.67 33.02 66.58
CA THR M 188 62.98 34.19 67.15
C THR M 188 63.37 34.34 68.61
N ALA M 189 62.76 35.30 69.32
CA ALA M 189 63.01 35.47 70.75
C ALA M 189 62.33 34.37 71.57
N ALA M 190 61.14 33.89 71.08
CA ALA M 190 60.37 32.81 71.73
C ALA M 190 61.18 31.52 71.81
N GLU M 191 61.96 31.23 70.74
CA GLU M 191 62.83 30.06 70.66
C GLU M 191 64.11 30.40 71.40
N PRO M 192 64.47 29.71 72.50
CA PRO M 192 65.63 30.12 73.30
C PRO M 192 66.98 29.48 72.92
N THR M 193 67.14 28.95 71.69
CA THR M 193 68.39 28.27 71.32
C THR M 193 69.08 28.89 70.13
N VAL M 194 70.40 28.62 70.04
CA VAL M 194 71.30 29.09 68.96
C VAL M 194 72.18 27.95 68.51
N VAL M 195 72.12 27.63 67.22
CA VAL M 195 72.98 26.61 66.62
C VAL M 195 74.08 27.38 65.96
N ALA M 196 75.31 27.28 66.47
CA ALA M 196 76.45 28.02 65.91
C ALA M 196 77.41 27.11 65.20
N ALA M 197 78.07 27.63 64.16
CA ALA M 197 79.04 26.86 63.38
C ALA M 197 80.45 27.33 63.72
N VAL M 198 80.96 26.87 64.86
CA VAL M 198 82.30 27.22 65.33
C VAL M 198 83.33 26.23 64.84
N ALA M 199 84.59 26.64 64.85
CA ALA M 199 85.71 25.80 64.43
C ALA M 199 87.02 26.49 64.75
N LEU M 200 87.98 25.77 65.34
CA LEU M 200 89.29 26.36 65.68
C LEU M 200 90.03 26.80 64.41
N PRO M 201 90.41 28.09 64.27
CA PRO M 201 91.11 28.53 63.03
C PRO M 201 92.35 27.70 62.66
N GLY M 202 92.58 27.58 61.35
CA GLY M 202 93.69 26.83 60.77
C GLY M 202 95.05 26.95 61.41
N PRO M 203 95.53 28.18 61.73
CA PRO M 203 96.86 28.29 62.35
C PRO M 203 96.95 27.57 63.70
N LEU M 204 95.89 27.68 64.50
CA LEU M 204 95.83 27.08 65.81
C LEU M 204 95.63 25.58 65.80
N ARG M 205 95.20 24.97 64.67
CA ARG M 205 94.98 23.52 64.59
C ARG M 205 96.29 22.74 64.86
N SER M 206 97.44 23.32 64.50
CA SER M 206 98.75 22.75 64.82
C SER M 206 98.97 22.79 66.34
N GLY M 207 98.61 23.94 66.92
CA GLY M 207 98.70 24.18 68.35
C GLY M 207 97.53 23.68 69.18
N GLN M 208 96.90 22.52 68.82
CA GLN M 208 95.82 21.90 69.61
C GLN M 208 96.44 21.15 70.79
N ARG M 209 97.75 20.83 70.66
CA ARG M 209 98.67 20.31 71.68
C ARG M 209 97.95 19.47 72.79
N GLY M 210 98.04 19.91 74.06
CA GLY M 210 97.48 19.21 75.21
C GLY M 210 96.33 19.97 75.84
N TYR M 211 95.53 20.63 75.01
CA TYR M 211 94.37 21.35 75.49
C TYR M 211 93.17 20.43 75.56
N THR M 212 92.44 20.43 76.69
CA THR M 212 91.16 19.70 76.81
C THR M 212 90.20 20.32 75.76
N VAL M 213 90.17 21.66 75.75
CA VAL M 213 89.46 22.50 74.78
C VAL M 213 90.31 23.75 74.57
N HIS M 214 90.55 24.14 73.30
CA HIS M 214 91.37 25.32 73.05
C HIS M 214 90.61 26.57 73.48
N PRO M 215 91.19 27.47 74.28
CA PRO M 215 90.42 28.64 74.73
C PRO M 215 89.90 29.53 73.59
N ALA M 216 90.61 29.57 72.44
CA ALA M 216 90.19 30.34 71.26
C ALA M 216 88.83 29.84 70.74
N LEU M 217 88.67 28.52 70.76
CA LEU M 217 87.46 27.82 70.32
C LEU M 217 86.33 27.99 71.32
N LEU M 218 86.62 27.77 72.62
CA LEU M 218 85.60 27.91 73.65
C LEU M 218 85.10 29.35 73.74
N ASP M 219 85.96 30.36 73.50
CA ASP M 219 85.50 31.75 73.51
C ASP M 219 84.59 32.03 72.30
N ALA M 220 84.86 31.38 71.15
CA ALA M 220 84.00 31.51 69.97
C ALA M 220 82.59 30.92 70.22
N CYS M 221 82.47 29.97 71.15
CA CYS M 221 81.19 29.40 71.56
C CYS M 221 80.46 30.40 72.42
N PHE M 222 81.19 31.11 73.31
CA PHE M 222 80.59 32.12 74.17
C PHE M 222 80.08 33.29 73.31
N GLN M 223 80.82 33.67 72.24
CA GLN M 223 80.39 34.72 71.31
C GLN M 223 79.03 34.37 70.69
N SER M 224 78.86 33.08 70.34
CA SER M 224 77.65 32.52 69.74
C SER M 224 76.36 32.82 70.55
N VAL M 225 76.46 32.95 71.88
CA VAL M 225 75.30 33.24 72.75
C VAL M 225 74.71 34.63 72.43
N ILE M 226 75.57 35.59 72.07
CA ILE M 226 75.17 36.97 71.78
C ILE M 226 74.37 37.06 70.47
N ALA M 227 74.52 36.08 69.56
CA ALA M 227 73.76 36.04 68.29
C ALA M 227 72.23 35.87 68.53
N HIS M 228 71.81 35.40 69.72
CA HIS M 228 70.40 35.20 70.03
C HIS M 228 69.62 36.52 69.98
N PRO M 229 68.43 36.58 69.37
CA PRO M 229 67.68 37.86 69.31
C PRO M 229 67.28 38.43 70.67
N GLU M 230 66.84 37.59 71.61
CA GLU M 230 66.45 38.03 72.95
C GLU M 230 67.65 38.71 73.67
N VAL M 231 68.89 38.26 73.40
CA VAL M 231 70.11 38.85 73.98
C VAL M 231 70.38 40.21 73.32
N GLN M 232 70.31 40.27 71.98
CA GLN M 232 70.54 41.49 71.21
C GLN M 232 69.58 42.60 71.66
N ASN M 233 68.30 42.25 71.79
CA ASN M 233 67.25 43.20 72.17
C ASN M 233 67.39 43.68 73.61
N ILE M 234 67.47 42.74 74.58
CA ILE M 234 67.55 43.08 76.01
C ILE M 234 68.93 43.65 76.36
N ALA M 235 69.94 42.78 76.56
CA ALA M 235 71.27 43.22 76.96
C ALA M 235 72.04 43.81 75.78
N SER M 236 71.83 45.12 75.54
CA SER M 236 72.49 45.88 74.47
C SER M 236 73.66 46.69 75.09
N GLY M 237 74.56 45.98 75.76
CA GLY M 237 75.74 46.55 76.40
C GLY M 237 76.94 45.64 76.23
N MET M 238 78.03 45.92 76.97
CA MET M 238 79.26 45.11 76.91
C MET M 238 79.07 43.82 77.73
N LEU M 239 78.99 42.65 77.05
CA LEU M 239 78.80 41.37 77.73
C LEU M 239 80.11 40.57 77.75
N LEU M 240 80.63 40.36 78.97
CA LEU M 240 81.86 39.61 79.23
C LEU M 240 81.55 38.40 80.06
N PRO M 241 82.23 37.25 79.86
CA PRO M 241 81.97 36.08 80.69
C PRO M 241 82.47 36.28 82.11
N LEU M 242 81.60 36.00 83.10
CA LEU M 242 81.87 36.17 84.53
C LEU M 242 82.10 34.85 85.27
N GLY M 243 81.65 33.73 84.70
CA GLY M 243 81.82 32.43 85.35
C GLY M 243 81.02 31.33 84.70
N VAL M 244 81.12 30.10 85.24
CA VAL M 244 80.41 28.92 84.72
C VAL M 244 80.01 28.03 85.90
N ARG M 245 78.73 27.62 85.99
CA ARG M 245 78.26 26.76 87.09
C ARG M 245 78.81 25.34 87.02
N ARG M 246 78.89 24.74 85.81
CA ARG M 246 79.34 23.36 85.67
C ARG M 246 79.95 23.14 84.31
N LEU M 247 81.17 22.61 84.28
CA LEU M 247 81.95 22.35 83.08
C LEU M 247 82.44 20.92 83.04
N ARG M 248 82.13 20.17 81.98
CA ARG M 248 82.59 18.79 81.83
C ARG M 248 82.96 18.54 80.41
N ALA M 249 84.05 17.79 80.21
CA ALA M 249 84.49 17.39 78.89
C ALA M 249 84.25 15.91 78.75
N TYR M 250 83.52 15.51 77.70
CA TYR M 250 83.18 14.11 77.46
C TYR M 250 84.16 13.42 76.54
N GLY M 251 84.78 14.20 75.64
CA GLY M 251 85.75 13.68 74.68
C GLY M 251 86.69 14.75 74.16
N SER M 252 87.26 14.48 73.00
CA SER M 252 88.18 15.41 72.38
C SER M 252 87.41 16.44 71.63
N THR M 253 87.75 17.69 71.83
CA THR M 253 87.10 18.79 71.15
C THR M 253 87.81 19.12 69.81
N ARG M 254 88.73 18.27 69.33
CA ARG M 254 89.50 18.49 68.10
C ARG M 254 88.61 18.63 66.88
N ASN M 255 87.61 17.74 66.79
CA ASN M 255 86.69 17.65 65.65
C ASN M 255 85.32 18.36 65.93
N VAL M 256 85.27 19.34 66.87
CA VAL M 256 84.04 20.09 67.12
C VAL M 256 83.80 21.07 65.96
N ARG M 257 82.59 21.01 65.37
CA ARG M 257 82.18 21.87 64.25
C ARG M 257 80.98 22.74 64.60
N TYR M 258 80.25 22.45 65.71
CA TYR M 258 79.07 23.22 66.11
C TYR M 258 79.01 23.48 67.59
N CYS M 259 78.21 24.49 67.97
CA CYS M 259 77.97 24.83 69.36
C CYS M 259 76.51 25.17 69.57
N LEU M 260 75.80 24.32 70.32
CA LEU M 260 74.39 24.52 70.61
C LEU M 260 74.24 25.27 71.92
N SER M 261 73.80 26.54 71.86
CA SER M 261 73.59 27.37 73.05
C SER M 261 72.10 27.43 73.39
N ARG M 262 71.80 27.75 74.65
CA ARG M 262 70.42 27.87 75.16
C ARG M 262 70.34 29.00 76.18
N ILE M 263 69.42 29.95 76.01
CA ILE M 263 69.29 31.07 76.94
C ILE M 263 68.46 30.67 78.13
N VAL M 264 69.05 30.73 79.32
CA VAL M 264 68.37 30.41 80.57
C VAL M 264 67.66 31.65 81.06
N LYS M 265 68.41 32.78 81.12
CA LYS M 265 67.91 34.07 81.59
C LYS M 265 68.54 35.19 80.73
N ALA M 266 67.71 36.17 80.35
CA ALA M 266 68.12 37.34 79.54
C ALA M 266 67.57 38.59 80.22
N ASP M 267 68.45 39.28 80.95
CA ASP M 267 68.13 40.48 81.72
C ASP M 267 69.03 41.63 81.32
N SER M 268 68.63 42.85 81.69
CA SER M 268 69.40 44.07 81.45
C SER M 268 70.79 44.02 82.08
N PHE M 269 70.91 43.35 83.25
CA PHE M 269 72.18 43.24 83.99
C PHE M 269 73.12 42.23 83.34
N GLY M 270 72.60 41.03 83.08
CA GLY M 270 73.39 39.96 82.48
C GLY M 270 72.59 38.90 81.77
N VAL M 271 73.30 37.89 81.23
CA VAL M 271 72.72 36.78 80.48
C VAL M 271 73.30 35.45 80.98
N GLU M 272 72.44 34.47 81.29
CA GLU M 272 72.86 33.12 81.68
C GLU M 272 72.52 32.20 80.54
N ALA M 273 73.40 31.24 80.23
CA ALA M 273 73.16 30.32 79.13
C ALA M 273 73.82 28.96 79.36
N ASP M 274 73.28 27.92 78.72
CA ASP M 274 73.79 26.55 78.80
C ASP M 274 74.30 26.12 77.42
N LEU M 275 75.59 25.73 77.32
CA LEU M 275 76.23 25.39 76.05
C LEU M 275 76.54 23.92 75.91
N GLU M 276 76.72 23.48 74.66
CA GLU M 276 77.08 22.11 74.30
C GLU M 276 77.87 22.15 73.01
N LEU M 277 79.10 21.62 73.03
CA LEU M 277 79.98 21.61 71.86
C LEU M 277 79.79 20.28 71.14
N LEU M 278 79.24 20.33 69.93
CA LEU M 278 78.91 19.14 69.15
C LEU M 278 79.84 18.92 67.98
N ASP M 279 80.15 17.66 67.65
CA ASP M 279 80.96 17.34 66.47
C ASP M 279 80.04 17.37 65.24
N ALA M 280 80.56 17.01 64.08
CA ALA M 280 79.77 17.00 62.84
C ALA M 280 78.54 16.07 62.91
N ASP M 281 78.70 14.90 63.57
CA ASP M 281 77.63 13.91 63.72
C ASP M 281 76.53 14.39 64.67
N GLY M 282 76.89 15.29 65.60
CA GLY M 282 75.99 15.84 66.59
C GLY M 282 76.26 15.34 68.00
N THR M 283 77.30 14.50 68.19
CA THR M 283 77.65 13.98 69.50
C THR M 283 78.21 15.08 70.38
N VAL M 284 77.83 15.10 71.67
CA VAL M 284 78.30 16.13 72.59
C VAL M 284 79.72 15.80 73.07
N LEU M 285 80.64 16.78 72.95
CA LEU M 285 82.05 16.65 73.34
C LEU M 285 82.37 17.41 74.62
N LEU M 286 81.69 18.53 74.87
CA LEU M 286 81.86 19.32 76.09
C LEU M 286 80.58 20.08 76.36
N SER M 287 80.23 20.27 77.62
CA SER M 287 79.04 21.03 77.97
C SER M 287 79.36 22.01 79.08
N ALA M 288 78.75 23.22 79.02
CA ALA M 288 78.94 24.28 80.02
C ALA M 288 77.59 24.86 80.47
N MET M 289 77.11 24.39 81.61
CA MET M 289 75.84 24.86 82.15
C MET M 289 76.13 26.09 82.94
N GLY M 290 75.18 27.01 82.97
CA GLY M 290 75.31 28.23 83.75
C GLY M 290 76.41 29.21 83.36
N LEU M 291 76.67 29.37 82.06
CA LEU M 291 77.65 30.34 81.57
C LEU M 291 77.07 31.71 81.78
N GLN M 292 77.49 32.40 82.84
CA GLN M 292 77.02 33.76 83.11
C GLN M 292 77.87 34.77 82.31
N LEU M 293 77.25 35.90 81.89
CA LEU M 293 77.87 36.99 81.13
C LEU M 293 77.27 38.30 81.59
N GLY M 294 78.05 39.37 81.55
CA GLY M 294 77.53 40.66 81.98
C GLY M 294 78.53 41.79 81.97
N THR M 295 78.22 42.85 82.72
CA THR M 295 79.11 44.00 82.82
C THR M 295 80.42 43.59 83.46
N GLY M 296 80.29 43.07 84.69
CA GLY M 296 81.38 42.69 85.57
C GLY M 296 81.54 43.66 86.74
N ASN M 297 80.78 44.78 86.68
CA ASN M 297 80.75 45.87 87.67
C ASN M 297 79.41 45.81 88.42
N SER M 298 79.18 46.72 89.40
CA SER M 298 77.91 46.70 90.13
C SER M 298 76.76 47.16 89.25
N ASP M 299 75.51 46.95 89.69
CA ASP M 299 74.29 47.30 88.93
C ASP M 299 73.98 48.83 89.03
N LYS M 300 74.52 49.51 90.07
CA LYS M 300 74.47 50.96 90.21
C LYS M 300 75.68 51.57 89.49
N ALA M 301 76.80 50.82 89.37
CA ALA M 301 77.96 51.23 88.57
C ALA M 301 77.63 51.11 87.08
N GLU M 302 76.71 50.18 86.71
CA GLU M 302 76.25 49.94 85.33
C GLU M 302 75.47 51.18 84.82
N GLU M 303 74.68 51.82 85.70
CA GLU M 303 73.92 53.04 85.34
C GLU M 303 74.85 54.29 85.17
N GLU M 304 76.09 54.27 85.69
CA GLU M 304 77.06 55.38 85.52
C GLU M 304 77.70 55.25 84.17
N ARG M 305 78.16 54.04 83.82
CA ARG M 305 78.76 53.73 82.53
C ARG M 305 77.77 54.14 81.44
N LEU M 306 76.50 53.72 81.60
CA LEU M 306 75.36 54.05 80.72
C LEU M 306 75.18 55.56 80.60
N LEU M 307 75.07 56.24 81.76
CA LEU M 307 74.95 57.69 81.82
C LEU M 307 76.13 58.37 81.12
N ASP M 308 77.35 57.84 81.31
CA ASP M 308 78.56 58.41 80.70
C ASP M 308 78.57 58.25 79.17
N GLU M 309 78.17 57.07 78.66
CA GLU M 309 78.13 56.83 77.22
C GLU M 309 77.01 57.63 76.51
N ARG M 310 75.88 57.87 77.19
CA ARG M 310 74.75 58.57 76.59
C ARG M 310 74.90 60.13 76.54
N LEU M 311 75.51 60.77 77.55
CA LEU M 311 75.65 62.23 77.60
C LEU M 311 76.47 62.77 76.45
N LEU M 312 76.05 63.93 75.87
CA LEU M 312 76.72 64.63 74.77
C LEU M 312 76.72 66.12 74.98
N THR M 313 77.80 66.76 74.55
CA THR M 313 77.96 68.20 74.65
C THR M 313 78.60 68.72 73.39
N ILE M 314 78.05 69.81 72.86
CA ILE M 314 78.60 70.50 71.70
C ILE M 314 79.83 71.30 72.15
N GLU M 315 80.97 71.16 71.45
CA GLU M 315 82.22 71.88 71.75
C GLU M 315 82.71 72.57 70.51
N TRP M 316 83.28 73.78 70.69
CA TRP M 316 83.81 74.63 69.65
C TRP M 316 85.32 74.59 69.66
N GLN M 317 85.91 74.36 68.51
CA GLN M 317 87.36 74.32 68.36
C GLN M 317 87.84 75.55 67.60
N GLN M 318 88.93 76.19 68.07
CA GLN M 318 89.56 77.31 67.36
C GLN M 318 90.21 76.74 66.10
N ARG M 319 89.70 77.12 64.91
CA ARG M 319 90.19 76.57 63.63
C ARG M 319 90.73 77.68 62.70
N GLU M 320 91.48 77.24 61.66
CA GLU M 320 92.07 78.09 60.63
C GLU M 320 91.51 77.69 59.27
N LEU M 321 91.29 78.67 58.38
CA LEU M 321 90.67 78.44 57.09
C LEU M 321 91.60 77.71 56.10
N PRO M 322 91.06 76.86 55.21
CA PRO M 322 91.92 76.20 54.21
C PRO M 322 92.23 77.11 53.00
N ARG M 323 93.29 76.75 52.24
CA ARG M 323 93.72 77.49 51.05
C ARG M 323 92.95 76.96 49.81
N PRO M 324 92.81 77.71 48.69
CA PRO M 324 93.27 79.09 48.43
C PRO M 324 92.23 80.13 48.88
N GLY M 333 83.52 81.69 39.97
CA GLY M 333 82.12 81.32 40.15
C GLY M 333 81.25 82.47 40.63
N SER M 334 79.97 82.52 40.17
CA SER M 334 79.03 83.58 40.56
C SER M 334 78.45 83.33 41.96
N TRP M 335 77.90 84.41 42.59
CA TRP M 335 77.30 84.36 43.93
C TRP M 335 76.01 85.15 44.01
N LEU M 336 75.25 84.96 45.11
CA LEU M 336 73.99 85.67 45.37
C LEU M 336 73.81 85.93 46.88
N VAL M 337 73.88 87.21 47.29
CA VAL M 337 73.67 87.61 48.69
C VAL M 337 72.20 88.00 48.82
N ILE M 338 71.48 87.37 49.75
CA ILE M 338 70.04 87.59 49.95
C ILE M 338 69.78 88.02 51.40
N LEU M 339 68.83 88.95 51.62
CA LEU M 339 68.51 89.47 52.96
C LEU M 339 67.22 88.86 53.56
N ALA M 340 66.96 89.14 54.86
CA ALA M 340 65.73 88.73 55.57
C ALA M 340 64.94 89.95 56.17
N GLY M 341 65.45 91.18 56.00
CA GLY M 341 64.81 92.40 56.48
C GLY M 341 65.23 93.58 55.63
N ASP M 342 64.28 94.14 54.85
CA ASP M 342 64.52 95.23 53.89
C ASP M 342 64.52 96.61 54.55
N ASP M 343 63.55 96.87 55.45
CA ASP M 343 63.47 98.15 56.17
C ASP M 343 64.69 98.37 57.09
N ASP M 344 65.39 97.27 57.51
CA ASP M 344 66.63 97.32 58.29
C ASP M 344 67.81 97.29 57.30
N GLU M 345 68.71 98.29 57.36
CA GLU M 345 69.87 98.36 56.47
C GLU M 345 71.04 97.62 57.11
N ASN M 346 71.36 96.42 56.59
CA ASN M 346 72.40 95.55 57.15
C ASN M 346 73.81 95.92 56.66
N PRO M 347 74.71 96.45 57.52
CA PRO M 347 76.09 96.72 57.05
C PRO M 347 76.84 95.42 56.77
N ARG M 348 76.44 94.30 57.42
CA ARG M 348 77.04 92.99 57.17
C ARG M 348 76.74 92.55 55.75
N ALA M 349 75.49 92.71 55.30
CA ALA M 349 75.10 92.38 53.93
C ALA M 349 75.83 93.25 52.91
N ALA M 350 75.94 94.57 53.18
CA ALA M 350 76.62 95.52 52.32
C ALA M 350 78.10 95.20 52.20
N GLY M 351 78.75 95.00 53.35
CA GLY M 351 80.17 94.67 53.43
C GLY M 351 80.54 93.32 52.83
N VAL M 352 79.60 92.34 52.85
CA VAL M 352 79.84 91.01 52.26
C VAL M 352 79.82 91.11 50.75
N VAL M 353 78.83 91.83 50.16
CA VAL M 353 78.73 91.98 48.72
C VAL M 353 79.97 92.73 48.18
N SER M 354 80.44 93.76 48.91
CA SER M 354 81.61 94.54 48.51
C SER M 354 82.89 93.69 48.53
N ALA M 355 83.03 92.82 49.54
CA ALA M 355 84.21 91.97 49.69
C ALA M 355 84.23 90.83 48.65
N LEU M 356 83.06 90.29 48.25
CA LEU M 356 82.98 89.25 47.20
C LEU M 356 83.37 89.84 45.86
N ILE M 357 82.88 91.06 45.56
CA ILE M 357 83.20 91.75 44.33
C ILE M 357 84.67 92.16 44.38
N GLY M 358 85.17 92.50 45.58
CA GLY M 358 86.57 92.82 45.80
C GLY M 358 87.49 91.63 45.58
N ALA M 359 87.01 90.40 45.90
CA ALA M 359 87.76 89.16 45.68
C ALA M 359 87.78 88.79 44.19
N GLY M 360 86.78 89.26 43.43
CA GLY M 360 86.66 89.04 42.00
C GLY M 360 85.59 88.05 41.58
N MET M 361 84.46 88.00 42.33
CA MET M 361 83.34 87.10 42.05
C MET M 361 82.13 87.91 41.62
N PRO M 362 81.43 87.56 40.52
CA PRO M 362 80.25 88.34 40.12
C PRO M 362 79.10 88.05 41.07
N THR M 363 78.83 89.01 41.97
CA THR M 363 77.81 88.91 43.01
C THR M 363 76.55 89.69 42.63
N THR M 364 75.38 89.11 42.94
CA THR M 364 74.06 89.72 42.74
C THR M 364 73.41 89.84 44.12
N THR M 365 72.41 90.73 44.28
CA THR M 365 71.78 90.91 45.60
C THR M 365 70.26 90.87 45.49
N MET M 366 69.63 90.13 46.42
CA MET M 366 68.18 89.93 46.53
C MET M 366 67.72 90.57 47.85
N ALA M 367 66.46 91.05 47.89
CA ALA M 367 65.93 91.71 49.07
C ALA M 367 64.58 91.11 49.47
N TRP M 368 64.62 89.88 50.00
CA TRP M 368 63.42 89.21 50.49
C TRP M 368 63.19 89.68 51.92
N SER M 369 62.01 90.22 52.20
CA SER M 369 61.66 90.70 53.54
C SER M 369 60.31 90.17 53.97
N HIS M 370 60.04 90.25 55.28
CA HIS M 370 58.75 89.85 55.84
C HIS M 370 57.73 90.87 55.41
N ASP M 371 56.44 90.53 55.46
CA ASP M 371 55.34 91.42 55.04
C ASP M 371 55.55 91.87 53.56
N ALA M 372 55.86 90.90 52.69
CA ALA M 372 56.08 91.11 51.26
C ALA M 372 55.47 89.94 50.47
N ASP M 373 55.12 90.14 49.18
CA ASP M 373 54.54 89.06 48.36
C ASP M 373 55.57 87.94 48.23
N HIS M 374 55.44 86.93 49.08
CA HIS M 374 56.37 85.82 49.17
C HIS M 374 56.30 84.91 47.94
N ASP M 375 55.11 84.69 47.37
CA ASP M 375 54.98 83.86 46.16
C ASP M 375 55.66 84.51 44.95
N ALA M 376 55.60 85.86 44.87
CA ALA M 376 56.24 86.62 43.80
C ALA M 376 57.75 86.69 43.99
N GLN M 377 58.22 86.87 45.23
CA GLN M 377 59.66 86.93 45.54
C GLN M 377 60.29 85.53 45.39
N ALA M 378 59.52 84.47 45.69
CA ALA M 378 59.95 83.07 45.53
C ALA M 378 60.16 82.76 44.06
N ALA M 379 59.30 83.29 43.19
CA ALA M 379 59.40 83.13 41.74
C ALA M 379 60.60 83.91 41.20
N ALA M 380 60.84 85.12 41.75
CA ALA M 380 61.98 85.97 41.37
C ALA M 380 63.30 85.29 41.68
N LEU M 381 63.38 84.60 42.83
CA LEU M 381 64.58 83.86 43.23
C LEU M 381 64.83 82.68 42.30
N THR M 382 63.82 81.80 42.13
CA THR M 382 63.90 80.63 41.25
C THR M 382 64.30 81.05 39.81
N ALA M 383 63.93 82.28 39.38
CA ALA M 383 64.32 82.79 38.08
C ALA M 383 65.82 83.13 38.02
N ARG M 384 66.37 83.76 39.09
CA ARG M 384 67.80 84.12 39.18
C ARG M 384 68.71 82.87 39.15
N LEU M 385 68.23 81.76 39.71
CA LEU M 385 68.98 80.50 39.77
C LEU M 385 69.03 79.84 38.39
N ASP M 386 67.91 79.81 37.68
CA ASP M 386 67.81 79.23 36.33
C ASP M 386 68.50 80.12 35.28
N GLU M 387 68.59 81.44 35.56
CA GLU M 387 69.23 82.42 34.68
C GLU M 387 70.74 82.20 34.63
N GLN M 388 71.41 82.19 35.80
CA GLN M 388 72.87 82.04 35.90
C GLN M 388 73.26 80.92 36.85
N PRO M 389 74.29 80.13 36.51
CA PRO M 389 74.75 79.10 37.45
C PRO M 389 75.67 79.74 38.49
N LEU M 390 75.31 79.61 39.78
CA LEU M 390 76.09 80.20 40.86
C LEU M 390 76.64 79.12 41.79
N ALA M 391 77.79 79.42 42.41
CA ALA M 391 78.48 78.51 43.30
C ALA M 391 77.80 78.41 44.66
N GLY M 392 77.49 79.57 45.24
CA GLY M 392 76.85 79.63 46.55
C GLY M 392 75.87 80.76 46.73
N VAL M 393 75.00 80.62 47.74
CA VAL M 393 73.95 81.58 48.11
C VAL M 393 74.10 81.93 49.59
N ALA M 394 74.39 83.19 49.91
CA ALA M 394 74.58 83.64 51.30
C ALA M 394 73.35 84.36 51.83
N VAL M 395 72.62 83.75 52.79
CA VAL M 395 71.41 84.33 53.38
C VAL M 395 71.81 85.16 54.61
N ILE M 396 71.70 86.50 54.52
CA ILE M 396 72.03 87.40 55.62
C ILE M 396 70.76 87.66 56.44
N VAL M 397 70.73 87.26 57.71
CA VAL M 397 69.55 87.46 58.56
C VAL M 397 69.67 88.79 59.30
N GLY M 398 68.65 89.65 59.15
CA GLY M 398 68.62 90.97 59.76
C GLY M 398 68.37 91.00 61.26
N ASP M 399 69.07 91.90 61.96
CA ASP M 399 68.95 92.09 63.40
C ASP M 399 68.18 93.38 63.67
N SER M 400 67.09 93.29 64.42
CA SER M 400 66.29 94.45 64.79
C SER M 400 67.08 95.37 65.72
N GLU M 401 67.08 96.70 65.45
CA GLU M 401 67.81 97.72 66.22
C GLU M 401 69.31 97.46 66.21
N HIS M 407 67.76 94.33 73.94
CA HIS M 407 67.95 93.50 75.13
C HIS M 407 66.67 92.71 75.51
N ASP M 408 65.46 93.14 75.09
CA ASP M 408 64.23 92.43 75.48
C ASP M 408 64.12 91.07 74.78
N VAL M 409 64.03 89.99 75.58
CA VAL M 409 63.91 88.61 75.10
C VAL M 409 62.50 88.36 74.60
N GLY M 410 61.50 88.87 75.32
CA GLY M 410 60.09 88.75 74.93
C GLY M 410 59.86 89.09 73.47
N ALA M 411 60.51 90.17 73.00
CA ALA M 411 60.44 90.61 71.62
C ALA M 411 61.23 89.69 70.70
N ASP M 412 62.44 89.26 71.12
CA ASP M 412 63.29 88.36 70.33
C ASP M 412 62.65 86.96 70.19
N ALA M 413 61.82 86.53 71.17
CA ALA M 413 61.11 85.25 71.12
C ALA M 413 60.02 85.28 70.06
N ARG M 414 59.28 86.40 69.94
CA ARG M 414 58.21 86.57 68.95
C ARG M 414 58.84 86.73 67.56
N ARG M 415 59.95 87.52 67.46
CA ARG M 415 60.70 87.74 66.22
C ARG M 415 61.35 86.47 65.70
N GLY M 416 61.82 85.63 66.62
CA GLY M 416 62.47 84.36 66.28
C GLY M 416 61.62 83.43 65.45
N ALA M 417 60.28 83.46 65.66
CA ALA M 417 59.33 82.65 64.90
C ALA M 417 59.30 83.13 63.45
N ASP M 418 59.17 84.45 63.27
CA ASP M 418 59.09 85.08 61.95
C ASP M 418 60.35 84.76 61.11
N HIS M 419 61.54 84.72 61.75
CA HIS M 419 62.78 84.36 61.05
C HIS M 419 62.75 82.91 60.56
N VAL M 420 62.24 81.98 61.39
CA VAL M 420 62.14 80.56 61.07
C VAL M 420 61.17 80.37 59.89
N ARG M 421 59.96 80.98 59.97
CA ARG M 421 58.94 80.94 58.90
C ARG M 421 59.51 81.46 57.58
N HIS M 422 60.34 82.52 57.64
CA HIS M 422 60.95 83.15 56.47
C HIS M 422 62.10 82.33 55.90
N LEU M 423 62.95 81.71 56.75
CA LEU M 423 64.04 80.90 56.25
C LEU M 423 63.51 79.61 55.62
N VAL M 424 62.32 79.12 56.05
CA VAL M 424 61.67 77.96 55.43
C VAL M 424 61.25 78.35 54.00
N ARG M 425 60.70 79.58 53.81
CA ARG M 425 60.29 80.09 52.49
C ARG M 425 61.49 80.13 51.52
N ILE M 426 62.66 80.63 52.01
CA ILE M 426 63.90 80.73 51.23
C ILE M 426 64.46 79.33 50.94
N ALA M 427 64.61 78.49 51.98
CA ALA M 427 65.17 77.14 51.83
C ALA M 427 64.36 76.24 50.89
N ARG M 428 63.02 76.36 50.91
CA ARG M 428 62.14 75.58 50.02
C ARG M 428 62.43 75.85 48.54
N THR M 429 62.58 77.13 48.17
CA THR M 429 62.81 77.52 46.78
C THR M 429 64.22 77.09 46.28
N LEU M 430 65.24 77.02 47.17
CA LEU M 430 66.58 76.56 46.78
C LEU M 430 66.57 75.05 46.56
N ALA M 431 65.82 74.31 47.41
CA ALA M 431 65.67 72.86 47.28
C ALA M 431 64.97 72.51 45.96
N ASP M 432 63.91 73.28 45.62
CA ASP M 432 63.16 73.12 44.37
C ASP M 432 63.93 73.83 43.23
N ALA M 433 65.10 73.27 42.87
CA ALA M 433 65.99 73.78 41.84
C ALA M 433 66.10 72.77 40.73
N VAL M 434 66.03 73.25 39.47
CA VAL M 434 66.11 72.37 38.31
C VAL M 434 67.55 71.86 38.21
N GLY M 435 68.51 72.79 38.15
CA GLY M 435 69.93 72.46 38.08
C GLY M 435 70.50 72.00 39.40
N GLU M 436 71.84 71.91 39.50
CA GLU M 436 72.53 71.48 40.72
C GLU M 436 72.39 72.57 41.78
N PRO M 437 71.72 72.30 42.93
CA PRO M 437 71.55 73.36 43.94
C PRO M 437 72.88 73.96 44.42
N PRO M 438 72.94 75.29 44.61
CA PRO M 438 74.17 75.93 45.10
C PRO M 438 74.34 75.74 46.61
N ARG M 439 75.54 76.00 47.14
CA ARG M 439 75.78 75.85 48.58
C ARG M 439 75.10 76.95 49.39
N LEU M 440 74.22 76.55 50.32
CA LEU M 440 73.51 77.50 51.17
C LEU M 440 74.36 77.88 52.38
N TYR M 441 74.52 79.19 52.61
CA TYR M 441 75.26 79.74 53.74
C TYR M 441 74.34 80.70 54.50
N VAL M 442 73.93 80.39 55.75
CA VAL M 442 73.07 81.29 56.53
C VAL M 442 73.94 82.07 57.53
N VAL M 443 73.92 83.41 57.47
CA VAL M 443 74.73 84.27 58.33
C VAL M 443 73.87 84.88 59.45
N THR M 444 74.06 84.40 60.69
CA THR M 444 73.31 84.84 61.86
C THR M 444 74.14 85.74 62.78
N HIS M 445 73.46 86.60 63.56
CA HIS M 445 74.09 87.54 64.50
C HIS M 445 74.05 87.02 65.95
N ARG M 446 75.23 86.59 66.47
CA ARG M 446 75.43 86.06 67.84
C ARG M 446 74.29 85.08 68.27
N SER M 447 73.82 84.25 67.32
CA SER M 447 72.77 83.23 67.45
C SER M 447 72.98 82.36 68.69
N GLN M 448 74.19 81.77 68.83
CA GLN M 448 74.49 80.83 69.90
C GLN M 448 75.80 81.11 70.63
N HIS M 449 75.93 80.43 71.76
CA HIS M 449 77.07 80.51 72.67
C HIS M 449 78.23 79.66 72.17
N VAL M 450 79.42 80.27 72.07
CA VAL M 450 80.66 79.60 71.66
C VAL M 450 81.73 79.90 72.74
N LEU M 451 82.11 81.17 72.94
CA LEU M 451 83.05 81.57 73.99
C LEU M 451 82.29 81.67 75.31
N ASP M 452 82.93 81.28 76.43
CA ASP M 452 82.31 81.30 77.76
C ASP M 452 81.80 82.69 78.19
N THR M 453 82.45 83.75 77.72
CA THR M 453 82.07 85.14 78.02
C THR M 453 80.77 85.61 77.34
N ASP M 454 80.39 84.97 76.22
CA ASP M 454 79.23 85.36 75.41
C ASP M 454 77.88 85.34 76.12
N GLU M 455 77.05 86.35 75.78
CA GLU M 455 75.64 86.50 76.15
C GLU M 455 74.91 86.37 74.82
N PRO M 456 74.16 85.29 74.55
CA PRO M 456 73.59 85.13 73.20
C PRO M 456 72.52 86.16 72.82
N TYR M 457 72.55 86.55 71.54
CA TYR M 457 71.54 87.42 70.92
C TYR M 457 70.54 86.45 70.33
N LEU M 458 69.27 86.50 70.78
CA LEU M 458 68.28 85.54 70.31
C LEU M 458 67.73 85.98 68.93
N GLU M 459 66.46 85.67 68.55
CA GLU M 459 65.94 85.88 67.19
C GLU M 459 66.46 84.75 66.27
N HIS M 460 67.77 84.76 66.01
CA HIS M 460 68.45 83.79 65.16
C HIS M 460 68.75 82.49 65.91
N SER M 461 68.47 82.44 67.25
CA SER M 461 68.71 81.27 68.11
C SER M 461 67.95 80.01 67.68
N GLY M 462 66.77 80.19 67.06
CA GLY M 462 65.96 79.08 66.58
C GLY M 462 66.36 78.56 65.22
N LEU M 463 67.08 79.36 64.40
CA LEU M 463 67.47 78.96 63.05
C LEU M 463 68.54 77.85 63.00
N ARG M 464 69.35 77.63 64.07
CA ARG M 464 70.40 76.61 64.04
C ARG M 464 69.83 75.16 63.96
N GLY M 465 68.59 74.97 64.42
CA GLY M 465 67.91 73.69 64.35
C GLY M 465 67.32 73.43 62.98
N LEU M 466 66.86 74.50 62.33
CA LEU M 466 66.28 74.44 61.00
C LEU M 466 67.36 74.14 59.94
N ILE M 467 68.48 74.90 59.92
CA ILE M 467 69.59 74.67 58.95
C ILE M 467 70.17 73.25 59.10
N ARG M 468 70.12 72.68 60.31
CA ARG M 468 70.60 71.33 60.59
C ARG M 468 69.66 70.28 59.94
N VAL M 469 68.32 70.54 60.00
CA VAL M 469 67.29 69.68 59.39
C VAL M 469 67.30 69.86 57.85
N VAL M 470 67.49 71.11 57.36
CA VAL M 470 67.54 71.39 55.92
C VAL M 470 68.74 70.68 55.28
N GLY M 471 69.88 70.67 55.97
CA GLY M 471 71.07 69.97 55.51
C GLY M 471 70.87 68.46 55.43
N MET M 472 70.11 67.89 56.38
CA MET M 472 69.78 66.47 56.42
C MET M 472 68.72 66.10 55.36
N GLU M 473 67.68 66.94 55.18
CA GLU M 473 66.62 66.69 54.19
C GLU M 473 67.14 66.89 52.75
N HIS M 474 67.85 68.00 52.52
CA HIS M 474 68.38 68.36 51.20
C HIS M 474 69.91 68.56 51.31
N PRO M 475 70.68 67.46 51.28
CA PRO M 475 72.14 67.59 51.42
C PRO M 475 72.85 68.11 50.17
N ARG M 476 72.18 68.15 48.99
CA ARG M 476 72.78 68.68 47.74
C ARG M 476 73.33 70.08 48.02
N LEU M 477 72.45 70.95 48.52
CA LEU M 477 72.85 72.27 49.00
C LEU M 477 73.40 72.04 50.41
N ARG M 478 74.74 72.13 50.59
CA ARG M 478 75.33 71.84 51.90
C ARG M 478 75.01 73.00 52.86
N ALA M 479 73.93 72.83 53.65
CA ALA M 479 73.46 73.85 54.59
C ALA M 479 74.50 74.19 55.66
N THR M 480 75.18 75.34 55.49
CA THR M 480 76.21 75.85 56.38
C THR M 480 75.70 77.06 57.17
N GLN M 481 76.04 77.16 58.45
CA GLN M 481 75.66 78.26 59.32
C GLN M 481 76.91 79.02 59.72
N ILE M 482 76.86 80.37 59.69
CA ILE M 482 77.98 81.23 60.07
C ILE M 482 77.50 82.18 61.17
N ASP M 483 77.79 81.87 62.44
CA ASP M 483 77.38 82.75 63.55
C ASP M 483 78.44 83.85 63.77
N VAL M 484 78.10 85.04 63.33
CA VAL M 484 78.98 86.21 63.32
C VAL M 484 78.67 87.15 64.48
N ASP M 485 79.70 87.87 64.97
CA ASP M 485 79.54 88.90 66.00
C ASP M 485 79.72 90.26 65.32
N ASP M 486 79.52 91.36 66.06
CA ASP M 486 79.65 92.71 65.50
C ASP M 486 81.10 92.99 65.05
N SER M 487 82.07 92.71 65.93
CA SER M 487 83.50 92.92 65.66
C SER M 487 84.12 91.69 64.99
N THR M 488 84.39 91.73 63.67
CA THR M 488 85.01 90.58 62.98
C THR M 488 85.64 90.93 61.61
N ALA M 489 85.03 91.86 60.83
CA ALA M 489 85.46 92.30 59.49
C ALA M 489 84.89 91.38 58.42
N HIS M 490 84.47 91.98 57.30
CA HIS M 490 83.84 91.27 56.20
C HIS M 490 84.89 90.56 55.32
N GLU M 491 86.13 91.11 55.26
CA GLU M 491 87.25 90.54 54.48
C GLU M 491 87.58 89.10 54.92
N ALA M 492 87.43 88.82 56.22
CA ALA M 492 87.68 87.49 56.80
C ALA M 492 86.46 86.58 56.67
N LEU M 493 85.24 87.14 56.64
CA LEU M 493 84.02 86.34 56.50
C LEU M 493 83.91 85.73 55.11
N VAL M 494 84.10 86.55 54.04
CA VAL M 494 84.03 86.05 52.66
C VAL M 494 85.16 85.03 52.40
N ARG M 495 86.27 85.14 53.14
CA ARG M 495 87.38 84.19 53.07
C ARG M 495 86.85 82.76 53.31
N GLN M 496 85.87 82.60 54.23
CA GLN M 496 85.21 81.32 54.53
C GLN M 496 84.34 80.86 53.37
N LEU M 497 83.51 81.76 52.84
CA LEU M 497 82.59 81.48 51.74
C LEU M 497 83.34 80.93 50.51
N LEU M 498 84.50 81.54 50.21
CA LEU M 498 85.32 81.21 49.04
C LEU M 498 86.33 80.07 49.30
N SER M 499 86.72 79.78 50.58
CA SER M 499 87.65 78.67 50.88
C SER M 499 86.99 77.30 50.62
N GLY M 500 85.67 77.22 50.83
CA GLY M 500 84.90 76.00 50.60
C GLY M 500 85.25 74.88 51.55
N SER M 501 85.34 75.18 52.85
CA SER M 501 85.61 74.16 53.86
C SER M 501 84.33 73.36 54.07
N PRO M 502 84.40 72.04 54.35
CA PRO M 502 83.15 71.27 54.53
C PRO M 502 82.41 71.50 55.86
N GLU M 503 82.88 72.42 56.74
CA GLU M 503 82.25 72.69 58.05
C GLU M 503 80.82 73.27 57.89
N ASP M 504 79.82 72.63 58.54
CA ASP M 504 78.40 73.02 58.47
C ASP M 504 77.99 73.96 59.61
N GLU M 505 78.59 73.82 60.81
CA GLU M 505 78.30 74.72 61.94
C GLU M 505 79.57 75.47 62.24
N THR M 506 79.54 76.78 61.98
CA THR M 506 80.69 77.64 62.19
C THR M 506 80.30 78.92 62.89
N ALA M 507 81.30 79.69 63.28
CA ALA M 507 81.12 80.95 63.94
C ALA M 507 82.37 81.81 63.82
N TRP M 508 82.24 83.09 64.20
CA TRP M 508 83.32 84.06 64.13
C TRP M 508 83.30 84.97 65.32
N ARG M 509 84.37 84.96 66.12
CA ARG M 509 84.51 85.82 67.29
C ARG M 509 85.84 86.54 67.16
N ASP M 510 85.80 87.86 66.86
CA ASP M 510 86.95 88.72 66.56
C ASP M 510 87.56 88.19 65.25
N GLY M 511 88.88 88.12 65.13
CA GLY M 511 89.51 87.60 63.92
C GLY M 511 89.66 86.09 63.88
N GLN M 512 89.09 85.34 64.85
CA GLN M 512 89.22 83.88 64.89
C GLN M 512 87.98 83.17 64.38
N TRP M 513 88.21 82.09 63.61
CA TRP M 513 87.19 81.24 63.04
C TRP M 513 86.95 80.04 63.95
N TYR M 514 85.67 79.73 64.25
CA TYR M 514 85.27 78.65 65.14
C TYR M 514 84.41 77.63 64.40
N ALA M 515 84.55 76.33 64.75
CA ALA M 515 83.81 75.21 64.16
C ALA M 515 83.36 74.21 65.23
N ALA M 516 82.09 73.75 65.18
CA ALA M 516 81.52 72.85 66.19
C ALA M 516 82.00 71.40 66.08
N ARG M 517 81.77 70.62 67.15
CA ARG M 517 82.14 69.19 67.24
C ARG M 517 81.56 68.59 68.54
N LEU M 518 80.80 67.47 68.43
CA LEU M 518 80.21 66.83 69.61
C LEU M 518 81.23 66.04 70.37
N CYS M 519 81.07 65.97 71.71
CA CYS M 519 81.95 65.23 72.59
C CYS M 519 81.17 64.75 73.75
N PRO M 520 81.01 63.44 73.96
CA PRO M 520 80.40 63.01 75.22
C PRO M 520 81.38 63.34 76.33
N SER M 521 80.92 64.04 77.34
CA SER M 521 81.82 64.53 78.38
C SER M 521 81.17 64.45 79.75
N PRO M 522 81.14 63.24 80.33
CA PRO M 522 80.54 63.06 81.66
C PRO M 522 81.57 63.22 82.79
N LEU M 523 82.20 64.40 82.85
CA LEU M 523 83.26 64.71 83.82
C LEU M 523 82.68 65.07 85.18
N ARG M 524 83.56 65.07 86.19
CA ARG M 524 83.23 65.40 87.58
C ARG M 524 84.38 66.25 88.19
N ALA M 525 85.11 67.03 87.36
CA ALA M 525 86.21 67.85 87.85
C ALA M 525 85.73 69.29 88.03
N ALA M 526 85.69 70.07 86.95
CA ALA M 526 85.17 71.44 86.99
C ALA M 526 83.64 71.41 86.99
N GLU M 527 83.04 70.34 86.36
CA GLU M 527 81.59 70.10 86.25
C GLU M 527 80.93 69.87 87.62
N ARG M 528 81.74 69.57 88.64
CA ARG M 528 81.23 69.40 89.99
C ARG M 528 81.07 70.76 90.58
N ARG M 529 80.05 70.92 91.43
CA ARG M 529 79.78 72.20 92.09
C ARG M 529 80.88 72.60 93.05
N THR M 530 81.17 73.90 93.12
CA THR M 530 82.13 74.50 94.05
C THR M 530 81.33 75.43 94.93
N ALA M 531 81.84 75.72 96.12
CA ALA M 531 81.17 76.63 97.04
C ALA M 531 82.15 77.13 98.09
N VAL M 532 81.71 78.06 98.92
CA VAL M 532 82.48 78.58 100.03
C VAL M 532 81.62 78.38 101.25
N ALA M 533 82.18 77.78 102.32
CA ALA M 533 81.44 77.48 103.52
C ALA M 533 82.19 77.88 104.76
N ASP M 534 81.45 78.21 105.84
CA ASP M 534 82.01 78.62 107.13
C ASP M 534 82.72 77.43 107.79
N ASN M 535 83.67 77.70 108.70
CA ASN M 535 84.40 76.63 109.42
C ASN M 535 83.80 76.35 110.80
N ALA M 536 83.09 77.32 111.41
CA ALA M 536 82.40 77.13 112.69
C ALA M 536 81.07 76.42 112.45
N SER M 537 80.38 76.81 111.37
CA SER M 537 79.10 76.24 110.94
C SER M 537 79.34 75.53 109.62
N GLU M 538 78.36 74.81 109.08
CA GLU M 538 78.43 74.10 107.77
C GLU M 538 79.49 72.97 107.69
N GLY M 539 79.06 71.78 107.29
CA GLY M 539 79.93 70.61 107.22
C GLY M 539 80.95 70.62 106.10
N MET M 540 82.23 70.37 106.45
CA MET M 540 83.36 70.30 105.51
C MET M 540 84.28 69.15 105.89
N ARG M 541 84.55 68.24 104.95
CA ARG M 541 85.40 67.07 105.16
C ARG M 541 86.56 67.13 104.17
N LEU M 542 87.62 66.40 104.45
CA LEU M 542 88.80 66.35 103.60
C LEU M 542 88.93 64.92 103.08
N VAL M 543 89.18 64.74 101.75
CA VAL M 543 89.23 63.40 101.13
C VAL M 543 89.96 63.39 99.78
N VAL M 544 90.56 62.22 99.38
CA VAL M 544 91.22 62.07 98.07
C VAL M 544 90.20 61.53 97.06
N ARG M 545 90.00 62.23 95.91
CA ARG M 545 89.05 61.77 94.90
C ARG M 545 89.56 60.46 94.27
N ASN M 546 90.89 60.32 94.06
CA ASN M 546 91.47 59.08 93.56
C ASN M 546 92.80 58.81 94.28
N PRO M 547 92.85 57.79 95.16
CA PRO M 547 94.10 57.52 95.89
C PRO M 547 95.29 57.23 94.97
N GLY M 548 96.48 57.48 95.51
CA GLY M 548 97.75 57.34 94.80
C GLY M 548 98.37 58.70 94.60
N ASP M 549 97.55 59.68 94.20
CA ASP M 549 97.93 61.06 93.96
C ASP M 549 97.58 61.92 95.18
N LEU M 550 98.55 62.60 95.80
CA LEU M 550 98.24 63.48 96.94
C LEU M 550 97.76 64.84 96.48
N GLU M 551 98.00 65.19 95.19
CA GLU M 551 97.50 66.43 94.61
C GLU M 551 95.96 66.33 94.50
N SER M 552 95.43 65.08 94.42
CA SER M 552 94.00 64.81 94.37
C SER M 552 93.31 65.17 95.66
N MET M 553 94.06 65.31 96.77
CA MET M 553 93.50 65.74 98.05
C MET M 553 92.65 66.97 97.82
N GLU M 554 91.42 66.94 98.30
CA GLU M 554 90.49 68.03 98.11
C GLU M 554 89.58 68.15 99.29
N LEU M 555 89.05 69.33 99.50
CA LEU M 555 88.12 69.58 100.57
C LEU M 555 86.74 69.47 100.01
N VAL M 556 85.89 68.66 100.63
CA VAL M 556 84.53 68.41 100.19
C VAL M 556 83.61 69.04 101.21
N THR M 557 82.31 69.06 100.93
CA THR M 557 81.31 69.55 101.88
C THR M 557 80.19 68.56 101.97
N PHE M 558 79.54 68.56 103.14
CA PHE M 558 78.43 67.67 103.46
C PHE M 558 77.39 68.38 104.32
N GLU M 559 76.19 67.81 104.33
CA GLU M 559 75.10 68.30 105.16
C GLU M 559 75.20 67.65 106.53
N ARG M 560 75.62 68.42 107.55
CA ARG M 560 75.72 67.88 108.92
C ARG M 560 74.32 67.74 109.50
N GLY M 561 73.83 66.51 109.56
CA GLY M 561 72.50 66.21 110.04
C GLY M 561 72.43 65.92 111.52
N THR M 562 71.20 65.85 112.05
CA THR M 562 70.97 65.54 113.45
C THR M 562 71.45 64.11 113.76
N PRO M 563 72.21 63.90 114.85
CA PRO M 563 72.66 62.55 115.17
C PRO M 563 71.54 61.76 115.81
N GLY M 564 71.76 60.46 115.94
CA GLY M 564 70.84 59.54 116.58
C GLY M 564 70.39 58.45 115.65
N PRO M 565 69.91 57.31 116.21
CA PRO M 565 69.80 57.00 117.63
C PRO M 565 71.09 56.40 118.18
N GLY M 566 71.48 56.85 119.37
CA GLY M 566 72.70 56.37 120.01
C GLY M 566 73.99 56.85 119.37
N GLN M 567 73.96 58.09 118.85
CA GLN M 567 75.11 58.73 118.19
C GLN M 567 75.25 60.16 118.68
N ILE M 568 76.43 60.74 118.47
CA ILE M 568 76.77 62.09 118.91
C ILE M 568 77.50 62.84 117.84
N GLU M 569 77.14 64.12 117.65
CA GLU M 569 77.87 65.00 116.74
C GLU M 569 78.90 65.73 117.56
N VAL M 570 80.17 65.76 117.12
CA VAL M 570 81.27 66.40 117.84
C VAL M 570 81.89 67.47 116.99
N ALA M 571 82.21 68.63 117.60
CA ALA M 571 82.90 69.73 116.94
C ALA M 571 84.37 69.50 117.13
N VAL M 572 85.03 68.96 116.10
CA VAL M 572 86.43 68.57 116.18
C VAL M 572 87.34 69.81 116.22
N LYS M 573 88.23 69.84 117.24
CA LYS M 573 89.25 70.87 117.45
C LYS M 573 90.61 70.41 116.85
N ALA M 574 90.94 69.09 116.94
CA ALA M 574 92.18 68.52 116.38
C ALA M 574 92.04 67.02 116.13
N SER M 575 92.51 66.55 114.97
CA SER M 575 92.48 65.13 114.57
C SER M 575 93.92 64.67 114.25
N SER M 576 94.15 63.34 114.24
CA SER M 576 95.48 62.77 114.06
C SER M 576 95.78 62.35 112.67
N ILE M 577 97.09 62.12 112.42
CA ILE M 577 97.63 61.60 111.16
C ILE M 577 98.37 60.30 111.50
N ASN M 578 97.66 59.16 111.42
CA ASN M 578 98.25 57.84 111.68
C ASN M 578 98.84 57.37 110.39
N PHE M 579 99.68 56.34 110.42
CA PHE M 579 100.32 55.88 109.19
C PHE M 579 99.28 55.12 108.36
N ALA M 580 98.21 54.64 108.99
CA ALA M 580 97.10 54.05 108.26
C ALA M 580 96.49 55.06 107.28
N ASP M 581 96.36 56.35 107.71
CA ASP M 581 95.79 57.47 106.90
C ASP M 581 96.69 57.80 105.69
N VAL M 582 98.00 57.47 105.77
CA VAL M 582 98.97 57.66 104.70
C VAL M 582 98.73 56.61 103.63
N LEU M 583 98.50 55.36 104.04
CA LEU M 583 98.21 54.25 103.13
C LEU M 583 96.90 54.46 102.40
N VAL M 584 95.91 55.05 103.10
CA VAL M 584 94.63 55.36 102.48
C VAL M 584 94.87 56.36 101.35
N ALA M 585 95.66 57.42 101.58
CA ALA M 585 95.98 58.41 100.57
C ALA M 585 96.64 57.80 99.35
N PHE M 586 97.55 56.81 99.54
CA PHE M 586 98.21 56.15 98.42
C PHE M 586 97.44 54.94 97.87
N GLY M 587 96.34 54.56 98.52
CA GLY M 587 95.51 53.43 98.10
C GLY M 587 96.09 52.07 98.46
N ARG M 588 97.12 52.05 99.31
CA ARG M 588 97.80 50.84 99.75
C ARG M 588 97.21 50.31 101.07
N CYS M 589 96.07 50.85 101.57
CA CYS M 589 95.53 50.40 102.85
C CYS M 589 94.70 49.12 102.74
N PRO M 590 95.04 48.06 103.52
CA PRO M 590 94.22 46.86 103.51
C PRO M 590 93.10 46.94 104.55
N SER M 591 91.92 46.44 104.19
CA SER M 591 90.76 46.43 105.08
C SER M 591 89.97 45.12 104.94
N PHE M 592 89.47 44.62 106.08
CA PHE M 592 88.65 43.41 106.16
C PHE M 592 87.33 43.62 105.48
N ASP M 593 86.78 44.84 105.65
CA ASP M 593 85.54 45.28 105.01
C ASP M 593 85.66 45.20 103.49
N GLY M 594 86.82 45.62 102.99
CA GLY M 594 87.12 45.69 101.56
C GLY M 594 87.09 47.13 101.11
N ARG M 595 86.19 47.94 101.70
CA ARG M 595 86.02 49.36 101.40
C ARG M 595 87.21 50.12 101.95
N LEU M 596 87.77 51.08 101.16
CA LEU M 596 88.91 51.85 101.61
C LEU M 596 88.42 52.86 102.63
N PRO M 597 89.02 52.89 103.83
CA PRO M 597 88.52 53.79 104.86
C PRO M 597 88.68 55.26 104.52
N GLU M 598 88.04 56.10 105.34
CA GLU M 598 88.07 57.54 105.17
C GLU M 598 89.19 58.13 106.02
N LEU M 599 89.73 59.29 105.59
CA LEU M 599 90.86 59.97 106.23
C LEU M 599 90.55 60.50 107.63
N GLY M 600 91.31 60.02 108.62
CA GLY M 600 91.18 60.41 110.01
C GLY M 600 90.43 59.36 110.78
N SER M 601 91.11 58.70 111.74
CA SER M 601 90.49 57.65 112.55
C SER M 601 90.05 58.20 113.90
N GLU M 602 90.98 58.86 114.62
CA GLU M 602 90.74 59.43 115.97
C GLU M 602 90.54 60.91 115.88
N PHE M 603 89.93 61.47 116.92
CA PHE M 603 89.63 62.91 117.03
C PHE M 603 89.66 63.39 118.48
N GLY M 604 89.48 64.67 118.64
CA GLY M 604 89.39 65.32 119.94
C GLY M 604 88.63 66.59 119.74
N GLY M 605 87.48 66.68 120.38
CA GLY M 605 86.60 67.83 120.21
C GLY M 605 85.66 68.07 121.37
N VAL M 606 84.52 68.69 121.06
CA VAL M 606 83.49 69.01 122.04
C VAL M 606 82.15 68.58 121.49
N VAL M 607 81.26 68.03 122.33
CA VAL M 607 79.97 67.54 121.85
C VAL M 607 79.09 68.71 121.41
N THR M 608 78.53 68.60 120.20
CA THR M 608 77.64 69.59 119.60
C THR M 608 76.21 69.21 119.91
N ALA M 609 75.85 67.98 119.56
CA ALA M 609 74.50 67.47 119.77
C ALA M 609 74.55 66.00 120.11
N VAL M 610 73.62 65.57 120.95
CA VAL M 610 73.50 64.18 121.38
C VAL M 610 72.23 63.62 120.75
N GLY M 611 72.36 62.49 120.07
CA GLY M 611 71.25 61.83 119.40
C GLY M 611 70.34 61.09 120.35
N PRO M 612 69.02 61.05 120.07
CA PRO M 612 68.09 60.36 120.98
C PRO M 612 68.32 58.84 121.01
N GLY M 613 68.67 58.25 122.15
CA GLY M 613 68.87 58.88 123.44
C GLY M 613 69.96 58.20 124.21
N VAL M 614 70.94 58.98 124.72
CA VAL M 614 72.07 58.43 125.48
C VAL M 614 72.31 59.27 126.73
N THR M 615 72.35 58.56 127.86
CA THR M 615 72.55 59.11 129.19
C THR M 615 74.03 59.41 129.45
N THR M 616 74.91 58.65 128.77
CA THR M 616 76.36 58.72 128.93
C THR M 616 76.94 60.09 128.61
N HIS M 617 76.74 60.58 127.38
CA HIS M 617 77.29 61.87 126.96
C HIS M 617 76.30 63.02 127.15
N ARG M 618 76.86 64.23 127.27
CA ARG M 618 76.15 65.47 127.45
C ARG M 618 76.72 66.50 126.46
N VAL M 619 75.91 67.47 126.03
CA VAL M 619 76.37 68.49 125.08
C VAL M 619 77.32 69.44 125.79
N GLY M 620 78.38 69.82 125.10
CA GLY M 620 79.43 70.66 125.65
C GLY M 620 80.54 69.89 126.34
N ASP M 621 80.43 68.54 126.41
CA ASP M 621 81.48 67.72 127.01
C ASP M 621 82.70 67.70 126.13
N ARG M 622 83.89 67.93 126.70
CA ARG M 622 85.14 67.81 125.95
C ARG M 622 85.43 66.32 125.80
N VAL M 623 85.36 65.79 124.57
CA VAL M 623 85.52 64.35 124.34
C VAL M 623 86.61 64.04 123.32
N GLY M 624 87.02 62.78 123.33
CA GLY M 624 87.97 62.21 122.40
C GLY M 624 87.45 60.85 122.02
N GLY M 625 87.68 60.45 120.78
CA GLY M 625 87.15 59.18 120.31
C GLY M 625 87.64 58.74 118.95
N VAL M 626 86.98 57.72 118.42
CA VAL M 626 87.25 57.14 117.12
C VAL M 626 85.94 57.15 116.35
N SER M 627 86.00 57.14 115.00
CA SER M 627 84.75 57.14 114.24
C SER M 627 84.79 56.59 112.84
N ALA M 628 85.87 56.84 112.07
CA ALA M 628 85.93 56.60 110.62
C ALA M 628 85.10 57.73 110.05
N ASN M 629 84.37 57.56 108.94
CA ASN M 629 83.49 58.63 108.40
C ASN M 629 84.22 60.01 108.24
N GLY M 630 85.56 60.00 108.23
CA GLY M 630 86.37 61.20 108.08
C GLY M 630 86.43 62.06 109.32
N CYS M 631 87.51 61.92 110.10
CA CYS M 631 87.71 62.74 111.30
C CYS M 631 88.51 64.02 110.97
N TRP M 632 88.97 64.22 109.71
CA TRP M 632 89.64 65.47 109.32
C TRP M 632 88.56 66.41 108.79
N SER M 633 87.64 66.80 109.70
CA SER M 633 86.49 67.67 109.40
C SER M 633 86.13 68.47 110.63
N ASN M 634 85.38 69.56 110.44
CA ASN M 634 84.94 70.42 111.54
C ASN M 634 83.86 69.74 112.42
N PHE M 635 83.02 68.84 111.84
CA PHE M 635 81.99 68.10 112.57
C PHE M 635 82.05 66.61 112.24
N VAL M 636 81.92 65.75 113.26
CA VAL M 636 81.97 64.30 113.08
C VAL M 636 80.87 63.67 113.87
N THR M 637 80.09 62.78 113.25
CA THR M 637 79.04 62.04 113.93
C THR M 637 79.63 60.67 114.22
N CYS M 638 79.69 60.29 115.51
CA CYS M 638 80.21 58.98 115.93
C CYS M 638 79.28 58.37 117.00
N GLU M 639 79.40 57.06 117.21
CA GLU M 639 78.56 56.37 118.19
C GLU M 639 78.95 56.76 119.61
N ALA M 640 78.02 56.59 120.55
CA ALA M 640 78.27 56.87 121.96
C ALA M 640 79.30 55.90 122.55
N ASP M 641 79.37 54.69 121.95
CA ASP M 641 80.31 53.62 122.31
C ASP M 641 81.76 54.02 121.98
N LEU M 642 82.00 55.01 121.09
CA LEU M 642 83.34 55.38 120.63
C LEU M 642 83.85 56.70 121.16
N ALA M 643 83.15 57.35 122.05
CA ALA M 643 83.66 58.60 122.60
C ALA M 643 83.65 58.53 124.10
N THR M 644 84.64 59.20 124.71
CA THR M 644 84.78 59.23 126.16
C THR M 644 85.21 60.64 126.56
N LYS M 645 84.68 61.14 127.70
CA LYS M 645 85.01 62.48 128.16
C LYS M 645 86.45 62.52 128.58
N LEU M 646 87.13 63.62 128.25
CA LEU M 646 88.55 63.74 128.55
C LEU M 646 88.74 64.21 129.97
N PRO M 647 89.78 63.72 130.68
CA PRO M 647 90.04 64.25 132.04
C PRO M 647 90.61 65.67 131.98
N GLU M 648 90.72 66.32 133.13
CA GLU M 648 91.22 67.70 133.19
C GLU M 648 92.68 67.85 132.69
N GLY M 649 93.50 66.81 132.90
CA GLY M 649 94.92 66.83 132.54
C GLY M 649 95.32 66.92 131.07
N ILE M 650 94.40 66.58 130.12
CA ILE M 650 94.72 66.66 128.68
C ILE M 650 93.72 67.44 127.86
N SER M 651 94.26 68.12 126.83
CA SER M 651 93.52 68.91 125.88
C SER M 651 92.98 68.03 124.78
N GLU M 652 92.15 68.62 123.93
CA GLU M 652 91.61 67.92 122.76
C GLU M 652 92.78 67.57 121.82
N HIS M 653 93.74 68.49 121.65
CA HIS M 653 94.93 68.29 120.82
C HIS M 653 95.84 67.18 121.36
N GLU M 654 96.02 67.10 122.71
CA GLU M 654 96.85 66.07 123.34
C GLU M 654 96.18 64.70 123.14
N ALA M 655 94.88 64.61 123.44
CA ALA M 655 94.09 63.38 123.27
C ALA M 655 94.00 62.87 121.82
N ALA M 656 94.07 63.77 120.82
CA ALA M 656 94.02 63.38 119.42
C ALA M 656 95.34 62.73 118.99
N ALA M 657 96.49 63.12 119.53
CA ALA M 657 97.77 62.46 119.21
C ALA M 657 97.90 61.10 119.88
N VAL M 658 97.62 61.04 121.18
CA VAL M 658 97.77 59.86 122.04
C VAL M 658 96.91 58.66 121.59
N GLY M 659 95.60 58.83 121.67
CA GLY M 659 94.57 57.82 121.41
C GLY M 659 94.98 56.44 120.88
N LEU M 660 95.22 56.35 119.57
CA LEU M 660 95.50 55.09 118.89
C LEU M 660 96.92 54.59 119.11
N ALA M 661 97.91 55.47 119.00
CA ALA M 661 99.31 55.07 119.23
C ALA M 661 99.45 54.39 120.58
N TYR M 662 99.03 55.07 121.65
CA TYR M 662 99.12 54.54 123.00
C TYR M 662 98.11 53.43 123.22
N GLY M 663 96.93 53.53 122.61
CA GLY M 663 95.93 52.48 122.73
C GLY M 663 96.44 51.15 122.22
N THR M 664 96.93 51.15 120.96
CA THR M 664 97.47 49.97 120.31
C THR M 664 98.57 49.35 121.18
N VAL M 665 99.49 50.19 121.67
CA VAL M 665 100.60 49.78 122.54
C VAL M 665 100.08 49.22 123.86
N TRP M 666 99.12 49.90 124.48
CA TRP M 666 98.56 49.48 125.75
C TRP M 666 97.96 48.10 125.60
N LEU M 667 97.10 47.95 124.59
CA LEU M 667 96.48 46.67 124.28
C LEU M 667 97.57 45.61 124.06
N GLY M 668 98.45 45.88 123.12
CA GLY M 668 99.50 44.96 122.75
C GLY M 668 100.49 44.54 123.82
N LEU M 669 101.05 45.49 124.56
CA LEU M 669 102.08 45.17 125.54
C LEU M 669 101.52 44.86 126.92
N THR M 670 100.87 45.81 127.56
CA THR M 670 100.39 45.60 128.93
C THR M 670 99.17 44.67 129.02
N GLU M 671 98.37 44.55 127.96
CA GLU M 671 97.13 43.76 128.03
C GLU M 671 97.28 42.36 127.44
N LEU M 672 97.79 42.25 126.20
CA LEU M 672 97.91 40.95 125.51
C LEU M 672 99.19 40.24 125.89
N ALA M 673 100.33 40.92 125.70
CA ALA M 673 101.64 40.35 126.00
C ALA M 673 101.97 40.41 127.48
N ARG M 674 101.16 41.11 128.30
CA ARG M 674 101.38 41.27 129.75
C ARG M 674 102.86 41.53 129.99
N MET M 675 103.29 42.72 129.56
CA MET M 675 104.68 43.10 129.66
C MET M 675 105.05 43.25 131.12
N SER M 676 105.88 42.33 131.58
CA SER M 676 106.38 42.33 132.95
C SER M 676 107.61 43.21 133.03
N ALA M 677 108.13 43.40 134.22
CA ALA M 677 109.34 44.18 134.38
C ALA M 677 110.53 43.29 134.12
N GLY M 678 111.58 43.89 133.58
CA GLY M 678 112.83 43.20 133.28
C GLY M 678 112.90 42.50 131.92
N ASP M 679 111.77 41.95 131.43
CA ASP M 679 111.79 41.22 130.17
C ASP M 679 112.17 42.16 129.00
N LYS M 680 112.85 41.60 127.99
CA LYS M 680 113.39 42.33 126.85
C LYS M 680 112.35 42.51 125.77
N ILE M 681 112.25 43.72 125.22
CA ILE M 681 111.26 44.05 124.19
C ILE M 681 111.93 44.63 122.95
N LEU M 682 111.48 44.20 121.77
CA LEU M 682 111.98 44.71 120.49
C LEU M 682 110.93 45.62 119.88
N ILE M 683 111.23 46.93 119.80
CA ILE M 683 110.32 47.94 119.26
C ILE M 683 110.77 48.34 117.85
N HIS M 684 110.09 47.86 116.81
CA HIS M 684 110.46 48.24 115.45
C HIS M 684 109.99 49.66 115.12
N SER M 685 110.85 50.45 114.40
CA SER M 685 110.57 51.83 113.96
C SER M 685 110.11 52.67 115.16
N ALA M 686 110.97 52.70 116.18
CA ALA M 686 110.70 53.31 117.47
C ALA M 686 110.63 54.86 117.46
N THR M 687 111.01 55.54 116.36
CA THR M 687 110.93 57.00 116.27
C THR M 687 109.52 57.51 115.94
N GLY M 688 108.65 56.63 115.45
CA GLY M 688 107.27 56.95 115.14
C GLY M 688 106.33 57.09 116.32
N GLY M 689 105.05 57.30 116.03
CA GLY M 689 104.01 57.49 117.03
C GLY M 689 103.83 56.32 117.98
N VAL M 690 103.60 55.14 117.40
CA VAL M 690 103.41 53.88 118.16
C VAL M 690 104.75 53.48 118.81
N GLY M 691 105.87 53.78 118.13
CA GLY M 691 107.20 53.51 118.63
C GLY M 691 107.52 54.29 119.89
N GLN M 692 107.24 55.60 119.87
CA GLN M 692 107.46 56.47 121.03
C GLN M 692 106.53 56.05 122.18
N ALA M 693 105.30 55.68 121.85
CA ALA M 693 104.34 55.19 122.85
C ALA M 693 104.83 53.88 123.48
N ALA M 694 105.40 52.98 122.66
CA ALA M 694 105.92 51.68 123.11
C ALA M 694 107.07 51.88 124.08
N ILE M 695 107.99 52.82 123.76
CA ILE M 695 109.12 53.15 124.63
C ILE M 695 108.58 53.60 125.97
N ALA M 696 107.61 54.52 125.95
CA ALA M 696 107.02 55.09 127.17
C ALA M 696 106.54 54.02 128.14
N VAL M 697 105.73 53.05 127.66
CA VAL M 697 105.16 52.02 128.54
C VAL M 697 106.23 50.95 128.83
N ALA M 698 107.20 50.73 127.92
CA ALA M 698 108.29 49.77 128.18
C ALA M 698 109.20 50.32 129.27
N ARG M 699 109.46 51.64 129.24
CA ARG M 699 110.24 52.32 130.26
C ARG M 699 109.48 52.28 131.58
N ALA M 700 108.15 52.52 131.51
CA ALA M 700 107.28 52.51 132.69
C ALA M 700 107.25 51.13 133.32
N ALA M 701 107.11 50.09 132.48
CA ALA M 701 107.08 48.69 132.94
C ALA M 701 108.42 48.21 133.46
N GLY M 702 109.51 48.86 133.03
CA GLY M 702 110.87 48.51 133.42
C GLY M 702 111.46 47.43 132.54
N ALA M 703 111.09 47.45 131.24
CA ALA M 703 111.54 46.47 130.26
C ALA M 703 112.81 46.98 129.57
N GLU M 704 113.69 46.04 129.17
CA GLU M 704 114.94 46.36 128.47
C GLU M 704 114.61 46.57 126.99
N ILE M 705 114.76 47.81 126.48
CA ILE M 705 114.40 48.13 125.09
C ILE M 705 115.53 47.85 124.10
N TYR M 706 115.13 47.27 122.97
CA TYR M 706 115.91 46.97 121.79
C TYR M 706 115.12 47.59 120.65
N ALA M 707 115.62 48.63 119.99
CA ALA M 707 114.83 49.33 118.98
C ALA M 707 115.45 49.30 117.62
N THR M 708 114.65 49.60 116.59
CA THR M 708 115.12 49.66 115.20
C THR M 708 114.59 50.91 114.52
N ALA M 709 115.28 51.36 113.47
CA ALA M 709 114.88 52.52 112.68
C ALA M 709 115.58 52.50 111.33
N GLY M 710 114.95 53.14 110.34
CA GLY M 710 115.43 53.13 108.97
C GLY M 710 116.66 53.98 108.71
N SER M 711 116.53 55.28 108.96
CA SER M 711 117.61 56.24 108.73
C SER M 711 118.67 56.18 109.81
N GLU M 712 119.88 56.67 109.48
CA GLU M 712 120.97 56.73 110.47
C GLU M 712 120.65 57.84 111.45
N LYS M 713 120.16 58.99 110.94
CA LYS M 713 119.73 60.12 111.77
C LYS M 713 118.66 59.66 112.77
N ARG M 714 117.73 58.82 112.31
CA ARG M 714 116.65 58.30 113.14
C ARG M 714 117.19 57.31 114.16
N ARG M 715 118.17 56.47 113.77
CA ARG M 715 118.80 55.53 114.71
C ARG M 715 119.58 56.31 115.76
N GLN M 716 120.34 57.33 115.35
CA GLN M 716 121.12 58.16 116.26
C GLN M 716 120.22 58.88 117.26
N LEU M 717 118.99 59.23 116.88
CA LEU M 717 118.07 59.85 117.83
C LEU M 717 117.76 58.89 118.98
N LEU M 718 117.51 57.61 118.67
CA LEU M 718 117.22 56.58 119.69
C LEU M 718 118.42 56.43 120.62
N ARG M 719 119.63 56.40 120.05
CA ARG M 719 120.84 56.30 120.85
C ARG M 719 120.95 57.51 121.79
N ASP M 720 120.54 58.71 121.32
CA ASP M 720 120.56 59.96 122.11
C ASP M 720 119.43 59.97 123.15
N TRP M 721 118.27 59.38 122.83
CA TRP M 721 117.16 59.25 123.78
C TRP M 721 117.53 58.38 124.99
N GLY M 722 118.67 57.71 124.94
CA GLY M 722 119.18 56.87 126.01
C GLY M 722 118.87 55.41 125.86
N ILE M 723 118.71 54.94 124.62
CA ILE M 723 118.39 53.55 124.38
C ILE M 723 119.64 52.96 123.69
N GLU M 724 120.34 52.09 124.43
CA GLU M 724 121.46 51.30 123.92
C GLU M 724 120.79 50.12 123.23
N HIS M 725 121.39 49.58 122.15
CA HIS M 725 120.84 48.47 121.37
C HIS M 725 119.86 48.98 120.29
N VAL M 726 120.39 49.73 119.33
CA VAL M 726 119.65 50.27 118.19
C VAL M 726 120.14 49.58 116.92
N TYR M 727 119.23 49.15 116.04
CA TYR M 727 119.58 48.43 114.81
C TYR M 727 118.81 48.95 113.60
N ASP M 728 119.05 48.38 112.38
CA ASP M 728 118.34 48.84 111.17
C ASP M 728 117.07 48.02 111.02
N SER M 729 115.93 48.72 110.81
CA SER M 729 114.60 48.13 110.62
C SER M 729 114.39 47.60 109.20
N ARG M 730 115.16 48.11 108.23
CA ARG M 730 115.05 47.71 106.82
C ARG M 730 115.75 46.38 106.49
N THR M 731 116.51 45.77 107.42
CA THR M 731 117.22 44.52 107.19
C THR M 731 116.85 43.48 108.23
N THR M 732 117.35 42.25 108.06
CA THR M 732 117.18 41.14 109.01
C THR M 732 118.46 41.00 109.87
N ALA M 733 119.22 42.11 110.01
CA ALA M 733 120.45 42.14 110.78
C ALA M 733 120.13 42.06 112.23
N PHE M 734 119.24 42.97 112.68
CA PHE M 734 118.80 43.08 114.07
C PHE M 734 118.69 41.72 114.76
N ALA M 735 118.15 40.68 114.08
CA ALA M 735 117.98 39.35 114.65
C ALA M 735 119.27 38.78 115.20
N ASP M 736 120.27 38.56 114.34
CA ASP M 736 121.54 37.99 114.78
C ASP M 736 122.31 38.97 115.66
N GLN M 737 122.17 40.28 115.42
CA GLN M 737 122.84 41.31 116.24
C GLN M 737 122.29 41.32 117.68
N ILE M 738 120.96 41.16 117.84
CA ILE M 738 120.32 41.11 119.16
C ILE M 738 120.67 39.80 119.80
N ARG M 739 120.71 38.70 119.04
CA ARG M 739 121.10 37.40 119.59
C ARG M 739 122.53 37.52 120.18
N THR M 740 123.43 38.25 119.51
CA THR M 740 124.79 38.48 120.00
C THR M 740 124.79 39.42 121.21
N ASP M 741 124.00 40.51 121.15
CA ASP M 741 123.92 41.51 122.24
C ASP M 741 123.10 41.01 123.47
N THR M 742 122.51 39.80 123.42
CA THR M 742 121.79 39.19 124.55
C THR M 742 122.42 37.83 124.94
N ASP M 743 123.61 37.51 124.40
CA ASP M 743 124.32 36.26 124.64
C ASP M 743 123.42 35.04 124.30
N GLY M 744 122.85 35.09 123.10
CA GLY M 744 121.99 34.06 122.55
C GLY M 744 120.58 33.96 123.08
N TYR M 745 120.17 34.82 124.04
CA TYR M 745 118.83 34.73 124.61
C TYR M 745 117.74 35.22 123.67
N GLY M 746 117.98 36.35 123.01
CA GLY M 746 116.98 36.96 122.15
C GLY M 746 116.12 37.87 122.99
N VAL M 747 114.88 38.12 122.57
CA VAL M 747 113.98 38.98 123.34
C VAL M 747 112.80 38.13 123.89
N ASP M 748 111.82 38.81 124.49
CA ASP M 748 110.60 38.22 125.03
C ASP M 748 109.39 38.69 124.28
N ILE M 749 109.27 40.00 124.10
CA ILE M 749 108.18 40.65 123.40
C ILE M 749 108.70 41.25 122.12
N VAL M 750 107.88 41.28 121.07
CA VAL M 750 108.26 41.86 119.77
C VAL M 750 107.08 42.62 119.24
N LEU M 751 107.17 43.95 119.18
CA LEU M 751 106.08 44.76 118.65
C LEU M 751 106.32 44.94 117.14
N ASN M 752 105.92 43.93 116.38
CA ASN M 752 106.17 43.84 114.95
C ASN M 752 105.29 44.71 114.05
N SER M 753 105.87 45.80 113.56
CA SER M 753 105.30 46.67 112.54
C SER M 753 105.91 46.33 111.17
N VAL M 754 107.07 45.63 111.15
CA VAL M 754 107.82 45.28 109.94
C VAL M 754 107.21 44.03 109.23
N THR M 755 107.72 43.69 108.02
CA THR M 755 107.14 42.64 107.18
C THR M 755 108.13 41.74 106.44
N GLY M 756 107.61 40.62 105.98
CA GLY M 756 108.30 39.65 105.15
C GLY M 756 109.27 38.79 105.91
N PRO M 757 110.55 38.73 105.49
CA PRO M 757 111.53 37.93 106.25
C PRO M 757 111.87 38.57 107.59
N ALA M 758 111.61 39.87 107.75
CA ALA M 758 111.85 40.58 109.00
C ALA M 758 110.80 40.19 110.07
N GLN M 759 109.63 39.73 109.62
CA GLN M 759 108.59 39.23 110.51
C GLN M 759 109.06 37.86 111.02
N ARG M 760 109.38 36.97 110.08
CA ARG M 760 109.89 35.64 110.35
C ARG M 760 111.14 35.70 111.23
N ALA M 761 112.07 36.61 110.94
CA ALA M 761 113.31 36.80 111.71
C ALA M 761 113.06 37.25 113.13
N GLY M 762 112.01 38.07 113.30
CA GLY M 762 111.59 38.57 114.61
C GLY M 762 110.97 37.48 115.47
N LEU M 763 110.23 36.56 114.84
CA LEU M 763 109.64 35.43 115.55
C LEU M 763 110.74 34.48 116.00
N GLU M 764 111.68 34.20 115.11
CA GLU M 764 112.81 33.33 115.41
C GLU M 764 113.65 33.88 116.56
N LEU M 765 113.68 35.22 116.71
CA LEU M 765 114.42 35.92 117.77
C LEU M 765 113.89 35.65 119.19
N LEU M 766 112.59 35.93 119.47
CA LEU M 766 112.03 35.83 120.84
C LEU M 766 112.11 34.37 121.35
N ALA M 767 112.38 34.25 122.68
CA ALA M 767 112.65 32.96 123.32
C ALA M 767 111.85 32.69 124.57
N PHE M 768 111.15 31.53 124.56
CA PHE M 768 110.40 30.90 125.66
C PHE M 768 109.22 31.77 126.06
N GLY M 769 109.47 32.91 126.72
CA GLY M 769 108.41 33.87 127.03
C GLY M 769 107.54 34.08 125.79
N GLY M 770 108.24 34.30 124.67
CA GLY M 770 107.71 34.42 123.32
C GLY M 770 106.34 35.04 123.19
N ARG M 771 106.29 36.36 122.97
CA ARG M 771 105.04 37.09 122.79
C ARG M 771 105.13 38.00 121.57
N PHE M 772 104.86 37.44 120.40
CA PHE M 772 104.91 38.19 119.15
C PHE M 772 103.62 38.98 118.92
N VAL M 773 103.70 40.32 118.98
CA VAL M 773 102.52 41.17 118.79
C VAL M 773 102.53 41.78 117.40
N GLU M 774 101.81 41.15 116.42
CA GLU M 774 101.79 41.72 115.08
C GLU M 774 100.69 42.76 114.95
N ILE M 775 101.12 44.03 114.82
CA ILE M 775 100.25 45.17 114.55
C ILE M 775 100.19 45.39 113.01
N GLY M 776 101.28 45.07 112.31
CA GLY M 776 101.36 45.15 110.85
C GLY M 776 100.40 44.25 110.09
N LYS M 777 99.47 44.85 109.32
CA LYS M 777 98.43 44.12 108.58
C LYS M 777 98.87 43.50 107.22
N ARG M 778 99.94 44.00 106.59
CA ARG M 778 100.34 43.55 105.23
C ARG M 778 100.46 42.04 105.09
N ASP M 779 101.19 41.38 106.00
CA ASP M 779 101.45 39.94 105.90
C ASP M 779 100.21 39.09 106.20
N ILE M 780 99.30 39.58 107.04
CA ILE M 780 98.06 38.86 107.35
C ILE M 780 97.19 38.85 106.11
N TYR M 781 96.86 40.04 105.57
CA TYR M 781 96.01 40.16 104.38
C TYR M 781 96.66 39.56 103.11
N ALA M 782 97.96 39.28 103.14
CA ALA M 782 98.66 38.61 102.04
C ALA M 782 98.59 37.05 102.16
N ASP M 783 98.06 36.51 103.29
CA ASP M 783 97.97 35.09 103.61
C ASP M 783 99.34 34.44 103.64
N THR M 784 100.35 35.19 104.14
CA THR M 784 101.70 34.65 104.18
C THR M 784 101.71 33.43 105.07
N ARG M 785 102.15 32.29 104.54
CA ARG M 785 102.15 31.06 105.29
C ARG M 785 103.36 31.10 106.21
N LEU M 786 103.09 31.26 107.50
CA LEU M 786 104.10 31.37 108.54
C LEU M 786 104.44 30.01 109.10
N GLY M 787 105.72 29.67 109.12
CA GLY M 787 106.20 28.42 109.67
C GLY M 787 105.97 28.36 111.17
N LEU M 788 105.30 27.28 111.63
CA LEU M 788 104.98 27.09 113.05
C LEU M 788 106.12 26.50 113.89
N PHE M 789 107.25 26.08 113.31
CA PHE M 789 108.33 25.47 114.10
C PHE M 789 108.86 26.31 115.25
N PRO M 790 109.03 27.64 115.14
CA PRO M 790 109.52 28.43 116.28
C PRO M 790 108.63 28.39 117.53
N PHE M 791 107.34 28.09 117.34
CA PHE M 791 106.39 28.03 118.43
C PHE M 791 106.66 26.89 119.42
N ARG M 792 107.61 25.97 119.11
CA ARG M 792 107.95 24.87 120.03
C ARG M 792 108.39 25.39 121.41
N ARG M 793 108.78 26.69 121.53
CA ARG M 793 109.20 27.31 122.78
C ARG M 793 108.04 28.09 123.46
N ASN M 794 106.80 27.56 123.49
CA ASN M 794 105.63 28.21 124.14
C ASN M 794 105.38 29.69 123.67
N LEU M 795 105.59 29.95 122.37
CA LEU M 795 105.36 31.28 121.80
C LEU M 795 103.86 31.59 121.70
N SER M 796 103.55 32.87 121.57
CA SER M 796 102.17 33.33 121.50
C SER M 796 102.09 34.44 120.45
N PHE M 797 101.29 34.25 119.42
CA PHE M 797 101.11 35.23 118.35
C PHE M 797 99.86 36.03 118.60
N TYR M 798 99.92 37.36 118.49
CA TYR M 798 98.75 38.19 118.70
C TYR M 798 98.54 39.10 117.52
N ALA M 799 97.37 38.99 116.88
CA ALA M 799 97.00 39.88 115.77
C ALA M 799 96.26 41.06 116.36
N VAL M 800 96.56 42.27 115.89
CA VAL M 800 95.93 43.47 116.42
C VAL M 800 95.39 44.30 115.25
N ASP M 801 94.08 44.66 115.31
CA ASP M 801 93.40 45.50 114.31
C ASP M 801 92.35 46.35 115.03
N LEU M 802 92.80 47.42 115.72
CA LEU M 802 91.93 48.37 116.43
C LEU M 802 90.80 48.85 115.54
N ALA M 803 91.06 49.04 114.24
CA ALA M 803 90.04 49.50 113.28
C ALA M 803 88.82 48.57 113.23
N LEU M 804 89.09 47.28 113.18
CA LEU M 804 88.07 46.24 113.15
C LEU M 804 87.39 46.15 114.49
N MET M 805 88.17 46.22 115.57
CA MET M 805 87.70 46.21 116.95
C MET M 805 86.68 47.29 117.22
N THR M 806 86.84 48.44 116.57
CA THR M 806 85.93 49.57 116.69
C THR M 806 84.51 49.16 116.31
N VAL M 807 84.38 48.15 115.43
CA VAL M 807 83.11 47.65 114.96
C VAL M 807 82.67 46.43 115.76
N THR M 808 83.56 45.45 115.94
CA THR M 808 83.23 44.18 116.62
C THR M 808 83.02 44.32 118.12
N HIS M 809 83.90 45.07 118.82
CA HIS M 809 83.84 45.27 120.26
C HIS M 809 84.14 46.73 120.56
N PRO M 810 83.21 47.65 120.27
CA PRO M 810 83.50 49.08 120.48
C PRO M 810 83.67 49.48 121.93
N GLN M 811 83.06 48.73 122.87
CA GLN M 811 83.22 48.99 124.29
C GLN M 811 84.68 48.81 124.71
N LYS M 812 85.38 47.78 124.19
CA LYS M 812 86.79 47.55 124.54
C LYS M 812 87.66 48.71 124.04
N ILE M 813 87.34 49.29 122.87
CA ILE M 813 88.07 50.44 122.32
C ILE M 813 87.80 51.68 123.18
N ARG M 814 86.54 51.87 123.61
CA ARG M 814 86.19 53.01 124.46
C ARG M 814 87.02 53.02 125.72
N ASP M 815 87.11 51.85 126.35
CA ASP M 815 87.83 51.67 127.60
C ASP M 815 89.34 51.80 127.38
N LEU M 816 89.83 51.32 126.23
CA LEU M 816 91.23 51.41 125.87
C LEU M 816 91.64 52.87 125.62
N LEU M 817 90.74 53.71 125.09
CA LEU M 817 91.05 55.12 124.88
C LEU M 817 91.00 55.83 126.19
N ALA M 818 89.95 55.55 126.93
CA ALA M 818 89.73 56.17 128.22
C ALA M 818 90.88 55.88 129.17
N THR M 819 91.41 54.65 129.16
CA THR M 819 92.50 54.31 130.06
C THR M 819 93.79 55.00 129.63
N VAL M 820 94.05 55.19 128.32
CA VAL M 820 95.29 55.90 127.93
C VAL M 820 95.14 57.40 128.20
N TYR M 821 93.93 57.97 128.03
CA TYR M 821 93.68 59.38 128.33
C TYR M 821 93.87 59.64 129.82
N ARG M 822 93.54 58.65 130.66
CA ARG M 822 93.71 58.78 132.10
C ARG M 822 95.20 58.73 132.43
N LEU M 823 95.92 57.70 131.95
CA LEU M 823 97.36 57.52 132.22
C LEU M 823 98.19 58.70 131.78
N ILE M 824 97.89 59.26 130.61
CA ILE M 824 98.65 60.38 130.06
C ILE M 824 98.32 61.69 130.83
N ALA M 825 97.07 61.87 131.26
CA ALA M 825 96.62 63.04 132.03
C ALA M 825 97.17 63.00 133.46
N ASP M 826 97.24 61.79 134.05
CA ASP M 826 97.79 61.57 135.39
C ASP M 826 99.30 61.82 135.41
N GLY M 827 99.94 61.66 134.25
CA GLY M 827 101.39 61.79 134.10
C GLY M 827 102.08 60.45 134.24
N THR M 828 101.30 59.36 134.38
CA THR M 828 101.80 58.00 134.47
C THR M 828 102.64 57.68 133.24
N LEU M 829 102.21 58.21 132.08
CA LEU M 829 102.92 58.09 130.81
C LEU M 829 103.18 59.48 130.24
N PRO M 830 104.36 59.70 129.65
CA PRO M 830 104.65 61.01 129.06
C PRO M 830 104.25 61.02 127.60
N LEU M 831 103.70 62.13 127.13
CA LEU M 831 103.27 62.23 125.73
C LEU M 831 104.50 62.32 124.79
N PRO M 832 104.33 62.05 123.48
CA PRO M 832 105.48 62.01 122.57
C PRO M 832 105.71 63.31 121.81
N GLU M 833 106.66 63.28 120.85
CA GLU M 833 106.92 64.43 119.98
C GLU M 833 105.68 64.70 119.15
N ILE M 834 105.06 65.87 119.32
CA ILE M 834 103.84 66.23 118.60
C ILE M 834 104.11 67.44 117.72
N THR M 835 103.99 67.23 116.41
CA THR M 835 104.18 68.26 115.41
C THR M 835 102.81 68.65 114.88
N HIS M 836 102.41 69.91 115.09
CA HIS M 836 101.08 70.37 114.67
C HIS M 836 101.11 70.86 113.23
N TYR M 837 100.07 70.53 112.46
CA TYR M 837 99.89 70.93 111.06
C TYR M 837 98.51 71.49 110.84
N PRO M 838 98.32 72.61 110.11
CA PRO M 838 96.95 73.07 109.83
C PRO M 838 96.29 72.16 108.83
N LEU M 839 94.97 72.19 108.80
CA LEU M 839 94.19 71.34 107.90
C LEU M 839 94.56 71.49 106.42
N GLU M 840 94.99 72.69 106.04
CA GLU M 840 95.39 73.00 104.66
C GLU M 840 96.63 72.19 104.25
N GLU M 841 97.65 72.15 105.11
CA GLU M 841 98.91 71.44 104.87
C GLU M 841 98.81 69.94 105.24
N ALA M 842 97.65 69.28 104.97
CA ALA M 842 97.45 67.85 105.26
C ALA M 842 98.28 66.99 104.34
N ALA M 843 98.18 67.26 103.02
CA ALA M 843 98.95 66.58 101.97
C ALA M 843 100.46 66.65 102.24
N THR M 844 100.96 67.81 102.72
CA THR M 844 102.39 68.00 103.01
C THR M 844 102.80 67.09 104.16
N ALA M 845 101.96 66.99 105.20
CA ALA M 845 102.23 66.10 106.33
C ALA M 845 102.29 64.64 105.87
N ILE M 846 101.48 64.28 104.84
CA ILE M 846 101.47 62.92 104.29
C ILE M 846 102.74 62.68 103.52
N ARG M 847 103.23 63.67 102.73
CA ARG M 847 104.48 63.53 101.96
C ARG M 847 105.68 63.31 102.90
N ILE M 848 105.64 63.97 104.08
CA ILE M 848 106.72 63.87 105.08
C ILE M 848 106.67 62.53 105.76
N MET M 849 105.48 62.14 106.21
CA MET M 849 105.30 60.85 106.87
C MET M 849 105.46 59.68 105.87
N GLY M 850 105.06 59.89 104.62
CA GLY M 850 105.19 58.93 103.55
C GLY M 850 106.62 58.69 103.13
N GLY M 851 107.48 59.68 103.36
CA GLY M 851 108.91 59.59 103.06
C GLY M 851 109.77 59.19 104.25
N ALA M 852 109.14 58.83 105.40
CA ALA M 852 109.82 58.46 106.64
C ALA M 852 110.77 59.56 107.17
N GLN M 853 110.48 60.84 106.82
CA GLN M 853 111.28 61.99 107.26
C GLN M 853 110.87 62.41 108.67
N HIS M 854 109.60 62.21 109.00
CA HIS M 854 109.00 62.59 110.28
C HIS M 854 109.55 61.85 111.51
N THR M 855 109.17 62.37 112.70
CA THR M 855 109.48 61.81 114.01
C THR M 855 108.33 62.12 114.96
N GLY M 856 107.88 61.09 115.68
CA GLY M 856 106.77 61.19 116.62
C GLY M 856 105.42 61.22 115.97
N LYS M 857 104.47 61.97 116.58
CA LYS M 857 103.11 62.07 116.07
C LYS M 857 102.88 63.37 115.34
N LEU M 858 101.96 63.33 114.37
CA LEU M 858 101.54 64.47 113.55
C LEU M 858 100.09 64.75 113.83
N VAL M 859 99.77 65.95 114.31
CA VAL M 859 98.38 66.30 114.62
C VAL M 859 97.91 67.28 113.58
N ILE M 860 96.71 67.06 113.02
CA ILE M 860 96.14 67.98 112.06
C ILE M 860 95.19 68.86 112.87
N ASP M 861 95.46 70.17 112.90
CA ASP M 861 94.67 71.13 113.66
C ASP M 861 93.49 71.58 112.82
N ILE M 862 92.25 71.36 113.31
CA ILE M 862 91.01 71.72 112.62
C ILE M 862 90.64 73.17 112.97
N PRO M 863 90.46 74.03 111.95
CA PRO M 863 90.22 75.44 112.25
C PRO M 863 88.77 75.75 112.68
N ASP M 864 88.40 75.44 113.96
CA ASP M 864 87.08 75.83 114.52
C ASP M 864 87.25 77.31 114.83
N THR M 865 86.84 78.14 113.86
CA THR M 865 87.13 79.56 113.81
C THR M 865 86.01 80.50 113.39
N GLY M 866 85.40 80.20 112.26
CA GLY M 866 84.48 81.06 111.56
C GLY M 866 85.12 81.53 110.26
N GLN M 867 86.23 80.87 109.81
CA GLN M 867 86.90 81.21 108.56
C GLN M 867 86.07 80.59 107.43
N SER M 868 86.15 81.15 106.22
CA SER M 868 85.37 80.66 105.07
C SER M 868 86.29 79.86 104.11
N GLN M 869 86.36 78.50 104.24
CA GLN M 869 87.22 77.67 103.39
C GLN M 869 86.42 77.21 102.15
N VAL M 870 87.10 77.14 100.98
CA VAL M 870 86.50 76.74 99.70
C VAL M 870 86.27 75.21 99.72
N VAL M 871 85.06 74.77 99.34
CA VAL M 871 84.64 73.36 99.33
C VAL M 871 84.09 72.98 97.96
N VAL M 872 83.93 71.67 97.71
CA VAL M 872 83.46 71.15 96.43
C VAL M 872 82.32 70.13 96.67
N PRO M 873 81.06 70.58 96.79
CA PRO M 873 79.96 69.61 97.03
C PRO M 873 79.77 68.63 95.89
N PRO M 874 79.60 67.32 96.17
CA PRO M 874 79.44 66.36 95.06
C PRO M 874 77.97 66.06 94.76
N GLU M 875 77.34 65.14 95.52
CA GLU M 875 75.98 64.69 95.35
C GLU M 875 75.20 65.01 96.61
N GLN M 876 75.47 66.19 97.16
CA GLN M 876 74.83 66.76 98.33
C GLN M 876 73.80 67.80 97.87
N VAL M 877 73.71 68.03 96.54
CA VAL M 877 72.80 69.02 95.96
C VAL M 877 71.36 68.64 96.27
N PRO M 878 70.61 69.51 97.00
CA PRO M 878 69.23 69.16 97.33
C PRO M 878 68.31 69.39 96.14
N VAL M 879 68.20 68.35 95.30
CA VAL M 879 67.35 68.40 94.13
C VAL M 879 65.88 68.27 94.63
N PHE M 880 65.44 67.04 94.93
CA PHE M 880 64.08 66.76 95.40
C PHE M 880 64.00 66.86 96.92
N ARG M 881 63.26 67.86 97.44
CA ARG M 881 63.10 68.07 98.89
C ARG M 881 61.63 68.36 99.29
N GLY M 882 61.29 67.90 100.49
CA GLY M 882 59.97 68.09 101.08
C GLY M 882 59.67 69.52 101.50
N ASP M 883 60.72 70.33 101.78
CA ASP M 883 60.57 71.74 102.18
C ASP M 883 60.64 72.68 100.95
N GLY M 884 60.11 72.25 99.81
CA GLY M 884 60.11 73.05 98.59
C GLY M 884 59.12 72.56 97.55
N ALA M 885 58.46 73.51 96.85
CA ALA M 885 57.46 73.23 95.81
C ALA M 885 58.08 73.14 94.42
N TYR M 886 57.39 72.47 93.50
CA TYR M 886 57.86 72.26 92.11
C TYR M 886 56.75 72.45 91.09
N VAL M 887 57.13 72.87 89.87
CA VAL M 887 56.19 73.11 88.76
C VAL M 887 56.61 72.28 87.55
N ILE M 888 55.65 71.61 86.90
CA ILE M 888 55.92 70.79 85.72
C ILE M 888 54.91 71.14 84.63
N THR M 889 55.40 71.74 83.53
CA THR M 889 54.55 72.06 82.38
C THR M 889 54.54 70.83 81.50
N GLY M 890 53.36 70.44 81.02
CA GLY M 890 53.18 69.21 80.26
C GLY M 890 53.29 68.01 81.19
N GLY M 891 52.73 68.19 82.39
CA GLY M 891 52.77 67.19 83.45
C GLY M 891 51.66 66.17 83.40
N LEU M 892 50.50 66.50 82.78
CA LEU M 892 49.39 65.54 82.69
C LEU M 892 49.64 64.43 81.66
N GLY M 893 50.72 64.53 80.88
CA GLY M 893 51.06 63.49 79.91
C GLY M 893 52.52 63.35 79.60
N GLY M 894 52.86 62.21 79.00
CA GLY M 894 54.20 61.87 78.56
C GLY M 894 55.21 61.70 79.67
N LEU M 895 56.34 62.41 79.53
CA LEU M 895 57.45 62.37 80.47
C LEU M 895 57.06 63.02 81.78
N GLY M 896 56.48 64.21 81.68
CA GLY M 896 56.04 64.99 82.84
C GLY M 896 55.25 64.23 83.88
N LEU M 897 54.34 63.31 83.44
CA LEU M 897 53.56 62.50 84.38
C LEU M 897 54.42 61.41 85.03
N PHE M 898 55.39 60.84 84.29
CA PHE M 898 56.31 59.84 84.81
C PHE M 898 57.27 60.50 85.81
N LEU M 899 57.82 61.67 85.43
CA LEU M 899 58.72 62.44 86.29
C LEU M 899 58.00 62.88 87.55
N ALA M 900 56.75 63.37 87.44
CA ALA M 900 55.93 63.80 88.59
C ALA M 900 55.72 62.64 89.58
N GLU M 901 55.40 61.45 89.05
CA GLU M 901 55.22 60.24 89.85
C GLU M 901 56.53 59.84 90.53
N ARG M 902 57.65 59.93 89.80
CA ARG M 902 58.98 59.62 90.31
C ARG M 902 59.41 60.66 91.36
N MET M 903 59.09 61.95 91.13
CA MET M 903 59.42 63.05 92.06
C MET M 903 58.62 62.96 93.34
N ALA M 904 57.32 62.64 93.24
CA ALA M 904 56.45 62.46 94.41
C ALA M 904 57.00 61.35 95.29
N ALA M 905 57.48 60.26 94.65
CA ALA M 905 58.12 59.12 95.33
C ALA M 905 59.51 59.50 95.88
N ALA M 906 60.26 60.37 95.16
CA ALA M 906 61.59 60.84 95.60
C ALA M 906 61.53 61.80 96.82
N GLY M 907 60.33 62.22 97.23
CA GLY M 907 60.15 63.09 98.38
C GLY M 907 60.08 64.55 98.00
N CYS M 908 58.93 64.97 97.45
CA CYS M 908 58.67 66.34 97.02
C CYS M 908 57.40 66.85 97.67
N GLY M 909 57.51 68.00 98.32
CA GLY M 909 56.36 68.62 98.96
C GLY M 909 55.68 69.54 97.98
N ARG M 910 54.52 69.13 97.44
CA ARG M 910 53.72 69.89 96.46
C ARG M 910 54.39 69.92 95.06
N ILE M 911 53.75 69.28 94.07
CA ILE M 911 54.18 69.27 92.68
C ILE M 911 53.01 69.77 91.85
N VAL M 912 53.06 71.03 91.36
CA VAL M 912 51.98 71.54 90.51
C VAL M 912 52.22 70.97 89.10
N VAL M 913 51.18 70.36 88.53
CA VAL M 913 51.22 69.76 87.20
C VAL M 913 50.34 70.61 86.28
N ASN M 914 50.77 70.81 85.03
CA ASN M 914 50.05 71.64 84.08
C ASN M 914 50.01 71.02 82.67
N SER M 915 48.93 71.32 81.96
CA SER M 915 48.66 70.92 80.59
C SER M 915 47.32 71.53 80.20
N ARG M 916 47.27 72.25 79.07
CA ARG M 916 46.06 72.96 78.62
C ARG M 916 44.81 72.04 78.59
N SER M 917 44.97 70.77 78.18
CA SER M 917 43.86 69.81 78.16
C SER M 917 43.59 69.26 79.56
N ALA M 918 42.33 68.88 79.84
CA ALA M 918 41.96 68.32 81.15
C ALA M 918 42.59 66.94 81.35
N PRO M 919 42.70 66.41 82.59
CA PRO M 919 43.33 65.10 82.78
C PRO M 919 42.54 63.94 82.15
N SER M 920 43.26 63.01 81.51
CA SER M 920 42.64 61.83 80.90
C SER M 920 42.19 60.85 81.98
N THR M 921 41.46 59.79 81.57
CA THR M 921 40.96 58.78 82.49
C THR M 921 42.12 57.98 83.13
N ARG M 922 43.18 57.68 82.36
CA ARG M 922 44.35 56.97 82.89
C ARG M 922 45.24 57.92 83.70
N SER M 923 45.31 59.21 83.29
CA SER M 923 46.11 60.22 83.99
C SER M 923 45.53 60.50 85.38
N SER M 924 44.19 60.63 85.47
CA SER M 924 43.50 60.84 86.75
C SER M 924 43.75 59.70 87.73
N GLU M 925 43.81 58.44 87.23
CA GLU M 925 44.09 57.25 88.07
C GLU M 925 45.51 57.29 88.65
N ILE M 926 46.50 57.79 87.87
CA ILE M 926 47.88 57.90 88.32
C ILE M 926 47.99 58.98 89.39
N ILE M 927 47.28 60.10 89.23
CA ILE M 927 47.31 61.20 90.21
C ILE M 927 46.63 60.76 91.53
N GLU M 928 45.56 59.94 91.44
CA GLU M 928 44.85 59.45 92.64
C GLU M 928 45.76 58.60 93.53
N LEU M 929 46.47 57.61 92.94
CA LEU M 929 47.36 56.73 93.70
C LEU M 929 48.59 57.49 94.26
N ILE M 930 49.05 58.59 93.60
CA ILE M 930 50.17 59.38 94.10
C ILE M 930 49.71 60.18 95.33
N ARG M 931 48.52 60.82 95.24
CA ARG M 931 47.96 61.58 96.35
C ARG M 931 47.61 60.65 97.52
N ALA M 932 47.15 59.42 97.23
CA ALA M 932 46.86 58.41 98.25
C ALA M 932 48.13 58.05 99.04
N THR M 933 49.28 57.99 98.35
CA THR M 933 50.57 57.71 98.96
C THR M 933 51.29 59.03 99.34
N GLY M 934 50.71 59.72 100.32
CA GLY M 934 51.24 60.97 100.86
C GLY M 934 51.25 62.17 99.93
N ALA M 935 52.46 62.49 99.38
CA ALA M 935 52.77 63.64 98.51
C ALA M 935 51.57 64.16 97.71
N ASP M 936 51.21 65.45 97.89
CA ASP M 936 50.06 66.05 97.20
C ASP M 936 50.49 66.52 95.80
N ILE M 937 49.58 66.35 94.84
CA ILE M 937 49.78 66.70 93.44
C ILE M 937 48.65 67.59 93.04
N VAL M 938 48.95 68.86 92.78
CA VAL M 938 47.96 69.83 92.36
C VAL M 938 47.98 69.86 90.84
N VAL M 939 46.81 70.09 90.23
CA VAL M 939 46.65 70.17 88.80
C VAL M 939 46.02 71.52 88.48
N GLU M 940 46.77 72.38 87.80
CA GLU M 940 46.32 73.69 87.36
C GLU M 940 46.51 73.75 85.86
N CYS M 941 45.40 73.64 85.10
CA CYS M 941 45.46 73.63 83.64
C CYS M 941 45.59 75.05 83.11
N GLY M 942 46.12 75.15 81.90
CA GLY M 942 46.32 76.41 81.21
C GLY M 942 47.30 76.31 80.06
N ASP M 943 47.20 77.25 79.12
CA ASP M 943 48.10 77.33 77.97
C ASP M 943 49.29 78.19 78.38
N ILE M 944 50.44 77.56 78.71
CA ILE M 944 51.70 78.27 79.09
C ILE M 944 52.08 79.41 78.15
N ALA M 945 51.69 79.32 76.86
CA ALA M 945 51.91 80.39 75.88
C ALA M 945 51.25 81.70 76.37
N GLU M 946 50.10 81.61 77.08
CA GLU M 946 49.46 82.76 77.72
C GLU M 946 50.25 83.10 78.99
N PRO M 947 50.51 84.38 79.28
CA PRO M 947 51.35 84.72 80.45
C PRO M 947 50.69 84.41 81.79
N ASP M 948 49.38 84.66 81.90
CA ASP M 948 48.55 84.41 83.08
C ASP M 948 48.71 82.98 83.62
N THR M 949 48.91 81.98 82.71
CA THR M 949 49.08 80.57 83.11
C THR M 949 50.35 80.39 83.97
N ALA M 950 51.50 80.93 83.53
CA ALA M 950 52.77 80.82 84.27
C ALA M 950 52.68 81.39 85.70
N LEU M 951 51.95 82.49 85.88
CA LEU M 951 51.78 83.16 87.17
C LEU M 951 50.86 82.36 88.09
N ARG M 952 49.76 81.84 87.53
CA ARG M 952 48.76 81.02 88.22
C ARG M 952 49.43 79.75 88.79
N LEU M 953 50.29 79.11 87.97
CA LEU M 953 51.08 77.92 88.35
C LEU M 953 52.00 78.18 89.54
N VAL M 954 52.79 79.26 89.45
CA VAL M 954 53.75 79.70 90.46
C VAL M 954 53.02 80.03 91.78
N ALA M 955 51.91 80.79 91.70
CA ALA M 955 51.12 81.15 92.89
C ALA M 955 50.54 79.91 93.57
N ALA M 956 50.10 78.90 92.77
CA ALA M 956 49.53 77.65 93.29
C ALA M 956 50.57 76.81 94.02
N ALA M 957 51.78 76.69 93.45
CA ALA M 957 52.87 75.90 94.05
C ALA M 957 53.34 76.51 95.39
N THR M 958 53.39 77.86 95.47
CA THR M 958 53.83 78.58 96.67
C THR M 958 52.78 78.51 97.81
N GLN M 959 51.49 78.73 97.47
CA GLN M 959 50.31 78.74 98.36
C GLN M 959 50.45 77.94 99.67
N THR M 960 50.96 76.68 99.62
CA THR M 960 51.11 75.82 100.81
C THR M 960 52.41 76.13 101.59
N GLY M 961 52.65 77.42 101.87
CA GLY M 961 53.83 77.88 102.60
C GLY M 961 55.17 77.26 102.24
N LEU M 962 55.36 76.82 100.97
CA LEU M 962 56.60 76.19 100.51
C LEU M 962 57.22 77.01 99.40
N PRO M 963 58.51 77.41 99.48
CA PRO M 963 59.09 78.20 98.38
C PRO M 963 59.33 77.34 97.14
N LEU M 964 59.18 77.94 95.94
CA LEU M 964 59.42 77.24 94.69
C LEU M 964 60.89 76.89 94.61
N ARG M 965 61.23 75.59 94.49
CA ARG M 965 62.62 75.15 94.41
C ARG M 965 63.00 74.58 93.03
N GLY M 966 62.08 74.54 92.07
CA GLY M 966 62.43 74.03 90.74
C GLY M 966 61.30 74.04 89.73
N VAL M 967 61.68 74.06 88.44
CA VAL M 967 60.74 74.09 87.32
C VAL M 967 61.16 73.07 86.27
N LEU M 968 60.20 72.57 85.50
CA LEU M 968 60.43 71.63 84.41
C LEU M 968 59.57 72.06 83.24
N HIS M 969 60.17 72.28 82.06
CA HIS M 969 59.43 72.72 80.88
C HIS M 969 59.27 71.58 79.85
N ALA M 970 58.46 70.58 80.22
CA ALA M 970 58.17 69.45 79.33
C ALA M 970 57.07 69.77 78.31
N ALA M 971 56.29 70.88 78.54
CA ALA M 971 55.21 71.28 77.64
C ALA M 971 55.71 71.37 76.22
N ALA M 972 55.06 70.63 75.30
CA ALA M 972 55.50 70.57 73.92
C ALA M 972 54.41 70.13 72.95
N VAL M 973 54.49 70.67 71.73
CA VAL M 973 53.62 70.32 70.60
C VAL M 973 54.54 69.81 69.52
N VAL M 974 54.17 68.71 68.86
CA VAL M 974 54.98 68.10 67.80
C VAL M 974 54.13 67.90 66.55
N GLU M 975 54.32 68.80 65.58
CA GLU M 975 53.68 68.74 64.26
C GLU M 975 54.83 68.65 63.27
N ASP M 976 55.00 67.48 62.66
CA ASP M 976 56.12 67.22 61.75
C ASP M 976 55.68 67.33 60.30
N ALA M 977 56.54 67.88 59.45
CA ALA M 977 56.29 68.04 58.03
C ALA M 977 57.60 68.26 57.26
N THR M 978 57.62 67.86 55.99
CA THR M 978 58.79 68.04 55.12
C THR M 978 58.90 69.53 54.76
N LEU M 979 60.14 69.99 54.43
CA LEU M 979 60.45 71.40 54.06
C LEU M 979 59.42 71.98 53.08
N ALA M 980 58.92 71.16 52.14
CA ALA M 980 57.92 71.56 51.14
C ALA M 980 56.54 71.87 51.74
N ASN M 981 56.08 71.08 52.74
CA ASN M 981 54.75 71.28 53.34
C ASN M 981 54.82 71.76 54.83
N ILE M 982 55.82 72.60 55.17
CA ILE M 982 55.90 73.21 56.52
C ILE M 982 55.17 74.53 56.38
N THR M 983 53.93 74.61 56.92
CA THR M 983 53.14 75.84 56.83
C THR M 983 53.61 76.86 57.86
N ASP M 984 53.23 78.13 57.65
CA ASP M 984 53.58 79.23 58.56
C ASP M 984 52.83 79.08 59.90
N GLU M 985 51.64 78.46 59.85
CA GLU M 985 50.80 78.23 61.03
C GLU M 985 51.40 77.11 61.88
N LEU M 986 51.87 76.04 61.23
CA LEU M 986 52.51 74.88 61.88
C LEU M 986 53.78 75.28 62.67
N VAL M 987 54.50 76.33 62.22
CA VAL M 987 55.70 76.80 62.94
C VAL M 987 55.28 77.32 64.32
N GLU M 988 54.25 78.20 64.35
CA GLU M 988 53.76 78.79 65.59
C GLU M 988 53.15 77.73 66.53
N HIS M 989 52.60 76.61 65.99
CA HIS M 989 52.03 75.56 66.83
C HIS M 989 53.11 74.90 67.70
N ASP M 990 54.29 74.59 67.11
CA ASP M 990 55.41 73.95 67.81
C ASP M 990 56.24 74.95 68.63
N TRP M 991 56.40 76.17 68.09
CA TRP M 991 57.16 77.26 68.69
C TRP M 991 56.54 77.82 69.99
N ALA M 992 55.22 78.06 69.98
CA ALA M 992 54.50 78.68 71.08
C ALA M 992 54.70 78.03 72.47
N PRO M 993 54.44 76.73 72.68
CA PRO M 993 54.63 76.15 74.02
C PRO M 993 56.09 76.12 74.48
N LYS M 994 57.03 75.86 73.56
CA LYS M 994 58.43 75.74 73.90
C LYS M 994 59.05 77.08 74.26
N VAL M 995 58.98 78.07 73.34
CA VAL M 995 59.64 79.35 73.57
C VAL M 995 58.77 80.33 74.39
N TYR M 996 57.48 80.53 74.05
CA TYR M 996 56.65 81.51 74.80
C TYR M 996 56.40 81.02 76.22
N GLY M 997 56.30 79.71 76.41
CA GLY M 997 56.13 79.15 77.74
C GLY M 997 57.36 79.36 78.59
N ALA M 998 58.55 79.12 78.01
CA ALA M 998 59.83 79.28 78.72
C ALA M 998 60.04 80.72 79.19
N TRP M 999 59.68 81.69 78.35
CA TRP M 999 59.82 83.10 78.70
C TRP M 999 58.79 83.49 79.75
N ASN M 1000 57.52 83.02 79.63
CA ASN M 1000 56.47 83.32 80.61
C ASN M 1000 56.81 82.68 81.96
N LEU M 1001 57.48 81.50 81.94
CA LEU M 1001 57.92 80.85 83.18
C LEU M 1001 59.00 81.68 83.83
N HIS M 1002 60.01 82.06 83.05
CA HIS M 1002 61.13 82.90 83.52
C HIS M 1002 60.58 84.17 84.17
N GLN M 1003 59.71 84.89 83.46
CA GLN M 1003 59.10 86.11 83.99
C GLN M 1003 58.30 85.85 85.27
N ALA M 1004 57.47 84.79 85.30
CA ALA M 1004 56.66 84.44 86.49
C ALA M 1004 57.53 84.22 87.74
N VAL M 1005 58.74 83.69 87.55
CA VAL M 1005 59.72 83.45 88.62
C VAL M 1005 60.28 84.80 89.14
N GLN M 1006 60.71 85.70 88.22
CA GLN M 1006 61.24 87.02 88.62
C GLN M 1006 60.12 87.85 89.26
N SER M 1007 58.94 87.86 88.61
CA SER M 1007 57.73 88.57 89.06
C SER M 1007 57.31 88.14 90.45
N GLY M 1008 57.47 86.85 90.76
CA GLY M 1008 57.17 86.31 92.07
C GLY M 1008 58.03 86.92 93.17
N GLY M 1009 57.56 86.80 94.40
CA GLY M 1009 58.23 87.39 95.57
C GLY M 1009 59.48 86.65 96.01
N PRO M 1010 59.76 86.60 97.33
CA PRO M 1010 60.96 85.90 97.79
C PRO M 1010 60.83 84.37 97.72
N ALA M 1011 59.58 83.84 97.67
CA ALA M 1011 59.32 82.41 97.55
C ALA M 1011 59.89 81.81 96.26
N THR M 1012 59.76 82.54 95.14
CA THR M 1012 60.26 82.14 93.83
C THR M 1012 61.75 82.42 93.65
N SER M 1013 62.29 83.44 94.35
CA SER M 1013 63.70 83.85 94.25
C SER M 1013 64.65 82.98 95.12
N GLU M 1014 64.35 81.66 95.26
CA GLU M 1014 65.16 80.70 96.01
C GLU M 1014 65.29 79.36 95.26
N LEU M 1015 64.96 79.28 93.94
CA LEU M 1015 64.97 77.97 93.26
C LEU M 1015 66.38 77.49 92.91
N ASP M 1016 66.51 76.16 92.92
CA ASP M 1016 67.74 75.39 92.70
C ASP M 1016 67.98 75.13 91.23
N TRP M 1017 66.90 74.83 90.48
CA TRP M 1017 67.02 74.53 89.07
C TRP M 1017 65.85 75.09 88.24
N PHE M 1018 66.05 75.09 86.94
CA PHE M 1018 65.06 75.50 85.94
C PHE M 1018 65.39 74.71 84.70
N CYS M 1019 64.72 73.60 84.49
CA CYS M 1019 65.06 72.71 83.39
C CYS M 1019 64.09 72.90 82.26
N ALA M 1020 64.53 72.47 81.09
CA ALA M 1020 63.75 72.51 79.87
C ALA M 1020 64.06 71.31 79.01
N PHE M 1021 63.07 70.43 78.82
CA PHE M 1021 63.26 69.25 77.99
C PHE M 1021 63.28 69.65 76.52
N SER M 1022 64.43 69.47 75.87
CA SER M 1022 64.64 69.77 74.46
C SER M 1022 64.54 68.44 73.66
N SER M 1023 65.07 68.38 72.43
CA SER M 1023 65.07 67.16 71.62
C SER M 1023 66.43 66.95 70.94
N ALA M 1024 66.81 65.68 70.78
CA ALA M 1024 68.06 65.29 70.11
C ALA M 1024 67.96 65.54 68.61
N ALA M 1025 66.72 65.62 68.06
CA ALA M 1025 66.46 65.94 66.65
C ALA M 1025 66.96 67.35 66.31
N ALA M 1026 66.92 68.29 67.28
CA ALA M 1026 67.43 69.65 67.08
C ALA M 1026 68.95 69.63 66.89
N LEU M 1027 69.64 68.78 67.68
CA LEU M 1027 71.09 68.62 67.66
C LEU M 1027 71.58 67.95 66.37
N VAL M 1028 71.01 66.79 65.99
CA VAL M 1028 71.45 66.03 64.80
C VAL M 1028 70.76 66.53 63.52
N GLY M 1029 69.44 66.74 63.59
CA GLY M 1029 68.65 67.19 62.45
C GLY M 1029 67.76 66.11 61.87
N SER M 1030 66.90 65.50 62.70
CA SER M 1030 65.98 64.44 62.23
C SER M 1030 65.04 65.03 61.15
N PRO M 1031 65.08 64.54 59.90
CA PRO M 1031 64.23 65.15 58.86
C PRO M 1031 62.74 65.02 59.15
N GLY M 1032 61.99 66.03 58.72
CA GLY M 1032 60.57 66.12 58.94
C GLY M 1032 60.21 66.92 60.18
N GLN M 1033 61.13 67.02 61.17
CA GLN M 1033 60.85 67.78 62.40
C GLN M 1033 60.84 69.28 62.04
N GLY M 1034 62.00 69.86 61.70
CA GLY M 1034 62.16 71.24 61.26
C GLY M 1034 61.62 72.30 62.20
N ALA M 1035 60.28 72.47 62.19
CA ALA M 1035 59.56 73.41 63.05
C ALA M 1035 59.78 73.10 64.53
N TYR M 1036 59.70 71.80 64.90
CA TYR M 1036 59.93 71.35 66.28
C TYR M 1036 61.42 71.49 66.64
N ALA M 1037 62.30 71.25 65.66
CA ALA M 1037 63.75 71.38 65.85
C ALA M 1037 64.16 72.83 66.12
N ALA M 1038 63.57 73.77 65.37
CA ALA M 1038 63.89 75.19 65.52
C ALA M 1038 63.41 75.77 66.86
N ALA M 1039 62.24 75.34 67.33
CA ALA M 1039 61.67 75.76 68.62
C ALA M 1039 62.57 75.36 69.78
N ASN M 1040 63.16 74.17 69.69
CA ASN M 1040 64.10 73.67 70.68
C ASN M 1040 65.43 74.42 70.65
N SER M 1041 65.96 74.75 69.44
CA SER M 1041 67.24 75.47 69.30
C SER M 1041 67.21 76.83 70.00
N TRP M 1042 66.04 77.49 69.97
CA TRP M 1042 65.83 78.76 70.65
C TRP M 1042 65.84 78.52 72.15
N LEU M 1043 65.02 77.55 72.60
CA LEU M 1043 64.88 77.15 74.00
C LEU M 1043 66.23 76.72 74.61
N ASP M 1044 67.10 76.07 73.81
CA ASP M 1044 68.43 75.65 74.27
C ASP M 1044 69.33 76.86 74.51
N ALA M 1045 69.28 77.84 73.57
CA ALA M 1045 70.04 79.09 73.67
C ALA M 1045 69.51 79.97 74.79
N PHE M 1046 68.18 79.94 75.03
CA PHE M 1046 67.54 80.72 76.10
C PHE M 1046 68.08 80.30 77.48
N MET M 1047 68.36 79.01 77.66
CA MET M 1047 68.91 78.51 78.92
C MET M 1047 70.35 79.00 79.12
N GLN M 1048 71.17 79.06 78.05
CA GLN M 1048 72.54 79.58 78.15
C GLN M 1048 72.51 81.06 78.48
N TRP M 1049 71.50 81.77 77.96
CA TRP M 1049 71.30 83.18 78.26
C TRP M 1049 70.87 83.36 79.71
N ARG M 1050 69.93 82.55 80.16
CA ARG M 1050 69.42 82.59 81.53
C ARG M 1050 70.57 82.30 82.52
N ARG M 1051 71.47 81.35 82.19
CA ARG M 1051 72.65 81.03 83.01
C ARG M 1051 73.60 82.22 83.03
N ALA M 1052 73.79 82.87 81.85
CA ALA M 1052 74.64 84.07 81.73
C ALA M 1052 74.17 85.20 82.65
N GLN M 1053 72.83 85.37 82.79
CA GLN M 1053 72.27 86.39 83.66
C GLN M 1053 72.54 86.09 85.15
N GLY M 1054 72.83 84.82 85.47
CA GLY M 1054 73.14 84.37 86.83
C GLY M 1054 72.13 83.36 87.33
N LEU M 1055 70.90 83.41 86.78
CA LEU M 1055 69.81 82.51 87.13
C LEU M 1055 70.19 81.05 86.84
N PRO M 1056 69.65 80.06 87.58
CA PRO M 1056 69.96 78.66 87.25
C PRO M 1056 69.24 78.25 85.99
N ALA M 1057 69.85 77.35 85.19
CA ALA M 1057 69.26 76.94 83.93
C ALA M 1057 69.83 75.64 83.42
N THR M 1058 68.99 74.81 82.79
CA THR M 1058 69.40 73.54 82.22
C THR M 1058 68.50 73.16 81.03
N SER M 1059 69.06 72.37 80.11
CA SER M 1059 68.35 71.85 78.95
C SER M 1059 68.82 70.42 78.70
N ILE M 1060 67.90 69.49 78.45
CA ILE M 1060 68.22 68.09 78.25
C ILE M 1060 67.65 67.61 76.93
N ALA M 1061 68.48 67.59 75.86
CA ALA M 1061 68.03 67.11 74.55
C ALA M 1061 67.86 65.60 74.61
N TRP M 1062 66.62 65.16 74.82
CA TRP M 1062 66.32 63.75 74.98
C TRP M 1062 66.29 62.95 73.67
N GLY M 1063 66.41 61.63 73.81
CA GLY M 1063 66.35 60.66 72.72
C GLY M 1063 64.95 60.09 72.55
N ALA M 1064 64.86 58.81 72.15
CA ALA M 1064 63.58 58.12 71.93
C ALA M 1064 63.16 57.29 73.14
N TRP M 1065 62.06 57.68 73.84
CA TRP M 1065 61.61 56.97 75.04
C TRP M 1065 60.70 55.77 74.74
N GLY M 1066 60.70 54.80 75.66
CA GLY M 1066 59.92 53.57 75.55
C GLY M 1066 58.43 53.68 75.83
N GLU M 1067 58.08 54.17 77.04
CA GLU M 1067 56.68 54.31 77.46
C GLU M 1067 56.52 55.51 78.40
N ASN M 1079 69.75 51.41 71.78
CA ASN M 1079 68.49 51.33 71.03
C ASN M 1079 67.31 51.83 71.89
N ALA M 1080 66.92 53.11 71.72
CA ALA M 1080 65.83 53.79 72.41
C ALA M 1080 66.02 53.86 73.96
N ILE M 1081 65.90 55.08 74.53
CA ILE M 1081 66.03 55.33 75.98
C ILE M 1081 64.81 54.70 76.72
N ALA M 1082 65.08 54.07 77.89
CA ALA M 1082 64.07 53.42 78.74
C ALA M 1082 63.48 54.43 79.74
N PRO M 1083 62.31 54.13 80.37
CA PRO M 1083 61.75 55.10 81.33
C PRO M 1083 62.61 55.32 82.59
N ASP M 1084 62.95 54.24 83.33
CA ASP M 1084 63.75 54.35 84.56
C ASP M 1084 65.22 54.75 84.28
N GLU M 1085 65.71 54.56 83.04
CA GLU M 1085 67.05 54.96 82.62
C GLU M 1085 67.17 56.50 82.57
N GLY M 1086 66.13 57.17 82.04
CA GLY M 1086 66.08 58.63 81.95
C GLY M 1086 65.83 59.32 83.28
N ALA M 1087 65.10 58.65 84.21
CA ALA M 1087 64.83 59.20 85.55
C ALA M 1087 66.11 59.43 86.32
N TYR M 1088 67.08 58.50 86.17
CA TYR M 1088 68.39 58.62 86.79
C TYR M 1088 69.24 59.70 86.10
N ALA M 1089 69.26 59.72 84.73
CA ALA M 1089 70.02 60.72 83.95
C ALA M 1089 69.58 62.14 84.30
N PHE M 1090 68.26 62.38 84.26
CA PHE M 1090 67.62 63.63 84.62
C PHE M 1090 68.15 64.17 85.96
N GLU M 1091 68.06 63.35 87.02
CA GLU M 1091 68.51 63.69 88.37
C GLU M 1091 70.00 64.04 88.40
N ALA M 1092 70.85 63.15 87.87
CA ALA M 1092 72.31 63.34 87.85
C ALA M 1092 72.72 64.63 87.17
N ILE M 1093 72.02 65.03 86.10
CA ILE M 1093 72.29 66.29 85.39
C ILE M 1093 72.02 67.49 86.32
N LEU M 1094 70.93 67.42 87.14
CA LEU M 1094 70.58 68.48 88.08
C LEU M 1094 71.62 68.67 89.21
N ARG M 1095 72.40 67.62 89.56
CA ARG M 1095 73.43 67.73 90.59
C ARG M 1095 74.70 68.35 90.06
N HIS M 1096 74.96 68.24 88.73
CA HIS M 1096 76.19 68.77 88.14
C HIS M 1096 75.98 70.16 87.54
N ASP M 1097 77.09 70.92 87.50
CA ASP M 1097 77.19 72.31 87.04
C ASP M 1097 77.33 72.35 85.50
N ARG M 1098 76.18 72.26 84.76
CA ARG M 1098 76.18 72.36 83.29
C ARG M 1098 74.79 72.71 82.72
N VAL M 1099 74.77 73.41 81.56
CA VAL M 1099 73.55 73.90 80.91
C VAL M 1099 73.07 72.96 79.81
N TYR M 1100 73.86 72.78 78.74
CA TYR M 1100 73.45 71.92 77.64
C TYR M 1100 73.97 70.50 77.83
N ASN M 1101 73.03 69.57 78.04
CA ASN M 1101 73.28 68.15 78.19
C ASN M 1101 72.49 67.41 77.12
N GLY M 1102 73.15 66.52 76.38
CA GLY M 1102 72.52 65.75 75.30
C GLY M 1102 72.44 64.27 75.60
N TYR M 1103 71.27 63.76 75.97
CA TYR M 1103 71.10 62.35 76.29
C TYR M 1103 70.41 61.65 75.14
N ALA M 1104 71.11 60.75 74.47
CA ALA M 1104 70.51 60.01 73.37
C ALA M 1104 71.23 58.68 73.15
N PRO M 1105 70.50 57.61 72.78
CA PRO M 1105 71.18 56.32 72.49
C PRO M 1105 72.20 56.50 71.37
N VAL M 1106 73.51 56.32 71.66
CA VAL M 1106 74.53 56.54 70.63
C VAL M 1106 75.03 55.21 70.05
N LEU M 1107 75.62 54.31 70.86
CA LEU M 1107 76.14 53.02 70.43
C LEU M 1107 76.74 53.15 68.97
N GLY M 1108 76.20 52.44 67.99
CA GLY M 1108 76.61 52.56 66.59
C GLY M 1108 75.37 52.65 65.73
N ALA M 1109 74.52 53.65 66.01
CA ALA M 1109 73.25 53.83 65.32
C ALA M 1109 73.42 54.22 63.85
N SER M 1110 72.36 53.99 63.07
CA SER M 1110 72.30 54.26 61.63
C SER M 1110 72.35 55.76 61.33
N TRP M 1111 71.56 56.56 62.08
CA TRP M 1111 71.50 58.01 61.89
C TRP M 1111 72.82 58.71 62.24
N LEU M 1112 73.64 58.15 63.16
CA LEU M 1112 74.93 58.72 63.55
C LEU M 1112 76.02 58.37 62.54
N THR M 1113 76.08 57.10 62.11
CA THR M 1113 77.06 56.66 61.10
C THR M 1113 76.79 57.37 59.75
N ALA M 1114 75.50 57.66 59.45
CA ALA M 1114 75.10 58.40 58.25
C ALA M 1114 75.46 59.88 58.37
N PHE M 1115 75.26 60.46 59.56
CA PHE M 1115 75.55 61.86 59.82
C PHE M 1115 77.07 62.13 59.88
N ALA M 1116 77.86 61.22 60.45
CA ALA M 1116 79.31 61.39 60.60
C ALA M 1116 80.04 61.40 59.26
N GLN M 1117 79.62 60.55 58.32
CA GLN M 1117 80.22 60.50 56.99
C GLN M 1117 79.82 61.71 56.12
N ARG M 1118 78.61 62.29 56.33
CA ARG M 1118 78.14 63.42 55.53
C ARG M 1118 78.80 64.76 55.91
N SER M 1119 78.90 65.09 57.24
CA SER M 1119 79.50 66.36 57.70
C SER M 1119 80.64 66.16 58.73
N PRO M 1120 81.59 67.11 58.84
CA PRO M 1120 82.68 66.98 59.82
C PRO M 1120 82.30 67.46 61.23
N PHE M 1121 81.02 67.78 61.49
CA PHE M 1121 80.53 68.17 62.81
C PHE M 1121 80.66 66.95 63.74
N ALA M 1122 80.25 65.76 63.27
CA ALA M 1122 80.36 64.53 64.04
C ALA M 1122 81.61 63.74 63.60
N GLU M 1123 82.77 64.41 63.67
CA GLU M 1123 84.08 63.85 63.29
C GLU M 1123 84.55 62.83 64.31
N LEU M 1124 84.32 63.11 65.60
CA LEU M 1124 84.77 62.24 66.70
C LEU M 1124 83.96 60.95 66.78
N PHE M 1125 82.72 60.96 66.26
CA PHE M 1125 81.86 59.79 66.29
C PHE M 1125 82.32 58.71 65.29
N LEU M 1126 82.88 59.10 64.14
CA LEU M 1126 83.33 58.14 63.12
C LEU M 1126 84.55 57.35 63.61
N ALA M 1127 85.60 58.06 64.07
CA ALA M 1127 86.86 57.50 64.57
C ALA M 1127 87.57 56.58 63.52
N PRO N 15 103.98 19.74 73.70
CA PRO N 15 104.31 20.73 74.73
C PRO N 15 105.13 20.08 75.84
N SER N 16 106.44 20.38 75.89
CA SER N 16 107.34 19.84 76.91
C SER N 16 108.34 20.87 77.39
N VAL N 17 109.02 20.54 78.47
CA VAL N 17 110.01 21.41 79.05
C VAL N 17 111.16 20.59 79.60
N SER N 18 112.38 21.10 79.43
CA SER N 18 113.58 20.44 79.92
C SER N 18 113.66 20.53 81.43
N VAL N 19 114.04 19.44 82.10
CA VAL N 19 114.19 19.42 83.56
C VAL N 19 115.46 18.73 83.94
N HIS N 20 115.89 18.96 85.19
CA HIS N 20 117.09 18.32 85.70
C HIS N 20 116.78 16.87 86.00
N PRO N 21 117.69 15.92 85.76
CA PRO N 21 117.36 14.51 86.00
C PRO N 21 116.94 14.20 87.44
N LEU N 22 117.68 14.73 88.42
CA LEU N 22 117.35 14.49 89.82
C LEU N 22 116.33 15.48 90.31
N LEU N 23 116.69 16.79 90.37
CA LEU N 23 115.82 17.87 90.86
C LEU N 23 114.40 17.74 90.30
N GLY N 24 114.29 17.62 88.98
CA GLY N 24 113.00 17.43 88.31
C GLY N 24 112.25 18.73 88.10
N SER N 25 110.92 18.68 88.30
CA SER N 25 110.05 19.83 88.06
C SER N 25 110.30 20.93 89.07
N HIS N 26 110.44 22.16 88.55
CA HIS N 26 110.80 23.36 89.29
C HIS N 26 109.68 24.34 89.34
N VAL N 27 109.41 24.85 90.53
CA VAL N 27 108.39 25.85 90.76
C VAL N 27 108.93 26.89 91.73
N VAL N 28 108.80 28.17 91.36
CA VAL N 28 109.15 29.29 92.21
C VAL N 28 107.89 29.69 92.89
N LEU N 29 107.88 29.74 94.22
CA LEU N 29 106.66 30.00 94.97
C LEU N 29 106.27 31.46 94.87
N PRO N 30 104.95 31.73 94.84
CA PRO N 30 104.47 33.12 94.76
C PRO N 30 104.52 33.80 96.13
N GLN N 31 105.74 34.17 96.53
CA GLN N 31 105.99 34.81 97.82
C GLN N 31 107.38 35.41 97.87
N GLU N 32 107.55 36.38 98.78
CA GLU N 32 108.84 37.00 99.05
C GLU N 32 109.39 36.35 100.32
N PRO N 33 110.66 35.92 100.35
CA PRO N 33 111.70 36.10 99.33
C PRO N 33 111.64 35.05 98.22
N GLU N 34 112.49 35.25 97.18
CA GLU N 34 112.62 34.34 96.04
C GLU N 34 112.82 32.95 96.62
N GLU N 35 111.74 32.12 96.63
CA GLU N 35 111.81 30.77 97.16
C GLU N 35 111.48 29.78 96.06
N HIS N 36 112.42 28.84 95.82
CA HIS N 36 112.32 27.83 94.78
C HIS N 36 111.96 26.49 95.38
N LEU N 37 111.49 25.59 94.54
CA LEU N 37 111.08 24.27 94.98
C LEU N 37 111.06 23.27 93.85
N TRP N 38 111.80 22.18 94.01
CA TRP N 38 111.82 21.10 93.03
C TRP N 38 111.25 19.84 93.64
N GLN N 39 110.70 18.99 92.81
CA GLN N 39 110.18 17.68 93.20
C GLN N 39 110.68 16.71 92.17
N GLY N 40 111.33 15.63 92.62
CA GLY N 40 111.87 14.65 91.71
C GLY N 40 112.07 13.27 92.29
N ASP N 41 112.13 12.27 91.39
CA ASP N 41 112.31 10.86 91.74
C ASP N 41 113.77 10.49 91.65
N VAL N 42 114.25 9.76 92.66
CA VAL N 42 115.61 9.25 92.72
C VAL N 42 115.52 7.73 92.94
N GLY N 43 114.45 7.12 92.43
CA GLY N 43 114.19 5.70 92.58
C GLY N 43 115.00 4.89 91.60
N THR N 44 115.13 3.58 91.87
CA THR N 44 115.91 2.69 91.01
C THR N 44 115.19 2.44 89.67
N GLU N 45 113.86 2.58 89.60
CA GLU N 45 113.13 2.42 88.33
C GLU N 45 113.41 3.62 87.43
N ALA N 46 113.38 4.83 88.01
CA ALA N 46 113.67 6.08 87.31
C ALA N 46 115.14 6.21 86.91
N HIS N 47 116.05 5.92 87.86
CA HIS N 47 117.51 5.99 87.67
C HIS N 47 118.13 4.62 87.99
N PRO N 48 118.16 3.69 87.01
CA PRO N 48 118.71 2.34 87.26
C PRO N 48 120.11 2.34 87.86
N TRP N 49 120.98 3.14 87.29
CA TRP N 49 122.36 3.26 87.74
C TRP N 49 122.50 3.51 89.27
N LEU N 50 121.49 4.11 89.95
CA LEU N 50 121.56 4.33 91.41
C LEU N 50 121.52 3.02 92.23
N SER N 51 121.04 1.90 91.65
CA SER N 51 121.04 0.61 92.34
C SER N 51 122.47 0.07 92.51
N ASP N 52 123.42 0.52 91.67
CA ASP N 52 124.82 0.09 91.73
C ASP N 52 125.54 0.65 92.98
N HIS N 53 125.05 1.74 93.61
CA HIS N 53 125.62 2.24 94.87
C HIS N 53 124.77 1.69 96.00
N ARG N 54 125.35 0.80 96.83
CA ARG N 54 124.60 0.15 97.90
C ARG N 54 125.45 -0.10 99.15
N VAL N 55 124.92 0.29 100.32
CA VAL N 55 125.57 0.14 101.61
C VAL N 55 124.90 -1.01 102.35
N HIS N 56 125.68 -2.05 102.69
CA HIS N 56 125.22 -3.26 103.37
C HIS N 56 124.14 -3.95 102.54
N GLN N 57 124.42 -4.10 101.23
CA GLN N 57 123.55 -4.75 100.25
C GLN N 57 122.18 -4.05 100.06
N VAL N 58 122.04 -2.77 100.45
CA VAL N 58 120.80 -2.00 100.28
C VAL N 58 121.12 -0.77 99.46
N ALA N 59 120.36 -0.51 98.39
CA ALA N 59 120.60 0.65 97.53
C ALA N 59 120.36 1.94 98.31
N VAL N 60 121.35 2.85 98.30
CA VAL N 60 121.25 4.15 98.99
C VAL N 60 121.71 5.27 98.09
N LEU N 61 121.23 6.48 98.36
CA LEU N 61 121.60 7.65 97.58
C LEU N 61 122.98 8.09 97.99
N PRO N 62 123.95 8.17 97.06
CA PRO N 62 125.31 8.57 97.44
C PRO N 62 125.38 10.05 97.84
N GLY N 63 126.44 10.40 98.58
CA GLY N 63 126.69 11.78 99.01
C GLY N 63 126.75 12.70 97.81
N ALA N 64 127.45 12.24 96.75
CA ALA N 64 127.62 12.90 95.47
C ALA N 64 126.28 13.33 94.80
N ALA N 65 125.16 12.62 95.05
CA ALA N 65 123.87 12.99 94.48
C ALA N 65 123.43 14.35 94.99
N TYR N 66 123.55 14.57 96.30
CA TYR N 66 123.18 15.85 96.92
C TYR N 66 124.09 16.98 96.45
N CYS N 67 125.38 16.68 96.17
CA CYS N 67 126.34 17.66 95.67
C CYS N 67 125.83 18.24 94.38
N GLU N 68 125.51 17.34 93.44
CA GLU N 68 124.98 17.72 92.13
C GLU N 68 123.71 18.55 92.29
N MET N 69 122.78 18.09 93.16
CA MET N 69 121.53 18.80 93.41
C MET N 69 121.80 20.23 93.86
N ALA N 70 122.77 20.41 94.78
CA ALA N 70 123.12 21.75 95.27
C ALA N 70 123.71 22.60 94.16
N LEU N 71 124.69 22.07 93.43
CA LEU N 71 125.32 22.77 92.31
C LEU N 71 124.31 23.16 91.24
N ALA N 72 123.36 22.26 90.98
CA ALA N 72 122.30 22.48 89.99
C ALA N 72 121.41 23.64 90.41
N ALA N 73 121.04 23.67 91.70
CA ALA N 73 120.16 24.68 92.27
C ALA N 73 120.79 26.09 92.41
N VAL N 74 122.10 26.27 92.15
CA VAL N 74 122.76 27.57 92.30
C VAL N 74 122.28 28.56 91.25
N THR N 75 122.57 28.27 89.98
CA THR N 75 122.26 29.13 88.85
C THR N 75 120.80 29.58 88.78
N PRO N 76 119.79 28.71 88.97
CA PRO N 76 118.39 29.20 88.89
C PRO N 76 118.01 30.18 90.00
N VAL N 77 118.50 29.93 91.23
CA VAL N 77 118.18 30.80 92.37
C VAL N 77 118.96 32.10 92.21
N LEU N 78 120.30 31.96 92.25
CA LEU N 78 121.27 33.05 92.11
C LEU N 78 121.73 33.06 90.65
N GLY N 79 121.10 33.91 89.82
CA GLY N 79 121.38 34.03 88.38
C GLY N 79 122.79 34.48 88.07
N ASP N 80 123.77 33.59 88.31
CA ASP N 80 125.19 33.86 88.17
C ASP N 80 125.99 32.60 88.44
N THR N 81 127.31 32.79 88.45
CA THR N 81 128.31 31.81 88.82
C THR N 81 128.30 31.70 90.32
N GLY N 82 128.20 30.50 90.87
CA GLY N 82 128.20 30.35 92.31
C GLY N 82 128.85 29.13 92.89
N GLU N 83 128.92 29.15 94.22
CA GLU N 83 129.51 28.13 95.08
C GLU N 83 128.45 27.48 95.92
N VAL N 84 128.79 26.36 96.51
CA VAL N 84 127.93 25.64 97.45
C VAL N 84 128.72 25.52 98.73
N HIS N 85 128.34 26.24 99.77
CA HIS N 85 129.05 26.21 101.03
C HIS N 85 128.38 25.31 102.06
N ASP N 86 129.20 24.79 102.99
CA ASP N 86 128.79 24.01 104.14
C ASP N 86 127.68 23.01 103.82
N LEU N 87 127.92 22.15 102.82
CA LEU N 87 126.95 21.12 102.42
C LEU N 87 127.08 19.96 103.40
N LYS N 88 125.99 19.58 104.06
CA LYS N 88 125.97 18.49 105.04
C LYS N 88 125.00 17.40 104.62
N PHE N 89 125.35 16.13 104.88
CA PHE N 89 124.47 14.99 104.62
C PHE N 89 124.02 14.45 105.96
N HIS N 90 122.71 14.40 106.17
CA HIS N 90 122.13 13.97 107.44
C HIS N 90 121.85 12.47 107.39
N ASP N 91 120.57 12.05 107.27
CA ASP N 91 120.22 10.63 107.25
C ASP N 91 120.51 10.04 105.88
N MET N 92 120.72 8.72 105.87
CA MET N 92 121.03 7.98 104.65
C MET N 92 119.75 7.62 103.94
N LEU N 93 119.58 8.08 102.69
CA LEU N 93 118.35 7.82 101.94
C LEU N 93 118.41 6.44 101.34
N LEU N 94 117.45 5.57 101.68
CA LEU N 94 117.38 4.22 101.16
C LEU N 94 116.41 4.23 100.01
N LEU N 95 116.88 3.76 98.87
CA LEU N 95 116.13 3.83 97.63
C LEU N 95 115.27 2.62 97.39
N ASP N 96 114.10 2.91 96.78
CA ASP N 96 113.11 1.96 96.32
C ASP N 96 112.96 2.15 94.81
N ASP N 97 111.97 1.52 94.19
CA ASP N 97 111.70 1.67 92.75
C ASP N 97 111.32 3.14 92.45
N ALA N 98 110.58 3.77 93.39
CA ALA N 98 110.20 5.17 93.33
C ALA N 98 110.48 5.81 94.68
N THR N 99 111.32 6.85 94.68
CA THR N 99 111.75 7.57 95.88
C THR N 99 111.60 9.07 95.59
N PRO N 100 110.41 9.67 95.85
CA PRO N 100 110.26 11.11 95.58
C PRO N 100 111.02 11.93 96.60
N VAL N 101 111.62 13.02 96.13
CA VAL N 101 112.47 13.89 96.94
C VAL N 101 112.19 15.34 96.60
N TRP N 102 112.20 16.20 97.63
CA TRP N 102 111.93 17.62 97.46
C TRP N 102 113.10 18.52 97.81
N VAL N 103 113.65 19.19 96.80
CA VAL N 103 114.72 20.16 96.98
C VAL N 103 114.06 21.51 97.15
N SER N 104 114.69 22.39 97.92
CA SER N 104 114.11 23.71 98.16
C SER N 104 115.19 24.71 98.56
N ALA N 105 115.26 25.82 97.82
CA ALA N 105 116.20 26.89 98.07
C ALA N 105 115.46 28.19 98.30
N ALA N 106 115.93 29.02 99.24
CA ALA N 106 115.30 30.28 99.56
C ALA N 106 116.32 31.34 99.76
N VAL N 107 116.12 32.50 99.12
CA VAL N 107 117.06 33.61 99.25
C VAL N 107 116.90 34.22 100.63
N THR N 108 117.99 34.29 101.37
CA THR N 108 118.02 34.85 102.71
C THR N 108 118.50 36.31 102.63
N ALA N 109 119.68 36.48 102.02
CA ALA N 109 120.34 37.76 101.81
C ALA N 109 120.76 37.85 100.35
N PRO N 110 121.08 39.04 99.80
CA PRO N 110 121.49 39.10 98.39
C PRO N 110 122.75 38.30 98.13
N GLY N 111 122.69 37.45 97.11
CA GLY N 111 123.77 36.56 96.74
C GLY N 111 124.00 35.42 97.71
N THR N 112 122.94 35.06 98.47
CA THR N 112 122.98 33.98 99.46
C THR N 112 121.65 33.29 99.52
N ALA N 113 121.65 31.97 99.76
CA ALA N 113 120.40 31.23 99.83
C ALA N 113 120.54 29.93 100.58
N GLU N 114 119.54 29.59 101.38
CA GLU N 114 119.51 28.35 102.16
C GLU N 114 118.98 27.24 101.29
N PHE N 115 119.70 26.12 101.20
CA PHE N 115 119.35 24.95 100.38
C PHE N 115 118.97 23.77 101.26
N GLY N 116 118.13 22.87 100.74
CA GLY N 116 117.67 21.72 101.53
C GLY N 116 116.90 20.63 100.82
N VAL N 117 117.45 19.39 100.85
CA VAL N 117 116.85 18.20 100.26
C VAL N 117 116.20 17.39 101.35
N GLU N 118 114.89 17.14 101.23
CA GLU N 118 114.09 16.40 102.20
C GLU N 118 113.21 15.37 101.53
N THR N 119 112.68 14.43 102.29
CA THR N 119 111.80 13.40 101.77
C THR N 119 110.63 13.22 102.77
N HIS N 120 109.43 13.08 102.22
CA HIS N 120 108.17 12.99 102.95
C HIS N 120 107.63 11.56 102.83
N GLN N 121 107.40 10.89 103.98
CA GLN N 121 106.91 9.51 104.04
C GLN N 121 105.80 9.35 105.09
N SER N 122 104.55 9.19 104.62
CA SER N 122 103.35 9.00 105.47
C SER N 122 103.04 10.22 106.37
N GLY N 123 103.43 11.42 105.92
CA GLY N 123 103.27 12.67 106.66
C GLY N 123 104.55 13.15 107.34
N ASP N 124 105.50 12.22 107.63
CA ASP N 124 106.74 12.50 108.35
C ASP N 124 107.87 12.94 107.41
N ARG N 125 108.25 14.23 107.51
CA ARG N 125 109.33 14.81 106.71
C ARG N 125 110.67 14.38 107.31
N THR N 126 111.67 14.09 106.46
CA THR N 126 113.00 13.68 106.89
C THR N 126 114.05 14.46 106.11
N GLN N 127 114.81 15.35 106.78
CA GLN N 127 115.82 16.15 106.10
C GLN N 127 117.01 15.26 105.78
N ARG N 128 117.43 15.24 104.51
CA ARG N 128 118.52 14.39 104.03
C ARG N 128 119.81 15.14 103.76
N ALA N 129 119.72 16.45 103.42
CA ALA N 129 120.91 17.26 103.20
C ALA N 129 120.57 18.75 103.21
N THR N 130 121.52 19.59 103.65
CA THR N 130 121.36 21.05 103.71
C THR N 130 122.66 21.76 103.41
N ALA N 131 122.59 22.92 102.76
CA ALA N 131 123.76 23.71 102.40
C ALA N 131 123.41 25.18 102.26
N VAL N 132 124.38 25.98 101.81
CA VAL N 132 124.21 27.40 101.54
C VAL N 132 124.72 27.67 100.16
N LEU N 133 123.94 28.38 99.35
CA LEU N 133 124.33 28.71 97.98
C LEU N 133 124.82 30.13 97.97
N ARG N 134 125.92 30.42 97.26
CA ARG N 134 126.49 31.76 97.20
C ARG N 134 126.89 32.13 95.79
N GLY N 135 126.48 33.31 95.33
CA GLY N 135 126.78 33.82 93.99
C GLY N 135 127.78 34.97 93.95
N ASP N 136 127.86 35.71 95.06
CA ASP N 136 128.77 36.86 95.25
C ASP N 136 130.28 36.48 95.13
N VAL N 137 130.61 35.20 95.40
CA VAL N 137 131.98 34.67 95.34
C VAL N 137 132.69 34.98 94.02
N ASP N 138 134.00 35.27 94.12
CA ASP N 138 134.84 35.67 92.99
C ASP N 138 135.29 34.48 92.15
N ALA N 139 135.46 34.74 90.83
CA ALA N 139 135.88 33.74 89.85
C ALA N 139 137.38 33.50 89.97
N GLU N 140 137.75 32.67 90.95
CA GLU N 140 139.13 32.31 91.24
C GLU N 140 139.36 30.87 90.78
N ARG N 141 139.50 30.68 89.44
CA ARG N 141 139.69 29.36 88.87
C ARG N 141 141.10 28.90 89.11
N PRO N 142 141.33 27.77 89.80
CA PRO N 142 142.71 27.34 90.03
C PRO N 142 143.39 27.03 88.73
N ALA N 143 144.68 27.41 88.64
CA ALA N 143 145.45 27.22 87.43
C ALA N 143 145.60 25.76 87.08
N ALA N 144 145.63 25.48 85.78
CA ALA N 144 145.76 24.13 85.24
C ALA N 144 147.04 23.48 85.72
N HIS N 145 146.99 22.15 85.80
CA HIS N 145 148.09 21.34 86.27
C HIS N 145 148.77 20.65 85.12
N SER N 146 149.97 20.17 85.38
CA SER N 146 150.75 19.42 84.40
C SER N 146 150.47 17.96 84.66
N ILE N 147 149.61 17.35 83.84
CA ILE N 147 149.22 15.96 84.03
C ILE N 147 150.44 15.07 83.92
N ASP N 148 151.38 15.38 83.02
CA ASP N 148 152.59 14.59 82.87
C ASP N 148 153.44 14.62 84.15
N ALA N 149 153.70 15.83 84.68
CA ALA N 149 154.50 16.02 85.91
C ALA N 149 153.81 15.42 87.12
N LEU N 150 152.47 15.58 87.22
CA LEU N 150 151.71 15.01 88.33
C LEU N 150 151.88 13.51 88.37
N LEU N 151 151.67 12.85 87.23
CA LEU N 151 151.79 11.41 87.11
C LEU N 151 153.22 10.93 87.31
N ALA N 152 154.19 11.75 86.94
CA ALA N 152 155.59 11.43 87.15
C ALA N 152 155.92 11.48 88.65
N ALA N 153 155.35 12.46 89.36
CA ALA N 153 155.56 12.64 90.80
C ALA N 153 154.84 11.56 91.63
N HIS N 154 153.84 10.87 91.06
CA HIS N 154 153.10 9.80 91.74
C HIS N 154 153.31 8.50 90.94
N PRO N 155 154.39 7.75 91.23
CA PRO N 155 154.66 6.53 90.46
C PRO N 155 153.89 5.30 90.95
N ASN N 156 153.66 5.16 92.27
CA ASN N 156 153.00 3.99 92.83
C ASN N 156 151.54 3.93 92.40
N ARG N 157 151.21 2.96 91.54
CA ARG N 157 149.86 2.78 90.99
C ARG N 157 149.00 1.89 91.91
N VAL N 158 147.71 2.23 92.03
CA VAL N 158 146.70 1.50 92.82
C VAL N 158 145.56 1.15 91.87
N ASP N 159 145.24 -0.15 91.68
CA ASP N 159 144.16 -0.52 90.75
C ASP N 159 142.80 -0.15 91.35
N GLY N 160 141.89 0.27 90.48
CA GLY N 160 140.54 0.66 90.87
C GLY N 160 139.72 -0.51 91.36
N ASP N 161 139.77 -1.64 90.65
CA ASP N 161 139.02 -2.85 91.02
C ASP N 161 139.48 -3.39 92.37
N GLU N 162 140.80 -3.36 92.60
CA GLU N 162 141.45 -3.78 93.86
C GLU N 162 140.95 -2.92 95.03
N LEU N 163 140.80 -1.61 94.80
CA LEU N 163 140.32 -0.67 95.81
C LEU N 163 138.81 -0.86 96.03
N ARG N 164 138.04 -1.02 94.94
CA ARG N 164 136.59 -1.23 95.01
C ARG N 164 136.26 -2.58 95.65
N ALA N 165 137.18 -3.56 95.59
CA ALA N 165 137.02 -4.83 96.29
C ALA N 165 137.19 -4.60 97.81
N GLY N 166 138.14 -3.73 98.16
CA GLY N 166 138.40 -3.32 99.54
C GLY N 166 137.22 -2.60 100.17
N PHE N 167 136.47 -1.83 99.36
CA PHE N 167 135.26 -1.16 99.82
C PHE N 167 134.17 -2.19 100.18
N GLY N 168 134.07 -3.26 99.39
CA GLY N 168 133.11 -4.33 99.61
C GLY N 168 133.24 -5.05 100.93
N THR N 169 134.46 -5.07 101.53
CA THR N 169 134.69 -5.72 102.82
C THR N 169 134.07 -4.90 103.97
N VAL N 170 134.23 -3.56 103.94
CA VAL N 170 133.67 -2.68 104.98
C VAL N 170 132.13 -2.58 104.90
N GLY N 171 131.54 -2.90 103.73
CA GLY N 171 130.09 -2.88 103.53
C GLY N 171 129.59 -2.03 102.39
N ILE N 172 130.47 -1.22 101.78
CA ILE N 172 130.10 -0.33 100.68
C ILE N 172 130.29 -1.03 99.34
N GLY N 173 129.22 -1.15 98.57
CA GLY N 173 129.22 -1.78 97.26
C GLY N 173 129.13 -0.77 96.13
N HIS N 174 130.07 -0.83 95.19
CA HIS N 174 130.10 0.05 94.02
C HIS N 174 129.98 -0.82 92.77
N GLY N 175 128.83 -0.74 92.11
CA GLY N 175 128.57 -1.51 90.89
C GLY N 175 129.17 -0.87 89.66
N ALA N 176 128.75 -1.35 88.48
CA ALA N 176 129.26 -0.91 87.16
C ALA N 176 129.30 0.60 87.00
N ALA N 177 128.21 1.27 87.38
CA ALA N 177 128.07 2.73 87.29
C ALA N 177 129.08 3.49 88.13
N PHE N 178 129.36 3.00 89.34
CA PHE N 178 130.26 3.65 90.28
C PHE N 178 131.70 3.15 90.16
N ALA N 179 132.03 2.42 89.07
CA ALA N 179 133.36 1.91 88.80
C ALA N 179 134.15 2.83 87.86
N GLY N 180 133.93 4.14 87.97
CA GLY N 180 134.61 5.11 87.12
C GLY N 180 136.10 5.23 87.39
N LEU N 181 136.50 4.99 88.66
CA LEU N 181 137.91 5.06 89.06
C LEU N 181 138.68 3.92 88.44
N SER N 182 139.49 4.23 87.41
CA SER N 182 140.29 3.24 86.68
C SER N 182 141.49 2.80 87.50
N GLU N 183 142.26 3.79 87.98
CA GLU N 183 143.48 3.58 88.75
C GLU N 183 143.93 4.88 89.42
N ALA N 184 144.46 4.78 90.66
CA ALA N 184 144.93 5.95 91.41
C ALA N 184 146.43 5.88 91.62
N TYR N 185 147.14 6.96 91.28
CA TYR N 185 148.58 7.04 91.42
C TYR N 185 148.92 7.78 92.71
N VAL N 186 149.79 7.20 93.54
CA VAL N 186 150.21 7.77 94.83
C VAL N 186 151.74 7.74 94.90
N ALA N 187 152.30 8.09 96.06
CA ALA N 187 153.74 8.06 96.29
C ALA N 187 154.01 7.46 97.66
N THR N 188 153.94 8.26 98.74
CA THR N 188 154.18 7.82 100.13
C THR N 188 153.18 8.51 101.05
N ALA N 189 153.30 8.30 102.36
CA ALA N 189 152.45 8.98 103.34
C ALA N 189 152.85 10.46 103.48
N ALA N 190 154.17 10.76 103.36
CA ALA N 190 154.73 12.12 103.43
C ALA N 190 154.14 13.03 102.36
N GLU N 191 153.93 12.47 101.15
CA GLU N 191 153.32 13.18 100.01
C GLU N 191 151.81 13.13 100.20
N PRO N 192 151.11 14.27 100.37
CA PRO N 192 149.67 14.22 100.71
C PRO N 192 148.71 14.24 99.53
N THR N 193 149.15 13.90 98.30
CA THR N 193 148.27 13.98 97.14
C THR N 193 148.08 12.65 96.41
N VAL N 194 146.96 12.56 95.67
CA VAL N 194 146.57 11.40 94.86
C VAL N 194 146.13 11.85 93.49
N VAL N 195 146.76 11.35 92.44
CA VAL N 195 146.36 11.65 91.07
C VAL N 195 145.55 10.44 90.64
N ALA N 196 144.26 10.61 90.42
CA ALA N 196 143.39 9.49 90.05
C ALA N 196 142.93 9.60 88.61
N ALA N 197 142.72 8.46 87.95
CA ALA N 197 142.28 8.41 86.57
C ALA N 197 140.82 8.00 86.51
N VAL N 198 139.94 8.96 86.78
CA VAL N 198 138.49 8.72 86.79
C VAL N 198 137.90 9.04 85.42
N ALA N 199 136.72 8.48 85.17
CA ALA N 199 136.00 8.68 83.91
C ALA N 199 134.62 8.08 84.02
N LEU N 200 133.59 8.80 83.58
CA LEU N 200 132.21 8.31 83.64
C LEU N 200 132.04 7.06 82.74
N PRO N 201 131.60 5.90 83.29
CA PRO N 201 131.44 4.70 82.45
C PRO N 201 130.61 4.90 81.18
N GLY N 202 130.95 4.15 80.14
CA GLY N 202 130.31 4.17 78.82
C GLY N 202 128.79 4.21 78.76
N PRO N 203 128.08 3.35 79.52
CA PRO N 203 126.60 3.41 79.49
C PRO N 203 126.04 4.77 79.91
N LEU N 204 126.64 5.36 80.96
CA LEU N 204 126.22 6.64 81.51
C LEU N 204 126.60 7.84 80.65
N ARG N 205 127.54 7.70 79.68
CA ARG N 205 127.95 8.82 78.82
C ARG N 205 126.76 9.35 77.99
N SER N 206 125.81 8.47 77.63
CA SER N 206 124.57 8.86 76.96
C SER N 206 123.72 9.70 77.93
N GLY N 207 123.65 9.24 79.17
CA GLY N 207 122.93 9.90 80.24
C GLY N 207 123.69 11.00 80.97
N GLN N 208 124.55 11.79 80.26
CA GLN N 208 125.26 12.94 80.86
C GLN N 208 124.28 14.11 80.94
N ARG N 209 123.20 14.06 80.12
CA ARG N 209 122.01 14.91 80.11
C ARG N 209 122.27 16.35 80.63
N GLY N 210 121.62 16.76 81.72
CA GLY N 210 121.75 18.09 82.30
C GLY N 210 122.41 18.11 83.67
N TYR N 211 123.40 17.23 83.84
CA TYR N 211 124.14 17.17 85.09
C TYR N 211 125.32 18.16 85.06
N THR N 212 125.46 18.98 86.12
CA THR N 212 126.64 19.85 86.29
C THR N 212 127.86 18.92 86.37
N VAL N 213 127.72 17.87 87.18
CA VAL N 213 128.67 16.76 87.34
C VAL N 213 127.84 15.50 87.60
N HIS N 214 128.13 14.39 86.91
CA HIS N 214 127.35 13.17 87.13
C HIS N 214 127.68 12.61 88.49
N PRO N 215 126.70 12.26 89.35
CA PRO N 215 127.05 11.76 90.69
C PRO N 215 127.89 10.47 90.68
N ALA N 216 127.74 9.62 89.64
CA ALA N 216 128.53 8.39 89.51
C ALA N 216 130.03 8.72 89.39
N LEU N 217 130.34 9.80 88.65
CA LEU N 217 131.69 10.30 88.42
C LEU N 217 132.24 10.98 89.67
N LEU N 218 131.47 11.86 90.29
CA LEU N 218 131.91 12.56 91.49
C LEU N 218 132.15 11.58 92.64
N ASP N 219 131.35 10.49 92.74
CA ASP N 219 131.60 9.50 93.80
C ASP N 219 132.89 8.73 93.52
N ALA N 220 133.22 8.50 92.23
CA ALA N 220 134.47 7.84 91.87
C ALA N 220 135.69 8.70 92.26
N CYS N 221 135.52 10.03 92.35
CA CYS N 221 136.57 10.94 92.79
C CYS N 221 136.73 10.82 94.28
N PHE N 222 135.61 10.67 95.02
CA PHE N 222 135.66 10.50 96.46
C PHE N 222 136.34 9.17 96.82
N GLN N 223 136.08 8.09 96.02
CA GLN N 223 136.74 6.79 96.21
C GLN N 223 138.27 6.94 96.14
N SER N 224 138.72 7.76 95.18
CA SER N 224 140.13 8.05 94.93
C SER N 224 140.89 8.53 96.19
N VAL N 225 140.23 9.21 97.12
CA VAL N 225 140.85 9.71 98.36
C VAL N 225 141.35 8.55 99.23
N ILE N 226 140.62 7.44 99.22
CA ILE N 226 140.93 6.25 100.03
C ILE N 226 142.20 5.54 99.54
N ALA N 227 142.57 5.73 98.25
CA ALA N 227 143.80 5.15 97.68
C ALA N 227 145.09 5.69 98.35
N HIS N 228 145.01 6.85 99.04
CA HIS N 228 146.18 7.44 99.69
C HIS N 228 146.72 6.50 100.79
N PRO N 229 148.05 6.31 100.89
CA PRO N 229 148.59 5.41 101.94
C PRO N 229 148.30 5.84 103.36
N GLU N 230 148.40 7.14 103.67
CA GLU N 230 148.12 7.67 105.02
C GLU N 230 146.67 7.35 105.43
N VAL N 231 145.71 7.32 104.47
CA VAL N 231 144.32 7.00 104.74
C VAL N 231 144.19 5.50 105.02
N GLN N 232 144.80 4.67 104.16
CA GLN N 232 144.77 3.20 104.30
C GLN N 232 145.30 2.77 105.67
N ASN N 233 146.45 3.35 106.07
CA ASN N 233 147.12 3.03 107.32
C ASN N 233 146.31 3.49 108.55
N ILE N 234 145.94 4.79 108.59
CA ILE N 234 145.23 5.36 109.74
C ILE N 234 143.76 4.89 109.77
N ALA N 235 142.88 5.50 108.97
CA ALA N 235 141.46 5.16 108.98
C ALA N 235 141.19 3.87 108.22
N SER N 236 141.33 2.75 108.94
CA SER N 236 141.09 1.40 108.42
C SER N 236 139.68 0.93 108.86
N GLY N 237 138.68 1.73 108.52
CA GLY N 237 137.27 1.47 108.82
C GLY N 237 136.39 1.87 107.65
N MET N 238 135.06 1.91 107.88
CA MET N 238 134.09 2.29 106.83
C MET N 238 134.05 3.81 106.67
N LEU N 239 134.56 4.33 105.55
CA LEU N 239 134.59 5.77 105.29
C LEU N 239 133.52 6.18 104.30
N LEU N 240 132.55 6.97 104.78
CA LEU N 240 131.43 7.49 103.99
C LEU N 240 131.47 9.00 103.95
N PRO N 241 131.10 9.63 102.81
CA PRO N 241 131.13 11.10 102.76
C PRO N 241 130.05 11.70 103.65
N LEU N 242 130.43 12.66 104.50
CA LEU N 242 129.56 13.33 105.45
C LEU N 242 129.19 14.77 105.04
N GLY N 243 130.00 15.38 104.18
CA GLY N 243 129.75 16.73 103.71
C GLY N 243 130.92 17.33 102.96
N VAL N 244 130.76 18.58 102.57
CA VAL N 244 131.76 19.31 101.80
C VAL N 244 131.71 20.77 102.25
N ARG N 245 132.85 21.41 102.52
CA ARG N 245 132.88 22.83 102.93
C ARG N 245 132.61 23.79 101.78
N ARG N 246 133.14 23.53 100.57
CA ARG N 246 132.97 24.44 99.44
C ARG N 246 133.05 23.67 98.12
N LEU N 247 132.03 23.85 97.28
CA LEU N 247 131.89 23.19 95.98
C LEU N 247 131.66 24.22 94.89
N ARG N 248 132.49 24.22 93.84
CA ARG N 248 132.32 25.14 92.71
C ARG N 248 132.61 24.43 91.43
N ALA N 249 131.82 24.70 90.40
CA ALA N 249 132.03 24.15 89.07
C ALA N 249 132.50 25.27 88.18
N TYR N 250 133.64 25.09 87.53
CA TYR N 250 134.23 26.10 86.65
C TYR N 250 133.83 25.90 85.18
N GLY N 251 133.55 24.65 84.80
CA GLY N 251 133.16 24.30 83.44
C GLY N 251 132.40 22.99 83.35
N SER N 252 132.40 22.41 82.15
CA SER N 252 131.72 21.15 81.91
C SER N 252 132.60 20.02 82.34
N THR N 253 132.03 19.08 83.10
CA THR N 253 132.77 17.93 83.58
C THR N 253 132.66 16.75 82.59
N ARG N 254 132.18 16.99 81.35
CA ARG N 254 132.01 15.89 80.39
C ARG N 254 133.31 15.24 80.03
N ASN N 255 134.31 16.07 79.79
CA ASN N 255 135.62 15.61 79.35
C ASN N 255 136.63 15.46 80.52
N VAL N 256 136.15 15.28 81.77
CA VAL N 256 137.05 15.05 82.91
C VAL N 256 137.65 13.63 82.81
N ARG N 257 138.98 13.54 82.88
CA ARG N 257 139.72 12.28 82.81
C ARG N 257 140.53 12.01 84.09
N TYR N 258 140.74 13.03 84.95
CA TYR N 258 141.54 12.88 86.16
C TYR N 258 140.92 13.57 87.36
N CYS N 259 141.36 13.16 88.55
CA CYS N 259 140.94 13.77 89.81
C CYS N 259 142.13 13.89 90.75
N LEU N 260 142.55 15.12 91.03
CA LEU N 260 143.67 15.39 91.93
C LEU N 260 143.15 15.62 93.34
N SER N 261 143.41 14.68 94.25
CA SER N 261 142.99 14.78 95.65
C SER N 261 144.15 15.19 96.53
N ARG N 262 143.85 15.76 97.71
CA ARG N 262 144.85 16.20 98.69
C ARG N 262 144.35 15.95 100.10
N ILE N 263 145.14 15.28 100.94
CA ILE N 263 144.72 14.97 102.31
C ILE N 263 145.01 16.15 103.21
N VAL N 264 143.97 16.71 103.83
CA VAL N 264 144.09 17.83 104.76
C VAL N 264 144.36 17.27 106.13
N LYS N 265 143.54 16.32 106.56
CA LYS N 265 143.65 15.67 107.87
C LYS N 265 143.30 14.17 107.73
N ALA N 266 144.09 13.31 108.40
CA ALA N 266 143.93 11.87 108.40
C ALA N 266 143.98 11.38 109.85
N ASP N 267 142.81 11.13 110.42
CA ASP N 267 142.64 10.71 111.80
C ASP N 267 141.86 9.41 111.88
N SER N 268 141.91 8.75 113.04
CA SER N 268 141.18 7.52 113.32
C SER N 268 139.67 7.70 113.16
N PHE N 269 139.15 8.89 113.50
CA PHE N 269 137.72 9.20 113.43
C PHE N 269 137.26 9.45 111.99
N GLY N 270 137.99 10.32 111.29
CA GLY N 270 137.64 10.64 109.91
C GLY N 270 138.80 11.19 109.10
N VAL N 271 138.50 11.54 107.82
CA VAL N 271 139.46 12.06 106.86
C VAL N 271 138.89 13.31 106.17
N GLU N 272 139.63 14.43 106.15
CA GLU N 272 139.27 15.64 105.43
C GLU N 272 140.17 15.73 104.20
N ALA N 273 139.62 16.08 103.02
CA ALA N 273 140.40 16.19 101.78
C ALA N 273 139.88 17.27 100.84
N ASP N 274 140.77 17.79 99.98
CA ASP N 274 140.44 18.81 98.99
C ASP N 274 140.63 18.22 97.58
N LEU N 275 139.58 18.25 96.74
CA LEU N 275 139.58 17.64 95.40
C LEU N 275 139.53 18.66 94.28
N GLU N 276 139.97 18.22 93.08
CA GLU N 276 139.99 19.00 91.86
C GLU N 276 139.82 18.07 90.69
N LEU N 277 138.78 18.27 89.88
CA LEU N 277 138.49 17.43 88.72
C LEU N 277 139.15 18.07 87.50
N LEU N 278 140.15 17.40 86.92
CA LEU N 278 140.90 17.93 85.80
C LEU N 278 140.59 17.23 84.48
N ASP N 279 140.60 17.98 83.37
CA ASP N 279 140.42 17.38 82.05
C ASP N 279 141.77 16.78 81.61
N ALA N 280 141.84 16.27 80.39
CA ALA N 280 143.08 15.67 79.86
C ALA N 280 144.27 16.67 79.82
N ASP N 281 143.99 17.94 79.51
CA ASP N 281 145.01 19.01 79.44
C ASP N 281 145.54 19.39 80.82
N GLY N 282 144.72 19.18 81.84
CA GLY N 282 145.03 19.49 83.22
C GLY N 282 144.25 20.68 83.77
N THR N 283 143.35 21.27 82.97
CA THR N 283 142.53 22.40 83.40
C THR N 283 141.53 21.96 84.44
N VAL N 284 141.32 22.78 85.48
CA VAL N 284 140.38 22.44 86.55
C VAL N 284 138.95 22.73 86.10
N LEU N 285 138.06 21.74 86.25
CA LEU N 285 136.64 21.83 85.86
C LEU N 285 135.73 21.95 87.06
N LEU N 286 136.09 21.33 88.18
CA LEU N 286 135.31 21.41 89.41
C LEU N 286 136.23 21.21 90.60
N SER N 287 135.96 21.89 91.71
CA SER N 287 136.76 21.74 92.93
C SER N 287 135.84 21.55 94.13
N ALA N 288 136.10 20.51 94.94
CA ALA N 288 135.31 20.16 96.11
C ALA N 288 136.23 20.20 97.32
N MET N 289 136.24 21.35 98.02
CA MET N 289 137.08 21.60 99.19
C MET N 289 136.45 21.10 100.48
N GLY N 290 137.26 20.54 101.36
CA GLY N 290 136.78 20.07 102.66
C GLY N 290 135.87 18.88 102.60
N LEU N 291 136.11 17.97 101.67
CA LEU N 291 135.32 16.75 101.56
C LEU N 291 135.52 15.90 102.81
N GLN N 292 134.59 15.91 103.77
CA GLN N 292 134.78 15.16 105.02
C GLN N 292 134.23 13.74 104.91
N LEU N 293 135.02 12.78 105.37
CA LEU N 293 134.67 11.36 105.40
C LEU N 293 134.78 10.88 106.81
N GLY N 294 134.00 9.87 107.18
CA GLY N 294 134.07 9.37 108.54
C GLY N 294 133.58 7.96 108.77
N THR N 295 133.87 7.48 109.98
CA THR N 295 133.54 6.14 110.47
C THR N 295 132.02 6.07 110.72
N GLY N 296 131.42 4.94 110.34
CA GLY N 296 129.99 4.71 110.49
C GLY N 296 129.44 4.87 111.90
N ASN N 297 130.21 4.47 112.91
CA ASN N 297 129.80 4.59 114.32
C ASN N 297 131.01 4.75 115.26
N SER N 298 130.73 5.05 116.54
CA SER N 298 131.73 5.32 117.60
C SER N 298 132.62 4.12 117.90
N ASP N 299 133.67 4.36 118.71
CA ASP N 299 134.60 3.32 119.14
C ASP N 299 133.94 2.41 120.21
N LYS N 300 132.80 2.85 120.81
CA LYS N 300 132.05 2.08 121.81
C LYS N 300 131.06 1.14 121.11
N ALA N 301 130.45 1.59 119.99
CA ALA N 301 129.53 0.77 119.17
C ALA N 301 130.29 -0.30 118.37
N GLU N 302 131.61 -0.10 118.14
CA GLU N 302 132.48 -1.06 117.45
C GLU N 302 132.75 -2.24 118.37
N GLU N 303 133.03 -1.95 119.66
CA GLU N 303 133.26 -2.97 120.69
C GLU N 303 132.04 -3.85 120.84
N GLU N 304 130.87 -3.20 121.06
CA GLU N 304 129.57 -3.87 121.20
C GLU N 304 129.29 -4.80 120.01
N ARG N 305 129.64 -4.37 118.79
CA ARG N 305 129.43 -5.18 117.58
C ARG N 305 130.44 -6.34 117.51
N LEU N 306 131.71 -6.10 117.89
CA LEU N 306 132.74 -7.16 117.87
C LEU N 306 132.41 -8.26 118.86
N LEU N 307 132.08 -7.87 120.08
CA LEU N 307 131.68 -8.76 121.17
C LEU N 307 130.55 -9.73 120.73
N ASP N 308 129.55 -9.25 119.98
CA ASP N 308 128.43 -10.08 119.54
C ASP N 308 128.83 -11.03 118.40
N GLU N 309 129.86 -10.66 117.61
CA GLU N 309 130.40 -11.50 116.54
C GLU N 309 131.11 -12.69 117.14
N ARG N 310 131.93 -12.41 118.18
CA ARG N 310 132.80 -13.36 118.84
C ARG N 310 132.11 -14.39 119.79
N LEU N 311 130.95 -14.06 120.39
CA LEU N 311 130.28 -14.98 121.33
C LEU N 311 129.80 -16.27 120.70
N LEU N 312 129.72 -17.35 121.50
CA LEU N 312 129.25 -18.67 121.08
C LEU N 312 128.59 -19.45 122.22
N THR N 313 127.37 -19.97 121.95
CA THR N 313 126.59 -20.79 122.87
C THR N 313 126.15 -22.06 122.22
N ILE N 314 125.87 -23.04 123.07
CA ILE N 314 125.30 -24.32 122.64
C ILE N 314 123.81 -24.31 122.96
N GLU N 315 122.97 -24.65 121.97
CA GLU N 315 121.52 -24.65 122.16
C GLU N 315 120.95 -25.93 121.54
N TRP N 316 120.00 -26.54 122.25
CA TRP N 316 119.43 -27.83 121.95
C TRP N 316 118.04 -27.71 121.33
N GLN N 317 117.73 -28.60 120.37
CA GLN N 317 116.51 -28.57 119.58
C GLN N 317 115.70 -29.82 119.69
N GLN N 318 114.39 -29.72 120.01
CA GLN N 318 113.53 -30.90 120.06
C GLN N 318 113.46 -31.45 118.64
N ARG N 319 114.01 -32.65 118.41
CA ARG N 319 114.07 -33.24 117.07
C ARG N 319 113.37 -34.61 117.02
N GLU N 320 113.09 -35.08 115.78
CA GLU N 320 112.46 -36.37 115.50
C GLU N 320 113.41 -37.21 114.66
N LEU N 321 113.46 -38.52 114.94
CA LEU N 321 114.36 -39.45 114.25
C LEU N 321 113.89 -39.75 112.86
N PRO N 322 114.80 -40.02 111.91
CA PRO N 322 114.35 -40.43 110.57
C PRO N 322 113.95 -41.90 110.57
N ARG N 323 113.32 -42.33 109.48
CA ARG N 323 112.86 -43.71 109.32
C ARG N 323 113.64 -44.38 108.19
N PRO N 324 114.61 -45.27 108.49
CA PRO N 324 115.38 -45.92 107.41
C PRO N 324 114.57 -47.01 106.69
N GLY N 333 123.38 -55.35 109.75
CA GLY N 333 124.73 -55.04 110.22
C GLY N 333 124.97 -55.42 111.68
N SER N 334 126.19 -55.90 112.00
CA SER N 334 126.53 -56.33 113.36
C SER N 334 126.84 -55.13 114.28
N TRP N 335 126.77 -55.35 115.60
CA TRP N 335 127.02 -54.32 116.61
C TRP N 335 127.85 -54.84 117.78
N LEU N 336 128.35 -53.92 118.63
CA LEU N 336 129.15 -54.24 119.82
C LEU N 336 128.86 -53.25 120.95
N VAL N 337 128.22 -53.70 122.04
CA VAL N 337 127.95 -52.88 123.22
C VAL N 337 129.09 -53.13 124.21
N ILE N 338 129.77 -52.07 124.65
CA ILE N 338 130.94 -52.16 125.53
C ILE N 338 130.67 -51.31 126.79
N LEU N 339 131.13 -51.78 127.97
CA LEU N 339 130.91 -51.09 129.25
C LEU N 339 132.16 -50.34 129.76
N ALA N 340 132.00 -49.50 130.83
CA ALA N 340 133.10 -48.78 131.50
C ALA N 340 133.19 -49.13 133.03
N GLY N 341 132.30 -49.98 133.55
CA GLY N 341 132.28 -50.41 134.95
C GLY N 341 131.64 -51.78 135.07
N ASP N 342 132.46 -52.81 135.40
CA ASP N 342 132.03 -54.21 135.47
C ASP N 342 131.36 -54.53 136.80
N ASP N 343 131.93 -54.06 137.93
CA ASP N 343 131.36 -54.32 139.26
C ASP N 343 129.97 -53.63 139.42
N ASP N 344 129.68 -52.59 138.60
CA ASP N 344 128.37 -51.93 138.56
C ASP N 344 127.55 -52.62 137.46
N GLU N 345 126.34 -53.10 137.80
CA GLU N 345 125.48 -53.78 136.83
C GLU N 345 124.59 -52.75 136.15
N ASN N 346 124.88 -52.41 134.88
CA ASN N 346 124.15 -51.37 134.14
C ASN N 346 122.87 -51.89 133.50
N PRO N 347 121.66 -51.50 133.98
CA PRO N 347 120.43 -51.92 133.28
C PRO N 347 120.32 -51.28 131.89
N ARG N 348 120.95 -50.08 131.69
CA ARG N 348 120.98 -49.40 130.39
C ARG N 348 121.73 -50.27 129.39
N ALA N 349 122.88 -50.82 129.79
CA ALA N 349 123.68 -51.70 128.91
C ALA N 349 122.91 -52.98 128.60
N ALA N 350 122.24 -53.56 129.61
CA ALA N 350 121.45 -54.79 129.45
C ALA N 350 120.27 -54.58 128.51
N GLY N 351 119.50 -53.51 128.77
CA GLY N 351 118.34 -53.14 127.97
C GLY N 351 118.67 -52.75 126.54
N VAL N 352 119.88 -52.21 126.30
CA VAL N 352 120.32 -51.80 124.95
C VAL N 352 120.64 -53.06 124.13
N VAL N 353 121.37 -54.02 124.71
CA VAL N 353 121.74 -55.25 124.01
C VAL N 353 120.47 -56.05 123.67
N SER N 354 119.49 -56.10 124.60
CA SER N 354 118.24 -56.83 124.37
C SER N 354 117.41 -56.19 123.24
N ALA N 355 117.39 -54.84 123.18
CA ALA N 355 116.62 -54.10 122.18
C ALA N 355 117.27 -54.22 120.78
N LEU N 356 118.62 -54.27 120.70
CA LEU N 356 119.31 -54.44 119.40
C LEU N 356 119.05 -55.83 118.84
N ILE N 357 119.10 -56.85 119.70
CA ILE N 357 118.83 -58.23 119.31
C ILE N 357 117.33 -58.35 118.97
N GLY N 358 116.49 -57.61 119.70
CA GLY N 358 115.06 -57.55 119.42
C GLY N 358 114.75 -56.94 118.07
N ALA N 359 115.55 -55.93 117.65
CA ALA N 359 115.42 -55.28 116.35
C ALA N 359 115.87 -56.21 115.21
N GLY N 360 116.77 -57.14 115.52
CA GLY N 360 117.29 -58.12 114.58
C GLY N 360 118.72 -57.88 114.12
N MET N 361 119.57 -57.36 115.02
CA MET N 361 120.99 -57.08 114.74
C MET N 361 121.87 -58.01 115.57
N PRO N 362 122.87 -58.68 114.98
CA PRO N 362 123.72 -59.55 115.81
C PRO N 362 124.65 -58.72 116.68
N THR N 363 124.32 -58.64 117.97
CA THR N 363 125.04 -57.84 118.95
C THR N 363 125.95 -58.71 119.82
N THR N 364 127.15 -58.18 120.14
CA THR N 364 128.14 -58.81 121.01
C THR N 364 128.35 -57.86 122.19
N THR N 365 128.87 -58.34 123.33
CA THR N 365 129.07 -57.48 124.50
C THR N 365 130.47 -57.64 125.07
N MET N 366 131.10 -56.50 125.39
CA MET N 366 132.46 -56.42 125.96
C MET N 366 132.34 -55.80 127.36
N ALA N 367 133.25 -56.15 128.26
CA ALA N 367 133.22 -55.69 129.64
C ALA N 367 134.55 -55.10 130.06
N TRP N 368 134.88 -53.92 129.51
CA TRP N 368 136.10 -53.23 129.87
C TRP N 368 135.80 -52.42 131.13
N SER N 369 136.60 -52.61 132.18
CA SER N 369 136.42 -51.89 133.43
C SER N 369 137.74 -51.33 133.94
N HIS N 370 137.65 -50.38 134.87
CA HIS N 370 138.85 -49.80 135.49
C HIS N 370 139.47 -50.87 136.38
N ASP N 371 140.75 -50.71 136.75
CA ASP N 371 141.47 -51.70 137.59
C ASP N 371 141.43 -53.11 136.95
N ALA N 372 141.70 -53.17 135.64
CA ALA N 372 141.73 -54.40 134.85
C ALA N 372 142.89 -54.34 133.86
N ASP N 373 143.41 -55.51 133.40
CA ASP N 373 144.54 -55.53 132.45
C ASP N 373 144.09 -54.85 131.15
N HIS N 374 144.44 -53.56 131.03
CA HIS N 374 144.01 -52.74 129.90
C HIS N 374 144.69 -53.15 128.61
N ASP N 375 145.97 -53.57 128.66
CA ASP N 375 146.68 -54.01 127.45
C ASP N 375 146.07 -55.28 126.89
N ALA N 376 145.61 -56.18 127.77
CA ALA N 376 144.96 -57.43 127.39
C ALA N 376 143.54 -57.19 126.88
N GLN N 377 142.80 -56.29 127.52
CA GLN N 377 141.43 -55.96 127.09
C GLN N 377 141.45 -55.17 125.78
N ALA N 378 142.49 -54.34 125.57
CA ALA N 378 142.68 -53.57 124.33
C ALA N 378 142.92 -54.49 123.17
N ALA N 379 143.68 -55.58 123.41
CA ALA N 379 143.97 -56.59 122.41
C ALA N 379 142.73 -57.40 122.08
N ALA N 380 141.91 -57.70 123.12
CA ALA N 380 140.65 -58.42 122.98
C ALA N 380 139.67 -57.65 122.13
N LEU N 381 139.62 -56.34 122.28
CA LEU N 381 138.75 -55.47 121.48
C LEU N 381 139.19 -55.46 120.02
N THR N 382 140.47 -55.12 119.76
CA THR N 382 141.05 -55.07 118.42
C THR N 382 140.85 -56.41 117.68
N ALA N 383 140.79 -57.53 118.42
CA ALA N 383 140.52 -58.83 117.84
C ALA N 383 139.07 -58.96 117.38
N ARG N 384 138.10 -58.49 118.19
CA ARG N 384 136.66 -58.55 117.86
C ARG N 384 136.33 -57.74 116.61
N LEU N 385 137.06 -56.66 116.38
CA LEU N 385 136.86 -55.78 115.23
C LEU N 385 137.36 -56.42 113.95
N ASP N 386 138.54 -57.06 114.01
CA ASP N 386 139.14 -57.74 112.86
C ASP N 386 138.42 -59.06 112.56
N GLU N 387 137.77 -59.64 113.58
CA GLU N 387 137.02 -60.91 113.47
C GLU N 387 135.76 -60.72 112.64
N GLN N 388 134.91 -59.76 113.02
CA GLN N 388 133.64 -59.50 112.34
C GLN N 388 133.50 -58.03 111.94
N PRO N 389 132.95 -57.73 110.74
CA PRO N 389 132.73 -56.33 110.37
C PRO N 389 131.46 -55.84 111.01
N LEU N 390 131.54 -54.77 111.82
CA LEU N 390 130.37 -54.22 112.52
C LEU N 390 130.09 -52.78 112.08
N ALA N 391 128.81 -52.41 112.14
CA ALA N 391 128.34 -51.09 111.73
C ALA N 391 128.68 -50.04 112.77
N GLY N 392 128.39 -50.33 114.04
CA GLY N 392 128.64 -49.39 115.12
C GLY N 392 129.07 -50.03 116.43
N VAL N 393 129.67 -49.20 117.31
CA VAL N 393 130.15 -49.59 118.64
C VAL N 393 129.55 -48.63 119.67
N ALA N 394 128.75 -49.14 120.61
CA ALA N 394 128.10 -48.33 121.63
C ALA N 394 128.80 -48.45 122.98
N VAL N 395 129.48 -47.39 123.44
CA VAL N 395 130.20 -47.37 124.71
C VAL N 395 129.26 -46.89 125.84
N ILE N 396 128.86 -47.80 126.73
CA ILE N 396 127.97 -47.48 127.86
C ILE N 396 128.84 -47.10 129.07
N VAL N 397 128.74 -45.85 129.54
CA VAL N 397 129.54 -45.39 130.67
C VAL N 397 128.75 -45.62 131.97
N GLY N 398 129.35 -46.36 132.90
CA GLY N 398 128.73 -46.69 134.19
C GLY N 398 128.63 -45.55 135.19
N ASP N 399 127.50 -45.51 135.91
CA ASP N 399 127.25 -44.51 136.93
C ASP N 399 127.39 -45.16 138.29
N SER N 400 128.27 -44.63 139.13
CA SER N 400 128.49 -45.15 140.48
C SER N 400 127.23 -44.98 141.35
N GLU N 401 126.83 -46.05 142.06
CA GLU N 401 125.65 -46.09 142.93
C GLU N 401 124.38 -45.74 142.14
N HIS N 407 125.10 -37.71 144.94
CA HIS N 407 124.99 -36.25 145.01
C HIS N 407 126.35 -35.59 145.27
N ASP N 408 127.36 -36.28 145.88
CA ASP N 408 128.64 -35.62 146.19
C ASP N 408 129.45 -35.33 144.93
N VAL N 409 129.77 -34.03 144.70
CA VAL N 409 130.52 -33.56 143.54
C VAL N 409 131.99 -33.91 143.71
N GLY N 410 132.52 -33.74 144.91
CA GLY N 410 133.90 -34.07 145.23
C GLY N 410 134.29 -35.44 144.72
N ALA N 411 133.41 -36.43 144.91
CA ALA N 411 133.61 -37.80 144.43
C ALA N 411 133.48 -37.88 142.92
N ASP N 412 132.47 -37.21 142.34
CA ASP N 412 132.24 -37.21 140.90
C ASP N 412 133.40 -36.51 140.15
N ALA N 413 134.08 -35.54 140.79
CA ALA N 413 135.23 -34.84 140.19
C ALA N 413 136.43 -35.78 140.08
N ARG N 414 136.66 -36.61 141.12
CA ARG N 414 137.77 -37.56 141.13
C ARG N 414 137.44 -38.69 140.15
N ARG N 415 136.17 -39.17 140.13
CA ARG N 415 135.70 -40.22 139.23
C ARG N 415 135.71 -39.79 137.78
N GLY N 416 135.43 -38.51 137.53
CA GLY N 416 135.40 -37.95 136.18
C GLY N 416 136.69 -38.09 135.43
N ALA N 417 137.83 -38.04 136.17
CA ALA N 417 139.18 -38.22 135.64
C ALA N 417 139.37 -39.63 135.12
N ASP N 418 138.98 -40.63 135.94
CA ASP N 418 139.09 -42.05 135.64
C ASP N 418 138.28 -42.38 134.38
N HIS N 419 137.09 -41.79 134.20
CA HIS N 419 136.28 -42.02 133.00
C HIS N 419 136.98 -41.52 131.73
N VAL N 420 137.67 -40.36 131.81
CA VAL N 420 138.39 -39.79 130.67
C VAL N 420 139.55 -40.72 130.32
N ARG N 421 140.41 -41.07 131.30
CA ARG N 421 141.54 -41.98 131.07
C ARG N 421 141.07 -43.22 130.39
N HIS N 422 139.91 -43.74 130.83
CA HIS N 422 139.36 -45.00 130.32
C HIS N 422 138.76 -44.85 128.92
N LEU N 423 138.06 -43.74 128.63
CA LEU N 423 137.49 -43.56 127.29
C LEU N 423 138.62 -43.28 126.28
N VAL N 424 139.76 -42.72 126.74
CA VAL N 424 140.92 -42.55 125.88
C VAL N 424 141.41 -43.94 125.48
N ARG N 425 141.54 -44.88 126.45
CA ARG N 425 142.00 -46.25 126.20
C ARG N 425 141.13 -46.92 125.13
N ILE N 426 139.78 -46.77 125.24
CA ILE N 426 138.80 -47.35 124.30
C ILE N 426 138.89 -46.66 122.94
N ALA N 427 138.76 -45.34 122.94
CA ALA N 427 138.82 -44.53 121.71
C ALA N 427 140.02 -44.87 120.84
N ARG N 428 141.21 -44.94 121.46
CA ARG N 428 142.47 -45.21 120.79
C ARG N 428 142.41 -46.50 119.98
N THR N 429 142.03 -47.61 120.65
CA THR N 429 141.99 -48.92 120.00
C THR N 429 141.01 -48.94 118.80
N LEU N 430 139.93 -48.13 118.82
CA LEU N 430 138.99 -48.04 117.68
C LEU N 430 139.63 -47.28 116.51
N ALA N 431 140.39 -46.23 116.82
CA ALA N 431 141.11 -45.44 115.84
C ALA N 431 142.16 -46.30 115.15
N ASP N 432 142.88 -47.12 115.94
CA ASP N 432 143.89 -48.06 115.43
C ASP N 432 143.20 -49.33 114.92
N ALA N 433 142.44 -49.16 113.81
CA ALA N 433 141.67 -50.21 113.15
C ALA N 433 142.23 -50.43 111.77
N VAL N 434 142.40 -51.71 111.38
CA VAL N 434 142.92 -52.05 110.06
C VAL N 434 141.84 -51.70 109.03
N GLY N 435 140.65 -52.27 109.19
CA GLY N 435 139.52 -52.02 108.30
C GLY N 435 138.91 -50.66 108.50
N GLU N 436 137.72 -50.44 107.89
CA GLU N 436 136.99 -49.16 108.02
C GLU N 436 136.44 -49.03 109.45
N PRO N 437 136.87 -48.02 110.24
CA PRO N 437 136.39 -47.91 111.62
C PRO N 437 134.86 -47.82 111.73
N PRO N 438 134.25 -48.49 112.72
CA PRO N 438 132.80 -48.42 112.92
C PRO N 438 132.38 -47.11 113.60
N ARG N 439 131.08 -46.77 113.57
CA ARG N 439 130.61 -45.54 114.20
C ARG N 439 130.62 -45.64 115.71
N LEU N 440 131.35 -44.74 116.37
CA LEU N 440 131.45 -44.71 117.83
C LEU N 440 130.27 -43.95 118.43
N TYR N 441 129.58 -44.55 119.39
CA TYR N 441 128.46 -43.96 120.10
C TYR N 441 128.75 -44.02 121.60
N VAL N 442 128.96 -42.90 122.30
CA VAL N 442 129.22 -42.91 123.75
C VAL N 442 127.92 -42.54 124.48
N VAL N 443 127.43 -43.42 125.37
CA VAL N 443 126.18 -43.22 126.10
C VAL N 443 126.47 -42.79 127.55
N THR N 444 126.23 -41.50 127.84
CA THR N 444 126.47 -40.91 129.15
C THR N 444 125.17 -40.69 129.96
N HIS N 445 125.28 -40.66 131.29
CA HIS N 445 124.16 -40.46 132.21
C HIS N 445 124.08 -39.00 132.71
N ARG N 446 123.08 -38.24 132.21
CA ARG N 446 122.81 -36.83 132.54
C ARG N 446 124.11 -35.97 132.62
N SER N 447 125.06 -36.26 131.70
CA SER N 447 126.36 -35.59 131.53
C SER N 447 126.26 -34.06 131.57
N GLN N 448 125.38 -33.49 130.72
CA GLN N 448 125.27 -32.06 130.56
C GLN N 448 123.84 -31.55 130.59
N HIS N 449 123.75 -30.22 130.72
CA HIS N 449 122.52 -29.45 130.80
C HIS N 449 121.93 -29.24 129.42
N VAL N 450 120.66 -29.63 129.25
CA VAL N 450 119.92 -29.51 127.98
C VAL N 450 118.60 -28.78 128.30
N LEU N 451 117.74 -29.37 129.13
CA LEU N 451 116.51 -28.70 129.57
C LEU N 451 116.83 -27.80 130.75
N ASP N 452 116.16 -26.63 130.84
CA ASP N 452 116.40 -25.63 131.91
C ASP N 452 116.19 -26.20 133.32
N THR N 453 115.30 -27.18 133.46
CA THR N 453 115.01 -27.83 134.76
C THR N 453 116.15 -28.73 135.27
N ASP N 454 117.00 -29.23 134.36
CA ASP N 454 118.06 -30.19 134.69
C ASP N 454 119.12 -29.72 135.71
N GLU N 455 119.53 -30.66 136.56
CA GLU N 455 120.65 -30.57 137.51
C GLU N 455 121.63 -31.60 136.98
N PRO N 456 122.80 -31.21 136.43
CA PRO N 456 123.66 -32.22 135.80
C PRO N 456 124.29 -33.22 136.76
N TYR N 457 124.40 -34.46 136.28
CA TYR N 457 125.10 -35.55 136.96
C TYR N 457 126.48 -35.51 136.40
N LEU N 458 127.50 -35.27 137.24
CA LEU N 458 128.86 -35.08 136.77
C LEU N 458 129.50 -36.46 136.44
N GLU N 459 130.82 -36.68 136.62
CA GLU N 459 131.51 -37.92 136.20
C GLU N 459 131.68 -37.90 134.67
N HIS N 460 130.56 -38.01 133.95
CA HIS N 460 130.51 -38.04 132.49
C HIS N 460 130.57 -36.64 131.89
N SER N 461 130.51 -35.58 132.72
CA SER N 461 130.56 -34.20 132.24
C SER N 461 131.81 -33.94 131.41
N GLY N 462 132.96 -34.43 131.90
CA GLY N 462 134.25 -34.27 131.23
C GLY N 462 134.39 -34.95 129.89
N LEU N 463 133.62 -36.01 129.63
CA LEU N 463 133.72 -36.79 128.39
C LEU N 463 133.23 -36.07 127.13
N ARG N 464 132.35 -35.04 127.24
CA ARG N 464 131.82 -34.36 126.05
C ARG N 464 132.90 -33.59 125.25
N GLY N 465 134.02 -33.24 125.89
CA GLY N 465 135.15 -32.58 125.24
C GLY N 465 136.08 -33.57 124.57
N LEU N 466 136.24 -34.74 125.17
CA LEU N 466 137.05 -35.81 124.61
C LEU N 466 136.47 -36.32 123.31
N ILE N 467 135.15 -36.66 123.29
CA ILE N 467 134.43 -37.19 122.11
C ILE N 467 134.47 -36.15 120.98
N ARG N 468 134.40 -34.88 121.33
CA ARG N 468 134.42 -33.80 120.34
C ARG N 468 135.79 -33.75 119.67
N VAL N 469 136.87 -34.07 120.43
CA VAL N 469 138.26 -34.12 119.97
C VAL N 469 138.54 -35.43 119.23
N VAL N 470 138.04 -36.57 119.73
CA VAL N 470 138.20 -37.85 119.01
C VAL N 470 137.49 -37.79 117.63
N GLY N 471 136.31 -37.11 117.54
CA GLY N 471 135.59 -36.89 116.29
C GLY N 471 136.40 -36.08 115.30
N MET N 472 137.34 -35.27 115.80
CA MET N 472 138.23 -34.44 114.98
C MET N 472 139.55 -35.13 114.72
N GLU N 473 140.10 -35.87 115.69
CA GLU N 473 141.35 -36.60 115.46
C GLU N 473 141.07 -37.83 114.58
N HIS N 474 139.83 -38.32 114.60
CA HIS N 474 139.40 -39.47 113.84
C HIS N 474 137.97 -39.29 113.37
N PRO N 475 137.77 -38.60 112.25
CA PRO N 475 136.39 -38.45 111.77
C PRO N 475 135.82 -39.70 111.09
N ARG N 476 136.67 -40.70 110.73
CA ARG N 476 136.21 -41.96 110.10
C ARG N 476 135.13 -42.56 111.00
N LEU N 477 135.48 -42.79 112.26
CA LEU N 477 134.52 -43.20 113.27
C LEU N 477 133.79 -41.93 113.70
N ARG N 478 132.53 -41.75 113.28
CA ARG N 478 131.80 -40.51 113.58
C ARG N 478 131.44 -40.50 115.07
N ALA N 479 132.29 -39.85 115.88
CA ALA N 479 132.13 -39.79 117.32
C ALA N 479 130.82 -39.08 117.71
N THR N 480 129.82 -39.88 118.12
CA THR N 480 128.50 -39.42 118.55
C THR N 480 128.34 -39.60 120.06
N GLN N 481 127.72 -38.64 120.73
CA GLN N 481 127.46 -38.67 122.16
C GLN N 481 125.95 -38.74 122.37
N ILE N 482 125.48 -39.60 123.29
CA ILE N 482 124.06 -39.74 123.61
C ILE N 482 123.89 -39.51 125.11
N ASP N 483 123.47 -38.29 125.52
CA ASP N 483 123.26 -37.99 126.93
C ASP N 483 121.84 -38.44 127.36
N VAL N 484 121.77 -39.55 128.06
CA VAL N 484 120.55 -40.21 128.48
C VAL N 484 120.21 -39.89 129.93
N ASP N 485 118.90 -39.88 130.27
CA ASP N 485 118.43 -39.72 131.64
C ASP N 485 117.89 -41.08 132.11
N ASP N 486 117.47 -41.18 133.38
CA ASP N 486 116.97 -42.43 133.91
C ASP N 486 115.66 -42.84 133.22
N SER N 487 114.70 -41.90 133.12
CA SER N 487 113.41 -42.13 132.47
C SER N 487 113.46 -41.86 130.96
N THR N 488 113.50 -42.90 130.12
CA THR N 488 113.54 -42.71 128.65
C THR N 488 113.15 -43.95 127.82
N ALA N 489 113.52 -45.19 128.28
CA ALA N 489 113.25 -46.49 127.63
C ALA N 489 114.35 -46.81 126.60
N HIS N 490 114.74 -48.07 126.56
CA HIS N 490 115.81 -48.56 125.69
C HIS N 490 115.33 -48.73 124.25
N GLU N 491 114.02 -49.03 124.04
CA GLU N 491 113.40 -49.21 122.72
C GLU N 491 113.57 -47.96 121.85
N ALA N 492 113.52 -46.77 122.47
CA ALA N 492 113.68 -45.49 121.80
C ALA N 492 115.15 -45.11 121.62
N LEU N 493 116.03 -45.57 122.52
CA LEU N 493 117.46 -45.28 122.42
C LEU N 493 118.09 -46.00 121.24
N VAL N 494 117.84 -47.33 121.09
CA VAL N 494 118.39 -48.11 119.97
C VAL N 494 117.83 -47.60 118.63
N ARG N 495 116.62 -47.01 118.66
CA ARG N 495 116.01 -46.40 117.49
C ARG N 495 116.98 -45.37 116.88
N GLN N 496 117.72 -44.62 117.74
CA GLN N 496 118.74 -43.64 117.31
C GLN N 496 119.96 -44.31 116.70
N LEU N 497 120.47 -45.36 117.38
CA LEU N 497 121.64 -46.11 116.94
C LEU N 497 121.44 -46.68 115.52
N LEU N 498 120.24 -47.20 115.25
CA LEU N 498 119.88 -47.84 113.99
C LEU N 498 119.35 -46.86 112.91
N SER N 499 118.83 -45.65 113.30
CA SER N 499 118.36 -44.66 112.31
C SER N 499 119.53 -44.08 111.51
N GLY N 500 120.69 -43.95 112.16
CA GLY N 500 121.90 -43.43 111.54
C GLY N 500 121.82 -41.96 111.17
N SER N 501 121.34 -41.14 112.10
CA SER N 501 121.26 -39.70 111.86
C SER N 501 122.66 -39.13 111.99
N PRO N 502 123.05 -38.10 111.21
CA PRO N 502 124.42 -37.57 111.32
C PRO N 502 124.71 -36.73 112.57
N GLU N 503 123.75 -36.56 113.52
CA GLU N 503 123.93 -35.75 114.74
C GLU N 503 125.03 -36.32 115.66
N ASP N 504 126.03 -35.48 116.04
CA ASP N 504 127.17 -35.89 116.87
C ASP N 504 126.93 -35.61 118.36
N GLU N 505 126.18 -34.55 118.72
CA GLU N 505 125.85 -34.25 120.11
C GLU N 505 124.35 -34.37 120.26
N THR N 506 123.87 -35.39 120.99
CA THR N 506 122.44 -35.66 121.18
C THR N 506 122.12 -36.00 122.62
N ALA N 507 120.84 -35.84 122.98
CA ALA N 507 120.37 -36.11 124.33
C ALA N 507 118.96 -36.65 124.31
N TRP N 508 118.60 -37.32 125.40
CA TRP N 508 117.29 -37.94 125.56
C TRP N 508 116.70 -37.56 126.90
N ARG N 509 115.56 -36.86 126.86
CA ARG N 509 114.87 -36.40 128.05
C ARG N 509 113.41 -36.82 127.93
N ASP N 510 113.04 -37.90 128.68
CA ASP N 510 111.73 -38.58 128.61
C ASP N 510 111.69 -39.25 127.21
N GLY N 511 110.55 -39.22 126.51
CA GLY N 511 110.46 -39.79 125.18
C GLY N 511 110.92 -38.86 124.06
N GLN N 512 111.44 -37.66 124.40
CA GLN N 512 111.85 -36.68 123.41
C GLN N 512 113.35 -36.77 123.20
N TRP N 513 113.76 -36.66 121.94
CA TRP N 513 115.16 -36.68 121.48
C TRP N 513 115.57 -35.27 121.20
N TYR N 514 116.75 -34.89 121.65
CA TYR N 514 117.25 -33.55 121.46
C TYR N 514 118.52 -33.61 120.67
N ALA N 515 118.87 -32.48 120.08
CA ALA N 515 120.08 -32.36 119.30
C ALA N 515 120.60 -30.95 119.43
N ALA N 516 121.88 -30.82 119.75
CA ALA N 516 122.53 -29.54 119.96
C ALA N 516 122.89 -28.87 118.64
N ARG N 517 123.32 -27.61 118.75
CA ARG N 517 123.84 -26.86 117.61
C ARG N 517 124.55 -25.59 118.10
N LEU N 518 125.55 -25.16 117.33
CA LEU N 518 126.39 -24.01 117.65
C LEU N 518 125.79 -22.73 117.10
N CYS N 519 125.75 -21.66 117.92
CA CYS N 519 125.22 -20.34 117.52
C CYS N 519 125.83 -19.20 118.40
N PRO N 520 125.65 -17.89 118.06
CA PRO N 520 126.33 -16.81 118.83
C PRO N 520 125.40 -15.89 119.70
N SER N 521 125.89 -14.64 119.99
CA SER N 521 125.25 -13.42 120.52
C SER N 521 124.67 -13.42 121.97
N PRO N 522 124.95 -12.36 122.83
CA PRO N 522 124.32 -12.29 124.19
C PRO N 522 123.09 -11.38 124.20
N LEU N 523 121.94 -11.94 123.81
CA LEU N 523 120.67 -11.20 123.68
C LEU N 523 120.21 -10.63 125.01
N ARG N 524 120.44 -9.31 125.22
CA ARG N 524 120.06 -8.59 126.44
C ARG N 524 118.61 -8.86 126.88
N ALA N 525 117.72 -9.20 125.94
CA ALA N 525 116.34 -9.52 126.26
C ALA N 525 116.26 -10.49 127.47
N ALA N 526 116.79 -11.72 127.30
CA ALA N 526 116.73 -12.77 128.32
C ALA N 526 118.04 -12.95 129.11
N GLU N 527 119.20 -12.94 128.41
CA GLU N 527 120.53 -13.19 129.02
C GLU N 527 120.89 -12.19 130.16
N ARG N 528 120.25 -11.03 130.19
CA ARG N 528 120.51 -10.00 131.19
C ARG N 528 120.11 -10.43 132.61
N ARG N 529 120.76 -9.86 133.63
CA ARG N 529 120.53 -10.18 135.04
C ARG N 529 119.11 -9.89 135.44
N THR N 530 118.66 -10.61 136.46
CA THR N 530 117.32 -10.51 137.05
C THR N 530 117.48 -10.53 138.55
N ALA N 531 116.50 -10.01 139.26
CA ALA N 531 116.52 -9.98 140.71
C ALA N 531 115.12 -9.77 141.25
N VAL N 532 114.98 -9.83 142.58
CA VAL N 532 113.73 -9.56 143.27
C VAL N 532 114.04 -8.45 144.26
N ALA N 533 113.23 -7.40 144.25
CA ALA N 533 113.45 -6.24 145.09
C ALA N 533 112.17 -5.82 145.80
N ASP N 534 112.33 -5.23 146.99
CA ASP N 534 111.22 -4.79 147.81
C ASP N 534 110.54 -3.61 147.14
N ASN N 535 109.27 -3.44 147.40
CA ASN N 535 108.56 -2.31 146.84
C ASN N 535 108.76 -1.06 147.74
N ALA N 536 108.70 -1.23 149.08
CA ALA N 536 108.79 -0.11 150.03
C ALA N 536 110.18 0.48 150.07
N SER N 537 111.18 -0.39 149.97
CA SER N 537 112.60 -0.05 149.93
C SER N 537 113.11 -0.42 148.54
N GLU N 538 114.37 -0.08 148.20
CA GLU N 538 115.03 -0.43 146.94
C GLU N 538 114.33 0.19 145.70
N GLY N 539 115.09 0.88 144.86
CA GLY N 539 114.51 1.52 143.67
C GLY N 539 114.06 0.58 142.58
N MET N 540 112.85 0.83 142.03
CA MET N 540 112.30 0.02 140.93
C MET N 540 111.47 0.93 139.99
N ARG N 541 111.99 1.18 138.77
CA ARG N 541 111.41 2.09 137.78
C ARG N 541 110.90 1.30 136.60
N LEU N 542 109.96 1.87 135.88
CA LEU N 542 109.35 1.24 134.72
C LEU N 542 109.80 1.97 133.45
N VAL N 543 110.22 1.22 132.42
CA VAL N 543 110.70 1.82 131.17
C VAL N 543 110.56 0.80 130.00
N VAL N 544 110.78 1.25 128.74
CA VAL N 544 110.77 0.37 127.56
C VAL N 544 112.20 0.13 127.10
N ARG N 545 112.45 -1.07 126.56
CA ARG N 545 113.76 -1.45 126.03
C ARG N 545 113.93 -0.79 124.66
N ASN N 546 112.89 -0.86 123.82
CA ASN N 546 112.86 -0.27 122.49
C ASN N 546 111.43 0.21 122.15
N PRO N 547 111.20 1.54 122.04
CA PRO N 547 109.85 2.02 121.71
C PRO N 547 109.28 1.48 120.41
N GLY N 548 107.95 1.44 120.33
CA GLY N 548 107.20 0.90 119.21
C GLY N 548 106.47 -0.36 119.64
N ASP N 549 107.17 -1.22 120.38
CA ASP N 549 106.66 -2.49 120.90
C ASP N 549 106.24 -2.31 122.34
N LEU N 550 104.97 -2.58 122.69
CA LEU N 550 104.55 -2.47 124.10
C LEU N 550 105.00 -3.69 124.92
N GLU N 551 105.34 -4.83 124.24
CA GLU N 551 105.87 -5.99 124.95
C GLU N 551 107.25 -5.66 125.54
N SER N 552 107.96 -4.64 125.00
CA SER N 552 109.27 -4.21 125.48
C SER N 552 109.22 -3.51 126.84
N MET N 553 108.02 -3.10 127.32
CA MET N 553 107.86 -2.45 128.62
C MET N 553 108.34 -3.37 129.72
N GLU N 554 109.28 -2.92 130.55
CA GLU N 554 109.84 -3.77 131.59
C GLU N 554 110.20 -2.99 132.82
N LEU N 555 110.12 -3.64 133.99
CA LEU N 555 110.49 -3.03 135.26
C LEU N 555 112.02 -3.07 135.32
N VAL N 556 112.65 -2.01 135.80
CA VAL N 556 114.11 -1.93 135.86
C VAL N 556 114.52 -1.42 137.24
N THR N 557 115.73 -1.77 137.69
CA THR N 557 116.23 -1.35 139.01
C THR N 557 117.23 -0.21 138.88
N PHE N 558 117.23 0.64 139.91
CA PHE N 558 118.11 1.78 140.01
C PHE N 558 118.51 1.99 141.49
N GLU N 559 119.68 2.56 141.73
CA GLU N 559 120.16 2.85 143.07
C GLU N 559 119.62 4.21 143.49
N ARG N 560 118.68 4.24 144.45
CA ARG N 560 118.09 5.49 144.90
C ARG N 560 119.09 6.22 145.81
N GLY N 561 119.71 7.26 145.26
CA GLY N 561 120.73 8.04 145.97
C GLY N 561 120.17 9.23 146.71
N THR N 562 121.03 9.83 147.55
CA THR N 562 120.67 10.99 148.34
C THR N 562 120.35 12.19 147.40
N PRO N 563 119.25 12.90 147.63
CA PRO N 563 118.96 14.05 146.77
C PRO N 563 119.79 15.25 147.19
N GLY N 564 119.78 16.26 146.34
CA GLY N 564 120.45 17.53 146.58
C GLY N 564 121.47 17.85 145.52
N PRO N 565 121.84 19.13 145.37
CA PRO N 565 121.34 20.29 146.12
C PRO N 565 120.08 20.86 145.49
N GLY N 566 119.12 21.22 146.33
CA GLY N 566 117.86 21.79 145.89
C GLY N 566 116.94 20.80 145.21
N GLN N 567 116.96 19.53 145.67
CA GLN N 567 116.14 18.43 145.14
C GLN N 567 115.53 17.65 146.29
N ILE N 568 114.50 16.87 145.98
CA ILE N 568 113.76 16.09 146.97
C ILE N 568 113.47 14.71 146.44
N GLU N 569 113.63 13.69 147.29
CA GLU N 569 113.25 12.32 146.95
C GLU N 569 111.83 12.12 147.45
N VAL N 570 110.94 11.60 146.61
CA VAL N 570 109.53 11.40 146.97
C VAL N 570 109.18 9.93 146.85
N ALA N 571 108.41 9.40 147.81
CA ALA N 571 107.90 8.04 147.77
C ALA N 571 106.57 8.09 147.05
N VAL N 572 106.57 7.77 145.73
CA VAL N 572 105.39 7.92 144.89
C VAL N 572 104.36 6.88 145.22
N LYS N 573 103.16 7.38 145.56
CA LYS N 573 101.99 6.58 145.90
C LYS N 573 101.18 6.32 144.64
N ALA N 574 101.20 7.28 143.69
CA ALA N 574 100.48 7.17 142.42
C ALA N 574 101.01 8.13 141.37
N SER N 575 100.79 7.80 140.11
CA SER N 575 101.20 8.64 138.98
C SER N 575 100.14 8.57 137.91
N SER N 576 100.34 9.24 136.77
CA SER N 576 99.34 9.27 135.72
C SER N 576 99.90 8.95 134.37
N ILE N 577 98.96 8.52 133.52
CA ILE N 577 99.19 8.13 132.15
C ILE N 577 98.59 9.20 131.24
N ASN N 578 99.45 10.09 130.77
CA ASN N 578 99.06 11.15 129.86
C ASN N 578 99.21 10.60 128.47
N PHE N 579 98.65 11.29 127.46
CA PHE N 579 98.78 10.80 126.10
C PHE N 579 100.23 10.89 125.65
N ALA N 580 100.97 11.87 126.19
CA ALA N 580 102.40 12.03 125.91
C ALA N 580 103.18 10.74 126.21
N ASP N 581 102.82 10.04 127.32
CA ASP N 581 103.44 8.78 127.76
C ASP N 581 103.16 7.63 126.79
N VAL N 582 102.05 7.73 126.02
CA VAL N 582 101.69 6.76 124.99
C VAL N 582 102.63 6.93 123.83
N LEU N 583 102.82 8.16 123.41
CA LEU N 583 103.70 8.47 122.28
C LEU N 583 105.12 8.05 122.57
N VAL N 584 105.56 8.20 123.83
CA VAL N 584 106.89 7.77 124.25
C VAL N 584 106.98 6.26 124.03
N ALA N 585 105.95 5.50 124.44
CA ALA N 585 105.91 4.03 124.27
C ALA N 585 106.03 3.63 122.82
N PHE N 586 105.37 4.36 121.94
CA PHE N 586 105.41 4.04 120.51
C PHE N 586 106.58 4.72 119.77
N GLY N 587 107.33 5.59 120.45
CA GLY N 587 108.45 6.31 119.87
C GLY N 587 108.06 7.47 118.98
N ARG N 588 106.78 7.85 119.02
CA ARG N 588 106.24 8.96 118.22
C ARG N 588 106.27 10.30 118.99
N CYS N 589 106.94 10.38 120.16
CA CYS N 589 106.91 11.60 120.94
C CYS N 589 107.93 12.60 120.46
N PRO N 590 107.46 13.83 120.16
CA PRO N 590 108.39 14.88 119.77
C PRO N 590 108.86 15.65 120.98
N SER N 591 110.11 16.05 120.95
CA SER N 591 110.69 16.80 122.05
C SER N 591 111.67 17.85 121.50
N PHE N 592 111.69 19.02 122.16
CA PHE N 592 112.58 20.15 121.82
C PHE N 592 114.02 19.77 122.11
N ASP N 593 114.21 19.04 123.21
CA ASP N 593 115.51 18.52 123.62
C ASP N 593 116.09 17.59 122.53
N GLY N 594 115.22 16.76 121.95
CA GLY N 594 115.58 15.77 120.96
C GLY N 594 115.57 14.39 121.57
N ARG N 595 115.95 14.30 122.85
CA ARG N 595 116.00 13.06 123.62
C ARG N 595 114.59 12.63 123.97
N LEU N 596 114.28 11.32 123.83
CA LEU N 596 112.94 10.80 124.10
C LEU N 596 112.74 10.78 125.61
N PRO N 597 111.67 11.42 126.11
CA PRO N 597 111.49 11.47 127.56
C PRO N 597 111.22 10.11 128.19
N GLU N 598 111.23 10.12 129.52
CA GLU N 598 111.01 8.92 130.32
C GLU N 598 109.51 8.87 130.68
N LEU N 599 109.00 7.64 130.79
CA LEU N 599 107.60 7.34 131.08
C LEU N 599 107.14 7.84 132.45
N GLY N 600 106.12 8.70 132.47
CA GLY N 600 105.55 9.28 133.67
C GLY N 600 106.03 10.69 133.86
N SER N 601 105.11 11.67 133.73
CA SER N 601 105.47 13.09 133.87
C SER N 601 105.14 13.59 135.26
N GLU N 602 103.90 13.36 135.72
CA GLU N 602 103.41 13.82 137.01
C GLU N 602 103.35 12.70 138.01
N PHE N 603 103.25 13.06 139.31
CA PHE N 603 103.21 12.10 140.41
C PHE N 603 102.43 12.67 141.60
N GLY N 604 102.24 11.85 142.61
CA GLY N 604 101.61 12.23 143.87
C GLY N 604 102.15 11.30 144.92
N GLY N 605 102.94 11.82 145.85
CA GLY N 605 103.54 10.97 146.87
C GLY N 605 103.78 11.65 148.19
N VAL N 606 104.81 11.16 148.93
CA VAL N 606 105.20 11.71 150.23
C VAL N 606 106.70 11.91 150.23
N VAL N 607 107.18 13.02 150.82
CA VAL N 607 108.63 13.31 150.80
C VAL N 607 109.39 12.29 151.66
N THR N 608 110.44 11.70 151.09
CA THR N 608 111.31 10.73 151.75
C THR N 608 112.50 11.46 152.36
N ALA N 609 113.20 12.23 151.53
CA ALA N 609 114.38 12.98 151.94
C ALA N 609 114.45 14.28 151.20
N VAL N 610 114.96 15.31 151.87
CA VAL N 610 115.12 16.64 151.31
C VAL N 610 116.62 16.88 151.15
N GLY N 611 117.01 17.28 149.95
CA GLY N 611 118.40 17.54 149.61
C GLY N 611 118.90 18.86 150.16
N PRO N 612 120.19 18.93 150.56
CA PRO N 612 120.72 20.19 151.11
C PRO N 612 120.78 21.32 150.06
N GLY N 613 120.07 22.43 150.23
CA GLY N 613 119.20 22.73 151.36
C GLY N 613 118.02 23.55 150.90
N VAL N 614 116.80 23.12 151.27
CA VAL N 614 115.56 23.82 150.88
C VAL N 614 114.64 23.94 152.09
N THR N 615 114.22 25.19 152.35
CA THR N 615 113.35 25.56 153.45
C THR N 615 111.89 25.25 153.12
N THR N 616 111.55 25.24 151.82
CA THR N 616 110.20 25.04 151.32
C THR N 616 109.60 23.70 151.71
N HIS N 617 110.23 22.59 151.33
CA HIS N 617 109.70 21.27 151.63
C HIS N 617 110.26 20.70 152.92
N ARG N 618 109.48 19.78 153.50
CA ARG N 618 109.79 19.06 154.73
C ARG N 618 109.56 17.57 154.49
N VAL N 619 110.28 16.70 155.21
CA VAL N 619 110.14 15.26 155.06
C VAL N 619 108.80 14.83 155.66
N GLY N 620 108.12 13.93 154.98
CA GLY N 620 106.80 13.46 155.39
C GLY N 620 105.66 14.28 154.82
N ASP N 621 105.97 15.36 154.06
CA ASP N 621 104.93 16.18 153.43
C ASP N 621 104.28 15.42 152.31
N ARG N 622 102.94 15.42 152.27
CA ARG N 622 102.21 14.80 151.15
C ARG N 622 102.29 15.78 149.99
N VAL N 623 103.01 15.42 148.92
CA VAL N 623 103.24 16.32 147.79
C VAL N 623 102.81 15.72 146.47
N GLY N 624 102.69 16.62 145.50
CA GLY N 624 102.38 16.31 144.11
C GLY N 624 103.27 17.19 143.27
N GLY N 625 103.69 16.67 142.13
CA GLY N 625 104.60 17.41 141.28
C GLY N 625 104.86 16.79 139.93
N VAL N 626 105.86 17.34 139.24
CA VAL N 626 106.32 16.91 137.93
C VAL N 626 107.81 16.64 138.04
N SER N 627 108.38 15.78 137.18
CA SER N 627 109.81 15.52 137.29
C SER N 627 110.53 15.04 136.03
N ALA N 628 109.88 14.18 135.20
CA ALA N 628 110.54 13.44 134.13
C ALA N 628 111.32 12.36 134.88
N ASN N 629 112.50 11.90 134.40
CA ASN N 629 113.29 10.90 135.16
C ASN N 629 112.47 9.64 135.59
N GLY N 630 111.31 9.42 134.96
CA GLY N 630 110.45 8.28 135.23
C GLY N 630 109.67 8.40 136.52
N CYS N 631 108.40 8.83 136.43
CA CYS N 631 107.54 8.93 137.60
C CYS N 631 106.80 7.63 137.84
N TRP N 632 107.01 6.63 136.96
CA TRP N 632 106.43 5.30 137.09
C TRP N 632 107.43 4.49 137.88
N SER N 633 107.54 4.84 139.18
CA SER N 633 108.46 4.20 140.13
C SER N 633 108.01 4.43 141.58
N ASN N 634 108.65 3.70 142.51
CA ASN N 634 108.37 3.80 143.94
C ASN N 634 109.06 5.05 144.52
N PHE N 635 110.23 5.46 143.97
CA PHE N 635 110.95 6.65 144.42
C PHE N 635 111.33 7.55 143.24
N VAL N 636 111.13 8.85 143.40
CA VAL N 636 111.44 9.84 142.36
C VAL N 636 112.16 11.00 142.95
N THR N 637 113.28 11.40 142.35
CA THR N 637 114.02 12.57 142.78
C THR N 637 113.63 13.68 141.84
N CYS N 638 113.08 14.79 142.37
CA CYS N 638 112.67 15.96 141.57
C CYS N 638 113.11 17.24 142.27
N GLU N 639 113.16 18.34 141.52
CA GLU N 639 113.56 19.62 142.08
C GLU N 639 112.51 20.16 143.04
N ALA N 640 112.92 21.04 143.95
CA ALA N 640 112.01 21.70 144.90
C ALA N 640 111.03 22.63 144.18
N ASP N 641 111.45 23.16 143.02
CA ASP N 641 110.66 24.03 142.16
C ASP N 641 109.49 23.29 141.53
N LEU N 642 109.51 21.93 141.48
CA LEU N 642 108.47 21.13 140.82
C LEU N 642 107.55 20.36 141.74
N ALA N 643 107.63 20.56 143.04
CA ALA N 643 106.72 19.88 143.94
C ALA N 643 106.05 20.87 144.83
N THR N 644 104.81 20.59 145.18
CA THR N 644 104.03 21.43 146.07
C THR N 644 103.29 20.54 147.02
N LYS N 645 103.03 21.02 148.24
CA LYS N 645 102.28 20.25 149.22
C LYS N 645 100.81 20.23 148.84
N LEU N 646 100.17 19.06 149.02
CA LEU N 646 98.77 18.89 148.67
C LEU N 646 97.87 19.40 149.78
N PRO N 647 96.72 20.02 149.46
CA PRO N 647 95.78 20.41 150.53
C PRO N 647 95.04 19.19 151.11
N GLU N 648 94.31 19.39 152.21
CA GLU N 648 93.60 18.30 152.88
C GLU N 648 92.54 17.61 151.96
N GLY N 649 91.90 18.39 151.07
CA GLY N 649 90.83 17.90 150.21
C GLY N 649 91.14 16.85 149.16
N ILE N 650 92.43 16.66 148.78
CA ILE N 650 92.81 15.65 147.78
C ILE N 650 93.92 14.72 148.22
N SER N 651 93.80 13.46 147.75
CA SER N 651 94.75 12.40 147.98
C SER N 651 95.88 12.49 146.98
N GLU N 652 96.88 11.67 147.20
CA GLU N 652 98.04 11.57 146.31
C GLU N 652 97.58 10.98 144.95
N HIS N 653 96.58 10.06 144.95
CA HIS N 653 95.98 9.47 143.75
C HIS N 653 95.12 10.49 142.98
N GLU N 654 94.35 11.35 143.70
CA GLU N 654 93.51 12.39 143.07
C GLU N 654 94.42 13.42 142.39
N ALA N 655 95.44 13.91 143.12
CA ALA N 655 96.42 14.87 142.61
C ALA N 655 97.25 14.36 141.42
N ALA N 656 97.48 13.04 141.34
CA ALA N 656 98.24 12.46 140.23
C ALA N 656 97.45 12.58 138.94
N ALA N 657 96.12 12.29 138.97
CA ALA N 657 95.27 12.37 137.78
C ALA N 657 95.08 13.81 137.28
N VAL N 658 94.75 14.71 138.20
CA VAL N 658 94.43 16.11 137.94
C VAL N 658 95.59 16.89 137.30
N GLY N 659 96.67 17.05 138.05
CA GLY N 659 97.87 17.83 137.72
C GLY N 659 98.00 18.47 136.35
N LEU N 660 98.41 17.67 135.35
CA LEU N 660 98.70 18.16 133.99
C LEU N 660 97.45 18.42 133.18
N ALA N 661 96.48 17.52 133.21
CA ALA N 661 95.23 17.73 132.47
C ALA N 661 94.60 19.07 132.81
N TYR N 662 94.36 19.29 134.10
CA TYR N 662 93.77 20.52 134.60
C TYR N 662 94.74 21.68 134.50
N GLY N 663 96.03 21.43 134.71
CA GLY N 663 97.04 22.47 134.58
C GLY N 663 97.07 23.06 133.19
N THR N 664 97.21 22.20 132.17
CA THR N 664 97.23 22.59 130.76
C THR N 664 95.99 23.41 130.42
N VAL N 665 94.82 22.92 130.84
CA VAL N 665 93.53 23.58 130.62
C VAL N 665 93.49 24.94 131.34
N TRP N 666 93.91 24.97 132.61
CA TRP N 666 93.90 26.19 133.41
C TRP N 666 94.73 27.24 132.72
N LEU N 667 95.97 26.89 132.39
CA LEU N 667 96.87 27.77 131.68
C LEU N 667 96.22 28.25 130.39
N GLY N 668 95.83 27.29 129.55
CA GLY N 668 95.24 27.56 128.25
C GLY N 668 93.97 28.39 128.22
N LEU N 669 92.97 28.03 129.03
CA LEU N 669 91.68 28.69 128.97
C LEU N 669 91.59 29.89 129.90
N THR N 670 91.70 29.69 131.20
CA THR N 670 91.53 30.80 132.15
C THR N 670 92.71 31.78 132.19
N GLU N 671 93.93 31.36 131.82
CA GLU N 671 95.12 32.21 131.92
C GLU N 671 95.51 32.88 130.60
N LEU N 672 95.65 32.09 129.52
CA LEU N 672 96.07 32.61 128.20
C LEU N 672 94.91 33.17 127.42
N ALA N 673 93.88 32.34 127.21
CA ALA N 673 92.70 32.71 126.43
C ALA N 673 91.73 33.55 127.26
N ARG N 674 91.94 33.67 128.60
CA ARG N 674 91.06 34.42 129.49
C ARG N 674 89.60 34.11 129.13
N MET N 675 89.22 32.87 129.40
CA MET N 675 87.88 32.40 129.09
C MET N 675 86.87 33.11 129.92
N SER N 676 86.10 33.96 129.27
CA SER N 676 85.04 34.72 129.90
C SER N 676 83.78 33.89 129.93
N ALA N 677 82.74 34.39 130.57
CA ALA N 677 81.47 33.71 130.62
C ALA N 677 80.70 34.00 129.35
N GLY N 678 79.94 33.02 128.90
CA GLY N 678 79.11 33.13 127.72
C GLY N 678 79.78 32.81 126.40
N ASP N 679 81.10 33.12 126.25
CA ASP N 679 81.79 32.87 124.99
C ASP N 679 81.83 31.37 124.67
N LYS N 680 81.80 31.05 123.38
CA LYS N 680 81.70 29.69 122.85
C LYS N 680 83.08 29.07 122.77
N ILE N 681 83.21 27.81 123.21
CA ILE N 681 84.48 27.10 123.22
C ILE N 681 84.36 25.77 122.50
N LEU N 682 85.37 25.43 121.68
CA LEU N 682 85.43 24.16 120.96
C LEU N 682 86.47 23.26 121.63
N ILE N 683 86.02 22.17 122.25
CA ILE N 683 86.89 21.22 122.95
C ILE N 683 87.06 19.96 122.11
N HIS N 684 88.22 19.80 121.46
CA HIS N 684 88.45 18.59 120.67
C HIS N 684 88.77 17.39 121.55
N SER N 685 88.21 16.19 121.20
CA SER N 685 88.41 14.91 121.92
C SER N 685 88.12 15.10 123.42
N ALA N 686 86.90 15.57 123.69
CA ALA N 686 86.43 15.95 125.01
C ALA N 686 86.23 14.79 126.01
N THR N 687 86.28 13.51 125.55
CA THR N 687 86.14 12.35 126.45
C THR N 687 87.43 12.01 127.21
N GLY N 688 88.57 12.53 126.74
CA GLY N 688 89.86 12.33 127.38
C GLY N 688 90.11 13.12 128.65
N GLY N 689 91.32 13.01 129.18
CA GLY N 689 91.72 13.68 130.42
C GLY N 689 91.65 15.19 130.38
N VAL N 690 92.32 15.77 129.38
CA VAL N 690 92.35 17.22 129.16
C VAL N 690 90.96 17.70 128.71
N GLY N 691 90.25 16.85 127.96
CA GLY N 691 88.91 17.14 127.49
C GLY N 691 87.92 17.27 128.62
N GLN N 692 87.94 16.32 129.55
CA GLN N 692 87.07 16.35 130.72
C GLN N 692 87.43 17.54 131.61
N ALA N 693 88.71 17.85 131.74
CA ALA N 693 89.17 19.00 132.50
C ALA N 693 88.68 20.31 131.86
N ALA N 694 88.73 20.38 130.52
CA ALA N 694 88.29 21.56 129.75
C ALA N 694 86.82 21.81 129.96
N ILE N 695 86.00 20.74 129.93
CA ILE N 695 84.56 20.83 130.16
C ILE N 695 84.34 21.43 131.54
N ALA N 696 85.01 20.88 132.55
CA ALA N 696 84.88 21.32 133.94
C ALA N 696 85.04 22.83 134.11
N VAL N 697 86.14 23.40 133.57
CA VAL N 697 86.41 24.84 133.73
C VAL N 697 85.53 25.64 132.76
N ALA N 698 85.14 25.08 131.61
CA ALA N 698 84.24 25.76 130.68
C ALA N 698 82.85 25.87 131.29
N ARG N 699 82.41 24.80 131.97
CA ARG N 699 81.14 24.79 132.69
C ARG N 699 81.21 25.77 133.85
N ALA N 700 82.35 25.78 134.55
CA ALA N 700 82.58 26.69 135.68
C ALA N 700 82.56 28.13 135.22
N ALA N 701 83.24 28.42 134.13
CA ALA N 701 83.31 29.77 133.56
C ALA N 701 81.99 30.22 132.96
N GLY N 702 81.13 29.27 132.60
CA GLY N 702 79.82 29.55 132.02
C GLY N 702 79.89 29.71 130.52
N ALA N 703 80.81 28.95 129.88
CA ALA N 703 81.04 28.99 128.44
C ALA N 703 80.15 27.96 127.74
N GLU N 704 79.74 28.26 126.50
CA GLU N 704 78.91 27.36 125.70
C GLU N 704 79.84 26.33 125.04
N ILE N 705 79.71 25.05 125.41
CA ILE N 705 80.61 24.01 124.91
C ILE N 705 80.13 23.41 123.59
N TYR N 706 81.10 23.21 122.70
CA TYR N 706 81.00 22.57 121.39
C TYR N 706 82.11 21.52 121.42
N ALA N 707 81.79 20.23 121.43
CA ALA N 707 82.83 19.21 121.59
C ALA N 707 82.93 18.27 120.42
N THR N 708 84.04 17.53 120.32
CA THR N 708 84.25 16.55 119.26
C THR N 708 84.81 15.26 119.86
N ALA N 709 84.63 14.14 119.15
CA ALA N 709 85.13 12.83 119.56
C ALA N 709 85.15 11.89 118.38
N GLY N 710 86.02 10.90 118.42
CA GLY N 710 86.22 9.95 117.33
C GLY N 710 85.13 8.94 117.14
N SER N 711 84.91 8.12 118.17
CA SER N 711 83.90 7.07 118.12
C SER N 711 82.49 7.59 118.28
N GLU N 712 81.50 6.80 117.82
CA GLU N 712 80.09 7.18 117.98
C GLU N 712 79.73 7.01 119.45
N LYS N 713 80.17 5.90 120.06
CA LYS N 713 79.98 5.64 121.50
C LYS N 713 80.53 6.81 122.33
N ARG N 714 81.70 7.32 121.94
CA ARG N 714 82.35 8.41 122.64
C ARG N 714 81.59 9.71 122.42
N ARG N 715 81.06 9.93 121.21
CA ARG N 715 80.25 11.12 120.93
C ARG N 715 78.95 11.05 121.72
N GLN N 716 78.30 9.88 121.74
CA GLN N 716 77.05 9.70 122.48
C GLN N 716 77.24 9.92 123.97
N LEU N 717 78.44 9.63 124.51
CA LEU N 717 78.71 9.92 125.93
C LEU N 717 78.61 11.41 126.19
N LEU N 718 79.20 12.25 125.31
CA LEU N 718 79.16 13.70 125.46
C LEU N 718 77.71 14.19 125.41
N ARG N 719 76.92 13.65 124.47
CA ARG N 719 75.52 14.01 124.36
C ARG N 719 74.77 13.65 125.67
N ASP N 720 75.14 12.51 126.29
CA ASP N 720 74.55 12.05 127.56
C ASP N 720 75.05 12.89 128.75
N TRP N 721 76.32 13.35 128.71
CA TRP N 721 76.87 14.23 129.75
C TRP N 721 76.15 15.58 129.81
N GLY N 722 75.29 15.86 128.83
CA GLY N 722 74.48 17.07 128.76
C GLY N 722 75.10 18.14 127.90
N ILE N 723 75.90 17.75 126.89
CA ILE N 723 76.53 18.73 126.02
C ILE N 723 75.86 18.56 124.65
N GLU N 724 75.07 19.56 124.26
CA GLU N 724 74.45 19.65 122.94
C GLU N 724 75.54 20.23 122.07
N HIS N 725 75.60 19.86 120.78
CA HIS N 725 76.64 20.31 119.82
C HIS N 725 77.91 19.42 119.91
N VAL N 726 77.76 18.15 119.52
CA VAL N 726 78.82 17.15 119.47
C VAL N 726 79.08 16.81 118.00
N TYR N 727 80.37 16.74 117.59
CA TYR N 727 80.75 16.46 116.20
C TYR N 727 81.90 15.43 116.12
N ASP N 728 82.34 15.08 114.89
CA ASP N 728 83.43 14.11 114.73
C ASP N 728 84.74 14.86 114.70
N SER N 729 85.72 14.39 115.51
CA SER N 729 87.06 14.95 115.62
C SER N 729 87.97 14.50 114.47
N ARG N 730 87.65 13.37 113.84
CA ARG N 730 88.46 12.80 112.74
C ARG N 730 88.21 13.47 111.37
N THR N 731 87.24 14.39 111.23
CA THR N 731 86.94 15.08 109.98
C THR N 731 86.97 16.58 110.17
N THR N 732 86.81 17.33 109.06
CA THR N 732 86.72 18.80 109.05
C THR N 732 85.24 19.22 108.94
N ALA N 733 84.32 18.33 109.39
CA ALA N 733 82.89 18.58 109.32
C ALA N 733 82.53 19.60 110.35
N PHE N 734 82.94 19.34 111.61
CA PHE N 734 82.68 20.20 112.75
C PHE N 734 82.69 21.69 112.39
N ALA N 735 83.65 22.15 111.55
CA ALA N 735 83.78 23.55 111.15
C ALA N 735 82.49 24.10 110.57
N ASP N 736 82.06 23.56 109.43
CA ASP N 736 80.85 24.05 108.77
C ASP N 736 79.59 23.72 109.60
N GLN N 737 79.60 22.60 110.33
CA GLN N 737 78.47 22.21 111.19
C GLN N 737 78.30 23.20 112.35
N ILE N 738 79.41 23.64 112.96
CA ILE N 738 79.38 24.62 114.06
C ILE N 738 79.01 25.98 113.50
N ARG N 739 79.52 26.32 112.30
CA ARG N 739 79.15 27.59 111.66
C ARG N 739 77.61 27.62 111.47
N THR N 740 77.01 26.48 111.09
CA THR N 740 75.56 26.37 110.92
C THR N 740 74.84 26.41 112.28
N ASP N 741 75.36 25.68 113.27
CA ASP N 741 74.77 25.62 114.62
C ASP N 741 75.01 26.91 115.47
N THR N 742 75.76 27.91 114.94
CA THR N 742 75.97 29.20 115.60
C THR N 742 75.49 30.38 114.72
N ASP N 743 74.75 30.07 113.63
CA ASP N 743 74.25 31.05 112.67
C ASP N 743 75.40 31.93 112.12
N GLY N 744 76.43 31.24 111.65
CA GLY N 744 77.61 31.83 111.04
C GLY N 744 78.63 32.48 111.96
N TYR N 745 78.40 32.49 113.29
CA TYR N 745 79.33 33.14 114.21
C TYR N 745 80.62 32.36 114.39
N GLY N 746 80.52 31.07 114.58
CA GLY N 746 81.66 30.23 114.88
C GLY N 746 81.87 30.20 116.37
N VAL N 747 83.10 29.96 116.83
CA VAL N 747 83.39 29.95 118.26
C VAL N 747 84.31 31.14 118.62
N ASP N 748 84.78 31.17 119.88
CA ASP N 748 85.69 32.17 120.41
C ASP N 748 87.01 31.55 120.79
N ILE N 749 86.97 30.46 121.54
CA ILE N 749 88.13 29.73 121.99
C ILE N 749 88.15 28.37 121.32
N VAL N 750 89.34 27.83 121.05
CA VAL N 750 89.50 26.53 120.42
C VAL N 750 90.65 25.81 121.11
N LEU N 751 90.36 24.76 121.88
CA LEU N 751 91.41 23.99 122.54
C LEU N 751 91.86 22.88 121.59
N ASN N 752 92.79 23.23 120.70
CA ASN N 752 93.22 22.34 119.64
C ASN N 752 94.25 21.26 120.02
N SER N 753 93.74 20.04 120.09
CA SER N 753 94.55 18.84 120.23
C SER N 753 94.71 18.12 118.88
N VAL N 754 93.81 18.37 117.91
CA VAL N 754 93.84 17.72 116.60
C VAL N 754 94.95 18.33 115.67
N THR N 755 95.12 17.78 114.45
CA THR N 755 96.18 18.16 113.50
C THR N 755 95.72 18.22 112.02
N GLY N 756 96.60 18.78 111.17
CA GLY N 756 96.38 18.88 109.73
C GLY N 756 95.30 19.89 109.40
N PRO N 757 94.52 19.65 108.35
CA PRO N 757 93.42 20.57 108.00
C PRO N 757 92.33 20.76 109.04
N ALA N 758 92.31 19.96 110.13
CA ALA N 758 91.41 20.12 111.27
C ALA N 758 91.91 21.27 112.20
N GLN N 759 93.22 21.58 112.12
CA GLN N 759 93.83 22.71 112.82
C GLN N 759 93.48 23.97 112.05
N ARG N 760 93.78 23.97 110.73
CA ARG N 760 93.44 25.06 109.82
C ARG N 760 91.93 25.37 109.84
N ALA N 761 91.07 24.32 109.76
CA ALA N 761 89.61 24.47 109.77
C ALA N 761 89.12 24.99 111.14
N GLY N 762 89.82 24.64 112.22
CA GLY N 762 89.54 25.13 113.57
C GLY N 762 89.84 26.62 113.74
N LEU N 763 90.93 27.11 113.10
CA LEU N 763 91.33 28.51 113.12
C LEU N 763 90.34 29.33 112.30
N GLU N 764 89.97 28.82 111.13
CA GLU N 764 89.01 29.48 110.25
C GLU N 764 87.65 29.64 110.96
N LEU N 765 87.32 28.71 111.86
CA LEU N 765 86.07 28.72 112.62
C LEU N 765 85.94 29.90 113.60
N LEU N 766 86.89 30.08 114.55
CA LEU N 766 86.78 31.12 115.61
C LEU N 766 86.73 32.52 115.00
N ALA N 767 85.92 33.41 115.64
CA ALA N 767 85.62 34.72 115.11
C ALA N 767 85.80 35.86 116.09
N PHE N 768 86.62 36.86 115.67
CA PHE N 768 86.89 38.14 116.33
C PHE N 768 87.58 37.94 117.67
N GLY N 769 86.85 37.46 118.67
CA GLY N 769 87.47 37.11 119.94
C GLY N 769 88.74 36.32 119.69
N GLY N 770 88.61 35.33 118.79
CA GLY N 770 89.67 34.48 118.27
C GLY N 770 90.81 34.16 119.19
N ARG N 771 90.72 33.04 119.91
CA ARG N 771 91.77 32.60 120.82
C ARG N 771 92.08 31.11 120.58
N PHE N 772 92.96 30.85 119.62
CA PHE N 772 93.35 29.50 119.27
C PHE N 772 94.44 28.99 120.21
N VAL N 773 94.11 27.99 121.05
CA VAL N 773 95.07 27.42 122.00
C VAL N 773 95.60 26.07 121.50
N GLU N 774 96.77 26.06 120.82
CA GLU N 774 97.30 24.80 120.35
C GLU N 774 98.15 24.12 121.41
N ILE N 775 97.62 23.01 121.94
CA ILE N 775 98.30 22.13 122.89
C ILE N 775 99.01 20.99 122.07
N GLY N 776 98.44 20.62 120.92
CA GLY N 776 99.01 19.62 120.02
C GLY N 776 100.35 20.00 119.39
N LYS N 777 101.40 19.22 119.69
CA LYS N 777 102.77 19.50 119.24
C LYS N 777 103.11 19.05 117.80
N ARG N 778 102.37 18.09 117.21
CA ARG N 778 102.75 17.55 115.90
C ARG N 778 102.94 18.59 114.81
N ASP N 779 101.98 19.49 114.65
CA ASP N 779 102.05 20.47 113.56
C ASP N 779 103.16 21.52 113.77
N ILE N 780 103.48 21.83 115.02
CA ILE N 780 104.54 22.79 115.33
C ILE N 780 105.88 22.17 114.94
N TYR N 781 106.21 21.00 115.51
CA TYR N 781 107.47 20.32 115.22
C TYR N 781 107.59 19.88 113.74
N ALA N 782 106.47 19.83 113.00
CA ALA N 782 106.47 19.53 111.56
C ALA N 782 106.75 20.79 110.70
N ASP N 783 106.80 22.01 111.33
CA ASP N 783 107.00 23.31 110.68
C ASP N 783 105.90 23.58 109.66
N THR N 784 104.67 23.15 109.97
CA THR N 784 103.56 23.37 109.04
C THR N 784 103.38 24.84 108.84
N ARG N 785 103.45 25.30 107.60
CA ARG N 785 103.32 26.71 107.31
C ARG N 785 101.83 27.05 107.32
N LEU N 786 101.43 27.77 108.38
CA LEU N 786 100.07 28.16 108.65
C LEU N 786 99.75 29.49 107.99
N GLY N 787 98.68 29.54 107.22
CA GLY N 787 98.22 30.74 106.55
C GLY N 787 97.77 31.77 107.56
N LEU N 788 98.33 33.00 107.49
CA LEU N 788 98.00 34.09 108.42
C LEU N 788 96.73 34.87 108.07
N PHE N 789 96.09 34.63 106.93
CA PHE N 789 94.90 35.39 106.55
C PHE N 789 93.76 35.38 107.57
N PRO N 790 93.43 34.28 108.24
CA PRO N 790 92.34 34.31 109.25
C PRO N 790 92.57 35.28 110.41
N PHE N 791 93.83 35.61 110.69
CA PHE N 791 94.19 36.50 111.78
C PHE N 791 93.70 37.94 111.57
N ARG N 792 93.16 38.28 110.37
CA ARG N 792 92.64 39.63 110.10
C ARG N 792 91.55 40.04 111.10
N ARG N 793 90.92 39.05 111.81
CA ARG N 793 89.89 39.29 112.80
C ARG N 793 90.45 39.32 114.25
N ASN N 794 91.61 39.96 114.49
CA ASN N 794 92.22 40.06 115.85
C ASN N 794 92.40 38.70 116.59
N LEU N 795 92.76 37.65 115.83
CA LEU N 795 92.97 36.32 116.41
C LEU N 795 94.26 36.28 117.22
N SER N 796 94.37 35.28 118.09
CA SER N 796 95.52 35.12 118.96
C SER N 796 95.87 33.65 119.04
N PHE N 797 97.08 33.29 118.63
CA PHE N 797 97.55 31.90 118.64
C PHE N 797 98.39 31.68 119.89
N TYR N 798 98.15 30.59 120.62
CA TYR N 798 98.94 30.29 121.80
C TYR N 798 99.49 28.89 121.72
N ALA N 799 100.83 28.77 121.77
CA ALA N 799 101.49 27.47 121.80
C ALA N 799 101.67 27.08 123.25
N VAL N 800 101.41 25.81 123.58
CA VAL N 800 101.52 25.33 124.96
C VAL N 800 102.35 24.07 124.98
N ASP N 801 103.40 24.05 125.84
CA ASP N 801 104.30 22.91 126.05
C ASP N 801 104.74 22.91 127.52
N LEU N 802 103.84 22.44 128.41
CA LEU N 802 104.11 22.32 129.85
C LEU N 802 105.42 21.59 130.12
N ALA N 803 105.73 20.58 129.30
CA ALA N 803 106.97 19.80 129.45
C ALA N 803 108.20 20.68 129.40
N LEU N 804 108.19 21.62 128.46
CA LEU N 804 109.28 22.56 128.21
C LEU N 804 109.32 23.62 129.30
N MET N 805 108.14 24.06 129.69
CA MET N 805 107.95 25.02 130.76
C MET N 805 108.52 24.54 132.07
N THR N 806 108.45 23.22 132.32
CA THR N 806 109.01 22.59 133.53
C THR N 806 110.51 22.90 133.66
N VAL N 807 111.18 23.13 132.54
CA VAL N 807 112.60 23.43 132.49
C VAL N 807 112.84 24.93 132.42
N THR N 808 112.16 25.62 131.52
CA THR N 808 112.37 27.06 131.30
C THR N 808 111.85 27.95 132.42
N HIS N 809 110.64 27.68 132.94
CA HIS N 809 110.01 28.45 134.01
C HIS N 809 109.34 27.48 134.98
N PRO N 810 110.12 26.78 135.80
CA PRO N 810 109.51 25.78 136.70
C PRO N 810 108.62 26.36 137.78
N GLN N 811 108.87 27.62 138.18
CA GLN N 811 108.03 28.27 139.17
C GLN N 811 106.60 28.42 138.66
N LYS N 812 106.41 28.76 137.36
CA LYS N 812 105.07 28.92 136.80
C LYS N 812 104.34 27.58 136.80
N ILE N 813 105.04 26.46 136.58
CA ILE N 813 104.44 25.12 136.63
C ILE N 813 104.07 24.76 138.07
N ARG N 814 104.93 25.12 139.02
CA ARG N 814 104.67 24.86 140.45
C ARG N 814 103.37 25.50 140.90
N ASP N 815 103.19 26.75 140.49
CA ASP N 815 102.02 27.56 140.84
C ASP N 815 100.78 27.06 140.09
N LEU N 816 100.97 26.61 138.86
CA LEU N 816 99.89 26.06 138.04
C LEU N 816 99.38 24.74 138.61
N LEU N 817 100.26 23.92 139.21
CA LEU N 817 99.83 22.65 139.83
C LEU N 817 99.16 22.95 141.11
N ALA N 818 99.79 23.80 141.91
CA ALA N 818 99.29 24.18 143.21
C ALA N 818 97.89 24.81 143.10
N THR N 819 97.66 25.65 142.08
CA THR N 819 96.36 26.28 141.93
C THR N 819 95.30 25.25 141.49
N VAL N 820 95.63 24.24 140.67
CA VAL N 820 94.61 23.25 140.30
C VAL N 820 94.34 22.31 141.48
N TYR N 821 95.38 21.98 142.28
CA TYR N 821 95.20 21.15 143.47
C TYR N 821 94.30 21.87 144.49
N ARG N 822 94.40 23.19 144.56
CA ARG N 822 93.57 23.95 145.47
C ARG N 822 92.12 23.94 144.96
N LEU N 823 91.90 24.30 143.68
CA LEU N 823 90.56 24.36 143.07
C LEU N 823 89.82 23.04 143.16
N ILE N 824 90.51 21.94 142.91
CA ILE N 824 89.91 20.61 142.91
C ILE N 824 89.60 20.15 144.36
N ALA N 825 90.47 20.50 145.33
CA ALA N 825 90.29 20.18 146.75
C ALA N 825 89.16 21.01 147.36
N ASP N 826 89.05 22.28 146.96
CA ASP N 826 88.00 23.20 147.40
C ASP N 826 86.63 22.76 146.88
N GLY N 827 86.63 22.05 145.76
CA GLY N 827 85.43 21.59 145.09
C GLY N 827 85.00 22.58 144.01
N THR N 828 85.81 23.63 143.78
CA THR N 828 85.57 24.64 142.74
C THR N 828 85.47 23.95 141.38
N LEU N 829 86.28 22.89 141.19
CA LEU N 829 86.25 22.06 140.00
C LEU N 829 86.04 20.61 140.38
N PRO N 830 85.24 19.86 139.62
CA PRO N 830 85.03 18.44 139.93
C PRO N 830 86.05 17.59 139.20
N LEU N 831 86.54 16.54 139.84
CA LEU N 831 87.54 15.68 139.21
C LEU N 831 86.88 14.80 138.11
N PRO N 832 87.67 14.21 137.19
CA PRO N 832 87.09 13.46 136.07
C PRO N 832 87.01 11.95 136.29
N GLU N 833 86.64 11.21 135.23
CA GLU N 833 86.59 9.74 135.27
C GLU N 833 88.01 9.24 135.49
N ILE N 834 88.26 8.57 136.61
CA ILE N 834 89.57 8.06 136.95
C ILE N 834 89.51 6.55 137.02
N THR N 835 90.25 5.90 136.14
CA THR N 835 90.32 4.45 136.07
C THR N 835 91.69 4.05 136.63
N HIS N 836 91.71 3.31 137.74
CA HIS N 836 92.97 2.91 138.37
C HIS N 836 93.50 1.62 137.76
N TYR N 837 94.83 1.56 137.55
CA TYR N 837 95.53 0.41 137.00
C TYR N 837 96.75 0.09 137.85
N PRO N 838 97.05 -1.17 138.16
CA PRO N 838 98.30 -1.44 138.89
C PRO N 838 99.49 -1.25 137.97
N LEU N 839 100.69 -1.02 138.56
CA LEU N 839 101.94 -0.78 137.82
C LEU N 839 102.31 -1.95 136.85
N GLU N 840 101.82 -3.17 137.13
CA GLU N 840 102.03 -4.34 136.27
C GLU N 840 101.28 -4.19 134.94
N GLU N 841 100.00 -3.79 135.00
CA GLU N 841 99.13 -3.63 133.83
C GLU N 841 99.28 -2.26 133.16
N ALA N 842 100.52 -1.68 133.12
CA ALA N 842 100.77 -0.38 132.48
C ALA N 842 100.65 -0.51 130.97
N ALA N 843 101.27 -1.56 130.39
CA ALA N 843 101.24 -1.90 128.96
C ALA N 843 99.83 -2.06 128.43
N THR N 844 98.96 -2.65 129.26
CA THR N 844 97.56 -2.84 128.89
C THR N 844 96.86 -1.50 128.85
N ALA N 845 97.15 -0.62 129.82
CA ALA N 845 96.57 0.72 129.85
C ALA N 845 96.95 1.51 128.60
N ILE N 846 98.22 1.38 128.14
CA ILE N 846 98.70 2.06 126.92
C ILE N 846 97.97 1.48 125.70
N ARG N 847 97.78 0.12 125.59
CA ARG N 847 97.06 -0.47 124.45
C ARG N 847 95.63 0.08 124.36
N ILE N 848 95.00 0.33 125.51
CA ILE N 848 93.63 0.83 125.59
C ILE N 848 93.63 2.30 125.20
N MET N 849 94.54 3.09 125.77
CA MET N 849 94.61 4.51 125.45
C MET N 849 95.09 4.74 124.01
N GLY N 850 96.00 3.88 123.57
CA GLY N 850 96.56 3.92 122.23
C GLY N 850 95.56 3.58 121.13
N GLY N 851 94.52 2.83 121.50
CA GLY N 851 93.43 2.47 120.60
C GLY N 851 92.21 3.37 120.71
N ALA N 852 92.31 4.46 121.51
CA ALA N 852 91.23 5.42 121.76
C ALA N 852 89.96 4.75 122.35
N GLN N 853 90.13 3.61 123.05
CA GLN N 853 89.03 2.87 123.70
C GLN N 853 88.66 3.52 125.04
N HIS N 854 89.67 4.10 125.70
CA HIS N 854 89.54 4.71 127.02
C HIS N 854 88.65 5.94 127.09
N THR N 855 88.35 6.35 128.34
CA THR N 855 87.58 7.55 128.68
C THR N 855 88.11 8.12 130.00
N GLY N 856 88.35 9.43 130.02
CA GLY N 856 88.85 10.12 131.19
C GLY N 856 90.33 9.92 131.42
N LYS N 857 90.73 9.90 132.71
CA LYS N 857 92.13 9.75 133.09
C LYS N 857 92.41 8.34 133.57
N LEU N 858 93.66 7.91 133.36
CA LEU N 858 94.19 6.61 133.75
C LEU N 858 95.29 6.83 134.77
N VAL N 859 95.11 6.31 136.00
CA VAL N 859 96.08 6.47 137.09
C VAL N 859 96.80 5.15 137.31
N ILE N 860 98.15 5.18 137.25
CA ILE N 860 99.01 4.04 137.50
C ILE N 860 99.35 4.05 139.00
N ASP N 861 98.69 3.17 139.78
CA ASP N 861 98.90 3.08 141.24
C ASP N 861 100.22 2.39 141.53
N ILE N 862 101.13 3.09 142.22
CA ILE N 862 102.42 2.54 142.62
C ILE N 862 102.15 1.67 143.83
N PRO N 863 102.63 0.41 143.87
CA PRO N 863 102.32 -0.43 145.02
C PRO N 863 102.91 0.08 146.32
N ASP N 864 102.22 -0.25 147.41
CA ASP N 864 102.60 0.03 148.78
C ASP N 864 102.77 -1.31 149.41
N THR N 865 103.48 -1.39 150.53
CA THR N 865 103.70 -2.63 151.26
C THR N 865 104.49 -3.62 150.39
N GLY N 866 105.72 -3.85 150.84
CA GLY N 866 106.71 -4.74 150.25
C GLY N 866 106.42 -5.53 148.99
N GLN N 867 105.36 -6.41 149.00
CA GLN N 867 105.02 -7.38 147.95
C GLN N 867 106.12 -7.33 146.86
N SER N 868 107.27 -7.94 147.22
CA SER N 868 108.52 -7.92 146.47
C SER N 868 108.31 -8.27 144.99
N GLN N 869 108.54 -7.28 144.10
CA GLN N 869 108.36 -7.41 142.65
C GLN N 869 109.66 -7.79 141.95
N VAL N 870 109.53 -8.56 140.88
CA VAL N 870 110.67 -9.04 140.09
C VAL N 870 111.17 -7.87 139.23
N VAL N 871 112.47 -7.57 139.28
CA VAL N 871 113.09 -6.45 138.57
C VAL N 871 114.14 -6.94 137.56
N VAL N 872 114.79 -6.04 136.76
CA VAL N 872 115.80 -6.43 135.77
C VAL N 872 116.99 -5.41 135.70
N PRO N 873 118.13 -5.64 136.39
CA PRO N 873 119.29 -4.72 136.29
C PRO N 873 120.11 -4.91 135.02
N PRO N 874 120.47 -3.84 134.28
CA PRO N 874 121.22 -4.05 133.00
C PRO N 874 122.77 -4.04 133.09
N GLU N 875 123.43 -2.87 133.10
CA GLU N 875 124.88 -2.75 133.19
C GLU N 875 125.28 -2.09 134.49
N GLN N 876 124.30 -1.69 135.33
CA GLN N 876 124.59 -1.06 136.60
C GLN N 876 125.02 -2.12 137.66
N VAL N 877 125.33 -3.37 137.21
CA VAL N 877 125.80 -4.49 138.01
C VAL N 877 127.16 -4.13 138.59
N PRO N 878 127.32 -4.15 139.94
CA PRO N 878 128.62 -3.78 140.52
C PRO N 878 129.61 -4.92 140.41
N VAL N 879 130.32 -4.97 139.29
CA VAL N 879 131.31 -6.00 139.07
C VAL N 879 132.55 -5.61 139.90
N PHE N 880 133.36 -4.65 139.43
CA PHE N 880 134.58 -4.23 140.12
C PHE N 880 134.26 -3.09 141.10
N ARG N 881 134.42 -3.35 142.42
CA ARG N 881 134.15 -2.35 143.46
C ARG N 881 135.24 -2.31 144.55
N GLY N 882 135.45 -1.11 145.09
CA GLY N 882 136.42 -0.87 146.15
C GLY N 882 136.03 -1.43 147.50
N ASP N 883 134.71 -1.62 147.74
CA ASP N 883 134.18 -2.18 149.00
C ASP N 883 134.03 -3.72 148.91
N GLY N 884 134.93 -4.40 148.18
CA GLY N 884 134.89 -5.84 148.03
C GLY N 884 136.20 -6.45 147.55
N ALA N 885 136.55 -7.63 148.09
CA ALA N 885 137.78 -8.34 147.76
C ALA N 885 137.57 -9.33 146.62
N TYR N 886 138.67 -9.69 145.93
CA TYR N 886 138.65 -10.61 144.80
C TYR N 886 139.78 -11.63 144.84
N VAL N 887 139.55 -12.82 144.27
CA VAL N 887 140.54 -13.90 144.23
C VAL N 887 140.77 -14.32 142.77
N ILE N 888 142.04 -14.49 142.38
CA ILE N 888 142.40 -14.91 141.01
C ILE N 888 143.38 -16.06 141.09
N THR N 889 142.97 -17.25 140.64
CA THR N 889 143.85 -18.42 140.60
C THR N 889 144.54 -18.37 139.24
N GLY N 890 145.85 -18.60 139.23
CA GLY N 890 146.67 -18.46 138.04
C GLY N 890 146.84 -16.99 137.70
N GLY N 891 147.01 -16.19 138.75
CA GLY N 891 147.14 -14.74 138.67
C GLY N 891 148.55 -14.24 138.45
N LEU N 892 149.59 -15.01 138.83
CA LEU N 892 150.97 -14.57 138.63
C LEU N 892 151.42 -14.69 137.16
N GLY N 893 150.60 -15.27 136.29
CA GLY N 893 150.93 -15.39 134.88
C GLY N 893 149.74 -15.45 133.96
N GLY N 894 150.03 -15.22 132.69
CA GLY N 894 149.07 -15.27 131.61
C GLY N 894 147.99 -14.21 131.67
N LEU N 895 146.73 -14.67 131.56
CA LEU N 895 145.55 -13.82 131.56
C LEU N 895 145.36 -13.20 132.92
N GLY N 896 145.42 -14.04 133.96
CA GLY N 896 145.24 -13.64 135.34
C GLY N 896 146.02 -12.41 135.77
N LEU N 897 147.29 -12.27 135.30
CA LEU N 897 148.09 -11.09 135.64
C LEU N 897 147.62 -9.85 134.88
N PHE N 898 147.15 -10.02 133.62
CA PHE N 898 146.60 -8.92 132.83
C PHE N 898 145.27 -8.47 133.41
N LEU N 899 144.40 -9.45 133.75
CA LEU N 899 143.09 -9.17 134.37
C LEU N 899 143.28 -8.49 135.72
N ALA N 900 144.22 -8.97 136.55
CA ALA N 900 144.51 -8.39 137.86
C ALA N 900 144.94 -6.91 137.73
N GLU N 901 145.82 -6.62 136.75
CA GLU N 901 146.28 -5.27 136.47
C GLU N 901 145.11 -4.40 136.00
N ARG N 902 144.26 -4.95 135.13
CA ARG N 902 143.07 -4.26 134.61
C ARG N 902 142.04 -4.03 135.73
N MET N 903 141.87 -5.02 136.63
CA MET N 903 140.93 -4.94 137.76
C MET N 903 141.39 -3.93 138.80
N ALA N 904 142.70 -3.91 139.10
CA ALA N 904 143.28 -2.94 140.04
C ALA N 904 143.03 -1.52 139.54
N ALA N 905 143.18 -1.33 138.21
CA ALA N 905 142.92 -0.06 137.53
C ALA N 905 141.41 0.25 137.49
N ALA N 906 140.55 -0.79 137.33
CA ALA N 906 139.09 -0.62 137.31
C ALA N 906 138.47 -0.26 138.69
N GLY N 907 139.28 -0.30 139.76
CA GLY N 907 138.85 0.08 141.10
C GLY N 907 138.41 -1.11 141.91
N CYS N 908 139.40 -1.88 142.40
CA CYS N 908 139.17 -3.08 143.20
C CYS N 908 139.94 -2.98 144.48
N GLY N 909 139.25 -3.17 145.59
CA GLY N 909 139.87 -3.13 146.90
C GLY N 909 140.33 -4.52 147.25
N ARG N 910 141.66 -4.78 147.20
CA ARG N 910 142.29 -6.07 147.52
C ARG N 910 141.99 -7.14 146.46
N ILE N 911 143.04 -7.57 145.74
CA ILE N 911 142.97 -8.63 144.74
C ILE N 911 144.01 -9.67 145.14
N VAL N 912 143.57 -10.82 145.69
CA VAL N 912 144.52 -11.88 146.05
C VAL N 912 144.85 -12.62 144.75
N VAL N 913 146.15 -12.78 144.47
CA VAL N 913 146.65 -13.46 143.28
C VAL N 913 147.29 -14.77 143.74
N ASN N 914 147.12 -15.84 142.95
CA ASN N 914 147.63 -17.16 143.30
C ASN N 914 148.24 -17.89 142.09
N SER N 915 149.25 -18.71 142.38
CA SER N 915 149.95 -19.56 141.44
C SER N 915 150.98 -20.35 142.24
N ARG N 916 151.00 -21.67 142.10
CA ARG N 916 151.88 -22.55 142.87
C ARG N 916 153.37 -22.12 142.80
N SER N 917 153.84 -21.64 141.62
CA SER N 917 155.22 -21.16 141.47
C SER N 917 155.35 -19.74 142.02
N ALA N 918 156.56 -19.39 142.49
CA ALA N 918 156.82 -18.04 143.02
C ALA N 918 156.77 -16.99 141.89
N PRO N 919 156.61 -15.68 142.20
CA PRO N 919 156.53 -14.67 141.12
C PRO N 919 157.82 -14.52 140.34
N SER N 920 157.71 -14.40 139.01
CA SER N 920 158.87 -14.20 138.14
C SER N 920 159.42 -12.78 138.30
N THR N 921 160.57 -12.52 137.67
CA THR N 921 161.22 -11.20 137.73
C THR N 921 160.36 -10.14 137.03
N ARG N 922 159.72 -10.47 135.89
CA ARG N 922 158.84 -9.53 135.18
C ARG N 922 157.49 -9.41 135.90
N SER N 923 157.01 -10.52 136.51
CA SER N 923 155.73 -10.54 137.23
C SER N 923 155.82 -9.65 138.48
N SER N 924 156.93 -9.75 139.24
CA SER N 924 157.16 -8.92 140.42
C SER N 924 157.17 -7.44 140.09
N GLU N 925 157.74 -7.05 138.91
CA GLU N 925 157.77 -5.66 138.45
C GLU N 925 156.36 -5.11 138.17
N ILE N 926 155.47 -5.96 137.61
CA ILE N 926 154.09 -5.57 137.31
C ILE N 926 153.31 -5.38 138.62
N ILE N 927 153.54 -6.25 139.61
CA ILE N 927 152.86 -6.15 140.90
C ILE N 927 153.33 -4.88 141.66
N GLU N 928 154.62 -4.52 141.54
CA GLU N 928 155.17 -3.33 142.21
C GLU N 928 154.51 -2.05 141.72
N LEU N 929 154.41 -1.85 140.39
CA LEU N 929 153.78 -0.65 139.83
C LEU N 929 152.26 -0.59 140.10
N ILE N 930 151.58 -1.75 140.26
CA ILE N 930 150.14 -1.75 140.58
C ILE N 930 149.96 -1.30 142.04
N ARG N 931 150.78 -1.85 142.96
CA ARG N 931 150.73 -1.48 144.39
C ARG N 931 151.12 -0.02 144.57
N ALA N 932 152.09 0.48 143.77
CA ALA N 932 152.51 1.88 143.79
C ALA N 932 151.35 2.81 143.42
N THR N 933 150.50 2.37 142.46
CA THR N 933 149.32 3.12 142.02
C THR N 933 148.09 2.67 142.82
N GLY N 934 148.10 2.97 144.11
CA GLY N 934 147.01 2.67 145.04
C GLY N 934 146.74 1.21 145.33
N ALA N 935 145.68 0.66 144.70
CA ALA N 935 145.13 -0.71 144.85
C ALA N 935 146.17 -1.74 145.28
N ASP N 936 145.95 -2.40 146.44
CA ASP N 936 146.89 -3.40 146.96
C ASP N 936 146.64 -4.75 146.30
N ILE N 937 147.73 -5.48 146.05
CA ILE N 937 147.75 -6.78 145.39
C ILE N 937 148.47 -7.73 146.29
N VAL N 938 147.76 -8.68 146.86
CA VAL N 938 148.36 -9.67 147.74
C VAL N 938 148.67 -10.90 146.89
N VAL N 939 149.76 -11.60 147.23
CA VAL N 939 150.18 -12.80 146.53
C VAL N 939 150.30 -13.91 147.55
N GLU N 940 149.42 -14.92 147.42
CA GLU N 940 149.40 -16.10 148.27
C GLU N 940 149.55 -17.30 147.35
N CYS N 941 150.74 -17.92 147.35
CA CYS N 941 151.01 -19.06 146.48
C CYS N 941 150.46 -20.33 147.09
N GLY N 942 150.20 -21.30 146.22
CA GLY N 942 149.68 -22.61 146.60
C GLY N 942 149.10 -23.38 145.43
N ASP N 943 149.02 -24.71 145.58
CA ASP N 943 148.46 -25.59 144.56
C ASP N 943 146.96 -25.70 144.84
N ILE N 944 146.11 -24.98 144.09
CA ILE N 944 144.62 -25.01 144.23
C ILE N 944 144.06 -26.43 144.29
N ALA N 945 144.72 -27.41 143.65
CA ALA N 945 144.32 -28.83 143.72
C ALA N 945 144.27 -29.29 145.20
N GLU N 946 145.17 -28.77 146.06
CA GLU N 946 145.15 -29.03 147.51
C GLU N 946 144.03 -28.17 148.11
N PRO N 947 143.23 -28.72 149.04
CA PRO N 947 142.09 -27.95 149.58
C PRO N 947 142.49 -26.77 150.45
N ASP N 948 143.43 -26.97 151.40
CA ASP N 948 143.89 -25.96 152.35
C ASP N 948 144.34 -24.65 151.66
N THR N 949 144.81 -24.75 150.39
CA THR N 949 145.20 -23.60 149.59
C THR N 949 144.00 -22.69 149.31
N ALA N 950 142.88 -23.30 148.89
CA ALA N 950 141.62 -22.58 148.58
C ALA N 950 141.12 -21.73 149.75
N LEU N 951 141.23 -22.25 150.98
CA LEU N 951 140.79 -21.57 152.20
C LEU N 951 141.76 -20.46 152.59
N ARG N 952 143.07 -20.69 152.38
CA ARG N 952 144.13 -19.72 152.66
C ARG N 952 143.90 -18.45 151.82
N LEU N 953 143.57 -18.63 150.53
CA LEU N 953 143.27 -17.54 149.57
C LEU N 953 142.07 -16.71 150.03
N VAL N 954 140.97 -17.38 150.36
CA VAL N 954 139.71 -16.77 150.81
C VAL N 954 139.92 -16.00 152.12
N ALA N 955 140.64 -16.60 153.08
CA ALA N 955 140.92 -15.95 154.36
C ALA N 955 141.78 -14.70 154.19
N ALA N 956 142.74 -14.74 153.23
CA ALA N 956 143.64 -13.62 152.94
C ALA N 956 142.88 -12.45 152.30
N ALA N 957 141.99 -12.72 151.34
CA ALA N 957 141.20 -11.70 150.65
C ALA N 957 140.24 -10.98 151.63
N THR N 958 139.64 -11.73 152.58
CA THR N 958 138.69 -11.19 153.56
C THR N 958 139.40 -10.35 154.64
N GLN N 959 140.54 -10.84 155.18
CA GLN N 959 141.38 -10.22 156.22
C GLN N 959 141.27 -8.68 156.36
N THR N 960 141.33 -7.92 155.24
CA THR N 960 141.28 -6.44 155.26
C THR N 960 139.82 -5.94 155.33
N GLY N 961 139.03 -6.48 156.25
CA GLY N 961 137.63 -6.12 156.45
C GLY N 961 136.78 -5.91 155.19
N LEU N 962 137.07 -6.63 154.08
CA LEU N 962 136.35 -6.50 152.80
C LEU N 962 135.70 -7.83 152.46
N PRO N 963 134.37 -7.93 152.24
CA PRO N 963 133.79 -9.23 151.89
C PRO N 963 134.20 -9.67 150.49
N LEU N 964 134.35 -10.98 150.29
CA LEU N 964 134.69 -11.52 148.98
C LEU N 964 133.54 -11.27 148.03
N ARG N 965 133.79 -10.54 146.92
CA ARG N 965 132.75 -10.21 145.94
C ARG N 965 132.94 -10.94 144.59
N GLY N 966 133.99 -11.74 144.42
CA GLY N 966 134.18 -12.44 143.17
C GLY N 966 135.41 -13.32 143.09
N VAL N 967 135.36 -14.32 142.21
CA VAL N 967 136.43 -15.29 142.00
C VAL N 967 136.69 -15.46 140.51
N LEU N 968 137.93 -15.84 140.17
CA LEU N 968 138.33 -16.11 138.80
C LEU N 968 139.18 -17.36 138.81
N HIS N 969 138.82 -18.37 138.02
CA HIS N 969 139.56 -19.63 137.98
C HIS N 969 140.39 -19.76 136.68
N ALA N 970 141.43 -18.92 136.56
CA ALA N 970 142.33 -18.95 135.41
C ALA N 970 143.39 -20.02 135.56
N ALA N 971 143.59 -20.58 136.78
CA ALA N 971 144.59 -21.62 137.03
C ALA N 971 144.43 -22.74 136.04
N ALA N 972 145.49 -23.06 135.29
CA ALA N 972 145.42 -24.08 134.25
C ALA N 972 146.77 -24.65 133.88
N VAL N 973 146.76 -25.93 133.50
CA VAL N 973 147.91 -26.67 133.00
C VAL N 973 147.52 -27.14 131.61
N VAL N 974 148.43 -27.00 130.63
CA VAL N 974 148.18 -27.39 129.25
C VAL N 974 149.28 -28.31 128.76
N GLU N 975 148.98 -29.61 128.73
CA GLU N 975 149.86 -30.65 128.21
C GLU N 975 149.09 -31.28 127.07
N ASP N 976 149.53 -31.02 125.83
CA ASP N 976 148.85 -31.48 124.63
C ASP N 976 149.52 -32.71 124.07
N ALA N 977 148.71 -33.66 123.57
CA ALA N 977 149.21 -34.88 122.95
C ALA N 977 148.13 -35.52 122.08
N THR N 978 148.56 -36.25 121.04
CA THR N 978 147.64 -36.96 120.15
C THR N 978 147.03 -38.13 120.92
N LEU N 979 145.75 -38.46 120.69
CA LEU N 979 145.04 -39.54 121.39
C LEU N 979 145.99 -40.65 121.73
N ALA N 980 146.69 -41.10 120.71
CA ALA N 980 147.69 -42.14 120.83
C ALA N 980 148.61 -41.96 122.03
N ASN N 981 149.37 -40.86 122.08
CA ASN N 981 150.36 -40.62 123.13
C ASN N 981 149.79 -39.73 124.28
N ILE N 982 148.47 -39.81 124.57
CA ILE N 982 147.86 -39.15 125.74
C ILE N 982 148.00 -40.16 126.88
N THR N 983 148.93 -39.93 127.81
CA THR N 983 149.15 -40.84 128.94
C THR N 983 148.11 -40.62 130.02
N ASP N 984 147.98 -41.60 130.92
CA ASP N 984 147.04 -41.52 132.04
C ASP N 984 147.49 -40.45 133.06
N GLU N 985 148.80 -40.23 133.15
CA GLU N 985 149.40 -39.25 134.06
C GLU N 985 149.12 -37.85 133.55
N LEU N 986 149.26 -37.65 132.22
CA LEU N 986 149.00 -36.37 131.53
C LEU N 986 147.55 -35.90 131.71
N VAL N 987 146.58 -36.85 131.86
CA VAL N 987 145.15 -36.53 132.08
C VAL N 987 145.01 -35.79 133.43
N GLU N 988 145.64 -36.35 134.50
CA GLU N 988 145.60 -35.77 135.85
C GLU N 988 146.35 -34.43 135.93
N HIS N 989 147.38 -34.21 135.09
CA HIS N 989 148.12 -32.95 135.10
C HIS N 989 147.23 -31.79 134.69
N ASP N 990 146.43 -31.96 133.62
CA ASP N 990 145.50 -30.94 133.07
C ASP N 990 144.21 -30.85 133.87
N TRP N 991 143.70 -32.00 134.34
CA TRP N 991 142.46 -32.15 135.09
C TRP N 991 142.52 -31.53 136.48
N ALA N 992 143.60 -31.78 137.23
CA ALA N 992 143.74 -31.34 138.62
C ALA N 992 143.51 -29.84 138.90
N PRO N 993 144.21 -28.90 138.24
CA PRO N 993 143.97 -27.48 138.53
C PRO N 993 142.58 -26.99 138.13
N LYS N 994 142.05 -27.48 137.01
CA LYS N 994 140.76 -27.04 136.48
C LYS N 994 139.61 -27.53 137.33
N VAL N 995 139.48 -28.85 137.52
CA VAL N 995 138.34 -29.42 138.23
C VAL N 995 138.55 -29.43 139.76
N TYR N 996 139.71 -29.90 140.25
CA TYR N 996 139.90 -29.98 141.69
C TYR N 996 139.97 -28.61 142.30
N GLY N 997 140.55 -27.67 141.59
CA GLY N 997 140.63 -26.29 142.06
C GLY N 997 139.26 -25.65 142.14
N ALA N 998 138.43 -25.87 141.11
CA ALA N 998 137.07 -25.33 141.05
C ALA N 998 136.21 -25.81 142.21
N TRP N 999 136.33 -27.09 142.56
CA TRP N 999 135.57 -27.66 143.67
C TRP N 999 136.10 -27.15 145.01
N ASN N 1000 137.44 -27.05 145.17
CA ASN N 1000 138.04 -26.55 146.42
C ASN N 1000 137.70 -25.06 146.60
N LEU N 1001 137.57 -24.30 145.48
CA LEU N 1001 137.17 -22.90 145.54
C LEU N 1001 135.72 -22.80 146.00
N HIS N 1002 134.84 -23.59 145.35
CA HIS N 1002 133.42 -23.63 145.69
C HIS N 1002 133.25 -23.94 147.18
N GLN N 1003 133.91 -25.01 147.67
CA GLN N 1003 133.82 -25.39 149.08
C GLN N 1003 134.36 -24.28 149.99
N ALA N 1004 135.52 -23.66 149.65
CA ALA N 1004 136.11 -22.58 150.46
C ALA N 1004 135.15 -21.40 150.64
N VAL N 1005 134.32 -21.13 149.61
CA VAL N 1005 133.32 -20.06 149.62
C VAL N 1005 132.16 -20.44 150.57
N GLN N 1006 131.63 -21.69 150.49
CA GLN N 1006 130.53 -22.12 151.38
C GLN N 1006 131.05 -22.21 152.82
N SER N 1007 132.24 -22.82 152.99
CA SER N 1007 132.93 -22.99 154.27
C SER N 1007 133.18 -21.65 154.97
N GLY N 1008 133.48 -20.62 154.19
CA GLY N 1008 133.67 -19.28 154.71
C GLY N 1008 132.41 -18.73 155.36
N GLY N 1009 132.59 -17.71 156.20
CA GLY N 1009 131.51 -17.10 156.95
C GLY N 1009 130.58 -16.22 156.13
N PRO N 1010 130.05 -15.12 156.72
CA PRO N 1010 129.16 -14.24 155.96
C PRO N 1010 129.91 -13.39 154.94
N ALA N 1011 131.24 -13.20 155.11
CA ALA N 1011 132.08 -12.43 154.18
C ALA N 1011 132.10 -13.04 152.78
N THR N 1012 132.17 -14.37 152.71
CA THR N 1012 132.19 -15.12 151.45
C THR N 1012 130.79 -15.32 150.86
N SER N 1013 129.75 -15.36 151.72
CA SER N 1013 128.36 -15.58 151.31
C SER N 1013 127.66 -14.30 150.77
N GLU N 1014 128.42 -13.41 150.09
CA GLU N 1014 127.93 -12.17 149.49
C GLU N 1014 128.51 -11.92 148.08
N LEU N 1015 129.13 -12.94 147.42
CA LEU N 1015 129.79 -12.67 146.15
C LEU N 1015 128.80 -12.55 144.97
N ASP N 1016 129.22 -11.71 144.02
CA ASP N 1016 128.49 -11.33 142.80
C ASP N 1016 128.71 -12.30 141.68
N TRP N 1017 129.96 -12.79 141.53
CA TRP N 1017 130.28 -13.71 140.45
C TRP N 1017 131.28 -14.79 140.90
N PHE N 1018 131.40 -15.81 140.05
CA PHE N 1018 132.34 -16.92 140.21
C PHE N 1018 132.64 -17.38 138.82
N CYS N 1019 133.74 -16.89 138.26
CA CYS N 1019 134.05 -17.14 136.87
C CYS N 1019 135.14 -18.19 136.72
N ALA N 1020 135.05 -18.96 135.61
CA ALA N 1020 135.96 -20.03 135.25
C ALA N 1020 136.41 -19.87 133.83
N PHE N 1021 137.68 -19.60 133.59
CA PHE N 1021 138.15 -19.51 132.22
C PHE N 1021 138.29 -20.91 131.66
N SER N 1022 137.49 -21.23 130.63
CA SER N 1022 137.48 -22.51 129.94
C SER N 1022 138.26 -22.33 128.61
N SER N 1023 138.05 -23.25 127.62
CA SER N 1023 138.70 -23.15 126.31
C SER N 1023 137.70 -23.44 125.20
N ALA N 1024 137.85 -22.74 124.06
CA ALA N 1024 137.01 -22.97 122.88
C ALA N 1024 137.36 -24.33 122.20
N ALA N 1025 138.56 -24.88 122.48
CA ALA N 1025 138.99 -26.19 122.01
C ALA N 1025 138.08 -27.29 122.56
N ALA N 1026 137.54 -27.11 123.77
CA ALA N 1026 136.59 -28.05 124.37
C ALA N 1026 135.28 -28.06 123.58
N LEU N 1027 134.81 -26.85 123.15
CA LEU N 1027 133.55 -26.71 122.43
C LEU N 1027 133.60 -27.28 121.02
N VAL N 1028 134.68 -27.02 120.26
CA VAL N 1028 134.75 -27.49 118.86
C VAL N 1028 135.61 -28.74 118.64
N GLY N 1029 136.65 -28.93 119.45
CA GLY N 1029 137.48 -30.12 119.41
C GLY N 1029 138.82 -29.96 118.76
N SER N 1030 139.64 -28.96 119.19
CA SER N 1030 140.97 -28.75 118.61
C SER N 1030 141.81 -30.03 118.81
N PRO N 1031 142.18 -30.81 117.76
CA PRO N 1031 142.94 -32.03 118.00
C PRO N 1031 144.26 -31.75 118.73
N GLY N 1032 144.70 -32.75 119.47
CA GLY N 1032 145.91 -32.69 120.28
C GLY N 1032 145.64 -32.25 121.71
N GLN N 1033 144.57 -31.48 121.95
CA GLN N 1033 144.23 -31.02 123.30
C GLN N 1033 143.75 -32.22 124.13
N GLY N 1034 142.59 -32.79 123.77
CA GLY N 1034 142.04 -34.01 124.35
C GLY N 1034 141.77 -34.04 125.84
N ALA N 1035 142.85 -34.04 126.63
CA ALA N 1035 142.79 -34.05 128.08
C ALA N 1035 142.53 -32.68 128.62
N TYR N 1036 143.13 -31.62 128.00
CA TYR N 1036 142.82 -30.25 128.40
C TYR N 1036 141.35 -29.95 128.05
N ALA N 1037 140.87 -30.51 126.93
CA ALA N 1037 139.48 -30.34 126.50
C ALA N 1037 138.48 -30.97 127.47
N ALA N 1038 138.78 -32.18 127.95
CA ALA N 1038 137.90 -32.89 128.89
C ALA N 1038 137.83 -32.16 130.24
N ALA N 1039 138.98 -31.69 130.75
CA ALA N 1039 139.04 -30.96 132.03
C ALA N 1039 138.14 -29.75 132.01
N ASN N 1040 138.09 -29.05 130.87
CA ASN N 1040 137.23 -27.90 130.69
C ASN N 1040 135.75 -28.30 130.60
N SER N 1041 135.43 -29.43 129.91
CA SER N 1041 134.03 -29.89 129.73
C SER N 1041 133.37 -30.16 131.06
N TRP N 1042 134.16 -30.63 132.02
CA TRP N 1042 133.70 -30.88 133.40
C TRP N 1042 133.45 -29.54 134.09
N LEU N 1043 134.47 -28.67 134.03
CA LEU N 1043 134.44 -27.33 134.63
C LEU N 1043 133.29 -26.48 134.07
N ASP N 1044 133.05 -26.59 132.75
CA ASP N 1044 131.96 -25.93 132.01
C ASP N 1044 130.61 -26.30 132.62
N ALA N 1045 130.43 -27.61 132.87
CA ALA N 1045 129.22 -28.22 133.41
C ALA N 1045 129.06 -27.94 134.88
N PHE N 1046 130.18 -27.94 135.64
CA PHE N 1046 130.19 -27.65 137.08
C PHE N 1046 129.57 -26.28 137.34
N MET N 1047 129.78 -25.33 136.42
CA MET N 1047 129.22 -24.00 136.52
C MET N 1047 127.72 -24.04 136.39
N GLN N 1048 127.18 -24.83 135.46
CA GLN N 1048 125.72 -24.95 135.27
C GLN N 1048 125.09 -25.67 136.48
N TRP N 1049 125.85 -26.59 137.15
CA TRP N 1049 125.41 -27.25 138.38
C TRP N 1049 125.40 -26.24 139.52
N ARG N 1050 126.45 -25.42 139.61
CA ARG N 1050 126.59 -24.39 140.64
C ARG N 1050 125.46 -23.35 140.48
N ARG N 1051 125.11 -22.97 139.22
CA ARG N 1051 124.01 -22.05 138.94
C ARG N 1051 122.69 -22.69 139.34
N ALA N 1052 122.51 -24.00 139.06
CA ALA N 1052 121.31 -24.76 139.45
C ALA N 1052 121.10 -24.74 140.96
N GLN N 1053 122.18 -24.85 141.75
CA GLN N 1053 122.09 -24.80 143.21
C GLN N 1053 121.65 -23.42 143.72
N GLY N 1054 121.80 -22.37 142.88
CA GLY N 1054 121.42 -21.00 143.20
C GLY N 1054 122.61 -20.06 143.21
N LEU N 1055 123.81 -20.62 143.50
CA LEU N 1055 125.06 -19.87 143.57
C LEU N 1055 125.36 -19.20 142.23
N PRO N 1056 126.07 -18.06 142.20
CA PRO N 1056 126.43 -17.44 140.91
C PRO N 1056 127.51 -18.26 140.23
N ALA N 1057 127.50 -18.30 138.89
CA ALA N 1057 128.47 -19.10 138.15
C ALA N 1057 128.59 -18.67 136.70
N THR N 1058 129.82 -18.68 136.14
CA THR N 1058 130.10 -18.31 134.74
C THR N 1058 131.28 -19.09 134.17
N SER N 1059 131.30 -19.36 132.86
CA SER N 1059 132.47 -19.95 132.20
C SER N 1059 132.64 -19.32 130.84
N ILE N 1060 133.88 -18.94 130.53
CA ILE N 1060 134.19 -18.26 129.29
C ILE N 1060 135.19 -19.08 128.49
N ALA N 1061 134.71 -19.77 127.44
CA ALA N 1061 135.58 -20.59 126.58
C ALA N 1061 136.37 -19.67 125.64
N TRP N 1062 137.60 -19.31 126.06
CA TRP N 1062 138.44 -18.37 125.32
C TRP N 1062 139.08 -18.95 124.06
N GLY N 1063 139.47 -18.04 123.15
CA GLY N 1063 140.18 -18.35 121.91
C GLY N 1063 141.68 -18.19 122.07
N ALA N 1064 142.37 -17.73 121.01
CA ALA N 1064 143.83 -17.55 121.02
C ALA N 1064 144.24 -16.10 121.34
N TRP N 1065 144.88 -15.86 122.50
CA TRP N 1065 145.27 -14.50 122.90
C TRP N 1065 146.63 -14.06 122.34
N GLY N 1066 146.82 -12.74 122.23
CA GLY N 1066 148.03 -12.13 121.68
C GLY N 1066 149.23 -12.08 122.62
N GLU N 1067 149.07 -11.45 123.80
CA GLU N 1067 150.16 -11.31 124.79
C GLU N 1067 149.61 -11.31 126.21
N ASN N 1079 141.17 -14.54 113.55
CA ASN N 1079 142.46 -13.87 113.37
C ASN N 1079 143.21 -13.66 114.72
N ALA N 1080 142.74 -14.29 115.84
CA ALA N 1080 143.27 -14.24 117.24
C ALA N 1080 142.61 -13.11 118.09
N ILE N 1081 142.48 -13.36 119.41
CA ILE N 1081 141.88 -12.41 120.35
C ILE N 1081 143.01 -11.51 120.90
N ALA N 1082 142.74 -10.21 120.98
CA ALA N 1082 143.69 -9.23 121.49
C ALA N 1082 143.57 -9.09 123.01
N PRO N 1083 144.56 -8.53 123.71
CA PRO N 1083 144.46 -8.40 125.17
C PRO N 1083 143.31 -7.46 125.65
N ASP N 1084 143.27 -6.20 125.18
CA ASP N 1084 142.24 -5.24 125.58
C ASP N 1084 140.84 -5.61 125.03
N GLU N 1085 140.79 -6.47 123.99
CA GLU N 1085 139.55 -6.96 123.38
C GLU N 1085 138.81 -7.92 124.33
N GLY N 1086 139.57 -8.79 124.98
CA GLY N 1086 139.05 -9.74 125.94
C GLY N 1086 138.68 -9.12 127.28
N ALA N 1087 139.38 -8.04 127.69
CA ALA N 1087 139.10 -7.35 128.97
C ALA N 1087 137.68 -6.79 128.99
N TYR N 1088 137.23 -6.21 127.85
CA TYR N 1088 135.88 -5.66 127.69
C TYR N 1088 134.87 -6.78 127.65
N ALA N 1089 135.20 -7.87 126.93
CA ALA N 1089 134.34 -9.05 126.82
C ALA N 1089 134.10 -9.68 128.19
N PHE N 1090 135.18 -9.91 128.94
CA PHE N 1090 135.13 -10.47 130.29
C PHE N 1090 134.20 -9.63 131.19
N GLU N 1091 134.48 -8.32 131.31
CA GLU N 1091 133.65 -7.39 132.09
C GLU N 1091 132.17 -7.43 131.65
N ALA N 1092 131.91 -7.47 130.32
CA ALA N 1092 130.57 -7.48 129.75
C ALA N 1092 129.82 -8.77 130.07
N ILE N 1093 130.49 -9.91 129.93
CA ILE N 1093 129.93 -11.23 130.21
C ILE N 1093 129.54 -11.32 131.70
N LEU N 1094 130.31 -10.66 132.59
CA LEU N 1094 130.02 -10.67 134.03
C LEU N 1094 128.76 -9.84 134.36
N ARG N 1095 128.43 -8.84 133.54
CA ARG N 1095 127.21 -8.05 133.76
C ARG N 1095 125.95 -8.83 133.34
N HIS N 1096 126.09 -9.81 132.45
CA HIS N 1096 124.96 -10.62 132.00
C HIS N 1096 124.89 -11.97 132.73
N ASP N 1097 123.68 -12.53 132.80
CA ASP N 1097 123.36 -13.78 133.50
C ASP N 1097 123.40 -15.00 132.54
N ARG N 1098 124.51 -15.16 131.83
CA ARG N 1098 124.69 -16.29 130.94
C ARG N 1098 125.78 -17.13 131.54
N VAL N 1099 125.51 -18.43 131.81
CA VAL N 1099 126.49 -19.32 132.43
C VAL N 1099 127.56 -19.67 131.42
N TYR N 1100 127.15 -20.26 130.29
CA TYR N 1100 128.10 -20.66 129.27
C TYR N 1100 128.25 -19.61 128.18
N ASN N 1101 129.51 -19.15 128.03
CA ASN N 1101 129.96 -18.19 127.04
C ASN N 1101 131.17 -18.73 126.27
N GLY N 1102 131.30 -18.34 125.00
CA GLY N 1102 132.42 -18.76 124.17
C GLY N 1102 132.93 -17.65 123.29
N TYR N 1103 133.96 -16.92 123.75
CA TYR N 1103 134.58 -15.84 122.97
C TYR N 1103 135.62 -16.46 122.04
N ALA N 1104 135.17 -16.58 120.73
CA ALA N 1104 135.78 -17.20 119.52
C ALA N 1104 136.30 -16.15 118.51
N PRO N 1105 137.56 -16.23 118.00
CA PRO N 1105 138.07 -15.15 117.14
C PRO N 1105 137.51 -14.98 115.72
N VAL N 1106 136.72 -15.92 115.15
CA VAL N 1106 136.19 -15.83 113.75
C VAL N 1106 137.36 -16.02 112.73
N LEU N 1107 137.19 -16.89 111.70
CA LEU N 1107 138.25 -17.21 110.75
C LEU N 1107 139.57 -17.31 111.47
N GLY N 1108 139.60 -18.13 112.49
CA GLY N 1108 140.77 -18.24 113.34
C GLY N 1108 140.44 -19.03 114.57
N ALA N 1109 141.31 -20.00 114.86
CA ALA N 1109 141.21 -20.90 116.01
C ALA N 1109 139.97 -21.80 115.90
N SER N 1110 138.95 -21.51 116.72
CA SER N 1110 137.79 -22.35 116.86
C SER N 1110 136.84 -22.27 115.66
N TRP N 1111 136.74 -21.10 115.02
CA TRP N 1111 135.81 -20.98 113.92
C TRP N 1111 136.21 -21.95 112.82
N LEU N 1112 137.51 -22.10 112.60
CA LEU N 1112 137.98 -22.97 111.54
C LEU N 1112 137.80 -24.42 111.91
N THR N 1113 138.09 -24.81 113.17
CA THR N 1113 137.84 -26.20 113.62
C THR N 1113 136.33 -26.55 113.47
N ALA N 1114 135.42 -25.55 113.61
CA ALA N 1114 133.97 -25.75 113.45
C ALA N 1114 133.65 -25.99 112.00
N PHE N 1115 134.31 -25.21 111.11
CA PHE N 1115 134.15 -25.35 109.66
C PHE N 1115 134.49 -26.77 109.19
N ALA N 1116 135.60 -27.31 109.75
CA ALA N 1116 136.15 -28.63 109.44
C ALA N 1116 135.27 -29.79 109.85
N GLN N 1117 134.28 -29.59 110.72
CA GLN N 1117 133.41 -30.69 111.12
C GLN N 1117 132.56 -31.15 109.99
N ARG N 1118 131.78 -30.19 109.45
CA ARG N 1118 130.75 -30.42 108.44
C ARG N 1118 129.94 -31.68 108.92
N SER N 1119 129.37 -31.47 110.13
CA SER N 1119 128.45 -32.33 110.86
C SER N 1119 127.29 -31.43 111.24
N PRO N 1120 126.13 -31.94 111.64
CA PRO N 1120 125.00 -31.04 111.91
C PRO N 1120 125.20 -30.11 113.11
N PHE N 1121 126.19 -30.36 113.97
CA PHE N 1121 126.48 -29.48 115.10
C PHE N 1121 126.92 -28.08 114.61
N ALA N 1122 127.80 -28.03 113.61
CA ALA N 1122 128.30 -26.77 113.01
C ALA N 1122 127.58 -26.47 111.71
N GLU N 1123 126.26 -26.70 111.68
CA GLU N 1123 125.42 -26.47 110.50
C GLU N 1123 125.25 -24.98 110.23
N LEU N 1124 125.04 -24.19 111.31
CA LEU N 1124 124.79 -22.75 111.20
C LEU N 1124 126.04 -21.96 110.81
N PHE N 1125 127.22 -22.50 111.12
CA PHE N 1125 128.49 -21.87 110.79
C PHE N 1125 128.83 -21.93 109.30
N LEU N 1126 128.41 -22.97 108.59
CA LEU N 1126 128.71 -23.09 107.16
C LEU N 1126 127.92 -22.05 106.36
N ALA N 1127 126.59 -22.01 106.56
CA ALA N 1127 125.66 -21.07 105.91
C ALA N 1127 125.72 -21.19 104.37
N PRO O 15 79.25 20.77 -21.52
CA PRO O 15 78.58 20.65 -20.23
C PRO O 15 77.54 21.75 -20.03
N SER O 16 76.27 21.40 -20.21
CA SER O 16 75.17 22.34 -20.06
C SER O 16 73.96 21.66 -19.45
N VAL O 17 72.98 22.47 -19.09
CA VAL O 17 71.77 21.98 -18.47
C VAL O 17 70.59 22.79 -18.98
N SER O 18 69.47 22.12 -19.22
CA SER O 18 68.26 22.74 -19.71
C SER O 18 67.62 23.58 -18.63
N VAL O 19 67.13 24.79 -18.98
CA VAL O 19 66.49 25.67 -18.01
C VAL O 19 65.24 26.30 -18.57
N HIS O 20 64.39 26.82 -17.68
CA HIS O 20 63.16 27.49 -18.08
C HIS O 20 63.51 28.83 -18.62
N PRO O 21 62.82 29.35 -19.65
CA PRO O 21 63.22 30.66 -20.22
C PRO O 21 63.20 31.80 -19.19
N LEU O 22 62.14 31.90 -18.40
CA LEU O 22 62.04 32.94 -17.40
C LEU O 22 62.72 32.55 -16.10
N LEU O 23 62.23 31.51 -15.42
CA LEU O 23 62.78 31.06 -14.13
C LEU O 23 64.29 30.98 -14.15
N GLY O 24 64.83 30.31 -15.16
CA GLY O 24 66.26 30.22 -15.33
C GLY O 24 66.91 29.15 -14.47
N SER O 25 68.12 29.46 -13.92
CA SER O 25 68.91 28.51 -13.13
C SER O 25 68.22 28.19 -11.80
N HIS O 26 68.14 26.89 -11.50
CA HIS O 26 67.44 26.32 -10.38
C HIS O 26 68.38 25.69 -9.42
N VAL O 27 68.19 26.02 -8.14
CA VAL O 27 68.96 25.46 -7.05
C VAL O 27 68.02 25.14 -5.90
N VAL O 28 68.12 23.90 -5.38
CA VAL O 28 67.38 23.44 -4.22
C VAL O 28 68.32 23.65 -3.05
N LEU O 29 67.87 24.38 -2.04
CA LEU O 29 68.72 24.75 -0.94
C LEU O 29 68.97 23.57 -0.04
N PRO O 30 70.18 23.50 0.56
CA PRO O 30 70.51 22.39 1.47
C PRO O 30 69.92 22.62 2.86
N GLN O 31 68.60 22.41 2.96
CA GLN O 31 67.87 22.62 4.20
C GLN O 31 66.48 22.01 4.15
N GLU O 32 65.91 21.74 5.32
CA GLU O 32 64.55 21.25 5.45
C GLU O 32 63.69 22.44 5.83
N PRO O 33 62.54 22.65 5.19
CA PRO O 33 61.88 21.81 4.18
C PRO O 33 62.42 22.01 2.77
N GLU O 34 61.94 21.16 1.84
CA GLU O 34 62.29 21.22 0.41
C GLU O 34 62.09 22.67 -0.03
N GLU O 35 63.18 23.44 -0.13
CA GLU O 35 63.09 24.83 -0.56
C GLU O 35 63.87 25.03 -1.85
N HIS O 36 63.17 25.54 -2.89
CA HIS O 36 63.72 25.76 -4.21
C HIS O 36 64.01 27.23 -4.41
N LEU O 37 64.83 27.52 -5.43
CA LEU O 37 65.21 28.89 -5.72
C LEU O 37 65.72 29.02 -7.15
N TRP O 38 65.07 29.90 -7.93
CA TRP O 38 65.48 30.19 -9.29
C TRP O 38 65.95 31.61 -9.38
N GLN O 39 66.86 31.86 -10.32
CA GLN O 39 67.36 33.19 -10.61
C GLN O 39 67.32 33.31 -12.11
N GLY O 40 66.69 34.35 -12.63
CA GLY O 40 66.58 34.51 -14.07
C GLY O 40 66.37 35.93 -14.54
N ASP O 41 66.70 36.17 -15.81
CA ASP O 41 66.59 37.49 -16.43
C ASP O 41 65.29 37.57 -17.20
N VAL O 42 64.61 38.70 -17.04
CA VAL O 42 63.37 39.00 -17.74
C VAL O 42 63.57 40.35 -18.44
N GLY O 43 64.81 40.65 -18.83
CA GLY O 43 65.18 41.89 -19.48
C GLY O 43 64.83 41.87 -20.96
N THR O 44 64.77 43.06 -21.57
CA THR O 44 64.43 43.18 -22.97
C THR O 44 65.55 42.64 -23.88
N GLU O 45 66.80 42.62 -23.41
CA GLU O 45 67.92 42.07 -24.21
C GLU O 45 67.79 40.54 -24.26
N ALA O 46 67.48 39.94 -23.10
CA ALA O 46 67.28 38.49 -22.97
C ALA O 46 66.00 38.02 -23.68
N HIS O 47 64.88 38.72 -23.45
CA HIS O 47 63.57 38.41 -24.03
C HIS O 47 63.05 39.62 -24.81
N PRO O 48 63.44 39.78 -26.07
CA PRO O 48 63.01 40.95 -26.85
C PRO O 48 61.52 41.17 -26.88
N TRP O 49 60.76 40.11 -27.12
CA TRP O 49 59.31 40.16 -27.16
C TRP O 49 58.68 40.86 -25.94
N LEU O 50 59.33 40.87 -24.76
CA LEU O 50 58.79 41.56 -23.57
C LEU O 50 58.73 43.09 -23.72
N SER O 51 59.49 43.68 -24.65
CA SER O 51 59.43 45.12 -24.91
C SER O 51 58.10 45.52 -25.56
N ASP O 52 57.42 44.57 -26.22
CA ASP O 52 56.14 44.82 -26.87
C ASP O 52 55.00 45.06 -25.86
N HIS O 53 55.14 44.63 -24.60
CA HIS O 53 54.14 44.91 -23.55
C HIS O 53 54.64 46.10 -22.78
N ARG O 54 53.95 47.25 -22.88
CA ARG O 54 54.41 48.48 -22.21
C ARG O 54 53.25 49.35 -21.73
N VAL O 55 53.33 49.79 -20.46
CA VAL O 55 52.33 50.63 -19.81
C VAL O 55 52.89 52.05 -19.73
N HIS O 56 52.17 53.01 -20.34
CA HIS O 56 52.55 54.42 -20.40
C HIS O 56 53.93 54.57 -21.07
N GLN O 57 54.09 53.88 -22.23
CA GLN O 57 55.30 53.89 -23.05
C GLN O 57 56.55 53.35 -22.33
N VAL O 58 56.40 52.58 -21.24
CA VAL O 58 57.51 51.97 -20.51
C VAL O 58 57.31 50.47 -20.49
N ALA O 59 58.33 49.68 -20.89
CA ALA O 59 58.21 48.23 -20.90
C ALA O 59 58.03 47.70 -19.50
N VAL O 60 56.99 46.86 -19.29
CA VAL O 60 56.70 46.26 -17.97
C VAL O 60 56.40 44.77 -18.13
N LEU O 61 56.63 44.00 -17.06
CA LEU O 61 56.39 42.57 -17.07
C LEU O 61 54.92 42.34 -16.95
N PRO O 62 54.29 41.61 -17.90
CA PRO O 62 52.84 41.39 -17.80
C PRO O 62 52.47 40.44 -16.68
N GLY O 63 51.19 40.51 -16.25
CA GLY O 63 50.66 39.62 -15.21
C GLY O 63 50.87 38.17 -15.58
N ALA O 64 50.61 37.86 -16.86
CA ALA O 64 50.77 36.54 -17.48
C ALA O 64 52.19 35.93 -17.29
N ALA O 65 53.24 36.75 -17.16
CA ALA O 65 54.59 36.23 -16.95
C ALA O 65 54.69 35.49 -15.63
N TYR O 66 54.13 36.08 -14.56
CA TYR O 66 54.15 35.46 -13.24
C TYR O 66 53.29 34.19 -13.22
N CYS O 67 52.22 34.14 -14.02
CA CYS O 67 51.36 32.95 -14.12
C CYS O 67 52.17 31.79 -14.57
N GLU O 68 52.88 31.99 -15.69
CA GLU O 68 53.75 30.96 -16.27
C GLU O 68 54.81 30.52 -15.26
N MET O 69 55.45 31.49 -14.58
CA MET O 69 56.47 31.20 -13.58
C MET O 69 55.91 30.30 -12.48
N ALA O 70 54.69 30.59 -12.02
CA ALA O 70 54.05 29.78 -10.98
C ALA O 70 53.77 28.38 -11.50
N LEU O 71 53.12 28.27 -12.67
CA LEU O 71 52.80 26.98 -13.31
C LEU O 71 54.06 26.15 -13.54
N ALA O 72 55.14 26.81 -13.96
CA ALA O 72 56.43 26.17 -14.20
C ALA O 72 57.03 25.60 -12.92
N ALA O 73 56.96 26.36 -11.83
CA ALA O 73 57.50 25.97 -10.53
C ALA O 73 56.72 24.86 -9.81
N VAL O 74 55.55 24.44 -10.32
CA VAL O 74 54.74 23.41 -9.66
C VAL O 74 55.41 22.04 -9.71
N THR O 75 55.61 21.53 -10.92
CA THR O 75 56.17 20.21 -11.18
C THR O 75 57.52 19.95 -10.49
N PRO O 76 58.51 20.86 -10.51
CA PRO O 76 59.79 20.57 -9.82
C PRO O 76 59.68 20.47 -8.30
N VAL O 77 58.83 21.32 -7.68
CA VAL O 77 58.67 21.33 -6.23
C VAL O 77 57.84 20.11 -5.85
N LEU O 78 56.59 20.10 -6.35
CA LEU O 78 55.61 19.04 -6.15
C LEU O 78 55.63 18.13 -7.41
N GLY O 79 56.38 17.03 -7.32
CA GLY O 79 56.56 16.09 -8.43
C GLY O 79 55.30 15.40 -8.89
N ASP O 80 54.41 16.18 -9.55
CA ASP O 80 53.09 15.73 -9.98
C ASP O 80 52.39 16.82 -10.79
N THR O 81 51.12 16.54 -11.10
CA THR O 81 50.16 17.43 -11.71
C THR O 81 49.70 18.39 -10.63
N GLY O 82 49.75 19.70 -10.88
CA GLY O 82 49.31 20.64 -9.87
C GLY O 82 48.64 21.90 -10.36
N GLU O 83 48.15 22.65 -9.37
CA GLU O 83 47.43 23.90 -9.52
C GLU O 83 48.24 25.01 -8.94
N VAL O 84 47.84 26.23 -9.22
CA VAL O 84 48.43 27.43 -8.66
C VAL O 84 47.28 28.19 -8.03
N HIS O 85 47.22 28.26 -6.71
CA HIS O 85 46.15 28.96 -6.02
C HIS O 85 46.55 30.35 -5.57
N ASP O 86 45.53 31.22 -5.45
CA ASP O 86 45.64 32.56 -4.91
C ASP O 86 46.91 33.30 -5.38
N LEU O 87 47.10 33.37 -6.70
CA LEU O 87 48.23 34.08 -7.28
C LEU O 87 47.94 35.56 -7.28
N LYS O 88 48.80 36.37 -6.65
CA LYS O 88 48.62 37.81 -6.56
C LYS O 88 49.78 38.54 -7.19
N PHE O 89 49.51 39.67 -7.87
CA PHE O 89 50.55 40.53 -8.44
C PHE O 89 50.60 41.80 -7.62
N HIS O 90 51.77 42.11 -7.10
CA HIS O 90 51.95 43.26 -6.23
C HIS O 90 52.40 44.48 -7.08
N ASP O 91 53.68 44.87 -7.01
CA ASP O 91 54.18 46.04 -7.73
C ASP O 91 54.41 45.69 -9.19
N MET O 92 54.40 46.71 -10.04
CA MET O 92 54.61 46.56 -11.47
C MET O 92 56.09 46.55 -11.79
N LEU O 93 56.60 45.46 -12.39
CA LEU O 93 58.01 45.36 -12.69
C LEU O 93 58.34 46.09 -13.95
N LEU O 94 59.23 47.07 -13.90
CA LEU O 94 59.64 47.85 -15.07
C LEU O 94 60.90 47.26 -15.59
N LEU O 95 60.89 46.92 -16.86
CA LEU O 95 61.97 46.21 -17.49
C LEU O 95 63.01 47.10 -18.10
N ASP O 96 64.25 46.63 -18.01
CA ASP O 96 65.46 47.22 -18.58
C ASP O 96 66.05 46.17 -19.53
N ASP O 97 67.27 46.41 -20.05
CA ASP O 97 67.96 45.44 -20.93
C ASP O 97 68.23 44.14 -20.15
N ALA O 98 68.54 44.28 -18.85
CA ALA O 98 68.75 43.17 -17.93
C ALA O 98 67.98 43.43 -16.65
N THR O 99 67.07 42.53 -16.31
CA THR O 99 66.20 42.63 -15.14
C THR O 99 66.25 41.27 -14.41
N PRO O 100 67.19 41.08 -13.48
CA PRO O 100 67.26 39.79 -12.78
C PRO O 100 66.13 39.67 -11.80
N VAL O 101 65.59 38.46 -11.67
CA VAL O 101 64.42 38.16 -10.86
C VAL O 101 64.62 36.84 -10.14
N TRP O 102 64.18 36.76 -8.89
CA TRP O 102 64.33 35.56 -8.09
C TRP O 102 63.02 34.92 -7.70
N VAL O 103 62.77 33.72 -8.22
CA VAL O 103 61.59 32.94 -7.87
C VAL O 103 61.99 32.04 -6.74
N SER O 104 61.06 31.71 -5.87
CA SER O 104 61.38 30.85 -4.73
C SER O 104 60.13 30.16 -4.19
N ALA O 105 60.19 28.82 -4.12
CA ALA O 105 59.10 28.02 -3.61
C ALA O 105 59.59 27.18 -2.45
N ALA O 106 58.73 27.01 -1.43
CA ALA O 106 59.09 26.25 -0.24
C ALA O 106 57.95 25.41 0.20
N VAL O 107 58.20 24.13 0.46
CA VAL O 107 57.15 23.23 0.89
C VAL O 107 56.80 23.55 2.32
N THR O 108 55.51 23.82 2.56
CA THR O 108 54.97 24.15 3.87
C THR O 108 54.39 22.90 4.51
N ALA O 109 53.47 22.27 3.76
CA ALA O 109 52.77 21.05 4.12
C ALA O 109 52.84 20.08 2.94
N PRO O 110 52.60 18.77 3.13
CA PRO O 110 52.67 17.85 1.97
C PRO O 110 51.66 18.21 0.90
N GLY O 111 52.18 18.30 -0.33
CA GLY O 111 51.36 18.67 -1.49
C GLY O 111 50.97 20.13 -1.50
N THR O 112 51.73 20.99 -0.79
CA THR O 112 51.49 22.42 -0.70
C THR O 112 52.79 23.16 -0.63
N ALA O 113 52.87 24.35 -1.21
CA ALA O 113 54.10 25.12 -1.17
C ALA O 113 53.87 26.59 -1.43
N GLU O 114 54.61 27.44 -0.70
CA GLU O 114 54.52 28.90 -0.82
C GLU O 114 55.41 29.34 -1.94
N PHE O 115 54.89 30.12 -2.89
CA PHE O 115 55.62 30.61 -4.07
C PHE O 115 55.83 32.11 -3.99
N GLY O 116 56.88 32.61 -4.64
CA GLY O 116 57.17 34.04 -4.58
C GLY O 116 58.25 34.58 -5.50
N VAL O 117 57.87 35.54 -6.37
CA VAL O 117 58.77 36.22 -7.31
C VAL O 117 59.11 37.59 -6.76
N GLU O 118 60.41 37.85 -6.57
CA GLU O 118 60.93 39.12 -6.03
C GLU O 118 62.09 39.62 -6.85
N THR O 119 62.44 40.90 -6.66
CA THR O 119 63.55 41.50 -7.37
C THR O 119 64.34 42.37 -6.37
N HIS O 120 65.65 42.29 -6.45
CA HIS O 120 66.62 42.93 -5.56
C HIS O 120 67.34 44.04 -6.31
N GLN O 121 67.27 45.28 -5.82
CA GLN O 121 67.90 46.45 -6.45
C GLN O 121 68.62 47.32 -5.42
N SER O 122 69.95 47.30 -5.42
CA SER O 122 70.81 48.10 -4.52
C SER O 122 70.64 47.72 -3.02
N GLY O 123 70.26 46.47 -2.75
CA GLY O 123 70.00 45.97 -1.40
C GLY O 123 68.52 45.86 -1.05
N ASP O 124 67.66 46.66 -1.74
CA ASP O 124 66.21 46.74 -1.50
C ASP O 124 65.43 45.70 -2.26
N ARG O 125 64.88 44.70 -1.54
CA ARG O 125 64.06 43.64 -2.12
C ARG O 125 62.67 44.18 -2.38
N THR O 126 62.06 43.76 -3.49
CA THR O 126 60.70 44.20 -3.85
C THR O 126 59.89 42.98 -4.29
N GLN O 127 58.88 42.59 -3.53
CA GLN O 127 58.05 41.43 -3.89
C GLN O 127 57.14 41.82 -5.03
N ARG O 128 57.17 41.05 -6.11
CA ARG O 128 56.40 41.31 -7.32
C ARG O 128 55.20 40.39 -7.49
N ALA O 129 55.25 39.17 -6.95
CA ALA O 129 54.11 38.26 -7.02
C ALA O 129 54.25 37.11 -6.02
N THR O 130 53.12 36.59 -5.50
CA THR O 130 53.10 35.47 -4.55
C THR O 130 51.89 34.60 -4.79
N ALA O 131 52.05 33.29 -4.56
CA ALA O 131 50.98 32.32 -4.76
C ALA O 131 51.18 31.09 -3.88
N VAL O 132 50.32 30.08 -4.07
CA VAL O 132 50.42 28.79 -3.38
C VAL O 132 50.35 27.72 -4.42
N LEU O 133 51.25 26.76 -4.36
CA LEU O 133 51.29 25.65 -5.31
C LEU O 133 50.69 24.45 -4.66
N ARG O 134 49.85 23.68 -5.38
CA ARG O 134 49.19 22.51 -4.83
C ARG O 134 49.24 21.35 -5.80
N GLY O 135 49.65 20.17 -5.33
CA GLY O 135 49.73 18.96 -6.13
C GLY O 135 48.68 17.90 -5.82
N ASP O 136 48.16 17.93 -4.58
CA ASP O 136 47.12 17.03 -4.07
C ASP O 136 45.79 17.11 -4.86
N VAL O 137 45.52 18.26 -5.51
CA VAL O 137 44.31 18.52 -6.29
C VAL O 137 44.04 17.42 -7.33
N ASP O 138 42.75 17.11 -7.49
CA ASP O 138 42.26 16.06 -8.38
C ASP O 138 42.21 16.51 -9.86
N ALA O 139 42.44 15.53 -10.76
CA ALA O 139 42.44 15.73 -12.20
C ALA O 139 41.00 15.86 -12.71
N GLU O 140 40.44 17.06 -12.56
CA GLU O 140 39.08 17.39 -12.97
C GLU O 140 39.13 18.27 -14.22
N ARG O 141 39.40 17.62 -15.37
CA ARG O 141 39.53 18.33 -16.63
C ARG O 141 38.16 18.71 -17.16
N PRO O 142 37.89 20.01 -17.39
CA PRO O 142 36.56 20.37 -17.90
C PRO O 142 36.33 19.78 -19.28
N ALA O 143 35.10 19.32 -19.53
CA ALA O 143 34.74 18.69 -20.78
C ALA O 143 34.87 19.66 -21.93
N ALA O 144 35.25 19.12 -23.08
CA ALA O 144 35.44 19.88 -24.31
C ALA O 144 34.16 20.58 -24.73
N HIS O 145 34.34 21.69 -25.43
CA HIS O 145 33.24 22.52 -25.89
C HIS O 145 33.02 22.35 -27.37
N SER O 146 31.86 22.78 -27.83
CA SER O 146 31.52 22.74 -29.25
C SER O 146 31.87 24.08 -29.83
N ILE O 147 33.02 24.15 -30.52
CA ILE O 147 33.50 25.42 -31.09
C ILE O 147 32.47 25.97 -32.07
N ASP O 148 31.82 25.11 -32.84
CA ASP O 148 30.80 25.55 -33.80
C ASP O 148 29.62 26.20 -33.07
N ALA O 149 29.08 25.53 -32.05
CA ALA O 149 27.92 26.03 -31.28
C ALA O 149 28.28 27.29 -30.51
N LEU O 150 29.49 27.33 -29.92
CA LEU O 150 29.95 28.51 -29.20
C LEU O 150 29.95 29.72 -30.12
N LEU O 151 30.57 29.59 -31.29
CA LEU O 151 30.67 30.67 -32.26
C LEU O 151 29.32 31.04 -32.84
N ALA O 152 28.41 30.08 -32.92
CA ALA O 152 27.06 30.33 -33.39
C ALA O 152 26.28 31.14 -32.35
N ALA O 153 26.50 30.83 -31.06
CA ALA O 153 25.84 31.54 -29.96
C ALA O 153 26.39 32.96 -29.75
N HIS O 154 27.60 33.27 -30.27
CA HIS O 154 28.22 34.58 -30.18
C HIS O 154 28.43 35.13 -31.61
N PRO O 155 27.43 35.83 -32.15
CA PRO O 155 27.54 36.32 -33.53
C PRO O 155 28.27 37.65 -33.66
N ASN O 156 28.09 38.56 -32.68
CA ASN O 156 28.70 39.90 -32.75
C ASN O 156 30.22 39.82 -32.65
N ARG O 157 30.92 40.11 -33.76
CA ARG O 157 32.38 40.04 -33.85
C ARG O 157 33.02 41.38 -33.43
N VAL O 158 34.16 41.29 -32.73
CA VAL O 158 34.96 42.43 -32.25
C VAL O 158 36.37 42.25 -32.80
N ASP O 159 36.90 43.19 -33.60
CA ASP O 159 38.25 43.02 -34.16
C ASP O 159 39.30 43.20 -33.08
N GLY O 160 40.37 42.43 -33.19
CA GLY O 160 41.48 42.47 -32.24
C GLY O 160 42.26 43.77 -32.30
N ASP O 161 42.56 44.24 -33.50
CA ASP O 161 43.31 45.49 -33.71
C ASP O 161 42.50 46.68 -33.16
N GLU O 162 41.18 46.68 -33.39
CA GLU O 162 40.25 47.70 -32.91
C GLU O 162 40.24 47.76 -31.38
N LEU O 163 40.29 46.59 -30.74
CA LEU O 163 40.33 46.49 -29.28
C LEU O 163 41.71 46.90 -28.74
N ARG O 164 42.80 46.45 -29.41
CA ARG O 164 44.17 46.79 -29.02
C ARG O 164 44.44 48.28 -29.23
N ALA O 165 43.70 48.95 -30.12
CA ALA O 165 43.80 50.40 -30.30
C ALA O 165 43.13 51.09 -29.10
N GLY O 166 42.03 50.51 -28.63
CA GLY O 166 41.31 50.98 -27.45
C GLY O 166 42.15 50.89 -26.18
N PHE O 167 43.00 49.87 -26.10
CA PHE O 167 43.93 49.71 -24.97
C PHE O 167 44.96 50.85 -24.98
N GLY O 168 45.43 51.24 -26.15
CA GLY O 168 46.40 52.32 -26.31
C GLY O 168 45.94 53.68 -25.79
N THR O 169 44.61 53.93 -25.74
CA THR O 169 44.08 55.20 -25.23
C THR O 169 44.21 55.29 -23.71
N VAL O 170 43.91 54.17 -22.99
CA VAL O 170 44.01 54.14 -21.52
C VAL O 170 45.49 54.15 -21.04
N GLY O 171 46.44 53.78 -21.91
CA GLY O 171 47.87 53.78 -21.61
C GLY O 171 48.60 52.46 -21.81
N ILE O 172 47.85 51.37 -22.06
CA ILE O 172 48.44 50.04 -22.23
C ILE O 172 48.75 49.79 -23.71
N GLY O 173 50.02 49.52 -23.99
CA GLY O 173 50.49 49.23 -25.34
C GLY O 173 50.81 47.76 -25.53
N HIS O 174 50.22 47.15 -26.56
CA HIS O 174 50.46 45.75 -26.92
C HIS O 174 51.07 45.70 -28.31
N GLY O 175 52.35 45.35 -28.39
CA GLY O 175 53.07 45.27 -29.66
C GLY O 175 52.80 43.97 -30.38
N ALA O 176 53.61 43.70 -31.41
CA ALA O 176 53.49 42.51 -32.29
C ALA O 176 53.31 41.20 -31.54
N ALA O 177 54.14 40.99 -30.49
CA ALA O 177 54.14 39.78 -29.65
C ALA O 177 52.82 39.59 -28.91
N PHE O 178 52.24 40.68 -28.41
CA PHE O 178 51.02 40.64 -27.61
C PHE O 178 49.75 40.84 -28.47
N ALA O 179 49.88 40.74 -29.81
CA ALA O 179 48.76 40.88 -30.73
C ALA O 179 48.18 39.51 -31.13
N GLY O 180 48.20 38.53 -30.21
CA GLY O 180 47.70 37.20 -30.50
C GLY O 180 46.20 37.15 -30.71
N LEU O 181 45.45 38.05 -30.04
CA LEU O 181 44.00 38.11 -30.15
C LEU O 181 43.59 38.58 -31.55
N SER O 182 43.09 37.66 -32.37
CA SER O 182 42.69 37.95 -33.75
C SER O 182 41.34 38.66 -33.79
N GLU O 183 40.35 38.10 -33.09
CA GLU O 183 38.99 38.63 -33.03
C GLU O 183 38.20 37.96 -31.92
N ALA O 184 37.34 38.70 -31.22
CA ALA O 184 36.53 38.18 -30.13
C ALA O 184 35.06 38.23 -30.49
N TYR O 185 34.36 37.11 -30.33
CA TYR O 185 32.93 37.01 -30.62
C TYR O 185 32.14 37.14 -29.34
N VAL O 186 31.13 38.03 -29.32
CA VAL O 186 30.27 38.30 -28.17
C VAL O 186 28.81 38.22 -28.61
N ALA O 187 27.88 38.59 -27.71
CA ALA O 187 26.46 38.64 -28.02
C ALA O 187 25.86 39.92 -27.42
N THR O 188 25.49 39.91 -26.13
CA THR O 188 24.91 41.06 -25.44
C THR O 188 25.48 41.14 -24.03
N ALA O 189 24.98 42.07 -23.22
CA ALA O 189 25.42 42.18 -21.81
C ALA O 189 24.81 41.04 -20.97
N ALA O 190 23.57 40.61 -21.31
CA ALA O 190 22.84 39.52 -20.64
C ALA O 190 23.62 38.21 -20.72
N GLU O 191 24.25 37.95 -21.88
CA GLU O 191 25.08 36.77 -22.12
C GLU O 191 26.46 37.06 -21.52
N PRO O 192 26.93 36.31 -20.50
CA PRO O 192 28.20 36.67 -19.84
C PRO O 192 29.46 36.01 -20.40
N THR O 193 29.46 35.53 -21.65
CA THR O 193 30.64 34.84 -22.21
C THR O 193 31.21 35.51 -23.45
N VAL O 194 32.49 35.23 -23.71
CA VAL O 194 33.25 35.71 -24.86
C VAL O 194 34.04 34.57 -25.47
N VAL O 195 33.83 34.31 -26.76
CA VAL O 195 34.59 33.29 -27.48
C VAL O 195 35.62 34.07 -28.25
N ALA O 196 36.90 33.92 -27.92
CA ALA O 196 37.96 34.67 -28.57
C ALA O 196 38.82 33.78 -29.44
N ALA O 197 39.36 34.31 -30.53
CA ALA O 197 40.21 33.56 -31.44
C ALA O 197 41.66 33.98 -31.26
N VAL O 198 42.29 33.47 -30.21
CA VAL O 198 43.69 33.79 -29.89
C VAL O 198 44.64 32.78 -30.52
N ALA O 199 45.90 33.17 -30.65
CA ALA O 199 46.95 32.34 -31.23
C ALA O 199 48.30 32.99 -31.04
N LEU O 200 49.30 32.24 -30.61
CA LEU O 200 50.66 32.79 -30.42
C LEU O 200 51.26 33.27 -31.75
N PRO O 201 51.66 34.55 -31.89
CA PRO O 201 52.20 35.03 -33.17
C PRO O 201 53.36 34.20 -33.73
N GLY O 202 53.44 34.14 -35.06
CA GLY O 202 54.44 33.38 -35.81
C GLY O 202 55.88 33.47 -35.34
N PRO O 203 56.42 34.66 -35.04
CA PRO O 203 57.82 34.73 -34.57
C PRO O 203 58.06 33.95 -33.28
N LEU O 204 57.11 34.05 -32.36
CA LEU O 204 57.19 33.39 -31.07
C LEU O 204 56.96 31.90 -31.11
N ARG O 205 56.39 31.34 -32.21
CA ARG O 205 56.13 29.89 -32.31
C ARG O 205 57.44 29.08 -32.24
N SER O 206 58.54 29.66 -32.72
CA SER O 206 59.88 29.05 -32.59
C SER O 206 60.28 29.03 -31.11
N GLY O 207 60.03 30.15 -30.43
CA GLY O 207 60.29 30.35 -29.02
C GLY O 207 59.22 29.84 -28.07
N GLN O 208 58.53 28.71 -28.40
CA GLN O 208 57.52 28.09 -27.50
C GLN O 208 58.30 27.29 -26.44
N ARG O 209 59.58 26.95 -26.74
CA ARG O 209 60.60 26.38 -25.87
C ARG O 209 60.02 25.52 -24.72
N GLY O 210 60.26 25.90 -23.45
CA GLY O 210 59.81 25.16 -22.27
C GLY O 210 58.76 25.90 -21.48
N TYR O 211 57.89 26.60 -22.18
CA TYR O 211 56.80 27.31 -21.54
C TYR O 211 55.60 26.40 -21.36
N THR O 212 55.01 26.36 -20.15
CA THR O 212 53.74 25.65 -19.92
C THR O 212 52.67 26.32 -20.81
N VAL O 213 52.67 27.67 -20.76
CA VAL O 213 51.86 28.55 -21.60
C VAL O 213 52.70 29.79 -21.86
N HIS O 214 52.77 30.24 -23.12
CA HIS O 214 53.59 31.42 -23.42
C HIS O 214 52.91 32.65 -22.85
N PRO O 215 53.61 33.52 -22.10
CA PRO O 215 52.91 34.68 -21.51
C PRO O 215 52.28 35.62 -22.54
N ALA O 216 52.85 35.70 -23.76
CA ALA O 216 52.31 36.54 -24.84
C ALA O 216 50.89 36.07 -25.21
N LEU O 217 50.70 34.75 -25.22
CA LEU O 217 49.43 34.08 -25.54
C LEU O 217 48.44 34.23 -24.41
N LEU O 218 48.88 33.97 -23.18
CA LEU O 218 47.99 34.07 -22.02
C LEU O 218 47.53 35.52 -21.81
N ASP O 219 48.38 36.53 -22.13
CA ASP O 219 47.96 37.92 -22.00
C ASP O 219 46.92 38.27 -23.07
N ALA O 220 47.04 37.66 -24.27
CA ALA O 220 46.05 37.86 -25.33
C ALA O 220 44.65 37.28 -24.93
N CYS O 221 44.64 36.29 -24.04
CA CYS O 221 43.40 35.73 -23.50
C CYS O 221 42.79 36.70 -22.52
N PHE O 222 43.64 37.35 -21.71
CA PHE O 222 43.18 38.35 -20.73
C PHE O 222 42.60 39.55 -21.48
N GLN O 223 43.22 39.98 -22.61
CA GLN O 223 42.69 41.07 -23.45
C GLN O 223 41.25 40.77 -23.91
N SER O 224 41.03 39.50 -24.28
CA SER O 224 39.73 38.99 -24.75
C SER O 224 38.56 39.29 -23.78
N VAL O 225 38.83 39.34 -22.47
CA VAL O 225 37.80 39.63 -21.45
C VAL O 225 37.21 41.03 -21.64
N ILE O 226 38.04 41.99 -22.07
CA ILE O 226 37.63 43.39 -22.25
C ILE O 226 36.68 43.55 -23.45
N ALA O 227 36.70 42.61 -24.42
CA ALA O 227 35.79 42.63 -25.56
C ALA O 227 34.31 42.49 -25.15
N HIS O 228 34.02 41.97 -23.94
CA HIS O 228 32.64 41.79 -23.47
C HIS O 228 31.92 43.14 -23.36
N PRO O 229 30.65 43.24 -23.82
CA PRO O 229 29.94 44.53 -23.74
C PRO O 229 29.73 45.05 -22.31
N GLU O 230 29.38 44.18 -21.35
CA GLU O 230 29.17 44.57 -19.96
C GLU O 230 30.46 45.19 -19.37
N VAL O 231 31.65 44.72 -19.81
CA VAL O 231 32.93 45.27 -19.36
C VAL O 231 33.16 46.64 -19.98
N GLN O 232 32.93 46.76 -21.30
CA GLN O 232 33.09 48.03 -22.03
C GLN O 232 32.22 49.13 -21.43
N ASN O 233 30.96 48.79 -21.16
CA ASN O 233 29.98 49.74 -20.61
C ASN O 233 30.32 50.15 -19.17
N ILE O 234 30.50 49.17 -18.28
CA ILE O 234 30.75 49.45 -16.85
C ILE O 234 32.17 49.99 -16.64
N ALA O 235 33.17 49.09 -16.60
CA ALA O 235 34.55 49.49 -16.35
C ALA O 235 35.19 50.12 -17.59
N SER O 236 34.97 51.44 -17.74
CA SER O 236 35.51 52.23 -18.84
C SER O 236 36.75 52.99 -18.34
N GLY O 237 37.72 52.23 -17.83
CA GLY O 237 38.98 52.76 -17.32
C GLY O 237 40.13 51.83 -17.70
N MET O 238 41.31 52.05 -17.10
CA MET O 238 42.48 51.22 -17.35
C MET O 238 42.41 49.91 -16.57
N LEU O 239 42.21 48.77 -17.28
CA LEU O 239 42.09 47.46 -16.63
C LEU O 239 43.35 46.63 -16.79
N LEU O 240 43.95 46.32 -15.63
CA LEU O 240 45.16 45.55 -15.49
C LEU O 240 44.96 44.31 -14.66
N PRO O 241 45.58 43.17 -15.02
CA PRO O 241 45.38 41.96 -14.22
C PRO O 241 46.03 42.07 -12.86
N LEU O 242 45.27 41.76 -11.80
CA LEU O 242 45.70 41.84 -10.40
C LEU O 242 46.00 40.48 -9.78
N GLY O 243 45.44 39.41 -10.33
CA GLY O 243 45.68 38.06 -9.83
C GLY O 243 44.76 37.03 -10.44
N VAL O 244 44.89 35.77 -9.99
CA VAL O 244 44.09 34.63 -10.47
C VAL O 244 43.79 33.71 -9.30
N ARG O 245 42.54 33.30 -9.09
CA ARG O 245 42.26 32.43 -7.93
C ARG O 245 42.82 31.04 -8.08
N ARG O 246 42.77 30.47 -9.29
CA ARG O 246 43.19 29.08 -9.53
C ARG O 246 43.59 28.91 -10.95
N LEU O 247 44.80 28.38 -11.15
CA LEU O 247 45.41 28.15 -12.47
C LEU O 247 45.87 26.71 -12.61
N ARG O 248 45.41 26.03 -13.65
CA ARG O 248 45.82 24.64 -13.91
C ARG O 248 46.00 24.45 -15.38
N ALA O 249 47.03 23.70 -15.75
CA ALA O 249 47.31 23.35 -17.13
C ALA O 249 47.01 21.88 -17.29
N TYR O 250 46.14 21.54 -18.25
CA TYR O 250 45.74 20.16 -18.50
C TYR O 250 46.58 19.50 -19.57
N GLY O 251 47.09 20.29 -20.51
CA GLY O 251 47.92 19.79 -21.59
C GLY O 251 48.83 20.86 -22.19
N SER O 252 49.25 20.63 -23.42
CA SER O 252 50.11 21.56 -24.10
C SER O 252 49.28 22.64 -24.71
N THR O 253 49.67 23.89 -24.49
CA THR O 253 48.96 25.03 -25.05
C THR O 253 49.52 25.41 -26.45
N ARG O 254 50.34 24.56 -27.07
CA ARG O 254 50.97 24.82 -28.36
C ARG O 254 49.94 25.04 -29.45
N ASN O 255 48.91 24.16 -29.46
CA ASN O 255 47.86 24.14 -30.48
C ASN O 255 46.55 24.85 -30.00
N VAL O 256 46.63 25.78 -29.02
CA VAL O 256 45.46 26.56 -28.60
C VAL O 256 45.10 27.58 -29.69
N ARG O 257 43.84 27.57 -30.12
CA ARG O 257 43.32 28.47 -31.15
C ARG O 257 42.19 29.36 -30.62
N TYR O 258 41.59 29.05 -29.45
CA TYR O 258 40.48 29.81 -28.89
C TYR O 258 40.61 30.02 -27.39
N CYS O 259 39.89 31.01 -26.88
CA CYS O 259 39.83 31.31 -25.46
C CYS O 259 38.41 31.67 -25.07
N LEU O 260 37.78 30.81 -24.27
CA LEU O 260 36.43 31.02 -23.80
C LEU O 260 36.46 31.73 -22.46
N SER O 261 36.03 33.00 -22.42
CA SER O 261 35.99 33.79 -21.18
C SER O 261 34.57 33.87 -20.64
N ARG O 262 34.43 34.14 -19.34
CA ARG O 262 33.12 34.26 -18.67
C ARG O 262 33.20 35.34 -17.60
N ILE O 263 32.28 36.30 -17.62
CA ILE O 263 32.32 37.38 -16.64
C ILE O 263 31.64 36.94 -15.37
N VAL O 264 32.36 36.95 -14.27
CA VAL O 264 31.84 36.59 -12.96
C VAL O 264 31.24 37.82 -12.34
N LYS O 265 32.01 38.92 -12.33
CA LYS O 265 31.60 40.19 -11.76
C LYS O 265 32.15 41.33 -12.64
N ALA O 266 31.30 42.35 -12.89
CA ALA O 266 31.62 43.54 -13.66
C ALA O 266 31.19 44.78 -12.88
N ASP O 267 32.16 45.41 -12.22
CA ASP O 267 31.94 46.58 -11.37
C ASP O 267 32.81 47.73 -11.83
N SER O 268 32.47 48.94 -11.35
CA SER O 268 33.23 50.17 -11.63
C SER O 268 34.69 50.06 -11.17
N PHE O 269 34.93 49.35 -10.06
CA PHE O 269 36.26 49.18 -9.48
C PHE O 269 37.10 48.19 -10.29
N GLY O 270 36.54 47.01 -10.54
CA GLY O 270 37.24 45.97 -11.29
C GLY O 270 36.35 44.94 -11.94
N VAL O 271 36.98 43.95 -12.60
CA VAL O 271 36.29 42.87 -13.32
C VAL O 271 36.89 41.50 -12.96
N GLU O 272 36.04 40.49 -12.66
CA GLU O 272 36.48 39.10 -12.42
C GLU O 272 36.02 38.27 -13.56
N ALA O 273 36.72 37.20 -13.88
CA ALA O 273 36.35 36.37 -15.02
C ALA O 273 36.94 34.99 -14.98
N ASP O 274 36.20 33.94 -15.43
CA ASP O 274 36.77 32.57 -15.51
C ASP O 274 37.18 32.29 -16.99
N LEU O 275 38.45 31.89 -17.22
CA LEU O 275 38.98 31.62 -18.57
C LEU O 275 39.21 30.16 -18.82
N GLU O 276 39.22 29.77 -20.11
CA GLU O 276 39.49 28.40 -20.54
C GLU O 276 40.11 28.48 -21.92
N LEU O 277 41.33 27.93 -22.08
CA LEU O 277 42.06 27.94 -23.34
C LEU O 277 41.73 26.66 -24.09
N LEU O 278 41.04 26.77 -25.22
CA LEU O 278 40.60 25.62 -25.99
C LEU O 278 41.38 25.43 -27.28
N ASP O 279 41.61 24.17 -27.69
CA ASP O 279 42.26 23.88 -28.96
C ASP O 279 41.19 23.99 -30.08
N ALA O 280 41.56 23.65 -31.30
CA ALA O 280 40.62 23.72 -32.43
C ALA O 280 39.39 22.81 -32.25
N ASP O 281 39.59 21.62 -31.66
CA ASP O 281 38.53 20.63 -31.40
C ASP O 281 37.55 21.10 -30.32
N GLY O 282 38.04 21.94 -29.42
CA GLY O 282 37.29 22.47 -28.30
C GLY O 282 37.71 21.92 -26.97
N THR O 283 38.74 21.06 -26.93
CA THR O 283 39.26 20.46 -25.69
C THR O 283 39.94 21.52 -24.84
N VAL O 284 39.73 21.49 -23.52
CA VAL O 284 40.34 22.48 -22.63
C VAL O 284 41.81 22.11 -22.35
N LEU O 285 42.73 23.07 -22.55
CA LEU O 285 44.16 22.90 -22.34
C LEU O 285 44.66 23.59 -21.08
N LEU O 286 44.04 24.72 -20.71
CA LEU O 286 44.38 25.45 -19.48
C LEU O 286 43.19 26.22 -19.02
N SER O 287 43.06 26.40 -17.72
CA SER O 287 41.97 27.20 -17.18
C SER O 287 42.48 28.12 -16.12
N ALA O 288 42.11 29.40 -16.25
CA ALA O 288 42.48 30.45 -15.30
C ALA O 288 41.18 31.00 -14.71
N MET O 289 40.60 30.20 -13.81
CA MET O 289 39.41 30.56 -13.09
C MET O 289 39.72 31.68 -12.12
N GLY O 290 38.87 32.68 -12.08
CA GLY O 290 38.99 33.80 -11.16
C GLY O 290 39.95 34.90 -11.52
N LEU O 291 40.39 35.01 -12.79
CA LEU O 291 41.23 36.12 -13.24
C LEU O 291 40.64 37.45 -12.81
N GLN O 292 41.28 38.18 -11.90
CA GLN O 292 40.81 39.51 -11.49
C GLN O 292 41.41 40.57 -12.41
N LEU O 293 40.87 41.77 -12.36
CA LEU O 293 41.32 42.94 -13.10
C LEU O 293 40.98 44.18 -12.28
N GLY O 294 41.46 45.34 -12.70
CA GLY O 294 41.15 46.57 -11.99
C GLY O 294 41.95 47.80 -12.36
N THR O 295 41.56 48.92 -11.73
CA THR O 295 42.18 50.21 -11.93
C THR O 295 43.55 50.23 -11.26
N GLY O 296 44.61 50.35 -12.06
CA GLY O 296 45.99 50.42 -11.57
C GLY O 296 46.42 51.77 -10.98
N ASN O 297 45.67 52.87 -11.31
CA ASN O 297 45.94 54.24 -10.84
C ASN O 297 44.63 55.04 -10.69
N ALA O 526 54.81 72.89 -10.64
CA ALA O 526 54.44 74.15 -11.31
C ALA O 526 54.48 75.36 -10.33
N GLU O 527 54.64 76.59 -10.90
CA GLU O 527 54.69 77.85 -10.13
C GLU O 527 53.32 78.59 -10.15
N ARG O 528 52.63 78.66 -8.99
CA ARG O 528 51.29 79.28 -8.86
C ARG O 528 51.35 80.65 -8.17
N ARG O 529 50.34 81.50 -8.47
CA ARG O 529 50.21 82.86 -7.94
C ARG O 529 49.93 82.82 -6.44
N THR O 530 50.16 83.94 -5.77
CA THR O 530 50.18 84.07 -4.32
C THR O 530 49.12 85.04 -3.74
N ALA O 531 48.90 84.92 -2.40
CA ALA O 531 48.02 85.78 -1.58
C ALA O 531 48.76 86.23 -0.29
N VAL O 532 48.07 86.87 0.69
CA VAL O 532 48.67 87.36 1.94
C VAL O 532 47.72 87.02 3.08
N ALA O 533 48.26 86.44 4.16
CA ALA O 533 47.49 86.04 5.33
C ALA O 533 48.20 86.40 6.63
N ASP O 534 47.42 86.65 7.68
CA ASP O 534 47.93 87.01 9.02
C ASP O 534 48.61 85.81 9.69
N ASN O 535 49.54 86.03 10.67
CA ASN O 535 50.23 84.95 11.40
C ASN O 535 49.54 84.61 12.73
N ALA O 536 48.73 85.54 13.29
CA ALA O 536 47.98 85.31 14.53
C ALA O 536 46.62 84.64 14.25
N SER O 537 45.93 85.07 13.18
CA SER O 537 44.68 84.48 12.70
C SER O 537 44.95 83.98 11.29
N GLU O 538 44.02 83.23 10.71
CA GLU O 538 44.13 82.61 9.38
C GLU O 538 45.21 81.50 9.32
N GLY O 539 44.84 80.34 8.79
CA GLY O 539 45.76 79.20 8.72
C GLY O 539 46.84 79.30 7.67
N MET O 540 48.11 79.06 8.08
CA MET O 540 49.28 79.04 7.18
C MET O 540 50.21 77.88 7.55
N ARG O 541 50.42 76.98 6.60
CA ARG O 541 51.19 75.75 6.81
C ARG O 541 52.35 75.71 5.87
N LEU O 542 53.33 74.87 6.18
CA LEU O 542 54.54 74.73 5.40
C LEU O 542 54.60 73.30 4.81
N VAL O 543 55.06 73.19 3.53
CA VAL O 543 55.13 71.93 2.79
C VAL O 543 55.92 72.11 1.47
N VAL O 544 56.38 70.99 0.87
CA VAL O 544 57.06 70.95 -0.43
C VAL O 544 56.08 70.46 -1.50
N ARG O 545 55.91 71.23 -2.61
CA ARG O 545 55.00 70.83 -3.69
C ARG O 545 55.53 69.56 -4.37
N ASN O 546 56.86 69.44 -4.54
CA ASN O 546 57.47 68.24 -5.10
C ASN O 546 58.77 67.94 -4.34
N PRO O 547 58.79 66.87 -3.52
CA PRO O 547 60.02 66.54 -2.77
C PRO O 547 61.25 66.33 -3.66
N GLY O 548 62.42 66.55 -3.06
CA GLY O 548 63.71 66.46 -3.74
C GLY O 548 64.33 67.84 -3.82
N ASP O 549 63.50 68.84 -4.19
CA ASP O 549 63.90 70.24 -4.34
C ASP O 549 63.50 71.02 -3.10
N LEU O 550 64.45 71.66 -2.41
CA LEU O 550 64.16 72.48 -1.24
C LEU O 550 63.69 73.88 -1.63
N GLU O 551 63.89 74.29 -2.90
CA GLU O 551 63.37 75.55 -3.43
C GLU O 551 61.84 75.46 -3.61
N SER O 552 61.31 74.21 -3.74
CA SER O 552 59.88 73.95 -3.86
C SER O 552 59.14 74.06 -2.51
N MET O 553 59.85 74.43 -1.42
CA MET O 553 59.23 74.59 -0.11
C MET O 553 58.35 75.82 -0.14
N GLU O 554 57.04 75.59 -0.06
CA GLU O 554 56.02 76.62 -0.14
C GLU O 554 55.30 76.79 1.18
N LEU O 555 54.93 78.01 1.49
CA LEU O 555 54.12 78.34 2.65
C LEU O 555 52.67 78.37 2.16
N VAL O 556 51.96 77.25 2.27
CA VAL O 556 50.58 77.10 1.79
C VAL O 556 49.58 77.60 2.83
N THR O 557 48.35 77.90 2.39
CA THR O 557 47.26 78.31 3.27
C THR O 557 46.27 77.15 3.44
N PHE O 558 45.46 77.26 4.50
CA PHE O 558 44.43 76.27 4.79
C PHE O 558 43.33 76.89 5.64
N GLU O 559 42.10 76.36 5.55
CA GLU O 559 40.99 76.84 6.35
C GLU O 559 41.02 76.13 7.70
N ARG O 560 41.36 76.86 8.78
CA ARG O 560 41.41 76.27 10.13
C ARG O 560 39.98 76.11 10.63
N GLY O 561 39.51 74.87 10.62
CA GLY O 561 38.14 74.55 11.01
C GLY O 561 38.01 74.19 12.47
N THR O 562 36.76 74.10 12.93
CA THR O 562 36.46 73.71 14.31
C THR O 562 36.92 72.28 14.56
N PRO O 563 37.63 72.02 15.67
CA PRO O 563 38.06 70.64 15.93
C PRO O 563 36.91 69.81 16.48
N GLY O 564 37.12 68.51 16.54
CA GLY O 564 36.18 67.57 17.09
C GLY O 564 35.75 66.52 16.09
N PRO O 565 35.25 65.37 16.56
CA PRO O 565 35.08 64.97 17.96
C PRO O 565 36.36 64.33 18.52
N GLY O 566 36.69 64.70 19.75
CA GLY O 566 37.88 64.19 20.41
C GLY O 566 39.19 64.70 19.86
N GLN O 567 39.19 65.97 19.41
CA GLN O 567 40.36 66.63 18.83
C GLN O 567 40.49 68.03 19.42
N ILE O 568 41.67 68.63 19.29
CA ILE O 568 42.00 69.95 19.82
C ILE O 568 42.77 70.76 18.83
N GLU O 569 42.43 72.05 18.68
CA GLU O 569 43.19 72.98 17.86
C GLU O 569 44.20 73.66 18.76
N VAL O 570 45.48 73.70 18.37
CA VAL O 570 46.55 74.29 19.17
C VAL O 570 47.21 75.41 18.41
N ALA O 571 47.50 76.52 19.10
CA ALA O 571 48.22 77.65 18.54
C ALA O 571 49.68 77.41 18.78
N VAL O 572 50.38 76.92 17.74
CA VAL O 572 51.78 76.54 17.87
C VAL O 572 52.66 77.76 18.02
N LYS O 573 53.51 77.75 19.07
CA LYS O 573 54.50 78.77 19.36
C LYS O 573 55.86 78.30 18.80
N ALA O 574 56.11 76.97 18.83
CA ALA O 574 57.33 76.34 18.35
C ALA O 574 57.13 74.86 18.00
N SER O 575 57.93 74.35 17.06
CA SER O 575 57.93 72.93 16.63
C SER O 575 59.40 72.50 16.41
N SER O 576 59.67 71.23 16.05
CA SER O 576 61.06 70.79 15.86
C SER O 576 61.33 70.35 14.44
N ILE O 577 62.63 70.25 14.11
CA ILE O 577 63.14 69.79 12.81
C ILE O 577 63.87 68.47 13.05
N ASN O 578 63.16 67.33 12.86
CA ASN O 578 63.70 65.96 13.06
C ASN O 578 64.28 65.50 11.75
N PHE O 579 65.14 64.47 11.81
CA PHE O 579 65.82 64.04 10.59
C PHE O 579 64.81 63.31 9.70
N ALA O 580 63.70 62.87 10.28
CA ALA O 580 62.60 62.36 9.48
C ALA O 580 62.04 63.44 8.52
N ASP O 581 61.92 64.70 9.01
CA ASP O 581 61.39 65.85 8.27
C ASP O 581 62.30 66.23 7.13
N VAL O 582 63.59 65.89 7.22
CA VAL O 582 64.55 66.17 6.17
C VAL O 582 64.38 65.15 5.04
N LEU O 583 64.13 63.88 5.38
CA LEU O 583 63.87 62.83 4.40
C LEU O 583 62.58 63.09 3.64
N VAL O 584 61.58 63.64 4.34
CA VAL O 584 60.32 64.00 3.71
C VAL O 584 60.60 65.05 2.63
N ALA O 585 61.43 66.07 2.97
CA ALA O 585 61.81 67.15 2.05
C ALA O 585 62.47 66.61 0.80
N PHE O 586 63.34 65.61 0.95
CA PHE O 586 64.05 65.02 -0.19
C PHE O 586 63.28 63.85 -0.83
N GLY O 587 62.16 63.43 -0.25
CA GLY O 587 61.35 62.34 -0.76
C GLY O 587 61.91 60.97 -0.47
N ARG O 588 62.91 60.89 0.41
CA ARG O 588 63.56 59.64 0.80
C ARG O 588 62.91 59.03 2.07
N CYS O 589 61.76 59.54 2.56
CA CYS O 589 61.18 59.04 3.79
C CYS O 589 60.34 57.78 3.56
N PRO O 590 60.63 56.67 4.29
CA PRO O 590 59.80 55.47 4.20
C PRO O 590 58.67 55.49 5.22
N SER O 591 57.49 55.02 4.80
CA SER O 591 56.32 54.99 5.66
C SER O 591 55.51 53.70 5.44
N PHE O 592 54.97 53.15 6.55
CA PHE O 592 54.14 51.94 6.55
C PHE O 592 52.83 52.21 5.84
N ASP O 593 52.30 53.42 6.06
CA ASP O 593 51.08 53.91 5.42
C ASP O 593 51.24 53.91 3.89
N GLY O 594 52.41 54.33 3.44
CA GLY O 594 52.75 54.47 2.03
C GLY O 594 52.75 55.93 1.63
N ARG O 595 51.85 56.72 2.25
CA ARG O 595 51.71 58.15 2.00
C ARG O 595 52.88 58.87 2.64
N LEU O 596 53.48 59.84 1.91
CA LEU O 596 54.62 60.59 2.45
C LEU O 596 54.10 61.54 3.50
N PRO O 597 54.67 61.48 4.72
CA PRO O 597 54.13 62.34 5.80
C PRO O 597 54.31 63.81 5.55
N GLU O 598 53.65 64.60 6.39
CA GLU O 598 53.68 66.05 6.30
C GLU O 598 54.80 66.58 7.24
N LEU O 599 55.40 67.71 6.85
CA LEU O 599 56.52 68.33 7.56
C LEU O 599 56.15 68.82 8.96
N GLY O 600 56.86 68.30 9.97
CA GLY O 600 56.68 68.65 11.37
C GLY O 600 55.90 67.57 12.08
N SER O 601 56.55 66.85 13.01
CA SER O 601 55.89 65.77 13.73
C SER O 601 55.41 66.23 15.11
N GLU O 602 56.29 66.85 15.89
CA GLU O 602 55.97 67.33 17.23
C GLU O 602 55.77 68.81 17.22
N PHE O 603 55.21 69.37 18.32
CA PHE O 603 54.92 70.80 18.47
C PHE O 603 54.91 71.23 19.95
N GLY O 604 54.76 72.53 20.13
CA GLY O 604 54.65 73.17 21.43
C GLY O 604 53.80 74.42 21.30
N GLY O 605 52.66 74.43 21.96
CA GLY O 605 51.77 75.57 21.83
C GLY O 605 50.79 75.74 22.97
N VAL O 606 49.66 76.38 22.66
CA VAL O 606 48.59 76.64 23.61
C VAL O 606 47.28 76.26 22.98
N VAL O 607 46.37 75.66 23.76
CA VAL O 607 45.09 75.21 23.20
C VAL O 607 44.22 76.41 22.78
N THR O 608 43.73 76.37 21.54
CA THR O 608 42.86 77.39 20.95
C THR O 608 41.42 77.00 21.18
N ALA O 609 41.06 75.80 20.75
CA ALA O 609 39.72 75.27 20.88
C ALA O 609 39.75 73.79 21.14
N VAL O 610 38.78 73.31 21.91
CA VAL O 610 38.64 71.91 22.25
C VAL O 610 37.38 71.39 21.55
N GLY O 611 37.55 70.30 20.81
CA GLY O 611 36.46 69.69 20.06
C GLY O 611 35.52 68.89 20.93
N PRO O 612 34.21 68.88 20.59
CA PRO O 612 33.24 68.14 21.42
C PRO O 612 33.48 66.62 21.37
N GLY O 613 33.78 65.96 22.48
CA GLY O 613 33.91 66.52 23.83
C GLY O 613 34.98 65.79 24.59
N VAL O 614 35.92 66.54 25.19
CA VAL O 614 37.01 65.94 25.96
C VAL O 614 37.20 66.70 27.27
N THR O 615 37.18 65.94 28.36
CA THR O 615 37.32 66.43 29.72
C THR O 615 38.79 66.70 30.07
N THR O 616 39.70 65.98 29.40
CA THR O 616 41.14 66.04 29.63
C THR O 616 41.74 67.43 29.40
N HIS O 617 41.59 67.97 28.19
CA HIS O 617 42.17 69.28 27.86
C HIS O 617 41.19 70.41 28.07
N ARG O 618 41.74 71.61 28.29
CA ARG O 618 41.03 72.85 28.51
C ARG O 618 41.64 73.92 27.60
N VAL O 619 40.85 74.93 27.19
CA VAL O 619 41.35 76.00 26.32
C VAL O 619 42.28 76.89 27.13
N GLY O 620 43.37 77.29 26.50
CA GLY O 620 44.40 78.10 27.15
C GLY O 620 45.49 77.28 27.82
N ASP O 621 45.37 75.94 27.82
CA ASP O 621 46.39 75.08 28.42
C ASP O 621 47.64 75.10 27.57
N ARG O 622 48.81 75.28 28.21
CA ARG O 622 50.10 75.21 27.50
C ARG O 622 50.39 73.74 27.28
N VAL O 623 50.36 73.28 26.02
CA VAL O 623 50.54 71.86 25.70
C VAL O 623 51.65 71.63 24.70
N GLY O 624 51.98 70.38 24.55
CA GLY O 624 52.95 69.91 23.55
C GLY O 624 52.50 68.53 23.17
N GLY O 625 52.68 68.18 21.91
CA GLY O 625 52.22 66.90 21.45
C GLY O 625 52.82 66.47 20.15
N VAL O 626 52.12 65.57 19.49
CA VAL O 626 52.46 65.00 18.19
C VAL O 626 51.21 65.10 17.34
N SER O 627 51.32 65.16 16.01
CA SER O 627 50.10 65.23 15.20
C SER O 627 50.17 64.74 13.77
N ALA O 628 51.27 65.03 13.05
CA ALA O 628 51.38 64.86 11.60
C ALA O 628 50.57 66.03 11.07
N ASN O 629 49.88 65.93 9.92
CA ASN O 629 49.03 67.04 9.43
C ASN O 629 49.78 68.42 9.36
N GLY O 630 51.12 68.40 9.40
CA GLY O 630 51.94 69.59 9.33
C GLY O 630 51.98 70.40 10.61
N CYS O 631 53.03 70.20 11.42
CA CYS O 631 53.21 70.95 12.67
C CYS O 631 54.02 72.24 12.45
N TRP O 632 54.53 72.49 11.22
CA TRP O 632 55.24 73.72 10.91
C TRP O 632 54.18 74.69 10.46
N SER O 633 53.31 75.07 11.39
CA SER O 633 52.16 75.92 11.13
C SER O 633 51.71 76.63 12.38
N ASN O 634 50.99 77.74 12.22
CA ASN O 634 50.48 78.53 13.35
C ASN O 634 49.40 77.79 14.11
N PHE O 635 48.55 77.05 13.41
CA PHE O 635 47.49 76.27 14.04
C PHE O 635 47.56 74.81 13.63
N VAL O 636 47.39 73.91 14.59
CA VAL O 636 47.43 72.46 14.35
C VAL O 636 46.29 71.79 15.06
N THR O 637 45.55 70.94 14.35
CA THR O 637 44.47 70.17 14.95
C THR O 637 45.05 68.78 15.19
N CYS O 638 45.04 68.33 16.45
CA CYS O 638 45.53 66.99 16.82
C CYS O 638 44.57 66.34 17.80
N GLU O 639 44.67 65.01 17.94
CA GLU O 639 43.80 64.27 18.85
C GLU O 639 44.13 64.57 20.31
N ALA O 640 43.17 64.35 21.20
CA ALA O 640 43.37 64.55 22.64
C ALA O 640 44.37 63.55 23.21
N ASP O 641 44.45 62.35 22.56
CA ASP O 641 45.37 61.27 22.90
C ASP O 641 46.84 61.66 22.64
N LEU O 642 47.08 62.72 21.83
CA LEU O 642 48.41 63.12 21.38
C LEU O 642 48.93 64.43 21.98
N ALA O 643 48.23 65.00 22.94
CA ALA O 643 48.72 66.22 23.57
C ALA O 643 48.67 66.05 25.06
N THR O 644 49.60 66.66 25.76
CA THR O 644 49.64 66.60 27.21
C THR O 644 50.08 67.98 27.72
N LYS O 645 49.53 68.43 28.85
CA LYS O 645 49.86 69.75 29.39
C LYS O 645 51.30 69.75 29.85
N LEU O 646 52.02 70.84 29.62
CA LEU O 646 53.44 70.91 29.96
C LEU O 646 53.63 71.29 31.41
N PRO O 647 54.65 70.73 32.14
CA PRO O 647 54.88 71.17 33.52
C PRO O 647 55.46 72.59 33.58
N GLU O 648 55.42 73.24 34.76
CA GLU O 648 55.90 74.62 34.92
C GLU O 648 57.39 74.79 34.49
N GLY O 649 58.21 73.74 34.68
CA GLY O 649 59.64 73.76 34.38
C GLY O 649 60.10 73.94 32.94
N ILE O 650 59.21 73.68 31.93
CA ILE O 650 59.57 73.83 30.52
C ILE O 650 58.61 74.67 29.72
N SER O 651 59.19 75.40 28.75
CA SER O 651 58.48 76.26 27.82
C SER O 651 57.99 75.48 26.66
N GLU O 652 57.19 76.13 25.83
CA GLU O 652 56.67 75.57 24.58
C GLU O 652 57.85 75.25 23.64
N HIS O 653 58.85 76.14 23.60
CA HIS O 653 60.05 75.96 22.80
C HIS O 653 60.95 74.80 23.30
N GLU O 654 61.09 74.64 24.64
CA GLU O 654 61.88 73.57 25.24
C GLU O 654 61.21 72.22 24.92
N ALA O 655 59.89 72.13 25.17
CA ALA O 655 59.07 70.93 24.88
C ALA O 655 59.04 70.58 23.39
N ALA O 656 59.11 71.60 22.51
CA ALA O 656 59.15 71.39 21.06
C ALA O 656 60.39 70.58 20.64
N ALA O 657 61.58 70.87 21.21
CA ALA O 657 62.87 70.19 20.91
C ALA O 657 62.98 68.78 21.50
N VAL O 658 62.67 68.65 22.79
CA VAL O 658 62.81 67.43 23.58
C VAL O 658 61.97 66.23 23.04
N GLY O 659 60.65 66.37 23.13
CA GLY O 659 59.67 65.34 22.80
C GLY O 659 60.11 64.04 22.15
N LEU O 660 60.35 64.05 20.82
CA LEU O 660 60.65 62.82 20.07
C LEU O 660 62.06 62.32 20.32
N ALA O 661 63.06 63.21 20.29
CA ALA O 661 64.44 62.81 20.54
C ALA O 661 64.54 62.04 21.84
N TYR O 662 64.09 62.66 22.94
CA TYR O 662 64.14 62.05 24.25
C TYR O 662 63.13 60.92 24.38
N GLY O 663 61.98 61.05 23.74
CA GLY O 663 60.97 60.00 23.77
C GLY O 663 61.50 58.71 23.20
N THR O 664 62.02 58.78 21.96
CA THR O 664 62.59 57.63 21.25
C THR O 664 63.66 56.96 22.12
N VAL O 665 64.58 57.77 22.67
CA VAL O 665 65.66 57.31 23.55
C VAL O 665 65.10 56.67 24.81
N TRP O 666 64.11 57.32 25.45
CA TRP O 666 63.51 56.83 26.68
C TRP O 666 62.92 55.46 26.44
N LEU O 667 62.09 55.37 25.41
CA LEU O 667 61.48 54.11 25.01
C LEU O 667 62.57 53.07 24.76
N GLY O 668 63.48 53.39 23.86
CA GLY O 668 64.55 52.50 23.46
C GLY O 668 65.51 52.02 24.53
N LEU O 669 66.05 52.93 25.33
CA LEU O 669 67.05 52.56 26.31
C LEU O 669 66.46 52.17 27.66
N THR O 670 65.78 53.07 28.34
CA THR O 670 65.27 52.78 29.68
C THR O 670 64.06 51.84 29.69
N GLU O 671 63.28 51.79 28.61
CA GLU O 671 62.05 51.00 28.60
C GLU O 671 62.23 49.63 27.93
N LEU O 672 62.76 49.59 26.70
CA LEU O 672 62.92 48.34 25.94
C LEU O 672 64.17 47.60 26.32
N ALA O 673 65.33 48.30 26.21
CA ALA O 673 66.64 47.71 26.49
C ALA O 673 66.92 47.69 28.00
N ARG O 674 66.09 48.35 28.82
CA ARG O 674 66.27 48.41 30.28
C ARG O 674 67.75 48.65 30.57
N MET O 675 68.20 49.83 30.17
CA MET O 675 69.58 50.19 30.38
C MET O 675 69.84 50.26 31.86
N SER O 676 70.72 49.38 32.30
CA SER O 676 71.18 49.30 33.67
C SER O 676 72.40 50.17 33.83
N ALA O 677 72.90 50.28 35.04
CA ALA O 677 74.10 51.05 35.29
C ALA O 677 75.31 50.18 35.02
N GLY O 678 76.37 50.81 34.53
CA GLY O 678 77.62 50.14 34.23
C GLY O 678 77.73 49.52 32.84
N ASP O 679 76.62 49.02 32.29
CA ASP O 679 76.67 48.36 30.97
C ASP O 679 77.07 49.38 29.88
N LYS O 680 77.78 48.87 28.86
CA LYS O 680 78.35 49.68 27.78
C LYS O 680 77.34 49.91 26.68
N ILE O 681 77.25 51.15 26.19
CA ILE O 681 76.28 51.53 25.16
C ILE O 681 76.97 52.18 23.98
N LEU O 682 76.55 51.82 22.76
CA LEU O 682 77.08 52.40 21.52
C LEU O 682 76.05 53.35 20.94
N ILE O 683 76.35 54.65 20.95
CA ILE O 683 75.45 55.69 20.43
C ILE O 683 75.94 56.18 19.08
N HIS O 684 75.28 55.76 17.99
CA HIS O 684 75.69 56.22 16.67
C HIS O 684 75.22 57.67 16.41
N SER O 685 76.12 58.50 15.77
CA SER O 685 75.85 59.90 15.40
C SER O 685 75.36 60.68 16.61
N ALA O 686 76.19 60.64 17.67
CA ALA O 686 75.89 61.18 19.00
C ALA O 686 75.81 62.71 19.08
N THR O 687 76.21 63.46 18.03
CA THR O 687 76.14 64.92 18.02
C THR O 687 74.73 65.44 17.69
N GLY O 688 73.89 64.59 17.12
CA GLY O 688 72.50 64.92 16.78
C GLY O 688 71.53 65.00 17.95
N GLY O 689 70.26 65.23 17.63
CA GLY O 689 69.20 65.34 18.63
C GLY O 689 68.98 64.12 19.49
N VAL O 690 68.78 62.97 18.84
CA VAL O 690 68.57 61.69 19.51
C VAL O 690 69.89 61.25 20.18
N GLY O 691 71.02 61.59 19.54
CA GLY O 691 72.35 61.29 20.07
C GLY O 691 72.63 62.00 21.38
N GLN O 692 72.35 63.30 21.44
CA GLN O 692 72.54 64.09 22.65
C GLN O 692 71.58 63.61 23.73
N ALA O 693 70.35 63.25 23.35
CA ALA O 693 69.38 62.71 24.30
C ALA O 693 69.85 61.36 24.86
N ALA O 694 70.43 60.51 24.00
CA ALA O 694 70.94 59.20 24.40
C ALA O 694 72.06 59.35 25.41
N ILE O 695 72.99 60.29 25.17
CA ILE O 695 74.10 60.57 26.08
C ILE O 695 73.52 60.94 27.43
N ALA O 696 72.56 61.88 27.45
CA ALA O 696 71.92 62.36 28.68
C ALA O 696 71.42 61.24 29.57
N VAL O 697 70.62 60.30 29.00
CA VAL O 697 70.04 59.21 29.80
C VAL O 697 71.10 58.12 30.05
N ALA O 698 72.09 57.96 29.17
CA ALA O 698 73.18 57.01 29.40
C ALA O 698 74.06 57.49 30.55
N ARG O 699 74.31 58.80 30.60
CA ARG O 699 75.07 59.42 31.69
C ARG O 699 74.27 59.31 32.98
N ALA O 700 72.95 59.56 32.88
CA ALA O 700 72.05 59.45 34.03
C ALA O 700 72.00 58.03 34.58
N ALA O 701 71.89 57.05 33.68
CA ALA O 701 71.86 55.64 34.04
C ALA O 701 73.19 55.13 34.58
N GLY O 702 74.29 55.81 34.22
CA GLY O 702 75.63 55.43 34.64
C GLY O 702 76.26 54.43 33.71
N ALA O 703 75.92 54.51 32.40
CA ALA O 703 76.41 53.59 31.37
C ALA O 703 77.68 54.14 30.75
N GLU O 704 78.57 53.23 30.31
CA GLU O 704 79.84 53.59 29.68
C GLU O 704 79.55 53.89 28.21
N ILE O 705 79.71 55.16 27.76
CA ILE O 705 79.38 55.56 26.40
C ILE O 705 80.54 55.33 25.42
N TYR O 706 80.17 54.82 24.24
CA TYR O 706 80.99 54.59 23.07
C TYR O 706 80.22 55.27 21.95
N ALA O 707 80.73 56.36 21.39
CA ALA O 707 79.96 57.11 20.39
C ALA O 707 80.62 57.16 19.03
N THR O 708 79.85 57.52 18.00
CA THR O 708 80.37 57.66 16.64
C THR O 708 79.86 58.95 16.03
N ALA O 709 80.57 59.46 15.02
CA ALA O 709 80.20 60.67 14.30
C ALA O 709 80.94 60.72 12.97
N GLY O 710 80.35 61.41 12.00
CA GLY O 710 80.88 61.49 10.64
C GLY O 710 82.11 62.34 10.47
N SER O 711 81.96 63.63 10.79
CA SER O 711 83.05 64.60 10.66
C SER O 711 84.09 64.48 11.76
N GLU O 712 85.31 65.00 11.50
CA GLU O 712 86.35 65.00 12.52
C GLU O 712 86.01 66.04 13.56
N LYS O 713 85.54 67.22 13.11
CA LYS O 713 85.06 68.30 13.98
C LYS O 713 83.97 67.76 14.93
N ARG O 714 83.06 66.95 14.39
CA ARG O 714 81.95 66.39 15.15
C ARG O 714 82.47 65.36 16.12
N ARG O 715 83.47 64.55 15.72
CA ARG O 715 84.07 63.55 16.62
C ARG O 715 84.80 64.26 17.74
N GLN O 716 85.57 65.31 17.40
CA GLN O 716 86.33 66.08 18.40
C GLN O 716 85.40 66.74 19.42
N LEU O 717 84.18 67.12 19.02
CA LEU O 717 83.22 67.68 19.98
C LEU O 717 82.88 66.65 21.05
N LEU O 718 82.65 65.39 20.65
CA LEU O 718 82.33 64.30 21.60
C LEU O 718 83.50 64.10 22.55
N ARG O 719 84.73 64.10 22.03
CA ARG O 719 85.92 63.96 22.84
C ARG O 719 85.99 65.11 23.87
N ASP O 720 85.60 66.33 23.45
CA ASP O 720 85.59 67.52 24.32
C ASP O 720 84.44 67.47 25.33
N TRP O 721 83.28 66.90 24.94
CA TRP O 721 82.14 66.72 25.84
C TRP O 721 82.47 65.78 27.01
N GLY O 722 83.62 65.11 26.95
CA GLY O 722 84.11 64.22 27.99
C GLY O 722 83.80 62.77 27.74
N ILE O 723 83.68 62.38 26.46
CA ILE O 723 83.38 61.00 26.13
C ILE O 723 84.64 60.44 25.45
N GLU O 724 85.32 59.54 26.15
CA GLU O 724 86.46 58.79 25.61
C GLU O 724 85.82 57.66 24.86
N HIS O 725 86.43 57.20 23.76
CA HIS O 725 85.91 56.11 22.90
C HIS O 725 84.95 56.68 21.82
N VAL O 726 85.52 57.49 20.91
CA VAL O 726 84.81 58.10 19.79
C VAL O 726 85.35 57.48 18.51
N TYR O 727 84.45 57.09 17.57
CA TYR O 727 84.84 56.45 16.30
C TYR O 727 84.10 57.06 15.10
N ASP O 728 84.37 56.56 13.86
CA ASP O 728 83.71 57.08 12.67
C ASP O 728 82.45 56.26 12.43
N SER O 729 81.32 56.98 12.23
CA SER O 729 79.99 56.40 11.97
C SER O 729 79.82 55.94 10.51
N ARG O 730 80.63 56.52 9.59
CA ARG O 730 80.56 56.21 8.16
C ARG O 730 81.28 54.91 7.77
N THR O 731 82.00 54.24 8.68
CA THR O 731 82.71 53.00 8.39
C THR O 731 82.30 51.90 9.35
N THR O 732 82.81 50.68 9.13
CA THR O 732 82.61 49.53 10.00
C THR O 732 83.86 49.34 10.90
N ALA O 733 84.62 50.43 11.12
CA ALA O 733 85.83 50.41 11.93
C ALA O 733 85.46 50.26 13.37
N PHE O 734 84.56 51.14 13.85
CA PHE O 734 84.09 51.16 15.22
C PHE O 734 83.96 49.77 15.83
N ALA O 735 83.46 48.78 15.07
CA ALA O 735 83.27 47.41 15.56
C ALA O 735 84.55 46.82 16.11
N ASP O 736 85.56 46.64 15.26
CA ASP O 736 86.82 46.05 15.71
C ASP O 736 87.56 46.98 16.67
N GLN O 737 87.43 48.29 16.50
CA GLN O 737 88.06 49.28 17.39
C GLN O 737 87.48 49.20 18.81
N ILE O 738 86.15 49.03 18.93
CA ILE O 738 85.48 48.90 20.22
C ILE O 738 85.82 47.54 20.80
N ARG O 739 85.88 46.50 19.97
CA ARG O 739 86.26 45.17 20.46
C ARG O 739 87.67 45.27 21.09
N THR O 740 88.58 46.04 20.48
CA THR O 740 89.93 46.25 21.01
C THR O 740 89.90 47.11 22.27
N ASP O 741 89.11 48.20 22.27
CA ASP O 741 88.99 49.13 23.40
C ASP O 741 88.16 48.55 24.59
N THR O 742 87.57 47.35 24.45
CA THR O 742 86.84 46.68 25.52
C THR O 742 87.46 45.31 25.85
N ASP O 743 88.67 45.02 25.32
CA ASP O 743 89.37 43.75 25.49
C ASP O 743 88.48 42.56 25.08
N GLY O 744 87.94 42.68 23.88
CA GLY O 744 87.09 41.68 23.25
C GLY O 744 85.67 41.55 23.75
N TYR O 745 85.25 42.36 24.74
CA TYR O 745 83.89 42.23 25.26
C TYR O 745 82.82 42.76 24.31
N GLY O 746 83.06 43.93 23.73
CA GLY O 746 82.08 44.58 22.87
C GLY O 746 81.20 45.46 23.73
N VAL O 747 79.97 45.71 23.29
CA VAL O 747 79.05 46.53 24.09
C VAL O 747 77.87 45.65 24.56
N ASP O 748 76.87 46.30 25.18
CA ASP O 748 75.64 45.68 25.64
C ASP O 748 74.44 46.19 24.89
N ILE O 749 74.32 47.50 24.78
CA ILE O 749 73.24 48.16 24.10
C ILE O 749 73.80 48.84 22.87
N VAL O 750 73.00 48.93 21.78
CA VAL O 750 73.41 49.58 20.53
C VAL O 750 72.24 50.38 20.02
N LEU O 751 72.32 51.71 20.05
CA LEU O 751 71.23 52.55 19.53
C LEU O 751 71.51 52.82 18.05
N ASN O 752 71.12 51.85 17.22
CA ASN O 752 71.42 51.85 15.80
C ASN O 752 70.56 52.76 14.93
N SER O 753 71.16 53.88 14.52
CA SER O 753 70.61 54.80 13.54
C SER O 753 71.25 54.53 12.17
N VAL O 754 72.42 53.84 12.13
CA VAL O 754 73.21 53.56 10.93
C VAL O 754 72.62 52.35 10.14
N THR O 755 73.16 52.08 8.93
CA THR O 755 72.60 51.07 8.02
C THR O 755 73.63 50.23 7.24
N GLY O 756 73.10 49.12 6.72
CA GLY O 756 73.82 48.22 5.84
C GLY O 756 74.78 47.31 6.58
N PRO O 757 76.08 47.30 6.20
CA PRO O 757 77.04 46.47 6.93
C PRO O 757 77.36 47.03 8.30
N ALA O 758 77.08 48.30 8.53
CA ALA O 758 77.28 48.95 9.82
C ALA O 758 76.21 48.49 10.84
N GLN O 759 75.05 48.06 10.33
CA GLN O 759 73.99 47.50 11.18
C GLN O 759 74.45 46.11 11.62
N ARG O 760 74.81 45.28 10.64
CA ARG O 760 75.32 43.93 10.83
C ARG O 760 76.54 43.93 11.75
N ALA O 761 77.48 44.87 11.53
CA ALA O 761 78.71 45.02 12.35
C ALA O 761 78.40 45.40 13.78
N GLY O 762 77.36 46.19 13.98
CA GLY O 762 76.89 46.61 15.30
C GLY O 762 76.25 45.48 16.07
N LEU O 763 75.53 44.60 15.38
CA LEU O 763 74.93 43.42 16.01
C LEU O 763 76.01 42.46 16.42
N GLU O 764 76.97 42.23 15.55
CA GLU O 764 78.09 41.34 15.82
C GLU O 764 78.89 41.83 17.02
N LEU O 765 78.92 43.17 17.24
CA LEU O 765 79.64 43.81 18.37
C LEU O 765 79.08 43.47 19.77
N LEU O 766 77.76 43.72 20.02
CA LEU O 766 77.18 43.53 21.36
C LEU O 766 77.25 42.06 21.80
N ALA O 767 77.49 41.86 23.13
CA ALA O 767 77.76 40.55 23.69
C ALA O 767 76.93 40.19 24.91
N PHE O 768 76.25 39.02 24.82
CA PHE O 768 75.47 38.34 25.85
C PHE O 768 74.28 39.19 26.27
N GLY O 769 74.51 40.27 27.00
CA GLY O 769 73.44 41.21 27.33
C GLY O 769 72.61 41.49 26.09
N GLY O 770 73.32 41.77 25.00
CA GLY O 770 72.82 41.97 23.66
C GLY O 770 71.44 42.60 23.52
N ARG O 771 71.39 43.92 23.38
CA ARG O 771 70.13 44.64 23.21
C ARG O 771 70.25 45.62 22.04
N PHE O 772 70.00 45.13 20.84
CA PHE O 772 70.08 45.95 19.63
C PHE O 772 68.79 46.75 19.42
N VAL O 773 68.86 48.08 19.55
CA VAL O 773 67.69 48.95 19.38
C VAL O 773 67.72 49.64 18.02
N GLU O 774 67.03 49.07 17.00
CA GLU O 774 67.03 49.71 15.69
C GLU O 774 65.94 50.76 15.59
N ILE O 775 66.36 52.03 15.55
CA ILE O 775 65.50 53.20 15.33
C ILE O 775 65.49 53.50 13.79
N GLY O 776 66.60 53.22 13.09
CA GLY O 776 66.73 53.38 11.65
C GLY O 776 65.80 52.50 10.81
N LYS O 777 64.89 53.14 10.05
CA LYS O 777 63.88 52.45 9.24
C LYS O 777 64.35 51.91 7.87
N ARG O 778 65.43 52.46 7.28
CA ARG O 778 65.86 52.08 5.92
C ARG O 778 65.98 50.58 5.70
N ASP O 779 66.70 49.88 6.60
CA ASP O 779 66.96 48.44 6.43
C ASP O 779 65.71 47.57 6.65
N ILE O 780 64.78 48.01 7.49
CA ILE O 780 63.53 47.28 7.72
C ILE O 780 62.69 47.34 6.45
N TYR O 781 62.39 48.56 5.97
CA TYR O 781 61.57 48.76 4.75
C TYR O 781 62.25 48.24 3.46
N ALA O 782 63.54 47.94 3.53
CA ALA O 782 64.27 47.31 2.42
C ALA O 782 64.19 45.76 2.48
N ASP O 783 63.62 45.16 3.56
CA ASP O 783 63.51 43.72 3.83
C ASP O 783 64.89 43.07 3.86
N THR O 784 65.89 43.78 4.41
CA THR O 784 67.23 43.23 4.46
C THR O 784 67.19 41.97 5.30
N ARG O 785 67.64 40.86 4.72
CA ARG O 785 67.61 39.59 5.42
C ARG O 785 68.79 39.58 6.36
N LEU O 786 68.52 39.69 7.64
CA LEU O 786 69.53 39.75 8.68
C LEU O 786 69.88 38.37 9.16
N GLY O 787 71.17 38.04 9.18
CA GLY O 787 71.63 36.75 9.68
C GLY O 787 71.37 36.61 11.16
N LEU O 788 70.70 35.49 11.55
CA LEU O 788 70.35 35.21 12.96
C LEU O 788 71.48 34.58 13.78
N PHE O 789 72.63 34.20 13.21
CA PHE O 789 73.69 33.55 13.96
C PHE O 789 74.20 34.34 15.17
N PRO O 790 74.36 35.67 15.13
CA PRO O 790 74.83 36.39 16.34
C PRO O 790 73.91 36.28 17.55
N PHE O 791 72.63 35.98 17.33
CA PHE O 791 71.64 35.85 18.39
C PHE O 791 71.91 34.66 19.31
N ARG O 792 72.88 33.77 18.99
CA ARG O 792 73.21 32.62 19.84
C ARG O 792 73.60 33.04 21.26
N ARG O 793 73.97 34.35 21.46
CA ARG O 793 74.35 34.90 22.76
C ARG O 793 73.18 35.64 23.44
N ASN O 794 71.96 35.09 23.43
CA ASN O 794 70.77 35.70 24.07
C ASN O 794 70.52 37.21 23.67
N LEU O 795 70.75 37.54 22.39
CA LEU O 795 70.52 38.90 21.92
C LEU O 795 69.02 39.21 21.79
N SER O 796 68.69 40.49 21.71
CA SER O 796 67.32 40.97 21.63
C SER O 796 67.26 42.12 20.65
N PHE O 797 66.48 41.99 19.59
CA PHE O 797 66.32 43.04 18.57
C PHE O 797 65.04 43.83 18.83
N TYR O 798 65.10 45.15 18.79
CA TYR O 798 63.92 45.97 19.03
C TYR O 798 63.74 46.95 17.90
N ALA O 799 62.60 46.87 17.23
CA ALA O 799 62.24 47.82 16.16
C ALA O 799 61.47 48.95 16.80
N VAL O 800 61.78 50.20 16.40
CA VAL O 800 61.14 51.37 16.97
C VAL O 800 60.65 52.24 15.84
N ASP O 801 59.33 52.62 15.89
CA ASP O 801 58.68 53.51 14.92
C ASP O 801 57.61 54.32 15.65
N LEU O 802 58.04 55.34 16.40
CA LEU O 802 57.16 56.24 17.14
C LEU O 802 56.04 56.79 16.24
N ALA O 803 56.35 57.06 14.97
CA ALA O 803 55.36 57.56 14.01
C ALA O 803 54.14 56.63 13.88
N LEU O 804 54.41 55.34 13.76
CA LEU O 804 53.40 54.31 13.64
C LEU O 804 52.67 54.15 14.96
N MET O 805 53.43 54.16 16.06
CA MET O 805 52.89 54.08 17.43
C MET O 805 51.88 55.14 17.71
N THR O 806 52.07 56.34 17.14
CA THR O 806 51.15 57.46 17.28
C THR O 806 49.74 57.06 16.82
N VAL O 807 49.65 56.10 15.89
CA VAL O 807 48.39 55.63 15.35
C VAL O 807 47.93 54.37 16.07
N THR O 808 48.80 53.39 16.23
CA THR O 808 48.44 52.09 16.83
C THR O 808 48.17 52.15 18.33
N HIS O 809 49.03 52.86 19.09
CA HIS O 809 48.91 52.99 20.55
C HIS O 809 49.22 54.43 20.93
N PRO O 810 48.30 55.36 20.67
CA PRO O 810 48.58 56.78 20.96
C PRO O 810 48.72 57.10 22.43
N GLN O 811 48.08 56.31 23.31
CA GLN O 811 48.21 56.51 24.74
C GLN O 811 49.66 56.29 25.20
N LYS O 812 50.36 55.27 24.65
CA LYS O 812 51.76 55.03 25.03
C LYS O 812 52.64 56.20 24.62
N ILE O 813 52.36 56.85 23.47
CA ILE O 813 53.13 58.02 23.00
C ILE O 813 52.83 59.19 23.91
N ARG O 814 51.56 59.38 24.31
CA ARG O 814 51.18 60.48 25.22
C ARG O 814 51.97 60.41 26.50
N ASP O 815 52.04 59.21 27.08
CA ASP O 815 52.71 58.97 28.34
C ASP O 815 54.23 59.11 28.18
N LEU O 816 54.76 58.69 27.02
CA LEU O 816 56.18 58.78 26.70
C LEU O 816 56.60 60.25 26.55
N LEU O 817 55.73 61.12 26.03
CA LEU O 817 56.07 62.56 25.93
C LEU O 817 55.94 63.21 27.27
N ALA O 818 54.86 62.88 27.95
CA ALA O 818 54.61 63.42 29.27
C ALA O 818 55.72 63.07 30.23
N THR O 819 56.24 61.82 30.17
CA THR O 819 57.31 61.43 31.09
C THR O 819 58.62 62.15 30.73
N VAL O 820 58.91 62.42 29.46
CA VAL O 820 60.16 63.14 29.13
C VAL O 820 59.99 64.61 29.51
N TYR O 821 58.78 65.16 29.33
CA TYR O 821 58.50 66.55 29.68
C TYR O 821 58.64 66.76 31.18
N ARG O 822 58.33 65.72 31.98
CA ARG O 822 58.46 65.76 33.44
C ARG O 822 59.95 65.67 33.81
N LEU O 823 60.67 64.68 33.28
CA LEU O 823 62.10 64.48 33.58
C LEU O 823 62.95 65.69 33.24
N ILE O 824 62.68 66.31 32.10
CA ILE O 824 63.45 67.46 31.64
C ILE O 824 63.11 68.72 32.48
N ALA O 825 61.83 68.88 32.90
CA ALA O 825 61.35 69.99 33.74
C ALA O 825 61.86 69.88 35.18
N ASP O 826 61.94 68.63 35.67
CA ASP O 826 62.47 68.31 37.01
C ASP O 826 63.98 68.55 37.09
N GLY O 827 64.64 68.46 35.94
CA GLY O 827 66.09 68.60 35.83
C GLY O 827 66.78 67.26 35.90
N THR O 828 65.98 66.16 35.96
CA THR O 828 66.47 64.79 35.98
C THR O 828 67.34 64.56 34.74
N LEU O 829 66.95 65.16 33.61
CA LEU O 829 67.70 65.13 32.36
C LEU O 829 67.98 66.54 31.89
N PRO O 830 69.18 66.80 31.35
CA PRO O 830 69.47 68.14 30.84
C PRO O 830 69.11 68.23 29.38
N LEU O 831 68.58 69.37 28.95
CA LEU O 831 68.19 69.55 27.56
C LEU O 831 69.44 69.71 26.66
N PRO O 832 69.30 69.51 25.33
CA PRO O 832 70.49 69.53 24.45
C PRO O 832 70.74 70.87 23.78
N GLU O 833 71.73 70.90 22.86
CA GLU O 833 72.01 72.10 22.06
C GLU O 833 70.79 72.41 21.21
N ILE O 834 70.17 73.58 21.43
CA ILE O 834 68.98 73.97 20.70
C ILE O 834 69.28 75.21 19.90
N THR O 835 69.18 75.08 18.59
CA THR O 835 69.43 76.17 17.65
C THR O 835 68.07 76.59 17.11
N HIS O 836 67.65 77.83 17.38
CA HIS O 836 66.34 78.31 16.93
C HIS O 836 66.43 78.86 15.53
N TYR O 837 65.41 78.56 14.70
CA TYR O 837 65.29 79.05 13.33
C TYR O 837 63.91 79.64 13.08
N PRO O 838 63.77 80.79 12.41
CA PRO O 838 62.41 81.27 12.11
C PRO O 838 61.81 80.42 11.02
N LEU O 839 60.48 80.39 10.93
CA LEU O 839 59.81 79.57 9.92
C LEU O 839 60.25 79.92 8.48
N GLU O 840 60.64 81.17 8.21
CA GLU O 840 61.10 81.59 6.88
C GLU O 840 62.35 80.81 6.46
N GLU O 841 63.31 80.67 7.38
CA GLU O 841 64.57 79.97 7.15
C GLU O 841 64.44 78.44 7.43
N ALA O 842 63.29 77.80 7.17
CA ALA O 842 63.14 76.35 7.39
C ALA O 842 63.95 75.57 6.38
N ALA O 843 63.90 75.99 5.09
CA ALA O 843 64.65 75.35 3.99
C ALA O 843 66.15 75.34 4.27
N THR O 844 66.65 76.45 4.84
CA THR O 844 68.07 76.60 5.18
C THR O 844 68.42 75.63 6.30
N ALA O 845 67.55 75.47 7.31
CA ALA O 845 67.77 74.52 8.40
C ALA O 845 67.84 73.07 7.86
N ILE O 846 67.08 72.78 6.76
CA ILE O 846 67.10 71.47 6.10
C ILE O 846 68.38 71.33 5.34
N ARG O 847 68.83 72.37 4.64
CA ARG O 847 70.11 72.28 3.93
C ARG O 847 71.25 71.91 4.90
N ILE O 848 71.23 72.51 6.11
CA ILE O 848 72.27 72.36 7.13
C ILE O 848 72.19 70.98 7.73
N MET O 849 70.99 70.54 8.14
CA MET O 849 70.78 69.21 8.72
C MET O 849 70.96 68.08 7.67
N GLY O 850 70.65 68.40 6.43
CA GLY O 850 70.81 67.50 5.30
C GLY O 850 72.25 67.31 4.89
N GLY O 851 73.11 68.29 5.19
CA GLY O 851 74.53 68.23 4.92
C GLY O 851 75.36 67.77 6.11
N ALA O 852 74.70 67.34 7.23
CA ALA O 852 75.34 66.90 8.47
C ALA O 852 76.26 67.97 9.08
N GLN O 853 75.99 69.26 8.81
CA GLN O 853 76.76 70.39 9.33
C GLN O 853 76.32 70.73 10.76
N HIS O 854 75.02 70.50 11.04
CA HIS O 854 74.39 70.80 12.32
C HIS O 854 74.88 70.00 13.52
N THR O 855 74.47 70.45 14.72
CA THR O 855 74.74 69.83 16.02
C THR O 855 73.55 70.07 16.94
N GLY O 856 73.09 69.01 17.58
CA GLY O 856 71.97 69.07 18.50
C GLY O 856 70.62 69.15 17.81
N LYS O 857 69.67 69.85 18.44
CA LYS O 857 68.31 69.98 17.91
C LYS O 857 68.11 71.34 17.26
N LEU O 858 67.20 71.40 16.28
CA LEU O 858 66.82 72.60 15.55
C LEU O 858 65.36 72.87 15.86
N VAL O 859 65.03 74.08 16.30
CA VAL O 859 63.65 74.40 16.68
C VAL O 859 63.11 75.44 15.71
N ILE O 860 62.14 75.06 14.89
CA ILE O 860 61.51 75.98 13.96
C ILE O 860 60.52 76.85 14.78
N ASP O 861 60.82 78.16 14.94
CA ASP O 861 60.00 79.10 15.74
C ASP O 861 58.88 79.64 14.89
N ILE O 862 57.63 79.37 15.32
CA ILE O 862 56.45 79.88 14.60
C ILE O 862 56.38 81.37 14.89
N PRO O 863 55.98 82.21 13.90
CA PRO O 863 55.86 83.65 14.18
C PRO O 863 54.95 83.87 15.40
N ASP O 864 55.51 84.51 16.47
CA ASP O 864 54.82 84.79 17.76
C ASP O 864 53.56 85.61 17.51
N THR O 865 52.51 84.89 17.03
CA THR O 865 51.19 85.34 16.61
C THR O 865 51.19 86.85 16.63
N GLY O 866 51.92 87.41 15.67
CA GLY O 866 52.12 88.83 15.55
C GLY O 866 51.83 89.34 14.16
N GLN O 867 52.88 89.48 13.35
CA GLN O 867 52.81 90.07 12.01
C GLN O 867 52.05 89.18 11.01
N SER O 868 52.16 89.52 9.70
CA SER O 868 51.53 88.81 8.60
C SER O 868 52.60 88.30 7.62
N GLN O 869 52.23 87.37 6.72
CA GLN O 869 53.17 86.79 5.76
C GLN O 869 52.53 86.46 4.40
N VAL O 870 53.35 86.45 3.32
CA VAL O 870 52.92 86.10 1.97
C VAL O 870 52.85 84.56 1.92
N VAL O 871 51.65 84.05 1.61
CA VAL O 871 51.30 82.63 1.59
C VAL O 871 50.78 82.27 0.22
N VAL O 872 50.99 81.04 -0.22
CA VAL O 872 50.48 80.57 -1.51
C VAL O 872 49.04 80.01 -1.29
N PRO O 873 48.09 80.13 -2.25
CA PRO O 873 46.75 79.58 -2.03
C PRO O 873 46.74 78.04 -2.03
N PRO O 874 45.64 77.37 -1.61
CA PRO O 874 45.65 75.89 -1.57
C PRO O 874 45.30 75.19 -2.90
N GLU O 875 44.18 75.58 -3.58
CA GLU O 875 43.72 74.98 -4.83
C GLU O 875 43.33 73.51 -4.60
N PRO P 15 66.54 25.55 -24.75
CA PRO P 15 66.96 26.50 -23.72
C PRO P 15 67.89 25.84 -22.72
N SER P 16 69.18 26.16 -22.78
CA SER P 16 70.18 25.59 -21.87
C SER P 16 71.21 26.62 -21.45
N VAL P 17 72.01 26.24 -20.46
CA VAL P 17 73.07 27.10 -19.94
C VAL P 17 74.28 26.26 -19.56
N SER P 18 75.46 26.79 -19.83
CA SER P 18 76.72 26.11 -19.53
C SER P 18 76.97 26.11 -18.04
N VAL P 19 77.43 24.98 -17.49
CA VAL P 19 77.75 24.86 -16.06
C VAL P 19 79.05 24.12 -15.84
N HIS P 20 79.61 24.28 -14.66
CA HIS P 20 80.84 23.60 -14.29
C HIS P 20 80.53 22.14 -14.05
N PRO P 21 81.41 21.20 -14.41
CA PRO P 21 81.09 19.77 -14.21
C PRO P 21 80.79 19.42 -12.75
N LEU P 22 81.62 19.87 -11.81
CA LEU P 22 81.42 19.58 -10.40
C LEU P 22 80.47 20.56 -9.78
N LEU P 23 80.86 21.86 -9.69
CA LEU P 23 80.05 22.93 -9.07
C LEU P 23 78.58 22.86 -9.50
N GLY P 24 78.35 22.79 -10.79
CA GLY P 24 77.01 22.66 -11.33
C GLY P 24 76.26 23.98 -11.40
N SER P 25 74.96 23.95 -11.08
CA SER P 25 74.09 25.12 -11.19
C SER P 25 74.47 26.18 -10.17
N HIS P 26 74.57 27.43 -10.65
CA HIS P 26 75.03 28.58 -9.90
C HIS P 26 73.93 29.57 -9.71
N VAL P 27 73.78 30.04 -8.48
CA VAL P 27 72.82 31.06 -8.12
C VAL P 27 73.45 32.02 -7.15
N VAL P 28 73.32 33.33 -7.44
CA VAL P 28 73.78 34.40 -6.57
C VAL P 28 72.58 34.80 -5.77
N LEU P 29 72.70 34.77 -4.43
CA LEU P 29 71.56 35.03 -3.57
C LEU P 29 71.21 36.50 -3.55
N PRO P 30 69.92 36.82 -3.47
CA PRO P 30 69.50 38.22 -3.44
C PRO P 30 69.65 38.81 -2.04
N GLN P 31 70.91 39.09 -1.68
CA GLN P 31 71.28 39.63 -0.37
C GLN P 31 72.68 40.19 -0.39
N GLU P 32 72.95 41.10 0.57
CA GLU P 32 74.25 41.69 0.76
C GLU P 32 74.89 40.96 1.93
N PRO P 33 76.15 40.52 1.81
CA PRO P 33 77.10 40.72 0.71
C PRO P 33 76.92 39.75 -0.45
N GLU P 34 77.69 39.99 -1.55
CA GLU P 34 77.68 39.16 -2.75
C GLU P 34 77.90 37.74 -2.28
N GLU P 35 76.82 36.93 -2.22
CA GLU P 35 76.90 35.54 -1.78
C GLU P 35 76.46 34.62 -2.91
N HIS P 36 77.33 33.70 -3.27
CA HIS P 36 77.12 32.75 -4.35
C HIS P 36 76.79 31.40 -3.79
N LEU P 37 76.23 30.55 -4.64
CA LEU P 37 75.82 29.21 -4.23
C LEU P 37 75.67 28.26 -5.41
N TRP P 38 76.41 27.15 -5.37
CA TRP P 38 76.32 26.13 -6.38
C TRP P 38 75.78 24.86 -5.79
N GLN P 39 75.13 24.07 -6.60
CA GLN P 39 74.63 22.76 -6.24
C GLN P 39 75.03 21.81 -7.34
N GLY P 40 75.69 20.71 -7.01
CA GLY P 40 76.14 19.76 -8.03
C GLY P 40 76.34 18.35 -7.55
N ASP P 41 76.31 17.39 -8.49
CA ASP P 41 76.47 15.97 -8.21
C ASP P 41 77.91 15.58 -8.46
N VAL P 42 78.46 14.78 -7.53
CA VAL P 42 79.81 14.25 -7.62
C VAL P 42 79.70 12.73 -7.46
N GLY P 43 78.57 12.17 -7.91
CA GLY P 43 78.30 10.75 -7.81
C GLY P 43 79.00 9.96 -8.89
N THR P 44 79.12 8.65 -8.69
CA THR P 44 79.80 7.77 -9.65
C THR P 44 78.97 7.60 -10.94
N GLU P 45 77.63 7.79 -10.90
CA GLU P 45 76.80 7.71 -12.10
C GLU P 45 77.04 8.95 -12.96
N ALA P 46 77.08 10.12 -12.32
CA ALA P 46 77.34 11.40 -12.99
C ALA P 46 78.79 11.50 -13.50
N HIS P 47 79.77 11.16 -12.65
CA HIS P 47 81.19 11.20 -12.97
C HIS P 47 81.81 9.80 -12.76
N PRO P 48 81.73 8.92 -13.77
CA PRO P 48 82.26 7.56 -13.63
C PRO P 48 83.70 7.50 -13.16
N TRP P 49 84.56 8.31 -13.77
CA TRP P 49 85.97 8.37 -13.43
C TRP P 49 86.24 8.54 -11.92
N LEU P 50 85.31 9.13 -11.12
CA LEU P 50 85.51 9.28 -9.66
C LEU P 50 85.51 7.94 -8.90
N SER P 51 84.96 6.86 -9.49
CA SER P 51 84.98 5.55 -8.86
C SER P 51 86.41 4.97 -8.84
N ASP P 52 87.30 5.44 -9.74
CA ASP P 52 88.69 4.98 -9.82
C ASP P 52 89.54 5.46 -8.62
N HIS P 53 89.12 6.52 -7.89
CA HIS P 53 89.81 6.97 -6.68
C HIS P 53 89.06 6.39 -5.49
N ARG P 54 89.69 5.45 -4.75
CA ARG P 54 89.02 4.77 -3.65
C ARG P 54 89.97 4.45 -2.50
N VAL P 55 89.55 4.79 -1.27
CA VAL P 55 90.31 4.57 -0.04
C VAL P 55 89.68 3.40 0.69
N HIS P 56 90.47 2.35 0.92
CA HIS P 56 90.05 1.12 1.59
C HIS P 56 88.89 0.49 0.82
N GLN P 57 89.05 0.38 -0.52
CA GLN P 57 88.09 -0.21 -1.45
C GLN P 57 86.73 0.51 -1.48
N VAL P 58 86.64 1.77 -1.02
CA VAL P 58 85.40 2.56 -1.06
C VAL P 58 85.68 3.82 -1.85
N ALA P 59 84.84 4.14 -2.84
CA ALA P 59 85.02 5.35 -3.65
C ALA P 59 84.86 6.58 -2.80
N VAL P 60 85.86 7.49 -2.86
CA VAL P 60 85.84 8.75 -2.10
C VAL P 60 86.25 9.90 -2.99
N LEU P 61 85.81 11.11 -2.62
CA LEU P 61 86.14 12.30 -3.38
C LEU P 61 87.56 12.69 -3.07
N PRO P 62 88.46 12.81 -4.08
CA PRO P 62 89.85 13.16 -3.78
C PRO P 62 90.01 14.60 -3.33
N GLY P 63 91.14 14.89 -2.66
CA GLY P 63 91.46 16.24 -2.20
C GLY P 63 91.43 17.23 -3.36
N ALA P 64 92.03 16.80 -4.50
CA ALA P 64 92.10 17.52 -5.76
C ALA P 64 90.72 18.00 -6.30
N ALA P 65 89.61 17.31 -5.97
CA ALA P 65 88.28 17.74 -6.42
C ALA P 65 87.91 19.07 -5.79
N TYR P 66 88.15 19.22 -4.48
CA TYR P 66 87.85 20.47 -3.78
C TYR P 66 88.77 21.61 -4.28
N CYS P 67 90.01 21.30 -4.68
CA CYS P 67 90.94 22.29 -5.22
C CYS P 67 90.33 22.93 -6.44
N GLU P 68 89.90 22.08 -7.39
CA GLU P 68 89.28 22.53 -8.63
C GLU P 68 88.05 23.38 -8.31
N MET P 69 87.19 22.90 -7.39
CA MET P 69 85.99 23.62 -7.00
C MET P 69 86.32 25.02 -6.50
N ALA P 70 87.37 25.14 -5.68
CA ALA P 70 87.80 26.44 -5.15
C ALA P 70 88.30 27.33 -6.25
N LEU P 71 89.20 26.82 -7.09
CA LEU P 71 89.75 27.57 -8.24
C LEU P 71 88.64 28.03 -9.19
N ALA P 72 87.66 27.15 -9.43
CA ALA P 72 86.53 27.45 -10.29
C ALA P 72 85.69 28.60 -9.74
N ALA P 73 85.43 28.58 -8.42
CA ALA P 73 84.63 29.58 -7.72
C ALA P 73 85.31 30.96 -7.57
N VAL P 74 86.60 31.12 -7.94
CA VAL P 74 87.29 32.40 -7.78
C VAL P 74 86.74 33.46 -8.72
N THR P 75 86.90 33.22 -10.03
CA THR P 75 86.52 34.15 -11.09
C THR P 75 85.06 34.64 -11.00
N PRO P 76 84.04 33.78 -10.76
CA PRO P 76 82.67 34.30 -10.68
C PRO P 76 82.42 35.21 -9.49
N VAL P 77 83.01 34.91 -8.33
CA VAL P 77 82.80 35.71 -7.13
C VAL P 77 83.59 37.01 -7.28
N LEU P 78 84.93 36.84 -7.39
CA LEU P 78 85.90 37.91 -7.56
C LEU P 78 86.23 38.00 -9.05
N GLY P 79 85.54 38.90 -9.77
CA GLY P 79 85.69 39.07 -11.21
C GLY P 79 87.07 39.52 -11.64
N ASP P 80 88.04 38.60 -11.53
CA ASP P 80 89.45 38.87 -11.78
C ASP P 80 90.24 37.57 -11.66
N THR P 81 91.56 37.75 -11.76
CA THR P 81 92.57 36.72 -11.54
C THR P 81 92.69 36.52 -10.04
N GLY P 82 92.62 35.30 -9.56
CA GLY P 82 92.74 35.09 -8.13
C GLY P 82 93.41 33.81 -7.68
N GLU P 83 93.61 33.77 -6.35
CA GLU P 83 94.26 32.69 -5.61
C GLU P 83 93.28 32.03 -4.71
N VAL P 84 93.65 30.87 -4.20
CA VAL P 84 92.86 30.13 -3.23
C VAL P 84 93.75 29.93 -2.03
N HIS P 85 93.48 30.61 -0.93
CA HIS P 85 94.31 30.49 0.27
C HIS P 85 93.72 29.56 1.31
N ASP P 86 94.60 28.98 2.13
CA ASP P 86 94.29 28.15 3.27
C ASP P 86 93.14 27.19 3.02
N LEU P 87 93.25 26.38 1.96
CA LEU P 87 92.25 25.39 1.60
C LEU P 87 92.43 24.17 2.50
N LYS P 88 91.38 23.78 3.27
CA LYS P 88 91.42 22.66 4.19
C LYS P 88 90.39 21.61 3.81
N PHE P 89 90.73 20.33 3.98
CA PHE P 89 89.80 19.22 3.74
C PHE P 89 89.45 18.62 5.08
N HIS P 90 88.15 18.57 5.39
CA HIS P 90 87.66 18.11 6.69
C HIS P 90 87.34 16.61 6.58
N ASP P 91 86.05 16.23 6.57
CA ASP P 91 85.66 14.83 6.53
C ASP P 91 85.81 14.29 5.10
N MET P 92 85.96 12.98 5.00
CA MET P 92 86.16 12.29 3.74
C MET P 92 84.82 12.00 3.13
N LEU P 93 84.56 12.53 1.92
CA LEU P 93 83.26 12.31 1.26
C LEU P 93 83.25 10.97 0.58
N LEU P 94 82.29 10.11 0.97
CA LEU P 94 82.17 8.79 0.38
C LEU P 94 81.10 8.87 -0.67
N LEU P 95 81.46 8.44 -1.87
CA LEU P 95 80.63 8.59 -3.04
C LEU P 95 79.71 7.42 -3.27
N ASP P 96 78.50 7.75 -3.75
CA ASP P 96 77.44 6.86 -4.18
C ASP P 96 77.17 7.14 -5.65
N ASP P 97 76.10 6.54 -6.22
CA ASP P 97 75.72 6.78 -7.61
C ASP P 97 75.36 8.27 -7.81
N ALA P 98 74.72 8.86 -6.77
CA ALA P 98 74.37 10.27 -6.73
C ALA P 98 74.78 10.83 -5.38
N THR P 99 75.64 11.85 -5.40
CA THR P 99 76.18 12.49 -4.21
C THR P 99 76.05 14.01 -4.41
N PRO P 100 74.92 14.62 -4.02
CA PRO P 100 74.78 16.07 -4.20
C PRO P 100 75.64 16.83 -3.22
N VAL P 101 76.22 17.92 -3.67
CA VAL P 101 77.17 18.74 -2.92
C VAL P 101 76.89 20.22 -3.16
N TRP P 102 77.01 21.02 -2.10
CA TRP P 102 76.76 22.45 -2.18
C TRP P 102 77.97 23.29 -1.89
N VAL P 103 78.45 24.01 -2.91
CA VAL P 103 79.55 24.95 -2.77
C VAL P 103 78.95 26.29 -2.49
N SER P 104 79.66 27.13 -1.74
CA SER P 104 79.13 28.43 -1.38
C SER P 104 80.26 29.39 -1.04
N ALA P 105 80.28 30.53 -1.72
CA ALA P 105 81.28 31.57 -1.49
C ALA P 105 80.58 32.86 -1.12
N ALA P 106 81.16 33.62 -0.19
CA ALA P 106 80.58 34.87 0.26
C ALA P 106 81.64 35.90 0.43
N VAL P 107 81.42 37.09 -0.11
CA VAL P 107 82.39 38.17 -0.01
C VAL P 107 82.36 38.72 1.41
N THR P 108 83.52 38.73 2.04
CA THR P 108 83.70 39.21 3.41
C THR P 108 84.20 40.65 3.37
N ALA P 109 85.31 40.84 2.66
CA ALA P 109 85.99 42.11 2.46
C ALA P 109 86.28 42.27 0.96
N PRO P 110 86.56 43.48 0.45
CA PRO P 110 86.82 43.61 -0.99
C PRO P 110 88.04 42.81 -1.42
N GLY P 111 87.86 42.02 -2.47
CA GLY P 111 88.89 41.14 -3.00
C GLY P 111 89.16 39.94 -2.12
N THR P 112 88.19 39.55 -1.28
CA THR P 112 88.31 38.42 -0.35
C THR P 112 86.97 37.75 -0.20
N ALA P 113 86.96 36.43 -0.04
CA ALA P 113 85.71 35.71 0.12
C ALA P 113 85.90 34.37 0.79
N GLU P 114 84.95 34.00 1.64
CA GLU P 114 84.97 32.73 2.37
C GLU P 114 84.34 31.69 1.48
N PHE P 115 85.04 30.56 1.27
CA PHE P 115 84.59 29.44 0.43
C PHE P 115 84.25 28.23 1.27
N GLY P 116 83.35 27.38 0.78
CA GLY P 116 82.94 26.21 1.56
C GLY P 116 82.09 25.18 0.86
N VAL P 117 82.59 23.94 0.80
CA VAL P 117 81.91 22.79 0.20
C VAL P 117 81.33 21.94 1.31
N GLU P 118 80.01 21.73 1.29
CA GLU P 118 79.28 20.96 2.30
C GLU P 118 78.32 19.98 1.64
N THR P 119 77.84 19.02 2.42
CA THR P 119 76.89 18.05 1.94
C THR P 119 75.81 17.85 3.02
N HIS P 120 74.56 17.77 2.59
CA HIS P 120 73.36 17.70 3.41
C HIS P 120 72.76 16.31 3.29
N GLN P 121 72.59 15.60 4.42
CA GLN P 121 72.05 14.24 4.48
C GLN P 121 71.04 14.10 5.60
N SER P 122 69.74 14.01 5.24
CA SER P 122 68.61 13.83 6.16
C SER P 122 68.41 15.04 7.11
N GLY P 123 68.81 16.23 6.68
CA GLY P 123 68.77 17.46 7.47
C GLY P 123 70.11 17.87 8.06
N ASP P 124 71.03 16.89 8.25
CA ASP P 124 72.34 17.09 8.87
C ASP P 124 73.42 17.52 7.87
N ARG P 125 73.85 18.77 7.97
CA ARG P 125 74.90 19.34 7.11
C ARG P 125 76.26 18.84 7.58
N THR P 126 77.17 18.56 6.64
CA THR P 126 78.53 18.07 6.94
C THR P 126 79.52 18.86 6.10
N GLN P 127 80.35 19.68 6.74
CA GLN P 127 81.34 20.49 6.01
C GLN P 127 82.48 19.59 5.55
N ARG P 128 82.77 19.62 4.25
CA ARG P 128 83.79 18.77 3.62
C ARG P 128 85.07 19.51 3.29
N ALA P 129 85.00 20.83 3.02
CA ALA P 129 86.18 21.62 2.73
C ALA P 129 85.89 23.11 2.85
N THR P 130 86.90 23.91 3.25
CA THR P 130 86.77 25.37 3.38
C THR P 130 88.06 26.05 3.01
N ALA P 131 87.96 27.25 2.41
CA ALA P 131 89.11 28.03 1.98
C ALA P 131 88.79 29.51 1.95
N VAL P 132 89.73 30.30 1.46
CA VAL P 132 89.56 31.75 1.27
C VAL P 132 89.96 32.08 -0.14
N LEU P 133 89.13 32.84 -0.84
CA LEU P 133 89.40 33.22 -2.22
C LEU P 133 89.91 34.64 -2.20
N ARG P 134 90.96 34.94 -2.99
CA ARG P 134 91.55 36.29 -3.04
C ARG P 134 91.82 36.72 -4.46
N GLY P 135 91.39 37.93 -4.82
CA GLY P 135 91.56 38.50 -6.15
C GLY P 135 92.59 39.62 -6.22
N ASP P 136 92.79 40.32 -5.10
CA ASP P 136 93.74 41.43 -4.93
C ASP P 136 95.21 41.04 -5.20
N VAL P 137 95.55 39.74 -5.05
CA VAL P 137 96.88 39.19 -5.25
C VAL P 137 97.47 39.56 -6.62
N ASP P 138 98.80 39.82 -6.63
CA ASP P 138 99.54 40.26 -7.81
C ASP P 138 99.88 39.10 -8.76
N ALA P 139 99.92 39.42 -10.07
CA ALA P 139 100.22 38.47 -11.13
C ALA P 139 101.70 38.19 -11.18
N GLU P 140 102.15 37.30 -10.28
CA GLU P 140 103.54 36.91 -10.14
C GLU P 140 103.69 35.49 -10.69
N ARG P 141 103.69 35.37 -12.04
CA ARG P 141 103.81 34.07 -12.69
C ARG P 141 105.24 33.58 -12.59
N PRO P 142 105.50 32.41 -11.98
CA PRO P 142 106.88 31.96 -11.89
C PRO P 142 107.45 31.70 -13.28
N ALA P 143 108.72 32.06 -13.45
CA ALA P 143 109.39 31.92 -14.73
C ALA P 143 109.49 30.46 -15.13
N ALA P 144 109.41 30.24 -16.44
CA ALA P 144 109.47 28.92 -17.04
C ALA P 144 110.76 28.23 -16.70
N HIS P 145 110.71 26.91 -16.67
CA HIS P 145 111.83 26.06 -16.33
C HIS P 145 112.39 25.41 -17.56
N SER P 146 113.62 24.91 -17.45
CA SER P 146 114.29 24.19 -18.52
C SER P 146 114.03 22.73 -18.30
N ILE P 147 113.08 22.17 -19.05
CA ILE P 147 112.69 20.77 -18.90
C ILE P 147 113.88 19.86 -19.14
N ASP P 148 114.75 20.21 -20.10
CA ASP P 148 115.94 19.42 -20.39
C ASP P 148 116.89 19.39 -19.18
N ALA P 149 117.20 20.57 -18.62
CA ALA P 149 118.09 20.69 -17.46
C ALA P 149 117.50 20.06 -16.22
N LEU P 150 116.19 20.22 -16.00
CA LEU P 150 115.51 19.60 -14.86
C LEU P 150 115.67 18.10 -14.90
N LEU P 151 115.35 17.49 -16.06
CA LEU P 151 115.43 16.04 -16.25
C LEU P 151 116.87 15.55 -16.20
N ALA P 152 117.83 16.40 -16.61
CA ALA P 152 119.24 16.05 -16.53
C ALA P 152 119.69 16.04 -15.07
N ALA P 153 119.20 16.98 -14.26
CA ALA P 153 119.52 17.07 -12.83
C ALA P 153 118.86 15.96 -11.99
N HIS P 154 117.81 15.30 -12.51
CA HIS P 154 117.11 14.20 -11.84
C HIS P 154 117.22 12.94 -12.71
N PRO P 155 118.30 12.17 -12.54
CA PRO P 155 118.50 10.98 -13.38
C PRO P 155 117.76 9.73 -12.89
N ASN P 156 117.64 9.53 -11.57
CA ASN P 156 116.99 8.34 -11.02
C ASN P 156 115.49 8.31 -11.32
N ARG P 157 115.07 7.38 -12.19
CA ARG P 157 113.67 7.25 -12.61
C ARG P 157 112.88 6.34 -11.66
N VAL P 158 111.60 6.69 -11.41
CA VAL P 158 110.66 5.95 -10.58
C VAL P 158 109.43 5.66 -11.43
N ASP P 159 109.06 4.38 -11.65
CA ASP P 159 107.90 4.07 -12.48
C ASP P 159 106.61 4.44 -11.75
N GLY P 160 105.63 4.90 -12.52
CA GLY P 160 104.33 5.29 -12.01
C GLY P 160 103.52 4.14 -11.48
N ASP P 161 103.49 3.03 -12.24
CA ASP P 161 102.75 1.81 -11.87
C ASP P 161 103.32 1.21 -10.57
N GLU P 162 104.66 1.21 -10.47
CA GLU P 162 105.39 0.73 -9.29
C GLU P 162 105.02 1.55 -8.04
N LEU P 163 104.88 2.86 -8.21
CA LEU P 163 104.50 3.77 -7.12
C LEU P 163 103.01 3.60 -6.77
N ARG P 164 102.14 3.49 -7.81
CA ARG P 164 100.69 3.30 -7.62
C ARG P 164 100.39 1.93 -7.00
N ALA P 165 101.31 0.95 -7.17
CA ALA P 165 101.17 -0.35 -6.51
C ALA P 165 101.49 -0.19 -5.00
N GLY P 166 102.47 0.67 -4.70
CA GLY P 166 102.85 1.01 -3.34
C GLY P 166 101.74 1.72 -2.58
N PHE P 167 100.95 2.53 -3.30
CA PHE P 167 99.78 3.20 -2.70
C PHE P 167 98.72 2.18 -2.29
N GLY P 168 98.53 1.15 -3.11
CA GLY P 168 97.56 0.08 -2.85
C GLY P 168 97.79 -0.69 -1.57
N THR P 169 99.06 -0.75 -1.09
CA THR P 169 99.37 -1.46 0.16
C THR P 169 98.87 -0.68 1.39
N VAL P 170 99.05 0.67 1.39
CA VAL P 170 98.60 1.51 2.51
C VAL P 170 97.06 1.64 2.56
N GLY P 171 96.37 1.37 1.43
CA GLY P 171 94.92 1.41 1.37
C GLY P 171 94.33 2.31 0.29
N ILE P 172 95.16 3.14 -0.36
CA ILE P 172 94.72 4.08 -1.38
C ILE P 172 94.79 3.43 -2.77
N GLY P 173 93.65 3.36 -3.44
CA GLY P 173 93.54 2.78 -4.78
C GLY P 173 93.36 3.84 -5.84
N HIS P 174 94.23 3.82 -6.86
CA HIS P 174 94.17 4.73 -8.00
C HIS P 174 93.91 3.95 -9.27
N GLY P 175 92.71 4.06 -9.83
CA GLY P 175 92.33 3.36 -11.04
C GLY P 175 92.84 4.04 -12.30
N ALA P 176 92.32 3.62 -13.46
CA ALA P 176 92.70 4.12 -14.78
C ALA P 176 92.76 5.62 -14.89
N ALA P 177 91.73 6.29 -14.38
CA ALA P 177 91.61 7.76 -14.40
C ALA P 177 92.72 8.46 -13.61
N PHE P 178 93.08 7.90 -12.46
CA PHE P 178 94.07 8.49 -11.57
C PHE P 178 95.50 7.97 -11.84
N ALA P 179 95.70 7.30 -12.99
CA ALA P 179 97.01 6.77 -13.38
C ALA P 179 97.73 7.72 -14.36
N GLY P 180 97.55 9.02 -14.19
CA GLY P 180 98.18 10.02 -15.04
C GLY P 180 99.69 10.08 -14.90
N LEU P 181 100.20 9.78 -13.68
CA LEU P 181 101.63 9.81 -13.40
C LEU P 181 102.33 8.68 -14.15
N SER P 182 103.06 9.03 -15.21
CA SER P 182 103.77 8.06 -16.05
C SER P 182 105.03 7.56 -15.35
N GLU P 183 105.85 8.52 -14.90
CA GLU P 183 107.13 8.25 -14.24
C GLU P 183 107.67 9.51 -13.57
N ALA P 184 108.29 9.36 -12.40
CA ALA P 184 108.85 10.48 -11.64
C ALA P 184 110.36 10.38 -11.57
N TYR P 185 111.06 11.47 -11.92
CA TYR P 185 112.52 11.52 -11.89
C TYR P 185 112.99 12.19 -10.62
N VAL P 186 113.90 11.56 -9.88
CA VAL P 186 114.45 12.07 -8.62
C VAL P 186 115.99 12.02 -8.68
N ALA P 187 116.64 12.30 -7.55
CA ALA P 187 118.09 12.23 -7.45
C ALA P 187 118.46 11.55 -6.12
N THR P 188 118.50 12.31 -5.02
CA THR P 188 118.86 11.80 -3.69
C THR P 188 117.96 12.46 -2.64
N ALA P 189 118.19 12.18 -1.35
CA ALA P 189 117.44 12.83 -0.28
C ALA P 189 117.89 14.30 -0.11
N ALA P 190 119.19 14.57 -0.34
CA ALA P 190 119.78 15.92 -0.26
C ALA P 190 119.13 16.88 -1.22
N GLU P 191 118.80 16.39 -2.44
CA GLU P 191 118.11 17.16 -3.47
C GLU P 191 116.62 17.14 -3.17
N PRO P 192 115.97 18.28 -2.88
CA PRO P 192 114.57 18.23 -2.42
C PRO P 192 113.50 18.34 -3.52
N THR P 193 113.83 18.05 -4.80
CA THR P 193 112.85 18.20 -5.87
C THR P 193 112.57 16.90 -6.64
N VAL P 194 111.39 16.87 -7.29
CA VAL P 194 110.91 15.75 -8.11
C VAL P 194 110.36 16.29 -9.41
N VAL P 195 110.88 15.82 -10.53
CA VAL P 195 110.37 16.17 -11.85
C VAL P 195 109.51 15.01 -12.26
N ALA P 196 108.19 15.20 -12.36
CA ALA P 196 107.27 14.11 -12.71
C ALA P 196 106.69 14.29 -14.08
N ALA P 197 106.41 13.18 -14.78
CA ALA P 197 105.85 13.21 -16.12
C ALA P 197 104.39 12.82 -16.06
N VAL P 198 103.54 13.77 -15.68
CA VAL P 198 102.09 13.56 -15.56
C VAL P 198 101.39 13.94 -16.85
N ALA P 199 100.18 13.43 -17.02
CA ALA P 199 99.36 13.70 -18.20
C ALA P 199 97.98 13.11 -18.02
N LEU P 200 96.93 13.89 -18.31
CA LEU P 200 95.56 13.42 -18.15
C LEU P 200 95.28 12.22 -19.08
N PRO P 201 94.86 11.05 -18.54
CA PRO P 201 94.62 9.89 -19.42
C PRO P 201 93.67 10.16 -20.61
N GLY P 202 93.92 9.45 -21.72
CA GLY P 202 93.17 9.55 -22.96
C GLY P 202 91.66 9.63 -22.87
N PRO P 203 90.99 8.75 -22.08
CA PRO P 203 89.53 8.83 -22.00
C PRO P 203 89.02 10.17 -21.47
N LEU P 204 89.72 10.70 -20.47
CA LEU P 204 89.36 11.95 -19.83
C LEU P 204 89.69 13.19 -20.66
N ARG P 205 90.54 13.08 -21.71
CA ARG P 205 90.89 14.24 -22.56
C ARG P 205 89.65 14.83 -23.26
N SER P 206 88.66 13.98 -23.56
CA SER P 206 87.37 14.42 -24.10
C SER P 206 86.62 15.24 -23.03
N GLY P 207 86.65 14.72 -21.81
CA GLY P 207 86.05 15.33 -20.64
C GLY P 207 86.89 16.39 -19.93
N GLN P 208 87.69 17.20 -20.67
CA GLN P 208 88.48 18.30 -20.09
C GLN P 208 87.55 19.49 -19.86
N ARG P 209 86.39 19.49 -20.59
CA ARG P 209 85.24 20.36 -20.47
C ARG P 209 85.57 21.76 -19.91
N GLY P 210 85.02 22.13 -18.73
CA GLY P 210 85.22 23.44 -18.10
C GLY P 210 85.98 23.37 -16.82
N TYR P 211 86.97 22.48 -16.76
CA TYR P 211 87.82 22.35 -15.58
C TYR P 211 88.99 23.32 -15.67
N THR P 212 89.26 24.07 -14.59
CA THR P 212 90.46 24.92 -14.48
C THR P 212 91.67 23.96 -14.56
N VAL P 213 91.59 22.87 -13.77
CA VAL P 213 92.51 21.75 -13.77
C VAL P 213 91.70 20.49 -13.48
N HIS P 214 91.89 19.42 -14.26
CA HIS P 214 91.11 18.19 -14.03
C HIS P 214 91.54 17.55 -12.73
N PRO P 215 90.63 17.19 -11.80
CA PRO P 215 91.10 16.63 -10.52
C PRO P 215 91.91 15.33 -10.67
N ALA P 216 91.64 14.53 -11.73
CA ALA P 216 92.39 13.30 -11.99
C ALA P 216 93.88 13.60 -12.21
N LEU P 217 94.14 14.70 -12.93
CA LEU P 217 95.48 15.19 -13.25
C LEU P 217 96.16 15.81 -12.03
N LEU P 218 95.46 16.67 -11.31
CA LEU P 218 96.03 17.30 -10.13
C LEU P 218 96.34 16.26 -9.05
N ASP P 219 95.54 15.19 -8.92
CA ASP P 219 95.84 14.14 -7.93
C ASP P 219 97.08 13.36 -8.36
N ALA P 220 97.29 13.18 -9.68
CA ALA P 220 98.50 12.52 -10.19
C ALA P 220 99.78 13.35 -9.88
N CYS P 221 99.64 14.67 -9.71
CA CYS P 221 100.74 15.54 -9.31
C CYS P 221 101.04 15.35 -7.85
N PHE P 222 99.98 15.18 -7.02
CA PHE P 222 100.15 14.95 -5.59
C PHE P 222 100.81 13.59 -5.36
N GLN P 223 100.47 12.56 -6.18
CA GLN P 223 101.12 11.24 -6.10
C GLN P 223 102.63 11.37 -6.29
N SER P 224 103.02 12.23 -7.26
CA SER P 224 104.41 12.51 -7.63
C SER P 224 105.29 12.92 -6.43
N VAL P 225 104.72 13.59 -5.41
CA VAL P 225 105.46 14.00 -4.21
C VAL P 225 106.01 12.79 -3.44
N ILE P 226 105.26 11.69 -3.43
CA ILE P 226 105.61 10.47 -2.70
C ILE P 226 106.82 9.76 -3.35
N ALA P 227 107.08 10.01 -4.64
CA ALA P 227 108.25 9.43 -5.34
C ALA P 227 109.59 9.92 -4.77
N HIS P 228 109.61 11.04 -4.02
CA HIS P 228 110.84 11.58 -3.44
C HIS P 228 111.46 10.59 -2.44
N PRO P 229 112.78 10.37 -2.46
CA PRO P 229 113.38 9.41 -1.51
C PRO P 229 113.23 9.79 -0.03
N GLU P 230 113.39 11.07 0.31
CA GLU P 230 113.23 11.54 1.69
C GLU P 230 111.81 11.23 2.22
N VAL P 231 110.77 11.27 1.35
CA VAL P 231 109.39 10.95 1.72
C VAL P 231 109.25 9.46 1.95
N GLN P 232 109.78 8.64 1.02
CA GLN P 232 109.72 7.17 1.10
C GLN P 232 110.36 6.68 2.39
N ASN P 233 111.55 7.22 2.71
CA ASN P 233 112.32 6.82 3.89
C ASN P 233 111.62 7.24 5.19
N ILE P 234 111.30 8.54 5.32
CA ILE P 234 110.71 9.08 6.56
C ILE P 234 109.25 8.63 6.71
N ALA P 235 108.31 9.30 6.01
CA ALA P 235 106.89 9.00 6.13
C ALA P 235 106.52 7.73 5.34
N SER P 236 106.68 6.58 6.01
CA SER P 236 106.35 5.27 5.46
C SER P 236 104.99 4.82 6.01
N GLY P 237 103.97 5.65 5.81
CA GLY P 237 102.59 5.42 6.23
C GLY P 237 101.61 5.89 5.17
N MET P 238 100.30 5.93 5.49
CA MET P 238 99.28 6.37 4.54
C MET P 238 99.25 7.89 4.45
N LEU P 239 99.64 8.46 3.30
CA LEU P 239 99.73 9.91 3.11
C LEU P 239 98.64 10.45 2.18
N LEU P 240 97.67 11.13 2.78
CA LEU P 240 96.50 11.69 2.13
C LEU P 240 96.59 13.20 2.16
N PRO P 241 96.18 13.89 1.09
CA PRO P 241 96.22 15.35 1.12
C PRO P 241 95.21 15.91 2.13
N LEU P 242 95.69 16.81 2.99
CA LEU P 242 94.89 17.44 4.05
C LEU P 242 94.54 18.89 3.74
N GLY P 243 95.30 19.53 2.84
CA GLY P 243 95.04 20.90 2.41
C GLY P 243 96.16 21.51 1.56
N VAL P 244 96.02 22.79 1.19
CA VAL P 244 96.95 23.55 0.37
C VAL P 244 96.98 25.03 0.83
N ARG P 245 98.14 25.57 1.16
CA ARG P 245 98.24 26.96 1.63
C ARG P 245 97.87 27.98 0.57
N ARG P 246 98.28 27.78 -0.70
CA ARG P 246 98.03 28.75 -1.77
C ARG P 246 97.96 28.04 -3.12
N LEU P 247 96.89 28.28 -3.87
CA LEU P 247 96.62 27.69 -5.17
C LEU P 247 96.30 28.77 -6.19
N ARG P 248 97.02 28.80 -7.31
CA ARG P 248 96.77 29.77 -8.37
C ARG P 248 96.93 29.11 -9.70
N ALA P 249 96.05 29.45 -10.65
CA ALA P 249 96.14 28.96 -12.01
C ALA P 249 96.53 30.10 -12.89
N TYR P 250 97.60 29.93 -13.66
CA TYR P 250 98.12 30.98 -14.54
C TYR P 250 97.59 30.85 -15.97
N GLY P 251 97.28 29.62 -16.38
CA GLY P 251 96.76 29.35 -17.71
C GLY P 251 95.98 28.06 -17.81
N SER P 252 95.88 27.52 -19.03
CA SER P 252 95.15 26.28 -19.27
C SER P 252 96.03 25.13 -18.96
N THR P 253 95.53 24.17 -18.20
CA THR P 253 96.29 22.99 -17.84
C THR P 253 96.09 21.87 -18.88
N ARG P 254 95.58 22.21 -20.08
CA ARG P 254 95.24 21.24 -21.10
C ARG P 254 96.45 20.53 -21.62
N ASN P 255 97.47 21.29 -21.85
CA ASN P 255 98.73 20.83 -22.41
C ASN P 255 99.84 20.61 -21.33
N VAL P 256 99.46 20.39 -20.05
CA VAL P 256 100.45 20.09 -19.01
C VAL P 256 101.00 18.67 -19.22
N ARG P 257 102.35 18.55 -19.28
CA ARG P 257 103.05 17.28 -19.46
C ARG P 257 103.97 16.94 -18.29
N TYR P 258 104.28 17.92 -17.39
CA TYR P 258 105.17 17.71 -16.26
C TYR P 258 104.67 18.34 -14.98
N CYS P 259 105.19 17.88 -13.85
CA CYS P 259 104.90 18.43 -12.53
C CYS P 259 106.17 18.48 -11.70
N LEU P 260 106.64 19.70 -11.40
CA LEU P 260 107.83 19.92 -10.60
C LEU P 260 107.45 20.10 -9.14
N SER P 261 107.78 19.11 -8.30
CA SER P 261 107.47 19.14 -6.87
C SER P 261 108.73 19.50 -6.07
N ARG P 262 108.54 20.02 -4.84
CA ARG P 262 109.63 20.41 -3.94
C ARG P 262 109.23 20.10 -2.52
N ILE P 263 110.08 19.38 -1.77
CA ILE P 263 109.77 19.02 -0.39
C ILE P 263 110.16 20.15 0.53
N VAL P 264 109.19 20.70 1.26
CA VAL P 264 109.42 21.78 2.20
C VAL P 264 109.82 21.15 3.52
N LYS P 265 109.01 20.18 3.99
CA LYS P 265 109.22 19.49 5.25
C LYS P 265 108.83 18.00 5.09
N ALA P 266 109.65 17.11 5.65
CA ALA P 266 109.45 15.66 5.61
C ALA P 266 109.62 15.11 7.02
N ASP P 267 108.51 14.87 7.68
CA ASP P 267 108.46 14.40 9.06
C ASP P 267 107.65 13.12 9.16
N SER P 268 107.79 12.41 10.28
CA SER P 268 107.05 11.18 10.58
C SER P 268 105.53 11.41 10.56
N PHE P 269 105.08 12.60 10.99
CA PHE P 269 103.67 12.94 11.07
C PHE P 269 103.12 13.25 9.70
N GLY P 270 103.83 14.09 8.95
CA GLY P 270 103.37 14.46 7.62
C GLY P 270 104.40 15.10 6.73
N VAL P 271 104.00 15.45 5.50
CA VAL P 271 104.88 16.00 4.48
C VAL P 271 104.28 17.27 3.89
N GLU P 272 105.05 18.35 3.81
CA GLU P 272 104.63 19.59 3.17
C GLU P 272 105.42 19.72 1.86
N ALA P 273 104.75 20.08 0.74
CA ALA P 273 105.39 20.21 -0.57
C ALA P 273 104.84 21.37 -1.40
N ASP P 274 105.68 21.98 -2.25
CA ASP P 274 105.30 23.08 -3.15
C ASP P 274 105.35 22.54 -4.60
N LEU P 275 104.23 22.60 -5.36
CA LEU P 275 104.15 22.05 -6.73
C LEU P 275 104.00 23.11 -7.77
N GLU P 276 104.30 22.72 -9.00
CA GLU P 276 104.21 23.57 -10.18
C GLU P 276 103.94 22.69 -11.38
N LEU P 277 102.84 22.95 -12.08
CA LEU P 277 102.43 22.18 -13.25
C LEU P 277 102.99 22.86 -14.49
N LEU P 278 103.92 22.19 -15.18
CA LEU P 278 104.59 22.76 -16.33
C LEU P 278 104.16 22.13 -17.64
N ASP P 279 104.09 22.92 -18.72
CA ASP P 279 103.79 22.39 -20.06
C ASP P 279 105.08 21.79 -20.63
N ALA P 280 105.04 21.34 -21.88
CA ALA P 280 106.22 20.75 -22.53
C ALA P 280 107.41 21.74 -22.63
N ASP P 281 107.13 23.02 -22.87
CA ASP P 281 108.15 24.07 -22.98
C ASP P 281 108.80 24.39 -21.64
N GLY P 282 108.06 24.15 -20.56
CA GLY P 282 108.50 24.39 -19.19
C GLY P 282 107.79 25.55 -18.53
N THR P 283 106.82 26.18 -19.21
CA THR P 283 106.08 27.32 -18.66
C THR P 283 105.16 26.85 -17.57
N VAL P 284 105.05 27.63 -16.48
CA VAL P 284 104.20 27.25 -15.35
C VAL P 284 102.74 27.58 -15.65
N LEU P 285 101.84 26.59 -15.49
CA LEU P 285 100.41 26.71 -15.74
C LEU P 285 99.60 26.80 -14.46
N LEU P 286 100.04 26.12 -13.40
CA LEU P 286 99.39 26.16 -12.10
C LEU P 286 100.40 25.88 -11.02
N SER P 287 100.26 26.51 -9.85
CA SER P 287 101.14 26.30 -8.71
C SER P 287 100.35 26.08 -7.44
N ALA P 288 100.74 25.03 -6.67
CA ALA P 288 100.16 24.63 -5.40
C ALA P 288 101.20 24.68 -4.29
N MET P 289 101.26 25.79 -3.56
CA MET P 289 102.22 25.97 -2.47
C MET P 289 101.65 25.43 -1.20
N GLY P 290 102.46 24.72 -0.43
CA GLY P 290 101.99 24.19 0.85
C GLY P 290 101.00 23.06 0.82
N LEU P 291 101.12 22.17 -0.19
CA LEU P 291 100.33 20.94 -0.23
C LEU P 291 100.74 20.11 0.95
N GLN P 292 99.93 20.12 2.01
CA GLN P 292 100.23 19.35 3.21
C GLN P 292 99.48 18.02 3.12
N LEU P 293 100.14 16.92 3.50
CA LEU P 293 99.56 15.58 3.45
C LEU P 293 100.09 14.68 4.55
N GLY P 294 99.24 13.78 5.00
CA GLY P 294 99.53 12.86 6.08
C GLY P 294 98.35 11.94 6.33
N THR P 295 98.27 11.39 7.55
CA THR P 295 97.15 10.53 7.89
C THR P 295 95.95 11.37 8.23
N GLY P 296 94.83 10.71 8.31
CA GLY P 296 93.60 11.38 8.67
C GLY P 296 93.49 11.69 10.15
N ASN P 297 93.79 10.71 11.01
CA ASN P 297 93.58 10.83 12.45
C ASN P 297 94.88 10.94 13.27
N SER P 298 94.67 11.34 14.56
CA SER P 298 95.69 11.64 15.58
C SER P 298 96.67 10.53 15.82
N ASP P 299 97.80 10.88 16.46
CA ASP P 299 98.86 9.93 16.81
C ASP P 299 98.39 9.02 18.00
N LYS P 300 97.33 9.44 18.73
CA LYS P 300 96.67 8.67 19.80
C LYS P 300 95.69 7.66 19.17
N ALA P 301 95.02 8.07 18.06
CA ALA P 301 94.10 7.22 17.30
C ALA P 301 94.85 6.17 16.49
N GLU P 302 96.15 6.40 16.20
CA GLU P 302 97.01 5.44 15.49
C GLU P 302 97.37 4.28 16.42
N GLU P 303 97.68 4.60 17.69
CA GLU P 303 97.99 3.61 18.72
C GLU P 303 96.79 2.71 18.94
N GLU P 304 95.62 3.32 19.20
CA GLU P 304 94.35 2.62 19.41
C GLU P 304 94.04 1.66 18.25
N ARG P 305 94.33 2.08 17.00
CA ARG P 305 94.09 1.27 15.81
C ARG P 305 95.11 0.13 15.71
N LEU P 306 96.40 0.38 16.04
CA LEU P 306 97.45 -0.65 15.99
C LEU P 306 97.19 -1.75 17.00
N LEU P 307 96.90 -1.34 18.24
CA LEU P 307 96.58 -2.24 19.35
C LEU P 307 95.46 -3.22 18.97
N ASP P 308 94.46 -2.74 18.23
CA ASP P 308 93.32 -3.55 17.79
C ASP P 308 93.74 -4.63 16.78
N GLU P 309 94.60 -4.30 15.81
CA GLU P 309 95.05 -5.24 14.80
C GLU P 309 96.01 -6.30 15.38
N ARG P 310 96.85 -5.89 16.33
CA ARG P 310 97.85 -6.77 16.94
C ARG P 310 97.27 -7.89 17.81
N LEU P 311 96.14 -7.66 18.51
CA LEU P 311 95.59 -8.62 19.45
C LEU P 311 95.14 -9.94 18.85
N LEU P 312 95.00 -10.94 19.75
CA LEU P 312 94.58 -12.29 19.45
C LEU P 312 94.00 -12.98 20.70
N THR P 313 92.86 -13.68 20.53
CA THR P 313 92.17 -14.46 21.56
C THR P 313 91.68 -15.77 20.98
N ILE P 314 91.60 -16.79 21.82
CA ILE P 314 91.08 -18.08 21.40
C ILE P 314 89.60 -18.12 21.74
N GLU P 315 88.76 -18.53 20.78
CA GLU P 315 87.32 -18.60 20.98
C GLU P 315 86.85 -19.99 20.58
N TRP P 316 85.84 -20.51 21.30
CA TRP P 316 85.34 -21.86 21.16
C TRP P 316 83.94 -21.87 20.56
N GLN P 317 83.76 -22.61 19.45
CA GLN P 317 82.51 -22.67 18.71
C GLN P 317 81.77 -24.00 18.94
N GLN P 318 80.44 -23.93 19.18
CA GLN P 318 79.58 -25.12 19.30
C GLN P 318 79.48 -25.75 17.92
N ARG P 319 80.03 -26.96 17.74
CA ARG P 319 80.04 -27.63 16.43
C ARG P 319 79.35 -29.01 16.48
N GLU P 320 79.04 -29.55 15.29
CA GLU P 320 78.43 -30.86 15.10
C GLU P 320 79.38 -31.75 14.30
N LEU P 321 79.44 -33.05 14.64
CA LEU P 321 80.35 -34.01 14.02
C LEU P 321 79.93 -34.33 12.60
N PRO P 322 80.72 -33.99 11.56
CA PRO P 322 80.25 -34.23 10.19
C PRO P 322 80.85 -35.47 9.52
N ARG P 323 80.04 -36.13 8.63
CA ARG P 323 80.40 -37.29 7.80
C ARG P 323 80.92 -38.52 8.59
N PRO P 324 80.95 -39.74 8.00
CA PRO P 324 80.50 -40.14 6.66
C PRO P 324 79.01 -40.51 6.64
N GLY P 333 89.62 -49.85 9.74
CA GLY P 333 90.98 -49.48 10.16
C GLY P 333 91.26 -49.79 11.62
N SER P 334 92.50 -50.22 11.93
CA SER P 334 92.90 -50.58 13.30
C SER P 334 93.20 -49.34 14.15
N TRP P 335 93.18 -49.50 15.50
CA TRP P 335 93.43 -48.42 16.46
C TRP P 335 94.31 -48.87 17.62
N LEU P 336 94.80 -47.90 18.42
CA LEU P 336 95.64 -48.15 19.60
C LEU P 336 95.38 -47.12 20.69
N VAL P 337 94.76 -47.55 21.81
CA VAL P 337 94.50 -46.68 22.96
C VAL P 337 95.68 -46.85 23.93
N ILE P 338 96.35 -45.75 24.31
CA ILE P 338 97.53 -45.77 25.18
C ILE P 338 97.29 -44.87 26.39
N LEU P 339 97.78 -45.28 27.58
CA LEU P 339 97.57 -44.54 28.83
C LEU P 339 98.82 -43.74 29.28
N ALA P 340 98.66 -42.86 30.31
CA ALA P 340 99.75 -42.09 30.92
C ALA P 340 99.90 -42.36 32.46
N GLY P 341 99.04 -43.20 33.04
CA GLY P 341 99.07 -43.58 34.46
C GLY P 341 98.47 -44.96 34.66
N ASP P 342 99.31 -45.94 35.04
CA ASP P 342 98.92 -47.35 35.18
C ASP P 342 98.27 -47.64 36.54
N ASP P 343 98.86 -47.10 37.64
CA ASP P 343 98.32 -47.30 38.99
C ASP P 343 96.92 -46.64 39.15
N ASP P 344 96.59 -45.66 38.29
CA ASP P 344 95.27 -45.03 38.25
C ASP P 344 94.46 -45.78 37.21
N GLU P 345 93.32 -46.37 37.63
CA GLU P 345 92.47 -47.08 36.68
C GLU P 345 91.55 -46.05 36.01
N ASN P 346 91.75 -45.77 34.68
CA ASN P 346 90.96 -44.79 33.92
C ASN P 346 89.67 -45.38 33.32
N PRO P 347 88.47 -45.00 33.82
CA PRO P 347 87.24 -45.48 33.18
C PRO P 347 87.07 -44.88 31.77
N ARG P 348 87.66 -43.68 31.50
CA ARG P 348 87.64 -43.06 30.17
C ARG P 348 88.39 -43.95 29.18
N ALA P 349 89.57 -44.45 29.57
CA ALA P 349 90.36 -45.33 28.73
C ALA P 349 89.62 -46.66 28.48
N ALA P 350 89.00 -47.21 29.53
CA ALA P 350 88.24 -48.47 29.44
C ALA P 350 87.02 -48.33 28.53
N GLY P 351 86.25 -47.27 28.76
CA GLY P 351 85.05 -46.96 27.98
C GLY P 351 85.33 -46.63 26.53
N VAL P 352 86.52 -46.06 26.22
CA VAL P 352 86.91 -45.70 24.85
C VAL P 352 87.24 -46.98 24.07
N VAL P 353 88.01 -47.90 24.68
CA VAL P 353 88.38 -49.16 24.02
C VAL P 353 87.12 -50.00 23.76
N SER P 354 86.16 -50.03 24.71
CA SER P 354 84.92 -50.79 24.54
C SER P 354 84.04 -50.21 23.42
N ALA P 355 84.00 -48.87 23.30
CA ALA P 355 83.19 -48.19 22.28
C ALA P 355 83.80 -48.33 20.87
N LEU P 356 85.15 -48.37 20.75
CA LEU P 356 85.80 -48.58 19.45
C LEU P 356 85.57 -50.00 18.96
N ILE P 357 85.65 -50.98 19.86
CA ILE P 357 85.40 -52.38 19.54
C ILE P 357 83.90 -52.54 19.24
N GLY P 358 83.06 -51.79 19.96
CA GLY P 358 81.61 -51.76 19.73
C GLY P 358 81.25 -51.19 18.37
N ALA P 359 82.03 -50.20 17.88
CA ALA P 359 81.84 -49.61 16.55
C ALA P 359 82.28 -50.58 15.44
N GLY P 360 83.21 -51.48 15.76
CA GLY P 360 83.73 -52.49 14.85
C GLY P 360 85.14 -52.24 14.35
N MET P 361 86.01 -51.68 15.21
CA MET P 361 87.41 -51.38 14.87
C MET P 361 88.32 -52.26 15.71
N PRO P 362 89.32 -52.95 15.13
CA PRO P 362 90.23 -53.76 15.96
C PRO P 362 91.16 -52.86 16.77
N THR P 363 90.86 -52.74 18.07
CA THR P 363 91.60 -51.87 19.00
C THR P 363 92.55 -52.68 19.86
N THR P 364 93.74 -52.11 20.13
CA THR P 364 94.76 -52.69 21.00
C THR P 364 95.00 -51.67 22.13
N THR P 365 95.56 -52.10 23.27
CA THR P 365 95.75 -51.18 24.40
C THR P 365 97.18 -51.27 24.95
N MET P 366 97.79 -50.12 25.22
CA MET P 366 99.15 -49.97 25.74
C MET P 366 99.06 -49.30 27.12
N ALA P 367 100.01 -49.59 28.02
CA ALA P 367 100.00 -49.06 29.37
C ALA P 367 101.34 -48.43 29.72
N TRP P 368 101.62 -47.27 29.12
CA TRP P 368 102.82 -46.52 29.41
C TRP P 368 102.54 -45.66 30.63
N SER P 369 103.35 -45.78 31.67
CA SER P 369 103.19 -45.02 32.89
C SER P 369 104.50 -44.40 33.33
N HIS P 370 104.41 -43.40 34.21
CA HIS P 370 105.60 -42.77 34.79
C HIS P 370 106.25 -43.79 35.72
N ASP P 371 107.52 -43.59 36.06
CA ASP P 371 108.26 -44.51 36.93
C ASP P 371 108.25 -45.95 36.32
N ALA P 372 108.54 -46.04 35.02
CA ALA P 372 108.60 -47.30 34.26
C ALA P 372 109.75 -47.25 33.24
N ASP P 373 110.30 -48.41 32.81
CA ASP P 373 111.40 -48.43 31.83
C ASP P 373 110.90 -47.83 30.52
N HIS P 374 111.18 -46.54 30.33
CA HIS P 374 110.70 -45.77 29.19
C HIS P 374 111.35 -46.21 27.88
N ASP P 375 112.65 -46.57 27.90
CA ASP P 375 113.34 -47.03 26.69
C ASP P 375 112.76 -48.37 26.21
N ALA P 376 112.38 -49.24 27.15
CA ALA P 376 111.78 -50.54 26.84
C ALA P 376 110.32 -50.38 26.36
N GLN P 377 109.54 -49.48 26.99
CA GLN P 377 108.16 -49.24 26.60
C GLN P 377 108.11 -48.50 25.25
N ALA P 378 109.11 -47.65 24.97
CA ALA P 378 109.25 -46.94 23.69
C ALA P 378 109.49 -47.92 22.55
N ALA P 379 110.29 -48.96 22.83
CA ALA P 379 110.58 -50.02 21.87
C ALA P 379 109.35 -50.89 21.63
N ALA P 380 108.58 -51.16 22.71
CA ALA P 380 107.33 -51.94 22.64
C ALA P 380 106.30 -51.23 21.77
N LEU P 381 106.22 -49.90 21.86
CA LEU P 381 105.30 -49.10 21.05
C LEU P 381 105.69 -49.14 19.57
N THR P 382 106.97 -48.79 19.27
CA THR P 382 107.50 -48.80 17.90
C THR P 382 107.32 -50.18 17.24
N ALA P 383 107.31 -51.26 18.04
CA ALA P 383 107.05 -52.62 17.54
C ALA P 383 105.59 -52.79 17.12
N ARG P 384 104.62 -52.29 17.93
CA ARG P 384 103.18 -52.38 17.63
C ARG P 384 102.80 -51.63 16.34
N LEU P 385 103.51 -50.54 16.05
CA LEU P 385 103.27 -49.72 14.86
C LEU P 385 103.75 -50.42 13.60
N ASP P 386 104.95 -51.03 13.67
CA ASP P 386 105.53 -51.76 12.54
C ASP P 386 104.82 -53.11 12.33
N GLU P 387 104.20 -53.67 13.39
CA GLU P 387 103.48 -54.94 13.35
C GLU P 387 102.19 -54.81 12.53
N GLN P 388 101.33 -53.84 12.90
CA GLN P 388 100.04 -53.63 12.23
C GLN P 388 99.86 -52.18 11.78
N PRO P 389 99.29 -51.94 10.58
CA PRO P 389 99.04 -50.56 10.17
C PRO P 389 97.76 -50.07 10.81
N LEU P 390 97.83 -48.98 11.57
CA LEU P 390 96.67 -48.42 12.27
C LEU P 390 96.34 -47.02 11.79
N ALA P 391 95.05 -46.66 11.86
CA ALA P 391 94.55 -45.38 11.42
C ALA P 391 94.90 -44.26 12.39
N GLY P 392 94.65 -44.51 13.67
CA GLY P 392 94.91 -43.51 14.71
C GLY P 392 95.37 -44.08 16.03
N VAL P 393 95.99 -43.21 16.86
CA VAL P 393 96.51 -43.52 18.19
C VAL P 393 95.92 -42.54 19.19
N ALA P 394 95.13 -43.03 20.18
CA ALA P 394 94.48 -42.18 21.19
C ALA P 394 95.22 -42.22 22.52
N VAL P 395 95.89 -41.12 22.91
CA VAL P 395 96.65 -41.03 24.16
C VAL P 395 95.73 -40.53 25.29
N ILE P 396 95.37 -41.41 26.24
CA ILE P 396 94.50 -41.06 27.37
C ILE P 396 95.38 -40.61 28.53
N VAL P 397 95.25 -39.34 28.96
CA VAL P 397 96.08 -38.81 30.05
C VAL P 397 95.32 -39.01 31.38
N GLY P 398 95.97 -39.69 32.35
CA GLY P 398 95.39 -39.98 33.65
C GLY P 398 95.27 -38.81 34.60
N ASP P 399 94.16 -38.75 35.35
CA ASP P 399 93.89 -37.71 36.35
C ASP P 399 94.08 -38.30 37.72
N SER P 400 94.97 -37.69 38.53
CA SER P 400 95.25 -38.15 39.89
C SER P 400 94.00 -37.97 40.78
N GLU P 401 93.66 -39.03 41.56
CA GLU P 401 92.52 -39.07 42.47
C GLU P 401 91.23 -38.86 41.68
N HIS P 407 91.04 -30.75 44.44
CA HIS P 407 91.46 -29.35 44.52
C HIS P 407 92.83 -29.15 45.22
N ASP P 408 93.94 -29.09 44.45
CA ASP P 408 95.27 -28.71 44.95
C ASP P 408 96.12 -28.34 43.76
N VAL P 409 96.33 -27.04 43.58
CA VAL P 409 97.06 -26.54 42.42
C VAL P 409 98.55 -26.81 42.59
N GLY P 410 99.11 -26.55 43.77
CA GLY P 410 100.51 -26.81 44.03
C GLY P 410 100.94 -28.19 43.56
N ALA P 411 100.09 -29.19 43.79
CA ALA P 411 100.32 -30.56 43.37
C ALA P 411 100.14 -30.72 41.87
N ASP P 412 99.08 -30.10 41.30
CA ASP P 412 98.81 -30.15 39.86
C ASP P 412 99.92 -29.45 39.04
N ALA P 413 100.60 -28.44 39.63
CA ALA P 413 101.71 -27.73 38.97
C ALA P 413 102.93 -28.63 38.84
N ARG P 414 103.22 -29.42 39.91
CA ARG P 414 104.36 -30.35 39.92
C ARG P 414 104.04 -31.52 38.99
N ARG P 415 102.79 -32.04 39.04
CA ARG P 415 102.31 -33.15 38.20
C ARG P 415 102.27 -32.77 36.73
N GLY P 416 101.94 -31.51 36.43
CA GLY P 416 101.86 -31.00 35.07
C GLY P 416 103.15 -31.15 34.29
N ALA P 417 104.31 -31.03 34.99
CA ALA P 417 105.62 -31.19 34.38
C ALA P 417 105.81 -32.62 33.93
N ASP P 418 105.50 -33.57 34.83
CA ASP P 418 105.65 -35.01 34.59
C ASP P 418 104.81 -35.44 33.38
N HIS P 419 103.59 -34.87 33.20
CA HIS P 419 102.76 -35.17 32.03
C HIS P 419 103.41 -34.71 30.72
N VAL P 420 104.01 -33.51 30.73
CA VAL P 420 104.67 -32.91 29.56
C VAL P 420 105.86 -33.78 29.19
N ARG P 421 106.73 -34.11 30.17
CA ARG P 421 107.91 -34.99 29.98
C ARG P 421 107.52 -36.34 29.39
N HIS P 422 106.37 -36.89 29.84
CA HIS P 422 105.85 -38.19 29.39
C HIS P 422 105.23 -38.13 28.00
N LEU P 423 104.49 -37.04 27.68
CA LEU P 423 103.89 -36.93 26.35
C LEU P 423 104.98 -36.68 25.30
N VAL P 424 106.13 -36.07 25.68
CA VAL P 424 107.26 -35.89 24.78
C VAL P 424 107.83 -37.29 24.44
N ARG P 425 107.94 -38.19 25.46
CA ARG P 425 108.44 -39.57 25.25
C ARG P 425 107.55 -40.33 24.25
N ILE P 426 106.22 -40.21 24.39
CA ILE P 426 105.22 -40.84 23.51
C ILE P 426 105.27 -40.21 22.10
N ALA P 427 105.20 -38.89 22.02
CA ALA P 427 105.20 -38.18 20.73
C ALA P 427 106.48 -38.42 19.91
N ARG P 428 107.64 -38.55 20.57
CA ARG P 428 108.92 -38.78 19.90
C ARG P 428 108.92 -40.12 19.15
N THR P 429 108.38 -41.17 19.77
CA THR P 429 108.34 -42.52 19.18
C THR P 429 107.34 -42.63 18.01
N LEU P 430 106.24 -41.83 18.01
CA LEU P 430 105.26 -41.82 16.90
C LEU P 430 105.85 -41.10 15.69
N ALA P 431 106.60 -40.01 15.95
CA ALA P 431 107.28 -39.24 14.90
C ALA P 431 108.34 -40.12 14.20
N ASP P 432 109.11 -40.90 15.01
CA ASP P 432 110.13 -41.83 14.51
C ASP P 432 109.44 -43.13 14.07
N ALA P 433 108.66 -43.04 12.97
CA ALA P 433 107.90 -44.14 12.40
C ALA P 433 108.41 -44.44 11.01
N VAL P 434 108.56 -45.74 10.67
CA VAL P 434 109.03 -46.15 9.36
C VAL P 434 107.93 -45.87 8.33
N GLY P 435 106.74 -46.41 8.56
CA GLY P 435 105.59 -46.19 7.69
C GLY P 435 104.97 -44.82 7.85
N GLU P 436 103.76 -44.65 7.27
CA GLU P 436 103.03 -43.39 7.37
C GLU P 436 102.52 -43.20 8.81
N PRO P 437 102.97 -42.16 9.55
CA PRO P 437 102.52 -42.01 10.95
C PRO P 437 100.99 -41.93 11.10
N PRO P 438 100.44 -42.58 12.13
CA PRO P 438 98.98 -42.53 12.35
C PRO P 438 98.56 -41.20 12.98
N ARG P 439 97.24 -40.90 12.97
CA ARG P 439 96.76 -39.65 13.55
C ARG P 439 96.82 -39.69 15.08
N LEU P 440 97.54 -38.73 15.68
CA LEU P 440 97.67 -38.64 17.14
C LEU P 440 96.48 -37.88 17.73
N TYR P 441 95.82 -38.47 18.74
CA TYR P 441 94.70 -37.87 19.46
C TYR P 441 95.03 -37.86 20.95
N VAL P 442 95.22 -36.69 21.59
CA VAL P 442 95.52 -36.64 23.03
C VAL P 442 94.22 -36.28 23.79
N VAL P 443 93.79 -37.13 24.73
CA VAL P 443 92.55 -36.93 25.49
C VAL P 443 92.87 -36.43 26.90
N THR P 444 92.59 -35.15 27.15
CA THR P 444 92.85 -34.48 28.44
C THR P 444 91.56 -34.26 29.26
N HIS P 445 91.72 -34.16 30.59
CA HIS P 445 90.60 -33.95 31.54
C HIS P 445 90.50 -32.48 31.97
N ARG P 446 89.46 -31.77 31.48
CA ARG P 446 89.15 -30.36 31.76
C ARG P 446 90.43 -29.46 31.77
N SER P 447 91.37 -29.75 30.83
CA SER P 447 92.63 -29.05 30.61
C SER P 447 92.48 -27.54 30.58
N GLN P 448 91.56 -27.03 29.73
CA GLN P 448 91.40 -25.60 29.53
C GLN P 448 89.96 -25.13 29.59
N HIS P 449 89.83 -23.80 29.66
CA HIS P 449 88.58 -23.07 29.74
C HIS P 449 87.94 -22.91 28.35
N VAL P 450 86.66 -23.31 28.24
CA VAL P 450 85.86 -23.21 27.01
C VAL P 450 84.55 -22.49 27.39
N LEU P 451 83.71 -23.11 28.24
CA LEU P 451 82.48 -22.46 28.71
C LEU P 451 82.82 -21.50 29.84
N ASP P 452 82.14 -20.35 29.91
CA ASP P 452 82.40 -19.31 30.93
C ASP P 452 82.28 -19.83 32.38
N THR P 453 81.42 -20.82 32.60
CA THR P 453 81.20 -21.41 33.92
C THR P 453 82.37 -22.27 34.42
N ASP P 454 83.19 -22.79 33.50
CA ASP P 454 84.29 -23.71 33.82
C ASP P 454 85.38 -23.18 34.77
N GLU P 455 85.85 -24.09 35.66
CA GLU P 455 86.98 -23.93 36.57
C GLU P 455 87.97 -24.94 36.04
N PRO P 456 89.11 -24.54 35.44
CA PRO P 456 89.98 -25.55 34.83
C PRO P 456 90.67 -26.50 35.80
N TYR P 457 90.78 -27.77 35.36
CA TYR P 457 91.52 -28.81 36.06
C TYR P 457 92.89 -28.76 35.46
N LEU P 458 93.92 -28.47 36.27
CA LEU P 458 95.27 -28.26 35.75
C LEU P 458 95.94 -29.63 35.46
N GLU P 459 97.27 -29.82 35.62
CA GLU P 459 97.97 -31.05 35.22
C GLU P 459 98.10 -31.09 33.69
N HIS P 460 96.96 -31.27 32.99
CA HIS P 460 96.87 -31.36 31.54
C HIS P 460 96.88 -29.98 30.89
N SER P 461 96.81 -28.89 31.68
CA SER P 461 96.80 -27.53 31.15
C SER P 461 98.02 -27.26 30.28
N GLY P 462 99.20 -27.70 30.74
CA GLY P 462 100.45 -27.53 30.02
C GLY P 462 100.59 -28.28 28.71
N LEU P 463 99.85 -29.37 28.52
CA LEU P 463 99.94 -30.20 27.32
C LEU P 463 99.38 -29.54 26.04
N ARG P 464 98.49 -28.52 26.14
CA ARG P 464 97.90 -27.90 24.93
C ARG P 464 98.93 -27.12 24.11
N GLY P 465 100.03 -26.68 24.74
CA GLY P 465 101.12 -25.99 24.07
C GLY P 465 102.03 -26.95 23.37
N LEU P 466 102.23 -28.12 23.97
CA LEU P 466 103.08 -29.17 23.42
C LEU P 466 102.44 -29.79 22.17
N ILE P 467 101.16 -30.23 22.24
CA ILE P 467 100.46 -30.85 21.07
C ILE P 467 100.40 -29.87 19.89
N ARG P 468 100.37 -28.56 20.17
CA ARG P 468 100.33 -27.52 19.15
C ARG P 468 101.71 -27.44 18.44
N VAL P 469 102.82 -27.58 19.20
CA VAL P 469 104.20 -27.60 18.68
C VAL P 469 104.47 -28.92 17.96
N VAL P 470 103.99 -30.05 18.50
CA VAL P 470 104.16 -31.38 17.89
C VAL P 470 103.46 -31.43 16.51
N GLY P 471 102.27 -30.85 16.41
CA GLY P 471 101.53 -30.76 15.16
C GLY P 471 102.26 -29.93 14.12
N MET P 472 103.02 -28.92 14.57
CA MET P 472 103.83 -28.05 13.71
C MET P 472 105.16 -28.71 13.32
N GLU P 473 105.86 -29.35 14.29
CA GLU P 473 107.13 -30.05 14.02
C GLU P 473 106.92 -31.30 13.17
N HIS P 474 105.84 -32.06 13.44
CA HIS P 474 105.51 -33.31 12.73
C HIS P 474 104.04 -33.28 12.30
N PRO P 475 103.73 -32.63 11.17
CA PRO P 475 102.33 -32.54 10.72
C PRO P 475 101.78 -33.83 10.11
N ARG P 476 102.64 -34.82 9.75
CA ARG P 476 102.18 -36.11 9.19
C ARG P 476 101.14 -36.70 10.14
N LEU P 477 101.52 -36.87 11.41
CA LEU P 477 100.59 -37.26 12.45
C LEU P 477 99.85 -35.98 12.84
N ARG P 478 98.56 -35.85 12.44
CA ARG P 478 97.82 -34.61 12.72
C ARG P 478 97.48 -34.53 14.21
N ALA P 479 98.34 -33.84 14.98
CA ALA P 479 98.21 -33.72 16.43
C ALA P 479 96.90 -33.03 16.84
N THR P 480 95.92 -33.84 17.28
CA THR P 480 94.60 -33.39 17.72
C THR P 480 94.47 -33.52 19.25
N GLN P 481 93.83 -32.53 19.89
CA GLN P 481 93.60 -32.51 21.32
C GLN P 481 92.10 -32.60 21.57
N ILE P 482 91.69 -33.45 22.54
CA ILE P 482 90.27 -33.61 22.91
C ILE P 482 90.13 -33.32 24.40
N ASP P 483 89.69 -32.11 24.77
CA ASP P 483 89.50 -31.75 26.19
C ASP P 483 88.10 -32.20 26.66
N VAL P 484 88.10 -33.30 27.42
CA VAL P 484 86.90 -33.97 27.90
C VAL P 484 86.58 -33.59 29.34
N ASP P 485 85.28 -33.60 29.72
CA ASP P 485 84.84 -33.40 31.09
C ASP P 485 84.35 -34.75 31.63
N ASP P 486 83.97 -34.80 32.91
CA ASP P 486 83.52 -36.06 33.51
C ASP P 486 82.21 -36.54 32.86
N SER P 487 81.22 -35.63 32.74
CA SER P 487 79.91 -35.93 32.14
C SER P 487 79.92 -35.72 30.63
N THR P 488 79.98 -36.80 29.82
CA THR P 488 79.97 -36.66 28.35
C THR P 488 79.61 -37.94 27.58
N ALA P 489 80.00 -39.15 28.07
CA ALA P 489 79.77 -40.47 27.47
C ALA P 489 80.84 -40.79 26.44
N HIS P 490 81.26 -42.06 26.43
CA HIS P 490 82.32 -42.55 25.56
C HIS P 490 81.82 -42.80 24.13
N GLU P 491 80.51 -43.13 23.97
CA GLU P 491 79.86 -43.37 22.68
C GLU P 491 79.97 -42.16 21.74
N ALA P 492 79.91 -40.95 22.32
CA ALA P 492 80.01 -39.69 21.59
C ALA P 492 81.48 -39.30 21.36
N LEU P 493 82.40 -39.69 22.26
CA LEU P 493 83.80 -39.36 22.12
C LEU P 493 84.43 -40.11 20.95
N VAL P 494 84.21 -41.44 20.87
CA VAL P 494 84.76 -42.26 19.76
C VAL P 494 84.15 -41.83 18.42
N ARG P 495 82.94 -41.26 18.44
CA ARG P 495 82.28 -40.71 17.26
C ARG P 495 83.20 -39.69 16.58
N GLN P 496 83.94 -38.88 17.39
CA GLN P 496 84.92 -37.90 16.90
C GLN P 496 86.15 -38.57 16.29
N LEU P 497 86.70 -39.57 16.99
CA LEU P 497 87.88 -40.31 16.56
C LEU P 497 87.67 -40.94 15.18
N LEU P 498 86.48 -41.51 14.97
CA LEU P 498 86.11 -42.21 13.74
C LEU P 498 85.54 -41.29 12.63
N SER P 499 85.00 -40.09 12.98
CA SER P 499 84.49 -39.17 11.96
C SER P 499 85.63 -38.59 11.09
N GLY P 500 86.80 -38.41 11.70
CA GLY P 500 87.98 -37.89 11.03
C GLY P 500 87.85 -36.45 10.59
N SER P 501 87.36 -35.59 11.49
CA SER P 501 87.24 -34.16 11.20
C SER P 501 88.63 -33.54 11.27
N PRO P 502 88.96 -32.53 10.45
CA PRO P 502 90.32 -31.96 10.51
C PRO P 502 90.61 -31.05 11.72
N GLU P 503 89.66 -30.89 12.68
CA GLU P 503 89.85 -30.02 13.86
C GLU P 503 90.98 -30.53 14.78
N ASP P 504 91.96 -29.65 15.09
CA ASP P 504 93.13 -29.97 15.92
C ASP P 504 92.92 -29.64 17.41
N GLU P 505 92.14 -28.58 17.72
CA GLU P 505 91.85 -28.21 19.11
C GLU P 505 90.38 -28.38 19.31
N THR P 506 89.99 -29.38 20.11
CA THR P 506 88.59 -29.68 20.36
C THR P 506 88.33 -29.89 21.84
N ALA P 507 87.04 -29.90 22.19
CA ALA P 507 86.57 -30.10 23.55
C ALA P 507 85.16 -30.70 23.59
N TRP P 508 84.81 -31.26 24.76
CA TRP P 508 83.52 -31.91 24.98
C TRP P 508 82.94 -31.48 26.31
N ARG P 509 81.79 -30.79 26.27
CA ARG P 509 81.08 -30.33 27.47
C ARG P 509 79.65 -30.82 27.39
N ASP P 510 79.33 -31.88 28.20
CA ASP P 510 78.05 -32.59 28.18
C ASP P 510 78.00 -33.34 26.82
N GLY P 511 76.85 -33.36 26.16
CA GLY P 511 76.75 -34.00 24.85
C GLY P 511 77.15 -33.11 23.68
N GLN P 512 77.71 -31.88 23.92
CA GLN P 512 78.08 -30.97 22.85
C GLN P 512 79.57 -30.98 22.59
N TRP P 513 79.92 -30.90 21.29
CA TRP P 513 81.28 -30.88 20.79
C TRP P 513 81.66 -29.44 20.52
N TYR P 514 82.87 -29.03 20.87
CA TYR P 514 83.33 -27.66 20.65
C TYR P 514 84.62 -27.65 19.89
N ALA P 515 84.86 -26.57 19.16
CA ALA P 515 86.04 -26.41 18.33
C ALA P 515 86.65 -25.01 18.48
N ALA P 516 87.95 -24.96 18.76
CA ALA P 516 88.63 -23.69 18.96
C ALA P 516 88.89 -23.00 17.65
N ARG P 517 89.20 -21.70 17.76
CA ARG P 517 89.58 -20.89 16.61
C ARG P 517 90.24 -19.61 17.07
N LEU P 518 91.04 -19.03 16.17
CA LEU P 518 91.77 -17.81 16.46
C LEU P 518 91.06 -16.63 15.96
N CYS P 519 91.22 -15.51 16.69
CA CYS P 519 90.56 -14.26 16.31
C CYS P 519 91.09 -13.06 17.09
N PRO P 520 91.26 -11.91 16.40
CA PRO P 520 91.67 -10.69 17.10
C PRO P 520 90.50 -10.01 17.77
N SER P 521 90.72 -9.42 18.95
CA SER P 521 89.63 -8.81 19.67
C SER P 521 90.07 -7.73 20.67
N PRO P 522 89.87 -6.46 20.34
CA PRO P 522 90.17 -5.39 21.30
C PRO P 522 88.98 -5.10 22.21
N LEU P 523 87.81 -4.69 21.59
CA LEU P 523 86.46 -4.38 22.11
C LEU P 523 86.41 -3.56 23.43
N ARG P 524 85.29 -2.83 23.58
CA ARG P 524 85.01 -1.99 24.73
C ARG P 524 83.62 -2.32 25.29
N ALA P 525 83.04 -3.46 24.89
CA ALA P 525 81.70 -3.81 25.33
C ALA P 525 81.77 -4.51 26.69
N ALA P 526 81.69 -5.86 26.75
CA ALA P 526 81.82 -6.61 28.01
C ALA P 526 83.33 -6.76 28.35
N GLU P 527 84.18 -6.52 27.31
CA GLU P 527 85.64 -6.58 27.37
C GLU P 527 86.14 -5.47 28.27
N ARG P 528 85.39 -4.37 28.35
CA ARG P 528 85.67 -3.24 29.24
C ARG P 528 85.34 -3.70 30.66
N ARG P 529 86.02 -3.12 31.67
CA ARG P 529 85.78 -3.50 33.05
C ARG P 529 84.39 -3.20 33.47
N THR P 530 84.00 -3.85 34.55
CA THR P 530 82.67 -3.75 35.13
C THR P 530 82.81 -3.76 36.63
N ALA P 531 81.78 -3.30 37.34
CA ALA P 531 81.77 -3.33 38.80
C ALA P 531 80.36 -3.17 39.31
N VAL P 532 80.18 -3.30 40.63
CA VAL P 532 78.91 -3.10 41.29
C VAL P 532 79.16 -2.07 42.36
N ALA P 533 78.33 -1.02 42.40
CA ALA P 533 78.54 0.07 43.34
C ALA P 533 77.29 0.44 44.07
N ASP P 534 77.52 0.99 45.28
CA ASP P 534 76.46 1.46 46.15
C ASP P 534 75.68 2.50 45.42
N ASN P 535 74.43 2.59 45.71
CA ASN P 535 73.63 3.62 45.10
C ASN P 535 73.64 4.88 46.02
N ALA P 536 73.64 4.70 47.36
CA ALA P 536 73.64 5.81 48.33
C ALA P 536 75.00 6.53 48.38
N SER P 537 76.09 5.82 48.11
CA SER P 537 77.46 6.33 48.05
C SER P 537 78.01 5.94 46.68
N GLU P 538 79.32 6.07 46.42
CA GLU P 538 79.95 5.65 45.16
C GLU P 538 79.32 6.27 43.89
N GLY P 539 80.12 7.02 43.14
CA GLY P 539 79.65 7.72 41.96
C GLY P 539 79.27 6.89 40.75
N MET P 540 77.99 7.06 40.31
CA MET P 540 77.40 6.40 39.12
C MET P 540 76.69 7.42 38.26
N ARG P 541 76.95 7.43 36.97
CA ARG P 541 76.40 8.41 36.05
C ARG P 541 75.99 7.76 34.74
N LEU P 542 74.94 8.27 34.14
CA LEU P 542 74.39 7.73 32.90
C LEU P 542 74.90 8.55 31.73
N VAL P 543 75.29 7.87 30.65
CA VAL P 543 75.84 8.56 29.49
C VAL P 543 75.77 7.70 28.22
N VAL P 544 75.75 8.33 27.01
CA VAL P 544 75.81 7.56 25.75
C VAL P 544 77.26 7.51 25.30
N ARG P 545 77.82 6.30 25.09
CA ARG P 545 79.22 6.17 24.64
C ARG P 545 79.35 6.75 23.22
N ASN P 546 78.33 6.52 22.36
CA ASN P 546 78.33 7.10 21.01
C ASN P 546 76.89 7.56 20.67
N PRO P 547 76.65 8.89 20.59
CA PRO P 547 75.29 9.37 20.27
C PRO P 547 74.76 8.85 18.94
N GLY P 548 73.43 8.81 18.83
CA GLY P 548 72.70 8.29 17.68
C GLY P 548 71.99 7.01 18.05
N ASP P 549 72.70 6.12 18.77
CA ASP P 549 72.18 4.83 19.23
C ASP P 549 71.75 4.95 20.68
N LEU P 550 70.48 4.65 21.00
CA LEU P 550 70.04 4.70 22.40
C LEU P 550 70.38 3.42 23.14
N GLU P 551 70.73 2.33 22.41
CA GLU P 551 71.20 1.10 23.05
C GLU P 551 72.59 1.35 23.68
N SER P 552 73.33 2.36 23.17
CA SER P 552 74.63 2.76 23.70
C SER P 552 74.55 3.54 25.01
N MET P 553 73.34 3.75 25.55
CA MET P 553 73.22 4.44 26.80
C MET P 553 73.71 3.47 27.87
N GLU P 554 74.77 3.85 28.56
CA GLU P 554 75.44 3.05 29.59
C GLU P 554 75.49 3.80 30.89
N LEU P 555 75.63 3.07 32.00
CA LEU P 555 75.79 3.67 33.30
C LEU P 555 77.24 3.53 33.75
N VAL P 556 78.03 4.60 33.61
CA VAL P 556 79.46 4.64 33.91
C VAL P 556 79.75 5.00 35.37
N THR P 557 80.98 4.69 35.85
CA THR P 557 81.42 4.99 37.22
C THR P 557 82.17 6.30 37.30
N PHE P 558 82.27 6.89 38.52
CA PHE P 558 83.09 8.07 38.73
C PHE P 558 83.53 8.25 40.18
N GLU P 559 84.67 8.95 40.40
CA GLU P 559 85.18 9.24 41.73
C GLU P 559 84.60 10.57 42.22
N ARG P 560 83.66 10.52 43.18
CA ARG P 560 83.05 11.74 43.71
C ARG P 560 84.03 12.40 44.67
N GLY P 561 84.64 13.48 44.21
CA GLY P 561 85.65 14.20 44.97
C GLY P 561 85.08 15.34 45.78
N THR P 562 85.92 15.91 46.65
CA THR P 562 85.53 17.05 47.48
C THR P 562 85.26 18.27 46.60
N PRO P 563 84.14 18.98 46.84
CA PRO P 563 83.86 20.16 46.02
C PRO P 563 84.70 21.34 46.51
N GLY P 564 84.70 22.39 45.71
CA GLY P 564 85.37 23.64 46.03
C GLY P 564 86.40 24.00 45.01
N PRO P 565 86.78 25.28 44.93
CA PRO P 565 86.28 26.41 45.71
C PRO P 565 85.03 27.02 45.07
N GLY P 566 84.06 27.34 45.91
CA GLY P 566 82.79 27.92 45.44
C GLY P 566 81.88 26.96 44.71
N GLN P 567 81.91 25.68 45.11
CA GLN P 567 81.10 24.61 44.51
C GLN P 567 80.47 23.79 45.61
N ILE P 568 79.43 23.02 45.25
CA ILE P 568 78.67 22.19 46.16
C ILE P 568 78.39 20.84 45.57
N GLU P 569 78.54 19.78 46.38
CA GLU P 569 78.15 18.43 45.96
C GLU P 569 76.74 18.20 46.42
N VAL P 570 75.85 17.74 45.53
CA VAL P 570 74.44 17.52 45.85
C VAL P 570 74.09 16.06 45.64
N ALA P 571 73.30 15.50 46.55
CA ALA P 571 72.78 14.14 46.44
C ALA P 571 71.46 14.22 45.68
N VAL P 572 71.50 13.92 44.38
CA VAL P 572 70.32 14.07 43.50
C VAL P 572 69.26 13.03 43.81
N LYS P 573 68.06 13.50 44.18
CA LYS P 573 66.90 12.63 44.40
C LYS P 573 66.23 12.45 43.05
N ALA P 574 66.25 13.50 42.19
CA ALA P 574 65.66 13.44 40.86
C ALA P 574 66.14 14.53 39.90
N SER P 575 66.44 14.14 38.68
CA SER P 575 66.82 15.04 37.62
C SER P 575 65.67 15.06 36.63
N SER P 576 65.79 15.80 35.53
CA SER P 576 64.73 15.89 34.57
C SER P 576 65.19 15.48 33.23
N ILE P 577 64.22 15.14 32.35
CA ILE P 577 64.43 14.84 30.91
C ILE P 577 63.87 16.01 30.08
N ASN P 578 64.81 16.80 29.50
CA ASN P 578 64.51 17.93 28.63
C ASN P 578 64.61 17.46 27.20
N PHE P 579 64.14 18.29 26.27
CA PHE P 579 64.20 17.91 24.88
C PHE P 579 65.64 18.01 24.38
N ALA P 580 66.38 18.96 24.90
CA ALA P 580 67.80 19.07 24.61
C ALA P 580 68.52 17.72 24.84
N ASP P 581 68.23 17.08 26.00
CA ASP P 581 68.79 15.80 26.46
C ASP P 581 68.45 14.65 25.47
N VAL P 582 67.39 14.81 24.66
CA VAL P 582 67.01 13.87 23.62
C VAL P 582 67.94 14.06 22.44
N LEU P 583 68.15 15.34 22.07
CA LEU P 583 69.03 15.70 20.97
C LEU P 583 70.47 15.30 21.26
N VAL P 584 70.89 15.41 22.53
CA VAL P 584 72.22 14.99 22.95
C VAL P 584 72.34 13.50 22.68
N ALA P 585 71.30 12.73 23.03
CA ALA P 585 71.24 11.28 22.84
C ALA P 585 71.37 10.87 21.41
N PHE P 586 70.78 11.63 20.49
CA PHE P 586 70.86 11.37 19.06
C PHE P 586 72.03 12.09 18.36
N GLY P 587 72.75 12.95 19.09
CA GLY P 587 73.88 13.71 18.56
C GLY P 587 73.49 14.90 17.70
N ARG P 588 72.21 15.28 17.73
CA ARG P 588 71.65 16.40 16.98
C ARG P 588 71.64 17.70 17.81
N CYS P 589 72.28 17.75 18.98
CA CYS P 589 72.20 18.94 19.81
C CYS P 589 73.20 20.03 19.39
N PRO P 590 72.69 21.31 19.21
CA PRO P 590 73.56 22.45 18.87
C PRO P 590 74.07 23.22 20.08
N SER P 591 75.36 23.52 20.10
CA SER P 591 75.95 24.20 21.25
C SER P 591 76.92 25.28 20.77
N PHE P 592 76.94 26.42 21.48
CA PHE P 592 77.84 27.57 21.21
C PHE P 592 79.26 27.18 21.53
N ASP P 593 79.42 26.38 22.60
CA ASP P 593 80.72 25.85 23.02
C ASP P 593 81.33 24.99 21.90
N GLY P 594 80.48 24.20 21.26
CA GLY P 594 80.87 23.25 20.22
C GLY P 594 80.85 21.84 20.78
N ARG P 595 81.21 21.69 22.07
CA ARG P 595 81.24 20.41 22.76
C ARG P 595 79.84 19.96 23.04
N LEU P 596 79.55 18.66 22.81
CA LEU P 596 78.21 18.11 23.04
C LEU P 596 77.98 18.02 24.53
N PRO P 597 76.90 18.62 25.03
CA PRO P 597 76.70 18.62 26.49
C PRO P 597 76.45 17.23 27.05
N GLU P 598 76.47 17.16 28.38
CA GLU P 598 76.25 15.92 29.10
C GLU P 598 74.75 15.84 29.45
N LEU P 599 74.25 14.62 29.52
CA LEU P 599 72.83 14.35 29.77
C LEU P 599 72.39 14.84 31.15
N GLY P 600 71.23 15.48 31.20
CA GLY P 600 70.66 16.04 32.44
C GLY P 600 71.19 17.42 32.73
N SER P 601 70.33 18.45 32.55
CA SER P 601 70.70 19.86 32.75
C SER P 601 70.34 20.32 34.16
N GLU P 602 69.07 20.14 34.50
CA GLU P 602 68.49 20.56 35.78
C GLU P 602 68.43 19.38 36.78
N PHE P 603 68.28 19.69 38.09
CA PHE P 603 68.27 18.67 39.14
C PHE P 603 67.44 19.10 40.38
N GLY P 604 67.32 18.17 41.29
CA GLY P 604 66.65 18.35 42.57
C GLY P 604 67.18 17.36 43.57
N GLY P 605 67.74 17.86 44.65
CA GLY P 605 68.34 17.01 45.67
C GLY P 605 68.62 17.70 46.99
N VAL P 606 69.66 17.20 47.70
CA VAL P 606 70.05 17.71 49.01
C VAL P 606 71.54 17.89 49.06
N VAL P 607 72.01 18.97 49.70
CA VAL P 607 73.44 19.25 49.74
C VAL P 607 74.18 18.19 50.58
N THR P 608 75.25 17.62 50.00
CA THR P 608 76.10 16.62 50.63
C THR P 608 77.26 17.32 51.30
N ALA P 609 78.00 18.11 50.52
CA ALA P 609 79.16 18.85 51.01
C ALA P 609 79.24 20.18 50.34
N VAL P 610 79.74 21.18 51.07
CA VAL P 610 79.92 22.53 50.58
C VAL P 610 81.43 22.78 50.46
N GLY P 611 81.85 23.24 49.28
CA GLY P 611 83.25 23.51 49.01
C GLY P 611 83.74 24.81 49.62
N PRO P 612 85.02 24.86 50.05
CA PRO P 612 85.53 26.11 50.67
C PRO P 612 85.62 27.27 49.67
N GLY P 613 84.92 28.37 49.88
CA GLY P 613 84.01 28.63 50.99
C GLY P 613 82.85 29.47 50.53
N VAL P 614 81.61 29.02 50.86
CA VAL P 614 80.39 29.73 50.47
C VAL P 614 79.43 29.81 51.66
N THR P 615 79.01 31.05 51.95
CA THR P 615 78.11 31.40 53.04
C THR P 615 76.66 31.09 52.68
N THR P 616 76.36 31.13 51.37
CA THR P 616 75.03 30.96 50.83
C THR P 616 74.40 29.60 51.15
N HIS P 617 75.05 28.50 50.75
CA HIS P 617 74.51 27.16 50.98
C HIS P 617 75.04 26.53 52.25
N ARG P 618 74.26 25.58 52.77
CA ARG P 618 74.55 24.81 53.98
C ARG P 618 74.30 23.34 53.66
N VAL P 619 75.00 22.43 54.35
CA VAL P 619 74.85 21.00 54.13
C VAL P 619 73.51 20.55 54.68
N GLY P 620 72.84 19.67 53.95
CA GLY P 620 71.51 19.19 54.31
C GLY P 620 70.40 20.04 53.74
N ASP P 621 70.72 21.16 53.06
CA ASP P 621 69.70 22.01 52.45
C ASP P 621 69.07 21.32 51.27
N ARG P 622 67.74 21.36 51.19
CA ARG P 622 67.02 20.82 50.03
C ARG P 622 67.17 21.83 48.91
N VAL P 623 67.90 21.48 47.83
CA VAL P 623 68.15 22.43 46.75
C VAL P 623 67.75 21.92 45.39
N GLY P 624 67.63 22.86 44.48
CA GLY P 624 67.33 22.62 43.09
C GLY P 624 68.24 23.50 42.28
N GLY P 625 68.69 23.01 41.13
CA GLY P 625 69.63 23.78 40.35
C GLY P 625 69.92 23.24 38.98
N VAL P 626 70.96 23.82 38.34
CA VAL P 626 71.44 23.47 37.01
C VAL P 626 72.93 23.19 37.14
N SER P 627 73.51 22.39 36.26
CA SER P 627 74.93 22.11 36.39
C SER P 627 75.68 21.71 35.12
N ALA P 628 75.06 20.90 34.24
CA ALA P 628 75.74 20.21 33.14
C ALA P 628 76.50 19.09 33.84
N ASN P 629 77.68 18.64 33.36
CA ASN P 629 78.44 17.60 34.07
C ASN P 629 77.58 16.32 34.41
N GLY P 630 76.42 16.15 33.75
CA GLY P 630 75.53 15.02 33.89
C GLY P 630 74.74 14.94 35.16
N CYS P 631 73.50 15.48 35.17
CA CYS P 631 72.65 15.40 36.37
C CYS P 631 72.01 14.03 36.55
N TRP P 632 72.17 13.08 35.61
CA TRP P 632 71.59 11.74 35.78
C TRP P 632 72.58 10.85 36.55
N SER P 633 72.84 11.22 37.82
CA SER P 633 73.74 10.51 38.73
C SER P 633 73.33 10.76 40.16
N ASN P 634 73.76 9.89 41.07
CA ASN P 634 73.44 9.99 42.49
C ASN P 634 74.08 11.26 43.11
N PHE P 635 75.25 11.71 42.58
CA PHE P 635 75.93 12.89 43.10
C PHE P 635 76.34 13.84 41.99
N VAL P 636 76.13 15.14 42.20
CA VAL P 636 76.47 16.17 41.22
C VAL P 636 77.17 17.30 41.88
N THR P 637 78.31 17.72 41.32
CA THR P 637 79.04 18.88 41.83
C THR P 637 78.68 20.04 40.92
N CYS P 638 78.11 21.11 41.49
CA CYS P 638 77.71 22.32 40.74
C CYS P 638 78.14 23.56 41.51
N GLU P 639 78.20 24.69 40.81
CA GLU P 639 78.60 25.95 41.46
C GLU P 639 77.51 26.44 42.42
N ALA P 640 77.91 27.27 43.38
CA ALA P 640 76.98 27.87 44.33
C ALA P 640 76.02 28.83 43.65
N ASP P 641 76.47 29.43 42.54
CA ASP P 641 75.69 30.34 41.69
C ASP P 641 74.53 29.63 41.01
N LEU P 642 74.54 28.29 40.88
CA LEU P 642 73.51 27.54 40.15
C LEU P 642 72.57 26.72 41.01
N ALA P 643 72.62 26.85 42.32
CA ALA P 643 71.70 26.11 43.16
C ALA P 643 71.02 27.07 44.10
N THR P 644 69.78 26.78 44.40
CA THR P 644 69.01 27.59 45.32
C THR P 644 68.19 26.66 46.21
N LYS P 645 67.94 27.09 47.45
CA LYS P 645 67.17 26.29 48.37
C LYS P 645 65.72 26.26 47.96
N LEU P 646 65.11 25.07 48.08
CA LEU P 646 63.72 24.85 47.73
C LEU P 646 62.87 25.32 48.86
N PRO P 647 61.78 26.04 48.58
CA PRO P 647 60.89 26.43 49.67
C PRO P 647 60.13 25.21 50.21
N GLU P 648 59.40 25.33 51.33
CA GLU P 648 58.68 24.18 51.90
C GLU P 648 57.71 23.52 50.89
N GLY P 649 56.98 24.34 50.15
CA GLY P 649 55.94 23.88 49.24
C GLY P 649 56.26 22.86 48.17
N ILE P 650 57.54 22.75 47.71
CA ILE P 650 57.88 21.76 46.65
C ILE P 650 58.93 20.77 47.02
N SER P 651 58.84 19.61 46.36
CA SER P 651 59.74 18.48 46.51
C SER P 651 60.93 18.67 45.65
N GLU P 652 61.92 17.81 45.88
CA GLU P 652 63.13 17.76 45.08
C GLU P 652 62.74 17.31 43.65
N HIS P 653 61.70 16.46 43.52
CA HIS P 653 61.18 16.01 42.22
C HIS P 653 60.34 17.10 41.53
N GLU P 654 59.50 17.86 42.28
CA GLU P 654 58.70 18.93 41.70
C GLU P 654 59.64 20.09 41.25
N ALA P 655 60.74 20.29 41.95
CA ALA P 655 61.73 21.29 41.59
C ALA P 655 62.59 20.86 40.39
N ALA P 656 62.64 19.54 40.10
CA ALA P 656 63.37 18.96 38.97
C ALA P 656 62.60 19.17 37.68
N ALA P 657 61.31 18.85 37.68
CA ALA P 657 60.50 19.01 36.48
C ALA P 657 60.31 20.46 36.05
N VAL P 658 59.96 21.32 37.02
CA VAL P 658 59.64 22.73 36.81
C VAL P 658 60.82 23.55 36.23
N GLY P 659 61.92 23.61 36.95
CA GLY P 659 63.12 24.38 36.65
C GLY P 659 63.19 25.16 35.35
N LEU P 660 63.72 24.50 34.28
CA LEU P 660 63.95 25.09 32.94
C LEU P 660 62.69 25.35 32.16
N ALA P 661 61.74 24.42 32.19
CA ALA P 661 60.50 24.66 31.45
C ALA P 661 59.86 25.98 31.87
N TYR P 662 59.60 26.13 33.18
CA TYR P 662 58.99 27.33 33.73
C TYR P 662 59.95 28.49 33.71
N GLY P 663 61.22 28.24 33.92
CA GLY P 663 62.22 29.29 33.87
C GLY P 663 62.26 29.96 32.50
N THR P 664 62.42 29.16 31.45
CA THR P 664 62.46 29.64 30.07
C THR P 664 61.23 30.47 29.76
N VAL P 665 60.06 29.95 30.13
CA VAL P 665 58.77 30.62 29.93
C VAL P 665 58.71 31.92 30.73
N TRP P 666 59.12 31.88 32.01
CA TRP P 666 59.09 33.05 32.87
C TRP P 666 59.93 34.15 32.25
N LEU P 667 61.17 33.82 31.93
CA LEU P 667 62.07 34.75 31.29
C LEU P 667 61.43 35.29 30.01
N GLY P 668 61.07 34.40 29.11
CA GLY P 668 60.49 34.75 27.82
C GLY P 668 59.21 35.56 27.81
N LEU P 669 58.20 35.14 28.60
CA LEU P 669 56.91 35.81 28.56
C LEU P 669 56.81 36.95 29.56
N THR P 670 56.91 36.68 30.85
CA THR P 670 56.72 37.73 31.86
C THR P 670 57.89 38.72 31.98
N GLU P 671 59.10 38.31 31.58
CA GLU P 671 60.29 39.16 31.75
C GLU P 671 60.69 39.91 30.48
N LEU P 672 60.85 39.19 29.35
CA LEU P 672 61.28 39.79 28.09
C LEU P 672 60.13 40.38 27.32
N ALA P 673 59.10 39.56 27.05
CA ALA P 673 57.93 39.98 26.29
C ALA P 673 56.96 40.77 27.15
N ARG P 674 57.15 40.81 28.48
CA ARG P 674 56.25 41.51 29.42
C ARG P 674 54.79 41.22 29.04
N MET P 675 54.42 39.95 29.22
CA MET P 675 53.09 39.49 28.86
C MET P 675 52.08 40.17 29.72
N SER P 676 51.31 41.03 29.11
CA SER P 676 50.25 41.76 29.77
C SER P 676 48.99 40.91 29.75
N ALA P 677 47.95 41.39 30.40
CA ALA P 677 46.68 40.69 30.40
C ALA P 677 45.92 41.05 29.15
N GLY P 678 45.17 40.10 28.65
CA GLY P 678 44.35 40.27 27.46
C GLY P 678 45.03 40.03 26.13
N ASP P 679 46.34 40.36 26.02
CA ASP P 679 47.03 40.19 24.74
C ASP P 679 47.08 38.69 24.34
N LYS P 680 47.06 38.45 23.02
CA LYS P 680 46.98 37.12 22.44
C LYS P 680 48.35 36.50 22.32
N ILE P 681 48.49 35.23 22.69
CA ILE P 681 49.77 34.52 22.66
C ILE P 681 49.66 33.23 21.85
N LEU P 682 50.66 32.95 21.03
CA LEU P 682 50.74 31.72 20.24
C LEU P 682 51.77 30.78 20.87
N ILE P 683 51.33 29.65 21.41
CA ILE P 683 52.20 28.68 22.06
C ILE P 683 52.39 27.47 21.15
N HIS P 684 53.55 27.35 20.51
CA HIS P 684 53.79 26.19 19.64
C HIS P 684 54.11 24.94 20.47
N SER P 685 53.55 23.76 20.05
CA SER P 685 53.76 22.43 20.68
C SER P 685 53.47 22.53 22.18
N ALA P 686 52.25 22.99 22.47
CA ALA P 686 51.78 23.30 23.82
C ALA P 686 51.58 22.07 24.74
N THR P 687 51.65 20.83 24.22
CA THR P 687 51.50 19.62 25.04
C THR P 687 52.80 19.24 25.77
N GLY P 688 53.93 19.78 25.35
CA GLY P 688 55.22 19.55 25.99
C GLY P 688 55.46 20.28 27.31
N GLY P 689 56.67 20.14 27.86
CA GLY P 689 57.05 20.73 29.13
C GLY P 689 56.97 22.25 29.16
N VAL P 690 57.64 22.89 28.21
CA VAL P 690 57.68 24.34 28.08
C VAL P 690 56.28 24.84 27.64
N GLY P 691 55.58 24.04 26.82
CA GLY P 691 54.24 24.35 26.36
C GLY P 691 53.23 24.42 27.49
N GLN P 692 53.26 23.41 28.37
CA GLN P 692 52.38 23.37 29.53
C GLN P 692 52.72 24.51 30.48
N ALA P 693 54.00 24.81 30.64
CA ALA P 693 54.43 25.92 31.47
C ALA P 693 53.95 27.26 30.91
N ALA P 694 54.00 27.41 29.58
CA ALA P 694 53.56 28.63 28.88
C ALA P 694 52.10 28.86 29.09
N ILE P 695 51.28 27.79 28.97
CA ILE P 695 49.83 27.86 29.21
C ILE P 695 49.60 28.37 30.62
N ALA P 696 50.28 27.77 31.60
CA ALA P 696 50.12 28.12 33.00
C ALA P 696 50.26 29.61 33.26
N VAL P 697 51.36 30.22 32.77
CA VAL P 697 51.63 31.64 33.02
C VAL P 697 50.75 32.51 32.10
N ALA P 698 50.37 32.01 30.91
CA ALA P 698 49.48 32.74 30.03
C ALA P 698 48.09 32.81 30.63
N ARG P 699 47.65 31.71 31.24
CA ARG P 699 46.36 31.64 31.94
C ARG P 699 46.42 32.56 33.15
N ALA P 700 47.55 32.53 33.87
CA ALA P 700 47.76 33.37 35.05
C ALA P 700 47.75 34.84 34.68
N ALA P 701 48.45 35.20 33.60
CA ALA P 701 48.52 36.58 33.11
C ALA P 701 47.20 37.06 32.54
N GLY P 702 46.34 36.14 32.12
CA GLY P 702 45.03 36.45 31.54
C GLY P 702 45.12 36.68 30.06
N ALA P 703 46.05 35.97 29.39
CA ALA P 703 46.29 36.09 27.95
C ALA P 703 45.42 35.10 27.19
N GLU P 704 45.00 35.48 25.97
CA GLU P 704 44.19 34.62 25.11
C GLU P 704 45.12 33.63 24.41
N ILE P 705 45.01 32.32 24.70
CA ILE P 705 45.92 31.31 24.14
C ILE P 705 45.45 30.78 22.79
N TYR P 706 46.41 30.63 21.90
CA TYR P 706 46.32 30.07 20.56
C TYR P 706 47.42 29.04 20.53
N ALA P 707 47.11 27.74 20.47
CA ALA P 707 48.16 26.71 20.57
C ALA P 707 48.27 25.85 19.36
N THR P 708 49.39 25.12 19.22
CA THR P 708 49.61 24.20 18.10
C THR P 708 50.18 22.90 18.62
N ALA P 709 50.00 21.82 17.85
CA ALA P 709 50.50 20.49 18.19
C ALA P 709 50.52 19.62 16.95
N GLY P 710 51.40 18.63 16.95
CA GLY P 710 51.63 17.74 15.81
C GLY P 710 50.54 16.74 15.55
N SER P 711 50.32 15.86 16.53
CA SER P 711 49.32 14.80 16.43
C SER P 711 47.90 15.31 16.61
N GLU P 712 46.91 14.54 16.11
CA GLU P 712 45.51 14.91 16.30
C GLU P 712 45.14 14.63 17.74
N LYS P 713 45.61 13.50 18.29
CA LYS P 713 45.41 13.16 19.71
C LYS P 713 45.96 14.28 20.61
N ARG P 714 47.12 14.83 20.25
CA ARG P 714 47.76 15.89 21.00
C ARG P 714 46.99 17.19 20.86
N ARG P 715 46.45 17.47 19.67
CA ARG P 715 45.64 18.67 19.45
C ARG P 715 44.35 18.54 20.23
N GLN P 716 43.69 17.37 20.19
CA GLN P 716 42.44 17.13 20.91
C GLN P 716 42.64 17.29 22.42
N LEU P 717 43.82 16.96 22.95
CA LEU P 717 44.08 17.17 24.37
C LEU P 717 43.98 18.65 24.72
N LEU P 718 44.57 19.53 23.89
CA LEU P 718 44.52 20.97 24.11
C LEU P 718 43.07 21.46 24.07
N ARG P 719 42.28 20.96 23.12
CA ARG P 719 40.88 21.32 23.02
C ARG P 719 40.14 20.90 24.31
N ASP P 720 40.51 19.72 24.88
CA ASP P 720 39.91 19.20 26.12
C ASP P 720 40.39 19.97 27.35
N TRP P 721 41.67 20.44 27.34
CA TRP P 721 42.22 21.28 28.41
C TRP P 721 41.50 22.62 28.53
N GLY P 722 40.63 22.93 27.57
CA GLY P 722 39.82 24.14 27.55
C GLY P 722 40.42 25.27 26.75
N ILE P 723 41.22 24.94 25.73
CA ILE P 723 41.86 25.96 24.92
C ILE P 723 41.19 25.84 23.55
N GLU P 724 40.39 26.86 23.22
CA GLU P 724 39.77 27.01 21.89
C GLU P 724 40.87 27.66 21.07
N HIS P 725 40.94 27.36 19.76
CA HIS P 725 41.98 27.88 18.85
C HIS P 725 43.25 26.99 18.90
N VAL P 726 43.11 25.75 18.43
CA VAL P 726 44.18 24.76 18.33
C VAL P 726 44.45 24.50 16.84
N TYR P 727 45.74 24.48 16.43
CA TYR P 727 46.12 24.28 15.04
C TYR P 727 47.27 23.26 14.89
N ASP P 728 47.72 22.97 13.65
CA ASP P 728 48.81 22.01 13.43
C ASP P 728 50.13 22.79 13.46
N SER P 729 51.09 22.27 14.25
CA SER P 729 52.42 22.83 14.41
C SER P 729 53.36 22.46 13.24
N ARG P 730 53.05 21.35 12.53
CA ARG P 730 53.86 20.88 11.42
C ARG P 730 53.63 21.63 10.08
N THR P 731 52.65 22.54 10.00
CA THR P 731 52.36 23.30 8.77
C THR P 731 52.39 24.79 9.06
N THR P 732 52.26 25.60 7.99
CA THR P 732 52.16 27.07 8.08
C THR P 732 50.68 27.49 7.99
N ALA P 733 49.75 26.57 8.35
CA ALA P 733 48.32 26.82 8.31
C ALA P 733 47.95 27.77 9.38
N PHE P 734 48.35 27.44 10.63
CA PHE P 734 48.07 28.23 11.82
C PHE P 734 48.09 29.74 11.55
N ALA P 735 49.05 30.24 10.75
CA ALA P 735 49.17 31.67 10.43
C ALA P 735 47.88 32.23 9.87
N ASP P 736 47.47 31.78 8.70
CA ASP P 736 46.26 32.30 8.07
C ASP P 736 45.00 31.92 8.87
N GLN P 737 45.01 30.75 9.54
CA GLN P 737 43.87 30.31 10.36
C GLN P 737 43.69 31.21 11.57
N ILE P 738 44.80 31.63 12.21
CA ILE P 738 44.75 32.55 13.36
C ILE P 738 44.37 33.93 12.86
N ARG P 739 44.89 34.34 11.70
CA ARG P 739 44.51 35.64 11.13
C ARG P 739 42.98 35.67 10.94
N THR P 740 42.38 34.55 10.49
CA THR P 740 40.93 34.46 10.31
C THR P 740 40.20 34.41 11.65
N ASP P 741 40.73 33.62 12.61
CA ASP P 741 40.14 33.47 13.95
C ASP P 741 40.36 34.72 14.87
N THR P 742 41.11 35.76 14.41
CA THR P 742 41.32 37.01 15.15
C THR P 742 40.82 38.22 14.33
N ASP P 743 40.09 37.98 13.22
CA ASP P 743 39.57 39.02 12.34
C ASP P 743 40.72 39.92 11.84
N GLY P 744 41.76 39.27 11.34
CA GLY P 744 42.94 39.89 10.77
C GLY P 744 43.95 40.50 11.72
N TYR P 745 43.71 40.44 13.04
CA TYR P 745 44.63 41.05 13.99
C TYR P 745 45.93 40.26 14.15
N GLY P 746 45.83 38.95 14.26
CA GLY P 746 46.99 38.11 14.51
C GLY P 746 47.19 38.01 16.00
N VAL P 747 48.42 37.75 16.44
CA VAL P 747 48.69 37.65 17.87
C VAL P 747 49.61 38.82 18.31
N ASP P 748 50.05 38.78 19.58
CA ASP P 748 50.97 39.75 20.17
C ASP P 748 52.29 39.11 20.51
N ILE P 749 52.23 37.98 21.20
CA ILE P 749 53.40 37.24 21.62
C ILE P 749 53.44 35.92 20.87
N VAL P 750 54.63 35.40 20.58
CA VAL P 750 54.80 34.13 19.89
C VAL P 750 55.94 33.38 20.53
N LEU P 751 55.66 32.29 21.22
CA LEU P 751 56.71 31.49 21.86
C LEU P 751 57.17 30.43 20.85
N ASN P 752 58.05 30.84 19.94
CA ASN P 752 58.51 30.04 18.82
C ASN P 752 59.54 28.96 19.14
N SER P 753 59.06 27.72 19.17
CA SER P 753 59.88 26.53 19.25
C SER P 753 60.04 25.90 17.86
N VAL P 754 59.17 26.28 16.89
CA VAL P 754 59.15 25.73 15.52
C VAL P 754 60.23 26.41 14.61
N THR P 755 60.41 25.91 13.38
CA THR P 755 61.49 26.35 12.49
C THR P 755 61.13 26.46 11.00
N GLY P 756 62.01 27.18 10.30
CA GLY P 756 61.96 27.37 8.86
C GLY P 756 60.90 28.34 8.42
N PRO P 757 59.98 27.94 7.50
CA PRO P 757 58.93 28.86 7.08
C PRO P 757 57.89 29.08 8.17
N ALA P 758 57.82 28.18 9.15
CA ALA P 758 56.91 28.31 10.28
C ALA P 758 57.39 29.41 11.25
N GLN P 759 58.70 29.69 11.24
CA GLN P 759 59.27 30.78 12.05
C GLN P 759 58.88 32.07 11.38
N ARG P 760 59.19 32.19 10.09
CA ARG P 760 58.85 33.34 9.25
C ARG P 760 57.35 33.63 9.28
N ALA P 761 56.51 32.58 9.17
CA ALA P 761 55.04 32.69 9.20
C ALA P 761 54.52 33.19 10.53
N GLY P 762 55.21 32.80 11.61
CA GLY P 762 54.88 33.23 12.97
C GLY P 762 55.21 34.69 13.21
N LEU P 763 56.31 35.17 12.62
CA LEU P 763 56.70 36.57 12.71
C LEU P 763 55.71 37.42 11.95
N GLU P 764 55.35 36.98 10.75
CA GLU P 764 54.39 37.70 9.91
C GLU P 764 53.03 37.80 10.60
N LEU P 765 52.70 36.81 11.45
CA LEU P 765 51.43 36.75 12.20
C LEU P 765 51.28 37.88 13.25
N LEU P 766 52.23 38.01 14.21
CA LEU P 766 52.09 38.99 15.32
C LEU P 766 52.05 40.43 14.79
N ALA P 767 51.22 41.27 15.46
CA ALA P 767 50.91 42.62 15.01
C ALA P 767 51.09 43.70 16.06
N PHE P 768 51.90 44.73 15.71
CA PHE P 768 52.16 45.98 16.44
C PHE P 768 52.83 45.70 17.77
N GLY P 769 52.10 45.14 18.74
CA GLY P 769 52.70 44.72 20.00
C GLY P 769 53.99 43.94 19.71
N GLY P 770 53.88 43.01 18.76
CA GLY P 770 54.94 42.21 18.20
C GLY P 770 56.08 41.85 19.12
N ARG P 771 55.99 40.68 19.77
CA ARG P 771 57.03 40.19 20.66
C ARG P 771 57.35 38.72 20.32
N PHE P 772 58.24 38.52 19.36
CA PHE P 772 58.65 37.18 18.94
C PHE P 772 59.72 36.61 19.86
N VAL P 773 59.40 35.57 20.64
CA VAL P 773 60.35 34.96 21.57
C VAL P 773 60.90 33.66 21.00
N GLU P 774 62.07 33.70 20.34
CA GLU P 774 62.62 32.46 19.79
C GLU P 774 63.45 31.73 20.83
N ILE P 775 62.92 30.58 21.27
CA ILE P 775 63.60 29.64 22.16
C ILE P 775 64.32 28.57 21.28
N GLY P 776 63.75 28.25 20.11
CA GLY P 776 64.32 27.30 19.16
C GLY P 776 65.65 27.72 18.55
N LYS P 777 66.70 26.93 18.80
CA LYS P 777 68.05 27.25 18.38
C LYS P 777 68.35 26.89 16.91
N ARG P 778 67.69 25.90 16.30
CA ARG P 778 68.08 25.43 14.96
C ARG P 778 68.34 26.55 13.96
N ASP P 779 67.40 27.49 13.85
CA ASP P 779 67.51 28.56 12.85
C ASP P 779 68.59 29.60 13.17
N ILE P 780 68.89 29.81 14.46
CA ILE P 780 69.95 30.72 14.88
C ILE P 780 71.31 30.12 14.49
N TYR P 781 71.60 28.89 14.95
CA TYR P 781 72.86 28.19 14.63
C TYR P 781 73.00 27.87 13.12
N ALA P 782 71.93 27.96 12.35
CA ALA P 782 71.98 27.81 10.90
C ALA P 782 72.28 29.16 10.18
N ASP P 783 72.31 30.30 10.90
CA ASP P 783 72.50 31.67 10.40
C ASP P 783 71.44 32.03 9.38
N THR P 784 70.20 31.55 9.59
CA THR P 784 69.13 31.82 8.65
C THR P 784 68.92 33.29 8.57
N ARG P 785 68.97 33.79 7.35
CA ARG P 785 68.83 35.20 7.12
C ARG P 785 67.35 35.51 7.11
N LEU P 786 66.92 36.21 8.18
CA LEU P 786 65.55 36.57 8.44
C LEU P 786 65.22 37.92 7.86
N GLY P 787 64.16 37.98 7.05
CA GLY P 787 63.71 39.23 6.46
C GLY P 787 63.24 40.19 7.52
N LEU P 788 63.79 41.42 7.52
CA LEU P 788 63.43 42.46 8.49
C LEU P 788 62.15 43.24 8.16
N PHE P 789 61.53 43.07 6.99
CA PHE P 789 60.34 43.84 6.63
C PHE P 789 59.18 43.77 7.63
N PRO P 790 58.86 42.62 8.24
CA PRO P 790 57.74 42.59 9.22
C PRO P 790 57.94 43.49 10.43
N PHE P 791 59.20 43.82 10.75
CA PHE P 791 59.51 44.64 11.90
C PHE P 791 59.02 46.09 11.76
N ARG P 792 58.51 46.49 10.57
CA ARG P 792 58.00 47.86 10.38
C ARG P 792 56.88 48.19 11.37
N ARG P 793 56.24 47.16 12.02
CA ARG P 793 55.19 47.34 13.01
C ARG P 793 55.73 47.28 14.46
N ASN P 794 56.88 47.91 14.77
CA ASN P 794 57.46 47.94 16.12
C ASN P 794 57.64 46.53 16.79
N LEU P 795 58.02 45.53 15.98
CA LEU P 795 58.24 44.18 16.49
C LEU P 795 59.52 44.09 17.32
N SER P 796 59.63 43.03 18.13
CA SER P 796 60.77 42.83 19.01
C SER P 796 61.13 41.37 19.00
N PHE P 797 62.36 41.02 18.58
CA PHE P 797 62.85 39.64 18.52
C PHE P 797 63.67 39.34 19.73
N TYR P 798 63.43 38.22 20.40
CA TYR P 798 64.21 37.85 21.60
C TYR P 798 64.77 36.46 21.45
N ALA P 799 66.09 36.35 21.51
CA ALA P 799 66.76 35.06 21.48
C ALA P 799 66.92 34.59 22.91
N VAL P 800 66.68 33.30 23.16
CA VAL P 800 66.78 32.74 24.50
C VAL P 800 67.62 31.47 24.45
N ASP P 801 68.66 31.39 25.34
CA ASP P 801 69.56 30.24 25.49
C ASP P 801 69.98 30.14 26.95
N LEU P 802 69.07 29.62 27.80
CA LEU P 802 69.33 29.41 29.24
C LEU P 802 70.62 28.66 29.48
N ALA P 803 70.95 27.70 28.59
CA ALA P 803 72.18 26.92 28.70
C ALA P 803 73.45 27.79 28.73
N LEU P 804 73.49 28.75 27.81
CA LEU P 804 74.60 29.71 27.69
C LEU P 804 74.56 30.69 28.84
N MET P 805 73.36 31.14 29.23
CA MET P 805 73.15 32.03 30.38
C MET P 805 73.70 31.47 31.65
N THR P 806 73.63 30.14 31.82
CA THR P 806 74.17 29.43 32.98
C THR P 806 75.67 29.73 33.15
N VAL P 807 76.36 30.04 32.05
CA VAL P 807 77.76 30.34 32.03
C VAL P 807 78.00 31.83 32.07
N THR P 808 77.33 32.60 31.21
CA THR P 808 77.55 34.05 31.10
C THR P 808 77.02 34.86 32.29
N HIS P 809 75.80 34.55 32.75
CA HIS P 809 75.16 35.26 33.87
C HIS P 809 74.48 34.22 34.76
N PRO P 810 75.24 33.46 35.54
CA PRO P 810 74.64 32.41 36.37
C PRO P 810 73.73 32.93 37.47
N GLN P 811 73.98 34.16 37.95
CA GLN P 811 73.13 34.76 38.97
C GLN P 811 71.70 34.95 38.44
N LYS P 812 71.54 35.37 37.17
CA LYS P 812 70.20 35.57 36.61
C LYS P 812 69.46 34.22 36.52
N ILE P 813 70.16 33.11 36.24
CA ILE P 813 69.56 31.78 36.19
C ILE P 813 69.18 31.34 37.60
N ARG P 814 70.02 31.61 38.59
CA ARG P 814 69.71 31.27 39.98
C ARG P 814 68.42 31.89 40.42
N ASP P 815 68.26 33.16 40.12
CA ASP P 815 67.10 33.96 40.52
C ASP P 815 65.87 33.50 39.73
N LEU P 816 66.07 33.14 38.46
CA LEU P 816 65.00 32.66 37.59
C LEU P 816 64.50 31.29 38.08
N LEU P 817 65.37 30.46 38.70
CA LEU P 817 64.94 29.18 39.23
C LEU P 817 64.27 29.33 40.54
N ALA P 818 64.80 30.19 41.40
CA ALA P 818 64.19 30.41 42.70
C ALA P 818 62.87 31.10 42.57
N THR P 819 62.71 31.99 41.56
CA THR P 819 61.42 32.64 41.42
C THR P 819 60.37 31.64 40.91
N VAL P 820 60.71 30.69 40.04
CA VAL P 820 59.71 29.71 39.58
C VAL P 820 59.43 28.70 40.71
N TYR P 821 60.43 28.32 41.53
CA TYR P 821 60.19 27.41 42.64
C TYR P 821 59.29 28.08 43.66
N ARG P 822 59.43 29.38 43.83
CA ARG P 822 58.59 30.09 44.77
C ARG P 822 57.15 30.11 44.24
N LEU P 823 56.95 30.54 42.98
CA LEU P 823 55.61 30.62 42.36
C LEU P 823 54.89 29.30 42.36
N ILE P 824 55.59 28.22 42.06
CA ILE P 824 55.00 26.90 41.97
C ILE P 824 54.68 26.34 43.37
N ALA P 825 55.52 26.65 44.38
CA ALA P 825 55.32 26.23 45.77
C ALA P 825 54.19 27.00 46.42
N ASP P 826 54.08 28.30 46.10
CA ASP P 826 52.99 29.18 46.57
C ASP P 826 51.64 28.77 46.00
N GLY P 827 51.66 28.12 44.85
CA GLY P 827 50.47 27.71 44.12
C GLY P 827 50.06 28.75 43.08
N THR P 828 50.87 29.83 42.95
CA THR P 828 50.64 30.89 41.97
C THR P 828 50.56 30.29 40.58
N LEU P 829 51.37 29.25 40.32
CA LEU P 829 51.38 28.49 39.08
C LEU P 829 51.17 27.02 39.37
N PRO P 830 50.40 26.31 38.55
CA PRO P 830 50.21 24.89 38.78
C PRO P 830 51.23 24.09 38.03
N LEU P 831 51.73 23.01 38.62
CA LEU P 831 52.75 22.19 37.97
C LEU P 831 52.13 21.37 36.81
N PRO P 832 52.93 20.84 35.88
CA PRO P 832 52.37 20.16 34.70
C PRO P 832 52.30 18.65 34.84
N GLU P 833 51.93 17.96 33.72
CA GLU P 833 51.91 16.50 33.68
C GLU P 833 53.32 15.99 33.88
N ILE P 834 53.56 15.25 34.98
CA ILE P 834 54.87 14.73 35.30
C ILE P 834 54.80 13.20 35.27
N THR P 835 55.58 12.61 34.38
CA THR P 835 55.61 11.17 34.18
C THR P 835 56.98 10.72 34.70
N HIS P 836 56.99 9.94 35.77
CA HIS P 836 58.26 9.50 36.38
C HIS P 836 58.82 8.26 35.69
N TYR P 837 60.15 8.22 35.50
CA TYR P 837 60.87 7.09 34.89
C TYR P 837 62.06 6.73 35.75
N PRO P 838 62.36 5.45 36.00
CA PRO P 838 63.57 5.13 36.76
C PRO P 838 64.80 5.38 35.90
N LEU P 839 65.96 5.52 36.54
CA LEU P 839 67.23 5.82 35.84
C LEU P 839 67.63 4.75 34.77
N GLU P 840 67.20 3.51 34.96
CA GLU P 840 67.52 2.39 34.10
C GLU P 840 66.73 2.48 32.79
N GLU P 841 65.44 2.79 32.88
CA GLU P 841 64.56 2.97 31.72
C GLU P 841 64.74 4.33 31.03
N ALA P 842 65.84 5.09 31.31
CA ALA P 842 66.10 6.37 30.65
C ALA P 842 65.98 6.27 29.14
N ALA P 843 66.58 5.22 28.54
CA ALA P 843 66.59 4.97 27.09
C ALA P 843 65.19 4.79 26.52
N THR P 844 64.30 4.17 27.27
CA THR P 844 62.92 3.99 26.83
C THR P 844 62.21 5.31 26.89
N ALA P 845 62.49 6.10 27.91
CA ALA P 845 61.92 7.44 28.03
C ALA P 845 62.41 8.39 26.90
N ILE P 846 63.65 8.22 26.42
CA ILE P 846 64.16 9.05 25.32
C ILE P 846 63.45 8.67 24.04
N ARG P 847 63.33 7.36 23.71
CA ARG P 847 62.63 6.94 22.48
C ARG P 847 61.20 7.52 22.39
N ILE P 848 60.47 7.48 23.53
CA ILE P 848 59.09 7.97 23.67
C ILE P 848 59.01 9.42 23.32
N MET P 849 59.85 10.20 23.98
CA MET P 849 59.92 11.62 23.79
C MET P 849 60.44 11.94 22.41
N GLY P 850 61.38 11.12 21.96
CA GLY P 850 62.00 11.25 20.64
C GLY P 850 61.00 11.09 19.51
N GLY P 851 59.98 10.28 19.74
CA GLY P 851 58.91 10.09 18.78
C GLY P 851 57.70 11.01 18.97
N ALA P 852 57.83 12.03 19.85
CA ALA P 852 56.78 13.00 20.21
C ALA P 852 55.49 12.33 20.72
N GLN P 853 55.61 11.10 21.28
CA GLN P 853 54.50 10.33 21.82
C GLN P 853 54.12 10.90 23.18
N HIS P 854 55.12 11.40 23.90
CA HIS P 854 54.98 11.97 25.24
C HIS P 854 54.13 13.22 25.34
N THR P 855 53.76 13.53 26.60
CA THR P 855 52.98 14.71 27.00
C THR P 855 53.49 15.20 28.36
N GLY P 856 53.72 16.50 28.45
CA GLY P 856 54.21 17.13 29.66
C GLY P 856 55.68 16.91 29.89
N LYS P 857 56.07 16.84 31.19
CA LYS P 857 57.47 16.68 31.58
C LYS P 857 57.74 15.27 31.98
N LEU P 858 58.99 14.89 31.79
CA LEU P 858 59.46 13.59 32.16
C LEU P 858 60.50 13.78 33.25
N VAL P 859 60.46 12.92 34.26
CA VAL P 859 61.38 13.02 35.36
C VAL P 859 62.12 11.71 35.44
N ILE P 860 63.42 11.76 35.64
CA ILE P 860 64.24 10.59 35.82
C ILE P 860 64.48 10.46 37.32
N ASP P 861 63.94 9.43 37.92
CA ASP P 861 64.04 9.21 39.34
C ASP P 861 65.35 8.53 39.67
N ILE P 862 66.22 9.26 40.39
CA ILE P 862 67.50 8.77 40.87
C ILE P 862 67.21 7.95 42.12
N PRO P 863 67.71 6.71 42.21
CA PRO P 863 67.40 5.89 43.39
C PRO P 863 68.06 6.41 44.67
N ASP P 864 67.28 6.50 45.77
CA ASP P 864 67.75 6.93 47.10
C ASP P 864 68.11 5.70 47.91
N THR P 865 67.16 4.73 47.99
CA THR P 865 67.34 3.46 48.69
C THR P 865 68.64 2.89 48.22
N GLY P 866 69.65 2.94 49.09
CA GLY P 866 71.01 2.52 48.78
C GLY P 866 71.22 1.10 48.28
N GLN P 867 70.47 0.69 47.23
CA GLN P 867 70.51 -0.66 46.68
C GLN P 867 71.52 -0.67 45.55
N SER P 868 72.58 -1.48 45.71
CA SER P 868 73.71 -1.65 44.79
C SER P 868 73.27 -1.78 43.30
N GLN P 869 73.99 -1.06 42.38
CA GLN P 869 73.71 -1.04 40.94
C GLN P 869 74.94 -1.41 40.12
N VAL P 870 74.77 -2.05 38.90
CA VAL P 870 75.92 -2.48 38.09
C VAL P 870 76.42 -1.27 37.31
N VAL P 871 77.67 -0.94 37.52
CA VAL P 871 78.29 0.24 36.93
C VAL P 871 79.46 -0.24 36.11
N VAL P 872 79.93 0.61 35.20
CA VAL P 872 81.01 0.25 34.31
C VAL P 872 82.17 1.27 34.35
N PRO P 873 83.32 0.94 34.97
CA PRO P 873 84.46 1.86 34.94
C PRO P 873 85.22 1.67 33.63
N PRO P 874 85.61 2.73 32.91
CA PRO P 874 86.32 2.52 31.64
C PRO P 874 87.85 2.70 31.76
N GLU P 875 88.37 3.95 31.74
CA GLU P 875 89.81 4.28 31.76
C GLU P 875 90.10 5.25 32.89
N GLN P 876 89.43 4.99 34.00
CA GLN P 876 89.60 5.61 35.30
C GLN P 876 90.30 4.56 36.18
N VAL P 877 90.71 3.41 35.55
CA VAL P 877 91.32 2.25 36.20
C VAL P 877 92.64 2.68 36.82
N PRO P 878 92.78 2.66 38.16
CA PRO P 878 94.05 3.11 38.73
C PRO P 878 95.10 2.00 38.59
N VAL P 879 95.77 1.98 37.42
CA VAL P 879 96.80 0.99 37.14
C VAL P 879 98.04 1.41 37.93
N PHE P 880 98.83 2.38 37.42
CA PHE P 880 100.06 2.85 38.06
C PHE P 880 99.75 3.97 39.03
N ARG P 881 99.94 3.73 40.35
CA ARG P 881 99.67 4.75 41.37
C ARG P 881 100.80 4.88 42.44
N GLY P 882 101.02 6.12 42.90
CA GLY P 882 102.03 6.45 43.90
C GLY P 882 101.71 5.93 45.29
N ASP P 883 100.41 5.70 45.60
CA ASP P 883 99.96 5.16 46.89
C ASP P 883 99.84 3.61 46.84
N GLY P 884 100.73 2.94 46.10
CA GLY P 884 100.72 1.49 45.97
C GLY P 884 102.02 0.92 45.46
N ALA P 885 102.42 -0.24 46.01
CA ALA P 885 103.66 -0.93 45.65
C ALA P 885 103.45 -1.95 44.55
N TYR P 886 104.54 -2.31 43.85
CA TYR P 886 104.50 -3.27 42.74
C TYR P 886 105.67 -4.25 42.76
N VAL P 887 105.46 -5.46 42.23
CA VAL P 887 106.48 -6.52 42.18
C VAL P 887 106.67 -6.96 40.73
N ILE P 888 107.93 -7.12 40.29
CA ILE P 888 108.24 -7.57 38.94
C ILE P 888 109.27 -8.68 38.99
N THR P 889 108.88 -9.90 38.59
CA THR P 889 109.79 -11.04 38.55
C THR P 889 110.43 -11.01 37.17
N GLY P 890 111.74 -11.19 37.12
CA GLY P 890 112.51 -11.07 35.90
C GLY P 890 112.64 -9.61 35.52
N GLY P 891 112.80 -8.76 36.53
CA GLY P 891 112.88 -7.32 36.41
C GLY P 891 114.26 -6.78 36.12
N LEU P 892 115.33 -7.52 36.49
CA LEU P 892 116.70 -7.05 36.23
C LEU P 892 117.09 -7.20 34.76
N GLY P 893 116.25 -7.83 33.93
CA GLY P 893 116.53 -7.98 32.51
C GLY P 893 115.31 -8.10 31.63
N GLY P 894 115.55 -7.87 30.34
CA GLY P 894 114.56 -7.97 29.29
C GLY P 894 113.45 -6.95 29.36
N LEU P 895 112.21 -7.46 29.31
CA LEU P 895 111.00 -6.63 29.33
C LEU P 895 110.84 -5.99 30.69
N GLY P 896 110.96 -6.80 31.74
CA GLY P 896 110.83 -6.36 33.13
C GLY P 896 111.58 -5.10 33.49
N LEU P 897 112.82 -4.93 32.96
CA LEU P 897 113.61 -3.73 33.24
C LEU P 897 113.06 -2.52 32.46
N PHE P 898 112.55 -2.74 31.22
CA PHE P 898 111.94 -1.67 30.43
C PHE P 898 110.60 -1.25 31.06
N LEU P 899 109.79 -2.23 31.45
CA LEU P 899 108.50 -1.99 32.10
C LEU P 899 108.71 -1.27 33.43
N ALA P 900 109.70 -1.69 34.24
CA ALA P 900 110.03 -1.07 35.53
C ALA P 900 110.40 0.41 35.35
N GLU P 901 111.24 0.69 34.33
CA GLU P 901 111.65 2.05 33.99
C GLU P 901 110.44 2.89 33.55
N ARG P 902 109.56 2.28 32.72
CA ARG P 902 108.35 2.93 32.23
C ARG P 902 107.34 3.15 33.38
N MET P 903 107.23 2.19 34.31
CA MET P 903 106.34 2.27 35.47
C MET P 903 106.80 3.32 36.46
N ALA P 904 108.12 3.39 36.73
CA ALA P 904 108.70 4.41 37.62
C ALA P 904 108.38 5.79 37.08
N ALA P 905 108.48 5.96 35.75
CA ALA P 905 108.15 7.19 35.04
C ALA P 905 106.63 7.45 35.05
N ALA P 906 105.81 6.39 34.94
CA ALA P 906 104.33 6.50 34.97
C ALA P 906 103.76 6.89 36.36
N GLY P 907 104.61 6.92 37.40
CA GLY P 907 104.21 7.32 38.75
C GLY P 907 103.84 6.13 39.60
N CYS P 908 104.87 5.40 40.07
CA CYS P 908 104.72 4.22 40.91
C CYS P 908 105.55 4.39 42.16
N GLY P 909 104.91 4.22 43.32
CA GLY P 909 105.58 4.32 44.59
C GLY P 909 106.09 2.95 44.98
N ARG P 910 107.42 2.73 44.87
CA ARG P 910 108.09 1.47 45.19
C ARG P 910 107.79 0.37 44.16
N ILE P 911 108.82 -0.06 43.43
CA ILE P 911 108.75 -1.17 42.46
C ILE P 911 109.83 -2.16 42.84
N VAL P 912 109.46 -3.30 43.46
CA VAL P 912 110.45 -4.33 43.80
C VAL P 912 110.76 -5.11 42.51
N VAL P 913 112.04 -5.23 42.19
CA VAL P 913 112.52 -5.92 41.00
C VAL P 913 113.23 -7.20 41.47
N ASN P 914 113.06 -8.31 40.72
CA ASN P 914 113.63 -9.59 41.09
C ASN P 914 114.21 -10.34 39.88
N SER P 915 115.25 -11.12 40.17
CA SER P 915 115.95 -11.98 39.21
C SER P 915 117.03 -12.71 40.00
N ARG P 916 117.08 -14.04 39.90
CA ARG P 916 118.03 -14.88 40.66
C ARG P 916 119.49 -14.39 40.52
N SER P 917 119.90 -13.94 39.32
CA SER P 917 121.25 -13.42 39.08
C SER P 917 121.36 -11.99 39.59
N ALA P 918 122.57 -11.58 40.01
CA ALA P 918 122.82 -10.21 40.48
C ALA P 918 122.68 -9.19 39.34
N PRO P 919 122.49 -7.89 39.61
CA PRO P 919 122.34 -6.92 38.50
C PRO P 919 123.59 -6.75 37.66
N SER P 920 123.41 -6.68 36.33
CA SER P 920 124.53 -6.47 35.40
C SER P 920 125.05 -5.02 35.50
N THR P 921 126.17 -4.74 34.83
CA THR P 921 126.79 -3.41 34.83
C THR P 921 125.87 -2.39 34.14
N ARG P 922 125.19 -2.77 33.04
CA ARG P 922 124.26 -1.87 32.34
C ARG P 922 122.92 -1.78 33.10
N SER P 923 122.50 -2.88 33.76
CA SER P 923 121.26 -2.92 34.54
C SER P 923 121.37 -2.00 35.75
N SER P 924 122.51 -2.04 36.47
CA SER P 924 122.77 -1.18 37.63
C SER P 924 122.72 0.30 37.25
N GLU P 925 123.24 0.66 36.05
CA GLU P 925 123.21 2.05 35.56
C GLU P 925 121.77 2.55 35.31
N ILE P 926 120.88 1.66 34.81
CA ILE P 926 119.48 2.00 34.55
C ILE P 926 118.75 2.20 35.88
N ILE P 927 119.04 1.38 36.89
CA ILE P 927 118.40 1.49 38.20
C ILE P 927 118.87 2.79 38.91
N GLU P 928 120.15 3.18 38.73
CA GLU P 928 120.69 4.41 39.34
C GLU P 928 119.97 5.66 38.85
N LEU P 929 119.81 5.80 37.52
CA LEU P 929 119.13 6.97 36.95
C LEU P 929 117.63 7.00 37.27
N ILE P 930 116.98 5.83 37.50
CA ILE P 930 115.56 5.80 37.88
C ILE P 930 115.42 6.28 39.33
N ARG P 931 116.29 5.78 40.22
CA ARG P 931 116.28 6.19 41.64
C ARG P 931 116.64 7.67 41.77
N ALA P 932 117.58 8.16 40.92
CA ALA P 932 117.97 9.57 40.89
C ALA P 932 116.77 10.46 40.54
N THR P 933 115.90 9.98 39.64
CA THR P 933 114.69 10.68 39.22
C THR P 933 113.49 10.23 40.08
N GLY P 934 113.54 10.56 41.37
CA GLY P 934 112.49 10.27 42.34
C GLY P 934 112.26 8.81 42.66
N ALA P 935 111.18 8.22 42.08
CA ALA P 935 110.69 6.84 42.30
C ALA P 935 111.77 5.85 42.71
N ASP P 936 111.61 5.21 43.90
CA ASP P 936 112.58 4.25 44.41
C ASP P 936 112.36 2.87 43.80
N ILE P 937 113.46 2.17 43.51
CA ILE P 937 113.49 0.85 42.90
C ILE P 937 114.28 -0.06 43.79
N VAL P 938 113.61 -1.01 44.42
CA VAL P 938 114.28 -1.96 45.29
C VAL P 938 114.60 -3.19 44.47
N VAL P 939 115.72 -3.85 44.78
CA VAL P 939 116.14 -5.06 44.10
C VAL P 939 116.33 -6.14 45.15
N GLU P 940 115.49 -7.18 45.08
CA GLU P 940 115.53 -8.33 45.97
C GLU P 940 115.69 -9.56 45.08
N CYS P 941 116.90 -10.14 45.05
CA CYS P 941 117.18 -11.30 44.21
C CYS P 941 116.69 -12.57 44.88
N GLY P 942 116.44 -13.57 44.04
CA GLY P 942 115.96 -14.88 44.47
C GLY P 942 115.37 -15.70 43.34
N ASP P 943 115.33 -17.01 43.53
CA ASP P 943 114.76 -17.94 42.56
C ASP P 943 113.28 -18.10 42.89
N ILE P 944 112.38 -17.42 42.15
CA ILE P 944 110.91 -17.49 42.34
C ILE P 944 110.38 -18.91 42.46
N ALA P 945 111.04 -19.91 41.84
CA ALA P 945 110.68 -21.31 41.97
C ALA P 945 110.70 -21.73 43.46
N GLU P 946 111.63 -21.16 44.28
CA GLU P 946 111.66 -21.37 45.73
C GLU P 946 110.54 -20.53 46.34
N PRO P 947 109.79 -21.07 47.30
CA PRO P 947 108.65 -20.30 47.86
C PRO P 947 109.04 -19.08 48.67
N ASP P 948 110.10 -19.22 49.51
CA ASP P 948 110.65 -18.20 50.40
C ASP P 948 110.95 -16.87 49.65
N THR P 949 111.30 -16.96 48.34
CA THR P 949 111.58 -15.80 47.50
C THR P 949 110.30 -14.95 47.24
N ALA P 950 109.17 -15.57 46.83
CA ALA P 950 107.88 -14.87 46.61
C ALA P 950 107.43 -14.06 47.85
N LEU P 951 107.65 -14.62 49.06
CA LEU P 951 107.27 -13.99 50.33
C LEU P 951 108.18 -12.80 50.65
N ARG P 952 109.49 -12.99 50.44
CA ARG P 952 110.52 -11.97 50.66
C ARG P 952 110.22 -10.74 49.78
N LEU P 953 109.87 -10.97 48.51
CA LEU P 953 109.50 -9.92 47.54
C LEU P 953 108.30 -9.10 48.01
N VAL P 954 107.22 -9.80 48.39
CA VAL P 954 105.96 -9.22 48.86
C VAL P 954 106.20 -8.40 50.14
N ALA P 955 106.95 -8.94 51.10
CA ALA P 955 107.26 -8.25 52.35
C ALA P 955 108.08 -6.98 52.10
N ALA P 956 109.01 -7.02 51.12
CA ALA P 956 109.86 -5.88 50.76
C ALA P 956 109.05 -4.75 50.12
N ALA P 957 108.13 -5.08 49.20
CA ALA P 957 107.29 -4.10 48.51
C ALA P 957 106.34 -3.38 49.49
N THR P 958 105.79 -4.12 50.49
CA THR P 958 104.87 -3.57 51.49
C THR P 958 105.58 -2.67 52.51
N GLN P 959 106.75 -3.12 53.02
CA GLN P 959 107.62 -2.45 54.02
C GLN P 959 107.48 -0.90 54.12
N THR P 960 107.47 -0.18 52.99
CA THR P 960 107.37 1.29 52.96
C THR P 960 105.91 1.76 53.07
N GLY P 961 105.16 1.22 54.03
CA GLY P 961 103.75 1.55 54.25
C GLY P 961 102.85 1.71 53.04
N LEU P 962 103.14 1.01 51.92
CA LEU P 962 102.36 1.08 50.66
C LEU P 962 101.75 -0.29 50.36
N PRO P 963 100.40 -0.46 50.24
CA PRO P 963 99.86 -1.80 49.95
C PRO P 963 100.22 -2.27 48.56
N LEU P 964 100.41 -3.58 48.38
CA LEU P 964 100.73 -4.16 47.08
C LEU P 964 99.54 -3.97 46.17
N ARG P 965 99.73 -3.27 45.03
CA ARG P 965 98.64 -3.01 44.08
C ARG P 965 98.81 -3.76 42.74
N GLY P 966 99.88 -4.53 42.56
CA GLY P 966 100.05 -5.26 41.31
C GLY P 966 101.29 -6.12 41.23
N VAL P 967 101.24 -7.15 40.36
CA VAL P 967 102.34 -8.10 40.15
C VAL P 967 102.54 -8.31 38.66
N LEU P 968 103.77 -8.65 38.27
CA LEU P 968 104.14 -8.96 36.90
C LEU P 968 105.04 -10.18 36.91
N HIS P 969 104.67 -11.22 36.14
CA HIS P 969 105.46 -12.46 36.12
C HIS P 969 106.24 -12.60 34.80
N ALA P 970 107.25 -11.74 34.63
CA ALA P 970 108.12 -11.78 33.44
C ALA P 970 109.21 -12.81 33.58
N ALA P 971 109.47 -13.33 34.81
CA ALA P 971 110.51 -14.33 35.05
C ALA P 971 110.36 -15.50 34.11
N ALA P 972 111.41 -15.82 33.33
CA ALA P 972 111.34 -16.88 32.32
C ALA P 972 112.70 -17.41 31.91
N VAL P 973 112.71 -18.70 31.59
CA VAL P 973 113.87 -19.43 31.07
C VAL P 973 113.45 -19.96 29.71
N VAL P 974 114.33 -19.84 28.70
CA VAL P 974 114.05 -20.29 27.34
C VAL P 974 115.16 -21.21 26.85
N GLU P 975 114.89 -22.51 26.88
CA GLU P 975 115.78 -23.55 26.37
C GLU P 975 114.98 -24.26 25.28
N ASP P 976 115.36 -24.04 24.03
CA ASP P 976 114.65 -24.58 22.87
C ASP P 976 115.34 -25.82 22.33
N ALA P 977 114.54 -26.80 21.90
CA ALA P 977 115.04 -28.04 21.31
C ALA P 977 113.94 -28.74 20.51
N THR P 978 114.35 -29.51 19.50
CA THR P 978 113.42 -30.27 18.65
C THR P 978 112.88 -31.44 19.47
N LEU P 979 111.67 -31.92 19.12
CA LEU P 979 111.01 -33.03 19.80
C LEU P 979 111.98 -34.18 20.12
N ALA P 980 112.88 -34.51 19.17
CA ALA P 980 113.86 -35.58 19.31
C ALA P 980 114.87 -35.35 20.44
N ASN P 981 115.34 -34.09 20.63
CA ASN P 981 116.35 -33.78 21.67
C ASN P 981 115.78 -32.88 22.81
N ILE P 982 114.50 -33.07 23.19
CA ILE P 982 113.92 -32.36 24.34
C ILE P 982 114.15 -33.27 25.52
N THR P 983 115.13 -32.93 26.40
CA THR P 983 115.43 -33.76 27.56
C THR P 983 114.42 -33.53 28.66
N ASP P 984 114.37 -34.46 29.62
CA ASP P 984 113.46 -34.38 30.78
C ASP P 984 113.89 -33.24 31.72
N GLU P 985 115.20 -32.96 31.75
CA GLU P 985 115.79 -31.91 32.57
C GLU P 985 115.45 -30.55 32.01
N LEU P 986 115.54 -30.40 30.67
CA LEU P 986 115.22 -29.17 29.93
C LEU P 986 113.76 -28.73 30.14
N VAL P 987 112.83 -29.69 30.35
CA VAL P 987 111.42 -29.36 30.59
C VAL P 987 111.31 -28.59 31.91
N GLU P 988 111.92 -29.13 32.99
CA GLU P 988 111.90 -28.50 34.31
C GLU P 988 112.61 -27.13 34.32
N HIS P 989 113.61 -26.92 33.44
CA HIS P 989 114.31 -25.63 33.38
C HIS P 989 113.37 -24.51 32.96
N ASP P 990 112.56 -24.76 31.92
CA ASP P 990 111.59 -23.77 31.36
C ASP P 990 110.31 -23.69 32.21
N TRP P 991 109.86 -24.83 32.73
CA TRP P 991 108.64 -24.99 33.53
C TRP P 991 108.73 -24.31 34.90
N ALA P 992 109.85 -24.51 35.62
CA ALA P 992 110.03 -24.02 36.99
C ALA P 992 109.76 -22.52 37.20
N PRO P 993 110.40 -21.59 36.49
CA PRO P 993 110.13 -20.17 36.76
C PRO P 993 108.72 -19.72 36.38
N LYS P 994 108.17 -20.28 35.30
CA LYS P 994 106.86 -19.88 34.81
C LYS P 994 105.75 -20.38 35.71
N VAL P 995 105.66 -21.71 35.95
CA VAL P 995 104.56 -22.28 36.72
C VAL P 995 104.82 -22.23 38.24
N TYR P 996 106.01 -22.67 38.73
CA TYR P 996 106.23 -22.68 40.18
C TYR P 996 106.31 -21.26 40.73
N GLY P 997 106.83 -20.34 39.94
CA GLY P 997 106.88 -18.95 40.36
C GLY P 997 105.50 -18.35 40.47
N ALA P 998 104.64 -18.62 39.48
CA ALA P 998 103.25 -18.12 39.45
C ALA P 998 102.44 -18.59 40.66
N TRP P 999 102.62 -19.87 41.03
CA TRP P 999 101.91 -20.42 42.18
C TRP P 999 102.48 -19.86 43.49
N ASN P 1000 103.81 -19.72 43.61
CA ASN P 1000 104.44 -19.15 44.81
C ASN P 1000 104.06 -17.68 44.95
N LEU P 1001 103.87 -16.96 43.83
CA LEU P 1001 103.43 -15.57 43.87
C LEU P 1001 102.01 -15.50 44.38
N HIS P 1002 101.13 -16.33 43.79
CA HIS P 1002 99.71 -16.40 44.19
C HIS P 1002 99.61 -16.66 45.68
N GLN P 1003 100.31 -17.69 46.17
CA GLN P 1003 100.30 -18.03 47.59
C GLN P 1003 100.83 -16.89 48.45
N ALA P 1004 101.95 -16.24 48.05
CA ALA P 1004 102.55 -15.13 48.80
C ALA P 1004 101.54 -13.97 48.98
N VAL P 1005 100.68 -13.75 47.99
CA VAL P 1005 99.64 -12.72 48.01
C VAL P 1005 98.54 -13.09 49.01
N GLN P 1006 98.04 -14.35 48.98
CA GLN P 1006 97.00 -14.80 49.92
C GLN P 1006 97.56 -14.83 51.35
N SER P 1007 98.78 -15.40 51.49
CA SER P 1007 99.53 -15.52 52.75
C SER P 1007 99.76 -14.16 53.40
N GLY P 1008 99.99 -13.13 52.58
CA GLY P 1008 100.17 -11.78 53.05
C GLY P 1008 98.92 -11.24 53.74
N GLY P 1009 99.10 -10.20 54.54
CA GLY P 1009 98.03 -9.60 55.31
C GLY P 1009 97.05 -8.76 54.51
N PRO P 1010 96.50 -7.67 55.10
CA PRO P 1010 95.56 -6.84 54.34
C PRO P 1010 96.23 -6.00 53.26
N ALA P 1011 97.56 -5.75 53.37
CA ALA P 1011 98.33 -4.99 52.40
C ALA P 1011 98.33 -5.63 51.01
N THR P 1012 98.43 -6.97 50.98
CA THR P 1012 98.43 -7.76 49.74
C THR P 1012 97.01 -8.01 49.21
N SER P 1013 96.01 -8.06 50.11
CA SER P 1013 94.61 -8.35 49.76
C SER P 1013 93.85 -7.09 49.21
N GLU P 1014 94.56 -6.20 48.47
CA GLU P 1014 94.00 -4.99 47.87
C GLU P 1014 94.53 -4.78 46.44
N LEU P 1015 95.17 -5.80 45.78
CA LEU P 1015 95.76 -5.55 44.47
C LEU P 1015 94.73 -5.50 43.35
N ASP P 1016 95.08 -4.68 42.34
CA ASP P 1016 94.29 -4.36 41.16
C ASP P 1016 94.51 -5.36 40.05
N TRP P 1017 95.76 -5.81 39.87
CA TRP P 1017 96.08 -6.75 38.80
C TRP P 1017 97.13 -7.78 39.23
N PHE P 1018 97.26 -8.81 38.41
CA PHE P 1018 98.23 -9.89 38.58
C PHE P 1018 98.50 -10.38 37.17
N CYS P 1019 99.56 -9.89 36.56
CA CYS P 1019 99.83 -10.18 35.17
C CYS P 1019 100.94 -11.18 35.01
N ALA P 1020 100.88 -11.94 33.91
CA ALA P 1020 101.85 -12.98 33.59
C ALA P 1020 102.19 -12.95 32.13
N PHE P 1021 103.42 -12.61 31.81
CA PHE P 1021 103.86 -12.55 30.42
C PHE P 1021 104.04 -13.97 29.86
N SER P 1022 103.21 -14.34 28.88
CA SER P 1022 103.23 -15.64 28.22
C SER P 1022 103.95 -15.49 26.87
N SER P 1023 103.76 -16.44 25.92
CA SER P 1023 104.37 -16.35 24.59
C SER P 1023 103.36 -16.72 23.50
N ALA P 1024 103.50 -16.09 22.32
CA ALA P 1024 102.65 -16.35 21.15
C ALA P 1024 102.98 -17.71 20.54
N ALA P 1025 104.19 -18.23 20.81
CA ALA P 1025 104.63 -19.56 20.36
C ALA P 1025 103.75 -20.65 20.98
N ALA P 1026 103.25 -20.44 22.21
CA ALA P 1026 102.35 -21.40 22.87
C ALA P 1026 101.02 -21.49 22.12
N LEU P 1027 100.52 -20.33 21.65
CA LEU P 1027 99.27 -20.20 20.92
C LEU P 1027 99.35 -20.82 19.52
N VAL P 1028 100.36 -20.45 18.71
CA VAL P 1028 100.49 -20.94 17.33
C VAL P 1028 101.21 -22.27 17.26
N GLY P 1029 102.31 -22.40 18.00
CA GLY P 1029 103.14 -23.60 18.02
C GLY P 1029 104.45 -23.46 17.29
N SER P 1030 105.25 -22.44 17.66
CA SER P 1030 106.56 -22.23 17.02
C SER P 1030 107.45 -23.46 17.24
N PRO P 1031 107.86 -24.18 16.18
CA PRO P 1031 108.66 -25.39 16.38
C PRO P 1031 110.00 -25.13 17.07
N GLY P 1032 110.42 -26.09 17.87
CA GLY P 1032 111.64 -26.01 18.66
C GLY P 1032 111.40 -25.52 20.07
N GLN P 1033 110.31 -24.76 20.32
CA GLN P 1033 110.01 -24.25 21.65
C GLN P 1033 109.59 -25.42 22.55
N GLY P 1034 108.41 -26.00 22.29
CA GLY P 1034 107.87 -27.17 22.98
C GLY P 1034 107.78 -27.07 24.48
N ALA P 1035 108.94 -27.22 25.16
CA ALA P 1035 109.07 -27.12 26.62
C ALA P 1035 108.67 -25.74 27.12
N TYR P 1036 109.11 -24.67 26.41
CA TYR P 1036 108.75 -23.29 26.77
C TYR P 1036 107.27 -23.04 26.46
N ALA P 1037 106.76 -23.65 25.37
CA ALA P 1037 105.36 -23.53 24.97
C ALA P 1037 104.42 -24.17 25.99
N ALA P 1038 104.78 -25.36 26.50
CA ALA P 1038 103.98 -26.09 27.47
C ALA P 1038 103.91 -25.37 28.83
N ALA P 1039 105.04 -24.77 29.28
CA ALA P 1039 105.11 -24.01 30.53
C ALA P 1039 104.18 -22.81 30.51
N ASN P 1040 104.07 -22.15 29.35
CA ASN P 1040 103.16 -21.03 29.16
C ASN P 1040 101.70 -21.46 29.11
N SER P 1041 101.38 -22.60 28.46
CA SER P 1041 100.00 -23.11 28.37
C SER P 1041 99.39 -23.36 29.74
N TRP P 1042 100.22 -23.82 30.69
CA TRP P 1042 99.82 -24.03 32.09
C TRP P 1042 99.58 -22.68 32.75
N LEU P 1043 100.54 -21.78 32.62
CA LEU P 1043 100.50 -20.43 33.17
C LEU P 1043 99.29 -19.63 32.64
N ASP P 1044 98.91 -19.85 31.36
CA ASP P 1044 97.75 -19.18 30.75
C ASP P 1044 96.45 -19.69 31.37
N ALA P 1045 96.35 -21.02 31.57
CA ALA P 1045 95.20 -21.67 32.21
C ALA P 1045 95.12 -21.31 33.70
N PHE P 1046 96.29 -21.15 34.37
CA PHE P 1046 96.35 -20.78 35.79
C PHE P 1046 95.70 -19.42 36.02
N MET P 1047 95.85 -18.49 35.07
CA MET P 1047 95.25 -17.17 35.19
C MET P 1047 93.73 -17.25 35.06
N GLN P 1048 93.21 -18.11 34.18
CA GLN P 1048 91.76 -18.30 34.02
C GLN P 1048 91.19 -18.94 35.29
N TRP P 1049 91.96 -19.84 35.94
CA TRP P 1049 91.59 -20.44 37.22
C TRP P 1049 91.56 -19.38 38.30
N ARG P 1050 92.61 -18.56 38.36
CA ARG P 1050 92.74 -17.51 39.37
C ARG P 1050 91.58 -16.51 39.23
N ARG P 1051 91.18 -16.17 37.99
CA ARG P 1051 90.04 -15.28 37.72
C ARG P 1051 88.75 -15.94 38.18
N ALA P 1052 88.61 -17.26 37.92
CA ALA P 1052 87.44 -18.04 38.35
C ALA P 1052 87.26 -18.00 39.87
N GLN P 1053 88.38 -18.06 40.64
CA GLN P 1053 88.32 -17.97 42.11
C GLN P 1053 87.86 -16.59 42.59
N GLY P 1054 87.97 -15.57 41.74
CA GLY P 1054 87.55 -14.20 42.02
C GLY P 1054 88.71 -13.24 42.00
N LEU P 1055 89.93 -13.75 42.26
CA LEU P 1055 91.15 -12.97 42.27
C LEU P 1055 91.41 -12.32 40.89
N PRO P 1056 92.07 -11.17 40.82
CA PRO P 1056 92.36 -10.57 39.51
C PRO P 1056 93.44 -11.36 38.80
N ALA P 1057 93.39 -11.43 37.47
CA ALA P 1057 94.36 -12.21 36.72
C ALA P 1057 94.43 -11.81 35.25
N THR P 1058 95.65 -11.79 34.69
CA THR P 1058 95.90 -11.43 33.30
C THR P 1058 97.07 -12.20 32.72
N SER P 1059 97.03 -12.49 31.41
CA SER P 1059 98.11 -13.15 30.67
C SER P 1059 98.25 -12.49 29.31
N ILE P 1060 99.49 -12.17 28.90
CA ILE P 1060 99.74 -11.50 27.63
C ILE P 1060 100.72 -12.32 26.81
N ALA P 1061 100.22 -13.07 25.82
CA ALA P 1061 101.08 -13.85 24.94
C ALA P 1061 101.79 -12.92 23.96
N TRP P 1062 103.04 -12.54 24.29
CA TRP P 1062 103.81 -11.58 23.50
C TRP P 1062 104.43 -12.18 22.24
N GLY P 1063 104.73 -11.29 21.28
CA GLY P 1063 105.39 -11.61 20.02
C GLY P 1063 106.88 -11.37 20.10
N ALA P 1064 107.48 -10.89 19.00
CA ALA P 1064 108.93 -10.64 18.92
C ALA P 1064 109.29 -9.17 19.20
N TRP P 1065 109.99 -8.90 20.32
CA TRP P 1065 110.35 -7.53 20.69
C TRP P 1065 111.68 -7.07 20.07
N GLY P 1066 111.82 -5.75 19.91
CA GLY P 1066 112.99 -5.13 19.30
C GLY P 1066 114.22 -5.02 20.19
N GLU P 1067 114.10 -4.37 21.36
CA GLU P 1067 115.21 -4.17 22.31
C GLU P 1067 114.70 -4.14 23.74
N ASN P 1079 105.66 -6.55 11.48
CA ASN P 1079 107.01 -7.08 11.54
C ASN P 1079 107.68 -6.71 12.87
N ALA P 1080 107.63 -7.64 13.85
CA ALA P 1080 108.22 -7.52 15.19
C ALA P 1080 107.67 -6.33 16.03
N ILE P 1081 107.25 -6.61 17.28
CA ILE P 1081 106.73 -5.59 18.21
C ILE P 1081 107.90 -4.67 18.67
N ALA P 1082 107.62 -3.36 18.77
CA ALA P 1082 108.56 -2.35 19.21
C ALA P 1082 108.51 -2.19 20.74
N PRO P 1083 109.52 -1.56 21.38
CA PRO P 1083 109.47 -1.41 22.84
C PRO P 1083 108.32 -0.51 23.34
N ASP P 1084 108.22 0.74 22.85
CA ASP P 1084 107.16 1.68 23.27
C ASP P 1084 105.77 1.27 22.79
N GLU P 1085 105.69 0.38 21.77
CA GLU P 1085 104.45 -0.17 21.22
C GLU P 1085 103.78 -1.12 22.25
N GLY P 1086 104.60 -1.95 22.87
CA GLY P 1086 104.15 -2.91 23.89
C GLY P 1086 103.82 -2.26 25.23
N ALA P 1087 104.50 -1.16 25.58
CA ALA P 1087 104.25 -0.43 26.83
C ALA P 1087 102.82 0.10 26.91
N TYR P 1088 102.31 0.62 25.77
CA TYR P 1088 100.94 1.13 25.66
C TYR P 1088 99.96 -0.04 25.68
N ALA P 1089 100.30 -1.13 24.96
CA ALA P 1089 99.47 -2.34 24.92
C ALA P 1089 99.30 -2.94 26.31
N PHE P 1090 100.41 -3.13 27.02
CA PHE P 1090 100.42 -3.65 28.39
C PHE P 1090 99.51 -2.82 29.29
N GLU P 1091 99.74 -1.49 29.38
CA GLU P 1091 98.91 -0.56 30.17
C GLU P 1091 97.43 -0.67 29.78
N ALA P 1092 97.13 -0.75 28.47
CA ALA P 1092 95.76 -0.83 27.93
C ALA P 1092 95.07 -2.13 28.31
N ILE P 1093 95.78 -3.25 28.18
CA ILE P 1093 95.27 -4.57 28.52
C ILE P 1093 94.92 -4.63 30.02
N LEU P 1094 95.69 -3.93 30.86
CA LEU P 1094 95.46 -3.88 32.31
C LEU P 1094 94.18 -3.08 32.64
N ARG P 1095 93.77 -2.14 31.77
CA ARG P 1095 92.53 -1.38 31.98
C ARG P 1095 91.28 -2.24 31.66
N HIS P 1096 91.43 -3.25 30.78
CA HIS P 1096 90.33 -4.10 30.37
C HIS P 1096 90.27 -5.39 31.17
N ASP P 1097 89.04 -5.94 31.20
CA ASP P 1097 88.59 -7.15 31.89
C ASP P 1097 88.66 -8.32 30.93
N ARG P 1098 89.89 -8.68 30.56
CA ARG P 1098 90.12 -9.84 29.72
C ARG P 1098 91.34 -10.57 30.25
N VAL P 1099 91.19 -11.87 30.46
CA VAL P 1099 92.24 -12.67 31.04
C VAL P 1099 93.25 -12.99 29.97
N TYR P 1100 92.83 -13.70 28.90
CA TYR P 1100 93.77 -14.07 27.86
C TYR P 1100 93.78 -13.07 26.73
N ASN P 1101 94.97 -12.48 26.52
CA ASN P 1101 95.26 -11.51 25.47
C ASN P 1101 96.47 -12.00 24.70
N GLY P 1102 96.56 -11.65 23.42
CA GLY P 1102 97.66 -12.10 22.58
C GLY P 1102 98.19 -11.07 21.59
N TYR P 1103 99.36 -10.48 21.85
CA TYR P 1103 99.94 -9.49 20.93
C TYR P 1103 100.76 -10.19 19.83
N ALA P 1104 100.24 -10.16 18.59
CA ALA P 1104 100.83 -10.80 17.41
C ALA P 1104 101.34 -9.75 16.40
N PRO P 1105 102.63 -9.79 15.99
CA PRO P 1105 103.15 -8.73 15.11
C PRO P 1105 102.52 -8.59 13.71
N VAL P 1106 101.78 -9.59 13.19
CA VAL P 1106 101.17 -9.54 11.83
C VAL P 1106 102.27 -9.59 10.75
N LEU P 1107 102.14 -10.53 9.80
CA LEU P 1107 103.11 -10.77 8.73
C LEU P 1107 104.55 -10.89 9.33
N GLY P 1108 104.69 -11.78 10.31
CA GLY P 1108 105.95 -12.01 11.01
C GLY P 1108 105.75 -12.74 12.32
N ALA P 1109 106.74 -13.56 12.72
CA ALA P 1109 106.81 -14.32 13.97
C ALA P 1109 105.65 -15.32 14.15
N SER P 1110 104.43 -14.84 14.47
CA SER P 1110 103.27 -15.69 14.76
C SER P 1110 102.30 -15.85 13.58
N TRP P 1111 102.01 -14.80 12.81
CA TRP P 1111 101.04 -14.89 11.70
C TRP P 1111 101.49 -15.88 10.63
N LEU P 1112 102.80 -15.91 10.34
CA LEU P 1112 103.35 -16.78 9.30
C LEU P 1112 103.20 -18.23 9.68
N THR P 1113 103.62 -18.57 10.91
CA THR P 1113 103.51 -19.93 11.51
C THR P 1113 102.03 -20.41 11.49
N ALA P 1114 101.07 -19.48 11.70
CA ALA P 1114 99.64 -19.80 11.69
C ALA P 1114 99.17 -20.10 10.27
N PHE P 1115 99.67 -19.33 9.27
CA PHE P 1115 99.32 -19.57 7.86
C PHE P 1115 99.76 -20.96 7.43
N ALA P 1116 100.93 -21.41 7.93
CA ALA P 1116 101.53 -22.71 7.60
C ALA P 1116 100.72 -23.92 8.10
N GLN P 1117 99.79 -23.76 9.08
CA GLN P 1117 99.01 -24.91 9.55
C GLN P 1117 97.93 -25.30 8.55
N ARG P 1118 97.19 -24.29 8.03
CA ARG P 1118 96.05 -24.46 7.13
C ARG P 1118 95.02 -25.47 7.72
N SER P 1119 94.91 -25.54 9.08
CA SER P 1119 93.93 -26.36 9.81
C SER P 1119 92.77 -25.45 10.16
N PRO P 1120 91.57 -25.94 10.54
CA PRO P 1120 90.46 -25.00 10.85
C PRO P 1120 90.70 -24.05 12.04
N PHE P 1121 91.79 -24.23 12.82
CA PHE P 1121 92.18 -23.37 13.94
C PHE P 1121 92.53 -21.94 13.51
N ALA P 1122 93.33 -21.79 12.43
CA ALA P 1122 93.75 -20.50 11.88
C ALA P 1122 92.99 -20.20 10.59
N GLU P 1123 91.70 -20.52 10.60
CA GLU P 1123 90.81 -20.40 9.45
C GLU P 1123 90.50 -18.93 9.14
N LEU P 1124 90.28 -18.13 10.19
CA LEU P 1124 89.90 -16.73 10.05
C LEU P 1124 91.07 -15.84 9.58
N PHE P 1125 92.31 -16.26 9.84
CA PHE P 1125 93.50 -15.50 9.45
C PHE P 1125 93.78 -15.59 7.96
N LEU P 1126 93.44 -16.73 7.31
CA LEU P 1126 93.69 -16.89 5.88
C LEU P 1126 92.78 -15.96 5.06
N ALA P 1127 91.45 -16.03 5.31
CA ALA P 1127 90.42 -15.23 4.66
C ALA P 1127 90.43 -15.41 3.12
N PRO Q 15 43.59 31.11 -118.60
CA PRO Q 15 42.93 30.89 -117.31
C PRO Q 15 41.74 31.81 -117.10
N SER Q 16 40.54 31.27 -117.27
CA SER Q 16 39.32 32.04 -117.09
C SER Q 16 38.21 31.18 -116.50
N VAL Q 17 37.15 31.84 -116.10
CA VAL Q 17 35.96 31.20 -115.57
C VAL Q 17 34.75 31.96 -116.06
N SER Q 18 33.69 31.25 -116.40
CA SER Q 18 32.47 31.85 -116.90
C SER Q 18 31.75 32.60 -115.81
N VAL Q 19 31.30 33.83 -116.10
CA VAL Q 19 30.55 34.66 -115.17
C VAL Q 19 29.41 35.32 -115.89
N HIS Q 20 28.46 35.79 -115.11
CA HIS Q 20 27.31 36.48 -115.66
C HIS Q 20 27.74 37.89 -116.08
N PRO Q 21 27.23 38.46 -117.18
CA PRO Q 21 27.67 39.81 -117.57
C PRO Q 21 27.47 40.87 -116.49
N LEU Q 22 26.28 40.91 -115.87
CA LEU Q 22 25.99 41.90 -114.84
C LEU Q 22 26.49 41.42 -113.48
N LEU Q 23 25.91 40.33 -112.94
CA LEU Q 23 26.26 39.78 -111.61
C LEU Q 23 27.76 39.72 -111.41
N GLY Q 24 28.46 39.13 -112.36
CA GLY Q 24 29.90 39.04 -112.30
C GLY Q 24 30.42 37.93 -111.43
N SER Q 25 31.52 38.20 -110.67
CA SER Q 25 32.18 37.20 -109.83
C SER Q 25 31.30 36.80 -108.65
N HIS Q 26 31.20 35.49 -108.43
CA HIS Q 26 30.33 34.86 -107.45
C HIS Q 26 31.10 34.21 -106.34
N VAL Q 27 30.70 34.45 -105.11
CA VAL Q 27 31.30 33.84 -103.93
C VAL Q 27 30.19 33.45 -102.96
N VAL Q 28 30.24 32.21 -102.49
CA VAL Q 28 29.32 31.68 -101.47
C VAL Q 28 30.04 31.85 -100.17
N LEU Q 29 29.45 32.52 -99.21
CA LEU Q 29 30.11 32.82 -97.95
C LEU Q 29 30.24 31.60 -97.07
N PRO Q 30 31.34 31.51 -96.30
CA PRO Q 30 31.53 30.36 -95.41
C PRO Q 30 30.72 30.52 -94.12
N GLN Q 31 29.41 30.30 -94.24
CA GLN Q 31 28.48 30.44 -93.12
C GLN Q 31 27.15 29.81 -93.43
N GLU Q 32 26.40 29.47 -92.37
CA GLU Q 32 25.05 28.96 -92.47
C GLU Q 32 24.11 30.14 -92.19
N PRO Q 33 23.08 30.36 -93.01
CA PRO Q 33 22.61 29.56 -94.15
C PRO Q 33 23.37 29.83 -95.45
N GLU Q 34 23.07 29.00 -96.48
CA GLU Q 34 23.65 29.13 -97.83
C GLU Q 34 23.47 30.59 -98.24
N GLU Q 35 24.55 31.40 -98.14
CA GLU Q 35 24.50 32.81 -98.50
C GLU Q 35 25.47 33.10 -99.63
N HIS Q 36 24.94 33.64 -100.73
CA HIS Q 36 25.69 33.94 -101.95
C HIS Q 36 25.99 35.41 -102.04
N LEU Q 37 26.94 35.77 -102.89
CA LEU Q 37 27.36 37.14 -103.06
C LEU Q 37 28.07 37.36 -104.38
N TRP Q 38 27.57 38.28 -105.20
CA TRP Q 38 28.18 38.64 -106.45
C TRP Q 38 28.63 40.08 -106.42
N GLN Q 39 29.65 40.39 -107.19
CA GLN Q 39 30.17 41.75 -107.34
C GLN Q 39 30.37 41.96 -108.82
N GLY Q 40 29.81 43.03 -109.36
CA GLY Q 40 29.92 43.29 -110.79
C GLY Q 40 29.75 44.73 -111.19
N ASP Q 41 30.28 45.08 -112.38
CA ASP Q 41 30.24 46.43 -112.93
C ASP Q 41 29.06 46.54 -113.87
N VAL Q 42 28.33 47.66 -113.75
CA VAL Q 42 27.21 48.00 -114.62
C VAL Q 42 27.47 49.40 -115.21
N GLY Q 43 28.76 49.73 -115.38
CA GLY Q 43 29.19 51.02 -115.88
C GLY Q 43 29.06 51.10 -117.38
N THR Q 44 29.06 52.32 -117.92
CA THR Q 44 28.93 52.54 -119.36
C THR Q 44 30.19 52.09 -120.12
N GLU Q 45 31.37 52.04 -119.47
CA GLU Q 45 32.60 51.57 -120.11
C GLU Q 45 32.52 50.04 -120.28
N ALA Q 46 32.07 49.36 -119.22
CA ALA Q 46 31.89 47.90 -119.22
C ALA Q 46 30.75 47.45 -120.14
N HIS Q 47 29.58 48.12 -120.03
CA HIS Q 47 28.37 47.83 -120.83
C HIS Q 47 27.95 49.10 -121.59
N PRO Q 48 28.53 49.34 -122.79
CA PRO Q 48 28.19 50.56 -123.55
C PRO Q 48 26.71 50.76 -123.79
N TRP Q 49 26.03 49.71 -124.20
CA TRP Q 49 24.59 49.73 -124.46
C TRP Q 49 23.76 50.33 -123.30
N LEU Q 50 24.23 50.27 -122.03
CA LEU Q 50 23.49 50.87 -120.90
C LEU Q 50 23.40 52.41 -120.96
N SER Q 51 24.29 53.07 -121.73
CA SER Q 51 24.23 54.53 -121.89
C SER Q 51 23.00 54.96 -122.71
N ASP Q 52 22.44 54.04 -123.54
CA ASP Q 52 21.28 54.31 -124.36
C ASP Q 52 19.99 54.46 -123.52
N HIS Q 53 19.94 53.94 -122.28
CA HIS Q 53 18.79 54.13 -121.38
C HIS Q 53 19.14 55.28 -120.46
N ARG Q 54 18.44 56.42 -120.58
CA ARG Q 54 18.74 57.60 -119.79
C ARG Q 54 17.49 58.41 -119.43
N VAL Q 55 17.38 58.77 -118.13
CA VAL Q 55 16.26 59.53 -117.59
C VAL Q 55 16.74 60.96 -117.34
N HIS Q 56 16.09 61.94 -117.99
CA HIS Q 56 16.44 63.36 -117.91
C HIS Q 56 17.88 63.59 -118.35
N GLN Q 57 18.25 62.99 -119.50
CA GLN Q 57 19.57 63.08 -120.13
C GLN Q 57 20.73 62.51 -119.25
N VAL Q 58 20.43 61.66 -118.25
CA VAL Q 58 21.45 61.04 -117.41
C VAL Q 58 21.29 59.53 -117.53
N ALA Q 59 22.39 58.81 -117.81
CA ALA Q 59 22.32 57.35 -117.94
C ALA Q 59 21.95 56.70 -116.61
N VAL Q 60 20.92 55.84 -116.61
CA VAL Q 60 20.47 55.15 -115.39
C VAL Q 60 20.24 53.67 -115.70
N LEU Q 61 20.33 52.84 -114.65
CA LEU Q 61 20.13 51.41 -114.78
C LEU Q 61 18.65 51.14 -114.90
N PRO Q 62 18.20 50.48 -115.99
CA PRO Q 62 16.75 50.22 -116.14
C PRO Q 62 16.24 49.19 -115.13
N GLY Q 63 14.92 49.20 -114.91
CA GLY Q 63 14.26 48.25 -114.02
C GLY Q 63 14.56 46.82 -114.44
N ALA Q 64 14.51 46.59 -115.77
CA ALA Q 64 14.80 45.31 -116.43
C ALA Q 64 16.19 44.72 -116.08
N ALA Q 65 17.18 45.55 -115.72
CA ALA Q 65 18.50 45.05 -115.34
C ALA Q 65 18.41 44.22 -114.06
N TYR Q 66 17.67 44.73 -113.05
CA TYR Q 66 17.49 44.03 -111.78
C TYR Q 66 16.68 42.75 -111.96
N CYS Q 67 15.74 42.73 -112.93
CA CYS Q 67 14.95 41.54 -113.25
C CYS Q 67 15.86 40.41 -113.65
N GLU Q 68 16.72 40.68 -114.63
CA GLU Q 68 17.70 39.73 -115.13
C GLU Q 68 18.59 39.23 -113.99
N MET Q 69 19.10 40.16 -113.16
CA MET Q 69 19.96 39.82 -112.03
C MET Q 69 19.25 38.85 -111.08
N ALA Q 70 17.97 39.09 -110.79
CA ALA Q 70 17.18 38.20 -109.93
C ALA Q 70 17.01 36.84 -110.55
N LEU Q 71 16.57 36.79 -111.83
CA LEU Q 71 16.39 35.53 -112.58
C LEU Q 71 17.69 34.73 -112.66
N ALA Q 72 18.81 35.43 -112.87
CA ALA Q 72 20.13 34.82 -112.95
C ALA Q 72 20.52 34.17 -111.62
N ALA Q 73 20.26 34.87 -110.50
CA ALA Q 73 20.59 34.41 -109.15
C ALA Q 73 19.72 33.26 -108.62
N VAL Q 74 18.66 32.84 -109.34
CA VAL Q 74 17.78 31.77 -108.88
C VAL Q 74 18.49 30.41 -108.89
N THR Q 75 18.88 29.97 -110.09
CA THR Q 75 19.50 28.66 -110.33
C THR Q 75 20.73 28.38 -109.43
N PRO Q 76 21.69 29.31 -109.25
CA PRO Q 76 22.85 29.00 -108.38
C PRO Q 76 22.49 28.82 -106.90
N VAL Q 77 21.55 29.62 -106.38
CA VAL Q 77 21.15 29.55 -104.97
C VAL Q 77 20.30 28.30 -104.79
N LEU Q 78 19.15 28.29 -105.49
CA LEU Q 78 18.17 27.22 -105.50
C LEU Q 78 18.42 26.38 -106.76
N GLY Q 79 19.18 25.28 -106.61
CA GLY Q 79 19.57 24.40 -107.72
C GLY Q 79 18.40 23.71 -108.39
N ASP Q 80 17.61 24.49 -109.14
CA ASP Q 80 16.37 24.04 -109.79
C ASP Q 80 15.78 25.17 -110.64
N THR Q 81 14.58 24.88 -111.16
CA THR Q 81 13.73 25.80 -111.88
C THR Q 81 13.08 26.70 -110.85
N GLY Q 82 13.14 28.02 -111.02
CA GLY Q 82 12.52 28.91 -110.05
C GLY Q 82 11.92 30.19 -110.57
N GLU Q 83 11.25 30.87 -109.65
CA GLU Q 83 10.54 32.12 -109.84
C GLU Q 83 11.21 33.22 -109.07
N VAL Q 84 10.84 34.45 -109.37
CA VAL Q 84 11.31 35.64 -108.66
C VAL Q 84 10.06 36.34 -108.18
N HIS Q 85 9.79 36.33 -106.87
CA HIS Q 85 8.61 36.97 -106.32
C HIS Q 85 8.89 38.33 -105.73
N ASP Q 86 7.86 39.19 -105.71
CA ASP Q 86 7.85 40.52 -105.09
C ASP Q 86 9.17 41.29 -105.30
N LEU Q 87 9.57 41.45 -106.56
CA LEU Q 87 10.77 42.20 -106.91
C LEU Q 87 10.44 43.69 -106.87
N LYS Q 88 11.18 44.47 -106.05
CA LYS Q 88 10.96 45.91 -105.90
C LYS Q 88 12.20 46.69 -106.30
N PHE Q 89 12.02 47.86 -106.93
CA PHE Q 89 13.12 48.76 -107.29
C PHE Q 89 13.01 49.98 -106.39
N HIS Q 90 14.09 50.27 -105.65
CA HIS Q 90 14.11 51.36 -104.69
C HIS Q 90 14.66 52.62 -105.38
N ASP Q 91 15.91 53.03 -105.08
CA ASP Q 91 16.49 54.24 -105.65
C ASP Q 91 16.95 53.98 -107.08
N MET Q 92 17.04 55.06 -107.86
CA MET Q 92 17.44 55.00 -109.27
C MET Q 92 18.95 55.03 -109.36
N LEU Q 93 19.57 53.99 -109.93
CA LEU Q 93 21.02 53.93 -110.04
C LEU Q 93 21.49 54.75 -111.20
N LEU Q 94 22.35 55.74 -110.94
CA LEU Q 94 22.90 56.60 -111.98
C LEU Q 94 24.25 56.06 -112.35
N LEU Q 95 24.43 55.80 -113.63
CA LEU Q 95 25.62 55.14 -114.14
C LEU Q 95 26.72 56.08 -114.53
N ASP Q 96 27.94 55.64 -114.27
CA ASP Q 96 29.21 56.27 -114.61
C ASP Q 96 29.96 55.30 -115.53
N ASP Q 97 31.23 55.59 -115.84
CA ASP Q 97 32.07 54.70 -116.65
C ASP Q 97 32.25 53.35 -115.94
N ALA Q 98 32.36 53.40 -114.60
CA ALA Q 98 32.46 52.23 -113.73
C ALA Q 98 31.50 52.40 -112.57
N THR Q 99 30.56 51.46 -112.43
CA THR Q 99 29.52 51.47 -111.41
C THR Q 99 29.50 50.08 -110.75
N PRO Q 100 30.31 49.83 -109.70
CA PRO Q 100 30.29 48.50 -109.08
C PRO Q 100 29.02 48.29 -108.28
N VAL Q 101 28.49 47.07 -108.33
CA VAL Q 101 27.22 46.71 -107.72
C VAL Q 101 27.35 45.34 -107.07
N TRP Q 102 26.72 45.17 -105.91
CA TRP Q 102 26.77 43.92 -105.15
C TRP Q 102 25.42 43.25 -105.00
N VAL Q 103 25.26 42.08 -105.64
CA VAL Q 103 24.06 41.27 -105.52
C VAL Q 103 24.30 40.30 -104.39
N SER Q 104 23.25 39.91 -103.68
CA SER Q 104 23.39 39.01 -102.55
C SER Q 104 22.10 38.27 -102.26
N ALA Q 105 22.15 36.93 -102.25
CA ALA Q 105 21.01 36.08 -101.96
C ALA Q 105 21.30 35.19 -100.78
N ALA Q 106 20.31 34.95 -99.93
CA ALA Q 106 20.49 34.13 -98.73
C ALA Q 106 19.30 33.25 -98.52
N VAL Q 107 19.54 31.96 -98.28
CA VAL Q 107 18.46 31.01 -98.08
C VAL Q 107 17.87 31.25 -96.70
N THR Q 108 16.55 31.48 -96.67
CA THR Q 108 15.80 31.73 -95.44
C THR Q 108 15.16 30.42 -94.98
N ALA Q 109 14.39 29.83 -95.89
CA ALA Q 109 13.67 28.58 -95.71
C ALA Q 109 13.95 27.68 -96.90
N PRO Q 110 13.72 26.35 -96.84
CA PRO Q 110 14.00 25.50 -98.00
C PRO Q 110 13.17 25.89 -99.22
N GLY Q 111 13.85 26.07 -100.35
CA GLY Q 111 13.23 26.49 -101.59
C GLY Q 111 12.81 27.96 -101.59
N THR Q 112 13.45 28.77 -100.72
CA THR Q 112 13.16 30.20 -100.60
C THR Q 112 14.42 30.96 -100.28
N ALA Q 113 14.56 32.19 -100.78
CA ALA Q 113 15.75 32.98 -100.51
C ALA Q 113 15.53 34.45 -100.70
N GLU Q 114 16.11 35.27 -99.82
CA GLU Q 114 16.01 36.73 -99.87
C GLU Q 114 17.09 37.25 -100.82
N PHE Q 115 16.71 38.07 -101.80
CA PHE Q 115 17.60 38.63 -102.82
C PHE Q 115 17.78 40.13 -102.61
N GLY Q 116 18.91 40.70 -103.05
CA GLY Q 116 19.16 42.12 -102.86
C GLY Q 116 20.36 42.72 -103.58
N VAL Q 117 20.10 43.72 -104.43
CA VAL Q 117 21.12 44.46 -105.19
C VAL Q 117 21.36 45.79 -104.50
N GLU Q 118 22.61 46.06 -104.11
CA GLU Q 118 23.02 47.28 -103.41
C GLU Q 118 24.28 47.86 -104.01
N THR Q 119 24.57 49.12 -103.70
CA THR Q 119 25.78 49.78 -104.18
C THR Q 119 26.38 50.58 -103.00
N HIS Q 120 27.70 50.52 -102.89
CA HIS Q 120 28.49 51.10 -101.82
C HIS Q 120 29.30 52.29 -102.36
N GLN Q 121 29.10 53.50 -101.78
CA GLN Q 121 29.76 54.73 -102.21
C GLN Q 121 30.30 55.53 -101.02
N SER Q 122 31.63 55.54 -100.82
CA SER Q 122 32.33 56.28 -99.75
C SER Q 122 31.96 55.76 -98.33
N GLY Q 123 31.58 54.48 -98.23
CA GLY Q 123 31.16 53.86 -96.97
C GLY Q 123 29.65 53.69 -96.86
N ASP Q 124 28.87 54.55 -97.58
CA ASP Q 124 27.40 54.58 -97.53
C ASP Q 124 26.76 53.60 -98.50
N ARG Q 125 26.15 52.53 -97.96
CA ARG Q 125 25.44 51.51 -98.75
C ARG Q 125 24.09 52.07 -99.18
N THR Q 126 23.66 51.74 -100.41
CA THR Q 126 22.38 52.19 -100.96
C THR Q 126 21.67 51.02 -101.59
N GLN Q 127 20.55 50.56 -101.02
CA GLN Q 127 19.81 49.42 -101.58
C GLN Q 127 19.07 49.88 -102.81
N ARG Q 128 19.28 49.18 -103.94
CA ARG Q 128 18.70 49.52 -105.24
C ARG Q 128 17.56 48.62 -105.64
N ALA Q 129 17.54 47.35 -105.18
CA ALA Q 129 16.43 46.44 -105.47
C ALA Q 129 16.45 45.22 -104.53
N THR Q 130 15.27 44.67 -104.23
CA THR Q 130 15.11 43.48 -103.37
C THR Q 130 13.98 42.60 -103.85
N ALA Q 131 14.11 41.29 -103.68
CA ALA Q 131 13.10 40.31 -104.11
C ALA Q 131 13.19 39.04 -103.29
N VAL Q 132 12.39 38.04 -103.66
CA VAL Q 132 12.39 36.73 -103.05
C VAL Q 132 12.51 35.70 -104.15
N LEU Q 133 13.42 34.75 -104.00
CA LEU Q 133 13.64 33.71 -105.00
C LEU Q 133 12.96 32.45 -104.51
N ARG Q 134 12.27 31.72 -105.40
CA ARG Q 134 11.55 30.50 -105.03
C ARG Q 134 11.78 29.40 -106.04
N GLY Q 135 12.13 28.21 -105.56
CA GLY Q 135 12.37 27.03 -106.40
C GLY Q 135 11.29 25.95 -106.32
N ASP Q 136 10.58 25.90 -105.18
CA ASP Q 136 9.48 24.97 -104.89
C ASP Q 136 8.30 25.07 -105.88
N VAL Q 137 8.12 26.24 -106.52
CA VAL Q 137 7.05 26.53 -107.47
C VAL Q 137 6.98 25.48 -108.59
N ASP Q 138 5.74 25.17 -109.00
CA ASP Q 138 5.44 24.14 -110.00
C ASP Q 138 5.64 24.66 -111.44
N ALA Q 139 6.05 23.73 -112.33
CA ALA Q 139 6.29 24.01 -113.74
C ALA Q 139 4.98 24.14 -114.50
N GLU Q 140 4.38 25.33 -114.39
CA GLU Q 140 3.10 25.64 -115.02
C GLU Q 140 3.36 26.58 -116.20
N ARG Q 141 3.87 26.01 -117.31
CA ARG Q 141 4.20 26.79 -118.50
C ARG Q 141 2.92 27.17 -119.22
N PRO Q 142 2.63 28.47 -119.41
CA PRO Q 142 1.39 28.82 -120.12
C PRO Q 142 1.43 28.31 -121.55
N ALA Q 143 0.29 27.81 -122.02
CA ALA Q 143 0.21 27.26 -123.37
C ALA Q 143 0.46 28.30 -124.43
N ALA Q 144 1.06 27.85 -125.53
CA ALA Q 144 1.40 28.70 -126.66
C ALA Q 144 0.18 29.38 -127.23
N HIS Q 145 0.40 30.55 -127.81
CA HIS Q 145 -0.63 31.38 -128.39
C HIS Q 145 -0.61 31.30 -129.90
N SER Q 146 -1.70 31.73 -130.51
CA SER Q 146 -1.81 31.78 -131.97
C SER Q 146 -1.44 33.17 -132.37
N ILE Q 147 -0.21 33.34 -132.87
CA ILE Q 147 0.30 34.66 -133.25
C ILE Q 147 -0.59 35.25 -134.36
N ASP Q 148 -1.07 34.43 -135.28
CA ASP Q 148 -1.95 34.90 -136.37
C ASP Q 148 -3.26 35.46 -135.80
N ALA Q 149 -3.93 34.69 -134.92
CA ALA Q 149 -5.20 35.10 -134.31
C ALA Q 149 -5.03 36.29 -133.38
N LEU Q 150 -3.93 36.34 -132.62
CA LEU Q 150 -3.63 37.48 -131.75
C LEU Q 150 -3.54 38.76 -132.55
N LEU Q 151 -2.74 38.73 -133.61
CA LEU Q 151 -2.53 39.89 -134.48
C LEU Q 151 -3.80 40.26 -135.25
N ALA Q 152 -4.64 39.28 -135.55
CA ALA Q 152 -5.93 39.53 -136.19
C ALA Q 152 -6.89 40.23 -135.23
N ALA Q 153 -6.85 39.83 -133.94
CA ALA Q 153 -7.70 40.43 -132.90
C ALA Q 153 -7.25 41.85 -132.50
N HIS Q 154 -5.99 42.23 -132.81
CA HIS Q 154 -5.45 43.57 -132.55
C HIS Q 154 -5.05 44.22 -133.88
N PRO Q 155 -6.01 44.91 -134.53
CA PRO Q 155 -5.70 45.52 -135.84
C PRO Q 155 -5.02 46.88 -135.76
N ASN Q 156 -5.36 47.72 -134.77
CA ASN Q 156 -4.82 49.08 -134.64
C ASN Q 156 -3.32 49.03 -134.32
N ARG Q 157 -2.48 49.43 -135.29
CA ARG Q 157 -1.02 49.42 -135.16
C ARG Q 157 -0.51 50.74 -134.54
N VAL Q 158 0.53 50.63 -133.68
CA VAL Q 158 1.20 51.76 -133.01
C VAL Q 158 2.69 51.65 -133.36
N ASP Q 159 3.29 52.67 -134.02
CA ASP Q 159 4.71 52.59 -134.37
C ASP Q 159 5.58 52.71 -133.13
N GLY Q 160 6.69 51.99 -133.12
CA GLY Q 160 7.65 51.98 -132.02
C GLY Q 160 8.38 53.30 -131.87
N ASP Q 161 8.84 53.86 -132.99
CA ASP Q 161 9.56 55.15 -133.00
C ASP Q 161 8.65 56.28 -132.50
N GLU Q 162 7.37 56.27 -132.94
CA GLU Q 162 6.33 57.23 -132.53
C GLU Q 162 6.10 57.16 -131.02
N LEU Q 163 6.10 55.95 -130.44
CA LEU Q 163 5.91 55.74 -129.01
C LEU Q 163 7.19 56.15 -128.24
N ARG Q 164 8.39 55.78 -128.77
CA ARG Q 164 9.68 56.13 -128.15
C ARG Q 164 9.92 57.65 -128.23
N ALA Q 165 9.30 58.35 -129.19
CA ALA Q 165 9.36 59.81 -129.26
C ALA Q 165 8.50 60.40 -128.13
N GLY Q 166 7.36 59.76 -127.86
CA GLY Q 166 6.45 60.13 -126.78
C GLY Q 166 7.09 59.98 -125.41
N PHE Q 167 7.98 58.96 -125.26
CA PHE Q 167 8.73 58.76 -124.02
C PHE Q 167 9.71 59.91 -123.79
N GLY Q 168 10.33 60.41 -124.87
CA GLY Q 168 11.28 61.52 -124.81
C GLY Q 168 10.72 62.83 -124.27
N THR Q 169 9.38 63.04 -124.42
CA THR Q 169 8.72 64.26 -123.92
C THR Q 169 8.63 64.24 -122.38
N VAL Q 170 8.25 63.07 -121.79
CA VAL Q 170 8.14 62.94 -120.32
C VAL Q 170 9.53 62.95 -119.63
N GLY Q 171 10.61 62.67 -120.36
CA GLY Q 171 11.98 62.69 -119.84
C GLY Q 171 12.78 61.41 -120.01
N ILE Q 172 12.12 60.31 -120.44
CA ILE Q 172 12.77 59.01 -120.60
C ILE Q 172 13.32 58.87 -122.03
N GLY Q 173 14.63 58.66 -122.15
CA GLY Q 173 15.32 58.48 -123.42
C GLY Q 173 15.71 57.04 -123.66
N HIS Q 174 15.29 56.48 -124.80
CA HIS Q 174 15.61 55.12 -125.21
C HIS Q 174 16.44 55.17 -126.49
N GLY Q 175 17.72 54.86 -126.39
CA GLY Q 175 18.63 54.87 -127.54
C GLY Q 175 18.51 53.62 -128.39
N ALA Q 176 19.48 53.43 -129.30
CA ALA Q 176 19.53 52.31 -130.25
C ALA Q 176 19.30 50.94 -129.61
N ALA Q 177 19.97 50.68 -128.48
CA ALA Q 177 19.86 49.43 -127.73
C ALA Q 177 18.45 49.15 -127.21
N PHE Q 178 17.78 50.19 -126.73
CA PHE Q 178 16.45 50.07 -126.13
C PHE Q 178 15.32 50.31 -127.15
N ALA Q 179 15.65 50.29 -128.47
CA ALA Q 179 14.67 50.47 -129.54
C ALA Q 179 14.23 49.13 -130.12
N GLY Q 180 14.14 48.09 -129.28
CA GLY Q 180 13.73 46.76 -129.72
C GLY Q 180 12.29 46.68 -130.15
N LEU Q 181 11.41 47.52 -129.55
CA LEU Q 181 9.98 47.55 -129.88
C LEU Q 181 9.78 48.11 -131.28
N SER Q 182 9.45 47.24 -132.23
CA SER Q 182 9.24 47.61 -133.63
C SER Q 182 7.90 48.31 -133.81
N GLU Q 183 6.84 47.66 -133.31
CA GLU Q 183 5.46 48.15 -133.43
C GLU Q 183 4.54 47.36 -132.50
N ALA Q 184 3.55 48.04 -131.89
CA ALA Q 184 2.60 47.41 -130.97
C ALA Q 184 1.19 47.44 -131.55
N TYR Q 185 0.52 46.28 -131.57
CA TYR Q 185 -0.84 46.16 -132.09
C TYR Q 185 -1.81 46.17 -130.93
N VAL Q 186 -2.85 47.03 -131.02
CA VAL Q 186 -3.89 47.18 -129.99
C VAL Q 186 -5.27 47.10 -130.65
N ALA Q 187 -6.33 47.36 -129.88
CA ALA Q 187 -7.69 47.37 -130.40
C ALA Q 187 -8.42 48.58 -129.83
N THR Q 188 -8.97 48.47 -128.61
CA THR Q 188 -9.70 49.56 -127.94
C THR Q 188 -9.35 49.56 -126.46
N ALA Q 189 -10.00 50.41 -125.66
CA ALA Q 189 -9.79 50.44 -124.22
C ALA Q 189 -10.47 49.23 -123.55
N ALA Q 190 -11.63 48.80 -124.11
CA ALA Q 190 -12.40 47.64 -123.62
C ALA Q 190 -11.56 46.35 -123.65
N GLU Q 191 -10.76 46.20 -124.73
CA GLU Q 191 -9.85 45.06 -124.92
C GLU Q 191 -8.59 45.35 -124.09
N PRO Q 192 -8.25 44.54 -123.07
CA PRO Q 192 -7.12 44.90 -122.19
C PRO Q 192 -5.76 44.33 -122.60
N THR Q 193 -5.55 43.94 -123.87
CA THR Q 193 -4.28 43.33 -124.28
C THR Q 193 -3.55 44.09 -125.38
N VAL Q 194 -2.23 43.88 -125.46
CA VAL Q 194 -1.32 44.47 -126.45
C VAL Q 194 -0.41 43.40 -127.00
N VAL Q 195 -0.42 43.21 -128.32
CA VAL Q 195 0.47 42.29 -128.99
C VAL Q 195 1.58 43.15 -129.54
N ALA Q 196 2.80 43.01 -129.01
CA ALA Q 196 3.92 43.83 -129.45
C ALA Q 196 4.93 43.03 -130.23
N ALA Q 197 5.60 43.66 -131.19
CA ALA Q 197 6.62 43.00 -132.02
C ALA Q 197 8.00 43.46 -131.59
N VAL Q 198 8.50 42.88 -130.49
CA VAL Q 198 9.82 43.21 -129.94
C VAL Q 198 10.88 42.28 -130.50
N ALA Q 199 12.13 42.72 -130.41
CA ALA Q 199 13.29 41.94 -130.88
C ALA Q 199 14.56 42.61 -130.45
N LEU Q 200 15.52 41.86 -129.91
CA LEU Q 200 16.80 42.43 -129.47
C LEU Q 200 17.57 43.01 -130.66
N PRO Q 201 17.94 44.32 -130.65
CA PRO Q 201 18.66 44.89 -131.81
C PRO Q 201 19.92 44.12 -132.22
N GLY Q 202 20.21 44.16 -133.53
CA GLY Q 202 21.34 43.49 -134.17
C GLY Q 202 22.68 43.56 -133.47
N PRO Q 203 23.13 44.75 -133.01
CA PRO Q 203 24.44 44.81 -132.32
C PRO Q 203 24.50 43.96 -131.06
N LEU Q 204 23.42 43.96 -130.29
CA LEU Q 204 23.31 43.22 -129.05
C LEU Q 204 23.13 41.72 -129.23
N ARG Q 205 22.76 41.23 -130.44
CA ARG Q 205 22.57 39.79 -130.67
C ARG Q 205 23.87 39.01 -130.44
N SER Q 206 25.03 39.64 -130.71
CA SER Q 206 26.34 39.05 -130.41
C SER Q 206 26.51 38.94 -128.89
N GLY Q 207 26.12 40.01 -128.20
CA GLY Q 207 26.16 40.10 -126.75
C GLY Q 207 24.97 39.50 -126.01
N GLN Q 208 24.38 38.38 -126.51
CA GLN Q 208 23.28 37.67 -125.83
C GLN Q 208 23.88 36.82 -124.71
N ARG Q 209 25.21 36.53 -124.82
CA ARG Q 209 26.10 35.92 -123.84
C ARG Q 209 25.37 34.96 -122.85
N GLY Q 210 25.39 35.25 -121.54
CA GLY Q 210 24.79 34.43 -120.50
C GLY Q 210 23.61 35.09 -119.82
N TYR Q 211 22.82 35.82 -120.60
CA TYR Q 211 21.64 36.48 -120.10
C TYR Q 211 20.44 35.54 -120.16
N THR Q 212 19.69 35.40 -119.04
CA THR Q 212 18.42 34.65 -119.04
C THR Q 212 17.49 35.36 -120.04
N VAL Q 213 17.45 36.69 -119.91
CA VAL Q 213 16.75 37.62 -120.82
C VAL Q 213 17.59 38.90 -120.88
N HIS Q 214 17.85 39.43 -122.08
CA HIS Q 214 18.65 40.64 -122.19
C HIS Q 214 17.86 41.82 -121.65
N PRO Q 215 18.40 42.65 -120.73
CA PRO Q 215 17.59 43.77 -120.19
C PRO Q 215 17.10 44.77 -121.24
N ALA Q 216 17.85 44.93 -122.36
CA ALA Q 216 17.45 45.83 -123.46
C ALA Q 216 16.11 45.35 -124.09
N LEU Q 217 15.98 44.03 -124.22
CA LEU Q 217 14.80 43.36 -124.76
C LEU Q 217 13.64 43.41 -123.78
N LEU Q 218 13.89 43.06 -122.50
CA LEU Q 218 12.83 43.07 -121.49
C LEU Q 218 12.30 44.49 -121.27
N ASP Q 219 13.15 45.55 -121.38
CA ASP Q 219 12.67 46.92 -121.23
C ASP Q 219 11.80 47.30 -122.42
N ALA Q 220 12.11 46.78 -123.63
CA ALA Q 220 11.29 47.03 -124.83
C ALA Q 220 9.89 46.38 -124.68
N CYS Q 221 9.76 45.32 -123.85
CA CYS Q 221 8.47 44.70 -123.55
C CYS Q 221 7.69 45.59 -122.61
N PHE Q 222 8.38 46.22 -121.64
CA PHE Q 222 7.74 47.13 -120.69
C PHE Q 222 7.23 48.37 -121.43
N GLN Q 223 8.00 48.88 -122.43
CA GLN Q 223 7.57 50.01 -123.27
C GLN Q 223 6.24 49.70 -123.95
N SER Q 224 6.10 48.45 -124.44
CA SER Q 224 4.92 47.94 -125.14
C SER Q 224 3.61 48.12 -124.34
N VAL Q 225 3.67 48.10 -122.99
CA VAL Q 225 2.49 48.27 -122.12
C VAL Q 225 1.87 49.68 -122.31
N ILE Q 226 2.72 50.69 -122.54
CA ILE Q 226 2.30 52.08 -122.70
C ILE Q 226 1.53 52.29 -124.02
N ALA Q 227 1.72 51.42 -125.02
CA ALA Q 227 0.99 51.50 -126.30
C ALA Q 227 -0.53 51.27 -126.13
N HIS Q 228 -0.97 50.66 -125.00
CA HIS Q 228 -2.39 50.40 -124.77
C HIS Q 228 -3.19 51.72 -124.69
N PRO Q 229 -4.38 51.81 -125.33
CA PRO Q 229 -5.15 53.07 -125.27
C PRO Q 229 -5.59 53.49 -123.87
N GLU Q 230 -6.03 52.53 -123.03
CA GLU Q 230 -6.46 52.83 -121.65
C GLU Q 230 -5.32 53.44 -120.84
N VAL Q 231 -4.05 53.05 -121.13
CA VAL Q 231 -2.87 53.61 -120.45
C VAL Q 231 -2.61 55.04 -120.94
N GLN Q 232 -2.64 55.23 -122.27
CA GLN Q 232 -2.42 56.54 -122.89
C GLN Q 232 -3.42 57.58 -122.37
N ASN Q 233 -4.70 57.18 -122.31
CA ASN Q 233 -5.79 58.05 -121.86
C ASN Q 233 -5.69 58.38 -120.36
N ILE Q 234 -5.61 57.35 -119.50
CA ILE Q 234 -5.59 57.53 -118.06
C ILE Q 234 -4.23 58.09 -117.59
N ALA Q 235 -3.20 57.24 -117.45
CA ALA Q 235 -1.89 57.67 -116.97
C ALA Q 235 -1.10 58.39 -118.05
N SER Q 236 -1.33 59.70 -118.17
CA SER Q 236 -0.67 60.57 -119.14
C SER Q 236 0.48 61.35 -118.44
N GLY Q 237 1.38 60.59 -117.81
CA GLY Q 237 2.53 61.13 -117.10
C GLY Q 237 3.76 60.26 -117.33
N MET Q 238 4.83 60.48 -116.54
CA MET Q 238 6.06 59.70 -116.65
C MET Q 238 5.89 58.35 -115.97
N LEU Q 239 5.85 57.25 -116.76
CA LEU Q 239 5.68 55.90 -116.23
C LEU Q 239 6.99 55.15 -116.24
N LEU Q 240 7.50 54.85 -115.04
CA LEU Q 240 8.74 54.10 -114.82
C LEU Q 240 8.44 52.80 -114.11
N PRO Q 241 9.12 51.70 -114.43
CA PRO Q 241 8.85 50.44 -113.73
C PRO Q 241 9.32 50.51 -112.28
N LEU Q 242 8.41 50.13 -111.36
CA LEU Q 242 8.64 50.15 -109.91
C LEU Q 242 8.87 48.75 -109.31
N GLY Q 243 8.46 47.66 -109.99
CA GLY Q 243 8.65 46.31 -109.47
C GLY Q 243 7.85 45.25 -110.20
N VAL Q 244 8.03 43.97 -109.85
CA VAL Q 244 7.33 42.86 -110.49
C VAL Q 244 6.84 41.85 -109.45
N ARG Q 245 5.55 41.44 -109.50
CA ARG Q 245 5.08 40.47 -108.52
C ARG Q 245 5.65 39.07 -108.73
N ARG Q 246 5.76 38.60 -109.98
CA ARG Q 246 6.24 37.23 -110.25
C ARG Q 246 6.89 37.17 -111.61
N LEU Q 247 8.12 36.65 -111.64
CA LEU Q 247 8.94 36.52 -112.84
C LEU Q 247 9.45 35.10 -112.99
N ARG Q 248 9.20 34.46 -114.14
CA ARG Q 248 9.68 33.11 -114.41
C ARG Q 248 10.12 33.00 -115.83
N ALA Q 249 11.23 32.29 -116.06
CA ALA Q 249 11.74 32.03 -117.40
C ALA Q 249 11.53 30.56 -117.69
N TYR Q 250 10.85 30.27 -118.80
CA TYR Q 250 10.55 28.90 -119.20
C TYR Q 250 11.59 28.33 -120.17
N GLY Q 251 12.22 29.20 -120.96
CA GLY Q 251 13.23 28.81 -121.94
C GLY Q 251 14.16 29.93 -122.32
N SER Q 252 14.79 29.79 -123.49
CA SER Q 252 15.71 30.79 -123.99
C SER Q 252 14.94 31.89 -124.66
N THR Q 253 15.26 33.12 -124.32
CA THR Q 253 14.61 34.29 -124.90
C THR Q 253 15.36 34.77 -126.16
N ARG Q 254 16.30 33.97 -126.70
CA ARG Q 254 17.10 34.34 -127.87
C ARG Q 254 16.24 34.59 -129.11
N ASN Q 255 15.26 33.71 -129.34
CA ASN Q 255 14.38 33.73 -130.50
C ASN Q 255 13.00 34.38 -130.20
N VAL Q 256 12.90 35.24 -129.15
CA VAL Q 256 11.64 35.96 -128.85
C VAL Q 256 11.42 37.04 -129.93
N ARG Q 257 10.23 37.03 -130.56
CA ARG Q 257 9.84 37.99 -131.59
C ARG Q 257 8.62 38.81 -131.18
N TYR Q 258 7.86 38.39 -130.14
CA TYR Q 258 6.65 39.08 -129.70
C TYR Q 258 6.55 39.20 -128.18
N CYS Q 259 5.72 40.13 -127.73
CA CYS Q 259 5.44 40.32 -126.32
C CYS Q 259 3.96 40.61 -126.12
N LEU Q 260 3.24 39.68 -125.49
CA LEU Q 260 1.82 39.81 -125.22
C LEU Q 260 1.62 40.41 -123.84
N SER Q 261 1.15 41.66 -123.77
CA SER Q 261 0.90 42.37 -122.52
C SER Q 261 -0.60 42.36 -122.21
N ARG Q 262 -0.95 42.54 -120.92
CA ARG Q 262 -2.33 42.58 -120.44
C ARG Q 262 -2.46 43.59 -119.31
N ILE Q 263 -3.40 44.53 -119.40
CA ILE Q 263 -3.56 45.54 -118.36
C ILE Q 263 -4.43 44.99 -117.25
N VAL Q 264 -3.89 44.94 -116.04
CA VAL Q 264 -4.61 44.47 -114.86
C VAL Q 264 -5.34 45.65 -114.26
N LYS Q 265 -4.62 46.76 -114.05
CA LYS Q 265 -5.16 47.99 -113.46
C LYS Q 265 -4.54 49.20 -114.17
N ALA Q 266 -5.37 50.21 -114.48
CA ALA Q 266 -4.98 51.45 -115.13
C ALA Q 266 -5.58 52.62 -114.34
N ASP Q 267 -4.74 53.23 -113.51
CA ASP Q 267 -5.13 54.32 -112.63
C ASP Q 267 -4.24 55.54 -112.87
N SER Q 268 -4.68 56.71 -112.39
CA SER Q 268 -3.95 57.96 -112.48
C SER Q 268 -2.56 57.87 -111.80
N PHE Q 269 -2.46 57.09 -110.71
CA PHE Q 269 -1.22 56.93 -109.94
C PHE Q 269 -0.23 56.01 -110.66
N GLY Q 270 -0.71 54.84 -111.08
CA GLY Q 270 0.13 53.87 -111.77
C GLY Q 270 -0.62 52.87 -112.62
N VAL Q 271 0.14 51.95 -113.23
CA VAL Q 271 -0.38 50.90 -114.12
C VAL Q 271 0.21 49.55 -113.74
N GLU Q 272 -0.62 48.53 -113.51
CA GLU Q 272 -0.17 47.16 -113.24
C GLU Q 272 -0.44 46.35 -114.49
N ALA Q 273 0.45 45.43 -114.86
CA ALA Q 273 0.25 44.63 -116.07
C ALA Q 273 0.90 43.26 -115.96
N ASP Q 274 0.44 42.32 -116.80
CA ASP Q 274 0.96 40.96 -116.85
C ASP Q 274 1.53 40.71 -118.27
N LEU Q 275 2.81 40.35 -118.38
CA LEU Q 275 3.49 40.14 -119.67
C LEU Q 275 3.83 38.69 -119.93
N GLU Q 276 4.04 38.40 -121.23
CA GLU Q 276 4.43 37.08 -121.73
C GLU Q 276 5.26 37.26 -122.98
N LEU Q 277 6.49 36.77 -122.98
CA LEU Q 277 7.42 36.88 -124.11
C LEU Q 277 7.27 35.64 -124.97
N LEU Q 278 6.76 35.82 -126.21
CA LEU Q 278 6.48 34.70 -127.11
C LEU Q 278 7.46 34.63 -128.27
N ASP Q 279 7.81 33.40 -128.71
CA ASP Q 279 8.65 33.22 -129.89
C ASP Q 279 7.77 33.37 -131.15
N ALA Q 280 8.33 33.15 -132.34
CA ALA Q 280 7.57 33.26 -133.59
C ALA Q 280 6.38 32.30 -133.67
N ASP Q 281 6.54 31.07 -133.13
CA ASP Q 281 5.49 30.04 -133.10
C ASP Q 281 4.34 30.40 -132.15
N GLY Q 282 4.66 31.19 -131.13
CA GLY Q 282 3.73 31.63 -130.10
C GLY Q 282 3.96 31.00 -128.76
N THR Q 283 5.01 30.16 -128.62
CA THR Q 283 5.34 29.51 -127.34
C THR Q 283 5.84 30.51 -126.34
N VAL Q 284 5.42 30.39 -125.07
CA VAL Q 284 5.83 31.33 -124.02
C VAL Q 284 7.24 30.98 -123.54
N LEU Q 285 8.14 31.97 -123.52
CA LEU Q 285 9.53 31.84 -123.10
C LEU Q 285 9.79 32.46 -121.73
N LEU Q 286 9.08 33.55 -121.40
CA LEU Q 286 9.20 34.20 -120.10
C LEU Q 286 7.90 34.91 -119.78
N SER Q 287 7.51 34.96 -118.49
CA SER Q 287 6.30 35.65 -118.06
C SER Q 287 6.57 36.53 -116.84
N ALA Q 288 6.04 37.78 -116.84
CA ALA Q 288 6.22 38.76 -115.76
C ALA Q 288 4.87 39.29 -115.32
N MET Q 289 4.46 38.93 -114.11
CA MET Q 289 3.16 39.28 -113.56
C MET Q 289 3.24 40.52 -112.70
N GLY Q 290 2.25 41.38 -112.81
CA GLY Q 290 2.12 42.56 -111.98
C GLY Q 290 3.28 43.51 -112.00
N LEU Q 291 3.68 43.91 -113.20
CA LEU Q 291 4.74 44.90 -113.39
C LEU Q 291 4.12 46.26 -113.08
N GLN Q 292 4.29 46.76 -111.84
CA GLN Q 292 3.71 48.04 -111.41
C GLN Q 292 4.50 49.23 -112.01
N LEU Q 293 3.79 50.33 -112.29
CA LEU Q 293 4.37 51.55 -112.84
C LEU Q 293 3.88 52.77 -111.99
N GLY Q 294 4.38 53.96 -112.29
CA GLY Q 294 4.06 55.21 -111.59
C GLY Q 294 5.26 56.13 -111.54
N THR Q 295 5.07 57.37 -111.06
CA THR Q 295 6.17 58.32 -110.96
C THR Q 295 6.92 58.08 -109.66
N GLU Q 538 10.93 89.27 -75.19
CA GLU Q 538 10.87 88.93 -76.61
C GLU Q 538 11.77 87.71 -76.92
N GLY Q 539 11.20 86.68 -77.54
CA GLY Q 539 11.90 85.45 -77.86
C GLY Q 539 12.90 85.60 -78.99
N MET Q 540 14.09 85.04 -78.81
CA MET Q 540 15.18 85.03 -79.80
C MET Q 540 15.98 83.74 -79.65
N ARG Q 541 16.09 82.94 -80.74
CA ARG Q 541 16.75 81.63 -80.75
C ARG Q 541 17.88 81.59 -81.80
N LEU Q 542 18.82 80.62 -81.67
CA LEU Q 542 19.98 80.47 -82.56
C LEU Q 542 19.89 79.14 -83.36
N VAL Q 543 20.02 79.22 -84.71
CA VAL Q 543 19.92 78.05 -85.60
C VAL Q 543 20.62 78.31 -86.97
N VAL Q 544 21.02 77.23 -87.68
CA VAL Q 544 21.64 77.30 -89.03
C VAL Q 544 20.56 77.05 -90.08
N ARG Q 545 20.41 77.96 -91.07
CA ARG Q 545 19.41 77.79 -92.13
C ARG Q 545 19.77 76.57 -92.99
N ASN Q 546 21.08 76.36 -93.27
CA ASN Q 546 21.54 75.20 -94.01
C ASN Q 546 22.84 74.68 -93.38
N PRO Q 547 22.82 73.51 -92.71
CA PRO Q 547 24.05 72.99 -92.08
C PRO Q 547 25.19 72.78 -93.09
N GLY Q 548 26.42 72.83 -92.56
CA GLY Q 548 27.65 72.71 -93.33
C GLY Q 548 28.40 74.03 -93.31
N ASP Q 549 27.66 75.13 -93.50
CA ASP Q 549 28.17 76.49 -93.51
C ASP Q 549 27.93 77.15 -92.15
N LEU Q 550 29.00 77.60 -91.46
CA LEU Q 550 28.87 78.30 -90.17
C LEU Q 550 28.50 79.77 -90.37
N GLU Q 551 28.67 80.31 -91.60
CA GLU Q 551 28.25 81.67 -91.93
C GLU Q 551 26.70 81.73 -91.99
N SER Q 552 26.04 80.56 -92.22
CA SER Q 552 24.57 80.45 -92.25
C SER Q 552 23.93 80.45 -90.84
N MET Q 553 24.71 80.61 -89.74
CA MET Q 553 24.21 80.65 -88.37
C MET Q 553 23.41 81.95 -88.17
N GLU Q 554 22.08 81.83 -88.05
CA GLU Q 554 21.16 82.96 -87.92
C GLU Q 554 20.52 83.05 -86.54
N LEU Q 555 20.26 84.30 -86.06
CA LEU Q 555 19.61 84.59 -84.77
C LEU Q 555 18.12 84.78 -85.03
N VAL Q 556 17.38 83.66 -85.12
CA VAL Q 556 15.96 83.68 -85.48
C VAL Q 556 15.11 84.15 -84.29
N THR Q 557 13.92 84.68 -84.60
CA THR Q 557 12.95 85.16 -83.62
C THR Q 557 11.82 84.13 -83.52
N PHE Q 558 11.16 84.06 -82.36
CA PHE Q 558 10.04 83.16 -82.12
C PHE Q 558 9.08 83.80 -81.10
N GLU Q 559 7.80 83.43 -81.17
CA GLU Q 559 6.79 83.94 -80.24
C GLU Q 559 6.79 83.06 -79.01
N ARG Q 560 7.28 83.59 -77.86
CA ARG Q 560 7.32 82.81 -76.63
C ARG Q 560 5.91 82.73 -76.02
N GLY Q 561 5.29 81.55 -76.18
CA GLY Q 561 3.94 81.30 -75.73
C GLY Q 561 3.85 80.73 -74.34
N THR Q 562 2.63 80.65 -73.82
CA THR Q 562 2.37 80.10 -72.49
C THR Q 562 2.71 78.61 -72.47
N PRO Q 563 3.45 78.12 -71.46
CA PRO Q 563 3.75 76.70 -71.41
C PRO Q 563 2.57 75.90 -70.89
N GLY Q 564 2.65 74.59 -71.02
CA GLY Q 564 1.65 73.66 -70.53
C GLY Q 564 1.08 72.80 -71.64
N PRO Q 565 0.50 71.64 -71.29
CA PRO Q 565 0.38 71.08 -69.94
C PRO Q 565 1.60 70.26 -69.55
N GLY Q 566 2.04 70.43 -68.31
CA GLY Q 566 3.22 69.73 -67.80
C GLY Q 566 4.53 70.21 -68.38
N GLN Q 567 4.63 71.52 -68.66
CA GLN Q 567 5.82 72.15 -69.23
C GLN Q 567 6.12 73.44 -68.48
N ILE Q 568 7.32 73.98 -68.64
CA ILE Q 568 7.77 75.20 -67.96
C ILE Q 568 8.55 76.10 -68.92
N GLU Q 569 8.41 77.43 -68.80
CA GLU Q 569 9.18 78.42 -69.59
C GLU Q 569 10.35 78.87 -68.72
N VAL Q 570 11.61 78.64 -69.14
CA VAL Q 570 12.80 78.99 -68.33
C VAL Q 570 13.57 80.14 -69.00
N ALA Q 571 13.96 81.16 -68.20
CA ALA Q 571 14.77 82.29 -68.68
C ALA Q 571 16.23 81.89 -68.61
N VAL Q 572 16.78 81.41 -69.74
CA VAL Q 572 18.15 80.89 -69.79
C VAL Q 572 19.20 82.02 -69.70
N LYS Q 573 20.04 81.95 -68.65
CA LYS Q 573 21.13 82.88 -68.38
C LYS Q 573 22.39 82.45 -69.15
N ALA Q 574 22.55 81.12 -69.37
CA ALA Q 574 23.69 80.55 -70.08
C ALA Q 574 23.40 79.13 -70.55
N SER Q 575 24.08 78.68 -71.63
CA SER Q 575 23.95 77.33 -72.17
C SER Q 575 25.34 76.78 -72.55
N SER Q 576 25.43 75.51 -72.96
CA SER Q 576 26.70 74.86 -73.31
C SER Q 576 26.81 74.55 -74.80
N ILE Q 577 28.04 74.20 -75.23
CA ILE Q 577 28.38 73.86 -76.62
C ILE Q 577 29.00 72.45 -76.69
N ASN Q 578 28.15 71.41 -76.80
CA ASN Q 578 28.60 70.02 -76.92
C ASN Q 578 29.16 69.76 -78.31
N PHE Q 579 29.82 68.61 -78.51
CA PHE Q 579 30.33 68.22 -79.82
C PHE Q 579 29.17 67.73 -80.70
N ALA Q 580 28.03 67.37 -80.07
CA ALA Q 580 26.81 67.06 -80.80
C ALA Q 580 26.32 68.34 -81.48
N ASP Q 581 26.33 69.48 -80.73
CA ASP Q 581 25.94 70.83 -81.23
C ASP Q 581 26.88 71.29 -82.38
N VAL Q 582 28.15 70.85 -82.36
CA VAL Q 582 29.12 71.12 -83.43
C VAL Q 582 28.74 70.28 -84.66
N LEU Q 583 28.43 69.00 -84.48
CA LEU Q 583 28.06 68.11 -85.58
C LEU Q 583 26.72 68.52 -86.25
N VAL Q 584 25.77 69.13 -85.48
CA VAL Q 584 24.50 69.66 -86.00
C VAL Q 584 24.81 70.82 -86.95
N ALA Q 585 25.73 71.72 -86.55
CA ALA Q 585 26.15 72.87 -87.36
C ALA Q 585 26.70 72.44 -88.72
N PHE Q 586 27.49 71.36 -88.75
CA PHE Q 586 28.07 70.85 -89.99
C PHE Q 586 27.17 69.83 -90.71
N GLY Q 587 26.06 69.43 -90.10
CA GLY Q 587 25.13 68.47 -90.68
C GLY Q 587 25.59 67.03 -90.59
N ARG Q 588 26.64 66.77 -89.79
CA ARG Q 588 27.22 65.44 -89.58
C ARG Q 588 26.61 64.74 -88.35
N CYS Q 589 25.53 65.28 -87.74
CA CYS Q 589 24.99 64.66 -86.53
C CYS Q 589 24.05 63.49 -86.86
N PRO Q 590 24.32 62.24 -86.39
CA PRO Q 590 23.39 61.13 -86.64
C PRO Q 590 22.36 61.05 -85.52
N SER Q 591 21.10 60.81 -85.89
CA SER Q 591 19.98 60.74 -84.95
C SER Q 591 19.09 59.54 -85.29
N PHE Q 592 18.59 58.88 -84.24
CA PHE Q 592 17.68 57.73 -84.34
C PHE Q 592 16.35 58.17 -84.92
N ASP Q 593 15.90 59.36 -84.51
CA ASP Q 593 14.68 59.99 -85.01
C ASP Q 593 14.75 60.19 -86.53
N GLY Q 594 15.93 60.61 -86.99
CA GLY Q 594 16.20 60.91 -88.39
C GLY Q 594 16.26 62.41 -88.59
N ARG Q 595 15.45 63.17 -87.81
CA ARG Q 595 15.40 64.63 -87.86
C ARG Q 595 16.65 65.19 -87.21
N LEU Q 596 17.27 66.22 -87.84
CA LEU Q 596 18.49 66.82 -87.29
C LEU Q 596 18.08 67.66 -86.09
N PRO Q 597 18.70 67.44 -84.93
CA PRO Q 597 18.28 68.18 -83.73
C PRO Q 597 18.55 69.67 -83.81
N GLU Q 598 18.00 70.40 -82.84
CA GLU Q 598 18.16 71.84 -82.75
C GLU Q 598 19.37 72.16 -81.86
N LEU Q 599 20.04 73.28 -82.14
CA LEU Q 599 21.25 73.70 -81.43
C LEU Q 599 21.00 73.94 -79.95
N GLY Q 600 21.77 73.24 -79.11
CA GLY Q 600 21.69 73.33 -77.67
C GLY Q 600 21.03 72.11 -77.07
N SER Q 601 21.82 71.26 -76.37
CA SER Q 601 21.33 70.05 -75.70
C SER Q 601 21.15 70.24 -74.18
N GLU Q 602 21.45 71.45 -73.64
CA GLU Q 602 21.33 71.72 -72.20
C GLU Q 602 21.24 73.21 -71.91
N PHE Q 603 20.94 73.59 -70.66
CA PHE Q 603 20.79 75.01 -70.29
C PHE Q 603 21.03 75.26 -68.77
N GLY Q 604 20.85 76.51 -68.34
CA GLY Q 604 20.96 76.95 -66.96
C GLY Q 604 20.25 78.28 -66.79
N GLY Q 605 19.13 78.30 -66.05
CA GLY Q 605 18.34 79.51 -65.89
C GLY Q 605 17.44 79.59 -64.66
N VAL Q 606 16.33 80.34 -64.80
CA VAL Q 606 15.31 80.57 -63.76
C VAL Q 606 13.92 80.35 -64.38
N VAL Q 607 12.96 79.79 -63.61
CA VAL Q 607 11.61 79.54 -64.15
C VAL Q 607 10.85 80.88 -64.33
N THR Q 608 10.30 81.11 -65.55
CA THR Q 608 9.49 82.29 -65.91
C THR Q 608 8.02 82.02 -65.65
N ALA Q 609 7.53 80.88 -66.16
CA ALA Q 609 6.14 80.46 -66.01
C ALA Q 609 6.05 78.95 -65.96
N VAL Q 610 5.09 78.45 -65.19
CA VAL Q 610 4.83 77.03 -65.02
C VAL Q 610 3.49 76.72 -65.70
N GLY Q 611 3.51 75.73 -66.59
CA GLY Q 611 2.33 75.33 -67.34
C GLY Q 611 1.35 74.51 -66.51
N PRO Q 612 0.04 74.65 -66.76
CA PRO Q 612 -0.95 73.88 -65.97
C PRO Q 612 -0.87 72.37 -66.24
N GLY Q 613 -0.57 71.54 -65.23
CA GLY Q 613 -0.29 71.91 -63.85
C GLY Q 613 0.74 70.98 -63.26
N VAL Q 614 1.78 71.56 -62.64
CA VAL Q 614 2.86 70.79 -62.03
C VAL Q 614 3.19 71.36 -60.64
N THR Q 615 3.15 70.47 -59.65
CA THR Q 615 3.42 70.75 -58.24
C THR Q 615 4.92 70.83 -57.97
N THR Q 616 5.72 70.12 -58.80
CA THR Q 616 7.16 70.02 -58.67
C THR Q 616 7.89 71.37 -58.76
N HIS Q 617 7.74 72.08 -59.87
CA HIS Q 617 8.41 73.37 -60.06
C HIS Q 617 7.56 74.54 -59.63
N ARG Q 618 8.25 75.64 -59.29
CA ARG Q 618 7.66 76.91 -58.87
C ARG Q 618 8.32 78.03 -59.67
N VAL Q 619 7.60 79.14 -59.89
CA VAL Q 619 8.15 80.28 -60.63
C VAL Q 619 9.20 80.99 -59.76
N GLY Q 620 10.34 81.35 -60.33
CA GLY Q 620 11.43 81.97 -59.58
C GLY Q 620 12.42 80.98 -58.99
N ASP Q 621 12.35 79.69 -59.42
CA ASP Q 621 13.29 78.63 -58.99
C ASP Q 621 14.50 78.58 -59.91
N ARG Q 622 15.72 78.68 -59.36
CA ARG Q 622 16.94 78.55 -60.17
C ARG Q 622 17.03 77.07 -60.63
N VAL Q 623 16.82 76.81 -61.93
CA VAL Q 623 16.75 75.45 -62.49
C VAL Q 623 17.73 75.23 -63.65
N GLY Q 624 17.94 73.96 -64.00
CA GLY Q 624 18.81 73.55 -65.09
C GLY Q 624 18.51 72.14 -65.57
N GLY Q 625 18.68 71.89 -66.87
CA GLY Q 625 18.42 70.58 -67.45
C GLY Q 625 18.64 70.44 -68.94
N VAL Q 626 17.95 69.48 -69.56
CA VAL Q 626 17.97 69.17 -71.00
C VAL Q 626 16.59 69.53 -71.56
N SER Q 627 16.48 69.85 -72.86
CA SER Q 627 15.17 70.21 -73.44
C SER Q 627 15.01 70.05 -74.97
N ALA Q 628 16.10 70.20 -75.80
CA ALA Q 628 16.01 70.23 -77.27
C ALA Q 628 15.24 71.51 -77.64
N ASN Q 629 14.59 71.61 -78.82
CA ASN Q 629 13.83 72.84 -79.15
C ASN Q 629 14.70 74.14 -79.12
N GLY Q 630 16.02 74.00 -79.20
CA GLY Q 630 16.96 75.10 -79.17
C GLY Q 630 17.12 75.72 -77.80
N CYS Q 631 18.13 75.26 -77.05
CA CYS Q 631 18.43 75.84 -75.73
C CYS Q 631 19.19 77.16 -75.89
N TRP Q 632 19.86 77.37 -77.06
CA TRP Q 632 20.55 78.64 -77.36
C TRP Q 632 19.47 79.69 -77.70
N SER Q 633 18.83 80.24 -76.64
CA SER Q 633 17.77 81.25 -76.72
C SER Q 633 17.60 81.92 -75.35
N ASN Q 634 16.96 83.11 -75.28
CA ASN Q 634 16.76 83.80 -74.00
C ASN Q 634 15.63 83.12 -73.18
N PHE Q 635 14.71 82.39 -73.86
CA PHE Q 635 13.62 81.63 -73.23
C PHE Q 635 13.51 80.22 -73.82
N VAL Q 636 13.32 79.20 -72.96
CA VAL Q 636 13.22 77.79 -73.37
C VAL Q 636 12.04 77.13 -72.70
N THR Q 637 11.15 76.49 -73.48
CA THR Q 637 10.01 75.76 -72.92
C THR Q 637 10.43 74.30 -72.90
N CYS Q 638 10.35 73.67 -71.72
CA CYS Q 638 10.78 72.29 -71.48
C CYS Q 638 9.74 71.52 -70.68
N GLU Q 639 9.92 70.19 -70.55
CA GLU Q 639 9.06 69.34 -69.71
C GLU Q 639 9.57 69.35 -68.26
N ALA Q 640 8.68 69.02 -67.29
CA ALA Q 640 9.05 68.97 -65.88
C ALA Q 640 9.87 67.70 -65.56
N ASP Q 641 9.76 66.66 -66.43
CA ASP Q 641 10.48 65.39 -66.29
C ASP Q 641 12.00 65.49 -66.61
N LEU Q 642 12.49 66.64 -67.14
CA LEU Q 642 13.89 66.86 -67.47
C LEU Q 642 14.56 67.84 -66.49
N ALA Q 643 13.95 69.02 -66.27
CA ALA Q 643 14.49 70.06 -65.39
C ALA Q 643 14.49 69.65 -63.90
N THR Q 644 15.33 70.33 -63.09
CA THR Q 644 15.47 70.08 -61.65
C THR Q 644 16.09 71.31 -60.96
N LYS Q 645 15.73 71.58 -59.69
CA LYS Q 645 16.25 72.74 -58.94
C LYS Q 645 17.73 72.54 -58.59
N LEU Q 646 18.55 73.61 -58.78
CA LEU Q 646 20.01 73.58 -58.53
C LEU Q 646 20.37 73.87 -57.07
N PRO Q 647 21.48 73.31 -56.53
CA PRO Q 647 21.84 73.64 -55.15
C PRO Q 647 22.55 75.00 -55.04
N GLU Q 648 22.84 75.38 -53.80
CA GLU Q 648 23.52 76.65 -53.47
C GLU Q 648 24.96 76.73 -54.01
N GLY Q 649 25.66 75.59 -54.09
CA GLY Q 649 27.05 75.52 -54.51
C GLY Q 649 27.41 75.90 -55.94
N ILE Q 650 26.41 75.94 -56.86
CA ILE Q 650 26.67 76.31 -58.26
C ILE Q 650 25.62 77.32 -58.78
N SER Q 651 26.04 78.08 -59.80
CA SER Q 651 25.25 79.11 -60.48
C SER Q 651 24.59 78.53 -61.74
N GLU Q 652 24.05 79.39 -62.61
CA GLU Q 652 23.43 78.99 -63.88
C GLU Q 652 24.51 78.66 -64.93
N HIS Q 653 25.65 79.39 -64.91
CA HIS Q 653 26.77 79.14 -65.83
C HIS Q 653 27.49 77.82 -65.51
N GLU Q 654 27.80 77.58 -64.21
CA GLU Q 654 28.46 76.35 -63.75
C GLU Q 654 27.65 75.11 -64.13
N ALA Q 655 26.35 75.10 -63.80
CA ALA Q 655 25.43 74.01 -64.11
C ALA Q 655 25.28 73.78 -65.63
N ALA Q 656 25.48 74.83 -66.46
CA ALA Q 656 25.39 74.69 -67.92
C ALA Q 656 26.50 73.80 -68.47
N ALA Q 657 27.77 74.16 -68.19
CA ALA Q 657 28.97 73.44 -68.68
C ALA Q 657 29.04 71.99 -68.23
N VAL Q 658 28.78 71.75 -66.94
CA VAL Q 658 28.89 70.42 -66.30
C VAL Q 658 28.00 69.39 -67.03
N GLY Q 659 26.69 69.55 -66.89
CA GLY Q 659 25.65 68.68 -67.45
C GLY Q 659 26.00 67.41 -68.18
N LEU Q 660 25.88 67.40 -69.52
CA LEU Q 660 26.08 66.20 -70.35
C LEU Q 660 27.46 65.61 -70.26
N ALA Q 661 28.52 66.42 -70.10
CA ALA Q 661 29.88 65.87 -69.99
C ALA Q 661 30.01 64.95 -68.78
N TYR Q 662 29.67 65.48 -67.60
CA TYR Q 662 29.74 64.72 -66.36
C TYR Q 662 28.64 63.67 -66.29
N GLY Q 663 27.46 63.96 -66.84
CA GLY Q 663 26.38 62.99 -66.86
C GLY Q 663 26.76 61.74 -67.61
N THR Q 664 27.21 61.91 -68.85
CA THR Q 664 27.66 60.80 -69.71
C THR Q 664 28.72 59.97 -69.00
N VAL Q 665 29.72 60.64 -68.42
CA VAL Q 665 30.81 60.01 -67.68
C VAL Q 665 30.27 59.26 -66.44
N TRP Q 666 29.39 59.91 -65.68
CA TRP Q 666 28.82 59.32 -64.47
C TRP Q 666 28.10 58.05 -64.82
N LEU Q 667 27.21 58.13 -65.80
CA LEU Q 667 26.48 56.98 -66.29
C LEU Q 667 27.46 55.90 -66.73
N GLY Q 668 28.34 56.24 -67.65
CA GLY Q 668 29.31 55.32 -68.22
C GLY Q 668 30.28 54.65 -67.28
N LEU Q 669 30.94 55.42 -66.41
CA LEU Q 669 31.96 54.87 -65.54
C LEU Q 669 31.42 54.37 -64.21
N THR Q 670 30.86 55.24 -63.38
CA THR Q 670 30.39 54.84 -62.05
C THR Q 670 29.11 54.00 -62.05
N GLU Q 671 28.27 54.12 -63.09
CA GLU Q 671 26.98 53.43 -63.11
C GLU Q 671 27.00 52.14 -63.93
N LEU Q 672 27.45 52.20 -65.20
CA LEU Q 672 27.46 51.03 -66.09
C LEU Q 672 28.69 50.17 -65.88
N ALA Q 673 29.88 50.79 -66.00
CA ALA Q 673 31.14 50.08 -65.85
C ALA Q 673 31.50 49.86 -64.39
N ARG Q 674 30.78 50.49 -63.43
CA ARG Q 674 31.05 50.38 -61.99
C ARG Q 674 32.56 50.47 -61.77
N MET Q 675 33.08 51.68 -62.03
CA MET Q 675 34.50 51.94 -61.90
C MET Q 675 34.91 51.82 -60.47
N SER Q 676 35.67 50.77 -60.18
CA SER Q 676 36.21 50.50 -58.86
C SER Q 676 37.51 51.26 -58.69
N ALA Q 677 38.07 51.21 -57.50
CA ALA Q 677 39.35 51.85 -57.25
C ALA Q 677 40.46 50.93 -57.69
N GLY Q 678 41.54 51.53 -58.18
CA GLY Q 678 42.72 50.81 -58.64
C GLY Q 678 42.71 50.33 -60.06
N ASP Q 679 41.52 49.97 -60.61
CA ASP Q 679 41.44 49.47 -61.98
C ASP Q 679 41.86 50.57 -62.99
N LYS Q 680 42.47 50.12 -64.10
CA LYS Q 680 43.05 51.00 -65.12
C LYS Q 680 41.99 51.44 -66.11
N ILE Q 681 41.98 52.72 -66.46
CA ILE Q 681 40.99 53.28 -67.39
C ILE Q 681 41.67 54.01 -68.53
N LEU Q 682 41.15 53.82 -69.77
CA LEU Q 682 41.66 54.49 -70.96
C LEU Q 682 40.68 55.57 -71.37
N ILE Q 683 41.08 56.84 -71.25
CA ILE Q 683 40.24 57.99 -71.57
C ILE Q 683 40.69 58.59 -72.91
N HIS Q 684 39.94 58.34 -73.99
CA HIS Q 684 40.31 58.92 -75.29
C HIS Q 684 39.93 60.41 -75.36
N SER Q 685 40.78 61.26 -75.98
CA SER Q 685 40.51 62.70 -76.14
C SER Q 685 40.25 63.35 -74.79
N ALA Q 686 41.18 63.14 -73.84
CA ALA Q 686 41.03 63.56 -72.46
C ALA Q 686 41.08 65.09 -72.20
N THR Q 687 41.48 65.91 -73.19
CA THR Q 687 41.52 67.37 -73.05
C THR Q 687 40.15 68.04 -73.23
N GLY Q 688 39.20 67.31 -73.83
CA GLY Q 688 37.84 67.79 -74.03
C GLY Q 688 36.95 67.80 -72.80
N GLY Q 689 35.69 68.15 -73.00
CA GLY Q 689 34.70 68.25 -71.92
C GLY Q 689 34.43 66.95 -71.19
N VAL Q 690 34.11 65.91 -71.94
CA VAL Q 690 33.83 64.57 -71.41
C VAL Q 690 35.15 63.96 -70.88
N GLY Q 691 36.26 64.29 -71.54
CA GLY Q 691 37.58 63.83 -71.14
C GLY Q 691 38.01 64.35 -69.79
N GLN Q 692 37.84 65.67 -69.57
CA GLN Q 692 38.16 66.31 -68.30
C GLN Q 692 37.23 65.78 -67.20
N ALA Q 693 35.95 65.56 -67.54
CA ALA Q 693 35.00 64.99 -66.60
C ALA Q 693 35.39 63.55 -66.22
N ALA Q 694 35.85 62.77 -67.20
CA ALA Q 694 36.28 61.37 -66.98
C ALA Q 694 37.46 61.32 -66.05
N ILE Q 695 38.45 62.21 -66.25
CA ILE Q 695 39.62 62.31 -65.38
C ILE Q 695 39.16 62.57 -63.95
N ALA Q 696 38.28 63.56 -63.78
CA ALA Q 696 37.76 63.96 -62.47
C ALA Q 696 37.22 62.78 -61.66
N VAL Q 697 36.31 61.98 -62.27
CA VAL Q 697 35.69 60.85 -61.56
C VAL Q 697 36.68 59.67 -61.48
N ALA Q 698 37.60 59.53 -62.45
CA ALA Q 698 38.62 58.47 -62.40
C ALA Q 698 39.59 58.76 -61.27
N ARG Q 699 39.96 60.04 -61.09
CA ARG Q 699 40.83 60.48 -59.99
C ARG Q 699 40.10 60.28 -58.68
N ALA Q 700 38.80 60.63 -58.66
CA ALA Q 700 37.95 60.47 -57.47
C ALA Q 700 37.81 59.01 -57.08
N ALA Q 701 37.56 58.14 -58.07
CA ALA Q 701 37.42 56.70 -57.86
C ALA Q 701 38.74 56.04 -57.46
N GLY Q 702 39.87 56.66 -57.82
CA GLY Q 702 41.21 56.15 -57.54
C GLY Q 702 41.68 55.20 -58.61
N ALA Q 703 41.28 55.45 -59.87
CA ALA Q 703 41.62 54.63 -61.02
C ALA Q 703 42.92 55.14 -61.66
N GLU Q 704 43.71 54.23 -62.25
CA GLU Q 704 44.96 54.56 -62.92
C GLU Q 704 44.62 55.04 -64.33
N ILE Q 705 44.87 56.34 -64.64
CA ILE Q 705 44.48 56.91 -65.94
C ILE Q 705 45.57 56.70 -67.02
N TYR Q 706 45.09 56.35 -68.21
CA TYR Q 706 45.81 56.19 -69.46
C TYR Q 706 45.05 57.05 -70.44
N ALA Q 707 45.61 58.15 -70.93
CA ALA Q 707 44.85 59.07 -71.79
C ALA Q 707 45.43 59.21 -73.18
N THR Q 708 44.62 59.75 -74.11
CA THR Q 708 45.06 60.00 -75.48
C THR Q 708 44.60 61.38 -75.92
N ALA Q 709 45.29 61.94 -76.92
CA ALA Q 709 44.97 63.25 -77.49
C ALA Q 709 45.62 63.40 -78.86
N GLY Q 710 45.03 64.23 -79.71
CA GLY Q 710 45.47 64.42 -81.08
C GLY Q 710 46.75 65.20 -81.24
N SER Q 711 46.74 66.44 -80.79
CA SER Q 711 47.89 67.34 -80.90
C SER Q 711 48.98 67.01 -79.89
N GLU Q 712 50.21 67.45 -80.19
CA GLU Q 712 51.32 67.26 -79.25
C GLU Q 712 51.13 68.23 -78.09
N LYS Q 713 50.72 69.47 -78.39
CA LYS Q 713 50.40 70.48 -77.37
C LYS Q 713 49.34 69.95 -76.41
N ARG Q 714 48.32 69.27 -76.95
CA ARG Q 714 47.23 68.70 -76.17
C ARG Q 714 47.72 67.52 -75.35
N ARG Q 715 48.61 66.69 -75.91
CA ARG Q 715 49.18 65.56 -75.17
C ARG Q 715 50.04 66.08 -74.04
N GLN Q 716 50.89 67.10 -74.32
CA GLN Q 716 51.77 67.69 -73.31
C GLN Q 716 50.97 68.31 -72.16
N LEU Q 717 49.76 68.81 -72.43
CA LEU Q 717 48.91 69.34 -71.35
C LEU Q 717 48.56 68.23 -70.37
N LEU Q 718 48.19 67.03 -70.87
CA LEU Q 718 47.85 65.90 -70.02
C LEU Q 718 49.05 65.50 -69.17
N ARG Q 719 50.24 65.46 -69.79
CA ARG Q 719 51.48 65.13 -69.08
C ARG Q 719 51.73 66.16 -67.95
N ASP Q 720 51.41 67.45 -68.21
CA ASP Q 720 51.55 68.53 -67.23
C ASP Q 720 50.47 68.46 -66.14
N TRP Q 721 49.23 68.04 -66.50
CA TRP Q 721 48.14 67.84 -65.54
C TRP Q 721 48.47 66.75 -64.50
N GLY Q 722 49.55 66.02 -64.71
CA GLY Q 722 50.03 64.98 -63.81
C GLY Q 722 49.56 63.60 -64.17
N ILE Q 723 49.33 63.35 -65.48
CA ILE Q 723 48.88 62.05 -65.93
C ILE Q 723 50.05 61.47 -66.74
N GLU Q 724 50.70 60.44 -66.18
CA GLU Q 724 51.73 59.66 -66.85
C GLU Q 724 50.96 58.68 -67.70
N HIS Q 725 51.48 58.29 -68.87
CA HIS Q 725 50.83 57.35 -69.81
C HIS Q 725 49.85 58.11 -70.75
N VAL Q 726 50.41 58.96 -71.61
CA VAL Q 726 49.69 59.74 -72.62
C VAL Q 726 50.10 59.24 -73.99
N TYR Q 727 49.13 59.02 -74.90
CA TYR Q 727 49.39 58.49 -76.25
C TYR Q 727 48.61 59.27 -77.33
N ASP Q 728 48.77 58.90 -78.62
CA ASP Q 728 48.08 59.60 -79.71
C ASP Q 728 46.75 58.92 -79.94
N SER Q 729 45.67 59.72 -80.00
CA SER Q 729 44.30 59.28 -80.23
C SER Q 729 44.01 59.00 -81.71
N ARG Q 730 44.80 59.60 -82.62
CA ARG Q 730 44.62 59.45 -84.06
C ARG Q 730 45.22 58.15 -84.65
N THR Q 731 45.93 57.35 -83.85
CA THR Q 731 46.55 56.10 -84.31
C THR Q 731 46.12 54.94 -83.44
N THR Q 732 46.53 53.71 -83.82
CA THR Q 732 46.30 52.47 -83.06
C THR Q 732 47.57 52.10 -82.28
N ALA Q 733 48.42 53.12 -81.99
CA ALA Q 733 49.67 52.93 -81.27
C ALA Q 733 49.37 52.63 -79.83
N PHE Q 734 48.58 53.52 -79.21
CA PHE Q 734 48.17 53.43 -77.81
C PHE Q 734 47.97 51.98 -77.34
N ALA Q 735 47.34 51.11 -78.17
CA ALA Q 735 47.07 49.72 -77.81
C ALA Q 735 48.34 48.98 -77.41
N ASP Q 736 49.28 48.82 -78.34
CA ASP Q 736 50.52 48.10 -78.04
C ASP Q 736 51.38 48.85 -77.04
N GLN Q 737 51.34 50.20 -77.05
CA GLN Q 737 52.10 51.02 -76.11
C GLN Q 737 51.59 50.83 -74.67
N ILE Q 738 50.26 50.75 -74.48
CA ILE Q 738 49.65 50.53 -73.17
C ILE Q 738 49.92 49.10 -72.75
N ARG Q 739 49.85 48.14 -73.69
CA ARG Q 739 50.15 46.74 -73.38
C ARG Q 739 51.59 46.65 -72.83
N THR Q 740 52.52 47.41 -73.41
CA THR Q 740 53.91 47.46 -72.94
C THR Q 740 54.02 48.18 -71.59
N ASP Q 741 53.32 49.33 -71.44
CA ASP Q 741 53.34 50.13 -70.21
C ASP Q 741 52.53 49.50 -69.04
N THR Q 742 51.84 48.35 -69.26
CA THR Q 742 51.11 47.62 -68.22
C THR Q 742 51.63 46.18 -68.08
N ASP Q 743 52.77 45.86 -68.72
CA ASP Q 743 53.38 44.53 -68.73
C ASP Q 743 52.36 43.47 -69.22
N GLY Q 744 51.76 43.76 -70.37
CA GLY Q 744 50.81 42.89 -71.04
C GLY Q 744 49.40 42.82 -70.48
N TYR Q 745 49.11 43.54 -69.39
CA TYR Q 745 47.77 43.47 -68.78
C TYR Q 745 46.71 44.18 -69.60
N GLY Q 746 47.02 45.38 -70.06
CA GLY Q 746 46.06 46.21 -70.77
C GLY Q 746 45.30 47.04 -69.76
N VAL Q 747 44.07 47.44 -70.08
CA VAL Q 747 43.27 48.23 -69.15
C VAL Q 747 42.04 47.40 -68.70
N ASP Q 748 41.13 48.04 -67.97
CA ASP Q 748 39.89 47.46 -67.48
C ASP Q 748 38.69 48.14 -68.10
N ILE Q 749 38.69 49.48 -68.06
CA ILE Q 749 37.62 50.30 -68.60
C ILE Q 749 38.17 51.06 -69.78
N VAL Q 750 37.33 51.33 -70.80
CA VAL Q 750 37.72 52.09 -71.99
C VAL Q 750 36.58 53.02 -72.36
N LEU Q 751 36.77 54.33 -72.18
CA LEU Q 751 35.74 55.31 -72.54
C LEU Q 751 35.96 55.71 -74.00
N ASN Q 752 35.46 54.87 -74.90
CA ASN Q 752 35.66 55.01 -76.33
C ASN Q 752 34.83 56.07 -77.05
N SER Q 753 35.50 57.18 -77.37
CA SER Q 753 34.97 58.24 -78.21
C SER Q 753 35.51 58.08 -79.64
N VAL Q 754 36.61 57.30 -79.82
CA VAL Q 754 37.30 57.10 -81.10
C VAL Q 754 36.57 56.04 -81.98
N THR Q 755 37.02 55.86 -83.24
CA THR Q 755 36.33 55.02 -84.21
C THR Q 755 37.24 54.19 -85.13
N GLY Q 756 36.62 53.20 -85.75
CA GLY Q 756 37.21 52.34 -86.76
C GLY Q 756 38.13 51.28 -86.19
N PRO Q 757 39.39 51.20 -86.65
CA PRO Q 757 40.32 50.21 -86.08
C PRO Q 757 40.75 50.59 -84.67
N ALA Q 758 40.59 51.86 -84.28
CA ALA Q 758 40.92 52.34 -82.94
C ALA Q 758 39.88 51.86 -81.93
N GLN Q 759 38.66 51.57 -82.39
CA GLN Q 759 37.61 51.00 -81.56
C GLN Q 759 37.96 49.55 -81.30
N ARG Q 760 38.20 48.80 -82.38
CA ARG Q 760 38.60 47.39 -82.36
C ARG Q 760 39.88 47.21 -81.51
N ALA Q 761 40.88 48.09 -81.69
CA ALA Q 761 42.15 48.07 -80.96
C ALA Q 761 41.97 48.29 -79.47
N GLY Q 762 40.99 49.15 -79.11
CA GLY Q 762 40.64 49.45 -77.74
C GLY Q 762 39.96 48.29 -77.04
N LEU Q 763 39.12 47.54 -77.77
CA LEU Q 763 38.45 46.35 -77.24
C LEU Q 763 39.49 45.26 -77.00
N GLU Q 764 40.38 45.07 -77.95
CA GLU Q 764 41.45 44.07 -77.84
C GLU Q 764 42.36 44.36 -76.64
N LEU Q 765 42.50 45.65 -76.29
CA LEU Q 765 43.32 46.11 -75.17
C LEU Q 765 42.80 45.65 -73.77
N LEU Q 766 41.53 45.99 -73.41
CA LEU Q 766 41.01 45.69 -72.06
C LEU Q 766 40.98 44.19 -71.78
N ALA Q 767 41.27 43.83 -70.51
CA ALA Q 767 41.46 42.44 -70.10
C ALA Q 767 40.65 42.01 -68.87
N PHE Q 768 39.87 40.92 -69.05
CA PHE Q 768 39.10 40.18 -68.04
C PHE Q 768 38.00 41.06 -67.45
N GLY Q 769 38.36 42.05 -66.63
CA GLY Q 769 37.40 43.02 -66.14
C GLY Q 769 36.52 43.50 -67.28
N GLY Q 770 37.20 43.85 -68.38
CA GLY Q 770 36.65 44.23 -69.67
C GLY Q 770 35.33 44.97 -69.66
N ARG Q 771 35.38 46.30 -69.65
CA ARG Q 771 34.19 47.13 -69.66
C ARG Q 771 34.32 48.23 -70.73
N PHE Q 772 33.98 47.91 -71.96
CA PHE Q 772 34.05 48.83 -73.08
C PHE Q 772 32.84 49.75 -73.12
N VAL Q 773 33.02 51.04 -72.84
CA VAL Q 773 31.91 52.01 -72.85
C VAL Q 773 31.93 52.85 -74.12
N GLU Q 774 31.15 52.45 -75.16
CA GLU Q 774 31.12 53.24 -76.39
C GLU Q 774 30.11 54.36 -76.30
N ILE Q 775 30.63 55.60 -76.24
CA ILE Q 775 29.86 56.84 -76.29
C ILE Q 775 29.78 57.31 -77.77
N GLY Q 776 30.82 57.02 -78.56
CA GLY Q 776 30.88 57.34 -79.98
C GLY Q 776 29.84 56.64 -80.83
N LYS Q 777 28.95 57.43 -81.44
CA LYS Q 777 27.82 56.93 -82.23
C LYS Q 777 28.14 56.55 -83.71
N ARG Q 778 29.26 57.02 -84.30
CA ARG Q 778 29.59 56.78 -85.72
C ARG Q 778 29.59 55.30 -86.11
N ASP Q 779 30.29 54.45 -85.35
CA ASP Q 779 30.42 53.03 -85.71
C ASP Q 779 29.13 52.22 -85.52
N ILE Q 780 28.28 52.63 -84.57
CA ILE Q 780 27.01 51.95 -84.33
C ILE Q 780 26.09 52.20 -85.52
N TYR Q 781 25.74 53.46 -85.82
CA TYR Q 781 24.87 53.77 -86.95
C TYR Q 781 25.45 53.28 -88.29
N ALA Q 782 26.80 53.09 -88.39
CA ALA Q 782 27.44 52.58 -89.61
C ALA Q 782 27.26 51.05 -89.76
N ASP Q 783 26.72 50.34 -88.72
CA ASP Q 783 26.54 48.89 -88.66
C ASP Q 783 27.87 48.16 -88.81
N THR Q 784 28.93 48.74 -88.22
CA THR Q 784 30.24 48.10 -88.32
C THR Q 784 30.19 46.75 -87.66
N ARG Q 785 30.53 45.69 -88.39
CA ARG Q 785 30.46 44.35 -87.84
C ARG Q 785 31.69 44.12 -86.96
N LEU Q 786 31.45 44.09 -85.65
CA LEU Q 786 32.46 43.94 -84.62
C LEU Q 786 32.70 42.48 -84.30
N GLY Q 787 33.96 42.05 -84.37
CA GLY Q 787 34.36 40.69 -84.04
C GLY Q 787 34.14 40.40 -82.57
N LEU Q 788 33.42 39.31 -82.26
CA LEU Q 788 33.10 38.91 -80.88
C LEU Q 788 34.21 38.11 -80.19
N PHE Q 789 35.29 37.70 -80.87
CA PHE Q 789 36.34 36.90 -80.24
C PHE Q 789 36.96 37.50 -78.98
N PRO Q 790 37.23 38.82 -78.88
CA PRO Q 790 37.81 39.37 -77.64
C PRO Q 790 36.94 39.19 -76.39
N PHE Q 791 35.63 39.02 -76.58
CA PHE Q 791 34.69 38.84 -75.48
C PHE Q 791 34.90 37.53 -74.70
N ARG Q 792 35.78 36.60 -75.18
CA ARG Q 792 36.05 35.35 -74.47
C ARG Q 792 36.56 35.60 -73.04
N ARG Q 793 37.04 36.83 -72.73
CA ARG Q 793 37.54 37.21 -71.41
C ARG Q 793 36.47 37.97 -70.57
N ASN Q 794 35.19 37.52 -70.59
CA ASN Q 794 34.09 38.14 -69.81
C ASN Q 794 33.95 39.69 -70.02
N LEU Q 795 34.13 40.14 -71.26
CA LEU Q 795 34.01 41.57 -71.58
C LEU Q 795 32.55 41.99 -71.58
N SER Q 796 32.33 43.30 -71.48
CA SER Q 796 31.00 43.89 -71.44
C SER Q 796 30.97 45.15 -72.27
N PHE Q 797 30.13 45.20 -73.30
CA PHE Q 797 30.00 46.35 -74.19
C PHE Q 797 28.83 47.19 -73.77
N TYR Q 798 28.99 48.51 -73.66
CA TYR Q 798 27.89 49.39 -73.27
C TYR Q 798 27.74 50.51 -74.28
N ALA Q 799 26.55 50.59 -74.89
CA ALA Q 799 26.22 51.67 -75.81
C ALA Q 799 25.60 52.79 -75.02
N VAL Q 800 25.98 54.04 -75.29
CA VAL Q 800 25.46 55.20 -74.55
C VAL Q 800 24.96 56.24 -75.56
N ASP Q 801 23.68 56.68 -75.38
CA ASP Q 801 23.03 57.70 -76.19
C ASP Q 801 22.08 58.51 -75.29
N LEU Q 802 22.65 59.41 -74.47
CA LEU Q 802 21.89 60.30 -73.59
C LEU Q 802 20.76 61.02 -74.33
N ALA Q 803 21.00 61.40 -75.60
CA ALA Q 803 20.01 62.09 -76.44
C ALA Q 803 18.70 61.30 -76.57
N LEU Q 804 18.85 60.00 -76.83
CA LEU Q 804 17.73 59.08 -76.99
C LEU Q 804 17.06 58.84 -75.66
N MET Q 805 17.88 58.59 -74.65
CA MET Q 805 17.43 58.41 -73.26
C MET Q 805 16.52 59.53 -72.76
N THR Q 806 16.78 60.79 -73.17
CA THR Q 806 15.97 61.96 -72.79
C THR Q 806 14.49 61.76 -73.23
N VAL Q 807 14.28 60.95 -74.29
CA VAL Q 807 12.95 60.65 -74.82
C VAL Q 807 12.41 59.36 -74.21
N THR Q 808 13.21 58.28 -74.22
CA THR Q 808 12.77 56.97 -73.73
C THR Q 808 12.63 56.89 -72.21
N HIS Q 809 13.60 57.41 -71.45
CA HIS Q 809 13.59 57.38 -69.98
C HIS Q 809 14.04 58.73 -69.44
N PRO Q 810 13.13 59.74 -69.47
CA PRO Q 810 13.49 61.09 -68.99
C PRO Q 810 13.71 61.20 -67.47
N GLN Q 811 13.22 60.23 -66.68
CA GLN Q 811 13.41 60.22 -65.22
C GLN Q 811 14.86 59.86 -64.88
N LYS Q 812 15.49 58.95 -65.68
CA LYS Q 812 16.88 58.54 -65.45
C LYS Q 812 17.84 59.69 -65.77
N ILE Q 813 17.54 60.46 -66.82
CA ILE Q 813 18.37 61.62 -67.19
C ILE Q 813 18.21 62.73 -66.12
N ARG Q 814 16.99 62.91 -65.56
CA ARG Q 814 16.76 63.92 -64.52
C ARG Q 814 17.59 63.63 -63.28
N ASP Q 815 17.65 62.35 -62.89
CA ASP Q 815 18.43 61.92 -61.72
C ASP Q 815 19.93 61.97 -62.05
N LEU Q 816 20.31 61.72 -63.31
CA LEU Q 816 21.70 61.78 -63.74
C LEU Q 816 22.21 63.23 -63.76
N LEU Q 817 21.36 64.19 -64.17
CA LEU Q 817 21.70 65.62 -64.17
C LEU Q 817 21.71 66.14 -62.74
N ALA Q 818 20.73 65.76 -61.94
CA ALA Q 818 20.61 66.20 -60.54
C ALA Q 818 21.76 65.65 -59.67
N THR Q 819 22.23 64.41 -59.94
CA THR Q 819 23.31 63.84 -59.14
C THR Q 819 24.66 64.50 -59.50
N VAL Q 820 24.89 64.89 -60.76
CA VAL Q 820 26.15 65.55 -61.11
C VAL Q 820 26.16 66.99 -60.52
N TYR Q 821 25.01 67.73 -60.57
CA TYR Q 821 24.91 69.09 -59.99
C TYR Q 821 25.12 69.05 -58.49
N ARG Q 822 24.75 67.93 -57.83
CA ARG Q 822 24.97 67.79 -56.40
C ARG Q 822 26.46 67.56 -56.15
N LEU Q 823 27.07 66.57 -56.84
CA LEU Q 823 28.49 66.23 -56.67
C LEU Q 823 29.42 67.41 -56.94
N ILE Q 824 29.13 68.18 -57.98
CA ILE Q 824 29.96 69.31 -58.36
C ILE Q 824 29.79 70.48 -57.37
N ALA Q 825 28.57 70.69 -56.85
CA ALA Q 825 28.26 71.75 -55.86
C ALA Q 825 28.86 71.40 -54.49
N ASP Q 826 28.82 70.12 -54.12
CA ASP Q 826 29.39 69.60 -52.86
C ASP Q 826 30.91 69.73 -52.88
N GLY Q 827 31.50 69.73 -54.07
CA GLY Q 827 32.95 69.76 -54.26
C GLY Q 827 33.52 68.38 -54.41
N THR Q 828 32.64 67.34 -54.41
CA THR Q 828 33.03 65.95 -54.58
C THR Q 828 33.80 65.79 -55.89
N LEU Q 829 33.38 66.54 -56.91
CA LEU Q 829 34.04 66.60 -58.21
C LEU Q 829 34.40 68.04 -58.55
N PRO Q 830 35.59 68.26 -59.14
CA PRO Q 830 35.97 69.63 -59.52
C PRO Q 830 35.52 69.91 -60.94
N LEU Q 831 35.05 71.13 -61.19
CA LEU Q 831 34.60 71.49 -62.54
C LEU Q 831 35.80 71.64 -63.50
N PRO Q 832 35.58 71.62 -64.83
CA PRO Q 832 36.70 71.65 -65.78
C PRO Q 832 37.02 73.03 -66.33
N GLU Q 833 37.95 73.08 -67.31
CA GLU Q 833 38.29 74.34 -67.98
C GLU Q 833 37.05 74.85 -68.71
N ILE Q 834 36.54 76.02 -68.31
CA ILE Q 834 35.35 76.60 -68.91
C ILE Q 834 35.74 77.90 -69.59
N THR Q 835 35.60 77.95 -70.93
CA THR Q 835 35.92 79.15 -71.71
C THR Q 835 34.58 79.80 -72.09
N HIS Q 836 34.31 81.02 -71.60
CA HIS Q 836 33.05 81.72 -71.88
C HIS Q 836 33.10 82.51 -73.18
N TYR Q 837 31.99 82.49 -73.95
CA TYR Q 837 31.85 83.20 -75.23
C TYR Q 837 30.49 83.90 -75.29
N PRO Q 838 30.41 85.13 -75.81
CA PRO Q 838 29.10 85.79 -75.94
C PRO Q 838 28.30 85.17 -77.09
N LEU Q 839 26.97 85.33 -77.06
CA LEU Q 839 26.06 84.75 -78.06
C LEU Q 839 26.40 85.20 -79.51
N GLU Q 840 27.00 86.39 -79.66
CA GLU Q 840 27.42 86.94 -80.96
C GLU Q 840 28.55 86.09 -81.58
N GLU Q 841 29.57 85.74 -80.78
CA GLU Q 841 30.72 84.95 -81.20
C GLU Q 841 30.43 83.44 -81.11
N ALA Q 842 29.19 83.02 -81.42
CA ALA Q 842 28.79 81.62 -81.36
C ALA Q 842 29.44 80.81 -82.49
N ALA Q 843 29.46 81.36 -83.71
CA ALA Q 843 30.06 80.69 -84.87
C ALA Q 843 31.58 80.52 -84.72
N THR Q 844 32.27 81.48 -84.09
CA THR Q 844 33.73 81.39 -83.87
C THR Q 844 34.05 80.22 -82.91
N ALA Q 845 33.14 79.91 -81.97
CA ALA Q 845 33.32 78.79 -81.04
C ALA Q 845 33.20 77.44 -81.78
N ILE Q 846 32.36 77.36 -82.84
CA ILE Q 846 32.19 76.11 -83.61
C ILE Q 846 33.46 75.82 -84.47
N ARG Q 847 34.12 76.87 -84.98
CA ARG Q 847 35.34 76.74 -85.77
C ARG Q 847 36.50 76.19 -84.91
N ILE Q 848 36.69 76.74 -83.68
CA ILE Q 848 37.78 76.34 -82.76
C ILE Q 848 37.61 74.87 -82.34
N MET Q 849 36.36 74.48 -81.97
CA MET Q 849 36.01 73.11 -81.57
C MET Q 849 35.94 72.16 -82.81
N GLY Q 850 35.63 72.72 -83.99
CA GLY Q 850 35.59 71.98 -85.24
C GLY Q 850 36.97 71.50 -85.65
N GLY Q 851 37.98 72.37 -85.46
CA GLY Q 851 39.38 72.11 -85.79
C GLY Q 851 40.23 71.44 -84.72
N ALA Q 852 39.65 71.16 -83.55
CA ALA Q 852 40.33 70.51 -82.41
C ALA Q 852 41.39 71.42 -81.76
N GLN Q 853 41.16 72.75 -81.73
CA GLN Q 853 42.06 73.74 -81.12
C GLN Q 853 41.74 73.98 -79.62
N HIS Q 854 40.45 73.88 -79.26
CA HIS Q 854 39.95 74.09 -77.91
C HIS Q 854 40.53 73.14 -76.85
N THR Q 855 40.14 73.40 -75.60
CA THR Q 855 40.43 72.58 -74.42
C THR Q 855 39.32 72.80 -73.39
N GLY Q 856 38.80 71.70 -72.83
CA GLY Q 856 37.74 71.74 -71.83
C GLY Q 856 36.38 72.00 -72.44
N LYS Q 857 35.53 72.80 -71.75
CA LYS Q 857 34.19 73.13 -72.25
C LYS Q 857 34.06 74.61 -72.60
N LEU Q 858 33.10 74.90 -73.49
CA LEU Q 858 32.80 76.26 -73.98
C LEU Q 858 31.32 76.61 -73.67
N VAL Q 859 31.10 77.62 -72.78
CA VAL Q 859 29.78 78.06 -72.28
C VAL Q 859 29.28 79.34 -72.99
N ILE Q 860 28.25 79.22 -73.86
CA ILE Q 860 27.66 80.38 -74.56
C ILE Q 860 26.81 81.21 -73.56
N ASP Q 861 27.05 82.54 -73.47
CA ASP Q 861 26.31 83.45 -72.56
C ASP Q 861 25.06 84.02 -73.22
N ILE Q 862 24.16 84.62 -72.40
CA ILE Q 862 22.89 85.23 -72.83
C ILE Q 862 22.79 86.66 -72.22
N PRO Q 863 22.46 87.74 -73.01
CA PRO Q 863 22.37 89.08 -72.40
C PRO Q 863 21.15 89.25 -71.47
N ASP Q 864 21.38 89.81 -70.26
CA ASP Q 864 20.34 90.03 -69.24
C ASP Q 864 20.28 91.52 -68.87
N PRO R 15 31.38 35.34 -122.50
CA PRO R 15 31.34 36.11 -121.25
C PRO R 15 32.22 35.48 -120.19
N SER R 16 33.38 36.10 -119.92
CA SER R 16 34.30 35.59 -118.90
C SER R 16 35.03 36.71 -118.18
N VAL R 17 35.65 36.33 -117.07
CA VAL R 17 36.45 37.22 -116.24
C VAL R 17 37.61 36.42 -115.67
N SER R 18 38.78 37.05 -115.63
CA SER R 18 39.98 36.41 -115.13
C SER R 18 39.91 36.26 -113.63
N VAL R 19 40.25 35.06 -113.14
CA VAL R 19 40.30 34.78 -111.70
C VAL R 19 41.54 34.00 -111.40
N HIS R 20 41.92 34.01 -110.15
CA HIS R 20 43.09 33.27 -109.72
C HIS R 20 42.74 31.79 -109.67
N PRO R 21 43.63 30.87 -110.03
CA PRO R 21 43.26 29.45 -110.03
C PRO R 21 42.77 28.93 -108.67
N LEU R 22 43.51 29.26 -107.59
CA LEU R 22 43.12 28.83 -106.25
C LEU R 22 42.11 29.76 -105.64
N LEU R 23 42.50 31.04 -105.38
CA LEU R 23 41.63 32.04 -104.75
C LEU R 23 40.24 32.03 -105.36
N GLY R 24 40.16 32.11 -106.67
CA GLY R 24 38.90 32.07 -107.40
C GLY R 24 38.19 33.40 -107.44
N SER R 25 36.85 33.36 -107.29
CA SER R 25 36.01 34.54 -107.38
C SER R 25 36.25 35.48 -106.21
N HIS R 26 36.42 36.76 -106.53
CA HIS R 26 36.79 37.83 -105.61
C HIS R 26 35.66 38.81 -105.44
N VAL R 27 35.38 39.15 -104.18
CA VAL R 27 34.39 40.14 -103.84
C VAL R 27 34.91 41.01 -102.70
N VAL R 28 34.81 42.33 -102.88
CA VAL R 28 35.17 43.31 -101.86
C VAL R 28 33.90 43.65 -101.17
N LEU R 29 33.85 43.50 -99.84
CA LEU R 29 32.63 43.69 -99.10
C LEU R 29 32.27 45.16 -98.99
N PRO R 30 30.96 45.47 -99.00
CA PRO R 30 30.52 46.86 -98.88
C PRO R 30 30.54 47.32 -97.43
N GLN R 31 31.76 47.60 -96.95
CA GLN R 31 31.98 48.03 -95.57
C GLN R 31 33.38 48.59 -95.38
N GLU R 32 33.54 49.40 -94.34
CA GLU R 32 34.83 49.95 -93.95
C GLU R 32 35.35 49.10 -92.78
N PRO R 33 36.61 48.66 -92.81
CA PRO R 33 37.68 48.95 -93.76
C PRO R 33 37.63 48.07 -95.01
N GLU R 34 38.50 48.40 -95.99
CA GLU R 34 38.64 47.67 -97.25
C GLU R 34 38.79 46.19 -96.88
N GLU R 35 37.70 45.41 -97.01
CA GLU R 35 37.72 43.99 -96.70
C GLU R 35 37.41 43.17 -97.94
N HIS R 36 38.33 42.26 -98.29
CA HIS R 36 38.24 41.41 -99.47
C HIS R 36 37.83 40.01 -99.08
N LEU R 37 37.36 39.25 -100.06
CA LEU R 37 36.90 37.89 -99.82
C LEU R 37 36.89 37.07 -101.10
N TRP R 38 37.62 35.95 -101.09
CA TRP R 38 37.64 35.02 -102.22
C TRP R 38 37.03 33.71 -101.82
N GLN R 39 36.48 33.00 -102.79
CA GLN R 39 35.93 31.66 -102.61
C GLN R 39 36.45 30.84 -103.76
N GLY R 40 37.05 29.69 -103.45
CA GLY R 40 37.60 28.85 -104.51
C GLY R 40 37.74 27.40 -104.15
N ASP R 41 37.79 26.55 -105.18
CA ASP R 41 37.92 25.11 -105.03
C ASP R 41 39.37 24.73 -105.15
N VAL R 42 39.81 23.83 -104.25
CA VAL R 42 41.16 23.28 -104.24
C VAL R 42 41.03 21.74 -104.27
N GLY R 43 39.95 21.26 -104.89
CA GLY R 43 39.65 19.83 -104.98
C GLY R 43 40.46 19.16 -106.05
N THR R 44 40.56 17.83 -105.98
CA THR R 44 41.34 17.05 -106.94
C THR R 44 40.66 17.04 -108.33
N GLU R 45 39.33 17.24 -108.41
CA GLU R 45 38.64 17.30 -109.71
C GLU R 45 38.98 18.62 -110.39
N ALA R 46 38.95 19.72 -109.63
CA ALA R 46 39.30 21.06 -110.13
C ALA R 46 40.79 21.18 -110.46
N HIS R 47 41.67 20.73 -109.55
CA HIS R 47 43.13 20.77 -109.70
C HIS R 47 43.71 19.36 -109.57
N PRO R 48 43.73 18.60 -110.68
CA PRO R 48 44.23 17.21 -110.64
C PRO R 48 45.61 17.06 -110.02
N TRP R 49 46.54 17.92 -110.42
CA TRP R 49 47.90 17.92 -109.91
C TRP R 49 47.99 17.93 -108.37
N LEU R 50 46.98 18.45 -107.64
CA LEU R 50 47.01 18.44 -106.15
C LEU R 50 46.92 17.03 -105.55
N SER R 51 46.42 16.04 -106.31
CA SER R 51 46.36 14.64 -105.83
C SER R 51 47.78 14.04 -105.70
N ASP R 52 48.77 14.58 -106.44
CA ASP R 52 50.15 14.11 -106.41
C ASP R 52 50.84 14.43 -105.06
N HIS R 53 50.35 15.43 -104.28
CA HIS R 53 50.91 15.72 -102.95
C HIS R 53 50.01 15.03 -101.94
N ARG R 54 50.53 14.00 -101.24
CA ARG R 54 49.74 13.23 -100.30
C ARG R 54 50.54 12.76 -99.08
N VAL R 55 49.99 12.95 -97.85
CA VAL R 55 50.64 12.57 -96.59
C VAL R 55 49.93 11.36 -96.01
N HIS R 56 50.67 10.24 -95.89
CA HIS R 56 50.19 8.95 -95.39
C HIS R 56 49.09 8.41 -96.33
N GLN R 57 49.35 8.50 -97.67
CA GLN R 57 48.48 8.05 -98.77
C GLN R 57 47.13 8.81 -98.88
N VAL R 58 47.02 10.02 -98.30
CA VAL R 58 45.81 10.84 -98.39
C VAL R 58 46.19 12.18 -99.00
N ALA R 59 45.48 12.62 -100.05
CA ALA R 59 45.78 13.90 -100.69
C ALA R 59 45.54 15.05 -99.74
N VAL R 60 46.55 15.93 -99.57
CA VAL R 60 46.46 17.10 -98.69
C VAL R 60 46.99 18.34 -99.41
N LEU R 61 46.51 19.51 -98.97
CA LEU R 61 46.94 20.77 -99.55
C LEU R 61 48.33 21.09 -99.03
N PRO R 62 49.33 21.29 -99.92
CA PRO R 62 50.68 21.60 -99.44
C PRO R 62 50.78 22.99 -98.82
N GLY R 63 51.80 23.20 -98.01
CA GLY R 63 52.03 24.50 -97.40
C GLY R 63 52.15 25.58 -98.46
N ALA R 64 52.93 25.25 -99.51
CA ALA R 64 53.16 26.11 -100.68
C ALA R 64 51.86 26.67 -101.31
N ALA R 65 50.72 25.97 -101.18
CA ALA R 65 49.46 26.46 -101.73
C ALA R 65 49.03 27.73 -101.01
N TYR R 66 49.12 27.75 -99.68
CA TYR R 66 48.75 28.93 -98.90
C TYR R 66 49.72 30.10 -99.15
N CYS R 67 51.00 29.79 -99.44
CA CYS R 67 52.00 30.82 -99.77
C CYS R 67 51.54 31.60 -100.97
N GLU R 68 51.22 30.87 -102.04
CA GLU R 68 50.74 31.45 -103.28
C GLU R 68 49.48 32.28 -103.04
N MET R 69 48.53 31.73 -102.28
CA MET R 69 47.28 32.42 -101.95
C MET R 69 47.57 33.76 -101.27
N ALA R 70 48.52 33.78 -100.32
CA ALA R 70 48.89 35.01 -99.62
C ALA R 70 49.52 36.01 -100.58
N LEU R 71 50.52 35.57 -101.36
CA LEU R 71 51.20 36.40 -102.34
C LEU R 71 50.22 36.98 -103.37
N ALA R 72 49.26 36.14 -103.79
CA ALA R 72 48.24 36.55 -104.75
C ALA R 72 47.35 37.65 -104.19
N ALA R 73 46.95 37.50 -102.92
CA ALA R 73 46.07 38.45 -102.23
C ALA R 73 46.72 39.79 -101.87
N VAL R 74 48.05 39.97 -102.07
CA VAL R 74 48.73 41.22 -101.72
C VAL R 74 48.30 42.36 -102.62
N THR R 75 48.60 42.23 -103.92
CA THR R 75 48.36 43.26 -104.94
C THR R 75 46.91 43.77 -104.96
N PRO R 76 45.86 42.91 -104.93
CA PRO R 76 44.50 43.44 -104.96
C PRO R 76 44.10 44.26 -103.73
N VAL R 77 44.55 43.84 -102.54
CA VAL R 77 44.21 44.53 -101.29
C VAL R 77 45.04 45.81 -101.23
N LEU R 78 46.36 45.64 -101.20
CA LEU R 78 47.36 46.70 -101.16
C LEU R 78 47.87 46.91 -102.60
N GLY R 79 47.29 47.89 -103.31
CA GLY R 79 47.61 48.19 -104.71
C GLY R 79 49.03 48.64 -104.93
N ASP R 80 49.98 47.70 -104.77
CA ASP R 80 51.41 47.96 -104.84
C ASP R 80 52.19 46.64 -104.74
N THR R 81 53.51 46.79 -104.68
CA THR R 81 54.48 45.74 -104.43
C THR R 81 54.42 45.42 -102.95
N GLY R 82 54.27 44.15 -102.59
CA GLY R 82 54.22 43.81 -101.17
C GLY R 82 54.82 42.50 -100.76
N GLU R 83 54.86 42.32 -99.44
CA GLU R 83 55.40 41.17 -98.73
C GLU R 83 54.30 40.44 -98.03
N VAL R 84 54.60 39.24 -97.57
CA VAL R 84 53.70 38.41 -96.78
C VAL R 84 54.45 38.09 -95.52
N HIS R 85 54.05 38.67 -94.38
CA HIS R 85 54.73 38.43 -93.11
C HIS R 85 54.01 37.42 -92.25
N ASP R 86 54.79 36.75 -91.39
CA ASP R 86 54.33 35.82 -90.37
C ASP R 86 53.21 34.90 -90.87
N LEU R 87 53.48 34.19 -91.94
CA LEU R 87 52.55 33.23 -92.53
C LEU R 87 52.58 31.97 -91.69
N LYS R 88 51.43 31.51 -91.18
CA LYS R 88 51.36 30.29 -90.36
C LYS R 88 50.38 29.30 -90.98
N PHE R 89 50.71 28.00 -90.91
CA PHE R 89 49.86 26.91 -91.41
C PHE R 89 49.33 26.15 -90.19
N HIS R 90 47.99 26.13 -90.00
CA HIS R 90 47.36 25.53 -88.83
C HIS R 90 47.06 24.06 -89.12
N ASP R 91 45.78 23.69 -89.33
CA ASP R 91 45.39 22.30 -89.56
C ASP R 91 45.70 21.90 -91.00
N MET R 92 45.85 20.59 -91.21
CA MET R 92 46.18 20.03 -92.51
C MET R 92 44.91 19.82 -93.31
N LEU R 93 44.79 20.48 -94.48
CA LEU R 93 43.57 20.37 -95.28
C LEU R 93 43.62 19.09 -96.09
N LEU R 94 42.63 18.22 -95.91
CA LEU R 94 42.53 16.97 -96.64
C LEU R 94 41.61 17.19 -97.80
N LEU R 95 42.09 16.87 -98.99
CA LEU R 95 41.39 17.16 -100.22
C LEU R 95 40.50 16.03 -100.68
N ASP R 96 39.37 16.43 -101.26
CA ASP R 96 38.35 15.59 -101.89
C ASP R 96 38.27 16.02 -103.36
N ASP R 97 37.27 15.52 -104.10
CA ASP R 97 37.05 15.91 -105.50
C ASP R 97 36.71 17.42 -105.57
N ALA R 98 35.96 17.91 -104.56
CA ALA R 98 35.63 19.32 -104.41
C ALA R 98 35.88 19.73 -102.96
N THR R 99 36.75 20.73 -102.78
CA THR R 99 37.16 21.23 -101.48
C THR R 99 37.05 22.77 -101.53
N PRO R 100 35.89 23.35 -101.19
CA PRO R 100 35.77 24.81 -101.24
C PRO R 100 36.53 25.45 -100.09
N VAL R 101 37.17 26.58 -100.37
CA VAL R 101 38.03 27.30 -99.43
C VAL R 101 37.78 28.79 -99.54
N TRP R 102 37.79 29.48 -98.40
CA TRP R 102 37.55 30.92 -98.36
C TRP R 102 38.73 31.72 -97.85
N VAL R 103 39.32 32.52 -98.73
CA VAL R 103 40.40 33.43 -98.37
C VAL R 103 39.77 34.76 -98.01
N SER R 104 40.40 35.50 -97.12
CA SER R 104 39.83 36.78 -96.69
C SER R 104 40.91 37.69 -96.13
N ALA R 105 41.04 38.90 -96.69
CA ALA R 105 42.00 39.90 -96.25
C ALA R 105 41.28 41.16 -95.86
N ALA R 106 41.75 41.83 -94.81
CA ALA R 106 41.13 43.06 -94.31
C ALA R 106 42.16 44.05 -93.93
N VAL R 107 42.02 45.29 -94.39
CA VAL R 107 42.98 46.33 -94.09
C VAL R 107 42.79 46.75 -92.64
N THR R 108 43.87 46.68 -91.86
CA THR R 108 43.89 47.05 -90.45
C THR R 108 44.40 48.47 -90.30
N ALA R 109 45.59 48.71 -90.86
CA ALA R 109 46.28 49.98 -90.89
C ALA R 109 46.75 50.27 -92.31
N PRO R 110 47.08 51.52 -92.68
CA PRO R 110 47.52 51.76 -94.07
C PRO R 110 48.78 50.99 -94.42
N GLY R 111 48.73 50.29 -95.54
CA GLY R 111 49.81 49.44 -96.00
C GLY R 111 49.98 48.17 -95.21
N THR R 112 48.90 47.73 -94.52
CA THR R 112 48.90 46.52 -93.70
C THR R 112 47.56 45.85 -93.77
N ALA R 113 47.51 44.52 -93.73
CA ALA R 113 46.24 43.80 -93.79
C ALA R 113 46.34 42.40 -93.22
N GLU R 114 45.29 41.98 -92.51
CA GLU R 114 45.21 40.64 -91.92
C GLU R 114 44.68 39.68 -92.95
N PHE R 115 45.38 38.56 -93.19
CA PHE R 115 45.02 37.53 -94.18
C PHE R 115 44.58 36.25 -93.49
N GLY R 116 43.75 35.45 -94.17
CA GLY R 116 43.25 34.21 -93.58
C GLY R 116 42.48 33.26 -94.47
N VAL R 117 43.00 32.02 -94.61
CA VAL R 117 42.39 30.94 -95.39
C VAL R 117 41.69 29.99 -94.44
N GLU R 118 40.38 29.80 -94.65
CA GLU R 118 39.54 28.93 -93.81
C GLU R 118 38.66 28.05 -94.66
N THR R 119 38.08 27.02 -94.04
CA THR R 119 37.18 26.11 -94.74
C THR R 119 35.99 25.81 -93.81
N HIS R 120 34.80 25.79 -94.38
CA HIS R 120 33.52 25.63 -93.71
C HIS R 120 32.93 24.26 -94.05
N GLN R 121 32.67 23.44 -93.01
CA GLN R 121 32.13 22.08 -93.17
C GLN R 121 30.99 21.81 -92.17
N SER R 122 29.74 21.75 -92.67
CA SER R 122 28.53 21.47 -91.88
C SER R 122 28.23 22.56 -90.82
N GLY R 123 28.67 23.79 -91.09
CA GLY R 123 28.52 24.93 -90.17
C GLY R 123 29.79 25.28 -89.40
N ASP R 124 30.70 24.28 -89.23
CA ASP R 124 31.94 24.40 -88.46
C ASP R 124 33.10 24.94 -89.30
N ARG R 125 33.52 26.19 -89.02
CA ARG R 125 34.64 26.84 -89.70
C ARG R 125 35.95 26.29 -89.14
N THR R 126 36.96 26.09 -90.01
CA THR R 126 38.27 25.57 -89.62
C THR R 126 39.34 26.43 -90.25
N GLN R 127 40.10 27.18 -89.44
CA GLN R 127 41.16 28.05 -89.96
C GLN R 127 42.34 27.19 -90.38
N ARG R 128 42.78 27.34 -91.63
CA ARG R 128 43.86 26.55 -92.22
C ARG R 128 45.17 27.31 -92.34
N ALA R 129 45.13 28.66 -92.47
CA ALA R 129 46.34 29.46 -92.53
C ALA R 129 46.02 30.94 -92.31
N THR R 130 46.98 31.69 -91.70
CA THR R 130 46.84 33.13 -91.43
C THR R 130 48.17 33.84 -91.60
N ALA R 131 48.13 35.10 -92.05
CA ALA R 131 49.33 35.91 -92.27
C ALA R 131 49.01 37.39 -92.19
N VAL R 132 50.02 38.22 -92.50
CA VAL R 132 49.89 39.67 -92.56
C VAL R 132 50.46 40.12 -93.88
N LEU R 133 49.72 40.95 -94.60
CA LEU R 133 50.16 41.47 -95.90
C LEU R 133 50.68 42.88 -95.69
N ARG R 134 51.81 43.23 -96.32
CA ARG R 134 52.40 44.55 -96.17
C ARG R 134 52.85 45.10 -97.52
N GLY R 135 52.48 46.34 -97.81
CA GLY R 135 52.83 47.04 -99.05
C GLY R 135 53.86 48.15 -98.89
N ASP R 136 53.93 48.74 -97.68
CA ASP R 136 54.86 49.81 -97.29
C ASP R 136 56.35 49.41 -97.42
N VAL R 137 56.65 48.10 -97.34
CA VAL R 137 58.01 47.54 -97.43
C VAL R 137 58.76 48.04 -98.68
N ASP R 138 60.07 48.27 -98.51
CA ASP R 138 60.95 48.81 -99.55
C ASP R 138 61.39 47.74 -100.54
N ALA R 139 61.59 48.18 -101.80
CA ALA R 139 62.02 47.33 -102.91
C ALA R 139 63.52 47.03 -102.79
N GLU R 140 63.83 46.04 -101.95
CA GLU R 140 65.19 45.61 -101.68
C GLU R 140 65.40 44.24 -102.34
N ARG R 141 65.57 44.25 -103.67
CA ARG R 141 65.75 43.03 -104.45
C ARG R 141 67.16 42.51 -104.23
N PRO R 142 67.32 41.27 -103.72
CA PRO R 142 68.69 40.77 -103.53
C PRO R 142 69.42 40.64 -104.85
N ALA R 143 70.70 40.99 -104.85
CA ALA R 143 71.51 40.96 -106.06
C ALA R 143 71.63 39.57 -106.60
N ALA R 144 71.70 39.48 -107.93
CA ALA R 144 71.81 38.23 -108.66
C ALA R 144 73.05 37.47 -108.24
N HIS R 145 72.98 36.15 -108.36
CA HIS R 145 74.06 35.26 -107.99
C HIS R 145 74.76 34.72 -109.22
N SER R 146 75.94 34.17 -109.02
CA SER R 146 76.72 33.54 -110.09
C SER R 146 76.42 32.07 -110.04
N ILE R 147 75.56 31.62 -110.96
CA ILE R 147 75.14 30.22 -110.99
C ILE R 147 76.35 29.31 -111.19
N ASP R 148 77.32 29.73 -112.01
CA ASP R 148 78.52 28.93 -112.25
C ASP R 148 79.33 28.76 -110.95
N ALA R 149 79.59 29.88 -110.25
CA ALA R 149 80.34 29.87 -108.98
C ALA R 149 79.62 29.14 -107.87
N LEU R 150 78.28 29.30 -107.79
CA LEU R 150 77.47 28.59 -106.80
C LEU R 150 77.62 27.10 -106.98
N LEU R 151 77.43 26.62 -108.21
CA LEU R 151 77.51 25.19 -108.53
C LEU R 151 78.93 24.66 -108.38
N ALA R 152 79.94 25.52 -108.59
CA ALA R 152 81.33 25.13 -108.38
C ALA R 152 81.62 24.97 -106.89
N ALA R 153 81.03 25.85 -106.05
CA ALA R 153 81.20 25.80 -104.59
C ALA R 153 80.43 24.63 -103.94
N HIS R 154 79.43 24.04 -104.64
CA HIS R 154 78.65 22.89 -104.17
C HIS R 154 78.86 21.72 -105.14
N PRO R 155 79.91 20.92 -104.93
CA PRO R 155 80.19 19.81 -105.86
C PRO R 155 79.38 18.54 -105.60
N ASN R 156 79.10 18.21 -104.32
CA ASN R 156 78.40 16.99 -103.95
C ASN R 156 76.94 17.03 -104.44
N ARG R 157 76.62 16.20 -105.44
CA ARG R 157 75.29 16.13 -106.04
C ARG R 157 74.38 15.14 -105.29
N VAL R 158 73.09 15.49 -105.15
CA VAL R 158 72.04 14.68 -104.52
C VAL R 158 70.92 14.50 -105.54
N ASP R 159 70.58 13.26 -105.94
CA ASP R 159 69.52 13.06 -106.94
C ASP R 159 68.15 13.37 -106.33
N GLY R 160 67.27 13.94 -107.16
CA GLY R 160 65.92 14.32 -106.76
C GLY R 160 65.05 13.11 -106.47
N ASP R 161 65.10 12.10 -107.35
CA ASP R 161 64.31 10.87 -107.19
C ASP R 161 64.72 10.12 -105.92
N GLU R 162 66.04 10.07 -105.64
CA GLU R 162 66.62 9.45 -104.45
C GLU R 162 66.12 10.14 -103.17
N LEU R 163 66.01 11.48 -103.20
CA LEU R 163 65.51 12.27 -102.07
C LEU R 163 63.99 12.09 -101.93
N ARG R 164 63.25 12.11 -103.07
CA ARG R 164 61.78 11.94 -103.07
C ARG R 164 61.40 10.51 -102.66
N ALA R 165 62.30 9.53 -102.83
CA ALA R 165 62.08 8.18 -102.35
C ALA R 165 62.21 8.16 -100.82
N GLY R 166 63.17 8.94 -100.30
CA GLY R 166 63.39 9.13 -98.87
C GLY R 166 62.19 9.76 -98.18
N PHE R 167 61.50 10.68 -98.89
CA PHE R 167 60.28 11.30 -98.37
C PHE R 167 59.15 10.28 -98.22
N GLY R 168 59.06 9.35 -99.17
CA GLY R 168 58.05 8.29 -99.16
C GLY R 168 58.11 7.35 -97.96
N THR R 169 59.30 7.20 -97.34
CA THR R 169 59.45 6.33 -96.16
C THR R 169 58.77 6.94 -94.93
N VAL R 170 58.88 8.28 -94.70
CA VAL R 170 58.23 8.95 -93.55
C VAL R 170 56.68 9.09 -93.75
N GLY R 171 56.19 8.98 -94.99
CA GLY R 171 54.77 9.07 -95.32
C GLY R 171 54.39 10.13 -96.34
N ILE R 172 55.32 11.05 -96.70
CA ILE R 172 55.06 12.14 -97.63
C ILE R 172 55.31 11.67 -99.07
N GLY R 173 54.22 11.58 -99.84
CA GLY R 173 54.26 11.17 -101.24
C GLY R 173 54.20 12.34 -102.19
N HIS R 174 55.25 12.50 -103.01
CA HIS R 174 55.35 13.54 -104.02
C HIS R 174 55.25 12.90 -105.40
N GLY R 175 54.12 13.09 -106.06
CA GLY R 175 53.88 12.54 -107.39
C GLY R 175 54.54 13.33 -108.49
N ALA R 176 54.15 13.06 -109.74
CA ALA R 176 54.69 13.67 -110.95
C ALA R 176 54.78 15.20 -110.88
N ALA R 177 53.70 15.84 -110.43
CA ALA R 177 53.60 17.30 -110.30
C ALA R 177 54.61 17.89 -109.32
N PHE R 178 54.84 17.20 -108.20
CA PHE R 178 55.72 17.67 -107.15
C PHE R 178 57.16 17.14 -107.31
N ALA R 179 57.50 16.58 -108.50
CA ALA R 179 58.83 16.08 -108.79
C ALA R 179 59.66 17.11 -109.56
N GLY R 180 59.48 18.40 -109.28
CA GLY R 180 60.21 19.47 -109.95
C GLY R 180 61.69 19.49 -109.62
N LEU R 181 62.06 19.05 -108.39
CA LEU R 181 63.45 19.02 -107.96
C LEU R 181 64.22 17.96 -108.73
N SER R 182 65.07 18.39 -109.66
CA SER R 182 65.86 17.51 -110.50
C SER R 182 67.03 16.92 -109.72
N GLU R 183 67.80 17.79 -109.08
CA GLU R 183 68.98 17.42 -108.31
C GLU R 183 69.45 18.60 -107.45
N ALA R 184 69.94 18.31 -106.23
CA ALA R 184 70.41 19.34 -105.31
C ALA R 184 71.90 19.20 -105.06
N TYR R 185 72.65 20.30 -105.22
CA TYR R 185 74.09 20.32 -105.02
C TYR R 185 74.40 20.86 -103.63
N VAL R 186 75.22 20.13 -102.87
CA VAL R 186 75.62 20.50 -101.51
C VAL R 186 77.15 20.43 -101.39
N ALA R 187 77.67 20.59 -100.17
CA ALA R 187 79.09 20.47 -99.92
C ALA R 187 79.31 19.67 -98.64
N THR R 188 79.22 20.31 -97.45
CA THR R 188 79.41 19.66 -96.15
C THR R 188 78.39 20.22 -95.16
N ALA R 189 78.47 19.82 -93.89
CA ALA R 189 77.61 20.36 -92.84
C ALA R 189 78.05 21.78 -92.47
N ALA R 190 79.37 22.07 -92.52
CA ALA R 190 79.96 23.38 -92.22
C ALA R 190 79.41 24.45 -93.15
N GLU R 191 79.24 24.10 -94.44
CA GLU R 191 78.68 24.99 -95.47
C GLU R 191 77.16 24.95 -95.32
N PRO R 192 76.47 26.07 -94.99
CA PRO R 192 75.03 26.00 -94.72
C PRO R 192 74.12 26.23 -95.91
N THR R 193 74.59 26.07 -97.17
CA THR R 193 73.75 26.34 -98.34
C THR R 193 73.55 25.14 -99.26
N VAL R 194 72.46 25.20 -100.05
CA VAL R 194 72.07 24.18 -101.02
C VAL R 194 71.68 24.86 -102.32
N VAL R 195 72.33 24.48 -103.42
CA VAL R 195 71.98 24.99 -104.74
C VAL R 195 71.16 23.89 -105.37
N ALA R 196 69.88 24.12 -105.60
CA ALA R 196 69.00 23.10 -106.15
C ALA R 196 68.58 23.44 -107.57
N ALA R 197 68.38 22.41 -108.40
CA ALA R 197 67.98 22.58 -109.79
C ALA R 197 66.51 22.22 -109.95
N VAL R 198 65.63 23.15 -109.55
CA VAL R 198 64.18 22.96 -109.62
C VAL R 198 63.64 23.49 -110.94
N ALA R 199 62.45 23.02 -111.31
CA ALA R 199 61.79 23.42 -112.54
C ALA R 199 60.39 22.85 -112.56
N LEU R 200 59.39 23.68 -112.90
CA LEU R 200 58.00 23.22 -112.96
C LEU R 200 57.83 22.13 -114.03
N PRO R 201 57.34 20.92 -113.68
CA PRO R 201 57.18 19.86 -114.70
C PRO R 201 56.38 20.27 -115.94
N GLY R 202 56.74 19.67 -117.08
CA GLY R 202 56.15 19.91 -118.39
C GLY R 202 54.64 20.01 -118.48
N PRO R 203 53.87 19.08 -117.86
CA PRO R 203 52.40 19.19 -117.94
C PRO R 203 51.85 20.47 -117.33
N LEU R 204 52.44 20.89 -116.20
CA LEU R 204 52.03 22.08 -115.46
C LEU R 204 52.47 23.39 -116.12
N ARG R 205 53.43 23.36 -117.07
CA ARG R 205 53.90 24.59 -117.75
C ARG R 205 52.75 25.27 -118.51
N SER R 206 51.79 24.48 -119.03
CA SER R 206 50.58 25.02 -119.66
C SER R 206 49.73 25.74 -118.60
N GLY R 207 49.61 25.09 -117.45
CA GLY R 207 48.88 25.59 -116.30
C GLY R 207 49.65 26.55 -115.39
N GLN R 208 50.55 27.41 -115.94
CA GLN R 208 51.27 28.44 -115.16
C GLN R 208 50.32 29.62 -114.92
N ARG R 209 49.26 29.72 -115.77
CA ARG R 209 48.10 30.60 -115.68
C ARG R 209 48.39 31.93 -114.94
N GLY R 210 47.70 32.19 -113.81
CA GLY R 210 47.83 33.42 -113.04
C GLY R 210 48.44 33.19 -111.67
N TYR R 211 49.41 32.28 -111.60
CA TYR R 211 50.12 32.00 -110.36
C TYR R 211 51.31 32.95 -110.21
N THR R 212 51.45 33.59 -109.03
CA THR R 212 52.63 34.39 -108.70
C THR R 212 53.83 33.43 -108.74
N VAL R 213 53.64 32.27 -108.09
CA VAL R 213 54.54 31.12 -108.08
C VAL R 213 53.69 29.86 -108.04
N HIS R 214 53.97 28.86 -108.89
CA HIS R 214 53.16 27.64 -108.88
C HIS R 214 53.44 26.87 -107.61
N PRO R 215 52.43 26.43 -106.83
CA PRO R 215 52.73 25.72 -105.58
C PRO R 215 53.53 24.42 -105.76
N ALA R 216 53.39 23.75 -106.92
CA ALA R 216 54.15 22.54 -107.24
C ALA R 216 55.65 22.83 -107.25
N LEU R 217 56.00 23.99 -107.83
CA LEU R 217 57.38 24.48 -107.93
C LEU R 217 57.92 24.94 -106.59
N LEU R 218 57.14 25.75 -105.85
CA LEU R 218 57.57 26.25 -104.55
C LEU R 218 57.74 25.10 -103.56
N ASP R 219 56.92 24.02 -103.64
CA ASP R 219 57.10 22.87 -102.74
C ASP R 219 58.37 22.11 -103.11
N ALA R 220 58.74 22.07 -104.41
CA ALA R 220 59.98 21.43 -104.84
C ALA R 220 61.22 22.20 -104.30
N CYS R 221 61.07 23.50 -104.02
CA CYS R 221 62.13 24.30 -103.41
C CYS R 221 62.25 23.95 -101.93
N PHE R 222 61.10 23.72 -101.27
CA PHE R 222 61.10 23.33 -99.86
C PHE R 222 61.74 21.94 -99.71
N GLN R 223 61.48 21.01 -100.66
CA GLN R 223 62.09 19.68 -100.65
C GLN R 223 63.62 19.79 -100.66
N SER R 224 64.13 20.74 -101.47
CA SER R 224 65.56 21.03 -101.65
C SER R 224 66.30 21.30 -100.31
N VAL R 225 65.61 21.86 -99.30
CA VAL R 225 66.20 22.14 -97.98
C VAL R 225 66.65 20.85 -97.29
N ILE R 226 65.89 19.76 -97.48
CA ILE R 226 66.15 18.46 -96.85
C ILE R 226 67.41 17.80 -97.42
N ALA R 227 67.83 18.18 -98.65
CA ALA R 227 69.06 17.65 -99.27
C ALA R 227 70.33 18.04 -98.49
N HIS R 228 70.27 19.09 -97.63
CA HIS R 228 71.43 19.55 -96.86
C HIS R 228 71.91 18.46 -95.90
N PRO R 229 73.23 18.21 -95.79
CA PRO R 229 73.72 17.14 -94.88
C PRO R 229 73.39 17.37 -93.41
N GLU R 230 73.51 18.61 -92.91
CA GLU R 230 73.20 18.93 -91.51
C GLU R 230 71.72 18.60 -91.19
N VAL R 231 70.81 18.73 -92.17
CA VAL R 231 69.39 18.40 -91.99
C VAL R 231 69.21 16.88 -91.95
N GLN R 232 69.83 16.18 -92.90
CA GLN R 232 69.78 14.71 -92.99
C GLN R 232 70.26 14.06 -91.69
N ASN R 233 71.40 14.55 -91.18
CA ASN R 233 72.03 14.02 -89.96
C ASN R 233 71.20 14.31 -88.71
N ILE R 234 70.84 15.60 -88.48
CA ILE R 234 70.10 16.00 -87.27
C ILE R 234 68.63 15.56 -87.39
N ALA R 235 67.77 16.31 -88.14
CA ALA R 235 66.35 15.99 -88.26
C ALA R 235 66.14 14.80 -89.19
N SER R 236 66.20 13.58 -88.62
CA SER R 236 65.97 12.33 -89.33
C SER R 236 64.56 11.79 -89.02
N GLY R 237 63.56 12.63 -89.24
CA GLY R 237 62.15 12.31 -89.02
C GLY R 237 61.29 12.95 -90.09
N MET R 238 59.98 13.06 -89.85
CA MET R 238 59.06 13.68 -90.79
C MET R 238 59.21 15.20 -90.71
N LEU R 239 59.22 15.89 -91.88
CA LEU R 239 59.40 17.33 -91.94
C LEU R 239 58.40 17.95 -92.92
N LEU R 240 57.48 18.78 -92.40
CA LEU R 240 56.44 19.50 -93.16
C LEU R 240 56.48 20.98 -92.82
N PRO R 241 55.86 21.86 -93.63
CA PRO R 241 55.92 23.30 -93.34
C PRO R 241 54.93 23.73 -92.26
N LEU R 242 55.41 24.55 -91.31
CA LEU R 242 54.64 25.15 -90.23
C LEU R 242 54.27 26.60 -90.53
N GLY R 243 55.18 27.33 -91.19
CA GLY R 243 54.97 28.72 -91.57
C GLY R 243 56.11 29.33 -92.37
N VAL R 244 56.04 30.66 -92.62
CA VAL R 244 57.09 31.45 -93.30
C VAL R 244 57.13 32.87 -92.67
N ARG R 245 58.32 33.37 -92.28
CA ARG R 245 58.42 34.70 -91.67
C ARG R 245 58.20 35.83 -92.66
N ARG R 246 58.77 35.74 -93.87
CA ARG R 246 58.66 36.80 -94.87
C ARG R 246 58.75 36.23 -96.27
N LEU R 247 57.77 36.56 -97.11
CA LEU R 247 57.66 36.10 -98.50
C LEU R 247 57.47 37.28 -99.43
N ARG R 248 58.32 37.41 -100.45
CA ARG R 248 58.21 38.48 -101.44
C ARG R 248 58.52 37.95 -102.81
N ALA R 249 57.76 38.39 -103.80
CA ALA R 249 57.99 38.04 -105.19
C ALA R 249 58.51 39.28 -105.91
N TYR R 250 59.65 39.16 -106.56
CA TYR R 250 60.28 40.28 -107.26
C TYR R 250 59.91 40.30 -108.75
N GLY R 251 59.63 39.12 -109.32
CA GLY R 251 59.26 39.00 -110.73
C GLY R 251 58.47 37.75 -111.03
N SER R 252 58.50 37.35 -112.31
CA SER R 252 57.80 36.14 -112.75
C SER R 252 58.65 34.94 -112.47
N THR R 253 58.07 33.93 -111.86
CA THR R 253 58.77 32.70 -111.55
C THR R 253 58.67 31.68 -112.71
N ARG R 254 58.20 32.10 -113.90
CA ARG R 254 58.00 31.22 -115.07
C ARG R 254 59.32 30.57 -115.51
N ASN R 255 60.37 31.37 -115.55
CA ASN R 255 61.69 30.96 -116.02
C ASN R 255 62.66 30.61 -114.85
N VAL R 256 62.14 30.26 -113.65
CA VAL R 256 63.01 29.84 -112.53
C VAL R 256 63.58 28.44 -112.84
N ARG R 257 64.91 28.30 -112.76
CA ARG R 257 65.62 27.05 -113.00
C ARG R 257 66.39 26.57 -111.75
N TYR R 258 66.60 27.44 -110.73
CA TYR R 258 67.35 27.09 -109.53
C TYR R 258 66.71 27.62 -108.26
N CYS R 259 67.10 27.03 -107.14
CA CYS R 259 66.66 27.45 -105.82
C CYS R 259 67.82 27.39 -104.85
N LEU R 260 68.27 28.56 -104.37
CA LEU R 260 69.35 28.66 -103.42
C LEU R 260 68.80 28.69 -102.00
N SER R 261 69.01 27.61 -101.23
CA SER R 261 68.54 27.49 -99.84
C SER R 261 69.68 27.75 -98.88
N ARG R 262 69.35 28.14 -97.63
CA ARG R 262 70.33 28.41 -96.57
C ARG R 262 69.78 27.96 -95.24
N ILE R 263 70.52 27.15 -94.48
CA ILE R 263 70.05 26.67 -93.18
C ILE R 263 70.35 27.69 -92.11
N VAL R 264 69.30 28.18 -91.45
CA VAL R 264 69.42 29.14 -90.36
C VAL R 264 69.65 28.38 -89.06
N LYS R 265 68.78 27.38 -88.81
CA LYS R 265 68.81 26.54 -87.61
C LYS R 265 68.45 25.09 -87.99
N ALA R 266 69.19 24.12 -87.44
CA ALA R 266 69.00 22.68 -87.66
C ALA R 266 68.98 21.99 -86.29
N ASP R 267 67.77 21.68 -85.81
CA ASP R 267 67.55 21.06 -84.52
C ASP R 267 66.73 19.78 -84.67
N SER R 268 66.73 18.94 -83.63
CA SER R 268 65.95 17.70 -83.57
C SER R 268 64.45 17.96 -83.76
N PHE R 269 63.95 19.10 -83.24
CA PHE R 269 62.52 19.45 -83.31
C PHE R 269 62.13 19.93 -84.71
N GLY R 270 62.90 20.89 -85.24
CA GLY R 270 62.62 21.43 -86.56
C GLY R 270 63.81 22.06 -87.25
N VAL R 271 63.56 22.60 -88.45
CA VAL R 271 64.58 23.24 -89.29
C VAL R 271 64.06 24.58 -89.81
N GLU R 272 64.85 25.65 -89.66
CA GLU R 272 64.52 26.97 -90.20
C GLU R 272 65.46 27.22 -91.37
N ALA R 273 64.94 27.78 -92.48
CA ALA R 273 65.76 28.02 -93.66
C ALA R 273 65.27 29.23 -94.47
N ASP R 274 66.22 29.89 -95.17
CA ASP R 274 65.97 31.06 -96.01
C ASP R 274 66.19 30.68 -97.48
N LEU R 275 65.17 30.86 -98.34
CA LEU R 275 65.21 30.46 -99.75
C LEU R 275 65.24 31.65 -100.70
N GLU R 276 65.69 31.37 -101.94
CA GLU R 276 65.75 32.34 -103.03
C GLU R 276 65.61 31.59 -104.34
N LEU R 277 64.60 31.94 -105.14
CA LEU R 277 64.32 31.30 -106.42
C LEU R 277 65.02 32.09 -107.50
N LEU R 278 66.02 31.48 -108.15
CA LEU R 278 66.83 32.15 -109.16
C LEU R 278 66.56 31.66 -110.56
N ASP R 279 66.61 32.57 -111.57
CA ASP R 279 66.45 32.18 -112.97
C ASP R 279 67.80 31.61 -113.46
N ALA R 280 67.90 31.29 -114.75
CA ALA R 280 69.14 30.74 -115.32
C ALA R 280 70.33 31.69 -115.18
N ASP R 281 70.09 33.01 -115.32
CA ASP R 281 71.13 34.06 -115.21
C ASP R 281 71.64 34.21 -113.76
N GLY R 282 70.77 33.87 -112.80
CA GLY R 282 71.06 33.97 -111.37
C GLY R 282 70.29 35.08 -110.68
N THR R 283 69.42 35.80 -111.41
CA THR R 283 68.61 36.88 -110.83
C THR R 283 67.57 36.33 -109.90
N VAL R 284 67.35 36.99 -108.75
CA VAL R 284 66.37 36.53 -107.77
C VAL R 284 64.95 36.92 -108.20
N LEU R 285 64.03 35.93 -108.23
CA LEU R 285 62.64 36.11 -108.64
C LEU R 285 61.69 36.07 -107.45
N LEU R 286 62.01 35.28 -106.42
CA LEU R 286 61.20 35.20 -105.20
C LEU R 286 62.10 34.80 -104.05
N SER R 287 61.82 35.32 -102.84
CA SER R 287 62.57 34.97 -101.64
C SER R 287 61.63 34.66 -100.47
N ALA R 288 61.94 33.59 -99.74
CA ALA R 288 61.18 33.16 -98.59
C ALA R 288 62.12 33.09 -97.42
N MET R 289 62.00 34.05 -96.52
CA MET R 289 62.81 34.12 -95.31
C MET R 289 62.03 33.50 -94.17
N GLY R 290 62.70 32.60 -93.46
CA GLY R 290 62.14 31.94 -92.31
C GLY R 290 61.11 30.87 -92.59
N LEU R 291 61.44 29.91 -93.46
CA LEU R 291 60.54 28.79 -93.73
C LEU R 291 60.70 27.77 -92.60
N GLN R 292 59.70 27.65 -91.71
CA GLN R 292 59.76 26.71 -90.60
C GLN R 292 59.26 25.32 -91.04
N LEU R 293 60.15 24.30 -91.02
CA LEU R 293 59.84 22.92 -91.39
C LEU R 293 60.03 21.97 -90.20
N GLY R 294 58.95 21.34 -89.75
CA GLY R 294 59.00 20.41 -88.62
C GLY R 294 57.82 19.45 -88.62
N THR R 295 57.55 18.85 -87.45
CA THR R 295 56.40 17.95 -87.34
C THR R 295 55.83 17.94 -85.92
N GLY R 296 56.67 17.68 -84.92
CA GLY R 296 56.22 17.61 -83.53
C GLY R 296 55.53 16.30 -83.20
N ASN R 297 54.80 16.22 -82.07
CA ASN R 297 54.62 17.31 -81.09
C ASN R 297 55.92 17.68 -80.38
N SER R 298 56.83 16.71 -80.18
CA SER R 298 58.12 16.91 -79.50
C SER R 298 59.03 15.66 -79.65
N ASP R 299 60.20 15.61 -78.95
CA ASP R 299 61.06 14.42 -78.89
C ASP R 299 60.40 13.32 -77.96
N LYS R 300 59.25 13.64 -77.32
CA LYS R 300 58.42 12.70 -76.56
C LYS R 300 57.45 12.01 -77.52
N ALA R 301 56.94 12.75 -78.54
CA ALA R 301 56.11 12.18 -79.60
C ALA R 301 56.96 11.27 -80.54
N GLU R 302 58.28 11.54 -80.60
CA GLU R 302 59.30 10.77 -81.33
C GLU R 302 59.45 9.35 -80.73
N GLU R 303 59.32 9.22 -79.38
CA GLU R 303 59.39 7.95 -78.65
C GLU R 303 58.08 7.20 -78.85
N GLU R 304 56.94 7.94 -78.78
CA GLU R 304 55.59 7.44 -79.11
C GLU R 304 55.55 6.90 -80.54
N ARG R 305 56.24 7.57 -81.50
CA ARG R 305 56.32 7.14 -82.90
C ARG R 305 57.22 5.90 -83.04
N LEU R 306 58.36 5.84 -82.29
CA LEU R 306 59.29 4.70 -82.33
C LEU R 306 58.63 3.44 -81.81
N LEU R 307 57.99 3.56 -80.65
CA LEU R 307 57.25 2.48 -79.98
C LEU R 307 56.24 1.83 -80.95
N ASP R 308 55.55 2.65 -81.77
CA ASP R 308 54.56 2.17 -82.74
C ASP R 308 55.19 1.32 -83.86
N GLU R 309 56.35 1.74 -84.39
CA GLU R 309 57.05 1.00 -85.45
C GLU R 309 57.69 -0.30 -84.94
N ARG R 310 58.21 -0.28 -83.70
CA ARG R 310 58.87 -1.44 -83.07
C ARG R 310 57.87 -2.55 -82.72
N GLU R 538 41.39 4.94 -51.60
CA GLU R 538 41.96 4.80 -52.94
C GLU R 538 41.26 5.74 -53.93
N GLY R 539 42.01 6.59 -54.63
CA GLY R 539 41.44 7.53 -55.59
C GLY R 539 41.14 6.92 -56.96
N MET R 540 39.91 7.15 -57.49
CA MET R 540 39.50 6.68 -58.82
C MET R 540 38.65 7.75 -59.53
N ARG R 541 39.09 8.15 -60.75
CA ARG R 541 38.52 9.23 -61.57
C ARG R 541 37.82 8.67 -62.82
N LEU R 542 37.05 9.55 -63.51
CA LEU R 542 36.30 9.24 -64.72
C LEU R 542 36.73 10.20 -65.88
N VAL R 543 37.10 9.65 -67.06
CA VAL R 543 37.58 10.43 -68.21
C VAL R 543 37.47 9.60 -69.53
N VAL R 544 37.45 10.29 -70.71
CA VAL R 544 37.40 9.66 -72.06
C VAL R 544 38.82 9.59 -72.63
N ARG R 545 39.27 8.39 -73.07
CA ARG R 545 40.62 8.25 -73.65
C ARG R 545 40.70 9.01 -74.98
N ASN R 546 39.61 9.00 -75.79
CA ASN R 546 39.56 9.78 -77.02
C ASN R 546 38.15 10.38 -77.18
N PRO R 547 38.00 11.71 -77.03
CA PRO R 547 36.67 12.32 -77.17
C PRO R 547 36.01 12.06 -78.52
N GLY R 548 34.68 12.12 -78.53
CA GLY R 548 33.85 11.85 -79.69
C GLY R 548 33.06 10.58 -79.46
N ASP R 549 33.73 9.55 -78.93
CA ASP R 549 33.16 8.23 -78.63
C ASP R 549 32.82 8.14 -77.15
N LEU R 550 31.53 7.86 -76.79
CA LEU R 550 31.09 7.69 -75.39
C LEU R 550 31.39 6.29 -74.88
N GLU R 551 31.70 5.35 -75.78
CA GLU R 551 32.13 4.00 -75.39
C GLU R 551 33.57 4.05 -74.84
N SER R 552 34.35 5.10 -75.22
CA SER R 552 35.72 5.32 -74.74
C SER R 552 35.79 5.87 -73.30
N MET R 553 34.66 6.02 -72.59
CA MET R 553 34.67 6.48 -71.20
C MET R 553 35.14 5.33 -70.31
N GLU R 554 36.20 5.53 -69.50
CA GLU R 554 36.72 4.48 -68.62
C GLU R 554 36.99 5.03 -67.22
N LEU R 555 36.95 4.13 -66.23
CA LEU R 555 37.15 4.45 -64.81
C LEU R 555 38.62 4.23 -64.41
N VAL R 556 39.42 5.29 -64.54
CA VAL R 556 40.87 5.25 -64.26
C VAL R 556 41.15 5.37 -62.73
N THR R 557 42.43 5.15 -62.33
CA THR R 557 42.93 5.28 -60.96
C THR R 557 43.97 6.40 -60.85
N PHE R 558 44.19 6.90 -59.62
CA PHE R 558 45.19 7.92 -59.34
C PHE R 558 45.63 7.85 -57.87
N GLU R 559 46.87 8.29 -57.59
CA GLU R 559 47.39 8.33 -56.23
C GLU R 559 46.95 9.64 -55.57
N ARG R 560 46.02 9.56 -54.59
CA ARG R 560 45.53 10.75 -53.91
C ARG R 560 46.60 11.22 -52.92
N GLY R 561 47.29 12.30 -53.28
CA GLY R 561 48.37 12.87 -52.48
C GLY R 561 47.91 13.92 -51.50
N THR R 562 48.82 14.31 -50.60
CA THR R 562 48.56 15.33 -49.59
C THR R 562 48.33 16.68 -50.29
N PRO R 563 47.28 17.42 -49.91
CA PRO R 563 47.07 18.72 -50.53
C PRO R 563 47.99 19.77 -49.93
N GLY R 564 48.04 20.92 -50.58
CA GLY R 564 48.82 22.07 -50.14
C GLY R 564 49.83 22.51 -51.17
N PRO R 565 50.30 23.77 -51.10
CA PRO R 565 49.91 24.80 -50.13
C PRO R 565 48.68 25.58 -50.60
N GLY R 566 47.77 25.84 -49.67
CA GLY R 566 46.54 26.56 -49.96
C GLY R 566 45.53 25.78 -50.77
N GLN R 567 45.47 24.44 -50.55
CA GLN R 567 44.56 23.54 -51.25
C GLN R 567 43.92 22.60 -50.23
N ILE R 568 42.82 21.96 -50.64
CA ILE R 568 42.04 21.06 -49.80
C ILE R 568 41.63 19.83 -50.57
N GLU R 569 41.73 18.65 -49.93
CA GLU R 569 41.24 17.40 -50.50
C GLU R 569 39.82 17.21 -50.00
N VAL R 570 38.87 16.93 -50.89
CA VAL R 570 37.46 16.76 -50.54
C VAL R 570 36.99 15.37 -50.93
N ALA R 571 36.20 14.74 -50.05
CA ALA R 571 35.60 13.44 -50.32
C ALA R 571 34.26 13.71 -50.97
N VAL R 572 34.20 13.61 -52.29
CA VAL R 572 33.00 13.95 -53.05
C VAL R 572 31.91 12.90 -52.83
N LYS R 573 30.71 13.40 -52.47
CA LYS R 573 29.50 12.60 -52.29
C LYS R 573 28.65 12.65 -53.57
N ALA R 574 28.72 13.79 -54.32
CA ALA R 574 28.00 13.99 -55.58
C ALA R 574 28.62 15.12 -56.41
N SER R 575 28.46 15.04 -57.73
CA SER R 575 28.90 16.04 -58.69
C SER R 575 27.82 16.23 -59.76
N SER R 576 27.88 17.33 -60.51
CA SER R 576 26.87 17.64 -61.52
C SER R 576 27.30 17.23 -62.95
N ILE R 577 26.31 17.21 -63.88
CA ILE R 577 26.51 16.99 -65.32
C ILE R 577 25.96 18.23 -66.01
N ASN R 578 26.87 19.19 -66.31
CA ASN R 578 26.55 20.43 -67.01
C ASN R 578 26.68 20.16 -68.49
N PHE R 579 26.22 21.10 -69.35
CA PHE R 579 26.35 20.89 -70.79
C PHE R 579 27.81 20.99 -71.22
N ALA R 580 28.65 21.69 -70.45
CA ALA R 580 30.07 21.77 -70.76
C ALA R 580 30.75 20.40 -70.75
N ASP R 581 30.38 19.54 -69.75
CA ASP R 581 30.89 18.18 -69.56
C ASP R 581 30.47 17.23 -70.70
N VAL R 582 29.38 17.55 -71.43
CA VAL R 582 28.93 16.76 -72.58
C VAL R 582 29.83 17.12 -73.78
N LEU R 583 30.14 18.42 -73.96
CA LEU R 583 30.99 18.90 -75.06
C LEU R 583 32.39 18.35 -74.93
N VAL R 584 32.88 18.23 -73.69
CA VAL R 584 34.19 17.64 -73.43
C VAL R 584 34.18 16.19 -73.92
N ALA R 585 33.09 15.43 -73.61
CA ALA R 585 32.94 14.04 -74.03
C ALA R 585 32.98 13.89 -75.54
N PHE R 586 32.36 14.82 -76.27
CA PHE R 586 32.33 14.79 -77.73
C PHE R 586 33.52 15.52 -78.38
N GLY R 587 34.35 16.21 -77.59
CA GLY R 587 35.51 16.96 -78.07
C GLY R 587 35.17 18.29 -78.70
N ARG R 588 33.92 18.76 -78.52
CA ARG R 588 33.43 20.01 -79.06
C ARG R 588 33.58 21.17 -78.05
N CYS R 589 34.29 20.98 -76.92
CA CYS R 589 34.38 22.03 -75.91
C CYS R 589 35.47 23.05 -76.27
N PRO R 590 35.15 24.34 -76.46
CA PRO R 590 36.22 25.32 -76.72
C PRO R 590 36.79 25.88 -75.42
N SER R 591 38.13 26.04 -75.32
CA SER R 591 38.76 26.56 -74.09
C SER R 591 39.83 27.63 -74.43
N PHE R 592 39.91 28.70 -73.60
CA PHE R 592 40.88 29.80 -73.72
C PHE R 592 42.29 29.25 -73.50
N ASP R 593 42.42 28.30 -72.55
CA ASP R 593 43.67 27.60 -72.26
C ASP R 593 44.17 26.85 -73.50
N GLY R 594 43.23 26.22 -74.20
CA GLY R 594 43.50 25.42 -75.39
C GLY R 594 43.38 23.95 -75.04
N ARG R 595 43.75 23.59 -73.79
CA ARG R 595 43.70 22.21 -73.29
C ARG R 595 42.25 21.85 -73.02
N LEU R 596 41.82 20.63 -73.42
CA LEU R 596 40.44 20.21 -73.22
C LEU R 596 40.26 19.90 -71.74
N PRO R 597 39.27 20.53 -71.08
CA PRO R 597 39.11 20.32 -69.64
C PRO R 597 38.76 18.88 -69.27
N GLU R 598 38.81 18.62 -67.97
CA GLU R 598 38.52 17.31 -67.40
C GLU R 598 37.03 17.27 -67.01
N LEU R 599 36.44 16.07 -67.08
CA LEU R 599 35.02 15.83 -66.80
C LEU R 599 34.64 16.14 -65.35
N GLY R 600 33.69 17.06 -65.18
CA GLY R 600 33.17 17.46 -63.87
C GLY R 600 33.77 18.79 -63.46
N SER R 601 32.92 19.85 -63.45
CA SER R 601 33.33 21.21 -63.09
C SER R 601 33.09 21.49 -61.61
N GLU R 602 31.87 21.19 -61.11
CA GLU R 602 31.48 21.43 -59.71
C GLU R 602 31.42 20.15 -58.91
N PHE R 603 31.26 20.27 -57.58
CA PHE R 603 31.16 19.12 -56.67
C PHE R 603 30.43 19.48 -55.37
N GLY R 604 30.18 18.44 -54.57
CA GLY R 604 29.57 18.55 -53.26
C GLY R 604 30.11 17.42 -52.40
N GLY R 605 30.85 17.76 -51.35
CA GLY R 605 31.45 16.73 -50.50
C GLY R 605 31.77 17.18 -49.10
N VAL R 606 32.77 16.50 -48.49
CA VAL R 606 33.24 16.78 -47.14
C VAL R 606 34.75 16.87 -47.14
N VAL R 607 35.33 17.81 -46.39
CA VAL R 607 36.77 17.98 -46.39
C VAL R 607 37.47 16.77 -45.76
N THR R 608 38.47 16.22 -46.47
CA THR R 608 39.28 15.09 -46.03
C THR R 608 40.52 15.60 -45.33
N ALA R 609 41.27 16.45 -46.03
CA ALA R 609 42.51 17.02 -45.53
C ALA R 609 42.67 18.44 -46.01
N VAL R 610 43.27 19.29 -45.17
CA VAL R 610 43.52 20.68 -45.48
C VAL R 610 45.03 20.86 -45.65
N GLY R 611 45.43 21.45 -46.77
CA GLY R 611 46.83 21.65 -47.09
C GLY R 611 47.45 22.82 -46.33
N PRO R 612 48.74 22.73 -45.97
CA PRO R 612 49.37 23.83 -45.22
C PRO R 612 49.50 25.11 -46.05
N GLY R 613 48.88 26.22 -45.65
CA GLY R 613 48.05 26.37 -44.45
C GLY R 613 46.93 27.34 -44.71
N VAL R 614 45.68 26.93 -44.38
CA VAL R 614 44.50 27.77 -44.58
C VAL R 614 43.62 27.73 -43.34
N THR R 615 43.30 28.92 -42.83
CA THR R 615 42.47 29.14 -41.64
C THR R 615 40.98 29.01 -41.98
N THR R 616 40.63 29.28 -43.24
CA THR R 616 39.26 29.29 -43.76
C THR R 616 38.56 27.95 -43.60
N HIS R 617 39.10 26.88 -44.19
CA HIS R 617 38.47 25.56 -44.14
C HIS R 617 39.02 24.71 -42.99
N ARG R 618 38.18 23.76 -42.56
CA ARG R 618 38.47 22.80 -41.49
C ARG R 618 38.12 21.39 -42.00
N VAL R 619 38.79 20.36 -41.48
CA VAL R 619 38.52 18.98 -41.89
C VAL R 619 37.16 18.55 -41.34
N GLY R 620 36.40 17.84 -42.15
CA GLY R 620 35.06 17.40 -41.79
C GLY R 620 33.98 18.40 -42.15
N ASP R 621 34.35 19.57 -42.70
CA ASP R 621 33.37 20.58 -43.14
C ASP R 621 32.64 20.10 -44.37
N ARG R 622 31.31 20.19 -44.37
CA ARG R 622 30.50 19.85 -45.55
C ARG R 622 30.64 21.02 -46.52
N VAL R 623 31.31 20.81 -47.67
CA VAL R 623 31.59 21.90 -48.62
C VAL R 623 31.09 21.59 -50.02
N GLY R 624 31.02 22.65 -50.80
CA GLY R 624 30.67 22.62 -52.22
C GLY R 624 31.65 23.55 -52.90
N GLY R 625 32.18 23.13 -54.05
CA GLY R 625 33.16 23.94 -54.77
C GLY R 625 33.33 23.61 -56.23
N VAL R 626 34.26 24.32 -56.89
CA VAL R 626 34.64 24.17 -58.29
C VAL R 626 36.10 23.71 -58.29
N SER R 627 36.54 22.97 -59.31
CA SER R 627 37.95 22.57 -59.30
C SER R 627 38.60 22.27 -60.64
N ALA R 628 37.89 21.61 -61.59
CA ALA R 628 38.46 21.05 -62.81
C ALA R 628 39.15 19.80 -62.30
N ASN R 629 40.29 19.34 -62.87
CA ASN R 629 41.01 18.17 -62.35
C ASN R 629 40.11 16.90 -62.14
N GLY R 630 38.93 16.88 -62.77
CA GLY R 630 37.98 15.79 -62.69
C GLY R 630 37.23 15.72 -61.38
N CYS R 631 35.99 16.26 -61.35
CA CYS R 631 35.14 16.21 -60.15
C CYS R 631 34.26 14.96 -60.16
N TRP R 632 34.26 14.14 -61.25
CA TRP R 632 33.53 12.86 -61.32
C TRP R 632 34.49 11.81 -60.79
N SER R 633 34.75 11.90 -59.47
CA SER R 633 35.67 11.04 -58.73
C SER R 633 35.26 10.99 -57.24
N ASN R 634 35.94 10.15 -56.46
CA ASN R 634 35.69 10.00 -55.02
C ASN R 634 36.42 11.09 -54.23
N PHE R 635 37.67 11.43 -54.62
CA PHE R 635 38.48 12.46 -53.96
C PHE R 635 38.88 13.53 -54.97
N VAL R 636 38.81 14.81 -54.57
CA VAL R 636 39.18 15.94 -55.42
C VAL R 636 40.00 16.92 -54.64
N THR R 637 41.14 17.34 -55.19
CA THR R 637 41.96 18.36 -54.57
C THR R 637 41.64 19.66 -55.29
N CYS R 638 41.19 20.68 -54.54
CA CYS R 638 40.86 22.00 -55.10
C CYS R 638 41.40 23.10 -54.19
N GLU R 639 41.52 24.33 -54.71
CA GLU R 639 42.03 25.46 -53.95
C GLU R 639 41.04 25.90 -52.88
N ALA R 640 41.53 26.57 -51.84
CA ALA R 640 40.70 27.09 -50.75
C ALA R 640 39.78 28.21 -51.22
N ASP R 641 40.25 29.03 -52.17
CA ASP R 641 39.43 30.12 -52.71
C ASP R 641 38.28 29.59 -53.61
N LEU R 642 38.20 28.26 -53.89
CA LEU R 642 37.17 27.65 -54.73
C LEU R 642 36.09 26.86 -53.98
N ALA R 643 36.22 26.64 -52.66
CA ALA R 643 35.26 25.86 -51.87
C ALA R 643 34.69 26.73 -50.77
N THR R 644 33.41 26.48 -50.44
CA THR R 644 32.71 27.22 -49.38
C THR R 644 31.85 26.23 -48.62
N LYS R 645 31.75 26.43 -47.29
CA LYS R 645 30.95 25.55 -46.44
C LYS R 645 29.48 25.70 -46.78
N LEU R 646 28.76 24.58 -46.80
CA LEU R 646 27.34 24.58 -47.14
C LEU R 646 26.50 24.95 -45.94
N PRO R 647 25.40 25.70 -46.10
CA PRO R 647 24.51 25.96 -44.94
C PRO R 647 23.70 24.71 -44.54
N GLU R 648 23.00 24.76 -43.40
CA GLU R 648 22.22 23.61 -42.94
C GLU R 648 21.08 23.19 -43.91
N GLY R 649 20.49 24.15 -44.62
CA GLY R 649 19.37 23.92 -45.54
C GLY R 649 19.58 23.04 -46.76
N ILE R 650 20.85 22.84 -47.22
CA ILE R 650 21.12 22.00 -48.40
C ILE R 650 22.16 20.92 -48.17
N SER R 651 21.93 19.79 -48.85
CA SER R 651 22.79 18.62 -48.85
C SER R 651 23.90 18.79 -49.85
N GLU R 652 24.83 17.83 -49.81
CA GLU R 652 25.94 17.75 -50.75
C GLU R 652 25.39 17.49 -52.19
N HIS R 653 24.33 16.70 -52.31
CA HIS R 653 23.67 16.40 -53.58
C HIS R 653 22.89 17.62 -54.12
N GLU R 654 22.23 18.39 -53.24
CA GLU R 654 21.47 19.59 -53.65
C GLU R 654 22.45 20.66 -54.15
N ALA R 655 23.49 20.94 -53.36
CA ALA R 655 24.53 21.91 -53.74
C ALA R 655 25.29 21.50 -55.03
N ALA R 656 25.38 20.18 -55.34
CA ALA R 656 26.05 19.72 -56.56
C ALA R 656 25.28 20.17 -57.78
N ALA R 657 23.97 20.06 -57.77
CA ALA R 657 23.12 20.44 -58.90
C ALA R 657 23.03 21.95 -59.13
N VAL R 658 22.80 22.70 -58.05
CA VAL R 658 22.58 24.15 -58.06
C VAL R 658 23.78 24.97 -58.59
N GLY R 659 24.89 24.96 -57.84
CA GLY R 659 26.11 25.73 -58.07
C GLY R 659 26.31 26.55 -59.34
N LEU R 660 26.60 25.87 -60.48
CA LEU R 660 26.89 26.53 -61.76
C LEU R 660 25.66 27.07 -62.43
N ALA R 661 24.61 26.26 -62.54
CA ALA R 661 23.36 26.67 -63.19
C ALA R 661 22.85 27.97 -62.58
N TYR R 662 22.66 27.97 -61.25
CA TYR R 662 22.16 29.14 -60.53
C TYR R 662 23.20 30.23 -60.44
N GLY R 663 24.48 29.86 -60.33
CA GLY R 663 25.56 30.84 -60.31
C GLY R 663 25.60 31.67 -61.57
N THR R 664 25.66 31.00 -62.72
CA THR R 664 25.68 31.65 -64.04
C THR R 664 24.49 32.59 -64.19
N VAL R 665 23.29 32.11 -63.83
CA VAL R 665 22.05 32.88 -63.88
C VAL R 665 22.12 34.09 -62.93
N TRP R 666 22.58 33.86 -61.69
CA TRP R 666 22.68 34.91 -60.68
C TRP R 666 23.56 36.02 -61.20
N LEU R 667 24.76 35.65 -61.62
CA LEU R 667 25.71 36.58 -62.20
C LEU R 667 25.06 37.32 -63.36
N GLY R 668 24.59 36.57 -64.35
CA GLY R 668 23.99 37.12 -65.56
C GLY R 668 22.78 38.01 -65.40
N LEU R 669 21.78 37.57 -64.63
CA LEU R 669 20.54 38.33 -64.52
C LEU R 669 20.55 39.34 -63.39
N THR R 670 20.68 38.91 -62.15
CA THR R 670 20.61 39.83 -61.02
C THR R 670 21.85 40.71 -60.85
N GLU R 671 23.02 40.28 -61.34
CA GLU R 671 24.27 41.01 -61.12
C GLU R 671 24.67 41.88 -62.32
N LEU R 672 24.74 41.29 -63.53
CA LEU R 672 25.17 42.03 -64.72
C LEU R 672 24.04 42.79 -65.36
N ALA R 673 22.95 42.08 -65.69
CA ALA R 673 21.78 42.68 -66.34
C ALA R 673 20.90 43.42 -65.34
N ARG R 674 21.14 43.27 -64.01
CA ARG R 674 20.34 43.90 -62.96
C ARG R 674 18.86 43.77 -63.31
N MET R 675 18.39 42.51 -63.26
CA MET R 675 17.02 42.19 -63.61
C MET R 675 16.09 42.82 -62.62
N SER R 676 15.36 43.83 -63.09
CA SER R 676 14.38 44.54 -62.29
C SER R 676 13.05 43.78 -62.36
N ALA R 677 12.08 44.23 -61.60
CA ALA R 677 10.76 43.63 -61.63
C ALA R 677 9.98 44.21 -62.79
N GLY R 678 9.14 43.37 -63.39
CA GLY R 678 8.29 43.76 -64.51
C GLY R 678 8.92 43.65 -65.89
N ASP R 679 10.24 43.87 -66.01
CA ASP R 679 10.87 43.82 -67.33
C ASP R 679 10.80 42.38 -67.91
N LYS R 680 10.71 42.30 -69.25
CA LYS R 680 10.51 41.07 -69.99
C LYS R 680 11.84 40.38 -70.24
N ILE R 681 11.91 39.08 -69.95
CA ILE R 681 13.14 38.27 -70.12
C ILE R 681 12.87 37.17 -71.15
N LEU R 682 13.93 36.68 -71.81
CA LEU R 682 13.85 35.62 -72.80
C LEU R 682 14.87 34.55 -72.44
N ILE R 683 14.39 33.34 -72.12
CA ILE R 683 15.23 32.21 -71.78
C ILE R 683 15.28 31.28 -72.99
N HIS R 684 16.45 30.70 -73.27
CA HIS R 684 16.64 29.82 -74.43
C HIS R 684 16.91 28.42 -73.99
N SER R 685 16.06 27.45 -74.42
CA SER R 685 16.15 26.05 -74.00
C SER R 685 15.98 26.02 -72.45
N ALA R 686 14.85 26.62 -72.00
CA ALA R 686 14.47 26.84 -70.60
C ALA R 686 14.16 25.55 -69.76
N THR R 687 14.00 24.39 -70.40
CA THR R 687 13.77 23.10 -69.74
C THR R 687 15.04 22.54 -69.09
N GLY R 688 16.20 23.06 -69.49
CA GLY R 688 17.49 22.65 -68.95
C GLY R 688 17.83 23.19 -67.57
N GLY R 689 19.04 22.90 -67.09
CA GLY R 689 19.51 23.31 -65.77
C GLY R 689 19.55 24.81 -65.55
N VAL R 690 20.23 25.52 -66.45
CA VAL R 690 20.39 26.97 -66.41
C VAL R 690 19.02 27.63 -66.73
N GLY R 691 18.24 26.98 -67.59
CA GLY R 691 16.90 27.43 -67.95
C GLY R 691 15.95 27.44 -66.78
N GLN R 692 15.92 26.32 -66.04
CA GLN R 692 15.07 26.20 -64.85
C GLN R 692 15.54 27.18 -63.77
N ALA R 693 16.86 27.37 -63.64
CA ALA R 693 17.41 28.34 -62.69
C ALA R 693 17.01 29.77 -63.08
N ALA R 694 17.03 30.08 -64.39
CA ALA R 694 16.67 31.40 -64.92
C ALA R 694 15.21 31.71 -64.60
N ILE R 695 14.32 30.72 -64.81
CA ILE R 695 12.90 30.87 -64.51
C ILE R 695 12.75 31.21 -63.04
N ALA R 696 13.41 30.45 -62.16
CA ALA R 696 13.35 30.64 -60.71
C ALA R 696 13.62 32.07 -60.29
N VAL R 697 14.75 32.65 -60.75
CA VAL R 697 15.13 34.02 -60.34
C VAL R 697 14.28 35.05 -61.12
N ALA R 698 13.82 34.73 -62.34
CA ALA R 698 12.95 35.63 -63.10
C ALA R 698 11.59 35.71 -62.43
N ARG R 699 11.09 34.57 -61.93
CA ARG R 699 9.83 34.52 -61.17
C ARG R 699 10.00 35.26 -59.86
N ALA R 700 11.15 35.06 -59.21
CA ALA R 700 11.48 35.74 -57.95
C ALA R 700 11.56 37.24 -58.13
N ALA R 701 12.25 37.68 -59.20
CA ALA R 701 12.40 39.10 -59.52
C ALA R 701 11.08 39.75 -59.96
N GLY R 702 10.14 38.94 -60.46
CA GLY R 702 8.85 39.40 -60.94
C GLY R 702 8.91 39.82 -62.39
N ALA R 703 9.75 39.14 -63.18
CA ALA R 703 9.94 39.43 -64.60
C ALA R 703 8.98 38.59 -65.44
N GLU R 704 8.55 39.14 -66.59
CA GLU R 704 7.63 38.46 -67.51
C GLU R 704 8.46 37.51 -68.37
N ILE R 705 8.25 36.18 -68.23
CA ILE R 705 9.06 35.19 -68.95
C ILE R 705 8.49 34.88 -70.34
N TYR R 706 9.43 34.77 -71.29
CA TYR R 706 9.25 34.38 -72.69
C TYR R 706 10.26 33.27 -72.89
N ALA R 707 9.85 32.03 -73.17
CA ALA R 707 10.80 30.91 -73.23
C ALA R 707 10.85 30.24 -74.58
N THR R 708 11.91 29.45 -74.81
CA THR R 708 12.12 28.70 -76.05
C THR R 708 12.57 27.26 -75.70
N ALA R 709 12.21 26.28 -76.54
CA ALA R 709 12.61 24.88 -76.39
C ALA R 709 12.52 24.16 -77.73
N GLY R 710 13.32 23.12 -77.88
CA GLY R 710 13.44 22.38 -79.14
C GLY R 710 12.26 21.49 -79.47
N SER R 711 12.01 20.52 -78.59
CA SER R 711 10.93 19.55 -78.77
C SER R 711 9.56 20.15 -78.48
N GLU R 712 8.50 19.51 -79.03
CA GLU R 712 7.14 19.96 -78.74
C GLU R 712 6.79 19.54 -77.32
N LYS R 713 7.19 18.31 -76.92
CA LYS R 713 7.01 17.81 -75.56
C LYS R 713 7.67 18.76 -74.55
N ARG R 714 8.86 19.26 -74.88
CA ARG R 714 9.62 20.18 -74.03
C ARG R 714 8.93 21.54 -73.99
N ARG R 715 8.39 22.01 -75.13
CA ARG R 715 7.67 23.28 -75.16
C ARG R 715 6.39 23.16 -74.34
N GLN R 716 5.65 22.04 -74.50
CA GLN R 716 4.40 21.80 -73.76
C GLN R 716 4.66 21.75 -72.25
N LEU R 717 5.84 21.29 -71.81
CA LEU R 717 6.16 21.30 -70.39
C LEU R 717 6.19 22.72 -69.86
N LEU R 718 6.80 23.66 -70.60
CA LEU R 718 6.87 25.07 -70.20
C LEU R 718 5.47 25.65 -70.11
N ARG R 719 4.62 25.34 -71.10
CA ARG R 719 3.23 25.80 -71.09
C ARG R 719 2.49 25.27 -69.84
N ASP R 720 2.79 24.01 -69.43
CA ASP R 720 2.20 23.38 -68.25
C ASP R 720 2.78 23.96 -66.96
N TRP R 721 4.09 24.32 -66.95
CA TRP R 721 4.73 24.98 -65.80
C TRP R 721 4.12 26.35 -65.48
N GLY R 722 3.26 26.85 -66.36
CA GLY R 722 2.55 28.10 -66.19
C GLY R 722 3.21 29.27 -66.86
N ILE R 723 3.95 29.01 -67.95
CA ILE R 723 4.62 30.08 -68.66
C ILE R 723 3.91 30.19 -70.01
N GLU R 724 3.19 31.29 -70.19
CA GLU R 724 2.54 31.65 -71.46
C GLU R 724 3.66 32.32 -72.24
N HIS R 725 3.67 32.19 -73.58
CA HIS R 725 4.71 32.73 -74.47
C HIS R 725 5.89 31.77 -74.58
N VAL R 726 5.65 30.60 -75.20
CA VAL R 726 6.65 29.56 -75.46
C VAL R 726 6.84 29.46 -76.98
N TYR R 727 8.10 29.39 -77.45
CA TYR R 727 8.43 29.34 -78.89
C TYR R 727 9.49 28.27 -79.20
N ASP R 728 9.87 28.11 -80.48
CA ASP R 728 10.88 27.10 -80.86
C ASP R 728 12.26 27.76 -80.79
N SER R 729 13.20 27.08 -80.12
CA SER R 729 14.58 27.52 -79.95
C SER R 729 15.44 27.23 -81.19
N ARG R 730 15.03 26.26 -82.02
CA ARG R 730 15.77 25.85 -83.22
C ARG R 730 15.56 26.78 -84.44
N THR R 731 14.64 27.76 -84.36
CA THR R 731 14.36 28.68 -85.46
C THR R 731 14.50 30.12 -85.01
N THR R 732 14.37 31.06 -85.96
CA THR R 732 14.39 32.51 -85.70
C THR R 732 12.95 33.06 -85.68
N ALA R 733 11.97 32.17 -85.38
CA ALA R 733 10.56 32.52 -85.33
C ALA R 733 10.30 33.36 -84.13
N PHE R 734 10.72 32.85 -82.96
CA PHE R 734 10.55 33.51 -81.66
C PHE R 734 10.66 35.04 -81.75
N ALA R 735 11.63 35.56 -82.53
CA ALA R 735 11.85 37.01 -82.67
C ALA R 735 10.59 37.74 -83.11
N ASP R 736 10.10 37.45 -84.31
CA ASP R 736 8.90 38.12 -84.82
C ASP R 736 7.65 37.73 -84.02
N GLN R 737 7.59 36.49 -83.50
CA GLN R 737 6.47 36.04 -82.68
C GLN R 737 6.39 36.80 -81.36
N ILE R 738 7.55 37.05 -80.72
CA ILE R 738 7.61 37.81 -79.47
C ILE R 738 7.32 39.28 -79.77
N ARG R 739 7.82 39.80 -80.90
CA ARG R 739 7.53 41.18 -81.29
C ARG R 739 5.99 41.35 -81.41
N THR R 740 5.30 40.33 -81.97
CA THR R 740 3.84 40.35 -82.10
C THR R 740 3.16 40.20 -80.73
N ASP R 741 3.65 39.26 -79.89
CA ASP R 741 3.10 38.99 -78.56
C ASP R 741 3.45 40.09 -77.50
N THR R 742 4.26 41.13 -77.88
CA THR R 742 4.58 42.26 -77.00
C THR R 742 4.15 43.60 -77.64
N ASP R 743 3.37 43.54 -78.74
CA ASP R 743 2.91 44.71 -79.49
C ASP R 743 4.10 45.59 -79.93
N GLY R 744 5.07 44.93 -80.54
CA GLY R 744 6.28 45.55 -81.08
C GLY R 744 7.36 45.96 -80.10
N TYR R 745 7.16 45.75 -78.79
CA TYR R 745 8.16 46.16 -77.80
C TYR R 745 9.40 45.28 -77.80
N GLY R 746 9.20 43.97 -77.84
CA GLY R 746 10.31 43.03 -77.75
C GLY R 746 10.54 42.72 -76.28
N VAL R 747 11.77 42.33 -75.93
CA VAL R 747 12.10 42.03 -74.52
C VAL R 747 13.09 43.07 -74.00
N ASP R 748 13.59 42.85 -72.77
CA ASP R 748 14.59 43.68 -72.11
C ASP R 748 15.88 42.93 -71.89
N ILE R 749 15.77 41.72 -71.35
CA ILE R 749 16.89 40.85 -71.07
C ILE R 749 16.80 39.63 -71.98
N VAL R 750 17.94 39.08 -72.38
CA VAL R 750 17.99 37.89 -73.23
C VAL R 750 19.09 37.00 -72.74
N LEU R 751 18.76 35.83 -72.16
CA LEU R 751 19.77 34.89 -71.68
C LEU R 751 20.10 33.94 -72.83
N ASN R 752 20.98 34.40 -73.71
CA ASN R 752 21.33 33.70 -74.93
C ASN R 752 22.30 32.52 -74.79
N SER R 753 21.79 31.29 -74.91
CA SER R 753 22.57 30.07 -75.03
C SER R 753 22.59 29.63 -76.52
N VAL R 754 21.64 30.17 -77.34
CA VAL R 754 21.50 29.79 -78.74
C VAL R 754 22.60 30.49 -79.60
N THR R 755 22.71 30.13 -80.90
CA THR R 755 23.77 30.59 -81.78
C THR R 755 23.37 30.92 -83.22
N GLY R 756 24.27 31.64 -83.87
CA GLY R 756 24.19 31.99 -85.28
C GLY R 756 23.19 33.10 -85.56
N PRO R 757 22.23 32.87 -86.49
CA PRO R 757 21.23 33.92 -86.76
C PRO R 757 20.26 34.10 -85.60
N ALA R 758 20.14 33.08 -84.73
CA ALA R 758 19.29 33.14 -83.55
C ALA R 758 19.89 34.07 -82.48
N GLN R 759 21.22 34.26 -82.50
CA GLN R 759 21.89 35.19 -81.60
C GLN R 759 21.58 36.61 -82.10
N ARG R 760 21.85 36.84 -83.39
CA ARG R 760 21.57 38.11 -84.06
C ARG R 760 20.10 38.50 -83.93
N ALA R 761 19.18 37.53 -84.13
CA ALA R 761 17.72 37.73 -84.01
C ALA R 761 17.29 38.12 -82.61
N GLY R 762 17.98 37.55 -81.61
CA GLY R 762 17.74 37.83 -80.21
C GLY R 762 18.18 39.23 -79.82
N LEU R 763 19.30 39.70 -80.39
CA LEU R 763 19.78 41.05 -80.14
C LEU R 763 18.82 42.06 -80.76
N GLU R 764 18.40 41.79 -81.98
CA GLU R 764 17.46 42.65 -82.70
C GLU R 764 16.13 42.77 -81.93
N LEU R 765 15.77 41.71 -81.19
CA LEU R 765 14.54 41.66 -80.40
C LEU R 765 14.50 42.65 -79.21
N LEU R 766 15.50 42.60 -78.29
CA LEU R 766 15.48 43.44 -77.06
C LEU R 766 15.51 44.93 -77.41
N ALA R 767 14.78 45.73 -76.60
CA ALA R 767 14.55 47.15 -76.86
C ALA R 767 14.83 48.08 -75.69
N PHE R 768 15.70 49.09 -75.97
CA PHE R 768 16.08 50.21 -75.10
C PHE R 768 16.79 49.73 -73.85
N GLY R 769 16.06 49.11 -72.92
CA GLY R 769 16.69 48.49 -71.74
C GLY R 769 17.89 47.69 -72.18
N GLY R 770 17.67 46.89 -73.23
CA GLY R 770 18.66 46.09 -73.94
C GLY R 770 19.81 45.54 -73.13
N ARG R 771 19.66 44.31 -72.63
CA ARG R 771 20.70 43.65 -71.85
C ARG R 771 20.90 42.22 -72.36
N PHE R 772 21.73 42.08 -73.39
CA PHE R 772 22.02 40.78 -73.99
C PHE R 772 23.08 40.03 -73.20
N VAL R 773 22.72 38.92 -72.53
CA VAL R 773 23.66 38.14 -71.72
C VAL R 773 24.07 36.87 -72.47
N GLU R 774 25.22 36.91 -73.19
CA GLU R 774 25.65 35.70 -73.90
C GLU R 774 26.47 34.80 -73.00
N ILE R 775 25.87 33.65 -72.67
CA ILE R 775 26.52 32.56 -71.92
C ILE R 775 27.12 31.56 -72.95
N GLY R 776 26.49 31.43 -74.13
CA GLY R 776 26.95 30.56 -75.22
C GLY R 776 28.30 30.94 -75.79
N LYS R 777 29.30 30.01 -75.65
CA LYS R 777 30.70 30.18 -76.08
C LYS R 777 30.94 30.06 -77.60
N ARG R 778 30.14 29.27 -78.34
CA ARG R 778 30.40 28.94 -79.75
C ARG R 778 30.67 30.16 -80.63
N ASP R 779 29.81 31.17 -80.59
CA ASP R 779 29.93 32.34 -81.48
C ASP R 779 31.10 33.26 -81.11
N ILE R 780 31.48 33.32 -79.84
CA ILE R 780 32.62 34.12 -79.39
C ILE R 780 33.89 33.47 -79.92
N TYR R 781 34.11 32.18 -79.59
CA TYR R 781 35.30 31.42 -80.01
C TYR R 781 35.36 31.20 -81.54
N ALA R 782 34.28 31.50 -82.28
CA ALA R 782 34.24 31.49 -83.75
C ALA R 782 34.59 32.87 -84.38
N ASP R 783 34.73 33.94 -83.55
CA ASP R 783 35.00 35.34 -83.94
C ASP R 783 33.89 35.85 -84.87
N THR R 784 32.64 35.46 -84.60
CA THR R 784 31.54 35.91 -85.44
C THR R 784 31.44 37.42 -85.35
N ARG R 785 31.48 38.07 -86.50
CA ARG R 785 31.44 39.52 -86.56
C ARG R 785 30.00 39.95 -86.42
N LEU R 786 29.69 40.51 -85.26
CA LEU R 786 28.36 40.95 -84.88
C LEU R 786 28.11 42.40 -85.29
N GLY R 787 27.02 42.64 -86.02
CA GLY R 787 26.62 43.98 -86.43
C GLY R 787 26.27 44.83 -85.23
N LEU R 788 26.91 46.01 -85.11
CA LEU R 788 26.68 46.95 -84.00
C LEU R 788 25.45 47.86 -84.16
N PHE R 789 24.77 47.88 -85.31
CA PHE R 789 23.62 48.77 -85.50
C PHE R 789 22.51 48.66 -84.45
N PRO R 790 22.13 47.46 -83.96
CA PRO R 790 21.06 47.38 -82.95
C PRO R 790 21.38 48.11 -81.63
N PHE R 791 22.67 48.31 -81.34
CA PHE R 791 23.12 48.97 -80.13
C PHE R 791 22.73 50.46 -80.07
N ARG R 792 22.19 51.04 -81.18
CA ARG R 792 21.75 52.44 -81.17
C ARG R 792 20.70 52.72 -80.09
N ARG R 793 20.04 51.67 -79.54
CA ARG R 793 19.03 51.79 -78.48
C ARG R 793 19.63 51.51 -77.06
N ASN R 794 20.85 52.03 -76.75
CA ASN R 794 21.50 51.86 -75.43
C ASN R 794 21.61 50.38 -74.95
N LEU R 795 21.88 49.46 -75.89
CA LEU R 795 22.03 48.04 -75.55
C LEU R 795 23.33 47.78 -74.81
N SER R 796 23.41 46.63 -74.14
CA SER R 796 24.56 46.23 -73.36
C SER R 796 24.81 44.75 -73.56
N PHE R 797 25.98 44.38 -74.08
CA PHE R 797 26.35 42.99 -74.32
C PHE R 797 27.21 42.48 -73.17
N TYR R 798 26.91 41.29 -72.64
CA TYR R 798 27.71 40.73 -71.54
C TYR R 798 28.16 39.33 -71.89
N ALA R 799 29.48 39.12 -71.90
CA ALA R 799 30.04 37.80 -72.12
C ALA R 799 30.23 37.14 -70.77
N VAL R 800 29.90 35.84 -70.68
CA VAL R 800 30.00 35.12 -69.41
C VAL R 800 30.76 33.82 -69.65
N ASP R 801 31.82 33.57 -68.83
CA ASP R 801 32.64 32.36 -68.85
C ASP R 801 33.10 32.05 -67.43
N LEU R 802 32.20 31.49 -66.61
CA LEU R 802 32.49 31.10 -65.22
C LEU R 802 33.76 30.22 -65.13
N ALA R 803 33.99 29.31 -66.10
CA ALA R 803 35.16 28.40 -66.13
C ALA R 803 36.51 29.20 -66.15
N LEU R 804 36.53 30.32 -66.89
CA LEU R 804 37.69 31.22 -66.97
C LEU R 804 37.81 32.03 -65.69
N MET R 805 36.65 32.54 -65.20
CA MET R 805 36.54 33.30 -63.96
C MET R 805 37.11 32.58 -62.77
N THR R 806 36.94 31.26 -62.71
CA THR R 806 37.46 30.45 -61.61
C THR R 806 38.99 30.63 -61.52
N VAL R 807 39.66 30.94 -62.66
CA VAL R 807 41.11 31.14 -62.70
C VAL R 807 41.47 32.61 -62.51
N THR R 808 40.81 33.51 -63.24
CA THR R 808 41.11 34.95 -63.19
C THR R 808 40.68 35.64 -61.91
N HIS R 809 39.46 35.36 -61.41
CA HIS R 809 38.91 35.95 -60.20
C HIS R 809 38.21 34.85 -59.40
N PRO R 810 39.01 33.97 -58.74
CA PRO R 810 38.42 32.83 -58.00
C PRO R 810 37.54 33.24 -56.83
N GLN R 811 37.82 34.42 -56.20
CA GLN R 811 37.04 34.94 -55.08
C GLN R 811 35.61 35.28 -55.51
N LYS R 812 35.42 35.87 -56.72
CA LYS R 812 34.08 36.21 -57.20
C LYS R 812 33.24 34.94 -57.42
N ILE R 813 33.87 33.84 -57.87
CA ILE R 813 33.18 32.55 -58.06
C ILE R 813 32.82 31.96 -56.70
N ARG R 814 33.72 32.04 -55.72
CA ARG R 814 33.45 31.53 -54.36
C ARG R 814 32.22 32.18 -53.79
N ASP R 815 32.14 33.51 -53.92
CA ASP R 815 31.04 34.30 -53.38
C ASP R 815 29.75 34.05 -54.17
N LEU R 816 29.88 33.83 -55.48
CA LEU R 816 28.74 33.53 -56.36
C LEU R 816 28.16 32.16 -56.02
N LEU R 817 29.02 31.19 -55.68
CA LEU R 817 28.57 29.85 -55.26
C LEU R 817 28.05 29.91 -53.83
N ALA R 818 28.69 30.72 -52.95
CA ALA R 818 28.27 30.88 -51.56
C ALA R 818 26.92 31.63 -51.44
N THR R 819 26.60 32.55 -52.37
CA THR R 819 25.32 33.28 -52.36
C THR R 819 24.18 32.42 -52.94
N VAL R 820 24.42 31.55 -53.95
CA VAL R 820 23.32 30.71 -54.46
C VAL R 820 23.02 29.60 -53.45
N TYR R 821 24.05 29.04 -52.78
CA TYR R 821 23.86 28.01 -51.74
C TYR R 821 23.09 28.59 -50.56
N ARG R 822 23.21 29.89 -50.27
CA ARG R 822 22.45 30.54 -49.21
C ARG R 822 21.00 30.72 -49.67
N LEU R 823 20.78 31.32 -50.85
CA LEU R 823 19.43 31.57 -51.39
C LEU R 823 18.59 30.31 -51.52
N ILE R 824 19.21 29.22 -51.99
CA ILE R 824 18.51 27.97 -52.20
C ILE R 824 18.20 27.27 -50.85
N ALA R 825 19.11 27.38 -49.86
CA ALA R 825 18.94 26.82 -48.52
C ALA R 825 17.90 27.61 -47.73
N ASP R 826 17.87 28.94 -47.89
CA ASP R 826 16.90 29.83 -47.25
C ASP R 826 15.48 29.59 -47.80
N GLY R 827 15.41 29.08 -49.03
CA GLY R 827 14.15 28.84 -49.74
C GLY R 827 13.78 30.03 -50.61
N THR R 828 14.67 31.05 -50.67
CA THR R 828 14.48 32.24 -51.49
C THR R 828 14.30 31.81 -52.95
N LEU R 829 15.02 30.76 -53.37
CA LEU R 829 14.91 30.17 -54.69
C LEU R 829 14.60 28.69 -54.56
N PRO R 830 13.72 28.16 -55.43
CA PRO R 830 13.42 26.72 -55.37
C PRO R 830 14.35 25.95 -56.28
N LEU R 831 14.78 24.77 -55.85
CA LEU R 831 15.69 23.96 -56.65
C LEU R 831 14.95 23.35 -57.86
N PRO R 832 15.68 22.88 -58.90
CA PRO R 832 15.02 22.39 -60.12
C PRO R 832 14.84 20.88 -60.16
N GLU R 833 14.38 20.37 -61.32
CA GLU R 833 14.23 18.93 -61.54
C GLU R 833 15.60 18.29 -61.46
N ILE R 834 15.82 17.41 -60.48
CA ILE R 834 17.10 16.75 -60.30
C ILE R 834 16.91 15.26 -60.50
N THR R 835 17.59 14.73 -61.52
CA THR R 835 17.55 13.33 -61.86
C THR R 835 18.88 12.73 -61.43
N HIS R 836 18.87 11.79 -60.47
CA HIS R 836 20.11 11.19 -59.98
C HIS R 836 20.52 10.00 -60.82
N TYR R 837 21.82 9.87 -61.09
CA TYR R 837 22.41 8.78 -61.86
C TYR R 837 23.60 8.19 -61.12
N PRO R 838 23.77 6.85 -61.05
CA PRO R 838 24.99 6.33 -60.41
C PRO R 838 26.18 6.55 -61.34
N LEU R 839 27.39 6.57 -60.77
CA LEU R 839 28.64 6.79 -61.52
C LEU R 839 28.87 5.75 -62.65
N GLU R 840 28.26 4.55 -62.55
CA GLU R 840 28.33 3.50 -63.60
C GLU R 840 27.58 3.94 -64.86
N GLU R 841 26.36 4.47 -64.70
CA GLU R 841 25.50 4.95 -65.79
C GLU R 841 25.82 6.40 -66.20
N ALA R 842 27.10 6.82 -66.13
CA ALA R 842 27.51 8.17 -66.51
C ALA R 842 27.45 8.35 -68.00
N ALA R 843 27.83 7.30 -68.76
CA ALA R 843 27.82 7.30 -70.24
C ALA R 843 26.39 7.40 -70.79
N THR R 844 25.43 6.82 -70.08
CA THR R 844 24.03 6.85 -70.45
C THR R 844 23.44 8.23 -70.21
N ALA R 845 23.82 8.88 -69.09
CA ALA R 845 23.39 10.24 -68.73
C ALA R 845 23.91 11.30 -69.75
N ILE R 846 25.05 11.03 -70.46
CA ILE R 846 25.61 11.89 -71.52
C ILE R 846 24.82 11.65 -72.82
N ARG R 847 24.45 10.38 -73.14
CA ARG R 847 23.67 10.08 -74.35
C ARG R 847 22.28 10.74 -74.30
N ILE R 848 21.68 10.80 -73.11
CA ILE R 848 20.35 11.40 -72.91
C ILE R 848 20.45 12.92 -73.02
N MET R 849 21.42 13.55 -72.33
CA MET R 849 21.61 14.99 -72.39
C MET R 849 22.10 15.41 -73.78
N GLY R 850 22.88 14.54 -74.41
CA GLY R 850 23.42 14.76 -75.75
C GLY R 850 22.37 14.74 -76.83
N GLY R 851 21.29 14.01 -76.59
CA GLY R 851 20.16 13.92 -77.50
C GLY R 851 19.02 14.88 -77.19
N ALA R 852 19.21 15.81 -76.22
CA ALA R 852 18.20 16.79 -75.77
C ALA R 852 16.91 16.10 -75.26
N GLN R 853 17.02 14.85 -74.77
CA GLN R 853 15.87 14.09 -74.23
C GLN R 853 15.60 14.50 -72.79
N HIS R 854 16.67 14.88 -72.07
CA HIS R 854 16.62 15.25 -70.65
C HIS R 854 15.81 16.53 -70.33
N THR R 855 15.59 16.72 -69.03
CA THR R 855 14.91 17.88 -68.44
C THR R 855 15.51 18.17 -67.06
N GLY R 856 15.84 19.43 -66.82
CA GLY R 856 16.41 19.87 -65.56
C GLY R 856 17.88 19.53 -65.42
N LYS R 857 18.30 19.24 -64.17
CA LYS R 857 19.70 18.93 -63.87
C LYS R 857 19.89 17.43 -63.68
N LEU R 858 21.09 16.96 -64.00
CA LEU R 858 21.53 15.57 -63.88
C LEU R 858 22.66 15.52 -62.85
N VAL R 859 22.47 14.79 -61.73
CA VAL R 859 23.46 14.68 -60.66
C VAL R 859 24.08 13.28 -60.70
N ILE R 860 25.43 13.19 -60.70
CA ILE R 860 26.14 11.90 -60.72
C ILE R 860 26.49 11.50 -59.26
N ASP R 861 25.85 10.43 -58.74
CA ASP R 861 26.07 9.96 -57.37
C ASP R 861 27.34 9.12 -57.31
N ILE R 862 28.18 9.39 -56.31
CA ILE R 862 29.45 8.70 -56.10
C ILE R 862 29.26 7.60 -55.05
N PRO R 863 29.95 6.43 -55.14
CA PRO R 863 29.77 5.38 -54.12
C PRO R 863 30.37 5.75 -52.75
N ASP R 864 29.50 5.99 -51.75
CA ASP R 864 29.87 6.39 -50.40
C ASP R 864 29.79 5.23 -49.45
N THR R 865 28.64 4.52 -49.44
CA THR R 865 28.40 3.31 -48.62
C THR R 865 29.60 2.33 -48.75
N GLY R 866 30.13 2.20 -49.97
CA GLY R 866 31.28 1.35 -50.26
C GLY R 866 31.48 1.09 -51.73
N GLN R 867 32.06 -0.09 -52.06
CA GLN R 867 32.38 -0.59 -53.42
C GLN R 867 33.48 0.23 -54.15
N SER R 868 34.59 -0.47 -54.49
CA SER R 868 35.70 0.03 -55.30
C SER R 868 35.58 -0.71 -56.63
N GLN R 869 34.84 -0.12 -57.60
CA GLN R 869 34.45 -0.69 -58.90
C GLN R 869 35.63 -1.27 -59.74
N VAL R 870 35.33 -1.87 -60.94
CA VAL R 870 36.37 -2.42 -61.83
C VAL R 870 37.16 -1.25 -62.36
N VAL R 871 38.50 -1.32 -62.26
CA VAL R 871 39.38 -0.22 -62.63
C VAL R 871 40.37 -0.64 -63.73
N VAL R 872 40.82 0.39 -64.48
CA VAL R 872 41.80 0.29 -65.55
C VAL R 872 43.06 1.06 -65.09
N PRO R 873 44.29 0.54 -65.31
CA PRO R 873 45.49 1.26 -64.84
C PRO R 873 46.11 2.19 -65.90
N PRO R 874 46.46 3.46 -65.56
CA PRO R 874 47.06 4.36 -66.55
C PRO R 874 48.61 4.33 -66.62
N GLU R 875 49.26 3.27 -66.09
CA GLU R 875 50.72 3.08 -66.08
C GLU R 875 51.50 4.27 -65.40
N GLN R 876 51.75 4.28 -64.06
CA GLN R 876 51.37 3.32 -63.00
C GLN R 876 51.77 1.85 -63.39
N VAL R 877 51.08 0.79 -62.87
CA VAL R 877 51.33 -0.64 -63.14
C VAL R 877 52.71 -1.06 -62.56
N PRO R 878 52.83 -2.23 -61.88
CA PRO R 878 54.15 -2.61 -61.34
C PRO R 878 55.08 -3.15 -62.42
PA NAP S . -2.38 -48.53 110.68
O1A NAP S . -1.21 -47.82 110.12
O2A NAP S . -2.16 -49.53 111.83
O5B NAP S . -3.39 -47.42 111.22
C5B NAP S . -2.92 -46.13 111.66
C4B NAP S . -2.64 -45.23 110.48
O4B NAP S . -3.71 -44.28 110.33
C3B NAP S . -1.37 -44.39 110.61
O3B NAP S . -0.26 -45.02 109.98
C2B NAP S . -1.72 -43.03 110.01
O2B NAP S . -1.08 -42.69 108.76
C1B NAP S . -3.23 -43.09 109.75
N9A NAP S . -3.95 -41.96 110.33
C8A NAP S . -4.74 -41.03 109.69
N7A NAP S . -5.34 -40.20 110.49
C5A NAP S . -4.93 -40.61 111.76
C6A NAP S . -5.27 -40.17 113.06
N6A NAP S . -6.12 -39.18 113.32
N1A NAP S . -4.70 -40.81 114.11
C2A NAP S . -3.85 -41.82 113.85
N3A NAP S . -3.46 -42.32 112.68
C4A NAP S . -4.06 -41.67 111.66
O3 NAP S . -3.11 -49.55 109.69
PN NAP S . -4.25 -50.64 109.94
O1N NAP S . -4.48 -50.78 111.40
O2N NAP S . -3.90 -51.84 109.16
O5D NAP S . -5.54 -49.94 109.30
C5D NAP S . -5.36 -48.82 108.39
C4D NAP S . -6.61 -48.55 107.61
O4D NAP S . -7.10 -49.77 107.02
C3D NAP S . -7.79 -48.00 108.41
O3D NAP S . -8.47 -47.01 107.64
C2D NAP S . -8.61 -49.26 108.63
O2D NAP S . -10.01 -49.12 108.86
C1D NAP S . -8.47 -49.83 107.18
N1N NAP S . -8.97 -51.28 107.19
C2N NAP S . -10.13 -51.58 106.46
C3N NAP S . -10.87 -52.70 106.80
C7N NAP S . -12.28 -52.85 106.22
O7N NAP S . -12.69 -52.06 105.33
N7N NAP S . -13.04 -53.87 106.68
C4N NAP S . -10.35 -53.57 107.76
C5N NAP S . -9.17 -53.28 108.41
C6N NAP S . -8.48 -52.14 108.10
P2B NAP S . 0.39 -42.10 108.50
O1X NAP S . 1.41 -43.21 108.17
O2X NAP S . 0.72 -41.23 109.72
O3X NAP S . 0.11 -41.19 107.32
H51A NAP S . -1.99 -46.35 112.18
H52A NAP S . -3.58 -45.64 112.38
H4B NAP S . -2.71 -45.77 109.54
H3B NAP S . -1.14 -44.28 111.67
HO3A NAP S . -0.45 -45.99 109.89
H2B NAP S . -1.46 -42.27 110.75
H1B NAP S . -3.49 -43.10 108.70
H8A NAP S . -4.84 -40.99 108.61
H61A NAP S . -6.57 -38.68 112.56
H62A NAP S . -6.34 -38.90 114.27
H2A NAP S . -3.41 -42.31 114.73
H51N NAP S . -4.52 -48.92 107.72
H52N NAP S . -5.12 -47.98 109.05
H4D NAP S . -6.37 -47.91 106.77
H3D NAP S . -7.50 -47.58 109.38
HO3N NAP S . -9.29 -46.78 108.16
H2D NAP S . -8.19 -49.89 109.41
HO2N NAP S . -10.29 -49.80 109.53
H1D NAP S . -8.97 -49.30 106.38
H2N NAP S . -10.43 -50.91 105.66
H71N NAP S . -12.71 -54.57 107.34
H72N NAP S . -14.04 -53.91 106.54
H4N NAP S . -10.84 -54.52 108.01
H5N NAP S . -8.79 -53.92 109.21
H6N NAP S . -7.53 -51.93 108.58
PA NAP T . -47.07 -55.18 154.37
O1A NAP T . -46.86 -54.24 155.50
O2A NAP T . -46.27 -54.84 153.11
O5B NAP T . -46.63 -56.66 154.76
C5B NAP T . -46.00 -57.00 156.01
C4B NAP T . -45.89 -58.50 156.05
O4B NAP T . -44.99 -58.91 157.10
C3B NAP T . -47.22 -59.21 156.32
O3B NAP T . -47.22 -60.46 155.64
C2B NAP T . -47.16 -59.38 157.84
O2B NAP T . -48.09 -60.36 158.35
C1B NAP T . -45.69 -59.76 158.00
N9A NAP T . -45.08 -59.63 159.32
C8A NAP T . -45.31 -58.65 160.26
N7A NAP T . -44.62 -58.79 161.36
C5A NAP T . -43.89 -59.95 161.15
C6A NAP T . -42.99 -60.67 161.96
N6A NAP T . -42.68 -60.31 163.21
N1A NAP T . -42.45 -61.80 161.45
C2A NAP T . -42.78 -62.17 160.21
N3A NAP T . -43.63 -61.59 159.35
C4A NAP T . -44.15 -60.47 159.89
O3 NAP T . -48.57 -55.45 153.90
P2B NAP T . -48.86 -60.32 159.75
O1X NAP T . -48.54 -59.03 160.55
O2X NAP T . -48.13 -61.47 160.43
O3X NAP T . -50.34 -60.58 159.60
H51A NAP T . -46.69 -56.64 156.77
H52A NAP T . -45.04 -56.48 156.15
H4B NAP T . -45.40 -58.87 155.15
H3B NAP T . -48.06 -58.60 156.00
HO3A NAP T . -48.15 -60.59 155.32
H2B NAP T . -47.38 -58.41 158.28
H1B NAP T . -45.49 -60.78 157.67
H8A NAP T . -46.03 -57.85 160.11
H61A NAP T . -43.11 -59.50 163.64
H62A NAP T . -42.02 -60.85 163.77
H2A NAP T . -42.31 -63.09 159.85
PA NAP U . -29.84 -51.80 72.10
O1A NAP U . -31.05 -52.24 72.84
O2A NAP U . -29.68 -52.08 70.60
O5B NAP U . -29.75 -50.20 72.11
C5B NAP U . -30.82 -49.23 71.97
C4B NAP U . -31.84 -49.23 73.10
O4B NAP U . -31.67 -48.08 73.96
C3B NAP U . -33.27 -49.15 72.60
O3B NAP U . -33.65 -50.49 72.32
C2B NAP U . -34.01 -48.53 73.79
O2B NAP U . -34.50 -49.57 74.65
C1B NAP U . -32.93 -47.71 74.51
N9A NAP U . -33.09 -46.27 74.40
C8A NAP U . -33.18 -45.37 75.43
N7A NAP U . -33.32 -44.13 75.03
C5A NAP U . -33.32 -44.22 73.65
C6A NAP U . -33.34 -43.24 72.63
N6A NAP U . -33.49 -41.93 72.86
N1A NAP U . -33.24 -43.66 71.36
C2A NAP U . -33.14 -44.97 71.12
N3A NAP U . -33.12 -45.99 71.99
C4A NAP U . -33.19 -45.54 73.25
O3 NAP U . -28.42 -52.38 72.56
PN NAP U . -26.91 -52.21 72.09
O1N NAP U . -26.83 -51.54 70.77
O2N NAP U . -26.29 -53.55 72.21
O5D NAP U . -26.31 -51.22 73.19
C5D NAP U . -27.12 -50.85 74.34
C4D NAP U . -26.52 -49.79 75.24
O4D NAP U . -25.25 -50.23 75.73
C3D NAP U . -26.29 -48.43 74.60
O3D NAP U . -26.91 -47.43 75.40
C2D NAP U . -24.76 -48.40 74.45
O2D NAP U . -24.15 -47.11 74.56
C1D NAP U . -24.28 -49.28 75.64
N1N NAP U . -23.06 -50.11 75.30
C2N NAP U . -21.87 -49.77 75.91
C3N NAP U . -20.68 -50.32 75.47
C7N NAP U . -19.39 -49.72 75.98
O7N NAP U . -19.41 -49.00 76.95
N7N NAP U . -18.27 -50.09 75.42
C4N NAP U . -20.73 -51.33 74.51
C5N NAP U . -21.94 -51.71 73.97
C6N NAP U . -23.10 -51.07 74.36
P2B NAP U . -35.76 -49.58 75.64
O1X NAP U . -35.35 -48.99 76.98
O2X NAP U . -36.11 -51.12 75.74
O3X NAP U . -36.89 -48.81 74.89
H51A NAP U . -31.29 -49.49 71.03
H52A NAP U . -30.42 -48.22 71.87
H4B NAP U . -31.68 -50.05 73.79
H3B NAP U . -33.35 -48.54 71.70
HO3A NAP U . -33.14 -50.75 71.51
H2B NAP U . -34.83 -47.92 73.43
H1B NAP U . -32.88 -47.94 75.58
H8A NAP U . -33.13 -45.65 76.48
H61A NAP U . -33.59 -41.57 73.81
H62A NAP U . -33.53 -41.27 72.10
H2A NAP U . -33.06 -45.27 70.08
H51N NAP U . -27.49 -51.69 74.93
H52N NAP U . -28.01 -50.42 73.89
H4D NAP U . -27.16 -49.70 76.11
H3D NAP U . -26.73 -48.39 73.60
HO3N NAP U . -27.51 -46.92 74.79
H2D NAP U . -24.45 -48.81 73.49
HO2N NAP U . -23.43 -47.03 73.88
H1D NAP U . -24.12 -48.79 76.61
H2N NAP U . -21.91 -49.09 76.76
H71N NAP U . -18.19 -50.87 74.79
H72N NAP U . -17.46 -49.47 75.44
H4N NAP U . -19.84 -51.87 74.17
H5N NAP U . -22.01 -52.53 73.25
H6N NAP U . -24.04 -51.34 73.87
PA NAP V . -3.97 -10.22 30.37
O1A NAP V . -4.52 -10.80 31.69
O2A NAP V . -5.00 -9.46 29.60
O5B NAP V . -3.66 -11.64 29.69
C5B NAP V . -4.27 -12.08 28.47
C4B NAP V . -3.42 -13.19 27.92
O4B NAP V . -4.08 -13.75 26.77
C3B NAP V . -2.02 -12.77 27.45
O3B NAP V . -1.03 -13.74 27.80
C2B NAP V . -2.24 -12.62 25.93
O2B NAP V . -1.05 -12.66 25.11
C1B NAP V . -3.17 -13.79 25.69
N9A NAP V . -3.94 -13.75 24.45
C8A NAP V . -4.75 -12.72 24.04
N7A NAP V . -5.27 -12.91 22.85
C5A NAP V . -4.76 -14.12 22.45
C6A NAP V . -4.87 -14.85 21.25
N6A NAP V . -5.54 -14.39 20.18
N1A NAP V . -4.21 -16.01 21.15
C2A NAP V . -3.47 -16.42 22.19
N3A NAP V . -3.27 -15.82 23.37
C4A NAP V . -3.95 -14.66 23.43
O3 NAP V . -2.50 -9.58 30.37
P2B NAP V . -0.83 -11.83 23.75
O1X NAP V . -0.27 -10.42 23.98
O2X NAP V . 0.13 -12.75 23.07
O3X NAP V . -2.08 -11.77 22.90
H51A NAP V . -4.23 -11.23 27.80
H52A NAP V . -5.31 -12.38 28.61
H4B NAP V . -3.38 -14.04 28.61
H3B NAP V . -1.75 -11.82 27.89
HO3A NAP V . -0.27 -13.24 28.20
H2B NAP V . -2.74 -11.68 25.77
H1B NAP V . -2.67 -14.76 25.70
H8A NAP V . -4.89 -11.81 24.63
H61A NAP V . -5.98 -13.48 20.20
H62A NAP V . -5.63 -14.94 19.33
H2A NAP V . -2.95 -17.38 22.07
PA NAP W . -37.50 -43.09 6.47
O1A NAP W . -36.40 -42.29 5.90
O2A NAP W . -37.29 -43.86 7.79
O5B NAP W . -38.73 -42.11 6.79
C5B NAP W . -38.55 -40.79 7.35
C4B NAP W . -38.11 -39.81 6.30
O4B NAP W . -39.17 -38.88 6.00
C3B NAP W . -36.92 -38.95 6.71
O3B NAP W . -35.68 -39.54 6.33
C2B NAP W . -37.12 -37.67 5.92
O2B NAP W . -36.39 -37.68 4.67
C1B NAP W . -38.63 -37.60 5.66
N9A NAP W . -39.37 -36.56 6.38
C8A NAP W . -40.22 -35.62 5.83
N7A NAP W . -40.81 -34.85 6.71
C5A NAP W . -40.33 -35.31 7.92
C6A NAP W . -40.59 -34.92 9.26
N6A NAP W . -41.55 -34.06 9.61
N1A NAP W . -39.89 -35.53 10.23
C2A NAP W . -39.01 -36.48 9.90
N3A NAP W . -38.71 -36.96 8.69
C4A NAP W . -39.42 -36.34 7.73
O3 NAP W . -37.95 -44.30 5.53
PN NAP W . -39.08 -45.39 5.83
O1N NAP W . -39.28 -45.52 7.29
O2N NAP W . -38.71 -46.60 5.07
O5D NAP W . -40.37 -44.69 5.18
C5D NAP W . -40.27 -43.58 4.25
C4D NAP W . -41.56 -43.13 3.61
O4D NAP W . -42.20 -44.24 2.94
C3D NAP W . -42.61 -42.55 4.54
O3D NAP W . -43.27 -41.44 3.91
C2D NAP W . -43.54 -43.74 4.77
O2D NAP W . -44.85 -43.43 5.22
C1D NAP W . -43.55 -44.28 3.29
N1N NAP W . -43.95 -45.76 3.28
C2N NAP W . -45.17 -46.07 2.73
C3N NAP W . -45.63 -47.37 2.73
C7N NAP W . -46.93 -47.65 2.02
O7N NAP W . -47.56 -46.73 1.50
N7N NAP W . -47.36 -48.87 2.00
C4N NAP W . -44.85 -48.35 3.34
C5N NAP W . -43.64 -48.03 3.88
C6N NAP W . -43.19 -46.72 3.83
P2B NAP W . -35.33 -36.59 4.16
O1X NAP W . -34.08 -37.29 3.58
O2X NAP W . -35.03 -35.58 5.29
O3X NAP W . -36.19 -35.89 3.10
H51A NAP W . -37.79 -40.92 8.11
H52A NAP W . -39.44 -40.43 7.84
H4B NAP W . -37.97 -40.29 5.32
H3B NAP W . -36.93 -38.78 7.79
HO3A NAP W . -35.83 -40.51 6.23
H2B NAP W . -36.79 -36.84 6.55
H1B NAP W . -38.87 -37.46 4.61
H8A NAP W . -40.37 -35.53 4.75
H61A NAP W . -42.15 -33.64 8.92
H62A NAP W . -41.70 -33.81 10.58
H2A NAP W . -38.43 -36.90 10.72
H51N NAP W . -39.50 -43.71 3.49
H52N NAP W . -39.92 -42.76 4.88
H4D NAP W . -41.33 -42.44 2.81
H3D NAP W . -42.19 -42.22 5.49
HO3N NAP W . -44.07 -41.24 4.46
H2D NAP W . -43.09 -44.45 5.47
HO2N NAP W . -45.14 -44.13 5.87
H1D NAP W . -44.14 -43.74 2.56
H2N NAP W . -45.76 -45.26 2.31
H71N NAP W . -46.94 -49.64 2.50
H72N NAP W . -48.14 -49.10 1.39
H4N NAP W . -45.16 -49.39 3.42
H5N NAP W . -43.00 -48.77 4.35
H6N NAP W . -42.21 -46.46 4.24
PA NAP X . -79.98 -47.50 53.41
O1A NAP X . -79.79 -46.54 54.52
O2A NAP X . -79.34 -47.03 52.11
O5B NAP X . -79.25 -48.89 53.70
C5B NAP X . -78.49 -49.21 54.90
C4B NAP X . -78.11 -50.66 54.87
O4B NAP X . -77.08 -50.91 55.85
C3B NAP X . -79.25 -51.63 55.19
O3B NAP X . -79.06 -52.86 54.49
C2B NAP X . -79.03 -51.81 56.70
O2B NAP X . -79.68 -52.98 57.25
C1B NAP X . -77.52 -51.93 56.74
N9A NAP X . -76.86 -51.74 58.03
C8A NAP X . -77.00 -50.67 58.87
N7A NAP X . -76.36 -50.79 60.00
C5A NAP X . -75.77 -52.04 59.91
C6A NAP X . -75.03 -52.81 60.84
N6A NAP X . -74.75 -52.40 62.07
N1A NAP X . -74.63 -54.05 60.45
C2A NAP X . -74.94 -54.47 59.22
N3A NAP X . -75.63 -53.84 58.28
C4A NAP X . -76.04 -52.62 58.69
O3 NAP X . -81.49 -48.02 53.17
PN NAP X . -82.79 -48.49 53.99
O1N NAP X . -83.38 -47.31 54.66
O2N NAP X . -83.64 -49.32 53.11
O5D NAP X . -82.19 -49.40 55.14
P2B NAP X . -80.47 -52.99 58.64
O1X NAP X . -79.77 -52.09 59.67
O2X NAP X . -80.18 -54.40 58.98
O3X NAP X . -81.93 -52.68 58.48
H51A NAP X . -79.19 -49.01 55.71
H52A NAP X . -77.63 -48.54 55.02
H4B NAP X . -77.61 -50.92 53.94
H3B NAP X . -80.21 -51.19 54.96
HO3A NAP X . -79.97 -53.23 54.33
H2B NAP X . -79.39 -50.92 57.20
H1B NAP X . -77.17 -52.89 56.36
H8A NAP X . -77.64 -49.82 58.63
H61A NAP X . -75.07 -51.51 62.41
H62A NAP X . -74.21 -52.98 62.72
H2A NAP X . -74.59 -55.46 58.95
PA NAP Y . -66.40 -46.76 -31.06
O1A NAP Y . -67.53 -47.25 -30.22
O2A NAP Y . -66.26 -47.18 -32.53
O5B NAP Y . -66.39 -45.16 -31.15
C5B NAP Y . -67.51 -44.26 -31.18
C4B NAP Y . -68.35 -44.32 -29.93
O4B NAP Y . -68.09 -43.21 -29.04
C3B NAP Y . -69.83 -44.23 -30.25
O3B NAP Y . -70.25 -45.52 -30.68
C2B NAP Y . -70.39 -43.73 -28.91
O2B NAP Y . -70.76 -44.76 -27.98
C1B NAP Y . -69.25 -42.92 -28.30
N9A NAP Y . -69.51 -41.48 -28.36
C8A NAP Y . -69.52 -40.60 -27.32
N7A NAP Y . -69.72 -39.35 -27.67
C5A NAP Y . -69.85 -39.42 -29.05
C6A NAP Y . -69.97 -38.43 -30.05
N6A NAP Y . -69.87 -37.11 -29.81
N1A NAP Y . -70.07 -38.84 -31.33
C2A NAP Y . -70.02 -40.15 -31.61
N3A NAP Y . -69.87 -41.17 -30.76
C4A NAP Y . -69.77 -40.73 -29.49
O3 NAP Y . -64.95 -47.23 -30.60
PN NAP Y . -63.42 -47.16 -31.12
O1N NAP Y . -63.32 -46.36 -32.36
O2N NAP Y . -62.96 -48.57 -31.15
O5D NAP Y . -62.68 -46.34 -29.98
C5D NAP Y . -63.43 -45.88 -28.82
C4D NAP Y . -62.68 -44.93 -27.94
O4D NAP Y . -61.34 -45.41 -27.71
C3D NAP Y . -62.49 -43.52 -28.50
O3D NAP Y . -62.66 -42.62 -27.41
C2D NAP Y . -61.06 -43.60 -29.04
O2D NAP Y . -60.40 -42.34 -29.19
C1D NAP Y . -60.42 -44.40 -27.86
N1N NAP Y . -59.11 -45.09 -28.26
C2N NAP Y . -57.94 -44.71 -27.61
C3N NAP Y . -56.71 -45.07 -28.15
C7N NAP Y . -55.51 -44.24 -27.77
O7N NAP Y . -55.59 -43.45 -26.82
N7N NAP Y . -54.38 -44.44 -28.42
C4N NAP Y . -56.70 -46.02 -29.17
C5N NAP Y . -57.87 -46.45 -29.75
C6N NAP Y . -59.07 -45.94 -29.31
P2B NAP Y . -72.15 -44.93 -27.19
O1X NAP Y . -72.47 -46.43 -27.07
O2X NAP Y . -73.30 -44.12 -27.83
O3X NAP Y . -71.75 -44.27 -25.86
H51A NAP Y . -68.08 -44.58 -32.05
H52A NAP Y . -67.20 -43.23 -31.35
H4B NAP Y . -68.11 -45.17 -29.30
H3B NAP Y . -70.00 -43.53 -31.07
HO3A NAP Y . -70.16 -45.48 -31.67
H2B NAP Y . -71.26 -43.13 -29.15
H1B NAP Y . -69.06 -43.16 -27.26
H8A NAP Y . -69.37 -40.90 -26.28
H61A NAP Y . -69.64 -36.77 -28.88
H62A NAP Y . -70.04 -36.44 -30.54
H2A NAP Y . -70.09 -40.44 -32.65
H51N NAP Y . -63.88 -46.68 -28.24
H52N NAP Y . -64.28 -45.35 -29.28
H4D NAP Y . -63.16 -44.91 -26.97
H3D NAP Y . -63.18 -43.27 -29.30
HO3N NAP Y . -62.28 -41.76 -27.71
H2D NAP Y . -61.03 -44.13 -29.99
HO2N NAP Y . -59.86 -42.36 -30.02
H1D NAP Y . -60.27 -43.87 -26.93
H2N NAP Y . -58.01 -44.15 -26.69
H71N NAP Y . -54.25 -45.20 -29.07
H72N NAP Y . -53.65 -43.74 -28.45
H4N NAP Y . -55.78 -46.49 -29.50
H5N NAP Y . -57.88 -47.17 -30.57
H6N NAP Y . -60.00 -46.22 -29.82
PA NAP Z . -42.26 -2.53 -69.41
O1A NAP Z . -42.77 -3.24 -68.15
O2A NAP Z . -43.30 -1.68 -70.03
O5B NAP Z . -41.85 -3.74 -70.38
C5B NAP Z . -42.41 -3.98 -71.68
C4B NAP Z . -41.66 -5.12 -72.31
O4B NAP Z . -42.39 -5.61 -73.46
C3B NAP Z . -40.26 -4.77 -72.82
O3B NAP Z . -39.39 -5.89 -72.71
C2B NAP Z . -40.57 -4.43 -74.27
O2B NAP Z . -39.43 -4.42 -75.16
C1B NAP Z . -41.56 -5.55 -74.60
N9A NAP Z . -42.38 -5.40 -75.79
C8A NAP Z . -43.18 -4.32 -76.10
N7A NAP Z . -43.77 -4.40 -77.27
C5A NAP Z . -43.30 -5.60 -77.79
C6A NAP Z . -43.46 -6.22 -79.04
N6A NAP Z . -44.17 -5.68 -80.04
N1A NAP Z . -42.81 -7.37 -79.26
C2A NAP Z . -42.05 -7.89 -78.28
N3A NAP Z . -41.82 -7.40 -77.05
C4A NAP Z . -42.47 -6.24 -76.87
O3 NAP Z . -40.83 -1.88 -69.14
P2B NAP Z . -39.19 -3.32 -76.29
O1X NAP Z . -38.37 -2.13 -75.82
O2X NAP Z . -38.45 -4.23 -77.20
O3X NAP Z . -40.48 -2.90 -76.96
H51A NAP Z . -42.22 -3.06 -72.22
H52A NAP Z . -43.48 -4.14 -71.64
H4B NAP Z . -41.65 -5.99 -71.64
H3B NAP Z . -39.87 -3.93 -72.27
HO3A NAP Z . -38.47 -5.53 -72.57
H2B NAP Z . -41.05 -3.46 -74.30
H1B NAP Z . -41.06 -6.51 -74.71
H8A NAP Z . -43.29 -3.45 -75.45
H61A NAP Z . -44.63 -4.79 -79.92
H62A NAP Z . -44.27 -6.15 -80.93
H2A NAP Z . -41.55 -8.83 -78.50
PA NAP AA . -106.92 -33.91 -133.53
O1A NAP AA . -107.95 -34.91 -133.18
O2A NAP AA . -107.37 -32.91 -134.60
O5B NAP AA . -106.60 -33.03 -132.22
C5B NAP AA . -107.13 -31.72 -131.97
C4B NAP AA . -108.31 -31.81 -131.04
O4B NAP AA . -108.53 -30.52 -130.45
C3B NAP AA . -109.64 -32.18 -131.68
O3B NAP AA . -109.78 -33.58 -131.84
C2B NAP AA . -110.62 -31.61 -130.64
O2B NAP AA . -111.02 -32.62 -129.69
C1B NAP AA . -109.85 -30.49 -129.94
N9A NAP AA . -110.34 -29.11 -130.05
C8A NAP AA . -110.58 -28.24 -129.01
N7A NAP AA . -111.01 -27.07 -129.40
C5A NAP AA . -111.04 -27.16 -130.78
C6A NAP AA . -111.31 -26.21 -131.79
N6A NAP AA . -111.67 -24.95 -131.55
N1A NAP AA . -111.16 -26.61 -133.08
C2A NAP AA . -110.77 -27.87 -133.32
N3A NAP AA . -110.49 -28.84 -132.45
C4A NAP AA . -110.63 -28.42 -131.20
O3 NAP AA . -105.49 -34.40 -134.06
PN NAP AA . -104.14 -34.96 -133.43
O1N NAP AA . -103.00 -34.82 -134.38
O2N NAP AA . -104.40 -36.28 -132.83
O5D NAP AA . -103.92 -33.87 -132.29
C5D NAP AA . -102.67 -33.77 -131.58
C4D NAP AA . -102.94 -33.07 -130.28
O4D NAP AA . -101.82 -33.26 -129.39
C3D NAP AA . -103.07 -31.55 -130.37
O3D NAP AA . -103.85 -31.05 -129.28
C2D NAP AA . -101.60 -31.11 -130.34
O2D NAP AA . -101.38 -29.85 -129.74
C1D NAP AA . -100.94 -32.16 -129.38
N1N NAP AA . -99.58 -32.63 -129.94
C2N NAP AA . -98.47 -31.82 -129.65
C3N NAP AA . -97.23 -32.12 -130.18
C7N NAP AA . -96.03 -31.30 -129.74
O7N NAP AA . -96.12 -30.56 -128.75
N7N NAP AA . -94.85 -31.50 -130.37
C4N NAP AA . -97.11 -33.26 -130.98
C5N NAP AA . -98.20 -34.05 -131.23
C6N NAP AA . -99.43 -33.73 -130.70
P2B NAP AA . -112.47 -33.26 -129.43
O1X NAP AA . -112.89 -33.03 -128.09
O2X NAP AA . -112.22 -34.77 -129.70
O3X NAP AA . -113.55 -32.68 -130.35
H51A NAP AA . -107.49 -31.35 -132.93
H52A NAP AA . -106.37 -31.04 -131.61
H4B NAP AA . -108.07 -32.43 -130.18
H3B NAP AA . -109.75 -31.68 -132.64
HO3A NAP AA . -109.71 -33.99 -130.94
H2B NAP AA . -111.50 -31.24 -131.17
H1B NAP AA . -109.75 -30.67 -128.87
H8A NAP AA . -110.43 -28.49 -127.97
H61A NAP AA . -111.77 -24.62 -130.60
H62A NAP AA . -111.86 -24.30 -132.31
H2A NAP AA . -110.65 -28.14 -134.37
H51N NAP AA . -101.89 -33.27 -132.16
H52N NAP AA . -102.35 -34.79 -131.47
H4D NAP AA . -103.79 -33.51 -129.77
H3D NAP AA . -103.52 -31.22 -131.31
HO3N NAP AA . -104.44 -30.36 -129.68
H2D NAP AA . -101.15 -31.13 -131.34
HO2N NAP AA . -100.48 -29.52 -130.02
H1D NAP AA . -100.76 -31.82 -128.37
H2N NAP AA . -98.63 -30.95 -129.01
H71N NAP AA . -94.71 -32.21 -131.08
H72N NAP AA . -94.08 -30.86 -130.26
H4N NAP AA . -96.16 -33.57 -131.42
H5N NAP AA . -98.12 -34.95 -131.85
H6N NAP AA . -100.25 -34.43 -130.85
PA NAP BA . -77.57 -32.73 -95.64
O1A NAP BA . -76.48 -31.86 -96.12
O2A NAP BA . -77.15 -33.74 -94.55
O5B NAP BA . -78.75 -31.74 -95.23
C5B NAP BA . -78.54 -30.52 -94.48
C4B NAP BA . -78.23 -29.37 -95.40
O4B NAP BA . -79.36 -28.49 -95.48
C3B NAP BA . -77.09 -28.47 -94.94
O3B NAP BA . -75.82 -28.96 -95.39
C2B NAP BA . -77.42 -27.13 -95.59
O2B NAP BA . -76.74 -26.94 -96.85
C1B NAP BA . -78.93 -27.19 -95.84
N9A NAP BA . -79.74 -26.22 -95.12
C8A NAP BA . -80.64 -25.33 -95.65
N7A NAP BA . -81.25 -24.58 -94.75
C5A NAP BA . -80.70 -25.00 -93.55
C6A NAP BA . -80.93 -24.62 -92.21
N6A NAP BA . -81.77 -23.65 -91.86
N1A NAP BA . -80.24 -25.26 -91.25
C2A NAP BA . -79.37 -26.21 -91.60
N3A NAP BA . -79.07 -26.65 -92.83
C4A NAP BA . -79.78 -26.01 -93.76
O3 NAP BA . -78.30 -33.75 -96.63
PN NAP BA . -79.20 -35.05 -96.35
O1N NAP BA . -79.36 -35.22 -94.90
O2N NAP BA . -78.60 -36.17 -97.11
O5D NAP BA . -80.62 -34.64 -96.95
C5D NAP BA . -80.82 -33.44 -97.74
C4D NAP BA . -82.20 -33.38 -98.34
O4D NAP BA . -82.74 -34.71 -98.55
C3D NAP BA . -83.26 -32.65 -97.52
O3D NAP BA . -83.48 -31.32 -97.99
C2D NAP BA . -84.48 -33.54 -97.71
O2D NAP BA . -85.61 -32.80 -98.16
C1D NAP BA . -84.08 -34.52 -98.86
N1N NAP BA . -84.87 -35.87 -98.78
C2N NAP BA . -84.77 -36.65 -97.61
C3N NAP BA . -85.56 -37.79 -97.46
C7N NAP BA . -85.51 -38.53 -96.10
O7N NAP BA . -84.71 -38.15 -95.21
N7N NAP BA . -86.31 -39.62 -95.92
C4N NAP BA . -86.41 -38.17 -98.51
C5N NAP BA . -86.47 -37.40 -99.66
C6N NAP BA . -85.70 -36.24 -99.77
P2B NAP BA . -75.71 -25.77 -97.23
O1X NAP BA . -74.51 -26.33 -97.96
O2X NAP BA . -75.31 -24.95 -96.00
O3X NAP BA . -76.63 -24.90 -98.10
H51A NAP BA . -77.68 -30.73 -93.85
H52A NAP BA . -79.37 -30.28 -93.82
H4B NAP BA . -78.12 -29.71 -96.43
H3B NAP BA . -77.09 -28.40 -93.86
HO3A NAP BA . -75.93 -29.91 -95.64
H2B NAP BA . -77.15 -26.35 -94.89
H1B NAP BA . -79.18 -27.05 -96.89
H8A NAP BA . -80.84 -25.25 -96.71
H61A NAP BA . -82.30 -23.14 -92.56
H62A NAP BA . -81.92 -23.39 -90.89
H2A NAP BA . -78.83 -26.70 -90.79
H51N NAP BA . -80.07 -33.26 -98.50
H52N NAP BA . -80.69 -32.63 -97.01
H4D NAP BA . -82.12 -32.95 -99.34
H3D NAP BA . -83.03 -32.61 -96.47
HO3N NAP BA . -84.31 -31.01 -97.55
H2D NAP BA . -84.75 -34.06 -96.78
HO2N NAP BA . -86.16 -32.55 -97.37
H1D NAP BA . -84.18 -34.16 -99.88
H2N NAP BA . -84.07 -36.34 -96.84
H71N NAP BA . -86.96 -39.97 -96.62
H72N NAP BA . -86.32 -40.15 -95.06
H4N NAP BA . -87.03 -39.06 -98.48
H5N NAP BA . -87.11 -37.67 -100.49
H6N NAP BA . -85.82 -35.60 -100.64
PA NAP CA . -116.78 -41.79 -46.60
O1A NAP CA . -116.56 -40.86 -45.46
O2A NAP CA . -116.22 -41.21 -47.92
O5B NAP CA . -115.91 -43.13 -46.46
C5B NAP CA . -115.25 -43.51 -45.24
C4B NAP CA . -114.94 -44.99 -45.29
O4B NAP CA . -113.89 -45.28 -44.34
C3B NAP CA . -116.12 -45.89 -44.90
O3B NAP CA . -116.09 -47.13 -45.61
C2B NAP CA . -115.86 -46.11 -43.42
O2B NAP CA . -116.53 -47.27 -42.88
C1B NAP CA . -114.35 -46.27 -43.44
N9A NAP CA . -113.65 -46.09 -42.15
C8A NAP CA . -113.76 -45.03 -41.31
N7A NAP CA . -113.10 -45.17 -40.18
C5A NAP CA . -112.54 -46.44 -40.30
C6A NAP CA . -111.77 -47.21 -39.40
N6A NAP CA . -111.42 -46.81 -38.18
N1A NAP CA . -111.40 -48.44 -39.80
C2A NAP CA . -111.76 -48.86 -41.02
N3A NAP CA . -112.49 -48.22 -41.94
C4A NAP CA . -112.85 -47.01 -41.51
O3 NAP CA . -118.24 -42.42 -46.75
P2B NAP CA . -117.11 -47.36 -41.40
O1X NAP CA . -116.19 -46.66 -40.40
O2X NAP CA . -116.93 -48.82 -41.25
O3X NAP CA . -118.56 -46.94 -41.28
H51A NAP CA . -115.97 -43.32 -44.46
H52A NAP CA . -114.37 -42.91 -45.05
H4B NAP CA . -114.50 -45.26 -46.24
H3B NAP CA . -117.06 -45.38 -45.09
HO3A NAP CA . -117.03 -47.38 -45.79
H2B NAP CA . -116.17 -45.22 -42.88
H1B NAP CA . -114.04 -47.24 -43.81
H8A NAP CA . -114.38 -44.16 -41.53
H61A NAP CA . -111.71 -45.90 -37.83
H62A NAP CA . -110.88 -47.40 -37.55
H2A NAP CA . -111.42 -49.85 -41.31
PA NAP DA . -56.18 29.37 -104.48
O1A NAP DA . -57.19 28.32 -104.77
O2A NAP DA . -56.65 30.54 -103.61
O5B NAP DA . -55.01 28.69 -103.65
C5B NAP DA . -55.17 27.82 -102.53
C4B NAP DA . -55.57 26.44 -102.97
O4B NAP DA . -54.52 25.52 -102.60
C3B NAP DA . -56.84 25.92 -102.29
O3B NAP DA . -57.99 26.39 -103.00
C2B NAP DA . -56.61 24.41 -102.37
O2B NAP DA . -57.09 23.85 -103.63
C1B NAP DA . -55.08 24.27 -102.27
N9A NAP DA . -54.48 23.82 -101.02
C8A NAP DA . -53.42 22.95 -100.89
N7A NAP DA . -53.00 22.78 -99.66
C5A NAP DA . -53.85 23.59 -98.93
C6A NAP DA . -53.91 23.87 -97.54
N6A NAP DA . -53.14 23.29 -96.63
N1A NAP DA . -54.86 24.75 -97.12
C2A NAP DA . -55.70 25.27 -98.03
N3A NAP DA . -55.73 25.07 -99.35
C4A NAP DA . -54.77 24.22 -99.74
O3 NAP DA . -55.40 30.11 -105.66
PN NAP DA . -54.31 31.28 -105.55
O1N NAP DA . -54.44 31.93 -104.22
O2N NAP DA . -54.40 32.16 -106.74
O5D NAP DA . -52.93 30.47 -105.54
C5D NAP DA . -52.86 29.07 -105.88
C4D NAP DA . -51.47 28.51 -105.74
O4D NAP DA . -50.59 29.15 -106.70
C3D NAP DA . -50.82 28.69 -104.37
O3D NAP DA . -50.27 27.46 -103.91
C2D NAP DA . -49.81 29.81 -104.65
O2D NAP DA . -48.60 29.77 -103.90
C1D NAP DA . -49.40 29.54 -106.11
N1N NAP DA . -49.01 30.88 -106.72
C2N NAP DA . -47.65 31.18 -106.86
C3N NAP DA . -47.25 32.42 -107.29
C7N NAP DA . -45.77 32.74 -107.37
O7N NAP DA . -44.94 31.82 -107.32
N7N NAP DA . -45.40 33.99 -107.63
C4N NAP DA . -48.22 33.35 -107.64
C5N NAP DA . -49.57 33.03 -107.52
C6N NAP DA . -49.94 31.79 -107.06
P2B NAP DA . -57.93 22.51 -103.91
O1X NAP DA . -58.89 22.73 -105.08
O2X NAP DA . -58.63 22.04 -102.61
O3X NAP DA . -56.79 21.54 -104.23
H51A NAP DA . -55.95 28.28 -101.92
H52A NAP DA . -54.27 27.74 -101.94
H4B NAP DA . -55.60 26.35 -104.05
H3B NAP DA . -56.89 26.28 -101.27
HO3A NAP DA . -57.98 27.37 -102.90
H2B NAP DA . -57.14 23.95 -101.54
H1B NAP DA . -54.71 23.57 -103.02
H8A NAP DA . -52.96 22.46 -101.75
H61A NAP DA . -52.44 22.61 -96.91
H62A NAP DA . -53.25 23.47 -95.63
H2A NAP DA . -56.43 25.97 -97.67
H51N NAP DA . -53.30 28.81 -106.85
H52N NAP DA . -53.48 28.57 -105.15
H4D NAP DA . -51.50 27.46 -106.02
H3D NAP DA . -51.53 29.04 -103.63
HO3N NAP DA . -51.00 26.99 -103.43
H2D NAP DA . -50.27 30.80 -104.51
HO2N NAP DA . -48.16 30.66 -103.96
H1D NAP DA . -48.61 28.82 -106.30
H2N NAP DA . -46.93 30.40 -106.58
H71N NAP DA . -46.04 34.71 -107.92
H72N NAP DA . -44.49 34.31 -107.36
H4N NAP DA . -47.99 34.34 -108.02
H5N NAP DA . -50.34 33.73 -107.82
H6N NAP DA . -51.01 31.57 -106.95
PA NAP EA . -30.46 61.56 -55.35
O1A NAP EA . -30.73 61.51 -53.89
O2A NAP EA . -30.89 60.31 -56.14
O5B NAP EA . -31.28 62.75 -56.05
C5B NAP EA . -32.57 63.25 -55.60
C4B NAP EA . -32.89 64.52 -56.35
O4B NAP EA . -34.23 64.98 -56.00
C3B NAP EA . -31.95 65.70 -56.08
O3B NAP EA . -31.76 66.47 -57.27
C2B NAP EA . -32.73 66.45 -55.01
O2B NAP EA . -32.31 67.81 -54.74
C1B NAP EA . -34.14 66.33 -55.59
N9A NAP EA . -35.27 66.66 -54.71
C8A NAP EA . -35.48 66.22 -53.44
N7A NAP EA . -36.51 66.79 -52.84
C5A NAP EA . -36.99 67.67 -53.79
C6A NAP EA . -38.05 68.61 -53.78
N6A NAP EA . -38.86 68.78 -52.73
N1A NAP EA . -38.24 69.36 -54.87
C2A NAP EA . -37.46 69.16 -55.94
N3A NAP EA . -36.45 68.30 -56.08
C4A NAP EA . -36.26 67.59 -54.96
O3 NAP EA . -28.95 61.91 -55.78
P2B NAP EA . -32.23 68.45 -53.28
O1X NAP EA . -33.51 68.22 -52.48
O2X NAP EA . -32.25 69.87 -53.75
O3X NAP EA . -30.98 68.08 -52.51
H51A NAP EA . -32.42 63.47 -54.55
H52A NAP EA . -33.34 62.49 -55.68
H4B NAP EA . -32.99 64.32 -57.42
H3B NAP EA . -30.99 65.34 -55.71
HO3A NAP EA . -30.78 66.59 -57.37
H2B NAP EA . -32.66 65.88 -54.08
H1B NAP EA . -34.26 66.96 -56.47
H8A NAP EA . -34.85 65.50 -52.94
H61A NAP EA . -38.73 68.25 -51.87
H62A NAP EA . -39.62 69.45 -52.75
H2A NAP EA . -37.65 69.80 -56.80
PA NAP FA . -17.91 19.45 -131.01
O1A NAP FA . -16.75 20.20 -130.47
O2A NAP FA . -17.74 18.82 -132.40
O5B NAP FA . -18.32 18.40 -129.87
C5B NAP FA . -17.47 17.51 -129.13
C4B NAP FA . -16.75 18.22 -128.02
O4B NAP FA . -17.16 17.67 -126.75
C3B NAP FA . -15.24 18.06 -128.06
O3B NAP FA . -14.68 19.03 -128.93
C2B NAP FA . -14.88 18.27 -126.60
O2B NAP FA . -14.64 19.66 -126.30
C1B NAP FA . -16.10 17.73 -125.82
N9A NAP FA . -15.96 16.44 -125.14
C8A NAP FA . -16.37 16.15 -123.87
N7A NAP FA . -16.14 14.92 -123.48
C5A NAP FA . -15.55 14.34 -124.60
C6A NAP FA . -15.13 13.02 -124.87
N6A NAP FA . -15.30 12.00 -124.04
N1A NAP FA . -14.60 12.77 -126.10
C2A NAP FA . -14.50 13.77 -126.98
N3A NAP FA . -14.89 15.05 -126.84
C4A NAP FA . -15.42 15.27 -125.62
O3 NAP FA . -19.31 20.16 -131.30
PN NAP FA . -20.71 19.65 -131.88
O1N NAP FA . -20.51 18.55 -132.85
O2N NAP FA . -21.49 20.82 -132.33
O5D NAP FA . -21.42 19.04 -130.58
C5D NAP FA . -21.13 19.56 -129.26
C4D NAP FA . -22.19 19.14 -128.29
O4D NAP FA . -23.49 19.48 -128.82
C3D NAP FA . -22.26 17.64 -127.97
O3D NAP FA . -22.42 17.43 -126.57
C2D NAP FA . -23.49 17.20 -128.77
O2D NAP FA . -24.20 16.10 -128.22
C1D NAP FA . -24.35 18.45 -128.54
N1N NAP FA . -25.47 18.55 -129.55
C2N NAP FA . -26.74 18.37 -129.06
C3N NAP FA . -27.84 18.59 -129.88
C7N NAP FA . -29.21 18.32 -129.29
O7N NAP FA . -29.31 17.85 -128.17
N7N NAP FA . -30.24 18.54 -130.03
C4N NAP FA . -27.62 19.03 -131.18
C5N NAP FA . -26.32 19.18 -131.65
C6N NAP FA . -25.25 18.92 -130.83
P2B NAP FA . -13.67 20.21 -125.16
O1X NAP FA . -13.21 21.64 -125.48
O2X NAP FA . -12.48 19.27 -125.13
O3X NAP FA . -14.45 20.04 -123.81
H51A NAP FA . -16.77 17.12 -129.87
H52A NAP FA . -18.04 16.68 -128.71
H4B NAP FA . -17.06 19.26 -127.95
H3B NAP FA . -14.98 17.07 -128.42
HO3A NAP FA . -14.96 18.76 -129.85
H2B NAP FA . -13.97 17.69 -126.40
H1B NAP FA . -16.40 18.42 -125.04
H8A NAP FA . -16.84 16.89 -123.22
H61A NAP FA . -15.77 12.13 -123.15
H62A NAP FA . -14.97 11.07 -124.26
H2A NAP FA . -14.06 13.53 -127.94
H51N NAP FA . -20.96 20.64 -129.22
H52N NAP FA . -20.18 19.12 -128.98
H4D NAP FA . -22.09 19.73 -127.38
H3D NAP FA . -21.40 17.09 -128.33
HO3N NAP FA . -22.67 16.48 -126.46
H2D NAP FA . -23.28 17.03 -129.83
HO2N NAP FA . -24.73 15.67 -128.94
H1D NAP FA . -24.77 18.58 -127.53
H2N NAP FA . -26.87 18.04 -128.03
H71N NAP FA . -30.20 18.80 -131.01
H72N NAP FA . -31.16 18.60 -129.59
H4N NAP FA . -28.43 19.27 -131.87
H5N NAP FA . -26.13 19.54 -132.67
H6N NAP FA . -24.24 18.97 -131.21
PA NAP GA . -26.66 -39.20 -149.19
O1A NAP GA . -26.90 -38.10 -148.15
O2A NAP GA . -25.37 -39.90 -149.00
O5B NAP GA . -26.67 -38.28 -150.50
C5B NAP GA . -25.70 -38.36 -151.56
C4B NAP GA . -26.47 -38.25 -152.85
O4B NAP GA . -25.55 -38.10 -153.96
C3B NAP GA . -27.34 -39.46 -153.18
O3B NAP GA . -28.60 -39.00 -153.66
C2B NAP GA . -26.55 -40.21 -154.24
O2B NAP GA . -27.38 -40.98 -155.14
C1B NAP GA . -25.82 -39.07 -154.96
N9A NAP GA . -24.55 -39.42 -155.61
C8A NAP GA . -23.52 -40.15 -155.07
N7A NAP GA . -22.52 -40.32 -155.89
C5A NAP GA . -22.90 -39.68 -157.06
C6A NAP GA . -22.31 -39.57 -158.32
N6A NAP GA . -21.15 -40.15 -158.65
N1A NAP GA . -22.98 -38.89 -159.28
C2A NAP GA . -24.17 -38.36 -158.97
N3A NAP GA . -24.84 -38.42 -157.81
C4A NAP GA . -24.15 -39.10 -156.89
O3 NAP GA . -27.95 -40.12 -149.41
P2B NAP GA . -26.97 -42.36 -155.83
O1X NAP GA . -27.71 -43.54 -155.26
O2X NAP GA . -27.39 -42.00 -157.23
O3X NAP GA . -25.45 -42.54 -155.83
H51A NAP GA . -25.26 -39.35 -151.49
H52A NAP GA . -24.91 -37.62 -151.46
H4B NAP GA . -27.04 -37.32 -152.86
H3B NAP GA . -27.49 -40.07 -152.28
HO3A NAP GA . -29.27 -39.68 -153.38
H2B NAP GA . -25.87 -40.88 -153.73
H1B NAP GA . -26.44 -38.59 -155.71
H8A NAP GA . -23.56 -40.58 -154.08
H61A NAP GA . -20.66 -40.74 -157.99
H62A NAP GA . -20.74 -40.03 -159.57
H2A NAP GA . -24.66 -37.77 -159.76
PA NAP HA . 14.74 16.61 90.51
O1A NAP HA . 13.71 15.62 90.14
O2A NAP HA . 14.21 17.97 91.00
O5B NAP HA . 15.72 15.93 91.59
C5B NAP HA . 15.32 15.04 92.65
C4B NAP HA . 15.00 13.66 92.13
O4B NAP HA . 16.02 12.74 92.55
C3B NAP HA . 13.71 13.06 92.65
O3B NAP HA . 12.65 13.44 91.77
C2B NAP HA . 13.97 11.57 92.53
O2B NAP HA . 13.55 11.08 91.23
C1B NAP HA . 15.48 11.44 92.62
N9A NAP HA . 16.00 10.79 93.82
C8A NAP HA . 16.88 9.73 93.87
N7A NAP HA . 17.28 9.43 95.08
C5A NAP HA . 16.63 10.35 95.89
C6A NAP HA . 16.70 10.62 97.26
N6A NAP HA . 17.34 9.83 98.13
N1A NAP HA . 16.02 11.68 97.73
C2A NAP HA . 15.25 12.38 96.87
N3A NAP HA . 15.07 12.20 95.57
C4A NAP HA . 15.82 11.18 95.12
O3 NAP HA . 15.74 17.15 89.38
PN NAP HA . 16.81 18.34 89.40
O1N NAP HA . 16.64 19.15 90.63
O2N NAP HA . 16.73 19.04 88.11
O5D NAP HA . 18.19 17.54 89.56
C5D NAP HA . 18.23 16.12 89.37
C4D NAP HA . 19.67 15.65 89.37
O4D NAP HA . 20.41 16.42 88.40
C3D NAP HA . 20.43 15.84 90.68
O3D NAP HA . 21.28 14.72 90.94
C2D NAP HA . 21.23 17.12 90.41
O2D NAP HA . 22.41 17.25 91.18
C1D NAP HA . 21.64 16.77 88.95
N1N NAP HA . 22.19 18.03 88.25
C2N NAP HA . 23.58 18.15 88.25
C3N NAP HA . 24.16 19.38 87.95
C7N NAP HA . 25.64 19.51 88.17
O7N NAP HA . 26.34 18.50 88.41
N7N NAP HA . 26.19 20.72 88.04
C4N NAP HA . 23.33 20.42 87.54
C5N NAP HA . 21.96 20.24 87.48
C6N NAP HA . 21.41 19.04 87.86
P2B NAP HA . 12.95 9.64 90.85
O1X NAP HA . 12.09 9.79 89.58
O2X NAP HA . 12.12 9.11 92.03
O3X NAP HA . 14.20 8.72 90.71
H51A NAP HA . 14.44 15.49 93.09
H52A NAP HA . 16.09 14.95 93.41
H4B NAP HA . 15.11 13.61 91.04
H3B NAP HA . 13.51 13.38 93.67
HO3A NAP HA . 12.95 13.23 90.84
H2B NAP HA . 13.44 11.05 93.33
H1B NAP HA . 15.91 10.88 91.79
H8A NAP HA . 17.21 9.20 92.99
H61A NAP HA . 17.83 9.01 97.81
H62A NAP HA . 17.31 10.00 99.13
H2A NAP HA . 14.68 13.20 97.31
H51N NAP HA . 17.72 15.75 88.48
H52N NAP HA . 17.71 15.70 90.22
H4D NAP HA . 19.73 14.62 89.02
H3D NAP HA . 19.78 16.00 91.54
HO3N NAP HA . 21.93 15.02 91.63
H2D NAP HA . 20.62 18.02 90.48
HO2N NAP HA . 22.58 18.21 91.35
H1D NAP HA . 22.35 15.97 88.80
H2N NAP HA . 24.18 17.28 88.48
H71N NAP HA . 25.67 21.51 87.68
H72N NAP HA . 27.07 20.96 88.49
H4N NAP HA . 23.72 21.38 87.22
H5N NAP HA . 21.30 21.04 87.16
H6N NAP HA . 20.32 18.92 87.83
PA NAP IA . 54.09 4.82 66.76
O1A NAP IA . 53.93 6.00 67.68
O2A NAP IA . 54.58 5.01 65.31
O5B NAP IA . 55.02 3.65 67.36
C5B NAP IA . 54.70 2.84 68.52
C4B NAP IA . 55.39 3.39 69.75
O4B NAP IA . 54.89 2.73 70.94
C3B NAP IA . 56.90 3.16 69.81
O3B NAP IA . 57.57 4.10 68.97
C2B NAP IA . 57.16 3.34 71.30
O2B NAP IA . 57.37 4.71 71.67
C1B NAP IA . 55.86 2.84 71.96
N9A NAP IA . 55.99 1.54 72.62
C8A NAP IA . 55.62 1.25 73.90
N7A NAP IA . 55.82 -0.01 74.23
C5A NAP IA . 56.31 -0.59 73.07
C6A NAP IA . 56.63 -1.92 72.73
N6A NAP IA . 56.47 -2.96 73.56
N1A NAP IA . 57.08 -2.17 71.48
C2A NAP IA . 57.22 -1.14 70.65
N3A NAP IA . 56.93 0.16 70.85
C4A NAP IA . 56.46 0.37 72.08
O3 NAP IA . 52.83 4.18 66.02
PN NAP IA . 51.38 4.73 65.59
O1N NAP IA . 50.81 3.93 64.49
O2N NAP IA . 51.46 6.20 65.47
O5D NAP IA . 50.54 4.44 66.90
C5D NAP IA . 50.99 4.89 68.20
C4D NAP IA . 49.97 4.55 69.25
O4D NAP IA . 48.67 5.04 68.86
C3D NAP IA . 49.77 3.06 69.50
O3D NAP IA . 49.46 2.91 70.87
C2D NAP IA . 48.63 2.75 68.51
O2D NAP IA . 47.87 1.55 68.71
C1D NAP IA . 47.75 3.99 68.86
N1N NAP IA . 46.72 4.26 67.76
C2N NAP IA . 45.39 4.05 68.06
C3N NAP IA . 44.46 3.97 67.03
C7N NAP IA . 43.06 3.56 67.38
O7N NAP IA . 42.72 3.52 68.55
N7N NAP IA . 42.21 3.37 66.39
C4N NAP IA . 44.89 4.22 65.73
C5N NAP IA . 46.22 4.50 65.47
C6N NAP IA . 47.13 4.51 66.50
P2B NAP IA . 58.06 5.35 72.98
O1X NAP IA . 58.57 6.71 72.66
O2X NAP IA . 59.19 4.38 73.20
O3X NAP IA . 57.13 5.36 74.18
H51A NAP IA . 55.15 1.88 68.26
H52A NAP IA . 53.63 2.70 68.65
H4B NAP IA . 55.12 4.43 69.90
H3B NAP IA . 57.15 2.16 69.45
HO3A NAP IA . 57.44 3.76 68.05
H2B NAP IA . 58.02 2.74 71.58
H1B NAP IA . 55.47 3.52 72.70
H8A NAP IA . 55.22 1.98 74.59
H61A NAP IA . 56.09 -2.83 74.49
H62A NAP IA . 56.76 -3.89 73.28
H2A NAP IA . 57.64 -1.37 69.66
H51N NAP IA . 51.31 5.93 68.26
H52N NAP IA . 51.90 4.30 68.39
H4D NAP IA . 50.22 5.10 70.17
H3D NAP IA . 50.64 2.46 69.24
HO3N NAP IA . 50.28 3.14 71.37
H2D NAP IA . 48.97 2.73 67.48
HO2N NAP IA . 47.43 1.32 67.86
H1D NAP IA . 47.22 3.97 69.81
H2N NAP IA . 45.10 3.95 69.10
H71N NAP IA . 42.39 3.60 65.42
H72N NAP IA . 41.39 2.79 66.51
H4N NAP IA . 44.22 4.24 64.88
H5N NAP IA . 46.57 4.70 64.46
H6N NAP IA . 48.17 4.73 66.28
PA NAP JA . 46.44 -54.03 49.67
O1A NAP JA . 46.72 -52.58 50.16
O2A NAP JA . 47.52 -55.00 49.93
O5B NAP JA . 46.09 -53.96 48.11
C5B NAP JA . 47.04 -54.27 47.07
C4B NAP JA . 46.49 -53.79 45.76
O4B NAP JA . 47.54 -53.76 44.77
C3B NAP JA . 45.39 -54.66 45.16
O3B NAP JA . 44.44 -53.83 44.51
C2B NAP JA . 46.18 -55.53 44.18
O2B NAP JA . 45.43 -56.22 43.16
C1B NAP JA . 47.12 -54.47 43.62
N9A NAP JA . 48.28 -54.87 42.83
C8A NAP JA . 49.31 -55.69 43.19
N7A NAP JA . 50.18 -55.91 42.24
C5A NAP JA . 49.69 -55.18 41.17
C6A NAP JA . 50.12 -55.04 39.83
N6A NAP JA . 51.22 -55.62 39.35
N1A NAP JA . 49.37 -54.29 39.00
C2A NAP JA . 48.27 -53.70 39.49
N3A NAP JA . 47.76 -53.75 40.72
C4A NAP JA . 48.52 -54.53 41.52
O3 NAP JA . 45.01 -54.50 50.22
P2B NAP JA . 45.80 -57.65 42.54
O1X NAP JA . 45.02 -58.81 43.13
O2X NAP JA . 45.42 -57.34 41.11
O3X NAP JA . 47.30 -57.91 42.57
H51A NAP JA . 47.10 -55.36 47.08
H52A NAP JA . 48.04 -53.87 47.29
H4B NAP JA . 46.19 -52.75 45.82
H3B NAP JA . 44.92 -55.25 45.95
HO3A NAP JA . 43.58 -54.32 44.51
H2B NAP JA . 46.74 -56.27 44.76
H1B NAP JA . 46.58 -53.76 43.00
H8A NAP JA . 49.37 -56.18 44.16
H61A NAP JA . 51.79 -56.22 39.94
H62A NAP JA . 51.50 -55.51 38.39
H2A NAP JA . 47.70 -53.10 38.78
PA NAP KA . -22.62 24.80 -1.61
O1A NAP KA . -23.44 23.72 -2.20
O2A NAP KA . -23.37 25.85 -0.81
O5B NAP KA . -21.85 24.33 -0.28
C5B NAP KA . -22.47 23.45 0.69
C4B NAP KA . -22.61 22.10 0.06
O4B NAP KA . -21.65 21.20 0.63
C3B NAP KA . -23.97 21.46 0.29
O3B NAP KA . -24.86 21.86 -0.75
C2B NAP KA . -23.65 19.96 0.27
O2B NAP KA . -24.05 19.32 -0.96
C1B NAP KA . -22.14 19.87 0.50
N9A NAP KA . -21.73 19.16 1.71
C8A NAP KA . -20.99 18.01 1.81
N7A NAP KA . -20.86 17.57 3.04
C5A NAP KA . -21.56 18.49 3.80
C6A NAP KA . -21.79 18.61 5.18
N6A NAP KA . -21.62 17.62 6.05
N1A NAP KA . -22.41 19.73 5.62
C2A NAP KA . -22.83 20.63 4.72
N3A NAP KA . -22.74 20.59 3.39
C4A NAP KA . -22.08 19.49 2.99
O3 NAP KA . -21.46 25.45 -2.51
PN NAP KA . -20.91 26.94 -2.42
O1N NAP KA . -21.81 27.80 -1.62
O2N NAP KA . -20.58 27.39 -3.79
O5D NAP KA . -19.58 26.75 -1.56
C5D NAP KA . -18.27 26.77 -2.14
C4D NAP KA . -18.11 25.49 -2.94
O4D NAP KA . -16.77 25.39 -3.46
C3D NAP KA . -18.26 24.20 -2.15
O3D NAP KA . -18.33 23.16 -3.11
C2D NAP KA . -16.92 24.17 -1.42
O2D NAP KA . -16.54 22.88 -0.97
C1D NAP KA . -16.00 24.53 -2.65
N1N NAP KA . -14.81 25.40 -2.26
C2N NAP KA . -14.09 26.11 -3.29
C3N NAP KA . -13.00 26.88 -2.94
C7N NAP KA . -12.18 27.58 -4.01
O7N NAP KA . -12.52 27.53 -5.13
N7N NAP KA . -11.09 28.28 -3.64
C4N NAP KA . -12.68 27.01 -1.58
C5N NAP KA . -13.38 26.32 -0.61
C6N NAP KA . -14.43 25.50 -0.97
P2B NAP KA . -25.12 18.15 -1.17
O1X NAP KA . -26.06 18.48 -2.32
O2X NAP KA . -25.91 17.80 0.12
O3X NAP KA . -24.11 17.03 -1.45
H51A NAP KA . -23.43 23.89 0.90
H52A NAP KA . -21.91 23.40 1.63
H4B NAP KA . -22.29 22.06 -0.97
H3B NAP KA . -24.37 21.76 1.26
HO3A NAP KA . -24.47 21.53 -1.61
H2B NAP KA . -24.21 19.51 1.09
H1B NAP KA . -21.60 19.41 -0.33
H8A NAP KA . -20.54 17.51 0.95
H61A NAP KA . -21.30 16.70 5.73
H62A NAP KA . -21.81 17.73 7.04
H2A NAP KA . -23.31 21.51 5.12
H51N NAP KA . -17.47 26.91 -1.43
H52N NAP KA . -18.26 27.64 -2.78
H4D NAP KA . -18.79 25.49 -3.78
H3D NAP KA . -19.08 24.17 -1.44
HO3N NAP KA . -18.74 22.39 -2.63
H2D NAP KA . -16.91 24.87 -0.59
HO2N NAP KA . -16.58 22.88 0.02
H1D NAP KA . -15.62 23.70 -3.24
H2N NAP KA . -14.43 26.04 -4.32
H71N NAP KA . -10.70 28.31 -2.70
H72N NAP KA . -10.64 28.91 -4.29
H4N NAP KA . -11.93 27.73 -1.23
H5N NAP KA . -13.13 26.41 0.45
H6N NAP KA . -14.89 24.90 -0.18
PA NAP LA . 5.00 55.74 47.98
O1A NAP LA . 4.80 55.73 49.44
O2A NAP LA . 4.75 54.40 47.23
O5B NAP LA . 3.92 56.65 47.22
C5B NAP LA . 2.87 57.37 47.90
C4B NAP LA . 2.68 58.67 47.17
O4B NAP LA . 1.42 59.26 47.56
C3B NAP LA . 3.75 59.72 47.46
O3B NAP LA . 4.13 60.41 46.27
C2B NAP LA . 3.06 60.65 48.46
O2B NAP LA . 3.54 62.00 48.52
C1B NAP LA . 1.63 60.61 47.91
N9A NAP LA . 0.59 61.05 48.83
C8A NAP LA . 0.46 60.71 50.15
N7A NAP LA . -0.48 61.36 50.78
C5A NAP LA . -1.01 62.19 49.80
C6A NAP LA . -2.05 63.13 49.83
N6A NAP LA . -2.80 63.36 50.91
N1A NAP LA . -2.34 63.79 48.68
C2A NAP LA . -1.65 63.47 47.57
N3A NAP LA . -0.66 62.60 47.42
C4A NAP LA . -0.37 61.99 48.59
O3 NAP LA . 6.35 56.48 47.51
P2B NAP LA . 3.59 62.91 49.85
O1X NAP LA . 2.40 62.68 50.79
O2X NAP LA . 3.36 64.22 49.13
O3X NAP LA . 4.95 62.77 50.56
H51A NAP LA . 3.23 57.57 48.90
H52A NAP LA . 1.96 56.78 47.97
H4B NAP LA . 2.54 58.50 46.11
H3B NAP LA . 4.63 59.25 47.90
HO3A NAP LA . 5.06 60.74 46.40
H2B NAP LA . 3.13 60.19 49.45
H1B NAP LA . 1.53 61.21 47.00
H8A NAP LA . 1.09 59.96 50.64
H61A NAP LA . -2.62 62.87 51.77
H62A NAP LA . -3.57 64.03 50.89
H2A NAP LA . -1.96 63.98 46.66
PA NAP MA . 15.84 12.02 -26.16
O1A NAP MA . 16.91 12.79 -25.47
O2A NAP MA . 16.18 11.09 -27.32
O5B NAP MA . 15.40 10.87 -25.15
C5B NAP MA . 16.29 9.88 -24.57
C4B NAP MA . 16.96 10.45 -23.35
O4B NAP MA . 16.42 9.84 -22.16
C3B NAP MA . 18.45 10.14 -23.31
O3B NAP MA . 19.17 11.07 -24.11
C2B NAP MA . 18.72 10.28 -21.81
O2B NAP MA . 18.81 11.67 -21.41
C1B NAP MA . 17.45 9.68 -21.20
N9A NAP MA . 17.44 8.30 -20.74
C8A NAP MA . 16.88 7.83 -19.59
N7A NAP MA . 16.88 6.52 -19.48
C5A NAP MA . 17.51 6.10 -20.65
C6A NAP MA . 17.82 4.82 -21.15
N6A NAP MA . 17.67 3.68 -20.46
N1A NAP MA . 18.40 4.74 -22.37
C2A NAP MA . 18.70 5.89 -23.01
N3A NAP MA . 18.47 7.15 -22.61
C4A NAP MA . 17.86 7.19 -21.42
O3 NAP MA . 14.49 12.77 -26.58
PN NAP MA . 13.15 12.23 -27.27
O1N NAP MA . 13.47 11.14 -28.23
O2N NAP MA . 12.40 13.41 -27.75
O5D NAP MA . 12.32 11.56 -26.09
C5D NAP MA . 11.91 12.34 -24.94
C4D NAP MA . 11.30 11.50 -23.86
O4D NAP MA . 9.92 11.91 -23.70
C3D NAP MA . 11.25 9.99 -24.10
O3D NAP MA . 11.33 9.25 -22.89
C2D NAP MA . 9.92 9.83 -24.84
O2D NAP MA . 9.26 8.57 -24.71
C1D NAP MA . 9.05 10.89 -24.10
N1N NAP MA . 8.07 11.52 -25.08
C2N NAP MA . 6.73 11.36 -24.80
C3N NAP MA . 5.78 11.83 -25.68
C7N NAP MA . 4.32 11.59 -25.35
O7N NAP MA . 4.01 10.89 -24.37
N7N NAP MA . 3.41 12.08 -26.14
C4N NAP MA . 6.20 12.48 -26.83
C5N NAP MA . 7.55 12.66 -27.07
C6N NAP MA . 8.48 12.16 -26.19
P2B NAP MA . 19.92 12.49 -20.58
O1X NAP MA . 20.43 13.86 -21.28
O2X NAP MA . 21.04 11.51 -20.19
O3X NAP MA . 19.08 12.76 -19.36
H51A NAP MA . 17.03 9.65 -25.34
H52A NAP MA . 15.76 8.98 -24.31
H4B NAP MA . 16.73 11.50 -23.19
H3B NAP MA . 18.64 9.15 -23.69
HO3A NAP MA . 18.50 11.57 -24.67
H2B NAP MA . 19.63 9.73 -21.58
H1B NAP MA . 17.13 10.26 -20.33
H8A NAP MA . 16.47 8.47 -18.82
H61A NAP MA . 17.28 3.69 -19.53
H62A NAP MA . 17.99 2.79 -20.84
H2A NAP MA . 19.17 5.78 -23.98
H51N NAP MA . 11.21 13.13 -25.23
H52N NAP MA . 12.81 12.85 -24.60
H4D NAP MA . 11.78 11.73 -22.90
H3D NAP MA . 12.05 9.64 -24.74
HO3N NAP MA . 12.30 9.21 -22.67
H2D NAP MA . 10.03 10.04 -25.91
HO2N NAP MA . 9.40 8.23 -23.78
H1D NAP MA . 8.49 10.53 -23.24
H2N NAP MA . 6.45 10.85 -23.88
H71N NAP MA . 3.60 12.48 -27.05
H72N NAP MA . 2.47 12.23 -25.79
H4N NAP MA . 5.52 12.85 -27.59
H5N NAP MA . 7.91 13.18 -27.95
H6N NAP MA . 9.54 12.25 -26.41
PA NAP NA . 105.06 55.48 112.34
O1A NAP NA . 106.50 55.23 112.62
O2A NAP NA . 104.48 56.88 112.41
O5B NAP NA . 104.74 55.02 110.85
C5B NAP NA . 105.57 55.31 109.69
C4B NAP NA . 106.82 54.45 109.62
O4B NAP NA . 106.71 53.46 108.59
C3B NAP NA . 108.10 55.20 109.28
O3B NAP NA . 108.63 55.84 110.44
C2B NAP NA . 108.99 54.10 108.71
O2B NAP NA . 109.89 53.50 109.67
C1B NAP NA . 108.01 53.04 108.22
N9A NAP NA . 108.00 52.76 106.78
C8A NAP NA . 108.29 51.58 106.17
N7A NAP NA . 108.09 51.57 104.87
C5A NAP NA . 107.64 52.86 104.62
C6A NAP NA . 107.15 53.48 103.44
N6A NAP NA . 107.14 52.89 102.24
N1A NAP NA . 106.66 54.74 103.56
C2A NAP NA . 106.71 55.34 104.75
N3A NAP NA . 107.18 54.87 105.91
C4A NAP NA . 107.61 53.61 105.79
O3 NAP NA . 104.01 54.89 113.40
PN NAP NA . 102.41 54.73 113.45
O1N NAP NA . 101.80 55.63 112.44
O2N NAP NA . 101.94 54.85 114.84
O5D NAP NA . 102.25 53.23 112.95
C5D NAP NA . 103.42 52.41 112.78
C4D NAP NA . 103.01 51.04 112.31
O4D NAP NA . 102.00 50.52 113.19
C3D NAP NA . 102.40 51.01 110.91
O3D NAP NA . 102.85 49.86 110.21
C2D NAP NA . 100.91 50.98 111.23
O2D NAP NA . 100.13 50.32 110.24
C1D NAP NA . 100.94 50.06 112.45
N1N NAP NA . 99.70 50.28 113.28
C2N NAP NA . 98.75 49.28 113.21
C3N NAP NA . 97.59 49.35 113.97
C7N NAP NA . 96.74 48.11 114.03
O7N NAP NA . 97.12 47.10 113.50
N7N NAP NA . 95.66 48.17 114.68
C4N NAP NA . 97.39 50.48 114.76
C5N NAP NA . 98.35 51.48 114.81
C6N NAP NA . 99.50 51.36 114.05
P2B NAP NA . 111.49 53.55 109.83
O1X NAP NA . 111.93 54.22 111.14
O2X NAP NA . 112.16 54.19 108.60
O3X NAP NA . 111.77 52.07 109.80
H51A NAP NA . 105.86 56.35 109.83
H52A NAP NA . 105.02 55.25 108.75
H4B NAP NA . 106.92 53.83 110.52
H3B NAP NA . 107.87 55.95 108.52
HO3A NAP NA . 107.93 55.85 111.14
H2B NAP NA . 109.57 54.52 107.90
H1B NAP NA . 108.17 52.07 108.70
H8A NAP NA . 108.63 50.69 106.72
H61A NAP NA . 107.50 51.95 102.12
H62A NAP NA . 106.78 53.37 101.42
H2A NAP NA . 106.29 56.35 104.80
H51N NAP NA . 104.10 52.35 113.61
H52N NAP NA . 103.98 52.89 111.97
H4D NAP NA . 103.86 50.37 112.40
H3D NAP NA . 102.62 51.90 110.33
HO3N NAP NA . 102.63 50.02 109.25
H2D NAP NA . 100.49 51.96 111.45
HO2N NAP NA . 99.18 50.31 110.54
H1D NAP NA . 101.07 48.99 112.27
H2N NAP NA . 98.92 48.46 112.52
H71N NAP NA . 95.22 49.01 115.01
H72N NAP NA . 95.28 47.30 115.07
H4N NAP NA . 96.51 50.62 115.37
H5N NAP NA . 98.23 52.36 115.44
H6N NAP NA . 100.24 52.16 114.09
PA NAP OA . 53.77 64.14 75.19
O1A NAP OA . 53.00 62.79 75.56
O2A NAP OA . 55.24 63.92 75.60
O5B NAP OA . 53.14 65.17 76.25
C5B NAP OA . 53.02 66.59 76.05
C4B NAP OA . 52.06 67.18 77.06
O4B NAP OA . 52.07 68.62 76.96
C3B NAP OA . 50.60 66.75 76.90
O3B NAP OA . 49.97 66.58 78.17
C2B NAP OA . 49.99 67.92 76.13
O2B NAP OA . 48.56 68.02 76.27
C1B NAP OA . 50.75 69.08 76.75
N9A NAP OA . 50.81 70.35 76.00
C8A NAP OA . 50.76 70.51 74.64
N7A NAP OA . 50.66 71.76 74.26
C5A NAP OA . 50.68 72.47 75.45
C6A NAP OA . 50.56 73.84 75.75
N6A NAP OA . 50.38 74.79 74.82
N1A NAP OA . 50.59 74.22 77.05
C2A NAP OA . 50.74 73.27 77.99
N3A NAP OA . 50.84 71.95 77.83
C4A NAP OA . 50.80 71.61 76.54
O3 NAP OA . 53.60 64.64 73.80
P2B NAP OA . 47.51 68.45 75.13
O1X NAP OA . 46.94 69.70 75.75
O2X NAP OA . 46.45 67.41 74.92
O3X NAP OA . 48.21 68.84 73.82
H51A NAP OA . 52.61 66.69 75.05
H52A NAP OA . 53.99 67.08 76.07
H4B NAP OA . 52.42 67.01 78.07
H3B NAP OA . 50.54 65.81 76.33
HO3A NAP OA . 49.37 65.79 78.08
H2B NAP OA . 50.24 67.77 75.07
H1B NAP OA . 50.35 69.33 77.72
H8A NAP OA . 50.80 69.69 73.93
H61A NAP OA . 50.33 74.55 73.84
H62A NAP OA . 50.27 75.77 75.08
H2A NAP OA . 50.76 73.63 79.02
PA NAP PA . 93.29 11.79 125.75
O1A NAP PA . 91.93 11.60 125.21
O2A NAP PA . 93.63 10.91 126.94
O5B NAP PA . 94.34 11.64 124.54
C5B NAP PA . 94.28 10.65 123.51
C4B NAP PA . 93.30 11.05 122.43
O4B NAP PA . 93.99 11.37 121.21
C3B NAP PA . 92.30 9.95 122.05
O3B NAP PA . 91.16 9.95 122.89
C2B NAP PA . 91.93 10.33 120.62
O2B NAP PA . 90.80 11.25 120.59
C1B NAP PA . 93.16 11.08 120.10
N9A NAP PA . 93.95 10.36 119.10
C8A NAP PA . 94.36 10.84 117.88
N7A NAP PA . 95.18 10.05 117.24
C5A NAP PA . 95.31 8.96 118.09
C6A NAP PA . 96.10 7.79 118.02
N6A NAP PA . 96.85 7.46 116.96
N1A NAP PA . 96.04 6.93 119.06
C2A NAP PA . 95.24 7.22 120.09
N3A NAP PA . 94.45 8.28 120.27
C4A NAP PA . 94.54 9.13 119.23
O3 NAP PA . 93.66 13.14 126.53
PN NAP PA . 94.99 13.60 127.29
O1N NAP PA . 95.79 12.41 127.65
O2N NAP PA . 94.59 14.52 128.38
O5D NAP PA . 95.78 14.39 126.16
C5D NAP PA . 95.09 14.75 124.95
C4D NAP PA . 95.92 15.70 124.13
O4D NAP PA . 96.48 16.69 125.01
C3D NAP PA . 97.11 15.08 123.40
O3D NAP PA . 97.09 15.48 122.03
C2D NAP PA . 98.29 15.62 124.21
O2D NAP PA . 99.48 15.82 123.46
C1D NAP PA . 97.73 17.03 124.58
N1N NAP PA . 98.42 17.62 125.77
C2N NAP PA . 99.28 18.70 125.58
C3N NAP PA . 100.20 19.01 126.56
C7N NAP PA . 101.32 19.95 126.21
O7N NAP PA . 101.27 20.59 125.17
N7N NAP PA . 102.30 20.12 127.10
C4N NAP PA . 100.13 18.36 127.79
C5N NAP PA . 99.21 17.34 127.98
C6N NAP PA . 98.37 16.98 126.96
P2B NAP PA . 89.40 11.06 119.86
O1X NAP PA . 88.21 11.51 120.75
O2X NAP PA . 89.24 9.64 119.37
O3X NAP PA . 89.73 11.95 118.66
H51A NAP PA . 93.94 9.75 124.02
H52A NAP PA . 95.25 10.43 123.08
H4B NAP PA . 92.80 11.98 122.69
H3B NAP PA . 92.79 8.97 122.10
HO3A NAP PA . 91.46 10.29 123.78
H2B NAP PA . 91.72 9.43 120.06
H1B NAP PA . 92.91 12.03 119.63
H8A NAP PA . 94.04 11.82 117.50
H61A NAP PA . 96.90 8.07 116.15
H62A NAP PA . 97.36 6.57 116.93
H2A NAP PA . 95.22 6.49 120.90
H51N NAP PA . 94.09 15.15 125.10
H52N NAP PA . 94.97 13.82 124.40
H4D NAP PA . 95.27 16.25 123.45
H3D NAP PA . 97.10 14.00 123.47
HO3N NAP PA . 98.00 15.32 121.70
H2D NAP PA . 98.50 15.00 125.08
HO2N NAP PA . 100.26 15.58 124.03
H1D NAP PA . 97.70 17.78 123.78
H2N NAP PA . 99.23 19.24 124.64
H71N NAP PA . 102.27 19.75 128.03
H72N NAP PA . 103.21 20.47 126.83
H4N NAP PA . 100.75 18.62 128.64
H5N NAP PA . 99.15 16.81 128.93
H6N NAP PA . 97.68 16.14 127.11
PA NAP QA . 149.55 -19.63 131.72
O1A NAP QA . 150.87 -18.73 131.70
O2A NAP QA . 148.45 -18.93 130.88
O5B NAP QA . 149.03 -19.43 133.22
C5B NAP QA . 148.69 -20.50 134.12
C4B NAP QA . 148.79 -19.95 135.53
O4B NAP QA . 148.19 -20.87 136.46
C3B NAP QA . 150.22 -19.73 136.02
O3B NAP QA . 150.28 -18.63 136.92
C2B NAP QA . 150.48 -21.05 136.71
O2B NAP QA . 151.62 -21.09 137.60
C1B NAP QA . 149.15 -21.24 137.43
N9A NAP QA . 148.86 -22.59 137.88
C8A NAP QA . 148.97 -23.75 137.16
N7A NAP QA . 148.72 -24.84 137.84
C5A NAP QA . 148.42 -24.36 139.10
C6A NAP QA . 148.04 -25.01 140.30
N6A NAP QA . 147.92 -26.34 140.41
N1A NAP QA . 147.78 -24.24 141.38
C2A NAP QA . 147.86 -22.92 141.26
N3A NAP QA . 148.21 -22.19 140.19
C4A NAP QA . 148.48 -22.98 139.15
O3 NAP QA . 149.75 -21.07 131.44
P2B NAP QA . 152.70 -22.29 137.69
O1X NAP QA . 152.93 -22.06 139.14
O2X NAP QA . 153.93 -22.06 136.81
O3X NAP QA . 152.06 -23.69 137.58
H51A NAP QA . 149.45 -21.26 133.97
H52A NAP QA . 147.71 -20.93 133.90
H4B NAP QA . 148.18 -19.06 135.63
H3B NAP QA . 150.89 -19.56 135.17
HO3A NAP QA . 151.15 -18.17 136.74
H2B NAP QA . 150.63 -21.81 135.93
H1B NAP QA . 149.04 -20.59 138.29
H8A NAP QA . 149.23 -23.76 136.10
H61A NAP QA . 148.11 -26.94 139.61
H62A NAP QA . 147.64 -26.77 141.27
H2A NAP QA . 147.57 -22.34 142.13
PA NAP RA . 70.42 63.65 13.68
O1A NAP RA . 71.88 63.58 13.97
O2A NAP RA . 69.77 65.03 13.74
O5B NAP RA . 70.16 63.12 12.20
C5B NAP RA . 71.02 63.53 11.10
C4B NAP RA . 72.21 62.62 10.98
O4B NAP RA . 72.15 61.92 9.72
C3B NAP RA . 73.57 63.31 10.97
O3B NAP RA . 74.07 63.39 12.30
C2B NAP RA . 74.43 62.41 10.07
O2B NAP RA . 75.41 61.60 10.78
C1B NAP RA . 73.44 61.43 9.43
N9A NAP RA . 73.52 61.19 7.99
C8A NAP RA . 73.86 60.03 7.35
N7A NAP RA . 73.75 60.07 6.04
C5A NAP RA . 73.29 61.36 5.80
C6A NAP RA . 72.88 62.00 4.62
N6A NAP RA . 73.02 61.48 3.40
N1A NAP RA . 72.34 63.24 4.74
C2A NAP RA . 72.26 63.79 5.97
N3A NAP RA . 72.66 63.30 7.14
C4A NAP RA . 73.15 62.06 6.99
O3 NAP RA . 69.48 62.73 14.59
PN NAP RA . 67.90 62.82 14.82
O1N NAP RA . 67.34 63.90 13.98
O2N NAP RA . 67.68 62.87 16.29
O5D NAP RA . 67.39 61.47 14.16
C5D NAP RA . 67.90 60.21 14.64
C4D NAP RA . 67.97 59.14 13.57
O4D NAP RA . 66.93 58.18 13.83
C3D NAP RA . 67.75 59.58 12.14
O3D NAP RA . 68.34 58.63 11.26
C2D NAP RA . 66.22 59.60 12.07
O2D NAP RA . 65.67 59.36 10.78
C1D NAP RA . 65.90 58.33 12.91
N1N NAP RA . 64.73 58.50 13.82
C2N NAP RA . 63.84 57.45 13.84
C3N NAP RA . 62.91 57.34 14.86
C7N NAP RA . 61.98 56.15 14.86
O7N NAP RA . 62.07 55.29 13.98
N7N NAP RA . 61.10 56.07 15.80
C4N NAP RA . 62.91 58.31 15.85
C5N NAP RA . 63.80 59.38 15.80
C6N NAP RA . 64.67 59.47 14.75
P2B NAP RA . 76.89 61.87 11.35
O1X NAP RA . 76.91 62.22 12.93
O2X NAP RA . 77.72 62.83 10.39
O3X NAP RA . 77.44 60.51 11.06
H51A NAP RA . 71.34 64.54 11.37
H52A NAP RA . 70.48 63.61 10.16
H4B NAP RA . 72.17 61.81 11.70
H3B NAP RA . 73.47 64.31 10.54
HO3A NAP RA . 73.36 63.84 12.84
H2B NAP RA . 74.93 63.03 9.33
H1B NAP RA . 73.49 60.45 9.88
H8A NAP RA . 74.22 59.13 7.88
H61A NAP RA . 73.45 60.58 3.26
H62A NAP RA . 72.71 61.99 2.56
H2A NAP RA . 71.75 64.75 6.04
H51N NAP RA . 67.33 59.83 15.48
H52N NAP RA . 68.89 60.43 14.98
H4D NAP RA . 68.91 58.59 13.68
H3D NAP RA . 68.14 60.56 11.91
HO3N NAP RA . 68.79 59.16 10.55
H2D NAP RA . 65.77 60.51 12.47
HO2N NAP RA . 66.31 58.83 10.24
H1D NAP RA . 65.79 57.41 12.35
H2N NAP RA . 63.87 56.73 13.02
H71N NAP RA . 60.89 56.80 16.46
H72N NAP RA . 60.66 55.18 15.98
H4N NAP RA . 62.24 58.28 16.70
H5N NAP RA . 63.81 60.13 16.58
H6N NAP RA . 65.24 60.40 14.63
PA NAP SA . 58.75 19.14 24.28
O1A NAP SA . 57.81 20.16 23.73
O2A NAP SA . 58.46 18.70 25.70
O5B NAP SA . 58.93 17.81 23.43
C5B NAP SA . 59.59 17.80 22.14
C4B NAP SA . 58.68 18.42 21.12
O4B NAP SA . 59.38 18.65 19.89
C3B NAP SA . 57.49 17.55 20.76
O3B NAP SA . 56.43 17.89 21.65
C2B NAP SA . 57.20 17.91 19.30
O2B NAP SA . 56.08 18.81 19.15
C1B NAP SA . 58.47 18.60 18.81
N9A NAP SA . 59.14 17.90 17.71
C8A NAP SA . 59.53 18.43 16.52
N7A NAP SA . 60.36 17.67 15.84
C5A NAP SA . 60.53 16.56 16.66
C6A NAP SA . 61.38 15.45 16.59
N6A NAP SA . 62.30 15.30 15.64
N1A NAP SA . 61.36 14.56 17.61
C2A NAP SA . 60.52 14.79 18.63
N3A NAP SA . 59.68 15.81 18.82
C4A NAP SA . 59.75 16.67 17.80
O3 NAP SA . 60.18 19.64 24.79
PN NAP SA . 60.36 20.84 25.82
O1N NAP SA . 61.33 20.42 26.86
O2N NAP SA . 59.02 21.32 26.26
O5D NAP SA . 61.05 21.96 24.92
C5D NAP SA . 60.50 22.37 23.64
C4D NAP SA . 61.51 23.19 22.90
O4D NAP SA . 61.95 24.29 23.74
C3D NAP SA . 62.78 22.46 22.48
O3D NAP SA . 63.13 22.89 21.17
C2D NAP SA . 63.78 22.96 23.52
O2D NAP SA . 65.15 22.91 23.12
C1D NAP SA . 63.32 24.44 23.58
N1N NAP SA . 63.88 25.12 24.83
C2N NAP SA . 64.91 26.06 24.64
C3N NAP SA . 65.62 26.56 25.71
C7N NAP SA . 66.70 27.59 25.54
O7N NAP SA . 67.55 27.78 26.45
N7N NAP SA . 66.79 28.19 24.37
C4N NAP SA . 65.28 26.12 26.99
C5N NAP SA . 64.24 25.22 27.17
C6N NAP SA . 63.54 24.74 26.06
P2B NAP SA . 54.71 18.59 18.36
O1X NAP SA . 53.45 18.81 19.28
O2X NAP SA . 54.88 19.66 17.29
O3X NAP SA . 54.81 17.20 17.71
H51A NAP SA . 59.77 16.75 21.92
H52A NAP SA . 60.55 18.32 22.19
H4B NAP SA . 58.38 19.43 21.39
H3B NAP SA . 57.74 16.50 20.88
HO3A NAP SA . 56.80 17.84 22.57
H2B NAP SA . 57.02 16.98 18.75
H1B NAP SA . 58.31 19.62 18.47
H8A NAP SA . 59.19 19.40 16.15
H61A NAP SA . 62.47 16.04 14.96
H62A NAP SA . 62.81 14.43 15.53
H2A NAP SA . 60.53 14.05 19.43
H51N NAP SA . 59.53 22.85 23.69
H52N NAP SA . 60.34 21.43 23.11
H4D NAP SA . 61.03 23.67 22.04
H3D NAP SA . 62.70 21.38 22.53
HO3N NAP SA . 64.07 22.60 21.03
H2D NAP SA . 63.68 22.44 24.48
HO2N NAP SA . 65.66 22.39 23.80
H1D NAP SA . 63.53 25.07 22.71
H2N NAP SA . 65.12 26.35 23.61
H71N NAP SA . 66.11 28.06 23.62
H72N NAP SA . 67.57 28.76 24.09
H4N NAP SA . 65.82 26.45 27.88
H5N NAP SA . 63.96 24.88 28.16
H6N NAP SA . 62.72 24.05 26.21
PA NAP TA . 114.90 -12.33 29.25
O1A NAP TA . 113.74 -11.52 28.63
O2A NAP TA . 114.89 -13.77 28.91
O5B NAP TA . 114.72 -12.13 30.83
C5B NAP TA . 114.44 -13.20 31.76
C4B NAP TA . 114.44 -12.62 33.16
O4B NAP TA . 113.88 -13.58 34.09
C3B NAP TA . 115.82 -12.26 33.71
O3B NAP TA . 115.73 -11.15 34.58
C2B NAP TA . 116.17 -13.56 34.44
O2B NAP TA . 117.26 -13.43 35.38
C1B NAP TA . 114.82 -13.86 35.10
N9A NAP TA . 114.60 -15.21 35.60
C8A NAP TA . 114.74 -16.38 34.90
N7A NAP TA . 114.56 -17.46 35.61
C5A NAP TA . 114.29 -16.97 36.88
C6A NAP TA . 114.10 -17.61 38.13
N6A NAP TA . 114.14 -18.94 38.29
N1A NAP TA . 113.92 -16.83 39.23
C2A NAP TA . 113.91 -15.51 39.06
N3A NAP TA . 114.09 -14.79 37.94
C4A NAP TA . 114.29 -15.59 36.88
O3 NAP TA . 116.28 -11.57 29.02
P2B NAP TA . 118.43 -14.51 35.57
O1X NAP TA . 118.63 -14.26 37.04
O2X NAP TA . 119.63 -14.22 34.72
O3X NAP TA . 117.88 -15.93 35.39
H51A NAP TA . 115.30 -13.88 31.64
H52A NAP TA . 113.53 -13.75 31.52
H4B NAP TA . 113.74 -11.79 33.23
H3B NAP TA . 116.51 -12.06 32.89
HO3A NAP TA . 116.61 -10.69 34.54
H2B NAP TA . 116.43 -14.32 33.70
H1B NAP TA . 114.62 -13.20 35.94
H8A NAP TA . 115.03 -16.41 33.85
H61A NAP TA . 114.32 -19.54 37.51
H62A NAP TA . 113.99 -19.37 39.20
H2A NAP TA . 113.74 -14.91 39.97
PA NAP UA . 34.44 68.39 -76.69
O1A NAP UA . 34.87 69.09 -75.44
O2A NAP UA . 33.29 69.12 -77.36
O5B NAP UA . 35.62 68.15 -77.75
C5B NAP UA . 35.49 67.43 -79.01
C4B NAP UA . 36.58 66.38 -79.13
O4B NAP UA . 36.40 65.61 -80.34
C3B NAP UA . 38.02 66.91 -79.24
O3B NAP UA . 38.62 66.99 -77.95
C2B NAP UA . 38.73 65.87 -80.12
O2B NAP UA . 39.80 65.13 -79.48
C1B NAP UA . 37.62 64.92 -80.57
N9A NAP UA . 37.69 64.49 -81.96
C8A NAP UA . 37.89 63.20 -82.40
N7A NAP UA . 38.04 63.10 -83.69
C5A NAP UA . 37.92 64.40 -84.15
C6A NAP UA . 38.00 64.98 -85.44
N6A NAP UA . 38.18 64.27 -86.55
N1A NAP UA . 37.88 66.32 -85.54
C2A NAP UA . 37.68 67.04 -84.42
N3A NAP UA . 37.57 66.61 -83.16
C4A NAP UA . 37.70 65.26 -83.09
O3 NAP UA . 34.02 66.85 -76.53
PN NAP UA . 32.79 66.07 -75.88
O1N NAP UA . 31.53 66.57 -76.46
O2N NAP UA . 32.99 66.14 -74.41
O5D NAP UA . 33.02 64.60 -76.46
C5D NAP UA . 33.35 64.40 -77.87
C4D NAP UA . 33.39 62.92 -78.19
O4D NAP UA . 32.35 62.23 -77.45
C3D NAP UA . 33.18 62.56 -79.66
O3D NAP UA . 34.08 61.54 -80.09
C2D NAP UA . 31.71 62.13 -79.69
O2D NAP UA . 31.47 60.98 -80.51
C1D NAP UA . 31.39 61.63 -78.25
N1N NAP UA . 30.05 62.17 -77.71
C2N NAP UA . 29.13 61.24 -77.18
C3N NAP UA . 27.96 61.67 -76.57
C7N NAP UA . 27.04 60.60 -75.97
O7N NAP UA . 27.31 59.41 -76.11
N7N NAP UA . 25.94 61.00 -75.36
C4N NAP UA . 27.70 63.03 -76.53
C5N NAP UA . 28.60 63.94 -77.08
C6N NAP UA . 29.78 63.49 -77.67
P2B NAP UA . 41.25 64.74 -80.04
O1X NAP UA . 42.25 64.82 -78.93
O2X NAP UA . 41.60 65.68 -81.17
O3X NAP UA . 41.16 63.31 -80.65
H51A NAP UA . 35.63 68.20 -79.77
H52A NAP UA . 34.50 67.01 -79.14
H4B NAP UA . 36.48 65.63 -78.36
H3B NAP UA . 38.02 67.89 -79.70
HO3A NAP UA . 37.97 67.44 -77.35
H2B NAP UA . 39.16 66.42 -80.96
H1B NAP UA . 37.57 64.01 -79.97
H8A NAP UA . 37.94 62.35 -81.73
H61A NAP UA . 38.27 63.25 -86.52
H62A NAP UA . 38.24 64.71 -87.47
H2A NAP UA . 37.60 68.11 -84.55
H51N NAP UA . 34.28 64.87 -78.18
H52N NAP UA . 32.57 64.92 -78.40
H4D NAP UA . 34.33 62.51 -77.82
H3D NAP UA . 33.28 63.42 -80.32
HO3N NAP UA . 33.54 60.70 -80.17
H2D NAP UA . 31.05 62.93 -80.02
HO2N NAP UA . 30.51 60.82 -80.56
H1D NAP UA . 31.40 60.55 -78.12
H2N NAP UA . 29.38 60.18 -77.28
H71N NAP UA . 25.66 61.97 -75.25
H72N NAP UA . 25.31 60.34 -74.92
H4N NAP UA . 26.80 63.45 -76.08
H5N NAP UA . 28.39 65.02 -77.07
H6N NAP UA . 30.48 64.20 -78.09
PA NAP VA . 20.87 22.18 -70.99
O1A NAP VA . 19.48 22.02 -71.47
O2A NAP VA . 21.44 21.02 -70.17
O5B NAP VA . 21.91 22.13 -72.22
C5B NAP VA . 21.73 21.24 -73.34
C4B NAP VA . 20.70 21.83 -74.27
O4B NAP VA . 21.35 22.37 -75.44
C3B NAP VA . 19.67 20.85 -74.79
O3B NAP VA . 18.61 20.68 -73.86
C2B NAP VA . 19.22 21.54 -76.07
O2B NAP VA . 18.15 22.50 -75.85
C1B NAP VA . 20.49 22.26 -76.55
N9A NAP VA . 21.21 21.62 -77.65
C8A NAP VA . 21.36 22.09 -78.92
N7A NAP VA . 22.10 21.34 -79.69
C5A NAP VA . 22.49 20.30 -78.87
C6A NAP VA . 23.31 19.18 -79.08
N6A NAP VA . 23.90 18.89 -80.25
N1A NAP VA . 23.52 18.34 -78.03
C2A NAP VA . 22.90 18.61 -76.87
N3A NAP VA . 22.10 19.62 -76.56
C4A NAP VA . 21.94 20.45 -77.60
O3 NAP VA . 21.23 23.52 -70.20
PN NAP VA . 22.48 23.81 -69.26
O1N NAP VA . 23.38 22.64 -69.25
O2N NAP VA . 21.97 24.29 -67.95
O5D NAP VA . 23.26 25.00 -69.99
C5D NAP VA . 22.80 25.60 -71.23
C4D NAP VA . 23.84 26.48 -71.88
O4D NAP VA . 24.43 27.39 -70.93
C3D NAP VA . 25.02 25.77 -72.54
O3D NAP VA . 25.22 26.26 -73.86
C2D NAP VA . 26.17 26.10 -71.60
O2D NAP VA . 27.44 26.12 -72.23
C1D NAP VA . 25.78 27.55 -71.22
N1N NAP VA . 26.55 27.91 -69.96
C2N NAP VA . 27.81 28.46 -70.16
C3N NAP VA . 28.71 28.57 -69.11
C7N NAP VA . 30.06 29.19 -69.39
O7N NAP VA . 30.25 29.75 -70.48
N7N NAP VA . 30.96 29.20 -68.42
C4N NAP VA . 28.29 28.16 -67.84
C5N NAP VA . 27.02 27.66 -67.66
C6N NAP VA . 26.15 27.54 -68.73
P2B NAP VA . 16.75 22.64 -76.61
O1X NAP VA . 15.65 23.01 -75.65
O2X NAP VA . 16.45 21.36 -77.40
O3X NAP VA . 16.98 23.76 -77.62
H51A NAP VA . 21.37 20.32 -72.91
H52A NAP VA . 22.67 21.03 -73.85
H4B NAP VA . 20.24 22.72 -73.85
H3B NAP VA . 20.12 19.88 -74.99
HO3A NAP VA . 19.00 20.75 -72.96
H2B NAP VA . 18.88 20.78 -76.77
H1B NAP VA . 20.28 23.27 -76.89
H8A NAP VA . 20.89 23.02 -79.26
H61A NAP VA . 23.77 19.51 -81.04
H62A NAP VA . 24.44 18.05 -80.39
H2A NAP VA . 23.06 17.87 -76.08
H51N NAP VA . 21.84 26.10 -71.16
H52N NAP VA . 22.61 24.73 -71.86
H4D NAP VA . 23.34 27.13 -72.60
H3D NAP VA . 24.88 24.69 -72.58
HO3N NAP VA . 25.89 25.65 -74.28
H2D NAP VA . 26.20 25.44 -70.73
HO2N NAP VA . 28.05 25.52 -71.72
H1D NAP VA . 25.93 28.33 -71.96
H2N NAP VA . 28.06 28.80 -71.16
H71N NAP VA . 30.80 28.84 -67.49
H72N NAP VA . 31.92 29.50 -68.58
H4N NAP VA . 28.93 28.23 -66.96
H5N NAP VA . 26.66 27.36 -66.67
H6N NAP VA . 25.15 27.14 -68.57
#